data_8Z5U
#
_entry.id   8Z5U
#
_cell.length_a   1.00
_cell.length_b   1.00
_cell.length_c   1.00
_cell.angle_alpha   90.00
_cell.angle_beta   90.00
_cell.angle_gamma   90.00
#
_symmetry.space_group_name_H-M   'P 1'
#
loop_
_entity.id
_entity.type
_entity.pdbx_description
1 polymer 'Flagellar hook protein FlgE'
2 polymer 'Leucine-rich repeat protein'
3 polymer 'Flagellar biosynthetic protein FliP'
4 polymer 'Flagellar biosynthetic protein FliQ'
5 polymer 'Flagellar biosynthetic protein FliR'
6 polymer 'Flagellar basal-body rod protein FlgG'
7 polymer 'Flagellar M-ring protein'
8 polymer 'Flagellar basal body rod protein FlgB'
9 polymer 'Flagellar basal-body rod protein FlgC'
10 polymer 'Flagellar basal-body rod protein FlgF'
11 polymer 'Flagellar hook-basal body complex protein FliE'
12 polymer 'Flagellar biosynthetic protein FlhB'
#
loop_
_entity_poly.entity_id
_entity_poly.type
_entity_poly.pdbx_seq_one_letter_code
_entity_poly.pdbx_strand_id
1 'polypeptide(L)'
;MSYVSLSGLSAAQLDLNTTSNNIANANTYGFKESRAEFADVYSNSLFTNAKTTPGGGAQASQVAQQFHEGSSIYTNNPMD
LRVSGTGFFAVAKERLTPQQNELTRNGAFHLNKENYMVTANDEFLLGYQVDPSSGEVSSYEPQPINIPAEFGKPKQTANI
EVGVNLPANGDLKDPTQFDFSDPDTYNRSTSSTIYDSMGQSYKLTTYYLKDQTQPNTWNTYYTVTDKEGEKPLNVAAGDA
QTPTGHVGHTMKFNNDGTLASLNNGQPITSVALGDPATNTTPVDMNGADPAQTLNFGLGSATQFAAPFELTKFDEDGATT
GFLTKVDFDENGSVMGTYSNGENVTLGRVALVRVPNEQGLDKKGGTQWDSTQFSGDKIWGESNKGSFGTINNGMLEQSNI
DMTQELVDLISAQRNFQANSRSLEVHNQLQQNILQIR
;
D,E,F,G,H,I,J,K,L,M,N,O
2 'polypeptide(L)'
;MRFVSLFLTLMLLCFPSFAYELDYYSKFGHTDNYGNLDLRNKPYTQLPSGFVVKGNLNISQTPIKKLPKGLDVGGSLEAT
NSALKTIRSGTKIKGYANLLGSKIESWPRGIKLGGYLNLTDTPLKTLPAKLRVKGDLSVIRTPISALPEGLVVDGNLYIG
GSALQVFPDTMTVKGNIFLGGNKITKWPSNLTLGGAVAP
;
0,9
3 'polypeptide(L)'
;MTKGNPIRLLLSTLLLFVGVLFSSFSFAEAEESALPDNLADGSSVTVQAMQSDTGASRAMSVSSGGGIPAFTMTTNPDGS
EDYSVTLQILALMTMLGFLPAMVILMTSFTRIVVVMSILRQAMGLQQTPSNQVIIGIALFLTFFVMSPVLNEINDKAVQP
YLNEQVTAREAFDAAQAPMKAFMLKQTRIKDLETFVTMSGEQVDNPEDVSMAVLIPAFITSELKTAFQIGFMLFLPFLII
DLVVASVLMAMGMMMLSPMIVSLPFKLMLFVLVDGWNLILSTLAGSFAL
;
1,2,3,y,z
4 'polypeptide(L)'
;MTPEMFVELFREALWMVLIMVCAIIIPSLLIGLIVAIFQAATSINEQTLSFLPRLIVTLLALMLFGHWMTQMLMEYFYGL
IERLPQVLY
;
4,5,6,7
5 'polypeptide(L)'
;MEYPTSVVLDWIANYFWPYVRISSMLMVMTVTGARFVSPRIRLYLGLAITFAVMPAIPAVPQDIELLSFRGFMTIAEQMI
IGIAMGMVTQFMIQTFVLLGQILGMQSSLGFASMVDPANGQNTPLLGQLFMFLTTMFFLATDGHLKMLQLVVFSFKTLPI
GSGSLNAVDFREMAGWLGIMFQTALSMSLSGIIALLTINLSFGVMTRAAPQLNIFSLGFAFALMVGLLLCWYILAGLYSH
YEMFWTVGEAQICRLIRLEC
;
8
6 'polypeptide(L)'
;MHPALWVSKTGLDAQQTNIATISNNLANASTVGYKKSRAVFEDLFYQNINQPGGQSSQNTELPSGLMLGAGSKVVATQKV
HTHGNAQTTTNALDMMVEGDGFFQVTLPDGNIGYTRNGQFTLNGEGTLVTSGSGYPVEPEIVIPEDAISITVGTDGEVSV
RVRGQQDNQVVGQLTITDFVNPGGLEPIGQNLYLPTGASGDPQEGVPGLDGLGEIRQSMLEASNVNVTEELVNMIEAQRV
YEMNSKVISSVDKMMSFVNQQL
;
A,B,C,AP,AQ,AR,AS,AT,AU,AV,AW,AX,AY,AZ,Aa,P,Q,R,S,T,U,V,W,X,Y,Z,a
7 'polypeptide(L)'
;MADKSTDLTVTEGGSDGALVASSDVDVESQNPDLEERSASKFDMAVGDLDLLRQVVLVLSISICVALIVMLFFWVKEPEM
RPLGAYETEELIPVLDYLDQQKINYKLDGNTISVESSEYNSIKLGMVRSGVNQATEAGDDILLQDMGFGVSQRLEQERLK
LSRERQLAQAIEEMKQVRKARVLLALPKHSVFVRHNQEASASVFLTLSTGTNLKQQEVDSIVDMVASAVPGMKTSRITVT
DQHGRLLSSGSQDPASAARRKEQELERSQEQALREKIDSVLLPILGYGNYTAQVDIQMDFSAVEQTRKRFDPNTPATRSE
YALEDYNNGNMVAGIPGALSNQPPADASIPQDVAQMKDGSVMGQGSVRKESTRNFELDTTISHERKQTGTVARQTVSVAI
KDRRQVNPDTGEVTYTPMSESEINAIRQVLIGTVGFDQGRGDLLNVLSVKFAEPEAEQLEEPPIWEHPNFSDWVRWFASA
LVIIVVVLVLVRPAMKKLLNPTSDDEDEMYGPDGLPIGADGETSLIGSDIESSELFEFGSSIDLPNLHKDEDVLKAVRAL
VANEPELAAQVVKNWMNDNG
;
AA,AB,AC,AD,AE,AF,AG,AH,AI,AJ,AK,AL,AM,AN,AO
8 'polypeptide(L)'
;MAISFDNALGIHQHTVGVRERNAEVISTNIAQANTPGYKARGLDFAKELQAATSGASIGLSRTDGRHIPATTTLVGDKLY
RLPTQPDTGDGNTVDLDLERNLFMQNQIRHQASLDFLGSKFKNLTKAIKGE
;
b,c,d,e,f
9 'polypeptide(L)'
;MSLFNVFNVTGSAMSAESVRLNTTSSNLANADSVSSSAKDTYKARHAVFGAELSNAMRGGDTVPVKVMGIVESDKPLSAE
YNPDHPLANEEGYIYKPNVNVMEEMANMISASRAYQTNVQVADSSKQMLLRTLQMGQ
;
g,h,i,j,k,l
10 'polypeptide(L)'
;MDRALFLAMSGAKQNMQALQLRANNLANVSTTGFRADLAQARSMQAYGEGHPSRVFSMTERPGHNFAQGSVITTGRDLDV
TIEGSGWISVLDHTGKEGLTRNGNLKVDQNGMLTNASGHLVLGENDAPITLPIPLSKIEIGRDGTISVLPQGAPAEEFQA
VDRIKLVKPNDQSLFKDTNGLFRHKTPNQPYEADATVSLQTGAIEGSNVNAVGEMTALIDLQRQFEMQVKMMSTAEEMDK
SSDSLLRMS
;
m,n,o,p,q
11 'polypeptide(L)'
;MKVDGIQAEMRAMMVEATNTAPTASGAKVGADFNDLLTKAINNVNTLQKASGDLQTRFDRGDADVSLSDVMIARNKSSVA
FDATVQIRNKLVEAYKDLMNMPV
;
r,s,t,u,v,w
12 'polypeptide(L)'
;MAESDGQERTEEATPRRLQQAREKGQVARSKELASASVLIVGAISLMWFGEALARSLFSIMSRLFDLQREEIFDTAKLFD
IALGAMTDLLFPLFLVLATLFTAAMIGAAGVGGISFSAQAAMPKLSKMNPLSGLKRMVGMQSWVELIKSILKVVLVTGVA
IYLIQASQADLIQLSMDVYPQNIFHALDILLNFILLISCSLLIVVAIDIPFQIWQHADQLKMTKQEVKDEYKETEGKPEV
KGRIRMLQREAAQRRMMADVPQADVIVTNPEHFSVALRYKQKTDRAPVVIAKGTDHMAMKIREVAREHDITIVPAPPLAR
ALYHTTELEQEIPDGLFTAVAQVLAFVFQLKQYRKRGGQRPKIQDYDLPIPPEHRH
;
x
#
# COMPACT_ATOMS: atom_id res chain seq x y z
N SER A 2 -97.46 -9.93 -34.01
CA SER A 2 -98.45 -8.91 -33.68
C SER A 2 -99.24 -8.50 -34.92
N TYR A 3 -98.67 -8.74 -36.10
CA TYR A 3 -99.38 -8.44 -37.34
C TYR A 3 -100.47 -9.46 -37.63
N VAL A 4 -100.27 -10.71 -37.20
CA VAL A 4 -101.32 -11.71 -37.35
C VAL A 4 -102.51 -11.38 -36.46
N SER A 5 -102.22 -10.91 -35.24
CA SER A 5 -103.30 -10.48 -34.34
C SER A 5 -103.99 -9.23 -34.85
N LEU A 6 -103.22 -8.30 -35.42
CA LEU A 6 -103.82 -7.08 -35.98
C LEU A 6 -104.65 -7.39 -37.22
N SER A 7 -104.27 -8.44 -37.95
CA SER A 7 -105.11 -8.89 -39.07
C SER A 7 -106.47 -9.35 -38.58
N GLY A 8 -106.50 -10.06 -37.46
CA GLY A 8 -107.78 -10.46 -36.89
C GLY A 8 -108.60 -9.28 -36.40
N LEU A 9 -107.93 -8.29 -35.78
CA LEU A 9 -108.64 -7.10 -35.33
C LEU A 9 -109.26 -6.35 -36.49
N SER A 10 -108.50 -6.16 -37.57
CA SER A 10 -109.02 -5.44 -38.73
C SER A 10 -110.17 -6.21 -39.37
N ALA A 11 -110.04 -7.54 -39.48
CA ALA A 11 -111.11 -8.35 -40.04
C ALA A 11 -112.36 -8.29 -39.17
N ALA A 12 -112.19 -8.36 -37.85
CA ALA A 12 -113.35 -8.30 -36.96
C ALA A 12 -113.97 -6.91 -36.97
N GLN A 13 -113.16 -5.87 -37.13
CA GLN A 13 -113.69 -4.51 -37.16
C GLN A 13 -114.44 -4.24 -38.45
N LEU A 14 -113.97 -4.79 -39.57
CA LEU A 14 -114.67 -4.62 -40.83
C LEU A 14 -116.04 -5.29 -40.81
N ASP A 15 -116.13 -6.46 -40.17
CA ASP A 15 -117.43 -7.12 -40.01
C ASP A 15 -118.38 -6.28 -39.18
N LEU A 16 -117.86 -5.65 -38.12
CA LEU A 16 -118.69 -4.79 -37.29
C LEU A 16 -119.18 -3.57 -38.07
N ASN A 17 -118.31 -2.98 -38.88
CA ASN A 17 -118.72 -1.83 -39.70
C ASN A 17 -119.78 -2.21 -40.72
N THR A 18 -119.62 -3.37 -41.36
CA THR A 18 -120.62 -3.82 -42.32
C THR A 18 -121.97 -4.08 -41.64
N THR A 19 -121.94 -4.68 -40.46
CA THR A 19 -123.17 -4.90 -39.72
C THR A 19 -123.82 -3.59 -39.30
N SER A 20 -123.00 -2.62 -38.88
CA SER A 20 -123.55 -1.32 -38.50
C SER A 20 -124.17 -0.61 -39.69
N ASN A 21 -123.58 -0.76 -40.88
CA ASN A 21 -124.16 -0.18 -42.09
C ASN A 21 -125.51 -0.80 -42.40
N ASN A 22 -125.65 -2.12 -42.21
CA ASN A 22 -126.92 -2.78 -42.45
C ASN A 22 -127.99 -2.27 -41.48
N ILE A 23 -127.63 -2.11 -40.21
CA ILE A 23 -128.61 -1.68 -39.20
C ILE A 23 -129.03 -0.23 -39.45
N ALA A 24 -128.09 0.62 -39.87
CA ALA A 24 -128.43 2.02 -40.09
C ALA A 24 -129.43 2.18 -41.24
N ASN A 25 -129.32 1.35 -42.27
CA ASN A 25 -130.23 1.40 -43.41
C ASN A 25 -131.45 0.51 -43.23
N ALA A 26 -131.91 0.33 -41.99
CA ALA A 26 -133.07 -0.51 -41.73
C ALA A 26 -134.37 0.06 -42.30
N ASN A 27 -134.41 1.34 -42.64
CA ASN A 27 -135.63 1.97 -43.16
C ASN A 27 -135.45 2.56 -44.55
N THR A 28 -134.24 2.61 -45.09
CA THR A 28 -134.04 3.16 -46.42
C THR A 28 -134.65 2.24 -47.47
N TYR A 29 -135.36 2.85 -48.43
CA TYR A 29 -136.04 2.07 -49.45
C TYR A 29 -135.05 1.55 -50.49
N GLY A 30 -135.22 0.30 -50.88
CA GLY A 30 -134.42 -0.31 -51.93
C GLY A 30 -133.03 -0.73 -51.51
N PHE A 31 -132.67 -0.60 -50.24
CA PHE A 31 -131.33 -0.96 -49.78
C PHE A 31 -131.14 -2.47 -49.85
N LYS A 32 -129.93 -2.88 -50.26
CA LYS A 32 -129.54 -4.28 -50.30
C LYS A 32 -128.41 -4.48 -49.31
N GLU A 33 -128.55 -5.48 -48.43
CA GLU A 33 -127.61 -5.65 -47.35
C GLU A 33 -126.25 -6.13 -47.85
N SER A 34 -125.24 -5.99 -47.01
CA SER A 34 -123.88 -6.36 -47.33
C SER A 34 -123.38 -7.42 -46.37
N ARG A 35 -122.48 -8.27 -46.84
CA ARG A 35 -121.88 -9.33 -46.05
C ARG A 35 -120.38 -9.34 -46.29
N ALA A 36 -119.60 -9.35 -45.20
CA ALA A 36 -118.15 -9.31 -45.30
C ALA A 36 -117.60 -10.73 -45.41
N GLU A 37 -116.76 -10.96 -46.43
CA GLU A 37 -116.13 -12.24 -46.65
C GLU A 37 -114.63 -12.11 -46.44
N PHE A 38 -114.04 -13.07 -45.73
CA PHE A 38 -112.63 -13.04 -45.41
C PHE A 38 -111.93 -14.29 -45.93
N ALA A 39 -110.61 -14.19 -46.06
CA ALA A 39 -109.78 -15.27 -46.57
C ALA A 39 -108.52 -15.40 -45.73
N ASP A 40 -107.72 -16.41 -46.05
CA ASP A 40 -106.49 -16.72 -45.33
C ASP A 40 -105.29 -16.05 -45.99
N VAL A 41 -104.17 -16.06 -45.28
CA VAL A 41 -102.90 -15.53 -45.76
C VAL A 41 -101.84 -16.61 -45.60
N TYR A 42 -101.15 -16.94 -46.68
CA TYR A 42 -100.05 -17.92 -46.64
C TYR A 42 -98.99 -17.48 -47.63
N SER A 43 -97.96 -16.81 -47.13
CA SER A 43 -96.87 -16.31 -47.97
C SER A 43 -95.62 -17.13 -47.68
N ASN A 44 -95.09 -17.78 -48.72
CA ASN A 44 -93.87 -18.55 -48.59
C ASN A 44 -92.97 -18.26 -49.78
N SER A 45 -91.67 -18.22 -49.53
CA SER A 45 -90.66 -17.93 -50.55
C SER A 45 -89.81 -19.17 -50.79
N LEU A 46 -88.79 -18.98 -51.64
CA LEU A 46 -87.87 -20.08 -51.95
C LEU A 46 -87.06 -20.50 -50.73
N PHE A 47 -86.75 -19.54 -49.85
CA PHE A 47 -85.84 -19.78 -48.74
C PHE A 47 -86.55 -20.06 -47.42
N THR A 48 -87.87 -20.15 -47.40
CA THR A 48 -88.48 -20.38 -46.08
C THR A 48 -88.87 -21.86 -46.02
N ASN A 49 -88.72 -22.50 -44.87
CA ASN A 49 -89.06 -23.93 -44.73
C ASN A 49 -90.50 -24.00 -44.27
N ALA A 50 -91.44 -24.13 -45.20
CA ALA A 50 -92.87 -24.10 -44.84
C ALA A 50 -93.26 -25.27 -43.94
N LYS A 51 -92.36 -26.19 -43.66
CA LYS A 51 -92.81 -27.38 -42.92
C LYS A 51 -93.43 -26.95 -41.59
N THR A 52 -92.96 -25.86 -41.01
CA THR A 52 -93.40 -25.45 -39.65
C THR A 52 -93.40 -23.93 -39.58
N THR A 53 -94.30 -23.31 -40.33
CA THR A 53 -94.37 -21.84 -40.41
C THR A 53 -95.85 -21.54 -40.33
N PRO A 54 -96.30 -20.62 -39.49
CA PRO A 54 -97.73 -20.44 -39.30
C PRO A 54 -98.34 -19.53 -40.37
N GLY A 55 -99.57 -19.13 -40.21
CA GLY A 55 -100.22 -18.33 -41.25
C GLY A 55 -99.86 -16.87 -41.18
N GLY A 56 -100.47 -16.03 -42.03
CA GLY A 56 -100.26 -14.61 -41.93
C GLY A 56 -101.40 -13.82 -41.35
N GLY A 57 -102.46 -14.50 -40.94
CA GLY A 57 -103.61 -13.83 -40.36
C GLY A 57 -104.87 -14.06 -41.17
N ALA A 58 -105.72 -13.05 -41.25
CA ALA A 58 -106.94 -13.11 -42.04
C ALA A 58 -106.99 -11.89 -42.95
N GLN A 59 -107.55 -12.04 -44.16
CA GLN A 59 -107.64 -10.91 -45.12
C GLN A 59 -109.05 -10.82 -45.68
N ALA A 60 -109.50 -9.66 -46.15
CA ALA A 60 -110.85 -9.50 -46.75
C ALA A 60 -110.92 -9.98 -48.20
N SER A 61 -111.92 -10.80 -48.50
CA SER A 61 -112.13 -11.26 -49.89
C SER A 61 -112.84 -10.11 -50.58
N GLN A 62 -114.07 -9.84 -50.15
CA GLN A 62 -114.86 -8.76 -50.78
C GLN A 62 -116.04 -8.48 -49.87
N VAL A 63 -116.41 -7.21 -49.73
CA VAL A 63 -117.66 -6.93 -48.97
C VAL A 63 -118.76 -7.15 -50.01
N ALA A 64 -119.68 -8.09 -49.76
CA ALA A 64 -120.68 -8.46 -50.79
C ALA A 64 -121.86 -7.50 -50.81
N GLN A 65 -122.89 -7.82 -51.59
CA GLN A 65 -124.03 -6.93 -51.79
C GLN A 65 -125.29 -7.77 -51.95
N GLN A 66 -125.52 -8.69 -51.01
CA GLN A 66 -126.61 -9.67 -51.05
C GLN A 66 -127.89 -9.09 -51.62
N PHE A 67 -128.36 -9.68 -52.72
CA PHE A 67 -129.44 -9.10 -53.52
C PHE A 67 -130.75 -9.88 -53.41
N HIS A 68 -131.03 -10.42 -52.22
CA HIS A 68 -132.32 -11.07 -52.03
C HIS A 68 -133.43 -10.03 -51.92
N GLU A 69 -134.62 -10.42 -52.36
CA GLU A 69 -135.76 -9.50 -52.39
C GLU A 69 -136.16 -9.07 -51.00
N GLY A 70 -136.37 -7.77 -50.82
CA GLY A 70 -136.82 -7.24 -49.54
C GLY A 70 -138.33 -7.19 -49.44
N SER A 71 -138.80 -7.03 -48.21
CA SER A 71 -140.22 -6.96 -47.95
C SER A 71 -140.82 -5.68 -48.54
N SER A 72 -142.12 -5.72 -48.79
CA SER A 72 -142.84 -4.63 -49.44
C SER A 72 -143.73 -3.91 -48.44
N ILE A 73 -143.77 -2.59 -48.55
CA ILE A 73 -144.66 -1.75 -47.76
C ILE A 73 -145.75 -1.23 -48.68
N TYR A 74 -146.94 -1.01 -48.11
CA TYR A 74 -148.11 -0.59 -48.88
C TYR A 74 -148.42 0.86 -48.53
N THR A 75 -148.45 1.71 -49.56
CA THR A 75 -148.75 3.12 -49.38
C THR A 75 -150.02 3.58 -50.10
N ASN A 76 -150.59 2.72 -50.96
CA ASN A 76 -151.81 3.04 -51.71
C ASN A 76 -151.61 4.28 -52.59
N ASN A 77 -150.37 4.48 -53.04
CA ASN A 77 -149.99 5.64 -53.85
C ASN A 77 -149.63 5.17 -55.25
N PRO A 78 -150.35 5.56 -56.29
CA PRO A 78 -150.03 5.08 -57.64
C PRO A 78 -148.64 5.48 -58.12
N MET A 79 -148.03 6.50 -57.53
CA MET A 79 -146.69 6.92 -57.93
C MET A 79 -145.58 6.18 -57.19
N ASP A 80 -145.91 5.30 -56.25
CA ASP A 80 -144.92 4.47 -55.58
C ASP A 80 -144.86 3.12 -56.29
N LEU A 81 -143.67 2.77 -56.77
CA LEU A 81 -143.48 1.59 -57.60
C LEU A 81 -142.53 0.60 -56.94
N ARG A 82 -142.72 -0.68 -57.25
CA ARG A 82 -141.89 -1.75 -56.73
C ARG A 82 -141.73 -2.83 -57.79
N VAL A 83 -140.55 -3.41 -57.86
CA VAL A 83 -140.24 -4.48 -58.78
C VAL A 83 -140.33 -5.80 -58.02
N SER A 84 -141.29 -6.64 -58.38
CA SER A 84 -141.45 -7.97 -57.79
C SER A 84 -140.75 -8.98 -58.69
N GLY A 85 -139.51 -9.33 -58.36
CA GLY A 85 -138.70 -10.21 -59.17
C GLY A 85 -137.31 -9.64 -59.39
N THR A 86 -136.77 -9.89 -60.57
CA THR A 86 -135.42 -9.45 -60.94
C THR A 86 -135.52 -8.27 -61.89
N GLY A 87 -134.75 -7.23 -61.60
CA GLY A 87 -134.71 -6.05 -62.45
C GLY A 87 -134.43 -4.80 -61.65
N PHE A 88 -134.04 -3.75 -62.37
CA PHE A 88 -133.76 -2.45 -61.79
C PHE A 88 -134.43 -1.35 -62.62
N PHE A 89 -134.72 -0.23 -61.98
CA PHE A 89 -135.25 0.92 -62.69
C PHE A 89 -134.11 1.70 -63.34
N ALA A 90 -134.43 2.38 -64.44
CA ALA A 90 -133.49 3.24 -65.15
C ALA A 90 -133.75 4.70 -64.78
N VAL A 91 -132.74 5.36 -64.25
CA VAL A 91 -132.86 6.72 -63.75
C VAL A 91 -131.72 7.56 -64.30
N ALA A 92 -132.06 8.68 -64.94
CA ALA A 92 -131.09 9.56 -65.56
C ALA A 92 -130.97 10.86 -64.78
N LYS A 93 -129.73 11.30 -64.56
CA LYS A 93 -129.51 12.53 -63.82
C LYS A 93 -129.89 13.75 -64.66
N GLU A 94 -129.69 13.67 -65.98
CA GLU A 94 -130.04 14.75 -66.90
C GLU A 94 -131.12 14.28 -67.86
N ARG A 95 -132.11 15.14 -68.09
CA ARG A 95 -133.20 14.80 -69.00
C ARG A 95 -132.69 14.68 -70.44
N LEU A 96 -131.79 15.57 -70.84
CA LEU A 96 -131.32 15.59 -72.23
C LEU A 96 -130.58 14.31 -72.58
N THR A 97 -129.74 13.82 -71.66
CA THR A 97 -128.94 12.64 -71.93
C THR A 97 -129.54 11.44 -71.19
N PRO A 98 -130.16 10.48 -71.89
CA PRO A 98 -130.66 9.28 -71.23
C PRO A 98 -129.68 8.13 -71.19
N GLN A 99 -128.53 8.25 -71.85
CA GLN A 99 -127.51 7.21 -71.78
C GLN A 99 -126.81 7.23 -70.43
N GLN A 100 -126.61 8.42 -69.87
CA GLN A 100 -126.02 8.58 -68.53
C GLN A 100 -127.09 8.29 -67.49
N ASN A 101 -127.33 6.99 -67.27
CA ASN A 101 -128.36 6.53 -66.37
C ASN A 101 -127.78 5.56 -65.35
N GLU A 102 -128.45 5.43 -64.22
CA GLU A 102 -128.02 4.58 -63.13
C GLU A 102 -129.17 3.69 -62.68
N LEU A 103 -128.81 2.56 -62.06
CA LEU A 103 -129.78 1.56 -61.64
C LEU A 103 -130.21 1.82 -60.21
N THR A 104 -131.51 1.68 -59.95
CA THR A 104 -132.07 1.90 -58.62
C THR A 104 -133.20 0.91 -58.38
N ARG A 105 -133.51 0.72 -57.10
CA ARG A 105 -134.56 -0.22 -56.70
C ARG A 105 -135.72 0.43 -55.94
N ASN A 106 -135.56 1.65 -55.45
CA ASN A 106 -136.66 2.33 -54.77
C ASN A 106 -137.53 3.08 -55.77
N GLY A 107 -138.83 3.06 -55.52
CA GLY A 107 -139.78 3.63 -56.46
C GLY A 107 -140.55 4.82 -55.93
N ALA A 108 -139.91 5.65 -55.11
CA ALA A 108 -140.55 6.85 -54.61
C ALA A 108 -140.55 7.91 -55.70
N PHE A 109 -141.53 7.85 -56.60
CA PHE A 109 -141.60 8.72 -57.76
C PHE A 109 -142.71 9.74 -57.59
N HIS A 110 -142.62 10.82 -58.37
CA HIS A 110 -143.62 11.88 -58.39
C HIS A 110 -143.45 12.67 -59.68
N LEU A 111 -144.16 13.79 -59.79
CA LEU A 111 -144.10 14.65 -60.96
C LEU A 111 -143.53 16.01 -60.58
N ASN A 112 -142.67 16.53 -61.44
CA ASN A 112 -142.12 17.87 -61.28
C ASN A 112 -143.02 18.87 -62.00
N LYS A 113 -142.55 20.11 -62.13
CA LYS A 113 -143.35 21.13 -62.82
C LYS A 113 -143.54 20.79 -64.29
N GLU A 114 -142.65 19.98 -64.86
CA GLU A 114 -142.78 19.54 -66.24
C GLU A 114 -143.62 18.29 -66.40
N ASN A 115 -144.17 17.76 -65.29
CA ASN A 115 -144.95 16.53 -65.30
C ASN A 115 -144.13 15.35 -65.83
N TYR A 116 -142.84 15.34 -65.50
CA TYR A 116 -141.97 14.22 -65.79
C TYR A 116 -141.82 13.36 -64.55
N MET A 117 -141.90 12.04 -64.74
CA MET A 117 -141.81 11.12 -63.61
C MET A 117 -140.38 11.07 -63.11
N VAL A 118 -140.14 11.65 -61.93
CA VAL A 118 -138.80 11.82 -61.41
C VAL A 118 -138.74 11.23 -60.00
N THR A 119 -137.51 10.96 -59.55
CA THR A 119 -137.28 10.43 -58.22
C THR A 119 -137.23 11.57 -57.19
N ALA A 120 -136.97 11.20 -55.94
CA ALA A 120 -136.82 12.21 -54.89
C ALA A 120 -135.59 13.08 -55.11
N ASN A 121 -134.58 12.55 -55.79
CA ASN A 121 -133.35 13.29 -56.08
C ASN A 121 -133.46 14.13 -57.34
N ASP A 122 -134.68 14.40 -57.81
CA ASP A 122 -134.92 15.19 -59.02
C ASP A 122 -134.19 14.59 -60.22
N GLU A 123 -134.20 13.25 -60.33
CA GLU A 123 -133.59 12.53 -61.43
C GLU A 123 -134.69 11.81 -62.21
N PHE A 124 -134.53 11.77 -63.52
CA PHE A 124 -135.61 11.38 -64.43
C PHE A 124 -135.66 9.88 -64.63
N LEU A 125 -136.85 9.31 -64.48
CA LEU A 125 -137.08 7.90 -64.78
C LEU A 125 -137.18 7.70 -66.29
N LEU A 126 -136.63 6.59 -66.77
CA LEU A 126 -136.58 6.29 -68.20
C LEU A 126 -137.49 5.13 -68.55
N GLY A 127 -138.06 5.20 -69.75
CA GLY A 127 -138.95 4.17 -70.24
C GLY A 127 -138.96 4.13 -71.76
N TYR A 128 -139.71 3.17 -72.29
CA TYR A 128 -139.85 3.00 -73.73
C TYR A 128 -140.99 3.87 -74.27
N GLN A 129 -140.87 4.25 -75.53
CA GLN A 129 -141.88 5.08 -76.19
C GLN A 129 -142.77 4.19 -77.05
N VAL A 130 -144.05 4.12 -76.71
CA VAL A 130 -145.04 3.34 -77.46
C VAL A 130 -146.10 4.29 -77.99
N ASP A 131 -146.57 4.02 -79.20
CA ASP A 131 -147.59 4.86 -79.80
C ASP A 131 -148.92 4.71 -79.06
N PRO A 132 -149.74 5.75 -79.04
CA PRO A 132 -151.06 5.64 -78.39
C PRO A 132 -151.95 4.57 -79.03
N SER A 133 -151.75 4.27 -80.31
CA SER A 133 -152.53 3.23 -80.98
C SER A 133 -151.80 1.90 -81.09
N SER A 134 -150.47 1.91 -81.03
CA SER A 134 -149.70 0.68 -81.14
C SER A 134 -149.68 -0.05 -79.80
N GLY A 135 -149.11 -1.25 -79.82
CA GLY A 135 -149.05 -2.08 -78.64
C GLY A 135 -147.67 -2.11 -78.00
N GLU A 136 -146.87 -3.10 -78.37
CA GLU A 136 -145.55 -3.30 -77.79
C GLU A 136 -144.60 -2.16 -78.14
N VAL A 137 -143.38 -2.22 -77.62
CA VAL A 137 -142.42 -1.14 -77.81
C VAL A 137 -142.09 -0.99 -79.29
N SER A 138 -142.12 0.25 -79.77
CA SER A 138 -141.74 0.55 -81.14
C SER A 138 -140.24 0.80 -81.25
N SER A 139 -139.73 1.75 -80.48
CA SER A 139 -138.30 2.06 -80.43
C SER A 139 -137.79 1.75 -79.04
N TYR A 140 -136.72 0.94 -78.97
CA TYR A 140 -136.22 0.43 -77.70
C TYR A 140 -135.36 1.43 -76.93
N GLU A 141 -135.02 2.57 -77.53
CA GLU A 141 -134.16 3.55 -76.86
C GLU A 141 -134.90 4.18 -75.69
N PRO A 142 -134.32 4.20 -74.49
CA PRO A 142 -135.03 4.77 -73.34
C PRO A 142 -135.08 6.29 -73.40
N GLN A 143 -136.25 6.82 -73.07
CA GLN A 143 -136.49 8.26 -72.96
C GLN A 143 -137.22 8.53 -71.66
N PRO A 144 -137.07 9.74 -71.11
CA PRO A 144 -137.83 10.08 -69.89
C PRO A 144 -139.33 10.01 -70.13
N ILE A 145 -140.04 9.52 -69.13
CA ILE A 145 -141.48 9.33 -69.22
C ILE A 145 -142.18 10.62 -68.84
N ASN A 146 -143.01 11.13 -69.75
CA ASN A 146 -143.76 12.37 -69.53
C ASN A 146 -145.25 12.05 -69.46
N ILE A 147 -145.93 12.65 -68.49
CA ILE A 147 -147.37 12.50 -68.35
C ILE A 147 -148.01 13.86 -68.60
N PRO A 148 -148.45 14.14 -69.83
CA PRO A 148 -148.97 15.47 -70.15
C PRO A 148 -150.19 15.83 -69.32
N ALA A 149 -150.26 17.10 -68.92
CA ALA A 149 -151.44 17.59 -68.21
C ALA A 149 -152.64 17.67 -69.13
N GLU A 150 -152.45 18.13 -70.37
CA GLU A 150 -153.53 18.23 -71.35
C GLU A 150 -153.15 17.43 -72.58
N PHE A 151 -153.97 16.44 -72.90
CA PHE A 151 -153.76 15.60 -74.09
C PHE A 151 -155.07 15.54 -74.85
N GLY A 152 -155.00 15.74 -76.17
CA GLY A 152 -156.18 15.70 -77.01
C GLY A 152 -156.01 16.44 -78.32
N THR A 320 -159.59 19.46 -75.77
CA THR A 320 -158.60 18.62 -75.10
C THR A 320 -159.15 18.11 -73.77
N GLY A 321 -158.30 17.41 -73.02
CA GLY A 321 -158.70 16.87 -71.74
C GLY A 321 -157.60 16.95 -70.69
N PHE A 322 -157.98 17.13 -69.44
CA PHE A 322 -157.01 17.30 -68.36
C PHE A 322 -156.77 15.98 -67.63
N LEU A 323 -155.52 15.77 -67.23
CA LEU A 323 -155.14 14.52 -66.56
C LEU A 323 -155.90 14.37 -65.24
N THR A 324 -156.47 13.18 -65.02
CA THR A 324 -157.22 12.89 -63.81
C THR A 324 -156.58 11.80 -62.97
N LYS A 325 -156.33 10.62 -63.53
CA LYS A 325 -155.77 9.51 -62.78
C LYS A 325 -154.63 8.88 -63.57
N VAL A 326 -153.66 8.34 -62.84
CA VAL A 326 -152.54 7.60 -63.42
C VAL A 326 -152.47 6.23 -62.74
N ASP A 327 -152.43 5.18 -63.53
CA ASP A 327 -152.35 3.81 -63.02
C ASP A 327 -151.35 3.02 -63.84
N PHE A 328 -150.76 2.02 -63.19
CA PHE A 328 -149.76 1.16 -63.80
C PHE A 328 -150.24 -0.29 -63.75
N ASP A 329 -150.22 -0.96 -64.90
CA ASP A 329 -150.58 -2.36 -64.98
C ASP A 329 -149.34 -3.22 -64.71
N GLU A 330 -149.53 -4.55 -64.76
CA GLU A 330 -148.41 -5.45 -64.53
C GLU A 330 -147.37 -5.39 -65.64
N ASN A 331 -147.73 -4.81 -66.79
CA ASN A 331 -146.80 -4.65 -67.90
C ASN A 331 -145.97 -3.38 -67.79
N GLY A 332 -146.18 -2.58 -66.75
CA GLY A 332 -145.40 -1.37 -66.54
C GLY A 332 -145.83 -0.17 -67.34
N SER A 333 -146.91 -0.27 -68.10
CA SER A 333 -147.37 0.84 -68.93
C SER A 333 -148.04 1.90 -68.07
N VAL A 334 -147.67 3.16 -68.29
CA VAL A 334 -148.30 4.28 -67.61
C VAL A 334 -149.49 4.74 -68.45
N MET A 335 -150.69 4.61 -67.89
CA MET A 335 -151.92 4.93 -68.59
C MET A 335 -152.60 6.10 -67.89
N GLY A 336 -152.96 7.12 -68.67
CA GLY A 336 -153.59 8.32 -68.13
C GLY A 336 -154.94 8.55 -68.79
N THR A 337 -155.97 8.68 -67.95
CA THR A 337 -157.30 9.02 -68.41
C THR A 337 -157.56 10.50 -68.16
N TYR A 338 -158.29 11.12 -69.08
CA TYR A 338 -158.48 12.56 -69.09
C TYR A 338 -159.96 12.89 -68.94
N SER A 339 -160.26 14.19 -68.95
CA SER A 339 -161.64 14.64 -68.77
C SER A 339 -162.52 14.24 -69.94
N ASN A 340 -161.96 14.16 -71.14
CA ASN A 340 -162.74 13.78 -72.32
C ASN A 340 -163.01 12.29 -72.41
N GLY A 341 -162.65 11.52 -71.39
CA GLY A 341 -162.87 10.08 -71.42
C GLY A 341 -162.05 9.35 -72.45
N GLU A 342 -160.80 9.76 -72.65
CA GLU A 342 -159.90 9.14 -73.61
C GLU A 342 -158.74 8.49 -72.86
N ASN A 343 -158.65 7.18 -72.93
CA ASN A 343 -157.59 6.43 -72.26
C ASN A 343 -156.41 6.30 -73.20
N VAL A 344 -155.27 6.88 -72.82
CA VAL A 344 -154.08 6.93 -73.66
C VAL A 344 -152.93 6.25 -72.94
N THR A 345 -152.24 5.36 -73.64
CA THR A 345 -151.04 4.71 -73.12
C THR A 345 -149.84 5.61 -73.42
N LEU A 346 -149.27 6.18 -72.37
CA LEU A 346 -148.20 7.17 -72.49
C LEU A 346 -146.82 6.55 -72.57
N GLY A 347 -146.71 5.23 -72.44
CA GLY A 347 -145.43 4.56 -72.44
C GLY A 347 -145.36 3.46 -71.40
N ARG A 348 -144.21 2.79 -71.31
CA ARG A 348 -144.01 1.76 -70.30
C ARG A 348 -142.63 1.94 -69.68
N VAL A 349 -142.56 1.73 -68.36
CA VAL A 349 -141.31 1.94 -67.64
C VAL A 349 -140.32 0.84 -68.03
N ALA A 350 -139.12 1.25 -68.44
CA ALA A 350 -138.09 0.31 -68.84
C ALA A 350 -137.49 -0.38 -67.62
N LEU A 351 -137.22 -1.68 -67.76
CA LEU A 351 -136.62 -2.47 -66.70
C LEU A 351 -135.23 -2.92 -67.12
N VAL A 352 -134.28 -2.83 -66.21
CA VAL A 352 -132.87 -3.11 -66.49
C VAL A 352 -132.39 -4.22 -65.58
N ARG A 353 -131.66 -5.18 -66.16
CA ARG A 353 -131.10 -6.30 -65.42
C ARG A 353 -129.65 -6.48 -65.85
N VAL A 354 -128.83 -7.03 -64.95
CA VAL A 354 -127.43 -7.29 -65.26
C VAL A 354 -127.13 -8.77 -64.98
N PRO A 355 -126.26 -9.41 -65.76
CA PRO A 355 -125.95 -10.82 -65.49
C PRO A 355 -125.31 -11.04 -64.14
N ASN A 356 -124.52 -10.10 -63.66
CA ASN A 356 -123.83 -10.19 -62.37
C ASN A 356 -124.23 -8.97 -61.54
N GLU A 357 -125.26 -9.12 -60.71
CA GLU A 357 -125.70 -8.02 -59.87
C GLU A 357 -124.66 -7.65 -58.83
N GLN A 358 -123.91 -8.63 -58.33
CA GLN A 358 -122.91 -8.36 -57.31
C GLN A 358 -121.73 -7.56 -57.84
N GLY A 359 -121.53 -7.52 -59.15
CA GLY A 359 -120.43 -6.76 -59.72
C GLY A 359 -120.69 -5.29 -59.90
N LEU A 360 -121.93 -4.84 -59.68
CA LEU A 360 -122.25 -3.43 -59.82
C LEU A 360 -121.56 -2.60 -58.73
N ASP A 361 -121.04 -1.44 -59.13
CA ASP A 361 -120.48 -0.50 -58.17
C ASP A 361 -121.59 0.39 -57.62
N LYS A 362 -121.50 0.70 -56.33
CA LYS A 362 -122.58 1.35 -55.62
C LYS A 362 -122.34 2.86 -55.60
N LYS A 363 -123.30 3.61 -56.12
CA LYS A 363 -123.27 5.07 -56.05
C LYS A 363 -123.98 5.50 -54.76
N GLY A 364 -124.21 6.81 -54.62
CA GLY A 364 -124.97 7.30 -53.49
C GLY A 364 -126.47 7.09 -53.69
N GLY A 365 -127.20 7.23 -52.59
CA GLY A 365 -128.65 7.12 -52.63
C GLY A 365 -129.18 5.76 -53.07
N THR A 366 -128.50 4.68 -52.67
CA THR A 366 -128.90 3.31 -52.98
C THR A 366 -129.11 3.12 -54.48
N GLN A 367 -128.12 3.57 -55.26
CA GLN A 367 -128.16 3.46 -56.71
C GLN A 367 -126.90 2.77 -57.21
N TRP A 368 -127.06 1.99 -58.27
CA TRP A 368 -125.98 1.22 -58.86
C TRP A 368 -125.72 1.66 -60.29
N ASP A 369 -124.51 1.37 -60.76
CA ASP A 369 -124.11 1.62 -62.14
C ASP A 369 -123.38 0.40 -62.69
N SER A 370 -123.44 0.24 -64.01
CA SER A 370 -122.82 -0.92 -64.65
C SER A 370 -121.30 -0.83 -64.58
N THR A 371 -120.65 -1.99 -64.46
CA THR A 371 -119.20 -2.06 -64.44
C THR A 371 -118.70 -3.12 -65.40
N GLN A 372 -117.39 -3.38 -65.38
CA GLN A 372 -116.84 -4.45 -66.21
C GLN A 372 -117.16 -5.83 -65.64
N PHE A 373 -117.19 -5.96 -64.32
CA PHE A 373 -117.48 -7.24 -63.67
C PHE A 373 -118.97 -7.54 -63.60
N SER A 374 -119.83 -6.56 -63.86
CA SER A 374 -121.27 -6.74 -63.81
C SER A 374 -121.90 -6.93 -65.18
N GLY A 375 -121.09 -7.07 -66.23
CA GLY A 375 -121.64 -7.20 -67.55
C GLY A 375 -122.22 -5.88 -68.06
N ASP A 376 -123.06 -6.01 -69.08
CA ASP A 376 -123.72 -4.87 -69.70
C ASP A 376 -125.20 -4.86 -69.32
N LYS A 377 -125.78 -3.66 -69.37
CA LYS A 377 -127.19 -3.52 -69.03
C LYS A 377 -128.06 -4.24 -70.05
N ILE A 378 -129.05 -4.98 -69.55
CA ILE A 378 -130.01 -5.71 -70.38
C ILE A 378 -131.33 -4.96 -70.28
N TRP A 379 -131.74 -4.31 -71.37
CA TRP A 379 -132.96 -3.52 -71.39
C TRP A 379 -134.13 -4.41 -71.80
N GLY A 380 -135.20 -4.37 -71.01
CA GLY A 380 -136.38 -5.16 -71.29
C GLY A 380 -137.59 -4.62 -70.56
N GLU A 381 -138.73 -5.21 -70.86
CA GLU A 381 -139.99 -4.83 -70.24
C GLU A 381 -140.24 -5.67 -68.98
N SER A 382 -141.20 -5.22 -68.18
CA SER A 382 -141.57 -5.94 -66.97
C SER A 382 -142.46 -7.12 -67.32
N ASN A 383 -142.30 -8.21 -66.56
CA ASN A 383 -143.05 -9.45 -66.76
C ASN A 383 -142.81 -10.01 -68.16
N LYS A 384 -141.62 -9.75 -68.70
CA LYS A 384 -141.19 -10.30 -69.98
C LYS A 384 -139.85 -10.99 -69.81
N GLY A 385 -139.77 -12.24 -70.28
CA GLY A 385 -138.56 -13.01 -70.14
C GLY A 385 -138.20 -13.28 -68.68
N SER A 386 -136.98 -12.89 -68.29
CA SER A 386 -136.51 -13.08 -66.93
C SER A 386 -136.81 -11.89 -66.03
N PHE A 387 -137.40 -10.83 -66.55
CA PHE A 387 -137.68 -9.65 -65.75
C PHE A 387 -138.91 -9.86 -64.88
N GLY A 388 -138.91 -9.22 -63.71
CA GLY A 388 -140.03 -9.29 -62.80
C GLY A 388 -141.10 -8.27 -63.13
N THR A 389 -142.18 -8.34 -62.36
CA THR A 389 -143.31 -7.44 -62.56
C THR A 389 -143.09 -6.12 -61.83
N ILE A 390 -143.90 -5.13 -62.18
CA ILE A 390 -143.89 -3.82 -61.54
C ILE A 390 -145.23 -3.61 -60.86
N ASN A 391 -145.20 -3.29 -59.57
CA ASN A 391 -146.41 -3.07 -58.78
C ASN A 391 -146.44 -1.63 -58.31
N ASN A 392 -147.56 -0.96 -58.54
CA ASN A 392 -147.76 0.41 -58.06
C ASN A 392 -148.45 0.39 -56.71
N GLY A 393 -148.14 1.41 -55.90
CA GLY A 393 -148.63 1.45 -54.54
C GLY A 393 -147.82 0.67 -53.53
N MET A 394 -146.65 0.16 -53.93
CA MET A 394 -145.81 -0.61 -53.03
C MET A 394 -144.38 -0.10 -53.11
N LEU A 395 -143.69 -0.16 -51.98
CA LEU A 395 -142.29 0.21 -51.88
C LEU A 395 -141.52 -0.93 -51.21
N GLU A 396 -140.25 -1.05 -51.60
CA GLU A 396 -139.37 -2.09 -51.09
C GLU A 396 -138.57 -1.56 -49.92
N GLN A 397 -138.64 -2.24 -48.78
CA GLN A 397 -137.83 -1.90 -47.62
C GLN A 397 -136.46 -2.55 -47.76
N SER A 398 -135.62 -2.39 -46.74
CA SER A 398 -134.33 -3.07 -46.72
C SER A 398 -134.52 -4.57 -46.57
N ASN A 399 -133.60 -5.33 -47.18
CA ASN A 399 -133.64 -6.78 -47.17
C ASN A 399 -132.87 -7.37 -46.00
N ILE A 400 -132.74 -6.62 -44.90
CA ILE A 400 -131.98 -7.04 -43.74
C ILE A 400 -132.90 -7.71 -42.75
N ASP A 401 -132.31 -8.49 -41.84
CA ASP A 401 -133.02 -9.08 -40.71
C ASP A 401 -132.46 -8.44 -39.44
N MET A 402 -133.34 -7.81 -38.66
CA MET A 402 -132.87 -7.10 -37.48
C MET A 402 -132.27 -8.04 -36.45
N THR A 403 -132.92 -9.19 -36.21
CA THR A 403 -132.38 -10.15 -35.25
C THR A 403 -131.05 -10.73 -35.73
N GLN A 404 -130.94 -11.00 -37.03
CA GLN A 404 -129.69 -11.55 -37.57
C GLN A 404 -128.54 -10.56 -37.39
N GLU A 405 -128.79 -9.27 -37.64
CA GLU A 405 -127.72 -8.28 -37.51
C GLU A 405 -127.32 -8.10 -36.05
N LEU A 406 -128.28 -8.13 -35.13
CA LEU A 406 -127.96 -7.99 -33.72
C LEU A 406 -127.10 -9.15 -33.22
N VAL A 407 -127.42 -10.37 -33.66
CA VAL A 407 -126.60 -11.52 -33.29
C VAL A 407 -125.21 -11.41 -33.91
N ASP A 408 -125.15 -10.98 -35.17
CA ASP A 408 -123.86 -10.77 -35.83
C ASP A 408 -123.07 -9.68 -35.12
N LEU A 409 -123.76 -8.73 -34.51
CA LEU A 409 -123.07 -7.71 -33.70
C LEU A 409 -122.40 -8.35 -32.49
N ILE A 410 -123.07 -9.33 -31.87
CA ILE A 410 -122.49 -10.02 -30.72
C ILE A 410 -121.27 -10.82 -31.13
N SER A 411 -121.37 -11.56 -32.23
CA SER A 411 -120.27 -12.44 -32.64
C SER A 411 -119.04 -11.64 -33.02
N ALA A 412 -119.22 -10.48 -33.65
CA ALA A 412 -118.09 -9.66 -34.04
C ALA A 412 -117.38 -9.07 -32.83
N GLN A 413 -118.11 -8.82 -31.74
CA GLN A 413 -117.45 -8.17 -30.57
C GLN A 413 -116.58 -9.19 -29.85
N ARG A 414 -117.02 -10.44 -29.74
CA ARG A 414 -116.25 -11.50 -29.04
C ARG A 414 -115.11 -11.99 -29.94
N ASN A 415 -115.11 -11.58 -31.20
CA ASN A 415 -114.05 -11.98 -32.17
C ASN A 415 -113.06 -10.83 -32.25
N PHE A 416 -113.42 -9.66 -31.70
CA PHE A 416 -112.48 -8.53 -31.66
C PHE A 416 -111.85 -8.55 -30.29
N GLN A 417 -112.58 -9.05 -29.29
CA GLN A 417 -111.94 -9.15 -27.98
C GLN A 417 -110.86 -10.21 -27.97
N ALA A 418 -111.12 -11.36 -28.60
CA ALA A 418 -110.13 -12.43 -28.65
C ALA A 418 -108.87 -11.99 -29.39
N ASN A 419 -109.05 -11.29 -30.52
CA ASN A 419 -107.90 -10.82 -31.29
C ASN A 419 -107.12 -9.76 -30.53
N SER A 420 -107.80 -8.94 -29.73
CA SER A 420 -107.09 -8.00 -28.87
C SER A 420 -106.35 -8.72 -27.75
N ARG A 421 -106.91 -9.83 -27.25
CA ARG A 421 -106.21 -10.63 -26.26
C ARG A 421 -104.93 -11.22 -26.84
N SER A 422 -104.97 -11.69 -28.07
CA SER A 422 -103.77 -12.19 -28.72
C SER A 422 -102.74 -11.09 -28.90
N LEU A 423 -103.19 -9.89 -29.27
CA LEU A 423 -102.29 -8.75 -29.38
C LEU A 423 -101.65 -8.40 -28.03
N GLU A 424 -102.39 -8.56 -26.94
CA GLU A 424 -101.82 -8.28 -25.59
C GLU A 424 -100.74 -9.28 -25.23
N VAL A 425 -100.94 -10.57 -25.40
CA VAL A 425 -99.97 -11.63 -24.97
C VAL A 425 -98.65 -11.46 -25.72
N HIS A 426 -98.65 -11.14 -27.01
CA HIS A 426 -97.41 -10.89 -27.80
C HIS A 426 -96.65 -9.68 -27.25
N ASN A 427 -97.39 -8.63 -26.98
CA ASN A 427 -96.80 -7.42 -26.39
C ASN A 427 -96.20 -7.78 -25.05
N GLN A 428 -96.93 -8.53 -24.22
CA GLN A 428 -96.45 -8.89 -22.87
C GLN A 428 -95.18 -9.67 -23.00
N LEU A 429 -95.07 -10.52 -24.01
CA LEU A 429 -93.89 -11.38 -24.21
C LEU A 429 -92.70 -10.55 -24.66
N GLN A 430 -92.87 -9.52 -25.48
CA GLN A 430 -91.68 -8.70 -25.79
C GLN A 430 -91.19 -7.95 -24.56
N GLN A 431 -92.08 -7.47 -23.70
CA GLN A 431 -91.71 -6.80 -22.45
C GLN A 431 -90.97 -7.74 -21.52
N ASN A 432 -91.33 -9.03 -21.55
CA ASN A 432 -90.63 -10.00 -20.70
C ASN A 432 -89.16 -10.11 -21.11
N ILE A 433 -88.88 -10.17 -22.41
CA ILE A 433 -87.49 -10.25 -22.86
C ILE A 433 -86.77 -8.92 -22.60
N LEU A 434 -87.50 -7.82 -22.69
CA LEU A 434 -86.93 -6.48 -22.54
C LEU A 434 -86.48 -6.19 -21.11
N GLN A 435 -86.59 -7.14 -20.20
CA GLN A 435 -86.20 -6.96 -18.80
C GLN A 435 -85.28 -8.09 -18.35
N ILE A 436 -84.32 -8.44 -19.19
CA ILE A 436 -83.33 -9.46 -18.84
C ILE A 436 -81.97 -8.81 -18.61
N SER B 2 -94.78 15.75 -26.42
CA SER B 2 -95.85 15.70 -25.42
C SER B 2 -96.81 16.86 -25.60
N TYR B 3 -96.35 17.93 -26.25
CA TYR B 3 -97.21 19.09 -26.49
C TYR B 3 -98.32 18.77 -27.49
N VAL B 4 -98.03 17.93 -28.48
CA VAL B 4 -99.08 17.51 -29.42
C VAL B 4 -100.15 16.71 -28.68
N SER B 5 -99.73 15.82 -27.78
CA SER B 5 -100.69 15.08 -26.97
C SER B 5 -101.42 16.00 -26.01
N LEU B 6 -100.71 16.97 -25.43
CA LEU B 6 -101.35 17.91 -24.51
C LEU B 6 -102.33 18.81 -25.26
N SER B 7 -102.03 19.13 -26.52
CA SER B 7 -102.99 19.86 -27.34
C SER B 7 -104.25 19.04 -27.58
N GLY B 8 -104.10 17.73 -27.78
CA GLY B 8 -105.26 16.88 -27.98
C GLY B 8 -106.16 16.82 -26.76
N LEU B 9 -105.57 16.79 -25.56
CA LEU B 9 -106.36 16.83 -24.34
C LEU B 9 -107.13 18.14 -24.23
N SER B 10 -106.47 19.26 -24.53
CA SER B 10 -107.13 20.56 -24.44
C SER B 10 -108.27 20.67 -25.44
N ALA B 11 -108.07 20.21 -26.67
CA ALA B 11 -109.13 20.25 -27.66
C ALA B 11 -110.29 19.36 -27.26
N ALA B 12 -110.00 18.16 -26.75
CA ALA B 12 -111.07 17.28 -26.29
C ALA B 12 -111.77 17.83 -25.06
N GLN B 13 -111.00 18.48 -24.18
CA GLN B 13 -111.59 19.06 -22.98
C GLN B 13 -112.48 20.26 -23.32
N LEU B 14 -112.09 21.06 -24.31
CA LEU B 14 -112.92 22.18 -24.73
C LEU B 14 -114.24 21.70 -25.32
N ASP B 15 -114.21 20.62 -26.09
CA ASP B 15 -115.44 20.05 -26.62
C ASP B 15 -116.32 19.53 -25.49
N LEU B 16 -115.71 18.92 -24.46
CA LEU B 16 -116.47 18.42 -23.33
C LEU B 16 -117.16 19.54 -22.57
N ASN B 17 -116.46 20.66 -22.37
CA ASN B 17 -117.05 21.79 -21.66
C ASN B 17 -118.20 22.41 -22.46
N THR B 18 -118.04 22.49 -23.78
CA THR B 18 -119.10 23.05 -24.62
C THR B 18 -120.36 22.19 -24.57
N THR B 19 -120.21 20.86 -24.58
CA THR B 19 -121.36 19.98 -24.47
C THR B 19 -122.04 20.13 -23.11
N SER B 20 -121.25 20.24 -22.04
CA SER B 20 -121.82 20.39 -20.70
C SER B 20 -122.63 21.68 -20.58
N ASN B 21 -122.13 22.77 -21.17
CA ASN B 21 -122.86 24.04 -21.13
C ASN B 21 -124.21 23.92 -21.84
N ASN B 22 -124.24 23.22 -22.97
CA ASN B 22 -125.50 23.03 -23.69
C ASN B 22 -126.50 22.22 -22.86
N ILE B 23 -126.02 21.18 -22.19
CA ILE B 23 -126.89 20.35 -21.36
C ILE B 23 -127.39 21.14 -20.15
N ALA B 24 -126.52 21.95 -19.55
CA ALA B 24 -126.92 22.74 -18.38
C ALA B 24 -128.00 23.74 -18.74
N ASN B 25 -127.96 24.29 -19.95
CA ASN B 25 -128.95 25.26 -20.41
C ASN B 25 -130.05 24.61 -21.25
N ALA B 26 -130.39 23.35 -20.98
CA ALA B 26 -131.43 22.66 -21.72
C ALA B 26 -132.83 23.23 -21.49
N ASN B 27 -133.01 24.06 -20.45
CA ASN B 27 -134.33 24.58 -20.11
C ASN B 27 -134.47 26.08 -20.24
N THR B 28 -133.37 26.83 -20.31
CA THR B 28 -133.45 28.29 -20.37
C THR B 28 -134.07 28.73 -21.69
N TYR B 29 -134.97 29.70 -21.62
CA TYR B 29 -135.66 30.19 -22.81
C TYR B 29 -134.71 31.02 -23.68
N GLY B 30 -134.80 30.83 -24.99
CA GLY B 30 -134.04 31.60 -25.94
C GLY B 30 -132.58 31.21 -26.07
N PHE B 31 -132.15 30.13 -25.40
CA PHE B 31 -130.75 29.72 -25.48
C PHE B 31 -130.45 29.13 -26.84
N LYS B 32 -129.23 29.39 -27.34
CA LYS B 32 -128.75 28.86 -28.60
C LYS B 32 -127.52 28.00 -28.32
N GLU B 33 -127.53 26.77 -28.80
CA GLU B 33 -126.46 25.84 -28.53
C GLU B 33 -125.17 26.28 -29.23
N SER B 34 -124.05 25.79 -28.73
CA SER B 34 -122.73 26.12 -29.24
C SER B 34 -122.08 24.89 -29.85
N ARG B 35 -121.20 25.13 -30.82
CA ARG B 35 -120.46 24.07 -31.48
C ARG B 35 -118.98 24.44 -31.50
N ALA B 36 -118.14 23.51 -31.07
CA ALA B 36 -116.71 23.76 -31.00
C ALA B 36 -116.03 23.24 -32.27
N GLU B 37 -115.33 24.12 -32.97
CA GLU B 37 -114.66 23.80 -34.22
C GLU B 37 -113.16 23.90 -34.03
N PHE B 38 -112.43 22.93 -34.59
CA PHE B 38 -111.00 22.83 -34.40
C PHE B 38 -110.26 22.84 -35.73
N ALA B 39 -108.99 23.24 -35.68
CA ALA B 39 -108.14 23.33 -36.85
C ALA B 39 -106.76 22.78 -36.51
N ASP B 40 -106.01 22.45 -37.56
CA ASP B 40 -104.70 21.83 -37.43
C ASP B 40 -103.63 22.87 -37.13
N VAL B 41 -102.43 22.33 -36.91
CA VAL B 41 -101.29 23.21 -36.60
C VAL B 41 -100.12 22.64 -37.38
N TYR B 42 -99.70 23.27 -38.48
CA TYR B 42 -98.52 22.70 -39.14
C TYR B 42 -97.60 23.84 -39.52
N SER B 43 -96.80 24.26 -38.56
CA SER B 43 -95.85 25.36 -38.82
C SER B 43 -94.50 24.73 -39.14
N ASN B 44 -93.77 25.31 -40.08
CA ASN B 44 -92.42 24.83 -40.44
C ASN B 44 -91.57 26.07 -40.72
N SER B 45 -90.27 25.91 -40.88
CA SER B 45 -89.40 27.09 -41.03
C SER B 45 -88.41 26.92 -42.15
N LEU B 46 -87.43 27.76 -42.36
CA LEU B 46 -86.57 27.56 -43.56
C LEU B 46 -85.47 26.57 -43.20
N PHE B 47 -85.41 26.18 -41.92
CA PHE B 47 -84.34 25.31 -41.38
C PHE B 47 -84.94 23.98 -40.95
N THR B 48 -86.05 23.56 -41.53
CA THR B 48 -86.68 22.34 -41.04
C THR B 48 -87.20 21.54 -42.23
N ASN B 49 -86.36 20.75 -42.88
CA ASN B 49 -86.84 19.87 -43.97
C ASN B 49 -88.18 19.30 -43.55
N ALA B 50 -89.25 19.62 -44.26
CA ALA B 50 -90.62 19.24 -43.84
C ALA B 50 -91.02 17.84 -44.27
N LYS B 51 -90.66 17.41 -45.46
CA LYS B 51 -91.16 16.07 -45.86
C LYS B 51 -91.17 15.21 -44.60
N THR B 52 -90.15 15.33 -43.75
CA THR B 52 -90.02 14.48 -42.56
C THR B 52 -90.24 15.29 -41.28
N THR B 53 -91.33 16.05 -41.17
CA THR B 53 -91.71 16.79 -39.94
C THR B 53 -93.19 16.54 -39.68
N PRO B 54 -93.59 16.08 -38.47
CA PRO B 54 -94.99 15.85 -38.14
C PRO B 54 -95.65 17.15 -37.64
N GLY B 55 -96.96 17.23 -37.52
CA GLY B 55 -97.64 18.50 -37.22
C GLY B 55 -97.41 19.16 -35.87
N GLY B 56 -98.34 20.03 -35.46
CA GLY B 56 -98.23 20.62 -34.15
C GLY B 56 -99.34 20.29 -33.19
N GLY B 57 -100.31 19.49 -33.61
CA GLY B 57 -101.41 19.11 -32.76
C GLY B 57 -102.75 19.59 -33.28
N ALA B 58 -103.66 19.93 -32.38
CA ALA B 58 -104.98 20.41 -32.74
C ALA B 58 -105.21 21.76 -32.08
N GLN B 59 -105.69 22.73 -32.85
CA GLN B 59 -105.95 24.07 -32.36
C GLN B 59 -107.44 24.37 -32.45
N ALA B 60 -107.98 25.01 -31.42
CA ALA B 60 -109.38 25.41 -31.42
C ALA B 60 -109.57 26.59 -32.36
N SER B 61 -110.43 26.42 -33.36
CA SER B 61 -110.67 27.48 -34.33
C SER B 61 -111.65 28.52 -33.79
N GLN B 62 -112.87 28.10 -33.48
CA GLN B 62 -113.87 28.99 -32.91
C GLN B 62 -115.01 28.14 -32.36
N VAL B 63 -115.60 28.61 -31.26
CA VAL B 63 -116.78 27.98 -30.68
C VAL B 63 -118.00 28.69 -31.27
N ALA B 64 -118.80 27.96 -32.03
CA ALA B 64 -119.92 28.56 -32.77
C ALA B 64 -121.08 28.87 -31.84
N GLN B 65 -122.10 29.50 -32.40
CA GLN B 65 -123.28 29.93 -31.65
C GLN B 65 -124.53 29.58 -32.47
N GLN B 66 -124.62 28.32 -32.90
CA GLN B 66 -125.67 27.83 -33.80
C GLN B 66 -127.03 28.41 -33.47
N PHE B 67 -127.62 29.10 -34.45
CA PHE B 67 -128.81 29.93 -34.23
C PHE B 67 -130.07 29.34 -34.87
N HIS B 68 -130.11 28.02 -35.06
CA HIS B 68 -131.29 27.41 -35.64
C HIS B 68 -132.48 27.55 -34.68
N GLU B 69 -133.66 27.69 -35.26
CA GLU B 69 -134.87 27.95 -34.49
C GLU B 69 -135.18 26.79 -33.55
N GLY B 70 -135.48 27.12 -32.30
CA GLY B 70 -135.86 26.12 -31.33
C GLY B 70 -137.36 25.89 -31.29
N SER B 71 -137.75 24.82 -30.59
CA SER B 71 -139.16 24.49 -30.45
C SER B 71 -139.85 25.50 -29.53
N SER B 72 -141.16 25.63 -29.71
CA SER B 72 -141.97 26.59 -28.97
C SER B 72 -142.79 25.89 -27.90
N ILE B 73 -142.89 26.52 -26.73
CA ILE B 73 -143.75 26.06 -25.66
C ILE B 73 -144.95 27.00 -25.59
N TYR B 74 -146.10 26.45 -25.20
CA TYR B 74 -147.36 27.19 -25.19
C TYR B 74 -147.76 27.46 -23.74
N THR B 75 -147.93 28.73 -23.40
CA THR B 75 -148.25 29.13 -22.04
C THR B 75 -149.59 29.83 -21.89
N ASN B 76 -150.24 30.19 -23.01
CA ASN B 76 -151.54 30.89 -22.99
C ASN B 76 -151.43 32.22 -22.24
N ASN B 77 -150.24 32.80 -22.24
CA ASN B 77 -149.98 34.07 -21.57
C ASN B 77 -149.68 35.13 -22.62
N PRO B 78 -150.54 36.13 -22.80
CA PRO B 78 -150.29 37.12 -23.87
C PRO B 78 -149.02 37.92 -23.69
N MET B 79 -148.46 37.99 -22.48
CA MET B 79 -147.20 38.69 -22.26
C MET B 79 -145.98 37.85 -22.55
N ASP B 80 -146.16 36.56 -22.86
CA ASP B 80 -145.08 35.73 -23.37
C ASP B 80 -145.03 35.83 -24.88
N LEU B 81 -143.87 36.23 -25.41
CA LEU B 81 -143.72 36.49 -26.84
C LEU B 81 -142.63 35.60 -27.42
N ARG B 82 -142.75 35.34 -28.72
CA ARG B 82 -141.80 34.53 -29.46
C ARG B 82 -141.66 35.09 -30.87
N VAL B 83 -140.44 35.05 -31.40
CA VAL B 83 -140.15 35.46 -32.77
C VAL B 83 -140.14 34.21 -33.63
N SER B 84 -141.09 34.10 -34.55
CA SER B 84 -141.17 32.96 -35.46
C SER B 84 -140.48 33.34 -36.77
N GLY B 85 -139.21 32.97 -36.89
CA GLY B 85 -138.41 33.32 -38.05
C GLY B 85 -137.07 33.91 -37.65
N THR B 86 -136.67 34.95 -38.37
CA THR B 86 -135.39 35.61 -38.14
C THR B 86 -135.62 36.96 -37.48
N GLY B 87 -134.86 37.25 -36.44
CA GLY B 87 -134.95 38.50 -35.72
C GLY B 87 -134.72 38.32 -34.25
N PHE B 88 -134.51 39.43 -33.55
CA PHE B 88 -134.26 39.44 -32.12
C PHE B 88 -135.07 40.54 -31.46
N PHE B 89 -135.34 40.35 -30.16
CA PHE B 89 -135.97 41.40 -29.38
C PHE B 89 -134.92 42.39 -28.89
N ALA B 90 -135.25 43.68 -28.99
CA ALA B 90 -134.38 44.75 -28.53
C ALA B 90 -134.74 45.11 -27.10
N VAL B 91 -133.75 45.11 -26.22
CA VAL B 91 -133.95 45.31 -24.80
C VAL B 91 -132.93 46.31 -24.29
N ALA B 92 -133.40 47.37 -23.63
CA ALA B 92 -132.55 48.41 -23.07
C ALA B 92 -132.52 48.29 -21.55
N LYS B 93 -131.33 48.41 -20.97
CA LYS B 93 -131.19 48.27 -19.53
C LYS B 93 -131.75 49.49 -18.80
N GLU B 94 -131.57 50.68 -19.37
CA GLU B 94 -132.10 51.91 -18.77
C GLU B 94 -133.18 52.50 -19.67
N ARG B 95 -134.28 52.91 -19.06
CA ARG B 95 -135.42 53.43 -19.80
C ARG B 95 -135.06 54.72 -20.53
N LEU B 96 -134.31 55.61 -19.86
CA LEU B 96 -134.02 56.92 -20.43
C LEU B 96 -133.24 56.81 -21.73
N THR B 97 -132.21 55.97 -21.76
CA THR B 97 -131.37 55.83 -22.93
C THR B 97 -131.74 54.56 -23.68
N PRO B 98 -132.35 54.65 -24.87
CA PRO B 98 -132.66 53.44 -25.64
C PRO B 98 -131.60 53.02 -26.64
N GLN B 99 -130.56 53.85 -26.85
CA GLN B 99 -129.48 53.46 -27.75
C GLN B 99 -128.68 52.29 -27.16
N GLN B 100 -128.51 52.28 -25.84
CA GLN B 100 -127.84 51.17 -25.15
C GLN B 100 -128.82 50.01 -25.01
N ASN B 101 -128.81 49.14 -26.02
CA ASN B 101 -129.72 48.01 -26.09
C ASN B 101 -128.97 46.75 -26.47
N GLU B 102 -129.56 45.61 -26.15
CA GLU B 102 -128.97 44.30 -26.43
C GLU B 102 -130.05 43.38 -26.99
N LEU B 103 -129.61 42.37 -27.74
CA LEU B 103 -130.51 41.47 -28.43
C LEU B 103 -130.78 40.22 -27.60
N THR B 104 -132.04 39.81 -27.55
CA THR B 104 -132.46 38.63 -26.80
C THR B 104 -133.51 37.89 -27.60
N ARG B 105 -133.67 36.60 -27.28
CA ARG B 105 -134.66 35.75 -27.93
C ARG B 105 -135.78 35.30 -27.00
N ASN B 106 -135.60 35.37 -25.69
CA ASN B 106 -136.65 34.99 -24.77
C ASN B 106 -137.67 36.11 -24.61
N GLY B 107 -138.94 35.74 -24.50
CA GLY B 107 -140.01 36.71 -24.44
C GLY B 107 -140.78 36.69 -23.14
N ALA B 108 -140.10 36.39 -22.04
CA ALA B 108 -140.74 36.38 -20.73
C ALA B 108 -140.95 37.81 -20.25
N PHE B 109 -141.98 38.47 -20.76
CA PHE B 109 -142.26 39.87 -20.49
C PHE B 109 -143.39 39.99 -19.47
N HIS B 110 -143.43 41.16 -18.84
CA HIS B 110 -144.49 41.49 -17.88
C HIS B 110 -144.50 43.01 -17.73
N LEU B 111 -145.26 43.49 -16.75
CA LEU B 111 -145.39 44.92 -16.49
C LEU B 111 -144.84 45.26 -15.11
N ASN B 112 -144.08 46.34 -15.04
CA ASN B 112 -143.56 46.85 -13.78
C ASN B 112 -144.56 47.83 -13.19
N LYS B 113 -144.15 48.55 -12.14
CA LYS B 113 -145.04 49.50 -11.49
C LYS B 113 -145.41 50.65 -12.41
N GLU B 114 -144.55 50.96 -13.39
CA GLU B 114 -144.79 52.04 -14.33
C GLU B 114 -145.53 51.57 -15.59
N ASN B 115 -145.99 50.33 -15.61
CA ASN B 115 -146.70 49.74 -16.76
C ASN B 115 -145.83 49.78 -18.03
N TYR B 116 -144.54 49.56 -17.85
CA TYR B 116 -143.61 49.39 -18.96
C TYR B 116 -143.31 47.91 -19.17
N MET B 117 -143.30 47.49 -20.43
CA MET B 117 -143.06 46.09 -20.75
C MET B 117 -141.57 45.78 -20.55
N VAL B 118 -141.28 44.94 -19.56
CA VAL B 118 -139.91 44.65 -19.16
C VAL B 118 -139.68 43.14 -19.15
N THR B 119 -138.40 42.77 -19.18
CA THR B 119 -138.01 41.37 -19.10
C THR B 119 -137.95 40.93 -17.64
N ALA B 120 -137.50 39.68 -17.43
CA ALA B 120 -137.34 39.17 -16.07
C ALA B 120 -136.25 39.92 -15.32
N ASN B 121 -135.31 40.53 -16.03
CA ASN B 121 -134.21 41.28 -15.42
C ASN B 121 -134.56 42.74 -15.20
N ASP B 122 -135.84 43.10 -15.26
CA ASP B 122 -136.29 44.49 -15.14
C ASP B 122 -135.61 45.39 -16.17
N GLU B 123 -135.47 44.88 -17.39
CA GLU B 123 -134.89 45.61 -18.50
C GLU B 123 -135.97 45.85 -19.55
N PHE B 124 -135.98 47.06 -20.11
CA PHE B 124 -137.11 47.54 -20.88
C PHE B 124 -137.06 47.07 -22.33
N LEU B 125 -138.19 46.55 -22.81
CA LEU B 125 -138.34 46.18 -24.20
C LEU B 125 -138.55 47.43 -25.06
N LEU B 126 -137.98 47.41 -26.26
CA LEU B 126 -138.05 48.55 -27.18
C LEU B 126 -138.97 48.24 -28.35
N GLY B 127 -139.71 49.25 -28.78
CA GLY B 127 -140.65 49.11 -29.87
C GLY B 127 -140.78 50.41 -30.64
N TYR B 128 -141.62 50.38 -31.67
CA TYR B 128 -141.84 51.53 -32.52
C TYR B 128 -143.08 52.31 -32.07
N GLN B 129 -143.00 53.63 -32.18
CA GLN B 129 -144.09 54.51 -31.78
C GLN B 129 -144.98 54.80 -32.99
N VAL B 130 -146.26 54.44 -32.87
CA VAL B 130 -147.23 54.67 -33.94
C VAL B 130 -148.40 55.48 -33.36
N ASP B 131 -148.93 56.38 -34.16
CA ASP B 131 -150.09 57.15 -33.75
C ASP B 131 -151.32 56.23 -33.63
N PRO B 132 -152.19 56.49 -32.65
CA PRO B 132 -153.40 55.66 -32.52
C PRO B 132 -154.31 55.71 -33.74
N SER B 133 -154.25 56.77 -34.54
CA SER B 133 -155.08 56.90 -35.73
C SER B 133 -154.35 56.53 -37.00
N SER B 134 -153.03 56.72 -37.05
CA SER B 134 -152.27 56.43 -38.27
C SER B 134 -152.03 54.93 -38.39
N GLY B 135 -151.25 54.56 -39.40
CA GLY B 135 -150.98 53.16 -39.68
C GLY B 135 -149.59 52.71 -39.28
N GLU B 136 -148.67 52.71 -40.25
CA GLU B 136 -147.33 52.19 -40.04
C GLU B 136 -146.51 53.08 -39.11
N VAL B 137 -145.25 52.69 -38.87
CA VAL B 137 -144.42 53.41 -37.92
C VAL B 137 -144.14 54.82 -38.44
N SER B 138 -144.39 55.82 -37.59
CA SER B 138 -144.12 57.21 -37.95
C SER B 138 -142.66 57.57 -37.72
N SER B 139 -142.19 57.44 -36.49
CA SER B 139 -140.81 57.70 -36.12
C SER B 139 -140.13 56.36 -35.82
N TYR B 140 -139.06 56.07 -36.53
CA TYR B 140 -138.42 54.75 -36.45
C TYR B 140 -137.49 54.59 -35.26
N GLU B 141 -137.24 55.64 -34.50
CA GLU B 141 -136.34 55.53 -33.35
C GLU B 141 -137.00 54.68 -32.26
N PRO B 142 -136.33 53.65 -31.75
CA PRO B 142 -136.97 52.78 -30.76
C PRO B 142 -137.12 53.46 -29.40
N GLN B 143 -138.28 53.24 -28.79
CA GLN B 143 -138.61 53.74 -27.47
C GLN B 143 -139.24 52.62 -26.66
N PRO B 144 -139.13 52.66 -25.33
CA PRO B 144 -139.77 51.63 -24.51
C PRO B 144 -141.28 51.60 -24.71
N ILE B 145 -141.86 50.42 -24.62
CA ILE B 145 -143.29 50.22 -24.83
C ILE B 145 -143.99 50.43 -23.50
N ASN B 146 -144.93 51.36 -23.47
CA ASN B 146 -145.72 51.68 -22.28
C ASN B 146 -147.18 51.34 -22.54
N ILE B 147 -147.80 50.67 -21.58
CA ILE B 147 -149.23 50.32 -21.67
C ILE B 147 -149.96 51.07 -20.56
N PRO B 148 -150.53 52.23 -20.85
CA PRO B 148 -151.15 53.04 -19.79
C PRO B 148 -152.31 52.30 -19.13
N ALA B 149 -152.43 52.48 -17.82
CA ALA B 149 -153.57 51.91 -17.09
C ALA B 149 -154.86 52.63 -17.45
N GLU B 150 -154.80 53.95 -17.64
CA GLU B 150 -155.97 54.74 -18.01
C GLU B 150 -155.66 55.53 -19.27
N PHE B 151 -156.44 55.31 -20.32
CA PHE B 151 -156.32 56.04 -21.57
C PHE B 151 -157.69 56.54 -21.98
N GLY B 152 -157.78 57.83 -22.33
CA GLY B 152 -159.04 58.41 -22.75
C GLY B 152 -158.95 59.88 -23.08
N THR B 320 -162.68 58.34 -19.03
CA THR B 320 -161.52 57.54 -19.37
C THR B 320 -161.83 56.05 -19.32
N GLY B 321 -160.86 55.23 -19.73
CA GLY B 321 -161.03 53.79 -19.71
C GLY B 321 -159.87 53.08 -19.07
N PHE B 322 -160.15 51.97 -18.38
CA PHE B 322 -159.12 51.23 -17.67
C PHE B 322 -158.70 49.99 -18.46
N LEU B 323 -157.41 49.69 -18.43
CA LEU B 323 -156.87 48.59 -19.22
C LEU B 323 -157.51 47.27 -18.80
N THR B 324 -157.96 46.51 -19.79
CA THR B 324 -158.60 45.21 -19.56
C THR B 324 -157.82 44.06 -20.16
N LYS B 325 -157.56 44.10 -21.47
CA LYS B 325 -156.85 43.03 -22.16
C LYS B 325 -155.84 43.62 -23.14
N VAL B 326 -154.70 42.97 -23.26
CA VAL B 326 -153.67 43.34 -24.23
C VAL B 326 -153.33 42.12 -25.06
N ASP B 327 -153.38 42.28 -26.38
CA ASP B 327 -153.07 41.19 -27.30
C ASP B 327 -152.19 41.71 -28.43
N PHE B 328 -151.42 40.81 -29.02
CA PHE B 328 -150.48 41.13 -30.09
C PHE B 328 -150.90 40.41 -31.36
N ASP B 329 -150.95 41.15 -32.46
CA ASP B 329 -151.23 40.56 -33.77
C ASP B 329 -149.92 40.10 -34.42
N GLU B 330 -150.03 39.57 -35.64
CA GLU B 330 -148.85 39.08 -36.34
C GLU B 330 -147.91 40.21 -36.74
N ASN B 331 -148.37 41.46 -36.71
CA ASN B 331 -147.54 42.61 -37.04
C ASN B 331 -146.78 43.16 -35.84
N GLY B 332 -146.92 42.54 -34.66
CA GLY B 332 -146.22 42.98 -33.48
C GLY B 332 -146.85 44.15 -32.76
N SER B 333 -147.99 44.66 -33.24
CA SER B 333 -148.61 45.81 -32.62
C SER B 333 -149.26 45.42 -31.29
N VAL B 334 -149.00 46.21 -30.26
CA VAL B 334 -149.62 46.02 -28.95
C VAL B 334 -150.92 46.82 -28.92
N MET B 335 -152.04 46.11 -28.80
CA MET B 335 -153.36 46.71 -28.82
C MET B 335 -154.07 46.43 -27.51
N GLY B 336 -154.54 47.48 -26.84
CA GLY B 336 -155.22 47.36 -25.57
C GLY B 336 -156.58 48.03 -25.62
N THR B 337 -157.61 47.29 -25.22
CA THR B 337 -158.95 47.82 -25.08
C THR B 337 -159.21 48.23 -23.64
N TYR B 338 -160.10 49.19 -23.45
CA TYR B 338 -160.36 49.78 -22.15
C TYR B 338 -161.84 49.65 -21.80
N SER B 339 -162.20 50.21 -20.65
CA SER B 339 -163.58 50.09 -20.15
C SER B 339 -164.58 50.75 -21.07
N ASN B 340 -164.21 51.86 -21.71
CA ASN B 340 -165.11 52.57 -22.61
C ASN B 340 -165.22 51.90 -23.98
N GLY B 341 -164.59 50.75 -24.18
CA GLY B 341 -164.62 50.11 -25.49
C GLY B 341 -163.86 50.86 -26.56
N GLU B 342 -162.70 51.41 -26.21
CA GLU B 342 -161.87 52.16 -27.15
C GLU B 342 -160.63 51.34 -27.46
N ASN B 343 -160.50 50.91 -28.72
CA ASN B 343 -159.37 50.10 -29.15
C ASN B 343 -158.28 51.02 -29.67
N VAL B 344 -157.15 51.06 -28.98
CA VAL B 344 -156.06 51.97 -29.29
C VAL B 344 -154.78 51.16 -29.46
N THR B 345 -154.06 51.43 -30.55
CA THR B 345 -152.78 50.78 -30.81
C THR B 345 -151.67 51.59 -30.15
N LEU B 346 -151.00 50.97 -29.18
CA LEU B 346 -149.98 51.63 -28.38
C LEU B 346 -148.58 51.56 -28.99
N GLY B 347 -148.43 50.86 -30.11
CA GLY B 347 -147.12 50.71 -30.73
C GLY B 347 -146.91 49.33 -31.30
N ARG B 348 -145.73 49.08 -31.87
CA ARG B 348 -145.38 47.77 -32.40
C ARG B 348 -143.98 47.40 -31.95
N VAL B 349 -143.79 46.13 -31.60
CA VAL B 349 -142.52 45.67 -31.06
C VAL B 349 -141.44 45.77 -32.11
N ALA B 350 -140.25 46.23 -31.71
CA ALA B 350 -139.13 46.36 -32.61
C ALA B 350 -138.39 45.05 -32.77
N LEU B 351 -138.07 44.70 -34.01
CA LEU B 351 -137.32 43.49 -34.33
C LEU B 351 -135.98 43.87 -34.94
N VAL B 352 -134.91 43.27 -34.45
CA VAL B 352 -133.56 43.60 -34.85
C VAL B 352 -132.94 42.37 -35.51
N ARG B 353 -132.27 42.60 -36.65
CA ARG B 353 -131.63 41.53 -37.40
C ARG B 353 -130.23 41.96 -37.77
N VAL B 354 -129.32 40.99 -37.88
CA VAL B 354 -127.94 41.28 -38.27
C VAL B 354 -127.56 40.33 -39.41
N PRO B 355 -126.70 40.77 -40.33
CA PRO B 355 -126.26 39.85 -41.40
C PRO B 355 -125.51 38.63 -40.90
N ASN B 356 -124.73 38.79 -39.83
CA ASN B 356 -123.92 37.71 -39.28
C ASN B 356 -124.31 37.51 -37.82
N GLU B 357 -125.23 36.58 -37.58
CA GLU B 357 -125.60 36.25 -36.20
C GLU B 357 -124.45 35.57 -35.46
N GLN B 358 -123.60 34.83 -36.18
CA GLN B 358 -122.47 34.14 -35.55
C GLN B 358 -121.48 35.12 -34.93
N GLY B 359 -121.44 36.36 -35.39
CA GLY B 359 -120.51 37.36 -34.90
C GLY B 359 -120.93 38.10 -33.66
N LEU B 360 -122.16 37.91 -33.19
CA LEU B 360 -122.62 38.57 -31.97
C LEU B 360 -121.83 38.05 -30.77
N ASP B 361 -121.41 38.97 -29.91
CA ASP B 361 -120.75 38.59 -28.67
C ASP B 361 -121.81 38.26 -27.62
N LYS B 362 -121.49 37.29 -26.78
CA LYS B 362 -122.47 36.71 -25.87
C LYS B 362 -122.40 37.40 -24.52
N LYS B 363 -123.52 38.02 -24.12
CA LYS B 363 -123.63 38.63 -22.80
C LYS B 363 -124.30 37.62 -21.86
N GLY B 364 -124.60 38.05 -20.64
CA GLY B 364 -125.30 37.18 -19.70
C GLY B 364 -126.80 37.15 -19.94
N GLY B 365 -127.44 36.14 -19.37
CA GLY B 365 -128.88 36.01 -19.45
C GLY B 365 -129.42 35.77 -20.84
N THR B 366 -128.69 34.99 -21.65
CA THR B 366 -129.10 34.66 -23.02
C THR B 366 -129.39 35.93 -23.84
N GLN B 367 -128.39 36.82 -23.86
CA GLN B 367 -128.49 38.06 -24.60
C GLN B 367 -127.21 38.29 -25.40
N TRP B 368 -127.35 39.03 -26.50
CA TRP B 368 -126.23 39.32 -27.38
C TRP B 368 -126.18 40.81 -27.71
N ASP B 369 -125.00 41.27 -28.11
CA ASP B 369 -124.78 42.64 -28.52
C ASP B 369 -124.11 42.66 -29.88
N SER B 370 -124.33 43.74 -30.63
CA SER B 370 -123.75 43.86 -31.95
C SER B 370 -122.25 44.15 -31.87
N THR B 371 -121.48 43.51 -32.75
CA THR B 371 -120.05 43.72 -32.79
C THR B 371 -119.60 44.11 -34.20
N GLN B 372 -118.29 44.25 -34.40
CA GLN B 372 -117.77 44.57 -35.72
C GLN B 372 -117.89 43.39 -36.67
N PHE B 373 -117.89 42.17 -36.15
CA PHE B 373 -118.00 40.97 -36.98
C PHE B 373 -119.44 40.53 -37.20
N SER B 374 -120.40 41.17 -36.56
CA SER B 374 -121.82 40.85 -36.74
C SER B 374 -122.54 41.86 -37.61
N GLY B 375 -121.82 42.84 -38.16
CA GLY B 375 -122.47 43.88 -38.92
C GLY B 375 -123.19 44.88 -38.02
N ASP B 376 -124.05 45.66 -38.65
CA ASP B 376 -124.83 46.68 -37.95
C ASP B 376 -126.25 46.18 -37.71
N LYS B 377 -126.87 46.71 -36.67
CA LYS B 377 -128.24 46.35 -36.36
C LYS B 377 -129.18 46.85 -37.45
N ILE B 378 -130.12 46.01 -37.86
CA ILE B 378 -131.11 46.35 -38.86
C ILE B 378 -132.46 46.38 -38.18
N TRP B 379 -133.03 47.58 -38.04
CA TRP B 379 -134.32 47.76 -37.39
C TRP B 379 -135.44 47.58 -38.40
N GLY B 380 -136.42 46.76 -38.05
CA GLY B 380 -137.54 46.52 -38.94
C GLY B 380 -138.71 45.91 -38.20
N GLU B 381 -139.86 45.89 -38.87
CA GLU B 381 -141.08 45.37 -38.30
C GLU B 381 -141.12 43.84 -38.43
N SER B 382 -142.03 43.24 -37.68
CA SER B 382 -142.23 41.80 -37.77
C SER B 382 -143.14 41.46 -38.94
N ASN B 383 -142.87 40.31 -39.57
CA ASN B 383 -143.60 39.86 -40.76
C ASN B 383 -143.48 40.88 -41.90
N LYS B 384 -142.38 41.62 -41.91
CA LYS B 384 -142.06 42.58 -42.96
C LYS B 384 -140.64 42.33 -43.44
N GLY B 385 -140.48 42.28 -44.76
CA GLY B 385 -139.18 41.99 -45.35
C GLY B 385 -138.66 40.61 -44.98
N SER B 386 -137.43 40.54 -44.49
CA SER B 386 -136.81 39.29 -44.11
C SER B 386 -137.07 38.92 -42.65
N PHE B 387 -137.83 39.73 -41.92
CA PHE B 387 -138.10 39.46 -40.52
C PHE B 387 -139.23 38.44 -40.38
N GLY B 388 -139.20 37.71 -39.26
CA GLY B 388 -140.25 36.77 -38.94
C GLY B 388 -141.39 37.42 -38.19
N THR B 389 -142.40 36.62 -37.87
CA THR B 389 -143.58 37.09 -37.17
C THR B 389 -143.34 37.07 -35.67
N ILE B 390 -144.22 37.75 -34.94
CA ILE B 390 -144.23 37.76 -33.48
C ILE B 390 -145.52 37.11 -33.01
N ASN B 391 -145.39 36.08 -32.16
CA ASN B 391 -146.53 35.32 -31.66
C ASN B 391 -146.55 35.42 -30.14
N ASN B 392 -147.68 35.86 -29.61
CA ASN B 392 -147.87 35.92 -28.16
C ASN B 392 -148.43 34.60 -27.65
N GLY B 393 -148.27 34.39 -26.34
CA GLY B 393 -148.70 33.15 -25.72
C GLY B 393 -147.74 32.00 -25.90
N MET B 394 -146.52 32.25 -26.38
CA MET B 394 -145.56 31.18 -26.64
C MET B 394 -144.17 31.64 -26.21
N LEU B 395 -143.34 30.65 -25.88
CA LEU B 395 -141.93 30.87 -25.61
C LEU B 395 -141.13 29.77 -26.30
N GLU B 396 -139.89 30.09 -26.64
CA GLU B 396 -139.00 29.14 -27.31
C GLU B 396 -138.02 28.57 -26.30
N GLN B 397 -137.90 27.24 -26.30
CA GLN B 397 -136.92 26.55 -25.47
C GLN B 397 -135.56 26.63 -26.14
N SER B 398 -134.55 26.03 -25.49
CA SER B 398 -133.25 25.89 -26.12
C SER B 398 -133.35 25.01 -27.35
N ASN B 399 -132.51 25.30 -28.34
CA ASN B 399 -132.54 24.60 -29.62
C ASN B 399 -131.60 23.40 -29.64
N ILE B 400 -131.35 22.79 -28.49
CA ILE B 400 -130.45 21.67 -28.38
C ILE B 400 -131.23 20.37 -28.52
N ASP B 401 -130.53 19.29 -28.85
CA ASP B 401 -131.09 17.95 -28.89
C ASP B 401 -130.38 17.12 -27.83
N MET B 402 -131.14 16.57 -26.88
CA MET B 402 -130.53 15.81 -25.80
C MET B 402 -129.80 14.58 -26.32
N THR B 403 -130.38 13.89 -27.30
CA THR B 403 -129.74 12.72 -27.87
C THR B 403 -128.40 13.08 -28.51
N GLN B 404 -128.35 14.18 -29.27
CA GLN B 404 -127.11 14.59 -29.92
C GLN B 404 -126.07 15.01 -28.89
N GLU B 405 -126.48 15.73 -27.84
CA GLU B 405 -125.54 16.18 -26.83
C GLU B 405 -124.96 15.02 -26.05
N LEU B 406 -125.79 14.03 -25.71
CA LEU B 406 -125.30 12.89 -24.94
C LEU B 406 -124.38 12.01 -25.78
N VAL B 407 -124.67 11.88 -27.08
CA VAL B 407 -123.80 11.10 -27.95
C VAL B 407 -122.45 11.80 -28.11
N ASP B 408 -122.46 13.12 -28.23
CA ASP B 408 -121.20 13.87 -28.30
C ASP B 408 -120.43 13.75 -26.99
N LEU B 409 -121.13 13.56 -25.88
CA LEU B 409 -120.46 13.38 -24.59
C LEU B 409 -119.63 12.10 -24.58
N ILE B 410 -120.15 11.04 -25.19
CA ILE B 410 -119.41 9.79 -25.25
C ILE B 410 -118.19 9.94 -26.15
N SER B 411 -118.39 10.53 -27.34
CA SER B 411 -117.29 10.67 -28.28
C SER B 411 -116.17 11.56 -27.74
N ALA B 412 -116.55 12.66 -27.07
CA ALA B 412 -115.54 13.53 -26.47
C ALA B 412 -114.78 12.82 -25.35
N GLN B 413 -115.39 11.85 -24.67
CA GLN B 413 -114.64 11.09 -23.64
C GLN B 413 -113.59 10.24 -24.33
N ARG B 414 -113.96 9.52 -25.38
CA ARG B 414 -113.00 8.60 -26.05
C ARG B 414 -111.83 9.39 -26.59
N ASN B 415 -112.10 10.57 -27.14
CA ASN B 415 -111.03 11.40 -27.75
C ASN B 415 -110.06 11.81 -26.63
N PHE B 416 -110.57 12.24 -25.49
CA PHE B 416 -109.69 12.57 -24.34
C PHE B 416 -108.93 11.32 -23.88
N GLN B 417 -109.58 10.18 -23.69
CA GLN B 417 -108.84 9.04 -23.16
C GLN B 417 -107.69 8.65 -24.07
N ALA B 418 -107.92 8.69 -25.39
CA ALA B 418 -106.86 8.37 -26.33
C ALA B 418 -105.70 9.36 -26.23
N ASN B 419 -106.03 10.65 -26.10
CA ASN B 419 -104.98 11.66 -25.98
C ASN B 419 -104.19 11.50 -24.68
N SER B 420 -104.86 11.07 -23.61
CA SER B 420 -104.13 10.77 -22.38
C SER B 420 -103.28 9.51 -22.54
N ARG B 421 -103.77 8.54 -23.31
CA ARG B 421 -102.97 7.37 -23.61
C ARG B 421 -101.74 7.73 -24.44
N SER B 422 -101.92 8.64 -25.41
CA SER B 422 -100.77 9.12 -26.18
C SER B 422 -99.81 9.91 -25.31
N LEU B 423 -100.34 10.73 -24.40
CA LEU B 423 -99.49 11.47 -23.46
C LEU B 423 -98.76 10.51 -22.53
N GLU B 424 -99.33 9.39 -22.13
CA GLU B 424 -98.64 8.50 -21.17
C GLU B 424 -97.48 7.77 -21.83
N VAL B 425 -97.62 7.33 -23.08
CA VAL B 425 -96.52 6.65 -23.82
C VAL B 425 -95.33 7.60 -23.93
N HIS B 426 -95.57 8.87 -24.16
CA HIS B 426 -94.42 9.78 -24.36
C HIS B 426 -93.63 9.85 -23.06
N ASN B 427 -94.29 9.84 -21.91
CA ASN B 427 -93.63 9.94 -20.59
C ASN B 427 -92.96 8.63 -20.21
N GLN B 428 -93.52 7.51 -20.61
CA GLN B 428 -92.82 6.23 -20.38
C GLN B 428 -91.63 6.07 -21.34
N LEU B 429 -91.54 6.84 -22.40
CA LEU B 429 -90.35 6.74 -23.29
C LEU B 429 -89.22 7.61 -22.76
N GLN B 430 -89.46 8.74 -22.11
CA GLN B 430 -88.41 9.47 -21.36
C GLN B 430 -87.90 8.55 -20.25
N GLN B 431 -88.80 8.03 -19.41
CA GLN B 431 -88.30 7.19 -18.32
C GLN B 431 -87.41 6.08 -18.84
N ASN B 432 -87.67 5.62 -20.08
CA ASN B 432 -86.90 4.51 -20.63
C ASN B 432 -85.43 4.91 -20.85
N ILE B 433 -85.20 6.13 -21.34
CA ILE B 433 -83.82 6.57 -21.55
C ILE B 433 -83.21 7.02 -20.23
N LEU B 434 -84.03 7.41 -19.27
CA LEU B 434 -83.59 7.91 -17.98
C LEU B 434 -82.94 6.82 -17.11
N GLN B 435 -82.83 5.60 -17.62
CA GLN B 435 -82.30 4.47 -16.87
C GLN B 435 -81.30 3.69 -17.72
N ILE B 436 -80.44 4.41 -18.44
CA ILE B 436 -79.42 3.80 -19.27
C ILE B 436 -78.05 3.95 -18.62
N SER C 2 -93.79 20.05 0.49
CA SER C 2 -94.67 19.04 1.07
C SER C 2 -95.70 19.67 2.00
N TYR C 3 -95.34 20.80 2.61
CA TYR C 3 -96.27 21.47 3.51
C TYR C 3 -97.42 22.13 2.77
N VAL C 4 -97.17 22.63 1.56
CA VAL C 4 -98.26 23.17 0.75
C VAL C 4 -99.20 22.05 0.31
N SER C 5 -98.64 20.88 0.00
CA SER C 5 -99.47 19.73 -0.32
C SER C 5 -100.21 19.23 0.91
N LEU C 6 -99.54 19.25 2.08
CA LEU C 6 -100.17 18.79 3.30
C LEU C 6 -101.26 19.77 3.77
N SER C 7 -101.12 21.04 3.43
CA SER C 7 -102.17 22.01 3.73
C SER C 7 -103.44 21.70 2.93
N GLY C 8 -103.28 21.26 1.68
CA GLY C 8 -104.44 20.90 0.88
C GLY C 8 -105.15 19.67 1.41
N LEU C 9 -104.38 18.68 1.91
CA LEU C 9 -105.00 17.51 2.50
C LEU C 9 -105.81 17.87 3.74
N SER C 10 -105.26 18.73 4.59
CA SER C 10 -105.98 19.16 5.78
C SER C 10 -107.23 19.94 5.42
N ALA C 11 -107.12 20.83 4.43
CA ALA C 11 -108.30 21.60 4.00
C ALA C 11 -109.36 20.70 3.40
N ALA C 12 -108.95 19.76 2.54
CA ALA C 12 -109.91 18.87 1.91
C ALA C 12 -110.56 17.93 2.93
N GLN C 13 -109.77 17.48 3.91
CA GLN C 13 -110.31 16.57 4.92
C GLN C 13 -111.28 17.30 5.86
N LEU C 14 -111.00 18.56 6.17
CA LEU C 14 -111.93 19.36 6.97
C LEU C 14 -113.25 19.56 6.25
N ASP C 15 -113.20 19.82 4.94
CA ASP C 15 -114.42 19.94 4.15
C ASP C 15 -115.19 18.63 4.15
N LEU C 16 -114.49 17.50 4.05
CA LEU C 16 -115.16 16.20 4.07
C LEU C 16 -115.83 15.95 5.42
N ASN C 17 -115.16 16.32 6.51
CA ASN C 17 -115.77 16.15 7.83
C ASN C 17 -116.97 17.08 8.02
N THR C 18 -116.91 18.28 7.45
CA THR C 18 -118.03 19.20 7.55
C THR C 18 -119.27 18.64 6.83
N THR C 19 -119.07 18.07 5.64
CA THR C 19 -120.19 17.49 4.91
C THR C 19 -120.71 16.24 5.59
N SER C 20 -119.80 15.41 6.12
CA SER C 20 -120.21 14.18 6.79
C SER C 20 -121.04 14.48 8.04
N ASN C 21 -120.68 15.54 8.76
CA ASN C 21 -121.46 15.93 9.94
C ASN C 21 -122.86 16.38 9.54
N ASN C 22 -122.99 17.08 8.40
CA ASN C 22 -124.30 17.50 7.93
C ASN C 22 -125.17 16.30 7.57
N ILE C 23 -124.60 15.31 6.89
CA ILE C 23 -125.37 14.13 6.49
C ILE C 23 -125.83 13.35 7.71
N ALA C 24 -125.00 13.28 8.75
CA ALA C 24 -125.37 12.55 9.95
C ALA C 24 -126.60 13.15 10.62
N ASN C 25 -126.69 14.48 10.67
CA ASN C 25 -127.79 15.17 11.32
C ASN C 25 -128.93 15.50 10.37
N ALA C 26 -129.14 14.67 9.35
CA ALA C 26 -130.22 14.89 8.39
C ALA C 26 -131.61 14.77 8.99
N ASN C 27 -131.74 14.13 10.16
CA ASN C 27 -133.04 13.93 10.78
C ASN C 27 -133.20 14.63 12.11
N THR C 28 -132.14 15.18 12.69
CA THR C 28 -132.24 15.87 13.97
C THR C 28 -133.02 17.16 13.82
N TYR C 29 -133.93 17.41 14.75
CA TYR C 29 -134.77 18.59 14.67
C TYR C 29 -133.98 19.86 15.02
N GLY C 30 -134.21 20.92 14.25
CA GLY C 30 -133.59 22.19 14.51
C GLY C 30 -132.13 22.29 14.10
N PHE C 31 -131.61 21.33 13.36
CA PHE C 31 -130.20 21.36 12.98
C PHE C 31 -129.94 22.43 11.93
N LYS C 32 -128.77 23.04 12.01
CA LYS C 32 -128.31 24.04 11.04
C LYS C 32 -127.02 23.55 10.41
N GLU C 33 -127.01 23.48 9.08
CA GLU C 33 -125.85 22.92 8.38
C GLU C 33 -124.66 23.86 8.48
N SER C 34 -123.48 23.29 8.27
CA SER C 34 -122.22 24.02 8.34
C SER C 34 -121.51 23.99 7.00
N ARG C 35 -120.77 25.06 6.71
CA ARG C 35 -120.04 25.19 5.46
C ARG C 35 -118.60 25.57 5.77
N ALA C 36 -117.66 24.87 5.15
CA ALA C 36 -116.25 25.13 5.38
C ALA C 36 -115.73 26.18 4.40
N GLU C 37 -115.16 27.25 4.94
CA GLU C 37 -114.61 28.35 4.15
C GLU C 37 -113.11 28.40 4.32
N PHE C 38 -112.39 28.48 3.21
CA PHE C 38 -110.93 28.44 3.23
C PHE C 38 -110.34 29.74 2.68
N ALA C 39 -109.08 29.98 3.04
CA ALA C 39 -108.36 31.18 2.65
C ALA C 39 -106.98 30.78 2.14
N ASP C 40 -106.21 31.80 1.76
CA ASP C 40 -104.87 31.60 1.21
C ASP C 40 -103.80 31.85 2.27
N VAL C 41 -102.61 31.40 1.92
CA VAL C 41 -101.43 31.66 2.78
C VAL C 41 -100.37 32.22 1.84
N TYR C 42 -99.87 33.40 2.11
CA TYR C 42 -98.75 33.99 1.38
C TYR C 42 -98.10 34.92 2.38
N SER C 43 -97.04 34.49 3.04
CA SER C 43 -96.32 35.42 3.91
C SER C 43 -94.92 35.49 3.34
N ASN C 44 -94.43 36.70 3.10
CA ASN C 44 -93.09 36.84 2.52
C ASN C 44 -92.21 37.57 3.53
N SER C 45 -90.91 37.26 3.54
CA SER C 45 -89.94 37.94 4.41
C SER C 45 -89.37 39.15 3.66
N LEU C 46 -88.54 39.94 4.31
CA LEU C 46 -87.90 41.10 3.69
C LEU C 46 -86.69 40.49 3.03
N PHE C 47 -86.37 39.28 3.43
CA PHE C 47 -85.16 38.62 2.91
C PHE C 47 -85.58 37.53 1.94
N THR C 48 -86.69 37.74 1.23
CA THR C 48 -87.16 36.80 0.23
C THR C 48 -87.66 37.55 -1.00
N ASN C 49 -87.34 37.05 -2.20
CA ASN C 49 -87.75 37.70 -3.48
C ASN C 49 -89.19 37.33 -3.80
N ALA C 50 -90.12 38.26 -3.68
CA ALA C 50 -91.55 37.90 -3.81
C ALA C 50 -91.94 37.64 -5.25
N LYS C 51 -91.13 38.05 -6.23
CA LYS C 51 -91.45 37.73 -7.63
C LYS C 51 -91.44 36.21 -7.84
N THR C 52 -90.31 35.56 -7.63
CA THR C 52 -90.15 34.12 -7.86
C THR C 52 -90.41 33.27 -6.61
N THR C 53 -91.49 33.48 -5.88
CA THR C 53 -91.75 32.59 -4.72
C THR C 53 -93.18 32.04 -4.77
N PRO C 54 -93.39 30.74 -4.58
CA PRO C 54 -94.74 30.19 -4.51
C PRO C 54 -95.57 30.61 -3.28
N GLY C 55 -96.76 30.03 -3.03
CA GLY C 55 -97.66 30.39 -1.92
C GLY C 55 -97.54 29.45 -0.73
N GLY C 56 -98.36 29.55 0.33
CA GLY C 56 -98.13 28.69 1.48
C GLY C 56 -99.12 27.56 1.64
N GLY C 57 -100.11 27.47 0.76
CA GLY C 57 -101.10 26.41 0.84
C GLY C 57 -102.50 26.93 1.02
N ALA C 58 -103.34 26.15 1.70
CA ALA C 58 -104.74 26.53 1.94
C ALA C 58 -104.99 26.50 3.43
N GLN C 59 -105.48 27.61 3.98
CA GLN C 59 -105.77 27.72 5.39
C GLN C 59 -107.28 27.84 5.61
N ALA C 60 -107.78 27.13 6.61
CA ALA C 60 -109.21 27.19 6.93
C ALA C 60 -109.56 28.54 7.52
N SER C 61 -110.66 29.14 7.08
CA SER C 61 -111.10 30.48 7.57
C SER C 61 -112.13 30.25 8.68
N GLN C 62 -113.25 29.61 8.38
CA GLN C 62 -114.17 29.25 9.47
C GLN C 62 -115.27 28.32 9.00
N VAL C 63 -115.66 27.35 9.82
CA VAL C 63 -116.83 26.49 9.51
C VAL C 63 -118.06 27.31 9.88
N ALA C 64 -118.78 27.84 8.90
CA ALA C 64 -119.97 28.65 9.08
C ALA C 64 -121.11 27.82 9.67
N GLN C 65 -122.22 28.50 9.97
CA GLN C 65 -123.37 27.89 10.63
C GLN C 65 -124.66 28.35 9.94
N GLN C 66 -124.71 28.17 8.62
CA GLN C 66 -125.81 28.62 7.76
C GLN C 66 -127.17 28.45 8.44
N PHE C 67 -127.89 29.57 8.59
CA PHE C 67 -129.09 29.62 9.42
C PHE C 67 -130.36 29.82 8.61
N HIS C 68 -130.38 29.35 7.36
CA HIS C 68 -131.60 29.46 6.57
C HIS C 68 -132.66 28.50 7.09
N GLU C 69 -133.91 28.90 6.94
CA GLU C 69 -135.03 28.14 7.48
C GLU C 69 -135.14 26.76 6.82
N GLY C 70 -135.31 25.74 7.65
CA GLY C 70 -135.48 24.39 7.14
C GLY C 70 -136.94 24.03 6.96
N SER C 71 -137.15 22.84 6.40
CA SER C 71 -138.50 22.34 6.16
C SER C 71 -139.18 21.98 7.48
N SER C 72 -140.51 21.97 7.45
CA SER C 72 -141.33 21.72 8.64
C SER C 72 -142.10 20.43 8.49
N ILE C 73 -142.21 19.68 9.59
CA ILE C 73 -142.97 18.44 9.64
C ILE C 73 -144.21 18.69 10.49
N TYR C 74 -145.29 17.97 10.16
CA TYR C 74 -146.57 18.12 10.84
C TYR C 74 -146.82 16.89 11.69
N THR C 75 -147.02 17.10 12.99
CA THR C 75 -147.22 16.01 13.93
C THR C 75 -148.60 15.99 14.59
N ASN C 76 -149.37 17.08 14.47
CA ASN C 76 -150.66 17.22 15.13
C ASN C 76 -150.53 17.06 16.64
N ASN C 77 -149.43 17.56 17.19
CA ASN C 77 -149.17 17.54 18.62
C ASN C 77 -149.09 18.99 19.11
N PRO C 78 -150.00 19.44 19.96
CA PRO C 78 -149.97 20.85 20.39
C PRO C 78 -148.71 21.24 21.14
N MET C 79 -147.97 20.29 21.71
CA MET C 79 -146.74 20.60 22.42
C MET C 79 -145.51 20.67 21.52
N ASP C 80 -145.64 20.34 20.24
CA ASP C 80 -144.56 20.51 19.28
C ASP C 80 -144.67 21.88 18.63
N LEU C 81 -143.63 22.70 18.80
CA LEU C 81 -143.65 24.09 18.39
C LEU C 81 -142.58 24.35 17.33
N ARG C 82 -142.86 25.33 16.46
CA ARG C 82 -141.93 25.73 15.42
C ARG C 82 -141.85 27.24 15.38
N VAL C 83 -140.62 27.75 15.23
CA VAL C 83 -140.38 29.18 15.05
C VAL C 83 -140.28 29.44 13.55
N SER C 84 -141.34 29.99 12.97
CA SER C 84 -141.37 30.32 11.55
C SER C 84 -140.87 31.76 11.38
N GLY C 85 -139.59 31.90 11.01
CA GLY C 85 -138.98 33.21 10.89
C GLY C 85 -137.71 33.30 11.74
N THR C 86 -137.55 34.46 12.36
CA THR C 86 -136.36 34.76 13.15
C THR C 86 -136.69 34.65 14.63
N GLY C 87 -135.83 33.98 15.38
CA GLY C 87 -136.01 33.84 16.81
C GLY C 87 -135.64 32.45 17.28
N PHE C 88 -135.27 32.36 18.55
CA PHE C 88 -134.90 31.09 19.18
C PHE C 88 -135.70 30.90 20.45
N PHE C 89 -135.96 29.65 20.80
CA PHE C 89 -136.56 29.33 22.08
C PHE C 89 -135.53 29.49 23.20
N ALA C 90 -136.00 29.94 24.36
CA ALA C 90 -135.15 30.10 25.52
C ALA C 90 -135.32 28.88 26.42
N VAL C 91 -134.21 28.19 26.68
CA VAL C 91 -134.23 26.94 27.42
C VAL C 91 -133.21 27.01 28.54
N ALA C 92 -133.66 26.79 29.78
CA ALA C 92 -132.81 26.88 30.96
C ALA C 92 -132.59 25.48 31.54
N LYS C 93 -131.36 25.22 31.97
CA LYS C 93 -131.04 23.92 32.54
C LYS C 93 -131.63 23.75 33.92
N GLU C 94 -131.62 24.81 34.73
CA GLU C 94 -132.14 24.78 36.09
C GLU C 94 -133.36 25.68 36.20
N ARG C 95 -134.41 25.18 36.86
CA ARG C 95 -135.64 25.94 36.99
C ARG C 95 -135.45 27.17 37.86
N LEU C 96 -134.66 27.04 38.94
CA LEU C 96 -134.49 28.15 39.88
C LEU C 96 -133.84 29.35 39.21
N THR C 97 -132.83 29.11 38.38
CA THR C 97 -132.11 30.20 37.72
C THR C 97 -132.47 30.22 36.24
N PRO C 98 -133.29 31.14 35.78
CA PRO C 98 -133.57 31.25 34.33
C PRO C 98 -132.62 32.17 33.58
N GLN C 99 -131.60 32.70 34.24
CA GLN C 99 -130.60 33.52 33.54
C GLN C 99 -129.64 32.65 32.76
N GLN C 100 -129.30 31.48 33.29
CA GLN C 100 -128.39 30.53 32.63
C GLN C 100 -129.20 29.69 31.64
N ASN C 101 -129.46 30.29 30.48
CA ASN C 101 -130.30 29.69 29.45
C ASN C 101 -129.51 29.54 28.16
N GLU C 102 -130.07 28.75 27.24
CA GLU C 102 -129.47 28.51 25.94
C GLU C 102 -130.54 28.60 24.85
N LEU C 103 -130.08 28.87 23.63
CA LEU C 103 -130.99 29.05 22.49
C LEU C 103 -131.12 27.76 21.71
N THR C 104 -132.34 27.45 21.28
CA THR C 104 -132.60 26.24 20.53
C THR C 104 -133.67 26.51 19.49
N ARG C 105 -133.78 25.58 18.52
CA ARG C 105 -134.76 25.67 17.45
C ARG C 105 -135.77 24.53 17.42
N ASN C 106 -135.46 23.39 18.04
CA ASN C 106 -136.41 22.28 18.07
C ASN C 106 -137.49 22.54 19.10
N GLY C 107 -138.71 22.12 18.79
CA GLY C 107 -139.85 22.36 19.65
C GLY C 107 -140.41 21.10 20.28
N ALA C 108 -139.55 20.12 20.55
CA ALA C 108 -140.00 18.89 21.18
C ALA C 108 -140.22 19.13 22.68
N PHE C 109 -141.37 19.68 23.02
CA PHE C 109 -141.70 20.06 24.39
C PHE C 109 -142.76 19.12 24.97
N HIS C 110 -142.77 19.04 26.30
CA HIS C 110 -143.76 18.25 27.02
C HIS C 110 -143.78 18.75 28.46
N LEU C 111 -144.55 18.07 29.31
CA LEU C 111 -144.69 18.43 30.71
C LEU C 111 -144.04 17.37 31.59
N ASN C 112 -143.36 17.83 32.63
CA ASN C 112 -142.78 16.95 33.63
C ASN C 112 -143.81 16.73 34.75
N LYS C 113 -143.37 16.11 35.84
CA LYS C 113 -144.29 15.84 36.95
C LYS C 113 -144.78 17.12 37.62
N GLU C 114 -144.03 18.20 37.48
CA GLU C 114 -144.42 19.50 38.03
C GLU C 114 -145.22 20.35 37.03
N ASN C 115 -145.56 19.79 35.88
CA ASN C 115 -146.33 20.49 34.84
C ASN C 115 -145.62 21.76 34.36
N TYR C 116 -144.30 21.66 34.20
CA TYR C 116 -143.52 22.68 33.51
C TYR C 116 -143.22 22.20 32.10
N MET C 117 -143.30 23.12 31.15
CA MET C 117 -143.04 22.78 29.75
C MET C 117 -141.53 22.67 29.54
N VAL C 118 -141.05 21.45 29.32
CA VAL C 118 -139.62 21.18 29.24
C VAL C 118 -139.32 20.44 27.94
N THR C 119 -138.05 20.49 27.54
CA THR C 119 -137.59 19.84 26.33
C THR C 119 -137.35 18.34 26.58
N ALA C 120 -136.82 17.67 25.56
CA ALA C 120 -136.50 16.25 25.71
C ALA C 120 -135.34 16.03 26.67
N ASN C 121 -134.56 17.07 26.94
CA ASN C 121 -133.44 16.99 27.87
C ASN C 121 -133.85 17.33 29.30
N ASP C 122 -135.15 17.38 29.58
CA ASP C 122 -135.67 17.80 30.89
C ASP C 122 -135.17 19.19 31.27
N GLU C 123 -135.11 20.08 30.28
CA GLU C 123 -134.68 21.45 30.47
C GLU C 123 -135.86 22.38 30.23
N PHE C 124 -136.00 23.37 31.10
CA PHE C 124 -137.22 24.18 31.19
C PHE C 124 -137.26 25.24 30.11
N LEU C 125 -138.39 25.33 29.41
CA LEU C 125 -138.62 26.39 28.44
C LEU C 125 -138.99 27.67 29.18
N LEU C 126 -138.41 28.79 28.73
CA LEU C 126 -138.61 30.09 29.37
C LEU C 126 -139.67 30.88 28.62
N GLY C 127 -140.55 31.53 29.38
CA GLY C 127 -141.61 32.34 28.81
C GLY C 127 -141.90 33.54 29.69
N TYR C 128 -142.74 34.42 29.15
CA TYR C 128 -143.11 35.65 29.84
C TYR C 128 -144.33 35.42 30.73
N GLN C 129 -144.40 36.18 31.82
CA GLN C 129 -145.49 36.09 32.77
C GLN C 129 -146.51 37.17 32.49
N VAL C 130 -147.74 36.77 32.16
CA VAL C 130 -148.83 37.70 31.90
C VAL C 130 -149.97 37.38 32.86
N ASP C 131 -150.64 38.43 33.34
CA ASP C 131 -151.76 38.23 34.23
C ASP C 131 -152.94 37.60 33.48
N PRO C 132 -153.77 36.83 34.17
CA PRO C 132 -154.93 36.21 33.50
C PRO C 132 -155.90 37.23 32.90
N SER C 133 -155.98 38.43 33.46
CA SER C 133 -156.88 39.46 32.94
C SER C 133 -156.17 40.50 32.10
N SER C 134 -154.85 40.65 32.25
CA SER C 134 -154.11 41.65 31.50
C SER C 134 -153.89 41.17 30.06
N GLY C 135 -153.22 42.02 29.28
CA GLY C 135 -152.96 41.71 27.89
C GLY C 135 -151.51 41.36 27.60
N GLU C 136 -150.72 42.35 27.21
CA GLU C 136 -149.32 42.14 26.88
C GLU C 136 -148.50 41.76 28.10
N VAL C 137 -147.20 41.50 27.89
CA VAL C 137 -146.35 41.06 28.99
C VAL C 137 -146.21 42.18 30.02
N SER C 138 -146.37 41.83 31.29
CA SER C 138 -146.21 42.79 32.37
C SER C 138 -144.75 42.93 32.77
N SER C 139 -144.12 41.84 33.17
CA SER C 139 -142.72 41.81 33.55
C SER C 139 -141.95 41.00 32.51
N TYR C 140 -140.93 41.62 31.92
CA TYR C 140 -140.22 41.04 30.78
C TYR C 140 -139.22 39.96 31.18
N GLU C 141 -138.99 39.75 32.46
CA GLU C 141 -138.00 38.76 32.89
C GLU C 141 -138.51 37.35 32.59
N PRO C 142 -137.77 36.54 31.85
CA PRO C 142 -138.27 35.20 31.50
C PRO C 142 -138.22 34.24 32.68
N GLN C 143 -139.27 33.45 32.80
CA GLN C 143 -139.42 32.44 33.83
C GLN C 143 -139.90 31.15 33.18
N PRO C 144 -139.67 30.00 33.83
CA PRO C 144 -140.19 28.74 33.28
C PRO C 144 -141.71 28.79 33.16
N ILE C 145 -142.22 28.16 32.10
CA ILE C 145 -143.65 28.16 31.82
C ILE C 145 -144.29 27.00 32.57
N ASN C 146 -145.30 27.31 33.38
CA ASN C 146 -146.03 26.33 34.17
C ASN C 146 -147.46 26.24 33.67
N ILE C 147 -147.93 25.01 33.47
CA ILE C 147 -149.32 24.78 33.07
C ILE C 147 -149.98 23.98 34.19
N PRO C 148 -150.58 24.65 35.18
CA PRO C 148 -151.15 23.93 36.32
C PRO C 148 -152.25 22.98 35.89
N ALA C 149 -152.29 21.81 36.53
CA ALA C 149 -153.35 20.84 36.25
C ALA C 149 -154.70 21.31 36.77
N GLU C 150 -154.70 22.02 37.90
CA GLU C 150 -155.93 22.52 38.51
C GLU C 150 -155.80 24.02 38.73
N PHE C 151 -156.67 24.79 38.09
CA PHE C 151 -156.72 26.24 38.26
C PHE C 151 -158.18 26.64 38.49
N GLY C 152 -158.39 27.58 39.40
CA GLY C 152 -159.73 28.06 39.69
C GLY C 152 -159.86 28.71 41.05
N THR C 320 -162.72 24.13 41.68
CA THR C 320 -161.66 24.39 40.71
C THR C 320 -161.94 23.69 39.38
N GLY C 321 -160.98 23.77 38.47
CA GLY C 321 -161.12 23.12 37.17
C GLY C 321 -159.85 22.40 36.75
N PHE C 322 -160.00 21.24 36.12
CA PHE C 322 -158.87 20.43 35.72
C PHE C 322 -158.49 20.70 34.28
N LEU C 323 -157.19 20.73 34.02
CA LEU C 323 -156.69 21.06 32.68
C LEU C 323 -157.19 20.05 31.66
N THR C 324 -157.70 20.55 30.54
CA THR C 324 -158.22 19.71 29.47
C THR C 324 -157.43 19.84 28.18
N LYS C 325 -157.27 21.05 27.65
CA LYS C 325 -156.55 21.27 26.40
C LYS C 325 -155.62 22.48 26.56
N VAL C 326 -154.50 22.43 25.86
CA VAL C 326 -153.54 23.53 25.80
C VAL C 326 -153.26 23.84 24.34
N ASP C 327 -153.40 25.12 23.97
CA ASP C 327 -153.19 25.55 22.60
C ASP C 327 -152.41 26.85 22.60
N PHE C 328 -151.68 27.08 21.51
CA PHE C 328 -150.86 28.26 21.33
C PHE C 328 -151.33 29.02 20.09
N ASP C 329 -151.60 30.30 20.25
CA ASP C 329 -151.95 31.15 19.12
C ASP C 329 -150.68 31.66 18.45
N GLU C 330 -150.85 32.47 17.40
CA GLU C 330 -149.69 32.97 16.66
C GLU C 330 -148.84 33.94 17.48
N ASN C 331 -149.36 34.42 18.60
CA ASN C 331 -148.61 35.31 19.48
C ASN C 331 -147.82 34.56 20.54
N GLY C 332 -147.85 33.23 20.53
CA GLY C 332 -147.09 32.42 21.46
C GLY C 332 -147.73 32.24 22.82
N SER C 333 -148.92 32.78 23.05
CA SER C 333 -149.56 32.68 24.35
C SER C 333 -150.07 31.26 24.58
N VAL C 334 -149.71 30.69 25.73
CA VAL C 334 -150.17 29.36 26.12
C VAL C 334 -151.51 29.51 26.84
N MET C 335 -152.56 28.95 26.26
CA MET C 335 -153.91 29.07 26.79
C MET C 335 -154.42 27.70 27.19
N GLY C 336 -154.89 27.58 28.43
CA GLY C 336 -155.41 26.32 28.95
C GLY C 336 -156.83 26.50 29.46
N THR C 337 -157.75 25.73 28.89
CA THR C 337 -159.12 25.67 29.36
C THR C 337 -159.26 24.55 30.37
N TYR C 338 -160.22 24.68 31.27
CA TYR C 338 -160.39 23.76 32.38
C TYR C 338 -161.81 23.21 32.38
N SER C 339 -162.08 22.30 33.32
CA SER C 339 -163.37 21.63 33.36
C SER C 339 -164.51 22.61 33.64
N ASN C 340 -164.23 23.69 34.36
CA ASN C 340 -165.26 24.69 34.64
C ASN C 340 -165.48 25.66 33.48
N GLY C 341 -164.87 25.42 32.33
CA GLY C 341 -165.02 26.31 31.18
C GLY C 341 -164.40 27.67 31.39
N GLU C 342 -163.24 27.73 32.03
CA GLU C 342 -162.54 28.97 32.30
C GLU C 342 -161.31 29.04 31.41
N ASN C 343 -161.32 29.96 30.45
CA ASN C 343 -160.21 30.12 29.51
C ASN C 343 -159.23 31.15 30.07
N VAL C 344 -158.07 30.67 30.51
CA VAL C 344 -157.08 31.50 31.19
C VAL C 344 -155.78 31.45 30.41
N THR C 345 -155.20 32.61 30.16
CA THR C 345 -153.89 32.70 29.51
C THR C 345 -152.81 32.55 30.58
N LEU C 346 -151.99 31.52 30.44
CA LEU C 346 -150.98 31.17 31.43
C LEU C 346 -149.62 31.82 31.13
N GLY C 347 -149.51 32.58 30.06
CA GLY C 347 -148.24 33.18 29.69
C GLY C 347 -147.99 33.09 28.19
N ARG C 348 -146.81 33.50 27.75
CA ARG C 348 -146.43 33.39 26.35
C ARG C 348 -144.98 32.95 26.25
N VAL C 349 -144.68 32.15 25.23
CA VAL C 349 -143.32 31.64 25.06
C VAL C 349 -142.40 32.78 24.65
N ALA C 350 -141.31 32.94 25.37
CA ALA C 350 -140.35 34.00 25.07
C ALA C 350 -139.51 33.62 23.85
N LEU C 351 -139.25 34.61 23.01
CA LEU C 351 -138.43 34.42 21.82
C LEU C 351 -137.16 35.25 21.95
N VAL C 352 -136.04 34.68 21.48
CA VAL C 352 -134.73 35.28 21.63
C VAL C 352 -134.12 35.47 20.25
N ARG C 353 -133.49 36.62 20.04
CA ARG C 353 -132.86 36.94 18.78
C ARG C 353 -131.49 37.53 19.05
N VAL C 354 -130.57 37.36 18.10
CA VAL C 354 -129.23 37.94 18.21
C VAL C 354 -128.91 38.65 16.90
N PRO C 355 -128.19 39.78 16.93
CA PRO C 355 -127.86 40.47 15.67
C PRO C 355 -126.99 39.64 14.75
N ASN C 356 -126.10 38.82 15.30
CA ASN C 356 -125.20 37.98 14.52
C ASN C 356 -125.45 36.53 14.94
N GLU C 357 -126.26 35.81 14.17
CA GLU C 357 -126.53 34.42 14.49
C GLU C 357 -125.31 33.54 14.27
N GLN C 358 -124.46 33.88 13.29
CA GLN C 358 -123.29 33.06 13.00
C GLN C 358 -122.26 33.09 14.12
N GLY C 359 -122.33 34.08 15.01
CA GLY C 359 -121.39 34.17 16.11
C GLY C 359 -121.69 33.33 17.31
N LEU C 360 -122.85 32.67 17.34
CA LEU C 360 -123.20 31.82 18.47
C LEU C 360 -122.31 30.58 18.51
N ASP C 361 -121.86 30.22 19.71
CA ASP C 361 -121.08 29.00 19.90
C ASP C 361 -122.02 27.81 20.04
N LYS C 362 -121.63 26.70 19.43
CA LYS C 362 -122.50 25.52 19.32
C LYS C 362 -122.34 24.66 20.57
N LYS C 363 -123.41 24.55 21.34
CA LYS C 363 -123.46 23.65 22.49
C LYS C 363 -123.92 22.28 22.03
N GLY C 364 -124.12 21.36 22.97
CA GLY C 364 -124.64 20.06 22.62
C GLY C 364 -126.15 20.06 22.45
N GLY C 365 -126.64 19.04 21.74
CA GLY C 365 -128.07 18.89 21.55
C GLY C 365 -128.72 19.98 20.73
N THR C 366 -128.06 20.45 19.67
CA THR C 366 -128.59 21.46 18.76
C THR C 366 -129.04 22.71 19.52
N GLN C 367 -128.17 23.18 20.41
CA GLN C 367 -128.43 24.38 21.19
C GLN C 367 -127.24 25.32 21.10
N TRP C 368 -127.52 26.61 21.20
CA TRP C 368 -126.51 27.66 21.08
C TRP C 368 -126.55 28.57 22.31
N ASP C 369 -125.45 29.26 22.54
CA ASP C 369 -125.31 30.21 23.63
C ASP C 369 -124.78 31.54 23.10
N SER C 370 -125.07 32.61 23.82
CA SER C 370 -124.59 33.92 23.43
C SER C 370 -123.08 34.02 23.61
N THR C 371 -122.43 34.73 22.69
CA THR C 371 -120.99 34.94 22.77
C THR C 371 -120.66 36.43 22.67
N GLN C 372 -119.37 36.75 22.60
CA GLN C 372 -118.97 38.14 22.44
C GLN C 372 -119.16 38.61 21.00
N PHE C 373 -118.98 37.73 20.03
CA PHE C 373 -119.11 38.07 18.62
C PHE C 373 -120.55 38.05 18.12
N SER C 374 -121.46 37.43 18.86
CA SER C 374 -122.86 37.33 18.45
C SER C 374 -123.74 38.41 19.06
N GLY C 375 -123.15 39.33 19.81
CA GLY C 375 -123.94 40.36 20.48
C GLY C 375 -124.67 39.80 21.69
N ASP C 376 -125.54 40.63 22.23
CA ASP C 376 -126.34 40.29 23.41
C ASP C 376 -127.71 39.79 22.98
N LYS C 377 -128.26 38.86 23.75
CA LYS C 377 -129.57 38.32 23.44
C LYS C 377 -130.63 39.41 23.48
N ILE C 378 -131.48 39.43 22.46
CA ILE C 378 -132.56 40.40 22.34
C ILE C 378 -133.86 39.66 22.66
N TRP C 379 -134.54 40.08 23.71
CA TRP C 379 -135.75 39.41 24.18
C TRP C 379 -136.98 40.10 23.57
N GLY C 380 -137.88 39.29 23.02
CA GLY C 380 -139.11 39.82 22.45
C GLY C 380 -140.13 38.73 22.28
N GLU C 381 -141.34 39.13 21.91
CA GLU C 381 -142.44 38.21 21.68
C GLU C 381 -142.43 37.74 20.22
N SER C 382 -143.17 36.67 19.97
CA SER C 382 -143.33 36.16 18.61
C SER C 382 -144.28 37.05 17.83
N ASN C 383 -144.02 37.18 16.52
CA ASN C 383 -144.82 38.02 15.63
C ASN C 383 -144.82 39.47 16.09
N LYS C 384 -143.73 39.88 16.74
CA LYS C 384 -143.54 41.26 17.19
C LYS C 384 -142.15 41.72 16.76
N GLY C 385 -142.08 42.93 16.23
CA GLY C 385 -140.81 43.46 15.74
C GLY C 385 -140.25 42.68 14.58
N SER C 386 -139.01 42.22 14.71
CA SER C 386 -138.36 41.41 13.69
C SER C 386 -138.57 39.91 13.92
N PHE C 387 -139.18 39.52 15.02
CA PHE C 387 -139.38 38.11 15.33
C PHE C 387 -140.41 37.49 14.40
N GLY C 388 -140.29 36.17 14.20
CA GLY C 388 -141.27 35.41 13.47
C GLY C 388 -142.42 34.96 14.35
N THR C 389 -143.24 34.08 13.79
CA THR C 389 -144.37 33.52 14.52
C THR C 389 -144.01 32.17 15.12
N ILE C 390 -144.85 31.72 16.04
CA ILE C 390 -144.73 30.40 16.67
C ILE C 390 -145.94 29.57 16.28
N ASN C 391 -145.69 28.39 15.73
CA ASN C 391 -146.74 27.49 15.28
C ASN C 391 -146.65 26.19 16.08
N ASN C 392 -147.75 25.80 16.71
CA ASN C 392 -147.82 24.54 17.42
C ASN C 392 -148.28 23.43 16.48
N GLY C 393 -147.88 22.20 16.79
CA GLY C 393 -148.13 21.08 15.91
C GLY C 393 -147.15 20.95 14.77
N MET C 394 -146.02 21.65 14.83
CA MET C 394 -145.02 21.59 13.78
C MET C 394 -143.64 21.48 14.41
N LEU C 395 -142.70 20.93 13.65
CA LEU C 395 -141.31 20.82 14.05
C LEU C 395 -140.43 21.18 12.87
N GLU C 396 -139.22 21.63 13.18
CA GLU C 396 -138.25 22.04 12.17
C GLU C 396 -137.27 20.91 11.91
N GLN C 397 -137.20 20.46 10.66
CA GLN C 397 -136.23 19.45 10.26
C GLN C 397 -134.88 20.12 10.00
N SER C 398 -133.88 19.33 9.63
CA SER C 398 -132.60 19.89 9.24
C SER C 398 -132.74 20.71 7.96
N ASN C 399 -131.96 21.78 7.86
CA ASN C 399 -132.01 22.68 6.72
C ASN C 399 -131.02 22.29 5.64
N ILE C 400 -130.63 21.01 5.59
CA ILE C 400 -129.66 20.52 4.63
C ILE C 400 -130.40 19.99 3.42
N ASP C 401 -129.68 19.90 2.29
CA ASP C 401 -130.18 19.28 1.08
C ASP C 401 -129.33 18.06 0.79
N MET C 402 -129.96 16.89 0.68
CA MET C 402 -129.21 15.65 0.50
C MET C 402 -128.45 15.65 -0.81
N THR C 403 -129.05 16.15 -1.88
CA THR C 403 -128.37 16.16 -3.17
C THR C 403 -127.10 17.00 -3.13
N GLN C 404 -127.17 18.19 -2.52
CA GLN C 404 -126.00 19.05 -2.46
C GLN C 404 -124.88 18.42 -1.65
N GLU C 405 -125.22 17.79 -0.51
CA GLU C 405 -124.19 17.20 0.33
C GLU C 405 -123.48 16.05 -0.37
N LEU C 406 -124.22 15.22 -1.10
CA LEU C 406 -123.60 14.11 -1.84
C LEU C 406 -122.71 14.63 -2.96
N VAL C 407 -123.14 15.70 -3.63
CA VAL C 407 -122.30 16.32 -4.66
C VAL C 407 -121.05 16.91 -4.04
N ASP C 408 -121.21 17.59 -2.89
CA ASP C 408 -120.04 18.12 -2.18
C ASP C 408 -119.13 16.99 -1.71
N LEU C 409 -119.70 15.82 -1.41
CA LEU C 409 -118.89 14.67 -1.03
C LEU C 409 -117.97 14.26 -2.17
N ILE C 410 -118.48 14.26 -3.40
CA ILE C 410 -117.66 13.88 -4.55
C ILE C 410 -116.55 14.91 -4.77
N SER C 411 -116.90 16.20 -4.70
CA SER C 411 -115.91 17.25 -4.98
C SER C 411 -114.79 17.23 -3.95
N ALA C 412 -115.13 17.00 -2.68
CA ALA C 412 -114.09 16.93 -1.65
C ALA C 412 -113.16 15.74 -1.86
N GLN C 413 -113.71 14.57 -2.18
CA GLN C 413 -112.85 13.40 -2.46
C GLN C 413 -111.83 13.74 -3.54
N ARG C 414 -112.24 14.37 -4.63
CA ARG C 414 -111.33 14.67 -5.75
C ARG C 414 -110.25 15.67 -5.33
N ASN C 415 -110.63 16.69 -4.57
CA ASN C 415 -109.66 17.73 -4.14
C ASN C 415 -108.65 17.09 -3.21
N PHE C 416 -109.03 16.01 -2.54
CA PHE C 416 -108.09 15.29 -1.65
C PHE C 416 -107.19 14.42 -2.50
N GLN C 417 -107.77 13.67 -3.44
CA GLN C 417 -106.92 12.79 -4.23
C GLN C 417 -105.84 13.57 -4.97
N ALA C 418 -106.19 14.73 -5.52
CA ALA C 418 -105.20 15.55 -6.22
C ALA C 418 -104.11 16.02 -5.27
N ASN C 419 -104.49 16.42 -4.06
CA ASN C 419 -103.50 16.88 -3.09
C ASN C 419 -102.60 15.74 -2.64
N SER C 420 -103.14 14.53 -2.50
CA SER C 420 -102.29 13.38 -2.20
C SER C 420 -101.40 13.04 -3.39
N ARG C 421 -101.88 13.26 -4.61
CA ARG C 421 -101.04 13.10 -5.78
C ARG C 421 -99.89 14.10 -5.77
N SER C 422 -100.16 15.35 -5.38
CA SER C 422 -99.10 16.34 -5.28
C SER C 422 -98.08 15.96 -4.22
N LEU C 423 -98.44 15.33 -3.11
CA LEU C 423 -97.45 14.85 -2.08
C LEU C 423 -96.57 13.73 -2.62
N GLU C 424 -97.13 12.72 -3.25
CA GLU C 424 -96.36 11.62 -3.85
C GLU C 424 -95.30 12.17 -4.81
N VAL C 425 -95.66 13.04 -5.75
CA VAL C 425 -94.70 13.65 -6.72
C VAL C 425 -93.58 14.34 -5.96
N HIS C 426 -93.86 15.08 -4.90
CA HIS C 426 -92.84 15.82 -4.13
C HIS C 426 -91.90 14.86 -3.40
N ASN C 427 -92.42 13.74 -2.90
CA ASN C 427 -91.55 12.73 -2.27
C ASN C 427 -90.65 12.13 -3.34
N GLN C 428 -91.18 11.87 -4.51
CA GLN C 428 -90.35 11.17 -5.51
C GLN C 428 -89.16 12.04 -5.88
N LEU C 429 -89.27 13.34 -5.79
CA LEU C 429 -88.17 14.26 -6.07
C LEU C 429 -87.03 14.06 -5.09
N GLN C 430 -87.35 13.94 -3.80
CA GLN C 430 -86.33 13.71 -2.79
C GLN C 430 -85.65 12.35 -2.99
N GLN C 431 -86.44 11.32 -3.29
CA GLN C 431 -85.87 10.00 -3.54
C GLN C 431 -85.01 9.99 -4.80
N ASN C 432 -85.33 10.86 -5.76
CA ASN C 432 -84.54 10.91 -6.99
C ASN C 432 -83.13 11.41 -6.72
N ILE C 433 -82.98 12.41 -5.86
CA ILE C 433 -81.65 12.96 -5.59
C ILE C 433 -80.90 12.07 -4.61
N LEU C 434 -81.62 11.25 -3.85
CA LEU C 434 -81.05 10.39 -2.83
C LEU C 434 -80.21 9.26 -3.42
N GLN C 435 -80.22 9.08 -4.74
CA GLN C 435 -79.58 7.97 -5.42
C GLN C 435 -78.63 8.47 -6.50
N ILE C 436 -77.86 9.49 -6.17
CA ILE C 436 -76.87 10.03 -7.10
C ILE C 436 -75.46 9.64 -6.65
N SER D 2 -90.45 -1.74 15.98
CA SER D 2 -91.11 -2.87 15.35
C SER D 2 -92.07 -3.56 16.32
N TYR D 3 -91.78 -3.47 17.62
CA TYR D 3 -92.64 -4.08 18.62
C TYR D 3 -93.93 -3.31 18.83
N VAL D 4 -93.87 -1.97 18.77
CA VAL D 4 -95.08 -1.17 18.93
C VAL D 4 -96.02 -1.39 17.75
N SER D 5 -95.45 -1.52 16.54
CA SER D 5 -96.26 -1.85 15.38
C SER D 5 -96.81 -3.26 15.49
N LEU D 6 -96.01 -4.19 16.01
CA LEU D 6 -96.47 -5.57 16.18
C LEU D 6 -97.58 -5.65 17.22
N SER D 7 -97.55 -4.77 18.22
CA SER D 7 -98.65 -4.70 19.18
C SER D 7 -99.94 -4.28 18.51
N GLY D 8 -99.86 -3.34 17.56
CA GLY D 8 -101.04 -2.89 16.86
C GLY D 8 -101.65 -3.98 16.00
N LEU D 9 -100.81 -4.75 15.30
CA LEU D 9 -101.31 -5.84 14.47
C LEU D 9 -102.03 -6.89 15.33
N SER D 10 -101.44 -7.24 16.47
CA SER D 10 -102.08 -8.21 17.36
C SER D 10 -103.40 -7.66 17.91
N ALA D 11 -103.42 -6.39 18.29
CA ALA D 11 -104.65 -5.79 18.79
C ALA D 11 -105.71 -5.70 17.69
N ALA D 12 -105.31 -5.28 16.50
CA ALA D 12 -106.26 -5.18 15.39
C ALA D 12 -106.78 -6.55 14.99
N GLN D 13 -105.91 -7.56 14.98
CA GLN D 13 -106.34 -8.90 14.58
C GLN D 13 -107.24 -9.52 15.64
N LEU D 14 -106.99 -9.23 16.92
CA LEU D 14 -107.87 -9.71 17.97
C LEU D 14 -109.26 -9.09 17.86
N ASP D 15 -109.32 -7.80 17.54
CA ASP D 15 -110.61 -7.16 17.30
C ASP D 15 -111.30 -7.76 16.08
N LEU D 16 -110.51 -8.15 15.07
CA LEU D 16 -111.08 -8.79 13.90
C LEU D 16 -111.60 -10.19 14.22
N ASN D 17 -110.87 -10.93 15.06
CA ASN D 17 -111.31 -12.27 15.45
C ASN D 17 -112.57 -12.21 16.30
N THR D 18 -112.67 -11.22 17.19
CA THR D 18 -113.86 -11.09 18.02
C THR D 18 -115.10 -10.80 17.17
N THR D 19 -114.96 -9.93 16.16
CA THR D 19 -116.07 -9.64 15.28
C THR D 19 -116.45 -10.87 14.45
N SER D 20 -115.46 -11.65 14.01
CA SER D 20 -115.75 -12.86 13.25
C SER D 20 -116.53 -13.86 14.08
N ASN D 21 -116.17 -14.02 15.37
CA ASN D 21 -116.91 -14.92 16.23
C ASN D 21 -118.34 -14.44 16.44
N ASN D 22 -118.54 -13.13 16.55
CA ASN D 22 -119.89 -12.58 16.67
C ASN D 22 -120.72 -12.88 15.43
N ILE D 23 -120.12 -12.69 14.25
CA ILE D 23 -120.86 -12.90 13.01
C ILE D 23 -121.17 -14.38 12.81
N ALA D 24 -120.22 -15.26 13.15
CA ALA D 24 -120.43 -16.69 12.95
C ALA D 24 -121.59 -17.21 13.79
N ASN D 25 -121.81 -16.61 14.96
CA ASN D 25 -122.90 -16.99 15.85
C ASN D 25 -124.15 -16.14 15.67
N ALA D 26 -124.40 -15.64 14.45
CA ALA D 26 -125.57 -14.81 14.19
C ALA D 26 -126.88 -15.58 14.26
N ASN D 27 -126.83 -16.91 14.31
CA ASN D 27 -128.04 -17.72 14.35
C ASN D 27 -128.15 -18.63 15.56
N THR D 28 -127.10 -18.75 16.37
CA THR D 28 -127.14 -19.63 17.53
C THR D 28 -128.07 -19.07 18.59
N TYR D 29 -128.83 -19.96 19.24
CA TYR D 29 -129.78 -19.53 20.25
C TYR D 29 -129.10 -19.17 21.55
N GLY D 30 -129.50 -18.04 22.13
CA GLY D 30 -129.01 -17.61 23.42
C GLY D 30 -127.61 -17.04 23.42
N PHE D 31 -127.06 -16.68 22.26
CA PHE D 31 -125.70 -16.18 22.21
C PHE D 31 -125.62 -14.75 22.75
N LYS D 32 -124.51 -14.46 23.44
CA LYS D 32 -124.22 -13.12 23.93
C LYS D 32 -122.94 -12.64 23.26
N GLU D 33 -123.01 -11.47 22.61
CA GLU D 33 -121.90 -10.99 21.83
C GLU D 33 -120.73 -10.59 22.72
N SER D 34 -119.55 -10.51 22.11
CA SER D 34 -118.32 -10.17 22.81
C SER D 34 -117.76 -8.87 22.26
N ARG D 35 -117.11 -8.10 23.12
CA ARG D 35 -116.50 -6.83 22.76
C ARG D 35 -115.06 -6.83 23.23
N ALA D 36 -114.14 -6.55 22.31
CA ALA D 36 -112.72 -6.52 22.64
C ALA D 36 -112.32 -5.14 23.11
N GLU D 37 -111.75 -5.06 24.31
CA GLU D 37 -111.32 -3.81 24.91
C GLU D 37 -109.80 -3.82 25.06
N PHE D 38 -109.17 -2.73 24.67
CA PHE D 38 -107.72 -2.63 24.68
C PHE D 38 -107.27 -1.49 25.60
N ALA D 39 -106.02 -1.59 26.04
CA ALA D 39 -105.43 -0.63 26.96
C ALA D 39 -104.03 -0.26 26.47
N ASP D 40 -103.45 0.73 27.14
CA ASP D 40 -102.15 1.27 26.77
C ASP D 40 -101.03 0.58 27.54
N VAL D 41 -99.81 0.76 27.01
CA VAL D 41 -98.62 0.16 27.65
C VAL D 41 -97.60 1.28 27.79
N TYR D 42 -97.32 1.72 29.01
CA TYR D 42 -96.26 2.72 29.24
C TYR D 42 -95.54 2.26 30.50
N SER D 43 -94.22 2.16 30.46
CA SER D 43 -93.45 1.64 31.62
C SER D 43 -92.04 2.20 31.59
N ASN D 44 -91.75 3.22 32.38
CA ASN D 44 -90.42 3.86 32.29
C ASN D 44 -89.58 3.48 33.50
N SER D 45 -88.29 3.38 33.32
CA SER D 45 -87.30 3.00 34.33
C SER D 45 -86.81 4.25 35.04
N LEU D 46 -86.10 4.03 36.15
CA LEU D 46 -85.44 5.13 36.83
C LEU D 46 -84.38 5.77 35.96
N PHE D 47 -83.77 4.98 35.06
CA PHE D 47 -82.67 5.42 34.22
C PHE D 47 -83.11 5.89 32.85
N THR D 48 -84.42 5.96 32.58
CA THR D 48 -84.94 6.41 31.29
C THR D 48 -85.64 7.74 31.48
N ASN D 49 -85.36 8.66 30.55
CA ASN D 49 -85.98 10.00 30.56
C ASN D 49 -87.38 9.84 29.99
N ALA D 50 -88.39 10.30 30.68
CA ALA D 50 -89.75 10.05 30.21
C ALA D 50 -90.08 11.12 29.17
N LYS D 51 -89.27 12.15 29.12
CA LYS D 51 -89.48 13.24 28.15
C LYS D 51 -88.63 12.93 26.94
N THR D 52 -88.87 11.82 26.26
CA THR D 52 -88.03 11.42 25.11
C THR D 52 -88.21 9.93 24.93
N THR D 53 -89.22 9.37 25.58
CA THR D 53 -89.52 7.94 25.38
C THR D 53 -90.95 7.81 24.91
N PRO D 54 -91.19 7.16 23.76
CA PRO D 54 -92.53 6.93 23.28
C PRO D 54 -93.40 6.03 24.18
N GLY D 55 -94.16 5.11 23.62
CA GLY D 55 -95.07 4.26 24.40
C GLY D 55 -94.82 2.81 24.12
N GLY D 56 -95.57 1.92 24.76
CA GLY D 56 -95.21 0.54 24.54
C GLY D 56 -96.08 -0.20 23.55
N GLY D 57 -97.07 0.47 22.99
CA GLY D 57 -97.94 -0.15 22.01
C GLY D 57 -99.38 -0.25 22.50
N ALA D 58 -100.09 -1.27 22.04
CA ALA D 58 -101.47 -1.49 22.46
C ALA D 58 -101.58 -2.89 23.04
N GLN D 59 -102.18 -3.00 24.22
CA GLN D 59 -102.35 -4.27 24.89
C GLN D 59 -103.83 -4.53 25.14
N ALA D 60 -104.25 -5.78 24.92
CA ALA D 60 -105.64 -6.16 25.13
C ALA D 60 -105.97 -6.13 26.61
N SER D 61 -107.11 -5.60 27.03
CA SER D 61 -107.50 -5.47 28.45
C SER D 61 -108.41 -6.63 28.85
N GLN D 62 -109.65 -6.60 28.40
CA GLN D 62 -110.56 -7.73 28.65
C GLN D 62 -111.42 -7.96 27.43
N VAL D 63 -111.90 -9.18 27.18
CA VAL D 63 -112.91 -9.38 26.10
C VAL D 63 -114.20 -9.58 26.89
N ALA D 64 -115.11 -8.61 26.90
CA ALA D 64 -116.28 -8.63 27.80
C ALA D 64 -117.57 -9.10 27.15
N GLN D 65 -118.25 -10.10 27.72
CA GLN D 65 -119.45 -10.66 27.04
C GLN D 65 -120.68 -9.82 27.34
N GLN D 66 -120.90 -8.77 26.59
CA GLN D 66 -122.09 -7.93 26.64
C GLN D 66 -123.38 -8.74 26.77
N PHE D 67 -124.14 -8.48 27.84
CA PHE D 67 -125.28 -9.32 28.23
C PHE D 67 -126.62 -8.62 28.05
N HIS D 68 -126.77 -7.81 27.00
CA HIS D 68 -128.06 -7.21 26.73
C HIS D 68 -129.02 -8.25 26.17
N GLU D 69 -130.32 -8.01 26.40
CA GLU D 69 -131.35 -8.95 25.97
C GLU D 69 -131.35 -9.12 24.46
N GLY D 70 -131.42 -10.37 24.02
CA GLY D 70 -131.52 -10.64 22.60
C GLY D 70 -132.95 -10.73 22.12
N SER D 71 -133.13 -10.53 20.82
CA SER D 71 -134.46 -10.57 20.24
C SER D 71 -135.04 -11.97 20.30
N SER D 72 -136.36 -12.06 20.30
CA SER D 72 -137.07 -13.31 20.49
C SER D 72 -137.64 -13.81 19.17
N ILE D 73 -137.62 -15.13 19.00
CA ILE D 73 -138.22 -15.79 17.85
C ILE D 73 -139.38 -16.63 18.35
N TYR D 74 -140.48 -16.59 17.60
CA TYR D 74 -141.73 -17.25 17.98
C TYR D 74 -141.84 -18.56 17.23
N THR D 75 -141.88 -19.68 17.96
CA THR D 75 -141.95 -21.01 17.36
C THR D 75 -143.26 -21.72 17.61
N ASN D 76 -144.10 -21.21 18.51
CA ASN D 76 -145.36 -21.85 18.90
C ASN D 76 -145.11 -23.27 19.43
N ASN D 77 -144.01 -23.44 20.15
CA ASN D 77 -143.64 -24.71 20.75
C ASN D 77 -143.62 -24.55 22.27
N PRO D 78 -144.53 -25.20 23.01
CA PRO D 78 -144.57 -25.00 24.46
C PRO D 78 -143.30 -25.46 25.17
N MET D 79 -142.50 -26.33 24.57
CA MET D 79 -141.24 -26.77 25.18
C MET D 79 -140.08 -25.84 24.86
N ASP D 80 -140.29 -24.82 24.03
CA ASP D 80 -139.28 -23.80 23.77
C ASP D 80 -139.46 -22.66 24.76
N LEU D 81 -138.43 -22.43 25.58
CA LEU D 81 -138.50 -21.48 26.68
C LEU D 81 -137.58 -20.30 26.44
N ARG D 82 -137.93 -19.17 27.07
CA ARG D 82 -137.15 -17.95 26.98
C ARG D 82 -137.29 -17.19 28.29
N VAL D 83 -136.19 -16.57 28.73
CA VAL D 83 -136.18 -15.74 29.92
C VAL D 83 -136.28 -14.29 29.45
N SER D 84 -137.39 -13.63 29.78
CA SER D 84 -137.60 -12.24 29.42
C SER D 84 -137.17 -11.36 30.59
N GLY D 85 -135.93 -10.90 30.57
CA GLY D 85 -135.37 -10.13 31.66
C GLY D 85 -134.04 -10.70 32.13
N THR D 86 -133.84 -10.67 33.44
CA THR D 86 -132.60 -11.13 34.04
C THR D 86 -132.79 -12.53 34.60
N GLY D 87 -131.88 -13.43 34.25
CA GLY D 87 -131.93 -14.80 34.76
C GLY D 87 -131.35 -15.77 33.76
N PHE D 88 -130.93 -16.91 34.28
CA PHE D 88 -130.38 -18.01 33.48
C PHE D 88 -131.06 -19.31 33.87
N PHE D 89 -131.14 -20.23 32.91
CA PHE D 89 -131.62 -21.57 33.22
C PHE D 89 -130.52 -22.40 33.84
N ALA D 90 -130.87 -23.16 34.86
CA ALA D 90 -129.94 -24.06 35.53
C ALA D 90 -130.00 -25.42 34.84
N VAL D 91 -128.85 -25.87 34.33
CA VAL D 91 -128.77 -27.09 33.53
C VAL D 91 -127.62 -27.94 34.03
N ALA D 92 -127.92 -29.19 34.37
CA ALA D 92 -126.94 -30.12 34.90
C ALA D 92 -126.69 -31.25 33.91
N LYS D 93 -125.42 -31.65 33.79
CA LYS D 93 -125.06 -32.68 32.83
C LYS D 93 -125.48 -34.07 33.32
N GLU D 94 -125.37 -34.31 34.61
CA GLU D 94 -125.73 -35.60 35.20
C GLU D 94 -126.96 -35.45 36.08
N ARG D 95 -127.92 -36.37 35.89
CA ARG D 95 -129.19 -36.28 36.60
C ARG D 95 -128.99 -36.48 38.11
N LEU D 96 -128.13 -37.42 38.49
CA LEU D 96 -127.97 -37.75 39.90
C LEU D 96 -127.44 -36.56 40.69
N THR D 97 -126.45 -35.85 40.14
CA THR D 97 -125.85 -34.71 40.84
C THR D 97 -126.29 -33.42 40.16
N PRO D 98 -127.36 -32.73 40.66
CA PRO D 98 -127.83 -31.54 40.01
C PRO D 98 -127.07 -30.35 40.58
N GLN D 99 -126.14 -30.62 41.50
CA GLN D 99 -125.42 -29.54 42.21
C GLN D 99 -124.24 -29.04 41.38
N GLN D 100 -123.97 -29.67 40.23
CA GLN D 100 -122.89 -29.20 39.34
C GLN D 100 -123.55 -28.63 38.09
N ASN D 101 -124.20 -27.47 38.23
CA ASN D 101 -125.03 -26.92 37.13
C ASN D 101 -124.36 -25.79 36.37
N GLU D 102 -124.67 -25.66 35.08
CA GLU D 102 -124.19 -24.53 34.33
C GLU D 102 -125.36 -23.64 33.92
N LEU D 103 -125.05 -22.38 33.66
CA LEU D 103 -126.06 -21.39 33.31
C LEU D 103 -126.17 -21.25 31.80
N THR D 104 -127.40 -21.21 31.30
CA THR D 104 -127.64 -21.11 29.87
C THR D 104 -128.81 -20.16 29.62
N ARG D 105 -128.88 -19.66 28.38
CA ARG D 105 -129.95 -18.74 27.98
C ARG D 105 -130.87 -19.30 26.91
N ASN D 106 -130.47 -20.32 26.18
CA ASN D 106 -131.33 -20.91 25.17
C ASN D 106 -132.29 -21.92 25.81
N GLY D 107 -133.52 -21.95 25.31
CA GLY D 107 -134.53 -22.81 25.86
C GLY D 107 -135.07 -23.85 24.90
N ALA D 108 -134.21 -24.35 24.01
CA ALA D 108 -134.62 -25.41 23.09
C ALA D 108 -134.69 -26.73 23.85
N PHE D 109 -135.79 -26.96 24.55
CA PHE D 109 -135.94 -28.10 25.44
C PHE D 109 -136.85 -29.16 24.81
N HIS D 110 -136.72 -30.38 25.33
CA HIS D 110 -137.55 -31.50 24.93
C HIS D 110 -137.50 -32.53 26.04
N LEU D 111 -138.11 -33.69 25.80
CA LEU D 111 -138.15 -34.78 26.76
C LEU D 111 -137.33 -35.96 26.24
N ASN D 112 -136.59 -36.59 27.14
CA ASN D 112 -135.87 -37.82 26.82
C ASN D 112 -136.80 -39.00 27.03
N LYS D 113 -136.25 -40.21 26.98
CA LYS D 113 -137.08 -41.40 27.21
C LYS D 113 -137.55 -41.49 28.66
N GLU D 114 -136.92 -40.73 29.55
CA GLU D 114 -137.29 -40.69 30.96
C GLU D 114 -138.27 -39.58 31.29
N ASN D 115 -138.74 -38.84 30.28
CA ASN D 115 -139.69 -37.74 30.46
C ASN D 115 -139.12 -36.66 31.37
N TYR D 116 -137.81 -36.45 31.29
CA TYR D 116 -137.14 -35.33 31.94
C TYR D 116 -136.89 -34.23 30.93
N MET D 117 -137.13 -32.99 31.34
CA MET D 117 -136.93 -31.85 30.44
C MET D 117 -135.44 -31.59 30.28
N VAL D 118 -134.91 -31.85 29.09
CA VAL D 118 -133.48 -31.78 28.82
C VAL D 118 -133.22 -30.79 27.70
N THR D 119 -131.94 -30.44 27.54
CA THR D 119 -131.52 -29.54 26.49
C THR D 119 -131.20 -30.31 25.21
N ALA D 120 -130.64 -29.59 24.23
CA ALA D 120 -130.24 -30.24 22.98
C ALA D 120 -129.06 -31.19 23.19
N ASN D 121 -128.22 -30.90 24.18
CA ASN D 121 -127.06 -31.74 24.49
C ASN D 121 -127.40 -32.85 25.48
N ASP D 122 -128.67 -33.19 25.63
CA ASP D 122 -129.13 -34.19 26.59
C ASP D 122 -128.66 -33.86 28.01
N GLU D 123 -128.82 -32.59 28.39
CA GLU D 123 -128.48 -32.12 29.72
C GLU D 123 -129.75 -31.68 30.43
N PHE D 124 -129.89 -32.05 31.70
CA PHE D 124 -131.15 -31.96 32.42
C PHE D 124 -131.37 -30.55 32.94
N LEU D 125 -132.57 -30.01 32.70
CA LEU D 125 -132.96 -28.73 33.26
C LEU D 125 -133.40 -28.91 34.72
N LEU D 126 -132.96 -27.99 35.57
CA LEU D 126 -133.21 -28.08 37.00
C LEU D 126 -134.36 -27.15 37.40
N GLY D 127 -135.19 -27.63 38.32
CA GLY D 127 -136.32 -26.86 38.80
C GLY D 127 -136.56 -27.14 40.27
N TYR D 128 -137.39 -26.29 40.87
CA TYR D 128 -137.75 -26.42 42.27
C TYR D 128 -138.86 -27.44 42.45
N GLN D 129 -138.83 -28.13 43.59
CA GLN D 129 -139.83 -29.14 43.91
C GLN D 129 -140.95 -28.51 44.73
N VAL D 130 -142.16 -28.47 44.16
CA VAL D 130 -143.33 -27.93 44.83
C VAL D 130 -144.39 -29.03 44.92
N ASP D 131 -145.10 -29.08 46.04
CA ASP D 131 -146.15 -30.06 46.21
C ASP D 131 -147.32 -29.74 45.28
N PRO D 132 -147.98 -30.75 44.72
CA PRO D 132 -149.13 -30.49 43.84
C PRO D 132 -150.26 -29.73 44.51
N SER D 133 -150.42 -29.86 45.82
CA SER D 133 -151.45 -29.12 46.55
C SER D 133 -150.94 -27.83 47.17
N SER D 134 -149.65 -27.75 47.46
CA SER D 134 -149.08 -26.55 48.06
C SER D 134 -148.92 -25.47 46.99
N GLY D 135 -148.42 -24.30 47.43
CA GLY D 135 -148.25 -23.17 46.55
C GLY D 135 -146.81 -22.94 46.15
N GLU D 136 -146.13 -22.05 46.87
CA GLU D 136 -144.76 -21.67 46.56
C GLU D 136 -143.78 -22.82 46.78
N VAL D 137 -142.50 -22.57 46.49
CA VAL D 137 -141.49 -23.61 46.58
C VAL D 137 -141.34 -24.08 48.02
N SER D 138 -141.37 -25.40 48.22
CA SER D 138 -141.19 -25.96 49.55
C SER D 138 -139.71 -26.07 49.90
N SER D 139 -138.94 -26.81 49.11
CA SER D 139 -137.51 -26.98 49.31
C SER D 139 -136.78 -26.33 48.14
N TYR D 140 -135.81 -25.47 48.44
CA TYR D 140 -135.13 -24.68 47.43
C TYR D 140 -134.02 -25.43 46.70
N GLU D 141 -133.74 -26.66 47.09
CA GLU D 141 -132.68 -27.42 46.43
C GLU D 141 -133.12 -27.80 45.01
N PRO D 142 -132.35 -27.45 43.98
CA PRO D 142 -132.79 -27.74 42.61
C PRO D 142 -132.63 -29.21 42.26
N GLN D 143 -133.63 -29.72 41.55
CA GLN D 143 -133.65 -31.09 41.07
C GLN D 143 -134.11 -31.11 39.62
N PRO D 144 -133.75 -32.13 38.85
CA PRO D 144 -134.22 -32.21 37.46
C PRO D 144 -135.73 -32.27 37.39
N ILE D 145 -136.28 -31.62 36.37
CA ILE D 145 -137.72 -31.54 36.18
C ILE D 145 -138.22 -32.80 35.50
N ASN D 146 -139.21 -33.45 36.10
CA ASN D 146 -139.81 -34.67 35.56
C ASN D 146 -141.26 -34.42 35.23
N ILE D 147 -141.68 -34.85 34.05
CA ILE D 147 -143.09 -34.78 33.64
C ILE D 147 -143.57 -36.21 33.43
N PRO D 148 -144.12 -36.85 34.46
CA PRO D 148 -144.51 -38.26 34.33
C PRO D 148 -145.59 -38.47 33.29
N ALA D 149 -145.50 -39.60 32.58
CA ALA D 149 -146.50 -39.94 31.59
C ALA D 149 -147.87 -40.22 32.23
N GLU D 150 -147.87 -40.89 33.39
CA GLU D 150 -149.11 -41.21 34.09
C GLU D 150 -149.01 -40.67 35.51
N PHE D 151 -150.04 -39.94 35.94
CA PHE D 151 -150.11 -39.38 37.28
C PHE D 151 -151.52 -39.59 37.81
N GLY D 152 -151.62 -39.86 39.12
CA GLY D 152 -152.92 -40.05 39.74
C GLY D 152 -152.95 -41.22 40.71
N THR D 320 -155.77 -44.02 36.55
CA THR D 320 -154.82 -42.91 36.39
C THR D 320 -155.16 -42.09 35.15
N GLY D 321 -154.27 -41.15 34.82
CA GLY D 321 -154.46 -40.32 33.65
C GLY D 321 -153.17 -40.12 32.88
N PHE D 322 -153.27 -40.05 31.55
CA PHE D 322 -152.10 -39.91 30.69
C PHE D 322 -151.86 -38.44 30.36
N LEU D 323 -150.59 -38.07 30.24
CA LEU D 323 -150.23 -36.69 29.94
C LEU D 323 -150.79 -36.26 28.59
N THR D 324 -151.42 -35.10 28.57
CA THR D 324 -152.04 -34.56 27.37
C THR D 324 -151.38 -33.27 26.89
N LYS D 325 -151.32 -32.26 27.75
CA LYS D 325 -150.69 -30.99 27.40
C LYS D 325 -149.87 -30.48 28.57
N VAL D 326 -148.77 -29.80 28.26
CA VAL D 326 -147.92 -29.17 29.25
C VAL D 326 -147.75 -27.71 28.89
N ASP D 327 -148.00 -26.82 29.85
CA ASP D 327 -147.91 -25.39 29.63
C ASP D 327 -147.18 -24.74 30.78
N PHE D 328 -146.56 -23.60 30.50
CA PHE D 328 -145.80 -22.82 31.47
C PHE D 328 -146.43 -21.45 31.63
N ASP D 329 -146.75 -21.09 32.87
CA ASP D 329 -147.29 -19.77 33.16
C ASP D 329 -146.14 -18.79 33.39
N GLU D 330 -146.49 -17.53 33.71
CA GLU D 330 -145.46 -16.52 33.92
C GLU D 330 -144.64 -16.78 35.18
N ASN D 331 -145.13 -17.63 36.08
CA ASN D 331 -144.40 -18.00 37.28
C ASN D 331 -143.43 -19.14 37.06
N GLY D 332 -143.38 -19.70 35.85
CA GLY D 332 -142.48 -20.78 35.54
C GLY D 332 -142.93 -22.16 35.96
N SER D 333 -144.15 -22.28 36.51
CA SER D 333 -144.63 -23.58 36.97
C SER D 333 -145.03 -24.45 35.78
N VAL D 334 -144.53 -25.68 35.76
CA VAL D 334 -144.87 -26.64 34.72
C VAL D 334 -146.12 -27.39 35.16
N MET D 335 -147.21 -27.19 34.43
CA MET D 335 -148.52 -27.75 34.76
C MET D 335 -148.92 -28.74 33.68
N GLY D 336 -149.30 -29.95 34.09
CA GLY D 336 -149.70 -31.00 33.17
C GLY D 336 -151.09 -31.52 33.52
N THR D 337 -151.98 -31.42 32.54
CA THR D 337 -153.32 -31.99 32.64
C THR D 337 -153.30 -33.42 32.13
N TYR D 338 -154.20 -34.24 32.67
CA TYR D 338 -154.23 -35.67 32.36
C TYR D 338 -155.61 -36.06 31.87
N SER D 339 -155.74 -37.32 31.44
CA SER D 339 -156.98 -37.80 30.85
C SER D 339 -158.14 -37.76 31.84
N ASN D 340 -157.85 -37.92 33.14
CA ASN D 340 -158.91 -37.85 34.15
C ASN D 340 -159.30 -36.43 34.50
N GLY D 341 -158.81 -35.43 33.77
CA GLY D 341 -159.14 -34.05 34.06
C GLY D 341 -158.59 -33.54 35.38
N GLU D 342 -157.40 -33.99 35.76
CA GLU D 342 -156.74 -33.55 36.99
C GLU D 342 -155.58 -32.64 36.63
N ASN D 343 -155.62 -31.40 37.13
CA ASN D 343 -154.56 -30.44 36.87
C ASN D 343 -153.54 -30.49 37.99
N VAL D 344 -152.30 -30.81 37.64
CA VAL D 344 -151.24 -31.03 38.62
C VAL D 344 -150.07 -30.10 38.30
N THR D 345 -149.56 -29.43 39.32
CA THR D 345 -148.35 -28.63 39.19
C THR D 345 -147.14 -29.53 39.45
N LEU D 346 -146.32 -29.70 38.42
CA LEU D 346 -145.19 -30.62 38.47
C LEU D 346 -143.89 -29.94 38.91
N GLY D 347 -143.95 -28.67 39.31
CA GLY D 347 -142.76 -27.94 39.72
C GLY D 347 -142.66 -26.61 39.03
N ARG D 348 -141.56 -25.89 39.24
CA ARG D 348 -141.30 -24.64 38.55
C ARG D 348 -139.83 -24.57 38.19
N VAL D 349 -139.55 -24.05 37.00
CA VAL D 349 -138.17 -23.99 36.50
C VAL D 349 -137.36 -23.05 37.39
N ALA D 350 -136.18 -23.50 37.79
CA ALA D 350 -135.30 -22.69 38.62
C ALA D 350 -134.60 -21.64 37.77
N LEU D 351 -134.50 -20.42 38.31
CA LEU D 351 -133.82 -19.32 37.67
C LEU D 351 -132.60 -18.93 38.49
N VAL D 352 -131.44 -18.81 37.87
CA VAL D 352 -130.20 -18.41 38.60
C VAL D 352 -129.85 -17.00 38.17
N ARG D 353 -129.14 -16.26 39.02
CA ARG D 353 -128.67 -14.92 38.62
C ARG D 353 -127.39 -14.68 39.41
N VAL D 354 -126.45 -13.94 38.82
CA VAL D 354 -125.16 -13.66 39.48
C VAL D 354 -125.05 -12.16 39.63
N PRO D 355 -124.35 -11.62 40.64
CA PRO D 355 -124.11 -10.17 40.76
C PRO D 355 -123.29 -9.60 39.60
N ASN D 356 -122.36 -10.38 39.07
CA ASN D 356 -121.47 -9.92 37.99
C ASN D 356 -121.54 -10.94 36.85
N GLU D 357 -122.40 -10.67 35.87
CA GLU D 357 -122.49 -11.55 34.71
C GLU D 357 -121.21 -11.49 33.86
N GLN D 358 -120.52 -10.35 33.89
CA GLN D 358 -119.28 -10.21 33.13
C GLN D 358 -118.19 -11.16 33.61
N GLY D 359 -118.24 -11.59 34.87
CA GLY D 359 -117.24 -12.47 35.43
C GLY D 359 -117.42 -13.94 35.16
N LEU D 360 -118.52 -14.33 34.52
CA LEU D 360 -118.75 -15.74 34.21
C LEU D 360 -117.76 -16.23 33.17
N ASP D 361 -117.22 -17.42 33.38
CA ASP D 361 -116.35 -18.05 32.40
C ASP D 361 -117.18 -18.83 31.40
N LYS D 362 -116.82 -18.72 30.13
CA LYS D 362 -117.63 -19.27 29.05
C LYS D 362 -117.24 -20.72 28.79
N LYS D 363 -118.21 -21.62 28.86
CA LYS D 363 -118.03 -23.00 28.44
C LYS D 363 -118.45 -23.11 26.97
N GLY D 364 -118.52 -24.34 26.46
CA GLY D 364 -119.00 -24.54 25.12
C GLY D 364 -120.52 -24.55 25.04
N GLY D 365 -121.03 -24.32 23.84
CA GLY D 365 -122.46 -24.37 23.61
C GLY D 365 -123.27 -23.30 24.32
N THR D 366 -122.76 -22.07 24.37
CA THR D 366 -123.47 -20.93 24.93
C THR D 366 -123.94 -21.20 26.36
N GLN D 367 -123.02 -21.69 27.18
CA GLN D 367 -123.29 -21.96 28.59
C GLN D 367 -122.20 -21.34 29.44
N TRP D 368 -122.59 -20.88 30.63
CA TRP D 368 -121.70 -20.22 31.56
C TRP D 368 -121.65 -20.97 32.88
N ASP D 369 -120.59 -20.72 33.65
CA ASP D 369 -120.40 -21.30 34.96
C ASP D 369 -119.99 -20.19 35.94
N SER D 370 -120.33 -20.39 37.21
CA SER D 370 -119.99 -19.40 38.23
C SER D 370 -118.48 -19.38 38.48
N THR D 371 -117.95 -18.20 38.73
CA THR D 371 -116.53 -18.06 39.03
C THR D 371 -116.30 -17.27 40.32
N GLN D 372 -115.04 -17.04 40.65
CA GLN D 372 -114.72 -16.23 41.83
C GLN D 372 -115.01 -14.76 41.61
N PHE D 373 -114.88 -14.28 40.37
CA PHE D 373 -115.13 -12.89 40.03
C PHE D 373 -116.59 -12.59 39.77
N SER D 374 -117.43 -13.61 39.60
CA SER D 374 -118.85 -13.44 39.32
C SER D 374 -119.71 -13.63 40.55
N GLY D 375 -119.12 -13.77 41.72
CA GLY D 375 -119.91 -14.01 42.92
C GLY D 375 -120.46 -15.42 42.98
N ASP D 376 -121.47 -15.58 43.82
CA ASP D 376 -122.14 -16.86 44.01
C ASP D 376 -123.50 -16.84 43.33
N LYS D 377 -123.93 -18.03 42.89
CA LYS D 377 -125.22 -18.15 42.22
C LYS D 377 -126.35 -17.80 43.18
N ILE D 378 -127.37 -17.12 42.66
CA ILE D 378 -128.56 -16.75 43.41
C ILE D 378 -129.72 -17.56 42.85
N TRP D 379 -130.32 -18.39 43.71
CA TRP D 379 -131.43 -19.25 43.29
C TRP D 379 -132.75 -18.55 43.60
N GLY D 380 -133.62 -18.48 42.61
CA GLY D 380 -134.92 -17.84 42.80
C GLY D 380 -135.89 -18.28 41.72
N GLU D 381 -137.11 -17.78 41.84
CA GLU D 381 -138.18 -18.07 40.89
C GLU D 381 -138.26 -16.97 39.84
N SER D 382 -139.03 -17.24 38.80
CA SER D 382 -139.26 -16.24 37.76
C SER D 382 -140.29 -15.22 38.21
N ASN D 383 -140.09 -13.97 37.79
CA ASN D 383 -140.98 -12.87 38.11
C ASN D 383 -141.08 -12.66 39.63
N LYS D 384 -140.00 -12.99 40.33
CA LYS D 384 -139.88 -12.78 41.77
C LYS D 384 -138.61 -12.00 42.06
N GLY D 385 -138.73 -10.94 42.85
CA GLY D 385 -137.60 -10.10 43.15
C GLY D 385 -137.06 -9.37 41.93
N SER D 386 -135.77 -9.56 41.65
CA SER D 386 -135.13 -8.96 40.49
C SER D 386 -135.12 -9.89 39.27
N PHE D 387 -135.65 -11.10 39.40
CA PHE D 387 -135.63 -12.06 38.31
C PHE D 387 -136.61 -11.66 37.21
N GLY D 388 -136.35 -12.15 36.00
CA GLY D 388 -137.25 -11.96 34.88
C GLY D 388 -138.27 -13.08 34.79
N THR D 389 -139.11 -12.98 33.75
CA THR D 389 -140.17 -13.94 33.54
C THR D 389 -139.71 -15.07 32.63
N ILE D 390 -140.49 -16.15 32.62
CA ILE D 390 -140.25 -17.30 31.75
C ILE D 390 -141.42 -17.39 30.77
N ASN D 391 -141.11 -17.39 29.47
CA ASN D 391 -142.12 -17.44 28.43
C ASN D 391 -141.91 -18.69 27.60
N ASN D 392 -142.98 -19.46 27.42
CA ASN D 392 -142.97 -20.63 26.55
C ASN D 392 -143.36 -20.23 25.13
N GLY D 393 -142.93 -21.04 24.16
CA GLY D 393 -143.18 -20.74 22.78
C GLY D 393 -142.25 -19.71 22.18
N MET D 394 -141.18 -19.34 22.88
CA MET D 394 -140.25 -18.33 22.40
C MET D 394 -138.82 -18.84 22.59
N LEU D 395 -137.92 -18.33 21.75
CA LEU D 395 -136.50 -18.61 21.84
C LEU D 395 -135.74 -17.30 21.67
N GLU D 396 -134.52 -17.28 22.19
CA GLU D 396 -133.65 -16.11 22.12
C GLU D 396 -132.64 -16.31 21.01
N GLN D 397 -132.61 -15.37 20.06
CA GLN D 397 -131.60 -15.39 19.01
C GLN D 397 -130.35 -14.67 19.49
N SER D 398 -129.37 -14.52 18.61
CA SER D 398 -128.17 -13.77 18.95
C SER D 398 -128.51 -12.30 19.17
N ASN D 399 -127.80 -11.69 20.12
CA ASN D 399 -128.00 -10.29 20.47
C ASN D 399 -127.05 -9.37 19.73
N ILE D 400 -126.63 -9.75 18.53
CA ILE D 400 -125.68 -8.98 17.74
C ILE D 400 -126.45 -8.14 16.74
N ASP D 401 -125.81 -7.08 16.25
CA ASP D 401 -126.35 -6.23 15.20
C ASP D 401 -125.50 -6.43 13.95
N MET D 402 -126.09 -7.01 12.91
CA MET D 402 -125.32 -7.36 11.72
C MET D 402 -124.73 -6.12 11.07
N THR D 403 -125.48 -5.03 11.01
CA THR D 403 -124.95 -3.79 10.44
C THR D 403 -123.77 -3.28 11.25
N GLN D 404 -123.88 -3.31 12.58
CA GLN D 404 -122.77 -2.84 13.41
C GLN D 404 -121.54 -3.71 13.27
N GLU D 405 -121.73 -5.04 13.21
CA GLU D 405 -120.58 -5.93 13.10
C GLU D 405 -119.85 -5.74 11.78
N LEU D 406 -120.59 -5.55 10.68
CA LEU D 406 -119.95 -5.36 9.38
C LEU D 406 -119.17 -4.05 9.34
N VAL D 407 -119.69 -3.00 9.97
CA VAL D 407 -118.96 -1.75 10.03
C VAL D 407 -117.70 -1.90 10.88
N ASP D 408 -117.79 -2.66 11.97
CA ASP D 408 -116.61 -2.95 12.78
C ASP D 408 -115.59 -3.78 12.01
N LEU D 409 -116.08 -4.60 11.07
CA LEU D 409 -115.18 -5.40 10.23
C LEU D 409 -114.30 -4.49 9.37
N ILE D 410 -114.89 -3.44 8.80
CA ILE D 410 -114.13 -2.51 7.97
C ILE D 410 -113.12 -1.74 8.83
N SER D 411 -113.55 -1.27 10.00
CA SER D 411 -112.68 -0.46 10.85
C SER D 411 -111.45 -1.25 11.29
N ALA D 412 -111.64 -2.52 11.64
CA ALA D 412 -110.49 -3.36 12.01
C ALA D 412 -109.56 -3.58 10.83
N GLN D 413 -110.11 -3.69 9.62
CA GLN D 413 -109.27 -3.88 8.45
C GLN D 413 -108.44 -2.63 8.16
N ARG D 414 -109.03 -1.45 8.23
CA ARG D 414 -108.25 -0.21 8.00
C ARG D 414 -107.26 0.01 9.14
N ASN D 415 -107.38 -0.75 10.23
CA ASN D 415 -106.51 -0.53 11.43
C ASN D 415 -105.34 -1.48 11.32
N PHE D 416 -105.56 -2.63 10.69
CA PHE D 416 -104.47 -3.62 10.49
C PHE D 416 -103.67 -3.15 9.29
N GLN D 417 -104.27 -2.40 8.38
CA GLN D 417 -103.43 -1.96 7.27
C GLN D 417 -102.47 -0.86 7.70
N ALA D 418 -102.94 0.07 8.53
CA ALA D 418 -102.07 1.14 9.01
C ALA D 418 -100.95 0.59 9.89
N ASN D 419 -101.26 -0.40 10.73
CA ASN D 419 -100.23 -1.00 11.57
C ASN D 419 -99.20 -1.76 10.74
N SER D 420 -99.64 -2.44 9.69
CA SER D 420 -98.68 -3.10 8.80
C SER D 420 -97.87 -2.08 8.01
N ARG D 421 -98.47 -0.94 7.67
CA ARG D 421 -97.71 0.13 7.03
C ARG D 421 -96.65 0.68 7.98
N SER D 422 -96.99 0.81 9.27
CA SER D 422 -96.01 1.24 10.26
C SER D 422 -94.87 0.24 10.39
N LEU D 423 -95.12 -1.05 10.26
CA LEU D 423 -94.03 -2.10 10.32
C LEU D 423 -93.16 -2.04 9.07
N GLU D 424 -93.71 -1.91 7.88
CA GLU D 424 -92.92 -1.73 6.65
C GLU D 424 -91.97 -0.53 6.75
N VAL D 425 -92.47 0.64 7.13
CA VAL D 425 -91.60 1.84 7.19
C VAL D 425 -90.44 1.56 8.13
N HIS D 426 -90.65 0.85 9.23
CA HIS D 426 -89.60 0.60 10.24
C HIS D 426 -88.62 -0.42 9.72
N ASN D 427 -89.08 -1.44 9.01
CA ASN D 427 -88.09 -2.37 8.41
C ASN D 427 -87.23 -1.61 7.39
N GLN D 428 -87.80 -0.69 6.62
CA GLN D 428 -87.00 -0.03 5.56
C GLN D 428 -85.92 0.86 6.14
N LEU D 429 -86.04 1.33 7.38
CA LEU D 429 -84.99 2.10 8.05
C LEU D 429 -83.77 1.25 8.31
N GLN D 430 -83.98 0.00 8.75
CA GLN D 430 -82.79 -0.82 9.07
C GLN D 430 -82.09 -1.20 7.76
N GLN D 431 -82.84 -1.52 6.70
CA GLN D 431 -82.19 -1.81 5.44
C GLN D 431 -81.41 -0.60 4.92
N ASN D 432 -81.89 0.60 5.23
CA ASN D 432 -81.22 1.81 4.76
C ASN D 432 -79.87 1.99 5.44
N ILE D 433 -79.75 1.54 6.68
CA ILE D 433 -78.47 1.65 7.38
C ILE D 433 -77.60 0.44 7.07
N LEU D 434 -78.19 -0.63 6.57
CA LEU D 434 -77.46 -1.83 6.19
C LEU D 434 -76.64 -1.65 4.92
N GLN D 435 -76.77 -0.50 4.25
CA GLN D 435 -76.11 -0.23 2.99
C GLN D 435 -75.33 1.08 3.07
N ILE D 436 -74.54 1.21 4.13
CA ILE D 436 -73.68 2.39 4.30
C ILE D 436 -72.22 1.98 4.31
N SER E 2 -84.46 -24.25 3.27
CA SER E 2 -85.05 -24.22 1.94
C SER E 2 -85.81 -25.51 1.66
N TYR E 3 -85.28 -26.64 2.17
CA TYR E 3 -85.95 -27.92 1.98
C TYR E 3 -87.26 -28.01 2.74
N VAL E 4 -87.35 -27.38 3.91
CA VAL E 4 -88.62 -27.37 4.65
C VAL E 4 -89.63 -26.50 3.91
N SER E 5 -89.19 -25.38 3.34
CA SER E 5 -90.07 -24.55 2.53
C SER E 5 -90.49 -25.28 1.26
N LEU E 6 -89.56 -25.99 0.63
CA LEU E 6 -89.90 -26.75 -0.57
C LEU E 6 -90.85 -27.90 -0.24
N SER E 7 -90.76 -28.45 0.97
CA SER E 7 -91.74 -29.43 1.42
C SER E 7 -93.12 -28.80 1.55
N GLY E 8 -93.18 -27.57 2.06
CA GLY E 8 -94.46 -26.88 2.19
C GLY E 8 -95.10 -26.60 0.85
N LEU E 9 -94.30 -26.21 -0.15
CA LEU E 9 -94.85 -25.96 -1.48
C LEU E 9 -95.44 -27.23 -2.07
N SER E 10 -94.74 -28.36 -1.94
CA SER E 10 -95.26 -29.61 -2.45
C SER E 10 -96.53 -30.02 -1.72
N ALA E 11 -96.57 -29.84 -0.40
CA ALA E 11 -97.77 -30.14 0.36
C ALA E 11 -98.92 -29.21 -0.03
N ALA E 12 -98.62 -27.93 -0.23
CA ALA E 12 -99.67 -26.99 -0.65
C ALA E 12 -100.09 -27.25 -2.09
N GLN E 13 -99.18 -27.74 -2.92
CA GLN E 13 -99.53 -28.05 -4.30
C GLN E 13 -100.36 -29.31 -4.39
N LEU E 14 -100.08 -30.30 -3.53
CA LEU E 14 -100.87 -31.52 -3.51
C LEU E 14 -102.32 -31.24 -3.12
N ASP E 15 -102.51 -30.36 -2.13
CA ASP E 15 -103.86 -29.95 -1.75
C ASP E 15 -104.57 -29.25 -2.90
N LEU E 16 -103.86 -28.39 -3.61
CA LEU E 16 -104.46 -27.67 -4.73
C LEU E 16 -104.79 -28.61 -5.88
N ASN E 17 -103.92 -29.59 -6.15
CA ASN E 17 -104.21 -30.57 -7.20
C ASN E 17 -105.40 -31.44 -6.84
N THR E 18 -105.49 -31.87 -5.58
CA THR E 18 -106.62 -32.69 -5.15
C THR E 18 -107.92 -31.90 -5.22
N THR E 19 -107.90 -30.64 -4.79
CA THR E 19 -109.10 -29.81 -4.86
C THR E 19 -109.52 -29.58 -6.30
N SER E 20 -108.56 -29.36 -7.20
CA SER E 20 -108.88 -29.18 -8.61
C SER E 20 -109.51 -30.45 -9.19
N ASN E 21 -109.03 -31.62 -8.76
CA ASN E 21 -109.60 -32.87 -9.26
C ASN E 21 -111.06 -33.01 -8.85
N ASN E 22 -111.39 -32.63 -7.61
CA ASN E 22 -112.79 -32.71 -7.17
C ASN E 22 -113.67 -31.76 -7.96
N ILE E 23 -113.19 -30.54 -8.21
CA ILE E 23 -113.98 -29.57 -8.96
C ILE E 23 -114.16 -30.02 -10.41
N ALA E 24 -113.10 -30.59 -11.00
CA ALA E 24 -113.20 -31.07 -12.37
C ALA E 24 -114.21 -32.21 -12.49
N ASN E 25 -114.38 -32.99 -11.43
CA ASN E 25 -115.35 -34.07 -11.40
C ASN E 25 -116.64 -33.69 -10.68
N ALA E 26 -117.05 -32.43 -10.77
CA ALA E 26 -118.27 -31.97 -10.13
C ALA E 26 -119.53 -32.52 -10.77
N ASN E 27 -119.43 -33.13 -11.95
CA ASN E 27 -120.60 -33.61 -12.66
C ASN E 27 -120.62 -35.12 -12.91
N THR E 28 -119.48 -35.80 -12.80
CA THR E 28 -119.43 -37.21 -13.14
C THR E 28 -120.25 -38.05 -12.16
N TYR E 29 -120.91 -39.08 -12.69
CA TYR E 29 -121.78 -39.91 -11.86
C TYR E 29 -120.96 -40.87 -11.00
N GLY E 30 -121.33 -40.97 -9.73
CA GLY E 30 -120.69 -41.88 -8.81
C GLY E 30 -119.35 -41.44 -8.27
N PHE E 31 -118.92 -40.21 -8.58
CA PHE E 31 -117.62 -39.75 -8.13
C PHE E 31 -117.61 -39.56 -6.62
N LYS E 32 -116.50 -39.94 -5.99
CA LYS E 32 -116.27 -39.74 -4.57
C LYS E 32 -115.08 -38.81 -4.39
N GLU E 33 -115.28 -37.74 -3.63
CA GLU E 33 -114.24 -36.73 -3.49
C GLU E 33 -113.08 -37.27 -2.66
N SER E 34 -111.94 -36.60 -2.78
CA SER E 34 -110.72 -36.97 -2.08
C SER E 34 -110.29 -35.84 -1.16
N ARG E 35 -109.67 -36.22 -0.04
CA ARG E 35 -109.14 -35.27 0.94
C ARG E 35 -107.68 -35.59 1.18
N ALA E 36 -106.83 -34.56 1.12
CA ALA E 36 -105.41 -34.75 1.32
C ALA E 36 -105.05 -34.54 2.78
N GLU E 37 -104.31 -35.50 3.36
CA GLU E 37 -103.90 -35.45 4.75
C GLU E 37 -102.38 -35.43 4.82
N PHE E 38 -101.85 -34.58 5.69
CA PHE E 38 -100.42 -34.41 5.82
C PHE E 38 -99.95 -34.74 7.23
N ALA E 39 -98.64 -34.90 7.38
CA ALA E 39 -98.02 -35.26 8.64
C ALA E 39 -96.70 -34.52 8.80
N ASP E 40 -96.26 -34.25 10.01
CA ASP E 40 -95.01 -33.52 10.28
C ASP E 40 -93.76 -34.36 10.01
N VAL E 41 -92.57 -33.80 10.17
CA VAL E 41 -91.34 -34.63 10.06
C VAL E 41 -90.37 -34.16 11.14
N TYR E 42 -89.82 -35.05 11.96
CA TYR E 42 -88.75 -34.69 12.90
C TYR E 42 -87.92 -35.94 13.03
N SER E 43 -86.63 -35.85 12.76
CA SER E 43 -85.70 -37.00 12.89
C SER E 43 -84.42 -36.49 13.53
N ASN E 44 -84.11 -36.88 14.76
CA ASN E 44 -82.91 -36.33 15.43
C ASN E 44 -81.95 -37.46 15.76
N SER E 45 -80.71 -37.35 15.33
CA SER E 45 -79.62 -38.32 15.47
C SER E 45 -79.15 -38.35 16.92
N LEU E 46 -78.31 -39.35 17.22
CA LEU E 46 -77.67 -39.40 18.53
C LEU E 46 -76.70 -38.23 18.72
N PHE E 47 -76.12 -37.77 17.62
CA PHE E 47 -75.12 -36.70 17.64
C PHE E 47 -75.73 -35.32 17.48
N THR E 48 -77.05 -35.20 17.34
CA THR E 48 -77.72 -33.93 17.17
C THR E 48 -78.50 -33.60 18.44
N ASN E 49 -78.39 -32.33 18.85
CA ASN E 49 -78.94 -31.85 20.14
C ASN E 49 -80.35 -31.33 19.90
N ALA E 50 -81.35 -32.09 20.24
CA ALA E 50 -82.73 -31.70 19.92
C ALA E 50 -83.00 -30.26 20.34
N LYS E 51 -82.41 -29.79 21.41
CA LYS E 51 -82.78 -28.44 21.93
C LYS E 51 -82.47 -27.34 20.91
N THR E 52 -81.65 -27.63 19.92
CA THR E 52 -81.22 -26.59 18.99
C THR E 52 -81.66 -26.96 17.58
N THR E 53 -82.68 -27.82 17.42
CA THR E 53 -83.08 -28.37 16.10
C THR E 53 -84.48 -27.94 15.69
N PRO E 54 -84.73 -27.60 14.42
CA PRO E 54 -86.06 -27.29 13.94
C PRO E 54 -86.62 -28.52 13.20
N GLY E 55 -87.84 -28.50 12.67
CA GLY E 55 -88.46 -29.71 12.09
C GLY E 55 -88.09 -30.05 10.66
N GLY E 56 -88.63 -31.13 10.10
CA GLY E 56 -88.20 -31.47 8.77
C GLY E 56 -89.12 -31.02 7.66
N GLY E 57 -90.24 -30.39 8.00
CA GLY E 57 -91.16 -29.90 6.99
C GLY E 57 -92.53 -30.55 7.09
N ALA E 58 -93.22 -30.67 5.96
CA ALA E 58 -94.54 -31.28 5.92
C ALA E 58 -94.47 -32.50 5.02
N GLN E 59 -95.00 -33.62 5.51
CA GLN E 59 -95.03 -34.87 4.76
C GLN E 59 -96.47 -35.24 4.45
N ALA E 60 -96.72 -35.62 3.19
CA ALA E 60 -98.04 -36.06 2.79
C ALA E 60 -98.31 -37.45 3.38
N SER E 61 -99.42 -37.65 4.07
CA SER E 61 -99.67 -38.95 4.76
C SER E 61 -100.52 -39.87 3.90
N GLN E 62 -101.56 -39.36 3.27
CA GLN E 62 -102.47 -40.19 2.46
C GLN E 62 -103.48 -39.28 1.79
N VAL E 63 -103.96 -39.65 0.60
CA VAL E 63 -105.07 -38.91 -0.06
C VAL E 63 -106.21 -39.89 0.07
N ALA E 64 -107.16 -39.61 0.94
CA ALA E 64 -108.25 -40.55 1.29
C ALA E 64 -109.12 -40.89 0.11
N GLN E 65 -110.41 -40.97 0.33
CA GLN E 65 -111.39 -41.28 -0.69
C GLN E 65 -112.79 -41.18 -0.09
N GLN E 66 -113.07 -40.05 0.57
CA GLN E 66 -114.30 -39.82 1.33
C GLN E 66 -115.52 -40.39 0.61
N PHE E 67 -116.21 -41.32 1.27
CA PHE E 67 -117.21 -42.17 0.63
C PHE E 67 -118.63 -41.85 1.08
N HIS E 68 -118.86 -40.66 1.61
CA HIS E 68 -120.20 -40.30 2.04
C HIS E 68 -121.16 -40.24 0.85
N GLU E 69 -122.43 -40.53 1.14
CA GLU E 69 -123.43 -40.60 0.08
C GLU E 69 -123.60 -39.27 -0.63
N GLY E 70 -123.76 -39.33 -1.95
CA GLY E 70 -123.97 -38.14 -2.73
C GLY E 70 -125.43 -37.91 -3.07
N SER E 71 -125.71 -36.74 -3.65
CA SER E 71 -127.06 -36.40 -4.05
C SER E 71 -127.50 -37.28 -5.23
N SER E 72 -128.81 -37.46 -5.33
CA SER E 72 -129.41 -38.32 -6.34
C SER E 72 -130.17 -37.49 -7.37
N ILE E 73 -129.90 -37.75 -8.64
CA ILE E 73 -130.62 -37.11 -9.74
C ILE E 73 -131.67 -38.08 -10.25
N TYR E 74 -132.75 -37.53 -10.80
CA TYR E 74 -133.87 -38.32 -11.29
C TYR E 74 -133.95 -38.18 -12.80
N THR E 75 -133.92 -39.32 -13.49
CA THR E 75 -134.00 -39.35 -14.94
C THR E 75 -135.24 -40.06 -15.47
N ASN E 76 -136.00 -40.72 -14.59
CA ASN E 76 -137.17 -41.51 -14.99
C ASN E 76 -136.79 -42.58 -16.01
N ASN E 77 -135.59 -43.13 -15.85
CA ASN E 77 -135.05 -44.16 -16.74
C ASN E 77 -134.94 -45.47 -15.98
N PRO E 78 -135.72 -46.49 -16.32
CA PRO E 78 -135.64 -47.76 -15.58
C PRO E 78 -134.29 -48.44 -15.66
N MET E 79 -133.46 -48.10 -16.66
CA MET E 79 -132.12 -48.67 -16.76
C MET E 79 -131.08 -47.91 -15.98
N ASP E 80 -131.45 -46.82 -15.31
CA ASP E 80 -130.53 -46.09 -14.45
C ASP E 80 -130.76 -46.50 -13.00
N LEU E 81 -129.72 -47.04 -12.37
CA LEU E 81 -129.80 -47.58 -11.02
C LEU E 81 -128.90 -46.81 -10.07
N ARG E 82 -129.25 -46.85 -8.80
CA ARG E 82 -128.48 -46.19 -7.75
C ARG E 82 -128.61 -46.99 -6.46
N VAL E 83 -127.52 -47.07 -5.71
CA VAL E 83 -127.50 -47.76 -4.43
C VAL E 83 -127.74 -46.71 -3.34
N SER E 84 -128.84 -46.86 -2.62
CA SER E 84 -129.14 -45.99 -1.48
C SER E 84 -128.73 -46.73 -0.20
N GLY E 85 -127.55 -46.38 0.32
CA GLY E 85 -126.98 -47.06 1.46
C GLY E 85 -125.53 -47.44 1.20
N THR E 86 -125.15 -48.62 1.71
CA THR E 86 -123.80 -49.13 1.58
C THR E 86 -123.78 -50.30 0.60
N GLY E 87 -122.85 -50.26 -0.35
CA GLY E 87 -122.72 -51.32 -1.32
C GLY E 87 -122.28 -50.76 -2.67
N PHE E 88 -121.72 -51.65 -3.49
CA PHE E 88 -121.21 -51.30 -4.80
C PHE E 88 -121.81 -52.23 -5.85
N PHE E 89 -121.96 -51.71 -7.06
CA PHE E 89 -122.30 -52.54 -8.21
C PHE E 89 -121.08 -53.36 -8.63
N ALA E 90 -121.35 -54.53 -9.19
CA ALA E 90 -120.29 -55.41 -9.69
C ALA E 90 -120.29 -55.34 -11.21
N VAL E 91 -119.12 -55.02 -11.79
CA VAL E 91 -118.99 -54.80 -13.21
C VAL E 91 -117.79 -55.59 -13.73
N ALA E 92 -118.02 -56.44 -14.72
CA ALA E 92 -116.98 -57.27 -15.31
C ALA E 92 -116.72 -56.85 -16.74
N LYS E 93 -115.43 -56.78 -17.11
CA LYS E 93 -115.07 -56.34 -18.45
C LYS E 93 -115.38 -57.40 -19.49
N GLU E 94 -115.20 -58.68 -19.14
CA GLU E 94 -115.40 -59.79 -20.06
C GLU E 94 -116.55 -60.66 -19.58
N ARG E 95 -117.45 -61.00 -20.51
CA ARG E 95 -118.64 -61.78 -20.16
C ARG E 95 -118.27 -63.17 -19.65
N LEU E 96 -117.32 -63.83 -20.32
CA LEU E 96 -116.99 -65.21 -19.99
C LEU E 96 -116.44 -65.32 -18.57
N THR E 97 -115.54 -64.41 -18.19
CA THR E 97 -114.94 -64.45 -16.87
C THR E 97 -115.48 -63.30 -16.04
N PRO E 98 -116.42 -63.54 -15.13
CA PRO E 98 -116.93 -62.46 -14.27
C PRO E 98 -116.22 -62.32 -12.94
N GLN E 99 -115.35 -63.28 -12.60
CA GLN E 99 -114.70 -63.23 -11.27
C GLN E 99 -113.70 -62.09 -11.24
N GLN E 100 -113.15 -61.69 -12.39
CA GLN E 100 -112.28 -60.49 -12.43
C GLN E 100 -113.20 -59.32 -12.77
N ASN E 101 -113.63 -58.60 -11.73
CA ASN E 101 -114.63 -57.52 -11.89
C ASN E 101 -114.17 -56.30 -11.08
N GLU E 102 -114.85 -55.16 -11.20
CA GLU E 102 -114.54 -53.94 -10.47
C GLU E 102 -115.82 -53.34 -9.92
N LEU E 103 -115.66 -52.51 -8.89
CA LEU E 103 -116.79 -51.92 -8.18
C LEU E 103 -117.06 -50.52 -8.70
N THR E 104 -118.33 -50.22 -8.92
CA THR E 104 -118.76 -48.91 -9.40
C THR E 104 -120.01 -48.48 -8.66
N ARG E 105 -120.23 -47.16 -8.63
CA ARG E 105 -121.41 -46.58 -8.02
C ARG E 105 -122.40 -45.98 -9.01
N ASN E 106 -121.97 -45.68 -10.23
CA ASN E 106 -122.87 -45.13 -11.23
C ASN E 106 -123.63 -46.25 -11.93
N GLY E 107 -124.92 -46.03 -12.15
CA GLY E 107 -125.77 -47.06 -12.70
C GLY E 107 -126.38 -46.73 -14.05
N ALA E 108 -125.65 -45.99 -14.89
CA ALA E 108 -126.14 -45.68 -16.23
C ALA E 108 -125.99 -46.90 -17.13
N PHE E 109 -126.93 -47.84 -17.03
CA PHE E 109 -126.89 -49.08 -17.78
C PHE E 109 -127.76 -49.01 -19.02
N HIS E 110 -127.52 -49.94 -19.94
CA HIS E 110 -128.33 -50.09 -21.14
C HIS E 110 -128.10 -51.50 -21.67
N LEU E 111 -128.76 -51.84 -22.78
CA LEU E 111 -128.68 -53.16 -23.38
C LEU E 111 -127.91 -53.10 -24.68
N ASN E 112 -126.93 -53.99 -24.83
CA ASN E 112 -126.18 -54.11 -26.07
C ASN E 112 -126.93 -55.03 -27.02
N LYS E 113 -126.27 -55.41 -28.13
CA LYS E 113 -126.94 -56.23 -29.13
C LYS E 113 -127.27 -57.62 -28.61
N GLU E 114 -126.59 -58.06 -27.55
CA GLU E 114 -126.83 -59.36 -26.94
C GLU E 114 -127.83 -59.28 -25.79
N ASN E 115 -128.48 -58.14 -25.59
CA ASN E 115 -129.46 -57.94 -24.52
C ASN E 115 -128.85 -58.18 -23.14
N TYR E 116 -127.60 -57.77 -22.99
CA TYR E 116 -126.92 -57.81 -21.70
C TYR E 116 -126.86 -56.42 -21.10
N MET E 117 -127.23 -56.30 -19.84
CA MET E 117 -127.21 -55.01 -19.14
C MET E 117 -125.77 -54.60 -18.91
N VAL E 118 -125.31 -53.60 -19.65
CA VAL E 118 -123.91 -53.19 -19.63
C VAL E 118 -123.82 -51.70 -19.33
N THR E 119 -122.63 -51.26 -18.94
CA THR E 119 -122.37 -49.87 -18.59
C THR E 119 -122.13 -49.06 -19.86
N ALA E 120 -121.79 -47.78 -19.67
CA ALA E 120 -121.44 -46.92 -20.80
C ALA E 120 -120.16 -47.37 -21.47
N ASN E 121 -119.25 -47.98 -20.73
CA ASN E 121 -118.01 -48.52 -21.26
C ASN E 121 -118.16 -49.91 -21.84
N ASP E 122 -119.40 -50.36 -22.05
CA ASP E 122 -119.70 -51.69 -22.59
C ASP E 122 -119.10 -52.78 -21.71
N GLU E 123 -119.27 -52.64 -20.39
CA GLU E 123 -118.83 -53.63 -19.42
C GLU E 123 -120.04 -54.23 -18.73
N PHE E 124 -120.04 -55.55 -18.60
CA PHE E 124 -121.22 -56.29 -18.18
C PHE E 124 -121.49 -56.12 -16.70
N LEU E 125 -122.75 -55.82 -16.37
CA LEU E 125 -123.18 -55.79 -14.98
C LEU E 125 -123.41 -57.21 -14.47
N LEU E 126 -123.01 -57.47 -13.24
CA LEU E 126 -123.06 -58.81 -12.66
C LEU E 126 -124.19 -58.91 -11.64
N GLY E 127 -124.90 -60.04 -11.69
CA GLY E 127 -126.00 -60.28 -10.78
C GLY E 127 -126.13 -61.76 -10.49
N TYR E 128 -127.03 -62.08 -9.55
CA TYR E 128 -127.25 -63.44 -9.12
C TYR E 128 -128.31 -64.12 -9.97
N GLN E 129 -128.21 -65.44 -10.09
CA GLN E 129 -129.15 -66.24 -10.86
C GLN E 129 -130.24 -66.77 -9.94
N VAL E 130 -131.48 -66.43 -10.23
CA VAL E 130 -132.64 -66.90 -9.49
C VAL E 130 -133.61 -67.56 -10.46
N ASP E 131 -134.21 -68.65 -10.04
CA ASP E 131 -135.15 -69.37 -10.89
C ASP E 131 -136.44 -68.58 -11.06
N PRO E 132 -137.10 -68.69 -12.21
CA PRO E 132 -138.38 -67.99 -12.42
C PRO E 132 -139.46 -68.42 -11.46
N SER E 133 -139.36 -69.61 -10.87
CA SER E 133 -140.35 -70.09 -9.91
C SER E 133 -139.88 -70.05 -8.48
N SER E 134 -138.57 -70.09 -8.24
CA SER E 134 -138.04 -70.08 -6.89
C SER E 134 -138.04 -68.65 -6.33
N GLY E 135 -137.53 -68.52 -5.12
CA GLY E 135 -137.53 -67.23 -4.44
C GLY E 135 -136.15 -66.60 -4.35
N GLU E 136 -135.46 -66.82 -3.24
CA GLU E 136 -134.16 -66.22 -2.98
C GLU E 136 -133.10 -66.75 -3.95
N VAL E 137 -131.87 -66.23 -3.83
CA VAL E 137 -130.81 -66.61 -4.74
C VAL E 137 -130.48 -68.08 -4.57
N SER E 138 -130.41 -68.79 -5.69
CA SER E 138 -130.07 -70.21 -5.67
C SER E 138 -128.57 -70.43 -5.69
N SER E 139 -127.90 -69.90 -6.71
CA SER E 139 -126.45 -69.97 -6.84
C SER E 139 -125.88 -68.58 -6.59
N TYR E 140 -125.01 -68.46 -5.59
CA TYR E 140 -124.52 -67.15 -5.17
C TYR E 140 -123.40 -66.62 -6.06
N GLU E 141 -122.91 -67.39 -7.01
CA GLU E 141 -121.85 -66.91 -7.89
C GLU E 141 -122.39 -65.87 -8.84
N PRO E 142 -121.78 -64.68 -8.93
CA PRO E 142 -122.29 -63.66 -9.85
C PRO E 142 -122.09 -64.03 -11.30
N GLN E 143 -123.07 -63.67 -12.12
CA GLN E 143 -123.03 -63.86 -13.57
C GLN E 143 -123.63 -62.64 -14.24
N PRO E 144 -123.26 -62.37 -15.50
CA PRO E 144 -123.84 -61.23 -16.21
C PRO E 144 -125.36 -61.34 -16.30
N ILE E 145 -126.03 -60.20 -16.15
CA ILE E 145 -127.49 -60.15 -16.18
C ILE E 145 -127.94 -60.07 -17.63
N ASN E 146 -128.79 -61.00 -18.03
CA ASN E 146 -129.31 -61.06 -19.39
C ASN E 146 -130.83 -60.83 -19.37
N ILE E 147 -131.30 -60.02 -20.30
CA ILE E 147 -132.73 -59.74 -20.43
C ILE E 147 -133.20 -60.24 -21.79
N PRO E 148 -133.68 -61.47 -21.89
CA PRO E 148 -134.04 -62.03 -23.21
C PRO E 148 -135.16 -61.23 -23.87
N ALA E 149 -135.04 -61.09 -25.20
CA ALA E 149 -136.10 -60.43 -25.95
C ALA E 149 -137.37 -61.26 -26.00
N GLU E 150 -137.25 -62.58 -26.20
CA GLU E 150 -138.38 -63.48 -26.24
C GLU E 150 -138.23 -64.51 -25.13
N PHE E 151 -139.26 -64.64 -24.30
CA PHE E 151 -139.31 -65.63 -23.23
C PHE E 151 -140.66 -66.33 -23.28
N GLY E 152 -140.64 -67.67 -23.22
CA GLY E 152 -141.86 -68.44 -23.26
C GLY E 152 -141.63 -69.94 -23.33
N THR E 320 -144.56 -67.63 -27.63
CA THR E 320 -143.63 -66.88 -26.80
C THR E 320 -144.12 -65.45 -26.57
N GLY E 321 -143.32 -64.67 -25.86
CA GLY E 321 -143.67 -63.28 -25.59
C GLY E 321 -142.48 -62.36 -25.72
N PHE E 322 -142.70 -61.18 -26.31
CA PHE E 322 -141.62 -60.23 -26.55
C PHE E 322 -141.51 -59.26 -25.38
N LEU E 323 -140.26 -58.89 -25.05
CA LEU E 323 -140.01 -58.02 -23.92
C LEU E 323 -140.67 -56.66 -24.12
N THR E 324 -141.38 -56.20 -23.10
CA THR E 324 -142.07 -54.91 -23.14
C THR E 324 -141.54 -53.92 -22.12
N LYS E 325 -141.54 -54.28 -20.84
CA LYS E 325 -141.08 -53.39 -19.78
C LYS E 325 -140.16 -54.15 -18.84
N VAL E 326 -139.20 -53.43 -18.25
CA VAL E 326 -138.31 -53.97 -17.23
C VAL E 326 -138.33 -53.03 -16.04
N ASP E 327 -138.55 -53.58 -14.84
CA ASP E 327 -138.59 -52.79 -13.63
C ASP E 327 -137.85 -53.54 -12.52
N PHE E 328 -137.31 -52.76 -11.57
CA PHE E 328 -136.53 -53.29 -10.48
C PHE E 328 -137.19 -52.90 -9.16
N ASP E 329 -137.39 -53.88 -8.29
CA ASP E 329 -137.92 -53.63 -6.95
C ASP E 329 -136.78 -53.27 -6.00
N GLU E 330 -137.12 -53.04 -4.73
CA GLU E 330 -136.11 -52.65 -3.75
C GLU E 330 -135.14 -53.79 -3.44
N ASN E 331 -135.49 -55.03 -3.81
CA ASN E 331 -134.63 -56.17 -3.60
C ASN E 331 -133.63 -56.38 -4.73
N GLY E 332 -133.64 -55.51 -5.74
CA GLY E 332 -132.72 -55.62 -6.84
C GLY E 332 -133.10 -56.61 -7.92
N SER E 333 -134.21 -57.31 -7.76
CA SER E 333 -134.62 -58.31 -8.75
C SER E 333 -135.08 -57.63 -10.03
N VAL E 334 -134.58 -58.12 -11.16
CA VAL E 334 -135.01 -57.62 -12.47
C VAL E 334 -136.20 -58.45 -12.93
N MET E 335 -137.33 -57.79 -13.14
CA MET E 335 -138.57 -58.44 -13.53
C MET E 335 -139.00 -57.91 -14.89
N GLY E 336 -139.31 -58.82 -15.81
CA GLY E 336 -139.73 -58.47 -17.15
C GLY E 336 -141.08 -59.08 -17.47
N THR E 337 -142.01 -58.24 -17.90
CA THR E 337 -143.29 -58.69 -18.43
C THR E 337 -143.21 -58.71 -19.95
N TYR E 338 -143.90 -59.67 -20.55
CA TYR E 338 -143.80 -59.94 -21.98
C TYR E 338 -145.17 -59.80 -22.63
N SER E 339 -145.21 -60.11 -23.92
CA SER E 339 -146.45 -59.97 -24.69
C SER E 339 -147.54 -60.92 -24.19
N ASN E 340 -147.17 -62.13 -23.78
CA ASN E 340 -148.14 -63.10 -23.29
C ASN E 340 -148.61 -62.82 -21.87
N GLY E 341 -148.21 -61.69 -21.28
CA GLY E 341 -148.61 -61.37 -19.92
C GLY E 341 -148.04 -62.31 -18.86
N GLU E 342 -146.79 -62.71 -19.02
CA GLU E 342 -146.12 -63.59 -18.07
C GLU E 342 -145.00 -62.81 -17.38
N ASN E 343 -145.09 -62.72 -16.06
CA ASN E 343 -144.09 -61.98 -15.27
C ASN E 343 -143.00 -62.95 -14.84
N VAL E 344 -141.77 -62.67 -15.26
CA VAL E 344 -140.63 -63.56 -15.04
C VAL E 344 -139.55 -62.80 -14.29
N THR E 345 -138.99 -63.44 -13.27
CA THR E 345 -137.87 -62.88 -12.52
C THR E 345 -136.57 -63.35 -13.17
N LEU E 346 -135.82 -62.39 -13.74
CA LEU E 346 -134.65 -62.69 -14.54
C LEU E 346 -133.35 -62.66 -13.74
N GLY E 347 -133.42 -62.43 -12.43
CA GLY E 347 -132.23 -62.31 -11.62
C GLY E 347 -132.29 -61.13 -10.69
N ARG E 348 -131.22 -60.91 -9.92
CA ARG E 348 -131.13 -59.73 -9.06
C ARG E 348 -129.71 -59.18 -9.10
N VAL E 349 -129.61 -57.85 -9.08
CA VAL E 349 -128.32 -57.20 -9.20
C VAL E 349 -127.48 -57.48 -7.96
N ALA E 350 -126.22 -57.83 -8.17
CA ALA E 350 -125.31 -58.12 -7.07
C ALA E 350 -124.81 -56.84 -6.43
N LEU E 351 -124.70 -56.87 -5.11
CA LEU E 351 -124.18 -55.74 -4.34
C LEU E 351 -122.93 -56.18 -3.58
N VAL E 352 -121.85 -55.43 -3.76
CA VAL E 352 -120.55 -55.76 -3.18
C VAL E 352 -120.17 -54.71 -2.17
N ARG E 353 -119.67 -55.15 -1.02
CA ARG E 353 -119.26 -54.27 0.06
C ARG E 353 -117.90 -54.71 0.57
N VAL E 354 -117.13 -53.75 1.09
CA VAL E 354 -115.83 -54.05 1.67
C VAL E 354 -115.74 -53.45 3.07
N PRO E 355 -115.03 -54.09 4.00
CA PRO E 355 -114.95 -53.52 5.36
C PRO E 355 -114.28 -52.16 5.41
N ASN E 356 -113.30 -51.92 4.55
CA ASN E 356 -112.56 -50.66 4.53
C ASN E 356 -112.69 -50.05 3.13
N GLU E 357 -113.60 -49.09 3.00
CA GLU E 357 -113.79 -48.44 1.70
C GLU E 357 -112.61 -47.54 1.35
N GLN E 358 -111.92 -47.01 2.36
CA GLN E 358 -110.78 -46.14 2.10
C GLN E 358 -109.62 -46.86 1.44
N GLY E 359 -109.54 -48.19 1.59
CA GLY E 359 -108.45 -48.97 1.06
C GLY E 359 -108.57 -49.40 -0.38
N LEU E 360 -109.74 -49.18 -1.00
CA LEU E 360 -109.91 -49.54 -2.41
C LEU E 360 -109.01 -48.69 -3.29
N ASP E 361 -108.33 -49.35 -4.23
CA ASP E 361 -107.50 -48.63 -5.19
C ASP E 361 -108.36 -48.09 -6.32
N LYS E 362 -108.01 -46.92 -6.80
CA LYS E 362 -108.85 -46.19 -7.74
C LYS E 362 -108.45 -46.56 -9.18
N LYS E 363 -109.37 -47.18 -9.89
CA LYS E 363 -109.17 -47.48 -11.31
C LYS E 363 -109.73 -46.33 -12.13
N GLY E 364 -109.79 -46.49 -13.44
CA GLY E 364 -110.36 -45.46 -14.30
C GLY E 364 -111.87 -45.52 -14.34
N GLY E 365 -112.46 -44.41 -14.81
CA GLY E 365 -113.90 -44.35 -14.99
C GLY E 365 -114.72 -44.47 -13.73
N THR E 366 -114.27 -43.85 -12.64
CA THR E 366 -114.98 -43.86 -11.36
C THR E 366 -115.30 -45.30 -10.92
N GLN E 367 -114.29 -46.14 -10.96
CA GLN E 367 -114.41 -47.54 -10.54
C GLN E 367 -113.28 -47.89 -9.58
N TRP E 368 -113.60 -48.79 -8.64
CA TRP E 368 -112.64 -49.23 -7.63
C TRP E 368 -112.48 -50.74 -7.71
N ASP E 369 -111.41 -51.23 -7.10
CA ASP E 369 -111.10 -52.65 -7.04
C ASP E 369 -110.69 -53.03 -5.63
N SER E 370 -110.91 -54.30 -5.29
CA SER E 370 -110.56 -54.79 -3.97
C SER E 370 -109.05 -54.86 -3.79
N THR E 371 -108.58 -54.47 -2.61
CA THR E 371 -107.15 -54.49 -2.31
C THR E 371 -106.86 -55.27 -1.03
N GLN E 372 -105.59 -55.38 -0.67
CA GLN E 372 -105.21 -56.03 0.57
C GLN E 372 -105.61 -55.20 1.78
N PHE E 373 -105.66 -53.88 1.64
CA PHE E 373 -106.00 -53.00 2.75
C PHE E 373 -107.49 -52.71 2.85
N SER E 374 -108.29 -53.22 1.91
CA SER E 374 -109.74 -53.00 1.92
C SER E 374 -110.52 -54.26 2.27
N GLY E 375 -109.83 -55.32 2.69
CA GLY E 375 -110.52 -56.57 2.94
C GLY E 375 -110.87 -57.29 1.64
N ASP E 376 -111.70 -58.31 1.78
CA ASP E 376 -112.18 -59.10 0.65
C ASP E 376 -113.62 -58.73 0.32
N LYS E 377 -113.99 -58.94 -0.95
CA LYS E 377 -115.33 -58.59 -1.40
C LYS E 377 -116.38 -59.43 -0.68
N ILE E 378 -117.45 -58.76 -0.25
CA ILE E 378 -118.57 -59.41 0.42
C ILE E 378 -119.76 -59.35 -0.53
N TRP E 379 -120.21 -60.50 -1.00
CA TRP E 379 -121.31 -60.57 -1.96
C TRP E 379 -122.63 -60.73 -1.21
N GLY E 380 -123.59 -59.87 -1.54
CA GLY E 380 -124.90 -59.93 -0.91
C GLY E 380 -125.92 -59.22 -1.76
N GLU E 381 -127.17 -59.31 -1.31
CA GLU E 381 -128.28 -58.68 -2.00
C GLU E 381 -128.46 -57.24 -1.51
N SER E 382 -129.45 -56.56 -2.09
CA SER E 382 -129.78 -55.21 -1.68
C SER E 382 -130.87 -55.23 -0.62
N ASN E 383 -130.79 -54.29 0.32
CA ASN E 383 -131.71 -54.20 1.46
C ASN E 383 -131.66 -55.48 2.31
N LYS E 384 -130.49 -56.12 2.33
CA LYS E 384 -130.26 -57.31 3.12
C LYS E 384 -129.02 -57.11 3.98
N GLY E 385 -129.13 -57.44 5.26
CA GLY E 385 -128.03 -57.24 6.19
C GLY E 385 -127.69 -55.77 6.37
N SER E 386 -126.42 -55.42 6.14
CA SER E 386 -125.97 -54.04 6.21
C SER E 386 -126.01 -53.33 4.87
N PHE E 387 -126.36 -54.03 3.80
CA PHE E 387 -126.38 -53.44 2.47
C PHE E 387 -127.55 -52.48 2.31
N GLY E 388 -127.39 -51.54 1.39
CA GLY E 388 -128.44 -50.58 1.09
C GLY E 388 -129.38 -51.08 0.01
N THR E 389 -130.36 -50.24 -0.30
CA THR E 389 -131.37 -50.57 -1.30
C THR E 389 -130.88 -50.18 -2.69
N ILE E 390 -131.53 -50.77 -3.70
CA ILE E 390 -131.29 -50.44 -5.10
C ILE E 390 -132.52 -49.73 -5.63
N ASN E 391 -132.31 -48.53 -6.19
CA ASN E 391 -133.39 -47.73 -6.75
C ASN E 391 -133.14 -47.52 -8.22
N ASN E 392 -134.17 -47.70 -9.04
CA ASN E 392 -134.07 -47.44 -10.46
C ASN E 392 -134.65 -46.06 -10.78
N GLY E 393 -134.23 -45.51 -11.92
CA GLY E 393 -134.59 -44.16 -12.26
C GLY E 393 -133.81 -43.09 -11.54
N MET E 394 -132.75 -43.45 -10.83
CA MET E 394 -131.96 -42.50 -10.07
C MET E 394 -130.48 -42.70 -10.40
N LEU E 395 -129.73 -41.61 -10.31
CA LEU E 395 -128.29 -41.63 -10.47
C LEU E 395 -127.66 -40.71 -9.42
N GLU E 396 -126.43 -41.03 -9.04
CA GLU E 396 -125.72 -40.30 -8.01
C GLU E 396 -124.79 -39.28 -8.66
N GLN E 397 -124.86 -38.05 -8.18
CA GLN E 397 -123.90 -37.03 -8.58
C GLN E 397 -122.65 -37.17 -7.71
N SER E 398 -121.68 -36.29 -7.91
CA SER E 398 -120.53 -36.26 -7.04
C SER E 398 -120.96 -35.85 -5.63
N ASN E 399 -120.28 -36.42 -4.63
CA ASN E 399 -120.58 -36.14 -3.24
C ASN E 399 -119.79 -34.94 -2.73
N ILE E 400 -119.42 -34.02 -3.63
CA ILE E 400 -118.64 -32.85 -3.29
C ILE E 400 -119.58 -31.68 -3.07
N ASP E 401 -119.11 -30.68 -2.32
CA ASP E 401 -119.81 -29.43 -2.14
C ASP E 401 -118.99 -28.33 -2.79
N MET E 402 -119.59 -27.64 -3.76
CA MET E 402 -118.84 -26.62 -4.51
C MET E 402 -118.34 -25.51 -3.60
N THR E 403 -119.16 -25.08 -2.64
CA THR E 403 -118.74 -24.02 -1.73
C THR E 403 -117.53 -24.45 -0.92
N GLN E 404 -117.52 -25.68 -0.43
CA GLN E 404 -116.37 -26.18 0.32
C GLN E 404 -115.13 -26.26 -0.56
N GLU E 405 -115.28 -26.73 -1.79
CA GLU E 405 -114.13 -26.86 -2.68
C GLU E 405 -113.59 -25.49 -3.07
N LEU E 406 -114.47 -24.52 -3.34
CA LEU E 406 -114.01 -23.20 -3.73
C LEU E 406 -113.29 -22.50 -2.59
N VAL E 407 -113.77 -22.69 -1.36
CA VAL E 407 -113.10 -22.09 -0.20
C VAL E 407 -111.73 -22.72 0.00
N ASP E 408 -111.64 -24.04 -0.16
CA ASP E 408 -110.35 -24.72 -0.02
C ASP E 408 -109.39 -24.30 -1.13
N LEU E 409 -109.92 -23.82 -2.25
CA LEU E 409 -109.06 -23.30 -3.32
C LEU E 409 -108.33 -22.04 -2.85
N ILE E 410 -109.01 -21.19 -2.08
CA ILE E 410 -108.37 -19.99 -1.55
C ILE E 410 -107.33 -20.37 -0.50
N SER E 411 -107.69 -21.27 0.41
CA SER E 411 -106.78 -21.62 1.50
C SER E 411 -105.51 -22.28 0.98
N ALA E 412 -105.64 -23.17 -0.01
CA ALA E 412 -104.46 -23.78 -0.61
C ALA E 412 -103.61 -22.76 -1.36
N GLN E 413 -104.21 -21.72 -1.91
CA GLN E 413 -103.40 -20.69 -2.60
C GLN E 413 -102.54 -19.95 -1.57
N ARG E 414 -103.13 -19.53 -0.45
CA ARG E 414 -102.39 -18.73 0.56
C ARG E 414 -101.33 -19.59 1.23
N ASN E 415 -101.64 -20.84 1.52
CA ASN E 415 -100.69 -21.75 2.22
C ASN E 415 -99.52 -22.03 1.26
N PHE E 416 -99.71 -21.77 -0.03
CA PHE E 416 -98.60 -21.91 -1.01
C PHE E 416 -97.85 -20.58 -1.07
N GLN E 417 -98.57 -19.46 -1.14
CA GLN E 417 -97.83 -18.21 -1.22
C GLN E 417 -96.94 -18.00 0.01
N ALA E 418 -97.42 -18.43 1.17
CA ALA E 418 -96.62 -18.28 2.39
C ALA E 418 -95.34 -19.10 2.31
N ASN E 419 -95.43 -20.33 1.81
CA ASN E 419 -94.23 -21.16 1.68
C ASN E 419 -93.28 -20.61 0.63
N SER E 420 -93.81 -20.04 -0.45
CA SER E 420 -92.95 -19.41 -1.44
C SER E 420 -92.27 -18.17 -0.87
N ARG E 421 -92.97 -17.42 -0.02
CA ARG E 421 -92.34 -16.31 0.68
C ARG E 421 -91.26 -16.82 1.62
N SER E 422 -91.50 -17.93 2.31
CA SER E 422 -90.48 -18.52 3.16
C SER E 422 -89.28 -19.00 2.35
N LEU E 423 -89.54 -19.58 1.17
CA LEU E 423 -88.45 -19.96 0.29
C LEU E 423 -87.69 -18.73 -0.21
N GLU E 424 -88.41 -17.63 -0.45
CA GLU E 424 -87.76 -16.40 -0.90
C GLU E 424 -86.83 -15.85 0.18
N VAL E 425 -87.27 -15.86 1.44
CA VAL E 425 -86.45 -15.30 2.51
C VAL E 425 -85.16 -16.09 2.68
N HIS E 426 -85.26 -17.43 2.63
CA HIS E 426 -84.09 -18.27 2.82
C HIS E 426 -83.06 -18.05 1.70
N ASN E 427 -83.53 -17.69 0.52
CA ASN E 427 -82.61 -17.37 -0.58
C ASN E 427 -81.83 -16.09 -0.29
N GLN E 428 -82.51 -15.05 0.19
CA GLN E 428 -81.85 -13.76 0.40
C GLN E 428 -80.81 -13.85 1.50
N LEU E 429 -80.97 -14.78 2.43
CA LEU E 429 -79.96 -14.98 3.47
C LEU E 429 -78.63 -15.42 2.87
N GLN E 430 -78.68 -16.36 1.92
CA GLN E 430 -77.46 -16.83 1.28
C GLN E 430 -76.80 -15.73 0.47
N GLN E 431 -77.59 -14.98 -0.30
CA GLN E 431 -77.03 -13.89 -1.11
C GLN E 431 -76.37 -12.84 -0.23
N ASN E 432 -76.84 -12.68 1.00
CA ASN E 432 -76.24 -11.71 1.91
C ASN E 432 -74.83 -12.11 2.32
N ILE E 433 -74.54 -13.41 2.32
CA ILE E 433 -73.24 -13.87 2.78
C ILE E 433 -72.25 -13.94 1.62
N LEU E 434 -72.75 -14.17 0.40
CA LEU E 434 -71.88 -14.23 -0.77
C LEU E 434 -71.35 -12.86 -1.18
N GLN E 435 -71.59 -11.82 -0.38
CA GLN E 435 -71.14 -10.47 -0.68
C GLN E 435 -70.29 -9.94 0.47
N ILE E 436 -69.55 -10.82 1.12
CA ILE E 436 -68.69 -10.43 2.22
C ILE E 436 -67.22 -10.53 1.82
N SER F 2 -77.58 -21.86 -23.06
CA SER F 2 -78.42 -20.79 -23.59
C SER F 2 -79.13 -21.22 -24.87
N TYR F 3 -78.53 -22.17 -25.59
CA TYR F 3 -79.15 -22.66 -26.82
C TYR F 3 -80.34 -23.57 -26.53
N VAL F 4 -80.30 -24.33 -25.43
CA VAL F 4 -81.47 -25.11 -25.03
C VAL F 4 -82.58 -24.18 -24.55
N SER F 5 -82.19 -23.10 -23.85
CA SER F 5 -83.17 -22.09 -23.44
C SER F 5 -83.73 -21.37 -24.65
N LEU F 6 -82.89 -21.09 -25.65
CA LEU F 6 -83.36 -20.40 -26.84
C LEU F 6 -84.28 -21.29 -27.67
N SER F 7 -84.07 -22.61 -27.62
CA SER F 7 -84.97 -23.53 -28.30
C SER F 7 -86.37 -23.47 -27.72
N GLY F 8 -86.47 -23.32 -26.39
CA GLY F 8 -87.78 -23.22 -25.76
C GLY F 8 -88.51 -21.94 -26.15
N LEU F 9 -87.78 -20.83 -26.22
CA LEU F 9 -88.40 -19.57 -26.63
C LEU F 9 -88.89 -19.64 -28.07
N SER F 10 -88.10 -20.25 -28.96
CA SER F 10 -88.51 -20.40 -30.34
C SER F 10 -89.73 -21.32 -30.47
N ALA F 11 -89.74 -22.42 -29.71
CA ALA F 11 -90.88 -23.34 -29.75
C ALA F 11 -92.15 -22.68 -29.22
N ALA F 12 -92.03 -21.97 -28.10
CA ALA F 12 -93.22 -21.36 -27.50
C ALA F 12 -93.77 -20.24 -28.37
N GLN F 13 -92.89 -19.46 -28.99
CA GLN F 13 -93.34 -18.36 -29.84
C GLN F 13 -94.07 -18.88 -31.07
N LEU F 14 -93.60 -20.00 -31.64
CA LEU F 14 -94.33 -20.63 -32.73
C LEU F 14 -95.71 -21.08 -32.29
N ASP F 15 -95.84 -21.59 -31.06
CA ASP F 15 -97.14 -21.94 -30.54
C ASP F 15 -98.02 -20.70 -30.38
N LEU F 16 -97.42 -19.56 -30.04
CA LEU F 16 -98.17 -18.31 -30.00
C LEU F 16 -98.67 -17.92 -31.39
N ASN F 17 -97.80 -18.03 -32.39
CA ASN F 17 -98.19 -17.62 -33.74
C ASN F 17 -99.25 -18.54 -34.32
N THR F 18 -99.17 -19.84 -34.02
CA THR F 18 -100.18 -20.78 -34.50
C THR F 18 -101.54 -20.47 -33.89
N THR F 19 -101.58 -20.19 -32.59
CA THR F 19 -102.84 -19.83 -31.96
C THR F 19 -103.35 -18.48 -32.45
N SER F 20 -102.44 -17.52 -32.63
CA SER F 20 -102.85 -16.19 -33.10
C SER F 20 -103.47 -16.27 -34.49
N ASN F 21 -102.90 -17.10 -35.37
CA ASN F 21 -103.46 -17.26 -36.71
C ASN F 21 -104.82 -17.94 -36.64
N ASN F 22 -104.99 -18.90 -35.73
CA ASN F 22 -106.28 -19.55 -35.56
C ASN F 22 -107.35 -18.57 -35.13
N ILE F 23 -107.02 -17.71 -34.16
CA ILE F 23 -107.98 -16.73 -33.66
C ILE F 23 -108.29 -15.69 -34.73
N ALA F 24 -107.28 -15.32 -35.54
CA ALA F 24 -107.50 -14.31 -36.57
C ALA F 24 -108.50 -14.79 -37.62
N ASN F 25 -108.51 -16.10 -37.90
CA ASN F 25 -109.42 -16.68 -38.88
C ASN F 25 -110.70 -17.23 -38.26
N ALA F 26 -111.18 -16.60 -37.18
CA ALA F 26 -112.39 -17.08 -36.53
C ALA F 26 -113.65 -16.85 -37.36
N ASN F 27 -113.59 -15.97 -38.36
CA ASN F 27 -114.74 -15.66 -39.20
C ASN F 27 -114.56 -16.03 -40.66
N THR F 28 -113.33 -16.36 -41.09
CA THR F 28 -113.10 -16.73 -42.47
C THR F 28 -113.80 -18.04 -42.80
N TYR F 29 -114.53 -18.05 -43.91
CA TYR F 29 -115.26 -19.24 -44.31
C TYR F 29 -114.31 -20.34 -44.77
N GLY F 30 -114.60 -21.57 -44.37
CA GLY F 30 -113.85 -22.72 -44.82
C GLY F 30 -112.47 -22.88 -44.21
N PHE F 31 -112.15 -22.15 -43.16
CA PHE F 31 -110.83 -22.25 -42.54
C PHE F 31 -110.69 -23.57 -41.79
N LYS F 32 -109.48 -24.12 -41.83
CA LYS F 32 -109.12 -25.32 -41.08
C LYS F 32 -108.01 -24.96 -40.11
N GLU F 33 -108.22 -25.26 -38.83
CA GLU F 33 -107.28 -24.82 -37.80
C GLU F 33 -105.96 -25.59 -37.90
N SER F 34 -104.92 -24.99 -37.34
CA SER F 34 -103.59 -25.57 -37.33
C SER F 34 -103.12 -25.78 -35.90
N ARG F 35 -102.31 -26.80 -35.70
CA ARG F 35 -101.78 -27.16 -34.38
C ARG F 35 -100.27 -27.34 -34.48
N ALA F 36 -99.56 -26.86 -33.47
CA ALA F 36 -98.11 -26.95 -33.46
C ALA F 36 -97.65 -28.18 -32.69
N GLU F 37 -96.82 -29.00 -33.32
CA GLU F 37 -96.32 -30.23 -32.72
C GLU F 37 -94.80 -30.15 -32.60
N PHE F 38 -94.29 -30.46 -31.41
CA PHE F 38 -92.87 -30.35 -31.13
C PHE F 38 -92.26 -31.71 -30.80
N ALA F 39 -90.95 -31.80 -30.98
CA ALA F 39 -90.20 -33.02 -30.77
C ALA F 39 -88.95 -32.73 -29.97
N ASP F 40 -88.27 -33.79 -29.56
CA ASP F 40 -87.05 -33.69 -28.77
C ASP F 40 -85.83 -33.49 -29.65
N VAL F 41 -84.78 -33.02 -29.01
CA VAL F 41 -83.51 -32.84 -29.73
C VAL F 41 -82.59 -33.61 -28.81
N TYR F 42 -81.64 -34.30 -29.38
CA TYR F 42 -80.65 -35.05 -28.62
C TYR F 42 -79.70 -35.61 -29.67
N SER F 43 -78.42 -35.42 -29.46
CA SER F 43 -77.46 -36.09 -30.33
C SER F 43 -76.27 -36.38 -29.45
N ASN F 44 -75.74 -37.57 -29.58
CA ASN F 44 -74.51 -37.87 -28.82
C ASN F 44 -73.45 -38.33 -29.81
N SER F 45 -72.22 -37.91 -29.60
CA SER F 45 -71.04 -38.22 -30.38
C SER F 45 -70.37 -39.48 -29.82
N LEU F 46 -69.45 -40.03 -30.61
CA LEU F 46 -68.71 -41.20 -30.14
C LEU F 46 -67.82 -40.82 -28.95
N PHE F 47 -67.36 -39.57 -28.91
CA PHE F 47 -66.47 -39.09 -27.87
C PHE F 47 -67.20 -38.33 -26.75
N THR F 48 -68.52 -38.50 -26.63
CA THR F 48 -69.30 -37.84 -25.60
C THR F 48 -69.88 -38.90 -24.65
N ASN F 49 -69.88 -38.59 -23.36
CA ASN F 49 -70.45 -39.50 -22.37
C ASN F 49 -71.93 -39.74 -22.66
N ALA F 50 -72.32 -41.01 -22.74
CA ALA F 50 -73.68 -41.38 -23.11
C ALA F 50 -74.64 -41.38 -21.93
N LYS F 51 -74.03 -41.10 -20.77
CA LYS F 51 -74.84 -41.00 -19.52
C LYS F 51 -75.03 -39.54 -19.07
N THR F 52 -73.98 -38.88 -18.61
CA THR F 52 -74.10 -37.55 -17.97
C THR F 52 -74.22 -36.35 -18.90
N THR F 53 -75.13 -36.35 -19.89
CA THR F 53 -75.21 -35.22 -20.87
C THR F 53 -76.65 -34.76 -21.06
N PRO F 54 -76.96 -33.44 -20.98
CA PRO F 54 -78.32 -32.95 -21.11
C PRO F 54 -78.88 -33.20 -22.53
N GLY F 55 -80.00 -32.62 -22.91
CA GLY F 55 -80.56 -32.80 -24.26
C GLY F 55 -80.38 -31.56 -25.09
N GLY F 56 -81.03 -31.45 -26.25
CA GLY F 56 -80.71 -30.29 -27.08
C GLY F 56 -81.78 -29.23 -27.17
N GLY F 57 -82.91 -29.42 -26.48
CA GLY F 57 -83.98 -28.45 -26.51
C GLY F 57 -85.25 -29.01 -27.12
N ALA F 58 -86.04 -28.15 -27.76
CA ALA F 58 -87.28 -28.56 -28.39
C ALA F 58 -87.25 -28.11 -29.85
N GLN F 59 -87.50 -29.04 -30.75
CA GLN F 59 -87.56 -28.75 -32.18
C GLN F 59 -88.98 -28.96 -32.68
N ALA F 60 -89.45 -28.04 -33.51
CA ALA F 60 -90.80 -28.13 -34.05
C ALA F 60 -90.90 -29.30 -35.01
N SER F 61 -91.87 -30.18 -34.78
CA SER F 61 -92.04 -31.35 -35.64
C SER F 61 -92.77 -30.98 -36.93
N GLN F 62 -94.00 -30.51 -36.81
CA GLN F 62 -94.79 -30.09 -37.96
C GLN F 62 -96.02 -29.35 -37.45
N VAL F 63 -96.41 -28.30 -38.18
CA VAL F 63 -97.63 -27.56 -37.88
C VAL F 63 -98.76 -28.24 -38.63
N ALA F 64 -99.61 -28.97 -37.90
CA ALA F 64 -100.66 -29.78 -38.50
C ALA F 64 -101.77 -28.88 -39.04
N GLN F 65 -102.72 -29.50 -39.75
CA GLN F 65 -103.79 -28.81 -40.43
C GLN F 65 -105.12 -29.53 -40.18
N GLN F 66 -105.42 -29.77 -38.90
CA GLN F 66 -106.61 -30.50 -38.46
C GLN F 66 -107.83 -30.19 -39.31
N PHE F 67 -108.39 -31.23 -39.94
CA PHE F 67 -109.41 -31.08 -40.97
C PHE F 67 -110.80 -31.50 -40.49
N HIS F 68 -111.08 -31.36 -39.19
CA HIS F 68 -112.40 -31.68 -38.70
C HIS F 68 -113.43 -30.69 -39.25
N GLU F 69 -114.66 -31.17 -39.39
CA GLU F 69 -115.72 -30.37 -39.98
C GLU F 69 -116.04 -29.16 -39.13
N GLY F 70 -116.19 -28.00 -39.79
CA GLY F 70 -116.59 -26.80 -39.09
C GLY F 70 -118.09 -26.63 -39.05
N SER F 71 -118.53 -25.71 -38.19
CA SER F 71 -119.96 -25.46 -38.04
C SER F 71 -120.52 -24.80 -39.31
N SER F 72 -121.84 -24.89 -39.46
CA SER F 72 -122.53 -24.40 -40.64
C SER F 72 -123.38 -23.19 -40.31
N ILE F 73 -123.33 -22.19 -41.17
CA ILE F 73 -124.13 -20.97 -41.06
C ILE F 73 -125.12 -20.94 -42.21
N TYR F 74 -126.36 -20.58 -41.90
CA TYR F 74 -127.45 -20.60 -42.86
C TYR F 74 -127.68 -19.18 -43.38
N THR F 75 -127.59 -19.03 -44.71
CA THR F 75 -127.75 -17.72 -45.35
C THR F 75 -128.97 -17.63 -46.24
N ASN F 76 -129.61 -18.75 -46.57
CA ASN F 76 -130.77 -18.79 -47.48
C ASN F 76 -130.43 -18.19 -48.84
N ASN F 77 -129.20 -18.46 -49.31
CA ASN F 77 -128.75 -18.04 -50.62
C ASN F 77 -128.42 -19.29 -51.44
N PRO F 78 -129.16 -19.58 -52.52
CA PRO F 78 -128.92 -20.84 -53.24
C PRO F 78 -127.53 -20.96 -53.85
N MET F 79 -126.83 -19.84 -54.07
CA MET F 79 -125.48 -19.90 -54.62
C MET F 79 -124.42 -20.18 -53.56
N ASP F 80 -124.77 -20.15 -52.28
CA ASP F 80 -123.83 -20.50 -51.22
C ASP F 80 -123.90 -22.00 -50.96
N LEU F 81 -122.77 -22.69 -51.10
CA LEU F 81 -122.72 -24.14 -51.02
C LEU F 81 -121.83 -24.58 -49.86
N ARG F 82 -122.18 -25.72 -49.27
CA ARG F 82 -121.39 -26.33 -48.22
C ARG F 82 -121.28 -27.82 -48.47
N VAL F 83 -120.10 -28.37 -48.23
CA VAL F 83 -119.85 -29.81 -48.33
C VAL F 83 -120.00 -30.39 -46.93
N SER F 84 -121.04 -31.21 -46.73
CA SER F 84 -121.26 -31.87 -45.46
C SER F 84 -120.59 -33.24 -45.51
N GLY F 85 -119.41 -33.35 -44.86
CA GLY F 85 -118.64 -34.57 -44.88
C GLY F 85 -117.27 -34.35 -45.49
N THR F 86 -116.85 -35.32 -46.30
CA THR F 86 -115.52 -35.31 -46.92
C THR F 86 -115.63 -34.89 -48.38
N GLY F 87 -114.76 -34.01 -48.80
CA GLY F 87 -114.71 -33.55 -50.17
C GLY F 87 -114.34 -32.08 -50.25
N PHE F 88 -113.82 -31.69 -51.41
CA PHE F 88 -113.43 -30.31 -51.67
C PHE F 88 -113.99 -29.86 -53.02
N PHE F 89 -114.29 -28.58 -53.12
CA PHE F 89 -114.67 -28.00 -54.39
C PHE F 89 -113.44 -27.79 -55.27
N ALA F 90 -113.61 -28.00 -56.56
CA ALA F 90 -112.54 -27.79 -57.53
C ALA F 90 -112.67 -26.39 -58.11
N VAL F 91 -111.60 -25.61 -58.02
CA VAL F 91 -111.62 -24.21 -58.42
C VAL F 91 -110.42 -23.96 -59.33
N ALA F 92 -110.68 -23.46 -60.53
CA ALA F 92 -109.65 -23.20 -61.53
C ALA F 92 -109.48 -21.70 -61.71
N LYS F 93 -108.22 -21.26 -61.79
CA LYS F 93 -107.95 -19.84 -61.92
C LYS F 93 -108.30 -19.33 -63.31
N GLU F 94 -108.02 -20.12 -64.34
CA GLU F 94 -108.27 -19.73 -65.73
C GLU F 94 -109.34 -20.62 -66.34
N ARG F 95 -110.29 -20.01 -67.04
CA ARG F 95 -111.41 -20.75 -67.60
C ARG F 95 -110.94 -21.72 -68.68
N LEU F 96 -110.00 -21.30 -69.52
CA LEU F 96 -109.57 -22.12 -70.65
C LEU F 96 -108.94 -23.42 -70.18
N THR F 97 -108.07 -23.35 -69.17
CA THR F 97 -107.39 -24.53 -68.67
C THR F 97 -108.01 -24.95 -67.35
N PRO F 98 -108.79 -26.03 -67.29
CA PRO F 98 -109.31 -26.52 -66.02
C PRO F 98 -108.42 -27.53 -65.31
N GLN F 99 -107.25 -27.85 -65.87
CA GLN F 99 -106.32 -28.75 -65.19
C GLN F 99 -105.61 -28.03 -64.05
N GLN F 100 -105.36 -26.73 -64.20
CA GLN F 100 -104.73 -25.92 -63.15
C GLN F 100 -105.82 -25.47 -62.17
N ASN F 101 -106.11 -26.36 -61.22
CA ASN F 101 -107.19 -26.16 -60.26
C ASN F 101 -106.67 -26.31 -58.84
N GLU F 102 -107.44 -25.76 -57.90
CA GLU F 102 -107.10 -25.81 -56.49
C GLU F 102 -108.34 -26.19 -55.67
N LEU F 103 -108.10 -26.79 -54.51
CA LEU F 103 -109.15 -27.23 -53.62
C LEU F 103 -109.58 -26.09 -52.71
N THR F 104 -110.85 -26.12 -52.29
CA THR F 104 -111.37 -25.12 -51.36
C THR F 104 -112.52 -25.72 -50.57
N ARG F 105 -112.86 -25.06 -49.46
CA ARG F 105 -113.97 -25.47 -48.62
C ARG F 105 -115.08 -24.43 -48.50
N ASN F 106 -114.78 -23.15 -48.69
CA ASN F 106 -115.82 -22.13 -48.62
C ASN F 106 -116.60 -22.09 -49.93
N GLY F 107 -117.91 -21.90 -49.81
CA GLY F 107 -118.78 -22.00 -50.97
C GLY F 107 -119.48 -20.71 -51.35
N ALA F 108 -118.79 -19.59 -51.25
CA ALA F 108 -119.35 -18.31 -51.67
C ALA F 108 -119.22 -18.16 -53.18
N PHE F 109 -120.19 -18.68 -53.93
CA PHE F 109 -120.17 -18.65 -55.38
C PHE F 109 -121.21 -17.67 -55.91
N HIS F 110 -121.04 -17.29 -57.18
CA HIS F 110 -121.97 -16.40 -57.87
C HIS F 110 -121.77 -16.58 -59.37
N LEU F 111 -122.41 -15.73 -60.15
CA LEU F 111 -122.30 -15.75 -61.61
C LEU F 111 -121.58 -14.49 -62.07
N ASN F 112 -120.66 -14.65 -63.01
CA ASN F 112 -119.98 -13.54 -63.64
C ASN F 112 -120.82 -13.05 -64.83
N LYS F 113 -120.25 -12.16 -65.64
CA LYS F 113 -120.98 -11.64 -66.79
C LYS F 113 -121.26 -12.74 -67.81
N GLU F 114 -120.45 -13.78 -67.84
CA GLU F 114 -120.67 -14.93 -68.71
C GLU F 114 -121.50 -16.02 -68.05
N ASN F 115 -122.00 -15.77 -66.84
CA ASN F 115 -122.85 -16.72 -66.12
C ASN F 115 -122.14 -18.05 -65.86
N TYR F 116 -120.85 -17.97 -65.56
CA TYR F 116 -120.10 -19.10 -65.02
C TYR F 116 -120.11 -19.01 -63.51
N MET F 117 -120.25 -20.15 -62.85
CA MET F 117 -120.29 -20.18 -61.39
C MET F 117 -118.88 -20.03 -60.85
N VAL F 118 -118.58 -18.85 -60.28
CA VAL F 118 -117.22 -18.52 -59.87
C VAL F 118 -117.22 -18.15 -58.40
N THR F 119 -116.03 -18.20 -57.80
CA THR F 119 -115.84 -17.88 -56.39
C THR F 119 -115.73 -16.36 -56.22
N ALA F 120 -115.43 -15.94 -54.98
CA ALA F 120 -115.24 -14.52 -54.71
C ALA F 120 -113.97 -13.99 -55.36
N ASN F 121 -113.00 -14.85 -55.63
CA ASN F 121 -111.77 -14.48 -56.28
C ASN F 121 -111.86 -14.52 -57.80
N ASP F 122 -113.08 -14.55 -58.35
CA ASP F 122 -113.31 -14.61 -59.79
C ASP F 122 -112.62 -15.83 -60.41
N GLU F 123 -112.65 -16.95 -59.70
CA GLU F 123 -112.07 -18.20 -60.15
C GLU F 123 -113.19 -19.21 -60.38
N PHE F 124 -113.06 -20.02 -61.41
CA PHE F 124 -114.17 -20.82 -61.94
C PHE F 124 -114.28 -22.15 -61.20
N LEU F 125 -115.48 -22.43 -60.68
CA LEU F 125 -115.78 -23.72 -60.10
C LEU F 125 -115.87 -24.78 -61.19
N LEU F 126 -115.29 -25.95 -60.92
CA LEU F 126 -115.25 -27.05 -61.88
C LEU F 126 -116.36 -28.05 -61.57
N GLY F 127 -117.04 -28.50 -62.63
CA GLY F 127 -118.11 -29.46 -62.50
C GLY F 127 -118.13 -30.41 -63.66
N TYR F 128 -118.91 -31.48 -63.51
CA TYR F 128 -119.02 -32.52 -64.52
C TYR F 128 -120.03 -32.13 -65.59
N GLN F 129 -119.76 -32.55 -66.82
CA GLN F 129 -120.65 -32.31 -67.94
C GLN F 129 -121.60 -33.49 -68.12
N VAL F 130 -122.89 -33.27 -67.91
CA VAL F 130 -123.90 -34.30 -68.07
C VAL F 130 -124.89 -33.84 -69.13
N ASP F 131 -125.34 -34.76 -69.97
CA ASP F 131 -126.32 -34.43 -70.99
C ASP F 131 -127.66 -34.09 -70.35
N PRO F 132 -128.43 -33.18 -70.96
CA PRO F 132 -129.73 -32.82 -70.38
C PRO F 132 -130.68 -34.00 -70.24
N SER F 133 -130.61 -34.99 -71.13
CA SER F 133 -131.49 -36.15 -71.06
C SER F 133 -130.83 -37.37 -70.41
N SER F 134 -129.51 -37.41 -70.38
CA SER F 134 -128.81 -38.55 -69.78
C SER F 134 -128.86 -38.45 -68.25
N GLY F 135 -128.31 -39.47 -67.59
CA GLY F 135 -128.33 -39.54 -66.15
C GLY F 135 -127.01 -39.19 -65.51
N GLU F 136 -126.21 -40.22 -65.22
CA GLU F 136 -124.92 -40.04 -64.55
C GLU F 136 -123.94 -39.30 -65.44
N VAL F 137 -122.74 -39.03 -64.92
CA VAL F 137 -121.75 -38.26 -65.66
C VAL F 137 -121.29 -39.05 -66.88
N SER F 138 -121.25 -38.38 -68.03
CA SER F 138 -120.80 -39.02 -69.26
C SER F 138 -119.28 -38.90 -69.41
N SER F 139 -118.75 -37.69 -69.35
CA SER F 139 -117.33 -37.42 -69.45
C SER F 139 -116.82 -36.93 -68.11
N TYR F 140 -115.82 -37.61 -67.55
CA TYR F 140 -115.36 -37.34 -66.20
C TYR F 140 -114.42 -36.15 -66.09
N GLU F 141 -114.00 -35.56 -67.20
CA GLU F 141 -113.08 -34.44 -67.15
C GLU F 141 -113.78 -33.18 -66.63
N PRO F 142 -113.28 -32.53 -65.59
CA PRO F 142 -113.97 -31.37 -65.03
C PRO F 142 -113.89 -30.16 -65.95
N GLN F 143 -114.98 -29.41 -66.00
CA GLN F 143 -115.10 -28.20 -66.78
C GLN F 143 -115.75 -27.12 -65.92
N PRO F 144 -115.53 -25.85 -66.24
CA PRO F 144 -116.25 -24.78 -65.55
C PRO F 144 -117.75 -24.92 -65.76
N ILE F 145 -118.51 -24.63 -64.71
CA ILE F 145 -119.96 -24.77 -64.74
C ILE F 145 -120.57 -23.47 -65.29
N ASN F 146 -121.32 -23.60 -66.38
CA ASN F 146 -121.99 -22.47 -67.01
C ASN F 146 -123.49 -22.60 -66.80
N ILE F 147 -124.13 -21.51 -66.40
CA ILE F 147 -125.59 -21.48 -66.26
C ILE F 147 -126.12 -20.49 -67.28
N PRO F 148 -126.49 -20.95 -68.48
CA PRO F 148 -126.90 -20.03 -69.54
C PRO F 148 -128.13 -19.22 -69.15
N ALA F 149 -128.12 -17.95 -69.55
CA ALA F 149 -129.26 -17.09 -69.27
C ALA F 149 -130.45 -17.42 -70.17
N GLU F 150 -130.20 -17.89 -71.39
CA GLU F 150 -131.24 -18.28 -72.32
C GLU F 150 -131.00 -19.72 -72.76
N PHE F 151 -131.94 -20.60 -72.48
CA PHE F 151 -131.89 -21.99 -72.90
C PHE F 151 -133.21 -22.34 -73.57
N GLY F 152 -133.13 -22.99 -74.73
CA GLY F 152 -134.32 -23.39 -75.45
C GLY F 152 -134.06 -23.98 -76.82
N THR F 320 -137.18 -19.85 -76.82
CA THR F 320 -136.21 -20.13 -75.76
C THR F 320 -136.80 -19.82 -74.39
N GLY F 321 -136.00 -20.05 -73.34
CA GLY F 321 -136.43 -19.76 -71.99
C GLY F 321 -135.36 -19.01 -71.20
N PHE F 322 -135.79 -18.10 -70.33
CA PHE F 322 -134.86 -17.28 -69.56
C PHE F 322 -134.68 -17.85 -68.17
N LEU F 323 -133.47 -17.70 -67.63
CA LEU F 323 -133.14 -18.27 -66.33
C LEU F 323 -133.99 -17.62 -65.24
N THR F 324 -134.66 -18.45 -64.45
CA THR F 324 -135.54 -17.98 -63.38
C THR F 324 -135.04 -18.38 -62.00
N LYS F 325 -134.83 -19.68 -61.75
CA LYS F 325 -134.35 -20.16 -60.47
C LYS F 325 -133.30 -21.24 -60.67
N VAL F 326 -132.34 -21.29 -59.76
CA VAL F 326 -131.28 -22.30 -59.78
C VAL F 326 -131.24 -22.96 -58.41
N ASP F 327 -131.24 -24.30 -58.39
CA ASP F 327 -131.19 -25.05 -57.15
C ASP F 327 -130.27 -26.25 -57.32
N PHE F 328 -129.77 -26.75 -56.20
CA PHE F 328 -128.85 -27.88 -56.17
C PHE F 328 -129.44 -28.99 -55.31
N ASP F 329 -129.48 -30.20 -55.85
CA ASP F 329 -129.97 -31.35 -55.12
C ASP F 329 -128.84 -31.97 -54.30
N GLU F 330 -129.13 -33.10 -53.64
CA GLU F 330 -128.14 -33.76 -52.81
C GLU F 330 -126.99 -34.34 -53.64
N ASN F 331 -127.20 -34.57 -54.93
CA ASN F 331 -126.16 -35.07 -55.81
C ASN F 331 -125.25 -33.96 -56.32
N GLY F 332 -125.53 -32.71 -56.00
CA GLY F 332 -124.73 -31.60 -56.45
C GLY F 332 -125.08 -31.08 -57.83
N SER F 333 -126.08 -31.65 -58.49
CA SER F 333 -126.45 -31.22 -59.83
C SER F 333 -127.08 -29.83 -59.79
N VAL F 334 -126.70 -28.99 -60.75
CA VAL F 334 -127.30 -27.67 -60.90
C VAL F 334 -128.44 -27.78 -61.90
N MET F 335 -129.65 -27.42 -61.45
CA MET F 335 -130.86 -27.52 -62.26
C MET F 335 -131.44 -26.13 -62.46
N GLY F 336 -131.69 -25.77 -63.71
CA GLY F 336 -132.24 -24.47 -64.06
C GLY F 336 -133.58 -24.61 -64.75
N THR F 337 -134.59 -23.97 -64.17
CA THR F 337 -135.91 -23.87 -64.79
C THR F 337 -136.03 -22.53 -65.48
N TYR F 338 -136.75 -22.52 -66.60
CA TYR F 338 -136.82 -21.36 -67.48
C TYR F 338 -138.27 -20.95 -67.69
N SER F 339 -138.47 -19.88 -68.47
CA SER F 339 -139.80 -19.34 -68.69
C SER F 339 -140.72 -20.34 -69.39
N ASN F 340 -140.19 -21.11 -70.33
CA ASN F 340 -140.98 -22.11 -71.02
C ASN F 340 -141.29 -23.34 -70.17
N GLY F 341 -140.98 -23.31 -68.88
CA GLY F 341 -141.24 -24.44 -68.01
C GLY F 341 -140.44 -25.69 -68.33
N GLU F 342 -139.16 -25.51 -68.68
CA GLU F 342 -138.28 -26.61 -69.03
C GLU F 342 -137.24 -26.77 -67.92
N ASN F 343 -137.29 -27.91 -67.22
CA ASN F 343 -136.33 -28.21 -66.17
C ASN F 343 -135.17 -28.99 -66.77
N VAL F 344 -133.98 -28.38 -66.79
CA VAL F 344 -132.82 -28.93 -67.46
C VAL F 344 -131.69 -29.07 -66.45
N THR F 345 -131.01 -30.21 -66.49
CA THR F 345 -129.83 -30.45 -65.66
C THR F 345 -128.61 -29.90 -66.37
N LEU F 346 -127.99 -28.88 -65.78
CA LEU F 346 -126.87 -28.18 -66.40
C LEU F 346 -125.52 -28.77 -66.02
N GLY F 347 -125.50 -29.82 -65.20
CA GLY F 347 -124.26 -30.40 -64.74
C GLY F 347 -124.28 -30.63 -63.24
N ARG F 348 -123.19 -31.13 -62.69
CA ARG F 348 -123.07 -31.28 -61.24
C ARG F 348 -121.68 -30.85 -60.80
N VAL F 349 -121.61 -30.26 -59.60
CA VAL F 349 -120.34 -29.78 -59.09
C VAL F 349 -119.41 -30.95 -58.84
N ALA F 350 -118.18 -30.85 -59.35
CA ALA F 350 -117.19 -31.89 -59.14
C ALA F 350 -116.64 -31.82 -57.72
N LEU F 351 -116.46 -32.98 -57.11
CA LEU F 351 -115.91 -33.07 -55.77
C LEU F 351 -114.54 -33.75 -55.82
N VAL F 352 -113.60 -33.23 -55.06
CA VAL F 352 -112.22 -33.70 -55.09
C VAL F 352 -111.83 -34.16 -53.69
N ARG F 353 -111.12 -35.29 -53.62
CA ARG F 353 -110.70 -35.86 -52.35
C ARG F 353 -109.26 -36.31 -52.47
N VAL F 354 -108.56 -36.34 -51.34
CA VAL F 354 -107.18 -36.83 -51.29
C VAL F 354 -107.07 -37.84 -50.15
N PRO F 355 -106.26 -38.89 -50.30
CA PRO F 355 -106.10 -39.85 -49.20
C PRO F 355 -105.49 -39.25 -47.95
N ASN F 356 -104.61 -38.27 -48.10
CA ASN F 356 -103.94 -37.61 -46.98
C ASN F 356 -104.17 -36.11 -47.09
N GLU F 357 -105.22 -35.62 -46.43
CA GLU F 357 -105.49 -34.20 -46.44
C GLU F 357 -104.40 -33.42 -45.70
N GLN F 358 -103.70 -34.07 -44.78
CA GLN F 358 -102.63 -33.42 -44.02
C GLN F 358 -101.48 -32.97 -44.92
N GLY F 359 -101.22 -33.68 -46.02
CA GLY F 359 -100.11 -33.36 -46.89
C GLY F 359 -100.36 -32.24 -47.87
N LEU F 360 -101.55 -31.66 -47.88
CA LEU F 360 -101.86 -30.58 -48.80
C LEU F 360 -101.12 -29.32 -48.41
N ASP F 361 -100.42 -28.72 -49.37
CA ASP F 361 -99.77 -27.43 -49.15
C ASP F 361 -100.81 -26.32 -49.25
N LYS F 362 -100.70 -25.34 -48.35
CA LYS F 362 -101.74 -24.34 -48.18
C LYS F 362 -101.41 -23.11 -49.02
N LYS F 363 -102.31 -22.78 -49.93
CA LYS F 363 -102.20 -21.57 -50.74
C LYS F 363 -102.88 -20.42 -50.00
N GLY F 364 -102.95 -19.25 -50.61
CA GLY F 364 -103.69 -18.15 -50.04
C GLY F 364 -105.18 -18.29 -50.22
N GLY F 365 -105.93 -17.59 -49.38
CA GLY F 365 -107.38 -17.57 -49.50
C GLY F 365 -108.07 -18.88 -49.25
N THR F 366 -107.66 -19.62 -48.21
CA THR F 366 -108.31 -20.85 -47.78
C THR F 366 -108.44 -21.86 -48.93
N GLN F 367 -107.34 -22.02 -49.68
CA GLN F 367 -107.31 -22.96 -50.78
C GLN F 367 -106.05 -23.83 -50.69
N TRP F 368 -106.20 -25.09 -51.08
CA TRP F 368 -105.12 -26.06 -51.03
C TRP F 368 -104.81 -26.58 -52.43
N ASP F 369 -103.66 -27.21 -52.57
CA ASP F 369 -103.24 -27.84 -53.81
C ASP F 369 -102.64 -29.20 -53.51
N SER F 370 -102.66 -30.08 -54.51
CA SER F 370 -102.14 -31.43 -54.35
C SER F 370 -100.62 -31.41 -54.32
N THR F 371 -100.05 -32.21 -53.41
CA THR F 371 -98.60 -32.35 -53.32
C THR F 371 -98.21 -33.82 -53.39
N GLN F 372 -96.91 -34.11 -53.25
CA GLN F 372 -96.45 -35.49 -53.29
C GLN F 372 -96.89 -36.27 -52.05
N PHE F 373 -96.95 -35.61 -50.90
CA PHE F 373 -97.32 -36.27 -49.66
C PHE F 373 -98.82 -36.47 -49.50
N SER F 374 -99.64 -35.76 -50.28
CA SER F 374 -101.09 -35.86 -50.19
C SER F 374 -101.68 -36.84 -51.19
N GLY F 375 -100.84 -37.56 -51.94
CA GLY F 375 -101.35 -38.45 -52.94
C GLY F 375 -101.83 -37.69 -54.17
N ASP F 376 -102.69 -38.37 -54.93
CA ASP F 376 -103.29 -37.79 -56.12
C ASP F 376 -104.76 -37.49 -55.87
N LYS F 377 -105.25 -36.44 -56.52
CA LYS F 377 -106.64 -36.03 -56.35
C LYS F 377 -107.59 -37.11 -56.86
N ILE F 378 -108.59 -37.42 -56.05
CA ILE F 378 -109.61 -38.41 -56.39
C ILE F 378 -110.87 -37.65 -56.75
N TRP F 379 -111.27 -37.72 -58.01
CA TRP F 379 -112.43 -36.99 -58.51
C TRP F 379 -113.68 -37.86 -58.38
N GLY F 380 -114.77 -37.27 -57.90
CA GLY F 380 -116.02 -38.00 -57.73
C GLY F 380 -117.17 -37.04 -57.53
N GLU F 381 -118.36 -37.61 -57.47
CA GLU F 381 -119.58 -36.85 -57.23
C GLU F 381 -119.89 -36.84 -55.73
N SER F 382 -120.76 -35.91 -55.34
CA SER F 382 -121.21 -35.84 -53.96
C SER F 382 -122.16 -36.98 -53.65
N ASN F 383 -122.16 -37.41 -52.38
CA ASN F 383 -123.05 -38.47 -51.90
C ASN F 383 -122.78 -39.78 -52.64
N LYS F 384 -121.58 -39.92 -53.20
CA LYS F 384 -121.15 -41.13 -53.90
C LYS F 384 -119.84 -41.61 -53.29
N GLY F 385 -119.80 -42.91 -52.97
CA GLY F 385 -118.62 -43.50 -52.36
C GLY F 385 -118.33 -42.91 -50.99
N SER F 386 -117.12 -42.39 -50.82
CA SER F 386 -116.70 -41.78 -49.56
C SER F 386 -116.93 -40.28 -49.52
N PHE F 387 -117.42 -39.69 -50.61
CA PHE F 387 -117.65 -38.25 -50.66
C PHE F 387 -118.86 -37.86 -49.83
N GLY F 388 -118.84 -36.61 -49.33
CA GLY F 388 -119.96 -36.06 -48.61
C GLY F 388 -120.98 -35.42 -49.53
N THR F 389 -122.02 -34.87 -48.93
CA THR F 389 -123.10 -34.25 -49.69
C THR F 389 -122.82 -32.77 -49.89
N ILE F 390 -123.57 -32.17 -50.83
CA ILE F 390 -123.48 -30.75 -51.13
C ILE F 390 -124.81 -30.10 -50.75
N ASN F 391 -124.75 -29.08 -49.91
CA ASN F 391 -125.93 -28.38 -49.43
C ASN F 391 -125.85 -26.92 -49.86
N ASN F 392 -126.89 -26.44 -50.54
CA ASN F 392 -126.96 -25.05 -50.94
C ASN F 392 -127.70 -24.23 -49.89
N GLY F 393 -127.39 -22.93 -49.85
CA GLY F 393 -127.91 -22.08 -48.82
C GLY F 393 -127.16 -22.13 -47.51
N MET F 394 -126.01 -22.80 -47.48
CA MET F 394 -125.21 -22.93 -46.26
C MET F 394 -123.75 -22.69 -46.58
N LEU F 395 -123.01 -22.27 -45.56
CA LEU F 395 -121.57 -22.11 -45.65
C LEU F 395 -120.93 -22.82 -44.44
N GLU F 396 -119.61 -22.88 -44.45
CA GLU F 396 -118.85 -23.43 -43.34
C GLU F 396 -118.02 -22.33 -42.68
N GLN F 397 -118.22 -22.15 -41.39
CA GLN F 397 -117.41 -21.23 -40.61
C GLN F 397 -116.08 -21.89 -40.29
N SER F 398 -115.25 -21.23 -39.49
CA SER F 398 -114.01 -21.83 -39.04
C SER F 398 -114.30 -23.00 -38.11
N ASN F 399 -113.39 -23.98 -38.11
CA ASN F 399 -113.50 -25.16 -37.27
C ASN F 399 -112.76 -25.00 -35.95
N ILE F 400 -112.58 -23.77 -35.49
CA ILE F 400 -111.84 -23.48 -34.27
C ILE F 400 -112.83 -23.33 -33.12
N ASP F 401 -112.32 -23.45 -31.90
CA ASP F 401 -113.08 -23.22 -30.69
C ASP F 401 -112.46 -22.06 -29.94
N MET F 402 -113.26 -21.02 -29.66
CA MET F 402 -112.74 -19.83 -29.01
C MET F 402 -112.22 -20.15 -27.61
N THR F 403 -112.93 -21.00 -26.86
CA THR F 403 -112.50 -21.33 -25.51
C THR F 403 -111.16 -22.03 -25.52
N GLN F 404 -110.96 -22.98 -26.45
CA GLN F 404 -109.70 -23.72 -26.49
C GLN F 404 -108.53 -22.81 -26.88
N GLU F 405 -108.73 -21.96 -27.88
CA GLU F 405 -107.63 -21.10 -28.35
C GLU F 405 -107.23 -20.09 -27.28
N LEU F 406 -108.20 -19.52 -26.57
CA LEU F 406 -107.88 -18.56 -25.53
C LEU F 406 -107.13 -19.22 -24.37
N VAL F 407 -107.50 -20.45 -24.03
CA VAL F 407 -106.76 -21.18 -23.01
C VAL F 407 -105.34 -21.48 -23.50
N ASP F 408 -105.20 -21.89 -24.76
CA ASP F 408 -103.88 -22.14 -25.31
C ASP F 408 -103.03 -20.89 -25.33
N LEU F 409 -103.67 -19.72 -25.39
CA LEU F 409 -102.93 -18.46 -25.32
C LEU F 409 -102.25 -18.31 -23.98
N ILE F 410 -102.93 -18.70 -22.90
CA ILE F 410 -102.35 -18.61 -21.56
C ILE F 410 -101.21 -19.61 -21.41
N SER F 411 -101.44 -20.86 -21.83
CA SER F 411 -100.45 -21.91 -21.61
C SER F 411 -99.17 -21.63 -22.38
N ALA F 412 -99.29 -21.12 -23.62
CA ALA F 412 -98.12 -20.79 -24.41
C ALA F 412 -97.38 -19.59 -23.85
N GLN F 413 -98.09 -18.67 -23.18
CA GLN F 413 -97.42 -17.55 -22.53
C GLN F 413 -96.68 -18.00 -21.29
N ARG F 414 -97.29 -18.89 -20.49
CA ARG F 414 -96.62 -19.42 -19.29
C ARG F 414 -95.42 -20.24 -19.71
N ASN F 415 -95.51 -20.93 -20.85
CA ASN F 415 -94.38 -21.69 -21.35
C ASN F 415 -93.26 -20.78 -21.84
N PHE F 416 -93.62 -19.61 -22.37
CA PHE F 416 -92.61 -18.67 -22.85
C PHE F 416 -91.86 -18.01 -21.70
N GLN F 417 -92.59 -17.60 -20.66
CA GLN F 417 -91.96 -16.91 -19.54
C GLN F 417 -90.97 -17.81 -18.80
N ALA F 418 -91.31 -19.09 -18.64
CA ALA F 418 -90.42 -20.02 -17.97
C ALA F 418 -89.12 -20.23 -18.75
N ASN F 419 -89.22 -20.20 -20.09
CA ASN F 419 -88.02 -20.36 -20.91
C ASN F 419 -87.15 -19.12 -20.86
N SER F 420 -87.76 -17.94 -20.79
CA SER F 420 -86.96 -16.72 -20.65
C SER F 420 -86.33 -16.62 -19.27
N ARG F 421 -87.01 -17.15 -18.25
CA ARG F 421 -86.40 -17.26 -16.93
C ARG F 421 -85.20 -18.20 -16.96
N SER F 422 -85.32 -19.31 -17.70
CA SER F 422 -84.19 -20.22 -17.86
C SER F 422 -83.04 -19.55 -18.61
N LEU F 423 -83.36 -18.76 -19.64
CA LEU F 423 -82.34 -18.01 -20.35
C LEU F 423 -81.70 -16.96 -19.44
N GLU F 424 -82.43 -16.26 -18.59
CA GLU F 424 -81.84 -15.25 -17.68
C GLU F 424 -80.84 -15.86 -16.69
N VAL F 425 -81.15 -17.00 -16.04
CA VAL F 425 -80.21 -17.69 -15.09
C VAL F 425 -78.87 -17.96 -15.79
N HIS F 426 -78.82 -18.37 -17.04
CA HIS F 426 -77.53 -18.71 -17.67
C HIS F 426 -76.69 -17.48 -17.95
N ASN F 427 -77.36 -16.42 -18.38
CA ASN F 427 -76.63 -15.17 -18.60
C ASN F 427 -76.07 -14.79 -17.25
N GLN F 428 -76.85 -14.93 -16.20
CA GLN F 428 -76.39 -14.48 -14.87
C GLN F 428 -75.20 -15.31 -14.43
N LEU F 429 -75.13 -16.56 -14.87
CA LEU F 429 -74.07 -17.48 -14.42
C LEU F 429 -72.79 -17.21 -15.21
N GLN F 430 -72.88 -16.70 -16.43
CA GLN F 430 -71.62 -16.30 -17.13
C GLN F 430 -71.09 -14.96 -16.61
N GLN F 431 -71.94 -14.08 -16.08
CA GLN F 431 -71.53 -12.84 -15.42
C GLN F 431 -70.87 -13.12 -14.08
N ASN F 432 -71.27 -14.19 -13.40
CA ASN F 432 -70.71 -14.50 -12.10
C ASN F 432 -69.23 -14.86 -12.20
N ILE F 433 -68.86 -15.69 -13.17
CA ILE F 433 -67.47 -16.08 -13.31
C ILE F 433 -66.65 -14.93 -13.88
N LEU F 434 -67.31 -13.97 -14.54
CA LEU F 434 -66.65 -12.85 -15.19
C LEU F 434 -66.08 -11.85 -14.20
N GLN F 435 -66.40 -11.97 -12.91
CA GLN F 435 -66.03 -11.00 -11.89
C GLN F 435 -65.19 -11.66 -10.81
N ILE F 436 -64.43 -12.69 -11.19
CA ILE F 436 -63.55 -13.36 -10.26
C ILE F 436 -62.15 -12.75 -10.36
N SER G 2 -73.25 3.07 -32.10
CA SER G 2 -74.30 3.72 -31.33
C SER G 2 -75.16 4.61 -32.22
N TYR G 3 -74.64 4.97 -33.39
CA TYR G 3 -75.40 5.80 -34.31
C TYR G 3 -76.52 5.03 -34.99
N VAL G 4 -76.33 3.73 -35.20
CA VAL G 4 -77.40 2.91 -35.79
C VAL G 4 -78.58 2.82 -34.82
N SER G 5 -78.28 2.66 -33.53
CA SER G 5 -79.35 2.62 -32.53
C SER G 5 -80.04 3.97 -32.40
N LEU G 6 -79.28 5.06 -32.46
CA LEU G 6 -79.88 6.39 -32.35
C LEU G 6 -80.75 6.70 -33.56
N SER G 7 -80.41 6.16 -34.73
CA SER G 7 -81.29 6.28 -35.89
C SER G 7 -82.60 5.56 -35.65
N GLY G 8 -82.54 4.40 -34.99
CA GLY G 8 -83.77 3.69 -34.66
C GLY G 8 -84.65 4.44 -33.67
N LEU G 9 -84.02 5.08 -32.68
CA LEU G 9 -84.79 5.89 -31.73
C LEU G 9 -85.45 7.07 -32.42
N SER G 10 -84.73 7.73 -33.32
CA SER G 10 -85.30 8.86 -34.06
C SER G 10 -86.48 8.41 -34.93
N ALA G 11 -86.32 7.27 -35.62
CA ALA G 11 -87.41 6.75 -36.44
C ALA G 11 -88.60 6.35 -35.59
N ALA G 12 -88.36 5.69 -34.45
CA ALA G 12 -89.45 5.26 -33.59
C ALA G 12 -90.19 6.45 -33.00
N GLN G 13 -89.46 7.48 -32.58
CA GLN G 13 -90.10 8.66 -32.01
C GLN G 13 -90.83 9.46 -33.08
N LEU G 14 -90.31 9.46 -34.31
CA LEU G 14 -91.03 10.10 -35.41
C LEU G 14 -92.36 9.43 -35.67
N ASP G 15 -92.41 8.10 -35.57
CA ASP G 15 -93.68 7.40 -35.71
C ASP G 15 -94.63 7.74 -34.57
N LEU G 16 -94.08 8.00 -33.37
CA LEU G 16 -94.92 8.46 -32.26
C LEU G 16 -95.53 9.82 -32.55
N ASN G 17 -94.72 10.76 -33.06
CA ASN G 17 -95.22 12.11 -33.31
C ASN G 17 -96.28 12.11 -34.41
N THR G 18 -96.07 11.32 -35.45
CA THR G 18 -97.07 11.21 -36.51
C THR G 18 -98.37 10.62 -35.97
N THR G 19 -98.28 9.58 -35.15
CA THR G 19 -99.47 8.99 -34.56
C THR G 19 -100.13 9.93 -33.56
N SER G 20 -99.34 10.61 -32.74
CA SER G 20 -99.90 11.52 -31.75
C SER G 20 -100.58 12.71 -32.42
N ASN G 21 -100.07 13.14 -33.58
CA ASN G 21 -100.72 14.22 -34.31
C ASN G 21 -102.09 13.80 -34.83
N ASN G 22 -102.21 12.55 -35.29
CA ASN G 22 -103.49 12.06 -35.77
C ASN G 22 -104.51 11.97 -34.64
N ILE G 23 -104.08 11.49 -33.48
CA ILE G 23 -105.00 11.32 -32.36
C ILE G 23 -105.49 12.67 -31.86
N ALA G 24 -104.60 13.66 -31.81
CA ALA G 24 -105.00 15.00 -31.38
C ALA G 24 -106.04 15.60 -32.32
N ASN G 25 -105.91 15.35 -33.62
CA ASN G 25 -106.82 15.89 -34.62
C ASN G 25 -108.01 14.97 -34.90
N ALA G 26 -108.44 14.20 -33.90
CA ALA G 26 -109.56 13.28 -34.09
C ALA G 26 -110.89 13.99 -34.27
N ASN G 27 -110.96 15.29 -33.98
CA ASN G 27 -112.22 16.03 -34.08
C ASN G 27 -112.18 17.20 -35.05
N THR G 28 -111.02 17.58 -35.56
CA THR G 28 -110.94 18.70 -36.49
C THR G 28 -111.56 18.30 -37.83
N TYR G 29 -112.30 19.24 -38.42
CA TYR G 29 -112.99 18.97 -39.67
C TYR G 29 -112.02 19.02 -40.85
N GLY G 30 -112.12 18.02 -41.73
CA GLY G 30 -111.31 17.98 -42.93
C GLY G 30 -109.90 17.49 -42.73
N PHE G 31 -109.53 17.00 -41.55
CA PHE G 31 -108.17 16.53 -41.32
C PHE G 31 -107.90 15.26 -42.10
N LYS G 32 -106.71 15.19 -42.69
CA LYS G 32 -106.23 14.00 -43.39
C LYS G 32 -105.06 13.43 -42.60
N GLU G 33 -105.15 12.17 -42.23
CA GLU G 33 -104.14 11.57 -41.37
C GLU G 33 -102.82 11.43 -42.12
N SER G 34 -101.76 11.17 -41.35
CA SER G 34 -100.41 11.09 -41.87
C SER G 34 -99.82 9.72 -41.60
N ARG G 35 -98.87 9.32 -42.43
CA ARG G 35 -98.18 8.05 -42.30
C ARG G 35 -96.70 8.26 -42.51
N ALA G 36 -95.91 7.97 -41.47
CA ALA G 36 -94.47 8.14 -41.54
C ALA G 36 -93.84 6.93 -42.22
N GLU G 37 -93.08 7.19 -43.29
CA GLU G 37 -92.45 6.14 -44.07
C GLU G 37 -90.94 6.24 -43.93
N PHE G 38 -90.29 5.09 -43.79
CA PHE G 38 -88.86 5.05 -43.52
C PHE G 38 -88.13 4.25 -44.59
N ALA G 39 -86.83 4.52 -44.69
CA ALA G 39 -85.95 3.86 -45.64
C ALA G 39 -84.64 3.50 -44.95
N ASP G 40 -83.88 2.62 -45.59
CA ASP G 40 -82.64 2.11 -45.05
C ASP G 40 -81.47 3.04 -45.37
N VAL G 41 -80.37 2.84 -44.64
CA VAL G 41 -79.14 3.64 -44.86
C VAL G 41 -78.00 2.64 -45.04
N TYR G 42 -77.57 2.37 -46.27
CA TYR G 42 -76.43 1.46 -46.51
C TYR G 42 -75.43 2.20 -47.38
N SER G 43 -74.69 3.13 -46.80
CA SER G 43 -73.70 3.95 -47.56
C SER G 43 -72.35 3.24 -47.60
N ASN G 44 -71.58 3.38 -48.67
CA ASN G 44 -70.32 2.63 -48.79
C ASN G 44 -69.24 3.50 -49.40
N SER G 45 -67.98 3.06 -49.42
CA SER G 45 -66.96 3.81 -50.14
C SER G 45 -66.06 2.85 -50.90
N LEU G 46 -65.08 3.41 -51.60
CA LEU G 46 -64.16 2.61 -52.40
C LEU G 46 -63.28 1.74 -51.52
N PHE G 47 -62.96 2.22 -50.31
CA PHE G 47 -62.01 1.54 -49.44
C PHE G 47 -62.68 0.74 -48.33
N THR G 48 -63.99 0.54 -48.38
CA THR G 48 -64.72 -0.23 -47.39
C THR G 48 -65.08 -1.59 -47.96
N ASN G 49 -64.96 -2.64 -47.13
CA ASN G 49 -65.34 -3.98 -47.56
C ASN G 49 -66.83 -4.05 -47.89
N ALA G 50 -67.15 -4.68 -49.01
CA ALA G 50 -68.54 -4.83 -49.44
C ALA G 50 -69.21 -6.08 -48.89
N LYS G 51 -68.38 -6.70 -48.05
CA LYS G 51 -68.81 -7.97 -47.45
C LYS G 51 -69.04 -7.82 -45.95
N THR G 52 -68.27 -6.98 -45.27
CA THR G 52 -68.39 -6.95 -43.78
C THR G 52 -68.73 -5.56 -43.24
N THR G 53 -69.80 -4.95 -43.75
CA THR G 53 -70.26 -3.64 -43.23
C THR G 53 -71.72 -3.88 -42.90
N PRO G 54 -72.19 -3.47 -41.70
CA PRO G 54 -73.52 -3.87 -41.28
C PRO G 54 -74.81 -3.07 -41.53
N GLY G 55 -74.75 -1.79 -41.94
CA GLY G 55 -75.94 -0.96 -42.21
C GLY G 55 -75.79 0.37 -41.50
N GLY G 56 -76.47 1.44 -41.92
CA GLY G 56 -76.26 2.66 -41.18
C GLY G 56 -77.40 3.07 -40.27
N GLY G 57 -78.47 2.27 -40.22
CA GLY G 57 -79.61 2.59 -39.40
C GLY G 57 -80.89 2.67 -40.18
N ALA G 58 -81.78 3.57 -39.79
CA ALA G 58 -83.05 3.77 -40.49
C ALA G 58 -83.18 5.25 -40.81
N GLN G 59 -83.64 5.55 -42.02
CA GLN G 59 -83.80 6.92 -42.48
C GLN G 59 -85.27 7.22 -42.73
N ALA G 60 -85.70 8.42 -42.34
CA ALA G 60 -87.07 8.84 -42.59
C ALA G 60 -87.24 9.20 -44.05
N SER G 61 -88.30 8.73 -44.69
CA SER G 61 -88.55 9.05 -46.11
C SER G 61 -89.54 10.18 -46.24
N GLN G 62 -90.84 9.88 -46.25
CA GLN G 62 -91.88 10.89 -46.49
C GLN G 62 -92.96 10.84 -45.43
N VAL G 63 -93.20 11.90 -44.68
CA VAL G 63 -94.37 11.85 -43.76
C VAL G 63 -95.60 12.15 -44.61
N ALA G 64 -96.15 11.13 -45.29
CA ALA G 64 -97.27 11.29 -46.26
C ALA G 64 -98.50 11.94 -45.66
N GLN G 65 -99.50 12.23 -46.50
CA GLN G 65 -100.79 12.71 -45.95
C GLN G 65 -101.84 11.94 -46.71
N GLN G 66 -102.17 10.74 -46.26
CA GLN G 66 -103.23 9.85 -46.74
C GLN G 66 -104.55 10.58 -46.96
N PHE G 67 -105.05 10.54 -48.20
CA PHE G 67 -106.18 11.35 -48.63
C PHE G 67 -107.44 10.53 -48.89
N HIS G 68 -107.63 9.44 -48.14
CA HIS G 68 -108.89 8.73 -48.25
C HIS G 68 -110.02 9.55 -47.63
N GLU G 69 -111.22 9.37 -48.19
CA GLU G 69 -112.36 10.17 -47.78
C GLU G 69 -112.71 9.95 -46.31
N GLY G 70 -112.99 11.05 -45.61
CA GLY G 70 -113.41 10.97 -44.24
C GLY G 70 -114.90 10.81 -44.08
N SER G 71 -115.31 10.37 -42.90
CA SER G 71 -116.73 10.15 -42.63
C SER G 71 -117.45 11.49 -42.49
N SER G 72 -118.76 11.46 -42.74
CA SER G 72 -119.58 12.66 -42.79
C SER G 72 -120.44 12.77 -41.53
N ILE G 73 -120.56 13.99 -41.02
CA ILE G 73 -121.45 14.29 -39.91
C ILE G 73 -122.60 15.13 -40.45
N TYR G 74 -123.74 15.04 -39.80
CA TYR G 74 -124.96 15.71 -40.25
C TYR G 74 -125.33 16.80 -39.26
N THR G 75 -125.43 18.04 -39.76
CA THR G 75 -125.74 19.20 -38.93
C THR G 75 -127.00 19.93 -39.35
N ASN G 76 -127.58 19.58 -40.50
CA ASN G 76 -128.80 20.20 -41.02
C ASN G 76 -128.64 21.72 -41.17
N ASN G 77 -127.42 22.14 -41.48
CA ASN G 77 -127.09 23.56 -41.67
C ASN G 77 -126.80 23.80 -43.15
N PRO G 78 -127.63 24.56 -43.87
CA PRO G 78 -127.42 24.73 -45.31
C PRO G 78 -126.10 25.39 -45.67
N MET G 79 -125.48 26.12 -44.74
CA MET G 79 -124.19 26.74 -45.00
C MET G 79 -123.01 25.81 -44.76
N ASP G 80 -123.24 24.64 -44.16
CA ASP G 80 -122.17 23.65 -44.03
C ASP G 80 -122.13 22.76 -45.25
N LEU G 81 -120.95 22.67 -45.88
CA LEU G 81 -120.79 21.95 -47.13
C LEU G 81 -119.75 20.85 -46.98
N ARG G 82 -119.83 19.87 -47.87
CA ARG G 82 -118.90 18.74 -47.90
C ARG G 82 -118.74 18.25 -49.33
N VAL G 83 -117.52 17.86 -49.68
CA VAL G 83 -117.21 17.33 -51.00
C VAL G 83 -117.24 15.82 -50.92
N SER G 84 -118.23 15.20 -51.57
CA SER G 84 -118.34 13.75 -51.63
C SER G 84 -117.67 13.28 -52.91
N GLY G 85 -116.42 12.82 -52.80
CA GLY G 85 -115.63 12.43 -53.95
C GLY G 85 -114.25 13.07 -53.92
N THR G 86 -113.77 13.43 -55.11
CA THR G 86 -112.47 14.06 -55.27
C THR G 86 -112.65 15.53 -55.58
N GLY G 87 -112.00 16.39 -54.81
CA GLY G 87 -112.07 17.82 -55.02
C GLY G 87 -111.87 18.58 -53.72
N PHE G 88 -111.31 19.78 -53.84
CA PHE G 88 -111.08 20.66 -52.71
C PHE G 88 -111.84 21.96 -52.91
N PHE G 89 -112.11 22.64 -51.81
CA PHE G 89 -112.69 23.97 -51.88
C PHE G 89 -111.59 25.01 -52.11
N ALA G 90 -111.93 26.05 -52.87
CA ALA G 90 -111.01 27.16 -53.12
C ALA G 90 -111.31 28.28 -52.14
N VAL G 91 -110.28 28.71 -51.41
CA VAL G 91 -110.43 29.70 -50.35
C VAL G 91 -109.32 30.73 -50.47
N ALA G 92 -109.71 32.00 -50.53
CA ALA G 92 -108.77 33.11 -50.65
C ALA G 92 -108.80 33.96 -49.39
N LYS G 93 -107.63 34.29 -48.86
CA LYS G 93 -107.55 35.09 -47.65
C LYS G 93 -108.06 36.51 -47.88
N GLU G 94 -107.71 37.10 -49.02
CA GLU G 94 -108.10 38.47 -49.35
C GLU G 94 -109.16 38.45 -50.44
N ARG G 95 -110.24 39.20 -50.21
CA ARG G 95 -111.35 39.23 -51.17
C ARG G 95 -110.91 39.82 -52.50
N LEU G 96 -110.09 40.86 -52.48
CA LEU G 96 -109.69 41.54 -53.70
C LEU G 96 -108.90 40.61 -54.61
N THR G 97 -107.99 39.83 -54.05
CA THR G 97 -107.14 38.95 -54.84
C THR G 97 -107.53 37.50 -54.59
N PRO G 98 -108.25 36.85 -55.51
CA PRO G 98 -108.58 35.43 -55.35
C PRO G 98 -107.58 34.48 -55.96
N GLN G 99 -106.52 34.99 -56.60
CA GLN G 99 -105.47 34.11 -57.12
C GLN G 99 -104.63 33.53 -55.98
N GLN G 100 -104.38 34.32 -54.95
CA GLN G 100 -103.69 33.85 -53.75
C GLN G 100 -104.69 33.07 -52.90
N ASN G 101 -104.88 31.81 -53.27
CA ASN G 101 -105.88 30.95 -52.66
C ASN G 101 -105.24 29.64 -52.20
N GLU G 102 -105.93 28.98 -51.28
CA GLU G 102 -105.47 27.71 -50.71
C GLU G 102 -106.61 26.71 -50.73
N LEU G 103 -106.25 25.43 -50.74
CA LEU G 103 -107.22 24.35 -50.81
C LEU G 103 -107.59 23.88 -49.40
N THR G 104 -108.88 23.67 -49.17
CA THR G 104 -109.39 23.24 -47.88
C THR G 104 -110.44 22.15 -48.09
N ARG G 105 -110.69 21.38 -47.03
CA ARG G 105 -111.64 20.29 -47.08
C ARG G 105 -112.82 20.42 -46.13
N ASN G 106 -112.80 21.38 -45.21
CA ASN G 106 -113.92 21.56 -44.31
C ASN G 106 -114.82 22.69 -44.81
N GLY G 107 -116.13 22.50 -44.63
CA GLY G 107 -117.10 23.44 -45.15
C GLY G 107 -117.89 24.18 -44.09
N ALA G 108 -117.23 24.52 -42.98
CA ALA G 108 -117.89 25.31 -41.95
C ALA G 108 -117.98 26.77 -42.38
N PHE G 109 -118.96 27.07 -43.22
CA PHE G 109 -119.10 28.38 -43.83
C PHE G 109 -120.25 29.16 -43.21
N HIS G 110 -120.21 30.48 -43.38
CA HIS G 110 -121.25 31.38 -42.92
C HIS G 110 -121.10 32.69 -43.67
N LEU G 111 -121.94 33.67 -43.35
CA LEU G 111 -121.93 34.98 -43.98
C LEU G 111 -121.38 36.02 -43.01
N ASN G 112 -120.44 36.82 -43.49
CA ASN G 112 -119.90 37.94 -42.74
C ASN G 112 -120.84 39.13 -42.88
N LYS G 113 -120.38 40.30 -42.42
CA LYS G 113 -121.22 41.50 -42.50
C LYS G 113 -121.46 41.93 -43.94
N GLU G 114 -120.60 41.49 -44.87
CA GLU G 114 -120.76 41.78 -46.29
C GLU G 114 -121.54 40.70 -47.03
N ASN G 115 -122.09 39.72 -46.32
CA ASN G 115 -122.85 38.62 -46.92
C ASN G 115 -122.01 37.84 -47.94
N TYR G 116 -120.74 37.66 -47.62
CA TYR G 116 -119.86 36.79 -48.39
C TYR G 116 -119.69 35.47 -47.65
N MET G 117 -119.78 34.37 -48.39
CA MET G 117 -119.60 33.05 -47.79
C MET G 117 -118.13 32.86 -47.43
N VAL G 118 -117.84 32.85 -46.12
CA VAL G 118 -116.48 32.83 -45.62
C VAL G 118 -116.27 31.62 -44.75
N THR G 119 -115.01 31.30 -44.50
CA THR G 119 -114.65 30.20 -43.61
C THR G 119 -114.64 30.68 -42.16
N ALA G 120 -114.20 29.80 -41.26
CA ALA G 120 -114.10 30.17 -39.85
C ALA G 120 -113.01 31.21 -39.61
N ASN G 121 -111.99 31.24 -40.46
CA ASN G 121 -110.87 32.16 -40.33
C ASN G 121 -111.08 33.45 -41.10
N ASP G 122 -112.34 33.80 -41.40
CA ASP G 122 -112.67 35.01 -42.18
C ASP G 122 -111.96 35.00 -43.53
N GLU G 123 -111.91 33.83 -44.16
CA GLU G 123 -111.34 33.67 -45.48
C GLU G 123 -112.44 33.31 -46.47
N PHE G 124 -112.41 33.94 -47.63
CA PHE G 124 -113.53 33.93 -48.56
C PHE G 124 -113.52 32.68 -49.44
N LEU G 125 -114.70 32.10 -49.65
CA LEU G 125 -114.86 30.96 -50.55
C LEU G 125 -115.00 31.43 -51.98
N LEU G 126 -114.31 30.74 -52.90
CA LEU G 126 -114.26 31.13 -54.29
C LEU G 126 -115.22 30.28 -55.12
N GLY G 127 -115.84 30.92 -56.11
CA GLY G 127 -116.80 30.25 -56.96
C GLY G 127 -116.82 30.87 -58.35
N TYR G 128 -117.57 30.23 -59.24
CA TYR G 128 -117.69 30.68 -60.62
C TYR G 128 -118.89 31.60 -60.77
N GLN G 129 -118.77 32.56 -61.68
CA GLN G 129 -119.81 33.55 -61.92
C GLN G 129 -120.73 33.08 -63.05
N VAL G 130 -122.00 32.90 -62.73
CA VAL G 130 -123.00 32.47 -63.70
C VAL G 130 -124.06 33.55 -63.82
N ASP G 131 -124.50 33.83 -65.04
CA ASP G 131 -125.55 34.80 -65.26
C ASP G 131 -126.87 34.29 -64.70
N PRO G 132 -127.73 35.18 -64.21
CA PRO G 132 -129.02 34.73 -63.68
C PRO G 132 -129.90 34.02 -64.68
N SER G 133 -129.73 34.30 -65.98
CA SER G 133 -130.52 33.65 -67.02
C SER G 133 -129.76 32.56 -67.76
N SER G 134 -128.43 32.58 -67.71
CA SER G 134 -127.64 31.60 -68.43
C SER G 134 -127.61 30.28 -67.66
N GLY G 135 -126.86 29.32 -68.18
CA GLY G 135 -126.75 28.01 -67.58
C GLY G 135 -125.42 27.78 -66.88
N GLU G 136 -124.48 27.19 -67.60
CA GLU G 136 -123.17 26.85 -67.04
C GLU G 136 -122.33 28.08 -66.78
N VAL G 137 -121.10 27.88 -66.30
CA VAL G 137 -120.23 28.98 -65.94
C VAL G 137 -119.93 29.84 -67.16
N SER G 138 -120.13 31.15 -67.02
CA SER G 138 -119.83 32.08 -68.10
C SER G 138 -118.34 32.38 -68.17
N SER G 139 -117.78 32.93 -67.09
CA SER G 139 -116.35 33.20 -66.99
C SER G 139 -115.76 32.29 -65.92
N TYR G 140 -114.74 31.53 -66.29
CA TYR G 140 -114.17 30.51 -65.41
C TYR G 140 -113.29 31.08 -64.32
N GLU G 141 -113.04 32.37 -64.30
CA GLU G 141 -112.20 32.96 -63.27
C GLU G 141 -112.89 32.87 -61.91
N PRO G 142 -112.24 32.32 -60.89
CA PRO G 142 -112.89 32.21 -59.58
C PRO G 142 -112.99 33.56 -58.88
N GLN G 143 -114.17 33.84 -58.37
CA GLN G 143 -114.48 35.06 -57.65
C GLN G 143 -115.20 34.72 -56.35
N PRO G 144 -115.08 35.57 -55.34
CA PRO G 144 -115.77 35.28 -54.07
C PRO G 144 -117.27 35.20 -54.25
N ILE G 145 -117.91 34.33 -53.47
CA ILE G 145 -119.34 34.09 -53.56
C ILE G 145 -120.05 35.11 -52.69
N ASN G 146 -120.99 35.85 -53.29
CA ASN G 146 -121.76 36.87 -52.59
C ASN G 146 -123.24 36.55 -52.68
N ILE G 147 -123.91 36.56 -51.54
CA ILE G 147 -125.35 36.35 -51.48
C ILE G 147 -126.00 37.67 -51.05
N PRO G 148 -126.48 38.48 -52.00
CA PRO G 148 -127.00 39.80 -51.64
C PRO G 148 -128.21 39.71 -50.73
N ALA G 149 -128.32 40.69 -49.82
CA ALA G 149 -129.50 40.77 -48.98
C ALA G 149 -130.75 41.09 -49.80
N GLU G 150 -130.62 41.98 -50.78
CA GLU G 150 -131.74 42.37 -51.64
C GLU G 150 -131.35 42.16 -53.09
N PHE G 151 -132.20 41.45 -53.83
CA PHE G 151 -132.01 41.25 -55.26
C PHE G 151 -133.33 41.53 -55.97
N GLY G 152 -133.27 42.29 -57.05
CA GLY G 152 -134.47 42.61 -57.81
C GLY G 152 -134.27 43.71 -58.84
N THR G 320 -138.11 45.33 -54.45
CA THR G 320 -137.06 44.34 -54.34
C THR G 320 -137.51 43.13 -53.53
N GLY G 321 -136.56 42.25 -53.20
CA GLY G 321 -136.86 41.08 -52.39
C GLY G 321 -135.74 40.76 -51.42
N PHE G 322 -136.08 40.31 -50.23
CA PHE G 322 -135.09 40.04 -49.20
C PHE G 322 -134.78 38.55 -49.12
N LEU G 323 -133.51 38.23 -48.87
CA LEU G 323 -133.06 36.85 -48.84
C LEU G 323 -133.78 36.07 -47.75
N THR G 324 -134.30 34.90 -48.10
CA THR G 324 -135.06 34.06 -47.18
C THR G 324 -134.36 32.74 -46.87
N LYS G 325 -134.02 31.96 -47.89
CA LYS G 325 -133.34 30.69 -47.70
C LYS G 325 -132.27 30.51 -48.76
N VAL G 326 -131.25 29.73 -48.44
CA VAL G 326 -130.16 29.41 -49.35
C VAL G 326 -130.02 27.90 -49.41
N ASP G 327 -129.91 27.35 -50.62
CA ASP G 327 -129.74 25.92 -50.80
C ASP G 327 -128.72 25.67 -51.91
N PHE G 328 -128.08 24.50 -51.83
CA PHE G 328 -127.07 24.10 -52.80
C PHE G 328 -127.48 22.78 -53.42
N ASP G 329 -127.50 22.73 -54.75
CA ASP G 329 -127.80 21.50 -55.46
C ASP G 329 -126.51 20.70 -55.67
N GLU G 330 -126.64 19.53 -56.30
CA GLU G 330 -125.48 18.67 -56.52
C GLU G 330 -124.47 19.31 -57.49
N ASN G 331 -124.89 20.30 -58.26
CA ASN G 331 -123.99 21.02 -59.15
C ASN G 331 -123.23 22.14 -58.46
N GLY G 332 -123.46 22.35 -57.17
CA GLY G 332 -122.75 23.36 -56.41
C GLY G 332 -123.29 24.76 -56.54
N SER G 333 -124.38 24.96 -57.28
CA SER G 333 -124.92 26.30 -57.48
C SER G 333 -125.64 26.77 -56.23
N VAL G 334 -125.30 27.98 -55.79
CA VAL G 334 -125.97 28.61 -54.65
C VAL G 334 -127.22 29.32 -55.17
N MET G 335 -128.38 28.93 -54.67
CA MET G 335 -129.65 29.51 -55.07
C MET G 335 -130.30 30.18 -53.87
N GLY G 336 -130.63 31.46 -54.01
CA GLY G 336 -131.24 32.23 -52.95
C GLY G 336 -132.61 32.72 -53.37
N THR G 337 -133.63 32.32 -52.61
CA THR G 337 -134.99 32.75 -52.84
C THR G 337 -135.27 34.01 -52.04
N TYR G 338 -136.04 34.92 -52.63
CA TYR G 338 -136.32 36.22 -52.04
C TYR G 338 -137.81 36.36 -51.79
N SER G 339 -138.19 37.50 -51.19
CA SER G 339 -139.58 37.72 -50.81
C SER G 339 -140.51 37.75 -52.02
N ASN G 340 -140.06 38.34 -53.13
CA ASN G 340 -140.88 38.43 -54.33
C ASN G 340 -140.99 37.10 -55.07
N GLY G 341 -140.50 36.01 -54.50
CA GLY G 341 -140.59 34.72 -55.16
C GLY G 341 -139.76 34.60 -56.42
N GLU G 342 -138.58 35.23 -56.44
CA GLU G 342 -137.69 35.21 -57.59
C GLU G 342 -136.48 34.35 -57.26
N ASN G 343 -136.42 33.15 -57.85
CA ASN G 343 -135.31 32.24 -57.63
C ASN G 343 -134.18 32.59 -58.60
N VAL G 344 -133.05 33.00 -58.06
CA VAL G 344 -131.91 33.46 -58.86
C VAL G 344 -130.69 32.63 -58.49
N THR G 345 -129.95 32.21 -59.52
CA THR G 345 -128.70 31.48 -59.32
C THR G 345 -127.58 32.49 -59.10
N LEU G 346 -127.06 32.52 -57.88
CA LEU G 346 -126.07 33.51 -57.47
C LEU G 346 -124.64 33.05 -57.68
N GLY G 347 -124.43 31.87 -58.26
CA GLY G 347 -123.09 31.36 -58.48
C GLY G 347 -123.01 29.88 -58.19
N ARG G 348 -121.83 29.30 -58.41
CA ARG G 348 -121.58 27.91 -58.03
C ARG G 348 -120.19 27.81 -57.44
N VAL G 349 -120.05 27.00 -56.39
CA VAL G 349 -118.80 26.90 -55.66
C VAL G 349 -117.74 26.27 -56.56
N ALA G 350 -116.54 26.84 -56.55
CA ALA G 350 -115.44 26.31 -57.34
C ALA G 350 -114.81 25.12 -56.65
N LEU G 351 -114.52 24.08 -57.43
CA LEU G 351 -113.87 22.88 -56.93
C LEU G 351 -112.51 22.73 -57.59
N VAL G 352 -111.49 22.43 -56.80
CA VAL G 352 -110.11 22.37 -57.27
C VAL G 352 -109.57 20.96 -57.03
N ARG G 353 -108.80 20.46 -57.99
CA ARG G 353 -108.21 19.14 -57.92
C ARG G 353 -106.77 19.21 -58.42
N VAL G 354 -105.93 18.33 -57.90
CA VAL G 354 -104.54 18.26 -58.34
C VAL G 354 -104.19 16.82 -58.69
N PRO G 355 -103.31 16.58 -59.67
CA PRO G 355 -102.94 15.20 -60.01
C PRO G 355 -102.27 14.46 -58.87
N ASN G 356 -101.49 15.15 -58.04
CA ASN G 356 -100.74 14.53 -56.95
C ASN G 356 -101.13 15.21 -55.64
N GLU G 357 -102.14 14.67 -54.96
CA GLU G 357 -102.53 15.21 -53.67
C GLU G 357 -101.45 15.00 -52.61
N GLN G 358 -100.66 13.93 -52.73
CA GLN G 358 -99.58 13.66 -51.79
C GLN G 358 -98.52 14.74 -51.79
N GLY G 359 -98.38 15.47 -52.90
CA GLY G 359 -97.39 16.52 -53.02
C GLY G 359 -97.79 17.87 -52.47
N LEU G 360 -99.04 18.03 -52.07
CA LEU G 360 -99.50 19.30 -51.50
C LEU G 360 -98.78 19.59 -50.19
N ASP G 361 -98.37 20.84 -50.01
CA ASP G 361 -97.76 21.27 -48.76
C ASP G 361 -98.85 21.70 -47.79
N LYS G 362 -98.57 21.54 -46.50
CA LYS G 362 -99.59 21.72 -45.47
C LYS G 362 -99.42 23.07 -44.81
N LYS G 363 -100.46 23.91 -44.92
CA LYS G 363 -100.50 25.17 -44.20
C LYS G 363 -101.25 24.96 -42.90
N GLY G 364 -101.53 26.04 -42.16
CA GLY G 364 -102.29 25.92 -40.94
C GLY G 364 -103.77 25.74 -41.19
N GLY G 365 -104.44 25.18 -40.19
CA GLY G 365 -105.88 25.05 -40.22
C GLY G 365 -106.45 24.12 -41.28
N THR G 366 -105.83 22.95 -41.46
CA THR G 366 -106.31 21.94 -42.41
C THR G 366 -106.48 22.52 -43.82
N GLN G 367 -105.48 23.26 -44.26
CA GLN G 367 -105.50 23.89 -45.57
C GLN G 367 -104.19 23.62 -46.30
N TRP G 368 -104.31 23.37 -47.61
CA TRP G 368 -103.18 23.02 -48.44
C TRP G 368 -102.98 24.07 -49.53
N ASP G 369 -101.78 24.10 -50.09
CA ASP G 369 -101.43 24.94 -51.22
C ASP G 369 -100.75 24.09 -52.28
N SER G 370 -100.89 24.51 -53.54
CA SER G 370 -100.30 23.76 -54.64
C SER G 370 -98.79 23.89 -54.63
N THR G 371 -98.11 22.82 -55.05
CA THR G 371 -96.66 22.82 -55.16
C THR G 371 -96.23 22.39 -56.56
N GLN G 372 -94.93 22.27 -56.79
CA GLN G 372 -94.44 21.75 -58.06
C GLN G 372 -94.57 20.23 -58.14
N PHE G 373 -94.46 19.54 -57.00
CA PHE G 373 -94.61 18.09 -56.95
C PHE G 373 -96.06 17.65 -56.91
N SER G 374 -96.99 18.57 -56.70
CA SER G 374 -98.40 18.27 -56.64
C SER G 374 -99.14 18.60 -57.93
N GLY G 375 -98.42 19.04 -58.96
CA GLY G 375 -99.07 19.45 -60.19
C GLY G 375 -99.68 20.84 -60.06
N ASP G 376 -100.44 21.19 -61.09
CA ASP G 376 -101.12 22.47 -61.15
C ASP G 376 -102.58 22.32 -60.78
N LYS G 377 -103.19 23.43 -60.34
CA LYS G 377 -104.59 23.40 -59.95
C LYS G 377 -105.47 23.16 -61.16
N ILE G 378 -106.49 22.31 -60.98
CA ILE G 378 -107.47 22.01 -62.02
C ILE G 378 -108.80 22.57 -61.55
N TRP G 379 -109.26 23.63 -62.20
CA TRP G 379 -110.51 24.29 -61.85
C TRP G 379 -111.65 23.64 -62.63
N GLY G 380 -112.69 23.22 -61.92
CA GLY G 380 -113.82 22.59 -62.55
C GLY G 380 -115.05 22.66 -61.66
N GLU G 381 -116.17 22.20 -62.22
CA GLU G 381 -117.42 22.18 -61.49
C GLU G 381 -117.56 20.87 -60.71
N SER G 382 -118.48 20.89 -59.74
CA SER G 382 -118.77 19.70 -58.96
C SER G 382 -119.63 18.74 -59.77
N ASN G 383 -119.39 17.45 -59.59
CA ASN G 383 -120.11 16.38 -60.30
C ASN G 383 -119.91 16.51 -61.81
N LYS G 384 -118.76 17.02 -62.22
CA LYS G 384 -118.38 17.12 -63.62
C LYS G 384 -117.01 16.47 -63.80
N GLY G 385 -116.91 15.59 -64.79
CA GLY G 385 -115.67 14.87 -65.04
C GLY G 385 -115.24 14.00 -63.86
N SER G 386 -114.01 14.20 -63.39
CA SER G 386 -113.49 13.44 -62.27
C SER G 386 -113.83 14.07 -60.91
N PHE G 387 -114.44 15.25 -60.90
CA PHE G 387 -114.76 15.91 -59.66
C PHE G 387 -115.96 15.24 -58.98
N GLY G 388 -115.95 15.28 -57.65
CA GLY G 388 -117.05 14.75 -56.87
C GLY G 388 -118.18 15.75 -56.71
N THR G 389 -119.18 15.35 -55.93
CA THR G 389 -120.36 16.17 -55.68
C THR G 389 -120.16 17.03 -54.43
N ILE G 390 -121.06 17.99 -54.27
CA ILE G 390 -121.08 18.87 -53.10
C ILE G 390 -122.40 18.67 -52.37
N ASN G 391 -122.32 18.37 -51.08
CA ASN G 391 -123.50 18.15 -50.25
C ASN G 391 -123.54 19.22 -49.17
N ASN G 392 -124.69 19.89 -49.05
CA ASN G 392 -124.88 20.88 -47.99
C ASN G 392 -125.54 20.22 -46.78
N GLY G 393 -125.33 20.83 -45.61
CA GLY G 393 -125.78 20.24 -44.37
C GLY G 393 -124.90 19.14 -43.83
N MET G 394 -123.71 18.95 -44.37
CA MET G 394 -122.81 17.89 -43.94
C MET G 394 -121.41 18.46 -43.77
N LEU G 395 -120.64 17.81 -42.91
CA LEU G 395 -119.23 18.13 -42.71
C LEU G 395 -118.44 16.83 -42.64
N GLU G 396 -117.15 16.93 -42.98
CA GLU G 396 -116.25 15.79 -42.95
C GLU G 396 -115.46 15.80 -41.65
N GLN G 397 -115.46 14.67 -40.95
CA GLN G 397 -114.63 14.52 -39.77
C GLN G 397 -113.24 14.09 -40.21
N SER G 398 -112.37 13.79 -39.25
CA SER G 398 -111.05 13.25 -39.56
C SER G 398 -111.20 11.87 -40.18
N ASN G 399 -110.28 11.55 -41.09
CA ASN G 399 -110.26 10.25 -41.75
C ASN G 399 -109.39 9.25 -41.01
N ILE G 400 -109.24 9.43 -39.70
CA ILE G 400 -108.41 8.56 -38.88
C ILE G 400 -109.28 7.47 -38.28
N ASP G 401 -108.65 6.40 -37.83
CA ASP G 401 -109.31 5.32 -37.12
C ASP G 401 -108.67 5.20 -35.74
N MET G 402 -109.47 5.36 -34.69
CA MET G 402 -108.92 5.38 -33.34
C MET G 402 -108.30 4.04 -32.97
N THR G 403 -108.94 2.93 -33.34
CA THR G 403 -108.38 1.62 -33.03
C THR G 403 -107.03 1.41 -33.70
N GLN G 404 -106.90 1.83 -34.96
CA GLN G 404 -105.63 1.69 -35.66
C GLN G 404 -104.55 2.58 -35.05
N GLU G 405 -104.91 3.80 -34.65
CA GLU G 405 -103.92 4.72 -34.09
C GLU G 405 -103.44 4.25 -32.72
N LEU G 406 -104.34 3.69 -31.91
CA LEU G 406 -103.93 3.18 -30.60
C LEU G 406 -103.04 1.96 -30.74
N VAL G 407 -103.30 1.11 -31.73
CA VAL G 407 -102.42 -0.04 -31.98
C VAL G 407 -101.06 0.41 -32.45
N ASP G 408 -101.02 1.38 -33.39
CA ASP G 408 -99.75 1.91 -33.85
C ASP G 408 -99.00 2.62 -32.74
N LEU G 409 -99.74 3.19 -31.78
CA LEU G 409 -99.11 3.80 -30.61
C LEU G 409 -98.34 2.76 -29.80
N ILE G 410 -98.92 1.56 -29.66
CA ILE G 410 -98.25 0.49 -28.93
C ILE G 410 -97.03 0.00 -29.70
N SER G 411 -97.18 -0.23 -31.01
CA SER G 411 -96.09 -0.80 -31.79
C SER G 411 -94.89 0.14 -31.86
N ALA G 412 -95.15 1.46 -31.87
CA ALA G 412 -94.07 2.43 -31.87
C ALA G 412 -93.34 2.44 -30.53
N GLN G 413 -94.00 2.15 -29.43
CA GLN G 413 -93.34 2.15 -28.11
C GLN G 413 -92.32 1.00 -28.02
N ARG G 414 -92.67 -0.20 -28.45
CA ARG G 414 -91.73 -1.34 -28.44
C ARG G 414 -90.59 -1.10 -29.44
N ASN G 415 -90.87 -0.41 -30.54
CA ASN G 415 -89.83 -0.10 -31.55
C ASN G 415 -88.86 0.90 -30.93
N PHE G 416 -89.31 1.69 -29.97
CA PHE G 416 -88.40 2.62 -29.24
C PHE G 416 -87.70 1.85 -28.13
N GLN G 417 -88.45 1.05 -27.39
CA GLN G 417 -87.75 0.42 -26.26
C GLN G 417 -86.65 -0.50 -26.73
N ALA G 418 -86.88 -1.25 -27.81
CA ALA G 418 -85.85 -2.14 -28.32
C ALA G 418 -84.63 -1.37 -28.80
N ASN G 419 -84.83 -0.23 -29.44
CA ASN G 419 -83.71 0.58 -29.89
C ASN G 419 -82.90 1.13 -28.72
N SER G 420 -83.59 1.53 -27.63
CA SER G 420 -82.87 1.99 -26.45
C SER G 420 -82.16 0.84 -25.76
N ARG G 421 -82.71 -0.37 -25.83
CA ARG G 421 -81.98 -1.54 -25.35
C ARG G 421 -80.72 -1.78 -26.18
N SER G 422 -80.82 -1.59 -27.50
CA SER G 422 -79.64 -1.68 -28.36
C SER G 422 -78.64 -0.57 -28.03
N LEU G 423 -79.13 0.63 -27.75
CA LEU G 423 -78.26 1.71 -27.33
C LEU G 423 -77.62 1.42 -25.98
N GLU G 424 -78.39 0.82 -25.06
CA GLU G 424 -77.86 0.50 -23.74
C GLU G 424 -76.73 -0.53 -23.83
N VAL G 425 -76.91 -1.57 -24.63
CA VAL G 425 -75.90 -2.64 -24.79
C VAL G 425 -74.61 -2.11 -25.37
N HIS G 426 -74.58 -1.00 -26.10
CA HIS G 426 -73.31 -0.56 -26.73
C HIS G 426 -72.56 0.34 -25.77
N ASN G 427 -73.25 1.04 -24.89
CA ASN G 427 -72.52 1.82 -23.85
C ASN G 427 -71.96 0.85 -22.82
N GLN G 428 -72.52 -0.35 -22.63
CA GLN G 428 -71.90 -1.28 -21.70
C GLN G 428 -70.67 -1.96 -22.32
N LEU G 429 -70.63 -2.05 -23.64
CA LEU G 429 -69.43 -2.56 -24.30
C LEU G 429 -68.26 -1.59 -24.12
N GLN G 430 -68.51 -0.30 -24.32
CA GLN G 430 -67.47 0.70 -24.15
C GLN G 430 -67.01 0.79 -22.69
N GLN G 431 -67.95 0.69 -21.76
CA GLN G 431 -67.59 0.69 -20.34
C GLN G 431 -66.73 -0.51 -19.99
N ASN G 432 -66.99 -1.66 -20.62
CA ASN G 432 -66.24 -2.86 -20.31
C ASN G 432 -64.76 -2.70 -20.69
N ILE G 433 -64.49 -2.09 -21.85
CA ILE G 433 -63.11 -1.92 -22.27
C ILE G 433 -62.42 -0.83 -21.47
N LEU G 434 -63.20 0.13 -20.96
CA LEU G 434 -62.69 1.26 -20.20
C LEU G 434 -62.19 0.87 -18.82
N GLN G 435 -62.23 -0.41 -18.47
CA GLN G 435 -61.84 -0.91 -17.16
C GLN G 435 -60.86 -2.07 -17.29
N ILE G 436 -59.95 -1.95 -18.24
CA ILE G 436 -58.92 -2.97 -18.43
C ILE G 436 -57.59 -2.47 -17.87
N SER H 2 -72.03 22.18 -12.74
CA SER H 2 -73.20 21.59 -12.08
C SER H 2 -74.24 22.67 -11.76
N TYR H 3 -73.82 23.93 -11.84
CA TYR H 3 -74.74 25.02 -11.55
C TYR H 3 -75.83 25.16 -12.60
N VAL H 4 -75.53 24.83 -13.85
CA VAL H 4 -76.57 24.75 -14.87
C VAL H 4 -77.55 23.63 -14.54
N SER H 5 -77.03 22.49 -14.11
CA SER H 5 -77.89 21.38 -13.68
C SER H 5 -78.69 21.76 -12.44
N LEU H 6 -78.04 22.41 -11.46
CA LEU H 6 -78.74 22.80 -10.24
C LEU H 6 -79.77 23.89 -10.52
N SER H 7 -79.51 24.75 -11.50
CA SER H 7 -80.51 25.75 -11.88
C SER H 7 -81.75 25.08 -12.44
N GLY H 8 -81.58 24.03 -13.24
CA GLY H 8 -82.74 23.31 -13.77
C GLY H 8 -83.55 22.63 -12.68
N LEU H 9 -82.88 22.08 -11.67
CA LEU H 9 -83.60 21.47 -10.55
C LEU H 9 -84.42 22.51 -9.79
N SER H 10 -83.84 23.69 -9.55
CA SER H 10 -84.58 24.74 -8.86
C SER H 10 -85.74 25.25 -9.70
N ALA H 11 -85.54 25.37 -11.03
CA ALA H 11 -86.62 25.81 -11.90
C ALA H 11 -87.73 24.78 -11.95
N ALA H 12 -87.39 23.49 -11.98
CA ALA H 12 -88.41 22.46 -11.99
C ALA H 12 -89.08 22.36 -10.63
N GLN H 13 -88.33 22.59 -9.56
CA GLN H 13 -88.93 22.55 -8.22
C GLN H 13 -89.88 23.71 -8.00
N LEU H 14 -89.56 24.88 -8.56
CA LEU H 14 -90.46 26.03 -8.45
C LEU H 14 -91.79 25.76 -9.15
N ASP H 15 -91.75 25.09 -10.31
CA ASP H 15 -92.99 24.75 -11.00
C ASP H 15 -93.80 23.74 -10.20
N LEU H 16 -93.12 22.85 -9.47
CA LEU H 16 -93.82 21.94 -8.57
C LEU H 16 -94.53 22.70 -7.45
N ASN H 17 -93.81 23.64 -6.82
CA ASN H 17 -94.39 24.36 -5.69
C ASN H 17 -95.51 25.30 -6.14
N THR H 18 -95.37 25.91 -7.32
CA THR H 18 -96.43 26.76 -7.85
C THR H 18 -97.67 25.93 -8.16
N THR H 19 -97.50 24.77 -8.79
CA THR H 19 -98.63 23.91 -9.11
C THR H 19 -99.26 23.34 -7.85
N SER H 20 -98.44 22.95 -6.87
CA SER H 20 -98.96 22.35 -5.65
C SER H 20 -99.84 23.33 -4.88
N ASN H 21 -99.44 24.60 -4.84
CA ASN H 21 -100.27 25.61 -4.18
C ASN H 21 -101.58 25.81 -4.92
N ASN H 22 -101.55 25.73 -6.25
CA ASN H 22 -102.79 25.83 -7.02
C ASN H 22 -103.72 24.67 -6.72
N ILE H 23 -103.17 23.45 -6.62
CA ILE H 23 -103.97 22.29 -6.26
C ILE H 23 -104.47 22.40 -4.83
N ALA H 24 -103.65 22.95 -3.93
CA ALA H 24 -104.04 23.09 -2.54
C ALA H 24 -105.27 23.98 -2.38
N ASN H 25 -105.37 25.03 -3.20
CA ASN H 25 -106.44 26.00 -3.11
C ASN H 25 -107.56 25.74 -4.11
N ALA H 26 -107.89 24.48 -4.35
CA ALA H 26 -108.97 24.15 -5.28
C ALA H 26 -110.35 24.53 -4.75
N ASN H 27 -110.49 24.75 -3.44
CA ASN H 27 -111.79 25.04 -2.83
C ASN H 27 -111.87 26.42 -2.19
N THR H 28 -110.77 27.16 -2.09
CA THR H 28 -110.81 28.48 -1.48
C THR H 28 -111.53 29.46 -2.40
N TYR H 29 -112.45 30.24 -1.84
CA TYR H 29 -113.22 31.18 -2.63
C TYR H 29 -112.36 32.35 -3.08
N GLY H 30 -112.53 32.76 -4.33
CA GLY H 30 -111.81 33.90 -4.86
C GLY H 30 -110.34 33.69 -5.12
N PHE H 31 -109.89 32.44 -5.29
CA PHE H 31 -108.48 32.19 -5.54
C PHE H 31 -108.14 32.46 -7.01
N LYS H 32 -106.90 32.90 -7.23
CA LYS H 32 -106.36 33.12 -8.57
C LYS H 32 -105.10 32.29 -8.73
N GLU H 33 -105.08 31.42 -9.73
CA GLU H 33 -103.97 30.51 -9.91
C GLU H 33 -102.71 31.26 -10.33
N SER H 34 -101.56 30.66 -10.04
CA SER H 34 -100.26 31.24 -10.34
C SER H 34 -99.56 30.39 -11.39
N ARG H 35 -98.77 31.05 -12.23
CA ARG H 35 -98.02 30.39 -13.29
C ARG H 35 -96.54 30.72 -13.13
N ALA H 36 -95.70 29.71 -13.22
CA ALA H 36 -94.26 29.91 -13.12
C ALA H 36 -93.68 30.18 -14.51
N GLU H 37 -92.93 31.27 -14.63
CA GLU H 37 -92.33 31.69 -15.89
C GLU H 37 -90.82 31.74 -15.73
N PHE H 38 -90.11 31.23 -16.74
CA PHE H 38 -88.66 31.09 -16.67
C PHE H 38 -88.00 31.81 -17.82
N ALA H 39 -86.75 32.21 -17.58
CA ALA H 39 -85.95 32.94 -18.55
C ALA H 39 -84.56 32.33 -18.62
N ASP H 40 -83.85 32.66 -19.69
CA ASP H 40 -82.53 32.12 -19.95
C ASP H 40 -81.46 32.96 -19.27
N VAL H 41 -80.30 32.33 -19.03
CA VAL H 41 -79.14 33.00 -18.46
C VAL H 41 -77.99 32.87 -19.43
N TYR H 42 -77.44 34.00 -19.87
CA TYR H 42 -76.26 34.02 -20.73
C TYR H 42 -75.37 35.15 -20.23
N SER H 43 -74.22 34.79 -19.66
CA SER H 43 -73.31 35.74 -19.05
C SER H 43 -71.97 35.69 -19.79
N ASN H 44 -71.52 36.85 -20.26
CA ASN H 44 -70.24 36.96 -20.95
C ASN H 44 -69.49 38.17 -20.42
N SER H 45 -68.16 38.05 -20.40
CA SER H 45 -67.27 39.13 -19.97
C SER H 45 -66.35 39.52 -21.14
N LEU H 46 -65.42 40.43 -20.85
CA LEU H 46 -64.48 40.86 -21.87
C LEU H 46 -63.48 39.76 -22.21
N PHE H 47 -63.16 38.92 -21.24
CA PHE H 47 -62.14 37.89 -21.40
C PHE H 47 -62.72 36.50 -21.67
N THR H 48 -63.97 36.42 -22.11
CA THR H 48 -64.62 35.15 -22.41
C THR H 48 -64.87 35.04 -23.90
N ASN H 49 -64.69 33.84 -24.44
CA ASN H 49 -64.97 33.59 -25.85
C ASN H 49 -66.45 33.82 -26.15
N ALA H 50 -66.72 34.43 -27.31
CA ALA H 50 -68.09 34.77 -27.70
C ALA H 50 -68.72 33.76 -28.65
N LYS H 51 -67.92 33.07 -29.47
CA LYS H 51 -68.49 32.13 -30.42
C LYS H 51 -69.08 30.92 -29.70
N THR H 52 -68.37 30.39 -28.70
CA THR H 52 -68.85 29.26 -27.91
C THR H 52 -69.45 29.80 -26.62
N THR H 53 -70.78 29.83 -26.55
CA THR H 53 -71.49 30.43 -25.43
C THR H 53 -72.50 29.45 -24.85
N PRO H 54 -72.04 28.48 -24.05
CA PRO H 54 -72.99 27.68 -23.27
C PRO H 54 -73.72 28.56 -22.26
N GLY H 55 -75.01 28.24 -22.06
CA GLY H 55 -75.84 29.06 -21.21
C GLY H 55 -75.49 28.91 -19.73
N GLY H 56 -75.96 29.88 -18.96
CA GLY H 56 -75.80 29.86 -17.51
C GLY H 56 -76.87 29.10 -16.76
N GLY H 57 -77.85 28.54 -17.46
CA GLY H 57 -78.91 27.79 -16.83
C GLY H 57 -80.29 28.36 -17.09
N ALA H 58 -81.19 28.22 -16.12
CA ALA H 58 -82.55 28.73 -16.23
C ALA H 58 -82.88 29.50 -14.97
N GLN H 59 -83.21 30.76 -15.13
CA GLN H 59 -83.58 31.63 -14.01
C GLN H 59 -85.09 31.79 -13.96
N ALA H 60 -85.63 31.80 -12.75
CA ALA H 60 -87.06 32.06 -12.58
C ALA H 60 -87.35 33.51 -12.88
N SER H 61 -88.22 33.75 -13.86
CA SER H 61 -88.53 35.12 -14.26
C SER H 61 -89.51 35.76 -13.29
N GLN H 62 -90.71 35.19 -13.18
CA GLN H 62 -91.73 35.69 -12.27
C GLN H 62 -92.84 34.66 -12.16
N VAL H 63 -93.41 34.52 -10.97
CA VAL H 63 -94.58 33.68 -10.74
C VAL H 63 -95.80 34.58 -10.94
N ALA H 64 -96.55 34.34 -12.02
CA ALA H 64 -97.66 35.19 -12.39
C ALA H 64 -98.86 34.96 -11.46
N GLN H 65 -99.91 35.76 -11.66
CA GLN H 65 -101.10 35.74 -10.82
C GLN H 65 -102.34 35.77 -11.71
N GLN H 66 -102.40 34.85 -12.68
CA GLN H 66 -103.48 34.75 -13.66
C GLN H 66 -104.84 35.05 -13.05
N PHE H 67 -105.52 36.06 -13.61
CA PHE H 67 -106.70 36.65 -13.00
C PHE H 67 -107.98 36.36 -13.78
N HIS H 68 -108.02 35.29 -14.56
CA HIS H 68 -109.22 34.98 -15.31
C HIS H 68 -110.34 34.56 -14.37
N GLU H 69 -111.58 34.81 -14.82
CA GLU H 69 -112.74 34.59 -13.98
C GLU H 69 -112.92 33.12 -13.65
N GLY H 70 -113.26 32.84 -12.39
CA GLY H 70 -113.58 31.49 -11.98
C GLY H 70 -115.07 31.21 -12.03
N SER H 71 -115.40 29.92 -11.91
CA SER H 71 -116.80 29.51 -11.94
C SER H 71 -117.52 30.00 -10.68
N SER H 72 -118.84 30.15 -10.81
CA SER H 72 -119.66 30.70 -9.75
C SER H 72 -120.44 29.59 -9.04
N ILE H 73 -120.35 29.57 -7.72
CA ILE H 73 -121.09 28.63 -6.88
C ILE H 73 -122.29 29.35 -6.29
N TYR H 74 -123.46 28.72 -6.44
CA TYR H 74 -124.72 29.32 -6.02
C TYR H 74 -125.09 28.77 -4.65
N THR H 75 -125.24 29.68 -3.68
CA THR H 75 -125.57 29.30 -2.31
C THR H 75 -126.96 29.74 -1.87
N ASN H 76 -127.64 30.57 -2.67
CA ASN H 76 -128.96 31.11 -2.33
C ASN H 76 -128.92 31.89 -1.02
N ASN H 77 -127.76 32.49 -0.73
CA ASN H 77 -127.56 33.29 0.46
C ASN H 77 -127.40 34.75 0.05
N PRO H 78 -128.30 35.65 0.43
CA PRO H 78 -128.21 37.04 -0.05
C PRO H 78 -126.95 37.76 0.39
N MET H 79 -126.26 37.27 1.42
CA MET H 79 -125.01 37.89 1.85
C MET H 79 -123.78 37.32 1.14
N ASP H 80 -123.95 36.33 0.26
CA ASP H 80 -122.86 35.85 -0.57
C ASP H 80 -122.84 36.64 -1.88
N LEU H 81 -121.75 37.37 -2.12
CA LEU H 81 -121.64 38.28 -3.24
C LEU H 81 -120.50 37.86 -4.16
N ARG H 82 -120.63 38.22 -5.43
CA ARG H 82 -119.62 37.94 -6.43
C ARG H 82 -119.62 39.04 -7.48
N VAL H 83 -118.44 39.42 -7.93
CA VAL H 83 -118.27 40.40 -8.99
C VAL H 83 -118.10 39.62 -10.30
N SER H 84 -119.02 39.82 -11.23
CA SER H 84 -118.97 39.16 -12.53
C SER H 84 -118.35 40.15 -13.54
N GLY H 85 -117.08 39.94 -13.86
CA GLY H 85 -116.35 40.83 -14.74
C GLY H 85 -115.07 41.34 -14.09
N THR H 86 -114.80 42.61 -14.31
CA THR H 86 -113.60 43.26 -13.80
C THR H 86 -113.96 44.13 -12.60
N GLY H 87 -113.22 43.97 -11.51
CA GLY H 87 -113.45 44.74 -10.30
C GLY H 87 -113.16 43.91 -9.07
N PHE H 88 -112.85 44.61 -7.98
CA PHE H 88 -112.54 43.98 -6.70
C PHE H 88 -113.39 44.60 -5.61
N PHE H 89 -113.70 43.78 -4.59
CA PHE H 89 -114.30 44.29 -3.38
C PHE H 89 -113.26 45.05 -2.57
N ALA H 90 -113.70 46.08 -1.87
CA ALA H 90 -112.84 46.87 -1.00
C ALA H 90 -113.13 46.52 0.45
N VAL H 91 -112.11 46.05 1.16
CA VAL H 91 -112.27 45.54 2.52
C VAL H 91 -111.24 46.21 3.43
N ALA H 92 -111.70 46.78 4.53
CA ALA H 92 -110.84 47.48 5.48
C ALA H 92 -110.78 46.71 6.79
N LYS H 93 -109.58 46.62 7.37
CA LYS H 93 -109.39 45.86 8.60
C LYS H 93 -109.94 46.62 9.80
N GLU H 94 -109.83 47.95 9.80
CA GLU H 94 -110.30 48.78 10.90
C GLU H 94 -111.46 49.64 10.44
N ARG H 95 -112.51 49.69 11.27
CA ARG H 95 -113.69 50.47 10.92
C ARG H 95 -113.38 51.97 10.89
N LEU H 96 -112.62 52.45 11.88
CA LEU H 96 -112.37 53.89 11.99
C LEU H 96 -111.55 54.40 10.80
N THR H 97 -110.54 53.64 10.38
CA THR H 97 -109.70 54.05 9.27
C THR H 97 -110.02 53.19 8.05
N PRO H 98 -110.78 53.69 7.07
CA PRO H 98 -111.07 52.91 5.86
C PRO H 98 -110.10 53.12 4.71
N GLN H 99 -109.13 54.03 4.86
CA GLN H 99 -108.13 54.21 3.81
C GLN H 99 -107.21 53.00 3.72
N GLN H 100 -106.91 52.38 4.86
CA GLN H 100 -106.12 51.15 4.90
C GLN H 100 -107.04 49.97 4.58
N ASN H 101 -107.12 49.66 3.28
CA ASN H 101 -108.00 48.62 2.78
C ASN H 101 -107.23 47.67 1.88
N GLU H 102 -107.85 46.51 1.61
CA GLU H 102 -107.28 45.51 0.72
C GLU H 102 -108.36 45.00 -0.23
N LEU H 103 -107.92 44.47 -1.36
CA LEU H 103 -108.82 44.00 -2.40
C LEU H 103 -109.02 42.49 -2.29
N THR H 104 -110.28 42.07 -2.37
CA THR H 104 -110.62 40.66 -2.32
C THR H 104 -111.66 40.34 -3.38
N ARG H 105 -111.74 39.06 -3.74
CA ARG H 105 -112.71 38.59 -4.71
C ARG H 105 -113.84 37.77 -4.10
N ASN H 106 -113.63 37.14 -2.95
CA ASN H 106 -114.69 36.37 -2.31
C ASN H 106 -115.66 37.29 -1.58
N GLY H 107 -116.93 36.93 -1.63
CA GLY H 107 -117.96 37.76 -1.03
C GLY H 107 -118.73 37.09 0.09
N ALA H 108 -118.05 36.25 0.86
CA ALA H 108 -118.68 35.61 2.01
C ALA H 108 -118.82 36.61 3.15
N PHE H 109 -119.88 37.42 3.11
CA PHE H 109 -120.09 38.50 4.06
C PHE H 109 -121.18 38.11 5.06
N HIS H 110 -121.21 38.85 6.16
CA HIS H 110 -122.25 38.69 7.18
C HIS H 110 -122.28 39.96 8.01
N LEU H 111 -123.22 40.03 8.96
CA LEU H 111 -123.38 41.17 9.84
C LEU H 111 -122.86 40.81 11.23
N ASN H 112 -122.01 41.68 11.78
CA ASN H 112 -121.51 41.53 13.13
C ASN H 112 -122.53 42.10 14.11
N LYS H 113 -122.17 42.17 15.39
CA LYS H 113 -123.11 42.64 16.39
C LYS H 113 -123.50 44.10 16.17
N GLU H 114 -122.66 44.86 15.48
CA GLU H 114 -122.96 46.25 15.13
C GLU H 114 -123.70 46.37 13.81
N ASN H 115 -124.07 45.25 13.19
CA ASN H 115 -124.78 45.24 11.90
C ASN H 115 -123.96 45.93 10.81
N TYR H 116 -122.67 45.67 10.80
CA TYR H 116 -121.80 46.08 9.70
C TYR H 116 -121.47 44.86 8.85
N MET H 117 -121.50 45.04 7.53
CA MET H 117 -121.25 43.94 6.61
C MET H 117 -119.76 43.65 6.59
N VAL H 118 -119.35 42.55 7.21
CA VAL H 118 -117.94 42.22 7.38
C VAL H 118 -117.66 40.87 6.73
N THR H 119 -116.37 40.61 6.50
CA THR H 119 -115.93 39.37 5.89
C THR H 119 -115.80 38.27 6.94
N ALA H 120 -115.23 37.15 6.53
CA ALA H 120 -114.99 36.05 7.46
C ALA H 120 -113.92 36.39 8.49
N ASN H 121 -113.01 37.31 8.14
CA ASN H 121 -111.94 37.71 9.03
C ASN H 121 -112.32 38.88 9.92
N ASP H 122 -113.61 39.19 10.04
CA ASP H 122 -114.10 40.34 10.79
C ASP H 122 -113.46 41.64 10.29
N GLU H 123 -113.42 41.80 8.97
CA GLU H 123 -112.94 43.01 8.34
C GLU H 123 -114.09 43.66 7.58
N PHE H 124 -114.16 44.99 7.63
CA PHE H 124 -115.34 45.72 7.18
C PHE H 124 -115.30 45.92 5.67
N LEU H 125 -116.41 45.60 5.00
CA LEU H 125 -116.57 45.89 3.58
C LEU H 125 -116.82 47.37 3.37
N LEU H 126 -116.19 47.93 2.34
CA LEU H 126 -116.29 49.35 2.05
C LEU H 126 -117.28 49.60 0.91
N GLY H 127 -118.06 50.67 1.06
CA GLY H 127 -119.05 51.03 0.07
C GLY H 127 -119.26 52.53 0.06
N TYR H 128 -120.08 52.98 -0.89
CA TYR H 128 -120.37 54.40 -1.05
C TYR H 128 -121.60 54.78 -0.26
N GLN H 129 -121.68 56.07 0.10
CA GLN H 129 -122.80 56.59 0.87
C GLN H 129 -123.77 57.30 -0.06
N VAL H 130 -125.00 56.80 -0.12
CA VAL H 130 -126.06 57.41 -0.92
C VAL H 130 -127.23 57.76 -0.02
N ASP H 131 -127.85 58.90 -0.29
CA ASP H 131 -128.99 59.32 0.52
C ASP H 131 -130.21 58.45 0.22
N PRO H 132 -131.10 58.27 1.20
CA PRO H 132 -132.32 57.47 0.95
C PRO H 132 -133.19 58.03 -0.17
N SER H 133 -133.19 59.34 -0.37
CA SER H 133 -133.99 59.96 -1.42
C SER H 133 -133.20 60.26 -2.68
N SER H 134 -131.88 60.44 -2.56
CA SER H 134 -131.05 60.73 -3.71
C SER H 134 -130.88 59.49 -4.59
N GLY H 135 -130.17 59.67 -5.70
CA GLY H 135 -129.94 58.58 -6.63
C GLY H 135 -128.54 58.01 -6.54
N GLU H 136 -127.65 58.51 -7.40
CA GLU H 136 -126.28 58.03 -7.47
C GLU H 136 -125.47 58.42 -6.24
N VAL H 137 -124.19 58.04 -6.21
CA VAL H 137 -123.36 58.28 -5.04
C VAL H 137 -123.20 59.77 -4.82
N SER H 138 -123.41 60.20 -3.57
CA SER H 138 -123.26 61.61 -3.22
C SER H 138 -121.80 61.97 -2.96
N SER H 139 -121.18 61.30 -1.99
CA SER H 139 -119.78 61.49 -1.67
C SER H 139 -119.03 60.22 -2.04
N TYR H 140 -117.95 60.36 -2.80
CA TYR H 140 -117.25 59.20 -3.36
C TYR H 140 -116.27 58.55 -2.38
N GLU H 141 -116.13 59.10 -1.18
CA GLU H 141 -115.24 58.49 -0.20
C GLU H 141 -115.83 57.17 0.28
N PRO H 142 -115.06 56.07 0.27
CA PRO H 142 -115.61 54.79 0.73
C PRO H 142 -115.74 54.76 2.24
N GLN H 143 -116.83 54.17 2.71
CA GLN H 143 -117.14 54.02 4.12
C GLN H 143 -117.72 52.63 4.35
N PRO H 144 -117.56 52.09 5.56
CA PRO H 144 -118.16 50.79 5.86
C PRO H 144 -119.66 50.82 5.71
N ILE H 145 -120.23 49.72 5.23
CA ILE H 145 -121.65 49.62 4.95
C ILE H 145 -122.36 49.17 6.22
N ASN H 146 -123.34 49.95 6.67
CA ASN H 146 -124.10 49.67 7.86
C ASN H 146 -125.54 49.34 7.49
N ILE H 147 -126.07 48.25 8.04
CA ILE H 147 -127.46 47.87 7.83
C ILE H 147 -128.18 47.98 9.17
N PRO H 148 -128.79 49.12 9.47
CA PRO H 148 -129.38 49.31 10.80
C PRO H 148 -130.49 48.31 11.06
N ALA H 149 -130.57 47.85 12.32
CA ALA H 149 -131.65 46.95 12.71
C ALA H 149 -133.00 47.67 12.67
N GLU H 150 -133.03 48.94 13.03
CA GLU H 150 -134.26 49.74 13.06
C GLU H 150 -134.05 51.00 12.24
N PHE H 151 -134.99 51.27 11.33
CA PHE H 151 -135.00 52.50 10.54
C PHE H 151 -136.43 53.04 10.51
N GLY H 152 -136.58 54.33 10.72
CA GLY H 152 -137.89 54.96 10.68
C GLY H 152 -138.07 56.02 11.75
N THR H 320 -141.26 53.00 14.41
CA THR H 320 -140.10 52.49 13.69
C THR H 320 -140.38 51.15 13.04
N GLY H 321 -139.37 50.60 12.36
CA GLY H 321 -139.50 49.31 11.72
C GLY H 321 -138.22 48.51 11.82
N PHE H 322 -138.34 47.19 11.94
CA PHE H 322 -137.19 46.32 12.14
C PHE H 322 -136.79 45.65 10.83
N LEU H 323 -135.48 45.44 10.66
CA LEU H 323 -134.95 44.93 9.41
C LEU H 323 -135.56 43.57 9.08
N THR H 324 -136.01 43.42 7.84
CA THR H 324 -136.69 42.21 7.39
C THR H 324 -135.91 41.47 6.31
N LYS H 325 -135.57 42.13 5.21
CA LYS H 325 -134.82 41.50 4.13
C LYS H 325 -133.81 42.48 3.58
N VAL H 326 -132.69 41.95 3.08
CA VAL H 326 -131.64 42.72 2.44
C VAL H 326 -131.36 42.11 1.08
N ASP H 327 -131.35 42.96 0.04
CA ASP H 327 -131.10 42.49 -1.32
C ASP H 327 -130.24 43.51 -2.05
N PHE H 328 -129.48 43.01 -3.03
CA PHE H 328 -128.59 43.82 -3.83
C PHE H 328 -129.00 43.73 -5.29
N ASP H 329 -129.19 44.88 -5.93
CA ASP H 329 -129.49 44.92 -7.35
C ASP H 329 -128.18 44.87 -8.15
N GLU H 330 -128.30 44.95 -9.48
CA GLU H 330 -127.12 44.89 -10.32
C GLU H 330 -126.22 46.11 -10.15
N ASN H 331 -126.75 47.20 -9.60
CA ASN H 331 -125.97 48.39 -9.30
C ASN H 331 -125.23 48.30 -7.98
N GLY H 332 -125.40 47.20 -7.24
CA GLY H 332 -124.72 47.01 -5.97
C GLY H 332 -125.34 47.74 -4.81
N SER H 333 -126.46 48.42 -5.01
CA SER H 333 -127.09 49.15 -3.92
C SER H 333 -127.73 48.19 -2.92
N VAL H 334 -127.39 48.33 -1.65
CA VAL H 334 -127.95 47.50 -0.60
C VAL H 334 -129.24 48.14 -0.12
N MET H 335 -130.35 47.44 -0.32
CA MET H 335 -131.68 47.95 -0.02
C MET H 335 -132.31 47.11 1.08
N GLY H 336 -132.81 47.78 2.11
CA GLY H 336 -133.43 47.10 3.25
C GLY H 336 -134.90 47.50 3.38
N THR H 337 -135.74 46.49 3.51
CA THR H 337 -137.16 46.68 3.81
C THR H 337 -137.41 46.37 5.28
N TYR H 338 -138.25 47.18 5.91
CA TYR H 338 -138.46 47.11 7.35
C TYR H 338 -139.93 46.79 7.64
N SER H 339 -140.25 46.75 8.94
CA SER H 339 -141.59 46.36 9.36
C SER H 339 -142.66 47.32 8.86
N ASN H 340 -142.38 48.62 8.85
CA ASN H 340 -143.35 49.61 8.41
C ASN H 340 -143.53 49.64 6.89
N GLY H 341 -142.98 48.68 6.16
CA GLY H 341 -143.07 48.68 4.72
C GLY H 341 -142.31 49.83 4.08
N GLU H 342 -141.14 50.16 4.62
CA GLU H 342 -140.32 51.26 4.14
C GLU H 342 -139.08 50.68 3.49
N ASN H 343 -138.97 50.86 2.17
CA ASN H 343 -137.80 50.41 1.43
C ASN H 343 -136.78 51.55 1.37
N VAL H 344 -135.57 51.30 1.87
CA VAL H 344 -134.54 52.31 2.01
C VAL H 344 -133.28 51.82 1.33
N THR H 345 -132.61 52.71 0.60
CA THR H 345 -131.32 52.41 -0.01
C THR H 345 -130.23 52.78 0.98
N LEU H 346 -129.49 51.77 1.43
CA LEU H 346 -128.51 51.93 2.50
C LEU H 346 -127.10 52.21 1.98
N GLY H 347 -126.93 52.32 0.67
CA GLY H 347 -125.61 52.50 0.09
C GLY H 347 -125.38 51.53 -1.04
N ARG H 348 -124.19 51.54 -1.63
CA ARG H 348 -123.83 50.57 -2.65
C ARG H 348 -122.41 50.10 -2.43
N VAL H 349 -122.16 48.83 -2.79
CA VAL H 349 -120.83 48.25 -2.61
C VAL H 349 -119.86 48.89 -3.59
N ALA H 350 -118.72 49.35 -3.07
CA ALA H 350 -117.70 49.95 -3.90
C ALA H 350 -116.92 48.87 -4.66
N LEU H 351 -116.54 49.18 -5.88
CA LEU H 351 -115.76 48.28 -6.72
C LEU H 351 -114.45 48.96 -7.12
N VAL H 352 -113.35 48.23 -6.96
CA VAL H 352 -112.00 48.76 -7.19
C VAL H 352 -111.39 48.02 -8.36
N ARG H 353 -110.73 48.76 -9.24
CA ARG H 353 -110.03 48.19 -10.38
C ARG H 353 -108.64 48.77 -10.46
N VAL H 354 -107.69 47.99 -10.98
CA VAL H 354 -106.33 48.46 -11.17
C VAL H 354 -105.92 48.22 -12.62
N PRO H 355 -105.14 49.11 -13.22
CA PRO H 355 -104.74 48.91 -14.63
C PRO H 355 -103.96 47.63 -14.86
N ASN H 356 -103.14 47.21 -13.89
CA ASN H 356 -102.36 45.98 -13.98
C ASN H 356 -102.72 45.11 -12.79
N GLU H 357 -103.50 44.05 -13.05
CA GLU H 357 -103.81 43.12 -11.96
C GLU H 357 -102.62 42.21 -11.64
N GLN H 358 -101.73 41.99 -12.61
CA GLN H 358 -100.54 41.20 -12.35
C GLN H 358 -99.61 41.85 -11.33
N GLY H 359 -99.68 43.16 -11.17
CA GLY H 359 -98.82 43.88 -10.27
C GLY H 359 -99.25 43.93 -8.83
N LEU H 360 -100.42 43.39 -8.50
CA LEU H 360 -100.87 43.36 -7.12
C LEU H 360 -99.99 42.41 -6.30
N ASP H 361 -99.53 42.89 -5.15
CA ASP H 361 -98.79 42.03 -4.22
C ASP H 361 -99.78 41.26 -3.36
N LYS H 362 -99.40 40.03 -3.02
CA LYS H 362 -100.34 39.08 -2.43
C LYS H 362 -100.24 39.14 -0.90
N LYS H 363 -101.34 39.48 -0.25
CA LYS H 363 -101.47 39.37 1.19
C LYS H 363 -102.06 38.00 1.52
N GLY H 364 -102.43 37.79 2.77
CA GLY H 364 -103.04 36.53 3.16
C GLY H 364 -104.54 36.53 2.96
N GLY H 365 -105.09 35.32 2.89
CA GLY H 365 -106.54 35.16 2.76
C GLY H 365 -107.13 35.62 1.45
N THR H 366 -106.45 35.34 0.33
CA THR H 366 -106.93 35.73 -1.00
C THR H 366 -107.23 37.22 -1.08
N GLN H 367 -106.31 38.02 -0.56
CA GLN H 367 -106.45 39.47 -0.56
C GLN H 367 -105.18 40.10 -1.13
N TRP H 368 -105.37 41.18 -1.88
CA TRP H 368 -104.28 41.87 -2.56
C TRP H 368 -104.26 43.34 -2.16
N ASP H 369 -103.09 43.95 -2.36
CA ASP H 369 -102.90 45.38 -2.11
C ASP H 369 -102.31 46.02 -3.35
N SER H 370 -102.67 47.28 -3.58
CA SER H 370 -102.18 47.99 -4.75
C SER H 370 -100.72 48.36 -4.58
N THR H 371 -99.95 48.22 -5.67
CA THR H 371 -98.53 48.53 -5.63
C THR H 371 -98.17 49.52 -6.73
N GLN H 372 -96.87 49.81 -6.86
CA GLN H 372 -96.42 50.71 -7.92
C GLN H 372 -96.58 50.08 -9.29
N PHE H 373 -96.43 48.76 -9.39
CA PHE H 373 -96.56 48.05 -10.65
C PHE H 373 -98.01 47.78 -11.04
N SER H 374 -98.95 47.95 -10.11
CA SER H 374 -100.36 47.72 -10.38
C SER H 374 -101.13 49.00 -10.64
N GLY H 375 -100.46 50.15 -10.61
CA GLY H 375 -101.13 51.42 -10.78
C GLY H 375 -101.89 51.82 -9.52
N ASP H 376 -102.64 52.91 -9.66
CA ASP H 376 -103.44 53.44 -8.58
C ASP H 376 -104.84 52.84 -8.62
N LYS H 377 -105.42 52.65 -7.44
CA LYS H 377 -106.76 52.10 -7.34
C LYS H 377 -107.76 53.03 -8.01
N ILE H 378 -108.64 52.45 -8.82
CA ILE H 378 -109.71 53.18 -9.50
C ILE H 378 -111.01 52.82 -8.80
N TRP H 379 -111.68 53.81 -8.23
CA TRP H 379 -112.92 53.60 -7.48
C TRP H 379 -114.11 53.81 -8.39
N GLY H 380 -115.02 52.85 -8.41
CA GLY H 380 -116.21 52.94 -9.24
C GLY H 380 -117.29 52.00 -8.75
N GLU H 381 -118.47 52.18 -9.32
CA GLU H 381 -119.62 51.35 -8.99
C GLU H 381 -119.63 50.10 -9.85
N SER H 382 -120.61 49.23 -9.60
CA SER H 382 -120.78 48.03 -10.40
C SER H 382 -121.66 48.33 -11.60
N ASN H 383 -121.36 47.68 -12.72
CA ASN H 383 -122.10 47.87 -13.98
C ASN H 383 -121.98 49.31 -14.48
N LYS H 384 -120.87 49.96 -14.14
CA LYS H 384 -120.58 51.32 -14.59
C LYS H 384 -119.18 51.35 -15.20
N GLY H 385 -119.08 51.95 -16.38
CA GLY H 385 -117.82 52.01 -17.10
C GLY H 385 -117.31 50.64 -17.51
N SER H 386 -116.04 50.36 -17.23
CA SER H 386 -115.43 49.09 -17.57
C SER H 386 -115.59 48.05 -16.48
N PHE H 387 -116.31 48.37 -15.40
CA PHE H 387 -116.46 47.46 -14.29
C PHE H 387 -117.53 46.41 -14.57
N GLY H 388 -117.48 45.33 -13.80
CA GLY H 388 -118.48 44.28 -13.89
C GLY H 388 -119.64 44.52 -12.93
N THR H 389 -120.56 43.57 -12.92
CA THR H 389 -121.74 43.65 -12.06
C THR H 389 -121.52 42.85 -10.77
N ILE H 390 -122.37 43.12 -9.79
CA ILE H 390 -122.37 42.40 -8.51
C ILE H 390 -123.61 41.53 -8.46
N ASN H 391 -123.42 40.23 -8.21
CA ASN H 391 -124.51 39.28 -8.10
C ASN H 391 -124.51 38.71 -6.70
N ASN H 392 -125.65 38.83 -6.02
CA ASN H 392 -125.79 38.27 -4.67
C ASN H 392 -126.32 36.84 -4.75
N GLY H 393 -126.02 36.07 -3.71
CA GLY H 393 -126.34 34.66 -3.72
C GLY H 393 -125.33 33.80 -4.46
N MET H 394 -124.16 34.35 -4.80
CA MET H 394 -123.16 33.62 -5.55
C MET H 394 -121.80 33.82 -4.89
N LEU H 395 -120.88 32.90 -5.19
CA LEU H 395 -119.50 33.01 -4.79
C LEU H 395 -118.63 32.53 -5.94
N GLU H 396 -117.35 32.92 -5.91
CA GLU H 396 -116.39 32.53 -6.91
C GLU H 396 -115.50 31.42 -6.35
N GLN H 397 -115.40 30.32 -7.08
CA GLN H 397 -114.46 29.26 -6.73
C GLN H 397 -113.08 29.63 -7.29
N SER H 398 -112.12 28.74 -7.11
CA SER H 398 -110.81 28.96 -7.70
C SER H 398 -110.89 28.89 -9.21
N ASN H 399 -110.04 29.68 -9.87
CA ASN H 399 -110.01 29.75 -11.33
C ASN H 399 -109.05 28.72 -11.92
N ILE H 400 -108.78 27.64 -11.20
CA ILE H 400 -107.86 26.61 -11.63
C ILE H 400 -108.61 25.55 -12.40
N ASP H 401 -107.88 24.78 -13.20
CA ASP H 401 -108.41 23.62 -13.90
C ASP H 401 -107.70 22.39 -13.36
N MET H 402 -108.46 21.48 -12.76
CA MET H 402 -107.85 20.33 -12.09
C MET H 402 -107.06 19.47 -13.07
N THR H 403 -107.60 19.22 -14.24
CA THR H 403 -106.89 18.32 -15.16
C THR H 403 -105.58 19.03 -15.54
N GLN H 404 -105.63 20.31 -15.82
CA GLN H 404 -104.40 20.99 -16.29
C GLN H 404 -103.35 21.01 -15.18
N GLU H 405 -103.67 21.38 -13.94
CA GLU H 405 -102.71 21.36 -12.82
C GLU H 405 -102.13 19.95 -12.64
N LEU H 406 -102.94 18.89 -12.72
CA LEU H 406 -102.48 17.49 -12.56
C LEU H 406 -101.59 17.05 -13.73
N VAL H 407 -101.82 17.51 -14.94
CA VAL H 407 -100.89 17.20 -16.06
C VAL H 407 -99.61 17.99 -15.86
N ASP H 408 -99.71 19.25 -15.44
CA ASP H 408 -98.50 20.08 -15.33
C ASP H 408 -97.66 19.45 -14.27
N LEU H 409 -98.30 18.91 -13.27
CA LEU H 409 -97.56 18.16 -12.26
C LEU H 409 -96.73 17.06 -12.91
N ILE H 410 -97.27 16.44 -13.97
CA ILE H 410 -96.55 15.37 -14.66
C ILE H 410 -95.33 15.93 -15.40
N SER H 411 -95.51 17.04 -16.11
CA SER H 411 -94.42 17.60 -16.90
C SER H 411 -93.29 18.11 -16.01
N ALA H 412 -93.65 18.74 -14.88
CA ALA H 412 -92.64 19.27 -13.98
C ALA H 412 -91.81 18.17 -13.32
N GLN H 413 -92.38 17.02 -13.05
CA GLN H 413 -91.53 15.93 -12.51
C GLN H 413 -90.51 15.49 -13.53
N ARG H 414 -90.86 15.41 -14.82
CA ARG H 414 -89.93 14.88 -15.85
C ARG H 414 -88.75 15.80 -16.07
N ASN H 415 -88.94 17.09 -15.84
CA ASN H 415 -87.87 18.07 -16.08
C ASN H 415 -86.97 18.07 -14.87
N PHE H 416 -87.47 17.71 -13.69
CA PHE H 416 -86.60 17.59 -12.50
C PHE H 416 -85.89 16.24 -12.56
N GLN H 417 -86.47 15.24 -13.22
CA GLN H 417 -85.68 14.02 -13.35
C GLN H 417 -84.59 14.16 -14.40
N ALA H 418 -84.91 14.82 -15.52
CA ALA H 418 -83.91 15.04 -16.57
C ALA H 418 -82.76 15.91 -16.06
N ASN H 419 -83.08 16.94 -15.28
CA ASN H 419 -82.04 17.82 -14.76
C ASN H 419 -81.18 17.10 -13.72
N SER H 420 -81.80 16.27 -12.88
CA SER H 420 -81.02 15.52 -11.89
C SER H 420 -80.12 14.49 -12.56
N ARG H 421 -80.54 13.95 -13.70
CA ARG H 421 -79.66 13.07 -14.47
C ARG H 421 -78.44 13.82 -14.96
N SER H 422 -78.63 15.06 -15.42
CA SER H 422 -77.51 15.88 -15.85
C SER H 422 -76.57 16.19 -14.69
N LEU H 423 -77.13 16.45 -13.50
CA LEU H 423 -76.30 16.65 -12.32
C LEU H 423 -75.53 15.39 -11.96
N GLU H 424 -76.17 14.23 -12.11
CA GLU H 424 -75.47 12.97 -11.86
C GLU H 424 -74.34 12.76 -12.86
N VAL H 425 -74.56 13.09 -14.13
CA VAL H 425 -73.52 12.92 -15.14
C VAL H 425 -72.32 13.80 -14.83
N HIS H 426 -72.57 15.05 -14.44
CA HIS H 426 -71.47 15.95 -14.10
C HIS H 426 -70.69 15.43 -12.90
N ASN H 427 -71.37 14.79 -11.94
CA ASN H 427 -70.69 14.19 -10.80
C ASN H 427 -69.70 13.12 -11.25
N GLN H 428 -70.16 12.22 -12.12
CA GLN H 428 -69.32 11.08 -12.50
C GLN H 428 -68.14 11.52 -13.35
N LEU H 429 -68.22 12.69 -13.97
CA LEU H 429 -67.06 13.25 -14.66
C LEU H 429 -65.99 13.67 -13.65
N GLN H 430 -66.42 14.30 -12.56
CA GLN H 430 -65.47 14.70 -11.52
C GLN H 430 -64.90 13.49 -10.79
N GLN H 431 -65.74 12.49 -10.51
CA GLN H 431 -65.24 11.25 -9.92
C GLN H 431 -64.28 10.54 -10.87
N ASN H 432 -64.44 10.77 -12.18
CA ASN H 432 -63.60 10.08 -13.16
C ASN H 432 -62.16 10.56 -13.08
N ILE H 433 -61.96 11.87 -12.91
CA ILE H 433 -60.60 12.40 -12.90
C ILE H 433 -59.91 12.11 -11.57
N LEU H 434 -60.69 12.01 -10.50
CA LEU H 434 -60.16 11.76 -9.16
C LEU H 434 -59.60 10.36 -9.00
N GLN H 435 -59.52 9.59 -10.08
CA GLN H 435 -59.05 8.20 -10.05
C GLN H 435 -57.98 8.00 -11.12
N ILE H 436 -57.17 9.03 -11.36
CA ILE H 436 -56.07 8.94 -12.30
C ILE H 436 -54.74 8.94 -11.56
N SER I 2 -70.45 13.19 12.50
CA SER I 2 -71.23 11.96 12.55
C SER I 2 -72.30 12.05 13.63
N TYR I 3 -71.99 12.76 14.71
CA TYR I 3 -72.95 12.91 15.80
C TYR I 3 -74.09 13.85 15.44
N VAL I 4 -73.84 14.80 14.54
CA VAL I 4 -74.94 15.62 14.03
C VAL I 4 -75.88 14.78 13.18
N SER I 5 -75.31 13.89 12.37
CA SER I 5 -76.14 12.98 11.58
C SER I 5 -76.82 11.95 12.46
N LEU I 6 -76.11 11.44 13.48
CA LEU I 6 -76.71 10.47 14.39
C LEU I 6 -77.83 11.10 15.21
N SER I 7 -77.70 12.40 15.52
CA SER I 7 -78.78 13.10 16.20
C SER I 7 -80.02 13.16 15.32
N GLY I 8 -79.84 13.38 14.02
CA GLY I 8 -80.97 13.38 13.10
C GLY I 8 -81.65 12.01 13.00
N LEU I 9 -80.85 10.94 12.95
CA LEU I 9 -81.41 9.60 12.93
C LEU I 9 -82.19 9.31 14.20
N SER I 10 -81.65 9.70 15.35
CA SER I 10 -82.36 9.48 16.61
C SER I 10 -83.64 10.30 16.68
N ALA I 11 -83.58 11.56 16.22
CA ALA I 11 -84.78 12.39 16.20
C ALA I 11 -85.82 11.84 15.25
N ALA I 12 -85.40 11.39 14.06
CA ALA I 12 -86.35 10.84 13.10
C ALA I 12 -86.91 9.52 13.58
N GLN I 13 -86.08 8.69 14.22
CA GLN I 13 -86.56 7.40 14.73
C GLN I 13 -87.52 7.59 15.90
N LEU I 14 -87.28 8.61 16.72
CA LEU I 14 -88.23 8.92 17.79
C LEU I 14 -89.59 9.32 17.23
N ASP I 15 -89.59 10.10 16.16
CA ASP I 15 -90.85 10.49 15.52
C ASP I 15 -91.56 9.27 14.95
N LEU I 16 -90.80 8.28 14.45
CA LEU I 16 -91.41 7.05 13.98
C LEU I 16 -92.07 6.28 15.12
N ASN I 17 -91.39 6.18 16.26
CA ASN I 17 -91.92 5.40 17.37
C ASN I 17 -93.15 6.06 17.98
N THR I 18 -93.13 7.39 18.08
CA THR I 18 -94.30 8.11 18.58
C THR I 18 -95.50 7.91 17.67
N THR I 19 -95.30 8.02 16.36
CA THR I 19 -96.38 7.80 15.41
C THR I 19 -96.88 6.36 15.46
N SER I 20 -95.96 5.40 15.56
CA SER I 20 -96.35 4.00 15.61
C SER I 20 -97.18 3.70 16.87
N ASN I 21 -96.82 4.33 17.99
CA ASN I 21 -97.60 4.15 19.21
C ASN I 21 -99.01 4.70 19.05
N ASN I 22 -99.15 5.85 18.37
CA ASN I 22 -100.47 6.40 18.12
C ASN I 22 -101.30 5.49 17.22
N ILE I 23 -100.67 4.93 16.18
CA ILE I 23 -101.38 4.05 15.27
C ILE I 23 -101.81 2.77 15.97
N ALA I 24 -100.94 2.23 16.82
CA ALA I 24 -101.24 0.96 17.49
C ALA I 24 -102.47 1.08 18.37
N ASN I 25 -102.67 2.24 19.00
CA ASN I 25 -103.78 2.46 19.92
C ASN I 25 -104.98 3.12 19.24
N ALA I 26 -105.22 2.80 17.96
CA ALA I 26 -106.36 3.37 17.26
C ALA I 26 -107.70 2.88 17.78
N ASN I 27 -107.73 1.80 18.55
CA ASN I 27 -108.96 1.23 19.08
C ASN I 27 -109.03 1.24 20.60
N THR I 28 -107.96 1.60 21.29
CA THR I 28 -107.99 1.65 22.75
C THR I 28 -108.85 2.81 23.22
N TYR I 29 -109.76 2.52 24.14
CA TYR I 29 -110.67 3.55 24.65
C TYR I 29 -109.91 4.53 25.54
N GLY I 30 -110.27 5.81 25.42
CA GLY I 30 -109.70 6.84 26.26
C GLY I 30 -108.27 7.22 25.94
N PHE I 31 -107.74 6.81 24.80
CA PHE I 31 -106.35 7.10 24.47
C PHE I 31 -106.19 8.55 24.06
N LYS I 32 -105.05 9.13 24.43
CA LYS I 32 -104.66 10.48 24.03
C LYS I 32 -103.37 10.37 23.22
N GLU I 33 -103.39 10.93 22.01
CA GLU I 33 -102.26 10.79 21.12
C GLU I 33 -101.06 11.59 21.62
N SER I 34 -99.89 11.27 21.08
CA SER I 34 -98.64 11.88 21.47
C SER I 34 -97.97 12.54 20.27
N ARG I 35 -97.26 13.63 20.52
CA ARG I 35 -96.55 14.37 19.49
C ARG I 35 -95.11 14.59 19.92
N ALA I 36 -94.17 14.15 19.10
CA ALA I 36 -92.75 14.29 19.40
C ALA I 36 -92.31 15.72 19.13
N GLU I 37 -91.65 16.33 20.10
CA GLU I 37 -91.16 17.69 19.99
C GLU I 37 -89.64 17.69 20.05
N PHE I 38 -89.02 18.48 19.17
CA PHE I 38 -87.58 18.54 19.08
C PHE I 38 -87.07 19.96 19.29
N ALA I 39 -85.84 20.05 19.77
CA ALA I 39 -85.18 21.33 20.01
C ALA I 39 -83.81 21.30 19.37
N ASP I 40 -83.21 22.48 19.26
CA ASP I 40 -81.91 22.63 18.60
C ASP I 40 -80.78 22.51 19.61
N VAL I 41 -79.60 22.20 19.10
CA VAL I 41 -78.38 22.09 19.90
C VAL I 41 -77.37 23.10 19.37
N TYR I 42 -76.91 23.99 20.26
CA TYR I 42 -75.86 24.95 19.93
C TYR I 42 -74.96 25.07 21.16
N SER I 43 -73.77 24.49 21.07
CA SER I 43 -72.85 24.42 22.20
C SER I 43 -71.59 25.20 21.85
N ASN I 44 -71.17 26.07 22.76
CA ASN I 44 -69.95 26.85 22.58
C ASN I 44 -69.21 26.95 23.91
N SER I 45 -67.90 27.12 23.83
CA SER I 45 -67.04 27.32 24.99
C SER I 45 -66.27 28.62 24.83
N LEU I 46 -65.42 28.91 25.82
CA LEU I 46 -64.63 30.13 25.80
C LEU I 46 -63.65 30.14 24.63
N PHE I 47 -63.02 28.99 24.36
CA PHE I 47 -61.98 28.90 23.34
C PHE I 47 -62.49 28.45 21.99
N THR I 48 -63.79 28.55 21.74
CA THR I 48 -64.39 28.17 20.47
C THR I 48 -64.71 29.43 19.67
N ASN I 49 -64.44 29.39 18.37
CA ASN I 49 -64.81 30.50 17.48
C ASN I 49 -66.31 30.72 17.50
N ALA I 50 -66.73 31.98 17.64
CA ALA I 50 -68.13 32.31 17.78
C ALA I 50 -68.79 32.75 16.48
N LYS I 51 -68.01 33.13 15.47
CA LYS I 51 -68.62 33.55 14.21
C LYS I 51 -69.23 32.36 13.47
N THR I 52 -68.49 31.26 13.36
CA THR I 52 -68.97 30.07 12.69
C THR I 52 -69.51 29.11 13.76
N THR I 53 -70.81 28.89 13.75
CA THR I 53 -71.48 28.08 14.78
C THR I 53 -72.34 27.00 14.13
N PRO I 54 -71.72 25.95 13.59
CA PRO I 54 -72.51 24.79 13.18
C PRO I 54 -73.18 24.15 14.38
N GLY I 55 -74.41 23.68 14.15
CA GLY I 55 -75.17 23.11 15.24
C GLY I 55 -74.64 21.75 15.67
N GLY I 56 -75.07 21.34 16.86
CA GLY I 56 -74.76 20.03 17.38
C GLY I 56 -75.71 18.94 16.98
N GLY I 57 -76.72 19.27 16.17
CA GLY I 57 -77.71 18.30 15.74
C GLY I 57 -79.11 18.71 16.14
N ALA I 58 -79.95 17.72 16.44
CA ALA I 58 -81.31 17.97 16.90
C ALA I 58 -81.52 17.20 18.19
N GLN I 59 -82.07 17.87 19.19
CA GLN I 59 -82.31 17.27 20.49
C GLN I 59 -83.79 16.95 20.65
N ALA I 60 -84.09 15.80 21.25
CA ALA I 60 -85.46 15.46 21.60
C ALA I 60 -85.90 16.29 22.79
N SER I 61 -86.92 17.14 22.59
CA SER I 61 -87.34 18.05 23.64
C SER I 61 -88.29 17.36 24.62
N GLN I 62 -89.41 16.85 24.12
CA GLN I 62 -90.40 16.18 24.95
C GLN I 62 -91.42 15.50 24.04
N VAL I 63 -91.99 14.39 24.49
CA VAL I 63 -93.08 13.72 23.80
C VAL I 63 -94.38 14.18 24.44
N ALA I 64 -95.13 15.01 23.73
CA ALA I 64 -96.34 15.61 24.27
C ALA I 64 -97.47 14.59 24.36
N GLN I 65 -98.59 15.02 24.95
CA GLN I 65 -99.71 14.14 25.25
C GLN I 65 -101.02 14.85 24.86
N GLN I 66 -101.09 15.31 23.61
CA GLN I 66 -102.22 16.07 23.08
C GLN I 66 -103.56 15.55 23.62
N PHE I 67 -104.30 16.43 24.32
CA PHE I 67 -105.42 16.03 25.15
C PHE I 67 -106.77 16.49 24.58
N HIS I 68 -106.88 16.60 23.27
CA HIS I 68 -108.17 16.97 22.70
C HIS I 68 -109.16 15.80 22.79
N GLU I 69 -110.44 16.14 22.79
CA GLU I 69 -111.50 15.16 22.96
C GLU I 69 -111.55 14.20 21.77
N GLY I 70 -111.70 12.90 22.09
CA GLY I 70 -111.85 11.91 21.04
C GLY I 70 -113.31 11.67 20.68
N SER I 71 -113.51 11.00 19.55
CA SER I 71 -114.85 10.70 19.06
C SER I 71 -115.53 9.67 19.98
N SER I 72 -116.86 9.68 19.95
CA SER I 72 -117.67 8.87 20.84
C SER I 72 -118.29 7.69 20.10
N ILE I 73 -118.26 6.53 20.75
CA ILE I 73 -118.90 5.32 20.25
C ILE I 73 -120.07 4.97 21.16
N TYR I 74 -121.22 4.69 20.55
CA TYR I 74 -122.46 4.46 21.28
C TYR I 74 -122.67 2.97 21.46
N THR I 75 -122.82 2.53 22.70
CA THR I 75 -123.01 1.13 23.03
C THR I 75 -124.38 0.81 23.63
N ASN I 76 -125.15 1.84 24.02
CA ASN I 76 -126.46 1.66 24.65
C ASN I 76 -126.33 0.83 25.94
N ASN I 77 -125.22 1.01 26.65
CA ASN I 77 -124.96 0.33 27.91
C ASN I 77 -124.98 1.36 29.04
N PRO I 78 -125.88 1.25 30.01
CA PRO I 78 -125.93 2.27 31.08
C PRO I 78 -124.67 2.32 31.93
N MET I 79 -123.85 1.27 31.93
CA MET I 79 -122.62 1.27 32.72
C MET I 79 -121.43 1.87 32.00
N ASP I 80 -121.52 2.09 30.69
CA ASP I 80 -120.45 2.73 29.95
C ASP I 80 -120.62 4.25 30.03
N LEU I 81 -119.58 4.94 30.47
CA LEU I 81 -119.63 6.37 30.72
C LEU I 81 -118.59 7.10 29.87
N ARG I 82 -118.86 8.38 29.62
CA ARG I 82 -117.96 9.24 28.86
C ARG I 82 -118.08 10.66 29.37
N VAL I 83 -116.95 11.36 29.42
CA VAL I 83 -116.90 12.74 29.86
C VAL I 83 -116.86 13.61 28.61
N SER I 84 -117.87 14.45 28.44
CA SER I 84 -117.95 15.37 27.32
C SER I 84 -117.46 16.74 27.77
N GLY I 85 -116.17 16.99 27.59
CA GLY I 85 -115.54 18.21 28.06
C GLY I 85 -114.25 17.91 28.82
N THR I 86 -114.00 18.73 29.84
CA THR I 86 -112.79 18.62 30.65
C THR I 86 -113.11 17.90 31.94
N GLY I 87 -112.28 16.96 32.32
CA GLY I 87 -112.45 16.20 33.55
C GLY I 87 -111.98 14.77 33.38
N PHE I 88 -111.64 14.16 34.50
CA PHE I 88 -111.16 12.78 34.54
C PHE I 88 -111.91 12.00 35.60
N PHE I 89 -112.06 10.70 35.38
CA PHE I 89 -112.62 9.82 36.39
C PHE I 89 -111.58 9.51 37.45
N ALA I 90 -112.05 9.30 38.68
CA ALA I 90 -111.20 8.91 39.78
C ALA I 90 -111.31 7.42 40.02
N VAL I 91 -110.18 6.72 40.04
CA VAL I 91 -110.14 5.27 40.13
C VAL I 91 -109.10 4.87 41.16
N ALA I 92 -109.52 4.08 42.15
CA ALA I 92 -108.65 3.63 43.23
C ALA I 92 -108.41 2.14 43.11
N LYS I 93 -107.14 1.73 43.24
CA LYS I 93 -106.78 0.33 43.10
C LYS I 93 -107.34 -0.50 44.26
N GLU I 94 -107.30 0.05 45.48
CA GLU I 94 -107.77 -0.64 46.66
C GLU I 94 -109.01 0.06 47.22
N ARG I 95 -110.02 -0.73 47.57
CA ARG I 95 -111.27 -0.17 48.08
C ARG I 95 -111.06 0.53 49.42
N LEU I 96 -110.28 -0.08 50.31
CA LEU I 96 -110.11 0.45 51.65
C LEU I 96 -109.47 1.84 51.63
N THR I 97 -108.46 2.03 50.80
CA THR I 97 -107.76 3.31 50.72
C THR I 97 -108.12 4.00 49.41
N PRO I 98 -108.99 5.01 49.42
CA PRO I 98 -109.32 5.73 48.18
C PRO I 98 -108.43 6.94 47.90
N GLN I 99 -107.41 7.19 48.73
CA GLN I 99 -106.48 8.27 48.44
C GLN I 99 -105.53 7.89 47.32
N GLN I 100 -105.09 6.63 47.30
CA GLN I 100 -104.22 6.11 46.25
C GLN I 100 -105.06 5.84 45.00
N ASN I 101 -105.30 6.91 44.24
CA ASN I 101 -106.16 6.87 43.08
C ASN I 101 -105.42 7.36 41.84
N GLU I 102 -105.97 7.04 40.68
CA GLU I 102 -105.42 7.45 39.40
C GLU I 102 -106.52 7.99 38.50
N LEU I 103 -106.11 8.80 37.53
CA LEU I 103 -107.06 9.42 36.60
C LEU I 103 -107.16 8.60 35.32
N THR I 104 -108.40 8.39 34.88
CA THR I 104 -108.65 7.62 33.67
C THR I 104 -109.71 8.33 32.84
N ARG I 105 -109.75 8.01 31.55
CA ARG I 105 -110.68 8.63 30.62
C ARG I 105 -111.69 7.67 30.00
N ASN I 106 -111.42 6.37 30.00
CA ASN I 106 -112.37 5.42 29.44
C ASN I 106 -113.34 4.96 30.53
N GLY I 107 -114.60 4.78 30.13
CA GLY I 107 -115.65 4.50 31.08
C GLY I 107 -116.26 3.12 30.99
N ALA I 108 -115.45 2.12 30.68
CA ALA I 108 -115.95 0.75 30.65
C ALA I 108 -116.08 0.20 32.07
N PHE I 109 -117.21 0.46 32.71
CA PHE I 109 -117.44 0.08 34.09
C PHE I 109 -118.45 -1.07 34.19
N HIS I 110 -118.45 -1.72 35.34
CA HIS I 110 -119.40 -2.79 35.64
C HIS I 110 -119.43 -2.98 37.16
N LEU I 111 -120.27 -3.89 37.62
CA LEU I 111 -120.38 -4.23 39.02
C LEU I 111 -119.65 -5.54 39.30
N ASN I 112 -118.91 -5.57 40.41
CA ASN I 112 -118.26 -6.78 40.86
C ASN I 112 -119.20 -7.54 41.79
N LYS I 113 -118.70 -8.60 42.42
CA LYS I 113 -119.55 -9.41 43.29
C LYS I 113 -120.03 -8.63 44.51
N GLU I 114 -119.33 -7.56 44.86
CA GLU I 114 -119.73 -6.69 45.96
C GLU I 114 -120.63 -5.54 45.49
N ASN I 115 -121.03 -5.53 44.22
CA ASN I 115 -121.86 -4.48 43.63
C ASN I 115 -121.21 -3.10 43.78
N TYR I 116 -119.91 -3.06 43.58
CA TYR I 116 -119.18 -1.80 43.44
C TYR I 116 -118.89 -1.55 41.97
N MET I 117 -119.01 -0.29 41.55
CA MET I 117 -118.76 0.05 40.15
C MET I 117 -117.25 0.14 39.93
N VAL I 118 -116.70 -0.82 39.19
CA VAL I 118 -115.26 -0.93 39.00
C VAL I 118 -114.95 -0.86 37.51
N THR I 119 -113.66 -0.74 37.21
CA THR I 119 -113.19 -0.70 35.82
C THR I 119 -112.92 -2.11 35.31
N ALA I 120 -112.31 -2.18 34.13
CA ALA I 120 -111.94 -3.49 33.57
C ALA I 120 -110.83 -4.14 34.38
N ASN I 121 -109.94 -3.36 34.98
CA ASN I 121 -108.86 -3.87 35.81
C ASN I 121 -109.30 -4.16 37.24
N ASP I 122 -110.61 -4.23 37.48
CA ASP I 122 -111.17 -4.44 38.83
C ASP I 122 -110.67 -3.38 39.81
N GLU I 123 -110.69 -2.13 39.37
CA GLU I 123 -110.32 -0.99 40.20
C GLU I 123 -111.54 -0.11 40.42
N PHE I 124 -111.69 0.38 41.65
CA PHE I 124 -112.95 0.96 42.10
C PHE I 124 -113.07 2.40 41.64
N LEU I 125 -114.17 2.71 40.95
CA LEU I 125 -114.49 4.09 40.59
C LEU I 125 -114.93 4.85 41.82
N LEU I 126 -114.40 6.06 41.98
CA LEU I 126 -114.64 6.89 43.15
C LEU I 126 -115.73 7.91 42.88
N GLY I 127 -116.56 8.16 43.89
CA GLY I 127 -117.64 9.10 43.78
C GLY I 127 -117.94 9.77 45.10
N TYR I 128 -118.79 10.79 45.04
CA TYR I 128 -119.19 11.54 46.22
C TYR I 128 -120.39 10.89 46.90
N GLN I 129 -120.45 11.03 48.21
CA GLN I 129 -121.53 10.45 49.01
C GLN I 129 -122.61 11.49 49.25
N VAL I 130 -123.86 11.16 48.90
CA VAL I 130 -125.01 12.02 49.14
C VAL I 130 -126.06 11.22 49.90
N ASP I 131 -126.74 11.88 50.83
CA ASP I 131 -127.84 11.23 51.54
C ASP I 131 -129.01 11.02 50.58
N PRO I 132 -129.79 9.96 50.78
CA PRO I 132 -130.92 9.70 49.88
C PRO I 132 -131.97 10.80 49.89
N SER I 133 -132.05 11.61 50.95
CA SER I 133 -132.98 12.72 51.02
C SER I 133 -132.32 14.07 50.77
N SER I 134 -131.00 14.16 50.92
CA SER I 134 -130.30 15.43 50.74
C SER I 134 -130.21 15.78 49.26
N GLY I 135 -129.57 16.92 48.98
CA GLY I 135 -129.41 17.37 47.62
C GLY I 135 -128.00 17.17 47.10
N GLU I 136 -127.18 18.22 47.18
CA GLU I 136 -125.81 18.15 46.69
C GLU I 136 -124.93 17.31 47.60
N VAL I 137 -123.64 17.22 47.29
CA VAL I 137 -122.72 16.37 48.04
C VAL I 137 -122.60 16.89 49.47
N SER I 138 -122.71 15.98 50.44
CA SER I 138 -122.54 16.34 51.84
C SER I 138 -121.08 16.36 52.24
N SER I 139 -120.40 15.22 52.10
CA SER I 139 -118.98 15.10 52.40
C SER I 139 -118.22 14.91 51.09
N TYR I 140 -117.23 15.75 50.85
CA TYR I 140 -116.54 15.80 49.56
C TYR I 140 -115.47 14.71 49.41
N GLU I 141 -115.21 13.93 50.45
CA GLU I 141 -114.17 12.90 50.36
C GLU I 141 -114.60 11.79 49.42
N PRO I 142 -113.80 11.45 48.41
CA PRO I 142 -114.20 10.40 47.47
C PRO I 142 -114.18 9.02 48.11
N GLN I 143 -115.16 8.21 47.71
CA GLN I 143 -115.30 6.84 48.17
C GLN I 143 -115.76 5.97 47.01
N PRO I 144 -115.50 4.67 47.06
CA PRO I 144 -116.02 3.78 46.02
C PRO I 144 -117.53 3.84 45.95
N ILE I 145 -118.07 3.77 44.73
CA ILE I 145 -119.50 3.88 44.51
C ILE I 145 -120.12 2.51 44.66
N ASN I 146 -121.13 2.41 45.52
CA ASN I 146 -121.82 1.15 45.81
C ASN I 146 -123.25 1.24 45.32
N ILE I 147 -123.68 0.21 44.59
CA ILE I 147 -125.06 0.11 44.12
C ILE I 147 -125.66 -1.14 44.77
N PRO I 148 -126.36 -1.00 45.89
CA PRO I 148 -126.83 -2.18 46.62
C PRO I 148 -127.81 -3.01 45.79
N ALA I 149 -127.68 -4.34 45.92
CA ALA I 149 -128.62 -5.23 45.24
C ALA I 149 -130.01 -5.13 45.83
N GLU I 150 -130.12 -5.03 47.15
CA GLU I 150 -131.41 -4.88 47.82
C GLU I 150 -131.35 -3.64 48.70
N PHE I 151 -132.31 -2.74 48.53
CA PHE I 151 -132.40 -1.51 49.30
C PHE I 151 -133.82 -1.37 49.85
N GLY I 152 -133.92 -1.16 51.16
CA GLY I 152 -135.21 -1.01 51.80
C GLY I 152 -135.13 -0.72 53.28
N THR I 320 -138.36 -4.95 51.49
CA THR I 320 -137.27 -4.34 50.75
C THR I 320 -137.54 -4.32 49.25
N GLY I 321 -136.53 -3.99 48.47
CA GLY I 321 -136.65 -3.99 47.02
C GLY I 321 -135.34 -4.33 46.35
N PHE I 322 -135.40 -5.10 45.25
CA PHE I 322 -134.22 -5.55 44.56
C PHE I 322 -133.88 -4.60 43.42
N LEU I 323 -132.58 -4.43 43.16
CA LEU I 323 -132.12 -3.50 42.14
C LEU I 323 -132.61 -3.93 40.76
N THR I 324 -133.21 -2.99 40.04
CA THR I 324 -133.79 -3.25 38.73
C THR I 324 -133.06 -2.51 37.61
N LYS I 325 -132.97 -1.19 37.69
CA LYS I 325 -132.31 -0.40 36.66
C LYS I 325 -131.41 0.64 37.33
N VAL I 326 -130.31 0.96 36.65
CA VAL I 326 -129.37 1.99 37.10
C VAL I 326 -129.21 2.99 35.96
N ASP I 327 -129.38 4.27 36.27
CA ASP I 327 -129.25 5.31 35.26
C ASP I 327 -128.47 6.49 35.85
N PHE I 328 -127.80 7.22 34.96
CA PHE I 328 -126.99 8.37 35.33
C PHE I 328 -127.54 9.61 34.66
N ASP I 329 -127.74 10.67 35.44
CA ASP I 329 -128.20 11.94 34.90
C ASP I 329 -127.00 12.79 34.51
N GLU I 330 -127.28 14.01 34.03
CA GLU I 330 -126.21 14.89 33.58
C GLU I 330 -125.34 15.40 34.72
N ASN I 331 -125.80 15.25 35.96
CA ASN I 331 -125.03 15.68 37.12
C ASN I 331 -124.14 14.56 37.68
N GLY I 332 -124.10 13.41 37.02
CA GLY I 332 -123.24 12.32 37.44
C GLY I 332 -123.80 11.44 38.53
N SER I 333 -125.02 11.73 39.01
CA SER I 333 -125.59 10.95 40.10
C SER I 333 -126.05 9.59 39.60
N VAL I 334 -125.66 8.53 40.31
CA VAL I 334 -126.12 7.18 40.01
C VAL I 334 -127.42 6.95 40.79
N MET I 335 -128.49 6.64 40.05
CA MET I 335 -129.82 6.46 40.63
C MET I 335 -130.28 5.03 40.38
N GLY I 336 -130.75 4.37 41.43
CA GLY I 336 -131.21 3.00 41.35
C GLY I 336 -132.65 2.88 41.82
N THR I 337 -133.51 2.38 40.95
CA THR I 337 -134.88 2.06 41.30
C THR I 337 -134.97 0.58 41.67
N TYR I 338 -135.92 0.26 42.54
CA TYR I 338 -136.03 -1.07 43.11
C TYR I 338 -137.45 -1.61 42.92
N SER I 339 -137.67 -2.85 43.34
CA SER I 339 -138.94 -3.52 43.11
C SER I 339 -140.08 -2.81 43.81
N ASN I 340 -139.84 -2.21 44.98
CA ASN I 340 -140.87 -1.47 45.69
C ASN I 340 -141.18 -0.12 45.05
N GLY I 341 -140.61 0.17 43.89
CA GLY I 341 -140.84 1.46 43.25
C GLY I 341 -140.24 2.64 44.00
N GLU I 342 -139.04 2.46 44.55
CA GLU I 342 -138.37 3.50 45.32
C GLU I 342 -137.13 3.95 44.54
N ASN I 343 -137.11 5.22 44.13
CA ASN I 343 -135.98 5.79 43.42
C ASN I 343 -135.04 6.44 44.42
N VAL I 344 -133.84 5.89 44.56
CA VAL I 344 -132.87 6.31 45.57
C VAL I 344 -131.59 6.73 44.88
N THR I 345 -131.09 7.91 45.25
CA THR I 345 -129.81 8.41 44.74
C THR I 345 -128.68 7.81 45.58
N LEU I 346 -127.86 6.98 44.95
CA LEU I 346 -126.79 6.28 45.64
C LEU I 346 -125.49 7.09 45.69
N GLY I 347 -125.45 8.26 45.07
CA GLY I 347 -124.25 9.06 45.02
C GLY I 347 -124.03 9.65 43.65
N ARG I 348 -122.96 10.41 43.46
CA ARG I 348 -122.62 10.95 42.16
C ARG I 348 -121.15 10.69 41.87
N VAL I 349 -120.87 10.37 40.60
CA VAL I 349 -119.51 10.02 40.21
C VAL I 349 -118.60 11.25 40.37
N ALA I 350 -117.48 11.05 41.04
CA ALA I 350 -116.52 12.13 41.24
C ALA I 350 -115.77 12.43 39.95
N LEU I 351 -115.53 13.70 39.70
CA LEU I 351 -114.78 14.15 38.54
C LEU I 351 -113.52 14.88 39.01
N VAL I 352 -112.42 14.67 38.30
CA VAL I 352 -111.13 15.24 38.67
C VAL I 352 -110.57 16.01 37.50
N ARG I 353 -109.97 17.17 37.78
CA ARG I 353 -109.36 18.01 36.77
C ARG I 353 -108.04 18.53 37.30
N VAL I 354 -107.10 18.81 36.39
CA VAL I 354 -105.80 19.35 36.78
C VAL I 354 -105.53 20.60 35.93
N PRO I 355 -104.80 21.58 36.46
CA PRO I 355 -104.49 22.78 35.64
C PRO I 355 -103.68 22.47 34.40
N ASN I 356 -102.78 21.49 34.48
CA ASN I 356 -101.94 21.10 33.35
C ASN I 356 -102.14 19.60 33.12
N GLU I 357 -102.93 19.25 32.10
CA GLU I 357 -103.11 17.84 31.78
C GLU I 357 -101.85 17.23 31.19
N GLN I 358 -101.09 18.01 30.41
CA GLN I 358 -99.91 17.48 29.74
C GLN I 358 -98.78 17.19 30.72
N GLY I 359 -98.86 17.68 31.96
CA GLY I 359 -97.88 17.37 32.97
C GLY I 359 -98.09 16.08 33.72
N LEU I 360 -99.21 15.41 33.50
CA LEU I 360 -99.48 14.14 34.18
C LEU I 360 -98.51 13.06 33.71
N ASP I 361 -98.03 12.25 34.64
CA ASP I 361 -97.22 11.10 34.29
C ASP I 361 -98.13 9.93 33.96
N LYS I 362 -97.72 9.14 32.96
CA LYS I 362 -98.59 8.15 32.36
C LYS I 362 -98.27 6.76 32.91
N LYS I 363 -99.29 6.12 33.48
CA LYS I 363 -99.18 4.73 33.88
C LYS I 363 -99.71 3.85 32.73
N GLY I 364 -99.84 2.56 32.96
CA GLY I 364 -100.41 1.69 31.95
C GLY I 364 -101.93 1.74 31.93
N GLY I 365 -102.49 1.18 30.86
CA GLY I 365 -103.93 1.09 30.74
C GLY I 365 -104.66 2.42 30.62
N THR I 366 -104.09 3.38 29.90
CA THR I 366 -104.70 4.68 29.65
C THR I 366 -105.08 5.37 30.96
N GLN I 367 -104.15 5.35 31.91
CA GLN I 367 -104.37 5.96 33.22
C GLN I 367 -103.19 6.87 33.57
N TRP I 368 -103.51 7.96 34.26
CA TRP I 368 -102.52 8.96 34.65
C TRP I 368 -102.49 9.13 36.16
N ASP I 369 -101.47 9.82 36.64
CA ASP I 369 -101.34 10.18 38.03
C ASP I 369 -100.89 11.63 38.13
N SER I 370 -101.23 12.27 39.25
CA SER I 370 -100.88 13.67 39.44
C SER I 370 -99.40 13.82 39.77
N THR I 371 -98.78 14.86 39.21
CA THR I 371 -97.38 15.16 39.48
C THR I 371 -97.22 16.60 39.96
N GLN I 372 -95.97 17.05 40.13
CA GLN I 372 -95.74 18.45 40.47
C GLN I 372 -95.97 19.37 39.28
N PHE I 373 -95.61 18.92 38.08
CA PHE I 373 -95.76 19.73 36.88
C PHE I 373 -97.19 19.77 36.37
N SER I 374 -98.07 18.90 36.86
CA SER I 374 -99.47 18.88 36.46
C SER I 374 -100.37 19.59 37.46
N GLY I 375 -99.81 20.16 38.52
CA GLY I 375 -100.61 20.78 39.55
C GLY I 375 -101.27 19.73 40.44
N ASP I 376 -102.16 20.21 41.29
CA ASP I 376 -102.88 19.36 42.23
C ASP I 376 -104.25 19.01 41.67
N LYS I 377 -104.73 17.81 42.03
CA LYS I 377 -106.04 17.37 41.59
C LYS I 377 -107.13 18.30 42.10
N ILE I 378 -108.06 18.65 41.21
CA ILE I 378 -109.20 19.48 41.56
C ILE I 378 -110.43 18.59 41.52
N TRP I 379 -111.01 18.32 42.69
CA TRP I 379 -112.18 17.46 42.79
C TRP I 379 -113.43 18.30 42.58
N GLY I 380 -114.34 17.80 41.75
CA GLY I 380 -115.56 18.53 41.45
C GLY I 380 -116.61 17.62 40.85
N GLU I 381 -117.81 18.19 40.70
CA GLU I 381 -118.93 17.49 40.11
C GLU I 381 -118.97 17.72 38.60
N SER I 382 -119.67 16.83 37.91
CA SER I 382 -119.87 16.99 36.47
C SER I 382 -120.85 18.12 36.21
N ASN I 383 -120.60 18.86 35.12
CA ASN I 383 -121.46 19.96 34.69
C ASN I 383 -121.53 21.04 35.77
N LYS I 384 -120.44 21.20 36.52
CA LYS I 384 -120.32 22.24 37.53
C LYS I 384 -118.98 22.93 37.37
N GLY I 385 -118.99 24.25 37.36
CA GLY I 385 -117.77 25.02 37.19
C GLY I 385 -117.10 24.79 35.85
N SER I 386 -115.83 24.40 35.87
CA SER I 386 -115.07 24.15 34.66
C SER I 386 -115.11 22.70 34.21
N PHE I 387 -115.90 21.86 34.87
CA PHE I 387 -115.94 20.44 34.53
C PHE I 387 -116.95 20.18 33.41
N GLY I 388 -116.75 19.05 32.73
CA GLY I 388 -117.66 18.63 31.68
C GLY I 388 -118.77 17.75 32.20
N THR I 389 -119.59 17.27 31.26
CA THR I 389 -120.74 16.45 31.59
C THR I 389 -120.38 14.96 31.55
N ILE I 390 -121.20 14.16 32.22
CA ILE I 390 -121.07 12.70 32.22
C ILE I 390 -122.25 12.13 31.45
N ASN I 391 -121.96 11.32 30.43
CA ASN I 391 -122.97 10.71 29.59
C ASN I 391 -122.83 9.19 29.65
N ASN I 392 -123.92 8.51 29.97
CA ASN I 392 -123.94 7.05 29.97
C ASN I 392 -124.30 6.52 28.59
N GLY I 393 -123.93 5.27 28.34
CA GLY I 393 -124.14 4.68 27.03
C GLY I 393 -123.17 5.12 25.97
N MET I 394 -122.08 5.79 26.34
CA MET I 394 -121.10 6.29 25.40
C MET I 394 -119.71 5.96 25.89
N LEU I 395 -118.78 5.82 24.94
CA LEU I 395 -117.37 5.63 25.22
C LEU I 395 -116.56 6.49 24.29
N GLU I 396 -115.36 6.84 24.72
CA GLU I 396 -114.45 7.66 23.92
C GLU I 396 -113.44 6.76 23.22
N GLN I 397 -113.31 6.92 21.92
CA GLN I 397 -112.28 6.23 21.16
C GLN I 397 -110.99 7.03 21.24
N SER I 398 -109.95 6.56 20.58
CA SER I 398 -108.70 7.31 20.52
C SER I 398 -108.91 8.60 19.75
N ASN I 399 -108.18 9.64 20.16
CA ASN I 399 -108.27 10.95 19.55
C ASN I 399 -107.26 11.14 18.43
N ILE I 400 -106.86 10.05 17.79
CA ILE I 400 -105.88 10.08 16.71
C ILE I 400 -106.61 10.26 15.39
N ASP I 401 -105.90 10.75 14.39
CA ASP I 401 -106.40 10.86 13.04
C ASP I 401 -105.61 9.90 12.17
N MET I 402 -106.31 8.91 11.60
CA MET I 402 -105.62 7.86 10.84
C MET I 402 -104.90 8.44 9.62
N THR I 403 -105.54 9.37 8.92
CA THR I 403 -104.88 10.01 7.78
C THR I 403 -103.65 10.79 8.22
N GLN I 404 -103.76 11.52 9.33
CA GLN I 404 -102.63 12.33 9.80
C GLN I 404 -101.45 11.46 10.20
N GLU I 405 -101.71 10.35 10.89
CA GLU I 405 -100.62 9.49 11.34
C GLU I 405 -99.91 8.83 10.17
N LEU I 406 -100.65 8.43 9.15
CA LEU I 406 -100.04 7.80 7.98
C LEU I 406 -99.17 8.80 7.21
N VAL I 407 -99.61 10.05 7.10
CA VAL I 407 -98.82 11.06 6.40
C VAL I 407 -97.57 11.40 7.21
N ASP I 408 -97.71 11.50 8.54
CA ASP I 408 -96.54 11.75 9.38
C ASP I 408 -95.56 10.59 9.28
N LEU I 409 -96.05 9.39 9.01
CA LEU I 409 -95.18 8.24 8.78
C LEU I 409 -94.29 8.47 7.56
N ILE I 410 -94.86 9.07 6.52
CA ILE I 410 -94.11 9.33 5.29
C ILE I 410 -93.03 10.38 5.53
N SER I 411 -93.40 11.49 6.18
CA SER I 411 -92.46 12.59 6.35
C SER I 411 -91.32 12.20 7.29
N ALA I 412 -91.60 11.31 8.25
CA ALA I 412 -90.54 10.84 9.14
C ALA I 412 -89.57 9.90 8.41
N GLN I 413 -90.03 9.11 7.45
CA GLN I 413 -89.09 8.27 6.67
C GLN I 413 -88.16 9.12 5.81
N ARG I 414 -88.64 10.18 5.18
CA ARG I 414 -87.82 11.01 4.26
C ARG I 414 -86.81 11.83 5.04
N ASN I 415 -86.97 11.92 6.37
CA ASN I 415 -86.09 12.78 7.19
C ASN I 415 -85.09 11.84 7.84
N PHE I 416 -85.37 10.55 7.83
CA PHE I 416 -84.40 9.55 8.33
C PHE I 416 -83.54 9.19 7.15
N GLN I 417 -84.13 9.16 5.96
CA GLN I 417 -83.23 8.79 4.87
C GLN I 417 -82.23 9.90 4.58
N ALA I 418 -82.66 11.16 4.69
CA ALA I 418 -81.75 12.28 4.47
C ALA I 418 -80.62 12.28 5.49
N ASN I 419 -80.93 12.01 6.76
CA ASN I 419 -79.90 11.99 7.79
C ASN I 419 -78.91 10.86 7.58
N SER I 420 -79.40 9.68 7.18
CA SER I 420 -78.48 8.57 6.92
C SER I 420 -77.61 8.84 5.71
N ARG I 421 -78.13 9.54 4.71
CA ARG I 421 -77.30 10.00 3.60
C ARG I 421 -76.25 10.98 4.09
N SER I 422 -76.62 11.85 5.03
CA SER I 422 -75.64 12.73 5.66
C SER I 422 -74.60 11.93 6.43
N LEU I 423 -75.04 10.89 7.14
CA LEU I 423 -74.10 10.01 7.84
C LEU I 423 -73.21 9.27 6.85
N GLU I 424 -73.78 8.83 5.71
CA GLU I 424 -73.00 8.12 4.71
C GLU I 424 -71.89 9.00 4.14
N VAL I 425 -72.19 10.28 3.89
CA VAL I 425 -71.20 11.18 3.33
C VAL I 425 -70.04 11.37 4.30
N HIS I 426 -70.34 11.49 5.59
CA HIS I 426 -69.29 11.75 6.59
C HIS I 426 -68.29 10.60 6.65
N ASN I 427 -68.77 9.36 6.51
CA ASN I 427 -67.87 8.21 6.50
C ASN I 427 -66.97 8.23 5.27
N GLN I 428 -67.52 8.60 4.12
CA GLN I 428 -66.73 8.61 2.89
C GLN I 428 -65.65 9.69 2.92
N LEU I 429 -65.85 10.72 3.75
CA LEU I 429 -64.78 11.69 3.96
C LEU I 429 -63.62 11.06 4.72
N GLN I 430 -63.93 10.30 5.76
CA GLN I 430 -62.87 9.66 6.55
C GLN I 430 -62.19 8.56 5.76
N GLN I 431 -62.97 7.76 5.02
CA GLN I 431 -62.37 6.74 4.16
C GLN I 431 -61.50 7.36 3.09
N ASN I 432 -61.82 8.58 2.66
CA ASN I 432 -61.03 9.24 1.63
C ASN I 432 -59.63 9.59 2.14
N ILE I 433 -59.53 10.01 3.41
CA ILE I 433 -58.23 10.38 3.95
C ILE I 433 -57.45 9.13 4.35
N LEU I 434 -58.14 8.08 4.77
CA LEU I 434 -57.52 6.83 5.18
C LEU I 434 -56.80 6.11 4.03
N GLN I 435 -56.80 6.69 2.83
CA GLN I 435 -56.18 6.11 1.65
C GLN I 435 -55.24 7.12 1.00
N ILE I 436 -54.48 7.83 1.83
CA ILE I 436 -53.48 8.77 1.33
C ILE I 436 -52.08 8.23 1.62
N SER J 2 -65.14 -12.87 15.83
CA SER J 2 -65.97 -13.25 14.68
C SER J 2 -67.00 -14.30 15.07
N TYR J 3 -66.71 -15.04 16.14
CA TYR J 3 -67.63 -16.08 16.60
C TYR J 3 -68.90 -15.49 17.19
N VAL J 4 -68.82 -14.29 17.77
CA VAL J 4 -70.03 -13.63 18.28
C VAL J 4 -70.98 -13.32 17.14
N SER J 5 -70.45 -12.83 16.02
CA SER J 5 -71.29 -12.57 14.85
C SER J 5 -71.88 -13.86 14.29
N LEU J 6 -71.07 -14.92 14.24
CA LEU J 6 -71.57 -16.20 13.75
C LEU J 6 -72.61 -16.78 14.71
N SER J 7 -72.48 -16.47 16.00
CA SER J 7 -73.52 -16.87 16.95
C SER J 7 -74.84 -16.18 16.63
N GLY J 8 -74.80 -14.90 16.25
CA GLY J 8 -76.01 -14.22 15.84
C GLY J 8 -76.59 -14.78 14.55
N LEU J 9 -75.72 -15.09 13.59
CA LEU J 9 -76.18 -15.69 12.34
C LEU J 9 -76.80 -17.06 12.59
N SER J 10 -76.18 -17.88 13.45
CA SER J 10 -76.72 -19.19 13.77
C SER J 10 -78.07 -19.06 14.49
N ALA J 11 -78.17 -18.11 15.43
CA ALA J 11 -79.42 -17.91 16.14
C ALA J 11 -80.53 -17.44 15.20
N ALA J 12 -80.20 -16.51 14.29
CA ALA J 12 -81.21 -16.00 13.37
C ALA J 12 -81.65 -17.07 12.38
N GLN J 13 -80.71 -17.89 11.91
CA GLN J 13 -81.07 -18.93 10.95
C GLN J 13 -81.92 -20.01 11.60
N LEU J 14 -81.66 -20.31 12.88
CA LEU J 14 -82.53 -21.21 13.62
C LEU J 14 -83.94 -20.65 13.73
N ASP J 15 -84.06 -19.32 13.90
CA ASP J 15 -85.38 -18.70 13.93
C ASP J 15 -86.08 -18.86 12.59
N LEU J 16 -85.36 -18.70 11.48
CA LEU J 16 -85.96 -18.89 10.17
C LEU J 16 -86.42 -20.33 9.98
N ASN J 17 -85.57 -21.30 10.36
CA ASN J 17 -85.92 -22.70 10.15
C ASN J 17 -87.13 -23.10 10.97
N THR J 18 -87.23 -22.63 12.21
CA THR J 18 -88.39 -22.93 13.04
C THR J 18 -89.66 -22.32 12.45
N THR J 19 -89.59 -21.07 11.98
CA THR J 19 -90.74 -20.43 11.38
C THR J 19 -91.13 -21.11 10.07
N SER J 20 -90.14 -21.48 9.26
CA SER J 20 -90.43 -22.17 8.00
C SER J 20 -91.07 -23.52 8.26
N ASN J 21 -90.68 -24.20 9.34
CA ASN J 21 -91.32 -25.46 9.71
C ASN J 21 -92.78 -25.26 10.07
N ASN J 22 -93.08 -24.17 10.78
CA ASN J 22 -94.47 -23.87 11.13
C ASN J 22 -95.31 -23.61 9.89
N ILE J 23 -94.78 -22.82 8.95
CA ILE J 23 -95.52 -22.48 7.74
C ILE J 23 -95.75 -23.71 6.88
N ALA J 24 -94.76 -24.61 6.84
CA ALA J 24 -94.88 -25.83 6.04
C ALA J 24 -96.03 -26.70 6.54
N ASN J 25 -96.20 -26.78 7.86
CA ASN J 25 -97.25 -27.59 8.47
C ASN J 25 -98.51 -26.80 8.75
N ALA J 26 -98.84 -25.81 7.92
CA ALA J 26 -100.05 -25.02 8.12
C ALA J 26 -101.32 -25.81 7.85
N ASN J 27 -101.24 -27.01 7.27
CA ASN J 27 -102.41 -27.81 6.95
C ASN J 27 -102.41 -29.19 7.58
N THR J 28 -101.35 -29.59 8.27
CA THR J 28 -101.31 -30.90 8.92
C THR J 28 -102.20 -30.89 10.16
N TYR J 29 -102.93 -31.99 10.37
CA TYR J 29 -103.85 -32.07 11.49
C TYR J 29 -103.10 -32.34 12.79
N GLY J 30 -103.44 -31.58 13.83
CA GLY J 30 -102.88 -31.78 15.13
C GLY J 30 -101.50 -31.17 15.36
N PHE J 31 -101.00 -30.39 14.40
CA PHE J 31 -99.67 -29.81 14.54
C PHE J 31 -99.64 -28.77 15.66
N LYS J 32 -98.56 -28.80 16.43
CA LYS J 32 -98.31 -27.82 17.48
C LYS J 32 -97.07 -27.03 17.09
N GLU J 33 -97.20 -25.71 16.98
CA GLU J 33 -96.13 -24.89 16.48
C GLU J 33 -94.96 -24.85 17.46
N SER J 34 -93.83 -24.35 16.98
CA SER J 34 -92.60 -24.28 17.76
C SER J 34 -92.12 -22.83 17.83
N ARG J 35 -91.41 -22.53 18.91
CA ARG J 35 -90.83 -21.20 19.13
C ARG J 35 -89.38 -21.37 19.55
N ALA J 36 -88.49 -20.66 18.86
CA ALA J 36 -87.07 -20.74 19.17
C ALA J 36 -86.72 -19.80 20.31
N GLU J 37 -86.12 -20.33 21.36
CA GLU J 37 -85.75 -19.56 22.54
C GLU J 37 -84.23 -19.46 22.60
N PHE J 38 -83.74 -18.26 22.89
CA PHE J 38 -82.30 -17.99 22.90
C PHE J 38 -81.86 -17.53 24.29
N ALA J 39 -80.58 -17.77 24.57
CA ALA J 39 -79.98 -17.44 25.84
C ALA J 39 -78.61 -16.81 25.60
N ASP J 40 -78.12 -16.09 26.61
CA ASP J 40 -76.87 -15.36 26.51
C ASP J 40 -75.68 -16.25 26.89
N VAL J 41 -74.50 -15.82 26.46
CA VAL J 41 -73.25 -16.51 26.75
C VAL J 41 -72.33 -15.54 27.49
N TYR J 42 -71.88 -15.94 28.68
CA TYR J 42 -70.93 -15.14 29.45
C TYR J 42 -69.97 -16.10 30.14
N SER J 43 -68.77 -16.22 29.58
CA SER J 43 -67.75 -17.13 30.10
C SER J 43 -66.58 -16.31 30.63
N ASN J 44 -66.20 -16.57 31.87
CA ASN J 44 -65.05 -15.92 32.48
C ASN J 44 -64.21 -16.95 33.23
N SER J 45 -62.92 -16.67 33.34
CA SER J 45 -61.96 -17.52 34.05
C SER J 45 -61.36 -16.75 35.21
N LEU J 46 -60.38 -17.38 35.86
CA LEU J 46 -59.69 -16.74 36.98
C LEU J 46 -58.80 -15.60 36.50
N PHE J 47 -58.24 -15.73 35.30
CA PHE J 47 -57.29 -14.76 34.78
C PHE J 47 -57.91 -13.77 33.81
N THR J 48 -59.23 -13.73 33.72
CA THR J 48 -59.93 -12.81 32.83
C THR J 48 -60.38 -11.59 33.60
N ASN J 49 -60.18 -10.41 33.01
CA ASN J 49 -60.65 -9.16 33.62
C ASN J 49 -62.17 -9.19 33.78
N ALA J 50 -62.64 -8.79 34.95
CA ALA J 50 -64.06 -8.87 35.28
C ALA J 50 -64.82 -7.57 35.04
N LYS J 51 -64.13 -6.44 34.95
CA LYS J 51 -64.83 -5.17 34.78
C LYS J 51 -65.52 -5.09 33.42
N THR J 52 -64.79 -5.40 32.36
CA THR J 52 -65.34 -5.40 31.00
C THR J 52 -65.67 -6.84 30.63
N THR J 53 -66.95 -7.10 30.36
CA THR J 53 -67.43 -8.45 30.07
C THR J 53 -68.25 -8.44 28.78
N PRO J 54 -67.59 -8.38 27.62
CA PRO J 54 -68.30 -8.58 26.36
C PRO J 54 -68.86 -9.99 26.30
N GLY J 55 -70.07 -10.11 25.75
CA GLY J 55 -70.72 -11.40 25.68
C GLY J 55 -70.07 -12.33 24.68
N GLY J 56 -70.32 -13.62 24.87
CA GLY J 56 -69.84 -14.63 23.96
C GLY J 56 -70.71 -14.85 22.76
N GLY J 57 -71.85 -14.17 22.68
CA GLY J 57 -72.77 -14.33 21.57
C GLY J 57 -74.17 -14.64 22.03
N ALA J 58 -74.91 -15.40 21.21
CA ALA J 58 -76.25 -15.84 21.56
C ALA J 58 -76.29 -17.35 21.46
N GLN J 59 -76.91 -18.01 22.43
CA GLN J 59 -76.99 -19.46 22.47
C GLN J 59 -78.44 -19.89 22.32
N ALA J 60 -78.66 -20.98 21.59
CA ALA J 60 -80.00 -21.55 21.47
C ALA J 60 -80.38 -22.22 22.78
N SER J 61 -81.44 -21.71 23.41
CA SER J 61 -81.87 -22.25 24.70
C SER J 61 -82.66 -23.53 24.52
N GLN J 62 -83.77 -23.46 23.77
CA GLN J 62 -84.59 -24.62 23.45
C GLN J 62 -85.59 -24.22 22.39
N VAL J 63 -85.94 -25.17 21.52
CA VAL J 63 -87.01 -24.99 20.55
C VAL J 63 -88.30 -25.46 21.21
N ALA J 64 -89.14 -24.50 21.61
CA ALA J 64 -90.33 -24.81 22.38
C ALA J 64 -91.38 -25.50 21.50
N GLN J 65 -92.45 -25.95 22.14
CA GLN J 65 -93.48 -26.76 21.49
C GLN J 65 -94.87 -26.25 21.90
N GLN J 66 -95.12 -24.96 21.69
CA GLN J 66 -96.36 -24.29 22.06
C GLN J 66 -97.58 -25.18 21.83
N PHE J 67 -98.32 -25.44 22.91
CA PHE J 67 -99.36 -26.46 22.92
C PHE J 67 -100.76 -25.88 23.06
N HIS J 68 -100.98 -24.66 22.58
CA HIS J 68 -102.31 -24.09 22.65
C HIS J 68 -103.25 -24.80 21.66
N GLU J 69 -104.54 -24.75 21.97
CA GLU J 69 -105.54 -25.45 21.17
C GLU J 69 -105.61 -24.88 19.76
N GLY J 70 -105.68 -25.78 18.78
CA GLY J 70 -105.84 -25.38 17.41
C GLY J 70 -107.28 -25.31 16.97
N SER J 71 -107.54 -24.50 15.95
CA SER J 71 -108.90 -24.33 15.45
C SER J 71 -109.40 -25.64 14.82
N SER J 72 -110.70 -25.84 14.93
CA SER J 72 -111.34 -27.09 14.52
C SER J 72 -111.99 -26.94 13.15
N ILE J 73 -111.89 -28.00 12.34
CA ILE J 73 -112.58 -28.07 11.06
C ILE J 73 -113.71 -29.07 11.19
N TYR J 74 -114.75 -28.87 10.39
CA TYR J 74 -115.95 -29.69 10.46
C TYR J 74 -116.07 -30.52 9.19
N THR J 75 -116.04 -31.85 9.34
CA THR J 75 -116.16 -32.75 8.21
C THR J 75 -117.44 -33.58 8.22
N ASN J 76 -118.22 -33.51 9.29
CA ASN J 76 -119.47 -34.27 9.42
C ASN J 76 -119.22 -35.76 9.22
N ASN J 77 -118.08 -36.23 9.74
CA ASN J 77 -117.67 -37.63 9.63
C ASN J 77 -117.56 -38.23 11.01
N PRO J 78 -118.38 -39.22 11.37
CA PRO J 78 -118.35 -39.76 12.73
C PRO J 78 -117.03 -40.39 13.11
N MET J 79 -116.19 -40.77 12.16
CA MET J 79 -114.91 -41.39 12.47
C MET J 79 -113.80 -40.38 12.70
N ASP J 80 -114.03 -39.10 12.39
CA ASP J 80 -113.02 -38.07 12.67
C ASP J 80 -113.28 -37.46 14.04
N LEU J 81 -112.28 -37.50 14.91
CA LEU J 81 -112.42 -37.13 16.31
C LEU J 81 -111.54 -35.93 16.62
N ARG J 82 -111.83 -35.29 17.75
CA ARG J 82 -111.08 -34.15 18.25
C ARG J 82 -111.22 -34.08 19.76
N VAL J 83 -110.16 -33.62 20.42
CA VAL J 83 -110.17 -33.40 21.86
C VAL J 83 -110.34 -31.90 22.09
N SER J 84 -111.43 -31.52 22.74
CA SER J 84 -111.69 -30.12 23.09
C SER J 84 -111.25 -29.88 24.53
N GLY J 85 -110.03 -29.40 24.71
CA GLY J 85 -109.44 -29.23 26.02
C GLY J 85 -108.02 -29.76 26.08
N THR J 86 -107.69 -30.41 27.19
CA THR J 86 -106.36 -30.96 27.42
C THR J 86 -106.41 -32.49 27.30
N GLY J 87 -105.50 -33.04 26.53
CA GLY J 87 -105.40 -34.48 26.39
C GLY J 87 -104.97 -34.87 24.99
N PHE J 88 -104.43 -36.08 24.87
CA PHE J 88 -104.00 -36.66 23.61
C PHE J 88 -104.63 -38.03 23.46
N PHE J 89 -104.76 -38.47 22.20
CA PHE J 89 -105.22 -39.82 21.93
C PHE J 89 -104.06 -40.80 22.07
N ALA J 90 -104.37 -41.99 22.59
CA ALA J 90 -103.38 -43.05 22.76
C ALA J 90 -103.42 -43.97 21.54
N VAL J 91 -102.28 -44.13 20.89
CA VAL J 91 -102.20 -44.87 19.63
C VAL J 91 -101.00 -45.80 19.69
N ALA J 92 -101.21 -47.08 19.40
CA ALA J 92 -100.16 -48.09 19.41
C ALA J 92 -99.91 -48.60 17.99
N LYS J 93 -98.64 -48.74 17.64
CA LYS J 93 -98.29 -49.21 16.30
C LYS J 93 -98.63 -50.69 16.14
N GLU J 94 -98.48 -51.48 17.20
CA GLU J 94 -98.79 -52.90 17.17
C GLU J 94 -100.02 -53.20 18.01
N ARG J 95 -100.94 -53.96 17.43
CA ARG J 95 -102.17 -54.32 18.14
C ARG J 95 -101.88 -55.20 19.34
N LEU J 96 -100.93 -56.14 19.18
CA LEU J 96 -100.66 -57.11 20.24
C LEU J 96 -100.15 -56.44 21.51
N THR J 97 -99.24 -55.47 21.35
CA THR J 97 -98.67 -54.78 22.50
C THR J 97 -99.15 -53.33 22.50
N PRO J 98 -100.13 -52.95 23.33
CA PRO J 98 -100.55 -51.56 23.40
C PRO J 98 -99.74 -50.71 24.38
N GLN J 99 -98.83 -51.31 25.14
CA GLN J 99 -97.98 -50.53 26.04
C GLN J 99 -97.03 -49.63 25.25
N GLN J 100 -96.51 -50.13 24.12
CA GLN J 100 -95.68 -49.34 23.22
C GLN J 100 -96.59 -48.44 22.38
N ASN J 101 -97.00 -47.34 23.00
CA ASN J 101 -97.96 -46.41 22.41
C ASN J 101 -97.39 -45.00 22.40
N GLU J 102 -97.95 -44.18 21.51
CA GLU J 102 -97.52 -42.80 21.33
C GLU J 102 -98.75 -41.89 21.39
N LEU J 103 -98.50 -40.63 21.75
CA LEU J 103 -99.57 -39.65 21.92
C LEU J 103 -99.75 -38.85 20.65
N THR J 104 -101.01 -38.67 20.25
CA THR J 104 -101.33 -37.93 19.04
C THR J 104 -102.51 -37.01 19.32
N ARG J 105 -102.66 -36.00 18.45
CA ARG J 105 -103.75 -35.04 18.56
C ARG J 105 -104.71 -35.05 17.38
N ASN J 106 -104.33 -35.63 16.24
CA ASN J 106 -105.23 -35.71 15.10
C ASN J 106 -106.15 -36.91 15.25
N GLY J 107 -107.42 -36.71 14.88
CA GLY J 107 -108.41 -37.74 15.07
C GLY J 107 -108.97 -38.32 13.78
N ALA J 108 -108.18 -38.29 12.72
CA ALA J 108 -108.60 -38.87 11.46
C ALA J 108 -108.50 -40.38 11.50
N PHE J 109 -109.56 -41.06 11.91
CA PHE J 109 -109.57 -42.50 12.05
C PHE J 109 -110.48 -43.15 11.02
N HIS J 110 -110.37 -44.47 10.93
CA HIS J 110 -111.20 -45.27 10.03
C HIS J 110 -111.15 -46.72 10.51
N LEU J 111 -111.78 -47.60 9.75
CA LEU J 111 -111.80 -49.03 10.06
C LEU J 111 -110.95 -49.78 9.04
N ASN J 112 -110.13 -50.68 9.60
CA ASN J 112 -109.18 -51.48 8.81
C ASN J 112 -109.94 -52.60 8.10
N LYS J 113 -109.27 -53.68 7.73
CA LYS J 113 -110.04 -54.84 7.18
C LYS J 113 -110.55 -55.72 8.34
N GLU J 114 -110.12 -55.48 9.59
CA GLU J 114 -110.52 -56.29 10.77
C GLU J 114 -111.41 -55.43 11.66
N ASN J 115 -111.73 -54.23 11.24
CA ASN J 115 -112.67 -53.34 11.93
C ASN J 115 -112.08 -52.81 13.24
N TYR J 116 -110.79 -52.50 13.22
CA TYR J 116 -110.13 -51.82 14.31
C TYR J 116 -109.98 -50.35 13.96
N MET J 117 -110.34 -49.47 14.90
CA MET J 117 -110.21 -48.03 14.67
C MET J 117 -108.73 -47.66 14.70
N VAL J 118 -108.20 -47.26 13.56
CA VAL J 118 -106.78 -47.01 13.40
C VAL J 118 -106.57 -45.62 12.82
N THR J 119 -105.32 -45.17 12.86
CA THR J 119 -104.95 -43.88 12.28
C THR J 119 -104.67 -44.04 10.79
N ALA J 120 -104.22 -42.95 10.16
CA ALA J 120 -103.86 -43.01 8.75
C ALA J 120 -102.67 -43.92 8.50
N ASN J 121 -101.80 -44.08 9.50
CA ASN J 121 -100.62 -44.92 9.40
C ASN J 121 -100.88 -46.36 9.82
N ASP J 122 -102.15 -46.78 9.86
CA ASP J 122 -102.54 -48.12 10.30
C ASP J 122 -102.01 -48.43 11.70
N GLU J 123 -102.08 -47.43 12.57
CA GLU J 123 -101.69 -47.58 13.97
C GLU J 123 -102.93 -47.55 14.84
N PHE J 124 -103.04 -48.51 15.74
CA PHE J 124 -104.29 -48.82 16.41
C PHE J 124 -104.57 -47.84 17.55
N LEU J 125 -105.76 -47.28 17.56
CA LEU J 125 -106.21 -46.43 18.66
C LEU J 125 -106.52 -47.30 19.88
N LEU J 126 -106.19 -46.78 21.06
CA LEU J 126 -106.37 -47.50 22.30
C LEU J 126 -107.52 -46.93 23.10
N GLY J 127 -108.21 -47.80 23.85
CA GLY J 127 -109.33 -47.39 24.66
C GLY J 127 -109.56 -48.36 25.80
N TYR J 128 -110.48 -47.98 26.69
CA TYR J 128 -110.81 -48.77 27.85
C TYR J 128 -111.91 -49.79 27.52
N GLN J 129 -111.84 -50.94 28.16
CA GLN J 129 -112.79 -52.02 27.91
C GLN J 129 -113.92 -51.93 28.92
N VAL J 130 -115.15 -51.78 28.43
CA VAL J 130 -116.33 -51.69 29.27
C VAL J 130 -117.33 -52.76 28.82
N ASP J 131 -118.04 -53.33 29.80
CA ASP J 131 -119.05 -54.33 29.47
C ASP J 131 -120.23 -53.68 28.77
N PRO J 132 -120.91 -54.42 27.89
CA PRO J 132 -122.10 -53.87 27.23
C PRO J 132 -123.20 -53.46 28.19
N SER J 133 -123.34 -54.15 29.32
CA SER J 133 -124.35 -53.82 30.32
C SER J 133 -123.83 -52.88 31.41
N SER J 134 -122.53 -52.89 31.68
CA SER J 134 -121.97 -52.07 32.74
C SER J 134 -121.92 -50.61 32.31
N GLY J 135 -121.47 -49.76 33.22
CA GLY J 135 -121.39 -48.34 32.97
C GLY J 135 -119.96 -47.87 32.76
N GLU J 136 -119.34 -47.38 33.83
CA GLU J 136 -117.99 -46.83 33.77
C GLU J 136 -116.95 -47.91 33.45
N VAL J 137 -115.69 -47.50 33.33
CA VAL J 137 -114.63 -48.41 32.92
C VAL J 137 -114.48 -49.53 33.94
N SER J 138 -114.44 -50.77 33.46
CA SER J 138 -114.23 -51.92 34.34
C SER J 138 -112.75 -52.12 34.63
N SER J 139 -111.95 -52.32 33.59
CA SER J 139 -110.49 -52.45 33.72
C SER J 139 -109.85 -51.28 32.98
N TYR J 140 -108.94 -50.59 33.66
CA TYR J 140 -108.35 -49.37 33.13
C TYR J 140 -107.21 -49.61 32.14
N GLU J 141 -106.81 -50.86 31.93
CA GLU J 141 -105.72 -51.15 31.01
C GLU J 141 -106.16 -50.88 29.57
N PRO J 142 -105.41 -50.08 28.81
CA PRO J 142 -105.83 -49.76 27.44
C PRO J 142 -105.73 -50.95 26.51
N GLN J 143 -106.67 -51.03 25.59
CA GLN J 143 -106.74 -52.07 24.57
C GLN J 143 -107.17 -51.45 23.25
N PRO J 144 -106.80 -52.07 22.13
CA PRO J 144 -107.25 -51.57 20.83
C PRO J 144 -108.77 -51.58 20.73
N ILE J 145 -109.31 -50.59 20.02
CA ILE J 145 -110.76 -50.43 19.89
C ILE J 145 -111.24 -51.21 18.69
N ASN J 146 -112.18 -52.14 18.91
CA ASN J 146 -112.75 -52.96 17.86
C ASN J 146 -114.24 -52.69 17.75
N ILE J 147 -114.71 -52.47 16.53
CA ILE J 147 -116.14 -52.28 16.28
C ILE J 147 -116.62 -53.45 15.42
N PRO J 148 -117.21 -54.48 16.02
CA PRO J 148 -117.57 -55.68 15.27
C PRO J 148 -118.58 -55.39 14.18
N ALA J 149 -118.43 -56.11 13.06
CA ALA J 149 -119.42 -56.02 11.99
C ALA J 149 -120.73 -56.68 12.38
N GLU J 150 -120.68 -57.77 13.14
CA GLU J 150 -121.87 -58.49 13.60
C GLU J 150 -121.79 -58.65 15.10
N PHE J 151 -122.87 -58.29 15.80
CA PHE J 151 -123.00 -58.48 17.24
C PHE J 151 -124.38 -59.04 17.52
N GLY J 152 -124.44 -60.07 18.36
CA GLY J 152 -125.72 -60.69 18.69
C GLY J 152 -125.64 -61.67 19.86
N THR J 320 -128.24 -62.48 14.69
CA THR J 320 -127.28 -61.39 14.93
C THR J 320 -127.75 -60.10 14.28
N GLY J 321 -126.87 -59.11 14.24
CA GLY J 321 -127.17 -57.85 13.61
C GLY J 321 -125.93 -57.21 13.01
N PHE J 322 -126.08 -56.58 11.85
CA PHE J 322 -124.96 -55.98 11.15
C PHE J 322 -124.82 -54.51 11.51
N LEU J 323 -123.57 -54.06 11.65
CA LEU J 323 -123.29 -52.69 12.07
C LEU J 323 -123.90 -51.70 11.10
N THR J 324 -124.58 -50.68 11.64
CA THR J 324 -125.24 -49.67 10.84
C THR J 324 -124.62 -48.28 11.01
N LYS J 325 -124.55 -47.79 12.24
CA LYS J 325 -123.96 -46.48 12.50
C LYS J 325 -123.09 -46.54 13.74
N VAL J 326 -122.05 -45.71 13.77
CA VAL J 326 -121.15 -45.59 14.91
C VAL J 326 -121.11 -44.12 15.33
N ASP J 327 -121.29 -43.88 16.62
CA ASP J 327 -121.27 -42.53 17.16
C ASP J 327 -120.58 -42.51 18.51
N PHE J 328 -120.07 -41.34 18.88
CA PHE J 328 -119.35 -41.15 20.13
C PHE J 328 -120.04 -40.05 20.93
N ASP J 329 -120.27 -40.30 22.21
CA ASP J 329 -120.82 -39.29 23.10
C ASP J 329 -119.69 -38.51 23.75
N GLU J 330 -120.05 -37.54 24.59
CA GLU J 330 -119.06 -36.68 25.23
C GLU J 330 -118.16 -37.44 26.19
N ASN J 331 -118.58 -38.64 26.62
CA ASN J 331 -117.76 -39.47 27.48
C ASN J 331 -116.78 -40.35 26.72
N GLY J 332 -116.75 -40.24 25.39
CA GLY J 332 -115.83 -41.00 24.58
C GLY J 332 -116.26 -42.40 24.24
N SER J 333 -117.41 -42.85 24.74
CA SER J 333 -117.87 -44.20 24.50
C SER J 333 -118.29 -44.38 23.05
N VAL J 334 -117.78 -45.42 22.41
CA VAL J 334 -118.16 -45.75 21.03
C VAL J 334 -119.37 -46.67 21.09
N MET J 335 -120.44 -46.28 20.43
CA MET J 335 -121.69 -47.02 20.42
C MET J 335 -122.03 -47.43 19.00
N GLY J 336 -122.21 -48.72 18.78
CA GLY J 336 -122.56 -49.26 17.48
C GLY J 336 -123.95 -49.87 17.50
N THR J 337 -124.79 -49.41 16.59
CA THR J 337 -126.13 -49.95 16.41
C THR J 337 -126.12 -50.97 15.28
N TYR J 338 -127.02 -51.95 15.38
CA TYR J 338 -127.03 -53.07 14.46
C TYR J 338 -128.43 -53.22 13.86
N SER J 339 -128.56 -54.18 12.94
CA SER J 339 -129.83 -54.38 12.24
C SER J 339 -130.94 -54.80 13.18
N ASN J 340 -130.62 -55.61 14.19
CA ASN J 340 -131.62 -56.04 15.17
C ASN J 340 -132.06 -54.92 16.10
N GLY J 341 -131.60 -53.69 15.88
CA GLY J 341 -131.96 -52.58 16.75
C GLY J 341 -131.42 -52.69 18.16
N GLU J 342 -130.16 -53.16 18.21
CA GLU J 342 -129.48 -53.31 19.50
C GLU J 342 -128.30 -52.34 19.59
N ASN J 343 -128.36 -51.38 20.51
CA ASN J 343 -127.24 -50.43 20.70
C ASN J 343 -126.33 -51.03 21.75
N VAL J 344 -125.08 -51.36 21.39
CA VAL J 344 -124.09 -51.96 22.32
C VAL J 344 -122.91 -51.01 22.48
N THR J 345 -122.50 -50.73 23.72
CA THR J 345 -121.32 -49.92 23.98
C THR J 345 -120.08 -50.78 23.82
N LEU J 346 -119.23 -50.41 22.87
CA LEU J 346 -118.06 -51.21 22.51
C LEU J 346 -116.77 -50.73 23.17
N GLY J 347 -116.86 -49.76 24.07
CA GLY J 347 -115.68 -49.22 24.72
C GLY J 347 -115.72 -47.70 24.77
N ARG J 348 -114.71 -47.09 25.38
CA ARG J 348 -114.57 -45.64 25.37
C ARG J 348 -113.13 -45.27 25.07
N VAL J 349 -112.96 -44.23 24.26
CA VAL J 349 -111.62 -43.84 23.82
C VAL J 349 -110.81 -43.35 25.01
N ALA J 350 -109.58 -43.86 25.12
CA ALA J 350 -108.69 -43.47 26.21
C ALA J 350 -108.06 -42.13 25.92
N LEU J 351 -107.93 -41.31 26.97
CA LEU J 351 -107.28 -40.01 26.89
C LEU J 351 -106.04 -40.01 27.76
N VAL J 352 -104.96 -39.39 27.27
CA VAL J 352 -103.69 -39.35 27.96
C VAL J 352 -103.29 -37.91 28.17
N ARG J 353 -102.82 -37.59 29.38
CA ARG J 353 -102.36 -36.26 29.73
C ARG J 353 -101.03 -36.38 30.47
N VAL J 354 -100.21 -35.34 30.38
CA VAL J 354 -98.94 -35.32 31.09
C VAL J 354 -98.84 -34.00 31.86
N PRO J 355 -98.14 -33.97 33.00
CA PRO J 355 -97.98 -32.70 33.72
C PRO J 355 -97.24 -31.64 32.92
N ASN J 356 -96.28 -32.05 32.10
CA ASN J 356 -95.50 -31.14 31.27
C ASN J 356 -95.64 -31.57 29.81
N GLU J 357 -96.40 -30.82 29.03
CA GLU J 357 -96.58 -31.16 27.62
C GLU J 357 -95.36 -30.79 26.79
N GLN J 358 -94.66 -29.70 27.16
CA GLN J 358 -93.52 -29.26 26.36
C GLN J 358 -92.31 -30.15 26.51
N GLY J 359 -92.32 -31.06 27.49
CA GLY J 359 -91.25 -32.02 27.64
C GLY J 359 -91.34 -33.25 26.77
N LEU J 360 -92.45 -33.42 26.04
CA LEU J 360 -92.62 -34.57 25.18
C LEU J 360 -91.66 -34.50 24.00
N ASP J 361 -91.04 -35.64 23.69
CA ASP J 361 -90.16 -35.73 22.53
C ASP J 361 -90.99 -36.05 21.30
N LYS J 362 -90.63 -35.41 20.18
CA LYS J 362 -91.47 -35.41 19.00
C LYS J 362 -91.05 -36.54 18.06
N LYS J 363 -91.99 -37.43 17.77
CA LYS J 363 -91.80 -38.45 16.76
C LYS J 363 -92.27 -37.92 15.41
N GLY J 364 -92.34 -38.77 14.40
CA GLY J 364 -92.88 -38.36 13.12
C GLY J 364 -94.39 -38.43 13.10
N GLY J 365 -94.97 -37.73 12.12
CA GLY J 365 -96.41 -37.75 11.92
C GLY J 365 -97.22 -37.13 13.03
N THR J 366 -96.78 -35.98 13.57
CA THR J 366 -97.52 -35.23 14.58
C THR J 366 -97.85 -36.10 15.79
N GLN J 367 -96.87 -36.85 16.26
CA GLN J 367 -97.03 -37.72 17.41
C GLN J 367 -95.91 -37.50 18.41
N TRP J 368 -96.23 -37.69 19.68
CA TRP J 368 -95.29 -37.51 20.77
C TRP J 368 -95.14 -38.80 21.56
N ASP J 369 -94.13 -38.82 22.43
CA ASP J 369 -93.88 -39.93 23.34
C ASP J 369 -93.50 -39.37 24.71
N SER J 370 -93.71 -40.19 25.74
CA SER J 370 -93.45 -39.74 27.10
C SER J 370 -91.95 -39.74 27.38
N THR J 371 -91.50 -38.72 28.12
CA THR J 371 -90.11 -38.62 28.54
C THR J 371 -90.05 -38.42 30.05
N GLN J 372 -88.84 -38.21 30.59
CA GLN J 372 -88.72 -37.93 32.02
C GLN J 372 -89.00 -36.46 32.33
N PHE J 373 -88.69 -35.56 31.39
CA PHE J 373 -89.00 -34.15 31.56
C PHE J 373 -90.50 -33.88 31.46
N SER J 374 -91.26 -34.79 30.87
CA SER J 374 -92.69 -34.63 30.68
C SER J 374 -93.51 -35.34 31.75
N GLY J 375 -92.85 -35.99 32.71
CA GLY J 375 -93.57 -36.76 33.70
C GLY J 375 -94.10 -38.07 33.12
N ASP J 376 -95.01 -38.67 33.88
CA ASP J 376 -95.62 -39.93 33.51
C ASP J 376 -96.96 -39.69 32.83
N LYS J 377 -97.36 -40.65 32.00
CA LYS J 377 -98.67 -40.58 31.36
C LYS J 377 -99.78 -40.70 32.39
N ILE J 378 -100.84 -39.92 32.21
CA ILE J 378 -102.01 -39.95 33.08
C ILE J 378 -103.17 -40.47 32.25
N TRP J 379 -103.59 -41.70 32.52
CA TRP J 379 -104.67 -42.34 31.78
C TRP J 379 -106.00 -41.98 32.44
N GLY J 380 -106.95 -41.51 31.63
CA GLY J 380 -108.24 -41.11 32.16
C GLY J 380 -109.27 -41.03 31.05
N GLU J 381 -110.51 -40.81 31.47
CA GLU J 381 -111.63 -40.69 30.54
C GLU J 381 -111.81 -39.25 30.09
N SER J 382 -112.55 -39.07 29.00
CA SER J 382 -112.87 -37.75 28.52
C SER J 382 -113.93 -37.11 29.40
N ASN J 383 -113.85 -35.79 29.55
CA ASN J 383 -114.79 -35.03 30.36
C ASN J 383 -114.81 -35.52 31.81
N LYS J 384 -113.66 -36.00 32.28
CA LYS J 384 -113.50 -36.43 33.66
C LYS J 384 -112.22 -35.81 34.23
N GLY J 385 -112.35 -35.19 35.41
CA GLY J 385 -111.21 -34.56 36.05
C GLY J 385 -110.62 -33.41 35.27
N SER J 386 -109.32 -33.49 34.98
CA SER J 386 -108.63 -32.45 34.25
C SER J 386 -108.61 -32.68 32.74
N PHE J 387 -109.26 -33.74 32.27
CA PHE J 387 -109.30 -34.04 30.84
C PHE J 387 -110.39 -33.25 30.14
N GLY J 388 -110.23 -33.08 28.83
CA GLY J 388 -111.23 -32.44 28.01
C GLY J 388 -112.24 -33.43 27.45
N THR J 389 -113.06 -32.93 26.54
CA THR J 389 -114.10 -33.74 25.91
C THR J 389 -113.64 -34.24 24.54
N ILE J 390 -114.36 -35.22 24.03
CA ILE J 390 -114.10 -35.80 22.72
C ILE J 390 -115.29 -35.49 21.82
N ASN J 391 -115.01 -34.89 20.66
CA ASN J 391 -116.04 -34.53 19.69
C ASN J 391 -115.78 -35.29 18.39
N ASN J 392 -116.80 -35.98 17.90
CA ASN J 392 -116.71 -36.66 16.62
C ASN J 392 -117.26 -35.75 15.52
N GLY J 393 -116.75 -35.96 14.30
CA GLY J 393 -117.08 -35.09 13.20
C GLY J 393 -116.25 -33.84 13.11
N MET J 394 -115.18 -33.72 13.90
CA MET J 394 -114.33 -32.55 13.87
C MET J 394 -112.88 -32.98 13.85
N LEU J 395 -112.04 -32.13 13.25
CA LEU J 395 -110.60 -32.30 13.27
C LEU J 395 -109.95 -30.98 13.62
N GLU J 396 -108.78 -31.06 14.26
CA GLU J 396 -108.05 -29.87 14.68
C GLU J 396 -106.91 -29.60 13.70
N GLN J 397 -106.90 -28.40 13.15
CA GLN J 397 -105.85 -27.97 12.23
C GLN J 397 -104.62 -27.57 13.02
N SER J 398 -103.62 -27.03 12.33
CA SER J 398 -102.45 -26.50 13.00
C SER J 398 -102.85 -25.30 13.87
N ASN J 399 -102.15 -25.15 14.99
CA ASN J 399 -102.41 -24.07 15.93
C ASN J 399 -101.55 -22.85 15.64
N ILE J 400 -101.16 -22.66 14.39
CA ILE J 400 -100.30 -21.56 13.99
C ILE J 400 -101.17 -20.41 13.47
N ASP J 401 -100.62 -19.21 13.51
CA ASP J 401 -101.26 -18.03 12.94
C ASP J 401 -100.41 -17.57 11.77
N MET J 402 -101.02 -17.53 10.58
CA MET J 402 -100.26 -17.22 9.36
C MET J 402 -99.65 -15.83 9.42
N THR J 403 -100.43 -14.84 9.87
CA THR J 403 -99.91 -13.47 9.91
C THR J 403 -98.73 -13.36 10.88
N GLN J 404 -98.83 -14.00 12.04
CA GLN J 404 -97.74 -13.98 12.99
C GLN J 404 -96.49 -14.66 12.43
N GLU J 405 -96.67 -15.81 11.76
CA GLU J 405 -95.53 -16.51 11.19
C GLU J 405 -94.88 -15.69 10.08
N LEU J 406 -95.69 -15.05 9.23
CA LEU J 406 -95.14 -14.22 8.16
C LEU J 406 -94.38 -13.02 8.72
N VAL J 407 -94.88 -12.42 9.80
CA VAL J 407 -94.17 -11.30 10.42
C VAL J 407 -92.86 -11.77 11.05
N ASP J 408 -92.89 -12.92 11.71
CA ASP J 408 -91.67 -13.45 12.31
C ASP J 408 -90.61 -13.74 11.25
N LEU J 409 -91.05 -14.01 10.02
CA LEU J 409 -90.12 -14.12 8.90
C LEU J 409 -89.44 -12.80 8.62
N ILE J 410 -90.18 -11.70 8.76
CA ILE J 410 -89.63 -10.37 8.50
C ILE J 410 -88.58 -10.01 9.53
N SER J 411 -88.89 -10.24 10.82
CA SER J 411 -87.97 -9.82 11.88
C SER J 411 -86.72 -10.67 11.90
N ALA J 412 -86.85 -11.97 11.60
CA ALA J 412 -85.68 -12.85 11.59
C ALA J 412 -84.72 -12.52 10.46
N GLN J 413 -85.20 -12.15 9.26
CA GLN J 413 -84.26 -11.76 8.19
C GLN J 413 -83.48 -10.51 8.54
N ARG J 414 -84.10 -9.54 9.19
CA ARG J 414 -83.42 -8.25 9.46
C ARG J 414 -82.51 -8.42 10.67
N ASN J 415 -82.47 -9.61 11.26
CA ASN J 415 -81.55 -9.91 12.39
C ASN J 415 -80.42 -10.77 11.82
N PHE J 416 -80.65 -11.45 10.71
CA PHE J 416 -79.56 -12.19 10.03
C PHE J 416 -78.81 -11.13 9.23
N GLN J 417 -79.52 -10.12 8.74
CA GLN J 417 -78.72 -9.17 7.97
C GLN J 417 -77.87 -8.30 8.89
N ALA J 418 -78.42 -7.89 10.04
CA ALA J 418 -77.67 -7.07 10.98
C ALA J 418 -76.45 -7.83 11.52
N ASN J 419 -76.62 -9.11 11.84
CA ASN J 419 -75.49 -9.91 12.32
C ASN J 419 -74.46 -10.13 11.23
N SER J 420 -74.91 -10.36 9.99
CA SER J 420 -73.97 -10.53 8.89
C SER J 420 -73.16 -9.26 8.64
N ARG J 421 -73.75 -8.09 8.88
CA ARG J 421 -73.00 -6.85 8.81
C ARG J 421 -71.89 -6.83 9.86
N SER J 422 -72.18 -7.33 11.06
CA SER J 422 -71.16 -7.42 12.10
C SER J 422 -70.05 -8.37 11.69
N LEU J 423 -70.40 -9.49 11.05
CA LEU J 423 -69.39 -10.42 10.56
C LEU J 423 -68.56 -9.77 9.45
N GLU J 424 -69.19 -8.98 8.59
CA GLU J 424 -68.45 -8.28 7.54
C GLU J 424 -67.48 -7.27 8.12
N VAL J 425 -67.90 -6.54 9.15
CA VAL J 425 -67.03 -5.53 9.76
C VAL J 425 -65.81 -6.19 10.37
N HIS J 426 -65.99 -7.31 11.07
CA HIS J 426 -64.88 -7.98 11.74
C HIS J 426 -63.82 -8.44 10.74
N ASN J 427 -64.27 -8.96 9.60
CA ASN J 427 -63.32 -9.40 8.56
C ASN J 427 -62.52 -8.22 8.02
N GLN J 428 -63.17 -7.08 7.82
CA GLN J 428 -62.48 -5.92 7.26
C GLN J 428 -61.48 -5.34 8.25
N LEU J 429 -61.69 -5.58 9.54
CA LEU J 429 -60.68 -5.20 10.53
C LEU J 429 -59.42 -6.03 10.36
N GLN J 430 -59.58 -7.35 10.17
CA GLN J 430 -58.42 -8.22 9.99
C GLN J 430 -57.72 -7.93 8.66
N GLN J 431 -58.47 -7.61 7.63
CA GLN J 431 -57.85 -7.21 6.36
C GLN J 431 -57.07 -5.91 6.51
N ASN J 432 -57.51 -5.05 7.44
CA ASN J 432 -56.84 -3.76 7.60
C ASN J 432 -55.42 -3.93 8.13
N ILE J 433 -55.22 -4.87 9.06
CA ILE J 433 -53.90 -5.05 9.65
C ILE J 433 -52.99 -5.82 8.71
N LEU J 434 -53.57 -6.65 7.84
CA LEU J 434 -52.80 -7.45 6.89
C LEU J 434 -52.20 -6.62 5.76
N GLN J 435 -52.41 -5.31 5.78
CA GLN J 435 -51.91 -4.41 4.74
C GLN J 435 -51.09 -3.29 5.38
N ILE J 436 -50.30 -3.66 6.38
CA ILE J 436 -49.42 -2.70 7.05
C ILE J 436 -47.97 -3.03 6.76
N SER K 2 -58.36 -26.14 -6.72
CA SER K 2 -59.29 -25.37 -7.53
C SER K 2 -60.18 -26.29 -8.36
N TYR K 3 -59.78 -27.56 -8.45
CA TYR K 3 -60.58 -28.53 -9.20
C TYR K 3 -61.80 -28.98 -8.42
N VAL K 4 -61.76 -28.95 -7.09
CA VAL K 4 -62.95 -29.24 -6.30
C VAL K 4 -64.02 -28.18 -6.55
N SER K 5 -63.62 -26.91 -6.57
CA SER K 5 -64.56 -25.84 -6.87
C SER K 5 -65.01 -25.90 -8.33
N LEU K 6 -64.10 -26.26 -9.23
CA LEU K 6 -64.47 -26.43 -10.64
C LEU K 6 -65.46 -27.58 -10.81
N SER K 7 -65.30 -28.64 -10.01
CA SER K 7 -66.27 -29.73 -10.02
C SER K 7 -67.64 -29.25 -9.56
N GLY K 8 -67.66 -28.37 -8.55
CA GLY K 8 -68.93 -27.82 -8.10
C GLY K 8 -69.62 -26.98 -9.16
N LEU K 9 -68.84 -26.18 -9.89
CA LEU K 9 -69.41 -25.38 -10.98
C LEU K 9 -69.92 -26.29 -12.10
N SER K 10 -69.15 -27.31 -12.47
CA SER K 10 -69.58 -28.22 -13.53
C SER K 10 -70.82 -29.00 -13.12
N ALA K 11 -70.86 -29.48 -11.88
CA ALA K 11 -72.04 -30.21 -11.41
C ALA K 11 -73.27 -29.30 -11.36
N ALA K 12 -73.10 -28.08 -10.85
CA ALA K 12 -74.23 -27.16 -10.78
C ALA K 12 -74.68 -26.72 -12.16
N GLN K 13 -73.73 -26.46 -13.07
CA GLN K 13 -74.08 -26.02 -14.42
C GLN K 13 -74.82 -27.12 -15.17
N LEU K 14 -74.49 -28.38 -14.88
CA LEU K 14 -75.21 -29.49 -15.50
C LEU K 14 -76.67 -29.50 -15.06
N ASP K 15 -76.93 -29.17 -13.80
CA ASP K 15 -78.30 -29.15 -13.30
C ASP K 15 -79.11 -28.06 -14.00
N LEU K 16 -78.49 -26.92 -14.30
CA LEU K 16 -79.15 -25.89 -15.09
C LEU K 16 -79.48 -26.41 -16.49
N ASN K 17 -78.52 -27.08 -17.12
CA ASN K 17 -78.75 -27.59 -18.47
C ASN K 17 -79.81 -28.68 -18.49
N THR K 18 -79.82 -29.53 -17.47
CA THR K 18 -80.87 -30.54 -17.37
C THR K 18 -82.23 -29.91 -17.18
N THR K 19 -82.34 -28.95 -16.25
CA THR K 19 -83.62 -28.28 -16.03
C THR K 19 -84.03 -27.47 -17.25
N SER K 20 -83.06 -26.81 -17.90
CA SER K 20 -83.39 -25.97 -19.06
C SER K 20 -83.98 -26.79 -20.20
N ASN K 21 -83.49 -28.02 -20.39
CA ASN K 21 -84.07 -28.89 -21.39
C ASN K 21 -85.47 -29.34 -20.99
N ASN K 22 -85.69 -29.58 -19.69
CA ASN K 22 -87.02 -29.92 -19.22
C ASN K 22 -88.01 -28.79 -19.46
N ILE K 23 -87.58 -27.55 -19.18
CA ILE K 23 -88.45 -26.39 -19.41
C ILE K 23 -88.68 -26.18 -20.91
N ALA K 24 -87.64 -26.43 -21.72
CA ALA K 24 -87.75 -26.21 -23.16
C ALA K 24 -88.77 -27.16 -23.79
N ASN K 25 -88.84 -28.39 -23.28
CA ASN K 25 -89.76 -29.40 -23.80
C ASN K 25 -91.05 -29.49 -23.00
N ALA K 26 -91.54 -28.37 -22.47
CA ALA K 26 -92.77 -28.36 -21.70
C ALA K 26 -94.00 -28.65 -22.55
N ASN K 27 -93.92 -28.56 -23.88
CA ASN K 27 -95.06 -28.71 -24.75
C ASN K 27 -94.96 -29.89 -25.71
N THR K 28 -93.78 -30.49 -25.87
CA THR K 28 -93.63 -31.61 -26.78
C THR K 28 -94.39 -32.83 -26.24
N TYR K 29 -95.13 -33.50 -27.13
CA TYR K 29 -95.96 -34.62 -26.72
C TYR K 29 -95.09 -35.83 -26.38
N GLY K 30 -95.45 -36.52 -25.31
CA GLY K 30 -94.75 -37.72 -24.91
C GLY K 30 -93.37 -37.51 -24.33
N PHE K 31 -93.06 -36.31 -23.85
CA PHE K 31 -91.75 -36.04 -23.29
C PHE K 31 -91.63 -36.58 -21.87
N LYS K 32 -90.43 -37.05 -21.53
CA LYS K 32 -90.13 -37.53 -20.19
C LYS K 32 -88.99 -36.68 -19.62
N GLU K 33 -89.21 -36.11 -18.45
CA GLU K 33 -88.24 -35.20 -17.86
C GLU K 33 -86.99 -35.96 -17.40
N SER K 34 -85.90 -35.20 -17.27
CA SER K 34 -84.62 -35.75 -16.85
C SER K 34 -84.19 -35.14 -15.53
N ARG K 35 -83.46 -35.92 -14.75
CA ARG K 35 -82.96 -35.49 -13.44
C ARG K 35 -81.46 -35.73 -13.37
N ALA K 36 -80.73 -34.77 -12.84
CA ALA K 36 -79.28 -34.89 -12.69
C ALA K 36 -78.95 -35.51 -11.33
N GLU K 37 -78.13 -36.54 -11.34
CA GLU K 37 -77.74 -37.26 -10.13
C GLU K 37 -76.23 -37.17 -9.96
N PHE K 38 -75.80 -36.85 -8.74
CA PHE K 38 -74.40 -36.58 -8.45
C PHE K 38 -73.85 -37.54 -7.40
N ALA K 39 -72.54 -37.74 -7.46
CA ALA K 39 -71.84 -38.60 -6.52
C ALA K 39 -70.54 -37.94 -6.10
N ASP K 40 -70.01 -38.37 -4.96
CA ASP K 40 -68.79 -37.81 -4.41
C ASP K 40 -67.57 -38.43 -5.07
N VAL K 41 -66.43 -37.77 -4.88
CA VAL K 41 -65.13 -38.25 -5.34
C VAL K 41 -64.20 -38.32 -4.15
N TYR K 42 -63.73 -39.54 -3.83
CA TYR K 42 -62.78 -39.73 -2.73
C TYR K 42 -61.70 -40.67 -3.26
N SER K 43 -60.51 -40.12 -3.49
CA SER K 43 -59.40 -40.87 -4.06
C SER K 43 -58.25 -40.88 -3.08
N ASN K 44 -57.66 -42.06 -2.87
CA ASN K 44 -56.51 -42.23 -2.00
C ASN K 44 -55.55 -43.24 -2.62
N SER K 45 -54.28 -43.13 -2.24
CA SER K 45 -53.24 -44.04 -2.72
C SER K 45 -52.49 -44.62 -1.52
N LEU K 46 -51.42 -45.35 -1.81
CA LEU K 46 -50.63 -45.96 -0.74
C LEU K 46 -49.85 -44.92 0.05
N PHE K 47 -49.45 -43.83 -0.60
CA PHE K 47 -48.67 -42.79 0.04
C PHE K 47 -49.51 -41.56 0.41
N THR K 48 -50.82 -41.72 0.58
CA THR K 48 -51.70 -40.62 0.96
C THR K 48 -52.17 -40.82 2.39
N ASN K 49 -52.15 -39.75 3.19
CA ASN K 49 -52.65 -39.82 4.55
C ASN K 49 -54.13 -40.19 4.56
N ALA K 50 -54.49 -41.13 5.44
CA ALA K 50 -55.84 -41.68 5.46
C ALA K 50 -56.76 -41.01 6.47
N LYS K 51 -56.23 -40.48 7.58
CA LYS K 51 -57.09 -39.91 8.60
C LYS K 51 -57.75 -38.62 8.12
N THR K 52 -56.97 -37.75 7.48
CA THR K 52 -57.49 -36.50 6.93
C THR K 52 -57.81 -36.73 5.47
N THR K 53 -59.10 -36.75 5.12
CA THR K 53 -59.55 -37.10 3.78
C THR K 53 -60.49 -36.03 3.24
N PRO K 54 -59.94 -34.92 2.74
CA PRO K 54 -60.76 -34.01 1.93
C PRO K 54 -61.18 -34.67 0.63
N GLY K 55 -62.37 -34.33 0.18
CA GLY K 55 -62.92 -34.96 -1.01
C GLY K 55 -62.30 -34.42 -2.29
N GLY K 56 -62.55 -35.16 -3.37
CA GLY K 56 -62.11 -34.76 -4.69
C GLY K 56 -63.08 -33.88 -5.45
N GLY K 57 -64.22 -33.55 -4.84
CA GLY K 57 -65.19 -32.70 -5.48
C GLY K 57 -66.53 -33.38 -5.67
N ALA K 58 -67.23 -33.01 -6.75
CA ALA K 58 -68.53 -33.58 -7.06
C ALA K 58 -68.49 -34.09 -8.50
N GLN K 59 -68.91 -35.32 -8.70
CA GLN K 59 -68.97 -35.94 -10.01
C GLN K 59 -70.41 -36.20 -10.41
N ALA K 60 -70.75 -35.83 -11.64
CA ALA K 60 -72.08 -36.13 -12.16
C ALA K 60 -72.22 -37.63 -12.39
N SER K 61 -73.10 -38.28 -11.64
CA SER K 61 -73.24 -39.72 -11.74
C SER K 61 -73.97 -40.13 -13.00
N GLN K 62 -75.18 -39.61 -13.20
CA GLN K 62 -75.95 -39.88 -14.40
C GLN K 62 -77.10 -38.90 -14.48
N VAL K 63 -77.58 -38.66 -15.70
CA VAL K 63 -78.79 -37.87 -15.94
C VAL K 63 -79.92 -38.85 -16.21
N ALA K 64 -80.85 -38.95 -15.27
CA ALA K 64 -81.91 -39.95 -15.35
C ALA K 64 -83.01 -39.52 -16.31
N GLN K 65 -84.00 -40.39 -16.49
CA GLN K 65 -85.03 -40.22 -17.50
C GLN K 65 -86.41 -40.53 -16.91
N GLN K 66 -86.74 -39.87 -15.80
CA GLN K 66 -87.98 -40.09 -15.06
C GLN K 66 -89.18 -40.32 -15.98
N PHE K 67 -89.79 -41.50 -15.86
CA PHE K 67 -90.78 -41.98 -16.81
C PHE K 67 -92.20 -41.96 -16.26
N HIS K 68 -92.48 -41.11 -15.27
CA HIS K 68 -93.81 -41.10 -14.68
C HIS K 68 -94.84 -40.55 -15.67
N GLU K 69 -96.08 -40.99 -15.50
CA GLU K 69 -97.15 -40.65 -16.44
C GLU K 69 -97.41 -39.15 -16.46
N GLY K 70 -97.53 -38.59 -17.67
CA GLY K 70 -97.85 -37.19 -17.81
C GLY K 70 -99.33 -36.96 -18.02
N SER K 71 -99.71 -35.68 -17.97
CA SER K 71 -101.11 -35.31 -18.14
C SER K 71 -101.56 -35.58 -19.58
N SER K 72 -102.86 -35.79 -19.74
CA SER K 72 -103.45 -36.14 -21.02
C SER K 72 -104.27 -34.98 -21.56
N ILE K 73 -104.13 -34.72 -22.86
CA ILE K 73 -104.87 -33.67 -23.55
C ILE K 73 -105.84 -34.33 -24.52
N TYR K 74 -107.05 -33.77 -24.60
CA TYR K 74 -108.12 -34.32 -25.42
C TYR K 74 -108.28 -33.46 -26.66
N THR K 75 -108.14 -34.09 -27.83
CA THR K 75 -108.24 -33.38 -29.10
C THR K 75 -109.41 -33.82 -29.96
N ASN K 76 -110.13 -34.87 -29.57
CA ASN K 76 -111.29 -35.37 -30.32
C ASN K 76 -110.88 -35.81 -31.73
N ASN K 77 -109.64 -36.27 -31.87
CA ASN K 77 -109.12 -36.78 -33.12
C ASN K 77 -108.88 -38.28 -32.98
N PRO K 78 -109.60 -39.13 -33.73
CA PRO K 78 -109.45 -40.58 -33.54
C PRO K 78 -108.04 -41.08 -33.82
N MET K 79 -107.23 -40.36 -34.58
CA MET K 79 -105.86 -40.76 -34.86
C MET K 79 -104.88 -40.36 -33.77
N ASP K 80 -105.33 -39.60 -32.76
CA ASP K 80 -104.47 -39.28 -31.64
C ASP K 80 -104.56 -40.39 -30.58
N LEU K 81 -103.48 -41.12 -30.41
CA LEU K 81 -103.45 -42.29 -29.55
C LEU K 81 -102.57 -42.04 -28.34
N ARG K 82 -102.95 -42.63 -27.21
CA ARG K 82 -102.22 -42.50 -25.97
C ARG K 82 -102.26 -43.82 -25.21
N VAL K 83 -101.13 -44.17 -24.62
CA VAL K 83 -101.01 -45.38 -23.81
C VAL K 83 -101.15 -44.95 -22.35
N SER K 84 -102.22 -45.41 -21.70
CA SER K 84 -102.47 -45.09 -20.29
C SER K 84 -101.98 -46.24 -19.43
N GLY K 85 -100.81 -46.07 -18.82
CA GLY K 85 -100.19 -47.11 -18.03
C GLY K 85 -98.75 -47.35 -18.45
N THR K 86 -98.41 -48.61 -18.64
CA THR K 86 -97.07 -49.01 -19.04
C THR K 86 -97.11 -49.60 -20.46
N GLY K 87 -96.16 -49.20 -21.27
CA GLY K 87 -96.06 -49.67 -22.65
C GLY K 87 -95.62 -48.55 -23.56
N PHE K 88 -95.17 -48.93 -24.76
CA PHE K 88 -94.70 -47.99 -25.76
C PHE K 88 -95.29 -48.35 -27.12
N PHE K 89 -95.41 -47.33 -27.97
CA PHE K 89 -95.74 -47.56 -29.36
C PHE K 89 -94.50 -48.00 -30.12
N ALA K 90 -94.68 -48.94 -31.04
CA ALA K 90 -93.61 -49.43 -31.89
C ALA K 90 -93.68 -48.72 -33.24
N VAL K 91 -92.60 -48.01 -33.58
CA VAL K 91 -92.56 -47.17 -34.77
C VAL K 91 -91.33 -47.53 -35.59
N ALA K 92 -91.55 -47.90 -36.85
CA ALA K 92 -90.48 -48.32 -37.75
C ALA K 92 -90.22 -47.23 -38.78
N LYS K 93 -88.93 -46.98 -39.06
CA LYS K 93 -88.58 -45.93 -40.01
C LYS K 93 -88.91 -46.34 -41.44
N GLU K 94 -88.59 -47.57 -41.82
CA GLU K 94 -88.82 -48.06 -43.17
C GLU K 94 -89.92 -49.11 -43.17
N ARG K 95 -90.79 -49.04 -44.16
CA ARG K 95 -91.96 -49.93 -44.21
C ARG K 95 -91.54 -51.38 -44.41
N LEU K 96 -90.57 -51.63 -45.30
CA LEU K 96 -90.20 -53.00 -45.64
C LEU K 96 -89.60 -53.72 -44.44
N THR K 97 -88.76 -53.03 -43.68
CA THR K 97 -88.10 -53.65 -42.54
C THR K 97 -88.75 -53.16 -41.25
N PRO K 98 -89.59 -53.96 -40.59
CA PRO K 98 -90.16 -53.55 -39.30
C PRO K 98 -89.34 -53.97 -38.08
N GLN K 99 -88.19 -54.61 -38.29
CA GLN K 99 -87.31 -54.93 -37.16
C GLN K 99 -86.56 -53.69 -36.70
N GLN K 100 -86.28 -52.77 -37.61
CA GLN K 100 -85.65 -51.49 -37.28
C GLN K 100 -86.73 -50.51 -36.83
N ASN K 101 -87.05 -50.59 -35.53
CA ASN K 101 -88.09 -49.77 -34.94
C ASN K 101 -87.55 -49.03 -33.72
N GLU K 102 -88.32 -48.06 -33.25
CA GLU K 102 -88.00 -47.31 -32.04
C GLU K 102 -89.26 -47.11 -31.21
N LEU K 103 -89.05 -46.92 -29.91
CA LEU K 103 -90.16 -46.79 -28.97
C LEU K 103 -90.48 -45.33 -28.74
N THR K 104 -91.77 -44.99 -28.81
CA THR K 104 -92.23 -43.63 -28.61
C THR K 104 -93.52 -43.65 -27.80
N ARG K 105 -93.82 -42.52 -27.16
CA ARG K 105 -95.01 -42.39 -26.35
C ARG K 105 -96.08 -41.49 -26.94
N ASN K 106 -95.72 -40.50 -27.75
CA ASN K 106 -96.70 -39.64 -28.38
C ASN K 106 -97.38 -40.36 -29.54
N GLY K 107 -98.67 -40.10 -29.71
CA GLY K 107 -99.44 -40.79 -30.72
C GLY K 107 -100.14 -39.90 -31.72
N ALA K 108 -99.48 -38.83 -32.14
CA ALA K 108 -100.03 -37.96 -33.17
C ALA K 108 -99.90 -38.63 -34.53
N PHE K 109 -100.81 -39.54 -34.83
CA PHE K 109 -100.75 -40.37 -36.03
C PHE K 109 -101.63 -39.79 -37.13
N HIS K 110 -101.37 -40.23 -38.35
CA HIS K 110 -102.20 -39.91 -39.51
C HIS K 110 -101.89 -40.93 -40.59
N LEU K 111 -102.66 -40.89 -41.67
CA LEU K 111 -102.46 -41.77 -42.82
C LEU K 111 -101.74 -41.01 -43.92
N ASN K 112 -100.80 -41.67 -44.58
CA ASN K 112 -100.14 -41.11 -45.75
C ASN K 112 -100.91 -41.51 -47.00
N LYS K 113 -100.35 -41.21 -48.17
CA LYS K 113 -101.05 -41.47 -49.42
C LYS K 113 -101.31 -42.96 -49.62
N GLU K 114 -100.54 -43.82 -48.97
CA GLU K 114 -100.72 -45.26 -49.07
C GLU K 114 -101.63 -45.82 -47.98
N ASN K 115 -102.28 -44.94 -47.20
CA ASN K 115 -103.19 -45.35 -46.13
C ASN K 115 -102.47 -46.18 -45.05
N TYR K 116 -101.22 -45.82 -44.80
CA TYR K 116 -100.46 -46.40 -43.69
C TYR K 116 -100.45 -45.40 -42.54
N MET K 117 -100.75 -45.88 -41.33
CA MET K 117 -100.84 -45.00 -40.17
C MET K 117 -99.43 -44.63 -39.71
N VAL K 118 -99.04 -43.38 -39.95
CA VAL K 118 -97.66 -42.95 -39.72
C VAL K 118 -97.68 -41.73 -38.79
N THR K 119 -96.51 -41.48 -38.19
CA THR K 119 -96.33 -40.39 -37.24
C THR K 119 -96.08 -39.08 -37.98
N ALA K 120 -95.70 -38.05 -37.22
CA ALA K 120 -95.43 -36.74 -37.81
C ALA K 120 -94.16 -36.76 -38.66
N ASN K 121 -93.24 -37.67 -38.36
CA ASN K 121 -92.00 -37.80 -39.12
C ASN K 121 -92.14 -38.77 -40.29
N ASP K 122 -93.37 -39.13 -40.65
CA ASP K 122 -93.64 -40.11 -41.71
C ASP K 122 -92.94 -41.44 -41.41
N GLU K 123 -93.05 -41.90 -40.17
CA GLU K 123 -92.52 -43.18 -39.75
C GLU K 123 -93.68 -44.11 -39.41
N PHE K 124 -93.54 -45.38 -39.77
CA PHE K 124 -94.66 -46.32 -39.75
C PHE K 124 -94.88 -46.88 -38.36
N LEU K 125 -96.12 -46.81 -37.88
CA LEU K 125 -96.52 -47.46 -36.65
C LEU K 125 -96.61 -48.96 -36.87
N LEU K 126 -96.19 -49.73 -35.87
CA LEU K 126 -96.20 -51.18 -35.94
C LEU K 126 -97.37 -51.75 -35.16
N GLY K 127 -98.01 -52.76 -35.73
CA GLY K 127 -99.14 -53.41 -35.11
C GLY K 127 -99.20 -54.87 -35.52
N TYR K 128 -100.07 -55.62 -34.86
CA TYR K 128 -100.22 -57.04 -35.12
C TYR K 128 -101.22 -57.27 -36.25
N GLN K 129 -101.11 -58.44 -36.88
CA GLN K 129 -101.99 -58.83 -37.97
C GLN K 129 -103.01 -59.84 -37.48
N VAL K 130 -104.28 -59.50 -37.59
CA VAL K 130 -105.37 -60.38 -37.19
C VAL K 130 -106.29 -60.58 -38.39
N ASP K 131 -106.83 -61.78 -38.54
CA ASP K 131 -107.81 -62.03 -39.57
C ASP K 131 -109.11 -61.30 -39.24
N PRO K 132 -109.79 -60.77 -40.24
CA PRO K 132 -111.06 -60.05 -39.97
C PRO K 132 -112.11 -60.90 -39.30
N SER K 133 -112.10 -62.22 -39.52
CA SER K 133 -113.04 -63.12 -38.88
C SER K 133 -112.51 -63.77 -37.62
N SER K 134 -111.19 -63.86 -37.47
CA SER K 134 -110.59 -64.47 -36.29
C SER K 134 -110.70 -63.52 -35.09
N GLY K 135 -110.14 -63.96 -33.96
CA GLY K 135 -110.18 -63.18 -32.74
C GLY K 135 -108.85 -62.56 -32.38
N GLU K 136 -108.11 -63.22 -31.48
CA GLU K 136 -106.84 -62.71 -31.00
C GLU K 136 -105.78 -62.68 -32.11
N VAL K 137 -104.59 -62.19 -31.79
CA VAL K 137 -103.53 -62.07 -32.79
C VAL K 137 -103.14 -63.45 -33.29
N SER K 138 -103.06 -63.57 -34.63
CA SER K 138 -102.65 -64.84 -35.22
C SER K 138 -101.13 -64.97 -35.25
N SER K 139 -100.45 -64.03 -35.91
CA SER K 139 -99.00 -64.01 -35.99
C SER K 139 -98.49 -62.81 -35.20
N TYR K 140 -97.58 -63.06 -34.27
CA TYR K 140 -97.11 -62.02 -33.36
C TYR K 140 -96.05 -61.11 -33.95
N GLU K 141 -95.59 -61.38 -35.16
CA GLU K 141 -94.58 -60.51 -35.77
C GLU K 141 -95.21 -59.17 -36.15
N PRO K 142 -94.68 -58.05 -35.66
CA PRO K 142 -95.30 -56.76 -35.96
C PRO K 142 -95.14 -56.38 -37.42
N GLN K 143 -96.16 -55.71 -37.94
CA GLN K 143 -96.19 -55.20 -39.30
C GLN K 143 -96.85 -53.83 -39.30
N PRO K 144 -96.53 -52.99 -40.29
CA PRO K 144 -97.21 -51.69 -40.38
C PRO K 144 -98.72 -51.86 -40.52
N ILE K 145 -99.46 -50.96 -39.88
CA ILE K 145 -100.91 -51.03 -39.88
C ILE K 145 -101.44 -50.28 -41.09
N ASN K 146 -102.18 -50.98 -41.94
CA ASN K 146 -102.74 -50.43 -43.17
C ASN K 146 -104.26 -50.36 -43.03
N ILE K 147 -104.82 -49.19 -43.28
CA ILE K 147 -106.27 -49.00 -43.27
C ILE K 147 -106.72 -48.80 -44.70
N PRO K 148 -107.11 -49.86 -45.41
CA PRO K 148 -107.50 -49.72 -46.82
C PRO K 148 -108.70 -48.78 -46.97
N ALA K 149 -108.64 -47.94 -48.00
CA ALA K 149 -109.76 -47.06 -48.30
C ALA K 149 -110.96 -47.85 -48.80
N GLU K 150 -110.72 -48.94 -49.53
CA GLU K 150 -111.79 -49.78 -50.07
C GLU K 150 -111.58 -51.21 -49.60
N PHE K 151 -112.59 -51.77 -48.95
CA PHE K 151 -112.57 -53.17 -48.52
C PHE K 151 -113.90 -53.80 -48.88
N GLY K 152 -113.86 -54.92 -49.59
CA GLY K 152 -115.07 -55.61 -50.00
C GLY K 152 -114.85 -56.67 -51.06
N THR K 320 -117.81 -53.06 -53.62
CA THR K 320 -117.03 -52.89 -52.40
C THR K 320 -117.63 -51.80 -51.51
N GLY K 321 -116.78 -51.23 -50.65
CA GLY K 321 -117.21 -50.15 -49.78
C GLY K 321 -116.05 -49.25 -49.40
N PHE K 322 -116.28 -47.94 -49.37
CA PHE K 322 -115.23 -46.98 -49.10
C PHE K 322 -115.15 -46.69 -47.61
N LEU K 323 -113.93 -46.45 -47.13
CA LEU K 323 -113.70 -46.23 -45.71
C LEU K 323 -114.46 -45.00 -45.22
N THR K 324 -115.15 -45.14 -44.09
CA THR K 324 -115.96 -44.07 -43.53
C THR K 324 -115.44 -43.60 -42.17
N LYS K 325 -115.27 -44.51 -41.21
CA LYS K 325 -114.80 -44.15 -39.89
C LYS K 325 -113.79 -45.18 -39.41
N VAL K 326 -112.87 -44.73 -38.55
CA VAL K 326 -111.86 -45.59 -37.94
C VAL K 326 -111.90 -45.34 -36.43
N ASP K 327 -111.89 -46.42 -35.65
CA ASP K 327 -111.86 -46.30 -34.20
C ASP K 327 -111.04 -47.43 -33.61
N PHE K 328 -110.54 -47.21 -32.39
CA PHE K 328 -109.75 -48.19 -31.66
C PHE K 328 -110.44 -48.48 -30.34
N ASP K 329 -110.64 -49.76 -30.04
CA ASP K 329 -111.21 -50.17 -28.77
C ASP K 329 -110.10 -50.24 -27.71
N GLU K 330 -110.47 -50.60 -26.49
CA GLU K 330 -109.51 -50.62 -25.39
C GLU K 330 -108.45 -51.70 -25.58
N ASN K 331 -108.67 -52.65 -26.49
CA ASN K 331 -107.68 -53.68 -26.80
C ASN K 331 -106.71 -53.27 -27.89
N GLY K 332 -106.82 -52.04 -28.39
CA GLY K 332 -105.93 -51.54 -29.42
C GLY K 332 -106.27 -51.96 -30.83
N SER K 333 -107.35 -52.72 -31.03
CA SER K 333 -107.70 -53.17 -32.35
C SER K 333 -108.26 -52.02 -33.18
N VAL K 334 -107.74 -51.86 -34.40
CA VAL K 334 -108.19 -50.81 -35.30
C VAL K 334 -109.28 -51.37 -36.19
N MET K 335 -110.48 -50.81 -36.08
CA MET K 335 -111.66 -51.30 -36.81
C MET K 335 -112.19 -50.19 -37.70
N GLY K 336 -112.48 -50.53 -38.95
CA GLY K 336 -113.02 -49.59 -39.91
C GLY K 336 -114.33 -50.08 -40.48
N THR K 337 -115.32 -49.18 -40.51
CA THR K 337 -116.59 -49.45 -41.19
C THR K 337 -116.57 -48.79 -42.55
N TYR K 338 -117.27 -49.41 -43.50
CA TYR K 338 -117.20 -49.02 -44.90
C TYR K 338 -118.61 -48.70 -45.41
N SER K 339 -118.68 -48.33 -46.69
CA SER K 339 -119.95 -47.92 -47.28
C SER K 339 -120.98 -49.05 -47.28
N ASN K 340 -120.53 -50.29 -47.53
CA ASN K 340 -121.44 -51.42 -47.56
C ASN K 340 -121.90 -51.85 -46.17
N GLY K 341 -121.59 -51.08 -45.12
CA GLY K 341 -122.01 -51.44 -43.78
C GLY K 341 -121.34 -52.69 -43.24
N GLU K 342 -120.06 -52.86 -43.50
CA GLU K 342 -119.30 -54.02 -43.02
C GLU K 342 -118.24 -53.54 -42.04
N ASN K 343 -118.24 -54.12 -40.84
CA ASN K 343 -117.26 -53.79 -39.81
C ASN K 343 -116.12 -54.80 -39.86
N VAL K 344 -114.92 -54.33 -40.18
CA VAL K 344 -113.77 -55.19 -40.40
C VAL K 344 -112.66 -54.80 -39.43
N THR K 345 -112.11 -55.81 -38.75
CA THR K 345 -110.98 -55.61 -37.86
C THR K 345 -109.69 -55.65 -38.67
N LEU K 346 -108.96 -54.55 -38.68
CA LEU K 346 -107.78 -54.38 -39.51
C LEU K 346 -106.48 -54.71 -38.80
N GLY K 347 -106.53 -55.14 -37.55
CA GLY K 347 -105.34 -55.39 -36.77
C GLY K 347 -105.40 -54.72 -35.42
N ARG K 348 -104.32 -54.78 -34.64
CA ARG K 348 -104.26 -54.08 -33.36
C ARG K 348 -102.90 -53.46 -33.18
N VAL K 349 -102.87 -52.33 -32.48
CA VAL K 349 -101.62 -51.63 -32.23
C VAL K 349 -100.76 -52.44 -31.27
N ALA K 350 -99.50 -52.64 -31.62
CA ALA K 350 -98.58 -53.36 -30.76
C ALA K 350 -98.06 -52.45 -29.65
N LEU K 351 -97.98 -53.01 -28.45
CA LEU K 351 -97.45 -52.30 -27.28
C LEU K 351 -96.17 -52.98 -26.82
N VAL K 352 -95.12 -52.17 -26.65
CA VAL K 352 -93.79 -52.67 -26.31
C VAL K 352 -93.43 -52.19 -24.92
N ARG K 353 -92.83 -53.08 -24.13
CA ARG K 353 -92.44 -52.76 -22.77
C ARG K 353 -91.01 -53.23 -22.54
N VAL K 354 -90.31 -52.55 -21.64
CA VAL K 354 -88.96 -52.96 -21.27
C VAL K 354 -88.88 -53.09 -19.76
N PRO K 355 -88.09 -54.03 -19.23
CA PRO K 355 -88.01 -54.18 -17.77
C PRO K 355 -87.46 -52.95 -17.07
N ASN K 356 -86.53 -52.24 -17.70
CA ASN K 356 -85.95 -51.00 -17.16
C ASN K 356 -86.17 -49.90 -18.19
N GLU K 357 -87.07 -48.98 -17.89
CA GLU K 357 -87.28 -47.85 -18.79
C GLU K 357 -86.14 -46.84 -18.70
N GLN K 358 -85.49 -46.75 -17.54
CA GLN K 358 -84.38 -45.81 -17.38
C GLN K 358 -83.20 -46.14 -18.29
N GLY K 359 -83.09 -47.38 -18.76
CA GLY K 359 -81.96 -47.78 -19.58
C GLY K 359 -82.11 -47.53 -21.06
N LEU K 360 -83.25 -47.02 -21.51
CA LEU K 360 -83.42 -46.71 -22.92
C LEU K 360 -82.54 -45.55 -23.32
N ASP K 361 -81.80 -45.73 -24.41
CA ASP K 361 -80.98 -44.64 -24.95
C ASP K 361 -81.87 -43.72 -25.78
N LYS K 362 -81.57 -42.43 -25.70
CA LYS K 362 -82.48 -41.40 -26.22
C LYS K 362 -82.07 -41.02 -27.64
N LYS K 363 -82.98 -41.21 -28.58
CA LYS K 363 -82.81 -40.71 -29.93
C LYS K 363 -83.51 -39.36 -30.03
N GLY K 364 -83.59 -38.80 -31.23
CA GLY K 364 -84.29 -37.55 -31.42
C GLY K 364 -85.80 -37.75 -31.56
N GLY K 365 -86.52 -36.65 -31.38
CA GLY K 365 -87.96 -36.68 -31.57
C GLY K 365 -88.73 -37.53 -30.59
N THR K 366 -88.38 -37.46 -29.31
CA THR K 366 -89.08 -38.15 -28.23
C THR K 366 -89.22 -39.65 -28.53
N GLN K 367 -88.13 -40.24 -28.99
CA GLN K 367 -88.11 -41.67 -29.30
C GLN K 367 -86.89 -42.32 -28.65
N TRP K 368 -87.10 -43.55 -28.20
CA TRP K 368 -86.08 -44.30 -27.50
C TRP K 368 -85.83 -45.63 -28.21
N ASP K 369 -84.68 -46.23 -27.90
CA ASP K 369 -84.32 -47.54 -28.42
C ASP K 369 -83.90 -48.44 -27.26
N SER K 370 -84.14 -49.74 -27.42
CA SER K 370 -83.79 -50.70 -26.38
C SER K 370 -82.28 -50.91 -26.32
N THR K 371 -81.76 -50.96 -25.10
CA THR K 371 -80.33 -51.14 -24.89
C THR K 371 -80.07 -52.31 -23.95
N GLN K 372 -78.78 -52.62 -23.71
CA GLN K 372 -78.44 -53.67 -22.77
C GLN K 372 -78.87 -53.31 -21.35
N PHE K 373 -78.89 -52.03 -21.03
CA PHE K 373 -79.30 -51.56 -19.72
C PHE K 373 -80.80 -51.42 -19.57
N SER K 374 -81.55 -51.63 -20.65
CA SER K 374 -83.01 -51.59 -20.61
C SER K 374 -83.63 -52.95 -20.86
N GLY K 375 -82.83 -53.96 -21.21
CA GLY K 375 -83.35 -55.27 -21.50
C GLY K 375 -83.91 -55.37 -22.92
N ASP K 376 -84.41 -56.55 -23.22
CA ASP K 376 -84.99 -56.85 -24.53
C ASP K 376 -86.44 -56.38 -24.57
N LYS K 377 -86.86 -55.90 -25.74
CA LYS K 377 -88.23 -55.44 -25.91
C LYS K 377 -89.22 -56.56 -25.64
N ILE K 378 -90.26 -56.25 -24.89
CA ILE K 378 -91.33 -57.20 -24.57
C ILE K 378 -92.55 -56.78 -25.37
N TRP K 379 -93.01 -57.67 -26.25
CA TRP K 379 -94.13 -57.37 -27.14
C TRP K 379 -95.41 -57.92 -26.55
N GLY K 380 -96.46 -57.10 -26.55
CA GLY K 380 -97.75 -57.52 -26.04
C GLY K 380 -98.83 -56.57 -26.49
N GLU K 381 -100.07 -56.97 -26.22
CA GLU K 381 -101.23 -56.15 -26.54
C GLU K 381 -101.51 -55.18 -25.40
N SER K 382 -102.44 -54.26 -25.65
CA SER K 382 -102.85 -53.32 -24.62
C SER K 382 -103.86 -53.97 -23.68
N ASN K 383 -103.83 -53.56 -22.42
CA ASN K 383 -104.73 -54.08 -21.39
C ASN K 383 -104.56 -55.58 -21.22
N LYS K 384 -103.34 -56.07 -21.45
CA LYS K 384 -103.00 -57.47 -21.27
C LYS K 384 -101.73 -57.57 -20.43
N GLY K 385 -101.77 -58.40 -19.39
CA GLY K 385 -100.62 -58.57 -18.53
C GLY K 385 -100.24 -57.32 -17.78
N SER K 386 -98.99 -56.87 -17.96
CA SER K 386 -98.49 -55.68 -17.29
C SER K 386 -98.68 -54.41 -18.11
N PHE K 387 -99.36 -54.50 -19.25
CA PHE K 387 -99.48 -53.37 -20.16
C PHE K 387 -100.67 -52.49 -19.81
N GLY K 388 -100.58 -51.22 -20.22
CA GLY K 388 -101.67 -50.29 -20.06
C GLY K 388 -102.62 -50.32 -21.25
N THR K 389 -103.66 -49.49 -21.16
CA THR K 389 -104.69 -49.43 -22.18
C THR K 389 -104.34 -48.37 -23.24
N ILE K 390 -104.99 -48.50 -24.39
CA ILE K 390 -104.85 -47.56 -25.50
C ILE K 390 -106.13 -46.75 -25.62
N ASN K 391 -105.99 -45.42 -25.58
CA ASN K 391 -107.11 -44.51 -25.70
C ASN K 391 -106.90 -43.62 -26.91
N ASN K 392 -107.86 -43.61 -27.82
CA ASN K 392 -107.79 -42.74 -28.99
C ASN K 392 -108.53 -41.43 -28.70
N GLY K 393 -108.13 -40.39 -29.41
CA GLY K 393 -108.63 -39.06 -29.12
C GLY K 393 -107.89 -38.35 -28.02
N MET K 394 -106.77 -38.90 -27.54
CA MET K 394 -106.01 -38.31 -26.45
C MET K 394 -104.54 -38.23 -26.84
N LEU K 395 -103.87 -37.24 -26.28
CA LEU K 395 -102.42 -37.12 -26.35
C LEU K 395 -101.90 -36.80 -24.95
N GLU K 396 -100.67 -37.22 -24.69
CA GLU K 396 -100.04 -36.99 -23.39
C GLU K 396 -98.98 -35.91 -23.51
N GLN K 397 -99.06 -34.93 -22.62
CA GLN K 397 -98.09 -33.83 -22.58
C GLN K 397 -96.82 -34.29 -21.88
N SER K 398 -95.89 -33.36 -21.70
CA SER K 398 -94.69 -33.67 -20.94
C SER K 398 -95.04 -33.93 -19.49
N ASN K 399 -94.22 -34.75 -18.83
CA ASN K 399 -94.44 -35.12 -17.43
C ASN K 399 -93.68 -34.22 -16.47
N ILE K 400 -93.42 -32.98 -16.86
CA ILE K 400 -92.68 -32.04 -16.03
C ILE K 400 -93.67 -31.21 -15.23
N ASP K 401 -93.19 -30.67 -14.12
CA ASP K 401 -93.96 -29.75 -13.29
C ASP K 401 -93.29 -28.39 -13.38
N MET K 402 -94.05 -27.38 -13.84
CA MET K 402 -93.47 -26.05 -14.02
C MET K 402 -93.01 -25.46 -12.70
N THR K 403 -93.78 -25.63 -11.63
CA THR K 403 -93.38 -25.12 -10.34
C THR K 403 -92.09 -25.78 -9.85
N GLN K 404 -91.97 -27.10 -10.04
CA GLN K 404 -90.76 -27.79 -9.60
C GLN K 404 -89.54 -27.34 -10.38
N GLU K 405 -89.67 -27.20 -11.71
CA GLU K 405 -88.51 -26.83 -12.52
C GLU K 405 -88.05 -25.41 -12.21
N LEU K 406 -88.98 -24.49 -11.99
CA LEU K 406 -88.60 -23.12 -11.66
C LEU K 406 -87.91 -23.05 -10.30
N VAL K 407 -88.34 -23.87 -9.35
CA VAL K 407 -87.68 -23.92 -8.05
C VAL K 407 -86.31 -24.56 -8.17
N ASP K 408 -86.20 -25.64 -8.94
CA ASP K 408 -84.90 -26.27 -9.15
C ASP K 408 -83.95 -25.33 -9.86
N LEU K 409 -84.48 -24.45 -10.71
CA LEU K 409 -83.66 -23.41 -11.32
C LEU K 409 -83.10 -22.47 -10.26
N ILE K 410 -83.88 -22.20 -9.22
CA ILE K 410 -83.45 -21.31 -8.15
C ILE K 410 -82.35 -21.96 -7.32
N SER K 411 -82.51 -23.24 -6.99
CA SER K 411 -81.56 -23.88 -6.08
C SER K 411 -80.25 -24.20 -6.79
N ALA K 412 -80.31 -24.53 -8.08
CA ALA K 412 -79.09 -24.80 -8.82
C ALA K 412 -78.24 -23.56 -8.99
N GLN K 413 -78.86 -22.39 -9.15
CA GLN K 413 -78.10 -21.15 -9.25
C GLN K 413 -77.39 -20.84 -7.94
N ARG K 414 -77.98 -21.17 -6.80
CA ARG K 414 -77.38 -20.80 -5.48
C ARG K 414 -76.17 -21.69 -5.16
N ASN K 415 -76.04 -22.82 -5.84
CA ASN K 415 -74.93 -23.77 -5.58
C ASN K 415 -73.80 -23.43 -6.55
N PHE K 416 -74.11 -22.94 -7.75
CA PHE K 416 -73.07 -22.46 -8.69
C PHE K 416 -72.54 -21.13 -8.14
N GLN K 417 -73.40 -20.30 -7.56
CA GLN K 417 -72.83 -19.07 -7.02
C GLN K 417 -71.95 -19.36 -5.81
N ALA K 418 -72.36 -20.29 -4.96
CA ALA K 418 -71.56 -20.64 -3.78
C ALA K 418 -70.23 -21.25 -4.18
N ASN K 419 -70.25 -22.12 -5.20
CA ASN K 419 -69.02 -22.79 -5.62
C ASN K 419 -68.04 -21.81 -6.28
N SER K 420 -68.57 -20.85 -7.03
CA SER K 420 -67.69 -19.86 -7.65
C SER K 420 -67.02 -18.97 -6.60
N ARG K 421 -67.70 -18.75 -5.48
CA ARG K 421 -67.07 -18.04 -4.37
C ARG K 421 -65.90 -18.85 -3.81
N SER K 422 -66.06 -20.17 -3.72
CA SER K 422 -64.95 -21.03 -3.30
C SER K 422 -63.80 -21.00 -4.31
N LEU K 423 -64.14 -21.01 -5.60
CA LEU K 423 -63.10 -20.86 -6.63
C LEU K 423 -62.45 -19.48 -6.55
N GLU K 424 -63.24 -18.45 -6.23
CA GLU K 424 -62.67 -17.13 -6.03
C GLU K 424 -61.71 -17.12 -4.85
N VAL K 425 -62.06 -17.81 -3.77
CA VAL K 425 -61.22 -17.85 -2.58
C VAL K 425 -59.87 -18.50 -2.90
N HIS K 426 -59.90 -19.62 -3.65
CA HIS K 426 -58.66 -20.35 -3.92
C HIS K 426 -57.67 -19.53 -4.73
N ASN K 427 -58.18 -18.71 -5.65
CA ASN K 427 -57.30 -17.85 -6.43
C ASN K 427 -56.66 -16.78 -5.56
N GLN K 428 -57.44 -16.20 -4.65
CA GLN K 428 -56.90 -15.15 -3.78
C GLN K 428 -55.86 -15.70 -2.82
N LEU K 429 -55.92 -17.00 -2.52
CA LEU K 429 -54.85 -17.62 -1.74
C LEU K 429 -53.56 -17.68 -2.54
N GLN K 430 -53.66 -18.08 -3.81
CA GLN K 430 -52.47 -18.16 -4.65
C GLN K 430 -51.90 -16.78 -4.93
N GLN K 431 -52.76 -15.79 -5.15
CA GLN K 431 -52.28 -14.43 -5.32
C GLN K 431 -51.56 -13.93 -4.09
N ASN K 432 -52.00 -14.37 -2.90
CA ASN K 432 -51.38 -13.89 -1.67
C ASN K 432 -49.93 -14.36 -1.56
N ILE K 433 -49.66 -15.63 -1.91
CA ILE K 433 -48.29 -16.13 -1.84
C ILE K 433 -47.43 -15.49 -2.92
N LEU K 434 -48.01 -15.21 -4.09
CA LEU K 434 -47.29 -14.61 -5.21
C LEU K 434 -46.86 -13.17 -4.94
N GLN K 435 -47.10 -12.65 -3.74
CA GLN K 435 -46.78 -11.28 -3.38
C GLN K 435 -45.92 -11.24 -2.12
N ILE K 436 -45.04 -12.23 -1.99
CA ILE K 436 -44.10 -12.27 -0.87
C ILE K 436 -42.71 -11.87 -1.34
N SER L 2 -52.98 -11.23 -27.91
CA SER L 2 -53.92 -10.12 -27.86
C SER L 2 -54.62 -9.94 -29.20
N TYR L 3 -53.98 -10.37 -30.28
CA TYR L 3 -54.59 -10.27 -31.59
C TYR L 3 -55.69 -11.30 -31.79
N VAL L 4 -55.61 -12.43 -31.10
CA VAL L 4 -56.70 -13.41 -31.13
C VAL L 4 -57.92 -12.86 -30.41
N SER L 5 -57.70 -12.21 -29.26
CA SER L 5 -58.80 -11.62 -28.50
C SER L 5 -59.40 -10.42 -29.23
N LEU L 6 -58.56 -9.60 -29.86
CA LEU L 6 -59.07 -8.43 -30.57
C LEU L 6 -59.92 -8.85 -31.77
N SER L 7 -59.55 -9.94 -32.44
CA SER L 7 -60.40 -10.47 -33.50
C SER L 7 -61.73 -10.96 -32.94
N GLY L 8 -61.71 -11.52 -31.73
CA GLY L 8 -62.96 -11.91 -31.08
C GLY L 8 -63.81 -10.71 -30.70
N LEU L 9 -63.17 -9.64 -30.22
CA LEU L 9 -63.90 -8.41 -29.91
C LEU L 9 -64.51 -7.80 -31.16
N SER L 10 -63.75 -7.80 -32.26
CA SER L 10 -64.27 -7.25 -33.51
C SER L 10 -65.45 -8.06 -34.03
N ALA L 11 -65.36 -9.39 -33.95
CA ALA L 11 -66.44 -10.24 -34.45
C ALA L 11 -67.72 -10.02 -33.67
N ALA L 12 -67.63 -9.92 -32.34
CA ALA L 12 -68.82 -9.67 -31.53
C ALA L 12 -69.37 -8.27 -31.78
N GLN L 13 -68.49 -7.28 -31.90
CA GLN L 13 -68.95 -5.91 -32.15
C GLN L 13 -69.64 -5.80 -33.51
N LEU L 14 -69.15 -6.55 -34.50
CA LEU L 14 -69.86 -6.62 -35.79
C LEU L 14 -71.23 -7.27 -35.62
N ASP L 15 -71.33 -8.27 -34.76
CA ASP L 15 -72.62 -8.92 -34.51
C ASP L 15 -73.59 -7.95 -33.86
N LEU L 16 -73.11 -7.12 -32.93
CA LEU L 16 -73.99 -6.11 -32.31
C LEU L 16 -74.48 -5.10 -33.34
N ASN L 17 -73.59 -4.64 -34.23
CA ASN L 17 -73.98 -3.64 -35.22
C ASN L 17 -74.98 -4.22 -36.21
N THR L 18 -74.80 -5.47 -36.61
CA THR L 18 -75.77 -6.11 -37.50
C THR L 18 -77.14 -6.23 -36.83
N THR L 19 -77.17 -6.63 -35.56
CA THR L 19 -78.43 -6.69 -34.83
C THR L 19 -79.03 -5.30 -34.62
N SER L 20 -78.19 -4.31 -34.31
CA SER L 20 -78.70 -2.96 -34.11
C SER L 20 -79.25 -2.39 -35.42
N ASN L 21 -78.66 -2.76 -36.56
CA ASN L 21 -79.20 -2.34 -37.85
C ASN L 21 -80.56 -2.97 -38.09
N ASN L 22 -80.74 -4.24 -37.68
CA ASN L 22 -82.02 -4.90 -37.84
C ASN L 22 -83.09 -4.23 -36.98
N ILE L 23 -82.77 -3.96 -35.71
CA ILE L 23 -83.75 -3.37 -34.79
C ILE L 23 -84.12 -1.96 -35.24
N ALA L 24 -83.16 -1.21 -35.78
CA ALA L 24 -83.43 0.15 -36.22
C ALA L 24 -84.45 0.18 -37.34
N ASN L 25 -84.44 -0.83 -38.22
CA ASN L 25 -85.35 -0.90 -39.35
C ASN L 25 -86.57 -1.77 -39.08
N ALA L 26 -87.05 -1.80 -37.84
CA ALA L 26 -88.22 -2.61 -37.52
C ALA L 26 -89.50 -2.09 -38.15
N ASN L 27 -89.50 -0.86 -38.68
CA ASN L 27 -90.69 -0.30 -39.30
C ASN L 27 -90.52 0.06 -40.77
N THR L 28 -89.29 0.07 -41.29
CA THR L 28 -89.08 0.39 -42.70
C THR L 28 -89.69 -0.69 -43.58
N TYR L 29 -90.46 -0.26 -44.58
CA TYR L 29 -91.12 -1.20 -45.47
C TYR L 29 -90.11 -1.89 -46.38
N GLY L 30 -90.31 -3.19 -46.61
CA GLY L 30 -89.49 -3.94 -47.53
C GLY L 30 -88.12 -4.32 -47.02
N PHE L 31 -87.81 -4.07 -45.76
CA PHE L 31 -86.49 -4.38 -45.23
C PHE L 31 -86.28 -5.89 -45.16
N LYS L 32 -85.06 -6.32 -45.47
CA LYS L 32 -84.65 -7.71 -45.36
C LYS L 32 -83.50 -7.79 -44.36
N GLU L 33 -83.68 -8.59 -43.31
CA GLU L 33 -82.74 -8.57 -42.20
C GLU L 33 -81.39 -9.13 -42.62
N SER L 34 -80.38 -8.80 -41.81
CA SER L 34 -79.01 -9.23 -42.05
C SER L 34 -78.54 -10.11 -40.91
N ARG L 35 -77.70 -11.08 -41.24
CA ARG L 35 -77.14 -12.01 -40.26
C ARG L 35 -75.63 -12.05 -40.43
N ALA L 36 -74.90 -11.81 -39.34
CA ALA L 36 -73.45 -11.83 -39.38
C ALA L 36 -72.95 -13.27 -39.35
N GLU L 37 -72.04 -13.59 -40.26
CA GLU L 37 -71.46 -14.92 -40.36
C GLU L 37 -69.96 -14.83 -40.14
N PHE L 38 -69.42 -15.78 -39.37
CA PHE L 38 -68.02 -15.77 -39.02
C PHE L 38 -67.32 -17.04 -39.50
N ALA L 39 -66.01 -16.95 -39.61
CA ALA L 39 -65.17 -18.06 -40.05
C ALA L 39 -63.97 -18.19 -39.12
N ASP L 40 -63.15 -19.20 -39.37
CA ASP L 40 -61.99 -19.47 -38.55
C ASP L 40 -60.71 -18.97 -39.23
N VAL L 41 -59.67 -18.81 -38.42
CA VAL L 41 -58.35 -18.39 -38.88
C VAL L 41 -57.34 -19.45 -38.50
N TYR L 42 -56.58 -19.93 -39.47
CA TYR L 42 -55.55 -20.93 -39.21
C TYR L 42 -54.40 -20.66 -40.19
N SER L 43 -53.30 -20.12 -39.67
CA SER L 43 -52.15 -19.77 -40.47
C SER L 43 -50.96 -20.60 -40.02
N ASN L 44 -50.39 -21.39 -40.93
CA ASN L 44 -49.23 -22.21 -40.65
C ASN L 44 -48.21 -22.03 -41.75
N SER L 45 -46.94 -22.17 -41.39
CA SER L 45 -45.81 -21.95 -42.28
C SER L 45 -45.07 -23.27 -42.51
N LEU L 46 -44.05 -23.21 -43.36
CA LEU L 46 -43.13 -24.34 -43.50
C LEU L 46 -42.36 -24.58 -42.21
N PHE L 47 -41.98 -23.51 -41.53
CA PHE L 47 -41.16 -23.58 -40.33
C PHE L 47 -41.96 -23.54 -39.04
N THR L 48 -43.29 -23.62 -39.13
CA THR L 48 -44.16 -23.62 -37.96
C THR L 48 -44.52 -25.05 -37.59
N ASN L 49 -44.44 -25.36 -36.30
CA ASN L 49 -44.88 -26.66 -35.82
C ASN L 49 -46.35 -26.88 -36.13
N ALA L 50 -46.69 -28.05 -36.67
CA ALA L 50 -48.04 -28.31 -37.15
C ALA L 50 -48.92 -29.04 -36.14
N LYS L 51 -48.32 -29.78 -35.20
CA LYS L 51 -49.13 -30.50 -34.21
C LYS L 51 -49.86 -29.52 -33.30
N THR L 52 -49.16 -28.49 -32.83
CA THR L 52 -49.75 -27.45 -31.99
C THR L 52 -50.11 -26.27 -32.89
N THR L 53 -51.42 -26.10 -33.14
CA THR L 53 -51.91 -25.08 -34.06
C THR L 53 -52.99 -24.25 -33.38
N PRO L 54 -52.61 -23.30 -32.52
CA PRO L 54 -53.60 -22.37 -31.98
C PRO L 54 -54.20 -21.52 -33.10
N GLY L 55 -55.48 -21.22 -32.96
CA GLY L 55 -56.16 -20.44 -33.96
C GLY L 55 -55.71 -18.99 -33.97
N GLY L 56 -55.98 -18.33 -35.11
CA GLY L 56 -55.69 -16.93 -35.25
C GLY L 56 -56.79 -15.99 -34.82
N GLY L 57 -57.91 -16.53 -34.34
CA GLY L 57 -59.03 -15.70 -33.93
C GLY L 57 -60.32 -16.08 -34.61
N ALA L 58 -61.18 -15.10 -34.85
CA ALA L 58 -62.45 -15.32 -35.53
C ALA L 58 -62.61 -14.26 -36.60
N GLN L 59 -62.65 -14.68 -37.86
CA GLN L 59 -62.77 -13.77 -38.99
C GLN L 59 -64.23 -13.59 -39.37
N ALA L 60 -64.58 -12.37 -39.77
CA ALA L 60 -65.91 -12.12 -40.30
C ALA L 60 -66.03 -12.71 -41.69
N SER L 61 -66.98 -13.63 -41.86
CA SER L 61 -67.14 -14.29 -43.15
C SER L 61 -67.91 -13.42 -44.14
N GLN L 62 -69.17 -13.11 -43.81
CA GLN L 62 -69.99 -12.26 -44.65
C GLN L 62 -71.25 -11.87 -43.88
N VAL L 63 -71.70 -10.64 -44.06
CA VAL L 63 -72.96 -10.18 -43.49
C VAL L 63 -74.06 -10.54 -44.50
N ALA L 64 -74.92 -11.48 -44.11
CA ALA L 64 -75.94 -12.00 -45.02
C ALA L 64 -77.09 -11.01 -45.15
N GLN L 65 -78.03 -11.34 -46.04
CA GLN L 65 -79.18 -10.49 -46.34
C GLN L 65 -80.44 -11.35 -46.42
N GLN L 66 -80.67 -12.15 -45.37
CA GLN L 66 -81.78 -13.11 -45.31
C GLN L 66 -83.05 -12.57 -45.95
N PHE L 67 -83.55 -13.28 -46.96
CA PHE L 67 -84.56 -12.77 -47.87
C PHE L 67 -85.92 -13.46 -47.70
N HIS L 68 -86.24 -13.89 -46.49
CA HIS L 68 -87.55 -14.49 -46.27
C HIS L 68 -88.64 -13.42 -46.31
N GLU L 69 -89.86 -13.87 -46.62
CA GLU L 69 -90.97 -12.95 -46.82
C GLU L 69 -91.34 -12.24 -45.51
N GLY L 70 -91.58 -10.94 -45.61
CA GLY L 70 -92.05 -10.19 -44.47
C GLY L 70 -93.58 -10.18 -44.36
N SER L 71 -94.06 -9.84 -43.18
CA SER L 71 -95.50 -9.80 -42.95
C SER L 71 -96.12 -8.61 -43.67
N SER L 72 -97.43 -8.70 -43.89
CA SER L 72 -98.17 -7.72 -44.68
C SER L 72 -99.04 -6.87 -43.77
N ILE L 73 -99.00 -5.56 -43.98
CA ILE L 73 -99.86 -4.60 -43.31
C ILE L 73 -100.85 -4.07 -44.32
N TYR L 74 -102.11 -3.96 -43.90
CA TYR L 74 -103.23 -3.62 -44.78
C TYR L 74 -103.55 -2.15 -44.63
N THR L 75 -103.51 -1.42 -45.76
CA THR L 75 -103.73 0.01 -45.76
C THR L 75 -104.99 0.45 -46.49
N ASN L 76 -105.61 -0.44 -47.27
CA ASN L 76 -106.79 -0.11 -48.08
C ASN L 76 -106.48 1.04 -49.04
N ASN L 77 -105.28 1.04 -49.59
CA ASN L 77 -104.84 2.03 -50.56
C ASN L 77 -104.52 1.34 -51.87
N PRO L 78 -105.23 1.61 -52.96
CA PRO L 78 -104.95 0.88 -54.22
C PRO L 78 -103.56 1.13 -54.78
N MET L 79 -102.89 2.22 -54.40
CA MET L 79 -101.56 2.50 -54.91
C MET L 79 -100.45 1.87 -54.07
N ASP L 80 -100.77 1.30 -52.92
CA ASP L 80 -99.78 0.56 -52.14
C ASP L 80 -99.79 -0.90 -52.59
N LEU L 81 -98.62 -1.39 -53.00
CA LEU L 81 -98.51 -2.71 -53.60
C LEU L 81 -97.56 -3.59 -52.79
N ARG L 82 -97.75 -4.90 -52.94
CA ARG L 82 -96.93 -5.90 -52.26
C ARG L 82 -96.76 -7.10 -53.17
N VAL L 83 -95.58 -7.72 -53.10
CA VAL L 83 -95.30 -8.95 -53.84
C VAL L 83 -95.43 -10.11 -52.87
N SER L 84 -96.42 -10.97 -53.12
CA SER L 84 -96.62 -12.16 -52.30
C SER L 84 -95.92 -13.34 -52.97
N GLY L 85 -94.68 -13.59 -52.57
CA GLY L 85 -93.87 -14.62 -53.18
C GLY L 85 -92.47 -14.12 -53.48
N THR L 86 -91.90 -14.60 -54.57
CA THR L 86 -90.54 -14.26 -54.99
C THR L 86 -90.61 -13.30 -56.17
N GLY L 87 -89.90 -12.18 -56.06
CA GLY L 87 -89.86 -11.19 -57.11
C GLY L 87 -89.69 -9.80 -56.54
N PHE L 88 -89.17 -8.90 -57.37
CA PHE L 88 -88.91 -7.52 -56.99
C PHE L 88 -89.53 -6.57 -58.00
N PHE L 89 -89.84 -5.36 -57.54
CA PHE L 89 -90.31 -4.32 -58.43
C PHE L 89 -89.13 -3.68 -59.17
N ALA L 90 -89.40 -3.19 -60.37
CA ALA L 90 -88.41 -2.49 -61.17
C ALA L 90 -88.62 -0.99 -61.05
N VAL L 91 -87.58 -0.26 -60.64
CA VAL L 91 -87.69 1.16 -60.39
C VAL L 91 -86.51 1.86 -61.05
N ALA L 92 -86.80 2.87 -61.86
CA ALA L 92 -85.77 3.63 -62.58
C ALA L 92 -85.69 5.04 -62.04
N LYS L 93 -84.47 5.54 -61.86
CA LYS L 93 -84.29 6.88 -61.31
C LYS L 93 -84.66 7.95 -62.33
N GLU L 94 -84.34 7.72 -63.60
CA GLU L 94 -84.65 8.66 -64.66
C GLU L 94 -85.67 8.06 -65.62
N ARG L 95 -86.69 8.85 -65.97
CA ARG L 95 -87.77 8.36 -66.83
C ARG L 95 -87.26 8.01 -68.21
N LEU L 96 -86.38 8.86 -68.76
CA LEU L 96 -85.94 8.68 -70.15
C LEU L 96 -85.20 7.35 -70.34
N THR L 97 -84.35 6.99 -69.37
CA THR L 97 -83.58 5.75 -69.46
C THR L 97 -84.14 4.73 -68.48
N PRO L 98 -84.87 3.72 -68.93
CA PRO L 98 -85.34 2.67 -68.01
C PRO L 98 -84.39 1.51 -67.81
N GLN L 99 -83.25 1.51 -68.50
CA GLN L 99 -82.27 0.46 -68.28
C GLN L 99 -81.55 0.63 -66.95
N GLN L 100 -81.29 1.88 -66.57
CA GLN L 100 -80.70 2.19 -65.25
C GLN L 100 -81.79 2.09 -64.19
N ASN L 101 -82.06 0.85 -63.78
CA ASN L 101 -83.13 0.56 -62.84
C ASN L 101 -82.59 -0.22 -61.67
N GLU L 102 -83.37 -0.23 -60.58
CA GLU L 102 -83.01 -0.92 -59.35
C GLU L 102 -84.20 -1.72 -58.85
N LEU L 103 -83.90 -2.74 -58.04
CA LEU L 103 -84.92 -3.62 -57.50
C LEU L 103 -85.33 -3.16 -56.11
N THR L 104 -86.63 -3.18 -55.85
CA THR L 104 -87.16 -2.79 -54.55
C THR L 104 -88.28 -3.74 -54.16
N ARG L 105 -88.56 -3.79 -52.86
CA ARG L 105 -89.59 -4.65 -52.32
C ARG L 105 -90.77 -3.92 -51.70
N ASN L 106 -90.61 -2.65 -51.34
CA ASN L 106 -91.73 -1.89 -50.79
C ASN L 106 -92.51 -1.22 -51.92
N GLY L 107 -93.82 -1.11 -51.72
CA GLY L 107 -94.69 -0.63 -52.77
C GLY L 107 -95.48 0.63 -52.45
N ALA L 108 -94.86 1.56 -51.72
CA ALA L 108 -95.50 2.84 -51.44
C ALA L 108 -95.41 3.73 -52.67
N PHE L 109 -96.35 3.56 -53.60
CA PHE L 109 -96.35 4.27 -54.87
C PHE L 109 -97.45 5.33 -54.90
N HIS L 110 -97.34 6.22 -55.88
CA HIS L 110 -98.32 7.27 -56.11
C HIS L 110 -98.11 7.80 -57.52
N LEU L 111 -98.82 8.87 -57.86
CA LEU L 111 -98.71 9.52 -59.17
C LEU L 111 -98.11 10.91 -58.99
N ASN L 112 -97.23 11.29 -59.91
CA ASN L 112 -96.67 12.63 -59.93
C ASN L 112 -97.55 13.53 -60.79
N LYS L 113 -97.04 14.73 -61.11
CA LYS L 113 -97.82 15.66 -61.91
C LYS L 113 -98.07 15.13 -63.32
N GLU L 114 -97.21 14.23 -63.79
CA GLU L 114 -97.37 13.60 -65.10
C GLU L 114 -98.19 12.31 -65.03
N ASN L 115 -98.71 11.97 -63.85
CA ASN L 115 -99.47 10.73 -63.64
C ASN L 115 -98.66 9.49 -63.99
N TYR L 116 -97.38 9.52 -63.65
CA TYR L 116 -96.53 8.34 -63.71
C TYR L 116 -96.47 7.71 -62.32
N MET L 117 -96.54 6.38 -62.27
CA MET L 117 -96.51 5.68 -61.00
C MET L 117 -95.09 5.68 -60.45
N VAL L 118 -94.84 6.50 -59.43
CA VAL L 118 -93.51 6.69 -58.89
C VAL L 118 -93.48 6.28 -57.43
N THR L 119 -92.27 6.03 -56.93
CA THR L 119 -92.08 5.65 -55.54
C THR L 119 -92.02 6.89 -54.65
N ALA L 120 -91.71 6.68 -53.37
CA ALA L 120 -91.58 7.80 -52.45
C ALA L 120 -90.40 8.69 -52.81
N ASN L 121 -89.36 8.13 -53.45
CA ASN L 121 -88.17 8.87 -53.82
C ASN L 121 -88.28 9.53 -55.20
N ASP L 122 -89.51 9.71 -55.70
CA ASP L 122 -89.74 10.30 -57.02
C ASP L 122 -89.01 9.52 -58.11
N GLU L 123 -89.01 8.20 -57.99
CA GLU L 123 -88.39 7.31 -58.96
C GLU L 123 -89.47 6.47 -59.63
N PHE L 124 -89.29 6.20 -60.92
CA PHE L 124 -90.36 5.71 -61.77
C PHE L 124 -90.42 4.18 -61.75
N LEU L 125 -91.63 3.65 -61.53
CA LEU L 125 -91.86 2.22 -61.59
C LEU L 125 -92.00 1.78 -63.04
N LEU L 126 -91.39 0.65 -63.38
CA LEU L 126 -91.37 0.14 -64.74
C LEU L 126 -92.39 -0.96 -64.92
N GLY L 127 -92.97 -1.03 -66.11
CA GLY L 127 -93.96 -2.03 -66.44
C GLY L 127 -93.93 -2.39 -67.90
N TYR L 128 -94.67 -3.44 -68.25
CA TYR L 128 -94.76 -3.91 -69.62
C TYR L 128 -95.84 -3.15 -70.38
N GLN L 129 -95.63 -2.99 -71.68
CA GLN L 129 -96.56 -2.28 -72.55
C GLN L 129 -97.49 -3.27 -73.23
N VAL L 130 -98.77 -3.28 -72.82
CA VAL L 130 -99.78 -4.12 -73.43
C VAL L 130 -100.80 -3.21 -74.11
N ASP L 131 -101.26 -3.63 -75.29
CA ASP L 131 -102.24 -2.85 -76.02
C ASP L 131 -103.58 -2.86 -75.27
N PRO L 132 -104.38 -1.80 -75.42
CA PRO L 132 -105.70 -1.79 -74.76
C PRO L 132 -106.61 -2.92 -75.20
N SER L 133 -106.44 -3.44 -76.41
CA SER L 133 -107.24 -4.55 -76.91
C SER L 133 -106.53 -5.89 -76.83
N SER L 134 -105.20 -5.90 -76.88
CA SER L 134 -104.45 -7.14 -76.82
C SER L 134 -104.46 -7.70 -75.40
N GLY L 135 -103.87 -8.89 -75.24
CA GLY L 135 -103.84 -9.55 -73.96
C GLY L 135 -102.50 -9.48 -73.27
N GLU L 136 -101.67 -10.50 -73.45
CA GLU L 136 -100.36 -10.58 -72.82
C GLU L 136 -99.42 -9.50 -73.32
N VAL L 137 -98.20 -9.45 -72.77
CA VAL L 137 -97.25 -8.40 -73.12
C VAL L 137 -96.88 -8.50 -74.60
N SER L 138 -96.96 -7.38 -75.30
CA SER L 138 -96.54 -7.33 -76.70
C SER L 138 -95.04 -7.12 -76.82
N SER L 139 -94.54 -6.00 -76.29
CA SER L 139 -93.12 -5.70 -76.26
C SER L 139 -92.62 -5.85 -74.83
N TYR L 140 -91.62 -6.70 -74.65
CA TYR L 140 -91.15 -7.06 -73.31
C TYR L 140 -90.25 -6.02 -72.68
N GLU L 141 -89.86 -4.97 -73.41
CA GLU L 141 -88.98 -3.96 -72.84
C GLU L 141 -89.72 -3.15 -71.78
N PRO L 142 -89.20 -3.05 -70.57
CA PRO L 142 -89.91 -2.32 -69.51
C PRO L 142 -89.89 -0.82 -69.74
N GLN L 143 -91.02 -0.19 -69.45
CA GLN L 143 -91.21 1.24 -69.58
C GLN L 143 -91.94 1.76 -68.36
N PRO L 144 -91.79 3.04 -68.03
CA PRO L 144 -92.55 3.61 -66.92
C PRO L 144 -94.05 3.50 -67.15
N ILE L 145 -94.79 3.27 -66.08
CA ILE L 145 -96.23 3.07 -66.15
C ILE L 145 -96.91 4.42 -66.01
N ASN L 146 -97.72 4.79 -67.01
CA ASN L 146 -98.44 6.04 -67.03
C ASN L 146 -99.93 5.77 -66.94
N ILE L 147 -100.60 6.46 -66.01
CA ILE L 147 -102.05 6.36 -65.88
C ILE L 147 -102.66 7.68 -66.33
N PRO L 148 -103.03 7.80 -67.61
CA PRO L 148 -103.51 9.08 -68.12
C PRO L 148 -104.75 9.56 -67.39
N ALA L 149 -104.79 10.87 -67.13
CA ALA L 149 -105.96 11.46 -66.50
C ALA L 149 -107.18 11.40 -67.42
N GLU L 150 -106.99 11.62 -68.72
CA GLU L 150 -108.08 11.58 -69.68
C GLU L 150 -107.74 10.58 -70.78
N PHE L 151 -108.61 9.60 -71.00
CA PHE L 151 -108.48 8.65 -72.09
C PHE L 151 -109.81 8.57 -72.82
N GLY L 152 -109.75 8.68 -74.15
CA GLY L 152 -110.95 8.60 -74.96
C GLY L 152 -110.71 8.89 -76.43
N THR L 320 -114.05 12.30 -74.42
CA THR L 320 -113.12 11.49 -73.64
C THR L 320 -113.71 11.12 -72.29
N GLY L 321 -112.86 10.61 -71.39
CA GLY L 321 -113.28 10.29 -70.05
C GLY L 321 -112.17 10.53 -69.05
N PHE L 322 -112.52 10.92 -67.83
CA PHE L 322 -111.53 11.26 -66.82
C PHE L 322 -111.29 10.09 -65.88
N LEU L 323 -110.05 9.95 -65.43
CA LEU L 323 -109.66 8.84 -64.58
C LEU L 323 -110.42 8.90 -63.26
N THR L 324 -111.03 7.78 -62.88
CA THR L 324 -111.84 7.70 -61.66
C THR L 324 -111.27 6.72 -60.64
N LYS L 325 -111.04 5.47 -61.03
CA LYS L 325 -110.52 4.46 -60.12
C LYS L 325 -109.40 3.68 -60.79
N VAL L 326 -108.44 3.24 -59.99
CA VAL L 326 -107.32 2.42 -60.46
C VAL L 326 -107.25 1.18 -59.59
N ASP L 327 -107.20 0.01 -60.23
CA ASP L 327 -107.12 -1.25 -59.50
C ASP L 327 -106.16 -2.18 -60.21
N PHE L 328 -105.58 -3.10 -59.45
CA PHE L 328 -104.60 -4.06 -59.94
C PHE L 328 -105.11 -5.47 -59.70
N ASP L 329 -105.15 -6.28 -60.75
CA ASP L 329 -105.53 -7.67 -60.61
C ASP L 329 -104.34 -8.50 -60.17
N GLU L 330 -104.53 -9.81 -60.02
CA GLU L 330 -103.45 -10.69 -59.61
C GLU L 330 -102.37 -10.81 -60.67
N ASN L 331 -102.64 -10.38 -61.90
CA ASN L 331 -101.67 -10.40 -62.98
C ASN L 331 -100.86 -9.11 -63.06
N GLY L 332 -101.09 -8.16 -62.15
CA GLY L 332 -100.34 -6.93 -62.12
C GLY L 332 -100.80 -5.86 -63.08
N SER L 333 -101.83 -6.12 -63.88
CA SER L 333 -102.29 -5.15 -64.86
C SER L 333 -103.00 -3.99 -64.17
N VAL L 334 -102.56 -2.77 -64.44
CA VAL L 334 -103.20 -1.57 -63.91
C VAL L 334 -104.33 -1.19 -64.86
N MET L 335 -105.55 -1.19 -64.35
CA MET L 335 -106.75 -0.95 -65.15
C MET L 335 -107.43 0.31 -64.65
N GLY L 336 -107.72 1.23 -65.56
CA GLY L 336 -108.35 2.49 -65.22
C GLY L 336 -109.71 2.61 -65.90
N THR L 337 -110.74 2.83 -65.08
CA THR L 337 -112.07 3.10 -65.57
C THR L 337 -112.30 4.61 -65.57
N TYR L 338 -112.93 5.10 -66.62
CA TYR L 338 -113.07 6.54 -66.86
C TYR L 338 -114.53 6.93 -66.79
N SER L 339 -114.79 8.23 -66.95
CA SER L 339 -116.14 8.75 -66.82
C SER L 339 -117.06 8.23 -67.91
N ASN L 340 -116.52 7.91 -69.08
CA ASN L 340 -117.33 7.37 -70.17
C ASN L 340 -117.62 5.89 -70.01
N GLY L 341 -117.27 5.28 -68.88
CA GLY L 341 -117.49 3.86 -68.68
C GLY L 341 -116.67 2.97 -69.58
N GLU L 342 -115.46 3.38 -69.92
CA GLU L 342 -114.56 2.62 -70.78
C GLU L 342 -113.39 2.13 -69.95
N ASN L 343 -113.32 0.83 -69.73
CA ASN L 343 -112.24 0.23 -68.95
C ASN L 343 -111.11 -0.16 -69.89
N VAL L 344 -109.92 0.41 -69.65
CA VAL L 344 -108.77 0.23 -70.52
C VAL L 344 -107.61 -0.29 -69.70
N THR L 345 -106.93 -1.32 -70.20
CA THR L 345 -105.74 -1.86 -69.56
C THR L 345 -104.55 -0.99 -69.93
N LEU L 346 -103.92 -0.39 -68.92
CA LEU L 346 -102.84 0.55 -69.13
C LEU L 346 -101.46 -0.09 -69.06
N GLY L 347 -101.38 -1.40 -68.88
CA GLY L 347 -100.11 -2.08 -68.75
C GLY L 347 -100.08 -2.96 -67.51
N ARG L 348 -99.00 -3.72 -67.34
CA ARG L 348 -98.85 -4.54 -66.15
C ARG L 348 -97.47 -4.33 -65.57
N VAL L 349 -97.39 -4.32 -64.23
CA VAL L 349 -96.14 -4.04 -63.56
C VAL L 349 -95.15 -5.16 -63.83
N ALA L 350 -93.94 -4.80 -64.23
CA ALA L 350 -92.90 -5.78 -64.50
C ALA L 350 -92.31 -6.29 -63.20
N LEU L 351 -92.18 -7.61 -63.11
CA LEU L 351 -91.59 -8.26 -61.94
C LEU L 351 -90.22 -8.80 -62.30
N VAL L 352 -89.26 -8.61 -61.39
CA VAL L 352 -87.87 -8.98 -61.63
C VAL L 352 -87.44 -9.96 -60.54
N ARG L 353 -86.68 -10.98 -60.93
CA ARG L 353 -86.17 -11.98 -60.01
C ARG L 353 -84.74 -12.30 -60.38
N VAL L 354 -83.96 -12.74 -59.39
CA VAL L 354 -82.57 -13.12 -59.62
C VAL L 354 -82.35 -14.52 -59.06
N PRO L 355 -81.48 -15.34 -59.66
CA PRO L 355 -81.20 -16.66 -59.08
C PRO L 355 -80.58 -16.58 -57.69
N ASN L 356 -79.78 -15.55 -57.43
CA ASN L 356 -79.12 -15.35 -56.14
C ASN L 356 -79.53 -13.99 -55.60
N GLU L 357 -80.55 -13.95 -54.74
CA GLU L 357 -80.95 -12.70 -54.12
C GLU L 357 -79.88 -12.18 -53.16
N GLN L 358 -79.22 -13.09 -52.44
CA GLN L 358 -78.24 -12.69 -51.44
C GLN L 358 -76.98 -12.08 -52.06
N GLY L 359 -76.78 -12.27 -53.36
CA GLY L 359 -75.65 -11.67 -54.03
C GLY L 359 -75.84 -10.23 -54.45
N LEU L 360 -77.05 -9.69 -54.30
CA LEU L 360 -77.32 -8.31 -54.67
C LEU L 360 -76.60 -7.34 -53.73
N ASP L 361 -76.06 -6.27 -54.29
CA ASP L 361 -75.45 -5.22 -53.50
C ASP L 361 -76.52 -4.22 -53.08
N LYS L 362 -76.39 -3.71 -51.86
CA LYS L 362 -77.45 -2.93 -51.24
C LYS L 362 -77.18 -1.44 -51.42
N LYS L 363 -78.11 -0.76 -52.08
CA LYS L 363 -78.08 0.69 -52.19
C LYS L 363 -78.87 1.26 -51.01
N GLY L 364 -79.13 2.57 -51.03
CA GLY L 364 -79.98 3.18 -50.02
C GLY L 364 -81.46 3.02 -50.34
N GLY L 365 -82.27 3.31 -49.33
CA GLY L 365 -83.71 3.28 -49.51
C GLY L 365 -84.30 1.91 -49.78
N THR L 366 -83.73 0.87 -49.17
CA THR L 366 -84.22 -0.51 -49.31
C THR L 366 -84.32 -0.90 -50.79
N GLN L 367 -83.25 -0.65 -51.54
CA GLN L 367 -83.19 -0.98 -52.95
C GLN L 367 -81.89 -1.71 -53.24
N TRP L 368 -81.96 -2.64 -54.20
CA TRP L 368 -80.83 -3.47 -54.58
C TRP L 368 -80.53 -3.29 -56.06
N ASP L 369 -79.31 -3.67 -56.45
CA ASP L 369 -78.86 -3.62 -57.83
C ASP L 369 -78.25 -4.96 -58.21
N SER L 370 -78.34 -5.30 -59.50
CA SER L 370 -77.79 -6.56 -59.98
C SER L 370 -76.27 -6.54 -59.92
N THR L 371 -75.69 -7.67 -59.52
CA THR L 371 -74.24 -7.80 -59.42
C THR L 371 -73.74 -9.00 -60.21
N GLN L 372 -72.44 -9.26 -60.14
CA GLN L 372 -71.88 -10.42 -60.81
C GLN L 372 -72.20 -11.72 -60.06
N PHE L 373 -72.28 -11.65 -58.74
CA PHE L 373 -72.57 -12.82 -57.92
C PHE L 373 -74.07 -13.08 -57.77
N SER L 374 -74.93 -12.15 -58.19
CA SER L 374 -76.36 -12.30 -58.08
C SER L 374 -77.03 -12.73 -59.38
N GLY L 375 -76.23 -13.08 -60.39
CA GLY L 375 -76.81 -13.49 -61.65
C GLY L 375 -77.39 -12.30 -62.40
N ASP L 376 -78.14 -12.64 -63.45
CA ASP L 376 -78.77 -11.64 -64.31
C ASP L 376 -80.23 -11.47 -63.92
N LYS L 377 -80.75 -10.26 -64.13
CA LYS L 377 -82.15 -9.99 -63.87
C LYS L 377 -83.04 -10.81 -64.78
N ILE L 378 -84.07 -11.42 -64.20
CA ILE L 378 -85.04 -12.22 -64.94
C ILE L 378 -86.32 -11.42 -65.01
N TRP L 379 -86.61 -10.86 -66.18
CA TRP L 379 -87.81 -10.06 -66.39
C TRP L 379 -88.99 -10.99 -66.63
N GLY L 380 -90.07 -10.77 -65.87
CA GLY L 380 -91.25 -11.61 -66.01
C GLY L 380 -92.47 -10.94 -65.43
N GLU L 381 -93.61 -11.58 -65.63
CA GLU L 381 -94.88 -11.10 -65.11
C GLU L 381 -95.15 -11.70 -63.74
N SER L 382 -96.10 -11.10 -63.03
CA SER L 382 -96.51 -11.60 -61.73
C SER L 382 -97.38 -12.84 -61.90
N ASN L 383 -97.23 -13.79 -60.97
CA ASN L 383 -97.98 -15.04 -60.99
C ASN L 383 -97.74 -15.81 -62.30
N LYS L 384 -96.50 -15.75 -62.78
CA LYS L 384 -96.08 -16.51 -63.97
C LYS L 384 -94.71 -17.10 -63.70
N GLY L 385 -94.47 -18.29 -64.24
CA GLY L 385 -93.18 -18.94 -64.07
C GLY L 385 -92.85 -19.20 -62.62
N SER L 386 -91.73 -18.65 -62.15
CA SER L 386 -91.34 -18.73 -60.74
C SER L 386 -91.69 -17.47 -59.96
N PHE L 387 -92.38 -16.52 -60.57
CA PHE L 387 -92.66 -15.24 -59.93
C PHE L 387 -93.88 -15.35 -59.02
N GLY L 388 -93.94 -14.47 -58.01
CA GLY L 388 -95.06 -14.42 -57.10
C GLY L 388 -96.14 -13.47 -57.57
N THR L 389 -97.17 -13.34 -56.75
CA THR L 389 -98.33 -12.51 -57.08
C THR L 389 -98.13 -11.08 -56.58
N ILE L 390 -98.88 -10.16 -57.18
CA ILE L 390 -98.87 -8.75 -56.82
C ILE L 390 -100.21 -8.42 -56.17
N ASN L 391 -100.15 -7.81 -54.99
CA ASN L 391 -101.35 -7.45 -54.24
C ASN L 391 -101.35 -5.96 -53.97
N ASN L 392 -102.43 -5.28 -54.35
CA ASN L 392 -102.61 -3.88 -54.03
C ASN L 392 -103.35 -3.72 -52.71
N GLY L 393 -103.16 -2.58 -52.07
CA GLY L 393 -103.71 -2.37 -50.75
C GLY L 393 -102.92 -3.01 -49.63
N MET L 394 -101.69 -3.44 -49.89
CA MET L 394 -100.87 -4.09 -48.88
C MET L 394 -99.45 -3.54 -48.98
N LEU L 395 -98.74 -3.64 -47.87
CA LEU L 395 -97.32 -3.29 -47.81
C LEU L 395 -96.58 -4.38 -47.05
N GLU L 396 -95.29 -4.51 -47.33
CA GLU L 396 -94.43 -5.46 -46.65
C GLU L 396 -93.65 -4.73 -45.56
N GLN L 397 -93.80 -5.18 -44.33
CA GLN L 397 -93.00 -4.64 -43.23
C GLN L 397 -91.64 -5.34 -43.20
N SER L 398 -90.84 -5.02 -42.20
CA SER L 398 -89.56 -5.71 -42.04
C SER L 398 -89.79 -7.16 -41.69
N ASN L 399 -88.91 -8.03 -42.20
CA ASN L 399 -88.99 -9.46 -41.96
C ASN L 399 -88.22 -9.89 -40.71
N ILE L 400 -88.05 -8.96 -39.78
CA ILE L 400 -87.29 -9.22 -38.56
C ILE L 400 -88.25 -9.66 -37.47
N ASP L 401 -87.70 -10.33 -36.46
CA ASP L 401 -88.43 -10.72 -35.27
C ASP L 401 -87.80 -10.00 -34.08
N MET L 402 -88.62 -9.24 -33.33
CA MET L 402 -88.08 -8.51 -32.18
C MET L 402 -87.53 -9.46 -31.13
N THR L 403 -88.22 -10.58 -30.89
CA THR L 403 -87.75 -11.54 -29.89
C THR L 403 -86.38 -12.08 -30.26
N GLN L 404 -86.16 -12.44 -31.52
CA GLN L 404 -84.88 -12.99 -31.93
C GLN L 404 -83.75 -11.98 -31.79
N GLU L 405 -83.99 -10.73 -32.23
CA GLU L 405 -82.93 -9.74 -32.22
C GLU L 405 -82.51 -9.38 -30.80
N LEU L 406 -83.47 -9.26 -29.88
CA LEU L 406 -83.14 -8.90 -28.51
C LEU L 406 -82.32 -10.00 -27.83
N VAL L 407 -82.65 -11.26 -28.07
CA VAL L 407 -81.86 -12.35 -27.50
C VAL L 407 -80.48 -12.42 -28.14
N ASP L 408 -80.41 -12.19 -29.45
CA ASP L 408 -79.11 -12.14 -30.11
C ASP L 408 -78.26 -10.99 -29.58
N LEU L 409 -78.91 -9.87 -29.24
CA LEU L 409 -78.21 -8.76 -28.61
C LEU L 409 -77.59 -9.17 -27.29
N ILE L 410 -78.30 -10.03 -26.54
CA ILE L 410 -77.80 -10.52 -25.26
C ILE L 410 -76.59 -11.43 -25.46
N SER L 411 -76.68 -12.34 -26.43
CA SER L 411 -75.62 -13.33 -26.62
C SER L 411 -74.31 -12.68 -27.04
N ALA L 412 -74.37 -11.68 -27.92
CA ALA L 412 -73.16 -11.04 -28.38
C ALA L 412 -72.53 -10.16 -27.30
N GLN L 413 -73.35 -9.66 -26.37
CA GLN L 413 -72.79 -8.92 -25.24
C GLN L 413 -72.03 -9.86 -24.30
N ARG L 414 -72.58 -11.04 -24.04
CA ARG L 414 -71.87 -12.04 -23.25
C ARG L 414 -70.60 -12.49 -23.96
N ASN L 415 -70.67 -12.66 -25.28
CA ASN L 415 -69.49 -13.06 -26.04
C ASN L 415 -68.45 -11.95 -26.06
N PHE L 416 -68.89 -10.70 -26.14
CA PHE L 416 -67.95 -9.58 -26.15
C PHE L 416 -67.21 -9.48 -24.81
N GLN L 417 -67.93 -9.66 -23.70
CA GLN L 417 -67.30 -9.55 -22.39
C GLN L 417 -66.27 -10.64 -22.18
N ALA L 418 -66.56 -11.86 -22.65
CA ALA L 418 -65.62 -12.96 -22.50
C ALA L 418 -64.33 -12.71 -23.28
N ASN L 419 -64.44 -12.16 -24.49
CA ASN L 419 -63.24 -11.88 -25.28
C ASN L 419 -62.44 -10.73 -24.70
N SER L 420 -63.12 -9.74 -24.11
CA SER L 420 -62.40 -8.64 -23.48
C SER L 420 -61.73 -9.08 -22.20
N ARG L 421 -62.32 -10.04 -21.49
CA ARG L 421 -61.65 -10.61 -20.32
C ARG L 421 -60.37 -11.34 -20.72
N SER L 422 -60.41 -12.04 -21.85
CA SER L 422 -59.20 -12.68 -22.37
C SER L 422 -58.13 -11.64 -22.71
N LEU L 423 -58.55 -10.50 -23.29
CA LEU L 423 -57.60 -9.44 -23.57
C LEU L 423 -57.04 -8.84 -22.29
N GLU L 424 -57.85 -8.78 -21.24
CA GLU L 424 -57.37 -8.27 -19.96
C GLU L 424 -56.31 -9.19 -19.37
N VAL L 425 -56.53 -10.51 -19.45
CA VAL L 425 -55.56 -11.47 -18.91
C VAL L 425 -54.23 -11.37 -19.66
N HIS L 426 -54.29 -11.28 -21.00
CA HIS L 426 -53.07 -11.26 -21.79
C HIS L 426 -52.23 -10.03 -21.47
N ASN L 427 -52.87 -8.91 -21.11
CA ASN L 427 -52.13 -7.72 -20.72
C ASN L 427 -51.46 -7.91 -19.37
N GLN L 428 -52.16 -8.55 -18.43
CA GLN L 428 -51.59 -8.75 -17.10
C GLN L 428 -50.41 -9.72 -17.13
N LEU L 429 -50.34 -10.56 -18.15
CA LEU L 429 -49.14 -11.37 -18.36
C LEU L 429 -47.94 -10.50 -18.67
N GLN L 430 -48.11 -9.55 -19.58
CA GLN L 430 -47.00 -8.68 -19.98
C GLN L 430 -46.60 -7.74 -18.86
N GLN L 431 -47.57 -7.28 -18.07
CA GLN L 431 -47.24 -6.48 -16.90
C GLN L 431 -46.45 -7.29 -15.88
N ASN L 432 -46.79 -8.57 -15.73
CA ASN L 432 -46.10 -9.41 -14.76
C ASN L 432 -44.63 -9.59 -15.14
N ILE L 433 -44.34 -9.77 -16.43
CA ILE L 433 -42.95 -9.94 -16.85
C ILE L 433 -42.20 -8.63 -16.69
N LEU L 434 -42.87 -7.50 -16.92
CA LEU L 434 -42.27 -6.17 -16.84
C LEU L 434 -41.86 -5.80 -15.42
N GLN L 435 -42.04 -6.69 -14.46
CA GLN L 435 -41.70 -6.45 -13.06
C GLN L 435 -40.85 -7.59 -12.51
N ILE L 436 -39.85 -8.00 -13.28
CA ILE L 436 -38.93 -9.03 -12.86
C ILE L 436 -37.61 -8.41 -12.44
N TYR M 20 55.17 -22.87 54.42
CA TYR M 20 53.74 -23.15 54.36
C TYR M 20 53.47 -24.52 53.74
N GLU M 21 52.32 -24.66 53.11
CA GLU M 21 51.91 -25.90 52.46
C GLU M 21 51.89 -25.72 50.95
N LEU M 22 51.73 -26.84 50.26
CA LEU M 22 51.65 -26.88 48.81
C LEU M 22 50.21 -27.13 48.40
N ASP M 23 49.65 -26.24 47.59
CA ASP M 23 48.27 -26.37 47.15
C ASP M 23 48.23 -26.93 45.73
N TYR M 24 47.01 -26.99 45.16
CA TYR M 24 46.85 -27.47 43.80
C TYR M 24 47.54 -26.54 42.81
N TYR M 25 47.44 -25.23 43.04
CA TYR M 25 48.00 -24.26 42.11
C TYR M 25 49.42 -23.87 42.47
N SER M 26 49.81 -24.06 43.73
CA SER M 26 51.18 -23.77 44.14
C SER M 26 52.17 -24.67 43.40
N LYS M 27 51.84 -25.94 43.24
CA LYS M 27 52.72 -26.88 42.54
C LYS M 27 52.71 -26.64 41.03
N PHE M 28 51.67 -26.02 40.49
CA PHE M 28 51.59 -25.79 39.05
C PHE M 28 52.67 -24.82 38.57
N GLY M 29 53.15 -23.96 39.45
CA GLY M 29 54.21 -23.03 39.09
C GLY M 29 55.61 -23.59 39.14
N HIS M 30 55.75 -24.88 39.50
CA HIS M 30 57.05 -25.51 39.63
C HIS M 30 57.13 -26.80 38.82
N THR M 31 56.34 -26.88 37.74
CA THR M 31 56.25 -28.07 36.91
C THR M 31 56.56 -27.70 35.46
N ASP M 32 57.40 -28.49 34.81
CA ASP M 32 57.74 -28.29 33.42
C ASP M 32 56.87 -29.18 32.54
N ASN M 33 57.19 -29.26 31.25
CA ASN M 33 56.37 -30.04 30.32
C ASN M 33 56.43 -31.53 30.58
N TYR M 34 57.45 -32.01 31.30
CA TYR M 34 57.58 -33.43 31.61
C TYR M 34 57.30 -33.72 33.09
N GLY M 35 56.66 -32.80 33.79
CA GLY M 35 56.25 -33.02 35.16
C GLY M 35 57.37 -33.16 36.17
N ASN M 36 58.45 -32.41 35.98
CA ASN M 36 59.57 -32.38 36.93
C ASN M 36 59.31 -31.26 37.93
N LEU M 37 59.08 -31.63 39.19
CA LEU M 37 58.75 -30.66 40.22
C LEU M 37 60.05 -30.18 40.87
N ASP M 38 60.30 -28.87 40.78
CA ASP M 38 61.51 -28.25 41.31
C ASP M 38 61.12 -27.35 42.47
N LEU M 39 61.52 -27.72 43.68
CA LEU M 39 61.27 -26.93 44.89
C LEU M 39 62.57 -26.42 45.51
N ARG M 40 63.61 -26.21 44.71
CA ARG M 40 64.90 -25.79 45.22
C ARG M 40 64.79 -24.50 46.03
N ASN M 41 65.11 -24.57 47.32
CA ASN M 41 65.12 -23.44 48.23
C ASN M 41 63.76 -22.75 48.34
N LYS M 42 62.69 -23.44 47.98
CA LYS M 42 61.36 -22.84 48.13
C LYS M 42 60.88 -23.00 49.57
N PRO M 43 60.25 -21.97 50.15
CA PRO M 43 59.82 -22.00 51.55
C PRO M 43 58.57 -22.84 51.81
N TYR M 44 58.59 -24.09 51.32
CA TYR M 44 57.51 -25.02 51.56
C TYR M 44 57.90 -25.99 52.67
N THR M 45 56.94 -26.29 53.55
CA THR M 45 57.19 -27.16 54.69
C THR M 45 56.58 -28.54 54.55
N GLN M 46 55.64 -28.74 53.63
CA GLN M 46 55.01 -30.04 53.46
C GLN M 46 54.36 -30.10 52.08
N LEU M 47 54.01 -31.33 51.67
CA LEU M 47 53.35 -31.62 50.42
C LEU M 47 51.96 -32.20 50.67
N PRO M 48 51.04 -32.10 49.71
CA PRO M 48 49.70 -32.65 49.93
C PRO M 48 49.71 -34.15 50.17
N SER M 49 48.80 -34.60 51.03
CA SER M 49 48.68 -36.02 51.32
C SER M 49 48.26 -36.77 50.06
N GLY M 50 48.86 -37.94 49.87
CA GLY M 50 48.63 -38.69 48.64
C GLY M 50 49.17 -38.00 47.42
N PHE M 51 50.32 -37.36 47.54
CA PHE M 51 50.89 -36.60 46.43
C PHE M 51 51.39 -37.54 45.34
N VAL M 52 51.19 -37.14 44.09
CA VAL M 52 51.67 -37.88 42.92
C VAL M 52 52.44 -36.92 42.03
N VAL M 53 53.68 -37.28 41.71
CA VAL M 53 54.53 -36.49 40.83
C VAL M 53 54.93 -37.36 39.65
N LYS M 54 54.64 -36.88 38.43
CA LYS M 54 54.95 -37.66 37.24
C LYS M 54 56.46 -37.83 37.06
N GLY M 55 57.22 -36.76 37.31
CA GLY M 55 58.65 -36.80 37.06
C GLY M 55 59.51 -36.68 38.31
N ASN M 56 60.71 -36.12 38.14
CA ASN M 56 61.65 -35.98 39.24
C ASN M 56 61.15 -34.96 40.26
N LEU M 57 61.47 -35.19 41.53
CA LEU M 57 61.15 -34.29 42.62
C LEU M 57 62.45 -33.79 43.24
N ASN M 58 62.56 -32.48 43.39
CA ASN M 58 63.73 -31.86 44.00
C ASN M 58 63.27 -31.02 45.19
N ILE M 59 63.68 -31.42 46.39
CA ILE M 59 63.31 -30.70 47.61
C ILE M 59 64.57 -30.36 48.39
N SER M 60 65.68 -30.17 47.68
CA SER M 60 66.94 -29.84 48.34
C SER M 60 66.86 -28.48 49.00
N GLN M 61 67.49 -28.36 50.17
CA GLN M 61 67.58 -27.10 50.92
C GLN M 61 66.19 -26.55 51.26
N THR M 62 65.25 -27.42 51.59
CA THR M 62 63.90 -27.04 51.93
C THR M 62 63.61 -27.31 53.39
N PRO M 63 62.72 -26.54 54.02
CA PRO M 63 62.33 -26.79 55.40
C PRO M 63 61.33 -27.93 55.58
N ILE M 64 61.12 -28.77 54.57
CA ILE M 64 60.19 -29.89 54.70
C ILE M 64 60.74 -30.87 55.72
N LYS M 65 59.94 -31.18 56.74
CA LYS M 65 60.34 -32.11 57.79
C LYS M 65 59.83 -33.52 57.58
N LYS M 66 58.72 -33.69 56.85
CA LYS M 66 58.13 -35.01 56.68
C LYS M 66 57.46 -35.09 55.32
N LEU M 67 57.64 -36.22 54.64
CA LEU M 67 56.99 -36.46 53.36
C LEU M 67 55.59 -37.03 53.59
N PRO M 68 54.59 -36.59 52.84
CA PRO M 68 53.24 -37.10 53.04
C PRO M 68 53.12 -38.57 52.67
N LYS M 69 52.21 -39.26 53.35
CA LYS M 69 51.99 -40.68 53.09
C LYS M 69 51.40 -40.89 51.71
N GLY M 70 51.82 -41.97 51.05
CA GLY M 70 51.33 -42.28 49.73
C GLY M 70 52.01 -41.54 48.60
N LEU M 71 53.14 -40.89 48.86
CA LEU M 71 53.86 -40.15 47.82
C LEU M 71 54.35 -41.11 46.74
N ASP M 72 54.08 -40.76 45.48
CA ASP M 72 54.48 -41.56 44.33
C ASP M 72 55.28 -40.67 43.39
N VAL M 73 56.54 -41.04 43.17
CA VAL M 73 57.45 -40.28 42.32
C VAL M 73 57.80 -41.13 41.11
N GLY M 74 57.53 -40.59 39.92
CA GLY M 74 57.90 -41.26 38.68
C GLY M 74 59.33 -41.05 38.25
N GLY M 75 60.10 -40.27 38.99
CA GLY M 75 61.49 -40.03 38.66
C GLY M 75 62.43 -40.23 39.82
N SER M 76 63.32 -39.27 40.04
CA SER M 76 64.34 -39.37 41.09
C SER M 76 64.05 -38.38 42.20
N LEU M 77 64.54 -38.71 43.39
CA LEU M 77 64.36 -37.88 44.58
C LEU M 77 65.70 -37.22 44.94
N GLU M 78 65.68 -35.92 45.18
CA GLU M 78 66.86 -35.16 45.55
C GLU M 78 66.50 -34.24 46.71
N ALA M 79 67.11 -34.47 47.87
CA ALA M 79 66.86 -33.67 49.06
C ALA M 79 68.17 -33.34 49.77
N THR M 80 69.18 -32.95 49.00
CA THR M 80 70.48 -32.65 49.57
C THR M 80 70.44 -31.35 50.37
N ASN M 81 71.12 -31.36 51.52
CA ASN M 81 71.24 -30.19 52.40
C ASN M 81 69.88 -29.66 52.86
N SER M 82 68.86 -30.51 52.88
CA SER M 82 67.52 -30.11 53.25
C SER M 82 67.20 -30.53 54.69
N ALA M 83 66.02 -30.12 55.15
CA ALA M 83 65.54 -30.47 56.49
C ALA M 83 64.73 -31.76 56.49
N LEU M 84 64.81 -32.56 55.43
CA LEU M 84 64.05 -33.81 55.37
C LEU M 84 64.48 -34.74 56.50
N LYS M 85 63.54 -35.02 57.40
CA LYS M 85 63.80 -35.83 58.58
C LYS M 85 62.96 -37.11 58.65
N THR M 86 61.71 -37.07 58.20
CA THR M 86 60.81 -38.21 58.31
C THR M 86 60.25 -38.56 56.94
N ILE M 87 60.20 -39.86 56.66
CA ILE M 87 59.57 -40.39 55.46
C ILE M 87 58.53 -41.41 55.89
N ARG M 88 57.33 -41.31 55.32
CA ARG M 88 56.26 -42.24 55.66
C ARG M 88 56.29 -43.46 54.76
N SER M 89 55.91 -44.60 55.32
CA SER M 89 55.95 -45.86 54.59
C SER M 89 54.93 -45.85 53.45
N GLY M 90 55.21 -46.67 52.44
CA GLY M 90 54.40 -46.72 51.25
C GLY M 90 54.83 -45.79 50.14
N THR M 91 55.84 -44.97 50.36
CA THR M 91 56.33 -44.07 49.31
C THR M 91 56.96 -44.87 48.18
N LYS M 92 56.68 -44.47 46.95
CA LYS M 92 57.18 -45.15 45.76
C LYS M 92 58.07 -44.20 44.98
N ILE M 93 59.29 -44.65 44.66
CA ILE M 93 60.25 -43.87 43.88
C ILE M 93 60.71 -44.75 42.72
N LYS M 94 60.50 -44.28 41.49
CA LYS M 94 60.96 -45.04 40.33
C LYS M 94 62.46 -44.94 40.14
N GLY M 95 63.04 -43.76 40.41
CA GLY M 95 64.47 -43.57 40.29
C GLY M 95 65.22 -43.77 41.59
N TYR M 96 66.09 -42.84 41.95
CA TYR M 96 66.91 -42.94 43.13
C TYR M 96 66.47 -41.94 44.19
N ALA M 97 66.97 -42.15 45.41
CA ALA M 97 66.72 -41.25 46.53
C ALA M 97 68.05 -40.68 47.00
N ASN M 98 68.34 -39.44 46.60
CA ASN M 98 69.58 -38.76 46.95
C ASN M 98 69.31 -37.87 48.16
N LEU M 99 69.83 -38.28 49.32
CA LEU M 99 69.61 -37.57 50.58
C LEU M 99 70.92 -37.14 51.22
N LEU M 100 71.91 -36.77 50.40
CA LEU M 100 73.20 -36.37 50.92
C LEU M 100 73.11 -35.07 51.72
N GLY M 101 73.31 -35.15 53.03
CA GLY M 101 73.29 -33.98 53.87
C GLY M 101 71.94 -33.63 54.47
N SER M 102 70.98 -34.56 54.47
CA SER M 102 69.67 -34.29 55.04
C SER M 102 69.70 -34.47 56.56
N LYS M 103 68.54 -34.32 57.18
CA LYS M 103 68.39 -34.46 58.63
C LYS M 103 67.67 -35.74 59.03
N ILE M 104 67.59 -36.72 58.13
CA ILE M 104 66.82 -37.94 58.41
C ILE M 104 67.53 -38.76 59.48
N GLU M 105 66.75 -39.30 60.42
CA GLU M 105 67.28 -40.10 61.51
C GLU M 105 67.01 -41.59 61.38
N SER M 106 65.92 -41.98 60.73
CA SER M 106 65.57 -43.38 60.59
C SER M 106 64.89 -43.61 59.25
N TRP M 107 65.18 -44.75 58.64
CA TRP M 107 64.62 -45.11 57.34
C TRP M 107 63.43 -46.03 57.54
N PRO M 108 62.25 -45.68 57.04
CA PRO M 108 61.08 -46.54 57.22
C PRO M 108 61.13 -47.79 56.36
N ARG M 109 60.33 -48.77 56.76
CA ARG M 109 60.21 -50.02 56.02
C ARG M 109 59.09 -49.91 54.98
N GLY M 110 59.28 -50.62 53.86
CA GLY M 110 58.27 -50.66 52.82
C GLY M 110 58.38 -49.57 51.77
N ILE M 111 59.52 -48.90 51.67
CA ILE M 111 59.71 -47.86 50.65
C ILE M 111 60.03 -48.54 49.31
N LYS M 112 59.25 -48.22 48.28
CA LYS M 112 59.53 -48.71 46.95
C LYS M 112 60.58 -47.81 46.30
N LEU M 113 61.81 -48.29 46.22
CA LEU M 113 62.92 -47.52 45.67
C LEU M 113 63.56 -48.29 44.53
N GLY M 114 63.67 -47.64 43.37
CA GLY M 114 64.27 -48.25 42.19
C GLY M 114 65.69 -47.84 41.89
N GLY M 115 66.30 -47.01 42.73
CA GLY M 115 67.67 -46.57 42.53
C GLY M 115 68.51 -46.70 43.80
N TYR M 116 69.49 -45.82 43.96
CA TYR M 116 70.39 -45.89 45.09
C TYR M 116 69.90 -45.01 46.25
N LEU M 117 70.42 -45.31 47.44
CA LEU M 117 70.12 -44.54 48.64
C LEU M 117 71.41 -43.88 49.11
N ASN M 118 71.54 -42.59 48.86
CA ASN M 118 72.73 -41.81 49.23
C ASN M 118 72.42 -41.09 50.54
N LEU M 119 73.00 -41.58 51.64
CA LEU M 119 72.80 -41.00 52.95
C LEU M 119 74.09 -40.41 53.53
N THR M 120 74.99 -39.95 52.67
CA THR M 120 76.22 -39.32 53.13
C THR M 120 75.90 -38.05 53.90
N ASP M 121 76.64 -37.82 54.99
CA ASP M 121 76.47 -36.64 55.83
C ASP M 121 75.07 -36.58 56.44
N THR M 122 74.58 -37.71 56.93
CA THR M 122 73.26 -37.76 57.53
C THR M 122 73.33 -38.32 58.95
N PRO M 123 72.40 -37.92 59.82
CA PRO M 123 72.39 -38.45 61.20
C PRO M 123 71.72 -39.81 61.32
N LEU M 124 71.62 -40.54 60.21
CA LEU M 124 70.95 -41.84 60.20
C LEU M 124 71.55 -42.77 61.25
N LYS M 125 70.68 -43.49 61.95
CA LYS M 125 71.08 -44.37 63.03
C LYS M 125 70.69 -45.82 62.81
N THR M 126 69.49 -46.09 62.31
CA THR M 126 68.99 -47.45 62.16
C THR M 126 68.39 -47.65 60.78
N LEU M 127 68.43 -48.89 60.30
CA LEU M 127 67.86 -49.29 59.03
C LEU M 127 66.95 -50.48 59.22
N PRO M 128 65.87 -50.59 58.44
CA PRO M 128 64.97 -51.72 58.57
C PRO M 128 65.62 -53.03 58.15
N ALA M 129 65.18 -54.11 58.78
CA ALA M 129 65.73 -55.43 58.50
C ALA M 129 65.29 -55.91 57.12
N LYS M 130 66.12 -56.77 56.52
CA LYS M 130 65.88 -57.33 55.18
C LYS M 130 65.74 -56.23 54.13
N LEU M 131 66.44 -55.12 54.33
CA LEU M 131 66.40 -54.02 53.37
C LEU M 131 67.07 -54.42 52.07
N ARG M 132 66.48 -54.02 50.95
CA ARG M 132 67.04 -54.26 49.63
C ARG M 132 67.27 -52.93 48.93
N VAL M 133 68.50 -52.72 48.46
CA VAL M 133 68.85 -51.53 47.68
C VAL M 133 69.29 -52.01 46.30
N LYS M 134 68.65 -51.49 45.25
CA LYS M 134 68.93 -51.92 43.89
C LYS M 134 70.21 -51.31 43.34
N GLY M 135 70.85 -50.39 44.06
CA GLY M 135 72.09 -49.79 43.67
C GLY M 135 73.03 -49.65 44.85
N ASP M 136 73.92 -48.68 44.74
CA ASP M 136 74.89 -48.40 45.80
C ASP M 136 74.20 -47.85 47.04
N LEU M 137 74.80 -48.12 48.19
CA LEU M 137 74.33 -47.58 49.47
C LEU M 137 75.49 -46.84 50.13
N SER M 138 75.27 -45.56 50.44
CA SER M 138 76.29 -44.72 51.05
C SER M 138 75.79 -44.26 52.41
N VAL M 139 76.46 -44.71 53.47
CA VAL M 139 76.17 -44.28 54.83
C VAL M 139 77.41 -43.55 55.34
N ILE M 140 78.10 -42.87 54.42
CA ILE M 140 79.34 -42.18 54.76
C ILE M 140 79.07 -41.11 55.82
N ARG M 141 79.92 -41.08 56.85
CA ARG M 141 79.85 -40.09 57.93
C ARG M 141 78.48 -40.11 58.62
N THR M 142 78.02 -41.31 58.96
CA THR M 142 76.75 -41.50 59.64
C THR M 142 76.97 -42.22 60.98
N PRO M 143 76.15 -41.90 61.99
CA PRO M 143 76.31 -42.56 63.30
C PRO M 143 75.65 -43.93 63.38
N ILE M 144 75.34 -44.53 62.22
CA ILE M 144 74.71 -45.84 62.22
C ILE M 144 75.60 -46.86 62.93
N SER M 145 75.00 -47.71 63.75
CA SER M 145 75.74 -48.63 64.60
C SER M 145 75.89 -50.03 64.01
N ALA M 146 74.86 -50.55 63.36
CA ALA M 146 74.93 -51.91 62.84
C ALA M 146 74.03 -52.03 61.62
N LEU M 147 74.57 -52.54 60.53
CA LEU M 147 73.76 -52.81 59.34
C LEU M 147 72.77 -53.93 59.65
N PRO M 148 71.51 -53.81 59.22
CA PRO M 148 70.51 -54.82 59.57
C PRO M 148 70.83 -56.17 58.96
N GLU M 149 70.43 -57.24 59.66
CA GLU M 149 70.61 -58.58 59.14
C GLU M 149 69.71 -58.80 57.93
N GLY M 150 70.24 -59.51 56.92
CA GLY M 150 69.54 -59.71 55.69
C GLY M 150 69.66 -58.58 54.69
N LEU M 151 70.49 -57.57 54.98
CA LEU M 151 70.68 -56.45 54.06
C LEU M 151 71.30 -56.94 52.77
N VAL M 152 70.66 -56.63 51.64
CA VAL M 152 71.14 -57.00 50.32
C VAL M 152 71.33 -55.74 49.50
N VAL M 153 72.53 -55.56 48.95
CA VAL M 153 72.87 -54.41 48.13
C VAL M 153 73.31 -54.91 46.76
N ASP M 154 72.68 -54.39 45.70
CA ASP M 154 73.03 -54.76 44.35
C ASP M 154 74.15 -53.90 43.76
N GLY M 155 74.64 -52.92 44.51
CA GLY M 155 75.75 -52.10 44.06
C GLY M 155 76.91 -52.11 45.02
N ASN M 156 77.60 -50.99 45.16
CA ASN M 156 78.72 -50.87 46.08
C ASN M 156 78.25 -50.42 47.46
N LEU M 157 79.11 -50.64 48.45
CA LEU M 157 78.82 -50.27 49.83
C LEU M 157 79.85 -49.24 50.29
N TYR M 158 79.36 -48.11 50.80
CA TYR M 158 80.21 -47.04 51.32
C TYR M 158 79.92 -46.87 52.80
N ILE M 159 80.93 -47.08 53.65
CA ILE M 159 80.77 -46.96 55.09
C ILE M 159 81.86 -46.08 55.66
N GLY M 160 82.52 -45.31 54.80
CA GLY M 160 83.60 -44.43 55.23
C GLY M 160 83.18 -43.39 56.24
N GLY M 161 83.97 -43.24 57.31
CA GLY M 161 83.66 -42.24 58.32
C GLY M 161 82.48 -42.54 59.20
N SER M 162 81.90 -43.73 59.09
CA SER M 162 80.74 -44.10 59.88
C SER M 162 81.18 -44.76 61.19
N ALA M 163 80.20 -45.03 62.05
CA ALA M 163 80.45 -45.68 63.34
C ALA M 163 80.46 -47.20 63.24
N LEU M 164 80.29 -47.76 62.05
CA LEU M 164 80.24 -49.21 61.90
C LEU M 164 81.59 -49.84 62.26
N GLN M 165 81.52 -50.92 63.04
CA GLN M 165 82.68 -51.76 63.29
C GLN M 165 82.35 -53.24 63.21
N VAL M 166 81.08 -53.62 63.13
CA VAL M 166 80.67 -55.02 63.04
C VAL M 166 79.69 -55.16 61.88
N PHE M 167 79.93 -56.16 61.03
CA PHE M 167 79.07 -56.45 59.90
C PHE M 167 77.98 -57.44 60.30
N PRO M 168 76.86 -57.46 59.59
CA PRO M 168 75.84 -58.48 59.83
C PRO M 168 76.33 -59.86 59.42
N ASP M 169 75.70 -60.88 60.00
CA ASP M 169 76.12 -62.25 59.75
C ASP M 169 75.95 -62.62 58.28
N THR M 170 74.84 -62.23 57.66
CA THR M 170 74.60 -62.50 56.25
C THR M 170 74.23 -61.19 55.55
N MET M 171 74.96 -60.88 54.48
CA MET M 171 74.67 -59.71 53.66
C MET M 171 75.16 -60.00 52.25
N THR M 172 74.51 -59.36 51.28
CA THR M 172 74.83 -59.54 49.86
C THR M 172 75.15 -58.19 49.25
N VAL M 173 76.40 -58.00 48.85
CA VAL M 173 76.85 -56.79 48.18
C VAL M 173 77.35 -57.20 46.80
N LYS M 174 76.55 -56.95 45.77
CA LYS M 174 76.94 -57.33 44.41
C LYS M 174 78.18 -56.58 43.93
N GLY M 175 78.46 -55.40 44.50
CA GLY M 175 79.60 -54.62 44.13
C GLY M 175 80.75 -54.76 45.11
N ASN M 176 81.62 -53.75 45.10
CA ASN M 176 82.78 -53.74 45.97
C ASN M 176 82.46 -52.97 47.26
N ILE M 177 82.78 -53.58 48.40
CA ILE M 177 82.59 -52.92 49.69
C ILE M 177 83.78 -52.02 49.96
N PHE M 178 83.51 -50.75 50.23
CA PHE M 178 84.54 -49.77 50.55
C PHE M 178 84.45 -49.42 52.02
N LEU M 179 85.49 -49.75 52.78
CA LEU M 179 85.50 -49.51 54.22
C LEU M 179 85.66 -48.05 54.57
N GLY M 180 86.50 -47.31 53.83
CA GLY M 180 86.67 -45.90 54.08
C GLY M 180 87.45 -45.55 55.34
N GLY M 181 88.10 -46.53 55.96
CA GLY M 181 88.96 -46.24 57.10
C GLY M 181 88.60 -46.96 58.38
N ASN M 182 87.32 -47.17 58.63
CA ASN M 182 86.89 -47.83 59.85
C ASN M 182 87.37 -49.29 59.88
N LYS M 183 87.73 -49.74 61.07
CA LYS M 183 88.27 -51.08 61.25
C LYS M 183 87.13 -52.08 61.40
N ILE M 184 87.16 -53.13 60.58
CA ILE M 184 86.12 -54.16 60.61
C ILE M 184 86.63 -55.33 61.45
N THR M 185 85.95 -55.57 62.58
CA THR M 185 86.34 -56.63 63.49
C THR M 185 85.65 -57.96 63.19
N LYS M 186 84.46 -57.92 62.61
CA LYS M 186 83.69 -59.13 62.31
C LYS M 186 83.23 -59.08 60.85
N TRP M 187 83.41 -60.20 60.14
CA TRP M 187 83.01 -60.31 58.76
C TRP M 187 81.79 -61.23 58.62
N PRO M 188 80.95 -61.01 57.61
CA PRO M 188 79.79 -61.88 57.42
C PRO M 188 80.20 -63.32 57.14
N SER M 189 79.42 -64.25 57.69
CA SER M 189 79.67 -65.67 57.43
C SER M 189 79.25 -66.06 56.02
N ASN M 190 78.11 -65.56 55.54
CA ASN M 190 77.60 -65.83 54.21
C ASN M 190 77.60 -64.52 53.42
N LEU M 191 78.62 -64.32 52.60
CA LEU M 191 78.77 -63.10 51.82
C LEU M 191 79.19 -63.46 50.40
N THR M 192 78.34 -63.13 49.43
CA THR M 192 78.64 -63.32 48.01
C THR M 192 78.99 -61.96 47.43
N LEU M 193 80.28 -61.72 47.20
CA LEU M 193 80.78 -60.42 46.76
C LEU M 193 81.25 -60.53 45.31
N GLY M 194 80.71 -59.68 44.45
CA GLY M 194 81.15 -59.63 43.06
C GLY M 194 82.40 -58.82 42.82
N GLY M 195 82.88 -58.08 43.82
CA GLY M 195 84.06 -57.25 43.69
C GLY M 195 85.07 -57.57 44.78
N ALA M 196 85.65 -56.52 45.35
CA ALA M 196 86.64 -56.68 46.41
C ALA M 196 86.33 -55.77 47.58
N VAL M 197 87.25 -55.69 48.54
CA VAL M 197 87.10 -54.84 49.72
C VAL M 197 88.27 -53.86 49.73
N ALA M 198 87.97 -52.57 49.82
CA ALA M 198 88.97 -51.53 49.82
C ALA M 198 88.92 -50.73 51.11
N PRO M 199 90.07 -50.34 51.68
CA PRO M 199 90.11 -49.55 52.91
C PRO M 199 89.66 -48.10 52.71
N ASP N 82 121.24 -18.85 -14.34
CA ASP N 82 122.13 -17.77 -13.93
C ASP N 82 121.63 -17.13 -12.64
N TYR N 83 122.52 -16.45 -11.93
CA TYR N 83 122.13 -15.76 -10.71
C TYR N 83 121.17 -14.61 -11.02
N SER N 84 120.28 -14.34 -10.08
CA SER N 84 119.28 -13.29 -10.25
C SER N 84 119.95 -11.92 -10.32
N VAL N 85 119.20 -10.96 -10.86
CA VAL N 85 119.74 -9.60 -11.04
C VAL N 85 120.14 -9.01 -9.69
N THR N 86 119.33 -9.25 -8.65
CA THR N 86 119.64 -8.70 -7.34
C THR N 86 120.92 -9.29 -6.77
N LEU N 87 121.16 -10.58 -7.00
CA LEU N 87 122.35 -11.22 -6.47
C LEU N 87 123.61 -10.81 -7.23
N GLN N 88 123.54 -10.73 -8.55
CA GLN N 88 124.73 -10.41 -9.33
C GLN N 88 125.12 -8.95 -9.20
N ILE N 89 124.20 -8.08 -8.79
CA ILE N 89 124.58 -6.72 -8.40
C ILE N 89 125.34 -6.75 -7.08
N LEU N 90 124.91 -7.60 -6.16
CA LEU N 90 125.60 -7.74 -4.88
C LEU N 90 127.00 -8.32 -5.07
N ALA N 91 127.17 -9.20 -6.05
CA ALA N 91 128.47 -9.83 -6.27
C ALA N 91 129.50 -8.80 -6.73
N LEU N 92 129.17 -8.02 -7.75
CA LEU N 92 130.13 -7.04 -8.27
C LEU N 92 130.38 -5.93 -7.26
N MET N 93 129.37 -5.57 -6.48
CA MET N 93 129.54 -4.55 -5.45
C MET N 93 130.52 -5.00 -4.39
N THR N 94 130.46 -6.28 -3.99
CA THR N 94 131.36 -6.79 -2.96
C THR N 94 132.81 -6.81 -3.45
N MET N 95 133.04 -7.39 -4.63
CA MET N 95 134.39 -7.45 -5.17
C MET N 95 134.90 -6.09 -5.64
N LEU N 96 134.03 -5.09 -5.72
CA LEU N 96 134.50 -3.73 -6.01
C LEU N 96 135.36 -3.19 -4.89
N GLY N 97 135.15 -3.68 -3.66
CA GLY N 97 135.97 -3.33 -2.52
C GLY N 97 137.23 -4.15 -2.36
N PHE N 98 137.40 -5.19 -3.17
CA PHE N 98 138.63 -5.98 -3.18
C PHE N 98 139.61 -5.50 -4.24
N LEU N 99 139.32 -4.37 -4.89
CA LEU N 99 140.23 -3.85 -5.90
C LEU N 99 141.63 -3.55 -5.36
N PRO N 100 141.81 -2.95 -4.18
CA PRO N 100 143.18 -2.84 -3.64
C PRO N 100 143.85 -4.18 -3.44
N ALA N 101 143.09 -5.20 -3.03
CA ALA N 101 143.65 -6.53 -2.84
C ALA N 101 144.18 -7.09 -4.17
N MET N 102 143.41 -6.92 -5.24
CA MET N 102 143.82 -7.43 -6.54
C MET N 102 145.11 -6.75 -7.02
N VAL N 103 145.22 -5.44 -6.78
CA VAL N 103 146.38 -4.70 -7.26
C VAL N 103 147.66 -5.19 -6.59
N ILE N 104 147.62 -5.38 -5.27
CA ILE N 104 148.85 -5.62 -4.53
C ILE N 104 149.46 -6.97 -4.90
N LEU N 105 148.65 -8.01 -5.02
CA LEU N 105 149.16 -9.37 -5.19
C LEU N 105 148.92 -9.95 -6.58
N MET N 106 148.57 -9.14 -7.58
CA MET N 106 148.40 -9.73 -8.94
C MET N 106 149.08 -8.88 -10.00
N THR N 107 149.18 -7.57 -9.79
CA THR N 107 149.77 -6.70 -10.82
C THR N 107 151.15 -6.22 -10.37
N SER N 108 151.75 -5.35 -11.18
CA SER N 108 153.12 -4.90 -11.00
C SER N 108 153.29 -3.86 -9.90
N PHE N 109 152.29 -3.69 -9.02
CA PHE N 109 152.42 -2.72 -7.94
C PHE N 109 153.46 -3.17 -6.92
N THR N 110 153.58 -4.48 -6.69
CA THR N 110 154.44 -4.98 -5.62
C THR N 110 155.92 -4.72 -5.92
N ARG N 111 156.37 -5.07 -7.13
CA ARG N 111 157.79 -4.96 -7.43
C ARG N 111 158.28 -3.51 -7.39
N ILE N 112 157.49 -2.59 -7.95
CA ILE N 112 157.92 -1.20 -8.04
C ILE N 112 158.03 -0.58 -6.66
N VAL N 113 157.07 -0.84 -5.78
CA VAL N 113 157.08 -0.25 -4.44
C VAL N 113 158.30 -0.71 -3.66
N VAL N 114 158.61 -2.02 -3.72
CA VAL N 114 159.76 -2.54 -2.99
C VAL N 114 161.05 -1.93 -3.51
N VAL N 115 161.20 -1.85 -4.84
CA VAL N 115 162.40 -1.23 -5.42
C VAL N 115 162.48 0.24 -5.02
N MET N 116 161.33 0.94 -5.04
CA MET N 116 161.31 2.33 -4.59
C MET N 116 161.70 2.44 -3.12
N SER N 117 161.19 1.53 -2.29
CA SER N 117 161.51 1.57 -0.86
C SER N 117 162.99 1.26 -0.61
N ILE N 118 163.55 0.29 -1.34
CA ILE N 118 164.95 -0.05 -1.17
C ILE N 118 165.84 1.12 -1.58
N LEU N 119 165.52 1.76 -2.71
CA LEU N 119 166.33 2.89 -3.16
C LEU N 119 166.19 4.08 -2.22
N ARG N 120 165.02 4.27 -1.61
CA ARG N 120 164.85 5.33 -0.64
C ARG N 120 165.78 5.14 0.55
N GLN N 121 165.91 3.90 1.03
CA GLN N 121 166.85 3.61 2.11
C GLN N 121 168.30 3.70 1.66
N ALA N 122 168.56 3.63 0.35
CA ALA N 122 169.94 3.69 -0.13
C ALA N 122 170.55 5.06 0.13
N MET N 123 169.83 6.13 -0.19
CA MET N 123 170.31 7.47 0.13
C MET N 123 170.11 7.76 1.62
N GLY N 124 170.82 8.78 2.10
CA GLY N 124 170.73 9.14 3.51
C GLY N 124 169.38 9.67 3.93
N LEU N 125 168.59 10.16 2.99
CA LEU N 125 167.24 10.63 3.30
C LEU N 125 166.37 9.45 3.68
N GLN N 126 165.59 9.62 4.76
CA GLN N 126 164.77 8.53 5.28
C GLN N 126 163.37 8.51 4.69
N GLN N 127 162.66 9.63 4.76
CA GLN N 127 161.30 9.71 4.21
C GLN N 127 161.11 10.95 3.36
N THR N 128 162.19 11.45 2.75
CA THR N 128 162.08 12.62 1.88
C THR N 128 161.16 12.37 0.68
N PRO N 129 161.27 11.27 -0.06
CA PRO N 129 160.28 11.00 -1.12
C PRO N 129 158.86 10.83 -0.60
N SER N 130 158.70 10.49 0.68
CA SER N 130 157.40 10.29 1.32
C SER N 130 156.68 9.07 0.76
N ASN N 131 155.81 8.45 1.57
CA ASN N 131 155.12 7.25 1.15
C ASN N 131 154.10 7.53 0.04
N GLN N 132 153.37 8.64 0.16
CA GLN N 132 152.31 8.93 -0.80
C GLN N 132 152.86 9.13 -2.21
N VAL N 133 153.99 9.83 -2.33
CA VAL N 133 154.59 10.04 -3.64
C VAL N 133 155.12 8.73 -4.21
N ILE N 134 155.69 7.88 -3.35
CA ILE N 134 156.17 6.57 -3.79
C ILE N 134 155.01 5.75 -4.35
N ILE N 135 153.88 5.76 -3.65
CA ILE N 135 152.71 5.02 -4.11
C ILE N 135 152.16 5.63 -5.40
N GLY N 136 152.11 6.96 -5.47
CA GLY N 136 151.55 7.61 -6.65
C GLY N 136 152.33 7.29 -7.91
N ILE N 137 153.65 7.22 -7.81
CA ILE N 137 154.46 6.85 -8.97
C ILE N 137 154.20 5.39 -9.34
N ALA N 138 154.08 4.52 -8.34
CA ALA N 138 153.84 3.10 -8.61
C ALA N 138 152.49 2.89 -9.28
N LEU N 139 151.47 3.63 -8.85
CA LEU N 139 150.14 3.49 -9.44
C LEU N 139 150.14 3.91 -10.90
N PHE N 140 150.85 4.98 -11.24
CA PHE N 140 150.97 5.38 -12.63
C PHE N 140 151.78 4.36 -13.43
N LEU N 141 152.87 3.85 -12.84
CA LEU N 141 153.68 2.86 -13.54
C LEU N 141 152.93 1.55 -13.75
N THR N 142 152.21 1.08 -12.73
CA THR N 142 151.49 -0.19 -12.85
C THR N 142 150.33 -0.10 -13.83
N PHE N 143 149.94 1.10 -14.24
CA PHE N 143 148.90 1.25 -15.25
C PHE N 143 149.49 1.27 -16.65
N PHE N 144 150.61 1.98 -16.84
CA PHE N 144 151.27 1.99 -18.14
C PHE N 144 151.85 0.62 -18.49
N VAL N 145 152.52 -0.03 -17.53
CA VAL N 145 153.17 -1.31 -17.80
C VAL N 145 152.13 -2.41 -18.02
N MET N 146 151.12 -2.46 -17.16
CA MET N 146 150.09 -3.49 -17.26
C MET N 146 148.96 -3.11 -18.21
N SER N 147 149.14 -2.06 -19.00
CA SER N 147 148.14 -1.65 -19.96
C SER N 147 147.73 -2.75 -20.95
N PRO N 148 148.65 -3.57 -21.49
CA PRO N 148 148.18 -4.69 -22.33
C PRO N 148 147.26 -5.65 -21.61
N VAL N 149 147.47 -5.86 -20.31
CA VAL N 149 146.59 -6.75 -19.54
C VAL N 149 145.19 -6.17 -19.48
N LEU N 150 145.07 -4.87 -19.20
CA LEU N 150 143.74 -4.24 -19.11
C LEU N 150 143.04 -4.23 -20.45
N ASN N 151 143.81 -4.12 -21.55
CA ASN N 151 143.19 -4.13 -22.87
C ASN N 151 142.53 -5.46 -23.17
N GLU N 152 143.21 -6.56 -22.86
CA GLU N 152 142.67 -7.89 -23.14
C GLU N 152 141.45 -8.18 -22.26
N ILE N 153 141.49 -7.77 -20.99
CA ILE N 153 140.36 -7.97 -20.09
C ILE N 153 139.14 -7.22 -20.59
N ASN N 154 139.34 -5.98 -21.05
CA ASN N 154 138.23 -5.15 -21.52
C ASN N 154 137.56 -5.79 -22.74
N ASP N 155 138.35 -6.14 -23.76
CA ASP N 155 137.77 -6.61 -25.01
C ASP N 155 137.28 -8.05 -24.93
N LYS N 156 137.75 -8.84 -23.97
CA LYS N 156 137.37 -10.24 -23.86
C LYS N 156 136.33 -10.50 -22.78
N ALA N 157 136.26 -9.65 -21.76
CA ALA N 157 135.33 -9.86 -20.66
C ALA N 157 134.31 -8.73 -20.51
N VAL N 158 134.77 -7.49 -20.50
CA VAL N 158 133.85 -6.37 -20.30
C VAL N 158 132.93 -6.20 -21.50
N GLN N 159 133.51 -6.19 -22.71
CA GLN N 159 132.69 -5.96 -23.89
C GLN N 159 131.65 -7.05 -24.13
N PRO N 160 131.98 -8.35 -24.07
CA PRO N 160 130.94 -9.36 -24.27
C PRO N 160 129.83 -9.30 -23.24
N TYR N 161 130.13 -8.92 -22.01
CA TYR N 161 129.11 -8.88 -20.96
C TYR N 161 128.12 -7.75 -21.20
N LEU N 162 128.60 -6.60 -21.66
CA LEU N 162 127.72 -5.46 -21.88
C LEU N 162 126.83 -5.66 -23.12
N ASN N 163 127.22 -6.55 -24.03
CA ASN N 163 126.43 -6.85 -25.21
C ASN N 163 125.54 -8.08 -25.01
N GLU N 164 125.49 -8.61 -23.79
CA GLU N 164 124.73 -9.82 -23.47
C GLU N 164 125.19 -11.03 -24.29
N GLN N 165 126.44 -10.98 -24.76
CA GLN N 165 127.02 -12.09 -25.51
C GLN N 165 127.65 -13.14 -24.60
N VAL N 166 127.68 -12.89 -23.29
CA VAL N 166 128.33 -13.79 -22.34
C VAL N 166 127.68 -13.61 -20.99
N THR N 167 127.73 -14.66 -20.17
CA THR N 167 127.09 -14.65 -18.87
C THR N 167 128.06 -14.14 -17.80
N ALA N 168 127.59 -14.11 -16.55
CA ALA N 168 128.39 -13.54 -15.47
C ALA N 168 129.63 -14.39 -15.19
N ARG N 169 129.43 -15.71 -15.00
CA ARG N 169 130.56 -16.58 -14.67
C ARG N 169 131.57 -16.66 -15.82
N GLU N 170 131.08 -16.77 -17.05
CA GLU N 170 131.97 -16.85 -18.20
C GLU N 170 132.78 -15.55 -18.38
N ALA N 171 132.14 -14.40 -18.15
CA ALA N 171 132.86 -13.13 -18.24
C ALA N 171 133.93 -13.05 -17.17
N PHE N 172 133.63 -13.49 -15.95
CA PHE N 172 134.63 -13.47 -14.88
C PHE N 172 135.80 -14.39 -15.21
N ASP N 173 135.51 -15.57 -15.76
CA ASP N 173 136.58 -16.47 -16.18
C ASP N 173 137.37 -15.88 -17.34
N ALA N 174 136.68 -15.17 -18.24
CA ALA N 174 137.35 -14.55 -19.38
C ALA N 174 138.30 -13.43 -18.94
N ALA N 175 138.13 -12.90 -17.73
CA ALA N 175 139.05 -11.88 -17.23
C ALA N 175 140.24 -12.50 -16.51
N GLN N 176 140.05 -13.68 -15.91
CA GLN N 176 141.15 -14.33 -15.20
C GLN N 176 142.27 -14.74 -16.15
N ALA N 177 141.91 -15.24 -17.34
CA ALA N 177 142.90 -15.77 -18.27
C ALA N 177 143.97 -14.76 -18.68
N PRO N 178 143.63 -13.52 -19.08
CA PRO N 178 144.70 -12.56 -19.39
C PRO N 178 145.58 -12.24 -18.20
N MET N 179 145.02 -12.17 -16.98
CA MET N 179 145.80 -11.88 -15.80
C MET N 179 146.60 -13.09 -15.31
N LYS N 180 146.06 -14.29 -15.47
CA LYS N 180 146.80 -15.49 -15.08
C LYS N 180 147.99 -15.71 -16.00
N ALA N 181 147.84 -15.38 -17.28
CA ALA N 181 148.95 -15.50 -18.22
C ALA N 181 150.07 -14.53 -17.88
N PHE N 182 149.73 -13.29 -17.52
CA PHE N 182 150.74 -12.31 -17.16
C PHE N 182 151.50 -12.73 -15.90
N MET N 183 150.77 -13.22 -14.89
CA MET N 183 151.42 -13.65 -13.66
C MET N 183 152.29 -14.88 -13.88
N LEU N 184 151.86 -15.79 -14.75
CA LEU N 184 152.61 -17.03 -14.98
C LEU N 184 153.96 -16.74 -15.63
N LYS N 185 154.02 -15.78 -16.54
CA LYS N 185 155.26 -15.48 -17.25
C LYS N 185 156.23 -14.63 -16.44
N GLN N 186 155.79 -14.05 -15.32
CA GLN N 186 156.60 -13.13 -14.53
C GLN N 186 157.04 -13.77 -13.22
N THR N 187 157.03 -15.10 -13.17
CA THR N 187 157.45 -15.83 -11.98
C THR N 187 158.64 -16.71 -12.32
N ARG N 188 159.21 -17.33 -11.30
CA ARG N 188 160.37 -18.19 -11.45
C ARG N 188 159.94 -19.66 -11.42
N ILE N 189 160.59 -20.46 -12.26
CA ILE N 189 160.22 -21.90 -12.33
C ILE N 189 160.43 -22.46 -10.94
N LYS N 190 161.59 -22.21 -10.34
CA LYS N 190 161.91 -22.83 -9.06
C LYS N 190 160.84 -22.55 -8.02
N ASP N 191 160.33 -21.32 -7.98
CA ASP N 191 159.29 -20.97 -7.02
C ASP N 191 158.00 -21.74 -7.30
N LEU N 192 157.61 -21.85 -8.56
CA LEU N 192 156.41 -22.62 -8.91
C LEU N 192 156.60 -24.09 -8.59
N GLU N 193 157.79 -24.63 -8.85
CA GLU N 193 158.08 -26.01 -8.49
C GLU N 193 157.96 -26.22 -6.99
N THR N 194 158.45 -25.26 -6.21
CA THR N 194 158.32 -25.34 -4.76
C THR N 194 156.86 -25.30 -4.33
N PHE N 195 156.07 -24.41 -4.94
CA PHE N 195 154.71 -24.20 -4.47
C PHE N 195 153.79 -25.36 -4.86
N VAL N 196 153.98 -25.94 -6.04
CA VAL N 196 153.15 -27.09 -6.41
C VAL N 196 153.44 -28.27 -5.51
N THR N 197 154.69 -28.43 -5.08
CA THR N 197 155.02 -29.45 -4.08
C THR N 197 154.33 -29.17 -2.76
N MET N 198 154.33 -27.89 -2.33
CA MET N 198 153.70 -27.53 -1.07
C MET N 198 152.18 -27.62 -1.15
N SER N 199 151.60 -27.28 -2.29
CA SER N 199 150.15 -27.35 -2.45
C SER N 199 149.63 -28.77 -2.58
N GLY N 200 150.48 -29.73 -2.91
CA GLY N 200 150.07 -31.12 -3.02
C GLY N 200 149.10 -31.41 -4.15
N GLU N 201 149.30 -30.78 -5.30
CA GLU N 201 148.50 -31.04 -6.49
C GLU N 201 149.41 -31.49 -7.63
N GLN N 202 148.94 -32.47 -8.39
CA GLN N 202 149.70 -33.06 -9.49
C GLN N 202 149.38 -32.30 -10.77
N VAL N 203 150.35 -31.53 -11.25
CA VAL N 203 150.23 -30.80 -12.51
C VAL N 203 151.48 -31.09 -13.34
N ASP N 204 151.26 -31.51 -14.59
CA ASP N 204 152.37 -31.97 -15.41
C ASP N 204 153.14 -30.83 -16.07
N ASN N 205 152.49 -29.72 -16.36
CA ASN N 205 153.14 -28.63 -17.09
C ASN N 205 152.97 -27.32 -16.35
N PRO N 206 153.94 -26.40 -16.48
CA PRO N 206 153.84 -25.13 -15.73
C PRO N 206 152.65 -24.28 -16.11
N GLU N 207 152.19 -24.33 -17.35
CA GLU N 207 151.15 -23.41 -17.82
C GLU N 207 149.74 -23.85 -17.43
N ASP N 208 149.60 -24.91 -16.64
CA ASP N 208 148.29 -25.38 -16.20
C ASP N 208 148.10 -25.28 -14.69
N VAL N 209 148.99 -24.59 -13.98
CA VAL N 209 148.87 -24.48 -12.53
C VAL N 209 147.66 -23.63 -12.17
N SER N 210 147.04 -23.96 -11.05
CA SER N 210 145.87 -23.22 -10.59
C SER N 210 146.28 -21.83 -10.09
N MET N 211 145.31 -20.91 -10.15
CA MET N 211 145.58 -19.55 -9.69
C MET N 211 145.76 -19.48 -8.19
N ALA N 212 145.17 -20.42 -7.45
CA ALA N 212 145.32 -20.45 -6.00
C ALA N 212 146.78 -20.61 -5.60
N VAL N 213 147.56 -21.37 -6.37
CA VAL N 213 148.98 -21.55 -6.09
C VAL N 213 149.85 -20.58 -6.90
N LEU N 214 149.33 -19.99 -7.96
CA LEU N 214 150.12 -19.07 -8.77
C LEU N 214 150.29 -17.71 -8.10
N ILE N 215 149.25 -17.25 -7.40
CA ILE N 215 149.33 -15.94 -6.73
C ILE N 215 150.46 -15.90 -5.68
N PRO N 216 150.53 -16.83 -4.73
CA PRO N 216 151.68 -16.79 -3.81
C PRO N 216 153.02 -17.00 -4.50
N ALA N 217 153.04 -17.80 -5.56
CA ALA N 217 154.29 -18.01 -6.30
C ALA N 217 154.70 -16.75 -7.03
N PHE N 218 153.74 -15.97 -7.52
CA PHE N 218 154.05 -14.74 -8.23
C PHE N 218 154.69 -13.71 -7.30
N ILE N 219 154.07 -13.46 -6.15
CA ILE N 219 154.59 -12.44 -5.24
C ILE N 219 155.91 -12.87 -4.62
N THR N 220 156.08 -14.17 -4.35
CA THR N 220 157.35 -14.66 -3.81
C THR N 220 158.48 -14.44 -4.81
N SER N 221 158.23 -14.71 -6.09
CA SER N 221 159.25 -14.49 -7.10
C SER N 221 159.48 -12.99 -7.33
N GLU N 222 158.41 -12.20 -7.32
CA GLU N 222 158.55 -10.76 -7.52
C GLU N 222 159.29 -10.11 -6.37
N LEU N 223 159.13 -10.64 -5.15
CA LEU N 223 159.90 -10.15 -4.02
C LEU N 223 161.40 -10.40 -4.22
N LYS N 224 161.75 -11.60 -4.68
CA LYS N 224 163.16 -11.90 -4.95
C LYS N 224 163.71 -10.99 -6.04
N THR N 225 162.92 -10.78 -7.11
CA THR N 225 163.36 -9.89 -8.18
C THR N 225 163.54 -8.46 -7.69
N ALA N 226 162.59 -7.98 -6.88
CA ALA N 226 162.68 -6.61 -6.37
C ALA N 226 163.89 -6.44 -5.45
N PHE N 227 164.14 -7.44 -4.59
CA PHE N 227 165.30 -7.37 -3.70
C PHE N 227 166.59 -7.42 -4.49
N GLN N 228 166.68 -8.28 -5.51
CA GLN N 228 167.90 -8.37 -6.31
C GLN N 228 168.12 -7.11 -7.12
N ILE N 229 167.06 -6.54 -7.70
CA ILE N 229 167.20 -5.29 -8.44
C ILE N 229 167.53 -4.14 -7.49
N GLY N 230 166.83 -4.08 -6.35
CA GLY N 230 167.00 -2.95 -5.45
C GLY N 230 168.39 -2.89 -4.83
N PHE N 231 168.92 -4.04 -4.41
CA PHE N 231 170.22 -4.04 -3.75
C PHE N 231 171.37 -3.77 -4.72
N MET N 232 171.19 -4.08 -6.01
CA MET N 232 172.18 -3.66 -6.99
C MET N 232 172.23 -2.15 -7.13
N LEU N 233 171.06 -1.49 -7.03
CA LEU N 233 171.05 -0.03 -6.99
C LEU N 233 171.69 0.48 -5.70
N PHE N 234 171.64 -0.33 -4.64
CA PHE N 234 172.25 0.06 -3.36
C PHE N 234 173.77 0.12 -3.48
N LEU N 235 174.36 -0.74 -4.31
CA LEU N 235 175.81 -0.86 -4.38
C LEU N 235 176.54 0.43 -4.73
N PRO N 236 176.15 1.20 -5.76
CA PRO N 236 176.87 2.47 -6.01
C PRO N 236 176.81 3.44 -4.86
N PHE N 237 175.69 3.50 -4.12
CA PHE N 237 175.61 4.37 -2.96
C PHE N 237 176.41 3.83 -1.78
N LEU N 238 176.62 2.51 -1.72
CA LEU N 238 177.51 1.95 -0.70
C LEU N 238 178.97 2.19 -1.07
N ILE N 239 179.27 2.29 -2.37
CA ILE N 239 180.64 2.59 -2.79
C ILE N 239 181.05 3.96 -2.31
N ILE N 240 180.16 4.95 -2.44
CA ILE N 240 180.46 6.31 -1.99
C ILE N 240 180.72 6.32 -0.49
N ASP N 241 179.91 5.60 0.28
CA ASP N 241 180.05 5.57 1.73
C ASP N 241 181.42 5.02 2.13
N LEU N 242 181.84 3.92 1.50
CA LEU N 242 183.12 3.32 1.85
C LEU N 242 184.28 4.22 1.46
N VAL N 243 184.19 4.90 0.32
CA VAL N 243 185.28 5.78 -0.11
C VAL N 243 185.45 6.94 0.86
N VAL N 244 184.35 7.63 1.18
CA VAL N 244 184.45 8.81 2.03
C VAL N 244 184.83 8.43 3.46
N ALA N 245 184.33 7.30 3.96
CA ALA N 245 184.65 6.88 5.31
C ALA N 245 186.13 6.55 5.45
N SER N 246 186.69 5.84 4.46
CA SER N 246 188.11 5.52 4.51
C SER N 246 188.97 6.76 4.40
N VAL N 247 188.55 7.72 3.58
CA VAL N 247 189.30 8.97 3.44
C VAL N 247 189.32 9.74 4.75
N LEU N 248 188.17 9.82 5.42
CA LEU N 248 188.11 10.50 6.72
C LEU N 248 188.96 9.78 7.76
N MET N 249 188.95 8.45 7.75
CA MET N 249 189.78 7.69 8.68
C MET N 249 191.25 7.76 8.32
N ALA N 250 191.58 8.12 7.08
CA ALA N 250 192.98 8.23 6.68
C ALA N 250 193.68 9.37 7.41
N MET N 251 192.97 10.47 7.64
CA MET N 251 193.55 11.65 8.28
C MET N 251 193.45 11.61 9.79
N GLY N 252 192.95 10.52 10.37
CA GLY N 252 192.77 10.42 11.81
C GLY N 252 191.49 11.03 12.33
N MET N 253 190.64 11.57 11.46
CA MET N 253 189.36 12.15 11.86
C MET N 253 188.35 11.03 12.12
N MET N 254 188.62 10.27 13.19
CA MET N 254 187.83 9.10 13.50
C MET N 254 186.47 9.45 14.11
N MET N 255 186.28 10.68 14.56
CA MET N 255 185.03 11.05 15.21
C MET N 255 184.02 11.66 14.26
N LEU N 256 184.46 12.18 13.12
CA LEU N 256 183.55 12.75 12.13
C LEU N 256 182.71 11.62 11.53
N SER N 257 181.39 11.76 11.61
CA SER N 257 180.50 10.72 11.09
C SER N 257 180.52 10.76 9.57
N PRO N 258 180.90 9.66 8.90
CA PRO N 258 180.94 9.68 7.43
C PRO N 258 179.57 9.83 6.78
N MET N 259 178.49 9.50 7.48
CA MET N 259 177.16 9.52 6.87
C MET N 259 176.73 10.92 6.50
N ILE N 260 177.01 11.91 7.35
CA ILE N 260 176.64 13.28 7.04
C ILE N 260 177.51 13.83 5.92
N VAL N 261 178.77 13.39 5.83
CA VAL N 261 179.64 13.82 4.74
C VAL N 261 179.24 13.15 3.43
N SER N 262 178.85 11.88 3.49
CA SER N 262 178.50 11.15 2.28
C SER N 262 177.15 11.57 1.71
N LEU N 263 176.27 12.12 2.54
CA LEU N 263 174.93 12.47 2.09
C LEU N 263 174.89 13.42 0.90
N PRO N 264 175.64 14.53 0.86
CA PRO N 264 175.62 15.36 -0.35
C PRO N 264 176.08 14.64 -1.60
N PHE N 265 177.06 13.74 -1.47
CA PHE N 265 177.57 13.03 -2.64
C PHE N 265 176.63 11.91 -3.07
N LYS N 266 175.90 11.31 -2.13
CA LYS N 266 174.92 10.29 -2.50
C LYS N 266 173.82 10.88 -3.36
N LEU N 267 173.34 12.08 -3.01
CA LEU N 267 172.32 12.74 -3.83
C LEU N 267 172.85 13.11 -5.20
N MET N 268 174.10 13.56 -5.27
CA MET N 268 174.67 13.97 -6.55
C MET N 268 174.80 12.80 -7.51
N LEU N 269 175.21 11.63 -7.01
CA LEU N 269 175.32 10.47 -7.89
C LEU N 269 173.99 10.12 -8.53
N PHE N 270 172.90 10.20 -7.76
CA PHE N 270 171.59 9.84 -8.28
C PHE N 270 171.09 10.86 -9.31
N VAL N 271 171.43 12.14 -9.14
CA VAL N 271 170.92 13.15 -10.07
C VAL N 271 171.79 13.23 -11.32
N LEU N 272 173.09 12.90 -11.21
CA LEU N 272 173.96 12.96 -12.38
C LEU N 272 173.63 11.86 -13.38
N VAL N 273 173.18 10.70 -12.89
CA VAL N 273 172.89 9.57 -13.76
C VAL N 273 171.44 9.62 -14.20
N ASP N 274 170.74 10.69 -13.84
CA ASP N 274 169.29 10.81 -14.06
C ASP N 274 168.56 9.59 -13.50
N GLY N 275 168.71 9.41 -12.18
CA GLY N 275 168.26 8.18 -11.56
C GLY N 275 166.76 7.98 -11.65
N TRP N 276 165.99 9.05 -11.45
CA TRP N 276 164.53 8.93 -11.43
C TRP N 276 163.97 8.50 -12.79
N ASN N 277 164.73 8.70 -13.87
CA ASN N 277 164.31 8.20 -15.18
C ASN N 277 164.93 6.85 -15.49
N LEU N 278 166.13 6.58 -14.96
CA LEU N 278 166.84 5.34 -15.29
C LEU N 278 166.18 4.13 -14.65
N ILE N 279 165.81 4.23 -13.37
CA ILE N 279 165.22 3.09 -12.68
C ILE N 279 163.83 2.79 -13.24
N LEU N 280 163.04 3.84 -13.54
CA LEU N 280 161.69 3.62 -14.03
C LEU N 280 161.70 3.05 -15.43
N SER N 281 162.62 3.49 -16.28
CA SER N 281 162.72 2.93 -17.63
C SER N 281 163.05 1.44 -17.58
N THR N 282 164.01 1.05 -16.74
CA THR N 282 164.35 -0.36 -16.61
C THR N 282 163.22 -1.14 -15.95
N LEU N 283 162.58 -0.55 -14.94
CA LEU N 283 161.47 -1.24 -14.28
C LEU N 283 160.31 -1.47 -15.24
N ALA N 284 160.01 -0.48 -16.08
CA ALA N 284 158.96 -0.65 -17.09
C ALA N 284 159.34 -1.72 -18.10
N GLY N 285 160.60 -1.71 -18.56
CA GLY N 285 161.05 -2.70 -19.53
C GLY N 285 161.36 -4.05 -18.92
N SER N 286 161.45 -4.14 -17.59
CA SER N 286 161.73 -5.42 -16.95
C SER N 286 160.60 -6.41 -17.14
N PHE N 287 159.35 -5.95 -17.08
CA PHE N 287 158.19 -6.81 -17.20
C PHE N 287 158.06 -7.27 -18.66
N ALA N 288 158.34 -8.55 -18.90
CA ALA N 288 158.27 -9.16 -20.22
C ALA N 288 159.12 -8.39 -21.24
N GLU O 81 125.63 18.39 -23.75
CA GLU O 81 124.62 18.17 -22.74
C GLU O 81 125.20 18.32 -21.33
N ASP O 82 124.87 19.42 -20.68
CA ASP O 82 125.38 19.69 -19.34
C ASP O 82 124.87 18.65 -18.35
N TYR O 83 125.71 18.30 -17.38
CA TYR O 83 125.31 17.33 -16.36
C TYR O 83 124.25 17.93 -15.44
N SER O 84 123.49 17.04 -14.81
CA SER O 84 122.49 17.47 -13.84
C SER O 84 123.16 18.08 -12.62
N VAL O 85 122.39 18.86 -11.87
CA VAL O 85 122.93 19.55 -10.70
C VAL O 85 123.43 18.54 -9.67
N THR O 86 122.72 17.42 -9.51
CA THR O 86 123.12 16.42 -8.54
C THR O 86 124.48 15.81 -8.89
N LEU O 87 124.70 15.52 -10.17
CA LEU O 87 126.00 14.97 -10.58
C LEU O 87 127.11 16.01 -10.42
N GLN O 88 126.83 17.27 -10.75
CA GLN O 88 127.85 18.31 -10.62
C GLN O 88 128.27 18.49 -9.17
N ILE O 89 127.31 18.46 -8.25
CA ILE O 89 127.65 18.50 -6.82
C ILE O 89 128.49 17.29 -6.44
N LEU O 90 128.10 16.11 -6.92
CA LEU O 90 128.86 14.90 -6.61
C LEU O 90 130.22 14.92 -7.26
N ALA O 91 130.36 15.61 -8.40
CA ALA O 91 131.63 15.64 -9.11
C ALA O 91 132.66 16.50 -8.38
N LEU O 92 132.26 17.68 -7.92
CA LEU O 92 133.21 18.57 -7.26
C LEU O 92 133.37 18.28 -5.78
N MET O 93 132.46 17.48 -5.19
CA MET O 93 132.71 16.99 -3.84
C MET O 93 133.77 15.90 -3.84
N THR O 94 133.96 15.24 -4.99
CA THR O 94 135.03 14.26 -5.12
C THR O 94 136.39 14.95 -5.23
N MET O 95 136.42 16.17 -5.79
CA MET O 95 137.68 16.91 -5.89
C MET O 95 138.26 17.21 -4.52
N LEU O 96 137.39 17.49 -3.54
CA LEU O 96 137.86 17.70 -2.17
C LEU O 96 138.52 16.44 -1.62
N GLY O 97 138.02 15.26 -2.00
CA GLY O 97 138.65 14.03 -1.55
C GLY O 97 140.07 13.87 -2.08
N PHE O 98 140.28 14.26 -3.34
CA PHE O 98 141.59 14.17 -3.97
C PHE O 98 142.43 15.42 -3.77
N LEU O 99 141.96 16.37 -2.97
CA LEU O 99 142.72 17.60 -2.72
C LEU O 99 144.11 17.36 -2.13
N PRO O 100 144.30 16.50 -1.13
CA PRO O 100 145.67 16.24 -0.66
C PRO O 100 146.59 15.70 -1.73
N ALA O 101 146.07 14.86 -2.64
CA ALA O 101 146.89 14.32 -3.71
C ALA O 101 147.36 15.43 -4.65
N MET O 102 146.48 16.40 -4.95
CA MET O 102 146.87 17.48 -5.84
C MET O 102 148.01 18.31 -5.26
N VAL O 103 147.96 18.57 -3.95
CA VAL O 103 148.99 19.38 -3.31
C VAL O 103 150.34 18.68 -3.38
N ILE O 104 150.37 17.38 -3.09
CA ILE O 104 151.65 16.68 -3.00
C ILE O 104 152.21 16.31 -4.37
N LEU O 105 151.38 16.34 -5.42
CA LEU O 105 151.80 15.92 -6.74
C LEU O 105 151.82 17.05 -7.76
N MET O 106 150.73 17.79 -7.91
CA MET O 106 150.59 18.75 -8.99
C MET O 106 151.02 20.17 -8.60
N THR O 107 151.45 20.39 -7.38
CA THR O 107 151.79 21.73 -6.90
C THR O 107 153.27 21.82 -6.56
N SER O 108 153.65 22.95 -5.97
CA SER O 108 155.02 23.23 -5.56
C SER O 108 155.33 22.74 -4.15
N PHE O 109 154.36 22.08 -3.48
CA PHE O 109 154.56 21.65 -2.11
C PHE O 109 155.66 20.61 -2.00
N THR O 110 155.87 19.82 -3.05
CA THR O 110 156.85 18.74 -3.00
C THR O 110 158.27 19.28 -2.90
N ARG O 111 158.62 20.21 -3.79
CA ARG O 111 160.00 20.71 -3.82
C ARG O 111 160.35 21.48 -2.55
N ILE O 112 159.43 22.32 -2.07
CA ILE O 112 159.71 23.17 -0.92
C ILE O 112 159.98 22.33 0.33
N VAL O 113 159.19 21.28 0.53
CA VAL O 113 159.39 20.40 1.69
C VAL O 113 160.74 19.71 1.60
N VAL O 114 161.08 19.20 0.41
CA VAL O 114 162.33 18.46 0.25
C VAL O 114 163.53 19.36 0.52
N VAL O 115 163.53 20.57 -0.03
CA VAL O 115 164.68 21.46 0.14
C VAL O 115 164.87 21.81 1.60
N MET O 116 163.77 22.12 2.30
CA MET O 116 163.89 22.43 3.73
C MET O 116 164.22 21.19 4.54
N SER O 117 163.82 20.01 4.08
CA SER O 117 164.19 18.78 4.77
C SER O 117 165.69 18.52 4.66
N ILE O 118 166.26 18.72 3.47
CA ILE O 118 167.71 18.56 3.30
C ILE O 118 168.44 19.68 4.03
N LEU O 119 167.89 20.89 4.02
CA LEU O 119 168.51 22.00 4.75
C LEU O 119 168.57 21.71 6.24
N ARG O 120 167.52 21.12 6.80
CA ARG O 120 167.54 20.75 8.21
C ARG O 120 168.62 19.73 8.50
N GLN O 121 168.77 18.73 7.64
CA GLN O 121 169.82 17.73 7.82
C GLN O 121 171.21 18.31 7.64
N ALA O 122 171.35 19.38 6.85
CA ALA O 122 172.66 20.00 6.67
C ALA O 122 173.18 20.58 7.97
N MET O 123 172.32 21.22 8.75
CA MET O 123 172.72 21.73 10.06
C MET O 123 172.69 20.61 11.09
N GLY O 124 173.37 20.85 12.21
CA GLY O 124 173.51 19.83 13.22
C GLY O 124 172.20 19.41 13.87
N LEU O 125 171.26 20.36 14.01
CA LEU O 125 169.99 20.06 14.65
C LEU O 125 169.23 18.98 13.88
N GLN O 126 168.75 17.98 14.60
CA GLN O 126 168.10 16.84 13.96
C GLN O 126 166.66 17.17 13.56
N GLN O 127 165.86 17.60 14.52
CA GLN O 127 164.44 17.87 14.29
C GLN O 127 163.98 19.15 14.97
N THR O 128 164.89 20.11 15.12
CA THR O 128 164.54 21.38 15.74
C THR O 128 163.49 22.17 14.96
N PRO O 129 163.61 22.36 13.64
CA PRO O 129 162.55 23.10 12.93
C PRO O 129 161.20 22.41 12.96
N SER O 130 161.15 21.10 13.26
CA SER O 130 159.93 20.33 13.39
C SER O 130 159.19 20.15 12.07
N ASN O 131 158.48 19.03 11.93
CA ASN O 131 157.80 18.75 10.67
C ASN O 131 156.62 19.69 10.44
N GLN O 132 155.85 19.98 11.50
CA GLN O 132 154.66 20.81 11.34
C GLN O 132 155.02 22.23 10.92
N VAL O 133 156.07 22.80 11.50
CA VAL O 133 156.49 24.14 11.11
C VAL O 133 157.02 24.14 9.69
N ILE O 134 157.72 23.09 9.29
CA ILE O 134 158.22 22.97 7.91
C ILE O 134 157.04 22.93 6.94
N ILE O 135 156.02 22.13 7.27
CA ILE O 135 154.84 22.05 6.41
C ILE O 135 154.09 23.37 6.41
N GLY O 136 154.03 24.04 7.56
CA GLY O 136 153.31 25.31 7.63
C GLY O 136 153.90 26.37 6.74
N ILE O 137 155.23 26.52 6.77
CA ILE O 137 155.89 27.48 5.90
C ILE O 137 155.74 27.06 4.44
N ALA O 138 155.80 25.75 4.18
CA ALA O 138 155.65 25.27 2.81
C ALA O 138 154.25 25.55 2.27
N LEU O 139 153.22 25.40 3.11
CA LEU O 139 151.86 25.69 2.67
C LEU O 139 151.68 27.16 2.32
N PHE O 140 152.26 28.05 3.12
CA PHE O 140 152.22 29.48 2.79
C PHE O 140 153.01 29.77 1.51
N LEU O 141 154.15 29.11 1.34
CA LEU O 141 154.96 29.34 0.15
C LEU O 141 154.26 28.82 -1.11
N THR O 142 153.67 27.62 -1.04
CA THR O 142 152.99 27.08 -2.20
C THR O 142 151.71 27.83 -2.54
N PHE O 143 151.13 28.51 -1.54
CA PHE O 143 149.95 29.34 -1.81
C PHE O 143 150.34 30.61 -2.55
N PHE O 144 151.50 31.20 -2.20
CA PHE O 144 151.90 32.46 -2.81
C PHE O 144 152.42 32.27 -4.23
N VAL O 145 153.06 31.14 -4.51
CA VAL O 145 153.59 30.91 -5.85
C VAL O 145 152.53 30.37 -6.81
N MET O 146 151.48 29.76 -6.30
CA MET O 146 150.39 29.26 -7.14
C MET O 146 149.24 30.23 -7.26
N SER O 147 149.35 31.43 -6.69
CA SER O 147 148.30 32.42 -6.84
C SER O 147 148.02 32.81 -8.30
N PRO O 148 149.01 33.04 -9.16
CA PRO O 148 148.67 33.33 -10.57
C PRO O 148 147.87 32.23 -11.25
N VAL O 149 148.20 30.96 -10.98
CA VAL O 149 147.45 29.86 -11.57
C VAL O 149 146.07 29.76 -10.95
N LEU O 150 145.97 29.97 -9.63
CA LEU O 150 144.66 29.98 -8.98
C LEU O 150 143.80 31.15 -9.48
N ASN O 151 144.41 32.33 -9.64
CA ASN O 151 143.68 33.47 -10.18
C ASN O 151 143.24 33.20 -11.60
N GLU O 152 144.09 32.58 -12.41
CA GLU O 152 143.72 32.25 -13.78
C GLU O 152 142.57 31.26 -13.83
N ILE O 153 142.57 30.27 -12.91
CA ILE O 153 141.46 29.33 -12.86
C ILE O 153 140.15 30.05 -12.55
N ASN O 154 140.18 30.94 -11.55
CA ASN O 154 138.97 31.68 -11.19
C ASN O 154 138.50 32.57 -12.33
N ASP O 155 139.43 33.28 -12.98
CA ASP O 155 139.08 34.25 -14.00
C ASP O 155 138.83 33.63 -15.37
N LYS O 156 139.08 32.33 -15.54
CA LYS O 156 138.80 31.64 -16.79
C LYS O 156 137.74 30.57 -16.66
N ALA O 157 137.63 29.91 -15.51
CA ALA O 157 136.72 28.79 -15.34
C ALA O 157 135.66 29.04 -14.27
N VAL O 158 136.05 29.49 -13.08
CA VAL O 158 135.09 29.62 -11.99
C VAL O 158 134.07 30.70 -12.28
N GLN O 159 134.53 31.88 -12.69
CA GLN O 159 133.60 32.99 -12.95
C GLN O 159 132.64 32.71 -14.10
N PRO O 160 133.09 32.21 -15.27
CA PRO O 160 132.10 31.83 -16.29
C PRO O 160 131.14 30.75 -15.84
N TYR O 161 131.61 29.81 -15.02
CA TYR O 161 130.73 28.75 -14.54
C TYR O 161 129.68 29.29 -13.57
N LEU O 162 130.08 30.21 -12.70
CA LEU O 162 129.11 30.82 -11.78
C LEU O 162 128.14 31.74 -12.50
N ASN O 163 128.57 32.33 -13.61
CA ASN O 163 127.77 33.27 -14.36
C ASN O 163 127.06 32.64 -15.55
N GLU O 164 127.06 31.29 -15.62
CA GLU O 164 126.35 30.55 -16.67
C GLU O 164 126.82 30.96 -18.07
N GLN O 165 128.14 31.17 -18.23
CA GLN O 165 128.71 31.47 -19.53
C GLN O 165 129.17 30.20 -20.25
N VAL O 166 129.67 29.21 -19.50
CA VAL O 166 130.11 27.95 -20.05
C VAL O 166 129.47 26.82 -19.25
N THR O 167 129.54 25.61 -19.79
CA THR O 167 128.94 24.44 -19.17
C THR O 167 129.94 23.83 -18.18
N ALA O 168 129.60 22.65 -17.65
CA ALA O 168 130.44 22.03 -16.63
C ALA O 168 131.74 21.52 -17.24
N ARG O 169 131.66 20.83 -18.39
CA ARG O 169 132.85 20.28 -19.01
C ARG O 169 133.79 21.39 -19.48
N GLU O 170 133.23 22.45 -20.07
CA GLU O 170 134.06 23.58 -20.51
C GLU O 170 134.73 24.26 -19.32
N ALA O 171 134.00 24.40 -18.21
CA ALA O 171 134.59 24.95 -16.99
C ALA O 171 135.68 24.05 -16.45
N PHE O 172 135.48 22.73 -16.51
CA PHE O 172 136.50 21.78 -16.07
C PHE O 172 137.75 21.89 -16.92
N ASP O 173 137.58 21.96 -18.25
CA ASP O 173 138.73 22.12 -19.13
C ASP O 173 139.41 23.46 -18.94
N ALA O 174 138.62 24.53 -18.76
CA ALA O 174 139.21 25.85 -18.57
C ALA O 174 140.00 25.93 -17.27
N ALA O 175 139.62 25.16 -16.26
CA ALA O 175 140.37 25.14 -15.01
C ALA O 175 141.65 24.31 -15.13
N GLN O 176 141.65 23.28 -15.97
CA GLN O 176 142.81 22.40 -16.07
C GLN O 176 143.94 23.03 -16.88
N ALA O 177 143.60 23.88 -17.86
CA ALA O 177 144.63 24.42 -18.75
C ALA O 177 145.70 25.23 -18.02
N PRO O 178 145.38 26.19 -17.15
CA PRO O 178 146.45 26.87 -16.41
C PRO O 178 147.25 25.93 -15.51
N MET O 179 146.61 24.90 -14.96
CA MET O 179 147.36 23.93 -14.15
C MET O 179 148.37 23.18 -14.99
N LYS O 180 147.98 22.77 -16.21
CA LYS O 180 148.91 22.05 -17.07
C LYS O 180 150.05 22.93 -17.53
N ALA O 181 149.79 24.22 -17.73
CA ALA O 181 150.86 25.14 -18.13
C ALA O 181 151.90 25.28 -17.04
N PHE O 182 151.47 25.23 -15.77
CA PHE O 182 152.42 25.37 -14.67
C PHE O 182 153.31 24.14 -14.54
N MET O 183 152.73 22.95 -14.66
CA MET O 183 153.54 21.73 -14.57
C MET O 183 154.51 21.61 -15.74
N LEU O 184 154.05 21.97 -16.95
CA LEU O 184 154.92 21.86 -18.12
C LEU O 184 156.04 22.90 -18.08
N LYS O 185 155.81 24.05 -17.43
CA LYS O 185 156.84 25.07 -17.36
C LYS O 185 158.01 24.60 -16.50
N GLN O 186 157.73 23.90 -15.41
CA GLN O 186 158.75 23.48 -14.44
C GLN O 186 159.06 21.99 -14.54
N THR O 187 159.06 21.43 -15.75
CA THR O 187 159.38 20.02 -15.95
C THR O 187 160.63 19.90 -16.84
N ARG O 188 161.05 18.66 -17.06
CA ARG O 188 162.24 18.39 -17.91
C ARG O 188 161.79 17.69 -19.18
N ILE O 189 162.46 17.95 -20.31
CA ILE O 189 162.11 17.21 -21.55
C ILE O 189 162.37 15.72 -21.35
N LYS O 190 163.59 15.35 -21.02
CA LYS O 190 163.89 13.88 -20.92
C LYS O 190 162.82 13.19 -20.07
N ASP O 191 162.35 13.83 -19.00
CA ASP O 191 161.31 13.22 -18.16
C ASP O 191 160.02 13.06 -18.94
N LEU O 192 159.64 14.07 -19.72
CA LEU O 192 158.50 13.93 -20.61
C LEU O 192 158.77 12.86 -21.67
N GLU O 193 159.97 12.81 -22.20
CA GLU O 193 160.20 11.79 -23.25
C GLU O 193 160.08 10.42 -22.59
N THR O 194 160.66 10.26 -21.40
CA THR O 194 160.63 8.95 -20.78
C THR O 194 159.22 8.41 -20.64
N PHE O 195 158.27 9.28 -20.26
CA PHE O 195 156.93 8.81 -19.94
C PHE O 195 156.05 8.69 -21.17
N VAL O 196 156.27 9.50 -22.20
CA VAL O 196 155.45 9.39 -23.41
C VAL O 196 155.75 8.07 -24.13
N THR O 197 157.00 7.64 -24.13
CA THR O 197 157.35 6.37 -24.78
C THR O 197 156.74 5.19 -24.04
N MET O 198 156.81 5.19 -22.71
CA MET O 198 156.25 4.09 -21.94
C MET O 198 154.74 4.01 -22.09
N SER O 199 154.06 5.16 -22.06
CA SER O 199 152.61 5.16 -22.26
C SER O 199 152.25 4.68 -23.66
N GLY O 200 153.01 5.11 -24.67
CA GLY O 200 152.78 4.68 -26.03
C GLY O 200 151.77 5.54 -26.78
N GLU O 201 152.04 6.84 -26.86
CA GLU O 201 151.18 7.76 -27.59
C GLU O 201 152.04 8.68 -28.44
N GLN O 202 151.46 9.16 -29.54
CA GLN O 202 152.17 10.07 -30.43
C GLN O 202 152.27 11.46 -29.80
N VAL O 203 153.46 12.03 -29.86
CA VAL O 203 153.72 13.37 -29.35
C VAL O 203 154.59 14.11 -30.36
N ASP O 204 154.20 15.34 -30.66
CA ASP O 204 154.95 16.18 -31.60
C ASP O 204 155.29 17.52 -30.96
N ASN O 205 154.47 17.95 -30.01
CA ASN O 205 154.69 19.16 -29.24
C ASN O 205 154.50 18.87 -27.76
N PRO O 206 155.17 19.63 -26.88
CA PRO O 206 155.01 19.40 -25.43
C PRO O 206 153.58 19.56 -24.94
N GLU O 207 152.81 20.45 -25.56
CA GLU O 207 151.47 20.78 -25.07
C GLU O 207 150.40 19.91 -25.73
N ASP O 208 150.62 18.60 -25.70
CA ASP O 208 149.61 17.64 -26.15
C ASP O 208 149.48 16.43 -25.24
N VAL O 209 150.28 16.32 -24.18
CA VAL O 209 150.27 15.14 -23.35
C VAL O 209 149.11 15.19 -22.36
N SER O 210 148.51 14.03 -22.11
CA SER O 210 147.42 13.94 -21.15
C SER O 210 147.97 14.12 -19.73
N MET O 211 147.08 14.58 -18.84
CA MET O 211 147.50 14.82 -17.46
C MET O 211 147.94 13.54 -16.78
N ALA O 212 147.47 12.38 -17.26
CA ALA O 212 147.86 11.11 -16.67
C ALA O 212 149.35 10.84 -16.86
N VAL O 213 149.93 11.37 -17.96
CA VAL O 213 151.35 11.17 -18.23
C VAL O 213 152.20 12.38 -17.86
N LEU O 214 151.58 13.51 -17.50
CA LEU O 214 152.32 14.69 -17.08
C LEU O 214 152.60 14.67 -15.59
N ILE O 215 151.69 14.13 -14.78
CA ILE O 215 151.88 14.12 -13.34
C ILE O 215 153.13 13.33 -12.92
N PRO O 216 153.34 12.09 -13.39
CA PRO O 216 154.56 11.38 -12.95
C PRO O 216 155.84 11.99 -13.50
N ALA O 217 155.76 12.66 -14.66
CA ALA O 217 156.95 13.31 -15.21
C ALA O 217 157.27 14.59 -14.44
N PHE O 218 156.25 15.28 -13.92
CA PHE O 218 156.47 16.53 -13.22
C PHE O 218 157.12 16.30 -11.86
N ILE O 219 156.62 15.31 -11.11
CA ILE O 219 157.15 15.06 -9.77
C ILE O 219 158.59 14.56 -9.85
N THR O 220 158.91 13.77 -10.88
CA THR O 220 160.28 13.33 -11.07
C THR O 220 161.19 14.52 -11.36
N SER O 221 160.73 15.46 -12.17
CA SER O 221 161.52 16.66 -12.44
C SER O 221 161.71 17.49 -11.18
N GLU O 222 160.66 17.60 -10.35
CA GLU O 222 160.77 18.39 -9.12
C GLU O 222 161.76 17.77 -8.14
N LEU O 223 161.74 16.43 -8.02
CA LEU O 223 162.67 15.77 -7.10
C LEU O 223 164.12 16.00 -7.50
N LYS O 224 164.41 15.90 -8.80
CA LYS O 224 165.77 16.18 -9.27
C LYS O 224 166.15 17.64 -9.00
N THR O 225 165.22 18.56 -9.28
CA THR O 225 165.50 19.97 -9.03
C THR O 225 165.68 20.25 -7.54
N ALA O 226 164.87 19.60 -6.70
CA ALA O 226 164.99 19.78 -5.26
C ALA O 226 166.32 19.24 -4.74
N PHE O 227 166.76 18.10 -5.26
CA PHE O 227 168.04 17.54 -4.84
C PHE O 227 169.19 18.45 -5.23
N GLN O 228 169.14 19.04 -6.42
CA GLN O 228 170.20 19.96 -6.85
C GLN O 228 170.28 21.18 -5.94
N ILE O 229 169.13 21.75 -5.58
CA ILE O 229 169.12 22.90 -4.68
C ILE O 229 169.64 22.50 -3.31
N GLY O 230 169.22 21.34 -2.81
CA GLY O 230 169.68 20.89 -1.50
C GLY O 230 171.18 20.67 -1.46
N PHE O 231 171.75 20.20 -2.58
CA PHE O 231 173.20 19.99 -2.64
C PHE O 231 173.95 21.31 -2.49
N MET O 232 173.46 22.34 -3.17
CA MET O 232 174.16 23.65 -3.09
C MET O 232 174.13 24.12 -1.63
N LEU O 233 172.95 24.08 -0.98
CA LEU O 233 172.84 24.58 0.38
C LEU O 233 173.67 23.76 1.36
N PHE O 234 173.90 22.48 1.04
CA PHE O 234 174.62 21.61 1.96
C PHE O 234 176.11 21.95 1.99
N LEU O 235 176.68 22.36 0.85
CA LEU O 235 178.12 22.54 0.73
C LEU O 235 178.72 23.51 1.76
N PRO O 236 178.17 24.71 1.99
CA PRO O 236 178.82 25.60 2.98
C PRO O 236 178.90 25.01 4.37
N PHE O 237 177.90 24.23 4.78
CA PHE O 237 177.96 23.60 6.09
C PHE O 237 178.96 22.45 6.11
N LEU O 238 179.13 21.76 4.98
CA LEU O 238 180.14 20.72 4.89
C LEU O 238 181.54 21.31 5.03
N ILE O 239 181.77 22.50 4.47
CA ILE O 239 183.08 23.15 4.57
C ILE O 239 183.40 23.46 6.03
N ILE O 240 182.42 23.98 6.76
CA ILE O 240 182.62 24.29 8.18
C ILE O 240 182.95 23.02 8.96
N ASP O 241 182.23 21.93 8.68
CA ASP O 241 182.45 20.69 9.41
C ASP O 241 183.85 20.15 9.16
N LEU O 242 184.33 20.24 7.91
CA LEU O 242 185.68 19.78 7.60
C LEU O 242 186.73 20.66 8.26
N VAL O 243 186.52 21.98 8.28
CA VAL O 243 187.49 22.89 8.88
C VAL O 243 187.62 22.63 10.37
N VAL O 244 186.49 22.56 11.08
CA VAL O 244 186.53 22.43 12.53
C VAL O 244 187.06 21.07 12.94
N ALA O 245 186.76 20.03 12.15
CA ALA O 245 187.30 18.71 12.46
C ALA O 245 188.81 18.64 12.21
N SER O 246 189.28 19.30 11.16
CA SER O 246 190.71 19.30 10.85
C SER O 246 191.49 20.10 11.88
N VAL O 247 190.93 21.22 12.35
CA VAL O 247 191.64 22.05 13.33
C VAL O 247 191.83 21.29 14.64
N LEU O 248 190.79 20.57 15.09
CA LEU O 248 190.93 19.78 16.30
C LEU O 248 192.00 18.70 16.16
N MET O 249 192.08 18.09 14.98
CA MET O 249 193.13 17.10 14.73
C MET O 249 194.50 17.76 14.66
N ALA O 250 194.56 19.05 14.32
CA ALA O 250 195.84 19.75 14.31
C ALA O 250 196.45 19.84 15.71
N MET O 251 195.61 20.14 16.71
CA MET O 251 196.10 20.14 18.09
C MET O 251 196.30 18.73 18.63
N GLY O 252 195.67 17.73 18.02
CA GLY O 252 195.84 16.34 18.42
C GLY O 252 194.74 15.77 19.28
N MET O 253 193.67 16.53 19.53
CA MET O 253 192.54 16.03 20.33
C MET O 253 191.56 15.34 19.40
N MET O 254 191.79 14.05 19.16
CA MET O 254 190.96 13.28 18.25
C MET O 254 189.63 12.89 18.89
N MET O 255 189.61 12.65 20.20
CA MET O 255 188.41 12.17 20.87
C MET O 255 187.32 13.22 20.95
N LEU O 256 187.67 14.51 20.90
CA LEU O 256 186.67 15.56 20.97
C LEU O 256 185.80 15.51 19.72
N SER O 257 184.48 15.51 19.93
CA SER O 257 183.54 15.36 18.81
C SER O 257 183.46 16.64 18.00
N PRO O 258 183.75 16.60 16.69
CA PRO O 258 183.57 17.80 15.87
C PRO O 258 182.13 18.28 15.81
N MET O 259 181.15 17.37 15.89
CA MET O 259 179.76 17.74 15.71
C MET O 259 179.29 18.71 16.80
N ILE O 260 179.66 18.45 18.05
CA ILE O 260 179.25 19.33 19.14
C ILE O 260 179.95 20.68 19.00
N VAL O 261 181.23 20.69 18.64
CA VAL O 261 182.00 21.92 18.54
C VAL O 261 181.75 22.65 17.23
N SER O 262 180.91 22.11 16.35
CA SER O 262 180.58 22.76 15.08
C SER O 262 179.16 23.30 15.01
N LEU O 263 178.26 22.80 15.86
CA LEU O 263 176.87 23.26 15.82
C LEU O 263 176.71 24.76 16.05
N PRO O 264 177.37 25.38 17.03
CA PRO O 264 177.21 26.84 17.17
C PRO O 264 177.64 27.62 15.94
N PHE O 265 178.67 27.16 15.25
CA PHE O 265 179.15 27.88 14.07
C PHE O 265 178.24 27.64 12.87
N LYS O 266 177.67 26.44 12.75
CA LYS O 266 176.69 26.18 11.71
C LYS O 266 175.45 27.04 11.90
N LEU O 267 174.97 27.15 13.14
CA LEU O 267 173.80 27.98 13.41
C LEU O 267 174.10 29.45 13.16
N MET O 268 175.28 29.92 13.58
CA MET O 268 175.63 31.33 13.41
C MET O 268 175.73 31.70 11.94
N LEU O 269 176.31 30.81 11.12
CA LEU O 269 176.38 31.08 9.69
C LEU O 269 174.99 31.27 9.11
N PHE O 270 174.03 30.42 9.52
CA PHE O 270 172.67 30.57 9.05
C PHE O 270 172.02 31.86 9.55
N VAL O 271 172.58 32.49 10.58
CA VAL O 271 171.99 33.71 11.12
C VAL O 271 172.49 34.94 10.38
N LEU O 272 173.81 35.18 10.40
CA LEU O 272 174.35 36.39 9.80
C LEU O 272 174.20 36.39 8.27
N VAL O 273 174.04 35.22 7.65
CA VAL O 273 173.68 35.17 6.23
C VAL O 273 172.18 35.35 6.03
N ASP O 274 171.39 35.20 7.09
CA ASP O 274 169.93 35.32 7.03
C ASP O 274 169.35 34.28 6.06
N GLY O 275 169.55 33.01 6.43
CA GLY O 275 169.16 31.93 5.55
C GLY O 275 167.66 31.79 5.37
N TRP O 276 166.90 32.03 6.44
CA TRP O 276 165.46 31.76 6.39
C TRP O 276 164.72 32.67 5.43
N ASN O 277 165.35 33.74 4.94
CA ASN O 277 164.71 34.64 3.99
C ASN O 277 165.17 34.40 2.56
N LEU O 278 166.48 34.29 2.33
CA LEU O 278 166.97 34.10 0.97
C LEU O 278 166.65 32.71 0.43
N ILE O 279 166.71 31.69 1.30
CA ILE O 279 166.41 30.33 0.84
C ILE O 279 164.97 30.20 0.41
N LEU O 280 164.05 30.77 1.20
CA LEU O 280 162.64 30.80 0.79
C LEU O 280 162.45 31.65 -0.45
N SER O 281 163.20 32.75 -0.56
CA SER O 281 163.13 33.59 -1.75
C SER O 281 163.61 32.83 -2.99
N THR O 282 164.68 32.05 -2.85
CA THR O 282 165.16 31.25 -3.97
C THR O 282 164.13 30.19 -4.38
N LEU O 283 163.49 29.55 -3.39
CA LEU O 283 162.46 28.57 -3.70
C LEU O 283 161.30 29.22 -4.44
N ALA O 284 160.86 30.39 -3.98
CA ALA O 284 159.86 31.14 -4.73
C ALA O 284 160.39 31.57 -6.09
N GLY O 285 161.65 32.02 -6.14
CA GLY O 285 162.24 32.44 -7.40
C GLY O 285 162.44 31.30 -8.37
N SER O 286 162.75 30.10 -7.86
CA SER O 286 163.06 28.97 -8.72
C SER O 286 161.84 28.55 -9.54
N PHE O 287 160.63 28.74 -9.01
CA PHE O 287 159.42 28.39 -9.74
C PHE O 287 159.02 29.44 -10.77
N ALA O 288 159.69 30.59 -10.79
CA ALA O 288 159.37 31.64 -11.74
C ALA O 288 160.61 32.45 -12.11
N GLU P 81 129.73 -14.62 42.76
CA GLU P 81 131.00 -14.22 43.35
C GLU P 81 132.11 -14.24 42.32
N ASP P 82 132.21 -15.35 41.59
CA ASP P 82 133.23 -15.48 40.55
C ASP P 82 132.96 -14.49 39.43
N TYR P 83 134.05 -14.00 38.83
CA TYR P 83 133.93 -13.01 37.76
C TYR P 83 133.18 -13.59 36.57
N SER P 84 132.36 -12.75 35.95
CA SER P 84 131.60 -13.17 34.79
C SER P 84 132.53 -13.36 33.59
N VAL P 85 132.01 -14.05 32.57
CA VAL P 85 132.82 -14.36 31.39
C VAL P 85 133.28 -13.08 30.71
N THR P 86 132.42 -12.06 30.67
CA THR P 86 132.80 -10.79 30.07
C THR P 86 133.93 -10.13 30.84
N LEU P 87 133.88 -10.19 32.18
CA LEU P 87 134.91 -9.54 32.99
C LEU P 87 136.22 -10.31 32.94
N GLN P 88 136.16 -11.65 32.90
CA GLN P 88 137.37 -12.45 32.80
C GLN P 88 138.11 -12.19 31.50
N ILE P 89 137.37 -12.00 30.40
CA ILE P 89 137.99 -11.66 29.12
C ILE P 89 138.71 -10.32 29.21
N LEU P 90 138.08 -9.35 29.86
CA LEU P 90 138.69 -8.04 30.01
C LEU P 90 140.00 -8.12 30.78
N ALA P 91 140.03 -8.93 31.85
CA ALA P 91 141.27 -9.12 32.60
C ALA P 91 142.34 -9.81 31.75
N LEU P 92 141.93 -10.80 30.96
CA LEU P 92 142.88 -11.52 30.11
C LEU P 92 143.55 -10.58 29.10
N MET P 93 142.75 -9.74 28.44
CA MET P 93 143.31 -8.80 27.47
C MET P 93 144.21 -7.77 28.14
N THR P 94 143.89 -7.40 29.38
CA THR P 94 144.71 -6.43 30.10
C THR P 94 146.11 -6.98 30.37
N MET P 95 146.20 -8.25 30.78
CA MET P 95 147.50 -8.83 31.07
C MET P 95 148.32 -9.02 29.80
N LEU P 96 147.65 -9.23 28.66
CA LEU P 96 148.36 -9.30 27.39
C LEU P 96 148.95 -7.95 27.01
N GLY P 97 148.25 -6.86 27.34
CA GLY P 97 148.79 -5.55 27.08
C GLY P 97 150.02 -5.25 27.91
N PHE P 98 150.05 -5.73 29.15
CA PHE P 98 151.19 -5.55 30.04
C PHE P 98 152.22 -6.66 29.90
N LEU P 99 152.06 -7.55 28.92
CA LEU P 99 152.99 -8.67 28.76
C LEU P 99 154.45 -8.26 28.61
N PRO P 100 154.81 -7.22 27.82
CA PRO P 100 156.22 -6.83 27.79
C PRO P 100 156.77 -6.43 29.15
N ALA P 101 155.95 -5.82 30.01
CA ALA P 101 156.41 -5.45 31.34
C ALA P 101 156.70 -6.67 32.18
N MET P 102 155.86 -7.70 32.11
CA MET P 102 156.06 -8.89 32.94
C MET P 102 157.34 -9.62 32.55
N VAL P 103 157.72 -9.55 31.27
CA VAL P 103 158.96 -10.18 30.83
C VAL P 103 160.17 -9.46 31.41
N ILE P 104 160.18 -8.12 31.33
CA ILE P 104 161.36 -7.35 31.68
C ILE P 104 161.38 -6.89 33.12
N LEU P 105 160.32 -7.15 33.90
CA LEU P 105 160.28 -6.75 35.30
C LEU P 105 160.08 -7.92 36.26
N MET P 106 159.50 -9.02 35.80
CA MET P 106 159.23 -10.16 36.68
C MET P 106 160.03 -11.40 36.34
N THR P 107 160.33 -11.64 35.06
CA THR P 107 161.08 -12.81 34.65
C THR P 107 162.58 -12.52 34.71
N SER P 108 163.37 -13.41 34.12
CA SER P 108 164.82 -13.32 34.16
C SER P 108 165.39 -12.53 32.98
N PHE P 109 164.54 -11.81 32.25
CA PHE P 109 165.01 -11.11 31.04
C PHE P 109 166.01 -10.03 31.38
N THR P 110 165.81 -9.31 32.48
CA THR P 110 166.67 -8.18 32.81
C THR P 110 168.10 -8.63 33.08
N ARG P 111 168.28 -9.71 33.85
CA ARG P 111 169.63 -10.16 34.18
C ARG P 111 170.37 -10.66 32.94
N ILE P 112 169.70 -11.41 32.07
CA ILE P 112 170.36 -11.97 30.90
C ILE P 112 170.83 -10.87 29.95
N VAL P 113 169.97 -9.87 29.71
CA VAL P 113 170.32 -8.81 28.77
C VAL P 113 171.47 -7.97 29.31
N VAL P 114 171.45 -7.65 30.61
CA VAL P 114 172.52 -6.86 31.18
C VAL P 114 173.85 -7.62 31.11
N VAL P 115 173.83 -8.91 31.41
CA VAL P 115 175.05 -9.71 31.33
C VAL P 115 175.54 -9.79 29.88
N MET P 116 174.62 -10.02 28.94
CA MET P 116 175.00 -10.05 27.53
C MET P 116 175.43 -8.66 27.04
N SER P 117 174.91 -7.60 27.66
CA SER P 117 175.37 -6.26 27.33
C SER P 117 176.83 -6.07 27.72
N ILE P 118 177.21 -6.61 28.88
CA ILE P 118 178.61 -6.50 29.31
C ILE P 118 179.51 -7.28 28.36
N LEU P 119 179.07 -8.46 27.92
CA LEU P 119 179.90 -9.30 27.05
C LEU P 119 180.17 -8.59 25.73
N ARG P 120 179.16 -7.96 25.15
CA ARG P 120 179.37 -7.18 23.93
C ARG P 120 180.30 -5.99 24.19
N GLN P 121 180.10 -5.32 25.33
CA GLN P 121 180.94 -4.17 25.65
C GLN P 121 182.37 -4.57 25.96
N ALA P 122 182.57 -5.73 26.59
CA ALA P 122 183.91 -6.16 26.96
C ALA P 122 184.79 -6.37 25.73
N MET P 123 184.28 -7.08 24.73
CA MET P 123 185.01 -7.27 23.50
C MET P 123 185.02 -5.97 22.69
N GLY P 124 185.96 -5.89 21.75
CA GLY P 124 186.14 -4.68 20.96
C GLY P 124 184.97 -4.33 20.05
N LEU P 125 184.04 -5.26 19.87
CA LEU P 125 182.87 -4.99 19.05
C LEU P 125 181.90 -4.07 19.78
N GLN P 126 181.44 -3.02 19.10
CA GLN P 126 180.53 -2.06 19.72
C GLN P 126 179.06 -2.44 19.48
N GLN P 127 178.67 -2.56 18.21
CA GLN P 127 177.31 -2.95 17.85
C GLN P 127 177.30 -4.20 16.97
N THR P 128 178.42 -4.92 16.92
CA THR P 128 178.55 -6.02 15.96
C THR P 128 177.54 -7.14 16.20
N PRO P 129 177.32 -7.65 17.42
CA PRO P 129 176.25 -8.64 17.61
C PRO P 129 174.87 -8.11 17.28
N SER P 130 174.67 -6.78 17.32
CA SER P 130 173.40 -6.13 17.04
C SER P 130 172.38 -6.40 18.13
N ASN P 131 171.41 -5.48 18.29
CA ASN P 131 170.48 -5.58 19.40
C ASN P 131 169.44 -6.68 19.18
N GLN P 132 169.14 -7.01 17.92
CA GLN P 132 168.04 -7.93 17.63
C GLN P 132 168.32 -9.34 18.15
N VAL P 133 169.51 -9.87 17.85
CA VAL P 133 169.80 -11.27 18.20
C VAL P 133 170.00 -11.41 19.70
N ILE P 134 170.46 -10.36 20.38
CA ILE P 134 170.67 -10.45 21.82
C ILE P 134 169.34 -10.59 22.55
N ILE P 135 168.35 -9.79 22.15
CA ILE P 135 167.02 -9.90 22.74
C ILE P 135 166.39 -11.24 22.39
N GLY P 136 166.56 -11.69 21.14
CA GLY P 136 165.98 -12.97 20.73
C GLY P 136 166.59 -14.14 21.48
N ILE P 137 167.92 -14.12 21.69
CA ILE P 137 168.55 -15.16 22.49
C ILE P 137 168.13 -15.04 23.95
N ALA P 138 168.00 -13.80 24.44
CA ALA P 138 167.55 -13.60 25.81
C ALA P 138 166.14 -14.12 26.01
N LEU P 139 165.25 -13.88 25.04
CA LEU P 139 163.89 -14.38 25.14
C LEU P 139 163.86 -15.90 25.20
N PHE P 140 164.65 -16.56 24.34
CA PHE P 140 164.71 -18.01 24.36
C PHE P 140 165.35 -18.53 25.64
N LEU P 141 166.36 -17.82 26.15
CA LEU P 141 166.97 -18.21 27.41
C LEU P 141 165.98 -18.10 28.56
N THR P 142 165.16 -17.03 28.56
CA THR P 142 164.16 -16.87 29.61
C THR P 142 163.13 -18.00 29.57
N PHE P 143 162.63 -18.31 28.36
CA PHE P 143 161.67 -19.40 28.24
C PHE P 143 162.27 -20.73 28.70
N PHE P 144 163.59 -20.89 28.57
CA PHE P 144 164.26 -22.07 29.08
C PHE P 144 164.26 -22.09 30.61
N VAL P 145 164.65 -20.97 31.23
CA VAL P 145 164.77 -20.95 32.68
C VAL P 145 163.42 -20.75 33.36
N MET P 146 162.47 -20.11 32.70
CA MET P 146 161.13 -19.95 33.24
C MET P 146 160.24 -21.16 32.97
N SER P 147 160.75 -22.15 32.24
CA SER P 147 159.94 -23.34 31.96
C SER P 147 159.47 -24.06 33.22
N PRO P 148 160.30 -24.27 34.26
CA PRO P 148 159.75 -24.87 35.49
C PRO P 148 158.63 -24.05 36.12
N VAL P 149 158.80 -22.73 36.23
CA VAL P 149 157.76 -21.90 36.85
C VAL P 149 156.55 -21.81 35.94
N LEU P 150 156.76 -21.67 34.63
CA LEU P 150 155.64 -21.60 33.69
C LEU P 150 154.83 -22.90 33.70
N ASN P 151 155.52 -24.05 33.75
CA ASN P 151 154.81 -25.32 33.85
C ASN P 151 154.07 -25.44 35.18
N GLU P 152 154.66 -24.93 36.26
CA GLU P 152 153.99 -24.96 37.56
C GLU P 152 152.73 -24.12 37.54
N ILE P 153 152.77 -22.98 36.85
CA ILE P 153 151.57 -22.17 36.67
C ILE P 153 150.54 -22.92 35.83
N ASN P 154 151.03 -23.58 34.76
CA ASN P 154 150.13 -24.33 33.87
C ASN P 154 149.37 -25.42 34.63
N ASP P 155 150.10 -26.22 35.40
CA ASP P 155 149.49 -27.32 36.15
C ASP P 155 148.56 -26.83 37.25
N LYS P 156 149.02 -25.89 38.08
CA LYS P 156 148.27 -25.51 39.26
C LYS P 156 147.09 -24.60 38.92
N ALA P 157 147.27 -23.71 37.96
CA ALA P 157 146.26 -22.69 37.68
C ALA P 157 145.46 -22.98 36.41
N VAL P 158 146.15 -23.19 35.29
CA VAL P 158 145.48 -23.30 34.00
C VAL P 158 144.64 -24.57 33.93
N GLN P 159 145.20 -25.70 34.37
CA GLN P 159 144.48 -26.96 34.24
C GLN P 159 143.19 -27.01 35.04
N PRO P 160 143.16 -26.64 36.33
CA PRO P 160 141.85 -26.57 37.02
C PRO P 160 140.91 -25.57 36.40
N TYR P 161 141.43 -24.45 35.87
CA TYR P 161 140.56 -23.44 35.28
C TYR P 161 139.96 -23.92 33.97
N LEU P 162 140.77 -24.58 33.12
CA LEU P 162 140.25 -25.10 31.86
C LEU P 162 139.20 -26.18 32.11
N ASN P 163 139.44 -27.07 33.07
CA ASN P 163 138.49 -28.12 33.41
C ASN P 163 137.33 -27.61 34.27
N GLU P 164 137.29 -26.30 34.55
CA GLU P 164 136.24 -25.69 35.37
C GLU P 164 136.22 -26.29 36.78
N GLN P 165 137.39 -26.70 37.27
CA GLN P 165 137.49 -27.24 38.62
C GLN P 165 137.46 -26.13 39.67
N VAL P 166 138.06 -24.97 39.36
CA VAL P 166 138.15 -23.86 40.29
C VAL P 166 137.63 -22.61 39.61
N THR P 167 137.30 -21.61 40.44
CA THR P 167 136.79 -20.34 39.93
C THR P 167 137.94 -19.50 39.38
N ALA P 168 137.58 -18.38 38.75
CA ALA P 168 138.60 -17.53 38.14
C ALA P 168 139.42 -16.80 39.19
N ARG P 169 138.79 -16.39 40.29
CA ARG P 169 139.50 -15.62 41.31
C ARG P 169 140.63 -16.45 41.93
N GLU P 170 140.34 -17.69 42.32
CA GLU P 170 141.36 -18.54 42.92
C GLU P 170 142.38 -19.02 41.89
N ALA P 171 141.96 -19.18 40.63
CA ALA P 171 142.90 -19.57 39.59
C ALA P 171 143.93 -18.47 39.35
N PHE P 172 143.50 -17.21 39.39
CA PHE P 172 144.44 -16.10 39.25
C PHE P 172 145.44 -16.09 40.41
N ASP P 173 144.96 -16.33 41.62
CA ASP P 173 145.87 -16.41 42.77
C ASP P 173 146.81 -17.61 42.65
N ALA P 174 146.29 -18.73 42.12
CA ALA P 174 147.12 -19.91 41.95
C ALA P 174 148.20 -19.69 40.90
N ALA P 175 147.98 -18.77 39.97
CA ALA P 175 149.00 -18.45 38.98
C ALA P 175 149.99 -17.42 39.51
N GLN P 176 149.53 -16.52 40.38
CA GLN P 176 150.40 -15.48 40.91
C GLN P 176 151.45 -16.06 41.85
N ALA P 177 151.09 -17.09 42.61
CA ALA P 177 152.00 -17.62 43.63
C ALA P 177 153.32 -18.14 43.06
N PRO P 178 153.35 -18.97 42.00
CA PRO P 178 154.65 -19.41 41.48
C PRO P 178 155.54 -18.27 41.03
N MET P 179 154.97 -17.20 40.47
CA MET P 179 155.76 -16.04 40.11
C MET P 179 156.35 -15.38 41.35
N LYS P 180 155.57 -15.28 42.43
CA LYS P 180 156.08 -14.70 43.66
C LYS P 180 157.19 -15.56 44.26
N ALA P 181 157.03 -16.88 44.21
CA ALA P 181 158.06 -17.76 44.75
C ALA P 181 159.37 -17.63 43.96
N PHE P 182 159.27 -17.54 42.64
CA PHE P 182 160.46 -17.41 41.81
C PHE P 182 161.18 -16.08 42.07
N MET P 183 160.42 -15.00 42.25
CA MET P 183 161.03 -13.72 42.53
C MET P 183 161.69 -13.70 43.90
N LEU P 184 161.17 -14.46 44.86
CA LEU P 184 161.81 -14.56 46.17
C LEU P 184 163.12 -15.33 46.07
N LYS P 185 163.20 -16.31 45.18
CA LYS P 185 164.43 -17.09 45.04
C LYS P 185 165.55 -16.30 44.40
N GLN P 186 165.24 -15.15 43.79
CA GLN P 186 166.25 -14.35 43.09
C GLN P 186 166.43 -12.96 43.73
N THR P 187 165.95 -12.77 44.95
CA THR P 187 166.07 -11.50 45.64
C THR P 187 166.92 -11.67 46.89
N ARG P 188 167.22 -10.54 47.53
CA ARG P 188 168.02 -10.53 48.74
C ARG P 188 167.19 -9.98 49.90
N ILE P 189 167.58 -10.36 51.12
CA ILE P 189 166.84 -9.95 52.30
C ILE P 189 166.97 -8.44 52.51
N LYS P 190 168.15 -7.89 52.28
CA LYS P 190 168.36 -6.45 52.45
C LYS P 190 167.47 -5.65 51.51
N ASP P 191 167.35 -6.10 50.26
CA ASP P 191 166.52 -5.39 49.29
C ASP P 191 165.06 -5.38 49.72
N LEU P 192 164.55 -6.52 50.21
CA LEU P 192 163.17 -6.57 50.67
C LEU P 192 162.95 -5.64 51.85
N GLU P 193 163.91 -5.60 52.79
CA GLU P 193 163.77 -4.76 53.98
C GLU P 193 163.67 -3.28 53.60
N THR P 194 164.47 -2.85 52.63
CA THR P 194 164.46 -1.45 52.22
C THR P 194 163.10 -1.04 51.68
N PHE P 195 162.54 -1.86 50.78
CA PHE P 195 161.28 -1.50 50.13
C PHE P 195 160.08 -1.70 51.04
N VAL P 196 160.10 -2.71 51.91
CA VAL P 196 158.97 -2.88 52.82
C VAL P 196 158.89 -1.73 53.82
N THR P 197 160.04 -1.22 54.26
CA THR P 197 160.03 -0.01 55.08
C THR P 197 159.68 1.21 54.23
N MET P 198 160.11 1.22 52.97
CA MET P 198 159.78 2.32 52.06
C MET P 198 158.27 2.39 51.82
N SER P 199 157.61 1.24 51.65
CA SER P 199 156.18 1.22 51.44
C SER P 199 155.41 1.62 52.70
N GLY P 200 156.04 1.57 53.87
CA GLY P 200 155.37 1.93 55.10
C GLY P 200 154.25 0.98 55.48
N GLU P 201 154.44 -0.31 55.27
CA GLU P 201 153.45 -1.33 55.62
C GLU P 201 153.99 -2.22 56.73
N GLN P 202 153.12 -3.10 57.21
CA GLN P 202 153.44 -4.02 58.29
C GLN P 202 153.42 -5.44 57.75
N VAL P 203 154.51 -6.18 57.98
CA VAL P 203 154.60 -7.58 57.58
C VAL P 203 155.65 -8.25 58.45
N ASP P 204 155.53 -9.57 58.60
CA ASP P 204 156.49 -10.36 59.36
C ASP P 204 157.09 -11.52 58.58
N ASN P 205 156.43 -11.99 57.53
CA ASN P 205 156.92 -13.09 56.72
C ASN P 205 157.20 -12.59 55.31
N PRO P 206 158.39 -12.89 54.75
CA PRO P 206 158.63 -12.54 53.34
C PRO P 206 157.72 -13.26 52.37
N GLU P 207 157.11 -14.38 52.78
CA GLU P 207 156.34 -15.21 51.86
C GLU P 207 155.00 -14.59 51.48
N ASP P 208 154.48 -13.64 52.26
CA ASP P 208 153.18 -13.05 51.99
C ASP P 208 153.27 -11.55 51.79
N VAL P 209 154.40 -11.07 51.26
CA VAL P 209 154.54 -9.66 50.92
C VAL P 209 153.87 -9.41 49.58
N SER P 210 153.31 -8.21 49.42
CA SER P 210 152.58 -7.88 48.20
C SER P 210 153.54 -7.85 47.01
N MET P 211 153.04 -8.29 45.85
CA MET P 211 153.86 -8.31 44.65
C MET P 211 154.24 -6.92 44.19
N ALA P 212 153.46 -5.90 44.59
CA ALA P 212 153.80 -4.53 44.23
C ALA P 212 155.10 -4.09 44.87
N VAL P 213 155.43 -4.61 46.05
CA VAL P 213 156.69 -4.30 46.70
C VAL P 213 157.79 -5.29 46.33
N LEU P 214 157.43 -6.52 45.95
CA LEU P 214 158.44 -7.51 45.59
C LEU P 214 159.12 -7.15 44.27
N ILE P 215 158.37 -6.56 43.33
CA ILE P 215 158.94 -6.27 42.01
C ILE P 215 160.13 -5.32 42.08
N PRO P 216 160.05 -4.15 42.73
CA PRO P 216 161.24 -3.28 42.79
C PRO P 216 162.41 -3.94 43.49
N ALA P 217 162.16 -4.76 44.51
CA ALA P 217 163.25 -5.46 45.18
C ALA P 217 163.85 -6.54 44.29
N PHE P 218 163.01 -7.18 43.47
CA PHE P 218 163.49 -8.25 42.59
C PHE P 218 164.46 -7.71 41.55
N ILE P 219 164.07 -6.66 40.83
CA ILE P 219 164.92 -6.12 39.78
C ILE P 219 166.17 -5.47 40.36
N THR P 220 166.05 -4.82 41.52
CA THR P 220 167.22 -4.24 42.17
C THR P 220 168.25 -5.31 42.49
N SER P 221 167.80 -6.46 43.00
CA SER P 221 168.70 -7.59 43.20
C SER P 221 169.22 -8.12 41.86
N GLU P 222 168.37 -8.15 40.84
CA GLU P 222 168.79 -8.64 39.53
C GLU P 222 169.88 -7.77 38.93
N LEU P 223 169.75 -6.45 39.04
CA LEU P 223 170.77 -5.55 38.50
C LEU P 223 172.09 -5.72 39.23
N LYS P 224 172.05 -5.84 40.55
CA LYS P 224 173.27 -6.06 41.32
C LYS P 224 173.90 -7.40 40.97
N THR P 225 173.09 -8.45 40.85
CA THR P 225 173.61 -9.76 40.49
C THR P 225 174.21 -9.75 39.09
N ALA P 226 173.55 -9.08 38.15
CA ALA P 226 174.05 -9.03 36.79
C ALA P 226 175.39 -8.29 36.72
N PHE P 227 175.53 -7.22 37.49
CA PHE P 227 176.80 -6.49 37.52
C PHE P 227 177.92 -7.38 38.08
N GLN P 228 177.61 -8.22 39.06
CA GLN P 228 178.60 -9.15 39.59
C GLN P 228 179.06 -10.12 38.51
N ILE P 229 178.11 -10.73 37.80
CA ILE P 229 178.49 -11.66 36.73
C ILE P 229 179.23 -10.93 35.62
N GLY P 230 178.74 -9.74 35.22
CA GLY P 230 179.40 -8.99 34.19
C GLY P 230 180.82 -8.59 34.57
N PHE P 231 181.02 -8.22 35.84
CA PHE P 231 182.36 -7.90 36.31
C PHE P 231 183.29 -9.09 36.19
N MET P 232 182.81 -10.28 36.54
CA MET P 232 183.62 -11.49 36.39
C MET P 232 183.90 -11.80 34.94
N LEU P 233 182.93 -11.55 34.06
CA LEU P 233 183.14 -11.76 32.63
C LEU P 233 184.10 -10.73 32.04
N PHE P 234 184.14 -9.54 32.61
CA PHE P 234 184.99 -8.48 32.07
C PHE P 234 186.47 -8.70 32.40
N LEU P 235 186.76 -9.39 33.51
CA LEU P 235 188.14 -9.58 33.94
C LEU P 235 189.01 -10.33 32.93
N PRO P 236 188.60 -11.49 32.40
CA PRO P 236 189.50 -12.18 31.45
C PRO P 236 189.81 -11.37 30.22
N PHE P 237 188.86 -10.60 29.71
CA PHE P 237 189.13 -9.76 28.54
C PHE P 237 190.04 -8.59 28.90
N LEU P 238 189.90 -8.04 30.10
CA LEU P 238 190.85 -7.05 30.58
C LEU P 238 192.24 -7.68 30.76
N ILE P 239 192.29 -8.93 31.21
CA ILE P 239 193.55 -9.62 31.39
C ILE P 239 194.29 -9.75 30.06
N ILE P 240 193.56 -10.16 29.02
CA ILE P 240 194.18 -10.34 27.70
C ILE P 240 194.69 -9.02 27.16
N ASP P 241 193.88 -7.97 27.28
CA ASP P 241 194.26 -6.67 26.72
C ASP P 241 195.49 -6.10 27.41
N LEU P 242 195.58 -6.24 28.73
CA LEU P 242 196.73 -5.71 29.46
C LEU P 242 198.00 -6.46 29.10
N VAL P 243 197.90 -7.78 28.90
CA VAL P 243 199.07 -8.58 28.52
C VAL P 243 199.60 -8.15 27.16
N VAL P 244 198.69 -7.98 26.19
CA VAL P 244 199.11 -7.60 24.85
C VAL P 244 199.76 -6.23 24.86
N ALA P 245 199.18 -5.28 25.59
CA ALA P 245 199.75 -3.94 25.68
C ALA P 245 201.14 -3.98 26.30
N SER P 246 201.31 -4.76 27.38
CA SER P 246 202.60 -4.87 28.02
C SER P 246 203.63 -5.49 27.09
N VAL P 247 203.23 -6.52 26.33
CA VAL P 247 204.15 -7.17 25.41
C VAL P 247 204.61 -6.20 24.33
N LEU P 248 203.67 -5.45 23.75
CA LEU P 248 204.04 -4.50 22.69
C LEU P 248 204.95 -3.40 23.23
N MET P 249 204.64 -2.88 24.43
CA MET P 249 205.50 -1.85 25.02
C MET P 249 206.87 -2.42 25.35
N ALA P 250 206.93 -3.65 25.87
CA ALA P 250 208.21 -4.26 26.22
C ALA P 250 209.07 -4.50 24.98
N MET P 251 208.45 -4.84 23.84
CA MET P 251 209.20 -5.00 22.60
C MET P 251 209.68 -3.67 22.04
N GLY P 252 209.24 -2.54 22.60
CA GLY P 252 209.71 -1.24 22.22
C GLY P 252 208.82 -0.46 21.28
N MET P 253 207.84 -1.12 20.65
CA MET P 253 206.95 -0.45 19.70
C MET P 253 205.87 0.28 20.48
N MET P 254 206.19 1.50 20.92
CA MET P 254 205.26 2.36 21.63
C MET P 254 204.29 3.06 20.70
N MET P 255 204.22 2.65 19.44
CA MET P 255 203.43 3.33 18.42
C MET P 255 202.19 2.56 18.00
N LEU P 256 202.09 1.27 18.33
CA LEU P 256 200.97 0.45 17.87
C LEU P 256 199.90 0.37 18.95
N SER P 257 198.64 0.55 18.51
CA SER P 257 197.50 0.49 19.41
C SER P 257 197.24 -0.95 19.83
N PRO P 258 197.14 -1.25 21.13
CA PRO P 258 196.92 -2.64 21.55
C PRO P 258 195.60 -3.22 21.10
N MET P 259 194.59 -2.39 20.82
CA MET P 259 193.24 -2.90 20.57
C MET P 259 193.19 -3.78 19.32
N ILE P 260 193.86 -3.36 18.25
CA ILE P 260 193.78 -4.11 16.99
C ILE P 260 194.42 -5.49 17.14
N VAL P 261 195.56 -5.56 17.82
CA VAL P 261 196.23 -6.84 18.01
C VAL P 261 195.45 -7.72 18.98
N SER P 262 194.89 -7.11 20.04
CA SER P 262 194.28 -7.90 21.10
C SER P 262 192.93 -8.49 20.66
N LEU P 263 192.24 -7.83 19.73
CA LEU P 263 190.90 -8.28 19.36
C LEU P 263 190.86 -9.71 18.84
N PRO P 264 191.70 -10.13 17.88
CA PRO P 264 191.67 -11.55 17.49
C PRO P 264 191.98 -12.50 18.64
N PHE P 265 192.92 -12.12 19.51
CA PHE P 265 193.27 -12.99 20.64
C PHE P 265 192.09 -13.13 21.60
N LYS P 266 191.37 -12.05 21.86
CA LYS P 266 190.16 -12.13 22.69
C LYS P 266 189.10 -12.99 22.02
N LEU P 267 188.94 -12.86 20.71
CA LEU P 267 187.95 -13.67 20.00
C LEU P 267 188.38 -15.13 19.91
N MET P 268 189.67 -15.38 19.64
CA MET P 268 190.16 -16.76 19.58
C MET P 268 189.99 -17.46 20.91
N LEU P 269 190.36 -16.79 22.00
CA LEU P 269 190.20 -17.40 23.32
C LEU P 269 188.74 -17.49 23.73
N PHE P 270 187.86 -16.69 23.12
CA PHE P 270 186.44 -16.83 23.39
C PHE P 270 185.85 -18.03 22.67
N VAL P 271 186.50 -18.50 21.60
CA VAL P 271 185.94 -19.57 20.79
C VAL P 271 186.49 -20.93 21.22
N LEU P 272 187.82 -21.05 21.35
CA LEU P 272 188.43 -22.33 21.65
C LEU P 272 188.11 -22.83 23.06
N VAL P 273 187.63 -21.95 23.95
CA VAL P 273 187.11 -22.40 25.24
C VAL P 273 185.61 -22.57 25.22
N ASP P 274 184.95 -22.28 24.09
CA ASP P 274 183.50 -22.31 23.96
C ASP P 274 182.85 -21.44 25.04
N GLY P 275 183.17 -20.14 24.98
CA GLY P 275 182.82 -19.24 26.06
C GLY P 275 181.33 -19.14 26.31
N TRP P 276 180.53 -19.07 25.24
CA TRP P 276 179.09 -18.88 25.41
C TRP P 276 178.45 -20.05 26.12
N ASN P 277 178.88 -21.28 25.85
CA ASN P 277 178.34 -22.44 26.55
C ASN P 277 178.63 -22.36 28.05
N LEU P 278 179.84 -21.90 28.41
CA LEU P 278 180.16 -21.69 29.81
C LEU P 278 179.30 -20.60 30.41
N ILE P 279 179.05 -19.53 29.66
CA ILE P 279 178.20 -18.44 30.16
C ILE P 279 176.77 -18.91 30.32
N LEU P 280 176.30 -19.79 29.43
CA LEU P 280 174.96 -20.35 29.58
C LEU P 280 174.82 -21.13 30.87
N SER P 281 175.84 -21.94 31.20
CA SER P 281 175.78 -22.75 32.41
C SER P 281 175.77 -21.87 33.66
N THR P 282 176.56 -20.81 33.68
CA THR P 282 176.62 -19.94 34.84
C THR P 282 175.50 -18.92 34.89
N LEU P 283 174.73 -18.75 33.82
CA LEU P 283 173.61 -17.83 33.80
C LEU P 283 172.27 -18.53 33.98
N ALA P 284 172.01 -19.56 33.17
CA ALA P 284 170.77 -20.33 33.34
C ALA P 284 170.74 -21.02 34.69
N GLY P 285 171.86 -21.58 35.13
CA GLY P 285 171.91 -22.26 36.41
C GLY P 285 172.03 -21.34 37.59
N SER P 286 172.25 -20.05 37.36
CA SER P 286 172.42 -19.10 38.47
C SER P 286 171.12 -18.91 39.24
N PHE P 287 169.98 -19.18 38.61
CA PHE P 287 168.70 -18.96 39.27
C PHE P 287 168.34 -20.13 40.19
N ALA P 288 168.21 -21.33 39.62
CA ALA P 288 167.89 -22.54 40.38
C ALA P 288 166.63 -22.39 41.22
N MET Q 1 174.29 23.77 44.13
CA MET Q 1 174.45 24.38 45.44
C MET Q 1 175.28 25.65 45.37
N THR Q 2 175.84 26.06 46.50
CA THR Q 2 176.65 27.26 46.55
C THR Q 2 177.94 27.07 45.75
N PRO Q 3 178.49 28.14 45.18
CA PRO Q 3 179.77 28.02 44.46
C PRO Q 3 180.91 27.50 45.33
N GLU Q 4 180.90 27.79 46.62
CA GLU Q 4 181.94 27.31 47.52
C GLU Q 4 181.81 25.82 47.81
N MET Q 5 180.58 25.31 47.88
CA MET Q 5 180.38 23.87 48.07
C MET Q 5 180.95 23.09 46.91
N PHE Q 6 180.80 23.59 45.68
CA PHE Q 6 181.37 22.92 44.52
C PHE Q 6 182.89 22.87 44.62
N VAL Q 7 183.51 23.96 45.02
CA VAL Q 7 184.97 23.99 45.13
C VAL Q 7 185.44 23.04 46.24
N GLU Q 8 184.68 22.99 47.33
CA GLU Q 8 185.03 22.02 48.40
C GLU Q 8 184.97 20.62 47.80
N LEU Q 9 183.85 20.28 47.16
CA LEU Q 9 183.71 18.96 46.57
C LEU Q 9 184.76 18.70 45.50
N PHE Q 10 185.05 19.71 44.68
CA PHE Q 10 186.02 19.55 43.61
C PHE Q 10 187.41 19.28 44.16
N ARG Q 11 187.81 20.03 45.19
CA ARG Q 11 189.14 19.83 45.77
C ARG Q 11 189.28 18.46 46.41
N GLU Q 12 188.23 18.00 47.11
CA GLU Q 12 188.31 16.73 47.81
C GLU Q 12 188.53 15.58 46.82
N ALA Q 13 187.83 15.60 45.69
CA ALA Q 13 188.07 14.60 44.66
C ALA Q 13 189.47 14.75 44.07
N LEU Q 14 189.90 15.99 43.85
CA LEU Q 14 191.26 16.22 43.33
C LEU Q 14 192.31 15.77 44.33
N TRP Q 15 192.09 16.01 45.62
CA TRP Q 15 192.99 15.47 46.63
C TRP Q 15 192.93 13.95 46.66
N MET Q 16 191.74 13.39 46.46
CA MET Q 16 191.58 11.95 46.48
C MET Q 16 192.30 11.29 45.31
N VAL Q 17 192.07 11.82 44.10
CA VAL Q 17 192.71 11.23 42.92
C VAL Q 17 194.22 11.38 43.00
N LEU Q 18 194.70 12.49 43.56
CA LEU Q 18 196.14 12.68 43.72
C LEU Q 18 196.73 11.61 44.62
N ILE Q 19 196.08 11.34 45.75
CA ILE Q 19 196.58 10.32 46.68
C ILE Q 19 196.47 8.93 46.05
N MET Q 20 195.37 8.67 45.34
CA MET Q 20 195.16 7.36 44.75
C MET Q 20 196.24 7.03 43.71
N VAL Q 21 196.62 8.01 42.89
CA VAL Q 21 197.60 7.74 41.84
C VAL Q 21 199.03 7.82 42.39
N CYS Q 22 199.27 8.67 43.39
CA CYS Q 22 200.64 8.88 43.86
C CYS Q 22 201.21 7.62 44.51
N ALA Q 23 200.38 6.86 45.21
CA ALA Q 23 200.86 5.66 45.90
C ALA Q 23 201.39 4.62 44.93
N ILE Q 24 200.92 4.65 43.68
CA ILE Q 24 201.32 3.64 42.71
C ILE Q 24 202.48 4.13 41.85
N ILE Q 25 202.45 5.40 41.45
CA ILE Q 25 203.46 5.90 40.52
C ILE Q 25 204.75 6.33 41.23
N ILE Q 26 204.71 6.56 42.54
CA ILE Q 26 205.92 6.91 43.29
C ILE Q 26 206.92 5.76 43.21
N PRO Q 27 206.56 4.51 43.53
CA PRO Q 27 207.57 3.44 43.42
C PRO Q 27 208.10 3.25 42.01
N SER Q 28 207.25 3.38 40.99
CA SER Q 28 207.71 3.25 39.62
C SER Q 28 208.66 4.38 39.24
N LEU Q 29 208.38 5.60 39.72
CA LEU Q 29 209.24 6.73 39.42
C LEU Q 29 210.64 6.54 40.01
N LEU Q 30 210.71 6.07 41.26
CA LEU Q 30 212.01 5.85 41.88
C LEU Q 30 212.78 4.74 41.17
N ILE Q 31 212.11 3.66 40.80
CA ILE Q 31 212.76 2.58 40.07
C ILE Q 31 213.26 3.07 38.72
N GLY Q 32 212.51 3.96 38.08
CA GLY Q 32 212.96 4.53 36.82
C GLY Q 32 214.27 5.28 36.96
N LEU Q 33 214.41 6.07 38.04
CA LEU Q 33 215.68 6.73 38.30
C LEU Q 33 216.79 5.73 38.58
N ILE Q 34 216.48 4.66 39.33
CA ILE Q 34 217.48 3.66 39.65
C ILE Q 34 217.97 2.96 38.39
N VAL Q 35 217.06 2.65 37.46
CA VAL Q 35 217.47 2.11 36.18
C VAL Q 35 218.22 3.17 35.38
N ALA Q 36 217.80 4.44 35.50
CA ALA Q 36 218.43 5.52 34.74
C ALA Q 36 219.88 5.70 35.15
N ILE Q 37 220.16 5.70 36.46
CA ILE Q 37 221.54 5.86 36.91
C ILE Q 37 222.36 4.64 36.57
N PHE Q 38 221.75 3.46 36.53
CA PHE Q 38 222.45 2.26 36.09
C PHE Q 38 222.88 2.38 34.64
N GLN Q 39 221.98 2.87 33.78
CA GLN Q 39 222.34 3.08 32.39
C GLN Q 39 223.28 4.25 32.20
N ALA Q 40 223.31 5.19 33.14
CA ALA Q 40 224.32 6.24 33.12
C ALA Q 40 225.69 5.73 33.53
N ALA Q 41 225.74 4.69 34.37
CA ALA Q 41 227.00 4.12 34.78
C ALA Q 41 227.62 3.24 33.70
N THR Q 42 226.81 2.47 32.97
CA THR Q 42 227.31 1.59 31.93
C THR Q 42 227.27 2.22 30.55
N SER Q 43 226.76 3.44 30.42
CA SER Q 43 226.70 4.20 29.18
C SER Q 43 225.87 3.52 28.10
N ILE Q 44 225.01 2.57 28.46
CA ILE Q 44 224.14 1.93 27.48
C ILE Q 44 222.96 2.83 27.20
N ASN Q 45 222.66 3.03 25.90
CA ASN Q 45 221.63 3.96 25.48
C ASN Q 45 220.30 3.28 25.18
N GLU Q 46 220.14 2.02 25.56
CA GLU Q 46 218.87 1.33 25.37
C GLU Q 46 217.79 1.95 26.27
N GLN Q 47 216.58 2.03 25.74
CA GLN Q 47 215.48 2.71 26.42
C GLN Q 47 214.27 1.81 26.67
N THR Q 48 214.39 0.50 26.42
CA THR Q 48 213.28 -0.41 26.61
C THR Q 48 213.46 -1.37 27.78
N LEU Q 49 214.66 -1.45 28.35
CA LEU Q 49 214.88 -2.36 29.47
C LEU Q 49 214.17 -1.89 30.73
N SER Q 50 213.93 -0.58 30.87
CA SER Q 50 213.35 -0.04 32.08
C SER Q 50 211.85 -0.32 32.20
N PHE Q 51 211.22 -0.79 31.13
CA PHE Q 51 209.78 -1.04 31.17
C PHE Q 51 209.44 -2.15 32.15
N LEU Q 52 210.22 -3.24 32.14
CA LEU Q 52 209.92 -4.37 33.02
C LEU Q 52 210.00 -4.02 34.49
N PRO Q 53 211.07 -3.39 35.01
CA PRO Q 53 211.08 -3.07 36.45
C PRO Q 53 209.93 -2.17 36.88
N ARG Q 54 209.55 -1.20 36.04
CA ARG Q 54 208.41 -0.35 36.40
C ARG Q 54 207.12 -1.15 36.44
N LEU Q 55 206.92 -2.05 35.47
CA LEU Q 55 205.68 -2.83 35.42
C LEU Q 55 205.58 -3.77 36.62
N ILE Q 56 206.70 -4.41 37.00
CA ILE Q 56 206.68 -5.33 38.13
C ILE Q 56 206.39 -4.58 39.43
N VAL Q 57 207.06 -3.46 39.65
CA VAL Q 57 206.85 -2.69 40.88
C VAL Q 57 205.44 -2.10 40.90
N THR Q 58 204.91 -1.70 39.75
CA THR Q 58 203.56 -1.16 39.70
C THR Q 58 202.53 -2.19 40.18
N LEU Q 59 202.66 -3.43 39.73
CA LEU Q 59 201.78 -4.49 40.21
C LEU Q 59 202.00 -4.76 41.69
N LEU Q 60 203.25 -4.64 42.15
CA LEU Q 60 203.53 -4.79 43.58
C LEU Q 60 202.84 -3.71 44.39
N ALA Q 61 202.84 -2.47 43.88
CA ALA Q 61 202.13 -1.39 44.57
C ALA Q 61 200.62 -1.64 44.58
N LEU Q 62 200.07 -2.13 43.48
CA LEU Q 62 198.64 -2.43 43.43
C LEU Q 62 198.28 -3.52 44.43
N MET Q 63 199.11 -4.55 44.53
CA MET Q 63 198.84 -5.63 45.48
C MET Q 63 198.95 -5.14 46.93
N LEU Q 64 199.91 -4.26 47.20
CA LEU Q 64 200.11 -3.79 48.57
C LEU Q 64 199.04 -2.80 49.00
N PHE Q 65 198.65 -1.90 48.11
CA PHE Q 65 197.69 -0.84 48.42
C PHE Q 65 196.31 -1.09 47.84
N GLY Q 66 196.03 -2.31 47.37
CA GLY Q 66 194.73 -2.57 46.75
C GLY Q 66 193.58 -2.43 47.73
N HIS Q 67 193.72 -3.01 48.92
CA HIS Q 67 192.65 -2.92 49.91
C HIS Q 67 192.48 -1.48 50.41
N TRP Q 68 193.59 -0.78 50.65
CA TRP Q 68 193.50 0.57 51.17
C TRP Q 68 192.86 1.52 50.17
N MET Q 69 193.20 1.39 48.88
CA MET Q 69 192.61 2.25 47.86
C MET Q 69 191.12 1.98 47.70
N THR Q 70 190.73 0.71 47.63
CA THR Q 70 189.31 0.37 47.47
C THR Q 70 188.50 0.85 48.66
N GLN Q 71 189.02 0.67 49.87
CA GLN Q 71 188.32 1.13 51.06
C GLN Q 71 188.18 2.66 51.05
N MET Q 72 189.22 3.36 50.62
CA MET Q 72 189.17 4.82 50.58
C MET Q 72 188.08 5.32 49.63
N LEU Q 73 187.99 4.72 48.45
CA LEU Q 73 186.96 5.11 47.50
C LEU Q 73 185.57 4.70 47.98
N MET Q 74 185.46 3.51 48.58
CA MET Q 74 184.17 3.06 49.08
C MET Q 74 183.67 3.95 50.20
N GLU Q 75 184.55 4.35 51.12
CA GLU Q 75 184.16 5.31 52.15
C GLU Q 75 183.88 6.67 51.57
N TYR Q 76 184.57 7.05 50.49
CA TYR Q 76 184.28 8.30 49.82
C TYR Q 76 182.89 8.29 49.21
N PHE Q 77 182.47 7.16 48.64
CA PHE Q 77 181.12 7.04 48.11
C PHE Q 77 180.09 7.18 49.23
N TYR Q 78 180.35 6.58 50.39
CA TYR Q 78 179.48 6.75 51.54
C TYR Q 78 179.49 8.20 52.03
N GLY Q 79 180.66 8.86 51.96
CA GLY Q 79 180.75 10.21 52.47
C GLY Q 79 179.91 11.20 51.70
N LEU Q 80 179.85 11.07 50.38
CA LEU Q 80 179.00 11.93 49.57
C LEU Q 80 177.53 11.69 49.89
N ILE Q 81 177.16 10.42 50.14
CA ILE Q 81 175.79 10.11 50.52
C ILE Q 81 175.44 10.75 51.86
N GLU Q 82 176.37 10.69 52.82
CA GLU Q 82 176.12 11.28 54.13
C GLU Q 82 175.93 12.78 54.04
N ARG Q 83 176.73 13.45 53.21
CA ARG Q 83 176.61 14.91 53.06
C ARG Q 83 175.53 15.32 52.08
N LEU Q 84 174.89 14.37 51.41
CA LEU Q 84 173.80 14.70 50.47
C LEU Q 84 172.65 15.44 51.13
N PRO Q 85 172.14 15.05 52.30
CA PRO Q 85 171.10 15.88 52.95
C PRO Q 85 171.56 17.30 53.24
N GLN Q 86 172.84 17.47 53.59
CA GLN Q 86 173.35 18.81 53.87
C GLN Q 86 173.24 19.71 52.65
N VAL Q 87 173.60 19.20 51.48
CA VAL Q 87 173.51 20.00 50.25
C VAL Q 87 172.06 20.29 49.92
N LEU Q 88 171.18 19.29 50.06
CA LEU Q 88 169.77 19.46 49.74
C LEU Q 88 168.99 20.17 50.83
N TYR Q 89 169.63 20.48 51.97
CA TYR Q 89 168.97 21.20 53.05
C TYR Q 89 168.53 22.59 52.60
N MET R 1 172.30 38.72 13.77
CA MET R 1 173.16 39.76 14.35
C MET R 1 174.18 40.24 13.32
N THR R 2 174.81 41.37 13.61
CA THR R 2 175.87 41.88 12.76
C THR R 2 177.09 40.95 12.84
N PRO R 3 177.78 40.73 11.72
CA PRO R 3 178.96 39.86 11.76
C PRO R 3 180.03 40.32 12.73
N GLU R 4 180.20 41.64 12.91
CA GLU R 4 181.20 42.14 13.85
C GLU R 4 180.88 41.73 15.28
N MET R 5 179.59 41.71 15.63
CA MET R 5 179.20 41.26 16.97
C MET R 5 179.53 39.79 17.17
N PHE R 6 179.36 38.98 16.12
CA PHE R 6 179.69 37.57 16.22
C PHE R 6 181.18 37.36 16.47
N VAL R 7 182.03 38.13 15.80
CA VAL R 7 183.47 38.00 15.98
C VAL R 7 183.87 38.43 17.38
N GLU R 8 183.21 39.47 17.87
CA GLU R 8 183.48 39.92 19.25
C GLU R 8 183.23 38.72 20.16
N LEU R 9 182.03 38.17 20.10
CA LEU R 9 181.67 37.04 20.95
C LEU R 9 182.63 35.87 20.76
N PHE R 10 183.01 35.61 19.50
CA PHE R 10 183.94 34.52 19.22
C PHE R 10 185.30 34.78 19.87
N ARG R 11 185.79 36.03 19.77
CA ARG R 11 187.11 36.35 20.31
C ARG R 11 187.13 36.22 21.83
N GLU R 12 186.10 36.73 22.50
CA GLU R 12 186.10 36.70 23.97
C GLU R 12 185.93 35.28 24.49
N ALA R 13 185.29 34.41 23.69
CA ALA R 13 185.23 33.00 24.06
C ALA R 13 186.59 32.33 23.91
N LEU R 14 187.29 32.62 22.82
CA LEU R 14 188.63 32.08 22.64
C LEU R 14 189.61 32.67 23.66
N TRP R 15 189.41 33.93 24.03
CA TRP R 15 190.23 34.52 25.08
C TRP R 15 189.94 33.88 26.43
N MET R 16 188.69 33.48 26.66
CA MET R 16 188.32 32.86 27.93
C MET R 16 189.01 31.51 28.10
N VAL R 17 189.00 30.69 27.04
CA VAL R 17 189.65 29.39 27.13
C VAL R 17 191.17 29.54 27.19
N LEU R 18 191.73 30.49 26.43
CA LEU R 18 193.17 30.69 26.42
C LEU R 18 193.68 31.07 27.80
N ILE R 19 193.02 32.02 28.47
CA ILE R 19 193.42 32.39 29.82
C ILE R 19 193.25 31.22 30.76
N MET R 20 192.12 30.53 30.67
CA MET R 20 191.86 29.41 31.57
C MET R 20 192.84 28.27 31.33
N VAL R 21 193.10 27.94 30.06
CA VAL R 21 193.95 26.80 29.75
C VAL R 21 195.40 27.09 30.10
N CYS R 22 195.85 28.34 29.90
CA CYS R 22 197.24 28.66 30.17
C CYS R 22 197.53 28.67 31.67
N ALA R 23 196.58 29.17 32.47
CA ALA R 23 196.78 29.19 33.92
C ALA R 23 196.90 27.79 34.49
N ILE R 24 196.40 26.78 33.78
CA ILE R 24 196.47 25.41 34.27
C ILE R 24 197.69 24.68 33.73
N ILE R 25 198.15 25.02 32.52
CA ILE R 25 199.17 24.24 31.84
C ILE R 25 200.55 24.83 32.06
N ILE R 26 200.64 26.15 32.18
CA ILE R 26 201.92 26.82 32.38
C ILE R 26 202.67 26.23 33.57
N PRO R 27 202.04 25.99 34.72
CA PRO R 27 202.77 25.29 35.80
C PRO R 27 203.29 23.93 35.38
N SER R 28 202.52 23.18 34.57
CA SER R 28 202.99 21.89 34.10
C SER R 28 204.09 22.05 33.06
N LEU R 29 203.99 23.09 32.22
CA LEU R 29 205.00 23.30 31.18
C LEU R 29 206.37 23.59 31.79
N LEU R 30 206.40 24.42 32.83
CA LEU R 30 207.68 24.76 33.47
C LEU R 30 208.28 23.55 34.16
N ILE R 31 207.46 22.77 34.87
CA ILE R 31 207.97 21.59 35.57
C ILE R 31 208.53 20.58 34.59
N GLY R 32 207.83 20.35 33.48
CA GLY R 32 208.35 19.44 32.46
C GLY R 32 209.67 19.93 31.88
N LEU R 33 209.79 21.24 31.69
CA LEU R 33 211.06 21.80 31.21
C LEU R 33 212.16 21.64 32.25
N ILE R 34 211.83 21.84 33.52
CA ILE R 34 212.83 21.70 34.59
C ILE R 34 213.36 20.27 34.66
N VAL R 35 212.46 19.29 34.60
CA VAL R 35 212.88 17.90 34.68
C VAL R 35 213.71 17.52 33.47
N ALA R 36 213.34 18.01 32.29
CA ALA R 36 214.10 17.69 31.08
C ALA R 36 215.52 18.21 31.17
N ILE R 37 215.70 19.43 31.69
CA ILE R 37 217.04 19.98 31.87
C ILE R 37 217.83 19.14 32.87
N PHE R 38 217.18 18.73 33.96
CA PHE R 38 217.85 17.89 34.95
C PHE R 38 218.27 16.55 34.36
N GLN R 39 217.39 15.94 33.55
CA GLN R 39 217.75 14.68 32.91
C GLN R 39 218.91 14.88 31.93
N ALA R 40 218.91 15.98 31.18
CA ALA R 40 220.01 16.27 30.28
C ALA R 40 221.30 16.49 31.05
N ALA R 41 221.20 17.12 32.23
CA ALA R 41 222.40 17.37 33.04
C ALA R 41 223.05 16.07 33.50
N THR R 42 222.25 15.04 33.79
CA THR R 42 222.76 13.74 34.19
C THR R 42 222.79 12.75 33.04
N SER R 43 222.56 13.23 31.81
CA SER R 43 222.71 12.43 30.59
C SER R 43 221.82 11.19 30.59
N ILE R 44 220.56 11.35 30.99
CA ILE R 44 219.58 10.28 30.91
C ILE R 44 218.38 10.77 30.11
N ASN R 45 217.70 9.85 29.45
CA ASN R 45 216.52 10.14 28.63
C ASN R 45 215.45 9.10 28.93
N GLU R 46 214.60 9.41 29.93
CA GLU R 46 213.49 8.55 30.31
C GLU R 46 212.19 9.31 30.02
N GLN R 47 211.42 8.81 29.05
CA GLN R 47 210.21 9.52 28.63
C GLN R 47 209.14 9.51 29.72
N THR R 48 208.98 8.38 30.40
CA THR R 48 207.92 8.24 31.39
C THR R 48 208.26 8.85 32.75
N LEU R 49 209.49 9.34 32.93
CA LEU R 49 209.89 9.87 34.23
C LEU R 49 209.15 11.15 34.57
N SER R 50 209.04 12.07 33.61
CA SER R 50 208.44 13.39 33.86
C SER R 50 206.92 13.34 33.69
N PHE R 51 206.30 12.44 34.46
CA PHE R 51 204.84 12.33 34.50
C PHE R 51 204.28 12.60 35.89
N LEU R 52 204.86 12.01 36.93
CA LEU R 52 204.40 12.28 38.28
C LEU R 52 204.48 13.76 38.65
N PRO R 53 205.60 14.48 38.44
CA PRO R 53 205.59 15.91 38.78
C PRO R 53 204.56 16.72 38.02
N ARG R 54 204.36 16.42 36.72
CA ARG R 54 203.39 17.18 35.94
C ARG R 54 201.97 16.93 36.41
N LEU R 55 201.63 15.66 36.68
CA LEU R 55 200.28 15.33 37.13
C LEU R 55 199.97 15.98 38.47
N ILE R 56 200.90 15.90 39.41
CA ILE R 56 200.66 16.47 40.74
C ILE R 56 200.54 17.98 40.66
N VAL R 57 201.44 18.63 39.92
CA VAL R 57 201.41 20.09 39.81
C VAL R 57 200.12 20.54 39.14
N THR R 58 199.69 19.83 38.09
CA THR R 58 198.43 20.19 37.43
C THR R 58 197.25 20.04 38.38
N LEU R 59 197.22 18.96 39.17
CA LEU R 59 196.16 18.80 40.16
C LEU R 59 196.22 19.89 41.21
N LEU R 60 197.43 20.28 41.64
CA LEU R 60 197.56 21.39 42.58
C LEU R 60 197.08 22.69 41.95
N ALA R 61 197.38 22.90 40.67
CA ALA R 61 196.92 24.10 39.98
C ALA R 61 195.39 24.13 39.91
N LEU R 62 194.77 22.99 39.64
CA LEU R 62 193.30 22.94 39.58
C LEU R 62 192.70 23.25 40.95
N MET R 63 193.29 22.71 42.02
CA MET R 63 192.78 22.98 43.36
C MET R 63 192.94 24.46 43.73
N LEU R 64 194.10 25.04 43.40
CA LEU R 64 194.37 26.42 43.80
C LEU R 64 193.44 27.40 43.10
N PHE R 65 193.20 27.20 41.80
CA PHE R 65 192.37 28.11 41.02
C PHE R 65 190.93 27.63 40.93
N GLY R 66 190.46 26.85 41.91
CA GLY R 66 189.08 26.39 41.88
C GLY R 66 188.08 27.53 41.99
N HIS R 67 188.31 28.46 42.91
CA HIS R 67 187.42 29.60 43.06
C HIS R 67 187.55 30.56 41.88
N TRP R 68 188.76 30.70 41.33
CA TRP R 68 188.96 31.64 40.23
C TRP R 68 188.27 31.16 38.96
N MET R 69 188.39 29.86 38.64
CA MET R 69 187.73 29.34 37.45
C MET R 69 186.21 29.41 37.57
N THR R 70 185.69 29.06 38.74
CA THR R 70 184.24 29.13 38.94
C THR R 70 183.73 30.57 38.83
N GLN R 71 184.45 31.51 39.43
CA GLN R 71 184.06 32.92 39.34
C GLN R 71 184.11 33.41 37.90
N MET R 72 185.15 33.03 37.16
CA MET R 72 185.28 33.45 35.77
C MET R 72 184.15 32.89 34.91
N LEU R 73 183.80 31.62 35.11
CA LEU R 73 182.75 31.00 34.30
C LEU R 73 181.38 31.58 34.65
N MET R 74 181.09 31.75 35.94
CA MET R 74 179.79 32.27 36.33
C MET R 74 179.58 33.69 35.83
N GLU R 75 180.61 34.53 35.89
CA GLU R 75 180.48 35.89 35.39
C GLU R 75 180.37 35.92 33.87
N TYR R 76 181.06 35.01 33.19
CA TYR R 76 180.95 34.94 31.73
C TYR R 76 179.54 34.54 31.30
N PHE R 77 178.93 33.59 32.00
CA PHE R 77 177.56 33.21 31.70
C PHE R 77 176.60 34.37 31.93
N TYR R 78 176.79 35.10 33.03
CA TYR R 78 175.97 36.28 33.27
C TYR R 78 176.23 37.36 32.22
N GLY R 79 177.49 37.50 31.79
CA GLY R 79 177.80 38.50 30.78
C GLY R 79 177.09 38.26 29.46
N LEU R 80 177.04 37.01 29.02
CA LEU R 80 176.30 36.69 27.80
C LEU R 80 174.81 36.93 27.98
N ILE R 81 174.27 36.61 29.15
CA ILE R 81 172.86 36.84 29.42
C ILE R 81 172.54 38.33 29.35
N GLU R 82 173.37 39.16 29.99
CA GLU R 82 173.15 40.60 29.95
C GLU R 82 173.44 41.20 28.59
N ARG R 83 174.27 40.54 27.77
CA ARG R 83 174.56 41.03 26.43
C ARG R 83 173.48 40.63 25.44
N LEU R 84 172.61 39.69 25.80
CA LEU R 84 171.54 39.23 24.90
C LEU R 84 170.58 40.34 24.47
N PRO R 85 170.03 41.18 25.37
CA PRO R 85 169.13 42.24 24.90
C PRO R 85 169.79 43.22 23.95
N GLN R 86 171.11 43.41 24.05
CA GLN R 86 171.80 44.27 23.10
C GLN R 86 171.77 43.70 21.69
N VAL R 87 171.91 42.38 21.55
CA VAL R 87 171.91 41.75 20.24
C VAL R 87 170.50 41.74 19.65
N LEU R 88 169.56 41.12 20.37
CA LEU R 88 168.22 40.88 19.76
C LEU R 88 167.66 42.14 19.09
N TYR R 89 168.28 43.31 19.28
CA TYR R 89 167.70 44.57 18.72
C TYR R 89 168.79 45.39 18.03
N MET S 1 170.41 -14.37 -10.09
CA MET S 1 171.13 -15.46 -10.75
C MET S 1 171.80 -16.37 -9.72
N THR S 2 173.07 -16.72 -9.97
CA THR S 2 173.84 -17.57 -9.07
C THR S 2 174.60 -16.74 -8.05
N PRO S 3 174.80 -17.28 -6.84
CA PRO S 3 175.53 -16.52 -5.81
C PRO S 3 176.94 -16.13 -6.21
N GLU S 4 177.60 -16.93 -7.04
CA GLU S 4 178.96 -16.60 -7.46
C GLU S 4 179.00 -15.29 -8.25
N MET S 5 178.00 -15.08 -9.12
CA MET S 5 177.93 -13.83 -9.88
C MET S 5 177.75 -12.64 -8.96
N PHE S 6 176.97 -12.79 -7.90
CA PHE S 6 176.86 -11.72 -6.91
C PHE S 6 178.19 -11.45 -6.24
N VAL S 7 178.97 -12.50 -5.95
CA VAL S 7 180.29 -12.32 -5.38
C VAL S 7 181.18 -11.53 -6.33
N GLU S 8 181.09 -11.83 -7.63
CA GLU S 8 181.87 -11.08 -8.62
C GLU S 8 181.48 -9.60 -8.62
N LEU S 9 180.18 -9.32 -8.48
CA LEU S 9 179.72 -7.93 -8.42
C LEU S 9 180.28 -7.23 -7.19
N PHE S 10 180.23 -7.89 -6.03
CA PHE S 10 180.67 -7.26 -4.79
C PHE S 10 182.19 -7.11 -4.75
N ARG S 11 182.91 -8.09 -5.29
CA ARG S 11 184.36 -7.94 -5.42
C ARG S 11 184.71 -6.81 -6.37
N GLU S 12 183.95 -6.70 -7.47
CA GLU S 12 184.19 -5.60 -8.42
C GLU S 12 183.94 -4.25 -7.78
N ALA S 13 182.88 -4.14 -6.97
CA ALA S 13 182.60 -2.89 -6.28
C ALA S 13 183.67 -2.56 -5.26
N LEU S 14 184.08 -3.55 -4.47
CA LEU S 14 185.14 -3.33 -3.48
C LEU S 14 186.46 -3.03 -4.19
N TRP S 15 186.69 -3.61 -5.37
CA TRP S 15 187.88 -3.28 -6.13
C TRP S 15 187.89 -1.82 -6.54
N MET S 16 186.73 -1.29 -6.93
CA MET S 16 186.65 0.10 -7.35
C MET S 16 186.95 1.05 -6.18
N VAL S 17 186.38 0.79 -5.02
CA VAL S 17 186.62 1.65 -3.87
C VAL S 17 188.08 1.57 -3.45
N LEU S 18 188.73 0.42 -3.68
CA LEU S 18 190.17 0.33 -3.43
C LEU S 18 190.94 1.25 -4.36
N ILE S 19 190.53 1.32 -5.63
CA ILE S 19 191.15 2.26 -6.56
C ILE S 19 190.86 3.70 -6.14
N MET S 20 189.63 3.96 -5.73
CA MET S 20 189.26 5.30 -5.29
C MET S 20 190.08 5.72 -4.07
N VAL S 21 190.16 4.85 -3.07
CA VAL S 21 190.85 5.20 -1.83
C VAL S 21 192.36 5.27 -2.05
N CYS S 22 192.89 4.41 -2.93
CA CYS S 22 194.33 4.43 -3.19
C CYS S 22 194.76 5.73 -3.85
N ALA S 23 193.98 6.21 -4.84
CA ALA S 23 194.32 7.45 -5.52
C ALA S 23 194.34 8.63 -4.56
N ILE S 24 193.50 8.59 -3.53
CA ILE S 24 193.42 9.69 -2.59
C ILE S 24 194.51 9.56 -1.52
N ILE S 25 194.71 8.36 -1.00
CA ILE S 25 195.55 8.17 0.19
C ILE S 25 197.03 8.18 -0.18
N ILE S 26 197.41 7.46 -1.23
CA ILE S 26 198.82 7.26 -1.58
C ILE S 26 199.56 8.58 -1.69
N PRO S 27 199.01 9.63 -2.30
CA PRO S 27 199.71 10.93 -2.25
C PRO S 27 199.97 11.42 -0.83
N SER S 28 199.08 11.15 0.11
CA SER S 28 199.30 11.53 1.50
C SER S 28 200.29 10.60 2.19
N LEU S 29 200.28 9.30 1.85
CA LEU S 29 201.21 8.36 2.44
C LEU S 29 202.64 8.69 2.06
N LEU S 30 202.87 9.06 0.80
CA LEU S 30 204.22 9.40 0.35
C LEU S 30 204.75 10.63 1.09
N ILE S 31 203.90 11.66 1.24
CA ILE S 31 204.32 12.85 1.94
C ILE S 31 204.58 12.55 3.42
N GLY S 32 203.78 11.67 4.01
CA GLY S 32 204.00 11.30 5.40
C GLY S 32 205.35 10.65 5.62
N LEU S 33 205.75 9.76 4.71
CA LEU S 33 207.06 9.14 4.80
C LEU S 33 208.17 10.15 4.55
N ILE S 34 207.98 11.05 3.59
CA ILE S 34 209.01 12.03 3.27
C ILE S 34 209.31 12.91 4.46
N VAL S 35 208.27 13.40 5.13
CA VAL S 35 208.47 14.24 6.31
C VAL S 35 209.05 13.41 7.45
N ALA S 36 208.56 12.18 7.63
CA ALA S 36 209.03 11.35 8.74
C ALA S 36 210.51 11.01 8.61
N ILE S 37 210.96 10.68 7.40
CA ILE S 37 212.37 10.38 7.19
C ILE S 37 213.20 11.66 7.35
N PHE S 38 212.68 12.79 6.88
CA PHE S 38 213.38 14.06 7.07
C PHE S 38 213.55 14.39 8.55
N GLN S 39 212.51 14.17 9.35
CA GLN S 39 212.63 14.36 10.79
C GLN S 39 213.62 13.39 11.40
N ALA S 40 213.62 12.14 10.95
CA ALA S 40 214.57 11.15 11.47
C ALA S 40 216.00 11.55 11.15
N ALA S 41 216.25 12.03 9.93
CA ALA S 41 217.59 12.49 9.58
C ALA S 41 218.00 13.69 10.40
N THR S 42 217.09 14.63 10.63
CA THR S 42 217.37 15.86 11.35
C THR S 42 217.15 15.72 12.86
N SER S 43 216.79 14.53 13.33
CA SER S 43 216.52 14.29 14.75
C SER S 43 215.45 15.22 15.29
N ILE S 44 214.38 15.40 14.51
CA ILE S 44 213.24 16.22 14.90
C ILE S 44 212.12 15.29 15.33
N ASN S 45 211.51 15.59 16.47
CA ASN S 45 210.56 14.68 17.11
C ASN S 45 209.23 15.38 17.36
N GLU S 46 208.70 16.03 16.32
CA GLU S 46 207.36 16.63 16.38
C GLU S 46 206.40 15.66 15.69
N GLN S 47 205.61 14.94 16.50
CA GLN S 47 204.74 13.90 15.95
C GLN S 47 203.57 14.49 15.16
N THR S 48 203.07 15.65 15.57
CA THR S 48 201.91 16.25 14.92
C THR S 48 202.29 17.19 13.77
N LEU S 49 203.58 17.26 13.43
CA LEU S 49 204.01 18.16 12.36
C LEU S 49 203.45 17.73 11.01
N SER S 50 203.44 16.43 10.72
CA SER S 50 203.09 15.93 9.40
C SER S 50 201.59 15.58 9.32
N PHE S 51 200.77 16.59 9.59
CA PHE S 51 199.32 16.48 9.40
C PHE S 51 198.81 17.38 8.30
N LEU S 52 199.15 18.67 8.35
CA LEU S 52 198.76 19.58 7.26
C LEU S 52 199.34 19.16 5.92
N PRO S 53 200.61 18.77 5.79
CA PRO S 53 201.09 18.30 4.48
C PRO S 53 200.29 17.14 3.92
N ARG S 54 199.88 16.19 4.78
CA ARG S 54 199.04 15.10 4.31
C ARG S 54 197.66 15.61 3.92
N LEU S 55 197.12 16.57 4.67
CA LEU S 55 195.81 17.13 4.34
C LEU S 55 195.84 17.90 3.03
N ILE S 56 196.92 18.64 2.78
CA ILE S 56 197.00 19.46 1.57
C ILE S 56 196.96 18.58 0.33
N VAL S 57 197.81 17.54 0.30
CA VAL S 57 197.85 16.68 -0.88
C VAL S 57 196.56 15.87 -1.02
N THR S 58 195.93 15.50 0.10
CA THR S 58 194.67 14.77 0.03
C THR S 58 193.59 15.63 -0.61
N LEU S 59 193.50 16.90 -0.21
CA LEU S 59 192.54 17.81 -0.84
C LEU S 59 192.90 18.06 -2.31
N LEU S 60 194.19 18.22 -2.59
CA LEU S 60 194.62 18.40 -3.97
C LEU S 60 194.32 17.18 -4.83
N ALA S 61 194.49 15.98 -4.27
CA ALA S 61 194.18 14.76 -5.01
C ALA S 61 192.70 14.68 -5.35
N LEU S 62 191.83 15.07 -4.40
CA LEU S 62 190.40 15.07 -4.67
C LEU S 62 190.05 16.02 -5.80
N MET S 63 190.64 17.21 -5.81
CA MET S 63 190.40 18.15 -6.91
C MET S 63 190.96 17.63 -8.22
N LEU S 64 192.14 17.03 -8.19
CA LEU S 64 192.76 16.56 -9.43
C LEU S 64 192.02 15.37 -10.02
N PHE S 65 191.53 14.46 -9.17
CA PHE S 65 190.81 13.27 -9.62
C PHE S 65 189.30 13.47 -9.60
N GLY S 66 188.84 14.72 -9.64
CA GLY S 66 187.40 14.97 -9.59
C GLY S 66 186.67 14.43 -10.81
N HIS S 67 187.22 14.68 -12.00
CA HIS S 67 186.56 14.23 -13.22
C HIS S 67 186.59 12.72 -13.34
N TRP S 68 187.75 12.10 -13.06
CA TRP S 68 187.90 10.66 -13.26
C TRP S 68 186.97 9.87 -12.33
N MET S 69 186.89 10.28 -11.07
CA MET S 69 186.05 9.55 -10.12
C MET S 69 184.57 9.70 -10.44
N THR S 70 184.23 10.88 -10.96
CA THR S 70 182.83 11.06 -11.41
C THR S 70 182.62 10.09 -12.55
N GLN S 71 183.35 10.26 -13.64
CA GLN S 71 183.12 9.41 -14.83
C GLN S 71 183.01 7.95 -14.40
N MET S 72 183.68 7.55 -13.34
CA MET S 72 183.79 6.14 -12.98
C MET S 72 182.57 5.67 -12.19
N LEU S 73 182.08 6.52 -11.27
CA LEU S 73 180.87 6.17 -10.53
C LEU S 73 179.66 6.13 -11.44
N MET S 74 179.53 7.11 -12.34
CA MET S 74 178.39 7.15 -13.25
C MET S 74 178.39 5.94 -14.19
N GLU S 75 179.55 5.60 -14.74
CA GLU S 75 179.64 4.47 -15.65
C GLU S 75 179.41 3.15 -14.93
N TYR S 76 179.83 3.05 -13.66
CA TYR S 76 179.52 1.87 -12.86
C TYR S 76 178.02 1.72 -12.68
N PHE S 77 177.32 2.84 -12.42
CA PHE S 77 175.87 2.79 -12.32
C PHE S 77 175.24 2.34 -13.63
N TYR S 78 175.73 2.87 -14.75
CA TYR S 78 175.22 2.44 -16.05
C TYR S 78 175.56 0.98 -16.32
N GLY S 79 176.74 0.53 -15.89
CA GLY S 79 177.10 -0.86 -16.08
C GLY S 79 176.17 -1.80 -15.33
N LEU S 80 175.82 -1.45 -14.09
CA LEU S 80 174.86 -2.25 -13.34
C LEU S 80 173.49 -2.22 -14.00
N ILE S 81 173.05 -1.03 -14.45
CA ILE S 81 171.73 -0.91 -15.07
C ILE S 81 171.64 -1.76 -16.32
N GLU S 82 172.68 -1.72 -17.16
CA GLU S 82 172.71 -2.57 -18.34
C GLU S 82 172.88 -4.04 -18.00
N ARG S 83 173.33 -4.35 -16.78
CA ARG S 83 173.44 -5.73 -16.31
C ARG S 83 172.17 -6.22 -15.63
N LEU S 84 171.16 -5.36 -15.45
CA LEU S 84 169.89 -5.81 -14.90
C LEU S 84 169.23 -6.93 -15.68
N PRO S 85 169.29 -6.92 -17.04
CA PRO S 85 168.77 -8.02 -17.84
C PRO S 85 169.36 -9.33 -17.33
N GLN S 86 170.59 -9.33 -16.82
CA GLN S 86 171.11 -10.65 -16.39
C GLN S 86 170.14 -11.17 -15.34
N VAL S 87 169.74 -10.29 -14.41
CA VAL S 87 168.84 -10.70 -13.31
C VAL S 87 167.50 -11.15 -13.88
N LEU S 88 166.95 -10.38 -14.80
CA LEU S 88 165.60 -10.71 -15.35
C LEU S 88 165.64 -12.00 -16.18
N TYR S 89 166.80 -12.40 -16.71
CA TYR S 89 166.84 -13.59 -17.61
C TYR S 89 167.35 -14.84 -16.88
N MET T 1 172.18 18.89 -13.86
CA MET T 1 173.55 18.89 -13.36
C MET T 1 174.50 18.15 -14.30
N THR T 2 175.39 18.90 -14.94
CA THR T 2 176.42 18.28 -15.76
C THR T 2 177.61 17.87 -14.89
N PRO T 3 178.33 16.83 -15.28
CA PRO T 3 179.50 16.41 -14.49
C PRO T 3 180.56 17.49 -14.37
N GLU T 4 180.73 18.33 -15.40
CA GLU T 4 181.74 19.39 -15.33
C GLU T 4 181.44 20.38 -14.22
N MET T 5 180.18 20.77 -14.08
CA MET T 5 179.80 21.71 -13.02
C MET T 5 179.97 21.07 -11.65
N PHE T 6 179.70 19.76 -11.53
CA PHE T 6 179.85 19.08 -10.25
C PHE T 6 181.29 19.13 -9.77
N VAL T 7 182.25 18.91 -10.67
CA VAL T 7 183.65 18.98 -10.30
C VAL T 7 184.03 20.42 -9.94
N GLU T 8 183.37 21.38 -10.58
CA GLU T 8 183.75 22.80 -10.32
C GLU T 8 183.29 23.16 -8.92
N LEU T 9 182.09 22.75 -8.53
CA LEU T 9 181.63 22.99 -7.17
C LEU T 9 182.45 22.21 -6.15
N PHE T 10 182.83 20.98 -6.50
CA PHE T 10 183.66 20.19 -5.60
C PHE T 10 185.03 20.85 -5.42
N ARG T 11 185.63 21.33 -6.50
CA ARG T 11 186.96 21.92 -6.41
C ARG T 11 186.94 23.22 -5.62
N GLU T 12 185.95 24.08 -5.86
CA GLU T 12 185.91 25.36 -5.16
C GLU T 12 185.62 25.17 -3.67
N ALA T 13 184.85 24.15 -3.33
CA ALA T 13 184.64 23.83 -1.92
C ALA T 13 185.92 23.32 -1.28
N LEU T 14 186.62 22.41 -1.96
CA LEU T 14 187.87 21.89 -1.44
C LEU T 14 188.96 22.96 -1.40
N TRP T 15 188.92 23.89 -2.35
CA TRP T 15 189.89 24.98 -2.35
C TRP T 15 189.63 25.92 -1.18
N MET T 16 188.37 26.14 -0.81
CA MET T 16 188.04 27.03 0.29
C MET T 16 188.46 26.44 1.62
N VAL T 17 188.14 25.16 1.85
CA VAL T 17 188.52 24.54 3.12
C VAL T 17 190.04 24.44 3.23
N LEU T 18 190.73 24.19 2.11
CA LEU T 18 192.19 24.13 2.12
C LEU T 18 192.78 25.48 2.54
N ILE T 19 192.24 26.57 2.01
CA ILE T 19 192.74 27.89 2.37
C ILE T 19 192.50 28.16 3.86
N MET T 20 191.32 27.84 4.36
CA MET T 20 190.99 28.11 5.75
C MET T 20 191.83 27.24 6.69
N VAL T 21 191.93 25.95 6.41
CA VAL T 21 192.62 25.04 7.32
C VAL T 21 194.12 25.32 7.32
N CYS T 22 194.69 25.66 6.16
CA CYS T 22 196.12 25.94 6.11
C CYS T 22 196.45 27.24 6.83
N ALA T 23 195.59 28.25 6.72
CA ALA T 23 195.84 29.52 7.40
C ALA T 23 195.83 29.34 8.92
N ILE T 24 195.10 28.34 9.41
CA ILE T 24 195.00 28.15 10.86
C ILE T 24 196.12 27.24 11.36
N ILE T 25 196.40 26.15 10.63
CA ILE T 25 197.36 25.16 11.11
C ILE T 25 198.78 25.71 11.05
N ILE T 26 199.11 26.46 10.00
CA ILE T 26 200.48 26.91 9.74
C ILE T 26 201.08 27.63 10.95
N PRO T 27 200.38 28.56 11.62
CA PRO T 27 200.96 29.14 12.84
C PRO T 27 201.28 28.11 13.90
N SER T 28 200.49 27.05 14.03
CA SER T 28 200.82 25.99 14.98
C SER T 28 201.95 25.10 14.47
N LEU T 29 201.99 24.86 13.15
CA LEU T 29 203.04 24.02 12.59
C LEU T 29 204.40 24.69 12.72
N LEU T 30 204.47 26.00 12.50
CA LEU T 30 205.74 26.71 12.62
C LEU T 30 206.25 26.68 14.05
N ILE T 31 205.37 26.94 15.03
CA ILE T 31 205.78 26.94 16.43
C ILE T 31 206.22 25.54 16.86
N GLY T 32 205.46 24.51 16.46
CA GLY T 32 205.85 23.16 16.80
C GLY T 32 207.20 22.77 16.21
N LEU T 33 207.49 23.25 15.00
CA LEU T 33 208.80 23.01 14.40
C LEU T 33 209.90 23.74 15.17
N ILE T 34 209.63 24.97 15.59
CA ILE T 34 210.64 25.77 16.31
C ILE T 34 210.99 25.10 17.64
N VAL T 35 209.97 24.66 18.38
CA VAL T 35 210.22 24.00 19.66
C VAL T 35 210.96 22.68 19.45
N ALA T 36 210.57 21.93 18.43
CA ALA T 36 211.26 20.68 18.13
C ALA T 36 212.72 20.91 17.77
N ILE T 37 212.98 21.97 16.98
CA ILE T 37 214.36 22.33 16.67
C ILE T 37 215.11 22.73 17.92
N PHE T 38 214.46 23.50 18.80
CA PHE T 38 215.10 23.93 20.04
C PHE T 38 215.44 22.73 20.92
N GLN T 39 214.54 21.75 21.01
CA GLN T 39 214.80 20.56 21.82
C GLN T 39 216.00 19.78 21.28
N ALA T 40 216.09 19.65 19.95
CA ALA T 40 217.20 18.93 19.35
C ALA T 40 218.53 19.65 19.62
N ALA T 41 218.52 20.98 19.55
CA ALA T 41 219.75 21.74 19.78
C ALA T 41 220.26 21.57 21.21
N THR T 42 219.35 21.61 22.18
CA THR T 42 219.73 21.41 23.57
C THR T 42 219.69 19.96 24.01
N SER T 43 219.26 19.05 23.13
CA SER T 43 219.25 17.61 23.38
C SER T 43 218.41 17.25 24.61
N ILE T 44 217.11 17.56 24.51
CA ILE T 44 216.12 17.15 25.49
C ILE T 44 215.01 16.41 24.75
N ASN T 45 214.34 15.51 25.47
CA ASN T 45 213.34 14.64 24.86
C ASN T 45 211.99 14.71 25.53
N GLU T 46 211.60 15.88 26.04
CA GLU T 46 210.24 16.07 26.52
C GLU T 46 209.28 16.09 25.33
N GLN T 47 208.14 15.41 25.48
CA GLN T 47 207.19 15.29 24.38
C GLN T 47 206.15 16.40 24.38
N THR T 48 205.41 16.55 25.49
CA THR T 48 204.34 17.53 25.57
C THR T 48 204.85 18.95 25.77
N LEU T 49 206.15 19.17 25.68
CA LEU T 49 206.69 20.53 25.81
C LEU T 49 206.22 21.45 24.71
N SER T 50 205.79 20.90 23.57
CA SER T 50 205.39 21.69 22.41
C SER T 50 203.88 21.60 22.17
N PHE T 51 203.08 21.58 23.23
CA PHE T 51 201.64 21.57 23.12
C PHE T 51 201.01 22.92 23.44
N LEU T 52 201.31 23.47 24.61
CA LEU T 52 200.73 24.77 24.98
C LEU T 52 201.09 25.87 24.00
N PRO T 53 202.35 26.02 23.54
CA PRO T 53 202.63 27.04 22.53
C PRO T 53 201.82 26.86 21.25
N ARG T 54 201.59 25.61 20.83
CA ARG T 54 200.76 25.38 19.64
C ARG T 54 199.33 25.83 19.89
N LEU T 55 198.78 25.52 21.07
CA LEU T 55 197.41 25.90 21.38
C LEU T 55 197.26 27.42 21.41
N ILE T 56 198.23 28.13 22.00
CA ILE T 56 198.13 29.58 22.12
C ILE T 56 198.12 30.24 20.74
N VAL T 57 199.03 29.83 19.87
CA VAL T 57 199.10 30.46 18.55
C VAL T 57 197.89 30.08 17.70
N THR T 58 197.35 28.88 17.89
CA THR T 58 196.14 28.49 17.17
C THR T 58 194.95 29.33 17.61
N LEU T 59 194.76 29.51 18.91
CA LEU T 59 193.68 30.35 19.40
C LEU T 59 193.87 31.81 18.98
N LEU T 60 195.11 32.30 19.05
CA LEU T 60 195.39 33.66 18.61
C LEU T 60 195.12 33.82 17.11
N ALA T 61 195.44 32.79 16.33
CA ALA T 61 195.16 32.84 14.89
C ALA T 61 193.66 32.95 14.63
N LEU T 62 192.84 32.19 15.37
CA LEU T 62 191.40 32.24 15.17
C LEU T 62 190.84 33.62 15.52
N MET T 63 191.39 34.26 16.55
CA MET T 63 190.96 35.62 16.88
C MET T 63 191.28 36.58 15.76
N LEU T 64 192.49 36.48 15.18
CA LEU T 64 192.91 37.41 14.14
C LEU T 64 192.21 37.14 12.81
N PHE T 65 191.96 35.88 12.47
CA PHE T 65 191.31 35.51 11.22
C PHE T 65 189.80 35.34 11.38
N GLY T 66 189.23 35.85 12.48
CA GLY T 66 187.79 35.74 12.65
C GLY T 66 187.02 36.54 11.61
N HIS T 67 187.44 37.77 11.37
CA HIS T 67 186.79 38.59 10.35
C HIS T 67 186.96 37.99 8.97
N TRP T 68 188.17 37.51 8.65
CA TRP T 68 188.46 36.99 7.32
C TRP T 68 187.66 35.71 7.03
N MET T 69 187.65 34.79 7.99
CA MET T 69 186.93 33.53 7.77
C MET T 69 185.42 33.76 7.69
N THR T 70 184.89 34.66 8.52
CA THR T 70 183.46 34.93 8.50
C THR T 70 183.03 35.50 7.15
N GLN T 71 183.81 36.43 6.60
CA GLN T 71 183.44 37.05 5.33
C GLN T 71 183.48 36.05 4.19
N MET T 72 184.47 35.17 4.17
CA MET T 72 184.58 34.19 3.09
C MET T 72 183.44 33.19 3.13
N LEU T 73 183.06 32.74 4.32
CA LEU T 73 181.92 31.81 4.44
C LEU T 73 180.63 32.47 4.00
N MET T 74 180.42 33.74 4.36
CA MET T 74 179.23 34.45 3.91
C MET T 74 179.26 34.64 2.39
N GLU T 75 180.44 35.00 1.87
CA GLU T 75 180.58 35.22 0.40
C GLU T 75 180.27 33.91 -0.33
N TYR T 76 180.81 32.79 0.16
CA TYR T 76 180.62 31.51 -0.51
C TYR T 76 179.15 31.12 -0.55
N PHE T 77 178.42 31.32 0.55
CA PHE T 77 176.99 31.02 0.56
C PHE T 77 176.24 31.91 -0.43
N TYR T 78 176.59 33.19 -0.48
CA TYR T 78 175.96 34.09 -1.43
C TYR T 78 176.30 33.69 -2.87
N GLY T 79 177.54 33.23 -3.10
CA GLY T 79 177.92 32.82 -4.44
C GLY T 79 177.12 31.62 -4.94
N LEU T 80 176.91 30.63 -4.07
CA LEU T 80 176.13 29.45 -4.46
C LEU T 80 174.68 29.83 -4.75
N ILE T 81 174.11 30.74 -3.95
CA ILE T 81 172.76 31.20 -4.20
C ILE T 81 172.66 31.88 -5.55
N GLU T 82 173.64 32.75 -5.87
CA GLU T 82 173.63 33.43 -7.15
C GLU T 82 173.92 32.48 -8.30
N ARG T 83 174.66 31.40 -8.06
CA ARG T 83 174.96 30.45 -9.11
C ARG T 83 173.83 29.45 -9.35
N LEU T 84 172.79 29.47 -8.52
CA LEU T 84 171.68 28.51 -8.65
C LEU T 84 170.99 28.55 -10.01
N PRO T 85 170.66 29.72 -10.59
CA PRO T 85 170.01 29.70 -11.92
C PRO T 85 170.85 29.03 -13.00
N GLN T 86 172.17 29.14 -12.92
CA GLN T 86 173.02 28.47 -13.90
C GLN T 86 172.94 26.95 -13.77
N VAL T 87 172.84 26.45 -12.53
CA VAL T 87 172.82 25.01 -12.30
C VAL T 87 171.58 24.39 -12.93
N LEU T 88 170.40 24.95 -12.64
CA LEU T 88 169.15 24.47 -13.18
C LEU T 88 168.55 25.53 -14.09
N TYR T 89 168.48 25.24 -15.38
CA TYR T 89 168.01 26.20 -16.37
C TYR T 89 166.49 26.10 -16.53
N GLU U 2 122.99 -30.30 9.57
CA GLU U 2 124.09 -29.80 10.39
C GLU U 2 123.74 -28.46 11.01
N TYR U 3 124.42 -28.11 12.10
CA TYR U 3 124.30 -26.77 12.65
C TYR U 3 125.42 -25.93 12.08
N PRO U 4 125.13 -24.79 11.43
CA PRO U 4 126.17 -24.06 10.69
C PRO U 4 127.34 -23.60 11.53
N THR U 5 127.22 -23.62 12.86
CA THR U 5 128.30 -23.18 13.73
C THR U 5 129.55 -24.04 13.53
N SER U 6 129.37 -25.35 13.38
CA SER U 6 130.51 -26.25 13.24
C SER U 6 131.30 -25.99 11.96
N VAL U 7 130.61 -25.73 10.86
CA VAL U 7 131.28 -25.57 9.57
C VAL U 7 132.11 -24.29 9.55
N VAL U 8 131.51 -23.18 9.99
CA VAL U 8 132.17 -21.89 9.90
C VAL U 8 133.33 -21.81 10.90
N LEU U 9 133.12 -22.30 12.12
CA LEU U 9 134.15 -22.22 13.15
C LEU U 9 135.38 -23.03 12.78
N ASP U 10 135.18 -24.22 12.21
CA ASP U 10 136.30 -25.10 11.88
C ASP U 10 137.23 -24.47 10.84
N TRP U 11 136.66 -23.86 9.81
CA TRP U 11 137.49 -23.25 8.76
C TRP U 11 138.34 -22.13 9.31
N ILE U 12 137.76 -21.29 10.17
CA ILE U 12 138.54 -20.22 10.80
C ILE U 12 139.63 -20.82 11.67
N ALA U 13 139.31 -21.88 12.42
CA ALA U 13 140.32 -22.58 13.19
C ALA U 13 141.33 -23.29 12.30
N ASN U 14 140.87 -23.84 11.18
CA ASN U 14 141.76 -24.57 10.28
C ASN U 14 142.60 -23.66 9.40
N TYR U 15 142.27 -22.37 9.32
CA TYR U 15 143.03 -21.42 8.51
C TYR U 15 143.90 -20.50 9.35
N PHE U 16 143.33 -19.81 10.34
CA PHE U 16 144.07 -18.80 11.07
C PHE U 16 145.22 -19.42 11.86
N TRP U 17 144.98 -20.55 12.52
CA TRP U 17 146.04 -21.19 13.30
C TRP U 17 147.23 -21.60 12.44
N PRO U 18 147.07 -22.26 11.30
CA PRO U 18 148.23 -22.44 10.41
C PRO U 18 148.81 -21.12 9.92
N TYR U 19 147.96 -20.13 9.66
CA TYR U 19 148.45 -18.84 9.16
C TYR U 19 149.30 -18.14 10.21
N VAL U 20 148.93 -18.24 11.48
CA VAL U 20 149.67 -17.55 12.54
C VAL U 20 151.12 -18.02 12.56
N ARG U 21 151.33 -19.34 12.49
CA ARG U 21 152.69 -19.86 12.45
C ARG U 21 153.43 -19.37 11.21
N ILE U 22 152.75 -19.40 10.06
CA ILE U 22 153.36 -18.92 8.82
C ILE U 22 153.68 -17.44 8.90
N SER U 23 152.71 -16.65 9.36
CA SER U 23 152.91 -15.20 9.44
C SER U 23 153.99 -14.84 10.45
N SER U 24 154.03 -15.55 11.59
CA SER U 24 155.04 -15.24 12.61
C SER U 24 156.44 -15.53 12.10
N MET U 25 156.61 -16.55 11.27
CA MET U 25 157.92 -16.82 10.68
C MET U 25 158.31 -15.72 9.71
N LEU U 26 157.34 -15.18 8.97
CA LEU U 26 157.62 -14.14 7.98
C LEU U 26 158.08 -12.84 8.64
N MET U 27 157.45 -12.45 9.75
CA MET U 27 157.79 -11.16 10.36
C MET U 27 159.19 -11.19 10.97
N VAL U 28 159.68 -12.37 11.35
CA VAL U 28 161.04 -12.52 11.86
C VAL U 28 162.02 -12.96 10.78
N MET U 29 161.53 -13.30 9.60
CA MET U 29 162.38 -13.81 8.54
C MET U 29 163.31 -12.71 8.01
N THR U 30 164.37 -13.14 7.33
CA THR U 30 165.37 -12.20 6.82
C THR U 30 164.79 -11.31 5.73
N VAL U 31 164.13 -11.90 4.73
CA VAL U 31 163.68 -11.15 3.56
C VAL U 31 162.26 -10.63 3.75
N THR U 32 161.32 -11.50 4.12
CA THR U 32 159.93 -11.06 4.26
C THR U 32 159.74 -10.18 5.47
N GLY U 33 160.63 -10.23 6.45
CA GLY U 33 160.53 -9.38 7.62
C GLY U 33 161.36 -8.11 7.50
N ALA U 34 161.80 -7.79 6.29
CA ALA U 34 162.63 -6.63 6.07
C ALA U 34 161.81 -5.34 6.21
N ARG U 35 162.52 -4.25 6.48
CA ARG U 35 161.88 -2.96 6.64
C ARG U 35 161.44 -2.34 5.33
N PHE U 36 161.99 -2.81 4.20
CA PHE U 36 161.62 -2.25 2.91
C PHE U 36 160.18 -2.60 2.54
N VAL U 37 159.79 -3.87 2.72
CA VAL U 37 158.45 -4.28 2.34
C VAL U 37 157.43 -3.72 3.32
N SER U 38 156.28 -3.33 2.80
CA SER U 38 155.20 -2.85 3.64
C SER U 38 154.54 -4.01 4.37
N PRO U 39 153.93 -3.76 5.54
CA PRO U 39 153.17 -4.83 6.20
C PRO U 39 152.03 -5.37 5.35
N ARG U 40 151.40 -4.52 4.53
CA ARG U 40 150.28 -4.97 3.72
C ARG U 40 150.71 -6.01 2.69
N ILE U 41 151.85 -5.78 2.03
CA ILE U 41 152.37 -6.77 1.08
C ILE U 41 152.73 -8.06 1.81
N ARG U 42 153.36 -7.94 2.98
CA ARG U 42 153.69 -9.11 3.78
C ARG U 42 152.43 -9.82 4.26
N LEU U 43 151.40 -9.05 4.64
CA LEU U 43 150.14 -9.65 5.09
C LEU U 43 149.49 -10.46 3.98
N TYR U 44 149.46 -9.90 2.77
CA TYR U 44 148.87 -10.63 1.64
C TYR U 44 149.69 -11.87 1.29
N LEU U 45 151.02 -11.77 1.41
CA LEU U 45 151.87 -12.93 1.15
C LEU U 45 151.57 -14.06 2.14
N GLY U 46 151.41 -13.72 3.42
CA GLY U 46 151.06 -14.75 4.40
C GLY U 46 149.69 -15.33 4.16
N LEU U 47 148.73 -14.50 3.76
CA LEU U 47 147.40 -14.99 3.42
C LEU U 47 147.44 -15.90 2.20
N ALA U 48 148.20 -15.52 1.17
CA ALA U 48 148.25 -16.32 -0.05
C ALA U 48 148.97 -17.65 0.17
N ILE U 49 150.05 -17.63 0.95
CA ILE U 49 150.80 -18.87 1.21
C ILE U 49 149.94 -19.85 1.99
N THR U 50 149.23 -19.37 3.02
CA THR U 50 148.41 -20.26 3.83
C THR U 50 147.29 -20.88 2.99
N PHE U 51 146.67 -20.10 2.11
CA PHE U 51 145.61 -20.62 1.27
C PHE U 51 146.13 -21.69 0.31
N ALA U 52 147.32 -21.48 -0.25
CA ALA U 52 147.85 -22.40 -1.24
C ALA U 52 148.30 -23.71 -0.61
N VAL U 53 148.90 -23.67 0.58
CA VAL U 53 149.48 -24.86 1.19
C VAL U 53 148.46 -25.52 2.10
N MET U 54 147.22 -25.04 2.06
CA MET U 54 146.15 -25.61 2.87
C MET U 54 145.94 -27.11 2.67
N PRO U 55 145.94 -27.65 1.44
CA PRO U 55 145.73 -29.11 1.30
C PRO U 55 146.77 -29.96 2.02
N ALA U 56 148.02 -29.48 2.13
CA ALA U 56 149.06 -30.26 2.80
C ALA U 56 148.96 -30.16 4.32
N ILE U 57 148.19 -29.21 4.84
CA ILE U 57 148.04 -29.03 6.28
C ILE U 57 146.96 -29.97 6.80
N PRO U 58 147.28 -30.83 7.76
CA PRO U 58 146.26 -31.72 8.33
C PRO U 58 145.23 -30.94 9.12
N ALA U 59 144.03 -31.51 9.21
CA ALA U 59 142.94 -30.87 9.94
C ALA U 59 143.29 -30.74 11.42
N VAL U 60 143.07 -29.55 11.97
CA VAL U 60 143.36 -29.28 13.37
C VAL U 60 142.37 -30.06 14.23
N PRO U 61 142.73 -30.41 15.47
CA PRO U 61 141.78 -31.09 16.35
C PRO U 61 140.58 -30.20 16.66
N GLN U 62 139.39 -30.81 16.67
CA GLN U 62 138.17 -30.07 16.95
C GLN U 62 137.90 -29.92 18.45
N ASP U 63 138.68 -30.57 19.30
CA ASP U 63 138.44 -30.50 20.74
C ASP U 63 138.63 -29.09 21.27
N ILE U 64 139.66 -28.39 20.79
CA ILE U 64 139.97 -27.06 21.29
C ILE U 64 139.05 -26.04 20.62
N GLU U 65 138.40 -25.21 21.44
CA GLU U 65 137.45 -24.22 20.96
C GLU U 65 138.17 -22.91 20.65
N LEU U 66 137.65 -22.18 19.65
CA LEU U 66 138.22 -20.89 19.29
C LEU U 66 138.11 -19.89 20.43
N LEU U 67 136.96 -19.86 21.11
CA LEU U 67 136.77 -18.98 22.26
C LEU U 67 136.90 -19.80 23.53
N SER U 68 138.16 -19.99 23.96
CA SER U 68 138.48 -20.66 25.21
C SER U 68 139.95 -20.38 25.51
N PHE U 69 140.32 -20.55 26.78
CA PHE U 69 141.70 -20.27 27.16
C PHE U 69 142.68 -21.24 26.51
N ARG U 70 142.24 -22.49 26.27
CA ARG U 70 143.09 -23.44 25.57
C ARG U 70 143.36 -22.99 24.15
N GLY U 71 142.35 -22.45 23.47
CA GLY U 71 142.56 -21.90 22.14
C GLY U 71 143.46 -20.69 22.16
N PHE U 72 143.40 -19.89 23.23
CA PHE U 72 144.28 -18.74 23.36
C PHE U 72 145.73 -19.17 23.46
N MET U 73 146.00 -20.24 24.23
CA MET U 73 147.36 -20.77 24.33
C MET U 73 147.84 -21.30 22.98
N THR U 74 146.93 -21.86 22.18
CA THR U 74 147.31 -22.40 20.88
C THR U 74 147.85 -21.31 19.97
N ILE U 75 147.23 -20.13 19.99
CA ILE U 75 147.69 -19.02 19.17
C ILE U 75 149.11 -18.61 19.57
N ALA U 76 149.37 -18.54 20.88
CA ALA U 76 150.69 -18.13 21.35
C ALA U 76 151.76 -19.13 20.94
N GLU U 77 151.48 -20.44 21.08
CA GLU U 77 152.49 -21.44 20.79
C GLU U 77 152.70 -21.62 19.29
N GLN U 78 151.75 -21.17 18.47
CA GLN U 78 151.99 -21.13 17.03
C GLN U 78 153.00 -20.06 16.66
N MET U 79 152.93 -18.91 17.34
CA MET U 79 153.89 -17.84 17.10
C MET U 79 155.30 -18.26 17.52
N ILE U 80 155.43 -18.94 18.66
CA ILE U 80 156.74 -19.31 19.17
C ILE U 80 157.47 -20.21 18.18
N ILE U 81 156.74 -21.13 17.54
CA ILE U 81 157.34 -21.95 16.50
C ILE U 81 157.78 -21.09 15.32
N GLY U 82 156.93 -20.15 14.92
CA GLY U 82 157.27 -19.30 13.79
C GLY U 82 158.45 -18.39 14.07
N ILE U 83 158.51 -17.80 15.26
CA ILE U 83 159.63 -16.95 15.63
C ILE U 83 160.92 -17.76 15.70
N ALA U 84 160.83 -19.03 16.11
CA ALA U 84 162.01 -19.88 16.20
C ALA U 84 162.69 -20.02 14.84
N MET U 85 161.90 -20.30 13.80
CA MET U 85 162.47 -20.37 12.46
C MET U 85 162.99 -19.01 12.00
N GLY U 86 162.26 -17.93 12.31
CA GLY U 86 162.69 -16.62 11.88
C GLY U 86 164.00 -16.19 12.51
N MET U 87 164.18 -16.48 13.81
CA MET U 87 165.41 -16.08 14.49
C MET U 87 166.63 -16.79 13.93
N VAL U 88 166.46 -18.04 13.47
CA VAL U 88 167.58 -18.77 12.88
C VAL U 88 168.10 -18.05 11.64
N THR U 89 167.18 -17.59 10.79
CA THR U 89 167.59 -16.84 9.60
C THR U 89 168.28 -15.54 9.98
N GLN U 90 167.78 -14.85 11.02
CA GLN U 90 168.45 -13.64 11.48
C GLN U 90 169.82 -13.95 12.06
N PHE U 91 169.98 -15.13 12.67
CA PHE U 91 171.27 -15.50 13.24
C PHE U 91 172.34 -15.63 12.17
N MET U 92 171.99 -16.24 11.03
CA MET U 92 172.96 -16.43 9.96
C MET U 92 173.40 -15.10 9.38
N ILE U 93 172.44 -14.24 9.02
CA ILE U 93 172.77 -12.98 8.35
C ILE U 93 173.60 -12.09 9.26
N GLN U 94 173.19 -11.96 10.53
CA GLN U 94 173.93 -11.15 11.48
C GLN U 94 175.31 -11.74 11.79
N THR U 95 175.49 -13.05 11.66
CA THR U 95 176.82 -13.62 11.77
C THR U 95 177.72 -13.12 10.64
N PHE U 96 177.17 -13.03 9.42
CA PHE U 96 177.92 -12.41 8.33
C PHE U 96 178.14 -10.92 8.58
N VAL U 97 177.15 -10.26 9.19
CA VAL U 97 177.36 -8.89 9.67
C VAL U 97 178.47 -8.86 10.71
N LEU U 98 178.52 -9.90 11.56
CA LEU U 98 179.65 -10.03 12.48
C LEU U 98 180.95 -10.21 11.71
N LEU U 99 180.92 -11.02 10.65
CA LEU U 99 182.12 -11.22 9.84
C LEU U 99 182.56 -9.91 9.18
N GLY U 100 181.60 -9.11 8.70
CA GLY U 100 181.96 -7.85 8.08
C GLY U 100 182.59 -6.87 9.05
N GLN U 101 182.05 -6.79 10.27
CA GLN U 101 182.52 -5.79 11.22
C GLN U 101 183.85 -6.18 11.86
N ILE U 102 184.10 -7.48 12.07
CA ILE U 102 185.40 -7.87 12.61
C ILE U 102 186.51 -7.56 11.62
N LEU U 103 186.27 -7.81 10.33
CA LEU U 103 187.23 -7.41 9.31
C LEU U 103 187.38 -5.90 9.27
N GLY U 104 186.27 -5.17 9.34
CA GLY U 104 186.35 -3.71 9.35
C GLY U 104 187.05 -3.17 10.57
N MET U 105 186.76 -3.75 11.75
CA MET U 105 187.45 -3.32 12.96
C MET U 105 188.94 -3.60 12.88
N GLN U 106 189.31 -4.78 12.38
CA GLN U 106 190.72 -5.11 12.20
C GLN U 106 191.35 -4.31 11.06
N SER U 107 190.54 -3.78 10.15
CA SER U 107 191.03 -2.96 9.04
C SER U 107 191.18 -1.49 9.43
N SER U 108 191.28 -1.20 10.73
CA SER U 108 191.38 0.17 11.22
C SER U 108 190.19 1.02 10.76
N LEU U 109 188.99 0.45 10.81
CA LEU U 109 187.78 1.12 10.35
C LEU U 109 186.60 0.75 11.23
N LEU U 125 179.89 -0.31 8.71
CA LEU U 125 179.55 -0.06 7.31
C LEU U 125 180.02 -1.22 6.43
N LEU U 126 181.13 -1.86 6.82
CA LEU U 126 181.56 -3.06 6.12
C LEU U 126 180.64 -4.24 6.44
N GLY U 127 179.95 -4.19 7.57
CA GLY U 127 178.94 -5.20 7.86
C GLY U 127 177.78 -5.13 6.89
N GLN U 128 177.41 -3.91 6.47
CA GLN U 128 176.33 -3.76 5.49
C GLN U 128 176.71 -4.39 4.16
N LEU U 129 177.98 -4.26 3.75
CA LEU U 129 178.43 -4.88 2.52
C LEU U 129 178.27 -6.39 2.57
N PHE U 130 178.60 -6.99 3.72
CA PHE U 130 178.40 -8.43 3.89
C PHE U 130 176.93 -8.76 4.08
N MET U 131 176.18 -7.90 4.76
CA MET U 131 174.76 -8.15 4.97
C MET U 131 174.01 -8.17 3.64
N PHE U 132 174.29 -7.21 2.76
CA PHE U 132 173.63 -7.18 1.47
C PHE U 132 174.00 -8.42 0.64
N LEU U 133 175.28 -8.76 0.60
CA LEU U 133 175.71 -9.93 -0.19
C LEU U 133 175.14 -11.22 0.38
N THR U 134 175.11 -11.34 1.71
CA THR U 134 174.52 -12.54 2.31
C THR U 134 173.03 -12.63 2.02
N THR U 135 172.35 -11.49 1.97
CA THR U 135 170.94 -11.48 1.55
C THR U 135 170.81 -11.99 0.12
N MET U 136 171.75 -11.60 -0.75
CA MET U 136 171.75 -12.13 -2.11
C MET U 136 171.99 -13.64 -2.11
N PHE U 137 172.87 -14.12 -1.23
CA PHE U 137 173.07 -15.56 -1.10
C PHE U 137 171.79 -16.25 -0.65
N PHE U 138 171.08 -15.64 0.29
CA PHE U 138 169.82 -16.22 0.76
C PHE U 138 168.79 -16.30 -0.35
N LEU U 139 168.70 -15.26 -1.19
CA LEU U 139 167.74 -15.25 -2.28
C LEU U 139 168.19 -16.16 -3.42
N ALA U 140 169.47 -16.12 -3.78
CA ALA U 140 169.95 -16.88 -4.93
C ALA U 140 169.87 -18.38 -4.69
N THR U 141 170.21 -18.82 -3.47
CA THR U 141 170.13 -20.23 -3.12
C THR U 141 168.72 -20.70 -2.81
N ASP U 142 167.72 -19.89 -3.10
CA ASP U 142 166.31 -20.21 -2.81
C ASP U 142 166.13 -20.52 -1.32
N GLY U 143 166.80 -19.74 -0.47
CA GLY U 143 166.66 -19.94 0.96
C GLY U 143 165.25 -19.65 1.45
N HIS U 144 164.59 -18.68 0.83
CA HIS U 144 163.22 -18.37 1.22
C HIS U 144 162.27 -19.51 0.89
N LEU U 145 162.46 -20.16 -0.26
CA LEU U 145 161.63 -21.31 -0.61
C LEU U 145 161.83 -22.46 0.37
N LYS U 146 163.07 -22.70 0.78
CA LYS U 146 163.34 -23.78 1.73
C LYS U 146 162.67 -23.53 3.07
N MET U 147 162.70 -22.28 3.54
CA MET U 147 162.04 -21.94 4.80
C MET U 147 160.54 -22.16 4.70
N LEU U 148 159.93 -21.78 3.57
CA LEU U 148 158.51 -22.04 3.38
C LEU U 148 158.22 -23.54 3.33
N GLN U 149 159.11 -24.31 2.71
CA GLN U 149 158.96 -25.76 2.73
C GLN U 149 159.13 -26.30 4.15
N LEU U 150 159.98 -25.67 4.95
CA LEU U 150 160.19 -26.14 6.32
C LEU U 150 158.94 -25.91 7.17
N VAL U 151 158.29 -24.76 7.01
CA VAL U 151 157.16 -24.44 7.88
C VAL U 151 155.95 -25.31 7.56
N VAL U 152 155.75 -25.64 6.27
CA VAL U 152 154.65 -26.52 5.91
C VAL U 152 154.94 -27.94 6.38
N PHE U 153 156.21 -28.36 6.30
CA PHE U 153 156.60 -29.65 6.88
C PHE U 153 156.39 -29.64 8.39
N SER U 154 156.55 -28.48 9.03
CA SER U 154 156.32 -28.39 10.47
C SER U 154 154.88 -28.74 10.82
N PHE U 155 153.93 -28.40 9.93
CA PHE U 155 152.53 -28.76 10.17
C PHE U 155 152.35 -30.28 10.22
N LYS U 156 153.08 -31.01 9.37
CA LYS U 156 152.96 -32.46 9.35
C LYS U 156 153.53 -33.09 10.61
N THR U 157 154.84 -32.91 10.85
CA THR U 157 155.52 -33.60 11.92
C THR U 157 155.33 -32.94 13.29
N LEU U 158 154.86 -31.70 13.34
CA LEU U 158 154.61 -30.99 14.60
C LEU U 158 153.18 -30.43 14.53
N PRO U 159 152.18 -31.23 14.88
CA PRO U 159 150.79 -30.81 14.69
C PRO U 159 150.44 -29.61 15.57
N ILE U 160 149.42 -28.87 15.12
CA ILE U 160 149.03 -27.63 15.78
C ILE U 160 148.49 -27.90 17.17
N GLY U 161 147.59 -28.88 17.29
CA GLY U 161 146.93 -29.15 18.55
C GLY U 161 147.86 -29.53 19.68
N SER U 162 148.47 -30.70 19.59
CA SER U 162 149.41 -31.18 20.59
C SER U 162 150.82 -30.96 20.07
N GLY U 163 151.58 -30.11 20.76
CA GLY U 163 152.94 -29.84 20.37
C GLY U 163 153.37 -28.40 20.52
N SER U 164 154.56 -28.21 21.09
CA SER U 164 155.15 -26.89 21.24
C SER U 164 156.63 -27.07 21.52
N LEU U 165 157.38 -25.96 21.44
CA LEU U 165 158.80 -26.02 21.73
C LEU U 165 159.01 -26.34 23.20
N ASN U 166 159.90 -27.29 23.47
CA ASN U 166 160.19 -27.72 24.83
C ASN U 166 161.31 -26.86 25.40
N ALA U 167 161.77 -27.19 26.61
CA ALA U 167 162.87 -26.45 27.21
C ALA U 167 164.19 -26.67 26.48
N VAL U 168 164.40 -27.88 25.95
CA VAL U 168 165.64 -28.18 25.23
C VAL U 168 165.76 -27.33 23.97
N ASP U 169 164.63 -27.09 23.29
CA ASP U 169 164.66 -26.25 22.10
C ASP U 169 165.07 -24.83 22.44
N PHE U 170 164.59 -24.32 23.57
CA PHE U 170 164.99 -22.97 24.00
C PHE U 170 166.48 -22.89 24.28
N ARG U 171 167.04 -23.92 24.93
CA ARG U 171 168.46 -23.90 25.26
C ARG U 171 169.32 -24.03 24.00
N GLU U 172 168.90 -24.87 23.06
CA GLU U 172 169.62 -24.99 21.80
C GLU U 172 169.60 -23.69 21.02
N MET U 173 168.45 -22.99 21.01
CA MET U 173 168.37 -21.71 20.33
C MET U 173 169.11 -20.62 21.08
N ALA U 174 169.23 -20.74 22.40
CA ALA U 174 169.97 -19.75 23.18
C ALA U 174 171.48 -19.95 23.03
N GLY U 175 171.90 -21.14 22.58
CA GLY U 175 173.30 -21.44 22.43
C GLY U 175 173.89 -21.02 21.10
N TRP U 176 173.09 -20.34 20.28
CA TRP U 176 173.55 -19.93 18.96
C TRP U 176 174.50 -18.74 18.98
N LEU U 177 174.64 -18.06 20.12
CA LEU U 177 175.63 -16.98 20.21
C LEU U 177 177.04 -17.54 20.07
N GLY U 178 177.32 -18.68 20.71
CA GLY U 178 178.60 -19.34 20.51
C GLY U 178 178.79 -19.80 19.08
N ILE U 179 177.69 -20.19 18.43
CA ILE U 179 177.75 -20.57 17.02
C ILE U 179 178.17 -19.37 16.17
N MET U 180 177.68 -18.18 16.52
CA MET U 180 178.03 -16.98 15.79
C MET U 180 179.54 -16.72 15.83
N PHE U 181 180.10 -16.66 17.04
CA PHE U 181 181.51 -16.31 17.18
C PHE U 181 182.42 -17.38 16.59
N GLN U 182 182.10 -18.65 16.82
CA GLN U 182 182.93 -19.73 16.28
C GLN U 182 182.91 -19.71 14.75
N THR U 183 181.74 -19.50 14.16
CA THR U 183 181.65 -19.46 12.71
C THR U 183 182.27 -18.19 12.15
N ALA U 184 182.05 -17.05 12.82
CA ALA U 184 182.64 -15.81 12.35
C ALA U 184 184.16 -15.84 12.45
N LEU U 185 184.69 -16.38 13.55
CA LEU U 185 186.14 -16.49 13.69
C LEU U 185 186.71 -17.47 12.68
N SER U 186 186.00 -18.56 12.41
CA SER U 186 186.49 -19.55 11.45
C SER U 186 186.61 -18.95 10.06
N MET U 187 185.64 -18.13 9.66
CA MET U 187 185.69 -17.49 8.34
C MET U 187 186.83 -16.47 8.26
N SER U 188 187.10 -15.75 9.35
CA SER U 188 188.05 -14.64 9.31
C SER U 188 189.43 -14.98 9.87
N LEU U 189 189.64 -16.22 10.32
CA LEU U 189 190.91 -16.54 10.98
C LEU U 189 192.10 -16.35 10.03
N SER U 190 191.96 -16.79 8.78
CA SER U 190 193.05 -16.63 7.83
C SER U 190 193.31 -15.15 7.53
N GLY U 191 192.24 -14.37 7.32
CA GLY U 191 192.42 -12.96 7.04
C GLY U 191 192.92 -12.17 8.24
N ILE U 192 192.41 -12.49 9.44
CA ILE U 192 192.80 -11.74 10.63
C ILE U 192 194.26 -11.97 10.96
N ILE U 193 194.76 -13.19 10.73
CA ILE U 193 196.18 -13.45 10.90
C ILE U 193 196.99 -12.62 9.91
N ALA U 194 196.51 -12.53 8.67
CA ALA U 194 197.19 -11.72 7.66
C ALA U 194 197.20 -10.25 8.06
N LEU U 195 196.09 -9.75 8.61
CA LEU U 195 196.04 -8.36 9.05
C LEU U 195 197.03 -8.10 10.17
N LEU U 196 197.13 -9.03 11.13
CA LEU U 196 198.04 -8.84 12.25
C LEU U 196 199.50 -8.90 11.81
N THR U 197 199.84 -9.90 10.98
CA THR U 197 201.25 -10.10 10.64
C THR U 197 201.81 -8.94 9.83
N ILE U 198 201.01 -8.37 8.91
CA ILE U 198 201.49 -7.24 8.14
C ILE U 198 201.62 -6.01 9.02
N ASN U 199 200.67 -5.81 9.94
CA ASN U 199 200.76 -4.67 10.84
C ASN U 199 201.92 -4.82 11.81
N LEU U 200 202.11 -6.03 12.34
CA LEU U 200 203.27 -6.28 13.19
C LEU U 200 204.57 -6.15 12.39
N SER U 201 204.59 -6.66 11.16
CA SER U 201 205.76 -6.50 10.30
C SER U 201 206.02 -5.02 10.01
N PHE U 202 204.96 -4.27 9.75
CA PHE U 202 205.12 -2.83 9.52
C PHE U 202 205.62 -2.13 10.78
N GLY U 203 205.13 -2.55 11.94
CA GLY U 203 205.58 -1.95 13.19
C GLY U 203 207.04 -2.21 13.47
N VAL U 204 207.47 -3.46 13.33
CA VAL U 204 208.85 -3.81 13.65
C VAL U 204 209.82 -3.22 12.63
N MET U 205 209.40 -3.18 11.35
CA MET U 205 210.28 -2.67 10.31
C MET U 205 210.51 -1.18 10.44
N THR U 206 209.50 -0.44 10.89
CA THR U 206 209.61 1.00 11.09
C THR U 206 209.94 1.37 12.54
N ARG U 207 210.19 0.38 13.39
CA ARG U 207 210.55 0.66 14.78
C ARG U 207 212.00 1.11 14.92
N ALA U 208 212.81 0.95 13.88
CA ALA U 208 214.20 1.40 13.94
C ALA U 208 214.27 2.89 14.22
N ALA U 209 213.45 3.68 13.53
CA ALA U 209 213.40 5.12 13.76
C ALA U 209 212.11 5.47 14.49
N PRO U 210 212.18 5.83 15.78
CA PRO U 210 210.95 6.24 16.49
C PRO U 210 210.40 7.59 16.07
N GLN U 211 211.10 8.30 15.17
CA GLN U 211 210.62 9.58 14.67
C GLN U 211 209.43 9.41 13.74
N LEU U 212 209.44 8.36 12.91
CA LEU U 212 208.34 8.15 11.96
C LEU U 212 207.06 7.77 12.69
N ASN U 213 207.13 6.81 13.60
CA ASN U 213 205.97 6.21 14.24
C ASN U 213 204.96 5.75 13.18
N ILE U 214 203.71 5.56 13.58
CA ILE U 214 202.66 5.26 12.61
C ILE U 214 201.52 6.27 12.74
N PHE U 215 200.86 6.31 13.90
CA PHE U 215 199.63 7.05 14.12
C PHE U 215 198.75 7.06 12.87
N SER U 216 198.44 8.26 12.36
CA SER U 216 197.59 8.37 11.18
C SER U 216 198.23 7.74 9.96
N LEU U 217 199.57 7.79 9.84
CA LEU U 217 200.23 7.08 8.76
C LEU U 217 199.96 5.58 8.85
N GLY U 218 199.89 5.04 10.06
CA GLY U 218 199.48 3.65 10.23
C GLY U 218 198.02 3.43 9.93
N PHE U 219 197.18 4.45 10.16
CA PHE U 219 195.76 4.33 9.82
C PHE U 219 195.57 4.11 8.32
N ALA U 220 196.29 4.88 7.50
CA ALA U 220 196.16 4.76 6.06
C ALA U 220 196.65 3.40 5.58
N PHE U 221 197.81 2.97 6.08
CA PHE U 221 198.36 1.68 5.65
C PHE U 221 197.47 0.53 6.06
N ALA U 222 196.93 0.56 7.28
CA ALA U 222 196.11 -0.53 7.77
C ALA U 222 194.81 -0.66 6.97
N LEU U 223 194.18 0.48 6.64
CA LEU U 223 192.89 0.42 5.98
C LEU U 223 193.01 -0.04 4.53
N MET U 224 194.10 0.34 3.85
CA MET U 224 194.30 -0.11 2.48
C MET U 224 194.44 -1.62 2.41
N VAL U 225 195.24 -2.19 3.31
CA VAL U 225 195.41 -3.65 3.36
C VAL U 225 194.13 -4.33 3.80
N GLY U 226 193.40 -3.71 4.75
CA GLY U 226 192.17 -4.31 5.22
C GLY U 226 191.12 -4.42 4.14
N LEU U 227 190.98 -3.38 3.32
CA LEU U 227 190.08 -3.45 2.17
C LEU U 227 190.54 -4.51 1.19
N LEU U 228 191.86 -4.61 0.97
CA LEU U 228 192.38 -5.64 0.07
C LEU U 228 192.10 -7.04 0.59
N LEU U 229 192.23 -7.24 1.91
CA LEU U 229 191.93 -8.54 2.48
C LEU U 229 190.44 -8.88 2.37
N CYS U 230 189.58 -7.88 2.52
CA CYS U 230 188.15 -8.11 2.32
C CYS U 230 187.85 -8.55 0.89
N TRP U 231 188.66 -8.09 -0.07
CA TRP U 231 188.54 -8.60 -1.43
C TRP U 231 188.86 -10.08 -1.50
N TYR U 232 189.84 -10.53 -0.71
CA TYR U 232 190.12 -11.96 -0.61
C TYR U 232 188.99 -12.69 0.12
N ILE U 233 188.40 -12.06 1.13
CA ILE U 233 187.33 -12.70 1.90
C ILE U 233 186.13 -12.97 1.02
N LEU U 234 185.76 -11.99 0.19
CA LEU U 234 184.61 -12.19 -0.72
C LEU U 234 184.92 -13.23 -1.79
N ALA U 235 186.19 -13.54 -2.02
CA ALA U 235 186.55 -14.51 -3.05
C ALA U 235 186.18 -15.93 -2.63
N GLY U 236 186.24 -16.24 -1.34
CA GLY U 236 185.94 -17.57 -0.86
C GLY U 236 184.87 -17.63 0.19
N LEU U 237 184.00 -16.62 0.24
CA LEU U 237 182.95 -16.58 1.24
C LEU U 237 181.80 -17.52 0.95
N TYR U 238 181.57 -17.87 -0.33
CA TYR U 238 180.40 -18.68 -0.67
C TYR U 238 180.47 -20.07 -0.05
N SER U 239 181.66 -20.67 -0.02
CA SER U 239 181.79 -22.01 0.56
C SER U 239 181.46 -22.00 2.05
N HIS U 240 181.88 -20.95 2.76
CA HIS U 240 181.55 -20.85 4.18
C HIS U 240 180.05 -20.71 4.39
N TYR U 241 179.37 -19.96 3.52
CA TYR U 241 177.92 -19.81 3.64
C TYR U 241 177.20 -21.15 3.46
N GLU U 242 177.67 -21.98 2.52
CA GLU U 242 177.03 -23.26 2.28
C GLU U 242 177.13 -24.17 3.51
N MET U 243 178.30 -24.20 4.14
CA MET U 243 178.45 -24.98 5.37
C MET U 243 177.62 -24.37 6.50
N PHE U 244 177.55 -23.05 6.57
CA PHE U 244 176.77 -22.40 7.61
C PHE U 244 175.28 -22.69 7.46
N TRP U 245 174.79 -22.68 6.22
CA TRP U 245 173.36 -22.94 5.99
C TRP U 245 172.99 -24.36 6.39
N THR U 246 173.88 -25.32 6.16
CA THR U 246 173.63 -26.70 6.55
C THR U 246 173.48 -26.82 8.06
N VAL U 247 174.33 -26.11 8.81
CA VAL U 247 174.21 -26.12 10.27
C VAL U 247 172.89 -25.50 10.70
N GLY U 248 172.53 -24.36 10.09
CA GLY U 248 171.29 -23.71 10.45
C GLY U 248 170.06 -24.51 10.08
N GLU U 249 170.06 -25.11 8.88
CA GLU U 249 168.92 -25.90 8.45
C GLU U 249 168.73 -27.12 9.35
N ALA U 250 169.82 -27.74 9.79
CA ALA U 250 169.71 -28.87 10.71
C ALA U 250 169.08 -28.46 12.03
N GLN U 251 169.42 -27.26 12.51
CA GLN U 251 168.81 -26.76 13.74
C GLN U 251 167.31 -26.55 13.56
N ILE U 252 166.90 -26.02 12.40
CA ILE U 252 165.49 -25.77 12.15
C ILE U 252 164.71 -27.07 12.15
N CYS U 253 165.23 -28.10 11.47
CA CYS U 253 164.56 -29.40 11.44
C CYS U 253 164.48 -29.99 12.84
N ARG U 254 165.50 -29.75 13.67
CA ARG U 254 165.45 -30.21 15.05
C ARG U 254 164.33 -29.55 15.83
N LEU U 255 164.08 -28.26 15.57
CA LEU U 255 162.98 -27.57 16.24
C LEU U 255 161.63 -28.17 15.87
N ILE U 256 161.44 -28.47 14.59
CA ILE U 256 160.16 -28.99 14.09
C ILE U 256 160.14 -30.50 14.22
N ARG U 257 161.21 -31.07 14.77
CA ARG U 257 161.31 -32.51 14.99
C ARG U 257 161.15 -33.29 13.69
N LEU U 258 161.89 -32.88 12.66
CA LEU U 258 161.84 -33.55 11.37
C LEU U 258 163.06 -34.44 11.17
N TYR V 20 45.91 -41.05 -27.27
CA TYR V 20 44.73 -40.78 -28.07
C TYR V 20 45.08 -39.87 -29.24
N GLU V 21 44.07 -39.22 -29.83
CA GLU V 21 44.25 -38.41 -31.02
C GLU V 21 43.59 -37.05 -30.83
N LEU V 22 44.11 -36.07 -31.56
CA LEU V 22 43.62 -34.69 -31.48
C LEU V 22 42.27 -34.57 -32.16
N ASP V 23 41.32 -33.91 -31.50
CA ASP V 23 40.01 -33.65 -32.04
C ASP V 23 39.90 -32.19 -32.49
N TYR V 24 38.74 -31.84 -33.05
CA TYR V 24 38.51 -30.46 -33.47
C TYR V 24 38.47 -29.53 -32.26
N TYR V 25 37.85 -29.96 -31.18
CA TYR V 25 37.77 -29.13 -29.98
C TYR V 25 39.10 -29.04 -29.26
N SER V 26 39.87 -30.13 -29.25
CA SER V 26 41.20 -30.09 -28.66
C SER V 26 42.14 -29.26 -29.52
N LYS V 27 41.92 -29.22 -30.83
CA LYS V 27 42.73 -28.38 -31.70
C LYS V 27 42.57 -26.91 -31.36
N PHE V 28 41.34 -26.49 -31.05
CA PHE V 28 41.07 -25.09 -30.75
C PHE V 28 41.81 -24.59 -29.52
N GLY V 29 42.05 -25.44 -28.53
CA GLY V 29 42.71 -25.06 -27.30
C GLY V 29 44.22 -25.00 -27.39
N HIS V 30 44.78 -25.16 -28.58
CA HIS V 30 46.22 -25.08 -28.77
C HIS V 30 46.57 -24.17 -29.94
N THR V 31 45.72 -23.18 -30.22
CA THR V 31 45.88 -22.28 -31.35
C THR V 31 45.93 -20.85 -30.84
N ASP V 32 46.82 -20.04 -31.40
CA ASP V 32 46.96 -18.64 -31.01
C ASP V 32 46.03 -17.77 -31.85
N ASN V 33 46.18 -16.45 -31.72
CA ASN V 33 45.30 -15.52 -32.43
C ASN V 33 45.49 -15.59 -33.93
N TYR V 34 46.73 -15.73 -34.39
CA TYR V 34 47.01 -15.74 -35.82
C TYR V 34 46.99 -17.14 -36.42
N GLY V 35 46.72 -18.16 -35.62
CA GLY V 35 46.48 -19.50 -36.14
C GLY V 35 47.69 -20.42 -36.14
N ASN V 36 48.43 -20.47 -35.04
CA ASN V 36 49.59 -21.35 -34.90
C ASN V 36 49.25 -22.42 -33.88
N LEU V 37 49.40 -23.68 -34.27
CA LEU V 37 49.09 -24.82 -33.41
C LEU V 37 50.30 -25.17 -32.56
N ASP V 38 50.11 -25.19 -31.23
CA ASP V 38 51.17 -25.50 -30.27
C ASP V 38 50.83 -26.81 -29.56
N LEU V 39 51.62 -27.85 -29.81
CA LEU V 39 51.39 -29.16 -29.23
C LEU V 39 52.55 -29.61 -28.34
N ARG V 40 53.31 -28.66 -27.78
CA ARG V 40 54.49 -29.01 -27.01
C ARG V 40 54.14 -29.85 -25.79
N ASN V 41 54.82 -30.99 -25.65
CA ASN V 41 54.65 -31.90 -24.52
C ASN V 41 53.24 -32.49 -24.43
N LYS V 42 52.40 -32.19 -25.41
CA LYS V 42 51.03 -32.68 -25.37
C LYS V 42 50.97 -34.15 -25.76
N PRO V 43 50.09 -34.94 -25.14
CA PRO V 43 50.02 -36.38 -25.41
C PRO V 43 49.10 -36.72 -26.57
N TYR V 44 49.47 -36.28 -27.77
CA TYR V 44 48.75 -36.61 -28.98
C TYR V 44 49.60 -37.54 -29.85
N THR V 45 48.96 -38.58 -30.40
CA THR V 45 49.67 -39.61 -31.15
C THR V 45 49.50 -39.50 -32.66
N GLN V 46 48.37 -39.01 -33.14
CA GLN V 46 48.12 -38.94 -34.57
C GLN V 46 47.19 -37.78 -34.87
N LEU V 47 47.41 -37.12 -36.02
CA LEU V 47 46.59 -36.02 -36.50
C LEU V 47 45.68 -36.47 -37.64
N PRO V 48 44.49 -35.87 -37.75
CA PRO V 48 43.58 -36.26 -38.83
C PRO V 48 44.15 -35.96 -40.21
N SER V 49 43.78 -36.79 -41.18
CA SER V 49 44.23 -36.61 -42.55
C SER V 49 43.62 -35.34 -43.14
N GLY V 50 44.33 -34.76 -44.10
CA GLY V 50 43.91 -33.50 -44.68
C GLY V 50 43.93 -32.35 -43.69
N PHE V 51 44.92 -32.34 -42.81
CA PHE V 51 45.01 -31.33 -41.77
C PHE V 51 45.56 -30.02 -42.32
N VAL V 52 44.93 -28.91 -41.97
CA VAL V 52 45.32 -27.58 -42.43
C VAL V 52 45.59 -26.70 -41.22
N VAL V 53 46.75 -26.04 -41.22
CA VAL V 53 47.14 -25.13 -40.14
C VAL V 53 47.28 -23.73 -40.73
N LYS V 54 46.66 -22.75 -40.08
CA LYS V 54 46.69 -21.39 -40.60
C LYS V 54 48.10 -20.81 -40.55
N GLY V 55 48.85 -21.09 -39.49
CA GLY V 55 50.18 -20.55 -39.31
C GLY V 55 51.18 -21.66 -39.04
N ASN V 56 52.09 -21.38 -38.11
CA ASN V 56 53.16 -22.31 -37.80
C ASN V 56 52.63 -23.52 -37.02
N LEU V 57 53.32 -24.64 -37.16
CA LEU V 57 52.97 -25.88 -36.48
C LEU V 57 54.14 -26.30 -35.60
N ASN V 58 53.85 -26.65 -34.34
CA ASN V 58 54.86 -27.07 -33.38
C ASN V 58 54.44 -28.41 -32.81
N ILE V 59 55.24 -29.45 -33.08
CA ILE V 59 54.99 -30.78 -32.55
C ILE V 59 56.22 -31.27 -31.80
N SER V 60 56.97 -30.34 -31.22
CA SER V 60 58.16 -30.68 -30.46
C SER V 60 57.82 -31.54 -29.25
N GLN V 61 58.68 -32.51 -28.96
CA GLN V 61 58.58 -33.37 -27.78
C GLN V 61 57.30 -34.19 -27.76
N THR V 62 56.69 -34.42 -28.94
CA THR V 62 55.43 -35.13 -29.03
C THR V 62 55.66 -36.62 -29.31
N PRO V 63 54.74 -37.48 -28.88
CA PRO V 63 54.84 -38.90 -29.21
C PRO V 63 54.35 -39.21 -30.62
N ILE V 64 54.15 -38.17 -31.43
CA ILE V 64 53.72 -38.36 -32.81
C ILE V 64 54.84 -39.03 -33.59
N LYS V 65 54.53 -40.18 -34.20
CA LYS V 65 55.48 -40.90 -35.01
C LYS V 65 55.23 -40.77 -36.51
N LYS V 66 54.13 -40.13 -36.91
CA LYS V 66 53.74 -40.09 -38.31
C LYS V 66 52.93 -38.84 -38.58
N LEU V 67 53.20 -38.18 -39.70
CA LEU V 67 52.38 -37.02 -40.04
C LEU V 67 51.29 -37.43 -41.02
N PRO V 68 50.09 -36.85 -40.88
CA PRO V 68 48.97 -37.27 -41.73
C PRO V 68 49.18 -36.93 -43.19
N LYS V 69 48.60 -37.75 -44.05
CA LYS V 69 48.62 -37.48 -45.48
C LYS V 69 47.73 -36.28 -45.80
N GLY V 70 48.17 -35.48 -46.76
CA GLY V 70 47.47 -34.25 -47.07
C GLY V 70 47.69 -33.14 -46.06
N LEU V 71 48.69 -33.27 -45.20
CA LEU V 71 48.96 -32.24 -44.21
C LEU V 71 49.34 -30.92 -44.87
N ASP V 72 48.75 -29.84 -44.38
CA ASP V 72 49.04 -28.50 -44.87
C ASP V 72 49.39 -27.61 -43.68
N VAL V 73 50.50 -26.90 -43.79
CA VAL V 73 50.94 -25.97 -42.75
C VAL V 73 51.10 -24.59 -43.40
N GLY V 74 50.35 -23.62 -42.90
CA GLY V 74 50.46 -22.25 -43.38
C GLY V 74 51.68 -21.51 -42.92
N GLY V 75 52.41 -22.08 -41.96
CA GLY V 75 53.64 -21.48 -41.48
C GLY V 75 54.82 -22.43 -41.54
N SER V 76 55.51 -22.60 -40.42
CA SER V 76 56.68 -23.47 -40.35
C SER V 76 56.39 -24.64 -39.41
N LEU V 77 56.99 -25.78 -39.75
CA LEU V 77 56.84 -26.99 -38.95
C LEU V 77 57.98 -27.09 -37.94
N GLU V 78 57.64 -27.18 -36.66
CA GLU V 78 58.62 -27.28 -35.58
C GLU V 78 58.45 -28.64 -34.91
N ALA V 79 59.48 -29.48 -35.00
CA ALA V 79 59.45 -30.82 -34.42
C ALA V 79 60.77 -31.11 -33.72
N THR V 80 61.29 -30.13 -32.99
CA THR V 80 62.57 -30.29 -32.32
C THR V 80 62.45 -31.25 -31.14
N ASN V 81 63.39 -32.21 -31.09
CA ASN V 81 63.46 -33.18 -29.99
C ASN V 81 62.15 -33.93 -29.82
N SER V 82 61.52 -34.27 -30.94
CA SER V 82 60.26 -35.00 -30.95
C SER V 82 60.49 -36.45 -31.35
N ALA V 83 59.41 -37.21 -31.40
CA ALA V 83 59.43 -38.60 -31.83
C ALA V 83 58.99 -38.78 -33.27
N LEU V 84 58.93 -37.69 -34.05
CA LEU V 84 58.50 -37.77 -35.44
C LEU V 84 59.44 -38.66 -36.23
N LYS V 85 58.88 -39.57 -37.00
CA LYS V 85 59.67 -40.53 -37.76
C LYS V 85 59.33 -40.55 -39.24
N THR V 86 58.06 -40.40 -39.60
CA THR V 86 57.61 -40.55 -40.99
C THR V 86 56.83 -39.31 -41.40
N ILE V 87 57.20 -38.72 -42.54
CA ILE V 87 56.43 -37.68 -43.19
C ILE V 87 56.02 -38.21 -44.56
N ARG V 88 54.73 -38.14 -44.86
CA ARG V 88 54.20 -38.67 -46.11
C ARG V 88 54.18 -37.59 -47.19
N SER V 89 54.32 -38.03 -48.44
CA SER V 89 54.44 -37.11 -49.56
C SER V 89 53.14 -36.33 -49.76
N GLY V 90 53.27 -35.17 -50.43
CA GLY V 90 52.16 -34.27 -50.64
C GLY V 90 51.99 -33.21 -49.59
N THR V 91 52.77 -33.24 -48.52
CA THR V 91 52.67 -32.23 -47.47
C THR V 91 53.14 -30.88 -47.99
N LYS V 92 52.36 -29.84 -47.70
CA LYS V 92 52.69 -28.47 -48.08
C LYS V 92 53.09 -27.69 -46.85
N ILE V 93 54.30 -27.11 -46.87
CA ILE V 93 54.81 -26.30 -45.78
C ILE V 93 55.25 -24.96 -46.36
N LYS V 94 54.59 -23.88 -45.93
CA LYS V 94 54.93 -22.56 -46.45
C LYS V 94 56.24 -22.03 -45.88
N GLY V 95 56.47 -22.23 -44.58
CA GLY V 95 57.68 -21.74 -43.95
C GLY V 95 58.83 -22.72 -44.05
N TYR V 96 59.54 -22.92 -42.94
CA TYR V 96 60.67 -23.83 -42.89
C TYR V 96 60.27 -25.14 -42.20
N ALA V 97 61.16 -26.12 -42.30
CA ALA V 97 60.99 -27.40 -41.64
C ALA V 97 62.14 -27.56 -40.65
N ASN V 98 61.82 -27.75 -39.38
CA ASN V 98 62.80 -27.92 -38.31
C ASN V 98 62.53 -29.25 -37.64
N LEU V 99 63.34 -30.26 -37.96
CA LEU V 99 63.17 -31.61 -37.42
C LEU V 99 64.36 -31.98 -36.54
N LEU V 100 64.87 -31.00 -35.80
CA LEU V 100 66.04 -31.23 -34.96
C LEU V 100 65.78 -32.31 -33.93
N GLY V 101 66.72 -33.23 -33.79
CA GLY V 101 66.65 -34.23 -32.73
C GLY V 101 65.50 -35.21 -32.84
N SER V 102 64.80 -35.25 -33.95
CA SER V 102 63.67 -36.16 -34.12
C SER V 102 64.18 -37.54 -34.53
N LYS V 103 63.25 -38.43 -34.88
CA LYS V 103 63.59 -39.79 -35.26
C LYS V 103 63.36 -40.04 -36.75
N ILE V 104 63.48 -39.01 -37.59
CA ILE V 104 63.28 -39.17 -39.01
C ILE V 104 64.47 -39.91 -39.62
N GLU V 105 64.19 -40.97 -40.39
CA GLU V 105 65.23 -41.76 -41.03
C GLU V 105 65.36 -41.51 -42.51
N SER V 106 64.31 -41.03 -43.18
CA SER V 106 64.35 -40.75 -44.61
C SER V 106 63.47 -39.57 -44.91
N TRP V 107 63.81 -38.84 -45.99
CA TRP V 107 63.02 -37.70 -46.41
C TRP V 107 62.22 -38.07 -47.65
N PRO V 108 60.90 -37.91 -47.64
CA PRO V 108 60.09 -38.32 -48.80
C PRO V 108 60.29 -37.41 -49.99
N ARG V 109 59.97 -37.95 -51.16
CA ARG V 109 60.02 -37.19 -52.40
C ARG V 109 58.73 -36.39 -52.60
N GLY V 110 58.87 -35.18 -53.13
CA GLY V 110 57.74 -34.36 -53.47
C GLY V 110 57.23 -33.43 -52.40
N ILE V 111 58.03 -33.15 -51.37
CA ILE V 111 57.63 -32.23 -50.32
C ILE V 111 57.85 -30.81 -50.81
N LYS V 112 56.78 -30.01 -50.82
CA LYS V 112 56.87 -28.60 -51.19
C LYS V 112 57.27 -27.81 -49.95
N LEU V 113 58.55 -27.45 -49.88
CA LEU V 113 59.10 -26.76 -48.73
C LEU V 113 59.42 -25.32 -49.12
N GLY V 114 58.79 -24.36 -48.42
CA GLY V 114 59.04 -22.96 -48.68
C GLY V 114 60.21 -22.36 -47.93
N GLY V 115 60.93 -23.16 -47.15
CA GLY V 115 62.03 -22.64 -46.35
C GLY V 115 63.19 -23.60 -46.22
N TYR V 116 63.96 -23.46 -45.14
CA TYR V 116 65.11 -24.33 -44.94
C TYR V 116 64.67 -25.69 -44.41
N LEU V 117 65.62 -26.63 -44.43
CA LEU V 117 65.42 -27.97 -43.88
C LEU V 117 66.55 -28.28 -42.92
N ASN V 118 66.23 -28.34 -41.63
CA ASN V 118 67.20 -28.61 -40.57
C ASN V 118 66.99 -30.04 -40.09
N LEU V 119 67.94 -30.91 -40.39
CA LEU V 119 67.87 -32.33 -40.05
C LEU V 119 69.01 -32.74 -39.11
N THR V 120 69.46 -31.80 -38.26
CA THR V 120 70.58 -32.05 -37.38
C THR V 120 70.24 -33.11 -36.33
N ASP V 121 71.20 -33.99 -36.07
CA ASP V 121 71.10 -34.99 -34.99
C ASP V 121 69.91 -35.92 -35.19
N THR V 122 69.65 -36.32 -36.43
CA THR V 122 68.59 -37.25 -36.78
C THR V 122 69.16 -38.52 -37.38
N PRO V 123 68.42 -39.64 -37.30
CA PRO V 123 68.92 -40.89 -37.88
C PRO V 123 68.74 -40.96 -39.39
N LEU V 124 68.54 -39.79 -40.01
CA LEU V 124 68.38 -39.70 -41.46
C LEU V 124 69.50 -40.45 -42.19
N LYS V 125 69.11 -41.22 -43.20
CA LYS V 125 70.08 -42.02 -43.95
C LYS V 125 70.00 -41.74 -45.46
N THR V 126 68.80 -41.47 -45.96
CA THR V 126 68.59 -41.30 -47.39
C THR V 126 67.90 -39.97 -47.66
N LEU V 127 68.20 -39.38 -48.80
CA LEU V 127 67.62 -38.12 -49.25
C LEU V 127 67.07 -38.29 -50.66
N PRO V 128 66.01 -37.55 -51.01
CA PRO V 128 65.46 -37.65 -52.37
C PRO V 128 66.44 -37.14 -53.40
N ALA V 129 66.43 -37.76 -54.57
CA ALA V 129 67.32 -37.36 -55.66
C ALA V 129 66.93 -35.99 -56.19
N LYS V 130 67.94 -35.18 -56.52
CA LYS V 130 67.74 -33.83 -57.05
C LYS V 130 66.90 -32.96 -56.12
N LEU V 131 67.10 -33.12 -54.81
CA LEU V 131 66.35 -32.35 -53.84
C LEU V 131 66.71 -30.88 -53.93
N ARG V 132 65.69 -30.02 -53.82
CA ARG V 132 65.87 -28.58 -53.81
C ARG V 132 65.52 -28.03 -52.43
N VAL V 133 66.46 -27.31 -51.84
CA VAL V 133 66.25 -26.63 -50.57
C VAL V 133 66.27 -25.14 -50.84
N LYS V 134 65.13 -24.48 -50.65
CA LYS V 134 65.04 -23.04 -50.90
C LYS V 134 65.76 -22.22 -49.84
N GLY V 135 66.20 -22.83 -48.75
CA GLY V 135 66.95 -22.16 -47.70
C GLY V 135 68.24 -22.91 -47.41
N ASP V 136 68.58 -22.97 -46.13
CA ASP V 136 69.76 -23.69 -45.70
C ASP V 136 69.45 -25.17 -45.48
N LEU V 137 70.50 -25.99 -45.49
CA LEU V 137 70.39 -27.43 -45.29
C LEU V 137 71.36 -27.86 -44.21
N SER V 138 70.90 -28.75 -43.33
CA SER V 138 71.73 -29.26 -42.24
C SER V 138 71.67 -30.78 -42.23
N VAL V 139 72.85 -31.41 -42.22
CA VAL V 139 72.97 -32.86 -42.06
C VAL V 139 73.99 -33.11 -40.95
N ILE V 140 74.11 -32.13 -40.04
CA ILE V 140 75.14 -32.19 -39.01
C ILE V 140 74.91 -33.41 -38.12
N ARG V 141 75.98 -34.19 -37.93
CA ARG V 141 75.97 -35.35 -37.04
C ARG V 141 74.89 -36.36 -37.42
N THR V 142 74.70 -36.58 -38.72
CA THR V 142 73.75 -37.55 -39.26
C THR V 142 74.47 -38.75 -39.88
N PRO V 143 73.89 -39.95 -39.81
CA PRO V 143 74.57 -41.14 -40.36
C PRO V 143 74.46 -41.25 -41.87
N ILE V 144 74.05 -40.17 -42.54
CA ILE V 144 73.94 -40.21 -43.99
C ILE V 144 75.31 -40.48 -44.61
N SER V 145 75.34 -41.37 -45.60
CA SER V 145 76.58 -41.80 -46.23
C SER V 145 76.91 -41.03 -47.50
N ALA V 146 75.91 -40.59 -48.27
CA ALA V 146 76.17 -39.89 -49.51
C ALA V 146 75.00 -38.99 -49.82
N LEU V 147 75.31 -37.83 -50.45
CA LEU V 147 74.28 -36.88 -50.88
C LEU V 147 73.69 -37.28 -52.23
N PRO V 148 72.42 -37.00 -52.45
CA PRO V 148 71.80 -37.35 -53.73
C PRO V 148 72.39 -36.53 -54.88
N GLU V 149 72.34 -37.12 -56.07
CA GLU V 149 72.86 -36.46 -57.26
C GLU V 149 71.97 -35.27 -57.64
N GLY V 150 72.61 -34.22 -58.15
CA GLY V 150 71.87 -33.04 -58.58
C GLY V 150 71.31 -32.20 -57.46
N LEU V 151 71.91 -32.27 -56.26
CA LEU V 151 71.42 -31.49 -55.14
C LEU V 151 71.60 -30.00 -55.37
N VAL V 152 70.55 -29.23 -55.05
CA VAL V 152 70.57 -27.78 -55.18
C VAL V 152 70.24 -27.17 -53.83
N VAL V 153 71.14 -26.33 -53.33
CA VAL V 153 70.96 -25.63 -52.05
C VAL V 153 71.11 -24.14 -52.30
N ASP V 154 70.08 -23.37 -51.93
CA ASP V 154 70.10 -21.93 -52.11
C ASP V 154 70.70 -21.19 -50.92
N GLY V 155 71.02 -21.89 -49.83
CA GLY V 155 71.59 -21.25 -48.67
C GLY V 155 72.92 -21.83 -48.25
N ASN V 156 73.14 -21.95 -46.95
CA ASN V 156 74.38 -22.49 -46.41
C ASN V 156 74.22 -23.97 -46.10
N LEU V 157 75.24 -24.75 -46.42
CA LEU V 157 75.22 -26.20 -46.24
C LEU V 157 76.18 -26.58 -45.12
N TYR V 158 75.66 -27.19 -44.07
CA TYR V 158 76.45 -27.64 -42.93
C TYR V 158 76.45 -29.16 -42.88
N ILE V 159 77.63 -29.75 -43.05
CA ILE V 159 77.77 -31.21 -43.04
C ILE V 159 78.71 -31.61 -41.90
N GLY V 160 78.95 -30.69 -40.97
CA GLY V 160 79.86 -30.93 -39.88
C GLY V 160 79.50 -32.09 -38.97
N GLY V 161 80.45 -32.97 -38.70
CA GLY V 161 80.21 -34.08 -37.81
C GLY V 161 79.43 -35.23 -38.40
N SER V 162 79.13 -35.19 -39.69
CA SER V 162 78.37 -36.25 -40.34
C SER V 162 79.31 -37.31 -40.89
N ALA V 163 78.73 -38.35 -41.50
CA ALA V 163 79.50 -39.43 -42.10
C ALA V 163 79.78 -39.22 -43.58
N LEU V 164 79.37 -38.08 -44.14
CA LEU V 164 79.63 -37.81 -45.55
C LEU V 164 81.11 -37.61 -45.81
N GLN V 165 81.62 -38.29 -46.84
CA GLN V 165 83.00 -38.09 -47.26
C GLN V 165 83.16 -37.97 -48.77
N VAL V 166 82.13 -38.22 -49.57
CA VAL V 166 82.20 -38.13 -51.02
C VAL V 166 80.97 -37.37 -51.51
N PHE V 167 81.20 -36.30 -52.27
CA PHE V 167 80.13 -35.55 -52.88
C PHE V 167 79.76 -36.13 -54.24
N PRO V 168 78.52 -35.93 -54.70
CA PRO V 168 78.12 -36.47 -56.01
C PRO V 168 78.83 -35.78 -57.16
N ASP V 169 78.55 -36.23 -58.39
CA ASP V 169 79.20 -35.65 -59.56
C ASP V 169 78.82 -34.18 -59.74
N THR V 170 77.55 -33.84 -59.53
CA THR V 170 77.08 -32.48 -59.72
C THR V 170 76.23 -32.07 -58.53
N MET V 171 76.51 -30.87 -58.00
CA MET V 171 75.72 -30.30 -56.93
C MET V 171 75.78 -28.79 -57.05
N THR V 172 74.81 -28.12 -56.42
CA THR V 172 74.71 -26.66 -56.47
C THR V 172 74.47 -26.12 -55.07
N VAL V 173 75.37 -25.26 -54.61
CA VAL V 173 75.23 -24.56 -53.34
C VAL V 173 75.42 -23.08 -53.61
N LYS V 174 74.41 -22.28 -53.30
CA LYS V 174 74.45 -20.84 -53.56
C LYS V 174 75.01 -20.04 -52.40
N GLY V 175 75.37 -20.69 -51.30
CA GLY V 175 75.95 -19.98 -50.16
C GLY V 175 77.32 -20.52 -49.81
N ASN V 176 77.58 -20.67 -48.50
CA ASN V 176 78.84 -21.23 -48.04
C ASN V 176 78.69 -22.72 -47.76
N ILE V 177 79.80 -23.44 -47.90
CA ILE V 177 79.85 -24.87 -47.62
C ILE V 177 80.74 -25.07 -46.40
N PHE V 178 80.20 -25.69 -45.36
CA PHE V 178 80.90 -25.91 -44.11
C PHE V 178 81.17 -27.39 -43.94
N LEU V 179 82.43 -27.79 -44.00
CA LEU V 179 82.78 -29.18 -43.76
C LEU V 179 82.65 -29.56 -42.29
N GLY V 180 83.03 -28.66 -41.38
CA GLY V 180 82.84 -28.87 -39.96
C GLY V 180 83.75 -29.90 -39.34
N GLY V 181 84.60 -30.56 -40.11
CA GLY V 181 85.49 -31.57 -39.56
C GLY V 181 85.61 -32.81 -40.40
N ASN V 182 84.54 -33.16 -41.12
CA ASN V 182 84.58 -34.33 -41.99
C ASN V 182 85.49 -34.08 -43.18
N LYS V 183 86.10 -35.15 -43.67
CA LYS V 183 87.07 -35.07 -44.76
C LYS V 183 86.38 -35.42 -46.08
N ILE V 184 86.43 -34.49 -47.03
CA ILE V 184 85.87 -34.71 -48.37
C ILE V 184 87.02 -35.02 -49.31
N THR V 185 86.91 -36.14 -50.03
CA THR V 185 87.95 -36.60 -50.95
C THR V 185 87.57 -36.46 -52.41
N LYS V 186 86.31 -36.73 -52.77
CA LYS V 186 85.85 -36.65 -54.14
C LYS V 186 84.91 -35.46 -54.28
N TRP V 187 85.40 -34.37 -54.87
CA TRP V 187 84.63 -33.16 -55.09
C TRP V 187 83.83 -33.26 -56.39
N PRO V 188 82.70 -32.56 -56.46
CA PRO V 188 81.89 -32.61 -57.70
C PRO V 188 82.66 -32.09 -58.90
N SER V 189 82.40 -32.71 -60.05
CA SER V 189 83.02 -32.27 -61.30
C SER V 189 82.46 -30.93 -61.74
N ASN V 190 81.15 -30.76 -61.63
CA ASN V 190 80.46 -29.52 -62.01
C ASN V 190 79.92 -28.87 -60.74
N LEU V 191 80.58 -27.80 -60.29
CA LEU V 191 80.18 -27.11 -59.08
C LEU V 191 80.42 -25.61 -59.25
N THR V 192 79.36 -24.82 -59.06
CA THR V 192 79.45 -23.37 -59.04
C THR V 192 79.02 -22.89 -57.66
N LEU V 193 79.92 -22.20 -56.97
CA LEU V 193 79.72 -21.82 -55.57
C LEU V 193 79.62 -20.30 -55.47
N GLY V 194 78.56 -19.83 -54.83
CA GLY V 194 78.41 -18.41 -54.57
C GLY V 194 79.12 -17.91 -53.33
N GLY V 195 79.68 -18.81 -52.53
CA GLY V 195 80.38 -18.42 -51.31
C GLY V 195 81.76 -19.04 -51.18
N ALA V 196 82.08 -19.50 -49.98
CA ALA V 196 83.39 -20.09 -49.69
C ALA V 196 83.20 -21.45 -49.03
N VAL V 197 84.28 -22.21 -48.95
CA VAL V 197 84.30 -23.53 -48.34
C VAL V 197 85.06 -23.44 -47.03
N ALA V 198 84.44 -23.91 -45.95
CA ALA V 198 85.06 -23.89 -44.64
C ALA V 198 85.19 -25.30 -44.08
N PRO V 199 86.34 -25.64 -43.49
CA PRO V 199 86.57 -26.98 -42.91
C PRO V 199 85.82 -27.18 -41.60
N MET W 1 47.24 18.54 -17.28
CA MET W 1 46.85 17.39 -16.46
C MET W 1 46.85 16.11 -17.28
N HIS W 2 46.58 14.99 -16.61
CA HIS W 2 46.55 13.71 -17.31
C HIS W 2 45.41 13.70 -18.33
N PRO W 3 45.67 13.24 -19.56
CA PRO W 3 44.60 13.26 -20.57
C PRO W 3 43.38 12.44 -20.20
N ALA W 4 43.56 11.33 -19.47
CA ALA W 4 42.41 10.50 -19.10
C ALA W 4 41.48 11.24 -18.14
N LEU W 5 42.03 12.16 -17.34
CA LEU W 5 41.19 12.92 -16.41
C LEU W 5 40.26 13.87 -17.15
N TRP W 6 40.77 14.59 -18.14
CA TRP W 6 39.96 15.59 -18.82
C TRP W 6 38.96 14.96 -19.79
N VAL W 7 39.30 13.80 -20.36
CA VAL W 7 38.38 13.13 -21.27
C VAL W 7 37.10 12.75 -20.54
N SER W 8 37.23 12.20 -19.33
CA SER W 8 36.06 11.86 -18.54
C SER W 8 35.33 13.09 -18.03
N LYS W 9 36.07 14.17 -17.74
CA LYS W 9 35.44 15.39 -17.26
C LYS W 9 34.52 16.00 -18.33
N THR W 10 34.94 15.96 -19.59
CA THR W 10 34.09 16.47 -20.66
C THR W 10 32.81 15.66 -20.77
N GLY W 11 32.88 14.35 -20.50
CA GLY W 11 31.68 13.55 -20.45
C GLY W 11 30.76 13.97 -19.31
N LEU W 12 31.34 14.37 -18.17
CA LEU W 12 30.53 14.82 -17.05
C LEU W 12 29.81 16.12 -17.38
N ASP W 13 30.49 17.05 -18.07
CA ASP W 13 29.85 18.30 -18.45
C ASP W 13 28.72 18.05 -19.44
N ALA W 14 28.92 17.11 -20.36
CA ALA W 14 27.87 16.81 -21.34
C ALA W 14 26.62 16.28 -20.66
N GLN W 15 26.78 15.40 -19.68
CA GLN W 15 25.63 14.88 -18.96
C GLN W 15 24.98 15.96 -18.09
N GLN W 16 25.79 16.85 -17.51
CA GLN W 16 25.25 17.94 -16.71
C GLN W 16 24.40 18.87 -17.57
N THR W 17 24.85 19.14 -18.80
CA THR W 17 24.03 19.89 -19.75
C THR W 17 22.75 19.12 -20.10
N ASN W 18 22.87 17.80 -20.26
CA ASN W 18 21.70 16.99 -20.54
C ASN W 18 20.71 17.02 -19.38
N ILE W 19 21.20 16.97 -18.16
CA ILE W 19 20.32 17.01 -16.99
C ILE W 19 19.57 18.34 -16.93
N ALA W 20 20.28 19.45 -17.17
CA ALA W 20 19.63 20.77 -17.12
C ALA W 20 18.58 20.90 -18.23
N THR W 21 18.75 20.17 -19.33
CA THR W 21 17.74 20.19 -20.38
C THR W 21 16.51 19.39 -19.98
N ILE W 22 16.72 18.24 -19.33
CA ILE W 22 15.60 17.42 -18.89
C ILE W 22 14.80 18.14 -17.82
N SER W 23 15.48 18.76 -16.85
CA SER W 23 14.78 19.46 -15.77
C SER W 23 13.98 20.64 -16.31
N ASN W 24 14.47 21.27 -17.38
CA ASN W 24 13.74 22.37 -17.99
C ASN W 24 12.43 21.88 -18.59
N ASN W 25 12.45 20.72 -19.24
CA ASN W 25 11.22 20.17 -19.81
C ASN W 25 10.22 19.80 -18.73
N LEU W 26 10.68 19.15 -17.66
CA LEU W 26 9.77 18.77 -16.58
C LEU W 26 9.22 19.99 -15.84
N ALA W 27 10.02 21.04 -15.72
CA ALA W 27 9.51 22.27 -15.12
C ALA W 27 8.39 22.86 -15.97
N ASN W 28 8.57 22.88 -17.29
CA ASN W 28 7.55 23.34 -18.23
C ASN W 28 6.66 22.19 -18.73
N ALA W 29 6.12 21.41 -17.80
CA ALA W 29 5.22 20.32 -18.16
C ALA W 29 3.77 20.76 -18.25
N SER W 30 3.46 22.00 -17.85
CA SER W 30 2.11 22.52 -17.91
C SER W 30 2.02 23.82 -18.70
N THR W 31 3.13 24.31 -19.23
CA THR W 31 3.12 25.57 -19.98
C THR W 31 2.39 25.39 -21.30
N VAL W 32 1.64 26.42 -21.67
CA VAL W 32 0.87 26.38 -22.92
C VAL W 32 1.77 26.80 -24.08
N GLY W 33 1.78 25.99 -25.13
CA GLY W 33 2.59 26.27 -26.29
C GLY W 33 4.08 26.17 -26.05
N TYR W 34 4.50 25.25 -25.18
CA TYR W 34 5.91 25.02 -24.90
C TYR W 34 6.40 23.82 -25.68
N LYS W 35 7.52 23.99 -26.38
CA LYS W 35 8.14 22.93 -27.17
C LYS W 35 9.36 22.40 -26.44
N LYS W 36 9.41 21.08 -26.26
CA LYS W 36 10.50 20.48 -25.50
C LYS W 36 11.81 20.53 -26.28
N SER W 37 12.91 20.47 -25.55
CA SER W 37 14.25 20.49 -26.11
C SER W 37 14.98 19.20 -25.77
N ARG W 38 15.86 18.78 -26.66
CA ARG W 38 16.69 17.60 -26.43
C ARG W 38 18.15 17.96 -26.68
N ALA W 39 19.02 17.52 -25.78
CA ALA W 39 20.45 17.75 -25.93
C ALA W 39 21.04 16.79 -26.94
N VAL W 40 21.81 17.33 -27.88
CA VAL W 40 22.41 16.54 -28.95
C VAL W 40 23.91 16.43 -28.66
N PHE W 41 24.40 15.20 -28.62
CA PHE W 41 25.81 14.93 -28.31
C PHE W 41 26.58 14.62 -29.58
N GLU W 42 27.88 14.91 -29.55
CA GLU W 42 28.78 14.46 -30.60
C GLU W 42 30.18 14.35 -30.01
N ASP W 43 31.02 13.52 -30.59
CA ASP W 43 32.35 13.28 -29.98
C ASP W 43 33.26 14.47 -30.24
N LEU W 44 34.39 14.57 -29.55
CA LEU W 44 35.33 15.66 -29.85
C LEU W 44 36.41 15.06 -30.75
N PHE W 45 37.29 15.86 -31.35
CA PHE W 45 38.25 15.39 -32.38
C PHE W 45 39.19 14.30 -31.90
N TYR W 46 39.78 13.55 -32.83
CA TYR W 46 40.71 12.44 -32.53
C TYR W 46 42.14 12.84 -32.90
N GLN W 47 43.11 12.63 -32.03
CA GLN W 47 44.47 13.12 -32.20
C GLN W 47 45.43 11.96 -32.43
N ASN W 48 46.29 12.10 -33.42
CA ASN W 48 47.34 11.12 -33.68
C ASN W 48 48.54 11.40 -32.77
N ILE W 49 48.92 10.39 -31.98
CA ILE W 49 49.97 10.55 -30.99
C ILE W 49 51.30 10.00 -31.48
N ASN W 50 51.29 8.83 -32.12
CA ASN W 50 52.52 8.15 -32.49
C ASN W 50 53.03 8.57 -33.87
N GLN W 51 52.37 9.49 -34.54
CA GLN W 51 52.92 10.06 -35.77
C GLN W 51 53.67 11.34 -35.44
N PRO W 52 54.78 11.63 -36.10
CA PRO W 52 55.50 12.88 -35.83
C PRO W 52 54.63 14.09 -36.10
N GLY W 53 54.36 14.87 -35.06
CA GLY W 53 53.45 16.00 -35.20
C GLY W 53 52.03 15.53 -35.38
N GLY W 54 51.26 16.31 -36.15
CA GLY W 54 49.85 16.02 -36.33
C GLY W 54 49.55 15.20 -37.57
N GLN W 55 50.56 14.51 -38.10
CA GLN W 55 50.36 13.68 -39.29
C GLN W 55 49.38 12.55 -38.99
N SER W 56 48.53 12.23 -39.97
CA SER W 56 47.42 11.31 -39.77
C SER W 56 47.36 10.21 -40.83
N SER W 57 46.24 9.49 -40.84
CA SER W 57 45.91 8.43 -41.81
C SER W 57 47.04 7.40 -41.87
N GLN W 58 47.19 6.77 -43.04
CA GLN W 58 48.12 5.68 -43.32
C GLN W 58 47.65 4.40 -42.64
N ASN W 59 48.41 3.89 -41.67
CA ASN W 59 48.12 2.63 -41.00
C ASN W 59 47.46 2.91 -39.66
N THR W 60 46.14 2.97 -39.64
CA THR W 60 45.38 3.27 -38.44
C THR W 60 45.14 2.05 -37.56
N GLU W 61 45.54 0.85 -38.00
CA GLU W 61 45.40 -0.36 -37.22
C GLU W 61 46.75 -0.86 -36.71
N LEU W 62 47.69 0.06 -36.53
CA LEU W 62 49.03 -0.21 -36.04
C LEU W 62 49.35 0.79 -34.94
N PRO W 63 50.32 0.49 -34.08
CA PRO W 63 50.71 1.45 -33.04
C PRO W 63 51.14 2.79 -33.60
N SER W 64 51.68 2.84 -34.82
CA SER W 64 52.08 4.11 -35.42
C SER W 64 50.89 5.04 -35.63
N GLY W 65 49.77 4.49 -36.10
CA GLY W 65 48.62 5.31 -36.44
C GLY W 65 47.53 5.35 -35.40
N LEU W 66 47.87 5.07 -34.14
CA LEU W 66 46.88 5.11 -33.07
C LEU W 66 46.31 6.52 -32.92
N MET W 67 45.00 6.60 -32.81
CA MET W 67 44.29 7.87 -32.65
C MET W 67 43.49 7.83 -31.35
N LEU W 68 43.57 8.91 -30.59
CA LEU W 68 42.89 9.01 -29.30
C LEU W 68 41.86 10.13 -29.34
N GLY W 69 40.68 9.86 -28.79
CA GLY W 69 39.63 10.85 -28.73
C GLY W 69 39.82 11.86 -27.62
N ALA W 70 38.98 12.88 -27.62
CA ALA W 70 39.05 13.96 -26.64
C ALA W 70 37.81 14.04 -25.76
N GLY W 71 36.89 13.08 -25.88
CA GLY W 71 35.70 13.08 -25.06
C GLY W 71 34.42 13.32 -25.84
N SER W 72 33.47 14.03 -25.23
CA SER W 72 32.19 14.32 -25.86
C SER W 72 31.73 15.71 -25.45
N LYS W 73 30.72 16.20 -26.15
CA LYS W 73 30.15 17.51 -25.88
C LYS W 73 28.71 17.54 -26.35
N VAL W 74 27.99 18.57 -25.91
CA VAL W 74 26.63 18.83 -26.39
C VAL W 74 26.72 19.95 -27.41
N VAL W 75 26.39 19.63 -28.66
CA VAL W 75 26.56 20.58 -29.76
C VAL W 75 25.35 21.49 -29.90
N ALA W 76 24.14 20.97 -29.75
CA ALA W 76 22.95 21.80 -29.90
C ALA W 76 21.83 21.24 -29.05
N THR W 77 21.01 22.14 -28.50
CA THR W 77 19.79 21.78 -27.79
C THR W 77 18.64 22.01 -28.75
N GLN W 78 18.21 20.94 -29.41
CA GLN W 78 17.26 21.04 -30.51
C GLN W 78 15.83 21.13 -29.98
N LYS W 79 15.08 22.12 -30.47
CA LYS W 79 13.68 22.29 -30.11
C LYS W 79 12.84 21.36 -30.97
N VAL W 80 12.02 20.53 -30.33
CA VAL W 80 11.13 19.60 -31.02
C VAL W 80 9.78 20.28 -31.14
N HIS W 81 9.50 20.84 -32.31
CA HIS W 81 8.26 21.58 -32.54
C HIS W 81 7.13 20.66 -32.98
N THR W 82 6.88 19.62 -32.19
CA THR W 82 5.75 18.73 -32.43
C THR W 82 4.46 19.38 -31.92
N HIS W 83 3.42 19.31 -32.73
CA HIS W 83 2.13 19.91 -32.35
C HIS W 83 1.60 19.26 -31.08
N GLY W 84 1.15 20.09 -30.13
CA GLY W 84 0.68 19.59 -28.86
C GLY W 84 -0.83 19.40 -28.82
N ASN W 85 -1.29 18.79 -27.74
CA ASN W 85 -2.72 18.56 -27.56
C ASN W 85 -3.43 19.87 -27.24
N ALA W 86 -4.75 19.86 -27.45
CA ALA W 86 -5.59 21.03 -27.27
C ALA W 86 -6.29 20.98 -25.93
N GLN W 87 -6.33 22.11 -25.23
CA GLN W 87 -7.10 22.26 -24.00
C GLN W 87 -8.34 23.10 -24.30
N THR W 88 -9.50 22.55 -23.98
CA THR W 88 -10.76 23.24 -24.20
C THR W 88 -11.12 24.02 -22.94
N THR W 89 -11.09 25.34 -23.04
CA THR W 89 -11.38 26.23 -21.92
C THR W 89 -12.58 27.10 -22.25
N THR W 90 -13.20 27.64 -21.20
CA THR W 90 -14.38 28.48 -21.36
C THR W 90 -14.04 29.95 -21.55
N ASN W 91 -12.78 30.33 -21.43
CA ASN W 91 -12.40 31.72 -21.63
C ASN W 91 -12.40 32.05 -23.12
N ALA W 92 -13.02 33.16 -23.48
CA ALA W 92 -13.23 33.51 -24.88
C ALA W 92 -12.09 34.30 -25.49
N LEU W 93 -11.08 34.66 -24.70
CA LEU W 93 -9.97 35.47 -25.18
C LEU W 93 -8.71 34.66 -25.46
N ASP W 94 -8.69 33.38 -25.13
CA ASP W 94 -7.55 32.54 -25.43
C ASP W 94 -7.78 31.80 -26.74
N MET W 95 -6.71 31.68 -27.52
CA MET W 95 -6.79 31.15 -28.88
C MET W 95 -5.70 30.11 -29.09
N MET W 96 -5.84 29.37 -30.19
CA MET W 96 -4.92 28.30 -30.52
C MET W 96 -4.73 28.24 -32.02
N VAL W 97 -3.56 27.75 -32.44
CA VAL W 97 -3.25 27.52 -33.84
C VAL W 97 -3.11 26.02 -34.05
N GLU W 98 -3.94 25.47 -34.94
CA GLU W 98 -3.82 24.07 -35.32
C GLU W 98 -3.04 23.99 -36.63
N GLY W 99 -1.90 23.30 -36.59
CA GLY W 99 -0.98 23.32 -37.70
C GLY W 99 0.09 24.38 -37.50
N ASP W 100 0.82 24.62 -38.57
CA ASP W 100 1.93 25.59 -38.52
C ASP W 100 1.41 27.00 -38.33
N GLY W 101 2.13 27.78 -37.56
CA GLY W 101 1.79 29.17 -37.31
C GLY W 101 2.28 29.64 -35.96
N PHE W 102 2.57 30.93 -35.87
CA PHE W 102 2.99 31.57 -34.63
C PHE W 102 2.22 32.88 -34.46
N PHE W 103 1.72 33.12 -33.26
CA PHE W 103 1.13 34.42 -32.95
C PHE W 103 2.22 35.48 -32.91
N GLN W 104 1.84 36.72 -33.24
CA GLN W 104 2.77 37.84 -33.32
C GLN W 104 2.44 38.84 -32.23
N VAL W 105 3.45 39.21 -31.44
CA VAL W 105 3.29 40.19 -30.37
C VAL W 105 4.36 41.25 -30.54
N THR W 106 4.05 42.46 -30.07
CA THR W 106 4.95 43.60 -30.19
C THR W 106 5.73 43.74 -28.89
N LEU W 107 7.05 43.56 -28.98
CA LEU W 107 7.92 43.68 -27.82
C LEU W 107 8.11 45.14 -27.43
N PRO W 108 8.49 45.41 -26.17
CA PRO W 108 8.68 46.81 -25.76
C PRO W 108 9.73 47.55 -26.56
N ASP W 109 10.78 46.88 -27.01
CA ASP W 109 11.86 47.54 -27.75
C ASP W 109 11.47 47.85 -29.19
N GLY W 110 10.33 47.33 -29.67
CA GLY W 110 9.87 47.70 -30.99
C GLY W 110 9.64 46.53 -31.93
N ASN W 111 10.50 45.52 -31.89
CA ASN W 111 10.40 44.41 -32.82
C ASN W 111 9.28 43.46 -32.38
N ILE W 112 9.04 42.44 -33.21
CA ILE W 112 7.94 41.51 -32.99
C ILE W 112 8.52 40.13 -32.67
N GLY W 113 8.04 39.54 -31.58
CA GLY W 113 8.40 38.18 -31.20
C GLY W 113 7.24 37.24 -31.50
N TYR W 114 7.56 36.02 -31.89
CA TYR W 114 6.58 35.06 -32.35
C TYR W 114 6.33 34.01 -31.27
N THR W 115 5.06 33.80 -30.93
CA THR W 115 4.69 32.95 -29.81
C THR W 115 3.64 31.93 -30.24
N ARG W 116 3.72 30.74 -29.66
CA ARG W 116 2.67 29.74 -29.79
C ARG W 116 1.67 29.78 -28.65
N ASN W 117 1.92 30.59 -27.63
CA ASN W 117 1.01 30.72 -26.50
C ASN W 117 -0.12 31.67 -26.86
N GLY W 118 -1.35 31.18 -26.81
CA GLY W 118 -2.50 31.98 -27.20
C GLY W 118 -3.31 32.51 -26.04
N GLN W 119 -2.73 32.48 -24.83
CA GLN W 119 -3.43 32.98 -23.66
C GLN W 119 -3.44 34.50 -23.67
N PHE W 120 -4.43 35.08 -24.34
CA PHE W 120 -4.55 36.52 -24.49
C PHE W 120 -5.64 37.06 -23.57
N THR W 121 -5.69 38.39 -23.48
CA THR W 121 -6.73 39.09 -22.75
C THR W 121 -6.74 40.53 -23.26
N LEU W 122 -7.56 41.37 -22.62
CA LEU W 122 -7.69 42.77 -23.00
C LEU W 122 -7.00 43.65 -21.96
N ASN W 123 -6.41 44.74 -22.42
CA ASN W 123 -5.76 45.70 -21.53
C ASN W 123 -6.77 46.77 -21.14
N GLY W 124 -6.29 47.86 -20.54
CA GLY W 124 -7.18 48.93 -20.13
C GLY W 124 -7.87 49.62 -21.29
N GLU W 125 -7.19 49.74 -22.42
CA GLU W 125 -7.73 50.41 -23.60
C GLU W 125 -8.52 49.48 -24.50
N GLY W 126 -8.63 48.20 -24.16
CA GLY W 126 -9.38 47.25 -24.97
C GLY W 126 -8.58 46.53 -26.02
N THR W 127 -7.29 46.81 -26.15
CA THR W 127 -6.46 46.13 -27.14
C THR W 127 -6.10 44.73 -26.65
N LEU W 128 -6.18 43.76 -27.56
CA LEU W 128 -5.85 42.38 -27.22
C LEU W 128 -4.36 42.28 -26.90
N VAL W 129 -4.05 41.84 -25.68
CA VAL W 129 -2.69 41.71 -25.20
C VAL W 129 -2.51 40.34 -24.57
N THR W 130 -1.26 39.94 -24.40
CA THR W 130 -0.95 38.68 -23.74
C THR W 130 -1.27 38.76 -22.26
N SER W 131 -1.82 37.67 -21.71
CA SER W 131 -2.23 37.63 -20.32
C SER W 131 -1.05 37.50 -19.36
N GLY W 132 0.18 37.52 -19.86
CA GLY W 132 1.39 37.43 -19.06
C GLY W 132 1.99 38.81 -18.90
N SER W 133 3.03 39.12 -19.66
CA SER W 133 3.69 40.41 -19.52
C SER W 133 2.84 41.56 -20.06
N GLY W 134 1.95 41.29 -21.00
CA GLY W 134 1.09 42.34 -21.52
C GLY W 134 1.52 42.94 -22.84
N TYR W 135 2.29 42.21 -23.65
CA TYR W 135 2.75 42.75 -24.92
C TYR W 135 1.62 42.68 -25.95
N PRO W 136 1.28 43.78 -26.61
CA PRO W 136 0.15 43.77 -27.54
C PRO W 136 0.41 42.84 -28.73
N VAL W 137 -0.69 42.31 -29.27
CA VAL W 137 -0.65 41.38 -30.39
C VAL W 137 -0.75 42.17 -31.69
N GLU W 138 0.17 41.90 -32.62
CA GLU W 138 0.19 42.48 -33.96
C GLU W 138 -0.55 41.57 -34.93
N PRO W 139 -1.50 42.08 -35.72
CA PRO W 139 -1.96 43.48 -35.82
C PRO W 139 -2.81 43.88 -34.62
N GLU W 140 -2.90 45.18 -34.34
CA GLU W 140 -3.62 45.65 -33.18
C GLU W 140 -5.12 45.41 -33.34
N ILE W 141 -5.73 44.78 -32.34
CA ILE W 141 -7.15 44.48 -32.33
C ILE W 141 -7.78 45.22 -31.15
N VAL W 142 -8.75 46.08 -31.44
CA VAL W 142 -9.40 46.91 -30.42
C VAL W 142 -10.84 46.44 -30.29
N ILE W 143 -11.27 46.22 -29.04
CA ILE W 143 -12.61 45.74 -28.74
C ILE W 143 -13.44 46.93 -28.25
N PRO W 144 -14.54 47.26 -28.92
CA PRO W 144 -15.40 48.35 -28.43
C PRO W 144 -16.03 48.00 -27.09
N GLU W 145 -16.30 49.04 -26.30
CA GLU W 145 -16.80 48.82 -24.94
C GLU W 145 -18.23 48.29 -24.94
N ASP W 146 -19.02 48.59 -25.96
CA ASP W 146 -20.40 48.14 -26.02
C ASP W 146 -20.54 46.72 -26.55
N ALA W 147 -19.44 46.07 -26.88
CA ALA W 147 -19.50 44.69 -27.36
C ALA W 147 -19.95 43.75 -26.25
N ILE W 148 -20.65 42.70 -26.64
CA ILE W 148 -21.15 41.70 -25.70
C ILE W 148 -20.32 40.43 -25.74
N SER W 149 -20.13 39.85 -26.93
CA SER W 149 -19.35 38.64 -27.09
C SER W 149 -18.36 38.81 -28.22
N ILE W 150 -17.18 38.22 -28.04
CA ILE W 150 -16.10 38.28 -29.02
C ILE W 150 -16.06 36.96 -29.77
N THR W 151 -16.13 37.03 -31.10
CA THR W 151 -16.08 35.85 -31.95
C THR W 151 -14.89 35.99 -32.89
N VAL W 152 -13.97 35.03 -32.81
CA VAL W 152 -12.78 35.00 -33.65
C VAL W 152 -12.95 33.89 -34.68
N GLY W 153 -13.02 34.27 -35.96
CA GLY W 153 -13.20 33.29 -37.01
C GLY W 153 -11.96 32.43 -37.20
N THR W 154 -12.16 31.33 -37.93
CA THR W 154 -11.07 30.41 -38.18
C THR W 154 -10.00 30.99 -39.10
N ASP W 155 -10.28 32.13 -39.74
CA ASP W 155 -9.28 32.83 -40.55
C ASP W 155 -8.80 34.12 -39.88
N GLY W 156 -8.99 34.23 -38.56
CA GLY W 156 -8.48 35.34 -37.80
C GLY W 156 -9.38 36.56 -37.73
N GLU W 157 -10.51 36.56 -38.43
CA GLU W 157 -11.40 37.71 -38.38
C GLU W 157 -12.07 37.79 -37.01
N VAL W 158 -11.90 38.92 -36.33
CA VAL W 158 -12.49 39.16 -35.02
C VAL W 158 -13.74 40.01 -35.21
N SER W 159 -14.88 39.49 -34.77
CA SER W 159 -16.14 40.21 -34.82
C SER W 159 -16.78 40.23 -33.45
N VAL W 160 -17.55 41.28 -33.18
CA VAL W 160 -18.19 41.46 -31.89
C VAL W 160 -19.68 41.64 -32.11
N ARG W 161 -20.46 41.31 -31.09
CA ARG W 161 -21.90 41.52 -31.10
C ARG W 161 -22.23 42.77 -30.31
N VAL W 162 -22.95 43.70 -30.94
CA VAL W 162 -23.38 44.93 -30.31
C VAL W 162 -24.91 44.91 -30.25
N ARG W 163 -25.46 45.17 -29.07
CA ARG W 163 -26.91 45.13 -28.91
C ARG W 163 -27.55 46.28 -29.69
N GLY W 164 -28.64 45.97 -30.37
CA GLY W 164 -29.32 46.94 -31.21
C GLY W 164 -28.88 46.95 -32.65
N GLN W 165 -27.90 46.11 -33.01
CA GLN W 165 -27.41 46.02 -34.38
C GLN W 165 -27.39 44.55 -34.79
N GLN W 166 -28.32 44.17 -35.67
CA GLN W 166 -28.31 42.83 -36.22
C GLN W 166 -27.04 42.60 -37.03
N ASP W 167 -26.50 41.38 -36.95
CA ASP W 167 -25.32 40.92 -37.67
C ASP W 167 -24.04 41.49 -37.05
N ASN W 168 -23.04 40.64 -36.88
CA ASN W 168 -21.81 41.03 -36.20
C ASN W 168 -21.02 42.02 -37.05
N GLN W 169 -20.20 42.82 -36.36
CA GLN W 169 -19.33 43.80 -37.00
C GLN W 169 -17.87 43.41 -36.78
N VAL W 170 -17.08 43.48 -37.84
CA VAL W 170 -15.68 43.07 -37.78
C VAL W 170 -14.85 44.23 -37.25
N VAL W 171 -13.97 43.93 -36.29
CA VAL W 171 -13.11 44.92 -35.66
C VAL W 171 -11.64 44.62 -35.86
N GLY W 172 -11.30 43.68 -36.73
CA GLY W 172 -9.92 43.36 -37.01
C GLY W 172 -9.78 41.94 -37.50
N GLN W 173 -8.57 41.63 -37.97
CA GLN W 173 -8.25 40.31 -38.49
C GLN W 173 -6.82 39.96 -38.11
N LEU W 174 -6.62 38.77 -37.54
CA LEU W 174 -5.30 38.31 -37.15
C LEU W 174 -4.56 37.71 -38.33
N THR W 175 -3.23 37.73 -38.23
CA THR W 175 -2.36 37.02 -39.15
C THR W 175 -1.35 36.23 -38.33
N ILE W 176 -0.95 35.07 -38.84
CA ILE W 176 0.01 34.22 -38.16
C ILE W 176 1.20 33.98 -39.08
N THR W 177 2.36 33.79 -38.48
CA THR W 177 3.62 33.65 -39.20
C THR W 177 4.11 32.21 -39.10
N ASP W 178 4.63 31.71 -40.21
CA ASP W 178 5.27 30.40 -40.26
C ASP W 178 6.69 30.56 -40.79
N PHE W 179 7.59 29.74 -40.26
CA PHE W 179 9.01 29.83 -40.58
C PHE W 179 9.47 28.56 -41.30
N VAL W 180 10.48 28.71 -42.15
CA VAL W 180 11.03 27.57 -42.87
C VAL W 180 11.63 26.57 -41.87
N ASN W 181 12.37 27.07 -40.89
CA ASN W 181 13.01 26.24 -39.87
C ASN W 181 12.64 26.78 -38.50
N PRO W 182 11.49 26.37 -37.95
CA PRO W 182 11.12 26.80 -36.59
C PRO W 182 12.10 26.34 -35.53
N GLY W 183 12.89 25.30 -35.80
CA GLY W 183 13.89 24.86 -34.84
C GLY W 183 15.05 25.82 -34.69
N GLY W 184 15.21 26.76 -35.62
CA GLY W 184 16.23 27.77 -35.54
C GLY W 184 15.83 29.03 -34.80
N LEU W 185 14.59 29.10 -34.32
CA LEU W 185 14.14 30.27 -33.57
C LEU W 185 14.84 30.34 -32.23
N GLU W 186 15.10 31.57 -31.77
CA GLU W 186 15.80 31.78 -30.51
C GLU W 186 14.79 31.94 -29.38
N PRO W 187 14.77 31.04 -28.40
CA PRO W 187 13.87 31.23 -27.26
C PRO W 187 14.40 32.31 -26.33
N ILE W 188 13.50 33.20 -25.89
CA ILE W 188 13.85 34.29 -25.01
C ILE W 188 13.01 34.27 -23.74
N GLY W 189 12.35 33.16 -23.46
CA GLY W 189 11.44 33.08 -22.33
C GLY W 189 10.11 33.74 -22.62
N GLN W 190 9.22 33.66 -21.63
CA GLN W 190 7.87 34.21 -21.74
C GLN W 190 7.09 33.58 -22.89
N ASN W 191 7.45 32.35 -23.26
CA ASN W 191 6.87 31.65 -24.40
C ASN W 191 7.00 32.48 -25.68
N LEU W 192 8.16 33.11 -25.85
CA LEU W 192 8.41 34.00 -26.97
C LEU W 192 9.62 33.50 -27.76
N TYR W 193 9.56 33.67 -29.07
CA TYR W 193 10.65 33.34 -29.98
C TYR W 193 11.06 34.58 -30.76
N LEU W 194 12.32 34.61 -31.17
CA LEU W 194 12.80 35.68 -32.03
C LEU W 194 13.37 35.11 -33.32
N PRO W 195 13.12 35.75 -34.46
CA PRO W 195 13.69 35.26 -35.72
C PRO W 195 15.20 35.40 -35.72
N THR W 196 15.86 34.46 -36.39
CA THR W 196 17.31 34.43 -36.50
C THR W 196 17.70 34.16 -37.95
N GLY W 197 19.01 34.14 -38.20
CA GLY W 197 19.49 33.83 -39.54
C GLY W 197 19.19 32.41 -39.94
N ALA W 198 19.35 31.45 -39.02
CA ALA W 198 19.08 30.06 -39.31
C ALA W 198 17.60 29.74 -39.40
N SER W 199 16.73 30.68 -39.01
CA SER W 199 15.30 30.42 -39.06
C SER W 199 14.73 30.66 -40.45
N GLY W 200 15.01 31.81 -41.03
CA GLY W 200 14.52 32.18 -42.34
C GLY W 200 13.78 33.50 -42.27
N ASP W 201 13.00 33.77 -43.30
CA ASP W 201 12.24 35.02 -43.29
C ASP W 201 10.83 34.78 -42.76
N PRO W 202 10.30 35.73 -41.98
CA PRO W 202 8.91 35.60 -41.51
C PRO W 202 7.94 35.68 -42.68
N GLN W 203 7.13 34.64 -42.84
CA GLN W 203 6.19 34.56 -43.95
C GLN W 203 4.77 34.65 -43.37
N GLU W 204 4.25 35.87 -43.33
CA GLU W 204 2.91 36.10 -42.80
C GLU W 204 1.85 35.74 -43.84
N GLY W 205 0.61 35.73 -43.39
CA GLY W 205 -0.51 35.42 -44.25
C GLY W 205 -1.77 35.18 -43.45
N VAL W 206 -2.87 35.04 -44.16
CA VAL W 206 -4.15 34.77 -43.49
C VAL W 206 -4.11 33.37 -42.87
N PRO W 207 -4.58 33.21 -41.64
CA PRO W 207 -4.51 31.89 -40.99
C PRO W 207 -5.53 30.90 -41.54
N GLY W 208 -5.15 30.19 -42.60
CA GLY W 208 -6.05 29.22 -43.21
C GLY W 208 -5.83 29.06 -44.70
N LEU W 209 -4.96 29.88 -45.28
CA LEU W 209 -4.61 29.79 -46.68
C LEU W 209 -3.10 29.66 -46.83
N ASP W 210 -2.69 29.07 -47.95
CA ASP W 210 -1.28 28.88 -48.29
C ASP W 210 -0.54 28.07 -47.23
N GLY W 211 -1.20 27.03 -46.72
CA GLY W 211 -0.58 26.10 -45.79
C GLY W 211 -0.53 26.57 -44.35
N LEU W 212 -1.08 27.72 -44.03
CA LEU W 212 -1.08 28.19 -42.65
C LEU W 212 -2.17 27.48 -41.85
N GLY W 213 -1.99 27.49 -40.52
CA GLY W 213 -2.96 26.89 -39.63
C GLY W 213 -4.15 27.79 -39.39
N GLU W 214 -5.12 27.26 -38.65
CA GLU W 214 -6.35 27.96 -38.36
C GLU W 214 -6.39 28.41 -36.91
N ILE W 215 -7.12 29.48 -36.65
CA ILE W 215 -7.25 30.03 -35.30
C ILE W 215 -8.48 29.40 -34.65
N ARG W 216 -8.27 28.75 -33.51
CA ARG W 216 -9.35 28.12 -32.75
C ARG W 216 -9.56 28.91 -31.46
N GLN W 217 -10.76 29.45 -31.30
CA GLN W 217 -11.06 30.25 -30.13
C GLN W 217 -11.41 29.36 -28.94
N SER W 218 -11.09 29.84 -27.74
CA SER W 218 -11.38 29.15 -26.48
C SER W 218 -10.71 27.78 -26.45
N MET W 219 -9.50 27.69 -27.00
CA MET W 219 -8.69 26.49 -26.93
C MET W 219 -7.24 26.88 -26.71
N LEU W 220 -6.50 26.01 -26.04
CA LEU W 220 -5.09 26.25 -25.73
C LEU W 220 -4.25 25.04 -26.11
N GLU W 221 -3.05 25.31 -26.60
CA GLU W 221 -2.13 24.27 -27.05
C GLU W 221 -1.25 23.85 -25.88
N ALA W 222 -1.47 22.62 -25.40
CA ALA W 222 -0.69 22.12 -24.28
C ALA W 222 0.76 21.85 -24.71
N SER W 223 1.64 21.77 -23.72
CA SER W 223 3.03 21.45 -23.99
C SER W 223 3.17 20.03 -24.53
N ASN W 224 4.16 19.83 -25.40
CA ASN W 224 4.40 18.55 -26.03
C ASN W 224 5.47 17.74 -25.33
N VAL W 225 5.65 17.95 -24.03
CA VAL W 225 6.64 17.20 -23.26
C VAL W 225 6.06 15.84 -22.89
N ASN W 226 6.92 14.84 -22.85
CA ASN W 226 6.57 13.49 -22.44
C ASN W 226 7.26 13.24 -21.11
N VAL W 227 6.50 13.34 -20.02
CA VAL W 227 7.09 13.27 -18.68
C VAL W 227 7.77 11.93 -18.45
N THR W 228 7.18 10.85 -18.97
CA THR W 228 7.81 9.54 -18.85
C THR W 228 9.10 9.47 -19.65
N GLU W 229 9.12 10.09 -20.83
CA GLU W 229 10.34 10.10 -21.65
C GLU W 229 11.46 10.84 -20.96
N GLU W 230 11.15 11.95 -20.30
CA GLU W 230 12.17 12.70 -19.57
C GLU W 230 12.74 11.88 -18.41
N LEU W 231 11.88 11.15 -17.71
CA LEU W 231 12.35 10.32 -16.60
C LEU W 231 13.24 9.19 -17.07
N VAL W 232 12.93 8.59 -18.23
CA VAL W 232 13.80 7.55 -18.76
C VAL W 232 15.14 8.14 -19.17
N ASN W 233 15.13 9.31 -19.80
CA ASN W 233 16.39 9.99 -20.14
C ASN W 233 17.15 10.40 -18.89
N MET W 234 16.42 10.71 -17.81
CA MET W 234 17.08 11.05 -16.55
C MET W 234 17.84 9.86 -15.99
N ILE W 235 17.28 8.65 -16.11
CA ILE W 235 17.93 7.45 -15.62
C ILE W 235 19.23 7.19 -16.38
N GLU W 236 19.17 7.28 -17.71
CA GLU W 236 20.36 7.01 -18.51
C GLU W 236 21.44 8.06 -18.27
N ALA W 237 21.05 9.34 -18.17
CA ALA W 237 22.02 10.40 -17.96
C ALA W 237 22.63 10.31 -16.56
N GLN W 238 21.87 9.81 -15.58
CA GLN W 238 22.40 9.68 -14.23
C GLN W 238 23.47 8.59 -14.15
N ARG W 239 23.20 7.44 -14.77
CA ARG W 239 24.15 6.33 -14.68
C ARG W 239 25.42 6.63 -15.47
N VAL W 240 25.29 7.29 -16.62
CA VAL W 240 26.47 7.69 -17.39
C VAL W 240 27.30 8.70 -16.61
N TYR W 241 26.63 9.59 -15.87
CA TYR W 241 27.33 10.55 -15.04
C TYR W 241 28.18 9.85 -13.99
N GLU W 242 27.61 8.82 -13.35
CA GLU W 242 28.35 8.08 -12.33
C GLU W 242 29.50 7.30 -12.95
N MET W 243 29.31 6.77 -14.15
CA MET W 243 30.35 5.96 -14.79
C MET W 243 31.61 6.77 -15.06
N ASN W 244 31.45 8.01 -15.53
CA ASN W 244 32.61 8.85 -15.80
C ASN W 244 33.35 9.20 -14.52
N SER W 245 32.62 9.38 -13.42
CA SER W 245 33.28 9.63 -12.14
C SER W 245 34.12 8.43 -11.70
N LYS W 246 33.70 7.22 -12.08
CA LYS W 246 34.50 6.04 -11.77
C LYS W 246 35.85 6.08 -12.47
N VAL W 247 35.88 6.55 -13.73
CA VAL W 247 37.13 6.65 -14.46
C VAL W 247 38.04 7.69 -13.82
N ILE W 248 37.47 8.83 -13.41
CA ILE W 248 38.27 9.88 -12.78
C ILE W 248 38.88 9.38 -11.48
N SER W 249 38.11 8.65 -10.68
CA SER W 249 38.65 8.06 -9.47
C SER W 249 39.73 7.03 -9.79
N SER W 250 39.53 6.24 -10.85
CA SER W 250 40.51 5.23 -11.20
C SER W 250 41.83 5.86 -11.63
N VAL W 251 41.78 6.92 -12.42
CA VAL W 251 43.01 7.60 -12.84
C VAL W 251 43.71 8.22 -11.64
N ASP W 252 42.95 8.84 -10.75
CA ASP W 252 43.54 9.45 -9.55
C ASP W 252 44.20 8.40 -8.67
N LYS W 253 43.56 7.24 -8.51
CA LYS W 253 44.12 6.20 -7.67
C LYS W 253 45.35 5.57 -8.31
N MET W 254 45.37 5.48 -9.65
CA MET W 254 46.55 4.95 -10.33
C MET W 254 47.75 5.86 -10.15
N MET W 255 47.56 7.17 -10.39
CA MET W 255 48.66 8.11 -10.22
C MET W 255 49.10 8.20 -8.76
N SER W 256 48.14 8.11 -7.83
CA SER W 256 48.49 8.13 -6.41
C SER W 256 49.37 6.95 -6.04
N PHE W 257 49.21 5.83 -6.74
CA PHE W 257 50.06 4.67 -6.48
C PHE W 257 51.48 4.91 -6.98
N VAL W 258 51.63 5.69 -8.05
CA VAL W 258 52.95 5.91 -8.63
C VAL W 258 53.83 6.69 -7.68
N ASN W 259 53.45 7.93 -7.37
CA ASN W 259 54.28 8.80 -6.54
C ASN W 259 54.39 8.32 -5.11
N GLN W 260 53.56 7.36 -4.69
CA GLN W 260 53.67 6.79 -3.35
C GLN W 260 54.60 5.58 -3.34
N GLN W 261 54.31 4.59 -4.20
CA GLN W 261 55.14 3.39 -4.25
C GLN W 261 56.50 3.68 -4.86
N LEU W 262 56.53 4.39 -5.98
CA LEU W 262 57.79 4.65 -6.68
C LEU W 262 58.58 5.76 -6.00
N ALA X 338 94.73 -24.63 30.37
CA ALA X 338 95.04 -25.93 30.96
C ALA X 338 95.44 -26.93 29.89
N LEU X 339 96.58 -27.59 30.10
CA LEU X 339 97.10 -28.57 29.17
C LEU X 339 96.95 -29.97 29.76
N SER X 340 96.64 -30.94 28.89
CA SER X 340 96.47 -32.33 29.29
C SER X 340 97.13 -33.24 28.26
N ASN X 341 97.27 -34.51 28.66
CA ASN X 341 97.92 -35.50 27.78
C ASN X 341 96.87 -36.25 26.96
N GLN X 342 95.65 -36.36 27.47
CA GLN X 342 94.55 -37.02 26.73
C GLN X 342 93.89 -35.97 25.82
N PRO X 343 93.66 -36.26 24.53
CA PRO X 343 92.93 -35.33 23.66
C PRO X 343 91.52 -35.09 24.16
N PRO X 344 91.02 -33.87 24.07
CA PRO X 344 89.65 -33.59 24.54
C PRO X 344 88.62 -34.44 23.80
N ALA X 345 87.61 -34.88 24.54
CA ALA X 345 86.56 -35.69 23.95
C ALA X 345 85.66 -34.84 23.05
N ASP X 346 85.04 -35.49 22.08
CA ASP X 346 84.16 -34.83 21.14
C ASP X 346 82.78 -34.65 21.74
N ALA X 347 82.13 -33.54 21.41
CA ALA X 347 80.79 -33.28 21.91
C ALA X 347 79.79 -34.23 21.28
N SER X 348 78.65 -34.38 21.96
CA SER X 348 77.62 -35.33 21.52
C SER X 348 76.44 -34.64 20.84
N ILE X 349 75.82 -33.68 21.53
CA ILE X 349 74.60 -33.02 21.06
C ILE X 349 73.58 -34.08 20.64
N PRO X 350 73.12 -34.94 21.54
CA PRO X 350 72.19 -36.00 21.14
C PRO X 350 70.79 -35.47 20.87
N GLN X 351 70.14 -36.07 19.88
CA GLN X 351 68.76 -35.74 19.60
C GLN X 351 67.86 -36.13 20.77
N ASP X 352 68.05 -37.34 21.29
CA ASP X 352 67.40 -37.79 22.50
C ASP X 352 68.45 -38.46 23.38
N VAL X 353 68.53 -38.02 24.63
CA VAL X 353 69.56 -38.53 25.53
C VAL X 353 69.36 -40.02 25.81
N ALA X 354 68.10 -40.46 25.90
CA ALA X 354 67.82 -41.87 26.16
C ALA X 354 68.42 -42.77 25.09
N GLN X 355 68.54 -42.27 23.86
CA GLN X 355 69.14 -43.05 22.77
C GLN X 355 70.65 -42.92 22.86
N MET X 356 71.25 -43.64 23.80
CA MET X 356 72.73 -43.63 24.00
C MET X 356 73.05 -44.21 25.38
N ALA Y 338 89.22 10.88 45.86
CA ALA Y 338 87.98 10.21 46.24
C ALA Y 338 88.23 8.75 46.58
N LEU Y 339 89.36 8.48 47.20
CA LEU Y 339 89.74 7.12 47.60
C LEU Y 339 89.63 6.97 49.10
N SER Y 340 88.98 5.91 49.55
CA SER Y 340 88.80 5.61 50.96
C SER Y 340 89.33 4.22 51.27
N ASN Y 341 89.70 4.01 52.53
CA ASN Y 341 90.19 2.73 53.01
C ASN Y 341 89.06 1.78 53.42
N GLN Y 342 87.82 2.26 53.36
CA GLN Y 342 86.66 1.38 53.70
C GLN Y 342 85.77 1.24 52.46
N PRO Y 343 85.49 0.02 51.96
CA PRO Y 343 84.75 -0.19 50.72
C PRO Y 343 83.42 0.53 50.74
N PRO Y 344 82.99 1.10 49.61
CA PRO Y 344 81.66 1.69 49.56
C PRO Y 344 80.57 0.64 49.75
N ALA Y 345 79.45 1.09 50.29
CA ALA Y 345 78.34 0.19 50.61
C ALA Y 345 77.53 -0.13 49.36
N ASP Y 346 77.06 -1.37 49.30
CA ASP Y 346 76.21 -1.79 48.19
C ASP Y 346 74.88 -1.03 48.26
N ALA Y 347 74.42 -0.55 47.11
CA ALA Y 347 73.17 0.17 47.05
C ALA Y 347 72.00 -0.75 47.34
N SER Y 348 70.95 -0.18 47.91
CA SER Y 348 69.73 -0.93 48.24
C SER Y 348 68.58 -0.35 47.45
N ILE Y 349 67.85 -1.22 46.76
CA ILE Y 349 66.70 -0.82 45.96
C ILE Y 349 65.46 -1.47 46.55
N PRO Y 350 64.91 -0.93 47.64
CA PRO Y 350 63.72 -1.53 48.24
C PRO Y 350 62.45 -1.07 47.54
N GLN Y 351 61.43 -1.92 47.62
CA GLN Y 351 60.13 -1.62 47.05
C GLN Y 351 59.20 -0.93 48.05
N ASP Y 352 59.59 -0.81 49.31
CA ASP Y 352 58.75 -0.20 50.34
C ASP Y 352 59.48 0.80 51.23
N VAL Y 353 60.81 0.75 51.31
CA VAL Y 353 61.63 1.67 52.10
C VAL Y 353 61.39 1.48 53.59
N ALA Y 354 60.12 1.45 54.00
CA ALA Y 354 59.79 1.24 55.41
C ALA Y 354 60.30 -0.10 55.91
N GLN Y 355 60.06 -1.16 55.13
CA GLN Y 355 60.56 -2.48 55.51
C GLN Y 355 62.08 -2.52 55.41
N MET Y 356 62.63 -2.05 54.29
CA MET Y 356 64.07 -2.00 54.05
C MET Y 356 64.71 -3.38 54.22
N GLY Z 337 86.70 34.68 18.19
CA GLY Z 337 85.94 35.71 17.50
C GLY Z 337 86.32 37.12 17.91
N ALA Z 338 85.31 37.91 18.28
CA ALA Z 338 85.52 39.28 18.73
C ALA Z 338 85.62 39.31 20.25
N LEU Z 339 86.82 38.99 20.74
CA LEU Z 339 87.09 38.95 22.17
C LEU Z 339 86.91 40.32 22.80
N SER Z 340 86.08 40.39 23.83
CA SER Z 340 85.84 41.60 24.60
C SER Z 340 86.32 41.40 26.03
N ASN Z 341 86.50 42.52 26.73
CA ASN Z 341 87.04 42.51 28.09
C ASN Z 341 85.96 42.52 29.17
N GLN Z 342 84.68 42.49 28.79
CA GLN Z 342 83.59 42.43 29.74
C GLN Z 342 82.66 41.30 29.36
N PRO Z 343 82.14 40.53 30.32
CA PRO Z 343 81.30 39.38 29.99
C PRO Z 343 80.02 39.81 29.32
N PRO Z 344 79.59 39.09 28.28
CA PRO Z 344 78.31 39.41 27.64
C PRO Z 344 77.15 39.12 28.57
N ALA Z 345 76.07 39.88 28.39
CA ALA Z 345 74.88 39.71 29.22
C ALA Z 345 74.06 38.52 28.74
N ASP Z 346 73.16 38.07 29.61
CA ASP Z 346 72.24 36.99 29.28
C ASP Z 346 71.06 37.52 28.49
N ALA Z 347 70.61 36.73 27.52
CA ALA Z 347 69.45 37.13 26.73
C ALA Z 347 68.20 37.07 27.58
N SER Z 348 67.28 38.00 27.32
CA SER Z 348 66.02 38.10 28.04
C SER Z 348 64.90 37.67 27.11
N ILE Z 349 64.09 36.72 27.56
CA ILE Z 349 62.96 36.22 26.78
C ILE Z 349 61.68 36.55 27.51
N PRO Z 350 61.18 37.79 27.41
CA PRO Z 350 59.96 38.17 28.14
C PRO Z 350 58.69 37.82 27.39
N GLN Z 351 57.67 37.42 28.16
CA GLN Z 351 56.36 37.18 27.55
C GLN Z 351 55.72 38.48 27.10
N ASP Z 352 56.01 39.58 27.80
CA ASP Z 352 55.60 40.91 27.36
C ASP Z 352 56.79 41.84 27.53
N VAL Z 353 57.15 42.54 26.46
CA VAL Z 353 58.35 43.37 26.50
C VAL Z 353 58.17 44.60 27.39
N ALA Z 354 56.93 45.00 27.67
CA ALA Z 354 56.70 46.11 28.59
C ALA Z 354 57.16 45.76 30.00
N GLN Z 355 56.88 44.53 30.43
CA GLN Z 355 57.26 44.07 31.76
C GLN Z 355 58.71 43.62 31.79
N MET Z 356 59.63 44.51 31.41
CA MET Z 356 61.05 44.16 31.33
C MET Z 356 61.90 45.20 32.05
N ALA AA 338 85.43 26.79 -18.77
CA ALA AA 338 85.52 27.93 -19.69
C ALA AA 338 85.73 29.23 -18.92
N LEU AA 339 86.98 29.51 -18.57
CA LEU AA 339 87.31 30.71 -17.81
C LEU AA 339 87.30 31.93 -18.71
N SER AA 340 86.37 32.84 -18.49
CA SER AA 340 86.30 34.08 -19.22
C SER AA 340 86.88 35.21 -18.38
N ASN AA 341 86.90 36.43 -18.92
CA ASN AA 341 87.47 37.58 -18.18
C ASN AA 341 86.36 38.53 -17.76
N GLN AA 342 85.14 38.34 -18.28
CA GLN AA 342 84.03 39.28 -18.00
C GLN AA 342 82.95 38.53 -17.24
N PRO AA 343 82.53 39.00 -16.05
CA PRO AA 343 81.58 38.28 -15.21
C PRO AA 343 80.32 37.92 -16.00
N PRO AA 344 79.81 36.71 -15.82
CA PRO AA 344 78.57 36.32 -16.52
C PRO AA 344 77.40 37.19 -16.08
N ALA AA 345 76.49 37.43 -17.03
CA ALA AA 345 75.30 38.20 -16.74
C ALA AA 345 74.27 37.35 -16.01
N ASP AA 346 73.44 38.01 -15.22
CA ASP AA 346 72.39 37.33 -14.46
C ASP AA 346 71.29 36.82 -15.39
N ALA AA 347 70.81 35.62 -15.12
CA ALA AA 347 69.68 35.09 -15.87
C ALA AA 347 68.42 35.88 -15.53
N SER AA 348 67.50 35.93 -16.50
CA SER AA 348 66.26 36.69 -16.36
C SER AA 348 65.09 35.74 -16.56
N ILE AA 349 64.09 35.83 -15.68
CA ILE AA 349 62.92 34.98 -15.73
C ILE AA 349 61.68 35.87 -15.74
N PRO AA 350 61.38 36.55 -16.85
CA PRO AA 350 60.26 37.50 -16.87
C PRO AA 350 58.92 36.83 -17.14
N GLN AA 351 57.86 37.56 -16.77
CA GLN AA 351 56.51 37.10 -17.09
C GLN AA 351 56.24 37.23 -18.58
N ASP AA 352 56.68 38.33 -19.21
CA ASP AA 352 56.58 38.53 -20.64
C ASP AA 352 57.96 38.86 -21.18
N VAL AA 353 58.37 38.16 -22.25
CA VAL AA 353 59.65 38.46 -22.88
C VAL AA 353 59.65 39.83 -23.53
N ALA AA 354 58.47 40.39 -23.82
CA ALA AA 354 58.41 41.73 -24.40
C ALA AA 354 58.92 42.78 -23.42
N GLN AA 355 58.46 42.73 -22.18
CA GLN AA 355 58.89 43.65 -21.14
C GLN AA 355 60.13 43.08 -20.44
N MET AA 356 61.22 43.03 -21.20
CA MET AA 356 62.48 42.49 -20.70
C MET AA 356 63.66 43.27 -21.23
N ALA BA 338 81.80 -11.68 -25.21
CA ALA BA 338 83.19 -11.64 -25.63
C ALA BA 338 83.45 -10.36 -26.42
N LEU BA 339 84.62 -10.24 -27.04
CA LEU BA 339 85.00 -9.06 -27.79
C LEU BA 339 84.94 -9.35 -29.29
N SER BA 340 84.88 -8.27 -30.08
CA SER BA 340 84.88 -8.37 -31.53
C SER BA 340 85.56 -7.13 -32.11
N ASN BA 341 85.97 -7.24 -33.37
CA ASN BA 341 86.69 -6.17 -34.04
C ASN BA 341 85.77 -5.19 -34.76
N GLN BA 342 84.45 -5.42 -34.74
CA GLN BA 342 83.51 -4.52 -35.37
C GLN BA 342 82.36 -4.23 -34.41
N PRO BA 343 81.76 -3.04 -34.49
CA PRO BA 343 80.67 -2.69 -33.58
C PRO BA 343 79.49 -3.62 -33.77
N PRO BA 344 78.82 -4.01 -32.68
CA PRO BA 344 77.58 -4.78 -32.83
C PRO BA 344 76.48 -3.95 -33.44
N ALA BA 345 75.58 -4.61 -34.16
CA ALA BA 345 74.45 -3.91 -34.75
C ALA BA 345 73.44 -3.50 -33.68
N ASP BA 346 72.58 -2.56 -34.03
CA ASP BA 346 71.58 -2.07 -33.11
C ASP BA 346 70.46 -3.09 -32.98
N ALA BA 347 69.42 -2.74 -32.23
CA ALA BA 347 68.27 -3.61 -32.04
C ALA BA 347 67.09 -3.09 -32.83
N SER BA 348 66.38 -4.02 -33.47
CA SER BA 348 65.22 -3.70 -34.30
C SER BA 348 63.96 -3.95 -33.49
N ILE BA 349 63.09 -2.95 -33.42
CA ILE BA 349 61.83 -3.08 -32.70
C ILE BA 349 60.71 -2.70 -33.65
N PRO BA 350 60.42 -3.51 -34.67
CA PRO BA 350 59.40 -3.12 -35.66
C PRO BA 350 58.00 -3.46 -35.20
N GLN BA 351 57.06 -2.63 -35.63
CA GLN BA 351 55.64 -2.90 -35.44
C GLN BA 351 55.11 -3.93 -36.43
N ASP BA 352 55.90 -4.30 -37.44
CA ASP BA 352 55.52 -5.35 -38.37
C ASP BA 352 56.82 -5.93 -38.93
N VAL BA 353 57.11 -7.18 -38.56
CA VAL BA 353 58.39 -7.79 -38.92
C VAL BA 353 58.52 -7.93 -40.43
N ALA BA 354 57.40 -8.01 -41.14
CA ALA BA 354 57.45 -8.15 -42.60
C ALA BA 354 58.13 -6.95 -43.25
N GLN BA 355 58.12 -5.80 -42.59
CA GLN BA 355 58.73 -4.58 -43.12
C GLN BA 355 59.95 -4.24 -42.27
N MET BA 356 61.09 -4.79 -42.66
CA MET BA 356 62.35 -4.50 -41.97
C MET BA 356 63.47 -4.20 -42.95
N GLY CA 334 82.35 -24.18 45.67
CA GLY CA 334 81.64 -24.23 44.38
C GLY CA 334 80.30 -23.53 44.44
N ILE CA 335 79.72 -23.20 43.28
CA ILE CA 335 78.44 -22.44 43.26
C ILE CA 335 77.30 -23.46 43.37
N PRO CA 336 76.25 -23.17 44.15
CA PRO CA 336 75.14 -24.10 44.34
C PRO CA 336 74.13 -24.04 43.19
N GLY CA 337 73.57 -25.18 42.78
CA GLY CA 337 72.65 -25.16 41.65
C GLY CA 337 73.29 -25.06 40.28
N ALA CA 338 74.62 -25.15 40.19
CA ALA CA 338 75.28 -25.03 38.91
C ALA CA 338 74.95 -26.22 38.01
N LEU CA 339 74.73 -25.94 36.74
CA LEU CA 339 74.43 -27.00 35.78
C LEU CA 339 75.67 -27.84 35.51
N SER CA 340 75.44 -29.06 35.04
CA SER CA 340 76.52 -29.98 34.71
C SER CA 340 76.57 -30.19 33.20
N ASN CA 341 77.78 -30.45 32.70
CA ASN CA 341 78.02 -30.64 31.29
C ASN CA 341 77.94 -32.11 30.88
N GLN CA 342 77.15 -32.88 31.60
CA GLN CA 342 77.03 -34.34 31.29
C GLN CA 342 75.55 -34.69 31.17
N PRO CA 343 75.18 -35.68 30.35
CA PRO CA 343 73.79 -36.04 30.20
C PRO CA 343 73.20 -36.17 31.59
N PRO CA 344 71.90 -35.87 31.80
CA PRO CA 344 71.33 -35.87 33.15
C PRO CA 344 70.82 -37.24 33.59
N ALA CA 345 71.52 -37.92 34.49
CA ALA CA 345 71.10 -39.28 34.87
C ALA CA 345 69.59 -39.24 35.10
N ASP CA 346 68.84 -40.17 34.51
CA ASP CA 346 67.36 -40.07 34.60
C ASP CA 346 66.68 -41.34 35.10
N ALA CA 347 65.49 -41.66 34.57
CA ALA CA 347 64.70 -42.77 35.11
C ALA CA 347 64.77 -44.02 34.25
N SER CA 348 64.09 -44.04 33.11
CA SER CA 348 64.06 -45.30 32.31
C SER CA 348 65.48 -45.83 32.10
N ILE CA 349 65.61 -47.13 31.82
CA ILE CA 349 66.95 -47.77 31.71
C ILE CA 349 67.48 -47.82 33.14
N PRO CA 350 67.19 -48.89 33.91
CA PRO CA 350 67.58 -48.93 35.31
C PRO CA 350 69.02 -48.43 35.40
N GLN CA 351 69.81 -48.75 34.39
CA GLN CA 351 71.22 -48.34 34.40
C GLN CA 351 71.39 -46.98 35.11
N ASP CA 352 70.63 -45.93 34.74
CA ASP CA 352 71.00 -44.69 35.45
C ASP CA 352 70.36 -44.73 36.83
N VAL CA 353 69.08 -45.14 36.91
CA VAL CA 353 68.46 -44.94 38.24
C VAL CA 353 69.34 -45.56 39.32
N ALA CA 354 70.12 -46.59 38.99
CA ALA CA 354 70.86 -47.29 40.06
C ALA CA 354 72.28 -46.78 40.19
N GLN CA 355 73.10 -46.86 39.13
CA GLN CA 355 74.53 -46.47 39.31
C GLN CA 355 74.61 -45.03 39.81
N MET CA 356 75.34 -44.80 40.90
CA MET CA 356 75.52 -43.42 41.44
C MET CA 356 76.19 -42.56 40.37
N GLY DA 334 75.62 23.45 50.16
CA GLY DA 334 74.75 22.53 49.45
C GLY DA 334 73.68 23.24 48.63
N ILE DA 335 73.18 22.57 47.60
CA ILE DA 335 72.12 23.15 46.78
C ILE DA 335 70.85 23.28 47.61
N PRO DA 336 70.15 24.42 47.56
CA PRO DA 336 68.91 24.54 48.33
C PRO DA 336 67.76 23.78 47.70
N GLY DA 337 67.68 22.48 47.98
CA GLY DA 337 66.64 21.64 47.41
C GLY DA 337 67.18 20.48 46.63
N ALA DA 338 68.37 20.00 46.99
CA ALA DA 338 69.00 18.86 46.35
C ALA DA 338 68.54 17.57 47.03
N LEU DA 339 68.18 16.58 46.23
CA LEU DA 339 67.70 15.32 46.78
C LEU DA 339 68.82 14.60 47.53
N SER DA 340 68.45 13.90 48.59
CA SER DA 340 69.40 13.10 49.35
C SER DA 340 69.55 11.73 48.67
N ASN DA 341 70.39 10.87 49.25
CA ASN DA 341 70.66 9.55 48.69
C ASN DA 341 70.38 8.44 49.69
N GLN DA 342 69.75 8.76 50.81
CA GLN DA 342 69.34 7.81 51.83
C GLN DA 342 67.82 7.85 51.95
N PRO DA 343 67.21 6.82 52.52
CA PRO DA 343 65.75 6.80 52.65
C PRO DA 343 65.24 8.04 53.38
N PRO DA 344 64.12 8.61 52.93
CA PRO DA 344 63.67 9.90 53.49
C PRO DA 344 63.42 9.89 54.98
N GLY EA 334 74.19 49.91 7.78
CA GLY EA 334 73.90 48.50 7.58
C GLY EA 334 72.77 48.25 6.59
N ILE EA 335 72.18 47.06 6.67
CA ILE EA 335 71.05 46.70 5.81
C ILE EA 335 69.87 47.61 6.14
N PRO EA 336 69.23 48.22 5.14
CA PRO EA 336 68.13 49.15 5.45
C PRO EA 336 66.97 48.49 6.19
N GLY EA 337 66.67 47.23 5.89
CA GLY EA 337 65.58 46.55 6.54
C GLY EA 337 66.02 45.63 7.66
N ALA EA 338 67.23 45.84 8.15
CA ALA EA 338 67.80 44.97 9.16
C ALA EA 338 67.01 45.05 10.46
N LEU EA 339 66.91 43.91 11.15
CA LEU EA 339 66.18 43.82 12.40
C LEU EA 339 67.14 44.01 13.58
N SER EA 340 66.65 44.65 14.64
CA SER EA 340 67.44 44.88 15.83
C SER EA 340 67.28 43.72 16.81
N ASN EA 341 68.35 43.46 17.57
CA ASN EA 341 68.36 42.41 18.57
C ASN EA 341 68.04 42.92 19.96
N GLN EA 342 67.67 44.19 20.09
CA GLN EA 342 67.32 44.82 21.34
C GLN EA 342 65.82 45.06 21.42
N PRO EA 343 65.25 45.18 22.61
CA PRO EA 343 63.80 45.39 22.72
C PRO EA 343 63.40 46.68 22.02
N PRO EA 344 62.20 46.70 21.43
CA PRO EA 344 61.79 47.86 20.62
C PRO EA 344 61.80 49.15 21.43
N GLY FA 334 74.46 22.58 -32.76
CA GLY FA 334 74.12 22.30 -34.17
C GLY FA 334 73.07 21.21 -34.22
N ILE FA 335 72.89 20.47 -33.13
CA ILE FA 335 71.81 19.47 -33.15
C ILE FA 335 70.69 20.17 -33.90
N PRO FA 336 70.27 19.69 -35.08
CA PRO FA 336 69.29 20.42 -35.85
C PRO FA 336 68.12 20.83 -34.95
N GLY FA 337 67.69 22.09 -35.04
CA GLY FA 337 66.50 22.53 -34.29
C GLY FA 337 66.66 22.46 -32.79
N ALA FA 338 67.75 22.99 -32.27
CA ALA FA 338 67.91 23.03 -30.80
C ALA FA 338 67.25 24.29 -30.26
N LEU FA 339 66.82 24.21 -29.01
CA LEU FA 339 66.23 25.42 -28.38
C LEU FA 339 67.40 26.34 -28.10
N SER FA 340 67.15 27.63 -27.99
CA SER FA 340 68.23 28.58 -27.65
C SER FA 340 68.06 29.04 -26.22
N ASN FA 341 68.98 29.85 -25.71
CA ASN FA 341 68.93 30.26 -24.30
C ASN FA 341 68.86 31.77 -24.26
N GLN FA 342 68.29 32.38 -25.28
CA GLN FA 342 68.27 33.86 -25.33
C GLN FA 342 66.85 34.31 -25.65
N PRO FA 343 66.31 35.37 -25.01
CA PRO FA 343 64.94 35.80 -25.23
C PRO FA 343 64.64 35.73 -26.72
N PRO FA 344 63.51 35.13 -27.14
CA PRO FA 344 63.22 34.97 -28.56
C PRO FA 344 63.50 36.25 -29.37
N ALA GA 333 74.64 -30.53 -24.86
CA ALA GA 333 73.84 -29.30 -25.10
C ALA GA 333 73.17 -28.85 -23.80
N GLY GA 334 71.83 -28.78 -23.78
CA GLY GA 334 71.09 -28.34 -22.59
C GLY GA 334 69.59 -28.27 -22.85
N ILE GA 335 68.97 -27.12 -22.63
CA ILE GA 335 67.51 -26.96 -22.85
C ILE GA 335 67.18 -27.29 -24.31
N PRO GA 336 66.03 -27.91 -24.60
CA PRO GA 336 65.68 -28.30 -25.96
C PRO GA 336 64.84 -27.26 -26.70
N GLY GA 337 64.18 -26.35 -25.98
CA GLY GA 337 63.29 -25.41 -26.63
C GLY GA 337 63.63 -23.94 -26.47
N ALA GA 338 64.92 -23.61 -26.52
CA ALA GA 338 65.34 -22.22 -26.41
C ALA GA 338 64.93 -21.43 -27.65
N LEU GA 339 64.75 -20.13 -27.46
CA LEU GA 339 64.28 -19.26 -28.53
C LEU GA 339 65.44 -18.72 -29.35
N SER GA 340 65.13 -17.88 -30.32
CA SER GA 340 66.12 -17.21 -31.15
C SER GA 340 65.79 -15.73 -31.23
N ASN GA 341 66.78 -14.89 -31.00
CA ASN GA 341 66.56 -13.45 -31.00
C ASN GA 341 66.60 -12.84 -32.39
N GLN GA 342 67.10 -13.58 -33.38
CA GLN GA 342 67.16 -13.05 -34.74
C GLN GA 342 65.74 -12.94 -35.30
N PRO GA 343 65.46 -11.94 -36.13
CA PRO GA 343 64.13 -11.80 -36.73
C PRO GA 343 63.85 -12.99 -37.63
N PRO GA 344 62.58 -13.40 -37.73
CA PRO GA 344 62.25 -14.55 -38.59
C PRO GA 344 62.58 -14.26 -40.05
N ALA GA 345 63.18 -15.25 -40.71
CA ALA GA 345 63.55 -15.13 -42.10
C ALA GA 345 63.05 -16.33 -42.89
N ASP GA 346 62.90 -17.47 -42.22
CA ASP GA 346 62.42 -18.74 -42.74
C ASP GA 346 63.37 -19.35 -43.76
N ALA GA 347 64.51 -18.72 -44.05
CA ALA GA 347 65.47 -19.23 -45.01
C ALA GA 347 66.83 -19.56 -44.42
N SER GA 348 67.21 -18.92 -43.32
CA SER GA 348 68.50 -19.15 -42.67
C SER GA 348 68.27 -19.82 -41.33
N ILE GA 349 69.02 -20.88 -41.07
CA ILE GA 349 68.96 -21.59 -39.79
C ILE GA 349 69.55 -20.68 -38.71
N PRO GA 350 68.82 -20.40 -37.64
CA PRO GA 350 69.35 -19.52 -36.60
C PRO GA 350 70.51 -20.16 -35.87
N GLN GA 351 71.66 -19.47 -35.88
CA GLN GA 351 72.86 -19.93 -35.19
C GLN GA 351 73.05 -19.27 -33.84
N ASP GA 352 72.15 -18.35 -33.45
CA ASP GA 352 72.20 -17.71 -32.14
C ASP GA 352 72.04 -18.76 -31.05
N VAL GA 353 71.01 -19.60 -31.20
CA VAL GA 353 70.77 -20.67 -30.25
C VAL GA 353 71.77 -21.81 -30.49
N ALA GA 354 72.00 -22.62 -29.45
CA ALA GA 354 72.85 -23.80 -29.57
C ALA GA 354 72.10 -24.88 -30.34
N GLN GA 355 72.20 -24.83 -31.67
CA GLN GA 355 71.34 -25.62 -32.55
C GLN GA 355 71.68 -27.10 -32.54
N MET GA 356 72.65 -27.52 -31.74
CA MET GA 356 72.94 -28.95 -31.65
C MET GA 356 71.87 -29.64 -30.80
N ASN HA 330 97.55 -41.04 10.00
CA ASN HA 330 96.24 -40.67 10.60
C ASN HA 330 95.88 -39.25 10.18
N MET HA 331 94.64 -39.05 9.74
CA MET HA 331 94.18 -37.73 9.25
C MET HA 331 92.95 -37.30 10.03
N VAL HA 332 92.61 -36.01 9.97
CA VAL HA 332 91.37 -35.51 10.61
C VAL HA 332 90.67 -34.69 9.55
N ALA HA 333 89.69 -35.26 8.86
CA ALA HA 333 89.13 -34.51 7.74
C ALA HA 333 87.63 -34.35 7.94
N GLY HA 334 87.10 -33.27 7.38
CA GLY HA 334 85.66 -33.05 7.40
C GLY HA 334 85.33 -31.73 6.75
N ILE HA 335 84.04 -31.57 6.45
CA ILE HA 335 83.58 -30.31 5.86
C ILE HA 335 83.61 -29.22 6.92
N PRO HA 336 84.33 -28.12 6.71
CA PRO HA 336 84.31 -27.01 7.65
C PRO HA 336 83.11 -26.10 7.40
N GLY HA 337 82.87 -25.21 8.36
CA GLY HA 337 81.82 -24.22 8.23
C GLY HA 337 80.52 -24.63 8.89
N ALA HA 338 79.43 -24.16 8.28
CA ALA HA 338 78.08 -24.35 8.82
C ALA HA 338 77.58 -25.79 8.72
N LEU HA 339 78.08 -26.57 7.76
CA LEU HA 339 77.54 -27.90 7.55
C LEU HA 339 77.94 -28.89 8.64
N SER HA 340 78.99 -28.60 9.40
CA SER HA 340 79.43 -29.47 10.48
C SER HA 340 79.16 -28.91 11.86
N ASN HA 341 78.82 -27.62 11.98
CA ASN HA 341 78.60 -26.98 13.26
C ASN HA 341 77.14 -27.00 13.68
N GLN HA 342 76.38 -27.99 13.24
CA GLN HA 342 74.99 -28.19 13.61
C GLN HA 342 74.82 -29.62 14.05
N PRO HA 343 73.79 -29.91 14.85
CA PRO HA 343 73.63 -31.27 15.39
C PRO HA 343 73.52 -32.30 14.30
N PRO HA 344 74.03 -33.51 14.52
CA PRO HA 344 74.06 -34.53 13.47
C PRO HA 344 72.68 -34.94 12.99
N ALA HA 345 71.64 -34.63 13.76
CA ALA HA 345 70.27 -34.92 13.35
C ALA HA 345 69.89 -34.17 12.09
N ASP HA 346 70.59 -33.09 11.76
CA ASP HA 346 70.35 -32.38 10.51
C ASP HA 346 70.73 -33.23 9.30
N ALA HA 347 71.79 -34.02 9.40
CA ALA HA 347 72.21 -34.96 8.38
C ALA HA 347 72.40 -34.28 7.02
N SER HA 348 73.35 -33.35 6.98
CA SER HA 348 73.75 -32.69 5.75
C SER HA 348 75.07 -33.23 5.21
N ILE HA 349 76.04 -33.49 6.07
CA ILE HA 349 77.31 -34.10 5.69
C ILE HA 349 77.08 -35.51 5.19
N PRO HA 350 77.70 -35.92 4.09
CA PRO HA 350 77.64 -37.34 3.70
C PRO HA 350 78.23 -38.24 4.78
N GLN HA 351 77.63 -39.42 4.95
CA GLN HA 351 78.04 -40.38 5.97
C GLN HA 351 79.51 -40.74 5.85
N ASP HA 352 79.98 -41.00 4.62
CA ASP HA 352 81.37 -41.36 4.41
C ASP HA 352 82.31 -40.25 4.88
N VAL HA 353 81.98 -39.00 4.54
CA VAL HA 353 82.83 -37.87 4.95
C VAL HA 353 82.84 -37.71 6.47
N ALA HA 354 81.67 -37.86 7.10
CA ALA HA 354 81.59 -37.67 8.54
C ALA HA 354 82.41 -38.70 9.31
N ASN IA 330 83.88 9.91 -36.24
CA ASN IA 330 82.48 10.33 -36.31
C ASN IA 330 81.90 10.53 -34.91
N MET IA 331 80.83 11.31 -34.82
CA MET IA 331 80.20 11.63 -33.55
C MET IA 331 78.82 11.01 -33.51
N VAL IA 332 78.49 10.37 -32.39
CA VAL IA 332 77.20 9.71 -32.19
C VAL IA 332 76.53 10.36 -31.00
N ALA IA 333 75.22 10.57 -31.09
CA ALA IA 333 74.51 11.33 -30.08
C ALA IA 333 73.02 11.03 -30.14
N GLY IA 334 72.29 11.58 -29.18
CA GLY IA 334 70.85 11.47 -29.18
C GLY IA 334 70.30 11.82 -27.82
N ILE IA 335 68.97 11.79 -27.73
CA ILE IA 335 68.30 11.99 -26.45
C ILE IA 335 68.44 10.72 -25.62
N PRO IA 336 68.91 10.81 -24.38
CA PRO IA 336 69.00 9.63 -23.52
C PRO IA 336 67.71 9.39 -22.73
N GLY IA 337 67.72 8.32 -21.96
CA GLY IA 337 66.64 8.08 -21.02
C GLY IA 337 65.35 7.56 -21.61
N ALA IA 338 64.24 8.09 -21.12
CA ALA IA 338 62.93 7.51 -21.41
C ALA IA 338 62.60 7.52 -22.90
N LEU IA 339 62.85 8.65 -23.58
CA LEU IA 339 62.39 8.79 -24.95
C LEU IA 339 63.09 7.82 -25.89
N SER IA 340 64.40 7.63 -25.73
CA SER IA 340 65.12 6.74 -26.64
C SER IA 340 64.83 5.29 -26.33
N ASN IA 341 64.61 4.94 -25.07
CA ASN IA 341 64.32 3.56 -24.69
C ASN IA 341 62.84 3.24 -24.98
N GLN IA 342 62.46 3.47 -26.23
CA GLN IA 342 61.11 3.25 -26.72
C GLN IA 342 61.19 2.59 -28.09
N PRO IA 343 60.16 1.85 -28.48
CA PRO IA 343 60.08 1.38 -29.86
C PRO IA 343 59.95 2.54 -30.83
N PRO IA 344 60.50 2.41 -32.05
CA PRO IA 344 60.48 3.53 -33.01
C PRO IA 344 59.08 4.01 -33.37
N ALA IA 345 58.08 3.14 -33.22
CA ALA IA 345 56.71 3.54 -33.56
C ALA IA 345 56.25 4.72 -32.73
N ASP IA 346 56.59 4.72 -31.44
CA ASP IA 346 56.32 5.86 -30.58
C ASP IA 346 57.24 7.02 -30.97
N ALA IA 347 56.73 7.92 -31.81
CA ALA IA 347 57.57 8.97 -32.39
C ALA IA 347 57.80 10.11 -31.41
N SER IA 348 58.33 9.79 -30.23
CA SER IA 348 58.72 10.84 -29.29
C SER IA 348 60.00 11.54 -29.74
N ILE IA 349 60.96 10.78 -30.24
CA ILE IA 349 62.24 11.32 -30.68
C ILE IA 349 62.05 12.10 -31.97
N PRO IA 350 62.55 13.33 -32.07
CA PRO IA 350 62.50 14.05 -33.35
C PRO IA 350 63.25 13.32 -34.45
N GLN IA 351 62.82 13.50 -35.69
CA GLN IA 351 63.37 12.71 -36.80
C GLN IA 351 64.85 12.98 -37.00
N ASP IA 352 65.27 14.24 -36.96
CA ASP IA 352 66.66 14.57 -37.20
C ASP IA 352 67.56 14.11 -36.07
N VAL IA 353 67.07 14.09 -34.82
CA VAL IA 353 67.87 13.61 -33.71
C VAL IA 353 68.12 12.11 -33.82
N ALA IA 354 67.11 11.38 -34.32
CA ALA IA 354 67.29 9.94 -34.51
C ALA IA 354 68.33 9.65 -35.59
N GLN IA 355 68.48 10.56 -36.56
CA GLN IA 355 69.52 10.41 -37.56
C GLN IA 355 70.91 10.48 -36.94
N MET IA 356 71.08 11.36 -35.95
CA MET IA 356 72.38 11.54 -35.32
C MET IA 356 72.86 10.26 -34.65
N LYS IA 357 71.92 9.44 -34.19
CA LYS IA 357 72.23 8.19 -33.49
C LYS IA 357 72.96 7.19 -34.38
N ASP IA 358 73.12 7.46 -35.67
CA ASP IA 358 73.94 6.52 -36.48
C ASP IA 358 75.42 6.93 -36.50
N GLY IA 359 75.77 7.93 -37.31
CA GLY IA 359 77.15 8.45 -37.35
C GLY IA 359 77.12 9.84 -37.94
N SER IA 360 78.13 10.67 -37.67
CA SER IA 360 78.11 12.07 -38.15
C SER IA 360 79.55 12.57 -38.33
N VAL IA 361 79.79 13.59 -39.15
CA VAL IA 361 81.20 14.10 -39.18
C VAL IA 361 81.20 15.51 -39.80
N GLY JA 329 88.41 -18.23 51.59
CA GLY JA 329 87.56 -17.81 50.50
C GLY JA 329 87.66 -16.33 50.21
N ASN JA 330 86.75 -15.55 50.79
CA ASN JA 330 86.69 -14.10 50.57
C ASN JA 330 86.58 -13.78 49.08
N MET JA 331 85.73 -14.52 48.38
CA MET JA 331 85.55 -14.38 46.95
C MET JA 331 84.16 -13.87 46.64
N VAL JA 332 84.08 -12.85 45.79
CA VAL JA 332 82.81 -12.23 45.40
C VAL JA 332 82.44 -12.72 44.00
N ALA JA 333 81.18 -13.13 43.83
CA ALA JA 333 80.75 -13.74 42.58
C ALA JA 333 79.26 -13.55 42.42
N GLY JA 334 78.80 -13.75 41.18
CA GLY JA 334 77.38 -13.66 40.90
C GLY JA 334 77.14 -13.65 39.40
N ILE JA 335 75.87 -13.53 39.04
CA ILE JA 335 75.47 -13.47 37.64
C ILE JA 335 75.68 -12.06 37.10
N PRO JA 336 76.49 -11.87 36.07
CA PRO JA 336 76.67 -10.55 35.48
C PRO JA 336 75.58 -10.24 34.46
N GLY JA 337 75.59 -9.00 33.99
CA GLY JA 337 74.70 -8.58 32.92
C GLY JA 337 73.41 -7.96 33.40
N ALA JA 338 72.39 -8.10 32.57
CA ALA JA 338 71.09 -7.48 32.80
C ALA JA 338 70.29 -8.14 33.91
N LEU JA 339 70.61 -9.38 34.27
CA LEU JA 339 69.83 -10.06 35.30
C LEU JA 339 70.13 -9.47 36.68
N SER JA 340 71.38 -9.12 36.95
CA SER JA 340 71.75 -8.60 38.25
C SER JA 340 71.35 -7.14 38.44
N ASN JA 341 71.41 -6.34 37.38
CA ASN JA 341 71.14 -4.90 37.49
C ASN JA 341 69.64 -4.62 37.45
N GLN JA 342 68.94 -5.22 38.41
CA GLN JA 342 67.50 -5.04 38.58
C GLN JA 342 67.22 -4.99 40.08
N PRO JA 343 66.11 -4.39 40.48
CA PRO JA 343 65.74 -4.42 41.89
C PRO JA 343 65.53 -5.85 42.36
N PRO JA 344 65.88 -6.16 43.61
CA PRO JA 344 65.72 -7.53 44.10
C PRO JA 344 64.28 -8.01 44.13
N ALA JA 345 63.30 -7.13 43.92
CA ALA JA 345 61.91 -7.56 43.90
C ALA JA 345 61.63 -8.50 42.73
N ASP JA 346 62.44 -8.45 41.68
CA ASP JA 346 62.24 -9.34 40.54
C ASP JA 346 62.46 -10.79 40.93
N ALA JA 347 63.43 -11.04 41.81
CA ALA JA 347 63.73 -12.40 42.29
C ALA JA 347 64.03 -13.35 41.14
N SER JA 348 64.72 -12.84 40.12
CA SER JA 348 65.16 -13.64 39.00
C SER JA 348 66.51 -14.31 39.23
N ILE JA 349 67.15 -14.03 40.35
CA ILE JA 349 68.43 -14.63 40.70
C ILE JA 349 68.21 -15.61 41.85
N PRO JA 350 68.78 -16.81 41.79
CA PRO JA 350 68.63 -17.75 42.92
C PRO JA 350 69.24 -17.19 44.19
N GLN JA 351 68.62 -17.55 45.32
CA GLN JA 351 69.06 -17.00 46.60
C GLN JA 351 70.47 -17.45 46.95
N ASP JA 352 70.87 -18.64 46.50
CA ASP JA 352 72.24 -19.08 46.70
C ASP JA 352 73.24 -18.14 46.03
N VAL JA 353 72.97 -17.79 44.77
CA VAL JA 353 73.86 -16.87 44.05
C VAL JA 353 73.76 -15.46 44.64
N ALA JA 354 72.56 -15.05 45.04
CA ALA JA 354 72.37 -13.70 45.56
C ALA JA 354 73.19 -13.47 46.83
N GLN JA 355 73.24 -14.43 47.74
CA GLN JA 355 74.09 -14.23 48.93
C GLN JA 355 75.56 -14.24 48.51
N MET JA 356 75.89 -15.03 47.50
CA MET JA 356 77.29 -15.16 47.12
C MET JA 356 77.90 -13.80 46.79
N LYS JA 357 77.08 -12.89 46.27
CA LYS JA 357 77.53 -11.53 45.95
C LYS JA 357 78.09 -10.83 47.18
N ASP JA 358 77.44 -11.00 48.33
CA ASP JA 358 77.75 -10.25 49.54
C ASP JA 358 79.24 -10.31 49.88
N GLY JA 359 79.82 -11.50 49.92
CA GLY JA 359 81.23 -11.64 50.24
C GLY JA 359 81.47 -12.55 51.41
N SER JA 360 80.39 -12.96 52.08
CA SER JA 360 80.53 -13.89 53.21
C SER JA 360 81.09 -15.23 52.75
N VAL JA 361 80.64 -15.71 51.59
CA VAL JA 361 81.12 -16.96 51.06
C VAL JA 361 82.42 -16.75 50.28
N GLY KA 329 84.47 48.20 -0.53
CA GLY KA 329 83.16 47.86 -0.03
C GLY KA 329 82.19 47.43 -1.13
N ASN KA 330 82.73 47.00 -2.26
CA ASN KA 330 81.94 46.56 -3.40
C ASN KA 330 81.53 45.10 -3.20
N MET KA 331 80.43 44.92 -2.46
CA MET KA 331 79.92 43.62 -2.09
C MET KA 331 78.67 43.27 -2.87
N VAL KA 332 78.29 42.00 -2.78
CA VAL KA 332 77.04 41.48 -3.32
C VAL KA 332 76.26 40.85 -2.17
N ALA KA 333 74.94 41.00 -2.20
CA ALA KA 333 74.13 40.63 -1.05
C ALA KA 333 72.77 40.14 -1.51
N GLY KA 334 72.11 39.37 -0.65
CA GLY KA 334 70.76 38.93 -0.88
C GLY KA 334 70.37 37.79 0.05
N ILE KA 335 69.08 37.49 0.12
CA ILE KA 335 68.61 36.40 0.96
C ILE KA 335 68.97 35.07 0.30
N PRO KA 336 69.77 34.22 0.94
CA PRO KA 336 70.12 32.94 0.34
C PRO KA 336 68.97 31.95 0.41
N GLY KA 337 69.02 30.98 -0.50
CA GLY KA 337 68.13 29.84 -0.42
C GLY KA 337 66.88 29.94 -1.25
N ALA KA 338 65.75 29.61 -0.64
CA ALA KA 338 64.48 29.49 -1.34
C ALA KA 338 63.91 30.83 -1.80
N LEU KA 339 64.05 31.87 -1.00
CA LEU KA 339 63.41 33.15 -1.31
C LEU KA 339 63.95 33.73 -2.62
N SER KA 340 65.27 33.69 -2.80
CA SER KA 340 65.87 34.34 -3.97
C SER KA 340 65.66 33.51 -5.23
N ASN KA 341 65.60 32.18 -5.10
CA ASN KA 341 65.60 31.33 -6.28
C ASN KA 341 64.21 31.21 -6.89
N GLN KA 342 63.21 31.83 -6.28
CA GLN KA 342 61.93 31.99 -6.95
C GLN KA 342 62.08 33.05 -8.04
N PRO KA 343 61.24 33.03 -9.07
CA PRO KA 343 61.31 34.08 -10.08
C PRO KA 343 60.90 35.43 -9.49
N PRO KA 344 61.39 36.52 -10.08
CA PRO KA 344 61.16 37.85 -9.45
C PRO KA 344 59.70 38.24 -9.29
N ALA KA 345 58.77 37.61 -10.03
CA ALA KA 345 57.36 37.96 -9.91
C ALA KA 345 56.78 37.59 -8.56
N ASP KA 346 57.45 36.73 -7.78
CA ASP KA 346 56.96 36.37 -6.46
C ASP KA 346 56.99 37.54 -5.49
N ALA KA 347 57.97 38.43 -5.61
CA ALA KA 347 58.09 39.62 -4.77
C ALA KA 347 58.10 39.27 -3.29
N SER KA 348 58.99 38.34 -2.93
CA SER KA 348 59.18 37.95 -1.54
C SER KA 348 60.35 38.68 -0.88
N ILE KA 349 61.42 38.91 -1.62
CA ILE KA 349 62.56 39.68 -1.10
C ILE KA 349 62.19 41.16 -1.06
N PRO KA 350 62.52 41.89 0.00
CA PRO KA 350 62.36 43.35 -0.03
C PRO KA 350 63.15 43.97 -1.17
N GLN KA 351 62.59 45.01 -1.78
CA GLN KA 351 63.21 45.61 -2.95
C GLN KA 351 64.59 46.19 -2.60
N ASP KA 352 64.73 46.74 -1.40
CA ASP KA 352 66.02 47.27 -0.98
C ASP KA 352 67.09 46.19 -0.95
N VAL KA 353 66.74 45.02 -0.37
CA VAL KA 353 67.68 43.90 -0.32
C VAL KA 353 67.92 43.32 -1.71
N ALA KA 354 66.87 43.26 -2.54
CA ALA KA 354 66.99 42.63 -3.85
C ALA KA 354 67.90 43.42 -4.77
N GLN KA 355 68.03 44.72 -4.54
CA GLN KA 355 68.86 45.56 -5.40
C GLN KA 355 70.33 45.54 -5.01
N MET KA 356 70.73 44.82 -3.96
CA MET KA 356 72.13 44.68 -3.59
C MET KA 356 72.76 43.44 -4.22
N LYS KA 357 72.16 42.96 -5.30
CA LYS KA 357 72.61 41.77 -6.00
C LYS KA 357 73.53 42.09 -7.17
N ASP KA 358 73.53 43.32 -7.66
CA ASP KA 358 74.33 43.72 -8.81
C ASP KA 358 75.68 44.31 -8.41
N GLY KA 359 76.00 44.31 -7.12
CA GLY KA 359 77.24 44.89 -6.63
C GLY KA 359 77.08 46.25 -5.98
N SER KA 360 75.86 46.77 -5.91
CA SER KA 360 75.64 48.08 -5.31
C SER KA 360 75.89 48.04 -3.80
N VAL KA 361 76.05 49.22 -3.22
CA VAL KA 361 76.34 49.39 -1.80
C VAL KA 361 77.60 48.63 -1.41
N ASN LA 330 82.96 31.77 42.96
CA ASN LA 330 81.61 32.10 42.55
C ASN LA 330 81.16 31.19 41.42
N MET LA 331 80.46 30.12 41.78
CA MET LA 331 80.02 29.15 40.79
C MET LA 331 78.80 29.67 40.03
N VAL LA 332 78.72 29.32 38.76
CA VAL LA 332 77.52 29.53 37.95
C VAL LA 332 76.88 28.16 37.76
N ALA LA 333 75.62 28.02 38.14
CA ALA LA 333 74.99 26.71 38.20
C ALA LA 333 73.59 26.78 37.61
N GLY LA 334 73.07 25.60 37.26
CA GLY LA 334 71.70 25.49 36.79
C GLY LA 334 71.48 24.12 36.20
N ILE LA 335 70.24 23.88 35.78
CA ILE LA 335 69.88 22.62 35.13
C ILE LA 335 70.33 22.68 33.67
N PRO LA 336 71.21 21.79 33.25
CA PRO LA 336 71.69 21.82 31.86
C PRO LA 336 70.69 21.21 30.88
N GLY LA 337 70.50 21.86 29.75
CA GLY LA 337 69.75 21.24 28.66
C GLY LA 337 68.38 21.82 28.39
N ALA LA 338 67.36 20.97 28.47
CA ALA LA 338 66.00 21.32 28.06
C ALA LA 338 65.32 22.32 28.97
N LEU LA 339 65.46 22.19 30.29
CA LEU LA 339 64.75 23.09 31.19
C LEU LA 339 65.29 24.51 31.09
N SER LA 340 66.62 24.66 30.96
CA SER LA 340 67.20 25.98 30.93
C SER LA 340 66.95 26.71 29.60
N ASN LA 341 67.03 25.98 28.48
CA ASN LA 341 66.86 26.61 27.18
C ASN LA 341 65.38 26.76 26.83
N GLN LA 342 64.63 27.39 27.71
CA GLN LA 342 63.23 27.72 27.49
C GLN LA 342 62.97 29.10 28.10
N PRO LA 343 61.94 29.80 27.62
CA PRO LA 343 61.63 31.10 28.21
C PRO LA 343 61.28 30.96 29.67
N PRO LA 344 61.61 31.95 30.49
CA PRO LA 344 61.28 31.87 31.92
C PRO LA 344 59.79 31.77 32.19
N ALA LA 345 58.94 32.16 31.23
CA ALA LA 345 57.50 32.02 31.42
C ALA LA 345 57.08 30.57 31.61
N ASP LA 346 57.86 29.62 31.10
CA ASP LA 346 57.55 28.21 31.33
C ASP LA 346 57.66 27.87 32.81
N ALA LA 347 58.69 28.37 33.49
CA ALA LA 347 58.84 28.26 34.94
C ALA LA 347 58.86 26.80 35.40
N SER LA 348 59.74 26.02 34.78
CA SER LA 348 59.94 24.62 35.15
C SER LA 348 61.18 24.41 36.01
N ILE LA 349 61.86 25.48 36.41
CA ILE LA 349 63.07 25.41 37.22
C ILE LA 349 62.78 26.01 38.59
N PRO LA 350 63.19 25.37 39.68
CA PRO LA 350 63.03 25.99 41.00
C PRO LA 350 63.74 27.34 41.05
N GLN LA 351 63.13 28.28 41.79
CA GLN LA 351 63.65 29.64 41.78
C GLN LA 351 65.04 29.73 42.39
N ASP LA 352 65.34 28.85 43.35
CA ASP LA 352 66.68 28.85 43.94
C ASP LA 352 67.75 28.48 42.90
N VAL LA 353 67.47 27.49 42.06
CA VAL LA 353 68.43 27.10 41.03
C VAL LA 353 68.59 28.19 39.99
N ALA LA 354 67.49 28.88 39.66
CA ALA LA 354 67.55 29.93 38.65
C ALA LA 354 68.44 31.08 39.10
N GLN LA 355 68.54 31.30 40.41
CA GLN LA 355 69.39 32.36 40.93
C GLN LA 355 70.86 32.03 40.73
N MET LA 356 71.22 30.76 40.81
CA MET LA 356 72.64 30.38 40.76
C MET LA 356 73.27 30.74 39.41
N LYS LA 357 72.46 30.76 38.34
CA LYS LA 357 73.01 31.04 37.02
C LYS LA 357 73.43 32.51 36.91
N ASP LA 358 72.85 33.38 37.73
CA ASP LA 358 73.19 34.80 37.72
C ASP LA 358 74.65 35.04 38.08
N GLY LA 359 75.24 34.12 38.82
CA GLY LA 359 76.63 34.22 39.21
C GLY LA 359 76.89 34.43 40.69
N SER LA 360 76.03 33.94 41.58
CA SER LA 360 76.23 34.09 43.02
C SER LA 360 75.72 32.84 43.71
N VAL LA 361 76.51 32.31 44.63
CA VAL LA 361 76.12 31.12 45.38
C VAL LA 361 76.64 31.20 46.81
N MET MA 1 48.65 29.50 10.06
CA MET MA 1 48.51 28.16 9.48
C MET MA 1 48.50 28.23 7.96
N HIS MA 2 48.29 27.09 7.32
CA HIS MA 2 48.21 27.04 5.87
C HIS MA 2 46.94 27.76 5.43
N PRO MA 3 47.05 28.77 4.55
CA PRO MA 3 45.86 29.55 4.17
C PRO MA 3 44.76 28.71 3.52
N ALA MA 4 45.13 27.62 2.83
CA ALA MA 4 44.12 26.80 2.18
C ALA MA 4 43.20 26.12 3.20
N LEU MA 5 43.74 25.79 4.38
CA LEU MA 5 42.92 25.17 5.42
C LEU MA 5 41.86 26.14 5.95
N TRP MA 6 42.24 27.40 6.15
CA TRP MA 6 41.29 28.35 6.73
C TRP MA 6 40.24 28.81 5.73
N VAL MA 7 40.56 28.80 4.44
CA VAL MA 7 39.58 29.16 3.42
C VAL MA 7 38.42 28.18 3.43
N SER MA 8 38.73 26.88 3.53
CA SER MA 8 37.67 25.88 3.58
C SER MA 8 36.93 25.90 4.92
N LYS MA 9 37.63 26.26 6.00
CA LYS MA 9 36.96 26.34 7.30
C LYS MA 9 35.91 27.43 7.32
N THR MA 10 36.17 28.55 6.65
CA THR MA 10 35.17 29.60 6.56
C THR MA 10 33.93 29.11 5.81
N GLY MA 11 34.14 28.33 4.75
CA GLY MA 11 32.99 27.75 4.05
C GLY MA 11 32.24 26.75 4.92
N LEU MA 12 32.96 25.99 5.74
CA LEU MA 12 32.31 25.10 6.69
C LEU MA 12 31.51 25.88 7.72
N ASP MA 13 32.08 26.98 8.23
CA ASP MA 13 31.36 27.81 9.20
C ASP MA 13 30.17 28.50 8.55
N ALA MA 14 30.33 28.96 7.31
CA ALA MA 14 29.23 29.66 6.64
C ALA MA 14 28.04 28.73 6.40
N GLN MA 15 28.30 27.49 5.99
CA GLN MA 15 27.21 26.56 5.73
C GLN MA 15 26.54 26.12 7.02
N GLN MA 16 27.30 26.03 8.12
CA GLN MA 16 26.71 25.67 9.40
C GLN MA 16 25.69 26.70 9.85
N THR MA 17 26.00 27.99 9.67
CA THR MA 17 25.03 29.03 10.00
C THR MA 17 23.80 28.92 9.10
N ASN MA 18 24.00 28.61 7.82
CA ASN MA 18 22.88 28.42 6.91
C ASN MA 18 22.02 27.23 7.33
N ILE MA 19 22.65 26.14 7.77
CA ILE MA 19 21.91 24.97 8.23
C ILE MA 19 21.07 25.33 9.45
N ALA MA 20 21.64 26.08 10.39
CA ALA MA 20 20.90 26.48 11.58
C ALA MA 20 19.74 27.39 11.23
N THR MA 21 19.93 28.27 10.23
CA THR MA 21 18.85 29.12 9.78
C THR MA 21 17.70 28.30 9.20
N ILE MA 22 18.03 27.28 8.40
CA ILE MA 22 17.01 26.41 7.84
C ILE MA 22 16.28 25.64 8.94
N SER MA 23 17.02 25.18 9.95
CA SER MA 23 16.43 24.37 11.01
C SER MA 23 15.39 25.16 11.79
N ASN MA 24 15.66 26.44 12.06
CA ASN MA 24 14.68 27.27 12.75
C ASN MA 24 13.46 27.53 11.87
N ASN MA 25 13.66 27.65 10.56
CA ASN MA 25 12.54 27.85 9.65
C ASN MA 25 11.59 26.66 9.67
N LEU MA 26 12.13 25.44 9.68
CA LEU MA 26 11.28 24.26 9.73
C LEU MA 26 10.69 24.05 11.13
N ALA MA 27 11.43 24.44 12.17
CA ALA MA 27 10.90 24.32 13.53
C ALA MA 27 9.66 25.20 13.71
N ASN MA 28 9.71 26.43 13.20
CA ASN MA 28 8.57 27.34 13.26
C ASN MA 28 7.70 27.24 12.01
N ALA MA 29 7.31 26.02 11.65
CA ALA MA 29 6.40 25.81 10.53
C ALA MA 29 4.94 25.87 10.94
N SER MA 30 4.65 25.92 12.24
CA SER MA 30 3.30 26.03 12.75
C SER MA 30 3.07 27.31 13.55
N THR MA 31 4.12 28.09 13.80
CA THR MA 31 3.98 29.32 14.57
C THR MA 31 3.17 30.34 13.80
N VAL MA 32 2.11 30.85 14.42
CA VAL MA 32 1.25 31.83 13.77
C VAL MA 32 1.99 33.16 13.67
N GLY MA 33 1.99 33.75 12.48
CA GLY MA 33 2.67 35.01 12.26
C GLY MA 33 4.17 34.94 12.37
N TYR MA 34 4.78 33.90 11.81
CA TYR MA 34 6.23 33.75 11.78
C TYR MA 34 6.74 34.01 10.38
N LYS MA 35 7.77 34.84 10.27
CA LYS MA 35 8.35 35.22 8.99
C LYS MA 35 9.67 34.48 8.79
N LYS MA 36 9.78 33.76 7.67
CA LYS MA 36 10.95 32.94 7.41
C LYS MA 36 12.19 33.80 7.17
N SER MA 37 13.34 33.27 7.56
CA SER MA 37 14.62 33.92 7.36
C SER MA 37 15.44 33.14 6.34
N ARG MA 38 16.24 33.86 5.56
CA ARG MA 38 17.16 33.26 4.62
C ARG MA 38 18.57 33.73 4.93
N ALA MA 39 19.55 32.89 4.60
CA ALA MA 39 20.95 33.22 4.80
C ALA MA 39 21.55 33.74 3.50
N VAL MA 40 22.30 34.83 3.59
CA VAL MA 40 22.94 35.47 2.45
C VAL MA 40 24.44 35.32 2.58
N PHE MA 41 25.08 34.85 1.51
CA PHE MA 41 26.52 34.60 1.50
C PHE MA 41 27.24 35.69 0.72
N GLU MA 42 28.51 35.87 1.04
CA GLU MA 42 29.35 36.84 0.34
C GLU MA 42 30.80 36.39 0.39
N ASP MA 43 31.57 36.80 -0.61
CA ASP MA 43 32.98 36.45 -0.68
C ASP MA 43 33.81 37.42 0.15
N LEU MA 44 34.85 36.89 0.79
CA LEU MA 44 35.67 37.68 1.70
C LEU MA 44 36.66 38.53 0.91
N PHE MA 45 37.55 39.21 1.63
CA PHE MA 45 38.46 40.17 1.02
C PHE MA 45 39.54 39.44 0.21
N TYR MA 46 39.89 40.02 -0.94
CA TYR MA 46 40.88 39.44 -1.85
C TYR MA 46 42.23 40.11 -1.63
N GLN MA 47 43.27 39.29 -1.47
CA GLN MA 47 44.60 39.76 -1.12
C GLN MA 47 45.57 39.53 -2.28
N ASN MA 48 46.42 40.52 -2.54
CA ASN MA 48 47.50 40.39 -3.50
C ASN MA 48 48.71 39.76 -2.81
N ILE MA 49 49.17 38.63 -3.33
CA ILE MA 49 50.28 37.90 -2.72
C ILE MA 49 51.58 38.21 -3.42
N ASN MA 50 51.55 38.30 -4.75
CA ASN MA 50 52.76 38.51 -5.54
C ASN MA 50 53.07 39.98 -5.78
N GLN MA 51 52.30 40.90 -5.18
CA GLN MA 51 52.51 42.33 -5.37
C GLN MA 51 53.01 42.94 -4.07
N PRO MA 52 54.14 43.64 -4.08
CA PRO MA 52 54.57 44.35 -2.86
C PRO MA 52 53.59 45.40 -2.40
N GLY MA 53 52.80 45.97 -3.32
CA GLY MA 53 51.79 46.94 -2.97
C GLY MA 53 50.39 46.44 -3.28
N GLY MA 54 49.49 47.36 -3.62
CA GLY MA 54 48.12 46.99 -3.91
C GLY MA 54 47.68 47.32 -5.32
N GLN MA 55 48.60 47.19 -6.29
CA GLN MA 55 48.31 47.49 -7.68
C GLN MA 55 47.68 46.25 -8.32
N SER MA 56 46.36 46.12 -8.15
CA SER MA 56 45.63 44.98 -8.69
C SER MA 56 45.34 45.09 -10.18
N SER MA 57 45.06 46.29 -10.68
CA SER MA 57 44.76 46.48 -12.10
C SER MA 57 46.00 46.48 -12.97
N GLN MA 58 47.19 46.45 -12.38
CA GLN MA 58 48.44 46.53 -13.14
C GLN MA 58 48.59 45.36 -14.11
N ASN MA 59 48.70 44.14 -13.59
CA ASN MA 59 48.90 42.95 -14.41
C ASN MA 59 48.02 41.81 -13.87
N THR MA 60 46.74 42.10 -13.67
CA THR MA 60 45.85 41.18 -12.97
C THR MA 60 45.76 39.81 -13.63
N GLU MA 61 46.07 39.70 -14.92
CA GLU MA 61 46.04 38.42 -15.61
C GLU MA 61 47.39 37.71 -15.61
N LEU MA 62 48.43 38.34 -15.08
CA LEU MA 62 49.79 37.82 -15.01
C LEU MA 62 50.07 37.27 -13.62
N PRO MA 63 51.14 36.48 -13.45
CA PRO MA 63 51.47 35.97 -12.11
C PRO MA 63 51.70 37.06 -11.07
N SER MA 64 52.16 38.25 -11.49
CA SER MA 64 52.36 39.33 -10.54
C SER MA 64 51.04 39.88 -10.02
N GLY MA 65 49.95 39.68 -10.76
CA GLY MA 65 48.67 40.23 -10.37
C GLY MA 65 47.72 39.21 -9.77
N LEU MA 66 48.25 38.07 -9.35
CA LEU MA 66 47.42 37.02 -8.78
C LEU MA 66 46.81 37.49 -7.46
N MET MA 67 45.51 37.27 -7.30
CA MET MA 67 44.79 37.60 -6.08
C MET MA 67 44.07 36.37 -5.58
N LEU MA 68 44.16 36.10 -4.29
CA LEU MA 68 43.55 34.93 -3.66
C LEU MA 68 42.49 35.37 -2.67
N GLY MA 69 41.30 34.76 -2.75
CA GLY MA 69 40.25 35.05 -1.81
C GLY MA 69 40.51 34.46 -0.44
N ALA MA 70 39.80 35.00 0.55
CA ALA MA 70 39.98 34.60 1.94
C ALA MA 70 38.87 33.69 2.44
N GLY MA 71 37.97 33.25 1.57
CA GLY MA 71 36.90 32.36 1.98
C GLY MA 71 35.51 32.93 1.77
N SER MA 72 34.58 32.56 2.64
CA SER MA 72 33.20 33.00 2.54
C SER MA 72 32.62 33.23 3.93
N LYS MA 73 31.56 34.03 4.00
CA LYS MA 73 30.88 34.27 5.25
C LYS MA 73 29.41 34.56 4.98
N VAL MA 74 28.59 34.42 6.01
CA VAL MA 74 27.17 34.76 5.94
C VAL MA 74 27.02 36.20 6.38
N VAL MA 75 26.67 37.07 5.42
CA VAL MA 75 26.61 38.50 5.72
C VAL MA 75 25.42 38.84 6.59
N ALA MA 76 24.26 38.23 6.32
CA ALA MA 76 23.05 38.54 7.08
C ALA MA 76 22.08 37.39 7.01
N THR MA 77 21.15 37.36 7.96
CA THR MA 77 20.01 36.45 7.97
C THR MA 77 18.77 37.29 7.71
N GLN MA 78 18.42 37.43 6.42
CA GLN MA 78 17.38 38.36 6.03
C GLN MA 78 16.00 37.80 6.29
N LYS MA 79 15.12 38.64 6.83
CA LYS MA 79 13.72 38.29 7.06
C LYS MA 79 12.92 38.57 5.81
N VAL MA 80 12.02 37.64 5.46
CA VAL MA 80 11.13 37.80 4.32
C VAL MA 80 9.72 37.95 4.88
N HIS MA 81 9.25 39.20 4.94
CA HIS MA 81 7.95 39.50 5.54
C HIS MA 81 6.82 39.42 4.52
N THR MA 82 6.73 38.29 3.83
CA THR MA 82 5.61 38.07 2.92
C THR MA 82 4.34 37.77 3.71
N HIS MA 83 3.20 38.01 3.07
CA HIS MA 83 1.92 37.77 3.74
C HIS MA 83 1.60 36.28 3.73
N GLY MA 84 1.34 35.73 4.91
CA GLY MA 84 1.01 34.32 5.03
C GLY MA 84 -0.44 34.04 4.69
N ASN MA 85 -0.81 32.77 4.80
CA ASN MA 85 -2.17 32.35 4.51
C ASN MA 85 -3.09 32.70 5.69
N ALA MA 86 -4.36 32.32 5.56
CA ALA MA 86 -5.39 32.66 6.53
C ALA MA 86 -5.87 31.40 7.24
N GLN MA 87 -5.99 31.47 8.56
CA GLN MA 87 -6.56 30.39 9.37
C GLN MA 87 -7.85 30.90 10.00
N THR MA 88 -8.98 30.40 9.50
CA THR MA 88 -10.28 30.79 10.01
C THR MA 88 -10.58 29.99 11.27
N THR MA 89 -10.65 30.69 12.40
CA THR MA 89 -10.88 30.06 13.70
C THR MA 89 -12.23 30.48 14.25
N THR MA 90 -12.73 29.70 15.20
CA THR MA 90 -13.99 30.00 15.87
C THR MA 90 -13.79 30.80 17.16
N ASN MA 91 -12.56 31.08 17.54
CA ASN MA 91 -12.31 31.90 18.72
C ASN MA 91 -12.58 33.37 18.39
N ALA MA 92 -13.17 34.08 19.34
CA ALA MA 92 -13.59 35.46 19.13
C ALA MA 92 -12.52 36.48 19.53
N LEU MA 93 -11.34 36.03 19.96
CA LEU MA 93 -10.31 36.94 20.43
C LEU MA 93 -9.00 36.84 19.68
N ASP MA 94 -8.86 35.93 18.71
CA ASP MA 94 -7.67 35.87 17.87
C ASP MA 94 -7.96 36.58 16.55
N MET MA 95 -7.02 37.43 16.12
CA MET MA 95 -7.25 38.35 15.04
C MET MA 95 -6.02 38.44 14.15
N MET MA 96 -6.24 38.89 12.92
CA MET MA 96 -5.18 38.98 11.92
C MET MA 96 -5.17 40.37 11.31
N VAL MA 97 -3.98 40.84 10.97
CA VAL MA 97 -3.79 42.04 10.17
C VAL MA 97 -3.59 41.61 8.72
N GLU MA 98 -4.46 42.08 7.83
CA GLU MA 98 -4.36 41.77 6.42
C GLU MA 98 -3.61 42.89 5.71
N GLY MA 99 -2.33 42.65 5.43
CA GLY MA 99 -1.49 43.64 4.82
C GLY MA 99 -0.44 44.19 5.78
N ASP MA 100 -0.08 45.45 5.55
CA ASP MA 100 0.95 46.09 6.36
C ASP MA 100 0.39 46.48 7.73
N GLY MA 101 1.17 46.25 8.76
CA GLY MA 101 0.80 46.62 10.11
C GLY MA 101 1.28 45.59 11.11
N PHE MA 102 1.40 46.02 12.36
CA PHE MA 102 1.82 45.15 13.45
C PHE MA 102 0.99 45.45 14.69
N PHE MA 103 0.61 44.40 15.41
CA PHE MA 103 0.03 44.59 16.73
C PHE MA 103 1.09 45.11 17.69
N GLN MA 104 0.67 45.96 18.63
CA GLN MA 104 1.57 46.56 19.60
C GLN MA 104 1.23 46.07 21.00
N VAL MA 105 2.22 45.51 21.69
CA VAL MA 105 2.04 44.98 23.03
C VAL MA 105 3.03 45.65 23.96
N THR MA 106 2.69 45.66 25.26
CA THR MA 106 3.49 46.32 26.28
C THR MA 106 4.43 45.31 26.92
N LEU MA 107 5.74 45.51 26.74
CA LEU MA 107 6.74 44.66 27.36
C LEU MA 107 6.84 44.98 28.86
N PRO MA 108 7.27 44.01 29.68
CA PRO MA 108 7.40 44.27 31.12
C PRO MA 108 8.34 45.42 31.46
N ASP MA 109 9.41 45.60 30.70
CA ASP MA 109 10.39 46.64 31.02
C ASP MA 109 9.91 48.04 30.67
N GLY MA 110 8.82 48.17 29.93
CA GLY MA 110 8.24 49.48 29.68
C GLY MA 110 7.98 49.81 28.22
N ASN MA 111 8.87 49.37 27.33
CA ASN MA 111 8.73 49.70 25.93
C ASN MA 111 7.63 48.85 25.29
N ILE MA 112 7.41 49.06 24.00
CA ILE MA 112 6.33 48.43 23.25
C ILE MA 112 6.93 47.48 22.23
N GLY MA 113 6.46 46.24 22.21
CA GLY MA 113 6.87 45.27 21.23
C GLY MA 113 5.80 45.09 20.16
N TYR MA 114 6.25 44.67 18.98
CA TYR MA 114 5.40 44.59 17.80
C TYR MA 114 5.37 43.15 17.29
N THR MA 115 4.18 42.65 16.96
CA THR MA 115 3.99 41.27 16.59
C THR MA 115 2.96 41.17 15.47
N ARG MA 116 3.10 40.13 14.65
CA ARG MA 116 2.08 39.76 13.68
C ARG MA 116 1.14 38.68 14.20
N ASN MA 117 1.54 37.95 15.24
CA ASN MA 117 0.67 36.95 15.84
C ASN MA 117 -0.50 37.63 16.55
N GLY MA 118 -1.69 37.07 16.37
CA GLY MA 118 -2.87 37.69 16.91
C GLY MA 118 -3.63 36.84 17.92
N GLN MA 119 -2.99 35.79 18.43
CA GLN MA 119 -3.63 34.96 19.44
C GLN MA 119 -3.71 35.71 20.76
N PHE MA 120 -4.83 36.40 20.98
CA PHE MA 120 -5.03 37.22 22.17
C PHE MA 120 -6.03 36.56 23.10
N THR MA 121 -6.16 37.14 24.29
CA THR MA 121 -7.10 36.69 25.30
C THR MA 121 -7.29 37.81 26.31
N LEU MA 122 -7.93 37.49 27.44
CA LEU MA 122 -8.14 38.43 28.52
C LEU MA 122 -7.45 37.91 29.77
N ASN MA 123 -7.11 38.82 30.68
CA ASN MA 123 -6.64 38.44 31.99
C ASN MA 123 -7.77 38.62 33.01
N GLY MA 124 -7.45 38.51 34.29
CA GLY MA 124 -8.48 38.57 35.31
C GLY MA 124 -9.21 39.89 35.36
N GLU MA 125 -8.60 40.95 34.83
CA GLU MA 125 -9.19 42.28 34.85
C GLU MA 125 -9.95 42.62 33.57
N GLY MA 126 -10.03 41.69 32.62
CA GLY MA 126 -10.72 41.95 31.38
C GLY MA 126 -9.92 42.69 30.34
N THR MA 127 -8.63 42.90 30.56
CA THR MA 127 -7.79 43.60 29.60
C THR MA 127 -7.33 42.64 28.51
N LEU MA 128 -7.41 43.09 27.26
CA LEU MA 128 -6.99 42.27 26.12
C LEU MA 128 -5.48 42.07 26.15
N VAL MA 129 -5.04 40.84 26.45
CA VAL MA 129 -3.63 40.52 26.51
C VAL MA 129 -3.35 39.33 25.60
N THR MA 130 -2.07 39.12 25.31
CA THR MA 130 -1.66 38.00 24.46
C THR MA 130 -1.87 36.68 25.18
N SER MA 131 -2.01 35.62 24.40
CA SER MA 131 -2.27 34.29 24.94
C SER MA 131 -1.00 33.53 25.27
N GLY MA 132 0.15 34.18 25.22
CA GLY MA 132 1.43 33.60 25.58
C GLY MA 132 1.85 34.06 26.96
N SER MA 133 2.75 35.02 27.04
CA SER MA 133 3.19 35.54 28.33
C SER MA 133 2.17 36.46 28.98
N GLY MA 134 1.17 36.93 28.25
CA GLY MA 134 0.13 37.75 28.82
C GLY MA 134 0.40 39.24 28.81
N TYR MA 135 1.21 39.73 27.88
CA TYR MA 135 1.50 41.14 27.83
C TYR MA 135 0.27 41.92 27.37
N PRO MA 136 -0.04 43.06 27.98
CA PRO MA 136 -1.18 43.86 27.53
C PRO MA 136 -0.99 44.36 26.10
N VAL MA 137 -2.10 44.51 25.39
CA VAL MA 137 -2.09 44.97 24.01
C VAL MA 137 -2.39 46.46 24.00
N GLU MA 138 -1.60 47.22 23.23
CA GLU MA 138 -1.77 48.66 23.11
C GLU MA 138 -2.67 48.99 21.92
N PRO MA 139 -3.64 49.91 22.09
CA PRO MA 139 -4.02 50.61 23.32
C PRO MA 139 -4.78 49.70 24.28
N GLU MA 140 -4.83 50.03 25.57
CA GLU MA 140 -5.52 49.18 26.53
C GLU MA 140 -7.00 49.06 26.19
N ILE MA 141 -7.49 47.83 26.15
CA ILE MA 141 -8.89 47.53 25.87
C ILE MA 141 -9.42 46.66 26.99
N VAL MA 142 -10.47 47.13 27.66
CA VAL MA 142 -11.06 46.44 28.79
C VAL MA 142 -12.46 45.97 28.40
N ILE MA 143 -12.73 44.68 28.63
CA ILE MA 143 -14.02 44.08 28.30
C ILE MA 143 -14.87 44.08 29.57
N PRO MA 144 -16.06 44.67 29.57
CA PRO MA 144 -16.91 44.63 30.75
C PRO MA 144 -17.37 43.22 31.07
N GLU MA 145 -17.61 42.98 32.36
CA GLU MA 145 -18.04 41.65 32.80
C GLU MA 145 -19.44 41.31 32.32
N ASP MA 146 -20.24 42.30 31.95
CA ASP MA 146 -21.61 42.07 31.49
C ASP MA 146 -21.70 41.72 30.01
N ALA MA 147 -20.60 41.84 29.27
CA ALA MA 147 -20.63 41.57 27.84
C ALA MA 147 -20.90 40.09 27.58
N ILE MA 148 -21.75 39.83 26.59
CA ILE MA 148 -22.05 38.46 26.19
C ILE MA 148 -21.37 38.07 24.88
N SER MA 149 -20.90 39.04 24.09
CA SER MA 149 -20.14 38.75 22.87
C SER MA 149 -19.22 39.92 22.60
N ILE MA 150 -18.16 39.65 21.84
CA ILE MA 150 -17.14 40.64 21.51
C ILE MA 150 -17.05 40.74 19.99
N THR MA 151 -17.14 41.96 19.48
CA THR MA 151 -17.05 42.23 18.06
C THR MA 151 -15.90 43.21 17.81
N VAL MA 152 -15.05 42.88 16.84
CA VAL MA 152 -13.93 43.73 16.45
C VAL MA 152 -14.15 44.15 15.01
N GLY MA 153 -14.26 45.46 14.78
CA GLY MA 153 -14.47 45.97 13.44
C GLY MA 153 -13.21 45.93 12.60
N THR MA 154 -13.37 46.29 11.33
CA THR MA 154 -12.24 46.30 10.42
C THR MA 154 -11.32 47.49 10.63
N ASP MA 155 -11.73 48.47 11.44
CA ASP MA 155 -10.90 49.63 11.76
C ASP MA 155 -10.43 49.60 13.22
N GLY MA 156 -10.44 48.44 13.86
CA GLY MA 156 -10.06 48.31 15.24
C GLY MA 156 -11.16 48.57 16.25
N GLU MA 157 -12.36 48.95 15.79
CA GLU MA 157 -13.47 49.20 16.69
C GLU MA 157 -13.86 47.92 17.40
N VAL MA 158 -13.72 47.92 18.73
CA VAL MA 158 -14.07 46.76 19.55
C VAL MA 158 -15.38 47.06 20.27
N SER MA 159 -16.40 46.26 20.00
CA SER MA 159 -17.74 46.45 20.54
C SER MA 159 -18.15 45.24 21.36
N VAL MA 160 -19.04 45.47 22.32
CA VAL MA 160 -19.55 44.41 23.18
C VAL MA 160 -21.08 44.45 23.15
N ARG MA 161 -21.68 43.29 23.40
CA ARG MA 161 -23.12 43.13 23.43
C ARG MA 161 -23.55 42.91 24.88
N VAL MA 162 -24.27 43.88 25.44
CA VAL MA 162 -24.73 43.82 26.82
C VAL MA 162 -26.23 43.59 26.82
N ARG MA 163 -26.69 42.66 27.65
CA ARG MA 163 -28.10 42.35 27.71
C ARG MA 163 -28.87 43.50 28.35
N GLY MA 164 -30.07 43.78 27.86
CA GLY MA 164 -30.77 44.96 28.37
C GLY MA 164 -30.72 46.12 27.39
N GLN MA 165 -29.54 46.66 27.10
CA GLN MA 165 -29.38 47.83 26.22
C GLN MA 165 -29.41 47.38 24.77
N GLN MA 166 -30.10 48.10 23.88
CA GLN MA 166 -30.08 47.81 22.43
C GLN MA 166 -28.87 48.52 21.85
N ASP MA 167 -28.34 48.11 20.73
CA ASP MA 167 -27.09 48.57 20.13
C ASP MA 167 -25.88 48.13 20.95
N ASN MA 168 -24.75 47.92 20.28
CA ASN MA 168 -23.54 47.46 20.96
C ASN MA 168 -22.77 48.65 21.53
N GLN MA 169 -22.10 48.40 22.65
CA GLN MA 169 -21.28 49.41 23.31
C GLN MA 169 -19.85 49.34 22.80
N VAL MA 170 -19.27 50.51 22.53
CA VAL MA 170 -17.88 50.60 22.09
C VAL MA 170 -16.99 50.74 23.32
N VAL MA 171 -16.01 49.84 23.45
CA VAL MA 171 -15.12 49.83 24.61
C VAL MA 171 -13.73 50.36 24.28
N GLY MA 172 -13.46 50.71 23.04
CA GLY MA 172 -12.15 51.20 22.66
C GLY MA 172 -11.92 50.98 21.18
N GLN MA 173 -10.66 51.14 20.78
CA GLN MA 173 -10.28 50.94 19.38
C GLN MA 173 -8.83 50.48 19.31
N LEU MA 174 -8.56 49.52 18.43
CA LEU MA 174 -7.21 49.02 18.23
C LEU MA 174 -6.45 49.90 17.24
N THR MA 175 -5.12 49.83 17.35
CA THR MA 175 -4.23 50.49 16.41
C THR MA 175 -3.13 49.53 16.00
N ILE MA 176 -2.60 49.72 14.80
CA ILE MA 176 -1.48 48.93 14.30
C ILE MA 176 -0.39 49.88 13.81
N THR MA 177 0.83 49.39 13.78
CA THR MA 177 2.00 50.18 13.43
C THR MA 177 2.66 49.59 12.20
N ASP MA 178 3.07 50.46 11.27
CA ASP MA 178 3.81 50.05 10.08
C ASP MA 178 5.21 50.62 10.15
N PHE MA 179 6.16 49.93 9.50
CA PHE MA 179 7.55 50.35 9.48
C PHE MA 179 8.02 50.47 8.03
N VAL MA 180 8.95 51.41 7.81
CA VAL MA 180 9.46 51.63 6.46
C VAL MA 180 10.20 50.41 5.95
N ASN MA 181 11.03 49.80 6.81
CA ASN MA 181 11.79 48.60 6.48
C ASN MA 181 11.43 47.52 7.50
N PRO MA 182 10.43 46.69 7.21
CA PRO MA 182 10.06 45.63 8.16
C PRO MA 182 11.19 44.67 8.47
N GLY MA 183 12.10 44.45 7.51
CA GLY MA 183 13.22 43.55 7.75
C GLY MA 183 14.21 44.05 8.79
N GLY MA 184 14.14 45.34 9.14
CA GLY MA 184 15.04 45.90 10.12
C GLY MA 184 14.63 45.67 11.56
N LEU MA 185 13.47 45.07 11.80
CA LEU MA 185 13.04 44.77 13.16
C LEU MA 185 13.88 43.62 13.72
N GLU MA 186 14.40 43.81 14.93
CA GLU MA 186 15.16 42.69 15.51
C GLU MA 186 14.21 41.73 16.21
N PRO MA 187 14.25 40.44 15.88
CA PRO MA 187 13.40 39.48 16.59
C PRO MA 187 13.95 39.20 17.98
N ILE MA 188 13.07 39.23 18.98
CA ILE MA 188 13.45 38.98 20.36
C ILE MA 188 12.74 37.75 20.91
N GLY MA 189 12.24 36.88 20.04
CA GLY MA 189 11.46 35.74 20.47
C GLY MA 189 10.07 36.15 20.89
N GLN MA 190 9.31 35.15 21.37
CA GLN MA 190 7.94 35.35 21.81
C GLN MA 190 7.06 35.91 20.70
N ASN MA 191 7.43 35.64 19.45
CA ASN MA 191 6.75 36.18 18.27
C ASN MA 191 6.76 37.71 18.27
N LEU MA 192 7.73 38.31 18.93
CA LEU MA 192 7.79 39.76 19.11
C LEU MA 192 8.99 40.34 18.38
N TYR MA 193 8.83 41.57 17.91
CA TYR MA 193 9.89 42.30 17.23
C TYR MA 193 10.10 43.64 17.93
N LEU MA 194 11.33 44.15 17.82
CA LEU MA 194 11.64 45.46 18.38
C LEU MA 194 12.15 46.40 17.29
N PRO MA 195 11.70 47.64 17.27
CA PRO MA 195 12.19 48.59 16.27
C PRO MA 195 13.66 48.92 16.49
N THR MA 196 14.37 49.13 15.38
CA THR MA 196 15.78 49.48 15.40
C THR MA 196 16.03 50.64 14.44
N GLY MA 197 17.28 51.10 14.39
CA GLY MA 197 17.62 52.14 13.45
C GLY MA 197 17.44 51.70 12.01
N ALA MA 198 17.75 50.44 11.71
CA ALA MA 198 17.58 49.91 10.36
C ALA MA 198 16.11 49.80 9.96
N SER MA 199 15.20 49.73 10.92
CA SER MA 199 13.78 49.62 10.62
C SER MA 199 13.13 50.99 10.44
N GLY MA 200 13.21 51.83 11.45
CA GLY MA 200 12.64 53.16 11.40
C GLY MA 200 11.72 53.42 12.57
N ASP MA 201 11.32 54.69 12.68
CA ASP MA 201 10.40 55.08 13.75
C ASP MA 201 9.02 54.49 13.51
N PRO MA 202 8.33 54.04 14.55
CA PRO MA 202 6.99 53.47 14.36
C PRO MA 202 6.02 54.51 13.82
N GLN MA 203 5.13 54.06 12.94
CA GLN MA 203 4.10 54.90 12.32
C GLN MA 203 2.74 54.32 12.71
N GLU MA 204 2.22 54.76 13.85
CA GLU MA 204 0.94 54.29 14.34
C GLU MA 204 -0.20 54.92 13.56
N GLY MA 205 -1.30 54.17 13.44
CA GLY MA 205 -2.47 54.67 12.74
C GLY MA 205 -3.62 53.71 12.88
N VAL MA 206 -4.79 54.18 12.47
CA VAL MA 206 -6.01 53.36 12.51
C VAL MA 206 -5.86 52.20 11.53
N PRO MA 207 -6.20 50.98 11.91
CA PRO MA 207 -5.97 49.83 11.03
C PRO MA 207 -6.94 49.74 9.87
N GLY MA 208 -6.62 50.40 8.75
CA GLY MA 208 -7.47 50.34 7.58
C GLY MA 208 -7.43 51.60 6.73
N LEU MA 209 -6.94 52.70 7.30
CA LEU MA 209 -6.70 53.92 6.55
C LEU MA 209 -5.20 54.18 6.45
N ASP MA 210 -4.84 55.07 5.53
CA ASP MA 210 -3.45 55.44 5.29
C ASP MA 210 -2.60 54.24 4.88
N GLY MA 211 -3.20 53.29 4.18
CA GLY MA 211 -2.48 52.14 3.67
C GLY MA 211 -2.25 51.02 4.66
N LEU MA 212 -2.73 51.15 5.89
CA LEU MA 212 -2.54 50.11 6.88
C LEU MA 212 -3.45 48.92 6.58
N GLY MA 213 -3.11 47.78 7.18
CA GLY MA 213 -3.93 46.60 7.02
C GLY MA 213 -5.19 46.65 7.87
N GLU MA 214 -6.13 45.79 7.52
CA GLU MA 214 -7.41 45.70 8.21
C GLU MA 214 -7.38 44.55 9.20
N ILE MA 215 -8.11 44.74 10.30
CA ILE MA 215 -8.19 43.74 11.35
C ILE MA 215 -9.32 42.76 11.01
N ARG MA 216 -9.00 41.48 10.97
CA ARG MA 216 -9.96 40.43 10.71
C ARG MA 216 -10.14 39.61 12.00
N GLN MA 217 -11.36 39.57 12.52
CA GLN MA 217 -11.62 38.84 13.75
C GLN MA 217 -11.80 37.36 13.46
N SER MA 218 -11.47 36.54 14.46
CA SER MA 218 -11.60 35.08 14.36
C SER MA 218 -10.78 34.53 13.19
N MET MA 219 -9.61 35.11 12.96
CA MET MA 219 -8.69 34.65 11.93
C MET MA 219 -7.26 34.75 12.44
N LEU MA 220 -6.39 33.93 11.87
CA LEU MA 220 -4.97 33.91 12.24
C LEU MA 220 -4.13 33.76 10.99
N GLU MA 221 -2.91 34.28 11.06
CA GLU MA 221 -1.98 34.28 9.93
C GLU MA 221 -0.96 33.17 10.15
N ALA MA 222 -0.96 32.17 9.28
CA ALA MA 222 -0.02 31.07 9.38
C ALA MA 222 1.38 31.54 8.98
N SER MA 223 2.38 30.75 9.37
CA SER MA 223 3.75 31.04 8.99
C SER MA 223 3.91 30.91 7.48
N ASN MA 224 4.74 31.77 6.91
CA ASN MA 224 4.96 31.80 5.47
C ASN MA 224 6.15 30.93 5.05
N VAL MA 225 6.65 30.07 5.93
CA VAL MA 225 7.76 29.20 5.57
C VAL MA 225 7.33 28.23 4.49
N ASN MA 226 8.22 27.97 3.54
CA ASN MA 226 8.00 27.01 2.47
C ASN MA 226 8.72 25.73 2.84
N VAL MA 227 7.96 24.69 3.19
CA VAL MA 227 8.55 23.44 3.63
C VAL MA 227 9.34 22.75 2.53
N THR MA 228 9.17 23.15 1.28
CA THR MA 228 9.96 22.62 0.17
C THR MA 228 11.22 23.44 -0.09
N GLU MA 229 11.18 24.75 0.16
CA GLU MA 229 12.39 25.56 0.05
C GLU MA 229 13.46 25.08 1.02
N GLU MA 230 13.07 24.79 2.26
CA GLU MA 230 14.04 24.37 3.27
C GLU MA 230 14.70 23.04 2.89
N LEU MA 231 13.90 22.10 2.38
CA LEU MA 231 14.46 20.80 2.01
C LEU MA 231 15.43 20.93 0.84
N VAL MA 232 15.11 21.77 -0.15
CA VAL MA 232 16.03 22.01 -1.24
C VAL MA 232 17.25 22.77 -0.75
N ASN MA 233 17.06 23.71 0.17
CA ASN MA 233 18.18 24.42 0.76
C ASN MA 233 19.07 23.49 1.57
N MET MA 234 18.47 22.52 2.26
CA MET MA 234 19.25 21.53 3.01
C MET MA 234 20.12 20.71 2.08
N ILE MA 235 19.59 20.34 0.91
CA ILE MA 235 20.34 19.49 -0.01
C ILE MA 235 21.60 20.19 -0.50
N GLU MA 236 21.48 21.45 -0.91
CA GLU MA 236 22.65 22.18 -1.40
C GLU MA 236 23.64 22.45 -0.26
N ALA MA 237 23.14 22.85 0.91
CA ALA MA 237 24.03 23.17 2.02
C ALA MA 237 24.79 21.94 2.50
N GLN MA 238 24.15 20.77 2.48
CA GLN MA 238 24.83 19.55 2.89
C GLN MA 238 25.94 19.19 1.91
N ARG MA 239 25.70 19.38 0.61
CA ARG MA 239 26.71 19.04 -0.39
C ARG MA 239 27.90 19.99 -0.33
N VAL MA 240 27.64 21.29 -0.18
CA VAL MA 240 28.72 22.26 -0.06
C VAL MA 240 29.53 22.00 1.20
N TYR MA 241 28.86 21.56 2.28
CA TYR MA 241 29.55 21.23 3.51
C TYR MA 241 30.53 20.08 3.31
N GLU MA 242 30.12 19.07 2.52
CA GLU MA 242 30.99 17.93 2.28
C GLU MA 242 32.12 18.25 1.32
N MET MA 243 31.87 19.11 0.34
CA MET MA 243 32.89 19.46 -0.65
C MET MA 243 34.05 20.20 0.00
N ASN MA 244 33.75 21.12 0.93
CA ASN MA 244 34.82 21.85 1.60
C ASN MA 244 35.59 20.95 2.55
N SER MA 245 34.94 19.93 3.10
CA SER MA 245 35.63 18.99 3.97
C SER MA 245 36.71 18.23 3.21
N LYS MA 246 36.44 17.86 1.96
CA LYS MA 246 37.42 17.13 1.16
C LYS MA 246 38.65 17.99 0.89
N VAL MA 247 38.46 19.30 0.70
CA VAL MA 247 39.61 20.19 0.51
C VAL MA 247 40.48 20.21 1.75
N ILE MA 248 39.86 20.29 2.93
CA ILE MA 248 40.61 20.25 4.18
C ILE MA 248 41.35 18.92 4.30
N SER MA 249 40.68 17.81 3.98
CA SER MA 249 41.35 16.51 4.01
C SER MA 249 42.46 16.44 2.97
N SER MA 250 42.23 17.03 1.79
CA SER MA 250 43.25 17.00 0.75
C SER MA 250 44.50 17.78 1.15
N VAL MA 251 44.31 18.97 1.72
CA VAL MA 251 45.45 19.77 2.16
C VAL MA 251 46.20 19.07 3.29
N ASP MA 252 45.47 18.37 4.15
CA ASP MA 252 46.11 17.66 5.25
C ASP MA 252 47.06 16.58 4.74
N LYS MA 253 46.62 15.82 3.73
CA LYS MA 253 47.47 14.75 3.20
C LYS MA 253 48.66 15.32 2.43
N MET MA 254 48.48 16.45 1.74
CA MET MA 254 49.59 17.07 1.04
C MET MA 254 50.66 17.55 2.00
N MET MA 255 50.24 18.19 3.10
CA MET MA 255 51.21 18.60 4.13
C MET MA 255 51.81 17.39 4.82
N SER MA 256 51.02 16.34 5.01
CA SER MA 256 51.55 15.11 5.60
C SER MA 256 52.58 14.46 4.67
N PHE MA 257 52.37 14.55 3.36
CA PHE MA 257 53.31 13.96 2.42
C PHE MA 257 54.66 14.67 2.46
N VAL MA 258 54.65 16.00 2.62
CA VAL MA 258 55.89 16.77 2.55
C VAL MA 258 56.83 16.39 3.69
N ASN MA 259 56.33 16.39 4.93
CA ASN MA 259 57.19 16.09 6.06
C ASN MA 259 57.41 14.60 6.26
N GLN MA 260 56.73 13.76 5.47
CA GLN MA 260 57.02 12.33 5.49
C GLN MA 260 58.04 11.97 4.43
N GLN MA 261 58.06 12.72 3.32
CA GLN MA 261 59.00 12.44 2.23
C GLN MA 261 60.32 13.18 2.42
N LEU MA 262 60.24 14.50 2.55
CA LEU MA 262 61.43 15.34 2.73
C LEU MA 262 62.11 15.07 4.07
N MET NA 1 49.01 8.35 31.76
CA MET NA 1 49.41 8.49 30.37
C MET NA 1 49.93 9.89 30.09
N HIS NA 2 50.04 10.21 28.80
CA HIS NA 2 50.30 11.58 28.39
C HIS NA 2 49.11 12.45 28.77
N PRO NA 3 49.34 13.71 29.16
CA PRO NA 3 48.22 14.56 29.59
C PRO NA 3 47.12 14.69 28.54
N ALA NA 4 47.49 14.73 27.26
CA ALA NA 4 46.49 14.83 26.21
C ALA NA 4 45.66 13.55 26.09
N LEU NA 5 46.28 12.39 26.32
CA LEU NA 5 45.56 11.13 26.18
C LEU NA 5 44.47 10.99 27.24
N TRP NA 6 44.77 11.35 28.49
CA TRP NA 6 43.79 11.16 29.55
C TRP NA 6 42.66 12.18 29.48
N VAL NA 7 42.96 13.38 28.97
CA VAL NA 7 41.91 14.39 28.81
C VAL NA 7 40.82 13.90 27.88
N SER NA 8 41.21 13.30 26.75
CA SER NA 8 40.23 12.76 25.83
C SER NA 8 39.57 11.51 26.37
N LYS NA 9 40.29 10.72 27.16
CA LYS NA 9 39.71 9.49 27.71
C LYS NA 9 38.56 9.79 28.65
N THR NA 10 38.68 10.85 29.45
CA THR NA 10 37.59 11.23 30.34
C THR NA 10 36.33 11.57 29.55
N GLY NA 11 36.49 12.23 28.40
CA GLY NA 11 35.34 12.47 27.55
C GLY NA 11 34.71 11.18 27.05
N LEU NA 12 35.54 10.17 26.78
CA LEU NA 12 35.00 8.88 26.33
C LEU NA 12 34.27 8.16 27.46
N ASP NA 13 34.81 8.22 28.68
CA ASP NA 13 34.12 7.62 29.82
C ASP NA 13 32.82 8.35 30.12
N ALA NA 14 32.83 9.68 30.03
CA ALA NA 14 31.62 10.45 30.29
C ALA NA 14 30.53 10.13 29.28
N GLN NA 15 30.89 9.99 28.01
CA GLN NA 15 29.89 9.66 27.00
C GLN NA 15 29.42 8.22 27.14
N GLN NA 16 30.30 7.33 27.61
CA GLN NA 16 29.87 5.96 27.87
C GLN NA 16 28.84 5.91 28.99
N THR NA 17 29.04 6.71 30.05
CA THR NA 17 28.04 6.81 31.10
C THR NA 17 26.75 7.42 30.58
N ASN NA 18 26.86 8.44 29.71
CA ASN NA 18 25.67 9.08 29.18
C ASN NA 18 24.83 8.13 28.35
N ILE NA 19 25.49 7.31 27.52
CA ILE NA 19 24.75 6.38 26.66
C ILE NA 19 24.09 5.30 27.50
N ALA NA 20 24.77 4.79 28.52
CA ALA NA 20 24.17 3.79 29.39
C ALA NA 20 22.97 4.35 30.14
N THR NA 21 22.95 5.66 30.37
CA THR NA 21 21.80 6.28 31.03
C THR NA 21 20.61 6.36 30.08
N ILE NA 22 20.84 6.78 28.84
CA ILE NA 22 19.73 6.89 27.90
C ILE NA 22 19.36 5.52 27.33
N SER NA 23 20.27 4.56 27.41
CA SER NA 23 19.90 3.17 27.11
C SER NA 23 18.93 2.65 28.16
N ASN NA 24 19.13 3.04 29.42
CA ASN NA 24 18.22 2.63 30.49
C ASN NA 24 16.82 3.19 30.28
N ASN NA 25 16.73 4.45 29.83
CA ASN NA 25 15.43 5.08 29.62
C ASN NA 25 14.64 4.36 28.53
N LEU NA 26 15.30 3.99 27.43
CA LEU NA 26 14.60 3.30 26.36
C LEU NA 26 14.19 1.88 26.76
N ALA NA 27 15.00 1.22 27.58
CA ALA NA 27 14.60 -0.10 28.09
C ALA NA 27 13.35 0.02 28.96
N ASN NA 28 13.30 1.04 29.81
CA ASN NA 28 12.12 1.31 30.65
C ASN NA 28 11.16 2.30 29.97
N ALA NA 29 10.79 2.00 28.73
CA ALA NA 29 9.84 2.83 28.00
C ALA NA 29 8.39 2.42 28.23
N SER NA 30 8.15 1.35 28.97
CA SER NA 30 6.79 0.87 29.21
C SER NA 30 6.48 0.61 30.66
N THR NA 31 7.46 0.63 31.56
CA THR NA 31 7.20 0.32 32.96
C THR NA 31 6.33 1.40 33.59
N VAL NA 32 5.38 0.97 34.41
CA VAL NA 32 4.41 1.90 35.02
C VAL NA 32 5.11 2.76 36.06
N GLY NA 33 4.90 4.06 35.99
CA GLY NA 33 5.45 4.97 36.97
C GLY NA 33 6.96 5.07 36.96
N TYR NA 34 7.56 5.14 35.78
CA TYR NA 34 9.01 5.28 35.65
C TYR NA 34 9.36 6.74 35.42
N LYS NA 35 10.46 7.17 36.03
CA LYS NA 35 10.96 8.53 35.86
C LYS NA 35 12.31 8.48 35.14
N LYS NA 36 12.42 9.20 34.04
CA LYS NA 36 13.62 9.15 33.23
C LYS NA 36 14.79 9.82 33.95
N SER NA 37 16.00 9.43 33.56
CA SER NA 37 17.22 9.99 34.10
C SER NA 37 18.02 10.63 32.98
N ARG NA 38 18.65 11.77 33.29
CA ARG NA 38 19.53 12.45 32.35
C ARG NA 38 20.90 12.61 32.98
N ALA NA 39 21.94 12.40 32.19
CA ALA NA 39 23.31 12.52 32.69
C ALA NA 39 23.74 13.98 32.64
N VAL NA 40 24.26 14.47 33.77
CA VAL NA 40 24.72 15.85 33.90
C VAL NA 40 26.23 15.84 33.84
N PHE NA 41 26.78 16.62 32.91
CA PHE NA 41 28.22 16.70 32.71
C PHE NA 41 28.79 17.92 33.43
N GLU NA 42 30.04 17.80 33.88
CA GLU NA 42 30.77 18.91 34.48
C GLU NA 42 32.22 18.84 34.04
N ASP NA 43 32.84 20.01 33.90
CA ASP NA 43 34.24 20.08 33.51
C ASP NA 43 35.14 19.97 34.73
N LEU NA 44 36.23 19.22 34.59
CA LEU NA 44 37.16 19.02 35.68
C LEU NA 44 38.01 20.26 35.90
N PHE NA 45 38.76 20.25 37.00
CA PHE NA 45 39.50 21.43 37.41
C PHE NA 45 40.66 21.72 36.46
N TYR NA 46 41.10 22.98 36.46
CA TYR NA 46 42.15 23.45 35.56
C TYR NA 46 43.46 23.62 36.32
N GLN NA 47 44.56 23.27 35.66
CA GLN NA 47 45.88 23.25 36.27
C GLN NA 47 46.71 24.42 35.74
N ASN NA 48 47.34 25.15 36.66
CA ASN NA 48 48.27 26.23 36.31
C ASN NA 48 49.64 25.60 36.11
N ILE NA 49 49.92 25.17 34.88
CA ILE NA 49 51.17 24.48 34.60
C ILE NA 49 52.36 25.42 34.68
N ASN NA 50 52.21 26.64 34.16
CA ASN NA 50 53.32 27.58 34.08
C ASN NA 50 53.50 28.42 35.35
N GLN NA 51 52.64 28.25 36.34
CA GLN NA 51 52.77 29.02 37.57
C GLN NA 51 53.26 28.14 38.70
N PRO NA 52 54.38 28.48 39.34
CA PRO NA 52 54.86 27.69 40.49
C PRO NA 52 54.22 28.03 41.82
N GLY NA 53 53.25 28.95 41.84
CA GLY NA 53 52.61 29.33 43.09
C GLY NA 53 51.10 29.23 43.02
N GLY NA 54 50.57 28.91 41.84
CA GLY NA 54 49.13 28.77 41.67
C GLY NA 54 48.35 30.06 41.83
N GLN NA 55 48.87 31.16 41.29
CA GLN NA 55 48.17 32.43 41.25
C GLN NA 55 47.71 32.68 39.82
N SER NA 56 46.42 32.95 39.64
CA SER NA 56 45.83 33.01 38.31
C SER NA 56 45.40 34.41 37.87
N SER NA 57 44.91 35.25 38.78
CA SER NA 57 44.42 36.54 38.38
C SER NA 57 45.54 37.56 38.26
N GLN NA 58 46.59 37.22 37.51
CA GLN NA 58 47.60 38.20 37.11
C GLN NA 58 47.69 38.30 35.59
N ASN NA 59 47.93 37.15 34.94
CA ASN NA 59 48.27 37.12 33.52
C ASN NA 59 47.53 35.98 32.82
N THR NA 60 46.21 35.89 33.02
CA THR NA 60 45.44 34.82 32.39
C THR NA 60 45.47 34.87 30.87
N GLU NA 61 45.83 36.01 30.27
CA GLU NA 61 45.93 36.13 28.82
C GLU NA 61 47.38 36.06 28.33
N LEU NA 62 48.28 35.56 29.16
CA LEU NA 62 49.69 35.43 28.84
C LEU NA 62 50.11 33.98 29.07
N PRO NA 63 51.23 33.55 28.49
CA PRO NA 63 51.67 32.15 28.70
C PRO NA 63 51.97 31.81 30.15
N SER NA 64 52.22 32.79 31.01
CA SER NA 64 52.47 32.50 32.42
C SER NA 64 51.22 31.96 33.10
N GLY NA 65 50.06 32.52 32.77
CA GLY NA 65 48.83 32.15 33.45
C GLY NA 65 48.01 31.10 32.72
N LEU NA 66 48.66 30.32 31.85
CA LEU NA 66 47.94 29.30 31.10
C LEU NA 66 47.39 28.23 32.04
N MET NA 67 46.12 27.88 31.84
CA MET NA 67 45.45 26.85 32.62
C MET NA 67 44.89 25.80 31.68
N LEU NA 68 45.15 24.53 31.98
CA LEU NA 68 44.76 23.42 31.13
C LEU NA 68 43.73 22.57 31.86
N GLY NA 69 42.63 22.23 31.16
CA GLY NA 69 41.62 21.39 31.75
C GLY NA 69 42.00 19.93 31.79
N ALA NA 70 41.28 19.18 32.62
CA ALA NA 70 41.53 17.76 32.80
C ALA NA 70 40.50 16.88 32.10
N GLY NA 71 39.56 17.48 31.36
CA GLY NA 71 38.54 16.70 30.68
C GLY NA 71 37.14 16.97 31.19
N SER NA 72 36.29 15.95 31.15
CA SER NA 72 34.91 16.08 31.59
C SER NA 72 34.51 14.86 32.41
N LYS NA 73 33.40 14.99 33.12
CA LYS NA 73 32.86 13.90 33.92
C LYS NA 73 31.35 14.03 34.00
N VAL NA 74 30.70 12.92 34.33
CA VAL NA 74 29.28 12.91 34.62
C VAL NA 74 29.13 13.14 36.12
N VAL NA 75 28.56 14.29 36.50
CA VAL NA 75 28.50 14.62 37.92
C VAL NA 75 27.31 13.96 38.60
N ALA NA 76 26.22 13.72 37.85
CA ALA NA 76 25.03 13.10 38.43
C ALA NA 76 24.17 12.56 37.30
N THR NA 77 23.27 11.65 37.67
CA THR NA 77 22.21 11.15 36.78
C THR NA 77 20.89 11.63 37.38
N GLN NA 78 20.43 12.78 36.90
CA GLN NA 78 19.29 13.44 37.53
C GLN NA 78 17.98 12.79 37.08
N LYS NA 79 17.17 12.39 38.05
CA LYS NA 79 15.84 11.84 37.78
C LYS NA 79 14.85 12.96 37.56
N VAL NA 80 14.14 12.91 36.45
CA VAL NA 80 13.14 13.93 36.11
C VAL NA 80 11.78 13.39 36.53
N HIS NA 81 11.22 13.94 37.60
CA HIS NA 81 9.95 13.48 38.15
C HIS NA 81 8.78 14.26 37.56
N THR NA 82 8.67 14.19 36.23
CA THR NA 82 7.54 14.78 35.54
C THR NA 82 6.37 13.79 35.53
N HIS NA 83 5.18 14.32 35.81
CA HIS NA 83 3.99 13.48 35.87
C HIS NA 83 3.71 12.85 34.51
N GLY NA 84 3.50 11.53 34.50
CA GLY NA 84 3.26 10.81 33.28
C GLY NA 84 1.78 10.76 32.90
N ASN NA 85 1.52 10.23 31.71
CA ASN NA 85 0.16 10.10 31.22
C ASN NA 85 -0.55 8.96 31.94
N ALA NA 86 -1.84 8.83 31.66
CA ALA NA 86 -2.70 7.87 32.34
C ALA NA 86 -3.05 6.73 31.41
N GLN NA 87 -2.99 5.50 31.94
CA GLN NA 87 -3.43 4.32 31.21
C GLN NA 87 -4.69 3.79 31.90
N THR NA 88 -5.83 3.96 31.25
CA THR NA 88 -7.11 3.53 31.81
C THR NA 88 -7.24 2.02 31.64
N THR NA 89 -7.14 1.29 32.73
CA THR NA 89 -7.26 -0.16 32.73
C THR NA 89 -8.61 -0.58 33.30
N THR NA 90 -8.96 -1.85 33.08
CA THR NA 90 -10.19 -2.39 33.63
C THR NA 90 -9.98 -3.17 34.93
N ASN NA 91 -8.73 -3.49 35.27
CA ASN NA 91 -8.44 -4.12 36.55
C ASN NA 91 -8.62 -3.09 37.65
N ALA NA 92 -9.51 -3.38 38.60
CA ALA NA 92 -9.91 -2.42 39.61
C ALA NA 92 -8.95 -2.34 40.80
N LEU NA 93 -7.88 -3.12 40.80
CA LEU NA 93 -6.95 -3.15 41.92
C LEU NA 93 -5.64 -2.44 41.62
N ASP NA 94 -5.46 -1.91 40.42
CA ASP NA 94 -4.34 -1.03 40.13
C ASP NA 94 -4.80 0.42 40.22
N MET NA 95 -3.92 1.27 40.75
CA MET NA 95 -4.30 2.63 41.07
C MET NA 95 -3.17 3.59 40.71
N MET NA 96 -3.51 4.88 40.72
CA MET NA 96 -2.64 5.94 40.24
C MET NA 96 -2.77 7.13 41.17
N VAL NA 97 -1.67 7.89 41.30
CA VAL NA 97 -1.64 9.11 42.09
C VAL NA 97 -1.68 10.29 41.14
N GLU NA 98 -2.72 11.12 41.27
CA GLU NA 98 -2.84 12.33 40.46
C GLU NA 98 -2.14 13.48 41.19
N GLY NA 99 -0.90 13.75 40.79
CA GLY NA 99 -0.11 14.78 41.43
C GLY NA 99 0.99 14.20 42.30
N ASP NA 100 1.55 15.08 43.13
CA ASP NA 100 2.67 14.69 43.97
C ASP NA 100 2.23 13.72 45.05
N GLY NA 101 3.04 12.71 45.29
CA GLY NA 101 2.77 11.70 46.29
C GLY NA 101 3.31 10.34 45.86
N PHE NA 102 3.71 9.55 46.84
CA PHE NA 102 4.27 8.22 46.62
C PHE NA 102 3.52 7.20 47.45
N PHE NA 103 3.27 6.03 46.88
CA PHE NA 103 2.76 4.92 47.66
C PHE NA 103 3.86 4.42 48.61
N GLN NA 104 3.43 3.76 49.68
CA GLN NA 104 4.36 3.22 50.67
C GLN NA 104 4.13 1.72 50.80
N VAL NA 105 5.23 0.95 50.72
CA VAL NA 105 5.18 -0.50 50.85
C VAL NA 105 6.19 -0.92 51.91
N THR NA 106 5.98 -2.13 52.43
CA THR NA 106 6.81 -2.67 53.49
C THR NA 106 7.85 -3.62 52.89
N LEU NA 107 9.12 -3.25 52.97
CA LEU NA 107 10.19 -4.09 52.48
C LEU NA 107 10.42 -5.27 53.43
N PRO NA 108 11.07 -6.34 52.95
CA PRO NA 108 11.33 -7.49 53.82
C PRO NA 108 12.20 -7.17 55.02
N ASP NA 109 12.99 -6.09 54.97
CA ASP NA 109 13.86 -5.72 56.09
C ASP NA 109 13.13 -4.94 57.17
N GLY NA 110 11.86 -4.59 56.95
CA GLY NA 110 11.08 -3.82 57.88
C GLY NA 110 11.02 -2.34 57.55
N ASN NA 111 12.02 -1.81 56.85
CA ASN NA 111 11.99 -0.43 56.43
C ASN NA 111 10.94 -0.22 55.34
N ILE NA 112 10.41 0.99 55.29
CA ILE NA 112 9.31 1.32 54.40
C ILE NA 112 9.87 1.85 53.09
N GLY NA 113 9.48 1.23 51.97
CA GLY NA 113 9.89 1.68 50.66
C GLY NA 113 8.76 2.41 49.95
N TYR NA 114 9.14 3.32 49.06
CA TYR NA 114 8.20 4.20 48.39
C TYR NA 114 8.21 3.93 46.89
N THR NA 115 7.02 3.93 46.29
CA THR NA 115 6.87 3.58 44.89
C THR NA 115 5.83 4.48 44.24
N ARG NA 116 5.99 4.68 42.93
CA ARG NA 116 4.97 5.33 42.11
C ARG NA 116 4.18 4.34 41.27
N ASN NA 117 4.65 3.10 41.19
CA ASN NA 117 3.93 2.07 40.45
C ASN NA 117 2.75 1.57 41.29
N GLY NA 118 1.55 1.63 40.72
CA GLY NA 118 0.36 1.30 41.46
C GLY NA 118 -0.30 0.00 41.08
N GLN NA 119 0.45 -0.91 40.45
CA GLN NA 119 -0.08 -2.21 40.09
C GLN NA 119 -0.09 -3.09 41.33
N PHE NA 120 -1.26 -3.20 41.96
CA PHE NA 120 -1.42 -3.92 43.21
C PHE NA 120 -2.34 -5.12 43.03
N THR NA 121 -2.20 -6.10 43.91
CA THR NA 121 -3.06 -7.27 43.93
C THR NA 121 -3.36 -7.63 45.38
N LEU NA 122 -3.90 -8.82 45.59
CA LEU NA 122 -4.13 -9.37 46.92
C LEU NA 122 -3.27 -10.61 47.11
N ASN NA 123 -2.99 -10.92 48.37
CA ASN NA 123 -2.25 -12.14 48.68
C ASN NA 123 -3.22 -13.21 49.18
N GLY NA 124 -2.68 -14.30 49.71
CA GLY NA 124 -3.52 -15.41 50.15
C GLY NA 124 -4.45 -15.04 51.29
N GLU NA 125 -4.07 -14.04 52.09
CA GLU NA 125 -4.88 -13.61 53.22
C GLU NA 125 -5.70 -12.37 52.93
N GLY NA 126 -5.70 -11.88 51.69
CA GLY NA 126 -6.49 -10.73 51.30
C GLY NA 126 -5.80 -9.39 51.45
N THR NA 127 -4.60 -9.35 52.02
CA THR NA 127 -3.88 -8.09 52.18
C THR NA 127 -3.50 -7.52 50.82
N LEU NA 128 -3.63 -6.21 50.67
CA LEU NA 128 -3.23 -5.53 49.44
C LEU NA 128 -1.71 -5.52 49.34
N VAL NA 129 -1.18 -6.11 48.26
CA VAL NA 129 0.24 -6.23 48.04
C VAL NA 129 0.56 -5.79 46.62
N THR NA 130 1.86 -5.56 46.37
CA THR NA 130 2.30 -5.22 45.03
C THR NA 130 2.17 -6.44 44.12
N SER NA 131 2.03 -6.18 42.82
CA SER NA 131 1.88 -7.23 41.84
C SER NA 131 3.20 -7.85 41.41
N GLY NA 132 4.32 -7.34 41.92
CA GLY NA 132 5.63 -7.86 41.58
C GLY NA 132 6.18 -8.75 42.67
N SER NA 133 7.07 -8.21 43.50
CA SER NA 133 7.65 -8.98 44.59
C SER NA 133 6.62 -9.39 45.63
N GLY NA 134 5.49 -8.69 45.71
CA GLY NA 134 4.45 -9.04 46.66
C GLY NA 134 4.52 -8.32 47.99
N TYR NA 135 5.26 -7.22 48.08
CA TYR NA 135 5.41 -6.53 49.34
C TYR NA 135 4.07 -5.91 49.78
N PRO NA 136 3.74 -5.97 51.06
CA PRO NA 136 2.49 -5.37 51.54
C PRO NA 136 2.52 -3.85 51.41
N VAL NA 137 1.33 -3.27 51.32
CA VAL NA 137 1.16 -1.83 51.20
C VAL NA 137 0.79 -1.27 52.56
N GLU NA 138 1.51 -0.24 53.00
CA GLU NA 138 1.23 0.45 54.26
C GLU NA 138 0.28 1.61 54.02
N PRO NA 139 -0.78 1.77 54.83
CA PRO NA 139 -1.23 0.89 55.93
C PRO NA 139 -1.85 -0.40 55.41
N GLU NA 140 -1.84 -1.46 56.21
CA GLU NA 140 -2.36 -2.74 55.77
C GLU NA 140 -3.84 -2.64 55.44
N ILE NA 141 -4.22 -3.18 54.29
CA ILE NA 141 -5.60 -3.19 53.84
C ILE NA 141 -5.98 -4.64 53.57
N VAL NA 142 -6.94 -5.16 54.32
CA VAL NA 142 -7.39 -6.53 54.20
C VAL NA 142 -8.79 -6.53 53.61
N ILE NA 143 -8.96 -7.21 52.49
CA ILE NA 143 -10.24 -7.29 51.80
C ILE NA 143 -10.99 -8.52 52.33
N PRO NA 144 -12.21 -8.38 52.83
CA PRO NA 144 -12.95 -9.55 53.31
C PRO NA 144 -13.24 -10.52 52.18
N GLU NA 145 -13.32 -11.80 52.55
CA GLU NA 145 -13.52 -12.84 51.54
C GLU NA 145 -14.90 -12.76 50.89
N ASP NA 146 -15.89 -12.22 51.59
CA ASP NA 146 -17.26 -12.15 51.07
C ASP NA 146 -17.51 -10.89 50.25
N ALA NA 147 -16.51 -10.03 50.08
CA ALA NA 147 -16.69 -8.83 49.28
C ALA NA 147 -16.87 -9.19 47.81
N ILE NA 148 -17.83 -8.56 47.15
CA ILE NA 148 -18.05 -8.77 45.73
C ILE NA 148 -17.47 -7.64 44.88
N SER NA 149 -17.14 -6.50 45.48
CA SER NA 149 -16.59 -5.38 44.74
C SER NA 149 -15.61 -4.64 45.63
N ILE NA 150 -14.66 -3.96 45.00
CA ILE NA 150 -13.67 -3.15 45.69
C ILE NA 150 -13.70 -1.76 45.09
N THR NA 151 -13.92 -0.75 45.92
CA THR NA 151 -13.97 0.64 45.48
C THR NA 151 -12.98 1.46 46.30
N VAL NA 152 -12.08 2.14 45.61
CA VAL NA 152 -11.06 2.97 46.25
C VAL NA 152 -11.37 4.42 45.91
N GLY NA 153 -11.74 5.20 46.92
CA GLY NA 153 -12.06 6.60 46.72
C GLY NA 153 -10.84 7.44 46.43
N THR NA 154 -11.08 8.70 46.13
CA THR NA 154 -10.01 9.62 45.79
C THR NA 154 -9.08 9.89 46.97
N ASP NA 155 -9.54 9.65 48.20
CA ASP NA 155 -8.73 9.84 49.40
C ASP NA 155 -8.24 8.51 49.98
N GLY NA 156 -8.22 7.46 49.16
CA GLY NA 156 -7.76 6.16 49.62
C GLY NA 156 -8.78 5.36 50.40
N GLU NA 157 -10.02 5.83 50.50
CA GLU NA 157 -11.05 5.12 51.25
C GLU NA 157 -11.39 3.82 50.53
N VAL NA 158 -10.94 2.70 51.09
CA VAL NA 158 -11.18 1.39 50.50
C VAL NA 158 -12.46 0.83 51.10
N SER NA 159 -13.51 0.75 50.29
CA SER NA 159 -14.79 0.20 50.70
C SER NA 159 -15.16 -0.97 49.82
N VAL NA 160 -15.94 -1.89 50.37
CA VAL NA 160 -16.31 -3.12 49.67
C VAL NA 160 -17.83 -3.28 49.72
N ARG NA 161 -18.35 -4.02 48.75
CA ARG NA 161 -19.77 -4.32 48.68
C ARG NA 161 -20.02 -5.74 49.15
N VAL NA 162 -20.93 -5.90 50.10
CA VAL NA 162 -21.26 -7.19 50.69
C VAL NA 162 -22.74 -7.45 50.50
N ARG NA 163 -23.07 -8.63 50.00
CA ARG NA 163 -24.46 -9.01 49.80
C ARG NA 163 -25.17 -9.16 51.14
N GLY NA 164 -26.47 -8.91 51.14
CA GLY NA 164 -27.27 -8.97 52.34
C GLY NA 164 -27.23 -7.73 53.20
N GLN NA 165 -26.60 -6.65 52.72
CA GLN NA 165 -26.44 -5.43 53.50
C GLN NA 165 -26.16 -4.27 52.56
N GLN NA 166 -27.01 -3.26 52.57
CA GLN NA 166 -26.73 -2.07 51.79
C GLN NA 166 -25.74 -1.18 52.55
N ASP NA 167 -25.24 -0.17 51.84
CA ASP NA 167 -24.15 0.71 52.30
C ASP NA 167 -22.84 -0.06 52.28
N ASN NA 168 -21.80 0.54 51.73
CA ASN NA 168 -20.51 -0.13 51.62
C ASN NA 168 -19.76 -0.09 52.94
N GLN NA 169 -19.08 -1.18 53.26
CA GLN NA 169 -18.29 -1.28 54.48
C GLN NA 169 -16.86 -0.84 54.19
N VAL NA 170 -16.38 0.15 54.93
CA VAL NA 170 -15.02 0.65 54.76
C VAL NA 170 -14.06 -0.27 55.52
N VAL NA 171 -13.09 -0.83 54.80
CA VAL NA 171 -12.14 -1.78 55.37
C VAL NA 171 -10.78 -1.17 55.63
N GLY NA 172 -10.58 0.09 55.29
CA GLY NA 172 -9.31 0.74 55.51
C GLY NA 172 -9.20 2.00 54.68
N GLN NA 173 -8.02 2.61 54.76
CA GLN NA 173 -7.72 3.82 54.00
C GLN NA 173 -6.23 3.89 53.73
N LEU NA 174 -5.88 4.24 52.49
CA LEU NA 174 -4.50 4.38 52.09
C LEU NA 174 -3.96 5.75 52.44
N THR NA 175 -2.65 5.83 52.59
CA THR NA 175 -1.95 7.09 52.79
C THR NA 175 -0.75 7.14 51.85
N ILE NA 176 -0.43 8.35 51.40
CA ILE NA 176 0.69 8.56 50.49
C ILE NA 176 1.66 9.53 51.13
N THR NA 177 2.90 9.48 50.66
CA THR NA 177 4.00 10.26 51.24
C THR NA 177 4.60 11.18 50.19
N ASP NA 178 4.92 12.41 50.60
CA ASP NA 178 5.56 13.38 49.74
C ASP NA 178 6.91 13.78 50.33
N PHE NA 179 7.86 14.09 49.44
CA PHE NA 179 9.21 14.45 49.82
C PHE NA 179 9.52 15.87 49.35
N VAL NA 180 10.35 16.56 50.13
CA VAL NA 180 10.77 17.91 49.75
C VAL NA 180 11.57 17.87 48.45
N ASN NA 181 12.48 16.90 48.33
CA ASN NA 181 13.31 16.72 47.13
C ASN NA 181 13.14 15.29 46.64
N PRO NA 182 12.12 15.02 45.82
CA PRO NA 182 11.94 13.65 45.30
C PRO NA 182 13.10 13.16 44.47
N GLY NA 183 13.90 14.07 43.90
CA GLY NA 183 15.03 13.67 43.08
C GLY NA 183 16.17 13.05 43.88
N GLY NA 184 16.22 13.31 45.18
CA GLY NA 184 17.24 12.73 46.02
C GLY NA 184 16.96 11.32 46.50
N LEU NA 185 15.78 10.77 46.16
CA LEU NA 185 15.46 9.41 46.55
C LEU NA 185 16.39 8.43 45.85
N GLU NA 186 16.76 7.37 46.56
CA GLU NA 186 17.66 6.36 46.02
C GLU NA 186 16.87 5.33 45.24
N PRO NA 187 17.09 5.19 43.93
CA PRO NA 187 16.43 4.13 43.17
C PRO NA 187 17.05 2.78 43.50
N ILE NA 188 16.20 1.83 43.95
CA ILE NA 188 16.65 0.50 44.32
C ILE NA 188 16.06 -0.56 43.40
N GLY NA 189 15.50 -0.17 42.26
CA GLY NA 189 14.84 -1.10 41.38
C GLY NA 189 13.44 -1.43 41.86
N GLN NA 190 12.79 -2.31 41.12
CA GLN NA 190 11.42 -2.76 41.41
C GLN NA 190 10.43 -1.60 41.42
N ASN NA 191 10.80 -0.50 40.76
CA ASN NA 191 10.02 0.75 40.80
C ASN NA 191 9.87 1.24 42.23
N LEU NA 192 10.90 1.03 43.04
CA LEU NA 192 10.90 1.38 44.46
C LEU NA 192 11.99 2.40 44.75
N TYR NA 193 11.74 3.23 45.77
CA TYR NA 193 12.67 4.27 46.18
C TYR NA 193 12.88 4.20 47.69
N LEU NA 194 14.07 4.63 48.13
CA LEU NA 194 14.41 4.71 49.54
C LEU NA 194 14.74 6.14 49.92
N PRO NA 195 14.26 6.61 51.06
CA PRO NA 195 14.61 7.97 51.50
C PRO NA 195 16.09 8.07 51.83
N THR NA 196 16.64 9.26 51.58
CA THR NA 196 18.05 9.56 51.81
C THR NA 196 18.16 10.88 52.54
N GLY NA 197 19.39 11.27 52.87
CA GLY NA 197 19.61 12.55 53.51
C GLY NA 197 19.30 13.71 52.59
N ALA NA 198 19.65 13.59 51.31
CA ALA NA 198 19.40 14.65 50.34
C ALA NA 198 17.96 14.68 49.85
N SER NA 199 17.15 13.68 50.20
CA SER NA 199 15.75 13.65 49.77
C SER NA 199 14.88 14.49 50.70
N GLY NA 200 14.96 14.24 51.99
CA GLY NA 200 14.12 14.91 52.97
C GLY NA 200 13.31 13.92 53.78
N ASP NA 201 12.76 14.43 54.87
CA ASP NA 201 11.97 13.59 55.76
C ASP NA 201 10.64 13.23 55.10
N PRO NA 202 10.19 11.99 55.23
CA PRO NA 202 8.88 11.62 54.67
C PRO NA 202 7.75 12.43 55.30
N GLN NA 203 6.75 12.76 54.49
CA GLN NA 203 5.61 13.55 54.92
C GLN NA 203 4.34 12.77 54.58
N GLU NA 204 3.92 11.90 55.50
CA GLU NA 204 2.73 11.11 55.32
C GLU NA 204 1.48 11.95 55.57
N GLY NA 205 0.40 11.58 54.89
CA GLY NA 205 -0.87 12.28 55.06
C GLY NA 205 -1.94 11.66 54.20
N VAL NA 206 -3.13 12.24 54.30
CA VAL NA 206 -4.29 11.74 53.56
C VAL NA 206 -4.12 12.05 52.07
N PRO NA 207 -4.37 11.10 51.18
CA PRO NA 207 -4.19 11.36 49.74
C PRO NA 207 -5.27 12.24 49.16
N GLY NA 208 -5.10 13.56 49.25
CA GLY NA 208 -6.07 14.50 48.72
C GLY NA 208 -6.15 15.77 49.52
N LEU NA 209 -5.61 15.75 50.74
CA LEU NA 209 -5.55 16.91 51.60
C LEU NA 209 -4.09 17.28 51.84
N ASP NA 210 -3.89 18.54 52.27
CA ASP NA 210 -2.55 19.06 52.58
C ASP NA 210 -1.63 18.99 51.37
N GLY NA 211 -2.21 19.22 50.19
CA GLY NA 211 -1.43 19.29 48.96
C GLY NA 211 -1.03 17.96 48.36
N LEU NA 212 -1.47 16.85 48.93
CA LEU NA 212 -1.12 15.54 48.38
C LEU NA 212 -2.00 15.21 47.19
N GLY NA 213 -1.55 14.24 46.40
CA GLY NA 213 -2.30 13.82 45.23
C GLY NA 213 -3.48 12.92 45.59
N GLU NA 214 -4.29 12.64 44.59
CA GLU NA 214 -5.49 11.84 44.75
C GLU NA 214 -5.29 10.47 44.12
N ILE NA 215 -5.92 9.46 44.74
CA ILE NA 215 -5.80 8.08 44.28
C ILE NA 215 -6.88 7.82 43.25
N ARG NA 216 -6.46 7.40 42.05
CA ARG NA 216 -7.37 7.07 40.97
C ARG NA 216 -7.38 5.55 40.79
N GLN NA 217 -8.56 4.95 40.93
CA GLN NA 217 -8.70 3.51 40.82
C GLN NA 217 -8.80 3.09 39.36
N SER NA 218 -8.34 1.87 39.08
CA SER NA 218 -8.36 1.29 37.73
C SER NA 218 -7.67 2.20 36.72
N MET NA 219 -6.54 2.78 37.12
CA MET NA 219 -5.73 3.62 36.25
C MET NA 219 -4.27 3.42 36.61
N LEU NA 220 -3.40 3.66 35.62
CA LEU NA 220 -1.96 3.52 35.80
C LEU NA 220 -1.26 4.73 35.21
N GLU NA 221 -0.06 5.00 35.72
CA GLU NA 221 0.75 6.14 35.29
C GLU NA 221 1.85 5.63 34.36
N ALA NA 222 1.79 6.06 33.10
CA ALA NA 222 2.76 5.65 32.12
C ALA NA 222 4.12 6.30 32.39
N SER NA 223 5.17 5.67 31.87
CA SER NA 223 6.50 6.24 31.99
C SER NA 223 6.59 7.53 31.20
N ASN NA 224 7.32 8.51 31.76
CA ASN NA 224 7.43 9.84 31.19
C ASN NA 224 8.60 9.98 30.23
N VAL NA 225 9.23 8.86 29.83
CA VAL NA 225 10.37 8.95 28.93
C VAL NA 225 9.91 9.42 27.56
N ASN NA 226 10.80 10.12 26.87
CA ASN NA 226 10.56 10.61 25.52
C ASN NA 226 11.50 9.86 24.58
N VAL NA 227 10.93 8.94 23.80
CA VAL NA 227 11.76 8.10 22.93
C VAL NA 227 12.49 8.96 21.90
N THR NA 228 11.89 10.07 21.48
CA THR NA 228 12.56 10.98 20.55
C THR NA 228 13.78 11.63 21.19
N GLU NA 229 13.67 12.00 22.47
CA GLU NA 229 14.80 12.61 23.16
C GLU NA 229 16.00 11.66 23.23
N GLU NA 230 15.74 10.38 23.52
CA GLU NA 230 16.83 9.43 23.65
C GLU NA 230 17.54 9.22 22.32
N LEU NA 231 16.79 9.23 21.22
CA LEU NA 231 17.41 9.04 19.90
C LEU NA 231 18.25 10.24 19.50
N VAL NA 232 17.79 11.45 19.84
CA VAL NA 232 18.58 12.65 19.56
C VAL NA 232 19.81 12.69 20.45
N ASN NA 233 19.67 12.25 21.70
CA ASN NA 233 20.83 12.20 22.60
C ASN NA 233 21.83 11.14 22.15
N MET NA 234 21.33 10.04 21.58
CA MET NA 234 22.24 9.02 21.04
C MET NA 234 23.08 9.58 19.90
N ILE NA 235 22.46 10.40 19.03
CA ILE NA 235 23.19 10.99 17.91
C ILE NA 235 24.31 11.90 18.43
N GLU NA 236 23.99 12.77 19.38
CA GLU NA 236 25.01 13.66 19.93
C GLU NA 236 26.09 12.88 20.66
N ALA NA 237 25.70 11.89 21.47
CA ALA NA 237 26.67 11.14 22.25
C ALA NA 237 27.61 10.34 21.35
N GLN NA 238 27.07 9.73 20.29
CA GLN NA 238 27.89 8.92 19.41
C GLN NA 238 28.89 9.76 18.65
N ARG NA 239 28.47 10.93 18.16
CA ARG NA 239 29.38 11.80 17.43
C ARG NA 239 30.49 12.32 18.32
N VAL NA 240 30.16 12.74 19.54
CA VAL NA 240 31.18 13.22 20.47
C VAL NA 240 32.14 12.09 20.84
N TYR NA 241 31.62 10.86 20.94
CA TYR NA 241 32.47 9.71 21.23
C TYR NA 241 33.52 9.52 20.15
N GLU NA 242 33.13 9.69 18.88
CA GLU NA 242 34.07 9.53 17.78
C GLU NA 242 35.07 10.67 17.73
N MET NA 243 34.65 11.87 18.14
CA MET NA 243 35.55 13.02 18.09
C MET NA 243 36.73 12.83 19.04
N ASN NA 244 36.48 12.36 20.25
CA ASN NA 244 37.56 12.15 21.20
C ASN NA 244 38.46 10.99 20.79
N SER NA 245 37.91 10.03 20.04
CA SER NA 245 38.73 8.93 19.53
C SER NA 245 39.77 9.44 18.55
N LYS NA 246 39.39 10.39 17.69
CA LYS NA 246 40.34 10.93 16.73
C LYS NA 246 41.45 11.72 17.42
N VAL NA 247 41.13 12.36 18.55
CA VAL NA 247 42.15 13.08 19.31
C VAL NA 247 43.17 12.09 19.87
N ILE NA 248 42.69 10.99 20.44
CA ILE NA 248 43.60 9.98 20.97
C ILE NA 248 44.45 9.38 19.86
N SER NA 249 43.84 9.12 18.70
CA SER NA 249 44.61 8.65 17.56
C SER NA 249 45.61 9.70 17.08
N SER NA 250 45.22 10.97 17.13
CA SER NA 250 46.13 12.03 16.69
C SER NA 250 47.36 12.11 17.59
N VAL NA 251 47.16 12.01 18.91
CA VAL NA 251 48.29 12.05 19.84
C VAL NA 251 49.19 10.84 19.63
N ASP NA 252 48.60 9.67 19.40
CA ASP NA 252 49.40 8.46 19.18
C ASP NA 252 50.27 8.60 17.94
N LYS NA 253 49.72 9.16 16.86
CA LYS NA 253 50.53 9.39 15.66
C LYS NA 253 51.60 10.44 15.91
N MET NA 254 51.28 11.48 16.69
CA MET NA 254 52.26 12.52 16.96
C MET NA 254 53.44 11.98 17.77
N MET NA 255 53.15 11.18 18.79
CA MET NA 255 54.23 10.62 19.62
C MET NA 255 54.96 9.51 18.89
N SER NA 256 54.28 8.82 17.98
CA SER NA 256 54.94 7.79 17.17
C SER NA 256 55.93 8.42 16.21
N PHE NA 257 55.61 9.61 15.70
CA PHE NA 257 56.51 10.32 14.80
C PHE NA 257 57.78 10.75 15.53
N VAL NA 258 57.66 11.07 16.82
CA VAL NA 258 58.81 11.58 17.57
C VAL NA 258 59.88 10.51 17.70
N ASN NA 259 59.50 9.30 18.13
CA ASN NA 259 60.47 8.25 18.35
C ASN NA 259 60.84 7.50 17.08
N GLN NA 260 60.14 7.74 15.98
CA GLN NA 260 60.53 7.18 14.69
C GLN NA 260 61.51 8.09 13.95
N GLN NA 261 61.31 9.40 14.07
CA GLN NA 261 62.20 10.35 13.39
C GLN NA 261 63.45 10.63 14.22
N LEU NA 262 63.27 10.96 15.49
CA LEU NA 262 64.41 11.25 16.36
C LEU NA 262 65.18 9.97 16.68
N MET OA 1 57.62 -17.70 22.56
CA MET OA 1 56.78 -16.54 22.26
C MET OA 1 56.80 -15.54 23.40
N HIS OA 2 56.59 -14.27 23.07
CA HIS OA 2 56.31 -13.28 24.09
C HIS OA 2 55.00 -13.67 24.79
N PRO OA 3 54.99 -13.82 26.11
CA PRO OA 3 53.77 -14.27 26.80
C PRO OA 3 52.56 -13.40 26.53
N ALA OA 4 52.75 -12.12 26.20
CA ALA OA 4 51.60 -11.28 25.86
C ALA OA 4 50.94 -11.72 24.56
N LEU OA 5 51.69 -12.33 23.64
CA LEU OA 5 51.09 -12.79 22.40
C LEU OA 5 50.12 -13.93 22.63
N TRP OA 6 50.51 -14.94 23.41
CA TRP OA 6 49.65 -16.09 23.61
C TRP OA 6 48.48 -15.78 24.53
N VAL OA 7 48.63 -14.81 25.43
CA VAL OA 7 47.51 -14.40 26.28
C VAL OA 7 46.38 -13.85 25.42
N SER OA 8 46.72 -13.03 24.43
CA SER OA 8 45.70 -12.49 23.52
C SER OA 8 45.14 -13.56 22.60
N LYS OA 9 45.96 -14.57 22.24
CA LYS OA 9 45.48 -15.61 21.34
C LYS OA 9 44.41 -16.46 22.00
N THR OA 10 44.55 -16.73 23.30
CA THR OA 10 43.52 -17.48 24.02
C THR OA 10 42.19 -16.74 23.99
N GLY OA 11 42.22 -15.41 24.04
CA GLY OA 11 41.00 -14.63 23.86
C GLY OA 11 40.42 -14.80 22.47
N LEU OA 12 41.28 -14.94 21.46
CA LEU OA 12 40.80 -15.15 20.10
C LEU OA 12 40.18 -16.54 19.94
N ASP OA 13 40.81 -17.56 20.53
CA ASP OA 13 40.25 -18.90 20.45
C ASP OA 13 38.98 -19.02 21.27
N ALA OA 14 38.90 -18.30 22.39
CA ALA OA 14 37.68 -18.30 23.19
C ALA OA 14 36.51 -17.72 22.41
N GLN OA 15 36.74 -16.64 21.68
CA GLN OA 15 35.69 -16.05 20.87
C GLN OA 15 35.34 -16.91 19.67
N GLN OA 16 36.33 -17.62 19.11
CA GLN OA 16 36.06 -18.51 17.98
C GLN OA 16 35.11 -19.63 18.39
N THR OA 17 35.30 -20.18 19.59
CA THR OA 17 34.34 -21.15 20.11
C THR OA 17 32.99 -20.50 20.36
N ASN OA 18 32.98 -19.26 20.82
CA ASN OA 18 31.74 -18.52 21.01
C ASN OA 18 31.03 -18.31 19.68
N ILE OA 19 31.78 -17.99 18.62
CA ILE OA 19 31.18 -17.81 17.30
C ILE OA 19 30.65 -19.14 16.78
N ALA OA 20 31.38 -20.23 17.02
CA ALA OA 20 30.95 -21.53 16.53
C ALA OA 20 29.64 -21.97 17.17
N THR OA 21 29.53 -21.82 18.50
CA THR OA 21 28.32 -22.25 19.19
C THR OA 21 27.17 -21.28 18.96
N ILE OA 22 27.45 -20.08 18.44
CA ILE OA 22 26.40 -19.11 18.21
C ILE OA 22 25.87 -19.23 16.78
N SER OA 23 26.69 -19.74 15.86
CA SER OA 23 26.20 -20.03 14.52
C SER OA 23 25.40 -21.32 14.50
N ASN OA 24 25.75 -22.26 15.37
CA ASN OA 24 24.99 -23.50 15.46
C ASN OA 24 23.57 -23.25 15.97
N ASN OA 25 23.41 -22.33 16.91
CA ASN OA 25 22.08 -22.01 17.41
C ASN OA 25 21.20 -21.41 16.32
N LEU OA 26 21.75 -20.49 15.53
CA LEU OA 26 20.96 -19.89 14.46
C LEU OA 26 20.71 -20.86 13.31
N ALA OA 27 21.63 -21.82 13.11
CA ALA OA 27 21.37 -22.86 12.12
C ALA OA 27 20.18 -23.71 12.51
N ASN OA 28 20.08 -24.09 13.78
CA ASN OA 28 18.94 -24.82 14.31
C ASN OA 28 17.90 -23.87 14.91
N ALA OA 29 17.48 -22.87 14.15
CA ALA OA 29 16.46 -21.95 14.61
C ALA OA 29 15.04 -22.42 14.30
N SER OA 30 14.89 -23.47 13.50
CA SER OA 30 13.60 -24.04 13.19
C SER OA 30 13.51 -25.52 13.54
N THR OA 31 14.57 -26.10 14.10
CA THR OA 31 14.54 -27.50 14.48
C THR OA 31 13.56 -27.73 15.61
N VAL OA 32 12.73 -28.77 15.49
CA VAL OA 32 11.75 -29.07 16.52
C VAL OA 32 12.45 -29.66 17.73
N GLY OA 33 12.17 -29.08 18.91
CA GLY OA 33 12.76 -29.57 20.14
C GLY OA 33 14.26 -29.38 20.24
N TYR OA 34 14.77 -28.25 19.75
CA TYR OA 34 16.19 -27.94 19.84
C TYR OA 34 16.44 -27.01 21.02
N LYS OA 35 17.48 -27.31 21.80
CA LYS OA 35 17.85 -26.52 22.96
C LYS OA 35 19.10 -25.71 22.65
N LYS OA 36 19.04 -24.41 22.90
CA LYS OA 36 20.15 -23.52 22.58
C LYS OA 36 21.32 -23.78 23.53
N SER OA 37 22.51 -23.42 23.06
CA SER OA 37 23.75 -23.54 23.82
C SER OA 37 24.42 -22.18 23.91
N ARG OA 38 25.05 -21.91 25.05
CA ARG OA 38 25.82 -20.69 25.25
C ARG OA 38 27.23 -21.06 25.70
N ALA OA 39 28.21 -20.32 25.19
CA ALA OA 39 29.60 -20.53 25.56
C ALA OA 39 29.89 -19.81 26.87
N VAL OA 40 30.42 -20.55 27.84
CA VAL OA 40 30.73 -20.01 29.16
C VAL OA 40 32.25 -19.82 29.25
N PHE OA 41 32.65 -18.58 29.55
CA PHE OA 41 34.06 -18.24 29.66
C PHE OA 41 34.49 -18.22 31.11
N GLU OA 42 35.77 -18.50 31.34
CA GLU OA 42 36.38 -18.31 32.64
C GLU OA 42 37.86 -18.01 32.45
N ASP OA 43 38.39 -17.15 33.32
CA ASP OA 43 39.78 -16.73 33.21
C ASP OA 43 40.72 -17.87 33.60
N LEU OA 44 41.93 -17.83 33.05
CA LEU OA 44 42.93 -18.85 33.32
C LEU OA 44 43.69 -18.51 34.60
N PHE OA 45 44.61 -19.39 34.97
CA PHE OA 45 45.32 -19.25 36.24
C PHE OA 45 46.31 -18.09 36.21
N TYR OA 46 46.48 -17.46 37.36
CA TYR OA 46 47.43 -16.37 37.55
C TYR OA 46 48.71 -16.92 38.17
N GLN OA 47 49.86 -16.50 37.64
CA GLN OA 47 51.16 -16.98 38.06
C GLN OA 47 51.96 -15.85 38.69
N ASN OA 48 52.63 -16.17 39.80
CA ASN OA 48 53.49 -15.20 40.48
C ASN OA 48 54.83 -15.13 39.77
N ILE OA 49 55.18 -13.95 39.26
CA ILE OA 49 56.40 -13.76 38.49
C ILE OA 49 57.54 -13.26 39.36
N ASN OA 50 57.26 -12.27 40.22
CA ASN OA 50 58.30 -11.66 41.05
C ASN OA 50 58.48 -12.36 42.39
N GLN OA 51 57.77 -13.46 42.65
CA GLN OA 51 57.90 -14.19 43.91
C GLN OA 51 57.58 -15.65 43.66
N PRO OA 52 58.58 -16.44 43.24
CA PRO OA 52 58.34 -17.86 42.97
C PRO OA 52 57.98 -18.68 44.20
N GLY OA 53 58.04 -18.10 45.40
CA GLY OA 53 57.70 -18.84 46.60
C GLY OA 53 56.28 -19.37 46.59
N GLY OA 54 55.38 -18.67 45.89
CA GLY OA 54 54.00 -19.10 45.80
C GLY OA 54 53.08 -18.58 46.89
N GLN OA 55 53.45 -17.50 47.56
CA GLN OA 55 52.64 -16.88 48.61
C GLN OA 55 52.08 -15.59 48.01
N SER OA 56 50.80 -15.63 47.63
CA SER OA 56 50.15 -14.52 46.93
C SER OA 56 49.48 -13.54 47.89
N SER OA 57 49.60 -13.75 49.20
CA SER OA 57 48.98 -12.87 50.18
C SER OA 57 49.99 -12.06 50.98
N GLN OA 58 51.29 -12.20 50.71
CA GLN OA 58 52.29 -11.49 51.48
C GLN OA 58 52.28 -10.00 51.18
N ASN OA 59 52.61 -9.63 49.93
CA ASN OA 59 52.70 -8.25 49.50
C ASN OA 59 51.99 -8.06 48.17
N THR OA 60 50.76 -8.56 48.08
CA THR OA 60 50.06 -8.61 46.80
C THR OA 60 49.92 -7.23 46.17
N GLU OA 61 49.87 -6.18 46.98
CA GLU OA 61 49.78 -4.82 46.47
C GLU OA 61 51.15 -4.22 46.14
N LEU OA 62 52.19 -5.04 46.10
CA LEU OA 62 53.57 -4.61 45.84
C LEU OA 62 54.10 -5.32 44.61
N PRO OA 63 55.15 -4.77 43.98
CA PRO OA 63 55.72 -5.40 42.78
C PRO OA 63 56.17 -6.84 43.01
N SER OA 64 56.61 -7.17 44.23
CA SER OA 64 57.06 -8.52 44.50
C SER OA 64 55.91 -9.51 44.42
N GLY OA 65 54.69 -9.09 44.76
CA GLY OA 65 53.55 -9.97 44.75
C GLY OA 65 52.73 -9.90 43.48
N LEU OA 66 53.32 -9.41 42.39
CA LEU OA 66 52.60 -9.25 41.15
C LEU OA 66 52.23 -10.61 40.56
N MET OA 67 51.02 -10.70 40.02
CA MET OA 67 50.50 -11.91 39.40
C MET OA 67 49.93 -11.56 38.04
N LEU OA 68 50.27 -12.35 37.02
CA LEU OA 68 49.83 -12.12 35.66
C LEU OA 68 49.01 -13.30 35.17
N GLY OA 69 47.89 -13.01 34.53
CA GLY OA 69 47.02 -14.05 34.02
C GLY OA 69 47.53 -14.69 32.74
N ALA OA 70 46.91 -15.80 32.37
CA ALA OA 70 47.30 -16.57 31.21
C ALA OA 70 46.26 -16.52 30.10
N GLY OA 71 45.24 -15.69 30.23
CA GLY OA 71 44.22 -15.56 29.21
C GLY OA 71 42.87 -16.08 29.66
N SER OA 72 42.02 -16.36 28.68
CA SER OA 72 40.67 -16.85 28.92
C SER OA 72 40.44 -18.13 28.13
N LYS OA 73 39.40 -18.86 28.53
CA LYS OA 73 39.01 -20.08 27.86
C LYS OA 73 37.51 -20.27 27.97
N VAL OA 74 36.96 -21.06 27.05
CA VAL OA 74 35.56 -21.47 27.12
C VAL OA 74 35.53 -22.77 27.92
N VAL OA 75 34.89 -22.73 29.09
CA VAL OA 75 34.90 -23.88 29.98
C VAL OA 75 33.80 -24.88 29.64
N ALA OA 76 32.68 -24.43 29.08
CA ALA OA 76 31.60 -25.33 28.74
C ALA OA 76 30.66 -24.65 27.75
N THR OA 77 29.99 -25.47 26.95
CA THR OA 77 28.91 -25.02 26.06
C THR OA 77 27.61 -25.47 26.72
N GLN OA 78 27.10 -24.62 27.61
CA GLN OA 78 25.97 -25.01 28.45
C GLN OA 78 24.67 -24.98 27.67
N LYS OA 79 23.92 -26.08 27.74
CA LYS OA 79 22.60 -26.16 27.12
C LYS OA 79 21.56 -25.56 28.05
N VAL OA 80 20.70 -24.72 27.50
CA VAL OA 80 19.62 -24.08 28.24
C VAL OA 80 18.35 -24.87 27.96
N HIS OA 81 17.94 -25.69 28.91
CA HIS OA 81 16.80 -26.60 28.73
C HIS OA 81 15.51 -25.96 29.21
N THR OA 82 15.21 -24.79 28.66
CA THR OA 82 13.93 -24.15 28.90
C THR OA 82 12.89 -24.67 27.91
N HIS OA 83 11.64 -24.71 28.37
CA HIS OA 83 10.56 -25.22 27.53
C HIS OA 83 10.31 -24.28 26.36
N GLY OA 84 9.98 -24.85 25.20
CA GLY OA 84 9.71 -24.07 24.02
C GLY OA 84 8.22 -23.89 23.77
N ASN OA 85 7.92 -23.04 22.79
CA ASN OA 85 6.53 -22.77 22.43
C ASN OA 85 5.94 -23.98 21.70
N ALA OA 86 4.61 -23.96 21.56
CA ALA OA 86 3.87 -25.07 20.98
C ALA OA 86 3.52 -24.76 19.53
N GLN OA 87 3.78 -25.72 18.64
CA GLN OA 87 3.35 -25.65 17.25
C GLN OA 87 2.17 -26.59 17.06
N THR OA 88 1.05 -26.05 16.61
CA THR OA 88 -0.15 -26.85 16.37
C THR OA 88 -0.17 -27.30 14.92
N THR OA 89 -0.02 -28.60 14.71
CA THR OA 89 -0.01 -29.19 13.38
C THR OA 89 -1.27 -30.03 13.19
N THR OA 90 -1.41 -30.59 12.00
CA THR OA 90 -2.55 -31.44 11.66
C THR OA 90 -2.23 -32.92 11.73
N ASN OA 91 -0.96 -33.28 11.67
CA ASN OA 91 -0.57 -34.69 11.75
C ASN OA 91 -0.92 -35.24 13.13
N ALA OA 92 -1.39 -36.48 13.15
CA ALA OA 92 -1.79 -37.14 14.39
C ALA OA 92 -0.69 -37.97 15.01
N LEU OA 93 0.46 -38.08 14.37
CA LEU OA 93 1.53 -38.94 14.86
C LEU OA 93 2.66 -38.18 15.54
N ASP OA 94 2.66 -36.85 15.49
CA ASP OA 94 3.67 -36.06 16.19
C ASP OA 94 3.14 -35.67 17.56
N MET OA 95 4.03 -35.70 18.56
CA MET OA 95 3.64 -35.48 19.93
C MET OA 95 4.53 -34.43 20.57
N MET OA 96 4.13 -33.99 21.76
CA MET OA 96 4.83 -32.97 22.51
C MET OA 96 4.75 -33.31 23.99
N VAL OA 97 5.72 -32.82 24.75
CA VAL OA 97 5.77 -32.99 26.20
C VAL OA 97 5.53 -31.64 26.85
N GLU OA 98 4.50 -31.56 27.69
CA GLU OA 98 4.20 -30.33 28.43
C GLU OA 98 5.03 -30.31 29.70
N GLY OA 99 6.17 -29.63 29.66
CA GLY OA 99 7.04 -29.55 30.81
C GLY OA 99 8.18 -30.55 30.74
N ASP OA 100 8.61 -30.99 31.92
CA ASP OA 100 9.75 -31.88 32.02
C ASP OA 100 9.42 -33.26 31.45
N GLY OA 101 10.41 -33.85 30.81
CA GLY OA 101 10.28 -35.18 30.25
C GLY OA 101 11.03 -35.31 28.94
N PHE OA 102 11.42 -36.54 28.63
CA PHE OA 102 12.14 -36.85 27.40
C PHE OA 102 11.55 -38.10 26.77
N PHE OA 103 11.33 -38.07 25.46
CA PHE OA 103 10.93 -39.27 24.75
C PHE OA 103 12.10 -40.26 24.67
N GLN OA 104 11.76 -41.53 24.48
CA GLN OA 104 12.75 -42.60 24.43
C GLN OA 104 12.70 -43.30 23.09
N VAL OA 105 13.86 -43.42 22.43
CA VAL OA 105 13.99 -44.16 21.19
C VAL OA 105 15.17 -45.10 21.34
N THR OA 106 15.13 -46.21 20.60
CA THR OA 106 16.17 -47.23 20.67
C THR OA 106 17.14 -47.03 19.51
N LEU OA 107 18.41 -46.85 19.84
CA LEU OA 107 19.46 -46.64 18.84
C LEU OA 107 19.86 -47.98 18.23
N PRO OA 108 20.48 -47.95 17.04
CA PRO OA 108 20.94 -49.21 16.43
C PRO OA 108 21.91 -50.00 17.28
N ASP OA 109 22.78 -49.33 18.03
CA ASP OA 109 23.75 -50.02 18.88
C ASP OA 109 23.13 -50.67 20.10
N GLY OA 110 21.86 -50.40 20.40
CA GLY OA 110 21.17 -51.08 21.48
C GLY OA 110 20.69 -50.18 22.60
N ASN OA 111 21.52 -49.23 23.02
CA ASN OA 111 21.11 -48.34 24.09
C ASN OA 111 20.10 -47.31 23.57
N ILE OA 112 19.42 -46.66 24.49
CA ILE OA 112 18.34 -45.74 24.15
C ILE OA 112 18.84 -44.31 24.24
N GLY OA 113 18.31 -43.47 23.35
CA GLY OA 113 18.62 -42.05 23.35
C GLY OA 113 17.36 -41.24 23.60
N TYR OA 114 17.52 -40.17 24.36
CA TYR OA 114 16.39 -39.37 24.83
C TYR OA 114 16.27 -38.11 23.99
N THR OA 115 15.03 -37.73 23.66
CA THR OA 115 14.78 -36.63 22.75
C THR OA 115 13.61 -35.80 23.22
N ARG OA 116 13.65 -34.50 22.87
CA ARG OA 116 12.48 -33.64 22.98
C ARG OA 116 11.71 -33.55 21.68
N ASN OA 117 12.31 -33.96 20.57
CA ASN OA 117 11.63 -33.95 19.29
C ASN OA 117 10.52 -35.00 19.26
N GLY OA 118 9.32 -34.57 18.88
CA GLY OA 118 8.19 -35.47 18.88
C GLY OA 118 7.67 -35.81 17.50
N GLN OA 119 8.44 -35.46 16.46
CA GLN OA 119 8.04 -35.74 15.08
C GLN OA 119 8.20 -37.24 14.83
N PHE OA 120 7.09 -37.96 14.88
CA PHE OA 120 7.08 -39.41 14.72
C PHE OA 120 6.28 -39.79 13.49
N THR OA 121 6.34 -41.07 13.15
CA THR OA 121 5.59 -41.64 12.04
C THR OA 121 5.54 -43.16 12.24
N LEU OA 122 5.12 -43.87 11.20
CA LEU OA 122 5.04 -45.32 11.22
C LEU OA 122 5.90 -45.90 10.11
N ASN OA 123 6.46 -47.08 10.36
CA ASN OA 123 7.26 -47.76 9.35
C ASN OA 123 6.37 -48.68 8.52
N GLY OA 124 6.99 -49.56 7.73
CA GLY OA 124 6.22 -50.51 6.95
C GLY OA 124 5.46 -51.50 7.82
N GLU OA 125 6.05 -51.90 8.94
CA GLU OA 125 5.37 -52.82 9.85
C GLU OA 125 4.33 -52.14 10.72
N GLY OA 126 4.41 -50.82 10.88
CA GLY OA 126 3.44 -50.08 11.65
C GLY OA 126 3.89 -49.63 13.02
N THR OA 127 5.13 -49.92 13.41
CA THR OA 127 5.63 -49.47 14.70
C THR OA 127 5.89 -47.96 14.69
N LEU OA 128 5.72 -47.34 15.85
CA LEU OA 128 5.96 -45.91 15.97
C LEU OA 128 7.46 -45.63 15.98
N VAL OA 129 7.92 -44.91 14.96
CA VAL OA 129 9.34 -44.63 14.77
C VAL OA 129 9.52 -43.13 14.57
N THR OA 130 10.78 -42.70 14.65
CA THR OA 130 11.10 -41.29 14.42
C THR OA 130 10.91 -40.94 12.95
N SER OA 131 10.52 -39.70 12.70
CA SER OA 131 10.27 -39.23 11.33
C SER OA 131 11.56 -39.05 10.53
N GLY OA 132 12.71 -39.15 11.17
CA GLY OA 132 13.98 -38.95 10.49
C GLY OA 132 14.65 -40.25 10.15
N SER OA 133 15.64 -40.66 10.96
CA SER OA 133 16.38 -41.89 10.68
C SER OA 133 15.52 -43.13 10.82
N GLY OA 134 14.44 -43.07 11.59
CA GLY OA 134 13.54 -44.20 11.73
C GLY OA 134 13.78 -45.08 12.93
N TYR OA 135 14.37 -44.55 13.98
CA TYR OA 135 14.62 -45.35 15.18
C TYR OA 135 13.30 -45.59 15.92
N PRO OA 136 13.01 -46.84 16.32
CA PRO OA 136 11.74 -47.11 17.00
C PRO OA 136 11.67 -46.42 18.36
N VAL OA 137 10.44 -46.20 18.81
CA VAL OA 137 10.17 -45.55 20.08
C VAL OA 137 9.95 -46.61 21.14
N GLU OA 138 10.61 -46.45 22.29
CA GLU OA 138 10.46 -47.33 23.44
C GLU OA 138 9.38 -46.82 24.37
N PRO OA 139 8.38 -47.63 24.75
CA PRO OA 139 8.15 -49.02 24.34
C PRO OA 139 7.55 -49.13 22.94
N GLU OA 140 7.67 -50.30 22.31
CA GLU OA 140 7.17 -50.47 20.95
C GLU OA 140 5.66 -50.33 20.91
N ILE OA 141 5.16 -49.64 19.89
CA ILE OA 141 3.73 -49.40 19.69
C ILE OA 141 3.40 -49.75 18.25
N VAL OA 142 2.67 -50.85 18.05
CA VAL OA 142 2.32 -51.34 16.72
C VAL OA 142 0.86 -51.02 16.47
N ILE OA 143 0.58 -50.36 15.35
CA ILE OA 143 -0.77 -49.96 14.97
C ILE OA 143 -1.36 -51.02 14.07
N PRO OA 144 -2.54 -51.57 14.38
CA PRO OA 144 -3.15 -52.55 13.49
C PRO OA 144 -3.55 -51.93 12.16
N GLU OA 145 -3.58 -52.78 11.12
CA GLU OA 145 -3.94 -52.31 9.79
C GLU OA 145 -5.38 -51.82 9.73
N ASP OA 146 -6.29 -52.47 10.45
CA ASP OA 146 -7.70 -52.11 10.40
C ASP OA 146 -8.00 -50.78 11.09
N ALA OA 147 -7.04 -50.22 11.83
CA ALA OA 147 -7.26 -48.96 12.53
C ALA OA 147 -7.48 -47.82 11.54
N ILE OA 148 -8.35 -46.88 11.92
CA ILE OA 148 -8.66 -45.73 11.09
C ILE OA 148 -8.18 -44.43 11.69
N SER OA 149 -7.83 -44.40 12.97
CA SER OA 149 -7.36 -43.18 13.61
C SER OA 149 -6.51 -43.54 14.81
N ILE OA 150 -5.65 -42.61 15.20
CA ILE OA 150 -4.74 -42.79 16.33
C ILE OA 150 -5.09 -41.73 17.37
N THR OA 151 -5.28 -42.14 18.61
CA THR OA 151 -5.56 -41.24 19.72
C THR OA 151 -4.55 -41.49 20.82
N VAL OA 152 -3.75 -40.48 21.15
CA VAL OA 152 -2.75 -40.54 22.21
C VAL OA 152 -3.25 -39.69 23.36
N GLY OA 153 -3.51 -40.33 24.50
CA GLY OA 153 -4.03 -39.62 25.64
C GLY OA 153 -2.98 -38.75 26.31
N THR OA 154 -3.44 -37.97 27.29
CA THR OA 154 -2.54 -37.09 28.02
C THR OA 154 -1.53 -37.87 28.85
N ASP OA 155 -1.79 -39.15 29.14
CA ASP OA 155 -0.85 -40.00 29.84
C ASP OA 155 -0.16 -40.99 28.92
N GLY OA 156 -0.15 -40.74 27.62
CA GLY OA 156 0.53 -41.59 26.67
C GLY OA 156 -0.21 -42.84 26.28
N GLU OA 157 -1.44 -43.03 26.74
CA GLU OA 157 -2.19 -44.25 26.44
C GLU OA 157 -2.66 -44.21 24.99
N VAL OA 158 -2.04 -45.02 24.15
CA VAL OA 158 -2.32 -45.02 22.71
C VAL OA 158 -3.49 -45.97 22.45
N SER OA 159 -4.54 -45.44 21.82
CA SER OA 159 -5.70 -46.23 21.44
C SER OA 159 -6.07 -45.90 19.99
N VAL OA 160 -6.61 -46.90 19.29
CA VAL OA 160 -7.00 -46.74 17.91
C VAL OA 160 -8.49 -47.03 17.77
N ARG OA 161 -9.15 -46.39 16.79
CA ARG OA 161 -10.59 -46.65 16.51
C ARG OA 161 -10.75 -47.60 15.34
N VAL OA 162 -11.47 -48.68 15.54
CA VAL OA 162 -11.72 -49.75 14.57
C VAL OA 162 -13.22 -49.87 14.36
N ARG OA 163 -13.64 -49.96 13.13
CA ARG OA 163 -15.10 -49.99 12.95
C ARG OA 163 -15.55 -51.39 13.34
N GLY OA 164 -16.83 -51.58 13.40
CA GLY OA 164 -17.45 -52.82 13.85
C GLY OA 164 -17.50 -53.01 15.35
N GLN OA 165 -16.92 -52.10 16.11
CA GLN OA 165 -16.95 -52.18 17.57
C GLN OA 165 -16.78 -50.78 18.14
N GLN OA 166 -17.60 -50.44 19.13
CA GLN OA 166 -17.44 -49.18 19.82
C GLN OA 166 -16.36 -49.30 20.90
N ASP OA 167 -15.98 -48.15 21.45
CA ASP OA 167 -14.87 -48.00 22.38
C ASP OA 167 -13.54 -48.21 21.66
N ASN OA 168 -12.54 -47.39 22.00
CA ASN OA 168 -11.23 -47.49 21.38
C ASN OA 168 -10.42 -48.58 22.06
N GLN OA 169 -9.73 -49.39 21.26
CA GLN OA 169 -8.87 -50.43 21.80
C GLN OA 169 -7.47 -49.88 22.03
N VAL OA 170 -6.93 -50.16 23.22
CA VAL OA 170 -5.62 -49.66 23.61
C VAL OA 170 -4.56 -50.61 23.11
N VAL OA 171 -3.54 -50.05 22.45
CA VAL OA 171 -2.47 -50.83 21.83
C VAL OA 171 -1.10 -50.49 22.41
N GLY OA 172 -1.06 -49.69 23.46
CA GLY OA 172 0.21 -49.34 24.08
C GLY OA 172 0.06 -48.09 24.93
N GLN OA 173 1.14 -47.81 25.67
CA GLN OA 173 1.18 -46.63 26.52
C GLN OA 173 2.58 -46.04 26.50
N LEU OA 174 2.69 -44.79 26.09
CA LEU OA 174 3.97 -44.10 26.05
C LEU OA 174 4.49 -43.88 27.46
N THR OA 175 5.81 -43.72 27.56
CA THR OA 175 6.47 -43.49 28.85
C THR OA 175 7.70 -42.62 28.61
N ILE OA 176 7.82 -41.55 29.38
CA ILE OA 176 8.87 -40.56 29.19
C ILE OA 176 9.85 -40.63 30.35
N THR OA 177 11.05 -40.09 30.12
CA THR OA 177 12.13 -40.12 31.09
C THR OA 177 12.52 -38.71 31.48
N ASP OA 178 12.80 -38.52 32.77
CA ASP OA 178 13.29 -37.24 33.29
C ASP OA 178 14.64 -37.46 33.97
N PHE OA 179 15.44 -36.40 34.02
CA PHE OA 179 16.78 -36.46 34.58
C PHE OA 179 16.94 -35.39 35.65
N VAL OA 180 17.78 -35.69 36.64
CA VAL OA 180 18.09 -34.71 37.68
C VAL OA 180 18.81 -33.51 37.07
N ASN OA 181 19.77 -33.76 36.19
CA ASN OA 181 20.56 -32.71 35.54
C ASN OA 181 20.51 -32.91 34.04
N PRO OA 182 19.41 -32.52 33.40
CA PRO OA 182 19.32 -32.68 31.94
C PRO OA 182 20.36 -31.89 31.17
N GLY OA 183 20.95 -30.86 31.77
CA GLY OA 183 22.00 -30.11 31.10
C GLY OA 183 23.27 -30.90 30.89
N GLY OA 184 23.48 -31.97 31.66
CA GLY OA 184 24.63 -32.83 31.50
C GLY OA 184 24.52 -33.89 30.44
N LEU OA 185 23.38 -33.96 29.75
CA LEU OA 185 23.20 -34.94 28.70
C LEU OA 185 24.11 -34.62 27.51
N GLU OA 186 24.57 -35.66 26.83
CA GLU OA 186 25.48 -35.51 25.72
C GLU OA 186 24.70 -35.41 24.41
N PRO OA 187 24.77 -34.28 23.70
CA PRO OA 187 24.13 -34.21 22.37
C PRO OA 187 24.93 -35.02 21.36
N ILE OA 188 24.22 -35.86 20.60
CA ILE OA 188 24.85 -36.73 19.61
C ILE OA 188 24.31 -36.46 18.21
N GLY OA 189 23.54 -35.38 18.03
CA GLY OA 189 22.95 -35.08 16.74
C GLY OA 189 21.68 -35.87 16.52
N GLN OA 190 21.00 -35.54 15.41
CA GLN OA 190 19.74 -36.16 15.03
C GLN OA 190 18.68 -36.00 16.11
N ASN OA 191 18.75 -34.89 16.86
CA ASN OA 191 17.81 -34.60 17.94
C ASN OA 191 17.78 -35.72 18.98
N LEU OA 192 18.96 -36.16 19.40
CA LEU OA 192 19.10 -37.25 20.35
C LEU OA 192 20.07 -36.86 21.46
N TYR OA 193 19.82 -37.37 22.66
CA TYR OA 193 20.70 -37.18 23.81
C TYR OA 193 21.09 -38.52 24.40
N LEU OA 194 22.35 -38.63 24.79
CA LEU OA 194 22.80 -39.83 25.49
C LEU OA 194 23.05 -39.53 26.96
N PRO OA 195 22.59 -40.39 27.86
CA PRO OA 195 22.84 -40.16 29.29
C PRO OA 195 24.33 -40.23 29.62
N THR OA 196 24.73 -39.39 30.58
CA THR OA 196 26.11 -39.30 31.02
C THR OA 196 26.16 -39.39 32.54
N GLY OA 197 27.37 -39.36 33.09
CA GLY OA 197 27.52 -39.38 34.54
C GLY OA 197 27.00 -38.11 35.19
N ALA OA 198 27.25 -36.96 34.58
CA ALA OA 198 26.80 -35.69 35.14
C ALA OA 198 25.30 -35.52 35.05
N SER OA 199 24.63 -36.21 34.13
CA SER OA 199 23.19 -36.09 34.01
C SER OA 199 22.47 -36.83 35.14
N GLY OA 200 22.99 -37.98 35.53
CA GLY OA 200 22.37 -38.81 36.54
C GLY OA 200 21.64 -40.00 35.90
N ASP OA 201 21.12 -40.85 36.78
CA ASP OA 201 20.41 -42.03 36.31
C ASP OA 201 19.07 -41.63 35.70
N PRO OA 202 18.63 -42.33 34.66
CA PRO OA 202 17.29 -42.04 34.10
C PRO OA 202 16.20 -42.29 35.12
N GLN OA 203 15.17 -41.45 35.09
CA GLN OA 203 14.02 -41.58 35.96
C GLN OA 203 12.79 -41.76 35.07
N GLU OA 204 12.34 -43.01 34.93
CA GLU OA 204 11.28 -43.36 34.01
C GLU OA 204 9.96 -43.51 34.75
N GLY OA 205 8.89 -43.01 34.13
CA GLY OA 205 7.57 -43.07 34.74
C GLY OA 205 6.52 -42.62 33.75
N VAL OA 206 5.28 -42.84 34.13
CA VAL OA 206 4.15 -42.53 33.23
C VAL OA 206 4.08 -41.03 33.00
N PRO OA 207 3.76 -40.59 31.78
CA PRO OA 207 3.73 -39.15 31.50
C PRO OA 207 2.51 -38.44 32.07
N GLY OA 208 2.61 -37.99 33.32
CA GLY OA 208 1.51 -37.29 33.95
C GLY OA 208 1.44 -37.52 35.45
N LEU OA 209 2.26 -38.43 35.95
CA LEU OA 209 2.35 -38.69 37.38
C LEU OA 209 3.78 -38.45 37.85
N ASP OA 210 3.92 -38.14 39.14
CA ASP OA 210 5.22 -37.91 39.78
C ASP OA 210 5.95 -36.75 39.11
N GLY OA 211 5.22 -35.69 38.79
CA GLY OA 211 5.84 -34.48 38.28
C GLY OA 211 6.22 -34.50 36.82
N LEU OA 212 5.93 -35.59 36.11
CA LEU OA 212 6.27 -35.67 34.70
C LEU OA 212 5.30 -34.87 33.84
N GLY OA 213 5.72 -34.58 32.63
CA GLY OA 213 4.90 -33.84 31.70
C GLY OA 213 3.85 -34.70 31.04
N GLU OA 214 2.98 -34.05 30.28
CA GLU OA 214 1.87 -34.70 29.61
C GLU OA 214 2.10 -34.73 28.11
N ILE OA 215 1.71 -35.83 27.48
CA ILE OA 215 1.89 -35.99 26.04
C ILE OA 215 0.73 -35.33 25.32
N ARG OA 216 1.04 -34.41 24.40
CA ARG OA 216 0.04 -33.70 23.61
C ARG OA 216 0.14 -34.16 22.17
N GLN OA 217 -0.99 -34.62 21.62
CA GLN OA 217 -1.02 -35.10 20.26
C GLN OA 217 -1.23 -33.95 19.28
N SER OA 218 -0.71 -34.11 18.07
CA SER OA 218 -0.80 -33.09 17.02
C SER OA 218 -0.23 -31.76 17.48
N MET OA 219 0.90 -31.82 18.19
CA MET OA 219 1.55 -30.62 18.70
C MET OA 219 3.04 -30.86 18.76
N LEU OA 220 3.82 -29.81 18.47
CA LEU OA 220 5.27 -29.91 18.41
C LEU OA 220 5.90 -28.79 19.23
N GLU OA 221 7.10 -29.07 19.73
CA GLU OA 221 7.83 -28.14 20.58
C GLU OA 221 8.81 -27.34 19.73
N ALA OA 222 8.61 -26.02 19.67
CA ALA OA 222 9.49 -25.17 18.89
C ALA OA 222 10.86 -25.06 19.54
N SER OA 223 11.85 -24.69 18.74
CA SER OA 223 13.18 -24.43 19.27
C SER OA 223 13.16 -23.20 20.16
N ASN OA 224 13.90 -23.27 21.27
CA ASN OA 224 13.91 -22.21 22.26
C ASN OA 224 15.00 -21.17 22.00
N VAL OA 225 15.59 -21.17 20.80
CA VAL OA 225 16.62 -20.19 20.50
C VAL OA 225 15.99 -18.80 20.42
N ASN OA 226 16.76 -17.80 20.83
CA ASN OA 226 16.36 -16.40 20.77
C ASN OA 226 17.24 -15.75 19.71
N VAL OA 227 16.69 -15.57 18.50
CA VAL OA 227 17.49 -15.10 17.39
C VAL OA 227 18.07 -13.72 17.67
N THR OA 228 17.35 -12.89 18.43
CA THR OA 228 17.88 -11.59 18.80
C THR OA 228 19.04 -11.72 19.78
N GLU OA 229 18.95 -12.68 20.71
CA GLU OA 229 20.05 -12.91 21.64
C GLU OA 229 21.31 -13.33 20.90
N GLU OA 230 21.17 -14.19 19.89
CA GLU OA 230 22.33 -14.61 19.11
C GLU OA 230 22.95 -13.44 18.36
N LEU OA 231 22.11 -12.57 17.80
CA LEU OA 231 22.63 -11.42 17.05
C LEU OA 231 23.34 -10.43 17.98
N VAL OA 232 22.81 -10.22 19.19
CA VAL OA 232 23.45 -9.32 20.13
C VAL OA 232 24.80 -9.89 20.58
N ASN OA 233 24.80 -11.17 20.95
CA ASN OA 233 26.05 -11.81 21.35
C ASN OA 233 27.02 -11.94 20.19
N MET OA 234 26.50 -12.03 18.96
CA MET OA 234 27.37 -12.03 17.78
C MET OA 234 28.10 -10.70 17.65
N ILE OA 235 27.41 -9.60 17.95
CA ILE OA 235 28.02 -8.28 17.86
C ILE OA 235 29.18 -8.15 18.85
N GLU OA 236 28.95 -8.58 20.10
CA GLU OA 236 30.00 -8.51 21.11
C GLU OA 236 31.19 -9.39 20.73
N ALA OA 237 30.91 -10.60 20.24
CA ALA OA 237 31.99 -11.55 19.96
C ALA OA 237 32.92 -11.02 18.87
N GLN OA 238 32.37 -10.33 17.86
CA GLN OA 238 33.21 -9.74 16.82
C GLN OA 238 34.12 -8.67 17.41
N ARG OA 239 33.56 -7.75 18.19
CA ARG OA 239 34.34 -6.63 18.71
C ARG OA 239 35.43 -7.10 19.67
N VAL OA 240 35.12 -8.09 20.53
CA VAL OA 240 36.14 -8.66 21.38
C VAL OA 240 37.19 -9.39 20.54
N TYR OA 241 36.77 -10.03 19.45
CA TYR OA 241 37.70 -10.68 18.56
C TYR OA 241 38.64 -9.67 17.91
N GLU OA 242 38.11 -8.52 17.48
CA GLU OA 242 38.93 -7.50 16.85
C GLU OA 242 39.92 -6.89 17.85
N MET OA 243 39.48 -6.69 19.09
CA MET OA 243 40.33 -6.04 20.09
C MET OA 243 41.55 -6.91 20.42
N ASN OA 244 41.37 -8.23 20.49
CA ASN OA 244 42.51 -9.10 20.75
C ASN OA 244 43.43 -9.18 19.54
N SER OA 245 42.92 -8.85 18.35
CA SER OA 245 43.79 -8.76 17.17
C SER OA 245 44.65 -7.51 17.23
N LYS OA 246 44.12 -6.42 17.77
CA LYS OA 246 44.86 -5.17 17.84
C LYS OA 246 46.09 -5.29 18.73
N VAL OA 247 45.93 -5.95 19.89
CA VAL OA 247 47.04 -6.05 20.83
C VAL OA 247 48.14 -6.96 20.28
N ILE OA 248 47.76 -8.02 19.56
CA ILE OA 248 48.74 -8.91 18.97
C ILE OA 248 49.62 -8.15 17.98
N SER OA 249 49.01 -7.33 17.14
CA SER OA 249 49.78 -6.48 16.25
C SER OA 249 50.58 -5.43 17.02
N SER OA 250 50.04 -4.96 18.15
CA SER OA 250 50.77 -4.00 18.96
C SER OA 250 52.04 -4.62 19.55
N VAL OA 251 51.94 -5.86 20.03
CA VAL OA 251 53.14 -6.56 20.52
C VAL OA 251 54.11 -6.81 19.37
N ASP OA 252 53.58 -7.16 18.19
CA ASP OA 252 54.44 -7.42 17.04
C ASP OA 252 55.21 -6.18 16.63
N LYS OA 253 54.57 -5.02 16.64
CA LYS OA 253 55.25 -3.78 16.27
C LYS OA 253 56.32 -3.41 17.28
N MET OA 254 56.06 -3.63 18.58
CA MET OA 254 57.05 -3.33 19.59
C MET OA 254 58.28 -4.21 19.45
N MET OA 255 58.07 -5.51 19.22
CA MET OA 255 59.21 -6.42 19.06
C MET OA 255 59.95 -6.16 17.76
N SER OA 256 59.24 -5.74 16.72
CA SER OA 256 59.91 -5.37 15.47
C SER OA 256 60.78 -4.14 15.67
N PHE OA 257 60.33 -3.22 16.52
CA PHE OA 257 61.13 -2.03 16.81
C PHE OA 257 62.41 -2.37 17.56
N VAL OA 258 62.35 -3.39 18.43
CA VAL OA 258 63.50 -3.74 19.26
C VAL OA 258 64.67 -4.20 18.39
N ASN OA 259 64.42 -5.14 17.49
CA ASN OA 259 65.50 -5.66 16.66
C ASN OA 259 65.83 -4.77 15.48
N GLN OA 260 65.03 -3.73 15.23
CA GLN OA 260 65.36 -2.74 14.21
C GLN OA 260 66.12 -1.56 14.77
N GLN OA 261 65.89 -1.22 16.04
CA GLN OA 261 66.60 -0.11 16.68
C GLN OA 261 67.89 -0.58 17.32
N LEU OA 262 67.82 -1.60 18.17
CA LEU OA 262 68.98 -2.16 18.82
C LEU OA 262 69.88 -2.89 17.82
N MET PA 1 65.04 -19.58 -4.89
CA MET PA 1 63.86 -19.27 -4.09
C MET PA 1 63.85 -20.05 -2.78
N HIS PA 2 63.55 -19.38 -1.68
CA HIS PA 2 63.30 -20.10 -0.44
C HIS PA 2 62.06 -20.97 -0.59
N PRO PA 3 62.09 -22.20 -0.09
CA PRO PA 3 60.95 -23.11 -0.33
C PRO PA 3 59.63 -22.56 0.18
N ALA PA 4 59.65 -21.75 1.24
CA ALA PA 4 58.39 -21.20 1.76
C ALA PA 4 57.70 -20.31 0.75
N LEU PA 5 58.48 -19.62 -0.10
CA LEU PA 5 57.88 -18.79 -1.14
C LEU PA 5 57.07 -19.62 -2.13
N TRP PA 6 57.63 -20.76 -2.56
CA TRP PA 6 56.95 -21.56 -3.57
C TRP PA 6 55.79 -22.35 -2.97
N VAL PA 7 55.91 -22.78 -1.71
CA VAL PA 7 54.80 -23.50 -1.06
C VAL PA 7 53.58 -22.59 -0.97
N SER PA 8 53.81 -21.32 -0.59
CA SER PA 8 52.70 -20.36 -0.56
C SER PA 8 52.18 -20.05 -1.95
N LYS PA 9 53.05 -20.04 -2.96
CA LYS PA 9 52.61 -19.76 -4.32
C LYS PA 9 51.69 -20.84 -4.85
N THR PA 10 51.91 -22.09 -4.44
CA THR PA 10 51.01 -23.17 -4.83
C THR PA 10 49.60 -22.93 -4.31
N GLY PA 11 49.49 -22.44 -3.07
CA GLY PA 11 48.17 -22.09 -2.56
C GLY PA 11 47.52 -20.96 -3.32
N LEU PA 12 48.32 -19.96 -3.72
CA LEU PA 12 47.77 -18.88 -4.55
C LEU PA 12 47.33 -19.37 -5.91
N ASP PA 13 48.13 -20.26 -6.52
CA ASP PA 13 47.73 -20.83 -7.81
C ASP PA 13 46.51 -21.73 -7.66
N ALA PA 14 46.45 -22.50 -6.57
CA ALA PA 14 45.31 -23.39 -6.36
C ALA PA 14 44.02 -22.60 -6.17
N GLN PA 15 44.07 -21.53 -5.37
CA GLN PA 15 42.87 -20.72 -5.16
C GLN PA 15 42.50 -19.95 -6.41
N GLN PA 16 43.48 -19.59 -7.24
CA GLN PA 16 43.19 -18.92 -8.49
C GLN PA 16 42.35 -19.79 -9.41
N THR PA 17 42.69 -21.08 -9.51
CA THR PA 17 41.87 -21.99 -10.30
C THR PA 17 40.50 -22.18 -9.67
N ASN PA 18 40.42 -22.13 -8.34
CA ASN PA 18 39.13 -22.24 -7.67
C ASN PA 18 38.22 -21.08 -8.03
N ILE PA 19 38.77 -19.86 -8.07
CA ILE PA 19 37.98 -18.69 -8.44
C ILE PA 19 37.48 -18.82 -9.88
N ALA PA 20 38.36 -19.27 -10.78
CA ALA PA 20 37.95 -19.44 -12.18
C ALA PA 20 36.87 -20.51 -12.31
N THR PA 21 36.97 -21.57 -11.51
CA THR PA 21 35.92 -22.60 -11.53
C THR PA 21 34.60 -22.05 -11.01
N ILE PA 22 34.65 -21.29 -9.92
CA ILE PA 22 33.43 -20.69 -9.37
C ILE PA 22 32.84 -19.68 -10.35
N SER PA 23 33.70 -18.91 -11.00
CA SER PA 23 33.23 -17.86 -11.91
C SER PA 23 32.45 -18.46 -13.08
N ASN PA 24 32.88 -19.62 -13.58
CA ASN PA 24 32.17 -20.26 -14.68
C ASN PA 24 30.81 -20.76 -14.23
N ASN PA 25 30.71 -21.28 -13.00
CA ASN PA 25 29.43 -21.78 -12.50
C ASN PA 25 28.40 -20.67 -12.41
N LEU PA 26 28.80 -19.50 -11.89
CA LEU PA 26 27.87 -18.38 -11.79
C LEU PA 26 27.54 -17.81 -13.17
N ALA PA 27 28.46 -17.92 -14.13
CA ALA PA 27 28.16 -17.50 -15.48
C ALA PA 27 27.05 -18.33 -16.10
N ASN PA 28 27.10 -19.65 -15.90
CA ASN PA 28 26.07 -20.56 -16.41
C ASN PA 28 25.00 -20.82 -15.36
N ALA PA 29 24.45 -19.75 -14.78
CA ALA PA 29 23.37 -19.92 -13.82
C ALA PA 29 22.00 -20.02 -14.48
N SER PA 30 21.90 -19.66 -15.77
CA SER PA 30 20.65 -19.76 -16.50
C SER PA 30 20.76 -20.70 -17.69
N THR PA 31 21.87 -21.42 -17.83
CA THR PA 31 22.03 -22.35 -18.93
C THR PA 31 21.21 -23.61 -18.68
N VAL PA 32 20.39 -23.98 -19.65
CA VAL PA 32 19.48 -25.12 -19.48
C VAL PA 32 20.27 -26.42 -19.52
N GLY PA 33 20.04 -27.27 -18.52
CA GLY PA 33 20.75 -28.53 -18.44
C GLY PA 33 22.23 -28.41 -18.16
N TYR PA 34 22.61 -27.51 -17.25
CA TYR PA 34 24.01 -27.31 -16.87
C TYR PA 34 24.27 -27.99 -15.54
N LYS PA 35 25.49 -28.50 -15.38
CA LYS PA 35 25.91 -29.17 -14.16
C LYS PA 35 27.07 -28.41 -13.54
N LYS PA 36 26.96 -28.10 -12.25
CA LYS PA 36 27.97 -27.30 -11.58
C LYS PA 36 29.24 -28.12 -11.36
N SER PA 37 30.38 -27.43 -11.40
CA SER PA 37 31.68 -28.03 -11.16
C SER PA 37 32.27 -27.45 -9.88
N ARG PA 38 32.96 -28.30 -9.13
CA ARG PA 38 33.64 -27.88 -7.91
C ARG PA 38 35.11 -28.26 -7.99
N ALA PA 39 35.96 -27.42 -7.42
CA ALA PA 39 37.39 -27.69 -7.39
C ALA PA 39 37.75 -28.49 -6.16
N VAL PA 40 38.57 -29.52 -6.34
CA VAL PA 40 38.99 -30.41 -5.26
C VAL PA 40 40.45 -30.15 -4.96
N PHE PA 41 40.75 -29.88 -3.70
CA PHE PA 41 42.10 -29.59 -3.24
C PHE PA 41 42.71 -30.82 -2.56
N GLU PA 42 44.00 -31.03 -2.78
CA GLU PA 42 44.73 -32.08 -2.08
C GLU PA 42 46.14 -31.59 -1.79
N ASP PA 43 46.72 -32.13 -0.73
CA ASP PA 43 48.08 -31.78 -0.37
C ASP PA 43 49.09 -32.43 -1.32
N LEU PA 44 50.25 -31.81 -1.43
CA LEU PA 44 51.29 -32.27 -2.34
C LEU PA 44 52.25 -33.22 -1.61
N PHE PA 45 53.38 -33.52 -2.24
CA PHE PA 45 54.33 -34.49 -1.70
C PHE PA 45 54.96 -33.97 -0.41
N TYR PA 46 55.16 -34.88 0.54
CA TYR PA 46 55.81 -34.58 1.81
C TYR PA 46 57.21 -35.17 1.81
N GLN PA 47 58.20 -34.34 2.10
CA GLN PA 47 59.60 -34.68 1.90
C GLN PA 47 60.34 -34.70 3.24
N ASN PA 48 61.15 -35.74 3.43
CA ASN PA 48 62.05 -35.81 4.58
C ASN PA 48 63.28 -34.96 4.30
N ILE PA 49 63.53 -33.97 5.16
CA ILE PA 49 64.63 -33.04 4.95
C ILE PA 49 65.84 -33.39 5.80
N ASN PA 50 65.65 -33.66 7.09
CA ASN PA 50 66.76 -33.96 7.99
C ASN PA 50 67.26 -35.39 7.87
N GLN PA 51 66.86 -36.10 6.82
CA GLN PA 51 67.36 -37.44 6.54
C GLN PA 51 67.98 -37.47 5.15
N PRO PA 52 69.13 -38.14 4.97
CA PRO PA 52 69.69 -38.28 3.62
C PRO PA 52 68.76 -39.03 2.68
N GLY PA 53 68.00 -40.00 3.19
CA GLY PA 53 67.04 -40.72 2.39
C GLY PA 53 65.77 -40.97 3.19
N GLY PA 54 64.77 -41.53 2.49
CA GLY PA 54 63.49 -41.78 3.11
C GLY PA 54 63.50 -42.95 4.07
N GLN PA 55 64.21 -42.81 5.19
CA GLN PA 55 64.24 -43.85 6.21
C GLN PA 55 62.86 -44.03 6.81
N SER PA 56 62.31 -45.24 6.68
CA SER PA 56 60.96 -45.54 7.14
C SER PA 56 60.85 -45.33 8.65
N SER PA 57 59.77 -44.66 9.06
CA SER PA 57 59.51 -44.34 10.46
C SER PA 57 60.75 -43.76 11.13
N GLN PA 58 61.23 -44.42 12.18
CA GLN PA 58 62.49 -44.08 12.84
C GLN PA 58 62.48 -42.64 13.36
N ASN PA 59 61.68 -42.45 14.41
CA ASN PA 59 61.58 -41.19 15.15
C ASN PA 59 61.02 -40.06 14.29
N THR PA 60 59.78 -40.21 13.82
CA THR PA 60 59.13 -39.16 13.06
C THR PA 60 58.87 -37.92 13.90
N GLU PA 61 58.65 -38.08 15.21
CA GLU PA 61 58.35 -36.93 16.05
C GLU PA 61 59.59 -36.11 16.40
N LEU PA 62 60.78 -36.64 16.16
CA LEU PA 62 62.03 -35.97 16.49
C LEU PA 62 62.50 -35.11 15.32
N PRO PA 63 63.46 -34.21 15.56
CA PRO PA 63 63.95 -33.37 14.46
C PRO PA 63 64.52 -34.15 13.29
N SER PA 64 64.97 -35.39 13.50
CA SER PA 64 65.44 -36.20 12.39
C SER PA 64 64.30 -36.59 11.46
N GLY PA 65 63.08 -36.73 11.99
CA GLY PA 65 61.96 -37.18 11.18
C GLY PA 65 61.06 -36.05 10.72
N LEU PA 66 61.57 -34.83 10.71
CA LEU PA 66 60.77 -33.69 10.26
C LEU PA 66 60.45 -33.82 8.77
N MET PA 67 59.18 -33.59 8.43
CA MET PA 67 58.69 -33.70 7.06
C MET PA 67 57.97 -32.42 6.70
N LEU PA 68 58.32 -31.84 5.55
CA LEU PA 68 57.72 -30.60 5.07
C LEU PA 68 57.03 -30.85 3.74
N GLY PA 69 55.76 -30.45 3.64
CA GLY PA 69 55.03 -30.62 2.41
C GLY PA 69 55.39 -29.58 1.36
N ALA PA 70 54.95 -29.85 0.14
CA ALA PA 70 55.24 -28.99 -1.00
C ALA PA 70 54.09 -28.08 -1.39
N GLY PA 71 53.03 -28.04 -0.59
CA GLY PA 71 51.91 -27.17 -0.87
C GLY PA 71 50.61 -27.88 -1.20
N SER PA 72 49.85 -27.33 -2.13
CA SER PA 72 48.56 -27.88 -2.51
C SER PA 72 48.29 -27.59 -3.98
N LYS PA 73 47.33 -28.32 -4.54
CA LYS PA 73 46.93 -28.12 -5.93
C LYS PA 73 45.48 -28.54 -6.11
N VAL PA 74 44.88 -28.04 -7.18
CA VAL PA 74 43.54 -28.48 -7.57
C VAL PA 74 43.68 -29.72 -8.42
N VAL PA 75 43.08 -30.82 -7.97
CA VAL PA 75 43.31 -32.12 -8.61
C VAL PA 75 42.28 -32.40 -9.71
N ALA PA 76 41.07 -31.88 -9.59
CA ALA PA 76 40.03 -32.17 -10.56
C ALA PA 76 38.88 -31.21 -10.37
N THR PA 77 38.27 -30.80 -11.48
CA THR PA 77 37.03 -30.02 -11.47
C THR PA 77 35.88 -31.01 -11.62
N GLN PA 78 35.42 -31.51 -10.48
CA GLN PA 78 34.44 -32.59 -10.47
C GLN PA 78 33.06 -32.07 -10.86
N LYS PA 79 32.40 -32.77 -11.77
CA LYS PA 79 31.05 -32.44 -12.19
C LYS PA 79 30.05 -33.08 -11.25
N VAL PA 80 29.15 -32.26 -10.70
CA VAL PA 80 28.11 -32.73 -9.80
C VAL PA 80 26.82 -32.83 -10.60
N HIS PA 81 26.40 -34.05 -10.92
CA HIS PA 81 25.22 -34.27 -11.76
C HIS PA 81 23.95 -34.41 -10.93
N THR PA 82 23.71 -33.44 -10.05
CA THR PA 82 22.45 -33.41 -9.33
C THR PA 82 21.32 -32.99 -10.26
N HIS PA 83 20.15 -33.61 -10.08
CA HIS PA 83 19.01 -33.30 -10.93
C HIS PA 83 18.49 -31.90 -10.63
N GLY PA 84 18.34 -31.09 -11.67
CA GLY PA 84 17.83 -29.74 -11.52
C GLY PA 84 16.32 -29.70 -11.44
N ASN PA 85 15.80 -28.47 -11.35
CA ASN PA 85 14.38 -28.26 -11.29
C ASN PA 85 13.78 -28.37 -12.69
N ALA PA 86 12.48 -28.07 -12.81
CA ALA PA 86 11.75 -28.18 -14.06
C ALA PA 86 11.32 -26.80 -14.50
N GLN PA 87 11.45 -26.53 -15.80
CA GLN PA 87 10.97 -25.29 -16.41
C GLN PA 87 9.85 -25.63 -17.37
N THR PA 88 8.61 -25.32 -16.97
CA THR PA 88 7.45 -25.59 -17.79
C THR PA 88 7.30 -24.47 -18.81
N THR PA 89 7.47 -24.82 -20.09
CA THR PA 89 7.38 -23.86 -21.18
C THR PA 89 6.28 -24.28 -22.14
N THR PA 90 5.85 -23.33 -22.98
CA THR PA 90 4.79 -23.57 -23.94
C THR PA 90 5.31 -24.05 -25.30
N ASN PA 91 6.62 -24.05 -25.50
CA ASN PA 91 7.19 -24.56 -26.75
C ASN PA 91 6.93 -26.05 -26.87
N ALA PA 92 6.66 -26.51 -28.08
CA ALA PA 92 6.31 -27.89 -28.33
C ALA PA 92 7.51 -28.78 -28.68
N LEU PA 93 8.70 -28.20 -28.80
CA LEU PA 93 9.87 -28.96 -29.22
C LEU PA 93 10.95 -29.07 -28.16
N ASP PA 94 10.82 -28.40 -27.02
CA ASP PA 94 11.78 -28.53 -25.94
C ASP PA 94 11.34 -29.62 -24.98
N MET PA 95 12.26 -30.53 -24.66
CA MET PA 95 11.93 -31.72 -23.91
C MET PA 95 12.95 -31.94 -22.80
N MET PA 96 12.53 -32.68 -21.78
CA MET PA 96 13.32 -32.86 -20.57
C MET PA 96 13.38 -34.34 -20.22
N VAL PA 97 14.50 -34.76 -19.64
CA VAL PA 97 14.70 -36.12 -19.16
C VAL PA 97 14.57 -36.10 -17.64
N GLU PA 98 13.71 -36.96 -17.10
CA GLU PA 98 13.51 -37.06 -15.65
C GLU PA 98 14.38 -38.21 -15.14
N GLY PA 99 15.57 -37.86 -14.64
CA GLY PA 99 16.49 -38.84 -14.13
C GLY PA 99 17.75 -38.97 -14.97
N ASP PA 100 18.34 -40.16 -14.92
CA ASP PA 100 19.56 -40.43 -15.65
C ASP PA 100 19.26 -40.74 -17.11
N GLY PA 101 20.07 -40.17 -18.00
CA GLY PA 101 19.91 -40.33 -19.43
C GLY PA 101 20.31 -39.05 -20.13
N PHE PA 102 20.81 -39.20 -21.36
CA PHE PA 102 21.30 -38.09 -22.16
C PHE PA 102 20.74 -38.18 -23.57
N PHE PA 103 20.42 -37.01 -24.14
CA PHE PA 103 20.11 -36.95 -25.56
C PHE PA 103 21.37 -37.16 -26.39
N GLN PA 104 21.22 -37.78 -27.54
CA GLN PA 104 22.34 -38.04 -28.44
C GLN PA 104 22.16 -37.24 -29.72
N VAL PA 105 23.16 -36.42 -30.05
CA VAL PA 105 23.14 -35.59 -31.24
C VAL PA 105 24.29 -36.00 -32.14
N THR PA 106 24.15 -35.71 -33.42
CA THR PA 106 25.15 -36.08 -34.42
C THR PA 106 26.10 -34.90 -34.65
N LEU PA 107 27.36 -35.06 -34.24
CA LEU PA 107 28.35 -34.02 -34.43
C LEU PA 107 28.84 -33.99 -35.87
N PRO PA 108 29.29 -32.83 -36.36
CA PRO PA 108 29.73 -32.75 -37.76
C PRO PA 108 30.91 -33.64 -38.09
N ASP PA 109 31.77 -33.97 -37.13
CA ASP PA 109 32.96 -34.76 -37.41
C ASP PA 109 32.68 -36.26 -37.45
N GLY PA 110 31.44 -36.69 -37.20
CA GLY PA 110 31.07 -38.08 -37.37
C GLY PA 110 30.60 -38.78 -36.12
N ASN PA 111 31.30 -38.55 -35.00
CA ASN PA 111 30.87 -39.13 -33.74
C ASN PA 111 29.62 -38.42 -33.23
N ILE PA 112 28.98 -39.03 -32.24
CA ILE PA 112 27.74 -38.50 -31.67
C ILE PA 112 28.06 -37.81 -30.35
N GLY PA 113 27.41 -36.67 -30.13
CA GLY PA 113 27.56 -35.93 -28.89
C GLY PA 113 26.35 -36.10 -27.99
N TYR PA 114 26.60 -36.04 -26.68
CA TYR PA 114 25.58 -36.29 -25.67
C TYR PA 114 25.30 -35.00 -24.90
N THR PA 115 24.02 -34.65 -24.81
CA THR PA 115 23.60 -33.41 -24.18
C THR PA 115 22.45 -33.67 -23.22
N ARG PA 116 22.41 -32.87 -22.16
CA ARG PA 116 21.26 -32.85 -21.26
C ARG PA 116 20.29 -31.73 -21.58
N ASN PA 117 20.73 -30.71 -22.31
CA ASN PA 117 19.84 -29.64 -22.73
C ASN PA 117 18.84 -30.15 -23.75
N GLY PA 118 17.58 -29.76 -23.58
CA GLY PA 118 16.51 -30.21 -24.45
C GLY PA 118 15.91 -29.20 -25.38
N GLN PA 119 16.53 -28.04 -25.57
CA GLN PA 119 15.99 -27.03 -26.47
C GLN PA 119 16.21 -27.45 -27.92
N PHE PA 120 15.26 -28.19 -28.48
CA PHE PA 120 15.33 -28.72 -29.83
C PHE PA 120 14.40 -27.94 -30.75
N THR PA 121 14.56 -28.18 -32.05
CA THR PA 121 13.72 -27.57 -33.06
C THR PA 121 13.85 -28.39 -34.34
N LEU PA 122 13.34 -27.86 -35.44
CA LEU PA 122 13.42 -28.50 -36.74
C LEU PA 122 14.23 -27.64 -37.69
N ASN PA 123 14.83 -28.27 -38.69
CA ASN PA 123 15.51 -27.55 -39.75
C ASN PA 123 14.64 -27.53 -41.00
N GLY PA 124 15.21 -27.11 -42.12
CA GLY PA 124 14.44 -26.99 -43.34
C GLY PA 124 13.86 -28.30 -43.83
N GLU PA 125 14.57 -29.40 -43.62
CA GLU PA 125 14.11 -30.71 -44.08
C GLU PA 125 13.14 -31.37 -43.10
N GLY PA 126 12.87 -30.75 -41.95
CA GLY PA 126 11.96 -31.30 -40.98
C GLY PA 126 12.59 -32.21 -39.94
N THR PA 127 13.92 -32.37 -39.96
CA THR PA 127 14.58 -33.23 -38.98
C THR PA 127 14.71 -32.51 -37.65
N LEU PA 128 14.49 -33.25 -36.56
CA LEU PA 128 14.58 -32.70 -35.21
C LEU PA 128 16.04 -32.41 -34.89
N VAL PA 129 16.38 -31.12 -34.77
CA VAL PA 129 17.75 -30.69 -34.51
C VAL PA 129 17.75 -29.77 -33.30
N THR PA 130 18.95 -29.53 -32.77
CA THR PA 130 19.10 -28.64 -31.64
C THR PA 130 18.85 -27.19 -32.06
N SER PA 131 18.47 -26.37 -31.09
CA SER PA 131 18.17 -24.96 -31.34
C SER PA 131 19.40 -24.07 -31.26
N GLY PA 132 20.59 -24.66 -31.13
CA GLY PA 132 21.83 -23.90 -31.12
C GLY PA 132 22.54 -23.98 -32.45
N SER PA 133 23.58 -24.81 -32.53
CA SER PA 133 24.32 -24.96 -33.77
C SER PA 133 23.54 -25.73 -34.83
N GLY PA 134 22.47 -26.41 -34.43
CA GLY PA 134 21.64 -27.12 -35.39
C GLY PA 134 22.02 -28.56 -35.65
N TYR PA 135 22.66 -29.22 -34.70
CA TYR PA 135 23.07 -30.60 -34.91
C TYR PA 135 21.86 -31.52 -34.89
N PRO PA 136 21.80 -32.51 -35.77
CA PRO PA 136 20.68 -33.46 -35.76
C PRO PA 136 20.65 -34.28 -34.48
N VAL PA 137 19.45 -34.67 -34.06
CA VAL PA 137 19.24 -35.45 -32.85
C VAL PA 137 19.03 -36.90 -33.24
N GLU PA 138 19.80 -37.81 -32.63
CA GLU PA 138 19.69 -39.25 -32.88
C GLU PA 138 18.60 -39.86 -32.01
N PRO PA 139 17.74 -40.72 -32.56
CA PRO PA 139 17.62 -41.11 -33.98
C PRO PA 139 16.95 -40.03 -34.81
N GLU PA 140 17.16 -40.03 -36.13
CA GLU PA 140 16.56 -39.00 -36.97
C GLU PA 140 15.04 -39.06 -36.91
N ILE PA 141 14.43 -37.91 -36.63
CA ILE PA 141 12.98 -37.79 -36.52
C ILE PA 141 12.56 -36.72 -37.52
N VAL PA 142 11.99 -37.15 -38.64
CA VAL PA 142 11.53 -36.23 -39.68
C VAL PA 142 10.04 -35.99 -39.51
N ILE PA 143 9.65 -34.72 -39.48
CA ILE PA 143 8.27 -34.32 -39.28
C ILE PA 143 7.63 -34.05 -40.65
N PRO PA 144 6.57 -34.76 -41.02
CA PRO PA 144 5.91 -34.47 -42.30
C PRO PA 144 5.31 -33.08 -42.31
N GLU PA 145 5.30 -32.47 -43.49
CA GLU PA 145 4.78 -31.12 -43.65
C GLU PA 145 3.26 -31.06 -43.47
N ASP PA 146 2.57 -32.20 -43.54
CA ASP PA 146 1.13 -32.24 -43.33
C ASP PA 146 0.75 -32.29 -41.86
N ALA PA 147 1.73 -32.35 -40.96
CA ALA PA 147 1.46 -32.46 -39.54
C ALA PA 147 1.04 -31.11 -38.97
N ILE PA 148 -0.04 -31.11 -38.19
CA ILE PA 148 -0.50 -29.89 -37.52
C ILE PA 148 -0.23 -29.89 -36.01
N SER PA 149 0.24 -31.01 -35.46
CA SER PA 149 0.65 -31.05 -34.06
C SER PA 149 1.73 -32.10 -33.90
N ILE PA 150 2.51 -31.95 -32.82
CA ILE PA 150 3.60 -32.86 -32.49
C ILE PA 150 3.40 -33.31 -31.04
N THR PA 151 3.44 -34.63 -30.82
CA THR PA 151 3.33 -35.19 -29.48
C THR PA 151 4.52 -36.11 -29.23
N VAL PA 152 5.27 -35.83 -28.17
CA VAL PA 152 6.41 -36.64 -27.75
C VAL PA 152 5.99 -37.39 -26.50
N GLY PA 153 5.97 -38.72 -26.59
CA GLY PA 153 5.50 -39.54 -25.50
C GLY PA 153 6.49 -39.66 -24.37
N THR PA 154 6.05 -40.39 -23.33
CA THR PA 154 6.90 -40.59 -22.16
C THR PA 154 8.09 -41.48 -22.44
N ASP PA 155 8.10 -42.17 -23.59
CA ASP PA 155 9.24 -42.99 -23.99
C ASP PA 155 9.74 -42.58 -25.38
N GLY PA 156 9.65 -41.29 -25.70
CA GLY PA 156 10.20 -40.77 -26.93
C GLY PA 156 9.42 -41.10 -28.18
N GLU PA 157 8.24 -41.70 -28.06
CA GLU PA 157 7.44 -42.04 -29.22
C GLU PA 157 6.79 -40.77 -29.77
N VAL PA 158 7.32 -40.27 -30.88
CA VAL PA 158 6.87 -39.01 -31.46
C VAL PA 158 5.74 -39.29 -32.44
N SER PA 159 4.64 -38.57 -32.29
CA SER PA 159 3.46 -38.75 -33.14
C SER PA 159 3.05 -37.41 -33.73
N VAL PA 160 2.37 -37.46 -34.87
CA VAL PA 160 1.92 -36.26 -35.57
C VAL PA 160 0.42 -36.35 -35.80
N ARG PA 161 -0.20 -35.19 -35.95
CA ARG PA 161 -1.63 -35.08 -36.22
C ARG PA 161 -1.80 -34.67 -37.68
N VAL PA 162 -2.55 -35.48 -38.44
CA VAL PA 162 -2.79 -35.24 -39.85
C VAL PA 162 -4.27 -34.98 -40.05
N ARG PA 163 -4.60 -33.85 -40.66
CA ARG PA 163 -6.00 -33.53 -40.94
C ARG PA 163 -6.56 -34.50 -41.96
N GLY PA 164 -7.80 -34.92 -41.74
CA GLY PA 164 -8.45 -35.89 -42.60
C GLY PA 164 -8.14 -37.34 -42.28
N GLN PA 165 -7.45 -37.61 -41.18
CA GLN PA 165 -7.08 -38.96 -40.79
C GLN PA 165 -7.06 -39.03 -39.27
N GLN PA 166 -7.99 -39.79 -38.69
CA GLN PA 166 -8.00 -39.94 -37.24
C GLN PA 166 -6.87 -40.86 -36.80
N ASP PA 167 -6.52 -40.74 -35.51
CA ASP PA 167 -5.40 -41.45 -34.89
C ASP PA 167 -4.08 -40.86 -35.39
N ASN PA 168 -3.10 -40.75 -34.49
CA ASN PA 168 -1.86 -40.05 -34.79
C ASN PA 168 -0.82 -41.02 -35.34
N GLN PA 169 -0.23 -40.66 -36.49
CA GLN PA 169 0.80 -41.48 -37.09
C GLN PA 169 2.10 -41.38 -36.30
N VAL PA 170 2.79 -42.51 -36.17
CA VAL PA 170 4.07 -42.56 -35.48
C VAL PA 170 5.17 -42.29 -36.50
N VAL PA 171 6.01 -41.29 -36.20
CA VAL PA 171 7.08 -40.87 -37.09
C VAL PA 171 8.45 -41.29 -36.60
N GLY PA 172 8.53 -41.99 -35.49
CA GLY PA 172 9.81 -42.44 -34.98
C GLY PA 172 9.76 -42.59 -33.47
N GLN PA 173 10.93 -42.82 -32.89
CA GLN PA 173 11.06 -42.98 -31.45
C GLN PA 173 12.42 -42.50 -31.00
N LEU PA 174 12.45 -41.74 -29.90
CA LEU PA 174 13.69 -41.22 -29.36
C LEU PA 174 14.39 -42.26 -28.47
N THR PA 175 15.68 -42.06 -28.28
CA THR PA 175 16.48 -42.87 -27.38
C THR PA 175 17.34 -41.96 -26.52
N ILE PA 176 17.64 -42.42 -25.30
CA ILE PA 176 18.51 -41.69 -24.40
C ILE PA 176 19.65 -42.62 -23.97
N THR PA 177 20.87 -42.09 -24.00
CA THR PA 177 22.06 -42.84 -23.66
C THR PA 177 22.41 -42.61 -22.19
N ASP PA 178 22.76 -43.70 -21.49
CA ASP PA 178 23.15 -43.64 -20.10
C ASP PA 178 24.60 -44.08 -19.96
N PHE PA 179 25.28 -43.54 -18.94
CA PHE PA 179 26.66 -43.89 -18.67
C PHE PA 179 26.79 -44.33 -17.22
N VAL PA 180 27.75 -45.23 -16.97
CA VAL PA 180 27.96 -45.73 -15.61
C VAL PA 180 28.49 -44.61 -14.70
N ASN PA 181 29.45 -43.84 -15.19
CA ASN PA 181 30.03 -42.73 -14.44
C ASN PA 181 29.72 -41.43 -15.17
N PRO PA 182 28.66 -40.72 -14.78
CA PRO PA 182 28.34 -39.45 -15.45
C PRO PA 182 29.43 -38.40 -15.32
N GLY PA 183 30.20 -38.43 -14.24
CA GLY PA 183 31.23 -37.43 -14.04
C GLY PA 183 32.44 -37.59 -14.93
N GLY PA 184 32.58 -38.75 -15.58
CA GLY PA 184 33.69 -38.97 -16.49
C GLY PA 184 33.52 -38.38 -17.87
N LEU PA 185 32.35 -37.80 -18.16
CA LEU PA 185 32.12 -37.20 -19.45
C LEU PA 185 33.00 -35.96 -19.63
N GLU PA 186 33.47 -35.76 -20.87
CA GLU PA 186 34.32 -34.63 -21.19
C GLU PA 186 33.47 -33.50 -21.75
N PRO PA 187 33.35 -32.36 -21.07
CA PRO PA 187 32.61 -31.23 -21.65
C PRO PA 187 33.38 -30.64 -22.83
N ILE PA 188 32.64 -30.32 -23.89
CA ILE PA 188 33.21 -29.70 -25.08
C ILE PA 188 32.48 -28.40 -25.42
N GLY PA 189 31.74 -27.84 -24.46
CA GLY PA 189 30.94 -26.66 -24.73
C GLY PA 189 29.66 -27.02 -25.45
N GLN PA 190 28.87 -25.98 -25.71
CA GLN PA 190 27.58 -26.12 -26.41
C GLN PA 190 26.63 -27.05 -25.67
N ASN PA 191 26.80 -27.16 -24.35
CA ASN PA 191 25.99 -28.06 -23.52
C ASN PA 191 26.13 -29.52 -23.97
N LEU PA 192 27.33 -29.87 -24.44
CA LEU PA 192 27.59 -31.20 -24.96
C LEU PA 192 28.67 -31.88 -24.13
N TYR PA 193 28.66 -33.21 -24.16
CA TYR PA 193 29.65 -34.03 -23.48
C TYR PA 193 30.12 -35.13 -24.44
N LEU PA 194 31.32 -35.65 -24.17
CA LEU PA 194 31.85 -36.75 -24.96
C LEU PA 194 32.24 -37.91 -24.06
N PRO PA 195 32.11 -39.15 -24.55
CA PRO PA 195 32.47 -40.31 -23.72
C PRO PA 195 33.97 -40.54 -23.70
N THR PA 196 34.49 -40.72 -22.50
CA THR PA 196 35.91 -40.95 -22.28
C THR PA 196 36.10 -42.35 -21.68
N GLY PA 197 37.37 -42.70 -21.45
CA GLY PA 197 37.65 -43.96 -20.78
C GLY PA 197 37.12 -44.01 -19.36
N ALA PA 198 37.13 -42.87 -18.67
CA ALA PA 198 36.62 -42.79 -17.31
C ALA PA 198 35.10 -42.81 -17.23
N SER PA 199 34.41 -42.64 -18.37
CA SER PA 199 32.95 -42.64 -18.38
C SER PA 199 32.41 -44.04 -18.64
N GLY PA 200 32.79 -44.64 -19.77
CA GLY PA 200 32.34 -45.96 -20.15
C GLY PA 200 31.64 -45.95 -21.49
N ASP PA 201 31.45 -47.17 -22.01
CA ASP PA 201 30.77 -47.33 -23.30
C ASP PA 201 29.31 -46.88 -23.16
N PRO PA 202 28.78 -46.20 -24.17
CA PRO PA 202 27.39 -45.71 -24.08
C PRO PA 202 26.41 -46.85 -23.91
N GLN PA 203 25.36 -46.60 -23.13
CA GLN PA 203 24.29 -47.56 -22.89
C GLN PA 203 22.99 -46.95 -23.40
N GLU PA 204 22.57 -47.36 -24.60
CA GLU PA 204 21.37 -46.84 -25.22
C GLU PA 204 20.15 -47.66 -24.80
N GLY PA 205 18.97 -47.09 -25.06
CA GLY PA 205 17.74 -47.77 -24.72
C GLY PA 205 16.57 -46.83 -24.82
N VAL PA 206 15.38 -47.42 -24.67
CA VAL PA 206 14.13 -46.65 -24.74
C VAL PA 206 14.00 -45.78 -23.48
N PRO PA 207 13.65 -44.51 -23.62
CA PRO PA 207 13.57 -43.63 -22.44
C PRO PA 207 12.38 -43.89 -21.54
N GLY PA 208 12.54 -44.80 -20.59
CA GLY PA 208 11.46 -45.15 -19.69
C GLY PA 208 11.49 -46.59 -19.24
N LEU PA 209 12.35 -47.39 -19.84
CA LEU PA 209 12.62 -48.75 -19.40
C LEU PA 209 14.12 -48.90 -19.15
N ASP PA 210 14.47 -50.03 -18.53
CA ASP PA 210 15.87 -50.35 -18.21
C ASP PA 210 16.49 -49.26 -17.33
N GLY PA 211 15.71 -48.76 -16.37
CA GLY PA 211 16.21 -47.78 -15.42
C GLY PA 211 16.43 -46.40 -15.98
N LEU PA 212 16.12 -46.17 -17.25
CA LEU PA 212 16.36 -44.88 -17.88
C LEU PA 212 15.32 -43.85 -17.43
N GLY PA 213 15.61 -42.59 -17.70
CA GLY PA 213 14.69 -41.51 -17.43
C GLY PA 213 13.58 -41.46 -18.45
N GLU PA 214 12.62 -40.57 -18.19
CA GLU PA 214 11.45 -40.42 -19.03
C GLU PA 214 11.45 -39.05 -19.70
N ILE PA 215 11.02 -39.02 -20.96
CA ILE PA 215 10.97 -37.79 -21.75
C ILE PA 215 9.72 -37.01 -21.37
N ARG PA 216 9.92 -35.74 -21.01
CA ARG PA 216 8.82 -34.84 -20.70
C ARG PA 216 8.80 -33.73 -21.75
N GLN PA 217 7.67 -33.57 -22.41
CA GLN PA 217 7.54 -32.59 -23.47
C GLN PA 217 7.18 -31.22 -22.90
N SER PA 218 7.59 -30.17 -23.62
CA SER PA 218 7.35 -28.78 -23.23
C SER PA 218 7.94 -28.49 -21.85
N MET PA 219 9.10 -29.08 -21.57
CA MET PA 219 9.80 -28.85 -20.32
C MET PA 219 11.28 -28.62 -20.61
N LEU PA 220 11.97 -28.06 -19.62
CA LEU PA 220 13.42 -27.88 -19.67
C LEU PA 220 13.99 -28.11 -18.29
N GLU PA 221 15.30 -28.30 -18.23
CA GLU PA 221 16.01 -28.55 -16.98
C GLU PA 221 16.89 -27.36 -16.66
N ALA PA 222 16.61 -26.71 -15.54
CA ALA PA 222 17.41 -25.56 -15.11
C ALA PA 222 18.76 -26.02 -14.56
N SER PA 223 19.72 -25.12 -14.60
CA SER PA 223 21.04 -25.41 -14.06
C SER PA 223 20.96 -25.65 -12.56
N ASN PA 224 21.76 -26.60 -12.07
CA ASN PA 224 21.75 -27.01 -10.68
C ASN PA 224 22.77 -26.25 -9.85
N VAL PA 225 23.30 -25.13 -10.36
CA VAL PA 225 24.24 -24.34 -9.58
C VAL PA 225 23.51 -23.68 -8.41
N ASN PA 226 24.19 -23.65 -7.26
CA ASN PA 226 23.67 -22.99 -6.07
C ASN PA 226 24.43 -21.68 -5.92
N VAL PA 227 23.75 -20.56 -6.19
CA VAL PA 227 24.42 -19.27 -6.19
C VAL PA 227 24.95 -18.93 -4.81
N THR PA 228 24.27 -19.39 -3.76
CA THR PA 228 24.75 -19.15 -2.41
C THR PA 228 26.02 -19.94 -2.12
N GLU PA 229 26.11 -21.18 -2.63
CA GLU PA 229 27.32 -21.97 -2.45
C GLU PA 229 28.51 -21.30 -3.11
N GLU PA 230 28.32 -20.75 -4.32
CA GLU PA 230 29.42 -20.07 -5.01
C GLU PA 230 29.86 -18.84 -4.25
N LEU PA 231 28.91 -18.07 -3.73
CA LEU PA 231 29.26 -16.87 -2.96
C LEU PA 231 30.00 -17.24 -1.67
N VAL PA 232 29.57 -18.31 -1.01
CA VAL PA 232 30.28 -18.78 0.18
C VAL PA 232 31.66 -19.30 -0.20
N ASN PA 233 31.75 -20.01 -1.33
CA ASN PA 233 33.04 -20.47 -1.81
C ASN PA 233 33.96 -19.30 -2.16
N MET PA 234 33.39 -18.24 -2.74
CA MET PA 234 34.18 -17.06 -3.08
C MET PA 234 34.77 -16.42 -1.83
N ILE PA 235 33.99 -16.36 -0.74
CA ILE PA 235 34.46 -15.74 0.49
C ILE PA 235 35.66 -16.50 1.05
N GLU PA 236 35.56 -17.82 1.12
CA GLU PA 236 36.68 -18.62 1.64
C GLU PA 236 37.89 -18.54 0.72
N ALA PA 237 37.67 -18.65 -0.59
CA ALA PA 237 38.79 -18.65 -1.53
C ALA PA 237 39.53 -17.31 -1.51
N GLN PA 238 38.79 -16.21 -1.36
CA GLN PA 238 39.44 -14.90 -1.29
C GLN PA 238 40.28 -14.77 -0.03
N ARG PA 239 39.79 -15.26 1.10
CA ARG PA 239 40.53 -15.14 2.35
C ARG PA 239 41.79 -15.99 2.33
N VAL PA 240 41.71 -17.22 1.81
CA VAL PA 240 42.88 -18.06 1.70
C VAL PA 240 43.91 -17.44 0.76
N TYR PA 241 43.42 -16.79 -0.31
CA TYR PA 241 44.31 -16.13 -1.25
C TYR PA 241 45.10 -15.02 -0.58
N GLU PA 242 44.43 -14.22 0.26
CA GLU PA 242 45.11 -13.11 0.93
C GLU PA 242 46.07 -13.60 1.99
N MET PA 243 45.72 -14.69 2.69
CA MET PA 243 46.59 -15.19 3.75
C MET PA 243 47.93 -15.69 3.19
N ASN PA 244 47.89 -16.40 2.06
CA ASN PA 244 49.13 -16.91 1.49
C ASN PA 244 49.99 -15.78 0.93
N SER PA 245 49.37 -14.66 0.56
CA SER PA 245 50.15 -13.50 0.13
C SER PA 245 50.96 -12.92 1.28
N LYS PA 246 50.41 -12.96 2.50
CA LYS PA 246 51.15 -12.46 3.65
C LYS PA 246 52.39 -13.30 3.94
N VAL PA 247 52.29 -14.62 3.75
CA VAL PA 247 53.45 -15.48 3.98
C VAL PA 247 54.56 -15.15 2.98
N ILE PA 248 54.21 -14.93 1.72
CA ILE PA 248 55.20 -14.53 0.72
C ILE PA 248 55.83 -13.20 1.10
N SER PA 249 55.03 -12.24 1.54
CA SER PA 249 55.58 -10.98 2.01
C SER PA 249 56.43 -11.17 3.26
N SER PA 250 56.01 -12.08 4.15
CA SER PA 250 56.79 -12.34 5.36
C SER PA 250 58.15 -12.95 5.03
N VAL PA 251 58.19 -13.90 4.10
CA VAL PA 251 59.45 -14.53 3.73
C VAL PA 251 60.38 -13.51 3.09
N ASP PA 252 59.84 -12.67 2.20
CA ASP PA 252 60.68 -11.67 1.54
C ASP PA 252 61.26 -10.67 2.52
N LYS PA 253 60.47 -10.25 3.52
CA LYS PA 253 60.98 -9.33 4.53
C LYS PA 253 62.05 -9.99 5.39
N MET PA 254 61.88 -11.27 5.70
CA MET PA 254 62.91 -11.99 6.45
C MET PA 254 64.20 -12.11 5.63
N MET PA 255 64.07 -12.41 4.34
CA MET PA 255 65.26 -12.50 3.49
C MET PA 255 65.92 -11.12 3.31
N SER PA 256 65.11 -10.07 3.30
CA SER PA 256 65.66 -8.72 3.20
C SER PA 256 66.49 -8.37 4.43
N PHE PA 257 66.07 -8.86 5.59
CA PHE PA 257 66.79 -8.57 6.84
C PHE PA 257 68.15 -9.26 6.87
N VAL PA 258 68.28 -10.38 6.15
CA VAL PA 258 69.52 -11.16 6.24
C VAL PA 258 70.67 -10.45 5.55
N ASN PA 259 70.51 -10.14 4.25
CA ASN PA 259 71.61 -9.54 3.52
C ASN PA 259 71.78 -8.06 3.79
N GLN PA 260 70.86 -7.46 4.54
CA GLN PA 260 70.99 -6.07 4.96
C GLN PA 260 71.69 -5.94 6.30
N GLN PA 261 71.34 -6.79 7.26
CA GLN PA 261 71.99 -6.75 8.57
C GLN PA 261 73.38 -7.35 8.51
N LEU PA 262 73.55 -8.47 7.81
CA LEU PA 262 74.85 -9.11 7.69
C LEU PA 262 75.71 -8.42 6.64
N HIS QA 2 43.73 -12.01 -16.20
CA HIS QA 2 43.09 -12.95 -15.29
C HIS QA 2 41.82 -13.50 -15.92
N PRO QA 3 41.80 -14.81 -16.19
CA PRO QA 3 40.63 -15.40 -16.86
C PRO QA 3 39.34 -15.27 -16.08
N ALA QA 4 39.42 -15.12 -14.76
CA ALA QA 4 38.21 -15.03 -13.95
C ALA QA 4 37.37 -13.81 -14.33
N LEU QA 5 38.03 -12.67 -14.60
CA LEU QA 5 37.30 -11.47 -14.98
C LEU QA 5 36.57 -11.67 -16.31
N TRP QA 6 37.22 -12.30 -17.28
CA TRP QA 6 36.61 -12.47 -18.59
C TRP QA 6 35.56 -13.57 -18.60
N VAL QA 7 35.69 -14.56 -17.71
CA VAL QA 7 34.66 -15.58 -17.59
C VAL QA 7 33.36 -14.94 -17.09
N SER QA 8 33.45 -14.07 -16.09
CA SER QA 8 32.27 -13.38 -15.59
C SER QA 8 31.75 -12.36 -16.59
N LYS QA 9 32.65 -11.76 -17.38
CA LYS QA 9 32.21 -10.79 -18.38
C LYS QA 9 31.32 -11.43 -19.41
N THR QA 10 31.63 -12.67 -19.82
CA THR QA 10 30.74 -13.40 -20.70
C THR QA 10 29.40 -13.67 -20.04
N GLY QA 11 29.41 -13.96 -18.74
CA GLY QA 11 28.16 -14.14 -18.01
C GLY QA 11 27.36 -12.86 -17.93
N LEU QA 12 28.04 -11.72 -17.78
CA LEU QA 12 27.35 -10.43 -17.81
C LEU QA 12 26.78 -10.14 -19.20
N ASP QA 13 27.56 -10.40 -20.24
CA ASP QA 13 27.09 -10.15 -21.60
C ASP QA 13 25.95 -11.08 -21.96
N ALA QA 14 26.00 -12.32 -21.48
CA ALA QA 14 24.92 -13.28 -21.78
C ALA QA 14 23.59 -12.80 -21.19
N GLN QA 15 23.61 -12.31 -19.96
CA GLN QA 15 22.37 -11.85 -19.34
C GLN QA 15 21.86 -10.55 -19.97
N GLN QA 16 22.77 -9.69 -20.42
CA GLN QA 16 22.35 -8.45 -21.08
C GLN QA 16 21.57 -8.74 -22.34
N THR QA 17 22.03 -9.71 -23.14
CA THR QA 17 21.27 -10.12 -24.31
C THR QA 17 19.95 -10.77 -23.92
N ASN QA 18 19.97 -11.56 -22.83
CA ASN QA 18 18.74 -12.21 -22.36
C ASN QA 18 17.69 -11.19 -21.96
N ILE QA 19 18.10 -10.14 -21.24
CA ILE QA 19 17.15 -9.12 -20.81
C ILE QA 19 16.63 -8.34 -22.01
N ALA QA 20 17.44 -8.19 -23.05
CA ALA QA 20 16.99 -7.51 -24.25
C ALA QA 20 15.83 -8.26 -24.90
N THR QA 21 15.91 -9.59 -24.94
CA THR QA 21 14.81 -10.37 -25.50
C THR QA 21 13.57 -10.28 -24.65
N ILE QA 22 13.73 -10.23 -23.32
CA ILE QA 22 12.59 -10.11 -22.41
C ILE QA 22 11.90 -8.76 -22.63
N SER QA 23 12.68 -7.68 -22.75
CA SER QA 23 12.10 -6.36 -22.97
C SER QA 23 11.36 -6.31 -24.32
N ASN QA 24 11.91 -6.95 -25.35
CA ASN QA 24 11.23 -6.98 -26.64
C ASN QA 24 9.96 -7.81 -26.56
N ASN QA 25 9.96 -8.87 -25.76
CA ASN QA 25 8.75 -9.64 -25.57
C ASN QA 25 7.65 -8.82 -24.89
N LEU QA 26 8.03 -8.04 -23.88
CA LEU QA 26 7.04 -7.21 -23.18
C LEU QA 26 6.62 -6.02 -24.01
N ALA QA 27 7.54 -5.46 -24.81
CA ALA QA 27 7.18 -4.34 -25.67
C ALA QA 27 6.11 -4.72 -26.68
N ASN QA 28 6.25 -5.91 -27.29
CA ASN QA 28 5.28 -6.40 -28.26
C ASN QA 28 4.22 -7.28 -27.60
N ALA QA 29 3.62 -6.77 -26.52
CA ALA QA 29 2.54 -7.47 -25.86
C ALA QA 29 1.17 -7.15 -26.46
N SER QA 30 1.11 -6.17 -27.36
CA SER QA 30 -0.13 -5.82 -28.04
C SER QA 30 -0.01 -5.91 -29.55
N THR QA 31 1.15 -6.29 -30.07
CA THR QA 31 1.32 -6.41 -31.51
C THR QA 31 0.53 -7.60 -32.04
N VAL QA 32 -0.27 -7.38 -33.08
CA VAL QA 32 -1.08 -8.44 -33.65
C VAL QA 32 -0.19 -9.40 -34.43
N GLY QA 33 -0.34 -10.68 -34.19
CA GLY QA 33 0.44 -11.69 -34.88
C GLY QA 33 1.92 -11.67 -34.53
N TYR QA 34 2.25 -11.45 -33.27
CA TYR QA 34 3.63 -11.46 -32.81
C TYR QA 34 3.91 -12.77 -32.07
N LYS QA 35 5.08 -13.34 -32.34
CA LYS QA 35 5.51 -14.59 -31.71
C LYS QA 35 6.67 -14.29 -30.77
N LYS QA 36 6.50 -14.64 -29.51
CA LYS QA 36 7.53 -14.39 -28.51
C LYS QA 36 8.76 -15.25 -28.78
N SER QA 37 9.89 -14.79 -28.25
CA SER QA 37 11.16 -15.48 -28.42
C SER QA 37 11.86 -15.61 -27.08
N ARG QA 38 12.59 -16.71 -26.91
CA ARG QA 38 13.35 -16.97 -25.70
C ARG QA 38 14.82 -17.16 -26.05
N ALA QA 39 15.69 -16.64 -25.19
CA ALA QA 39 17.12 -16.78 -25.40
C ALA QA 39 17.59 -18.19 -25.07
N VAL QA 40 18.55 -18.67 -25.84
CA VAL QA 40 19.12 -20.01 -25.66
C VAL QA 40 20.54 -19.84 -25.16
N PHE QA 41 20.83 -20.38 -23.99
CA PHE QA 41 22.15 -20.29 -23.38
C PHE QA 41 22.92 -21.59 -23.59
N GLU QA 42 24.24 -21.46 -23.75
CA GLU QA 42 25.11 -22.63 -23.78
C GLU QA 42 26.47 -22.23 -23.22
N ASP QA 43 27.15 -23.20 -22.63
CA ASP QA 43 28.47 -22.96 -22.06
C ASP QA 43 29.54 -23.00 -23.14
N LEU QA 44 30.58 -22.20 -22.94
CA LEU QA 44 31.65 -22.09 -23.92
C LEU QA 44 32.59 -23.29 -23.82
N PHE QA 45 33.60 -23.32 -24.68
CA PHE QA 45 34.50 -24.45 -24.76
C PHE QA 45 35.34 -24.56 -23.49
N TYR QA 46 35.76 -25.79 -23.20
CA TYR QA 46 36.56 -26.08 -22.02
C TYR QA 46 38.02 -26.33 -22.41
N GLN QA 47 38.91 -26.22 -21.44
CA GLN QA 47 40.34 -26.32 -21.65
C GLN QA 47 40.98 -27.24 -20.62
N ASN QA 48 42.02 -27.96 -21.05
CA ASN QA 48 42.82 -28.82 -20.18
C ASN QA 48 44.14 -28.12 -19.94
N ILE QA 49 44.38 -27.69 -18.70
CA ILE QA 49 45.57 -26.90 -18.40
C ILE QA 49 46.80 -27.78 -18.25
N ASN QA 50 46.71 -28.84 -17.45
CA ASN QA 50 47.89 -29.65 -17.15
C ASN QA 50 48.03 -30.85 -18.07
N GLN QA 51 47.02 -31.72 -18.10
CA GLN QA 51 47.09 -32.97 -18.85
C GLN QA 51 48.31 -33.80 -18.50
N GLY QA 65 44.06 -33.50 -16.68
CA GLY QA 65 42.65 -33.65 -16.93
C GLY QA 65 41.79 -32.68 -16.14
N LEU QA 66 42.26 -31.44 -16.03
CA LEU QA 66 41.55 -30.39 -15.33
C LEU QA 66 40.83 -29.51 -16.35
N MET QA 67 39.52 -29.38 -16.20
CA MET QA 67 38.68 -28.65 -17.14
C MET QA 67 38.29 -27.30 -16.56
N LEU QA 68 38.51 -26.24 -17.33
CA LEU QA 68 38.12 -24.89 -16.95
C LEU QA 68 37.24 -24.31 -18.05
N GLY QA 69 36.03 -23.88 -17.68
CA GLY QA 69 35.15 -23.27 -18.64
C GLY QA 69 35.55 -21.86 -18.99
N ALA QA 70 34.94 -21.33 -20.06
CA ALA QA 70 35.21 -19.99 -20.52
C ALA QA 70 34.08 -19.02 -20.23
N GLY QA 71 32.95 -19.50 -19.73
CA GLY QA 71 31.80 -18.66 -19.42
C GLY QA 71 30.54 -19.18 -20.08
N SER QA 72 29.76 -18.27 -20.64
CA SER QA 72 28.52 -18.62 -21.31
C SER QA 72 28.21 -17.56 -22.36
N LYS QA 73 27.29 -17.90 -23.25
CA LYS QA 73 26.86 -16.99 -24.30
C LYS QA 73 25.44 -17.34 -24.72
N VAL QA 74 24.80 -16.41 -25.42
CA VAL QA 74 23.50 -16.63 -26.02
C VAL QA 74 23.71 -17.02 -27.47
N VAL QA 75 23.31 -18.24 -27.82
CA VAL QA 75 23.60 -18.76 -29.15
C VAL QA 75 22.47 -18.47 -30.13
N ALA QA 76 21.23 -18.41 -29.65
CA ALA QA 76 20.09 -18.21 -30.54
C ALA QA 76 18.93 -17.62 -29.74
N THR QA 77 17.99 -17.03 -30.48
CA THR QA 77 16.74 -16.51 -29.92
C THR QA 77 15.61 -17.27 -30.60
N GLN QA 78 15.16 -18.35 -29.97
CA GLN QA 78 14.16 -19.22 -30.57
C GLN QA 78 12.78 -18.59 -30.47
N LYS QA 79 12.12 -18.40 -31.61
CA LYS QA 79 10.79 -17.84 -31.67
C LYS QA 79 9.76 -18.96 -31.54
N VAL QA 80 8.93 -18.89 -30.51
CA VAL QA 80 7.90 -19.89 -30.26
C VAL QA 80 6.68 -19.51 -31.09
N HIS QA 81 6.43 -20.25 -32.15
CA HIS QA 81 5.30 -19.98 -33.05
C HIS QA 81 4.03 -20.67 -32.61
N THR QA 82 3.65 -20.47 -31.35
CA THR QA 82 2.39 -20.99 -30.84
C THR QA 82 1.29 -19.98 -31.12
N HIS QA 83 0.16 -20.47 -31.61
CA HIS QA 83 -0.94 -19.60 -32.00
C HIS QA 83 -1.48 -18.83 -30.80
N GLY QA 84 -1.64 -17.51 -30.97
CA GLY QA 84 -2.16 -16.68 -29.92
C GLY QA 84 -3.67 -16.72 -29.86
N ASN QA 85 -4.21 -15.99 -28.88
CA ASN QA 85 -5.65 -15.95 -28.68
C ASN QA 85 -6.31 -15.18 -29.83
N ALA QA 86 -7.63 -15.11 -29.78
CA ALA QA 86 -8.43 -14.50 -30.84
C ALA QA 86 -9.02 -13.19 -30.37
N GLN QA 87 -8.97 -12.18 -31.22
CA GLN QA 87 -9.59 -10.89 -30.98
C GLN QA 87 -10.71 -10.67 -31.98
N THR QA 88 -11.90 -10.39 -31.49
CA THR QA 88 -13.05 -10.15 -32.35
C THR QA 88 -13.14 -8.68 -32.69
N THR QA 89 -13.19 -8.38 -33.99
CA THR QA 89 -13.27 -7.02 -34.50
C THR QA 89 -14.49 -6.88 -35.41
N THR QA 90 -14.85 -5.62 -35.68
CA THR QA 90 -15.97 -5.32 -36.56
C THR QA 90 -15.52 -4.93 -37.97
N ASN QA 91 -14.24 -4.67 -38.17
CA ASN QA 91 -13.74 -4.37 -39.50
C ASN QA 91 -13.82 -5.60 -40.39
N ALA QA 92 -14.16 -5.38 -41.66
CA ALA QA 92 -14.36 -6.47 -42.60
C ALA QA 92 -13.12 -6.81 -43.42
N LEU QA 93 -11.98 -6.16 -43.14
CA LEU QA 93 -10.77 -6.38 -43.91
C LEU QA 93 -9.64 -7.01 -43.12
N ASP QA 94 -9.69 -7.00 -41.79
CA ASP QA 94 -8.67 -7.63 -40.97
C ASP QA 94 -9.06 -9.08 -40.74
N MET QA 95 -8.10 -9.98 -40.87
CA MET QA 95 -8.37 -11.41 -40.87
C MET QA 95 -7.31 -12.15 -40.07
N MET QA 96 -7.62 -13.40 -39.74
CA MET QA 96 -6.75 -14.24 -38.93
C MET QA 96 -6.67 -15.63 -39.56
N VAL QA 97 -5.46 -16.19 -39.54
CA VAL QA 97 -5.30 -17.59 -39.99
C VAL QA 97 -5.47 -18.46 -38.75
N GLU QA 98 -6.56 -19.21 -38.69
CA GLU QA 98 -6.76 -20.12 -37.56
C GLU QA 98 -6.00 -21.41 -37.79
N GLY QA 99 -4.70 -21.38 -37.69
CA GLY QA 99 -3.91 -22.61 -37.82
C GLY QA 99 -2.51 -22.28 -38.25
N ASP QA 100 -1.89 -23.11 -39.08
CA ASP QA 100 -0.54 -22.91 -39.60
C ASP QA 100 -0.62 -22.28 -40.99
N GLY QA 101 0.10 -21.18 -41.17
CA GLY QA 101 0.09 -20.48 -42.44
C GLY QA 101 0.53 -19.05 -42.28
N PHE QA 102 0.99 -18.47 -43.39
CA PHE QA 102 1.47 -17.09 -43.42
C PHE QA 102 0.84 -16.38 -44.60
N PHE QA 103 0.31 -15.18 -44.35
CA PHE QA 103 -0.07 -14.30 -45.45
C PHE QA 103 1.18 -13.88 -46.20
N GLN QA 104 1.08 -13.79 -47.53
CA GLN QA 104 2.19 -13.42 -48.37
C GLN QA 104 1.96 -12.04 -48.95
N VAL QA 105 2.94 -11.16 -48.78
CA VAL QA 105 2.86 -9.79 -49.27
C VAL QA 105 4.03 -9.53 -50.21
N THR QA 106 3.86 -8.55 -51.10
CA THR QA 106 4.84 -8.22 -52.12
C THR QA 106 5.67 -7.04 -51.62
N LEU QA 107 6.94 -7.30 -51.32
CA LEU QA 107 7.85 -6.26 -50.87
C LEU QA 107 8.21 -5.34 -52.04
N PRO QA 108 8.63 -4.10 -51.74
CA PRO QA 108 9.08 -3.21 -52.83
C PRO QA 108 10.23 -3.78 -53.64
N ASP QA 109 11.09 -4.60 -53.04
CA ASP QA 109 12.22 -5.18 -53.74
C ASP QA 109 11.78 -6.17 -54.83
N GLY QA 110 10.52 -6.61 -54.80
CA GLY QA 110 10.02 -7.59 -55.72
C GLY QA 110 9.92 -9.00 -55.14
N ASN QA 111 10.63 -9.26 -54.06
CA ASN QA 111 10.53 -10.55 -53.38
C ASN QA 111 9.28 -10.59 -52.51
N ILE QA 112 8.79 -11.80 -52.26
CA ILE QA 112 7.56 -12.01 -51.52
C ILE QA 112 7.88 -12.17 -50.05
N GLY QA 113 7.30 -11.31 -49.22
CA GLY QA 113 7.42 -11.41 -47.78
C GLY QA 113 6.23 -12.14 -47.19
N TYR QA 114 6.42 -12.66 -45.99
CA TYR QA 114 5.40 -13.45 -45.30
C TYR QA 114 5.11 -12.85 -43.93
N THR QA 115 3.83 -12.80 -43.59
CA THR QA 115 3.39 -12.16 -42.36
C THR QA 115 2.27 -12.97 -41.72
N ARG QA 116 2.11 -12.79 -40.41
CA ARG QA 116 0.97 -13.35 -39.69
C ARG QA 116 0.01 -12.28 -39.18
N ASN QA 117 0.44 -11.01 -39.16
CA ASN QA 117 -0.49 -9.93 -38.87
C ASN QA 117 -1.50 -9.80 -40.00
N GLY QA 118 -2.78 -9.76 -39.63
CA GLY QA 118 -3.86 -9.71 -40.60
C GLY QA 118 -4.56 -8.37 -40.76
N GLN QA 119 -4.02 -7.29 -40.20
CA GLN QA 119 -4.65 -5.98 -40.30
C GLN QA 119 -4.41 -5.45 -41.71
N PHE QA 120 -5.40 -5.64 -42.58
CA PHE QA 120 -5.30 -5.24 -43.98
C PHE QA 120 -6.28 -4.12 -44.29
N THR QA 121 -6.13 -3.56 -45.48
CA THR QA 121 -7.01 -2.51 -45.97
C THR QA 121 -6.90 -2.48 -47.49
N LEU QA 122 -7.44 -1.43 -48.10
CA LEU QA 122 -7.40 -1.26 -49.54
C LEU QA 122 -6.63 0.00 -49.89
N ASN QA 123 -5.95 -0.01 -51.04
CA ASN QA 123 -5.24 1.16 -51.52
C ASN QA 123 -6.16 1.98 -52.40
N GLY QA 124 -5.61 2.98 -53.09
CA GLY QA 124 -6.44 3.85 -53.91
C GLY QA 124 -7.14 3.13 -55.05
N GLU QA 125 -6.55 2.07 -55.56
CA GLU QA 125 -7.12 1.32 -56.67
C GLU QA 125 -7.95 0.13 -56.22
N GLY QA 126 -8.09 -0.09 -54.92
CA GLY QA 126 -8.88 -1.20 -54.41
C GLY QA 126 -8.10 -2.46 -54.09
N THR QA 127 -6.83 -2.53 -54.45
CA THR QA 127 -6.03 -3.70 -54.16
C THR QA 127 -5.86 -3.86 -52.65
N LEU QA 128 -5.96 -5.10 -52.17
CA LEU QA 128 -5.79 -5.38 -50.75
C LEU QA 128 -4.33 -5.18 -50.37
N VAL QA 129 -4.09 -4.32 -49.38
CA VAL QA 129 -2.75 -4.00 -48.91
C VAL QA 129 -2.74 -4.06 -47.39
N THR QA 130 -1.53 -4.02 -46.83
CA THR QA 130 -1.38 -3.98 -45.38
C THR QA 130 -1.74 -2.61 -44.85
N SER QA 131 -2.24 -2.58 -43.61
CA SER QA 131 -2.64 -1.31 -42.99
C SER QA 131 -1.47 -0.47 -42.54
N GLY QA 132 -0.25 -1.01 -42.59
CA GLY QA 132 0.93 -0.30 -42.17
C GLY QA 132 1.71 0.29 -43.32
N SER QA 133 2.75 -0.41 -43.76
CA SER QA 133 3.59 0.09 -44.84
C SER QA 133 2.86 0.19 -46.18
N GLY QA 134 1.74 -0.52 -46.32
CA GLY QA 134 0.97 -0.46 -47.56
C GLY QA 134 1.38 -1.44 -48.63
N TYR QA 135 2.09 -2.51 -48.28
CA TYR QA 135 2.53 -3.47 -49.28
C TYR QA 135 1.32 -4.27 -49.78
N PRO QA 136 1.26 -4.54 -51.09
CA PRO QA 136 0.16 -5.35 -51.62
C PRO QA 136 0.21 -6.78 -51.10
N VAL QA 137 -0.98 -7.39 -51.04
CA VAL QA 137 -1.11 -8.78 -50.59
C VAL QA 137 -1.22 -9.67 -51.82
N GLU QA 138 -0.37 -10.70 -51.87
CA GLU QA 138 -0.36 -11.66 -52.97
C GLU QA 138 -1.24 -12.86 -52.63
N PRO QA 139 -2.12 -13.31 -53.54
CA PRO QA 139 -2.39 -12.78 -54.88
C PRO QA 139 -3.17 -11.47 -54.82
N GLU QA 140 -3.12 -10.65 -55.86
CA GLU QA 140 -3.80 -9.37 -55.83
C GLU QA 140 -5.31 -9.56 -55.89
N ILE QA 141 -6.01 -8.95 -54.92
CA ILE QA 141 -7.46 -8.92 -54.89
C ILE QA 141 -7.89 -7.48 -55.06
N VAL QA 142 -8.74 -7.23 -56.06
CA VAL QA 142 -9.22 -5.88 -56.37
C VAL QA 142 -10.70 -5.83 -56.03
N ILE QA 143 -11.06 -4.95 -55.10
CA ILE QA 143 -12.44 -4.76 -54.68
C ILE QA 143 -13.07 -3.69 -55.58
N PRO QA 144 -14.14 -3.99 -56.30
CA PRO QA 144 -14.73 -2.99 -57.19
C PRO QA 144 -15.38 -1.86 -56.41
N GLU QA 145 -15.52 -0.72 -57.07
CA GLU QA 145 -16.15 0.44 -56.46
C GLU QA 145 -17.66 0.30 -56.32
N ASP QA 146 -18.26 -0.71 -56.95
CA ASP QA 146 -19.69 -0.98 -56.81
C ASP QA 146 -19.99 -1.91 -55.64
N ALA QA 147 -18.99 -2.45 -54.98
CA ALA QA 147 -19.22 -3.37 -53.88
C ALA QA 147 -19.76 -2.63 -52.66
N ILE QA 148 -20.70 -3.26 -51.98
CA ILE QA 148 -21.24 -2.72 -50.73
C ILE QA 148 -20.76 -3.49 -49.51
N SER QA 149 -20.31 -4.73 -49.67
CA SER QA 149 -19.78 -5.50 -48.55
C SER QA 149 -18.72 -6.45 -49.09
N ILE QA 150 -17.82 -6.87 -48.20
CA ILE QA 150 -16.72 -7.77 -48.52
C ILE QA 150 -16.84 -8.99 -47.62
N THR QA 151 -16.79 -10.18 -48.21
CA THR QA 151 -16.87 -11.42 -47.48
C THR QA 151 -15.69 -12.30 -47.85
N VAL QA 152 -14.97 -12.78 -46.85
CA VAL QA 152 -13.84 -13.69 -47.04
C VAL QA 152 -14.21 -15.03 -46.44
N GLY QA 153 -14.19 -16.07 -47.27
CA GLY QA 153 -14.55 -17.40 -46.83
C GLY QA 153 -13.47 -18.06 -45.99
N THR QA 154 -13.80 -19.26 -45.51
CA THR QA 154 -12.84 -20.02 -44.72
C THR QA 154 -11.70 -20.55 -45.57
N ASP QA 155 -11.82 -20.49 -46.90
CA ASP QA 155 -10.77 -20.94 -47.80
C ASP QA 155 -10.17 -19.79 -48.61
N GLY QA 156 -10.33 -18.56 -48.13
CA GLY QA 156 -9.77 -17.40 -48.80
C GLY QA 156 -10.59 -16.84 -49.94
N GLU QA 157 -11.75 -17.43 -50.24
CA GLU QA 157 -12.59 -16.97 -51.34
C GLU QA 157 -13.13 -15.58 -51.01
N VAL QA 158 -12.61 -14.56 -51.69
CA VAL QA 158 -13.04 -13.18 -51.46
C VAL QA 158 -14.16 -12.86 -52.43
N SER QA 159 -15.31 -12.45 -51.90
CA SER QA 159 -16.48 -12.12 -52.71
C SER QA 159 -17.04 -10.78 -52.26
N VAL QA 160 -17.75 -10.12 -53.17
CA VAL QA 160 -18.34 -8.81 -52.91
C VAL QA 160 -19.81 -8.84 -53.27
N ARG QA 161 -20.61 -8.13 -52.48
CA ARG QA 161 -22.04 -8.00 -52.72
C ARG QA 161 -22.28 -6.76 -53.57
N VAL QA 162 -22.82 -6.97 -54.76
CA VAL QA 162 -23.04 -5.90 -55.73
C VAL QA 162 -24.54 -5.67 -55.85
N ARG QA 163 -24.96 -4.42 -55.66
CA ARG QA 163 -26.38 -4.09 -55.77
C ARG QA 163 -26.86 -4.27 -57.20
N GLY QA 164 -28.11 -4.67 -57.36
CA GLY QA 164 -28.66 -4.94 -58.67
C GLY QA 164 -28.27 -6.27 -59.27
N GLN QA 165 -27.64 -7.15 -58.49
CA GLN QA 165 -27.19 -8.45 -58.99
C GLN QA 165 -27.26 -9.45 -57.84
N GLN QA 166 -28.09 -10.48 -58.02
CA GLN QA 166 -28.18 -11.54 -57.02
C GLN QA 166 -26.92 -12.41 -57.08
N ASP QA 167 -26.43 -12.80 -55.90
CA ASP QA 167 -25.29 -13.70 -55.71
C ASP QA 167 -23.99 -12.90 -55.73
N ASN QA 168 -23.14 -13.14 -54.74
CA ASN QA 168 -21.85 -12.45 -54.67
C ASN QA 168 -20.93 -12.95 -55.78
N GLN QA 169 -20.28 -12.01 -56.47
CA GLN QA 169 -19.28 -12.38 -57.46
C GLN QA 169 -17.91 -12.44 -56.82
N VAL QA 170 -17.10 -13.41 -57.25
CA VAL QA 170 -15.79 -13.65 -56.66
C VAL QA 170 -14.76 -12.83 -57.42
N VAL QA 171 -14.02 -12.00 -56.69
CA VAL QA 171 -12.97 -11.17 -57.28
C VAL QA 171 -11.60 -11.82 -57.21
N GLY QA 172 -11.47 -12.92 -56.48
CA GLY QA 172 -10.19 -13.58 -56.34
C GLY QA 172 -10.24 -14.57 -55.19
N GLN QA 173 -9.07 -15.12 -54.89
CA GLN QA 173 -8.93 -16.08 -53.81
C GLN QA 173 -7.56 -15.92 -53.17
N LEU QA 174 -7.55 -15.64 -51.88
CA LEU QA 174 -6.29 -15.51 -51.14
C LEU QA 174 -5.64 -16.87 -50.96
N THR QA 175 -4.31 -16.85 -50.87
CA THR QA 175 -3.53 -18.05 -50.61
C THR QA 175 -2.54 -17.76 -49.48
N ILE QA 176 -2.19 -18.82 -48.75
CA ILE QA 176 -1.24 -18.71 -47.65
C ILE QA 176 -0.13 -19.74 -47.86
N THR QA 177 0.96 -19.55 -47.12
CA THR QA 177 2.14 -20.40 -47.23
C THR QA 177 2.48 -20.93 -45.85
N ASP QA 178 2.82 -22.22 -45.79
CA ASP QA 178 3.24 -22.88 -44.57
C ASP QA 178 4.70 -23.29 -44.67
N PHE QA 179 5.40 -23.23 -43.55
CA PHE QA 179 6.81 -23.57 -43.48
C PHE QA 179 7.03 -24.70 -42.49
N VAL QA 180 8.00 -25.55 -42.80
CA VAL QA 180 8.34 -26.66 -41.91
C VAL QA 180 8.86 -26.12 -40.58
N ASN QA 181 9.73 -25.11 -40.63
CA ASN QA 181 10.33 -24.51 -39.45
C ASN QA 181 10.11 -23.01 -39.50
N PRO QA 182 8.97 -22.53 -38.96
CA PRO QA 182 8.75 -21.08 -38.92
C PRO QA 182 9.81 -20.33 -38.13
N GLY QA 183 10.45 -20.97 -37.16
CA GLY QA 183 11.52 -20.32 -36.41
C GLY QA 183 12.75 -20.02 -37.23
N GLY QA 184 12.89 -20.66 -38.39
CA GLY QA 184 14.01 -20.38 -39.28
C GLY QA 184 13.86 -19.14 -40.12
N LEU QA 185 12.70 -18.49 -40.06
CA LEU QA 185 12.49 -17.27 -40.81
C LEU QA 185 13.31 -16.13 -40.24
N GLU QA 186 13.59 -15.13 -41.07
CA GLU QA 186 14.36 -13.96 -40.65
C GLU QA 186 13.43 -12.79 -40.47
N PRO QA 187 13.14 -12.36 -39.24
CA PRO QA 187 12.29 -11.19 -39.06
C PRO QA 187 12.99 -9.93 -39.55
N ILE QA 188 12.27 -9.12 -40.34
CA ILE QA 188 12.79 -7.89 -40.88
C ILE QA 188 11.99 -6.69 -40.38
N GLY QA 189 11.23 -6.86 -39.32
CA GLY QA 189 10.36 -5.82 -38.81
C GLY QA 189 9.07 -5.75 -39.60
N GLN QA 190 8.17 -4.88 -39.13
CA GLN QA 190 6.87 -4.65 -39.76
C GLN QA 190 6.04 -5.92 -39.82
N ASN QA 191 6.24 -6.81 -38.86
CA ASN QA 191 5.55 -8.11 -38.80
C ASN QA 191 5.80 -8.95 -40.05
N LEU QA 192 6.97 -8.78 -40.66
CA LEU QA 192 7.30 -9.44 -41.91
C LEU QA 192 8.48 -10.38 -41.72
N TYR QA 193 8.47 -11.48 -42.47
CA TYR QA 193 9.51 -12.49 -42.43
C TYR QA 193 10.07 -12.72 -43.83
N LEU QA 194 11.35 -13.06 -43.89
CA LEU QA 194 11.99 -13.45 -45.14
C LEU QA 194 12.39 -14.91 -45.09
N PRO QA 195 12.03 -15.69 -46.11
CA PRO QA 195 12.46 -17.10 -46.13
C PRO QA 195 13.98 -17.21 -46.17
N THR QA 196 14.50 -18.17 -45.41
CA THR QA 196 15.93 -18.41 -45.30
C THR QA 196 16.23 -19.87 -45.64
N GLY QA 197 17.50 -20.25 -45.48
CA GLY QA 197 17.90 -21.61 -45.78
C GLY QA 197 17.29 -22.62 -44.84
N ALA QA 198 17.29 -22.33 -43.54
CA ALA QA 198 16.74 -23.25 -42.55
C ALA QA 198 15.24 -23.09 -42.36
N SER QA 199 14.64 -22.04 -42.92
CA SER QA 199 13.20 -21.85 -42.80
C SER QA 199 12.44 -22.98 -43.47
N GLY QA 200 12.87 -23.37 -44.66
CA GLY QA 200 12.27 -24.45 -45.40
C GLY QA 200 11.93 -24.01 -46.81
N ASP QA 201 11.08 -24.79 -47.46
CA ASP QA 201 10.61 -24.47 -48.80
C ASP QA 201 9.18 -23.96 -48.72
N PRO QA 202 8.91 -22.74 -49.18
CA PRO QA 202 7.55 -22.18 -49.07
C PRO QA 202 6.52 -23.09 -49.72
N GLN QA 203 5.56 -23.55 -48.91
CA GLN QA 203 4.51 -24.45 -49.37
C GLN QA 203 3.22 -23.64 -49.50
N GLU QA 204 2.91 -23.23 -50.73
CA GLU QA 204 1.66 -22.52 -50.99
C GLU QA 204 0.50 -23.51 -51.09
N GLY QA 205 -0.69 -22.99 -51.31
CA GLY QA 205 -1.86 -23.82 -51.47
C GLY QA 205 -3.11 -23.09 -51.04
N VAL QA 206 -4.22 -23.81 -51.09
CA VAL QA 206 -5.52 -23.25 -50.68
C VAL QA 206 -5.53 -23.09 -49.17
N PRO QA 207 -5.91 -21.92 -48.64
CA PRO QA 207 -5.82 -21.69 -47.20
C PRO QA 207 -6.87 -22.43 -46.40
N GLY QA 208 -6.58 -23.67 -46.03
CA GLY QA 208 -7.51 -24.49 -45.28
C GLY QA 208 -7.40 -25.97 -45.60
N LEU QA 209 -6.58 -26.30 -46.59
CA LEU QA 209 -6.32 -27.69 -46.96
C LEU QA 209 -4.84 -27.99 -46.86
N ASP QA 210 -4.53 -29.25 -46.54
CA ASP QA 210 -3.15 -29.75 -46.47
C ASP QA 210 -2.35 -28.98 -45.42
N GLY QA 211 -2.82 -29.05 -44.18
CA GLY QA 211 -2.15 -28.42 -43.06
C GLY QA 211 -2.26 -26.91 -42.99
N LEU QA 212 -2.67 -26.25 -44.07
CA LEU QA 212 -2.80 -24.80 -44.06
C LEU QA 212 -3.99 -24.37 -43.20
N GLY QA 213 -3.83 -23.24 -42.52
CA GLY QA 213 -4.88 -22.73 -41.67
C GLY QA 213 -6.01 -22.09 -42.45
N GLU QA 214 -7.08 -21.77 -41.74
CA GLU QA 214 -8.28 -21.21 -42.33
C GLU QA 214 -8.33 -19.70 -42.08
N ILE QA 215 -8.77 -18.96 -43.09
CA ILE QA 215 -8.86 -17.51 -42.99
C ILE QA 215 -10.12 -17.14 -42.22
N ARG QA 216 -9.95 -16.39 -41.13
CA ARG QA 216 -11.05 -15.95 -40.29
C ARG QA 216 -11.23 -14.45 -40.47
N GLN QA 217 -12.28 -14.06 -41.20
CA GLN QA 217 -12.53 -12.65 -41.43
C GLN QA 217 -13.00 -11.96 -40.16
N SER QA 218 -12.76 -10.65 -40.09
CA SER QA 218 -13.14 -9.83 -38.94
C SER QA 218 -12.61 -10.43 -37.64
N MET QA 219 -11.34 -10.82 -37.66
CA MET QA 219 -10.72 -11.50 -36.54
C MET QA 219 -9.23 -11.17 -36.56
N LEU QA 220 -8.62 -11.15 -35.38
CA LEU QA 220 -7.21 -10.84 -35.25
C LEU QA 220 -6.54 -11.86 -34.34
N GLU QA 221 -5.23 -12.01 -34.52
CA GLU QA 221 -4.43 -12.95 -33.76
C GLU QA 221 -3.58 -12.15 -32.77
N ALA QA 222 -3.89 -12.28 -31.49
CA ALA QA 222 -3.19 -11.53 -30.46
C ALA QA 222 -1.79 -12.07 -30.25
N SER QA 223 -0.97 -11.27 -29.56
CA SER QA 223 0.37 -11.71 -29.20
C SER QA 223 0.29 -12.85 -28.19
N ASN QA 224 1.25 -13.78 -28.30
CA ASN QA 224 1.29 -14.96 -27.45
C ASN QA 224 2.28 -14.82 -26.30
N VAL QA 225 2.78 -13.61 -26.04
CA VAL QA 225 3.72 -13.42 -24.95
C VAL QA 225 3.03 -13.70 -23.61
N ASN QA 226 3.79 -14.26 -22.68
CA ASN QA 226 3.31 -14.50 -21.31
C ASN QA 226 3.92 -13.39 -20.45
N VAL QA 227 3.11 -12.38 -20.15
CA VAL QA 227 3.61 -11.22 -19.42
C VAL QA 227 4.07 -11.60 -18.01
N THR QA 228 3.42 -12.60 -17.41
CA THR QA 228 3.87 -13.07 -16.11
C THR QA 228 5.24 -13.73 -16.19
N GLU QA 229 5.47 -14.54 -17.23
CA GLU QA 229 6.75 -15.22 -17.37
C GLU QA 229 7.88 -14.22 -17.55
N GLU QA 230 7.66 -13.17 -18.35
CA GLU QA 230 8.71 -12.20 -18.61
C GLU QA 230 9.10 -11.47 -17.33
N LEU QA 231 8.13 -11.15 -16.48
CA LEU QA 231 8.44 -10.49 -15.21
C LEU QA 231 9.24 -11.41 -14.30
N VAL QA 232 8.93 -12.71 -14.31
CA VAL QA 232 9.73 -13.66 -13.55
C VAL QA 232 11.11 -13.83 -14.19
N ASN QA 233 11.16 -13.86 -15.52
CA ASN QA 233 12.45 -13.96 -16.20
C ASN QA 233 13.33 -12.76 -15.92
N MET QA 234 12.73 -11.58 -15.70
CA MET QA 234 13.51 -10.43 -15.30
C MET QA 234 14.12 -10.61 -13.92
N ILE QA 235 13.44 -11.34 -13.04
CA ILE QA 235 13.95 -11.55 -11.68
C ILE QA 235 15.21 -12.41 -11.71
N GLU QA 236 15.17 -13.53 -12.43
CA GLU QA 236 16.33 -14.41 -12.46
C GLU QA 236 17.47 -13.80 -13.26
N ALA QA 237 17.16 -13.07 -14.34
CA ALA QA 237 18.20 -12.44 -15.14
C ALA QA 237 18.90 -11.33 -14.36
N GLN QA 238 18.14 -10.54 -13.60
CA GLN QA 238 18.74 -9.45 -12.83
C GLN QA 238 19.66 -9.98 -11.74
N ARG QA 239 19.22 -11.00 -11.01
CA ARG QA 239 20.01 -11.51 -9.90
C ARG QA 239 21.29 -12.18 -10.39
N VAL QA 240 21.20 -12.97 -11.45
CA VAL QA 240 22.39 -13.63 -11.99
C VAL QA 240 23.36 -12.59 -12.55
N TYR QA 241 22.82 -11.53 -13.16
CA TYR QA 241 23.67 -10.44 -13.64
C TYR QA 241 24.42 -9.78 -12.50
N GLU QA 242 23.73 -9.54 -11.38
CA GLU QA 242 24.39 -8.92 -10.23
C GLU QA 242 25.36 -9.89 -9.57
N MET QA 243 25.08 -11.19 -9.64
CA MET QA 243 25.97 -12.19 -9.06
C MET QA 243 27.31 -12.21 -9.79
N ASN QA 244 27.29 -12.12 -11.12
CA ASN QA 244 28.53 -12.11 -11.88
C ASN QA 244 29.36 -10.87 -11.60
N SER QA 245 28.71 -9.75 -11.27
CA SER QA 245 29.45 -8.54 -10.92
C SER QA 245 30.23 -8.74 -9.62
N LYS QA 246 29.68 -9.54 -8.70
CA LYS QA 246 30.34 -9.75 -7.42
C LYS QA 246 31.67 -10.49 -7.58
N VAL QA 247 31.72 -11.46 -8.51
CA VAL QA 247 32.96 -12.17 -8.77
C VAL QA 247 34.01 -11.22 -9.34
N ILE QA 248 33.58 -10.33 -10.24
CA ILE QA 248 34.51 -9.34 -10.79
C ILE QA 248 35.04 -8.43 -9.70
N SER QA 249 34.15 -7.97 -8.80
CA SER QA 249 34.59 -7.12 -7.69
C SER QA 249 35.55 -7.86 -6.77
N SER QA 250 35.26 -9.14 -6.47
CA SER QA 250 36.12 -9.90 -5.58
C SER QA 250 37.50 -10.13 -6.19
N VAL QA 251 37.55 -10.43 -7.48
CA VAL QA 251 38.85 -10.59 -8.15
C VAL QA 251 39.60 -9.27 -8.18
N ASP QA 252 38.87 -8.16 -8.33
CA ASP QA 252 39.49 -6.84 -8.29
C ASP QA 252 40.17 -6.60 -6.94
N LYS QA 253 39.49 -6.96 -5.85
CA LYS QA 253 40.07 -6.75 -4.52
C LYS QA 253 41.18 -7.74 -4.22
N MET QA 254 41.09 -8.96 -4.76
CA MET QA 254 42.16 -9.94 -4.57
C MET QA 254 43.46 -9.46 -5.21
N MET QA 255 43.38 -8.93 -6.45
CA MET QA 255 44.57 -8.43 -7.12
C MET QA 255 45.06 -7.13 -6.49
N SER QA 256 44.13 -6.27 -6.07
CA SER QA 256 44.53 -5.03 -5.41
C SER QA 256 45.22 -5.29 -4.07
N PHE QA 257 44.85 -6.39 -3.41
CA PHE QA 257 45.51 -6.73 -2.15
C PHE QA 257 46.93 -7.22 -2.38
N VAL QA 258 47.14 -8.03 -3.41
CA VAL QA 258 48.45 -8.66 -3.62
C VAL QA 258 49.49 -7.63 -4.01
N ASN QA 259 49.18 -6.79 -5.01
CA ASN QA 259 50.18 -5.82 -5.47
C ASN QA 259 50.39 -4.70 -4.46
N GLN QA 260 49.53 -4.58 -3.47
CA GLN QA 260 49.75 -3.67 -2.36
C GLN QA 260 50.51 -4.33 -1.23
N GLN QA 261 50.25 -5.62 -0.97
CA GLN QA 261 50.93 -6.34 0.09
C GLN QA 261 52.39 -6.59 -0.25
N LEU QA 262 52.66 -7.09 -1.46
CA LEU QA 262 54.01 -7.46 -1.84
C LEU QA 262 54.86 -6.23 -2.15
N HIS RA 2 37.32 -21.55 8.24
CA HIS RA 2 36.61 -21.14 9.46
C HIS RA 2 35.37 -21.99 9.66
N PRO RA 3 35.29 -22.70 10.79
CA PRO RA 3 34.14 -23.58 11.03
C PRO RA 3 32.81 -22.85 11.04
N ALA RA 4 32.76 -21.62 11.54
CA ALA RA 4 31.49 -20.89 11.60
C ALA RA 4 30.97 -20.54 10.21
N LEU RA 5 31.87 -20.48 9.23
CA LEU RA 5 31.44 -20.20 7.86
C LEU RA 5 30.52 -21.29 7.34
N TRP RA 6 30.86 -22.56 7.64
CA TRP RA 6 30.13 -23.68 7.05
C TRP RA 6 29.00 -24.16 7.94
N VAL RA 7 29.07 -23.89 9.23
CA VAL RA 7 27.93 -24.19 10.10
C VAL RA 7 26.71 -23.37 9.70
N SER RA 8 26.93 -22.08 9.41
CA SER RA 8 25.85 -21.24 8.89
C SER RA 8 25.48 -21.61 7.48
N LYS RA 9 26.44 -22.11 6.68
CA LYS RA 9 26.14 -22.52 5.32
C LYS RA 9 25.21 -23.72 5.29
N THR RA 10 25.29 -24.57 6.31
CA THR RA 10 24.30 -25.64 6.45
C THR RA 10 22.91 -25.08 6.71
N GLY RA 11 22.82 -24.05 7.55
CA GLY RA 11 21.54 -23.43 7.81
C GLY RA 11 20.93 -22.79 6.58
N LEU RA 12 21.76 -22.16 5.75
CA LEU RA 12 21.28 -21.59 4.50
C LEU RA 12 20.74 -22.68 3.57
N ASP RA 13 21.48 -23.80 3.46
CA ASP RA 13 21.02 -24.89 2.61
C ASP RA 13 19.81 -25.59 3.21
N ALA RA 14 19.78 -25.74 4.53
CA ALA RA 14 18.64 -26.39 5.19
C ALA RA 14 17.36 -25.59 4.99
N GLN RA 15 17.44 -24.27 5.13
CA GLN RA 15 16.26 -23.43 4.94
C GLN RA 15 15.84 -23.39 3.46
N GLN RA 16 16.81 -23.52 2.55
CA GLN RA 16 16.48 -23.57 1.14
C GLN RA 16 15.63 -24.80 0.80
N THR RA 17 15.96 -25.93 1.41
CA THR RA 17 15.15 -27.14 1.22
C THR RA 17 13.74 -26.94 1.77
N ASN RA 18 13.63 -26.27 2.92
CA ASN RA 18 12.32 -26.01 3.50
C ASN RA 18 11.47 -25.12 2.59
N ILE RA 19 12.08 -24.07 2.03
CA ILE RA 19 11.34 -23.16 1.16
C ILE RA 19 10.92 -23.88 -0.13
N ALA RA 20 11.76 -24.78 -0.63
CA ALA RA 20 11.40 -25.53 -1.84
C ALA RA 20 10.16 -26.39 -1.60
N THR RA 21 10.04 -26.97 -0.41
CA THR RA 21 8.84 -27.75 -0.11
C THR RA 21 7.62 -26.85 0.07
N ILE RA 22 7.82 -25.67 0.67
CA ILE RA 22 6.71 -24.74 0.88
C ILE RA 22 6.15 -24.29 -0.46
N SER RA 23 7.03 -23.96 -1.41
CA SER RA 23 6.58 -23.54 -2.73
C SER RA 23 5.84 -24.67 -3.44
N ASN RA 24 6.30 -25.91 -3.26
CA ASN RA 24 5.63 -27.05 -3.87
C ASN RA 24 4.22 -27.22 -3.31
N ASN RA 25 4.05 -27.03 -2.00
CA ASN RA 25 2.72 -27.12 -1.40
C ASN RA 25 1.82 -26.01 -1.91
N LEU RA 26 2.34 -24.79 -2.05
CA LEU RA 26 1.54 -23.68 -2.56
C LEU RA 26 1.26 -23.82 -4.05
N ALA RA 27 2.21 -24.39 -4.81
CA ALA RA 27 1.97 -24.59 -6.23
C ALA RA 27 0.82 -25.56 -6.46
N ASN RA 28 0.76 -26.64 -5.69
CA ASN RA 28 -0.33 -27.60 -5.77
C ASN RA 28 -1.44 -27.31 -4.75
N ALA RA 29 -1.92 -26.07 -4.74
CA ALA RA 29 -3.03 -25.71 -3.87
C ALA RA 29 -4.38 -26.03 -4.47
N SER RA 30 -4.43 -26.38 -5.76
CA SER RA 30 -5.67 -26.78 -6.41
C SER RA 30 -5.61 -28.19 -6.97
N THR RA 31 -4.50 -28.90 -6.79
CA THR RA 31 -4.38 -30.27 -7.28
C THR RA 31 -5.31 -31.18 -6.50
N VAL RA 32 -6.04 -32.03 -7.22
CA VAL RA 32 -6.99 -32.96 -6.60
C VAL RA 32 -6.23 -34.13 -6.01
N GLY RA 33 -6.51 -34.45 -4.75
CA GLY RA 33 -5.86 -35.55 -4.08
C GLY RA 33 -4.39 -35.36 -3.84
N TYR RA 34 -3.96 -34.14 -3.53
CA TYR RA 34 -2.57 -33.83 -3.24
C TYR RA 34 -2.40 -33.68 -1.73
N LYS RA 35 -1.34 -34.28 -1.20
CA LYS RA 35 -1.06 -34.25 0.22
C LYS RA 35 0.10 -33.29 0.49
N LYS RA 36 -0.12 -32.36 1.43
CA LYS RA 36 0.92 -31.41 1.77
C LYS RA 36 2.08 -32.12 2.47
N SER RA 37 3.23 -31.47 2.45
CA SER RA 37 4.47 -32.06 2.96
C SER RA 37 5.18 -31.08 3.87
N ARG RA 38 5.87 -31.62 4.87
CA ARG RA 38 6.64 -30.82 5.82
C ARG RA 38 8.07 -31.32 5.88
N ALA RA 39 9.01 -30.38 5.91
CA ALA RA 39 10.43 -30.73 6.02
C ALA RA 39 10.82 -30.89 7.48
N VAL RA 40 11.51 -31.99 7.79
CA VAL RA 40 11.91 -32.32 9.14
C VAL RA 40 13.35 -31.87 9.34
N PHE RA 41 13.57 -31.03 10.35
CA PHE RA 41 14.89 -30.52 10.68
C PHE RA 41 15.52 -31.36 11.79
N GLU RA 42 16.83 -31.53 11.71
CA GLU RA 42 17.58 -32.16 12.78
C GLU RA 42 19.00 -31.63 12.76
N ASP RA 43 19.60 -31.54 13.95
CA ASP RA 43 20.95 -31.02 14.07
C ASP RA 43 21.97 -32.10 13.74
N LEU RA 44 23.15 -31.65 13.31
CA LEU RA 44 24.22 -32.56 12.94
C LEU RA 44 24.99 -33.00 14.18
N PHE RA 45 26.04 -33.79 13.96
CA PHE RA 45 26.79 -34.34 15.07
C PHE RA 45 27.48 -33.24 15.87
N TYR RA 46 27.67 -33.51 17.15
CA TYR RA 46 28.39 -32.60 18.03
C TYR RA 46 29.78 -33.14 18.28
N GLN RA 47 30.78 -32.29 18.04
CA GLN RA 47 32.19 -32.65 18.13
C GLN RA 47 32.76 -32.21 19.49
N ASN RA 48 33.67 -33.02 20.03
CA ASN RA 48 34.31 -32.80 21.32
C ASN RA 48 35.54 -31.92 21.13
N ILE RA 49 35.66 -30.87 21.94
CA ILE RA 49 36.75 -29.92 21.77
C ILE RA 49 37.59 -30.01 23.02
N ASN RA 50 38.59 -29.11 23.14
CA ASN RA 50 39.80 -29.26 23.95
C ASN RA 50 39.54 -29.82 25.35
N GLN RA 51 39.96 -31.04 25.58
CA GLN RA 51 39.62 -31.75 26.82
C GLN RA 51 40.65 -31.60 27.93
N GLY RA 65 34.90 -31.75 27.95
CA GLY RA 65 33.50 -31.97 27.60
C GLY RA 65 32.86 -30.79 26.93
N LEU RA 66 33.56 -30.20 25.96
CA LEU RA 66 33.07 -29.03 25.23
C LEU RA 66 32.50 -29.51 23.90
N MET RA 67 31.21 -29.29 23.69
CA MET RA 67 30.48 -29.78 22.53
C MET RA 67 30.17 -28.64 21.58
N LEU RA 68 30.49 -28.80 20.31
CA LEU RA 68 30.16 -27.84 19.27
C LEU RA 68 29.40 -28.56 18.15
N GLY RA 69 28.29 -27.98 17.74
CA GLY RA 69 27.49 -28.56 16.69
C GLY RA 69 28.06 -28.30 15.31
N ALA RA 70 27.63 -29.13 14.35
CA ALA RA 70 28.10 -29.04 12.98
C ALA RA 70 27.07 -28.38 12.05
N GLY RA 71 25.99 -27.83 12.61
CA GLY RA 71 24.99 -27.13 11.82
C GLY RA 71 23.65 -27.86 11.85
N SER RA 72 22.93 -27.79 10.74
CA SER RA 72 21.61 -28.40 10.64
C SER RA 72 21.37 -28.82 9.20
N LYS RA 73 20.36 -29.69 9.02
CA LYS RA 73 19.97 -30.13 7.70
C LYS RA 73 18.54 -30.65 7.77
N VAL RA 74 17.90 -30.72 6.61
CA VAL RA 74 16.59 -31.34 6.47
C VAL RA 74 16.80 -32.81 6.17
N VAL RA 75 16.30 -33.67 7.06
CA VAL RA 75 16.63 -35.09 6.99
C VAL RA 75 15.49 -35.86 6.32
N ALA RA 76 14.28 -35.30 6.35
CA ALA RA 76 13.13 -35.99 5.79
C ALA RA 76 12.09 -34.98 5.35
N THR RA 77 11.21 -35.41 4.45
CA THR RA 77 10.07 -34.61 3.99
C THR RA 77 8.82 -35.47 4.20
N GLN RA 78 8.06 -35.14 5.25
CA GLN RA 78 6.95 -35.99 5.66
C GLN RA 78 5.66 -35.60 4.95
N LYS RA 79 5.07 -36.57 4.25
CA LYS RA 79 3.74 -36.39 3.66
C LYS RA 79 2.70 -36.45 4.78
N VAL RA 80 1.80 -35.46 4.82
CA VAL RA 80 0.75 -35.41 5.81
C VAL RA 80 -0.53 -35.85 5.12
N HIS RA 81 -0.85 -37.14 5.23
CA HIS RA 81 -2.00 -37.73 4.55
C HIS RA 81 -3.30 -37.47 5.33
N THR RA 82 -3.57 -36.19 5.55
CA THR RA 82 -4.84 -35.78 6.14
C THR RA 82 -5.94 -35.84 5.09
N HIS RA 83 -7.12 -36.28 5.49
CA HIS RA 83 -8.24 -36.37 4.57
C HIS RA 83 -8.72 -34.99 4.18
N GLY RA 84 -8.73 -34.72 2.88
CA GLY RA 84 -9.11 -33.41 2.37
C GLY RA 84 -10.61 -33.26 2.22
N ASN RA 85 -11.01 -32.07 1.78
CA ASN RA 85 -12.42 -31.78 1.58
C ASN RA 85 -12.92 -32.42 0.29
N ALA RA 86 -14.23 -32.50 0.17
CA ALA RA 86 -14.88 -33.13 -0.98
C ALA RA 86 -15.37 -32.06 -1.94
N GLN RA 87 -15.10 -32.26 -3.23
CA GLN RA 87 -15.57 -31.36 -4.27
C GLN RA 87 -16.68 -32.06 -5.04
N THR RA 88 -17.88 -31.49 -5.00
CA THR RA 88 -19.04 -32.07 -5.66
C THR RA 88 -19.06 -31.61 -7.11
N THR RA 89 -18.86 -32.55 -8.03
CA THR RA 89 -18.84 -32.26 -9.46
C THR RA 89 -19.97 -33.02 -10.14
N THR RA 90 -20.41 -32.48 -11.28
CA THR RA 90 -21.47 -33.10 -12.06
C THR RA 90 -20.95 -34.16 -13.01
N ASN RA 91 -19.64 -34.31 -13.14
CA ASN RA 91 -19.07 -35.38 -13.96
C ASN RA 91 -19.31 -36.72 -13.28
N ALA RA 92 -19.55 -37.74 -14.10
CA ALA RA 92 -19.88 -39.06 -13.58
C ALA RA 92 -18.67 -39.98 -13.47
N LEU RA 93 -17.56 -39.66 -14.12
CA LEU RA 93 -16.40 -40.53 -14.15
C LEU RA 93 -15.28 -40.10 -13.21
N ASP RA 94 -15.52 -39.09 -12.37
CA ASP RA 94 -14.56 -38.70 -11.33
C ASP RA 94 -15.09 -39.14 -9.98
N MET RA 95 -14.29 -39.91 -9.26
CA MET RA 95 -14.74 -40.52 -8.01
C MET RA 95 -13.70 -40.25 -6.93
N MET RA 96 -14.11 -40.48 -5.68
CA MET RA 96 -13.30 -40.13 -4.52
C MET RA 96 -13.37 -41.26 -3.50
N VAL RA 97 -12.22 -41.56 -2.89
CA VAL RA 97 -12.14 -42.53 -1.80
C VAL RA 97 -12.47 -41.80 -0.51
N GLU RA 98 -13.50 -42.26 0.19
CA GLU RA 98 -13.94 -41.63 1.44
C GLU RA 98 -13.34 -42.41 2.61
N GLY RA 99 -12.07 -42.16 2.87
CA GLY RA 99 -11.38 -42.80 3.96
C GLY RA 99 -9.93 -43.08 3.56
N ASP RA 100 -9.47 -44.28 3.91
CA ASP RA 100 -8.10 -44.69 3.64
C ASP RA 100 -8.08 -45.68 2.48
N GLY RA 101 -7.19 -45.43 1.53
CA GLY RA 101 -7.05 -46.28 0.36
C GLY RA 101 -6.63 -45.48 -0.84
N PHE RA 102 -6.14 -46.19 -1.85
CA PHE RA 102 -5.66 -45.59 -3.09
C PHE RA 102 -6.24 -46.30 -4.28
N PHE RA 103 -6.48 -45.56 -5.35
CA PHE RA 103 -6.80 -46.18 -6.63
C PHE RA 103 -5.54 -46.82 -7.21
N GLN RA 104 -5.74 -47.80 -8.09
CA GLN RA 104 -4.65 -48.54 -8.70
C GLN RA 104 -4.66 -48.34 -10.20
N VAL RA 105 -3.54 -47.87 -10.75
CA VAL RA 105 -3.41 -47.63 -12.18
C VAL RA 105 -2.27 -48.47 -12.72
N THR RA 106 -2.36 -48.77 -14.01
CA THR RA 106 -1.36 -49.59 -14.70
C THR RA 106 -0.32 -48.67 -15.32
N LEU RA 107 0.91 -48.76 -14.82
CA LEU RA 107 2.00 -47.97 -15.36
C LEU RA 107 2.49 -48.57 -16.68
N PRO RA 108 3.15 -47.77 -17.52
CA PRO RA 108 3.73 -48.32 -18.74
C PRO RA 108 4.75 -49.43 -18.49
N ASP RA 109 5.41 -49.40 -17.33
CA ASP RA 109 6.40 -50.43 -17.00
C ASP RA 109 5.76 -51.79 -16.74
N GLY RA 110 4.44 -51.84 -16.55
CA GLY RA 110 3.74 -53.05 -16.23
C GLY RA 110 3.39 -53.21 -14.76
N ASN RA 111 4.05 -52.46 -13.89
CA ASN RA 111 3.72 -52.48 -12.47
C ASN RA 111 2.61 -51.48 -12.17
N ILE RA 112 2.08 -51.55 -10.96
CA ILE RA 112 0.91 -50.78 -10.56
C ILE RA 112 1.37 -49.57 -9.76
N GLY RA 113 0.96 -48.38 -10.19
CA GLY RA 113 1.13 -47.17 -9.42
C GLY RA 113 -0.18 -46.82 -8.72
N TYR RA 114 -0.05 -46.14 -7.59
CA TYR RA 114 -1.20 -45.86 -6.72
C TYR RA 114 -1.49 -44.36 -6.72
N THR RA 115 -2.74 -44.01 -6.99
CA THR RA 115 -3.17 -42.62 -7.03
C THR RA 115 -4.38 -42.43 -6.14
N ARG RA 116 -4.44 -41.26 -5.51
CA ARG RA 116 -5.65 -40.84 -4.80
C ARG RA 116 -6.48 -39.85 -5.61
N ASN RA 117 -5.91 -39.30 -6.67
CA ASN RA 117 -6.67 -38.47 -7.59
C ASN RA 117 -7.63 -39.34 -8.39
N GLY RA 118 -8.93 -39.08 -8.24
CA GLY RA 118 -9.96 -39.89 -8.85
C GLY RA 118 -10.52 -39.36 -10.15
N GLN RA 119 -9.89 -38.37 -10.78
CA GLN RA 119 -10.40 -37.85 -12.04
C GLN RA 119 -10.13 -38.85 -13.16
N PHE RA 120 -11.11 -39.69 -13.46
CA PHE RA 120 -10.99 -40.73 -14.47
C PHE RA 120 -11.81 -40.36 -15.69
N THR RA 121 -11.60 -41.13 -16.76
CA THR RA 121 -12.38 -41.02 -17.99
C THR RA 121 -12.21 -42.34 -18.76
N LEU RA 122 -12.68 -42.35 -20.00
CA LEU RA 122 -12.59 -43.53 -20.84
C LEU RA 122 -11.72 -43.25 -22.05
N ASN RA 123 -11.07 -44.30 -22.55
CA ASN RA 123 -10.31 -44.21 -23.78
C ASN RA 123 -11.21 -44.60 -24.96
N GLY RA 124 -10.61 -44.80 -26.13
CA GLY RA 124 -11.39 -45.12 -27.31
C GLY RA 124 -12.09 -46.44 -27.30
N GLU RA 125 -11.78 -47.32 -26.34
CA GLU RA 125 -12.39 -48.64 -26.26
C GLU RA 125 -13.30 -48.81 -25.05
N GLY RA 126 -13.53 -47.76 -24.27
CA GLY RA 126 -14.38 -47.84 -23.10
C GLY RA 126 -13.67 -48.20 -21.82
N THR RA 127 -12.37 -48.48 -21.88
CA THR RA 127 -11.63 -48.81 -20.67
C THR RA 127 -11.48 -47.59 -19.77
N LEU RA 128 -11.71 -47.77 -18.47
CA LEU RA 128 -11.60 -46.67 -17.53
C LEU RA 128 -10.13 -46.33 -17.30
N VAL RA 129 -9.76 -45.10 -17.63
CA VAL RA 129 -8.38 -44.64 -17.53
C VAL RA 129 -8.37 -43.30 -16.79
N THR RA 130 -7.17 -42.91 -16.36
CA THR RA 130 -7.00 -41.60 -15.73
C THR RA 130 -7.17 -40.49 -16.75
N SER RA 131 -7.61 -39.33 -16.27
CA SER RA 131 -7.89 -38.20 -17.16
C SER RA 131 -6.64 -37.45 -17.57
N GLY RA 132 -5.45 -37.89 -17.14
CA GLY RA 132 -4.22 -37.24 -17.51
C GLY RA 132 -3.50 -37.98 -18.62
N SER RA 133 -2.49 -38.78 -18.25
CA SER RA 133 -1.76 -39.56 -19.25
C SER RA 133 -2.60 -40.66 -19.87
N GLY RA 134 -3.63 -41.13 -19.17
CA GLY RA 134 -4.50 -42.16 -19.70
C GLY RA 134 -4.17 -43.57 -19.30
N TYR RA 135 -3.51 -43.76 -18.15
CA TYR RA 135 -3.16 -45.10 -17.72
C TYR RA 135 -4.41 -45.85 -17.27
N PRO RA 136 -4.56 -47.11 -17.67
CA PRO RA 136 -5.75 -47.88 -17.25
C PRO RA 136 -5.76 -48.10 -15.74
N VAL RA 137 -6.97 -48.21 -15.21
CA VAL RA 137 -7.19 -48.38 -13.77
C VAL RA 137 -7.47 -49.85 -13.50
N GLU RA 138 -6.80 -50.41 -12.49
CA GLU RA 138 -6.97 -51.80 -12.09
C GLU RA 138 -8.02 -51.92 -10.98
N PRO RA 139 -8.94 -52.89 -11.06
CA PRO RA 139 -9.14 -53.87 -12.14
C PRO RA 139 -9.76 -53.19 -13.36
N GLU RA 140 -9.73 -53.83 -14.52
CA GLU RA 140 -10.27 -53.21 -15.73
C GLU RA 140 -11.78 -53.04 -15.64
N ILE RA 141 -12.24 -51.85 -15.99
CA ILE RA 141 -13.66 -51.57 -16.14
C ILE RA 141 -13.88 -51.14 -17.59
N VAL RA 142 -14.76 -51.87 -18.29
CA VAL RA 142 -15.06 -51.60 -19.70
C VAL RA 142 -16.53 -51.26 -19.80
N ILE RA 143 -16.83 -50.14 -20.44
CA ILE RA 143 -18.20 -49.64 -20.57
C ILE RA 143 -18.72 -50.03 -21.96
N PRO RA 144 -19.78 -50.81 -22.05
CA PRO RA 144 -20.36 -51.11 -23.37
C PRO RA 144 -20.92 -49.87 -24.03
N GLU RA 145 -20.96 -49.91 -25.35
CA GLU RA 145 -21.37 -48.70 -26.08
C GLU RA 145 -22.83 -48.37 -25.80
N ASP RA 146 -23.65 -49.36 -25.54
CA ASP RA 146 -25.08 -49.13 -25.38
C ASP RA 146 -25.44 -48.46 -24.06
N ALA RA 147 -24.51 -48.37 -23.12
CA ALA RA 147 -24.82 -47.79 -21.81
C ALA RA 147 -25.19 -46.32 -21.95
N ILE RA 148 -26.21 -45.90 -21.20
CA ILE RA 148 -26.62 -44.50 -21.18
C ILE RA 148 -26.20 -43.80 -19.89
N SER RA 149 -25.81 -44.55 -18.86
CA SER RA 149 -25.32 -43.97 -17.62
C SER RA 149 -24.47 -45.00 -16.90
N ILE RA 150 -23.45 -44.52 -16.19
CA ILE RA 150 -22.52 -45.37 -15.46
C ILE RA 150 -22.64 -45.06 -13.98
N THR RA 151 -22.85 -46.09 -13.17
CA THR RA 151 -22.99 -45.95 -11.73
C THR RA 151 -21.90 -46.78 -11.04
N VAL RA 152 -21.18 -46.15 -10.14
CA VAL RA 152 -20.14 -46.80 -9.34
C VAL RA 152 -20.65 -46.89 -7.91
N GLY RA 153 -20.80 -48.12 -7.42
CA GLY RA 153 -21.32 -48.32 -6.09
C GLY RA 153 -20.35 -47.88 -5.01
N THR RA 154 -20.88 -47.72 -3.80
CA THR RA 154 -20.07 -47.31 -2.66
C THR RA 154 -19.07 -48.39 -2.26
N ASP RA 155 -19.22 -49.62 -2.76
CA ASP RA 155 -18.26 -50.69 -2.54
C ASP RA 155 -17.55 -51.09 -3.82
N GLY RA 156 -17.43 -50.17 -4.77
CA GLY RA 156 -16.74 -50.42 -6.02
C GLY RA 156 -17.57 -51.11 -7.07
N GLU RA 157 -18.82 -51.48 -6.78
CA GLU RA 157 -19.66 -52.17 -7.74
C GLU RA 157 -20.03 -51.23 -8.87
N VAL RA 158 -19.50 -51.48 -10.06
CA VAL RA 158 -19.74 -50.64 -11.22
C VAL RA 158 -20.82 -51.30 -12.08
N SER RA 159 -21.90 -50.56 -12.34
CA SER RA 159 -22.99 -51.06 -13.15
C SER RA 159 -23.43 -49.97 -14.11
N VAL RA 160 -24.00 -50.38 -15.24
CA VAL RA 160 -24.41 -49.47 -16.30
C VAL RA 160 -25.89 -49.69 -16.60
N ARG RA 161 -26.51 -48.66 -17.17
CA ARG RA 161 -27.92 -48.69 -17.55
C ARG RA 161 -28.01 -48.87 -19.06
N VAL RA 162 -28.65 -49.95 -19.48
CA VAL RA 162 -28.83 -50.27 -20.90
C VAL RA 162 -30.32 -50.21 -21.22
N ARG RA 163 -30.67 -49.43 -22.23
CA ARG RA 163 -32.07 -49.28 -22.62
C ARG RA 163 -32.61 -50.60 -23.17
N GLY RA 164 -33.88 -50.88 -22.88
CA GLY RA 164 -34.48 -52.12 -23.30
C GLY RA 164 -34.27 -53.29 -22.37
N GLN RA 165 -33.69 -53.05 -21.19
CA GLN RA 165 -33.43 -54.13 -20.23
C GLN RA 165 -33.60 -53.56 -18.84
N GLN RA 166 -34.51 -54.15 -18.07
CA GLN RA 166 -34.68 -53.76 -16.67
C GLN RA 166 -33.46 -54.20 -15.87
N ASP RA 167 -33.07 -53.37 -14.90
CA ASP RA 167 -31.99 -53.61 -13.94
C ASP RA 167 -30.65 -53.19 -14.53
N ASN RA 168 -29.83 -52.53 -13.73
CA ASN RA 168 -28.48 -52.18 -14.15
C ASN RA 168 -27.61 -53.43 -14.16
N GLN RA 169 -26.93 -53.66 -15.28
CA GLN RA 169 -26.05 -54.82 -15.38
C GLN RA 169 -24.66 -54.49 -14.86
N VAL RA 170 -24.03 -55.46 -14.22
CA VAL RA 170 -22.73 -55.28 -13.58
C VAL RA 170 -21.64 -55.48 -14.62
N VAL RA 171 -20.68 -54.55 -14.67
CA VAL RA 171 -19.55 -54.65 -15.58
C VAL RA 171 -18.23 -54.88 -14.85
N GLY RA 172 -18.21 -54.84 -13.53
CA GLY RA 172 -16.99 -55.06 -12.79
C GLY RA 172 -17.07 -54.42 -11.42
N GLN RA 173 -15.97 -54.56 -10.68
CA GLN RA 173 -15.88 -54.01 -9.33
C GLN RA 173 -14.52 -53.38 -9.13
N LEU RA 174 -14.51 -52.21 -8.48
CA LEU RA 174 -13.27 -51.52 -8.15
C LEU RA 174 -12.71 -52.00 -6.83
N THR RA 175 -11.39 -51.89 -6.68
CA THR RA 175 -10.70 -52.19 -5.44
C THR RA 175 -9.72 -51.08 -5.13
N ILE RA 176 -9.54 -50.81 -3.84
CA ILE RA 176 -8.60 -49.79 -3.39
C ILE RA 176 -7.59 -50.43 -2.46
N THR RA 177 -6.33 -50.00 -2.61
CA THR RA 177 -5.22 -50.54 -1.83
C THR RA 177 -4.84 -49.53 -0.75
N ASP RA 178 -4.64 -50.03 0.47
CA ASP RA 178 -4.22 -49.20 1.59
C ASP RA 178 -2.81 -49.59 2.01
N PHE RA 179 -2.18 -48.72 2.77
CA PHE RA 179 -0.85 -48.97 3.32
C PHE RA 179 -0.82 -48.54 4.77
N VAL RA 180 -0.03 -49.26 5.59
CA VAL RA 180 0.07 -48.92 7.00
C VAL RA 180 0.72 -47.55 7.17
N ASN RA 181 1.74 -47.25 6.37
CA ASN RA 181 2.43 -45.96 6.37
C ASN RA 181 2.28 -45.34 5.00
N PRO RA 182 1.28 -44.48 4.80
CA PRO RA 182 1.17 -43.78 3.50
C PRO RA 182 2.36 -42.89 3.21
N GLY RA 183 3.05 -42.39 4.23
CA GLY RA 183 4.19 -41.52 4.01
C GLY RA 183 5.39 -42.20 3.39
N GLY RA 184 5.43 -43.53 3.42
CA GLY RA 184 6.54 -44.26 2.81
C GLY RA 184 6.41 -44.46 1.31
N LEU RA 185 5.27 -44.14 0.73
CA LEU RA 185 5.11 -44.23 -0.71
C LEU RA 185 6.03 -43.24 -1.40
N GLU RA 186 6.60 -43.66 -2.54
CA GLU RA 186 7.51 -42.81 -3.28
C GLU RA 186 6.72 -42.00 -4.31
N PRO RA 187 6.65 -40.68 -4.19
CA PRO RA 187 5.97 -39.88 -5.22
C PRO RA 187 6.77 -39.90 -6.52
N ILE RA 188 6.07 -40.06 -7.63
CA ILE RA 188 6.67 -40.07 -8.96
C ILE RA 188 6.02 -39.05 -9.88
N GLY RA 189 5.27 -38.10 -9.34
CA GLY RA 189 4.55 -37.14 -10.14
C GLY RA 189 3.28 -37.74 -10.73
N GLN RA 190 2.58 -36.90 -11.50
CA GLN RA 190 1.32 -37.29 -12.14
C GLN RA 190 0.30 -37.78 -11.14
N ASN RA 191 0.33 -37.22 -9.93
CA ASN RA 191 -0.56 -37.63 -8.83
C ASN RA 191 -0.42 -39.11 -8.51
N LEU RA 192 0.77 -39.67 -8.72
CA LEU RA 192 1.01 -41.09 -8.55
C LEU RA 192 2.04 -41.32 -7.45
N TYR RA 193 1.90 -42.45 -6.76
CA TYR RA 193 2.86 -42.90 -5.77
C TYR RA 193 3.31 -44.31 -6.12
N LEU RA 194 4.38 -44.76 -5.48
CA LEU RA 194 4.86 -46.11 -5.68
C LEU RA 194 5.09 -46.81 -4.34
N PRO RA 195 4.88 -48.12 -4.27
CA PRO RA 195 5.11 -48.84 -3.02
C PRO RA 195 6.61 -49.03 -2.78
N THR RA 196 7.03 -48.77 -1.55
CA THR RA 196 8.42 -48.91 -1.14
C THR RA 196 8.51 -49.88 0.04
N GLY RA 197 9.73 -50.10 0.51
CA GLY RA 197 9.92 -50.94 1.68
C GLY RA 197 9.30 -50.34 2.93
N ALA RA 198 9.32 -49.02 3.03
CA ALA RA 198 8.77 -48.32 4.18
C ALA RA 198 7.28 -48.05 4.07
N SER RA 199 6.70 -48.24 2.89
CA SER RA 199 5.26 -47.98 2.72
C SER RA 199 4.44 -49.00 3.48
N GLY RA 200 4.76 -50.28 3.34
CA GLY RA 200 4.02 -51.34 3.97
C GLY RA 200 3.67 -52.40 2.95
N ASP RA 201 2.68 -53.22 3.29
CA ASP RA 201 2.24 -54.31 2.44
C ASP RA 201 0.92 -53.92 1.77
N PRO RA 202 0.80 -54.05 0.45
CA PRO RA 202 -0.46 -53.70 -0.22
C PRO RA 202 -1.59 -54.61 0.26
N GLN RA 203 -2.60 -54.00 0.89
CA GLN RA 203 -3.76 -54.72 1.39
C GLN RA 203 -4.97 -54.36 0.53
N GLU RA 204 -5.20 -55.14 -0.52
CA GLU RA 204 -6.36 -54.94 -1.36
C GLU RA 204 -7.62 -55.44 -0.66
N GLY RA 205 -8.76 -55.06 -1.20
CA GLY RA 205 -10.02 -55.49 -0.64
C GLY RA 205 -11.16 -54.63 -1.15
N VAL RA 206 -12.36 -55.01 -0.72
CA VAL RA 206 -13.57 -54.27 -1.08
C VAL RA 206 -13.51 -52.87 -0.47
N PRO RA 207 -13.80 -51.83 -1.24
CA PRO RA 207 -13.69 -50.46 -0.69
C PRO RA 207 -14.80 -50.12 0.28
N GLY RA 208 -14.58 -50.41 1.56
CA GLY RA 208 -15.55 -50.12 2.59
C GLY RA 208 -15.54 -51.13 3.73
N LEU RA 209 -14.77 -52.19 3.57
CA LEU RA 209 -14.67 -53.24 4.58
C LEU RA 209 -13.24 -53.33 5.10
N ASP RA 210 -13.12 -53.56 6.41
CA ASP RA 210 -11.84 -53.79 7.08
C ASP RA 210 -10.92 -52.58 6.96
N GLY RA 211 -11.41 -51.44 7.43
CA GLY RA 211 -10.60 -50.24 7.53
C GLY RA 211 -10.42 -49.48 6.23
N LEU RA 212 -11.04 -49.91 5.14
CA LEU RA 212 -10.92 -49.19 3.88
C LEU RA 212 -12.00 -48.12 3.78
N GLY RA 213 -11.72 -47.11 2.95
CA GLY RA 213 -12.70 -46.08 2.67
C GLY RA 213 -13.67 -46.52 1.59
N GLU RA 214 -14.65 -45.66 1.33
CA GLU RA 214 -15.71 -45.95 0.38
C GLU RA 214 -15.53 -45.12 -0.88
N ILE RA 215 -16.03 -45.66 -2.00
CA ILE RA 215 -15.98 -44.96 -3.28
C ILE RA 215 -17.15 -43.99 -3.35
N ARG RA 216 -16.86 -42.73 -3.66
CA ARG RA 216 -17.88 -41.69 -3.77
C ARG RA 216 -17.85 -41.14 -5.19
N GLN RA 217 -18.80 -41.59 -6.02
CA GLN RA 217 -18.86 -41.17 -7.40
C GLN RA 217 -19.28 -39.70 -7.48
N SER RA 218 -18.86 -39.05 -8.58
CA SER RA 218 -19.17 -37.64 -8.83
C SER RA 218 -18.70 -36.75 -7.70
N MET RA 219 -17.54 -37.09 -7.13
CA MET RA 219 -16.94 -36.30 -6.07
C MET RA 219 -15.43 -36.37 -6.19
N LEU RA 220 -14.76 -35.33 -5.71
CA LEU RA 220 -13.31 -35.24 -5.78
C LEU RA 220 -12.76 -34.75 -4.45
N GLU RA 221 -11.53 -35.13 -4.15
CA GLU RA 221 -10.87 -34.77 -2.91
C GLU RA 221 -9.96 -33.58 -3.15
N ALA RA 222 -10.21 -32.48 -2.42
CA ALA RA 222 -9.38 -31.29 -2.56
C ALA RA 222 -8.04 -31.50 -1.86
N SER RA 223 -7.07 -30.66 -2.25
CA SER RA 223 -5.77 -30.69 -1.62
C SER RA 223 -5.88 -30.23 -0.18
N ASN RA 224 -5.16 -30.91 0.71
CA ASN RA 224 -5.22 -30.62 2.14
C ASN RA 224 -4.19 -29.59 2.58
N VAL RA 225 -3.73 -28.74 1.67
CA VAL RA 225 -2.75 -27.72 2.02
C VAL RA 225 -3.43 -26.59 2.77
N ASN RA 226 -2.74 -26.06 3.77
CA ASN RA 226 -3.22 -24.89 4.52
C ASN RA 226 -2.48 -23.69 3.95
N VAL RA 227 -3.16 -22.92 3.10
CA VAL RA 227 -2.50 -21.82 2.39
C VAL RA 227 -1.98 -20.78 3.37
N THR RA 228 -2.71 -20.55 4.46
CA THR RA 228 -2.24 -19.60 5.48
C THR RA 228 -0.99 -20.12 6.17
N GLU RA 229 -0.92 -21.42 6.45
CA GLU RA 229 0.26 -21.99 7.10
C GLU RA 229 1.50 -21.82 6.25
N GLU RA 230 1.39 -22.06 4.94
CA GLU RA 230 2.56 -21.96 4.08
C GLU RA 230 3.08 -20.53 4.02
N LEU RA 231 2.17 -19.55 4.00
CA LEU RA 231 2.60 -18.16 3.96
C LEU RA 231 3.32 -17.77 5.25
N VAL RA 232 2.87 -18.28 6.39
CA VAL RA 232 3.58 -18.03 7.65
C VAL RA 232 4.90 -18.77 7.66
N ASN RA 233 4.92 -20.00 7.13
CA ASN RA 233 6.17 -20.75 7.07
C ASN RA 233 7.20 -20.08 6.16
N MET RA 234 6.75 -19.38 5.13
CA MET RA 234 7.67 -18.58 4.33
C MET RA 234 8.26 -17.45 5.14
N ILE RA 235 7.46 -16.85 6.04
CA ILE RA 235 7.94 -15.73 6.85
C ILE RA 235 9.07 -16.19 7.76
N GLU RA 236 8.88 -17.33 8.45
CA GLU RA 236 9.89 -17.77 9.39
C GLU RA 236 11.10 -18.36 8.67
N ALA RA 237 10.88 -18.99 7.51
CA ALA RA 237 12.01 -19.51 6.74
C ALA RA 237 12.87 -18.38 6.18
N GLN RA 238 12.23 -17.29 5.73
CA GLN RA 238 12.98 -16.16 5.18
C GLN RA 238 13.86 -15.52 6.24
N ARG RA 239 13.34 -15.32 7.46
CA ARG RA 239 14.10 -14.63 8.49
C ARG RA 239 15.26 -15.48 8.99
N VAL RA 240 15.02 -16.77 9.21
CA VAL RA 240 16.10 -17.66 9.64
C VAL RA 240 17.17 -17.76 8.56
N TYR RA 241 16.74 -17.78 7.29
CA TYR RA 241 17.70 -17.79 6.19
C TYR RA 241 18.54 -16.51 6.18
N GLU RA 242 17.89 -15.35 6.39
CA GLU RA 242 18.63 -14.10 6.39
C GLU RA 242 19.52 -13.97 7.62
N MET RA 243 19.12 -14.57 8.75
CA MET RA 243 19.95 -14.51 9.95
C MET RA 243 21.27 -15.23 9.74
N ASN RA 244 21.23 -16.39 9.08
CA ASN RA 244 22.46 -17.13 8.81
C ASN RA 244 23.37 -16.38 7.84
N SER RA 245 22.80 -15.53 6.98
CA SER RA 245 23.61 -14.75 6.06
C SER RA 245 24.46 -13.73 6.81
N LYS RA 246 23.92 -13.14 7.87
CA LYS RA 246 24.68 -12.16 8.63
C LYS RA 246 25.82 -12.80 9.42
N VAL RA 247 25.65 -14.04 9.86
CA VAL RA 247 26.73 -14.75 10.53
C VAL RA 247 27.89 -14.96 9.57
N ILE RA 248 27.59 -15.37 8.33
CA ILE RA 248 28.62 -15.50 7.32
C ILE RA 248 29.26 -14.16 7.01
N SER RA 249 28.44 -13.11 6.91
CA SER RA 249 28.98 -11.77 6.69
C SER RA 249 29.84 -11.33 7.86
N SER RA 250 29.40 -11.59 9.09
CA SER RA 250 30.18 -11.19 10.26
C SER RA 250 31.48 -11.95 10.36
N VAL RA 251 31.46 -13.25 10.08
CA VAL RA 251 32.69 -14.05 10.12
C VAL RA 251 33.66 -13.59 9.02
N ASP RA 252 33.13 -13.30 7.83
CA ASP RA 252 33.99 -12.84 6.74
C ASP RA 252 34.65 -11.49 7.09
N LYS RA 253 33.88 -10.58 7.68
CA LYS RA 253 34.47 -9.30 8.08
C LYS RA 253 35.44 -9.46 9.24
N MET RA 254 35.31 -10.53 10.01
CA MET RA 254 36.28 -10.80 11.07
C MET RA 254 37.62 -11.24 10.47
N MET RA 255 37.59 -12.18 9.53
CA MET RA 255 38.83 -12.66 8.91
C MET RA 255 39.47 -11.58 8.07
N SER RA 256 38.67 -10.73 7.41
CA SER RA 256 39.22 -9.63 6.65
C SER RA 256 39.89 -8.61 7.55
N PHE RA 257 39.42 -8.49 8.79
CA PHE RA 257 40.06 -7.58 9.74
C PHE RA 257 41.36 -8.16 10.28
N VAL RA 258 41.39 -9.47 10.53
CA VAL RA 258 42.57 -10.07 11.16
C VAL RA 258 43.76 -10.08 10.22
N ASN RA 259 43.56 -10.51 8.98
CA ASN RA 259 44.68 -10.57 8.04
C ASN RA 259 45.12 -9.18 7.60
N GLN RA 260 44.25 -8.18 7.70
CA GLN RA 260 44.66 -6.80 7.50
C GLN RA 260 45.38 -6.24 8.71
N GLN RA 261 45.26 -6.89 9.87
CA GLN RA 261 45.88 -6.43 11.10
C GLN RA 261 47.16 -7.19 11.42
N LEU RA 262 47.08 -8.51 11.55
CA LEU RA 262 48.23 -9.34 11.87
C LEU RA 262 49.13 -9.51 10.65
N MET SA 1 31.82 -5.96 28.47
CA MET SA 1 31.88 -5.18 27.23
C MET SA 1 31.33 -3.77 27.47
N HIS SA 2 30.48 -3.32 26.55
CA HIS SA 2 29.84 -2.02 26.68
C HIS SA 2 28.53 -2.19 27.44
N PRO SA 3 28.33 -1.49 28.56
CA PRO SA 3 27.09 -1.68 29.33
C PRO SA 3 25.82 -1.42 28.53
N ALA SA 4 25.86 -0.47 27.60
CA ALA SA 4 24.67 -0.12 26.83
C ALA SA 4 24.20 -1.30 25.97
N LEU SA 5 25.12 -2.19 25.60
CA LEU SA 5 24.74 -3.34 24.79
C LEU SA 5 23.76 -4.24 25.51
N TRP SA 6 23.99 -4.47 26.80
CA TRP SA 6 23.17 -5.44 27.54
C TRP SA 6 22.02 -4.76 28.26
N VAL SA 7 22.13 -3.46 28.56
CA VAL SA 7 20.98 -2.73 29.08
C VAL SA 7 19.89 -2.65 28.02
N SER SA 8 20.27 -2.39 26.77
CA SER SA 8 19.31 -2.39 25.68
C SER SA 8 18.83 -3.80 25.36
N LYS SA 9 19.65 -4.81 25.62
CA LYS SA 9 19.22 -6.20 25.40
C LYS SA 9 18.11 -6.59 26.36
N THR SA 10 18.14 -6.04 27.59
CA THR SA 10 17.06 -6.29 28.53
C THR SA 10 15.74 -5.74 28.00
N GLY SA 11 15.77 -4.56 27.39
CA GLY SA 11 14.56 -4.01 26.79
C GLY SA 11 14.03 -4.85 25.66
N LEU SA 12 14.93 -5.42 24.85
CA LEU SA 12 14.51 -6.33 23.80
C LEU SA 12 13.88 -7.59 24.38
N ASP SA 13 14.45 -8.13 25.46
CA ASP SA 13 13.89 -9.31 26.10
C ASP SA 13 12.58 -8.97 26.82
N ALA SA 14 12.52 -7.80 27.46
CA ALA SA 14 11.31 -7.41 28.16
C ALA SA 14 10.14 -7.24 27.21
N GLN SA 15 10.37 -6.58 26.06
CA GLN SA 15 9.29 -6.38 25.11
C GLN SA 15 8.90 -7.69 24.42
N GLN SA 16 9.86 -8.59 24.21
CA GLN SA 16 9.54 -9.87 23.60
C GLN SA 16 8.57 -10.67 24.46
N THR SA 17 8.78 -10.67 25.77
CA THR SA 17 7.82 -11.30 26.67
C THR SA 17 6.50 -10.54 26.67
N ASN SA 18 6.55 -9.22 26.57
CA ASN SA 18 5.34 -8.42 26.50
C ASN SA 18 4.52 -8.76 25.26
N ILE SA 19 5.18 -8.90 24.11
CA ILE SA 19 4.47 -9.25 22.88
C ILE SA 19 3.90 -10.66 22.97
N ALA SA 20 4.61 -11.57 23.64
CA ALA SA 20 4.13 -12.95 23.76
C ALA SA 20 2.81 -13.01 24.52
N THR SA 21 2.63 -12.14 25.52
CA THR SA 21 1.37 -12.11 26.24
C THR SA 21 0.26 -11.47 25.41
N ILE SA 22 0.59 -10.44 24.63
CA ILE SA 22 -0.41 -9.81 23.78
C ILE SA 22 -0.93 -10.78 22.73
N SER SA 23 -0.02 -11.53 22.10
CA SER SA 23 -0.45 -12.52 21.11
C SER SA 23 -1.27 -13.63 21.77
N ASN SA 24 -0.93 -13.99 23.00
CA ASN SA 24 -1.73 -14.98 23.72
C ASN SA 24 -3.13 -14.47 24.00
N ASN SA 25 -3.26 -13.18 24.35
CA ASN SA 25 -4.57 -12.59 24.57
C ASN SA 25 -5.39 -12.58 23.28
N LEU SA 26 -4.77 -12.22 22.17
CA LEU SA 26 -5.49 -12.18 20.89
C LEU SA 26 -5.84 -13.58 20.41
N ALA SA 27 -4.96 -14.56 20.66
CA ALA SA 27 -5.27 -15.94 20.26
C ALA SA 27 -6.49 -16.45 20.99
N ASN SA 28 -6.60 -16.16 22.28
CA ASN SA 28 -7.76 -16.56 23.08
C ASN SA 28 -8.82 -15.47 23.12
N ALA SA 29 -9.20 -14.96 21.95
CA ALA SA 29 -10.26 -13.97 21.85
C ALA SA 29 -11.64 -14.60 21.70
N SER SA 30 -11.71 -15.92 21.52
CA SER SA 30 -12.98 -16.62 21.42
C SER SA 30 -13.12 -17.72 22.45
N THR SA 31 -12.14 -17.91 23.33
CA THR SA 31 -12.21 -18.94 24.35
C THR SA 31 -13.22 -18.55 25.43
N VAL SA 32 -14.09 -19.49 25.80
CA VAL SA 32 -15.10 -19.20 26.81
C VAL SA 32 -14.45 -19.22 28.19
N GLY SA 33 -14.70 -18.16 28.95
CA GLY SA 33 -14.14 -18.05 30.30
C GLY SA 33 -12.64 -17.85 30.34
N TYR SA 34 -12.09 -17.08 29.42
CA TYR SA 34 -10.67 -16.75 29.41
C TYR SA 34 -10.46 -15.38 30.03
N LYS SA 35 -9.42 -15.26 30.85
CA LYS SA 35 -9.07 -14.01 31.51
C LYS SA 35 -7.80 -13.45 30.88
N LYS SA 36 -7.87 -12.24 30.36
CA LYS SA 36 -6.73 -11.63 29.71
C LYS SA 36 -5.64 -11.33 30.73
N SER SA 37 -4.41 -11.19 30.21
CA SER SA 37 -3.24 -10.93 31.04
C SER SA 37 -2.45 -9.77 30.47
N ARG SA 38 -1.76 -9.06 31.36
CA ARG SA 38 -0.86 -7.98 30.96
C ARG SA 38 0.50 -8.21 31.61
N ALA SA 39 1.55 -7.79 30.91
CA ALA SA 39 2.90 -7.94 31.42
C ALA SA 39 3.26 -6.79 32.34
N VAL SA 40 3.77 -7.14 33.52
CA VAL SA 40 4.14 -6.16 34.54
C VAL SA 40 5.63 -5.91 34.44
N PHE SA 41 6.00 -4.67 34.11
CA PHE SA 41 7.38 -4.27 33.96
C PHE SA 41 7.90 -3.67 35.27
N GLU SA 42 9.20 -3.84 35.51
CA GLU SA 42 9.86 -3.20 36.62
C GLU SA 42 11.34 -3.01 36.28
N ASP SA 43 11.90 -1.91 36.74
CA ASP SA 43 13.30 -1.61 36.47
C ASP SA 43 14.21 -2.51 37.30
N LEU SA 44 15.41 -2.74 36.77
CA LEU SA 44 16.40 -3.55 37.46
C LEU SA 44 17.16 -2.70 38.47
N PHE SA 45 18.07 -3.34 39.20
CA PHE SA 45 18.80 -2.67 40.26
C PHE SA 45 19.68 -1.55 39.70
N TYR SA 46 19.86 -0.50 40.50
CA TYR SA 46 20.67 0.64 40.14
C TYR SA 46 22.01 0.55 40.86
N GLN SA 47 23.09 0.68 40.10
CA GLN SA 47 24.44 0.56 40.64
C GLN SA 47 25.00 1.94 40.96
N ASN SA 48 25.71 2.03 42.08
CA ASN SA 48 26.33 3.27 42.53
C ASN SA 48 27.79 3.24 42.12
N ILE SA 49 28.19 4.21 41.29
CA ILE SA 49 29.53 4.25 40.72
C ILE SA 49 30.15 5.62 41.00
N ASN SA 50 31.45 5.72 40.75
CA ASN SA 50 32.22 6.95 40.88
C ASN SA 50 32.08 7.55 42.28
N GLN SA 51 32.59 6.81 43.26
CA GLN SA 51 32.54 7.25 44.64
C GLN SA 51 33.77 6.80 45.41
N GLY SA 65 27.31 8.95 44.29
CA GLY SA 65 25.99 9.52 44.10
C GLY SA 65 25.50 9.43 42.66
N LEU SA 66 26.18 8.59 41.87
CA LEU SA 66 25.83 8.40 40.47
C LEU SA 66 25.16 7.03 40.33
N MET SA 67 23.93 7.03 39.86
CA MET SA 67 23.13 5.82 39.71
C MET SA 67 22.99 5.47 38.24
N LEU SA 68 23.29 4.22 37.90
CA LEU SA 68 23.11 3.71 36.55
C LEU SA 68 22.16 2.51 36.59
N GLY SA 69 21.13 2.55 35.76
CA GLY SA 69 20.20 1.44 35.69
C GLY SA 69 20.77 0.24 34.97
N ALA SA 70 20.18 -0.92 35.24
CA ALA SA 70 20.59 -2.17 34.63
C ALA SA 70 19.63 -2.64 33.55
N GLY SA 71 18.58 -1.88 33.24
CA GLY SA 71 17.63 -2.24 32.22
C GLY SA 71 16.23 -2.42 32.79
N SER SA 72 15.49 -3.33 32.18
CA SER SA 72 14.12 -3.61 32.61
C SER SA 72 13.82 -5.09 32.37
N LYS SA 73 12.80 -5.58 33.06
CA LYS SA 73 12.36 -6.96 32.90
C LYS SA 73 10.87 -7.05 33.19
N VAL SA 74 10.26 -8.11 32.69
CA VAL SA 74 8.87 -8.43 33.00
C VAL SA 74 8.88 -9.36 34.20
N VAL SA 75 8.41 -8.87 35.35
CA VAL SA 75 8.53 -9.63 36.59
C VAL SA 75 7.32 -10.54 36.82
N ALA SA 76 6.16 -10.20 36.26
CA ALA SA 76 4.96 -11.00 36.48
C ALA SA 76 4.04 -10.87 35.28
N THR SA 77 3.13 -11.85 35.16
CA THR SA 77 2.07 -11.85 34.16
C THR SA 77 0.76 -11.81 34.92
N GLN SA 78 0.20 -10.61 35.06
CA GLN SA 78 -0.99 -10.42 35.89
C GLN SA 78 -2.24 -10.75 35.10
N LYS SA 79 -3.05 -11.67 35.62
CA LYS SA 79 -4.33 -12.03 35.03
C LYS SA 79 -5.42 -11.13 35.60
N VAL SA 80 -6.23 -10.54 34.73
CA VAL SA 80 -7.33 -9.68 35.14
C VAL SA 80 -8.60 -10.52 35.13
N HIS SA 81 -9.13 -10.82 36.31
CA HIS SA 81 -10.31 -11.67 36.43
C HIS SA 81 -11.61 -10.86 36.43
N THR SA 82 -11.76 -10.01 35.43
CA THR SA 82 -13.00 -9.29 35.23
C THR SA 82 -14.01 -10.19 34.51
N HIS SA 83 -15.26 -10.15 34.98
CA HIS SA 83 -16.28 -11.02 34.42
C HIS SA 83 -16.59 -10.62 32.98
N GLY SA 84 -16.56 -11.60 32.07
CA GLY SA 84 -16.84 -11.35 30.68
C GLY SA 84 -18.33 -11.32 30.37
N ASN SA 85 -18.63 -11.00 29.11
CA ASN SA 85 -20.01 -10.95 28.67
C ASN SA 85 -20.62 -12.35 28.66
N ALA SA 86 -21.91 -12.41 28.35
CA ALA SA 86 -22.66 -13.66 28.34
C ALA SA 86 -23.07 -13.99 26.92
N GLN SA 87 -22.92 -15.26 26.54
CA GLN SA 87 -23.37 -15.75 25.25
C GLN SA 87 -24.57 -16.66 25.49
N THR SA 88 -25.71 -16.30 24.90
CA THR SA 88 -26.92 -17.09 25.05
C THR SA 88 -26.86 -18.27 24.08
N THR SA 89 -26.94 -19.47 24.61
CA THR SA 89 -26.85 -20.70 23.83
C THR SA 89 -28.11 -21.54 24.05
N THR SA 90 -28.40 -22.39 23.07
CA THR SA 90 -29.52 -23.31 23.17
C THR SA 90 -29.13 -24.65 23.78
N ASN SA 91 -27.84 -24.87 24.02
CA ASN SA 91 -27.40 -26.09 24.69
C ASN SA 91 -27.82 -26.06 26.16
N ALA SA 92 -28.29 -27.20 26.65
CA ALA SA 92 -28.82 -27.29 28.01
C ALA SA 92 -27.76 -27.72 29.03
N LEU SA 93 -26.55 -28.04 28.60
CA LEU SA 93 -25.52 -28.56 29.50
C LEU SA 93 -24.40 -27.57 29.77
N ASP SA 94 -24.31 -26.47 29.02
CA ASP SA 94 -23.28 -25.48 29.27
C ASP SA 94 -23.84 -24.35 30.12
N MET SA 95 -23.07 -23.94 31.13
CA MET SA 95 -23.55 -23.00 32.13
C MET SA 95 -22.49 -21.95 32.39
N MET SA 96 -22.83 -21.03 33.30
CA MET SA 96 -22.00 -19.86 33.59
C MET SA 96 -22.09 -19.54 35.06
N VAL SA 97 -21.07 -18.85 35.57
CA VAL SA 97 -21.06 -18.36 36.95
C VAL SA 97 -21.31 -16.86 36.90
N GLU SA 98 -22.44 -16.42 37.46
CA GLU SA 98 -22.80 -15.01 37.47
C GLU SA 98 -22.18 -14.37 38.72
N GLY SA 99 -20.89 -14.04 38.60
CA GLY SA 99 -20.17 -13.47 39.71
C GLY SA 99 -18.83 -14.12 39.94
N ASP SA 100 -18.43 -14.26 41.20
CA ASP SA 100 -17.16 -14.85 41.57
C ASP SA 100 -17.35 -16.33 41.88
N GLY SA 101 -16.53 -17.18 41.27
CA GLY SA 101 -16.60 -18.60 41.51
C GLY SA 101 -16.05 -19.44 40.37
N PHE SA 102 -15.42 -20.56 40.71
CA PHE SA 102 -14.84 -21.46 39.73
C PHE SA 102 -15.48 -22.83 39.84
N PHE SA 103 -15.81 -23.44 38.70
CA PHE SA 103 -16.21 -24.83 38.70
C PHE SA 103 -15.02 -25.70 39.06
N GLN SA 104 -15.26 -26.69 39.91
CA GLN SA 104 -14.22 -27.60 40.38
C GLN SA 104 -14.33 -28.92 39.64
N VAL SA 105 -13.25 -29.30 38.97
CA VAL SA 105 -13.20 -30.54 38.19
C VAL SA 105 -12.10 -31.42 38.77
N THR SA 106 -12.25 -32.73 38.57
CA THR SA 106 -11.32 -33.72 39.11
C THR SA 106 -10.33 -34.10 38.02
N LEU SA 107 -9.06 -33.76 38.23
CA LEU SA 107 -8.01 -34.09 37.28
C LEU SA 107 -7.63 -35.56 37.38
N PRO SA 108 -7.00 -36.11 36.34
CA PRO SA 108 -6.59 -37.53 36.40
C PRO SA 108 -5.66 -37.84 37.56
N ASP SA 109 -4.87 -36.87 38.03
CA ASP SA 109 -4.01 -37.10 39.18
C ASP SA 109 -4.80 -37.31 40.46
N GLY SA 110 -6.08 -36.94 40.47
CA GLY SA 110 -6.90 -37.01 41.66
C GLY SA 110 -7.09 -35.69 42.37
N ASN SA 111 -6.23 -34.72 42.12
CA ASN SA 111 -6.40 -33.39 42.69
C ASN SA 111 -7.47 -32.62 41.91
N ILE SA 112 -7.98 -31.57 42.54
CA ILE SA 112 -9.09 -30.81 42.00
C ILE SA 112 -8.54 -29.59 41.27
N GLY SA 113 -8.91 -29.44 40.00
CA GLY SA 113 -8.61 -28.24 39.25
C GLY SA 113 -9.85 -27.36 39.16
N TYR SA 114 -9.63 -26.06 39.13
CA TYR SA 114 -10.71 -25.08 39.18
C TYR SA 114 -10.78 -24.34 37.85
N THR SA 115 -11.97 -24.32 37.26
CA THR SA 115 -12.17 -23.77 35.93
C THR SA 115 -13.33 -22.78 35.94
N ARG SA 116 -13.29 -21.85 34.99
CA ARG SA 116 -14.41 -20.94 34.76
C ARG SA 116 -15.12 -21.19 33.44
N ASN SA 117 -14.54 -22.00 32.56
CA ASN SA 117 -15.25 -22.45 31.38
C ASN SA 117 -16.43 -23.31 31.78
N GLY SA 118 -17.57 -23.09 31.14
CA GLY SA 118 -18.80 -23.80 31.47
C GLY SA 118 -19.31 -24.75 30.42
N GLN SA 119 -18.56 -25.01 29.35
CA GLN SA 119 -18.99 -25.92 28.29
C GLN SA 119 -18.85 -27.34 28.81
N PHE SA 120 -19.97 -27.93 29.23
CA PHE SA 120 -20.00 -29.27 29.80
C PHE SA 120 -20.83 -30.19 28.92
N THR SA 121 -20.79 -31.48 29.25
CA THR SA 121 -21.53 -32.50 28.53
C THR SA 121 -21.62 -33.73 29.43
N LEU SA 122 -22.05 -34.85 28.85
CA LEU SA 122 -22.21 -36.09 29.59
C LEU SA 122 -21.25 -37.14 29.05
N ASN SA 123 -20.81 -38.03 29.94
CA ASN SA 123 -19.99 -39.16 29.52
C ASN SA 123 -20.90 -40.33 29.14
N GLY SA 124 -20.32 -41.50 28.92
CA GLY SA 124 -21.14 -42.67 28.59
C GLY SA 124 -22.07 -43.07 29.72
N GLU SA 125 -21.64 -42.86 30.96
CA GLU SA 125 -22.45 -43.19 32.12
C GLU SA 125 -23.31 -42.02 32.58
N GLY SA 126 -23.30 -40.90 31.87
CA GLY SA 126 -24.15 -39.78 32.19
C GLY SA 126 -23.59 -38.79 33.19
N THR SA 127 -22.38 -39.00 33.68
CA THR SA 127 -21.79 -38.04 34.61
C THR SA 127 -21.42 -36.76 33.89
N LEU SA 128 -21.70 -35.62 34.53
CA LEU SA 128 -21.38 -34.33 33.94
C LEU SA 128 -19.86 -34.14 33.89
N VAL SA 129 -19.33 -33.95 32.68
CA VAL SA 129 -17.90 -33.83 32.47
C VAL SA 129 -17.63 -32.60 31.62
N THR SA 130 -16.35 -32.32 31.40
CA THR SA 130 -15.96 -31.22 30.54
C THR SA 130 -16.06 -31.61 29.07
N SER SA 131 -16.39 -30.64 28.23
CA SER SA 131 -16.56 -30.87 26.80
C SER SA 131 -15.26 -31.07 26.06
N GLY SA 132 -14.12 -30.89 26.73
CA GLY SA 132 -12.82 -31.07 26.11
C GLY SA 132 -12.22 -32.42 26.44
N SER SA 133 -11.33 -32.45 27.44
CA SER SA 133 -10.67 -33.69 27.81
C SER SA 133 -11.58 -34.67 28.56
N GLY SA 134 -12.77 -34.23 28.98
CA GLY SA 134 -13.70 -35.13 29.63
C GLY SA 134 -13.47 -35.34 31.12
N TYR SA 135 -12.89 -34.36 31.79
CA TYR SA 135 -12.68 -34.48 33.24
C TYR SA 135 -14.00 -34.31 33.97
N PRO SA 136 -14.30 -35.17 34.94
CA PRO SA 136 -15.56 -35.05 35.67
C PRO SA 136 -15.63 -33.76 36.49
N VAL SA 137 -16.86 -33.31 36.73
CA VAL SA 137 -17.12 -32.11 37.52
C VAL SA 137 -17.52 -32.53 38.93
N GLU SA 138 -16.81 -32.00 39.92
CA GLU SA 138 -17.06 -32.29 41.33
C GLU SA 138 -18.05 -31.29 41.91
N PRO SA 139 -19.07 -31.75 42.65
CA PRO SA 139 -19.44 -33.15 42.94
C PRO SA 139 -20.05 -33.81 41.72
N GLU SA 140 -20.01 -35.14 41.63
CA GLU SA 140 -20.54 -35.83 40.46
C GLU SA 140 -22.04 -35.65 40.36
N ILE SA 141 -22.50 -35.28 39.16
CA ILE SA 141 -23.92 -35.23 38.83
C ILE SA 141 -24.15 -36.27 37.75
N VAL SA 142 -25.07 -37.19 38.00
CA VAL SA 142 -25.38 -38.28 37.08
C VAL SA 142 -26.81 -38.11 36.61
N ILE SA 143 -26.98 -37.93 35.31
CA ILE SA 143 -28.30 -37.74 34.71
C ILE SA 143 -28.86 -39.11 34.36
N PRO SA 144 -30.02 -39.50 34.90
CA PRO SA 144 -30.59 -40.80 34.57
C PRO SA 144 -31.07 -40.86 33.13
N GLU SA 145 -31.14 -42.09 32.59
CA GLU SA 145 -31.58 -42.27 31.22
C GLU SA 145 -33.06 -41.90 31.06
N ASP SA 146 -33.86 -42.08 32.10
CA ASP SA 146 -35.28 -41.77 32.03
C ASP SA 146 -35.55 -40.27 31.94
N ALA SA 147 -34.54 -39.43 32.16
CA ALA SA 147 -34.74 -37.99 32.11
C ALA SA 147 -35.06 -37.53 30.70
N ILE SA 148 -35.94 -36.52 30.59
CA ILE SA 148 -36.26 -35.91 29.30
C ILE SA 148 -35.79 -34.47 29.22
N SER SA 149 -35.38 -33.85 30.33
CA SER SA 149 -34.83 -32.51 30.30
C SER SA 149 -33.91 -32.35 31.51
N ILE SA 150 -32.96 -31.42 31.38
CA ILE SA 150 -31.99 -31.13 32.43
C ILE SA 150 -32.15 -29.66 32.82
N THR SA 151 -32.34 -29.42 34.12
CA THR SA 151 -32.50 -28.08 34.65
C THR SA 151 -31.50 -27.86 35.77
N VAL SA 152 -30.73 -26.78 35.67
CA VAL SA 152 -29.74 -26.40 36.67
C VAL SA 152 -30.21 -25.12 37.33
N GLY SA 153 -30.50 -25.18 38.62
CA GLY SA 153 -31.00 -24.02 39.33
C GLY SA 153 -29.94 -22.96 39.53
N THR SA 154 -30.40 -21.76 39.90
CA THR SA 154 -29.49 -20.65 40.13
C THR SA 154 -28.57 -20.88 41.33
N ASP SA 155 -28.86 -21.87 42.17
CA ASP SA 155 -28.04 -22.20 43.32
C ASP SA 155 -27.37 -23.56 43.16
N GLY SA 156 -27.14 -24.01 41.92
CA GLY SA 156 -26.48 -25.27 41.67
C GLY SA 156 -27.39 -26.48 41.72
N GLU SA 157 -28.68 -26.31 42.00
CA GLU SA 157 -29.61 -27.43 42.09
C GLU SA 157 -29.83 -28.03 40.71
N VAL SA 158 -29.44 -29.29 40.54
CA VAL SA 158 -29.61 -29.99 39.27
C VAL SA 158 -30.79 -30.94 39.40
N SER SA 159 -31.78 -30.79 38.52
CA SER SA 159 -32.98 -31.62 38.53
C SER SA 159 -33.31 -32.05 37.11
N VAL SA 160 -33.99 -33.20 37.01
CA VAL SA 160 -34.37 -33.75 35.72
C VAL SA 160 -35.88 -34.01 35.71
N ARG SA 161 -36.47 -33.90 34.53
CA ARG SA 161 -37.90 -34.13 34.34
C ARG SA 161 -38.10 -35.58 33.91
N VAL SA 162 -38.91 -36.32 34.67
CA VAL SA 162 -39.13 -37.74 34.44
C VAL SA 162 -40.57 -37.94 34.01
N ARG SA 163 -40.76 -38.69 32.92
CA ARG SA 163 -42.10 -38.96 32.43
C ARG SA 163 -42.84 -39.87 33.41
N GLY SA 164 -44.14 -39.63 33.55
CA GLY SA 164 -44.95 -40.40 34.46
C GLY SA 164 -44.80 -40.03 35.92
N GLN SA 165 -44.11 -38.93 36.23
CA GLN SA 165 -43.88 -38.51 37.60
C GLN SA 165 -43.95 -37.00 37.65
N GLN SA 166 -44.96 -36.47 38.36
CA GLN SA 166 -45.05 -35.04 38.59
C GLN SA 166 -43.98 -34.63 39.59
N ASP SA 167 -43.28 -33.53 39.27
CA ASP SA 167 -42.22 -32.88 40.05
C ASP SA 167 -40.86 -33.34 39.55
N ASN SA 168 -39.95 -32.39 39.32
CA ASN SA 168 -38.60 -32.71 38.90
C ASN SA 168 -37.83 -33.29 40.08
N GLN SA 169 -37.23 -34.46 39.87
CA GLN SA 169 -36.42 -35.08 40.91
C GLN SA 169 -35.01 -34.53 40.86
N VAL SA 170 -34.42 -34.33 42.04
CA VAL SA 170 -33.10 -33.73 42.16
C VAL SA 170 -32.05 -34.82 42.08
N VAL SA 171 -31.09 -34.64 41.17
CA VAL SA 171 -30.03 -35.62 40.96
C VAL SA 171 -28.67 -35.12 41.42
N GLY SA 172 -28.63 -34.01 42.13
CA GLY SA 172 -27.38 -33.48 42.63
C GLY SA 172 -27.44 -31.97 42.77
N GLN SA 173 -26.41 -31.43 43.42
CA GLN SA 173 -26.29 -29.99 43.59
C GLN SA 173 -24.83 -29.58 43.37
N LEU SA 174 -24.60 -28.72 42.40
CA LEU SA 174 -23.26 -28.24 42.10
C LEU SA 174 -22.82 -27.19 43.12
N THR SA 175 -21.52 -27.18 43.41
CA THR SA 175 -20.92 -26.18 44.28
C THR SA 175 -19.74 -25.56 43.55
N ILE SA 176 -19.49 -24.29 43.85
CA ILE SA 176 -18.40 -23.55 43.23
C ILE SA 176 -17.47 -23.05 44.32
N THR SA 177 -16.23 -22.76 43.91
CA THR SA 177 -15.18 -22.33 44.83
C THR SA 177 -14.68 -20.95 44.43
N ASP SA 178 -14.56 -20.07 45.41
CA ASP SA 178 -14.05 -18.72 45.19
C ASP SA 178 -12.74 -18.55 45.94
N PHE SA 179 -11.81 -17.83 45.31
CA PHE SA 179 -10.50 -17.58 45.88
C PHE SA 179 -10.35 -16.08 46.15
N VAL SA 180 -9.68 -15.75 47.26
CA VAL SA 180 -9.46 -14.36 47.60
C VAL SA 180 -8.61 -13.66 46.55
N ASN SA 181 -7.64 -14.39 45.99
CA ASN SA 181 -6.73 -13.89 44.97
C ASN SA 181 -6.81 -14.79 43.75
N PRO SA 182 -7.79 -14.58 42.87
CA PRO SA 182 -7.87 -15.41 41.65
C PRO SA 182 -6.65 -15.29 40.77
N GLY SA 183 -5.98 -14.12 40.77
CA GLY SA 183 -4.78 -13.95 39.98
C GLY SA 183 -3.62 -14.80 40.44
N GLY SA 184 -3.68 -15.34 41.67
CA GLY SA 184 -2.65 -16.22 42.16
C GLY SA 184 -2.80 -17.67 41.75
N LEU SA 185 -3.87 -18.00 41.04
CA LEU SA 185 -4.04 -19.36 40.55
C LEU SA 185 -3.04 -19.64 39.43
N GLU SA 186 -2.73 -20.92 39.24
CA GLU SA 186 -1.72 -21.31 38.27
C GLU SA 186 -2.40 -21.86 37.03
N PRO SA 187 -2.35 -21.16 35.89
CA PRO SA 187 -2.93 -21.72 34.66
C PRO SA 187 -2.12 -22.90 34.16
N ILE SA 188 -2.80 -23.97 33.80
CA ILE SA 188 -2.17 -25.17 33.27
C ILE SA 188 -2.74 -25.57 31.91
N GLY SA 189 -3.43 -24.64 31.25
CA GLY SA 189 -4.08 -24.93 29.99
C GLY SA 189 -5.41 -25.62 30.19
N GLN SA 190 -6.11 -25.82 29.07
CA GLN SA 190 -7.42 -26.47 29.05
C GLN SA 190 -8.42 -25.73 29.93
N ASN SA 191 -8.26 -24.41 30.04
CA ASN SA 191 -9.13 -23.56 30.85
C ASN SA 191 -9.17 -24.02 32.31
N LEU SA 192 -8.02 -24.45 32.82
CA LEU SA 192 -7.92 -25.02 34.16
C LEU SA 192 -6.93 -24.22 35.00
N TYR SA 193 -7.22 -24.12 36.30
CA TYR SA 193 -6.36 -23.47 37.27
C TYR SA 193 -6.03 -24.44 38.40
N LEU SA 194 -4.89 -24.20 39.04
CA LEU SA 194 -4.50 -25.00 40.20
C LEU SA 194 -4.22 -24.08 41.38
N PRO SA 195 -4.72 -24.42 42.58
CA PRO SA 195 -4.49 -23.56 43.74
C PRO SA 195 -3.02 -23.49 44.10
N THR SA 196 -2.60 -22.31 44.55
CA THR SA 196 -1.22 -22.03 44.94
C THR SA 196 -1.19 -21.44 46.34
N GLY SA 197 0.01 -21.05 46.77
CA GLY SA 197 0.15 -20.44 48.07
C GLY SA 197 -0.47 -19.05 48.15
N ALA SA 198 -0.30 -18.26 47.09
CA ALA SA 198 -0.82 -16.90 47.07
C ALA SA 198 -2.27 -16.81 46.62
N SER SA 199 -2.84 -17.91 46.11
CA SER SA 199 -4.24 -17.89 45.70
C SER SA 199 -5.15 -17.71 46.91
N GLY SA 200 -4.80 -18.33 48.03
CA GLY SA 200 -5.63 -18.28 49.21
C GLY SA 200 -6.10 -19.66 49.62
N ASP SA 201 -7.27 -19.74 50.25
CA ASP SA 201 -7.84 -21.03 50.60
C ASP SA 201 -9.11 -21.26 49.80
N PRO SA 202 -9.33 -22.47 49.29
CA PRO SA 202 -10.57 -22.75 48.55
C PRO SA 202 -11.79 -22.50 49.43
N GLN SA 203 -12.58 -21.51 49.05
CA GLN SA 203 -13.79 -21.14 49.77
C GLN SA 203 -14.99 -21.72 49.02
N GLU SA 204 -15.43 -22.89 49.44
CA GLU SA 204 -16.51 -23.61 48.78
C GLU SA 204 -17.81 -23.43 49.56
N GLY SA 205 -18.91 -23.34 48.81
CA GLY SA 205 -20.21 -23.16 49.41
C GLY SA 205 -21.29 -23.23 48.36
N VAL SA 206 -22.50 -22.87 48.78
CA VAL SA 206 -23.64 -22.87 47.86
C VAL SA 206 -23.45 -21.77 46.82
N PRO SA 207 -23.62 -22.06 45.54
CA PRO SA 207 -23.38 -21.04 44.51
C PRO SA 207 -24.45 -19.97 44.46
N GLY SA 208 -24.29 -18.93 45.27
CA GLY SA 208 -25.28 -17.87 45.35
C GLY SA 208 -25.37 -17.24 46.72
N LEU SA 209 -24.66 -17.80 47.70
CA LEU SA 209 -24.63 -17.29 49.05
C LEU SA 209 -23.20 -16.95 49.45
N ASP SA 210 -23.07 -15.87 50.22
CA ASP SA 210 -21.80 -15.44 50.79
C ASP SA 210 -20.76 -15.13 49.70
N GLY SA 211 -21.09 -14.15 48.86
CA GLY SA 211 -20.20 -13.67 47.83
C GLY SA 211 -20.06 -14.56 46.62
N LEU SA 212 -20.51 -15.81 46.67
CA LEU SA 212 -20.40 -16.70 45.54
C LEU SA 212 -21.41 -16.31 44.45
N GLY SA 213 -20.99 -16.48 43.19
CA GLY SA 213 -21.86 -16.20 42.08
C GLY SA 213 -22.91 -17.27 41.90
N GLU SA 214 -23.82 -17.02 40.95
CA GLU SA 214 -24.96 -17.89 40.70
C GLU SA 214 -24.79 -18.59 39.36
N ILE SA 215 -25.22 -19.85 39.31
CA ILE SA 215 -25.11 -20.64 38.09
C ILE SA 215 -26.23 -20.24 37.12
N ARG SA 216 -25.85 -19.95 35.88
CA ARG SA 216 -26.79 -19.58 34.83
C ARG SA 216 -26.72 -20.64 33.74
N GLN SA 217 -27.80 -21.40 33.59
CA GLN SA 217 -27.83 -22.47 32.60
C GLN SA 217 -27.99 -21.92 31.20
N SER SA 218 -27.49 -22.67 30.23
CA SER SA 218 -27.59 -22.33 28.80
C SER SA 218 -27.01 -20.95 28.51
N MET SA 219 -25.90 -20.63 29.18
CA MET SA 219 -25.20 -19.37 28.96
C MET SA 219 -23.71 -19.63 29.12
N LEU SA 220 -22.91 -18.90 28.34
CA LEU SA 220 -21.47 -19.05 28.35
C LEU SA 220 -20.82 -17.71 28.62
N GLU SA 221 -19.70 -17.74 29.32
CA GLU SA 221 -18.94 -16.55 29.70
C GLU SA 221 -17.90 -16.29 28.63
N ALA SA 222 -18.11 -15.25 27.83
CA ALA SA 222 -17.21 -14.95 26.73
C ALA SA 222 -15.89 -14.40 27.26
N SER SA 223 -14.88 -14.43 26.39
CA SER SA 223 -13.57 -13.89 26.72
C SER SA 223 -13.68 -12.38 26.98
N ASN SA 224 -12.87 -11.90 27.93
CA ASN SA 224 -12.89 -10.51 28.33
C ASN SA 224 -11.76 -9.70 27.70
N VAL SA 225 -11.07 -10.25 26.71
CA VAL SA 225 -9.97 -9.54 26.09
C VAL SA 225 -10.49 -8.33 25.31
N ASN SA 226 -9.71 -7.26 25.30
CA ASN SA 226 -10.05 -6.05 24.55
C ASN SA 226 -9.20 -6.06 23.29
N VAL SA 227 -9.78 -6.55 22.19
CA VAL SA 227 -9.03 -6.72 20.96
C VAL SA 227 -8.51 -5.39 20.44
N THR SA 228 -9.24 -4.30 20.69
CA THR SA 228 -8.75 -2.98 20.32
C THR SA 228 -7.50 -2.61 21.13
N GLU SA 229 -7.52 -2.89 22.43
CA GLU SA 229 -6.36 -2.57 23.26
C GLU SA 229 -5.14 -3.37 22.83
N GLU SA 230 -5.33 -4.66 22.51
CA GLU SA 230 -4.19 -5.50 22.16
C GLU SA 230 -3.50 -5.00 20.89
N LEU SA 231 -4.27 -4.49 19.93
CA LEU SA 231 -3.68 -3.95 18.71
C LEU SA 231 -2.88 -2.69 18.98
N VAL SA 232 -3.36 -1.84 19.90
CA VAL SA 232 -2.59 -0.66 20.28
C VAL SA 232 -1.37 -1.08 21.08
N ASN SA 233 -1.50 -2.11 21.92
CA ASN SA 233 -0.37 -2.61 22.69
C ASN SA 233 0.72 -3.17 21.77
N MET SA 234 0.32 -3.77 20.64
CA MET SA 234 1.31 -4.23 19.67
C MET SA 234 2.04 -3.06 19.02
N ILE SA 235 1.36 -1.92 18.88
CA ILE SA 235 1.98 -0.76 18.24
C ILE SA 235 3.12 -0.23 19.11
N GLU SA 236 2.87 -0.07 20.41
CA GLU SA 236 3.91 0.48 21.28
C GLU SA 236 5.00 -0.55 21.55
N ALA SA 237 4.64 -1.83 21.60
CA ALA SA 237 5.65 -2.86 21.82
C ALA SA 237 6.60 -2.97 20.64
N GLN SA 238 6.07 -2.85 19.41
CA GLN SA 238 6.92 -2.91 18.24
C GLN SA 238 7.88 -1.73 18.17
N ARG SA 239 7.39 -0.53 18.44
CA ARG SA 239 8.22 0.66 18.32
C ARG SA 239 9.32 0.68 19.39
N VAL SA 240 8.97 0.33 20.62
CA VAL SA 240 9.98 0.29 21.68
C VAL SA 240 11.00 -0.80 21.40
N TYR SA 241 10.56 -1.92 20.85
CA TYR SA 241 11.49 -2.98 20.47
C TYR SA 241 12.48 -2.49 19.41
N GLU SA 242 11.99 -1.75 18.41
CA GLU SA 242 12.88 -1.22 17.39
C GLU SA 242 13.70 -0.05 17.92
N MET SA 243 13.17 0.68 18.91
CA MET SA 243 13.94 1.77 19.50
C MET SA 243 15.17 1.25 20.24
N ASN SA 244 15.03 0.13 20.96
CA ASN SA 244 16.15 -0.43 21.69
C ASN SA 244 17.18 -1.06 20.74
N SER SA 245 16.73 -1.58 19.59
CA SER SA 245 17.66 -2.19 18.65
C SER SA 245 18.60 -1.15 18.04
N LYS SA 246 18.12 0.09 17.91
CA LYS SA 246 18.97 1.14 17.33
C LYS SA 246 20.12 1.51 18.26
N VAL SA 247 19.91 1.43 19.58
CA VAL SA 247 21.01 1.68 20.51
C VAL SA 247 22.10 0.63 20.35
N ILE SA 248 21.69 -0.64 20.21
CA ILE SA 248 22.67 -1.70 20.00
C ILE SA 248 23.41 -1.49 18.69
N SER SA 249 22.69 -1.10 17.64
CA SER SA 249 23.33 -0.78 16.37
C SER SA 249 24.28 0.41 16.51
N SER SA 250 23.87 1.42 17.26
CA SER SA 250 24.73 2.59 17.46
C SER SA 250 25.95 2.25 18.30
N VAL SA 251 25.78 1.44 19.35
CA VAL SA 251 26.91 1.02 20.16
C VAL SA 251 27.84 0.14 19.33
N ASP SA 252 27.27 -0.72 18.47
CA ASP SA 252 28.09 -1.57 17.61
C ASP SA 252 28.96 -0.73 16.68
N LYS SA 253 28.45 0.36 16.14
CA LYS SA 253 29.21 1.22 15.20
C LYS SA 253 30.17 2.11 15.98
N MET SA 254 29.89 2.36 17.25
CA MET SA 254 30.84 3.11 18.06
C MET SA 254 32.06 2.25 18.41
N MET SA 255 31.83 1.00 18.80
CA MET SA 255 32.95 0.11 19.11
C MET SA 255 33.74 -0.25 17.86
N SER SA 256 33.06 -0.35 16.71
CA SER SA 256 33.77 -0.58 15.46
C SER SA 256 34.64 0.62 15.09
N PHE SA 257 34.15 1.84 15.36
CA PHE SA 257 34.94 3.03 15.06
C PHE SA 257 36.19 3.11 15.92
N VAL SA 258 36.07 2.75 17.21
CA VAL SA 258 37.17 2.98 18.15
C VAL SA 258 38.36 2.09 17.82
N ASN SA 259 38.14 0.77 17.76
CA ASN SA 259 39.24 -0.14 17.47
C ASN SA 259 39.77 0.04 16.05
N GLN SA 260 38.98 0.64 15.16
CA GLN SA 260 39.50 1.03 13.86
C GLN SA 260 40.35 2.30 13.95
N GLN SA 261 40.07 3.14 14.95
CA GLN SA 261 40.78 4.41 15.14
C GLN SA 261 41.86 4.31 16.22
N LEU SA 262 41.52 3.76 17.39
CA LEU SA 262 42.48 3.61 18.48
C LEU SA 262 43.45 2.47 18.21
N HIS TA 2 26.33 20.86 17.90
CA HIS TA 2 25.76 21.44 16.69
C HIS TA 2 24.39 22.03 16.98
N PRO TA 3 24.24 23.35 16.81
CA PRO TA 3 22.96 24.00 17.12
C PRO TA 3 21.80 23.44 16.31
N ALA TA 4 22.02 23.04 15.06
CA ALA TA 4 20.92 22.56 14.23
C ALA TA 4 20.31 21.28 14.79
N LEU TA 5 21.10 20.50 15.53
CA LEU TA 5 20.56 19.30 16.16
C LEU TA 5 19.47 19.65 17.17
N TRP TA 6 19.71 20.67 17.99
CA TRP TA 6 18.79 20.99 19.08
C TRP TA 6 17.74 22.01 18.67
N VAL TA 7 18.00 22.80 17.62
CA VAL TA 7 16.97 23.66 17.07
C VAL TA 7 15.84 22.82 16.49
N SER TA 8 16.18 21.76 15.77
CA SER TA 8 15.17 20.85 15.25
C SER TA 8 14.53 20.01 16.35
N LYS TA 9 15.26 19.76 17.44
CA LYS TA 9 14.69 19.02 18.56
C LYS TA 9 13.58 19.83 19.23
N THR TA 10 13.73 21.16 19.25
CA THR TA 10 12.65 22.01 19.76
C THR TA 10 11.40 21.88 18.89
N GLY TA 11 11.59 21.81 17.56
CA GLY TA 11 10.45 21.60 16.69
C GLY TA 11 9.76 20.27 16.92
N LEU TA 12 10.55 19.21 17.16
CA LEU TA 12 9.96 17.91 17.47
C LEU TA 12 9.21 17.94 18.78
N ASP TA 13 9.78 18.60 19.80
CA ASP TA 13 9.08 18.71 21.08
C ASP TA 13 7.80 19.53 20.95
N ALA TA 14 7.86 20.61 20.17
CA ALA TA 14 6.67 21.46 20.00
C ALA TA 14 5.55 20.70 19.31
N GLN TA 15 5.86 19.94 18.26
CA GLN TA 15 4.84 19.17 17.58
C GLN TA 15 4.29 18.05 18.46
N GLN TA 16 5.15 17.42 19.26
CA GLN TA 16 4.70 16.36 20.16
C GLN TA 16 3.70 16.89 21.17
N THR TA 17 3.95 18.08 21.72
CA THR TA 17 2.98 18.72 22.60
C THR TA 17 1.71 19.08 21.84
N ASN TA 18 1.85 19.58 20.61
CA ASN TA 18 0.69 19.97 19.81
C ASN TA 18 -0.19 18.77 19.50
N ILE TA 19 0.41 17.64 19.13
CA ILE TA 19 -0.37 16.46 18.81
C ILE TA 19 -1.08 15.92 20.04
N ALA TA 20 -0.45 16.04 21.21
CA ALA TA 20 -1.07 15.58 22.44
C ALA TA 20 -2.37 16.33 22.73
N THR TA 21 -2.37 17.65 22.50
CA THR TA 21 -3.59 18.41 22.71
C THR TA 21 -4.65 18.07 21.67
N ILE TA 22 -4.24 17.79 20.43
CA ILE TA 22 -5.18 17.40 19.39
C ILE TA 22 -5.84 16.07 19.75
N SER TA 23 -5.07 15.11 20.25
CA SER TA 23 -5.64 13.83 20.65
C SER TA 23 -6.58 14.00 21.83
N ASN TA 24 -6.29 14.96 22.72
CA ASN TA 24 -7.18 15.23 23.84
C ASN TA 24 -8.53 15.74 23.36
N ASN TA 25 -8.52 16.61 22.33
CA ASN TA 25 -9.78 17.11 21.79
C ASN TA 25 -10.60 15.99 21.17
N LEU TA 26 -9.96 15.10 20.41
CA LEU TA 26 -10.69 14.01 19.77
C LEU TA 26 -11.14 12.96 20.78
N ALA TA 27 -10.38 12.76 21.85
CA ALA TA 27 -10.82 11.84 22.90
C ALA TA 27 -12.09 12.35 23.57
N ASN TA 28 -12.16 13.64 23.85
CA ASN TA 28 -13.35 14.25 24.46
C ASN TA 28 -14.28 14.84 23.40
N ALA TA 29 -14.63 14.03 22.40
CA ALA TA 29 -15.60 14.45 21.40
C ALA TA 29 -17.04 14.14 21.82
N SER TA 30 -17.23 13.33 22.85
CA SER TA 30 -18.54 13.01 23.38
C SER TA 30 -18.74 13.48 24.82
N THR TA 31 -17.76 14.18 25.38
CA THR TA 31 -17.90 14.67 26.76
C THR TA 31 -18.83 15.88 26.80
N VAL TA 32 -19.79 15.84 27.72
CA VAL TA 32 -20.76 16.92 27.84
C VAL TA 32 -20.07 18.14 28.46
N GLY TA 33 -20.25 19.29 27.85
CA GLY TA 33 -19.68 20.52 28.36
C GLY TA 33 -18.16 20.59 28.30
N TYR TA 34 -17.56 20.12 27.22
CA TYR TA 34 -16.11 20.16 27.05
C TYR TA 34 -15.74 21.29 26.11
N LYS TA 35 -14.65 21.98 26.43
CA LYS TA 35 -14.14 23.08 25.62
C LYS TA 35 -12.82 22.66 24.99
N LYS TA 36 -12.74 22.75 23.66
CA LYS TA 36 -11.52 22.34 22.97
C LYS TA 36 -10.37 23.29 23.30
N SER TA 37 -9.16 22.84 22.95
CA SER TA 37 -7.95 23.58 23.24
C SER TA 37 -7.03 23.60 22.03
N ARG TA 38 -6.33 24.71 21.84
CA ARG TA 38 -5.33 24.85 20.79
C ARG TA 38 -4.00 25.23 21.41
N ALA TA 39 -2.95 24.52 21.01
CA ALA TA 39 -1.61 24.83 21.47
C ALA TA 39 -1.11 26.11 20.81
N VAL TA 40 -0.40 26.93 21.59
CA VAL TA 40 0.09 28.22 21.13
C VAL TA 40 1.59 28.10 20.89
N PHE TA 41 2.00 28.27 19.63
CA PHE TA 41 3.40 28.20 19.24
C PHE TA 41 4.03 29.59 19.30
N GLU TA 42 5.28 29.65 19.74
CA GLU TA 42 6.05 30.88 19.68
C GLU TA 42 7.52 30.53 19.53
N ASP TA 43 8.23 31.31 18.72
CA ASP TA 43 9.65 31.08 18.49
C ASP TA 43 10.45 31.48 19.72
N LEU TA 44 11.56 30.77 19.93
CA LEU TA 44 12.42 31.03 21.07
C LEU TA 44 13.26 32.28 20.79
N PHE TA 45 14.19 32.59 21.70
CA PHE TA 45 14.99 33.80 21.58
C PHE TA 45 15.95 33.70 20.40
N TYR TA 46 16.46 34.86 20.00
CA TYR TA 46 17.40 34.96 18.89
C TYR TA 46 18.76 35.40 19.41
N GLN TA 47 19.82 34.86 18.80
CA GLN TA 47 21.19 35.14 19.21
C GLN TA 47 21.87 35.98 18.14
N ASN TA 48 22.52 37.06 18.57
CA ASN TA 48 23.27 37.93 17.66
C ASN TA 48 24.69 37.42 17.59
N ILE TA 49 24.99 36.62 16.56
CA ILE TA 49 26.27 35.95 16.43
C ILE TA 49 27.13 36.69 15.41
N ASN TA 50 28.44 36.54 15.56
CA ASN TA 50 29.43 37.17 14.68
C ASN TA 50 29.21 38.69 14.60
N GLN TA 51 28.96 39.29 15.75
CA GLN TA 51 28.76 40.73 15.82
C GLN TA 51 30.09 41.46 15.64
N GLY TA 65 25.35 41.51 13.73
CA GLY TA 65 24.10 41.81 13.06
C GLY TA 65 23.46 40.59 12.42
N LEU TA 66 23.93 39.42 12.83
CA LEU TA 66 23.44 38.15 12.33
C LEU TA 66 22.56 37.51 13.41
N MET TA 67 21.29 37.30 13.09
CA MET TA 67 20.32 36.78 14.04
C MET TA 67 20.00 35.34 13.72
N LEU TA 68 20.16 34.46 14.71
CA LEU TA 68 19.86 33.04 14.57
C LEU TA 68 18.82 32.64 15.61
N GLY TA 69 17.74 32.01 15.17
CA GLY TA 69 16.74 31.54 16.09
C GLY TA 69 17.19 30.32 16.88
N ALA TA 70 16.51 30.11 18.01
CA ALA TA 70 16.80 28.98 18.88
C ALA TA 70 15.81 27.83 18.73
N GLY TA 71 14.80 27.99 17.85
CA GLY TA 71 13.79 26.97 17.65
C GLY TA 71 12.40 27.48 17.98
N SER TA 72 11.56 26.58 18.46
CA SER TA 72 10.19 26.93 18.82
C SER TA 72 9.73 26.05 19.98
N LYS TA 73 8.67 26.50 20.65
CA LYS TA 73 8.10 25.74 21.75
C LYS TA 73 6.63 26.09 21.87
N VAL TA 74 5.89 25.25 22.58
CA VAL TA 74 4.50 25.50 22.91
C VAL TA 74 4.46 26.20 24.26
N VAL TA 75 3.94 27.43 24.28
CA VAL TA 75 3.97 28.24 25.48
C VAL TA 75 2.72 28.04 26.34
N ALA TA 76 1.57 27.80 25.72
CA ALA TA 76 0.33 27.68 26.47
C ALA TA 76 -0.68 26.91 25.64
N THR TA 77 -1.71 26.40 26.32
CA THR TA 77 -2.83 25.70 25.69
C THR TA 77 -4.08 26.52 25.98
N GLN TA 78 -4.68 27.07 24.93
CA GLN TA 78 -5.80 27.99 25.08
C GLN TA 78 -7.12 27.25 24.96
N LYS TA 79 -7.94 27.32 26.01
CA LYS TA 79 -9.27 26.74 26.00
C LYS TA 79 -10.22 27.69 25.29
N VAL TA 80 -10.86 27.21 24.23
CA VAL TA 80 -11.83 28.00 23.48
C VAL TA 80 -13.20 27.75 24.09
N HIS TA 81 -13.69 28.72 24.86
CA HIS TA 81 -14.95 28.57 25.59
C HIS TA 81 -16.14 29.05 24.77
N THR TA 82 -16.29 28.49 23.58
CA THR TA 82 -17.46 28.73 22.76
C THR TA 82 -18.54 27.72 23.11
N HIS TA 83 -19.79 28.18 23.20
CA HIS TA 83 -20.88 27.32 23.62
C HIS TA 83 -21.13 26.22 22.59
N GLY TA 84 -21.32 25.00 23.07
CA GLY TA 84 -21.60 23.88 22.19
C GLY TA 84 -23.06 23.77 21.84
N ASN TA 85 -23.37 22.76 21.03
CA ASN TA 85 -24.74 22.52 20.60
C ASN TA 85 -25.58 22.01 21.77
N ALA TA 86 -26.86 21.80 21.51
CA ALA TA 86 -27.82 21.39 22.51
C ALA TA 86 -28.23 19.93 22.28
N GLN TA 87 -28.25 19.15 23.34
CA GLN TA 87 -28.73 17.77 23.30
C GLN TA 87 -29.97 17.67 24.17
N THR TA 88 -31.06 17.18 23.58
CA THR TA 88 -32.33 17.07 24.28
C THR TA 88 -32.43 15.68 24.90
N THR TA 89 -32.63 15.64 26.22
CA THR TA 89 -32.72 14.39 26.97
C THR TA 89 -34.03 14.36 27.75
N THR TA 90 -34.47 13.15 28.09
CA THR TA 90 -35.68 12.96 28.86
C THR TA 90 -35.44 12.91 30.36
N ASN TA 91 -34.18 12.91 30.79
CA ASN TA 91 -33.86 12.97 32.21
C ASN TA 91 -34.22 14.35 32.76
N ALA TA 92 -34.74 14.38 33.98
CA ALA TA 92 -35.21 15.62 34.59
C ALA TA 92 -34.16 16.27 35.49
N LEU TA 93 -32.95 15.73 35.56
CA LEU TA 93 -31.92 16.25 36.44
C LEU TA 93 -30.69 16.78 35.71
N ASP TA 94 -30.54 16.48 34.43
CA ASP TA 94 -29.43 17.00 33.65
C ASP TA 94 -29.86 18.32 32.99
N MET TA 95 -29.08 19.36 33.22
CA MET TA 95 -29.42 20.71 32.79
C MET TA 95 -28.25 21.35 32.07
N MET TA 96 -28.55 22.44 31.38
CA MET TA 96 -27.58 23.14 30.53
C MET TA 96 -27.67 24.64 30.79
N VAL TA 97 -26.51 25.30 30.79
CA VAL TA 97 -26.44 26.74 30.91
C VAL TA 97 -26.48 27.33 29.51
N GLU TA 98 -27.54 28.08 29.21
CA GLU TA 98 -27.69 28.73 27.91
C GLU TA 98 -27.02 30.09 27.97
N GLY TA 99 -25.71 30.08 27.76
CA GLY TA 99 -24.95 31.32 27.80
C GLY TA 99 -23.66 31.20 28.59
N ASP TA 100 -23.35 32.24 29.36
CA ASP TA 100 -22.13 32.29 30.15
C ASP TA 100 -22.45 31.96 31.60
N GLY TA 101 -21.70 31.06 32.18
CA GLY TA 101 -21.91 30.67 33.56
C GLY TA 101 -21.48 29.23 33.81
N PHE TA 102 -21.13 28.96 35.06
CA PHE TA 102 -20.69 27.64 35.48
C PHE TA 102 -21.53 27.18 36.66
N PHE TA 103 -21.79 25.87 36.72
CA PHE TA 103 -22.33 25.29 37.94
C PHE TA 103 -21.22 25.16 38.98
N GLN TA 104 -21.55 25.43 40.23
CA GLN TA 104 -20.59 25.37 41.32
C GLN TA 104 -20.89 24.16 42.20
N VAL TA 105 -19.87 23.34 42.44
CA VAL TA 105 -19.99 22.12 43.23
C VAL TA 105 -19.01 22.18 44.39
N THR TA 106 -19.27 21.38 45.41
CA THR TA 106 -18.44 21.34 46.61
C THR TA 106 -17.48 20.16 46.52
N LEU TA 107 -16.20 20.45 46.59
CA LEU TA 107 -15.17 19.41 46.54
C LEU TA 107 -14.95 18.81 47.93
N PRO TA 108 -14.37 17.61 47.99
CA PRO TA 108 -14.06 17.02 49.31
C PRO TA 108 -13.12 17.88 50.13
N ASP TA 109 -12.27 18.70 49.49
CA ASP TA 109 -11.41 19.61 50.21
C ASP TA 109 -12.19 20.71 50.93
N GLY TA 110 -13.44 20.94 50.54
CA GLY TA 110 -14.27 21.99 51.09
C GLY TA 110 -14.40 23.21 50.22
N ASN TA 111 -13.41 23.47 49.36
CA ASN TA 111 -13.50 24.59 48.44
C ASN TA 111 -14.39 24.23 47.25
N ILE TA 112 -14.84 25.26 46.54
CA ILE TA 112 -15.83 25.09 45.49
C ILE TA 112 -15.15 24.91 44.15
N GLY TA 113 -15.54 23.88 43.42
CA GLY TA 113 -15.15 23.71 42.03
C GLY TA 113 -16.28 24.14 41.11
N TYR TA 114 -15.92 24.51 39.89
CA TYR TA 114 -16.86 25.05 38.92
C TYR TA 114 -16.88 24.17 37.67
N THR TA 115 -18.08 23.81 37.23
CA THR TA 115 -18.24 22.87 36.13
C THR TA 115 -19.21 23.43 35.09
N ARG TA 116 -19.06 22.93 33.86
CA ARG TA 116 -20.00 23.20 32.79
C ARG TA 116 -20.83 21.98 32.42
N ASN TA 117 -20.38 20.79 32.77
CA ASN TA 117 -21.17 19.58 32.58
C ASN TA 117 -22.34 19.57 33.55
N GLY TA 118 -23.56 19.53 33.03
CA GLY TA 118 -24.75 19.60 33.83
C GLY TA 118 -25.43 18.28 34.12
N GLN TA 119 -24.74 17.16 33.96
CA GLN TA 119 -25.31 15.85 34.25
C GLN TA 119 -25.34 15.67 35.77
N PHE TA 120 -26.49 15.92 36.37
CA PHE TA 120 -26.68 15.84 37.81
C PHE TA 120 -27.59 14.67 38.15
N THR TA 121 -27.70 14.41 39.45
CA THR TA 121 -28.55 13.34 39.97
C THR TA 121 -28.79 13.63 41.45
N LEU TA 122 -29.36 12.65 42.16
CA LEU TA 122 -29.64 12.78 43.57
C LEU TA 122 -28.88 11.70 44.34
N ASN TA 123 -28.52 12.01 45.57
CA ASN TA 123 -27.88 11.04 46.45
C ASN TA 123 -28.94 10.32 47.27
N GLY TA 124 -28.53 9.55 48.27
CA GLY TA 124 -29.48 8.84 49.09
C GLY TA 124 -30.39 9.75 49.88
N GLU TA 125 -29.90 10.91 50.28
CA GLU TA 125 -30.66 11.85 51.11
C GLU TA 125 -31.41 12.89 50.29
N GLY TA 126 -31.31 12.87 48.97
CA GLY TA 126 -32.03 13.79 48.13
C GLY TA 126 -31.26 15.02 47.69
N THR TA 127 -30.03 15.21 48.16
CA THR TA 127 -29.25 16.37 47.76
C THR TA 127 -28.83 16.24 46.30
N LEU TA 128 -28.93 17.34 45.56
CA LEU TA 128 -28.52 17.36 44.17
C LEU TA 128 -27.01 17.24 44.07
N VAL TA 129 -26.53 16.17 43.43
CA VAL TA 129 -25.10 15.87 43.34
C VAL TA 129 -24.76 15.57 41.89
N THR TA 130 -23.46 15.63 41.58
CA THR TA 130 -22.99 15.29 40.25
C THR TA 130 -23.13 13.78 40.01
N SER TA 131 -23.32 13.42 38.74
CA SER TA 131 -23.55 12.02 38.39
C SER TA 131 -22.28 11.17 38.43
N GLY TA 132 -21.11 11.78 38.63
CA GLY TA 132 -19.87 11.05 38.62
C GLY TA 132 -19.39 10.72 40.02
N SER TA 133 -18.43 11.50 40.53
CA SER TA 133 -17.95 11.28 41.89
C SER TA 133 -19.03 11.49 42.93
N GLY TA 134 -20.04 12.30 42.64
CA GLY TA 134 -21.11 12.55 43.59
C GLY TA 134 -20.96 13.79 44.42
N TYR TA 135 -20.20 14.78 43.96
CA TYR TA 135 -20.01 15.99 44.74
C TYR TA 135 -21.32 16.78 44.81
N PRO TA 136 -21.66 17.35 45.96
CA PRO TA 136 -22.88 18.16 46.06
C PRO TA 136 -22.77 19.43 45.24
N VAL TA 137 -23.93 19.92 44.80
CA VAL TA 137 -24.03 21.13 44.01
C VAL TA 137 -24.40 22.28 44.93
N GLU TA 138 -23.62 23.37 44.87
CA GLU TA 138 -23.85 24.56 45.68
C GLU TA 138 -24.76 25.54 44.93
N PRO TA 139 -25.81 26.07 45.57
CA PRO TA 139 -26.27 25.80 46.95
C PRO TA 139 -26.97 24.47 47.04
N GLU TA 140 -27.10 23.88 48.23
CA GLU TA 140 -27.71 22.56 48.35
C GLU TA 140 -29.18 22.62 48.00
N ILE TA 141 -29.62 21.67 47.17
CA ILE TA 141 -31.02 21.48 46.83
C ILE TA 141 -31.41 20.08 47.30
N VAL TA 142 -32.46 20.00 48.11
CA VAL TA 142 -32.93 18.74 48.68
C VAL TA 142 -34.33 18.47 48.14
N ILE TA 143 -34.49 17.31 47.52
CA ILE TA 143 -35.76 16.91 46.93
C ILE TA 143 -36.51 16.07 47.96
N PRO TA 144 -37.70 16.49 48.39
CA PRO TA 144 -38.46 15.68 49.37
C PRO TA 144 -38.90 14.36 48.76
N GLU TA 145 -39.09 13.36 49.59
CA GLU TA 145 -39.51 12.03 49.13
C GLU TA 145 -40.93 12.04 48.56
N ASP TA 146 -41.74 13.01 48.94
CA ASP TA 146 -43.11 13.06 48.43
C ASP TA 146 -43.21 13.69 47.04
N ALA TA 147 -42.10 14.16 46.48
CA ALA TA 147 -42.13 14.77 45.16
C ALA TA 147 -42.42 13.74 44.09
N ILE TA 148 -43.27 14.11 43.13
CA ILE TA 148 -43.55 13.27 41.98
C ILE TA 148 -42.93 13.80 40.70
N SER TA 149 -42.50 15.06 40.67
CA SER TA 149 -41.81 15.62 39.53
C SER TA 149 -40.94 16.77 40.01
N ILE TA 150 -39.84 17.02 39.30
CA ILE TA 150 -38.89 18.06 39.64
C ILE TA 150 -38.82 19.04 38.48
N THR TA 151 -38.99 20.32 38.77
CA THR TA 151 -38.98 21.37 37.76
C THR TA 151 -37.91 22.39 38.12
N VAL TA 152 -37.05 22.70 37.15
CA VAL TA 152 -36.02 23.72 37.30
C VAL TA 152 -36.34 24.85 36.33
N GLY TA 153 -36.60 26.03 36.86
CA GLY TA 153 -36.95 27.16 36.03
C GLY TA 153 -35.76 27.72 35.28
N THR TA 154 -36.06 28.66 34.38
CA THR TA 154 -35.02 29.29 33.59
C THR TA 154 -34.12 30.19 34.43
N ASP TA 155 -34.49 30.49 35.67
CA ASP TA 155 -33.67 31.29 36.57
C ASP TA 155 -33.15 30.47 37.75
N GLY TA 156 -33.09 29.15 37.60
CA GLY TA 156 -32.59 28.29 38.65
C GLY TA 156 -33.59 27.94 39.74
N GLU TA 157 -34.82 28.42 39.63
CA GLU TA 157 -35.84 28.15 40.64
C GLU TA 157 -36.26 26.68 40.56
N VAL TA 158 -35.83 25.90 41.54
CA VAL TA 158 -36.14 24.47 41.59
C VAL TA 158 -37.39 24.27 42.44
N SER TA 159 -38.38 23.57 41.89
CA SER TA 159 -39.63 23.30 42.58
C SER TA 159 -40.05 21.86 42.31
N VAL TA 160 -40.86 21.31 43.22
CA VAL TA 160 -41.32 19.94 43.12
C VAL TA 160 -42.83 19.90 43.24
N ARG TA 161 -43.43 18.85 42.68
CA ARG TA 161 -44.87 18.64 42.72
C ARG TA 161 -45.21 17.68 43.85
N VAL TA 162 -46.16 18.06 44.69
CA VAL TA 162 -46.58 17.25 45.83
C VAL TA 162 -48.06 16.92 45.65
N ARG TA 163 -48.39 15.64 45.77
CA ARG TA 163 -49.79 15.22 45.63
C ARG TA 163 -50.61 15.77 46.79
N GLY TA 164 -51.84 16.18 46.48
CA GLY TA 164 -52.72 16.74 47.48
C GLY TA 164 -52.48 18.20 47.80
N GLN TA 165 -51.60 18.87 47.05
CA GLN TA 165 -51.28 20.26 47.29
C GLN TA 165 -51.16 20.98 45.95
N GLN TA 166 -52.06 21.95 45.72
CA GLN TA 166 -51.99 22.76 44.51
C GLN TA 166 -50.77 23.66 44.58
N ASP TA 167 -50.09 23.81 43.44
CA ASP TA 167 -48.93 24.68 43.24
C ASP TA 167 -47.66 23.97 43.68
N ASN TA 168 -46.61 24.06 42.86
CA ASN TA 168 -45.34 23.43 43.20
C ASN TA 168 -44.64 24.21 44.30
N GLN TA 169 -44.22 23.50 45.35
CA GLN TA 169 -43.45 24.11 46.41
C GLN TA 169 -42.00 24.24 45.99
N VAL TA 170 -41.36 25.33 46.42
CA VAL TA 170 -39.99 25.63 46.03
C VAL TA 170 -39.05 25.02 47.05
N VAL TA 171 -38.09 24.21 46.58
CA VAL TA 171 -37.10 23.59 47.44
C VAL TA 171 -35.77 24.32 47.47
N GLY TA 172 -35.61 25.35 46.65
CA GLY TA 172 -34.37 26.09 46.61
C GLY TA 172 -34.19 26.75 45.26
N GLN TA 173 -33.07 27.46 45.13
CA GLN TA 173 -32.74 28.15 43.91
C GLN TA 173 -31.26 27.95 43.59
N LEU TA 174 -30.98 27.46 42.39
CA LEU TA 174 -29.60 27.30 41.94
C LEU TA 174 -29.02 28.65 41.51
N THR TA 175 -27.71 28.77 41.66
CA THR TA 175 -26.98 29.93 41.21
C THR TA 175 -25.79 29.49 40.37
N ILE TA 176 -25.39 30.33 39.42
CA ILE TA 176 -24.26 30.04 38.56
C ILE TA 176 -23.22 31.14 38.71
N THR TA 177 -21.99 30.81 38.32
CA THR TA 177 -20.85 31.71 38.45
C THR TA 177 -20.25 31.95 37.07
N ASP TA 178 -19.91 33.20 36.79
CA ASP TA 178 -19.28 33.58 35.53
C ASP TA 178 -17.90 34.16 35.80
N PHE TA 179 -16.97 33.89 34.89
CA PHE TA 179 -15.60 34.38 34.99
C PHE TA 179 -15.27 35.21 33.76
N VAL TA 180 -14.55 36.32 33.97
CA VAL TA 180 -14.21 37.20 32.87
C VAL TA 180 -13.30 36.50 31.88
N ASN TA 181 -12.42 35.62 32.37
CA ASN TA 181 -11.47 34.89 31.55
C ASN TA 181 -11.60 33.40 31.85
N PRO TA 182 -12.59 32.73 31.26
CA PRO TA 182 -12.73 31.28 31.50
C PRO TA 182 -11.54 30.48 31.01
N GLY TA 183 -10.75 31.00 30.06
CA GLY TA 183 -9.56 30.30 29.62
C GLY TA 183 -8.46 30.25 30.66
N GLY TA 184 -8.54 31.11 31.69
CA GLY TA 184 -7.57 31.11 32.76
C GLY TA 184 -7.86 30.14 33.88
N LEU TA 185 -9.01 29.47 33.85
CA LEU TA 185 -9.33 28.48 34.86
C LEU TA 185 -8.38 27.29 34.75
N GLU TA 186 -8.17 26.62 35.89
CA GLU TA 186 -7.28 25.48 35.95
C GLU TA 186 -8.08 24.20 35.92
N PRO TA 187 -8.07 23.45 34.81
CA PRO TA 187 -8.82 22.18 34.78
C PRO TA 187 -8.15 21.15 35.67
N ILE TA 188 -8.95 20.45 36.46
CA ILE TA 188 -8.48 19.40 37.34
C ILE TA 188 -9.10 18.05 36.98
N GLY TA 189 -9.68 17.94 35.79
CA GLY TA 189 -10.38 16.74 35.40
C GLY TA 189 -11.78 16.69 35.98
N GLN TA 190 -12.50 15.62 35.62
CA GLN TA 190 -13.87 15.40 36.07
C GLN TA 190 -14.78 16.57 35.71
N ASN TA 191 -14.50 17.22 34.58
CA ASN TA 191 -15.28 18.37 34.10
C ASN TA 191 -15.32 19.49 35.14
N LEU TA 192 -14.22 19.69 35.86
CA LEU TA 192 -14.18 20.65 36.96
C LEU TA 192 -13.05 21.65 36.74
N TYR TA 193 -13.25 22.85 37.27
CA TYR TA 193 -12.27 23.93 37.20
C TYR TA 193 -12.03 24.49 38.59
N LEU TA 194 -10.83 25.04 38.79
CA LEU TA 194 -10.49 25.74 40.01
C LEU TA 194 -10.16 27.19 39.69
N PRO TA 195 -10.72 28.15 40.43
CA PRO TA 195 -10.39 29.55 40.18
C PRO TA 195 -8.92 29.83 40.41
N THR TA 196 -8.34 30.66 39.55
CA THR TA 196 -6.93 31.02 39.62
C THR TA 196 -6.81 32.55 39.66
N GLY TA 197 -5.56 33.02 39.63
CA GLY TA 197 -5.33 34.46 39.63
C GLY TA 197 -5.78 35.11 38.34
N ALA TA 198 -5.48 34.48 37.20
CA ALA TA 198 -5.83 35.06 35.90
C ALA TA 198 -7.26 34.78 35.49
N SER TA 199 -7.94 33.84 36.13
CA SER TA 199 -9.33 33.54 35.79
C SER TA 199 -10.23 34.74 36.07
N GLY TA 200 -10.05 35.36 37.22
CA GLY TA 200 -10.83 36.50 37.65
C GLY TA 200 -11.52 36.22 38.95
N ASP TA 201 -12.42 37.12 39.34
CA ASP TA 201 -13.16 36.97 40.58
C ASP TA 201 -14.47 36.25 40.29
N PRO TA 202 -14.79 35.17 41.01
CA PRO TA 202 -16.05 34.46 40.75
C PRO TA 202 -17.25 35.37 40.96
N GLN TA 203 -18.02 35.54 39.89
CA GLN TA 203 -19.19 36.41 39.89
C GLN TA 203 -20.44 35.53 39.95
N GLU TA 204 -20.96 35.33 41.15
CA GLU TA 204 -22.20 34.58 41.32
C GLU TA 204 -23.40 35.48 41.01
N GLY TA 205 -24.58 34.91 41.14
CA GLY TA 205 -25.80 35.67 40.89
C GLY TA 205 -26.89 34.76 40.38
N VAL TA 206 -28.05 35.38 40.15
CA VAL TA 206 -29.20 34.64 39.63
C VAL TA 206 -28.92 34.17 38.21
N PRO TA 207 -29.16 32.90 37.89
CA PRO TA 207 -28.82 32.40 36.55
C PRO TA 207 -29.76 32.90 35.48
N GLY TA 208 -29.45 34.06 34.89
CA GLY TA 208 -30.29 34.63 33.86
C GLY TA 208 -30.27 36.15 33.83
N LEU TA 209 -29.62 36.77 34.82
CA LEU TA 209 -29.49 38.21 34.89
C LEU TA 209 -28.02 38.61 34.99
N ASP TA 210 -27.72 39.79 34.46
CA ASP TA 210 -26.37 40.38 34.51
C ASP TA 210 -25.35 39.48 33.83
N GLY TA 211 -25.58 39.23 32.53
CA GLY TA 211 -24.66 38.46 31.71
C GLY TA 211 -24.64 36.98 31.96
N LEU TA 212 -25.28 36.50 33.03
CA LEU TA 212 -25.30 35.07 33.31
C LEU TA 212 -26.25 34.34 32.36
N GLY TA 213 -25.94 33.07 32.10
CA GLY TA 213 -26.76 32.26 31.24
C GLY TA 213 -28.01 31.76 31.95
N GLU TA 214 -28.84 31.05 31.19
CA GLU TA 214 -30.11 30.53 31.68
C GLU TA 214 -30.04 29.02 31.83
N ILE TA 215 -30.63 28.52 32.91
CA ILE TA 215 -30.65 27.07 33.17
C ILE TA 215 -31.71 26.44 32.28
N ARG TA 216 -31.31 25.45 31.50
CA ARG TA 216 -32.20 24.71 30.62
C ARG TA 216 -32.30 23.28 31.11
N GLN TA 217 -33.44 22.94 31.73
CA GLN TA 217 -33.62 21.60 32.26
C GLN TA 217 -33.81 20.59 31.14
N SER TA 218 -33.39 19.35 31.40
CA SER TA 218 -33.51 18.25 30.44
C SER TA 218 -32.81 18.57 29.13
N MET TA 219 -31.64 19.22 29.23
CA MET TA 219 -30.81 19.53 28.07
C MET TA 219 -29.35 19.44 28.49
N LEU TA 220 -28.50 19.11 27.54
CA LEU TA 220 -27.08 18.98 27.77
C LEU TA 220 -26.29 19.76 26.73
N GLU TA 221 -25.11 20.23 27.14
CA GLU TA 221 -24.23 21.00 26.27
C GLU TA 221 -23.20 20.06 25.65
N ALA TA 222 -23.22 19.96 24.33
CA ALA TA 222 -22.33 19.04 23.64
C ALA TA 222 -20.90 19.57 23.64
N SER TA 223 -19.96 18.68 23.33
CA SER TA 223 -18.58 19.08 23.14
C SER TA 223 -18.46 19.99 21.92
N ASN TA 224 -17.64 21.03 22.03
CA ASN TA 224 -17.49 22.03 20.97
C ASN TA 224 -16.34 21.72 20.03
N VAL TA 225 -15.72 20.54 20.15
CA VAL TA 225 -14.59 20.21 19.29
C VAL TA 225 -15.07 20.06 17.85
N ASN TA 226 -14.18 20.37 16.91
CA ASN TA 226 -14.44 20.21 15.49
C ASN TA 226 -13.64 19.01 15.00
N VAL TA 227 -14.32 17.89 14.75
CA VAL TA 227 -13.63 16.65 14.46
C VAL TA 227 -12.87 16.74 13.14
N THR TA 228 -13.42 17.45 12.15
CA THR TA 228 -12.71 17.61 10.89
C THR TA 228 -11.46 18.46 11.06
N GLU TA 229 -11.53 19.53 11.86
CA GLU TA 229 -10.37 20.40 12.07
C GLU TA 229 -9.21 19.63 12.69
N GLU TA 230 -9.49 18.78 13.67
CA GLU TA 230 -8.41 18.05 14.34
C GLU TA 230 -7.76 17.06 13.39
N LEU TA 231 -8.53 16.46 12.48
CA LEU TA 231 -7.96 15.54 11.51
C LEU TA 231 -7.01 16.26 10.57
N VAL TA 232 -7.37 17.47 10.14
CA VAL TA 232 -6.47 18.26 9.30
C VAL TA 232 -5.26 18.73 10.12
N ASN TA 233 -5.49 19.12 11.38
CA ASN TA 233 -4.38 19.52 12.24
C ASN TA 233 -3.41 18.37 12.47
N MET TA 234 -3.91 17.14 12.50
CA MET TA 234 -3.02 15.99 12.58
C MET TA 234 -2.15 15.88 11.34
N ILE TA 235 -2.70 16.18 10.17
CA ILE TA 235 -1.94 16.10 8.93
C ILE TA 235 -0.80 17.11 8.94
N GLU TA 236 -1.09 18.35 9.34
CA GLU TA 236 -0.05 19.38 9.32
C GLU TA 236 0.94 19.19 10.45
N ALA TA 237 0.52 18.60 11.56
CA ALA TA 237 1.46 18.35 12.66
C ALA TA 237 2.38 17.18 12.35
N GLN TA 238 1.85 16.14 11.68
CA GLN TA 238 2.66 14.99 11.35
C GLN TA 238 3.75 15.32 10.35
N ARG TA 239 3.42 16.13 9.34
CA ARG TA 239 4.39 16.45 8.29
C ARG TA 239 5.52 17.33 8.81
N VAL TA 240 5.18 18.32 9.65
CA VAL TA 240 6.21 19.17 10.24
C VAL TA 240 7.09 18.35 11.18
N TYR TA 241 6.51 17.39 11.88
CA TYR TA 241 7.29 16.50 12.74
C TYR TA 241 8.28 15.69 11.90
N GLU TA 242 7.84 15.19 10.75
CA GLU TA 242 8.74 14.44 9.88
C GLU TA 242 9.80 15.35 9.27
N MET TA 243 9.44 16.59 8.94
CA MET TA 243 10.39 17.51 8.33
C MET TA 243 11.56 17.81 9.26
N ASN TA 244 11.28 18.00 10.55
CA ASN TA 244 12.35 18.28 11.50
C ASN TA 244 13.20 17.05 11.77
N SER TA 245 12.65 15.86 11.55
CA SER TA 245 13.45 14.64 11.72
C SER TA 245 14.51 14.54 10.64
N LYS TA 246 14.22 15.00 9.42
CA LYS TA 246 15.19 14.93 8.35
C LYS TA 246 16.35 15.90 8.56
N VAL TA 247 16.10 17.04 9.19
CA VAL TA 247 17.18 17.96 9.51
C VAL TA 247 18.15 17.31 10.48
N ILE TA 248 17.62 16.63 11.51
CA ILE TA 248 18.47 15.92 12.46
C ILE TA 248 19.23 14.80 11.76
N SER TA 249 18.55 14.07 10.87
CA SER TA 249 19.21 13.01 10.12
C SER TA 249 20.31 13.57 9.21
N SER TA 250 20.04 14.70 8.55
CA SER TA 250 21.03 15.30 7.67
C SER TA 250 22.21 15.86 8.45
N VAL TA 251 21.93 16.48 9.60
CA VAL TA 251 23.02 16.96 10.46
C VAL TA 251 23.87 15.80 10.95
N ASP TA 252 23.23 14.68 11.29
CA ASP TA 252 23.98 13.50 11.69
C ASP TA 252 24.89 13.01 10.56
N LYS TA 253 24.38 13.01 9.33
CA LYS TA 253 25.20 12.61 8.19
C LYS TA 253 26.34 13.59 7.96
N MET TA 254 26.09 14.89 8.15
CA MET TA 254 27.15 15.87 7.98
C MET TA 254 28.26 15.68 9.01
N MET TA 255 27.89 15.47 10.27
CA MET TA 255 28.90 15.27 11.30
C MET TA 255 29.58 13.91 11.16
N SER TA 256 28.86 12.89 10.69
CA SER TA 256 29.49 11.60 10.43
C SER TA 256 30.43 11.69 9.23
N PHE TA 257 30.16 12.62 8.31
CA PHE TA 257 31.04 12.78 7.15
C PHE TA 257 32.32 13.52 7.54
N VAL TA 258 32.23 14.52 8.40
CA VAL TA 258 33.38 15.37 8.70
C VAL TA 258 34.45 14.58 9.43
N ASN TA 259 34.06 13.85 10.49
CA ASN TA 259 35.05 13.10 11.26
C ASN TA 259 35.57 11.89 10.50
N GLN TA 260 34.77 11.31 9.62
CA GLN TA 260 35.26 10.22 8.76
C GLN TA 260 36.23 10.75 7.72
N GLN TA 261 35.91 11.90 7.12
CA GLN TA 261 36.77 12.45 6.07
C GLN TA 261 38.09 12.97 6.65
N LEU TA 262 38.02 13.72 7.73
CA LEU TA 262 39.20 14.33 8.32
C LEU TA 262 40.11 13.27 8.94
N HIS UA 2 24.79 23.31 -8.39
CA HIS UA 2 24.25 22.55 -9.51
C HIS UA 2 22.98 23.20 -10.04
N PRO UA 3 23.04 23.70 -11.28
CA PRO UA 3 21.87 24.40 -11.83
C PRO UA 3 20.62 23.56 -11.94
N ALA UA 4 20.77 22.23 -12.08
CA ALA UA 4 19.60 21.37 -12.23
C ALA UA 4 18.73 21.37 -10.98
N LEU UA 5 19.34 21.63 -9.81
CA LEU UA 5 18.58 21.67 -8.57
C LEU UA 5 17.53 22.77 -8.60
N TRP UA 6 17.89 23.93 -9.14
CA TRP UA 6 17.02 25.10 -9.05
C TRP UA 6 16.06 25.19 -10.23
N VAL UA 7 16.45 24.64 -11.38
CA VAL UA 7 15.51 24.57 -12.50
C VAL UA 7 14.31 23.71 -12.13
N SER UA 8 14.57 22.57 -11.48
CA SER UA 8 13.48 21.75 -10.94
C SER UA 8 12.77 22.47 -9.81
N LYS UA 9 13.51 23.23 -9.00
CA LYS UA 9 12.91 23.90 -7.85
C LYS UA 9 11.94 24.99 -8.31
N THR UA 10 12.21 25.63 -9.46
CA THR UA 10 11.25 26.57 -10.01
C THR UA 10 9.95 25.87 -10.37
N GLY UA 11 10.04 24.68 -10.96
CA GLY UA 11 8.84 23.92 -11.27
C GLY UA 11 8.03 23.55 -10.04
N LEU UA 12 8.72 23.27 -8.94
CA LEU UA 12 8.01 22.95 -7.69
C LEU UA 12 7.26 24.16 -7.16
N ASP UA 13 7.91 25.33 -7.13
CA ASP UA 13 7.23 26.53 -6.66
C ASP UA 13 6.12 26.95 -7.61
N ALA UA 14 6.35 26.80 -8.91
CA ALA UA 14 5.31 27.14 -9.88
C ALA UA 14 4.09 26.24 -9.72
N GLN UA 15 4.30 24.94 -9.52
CA GLN UA 15 3.18 24.03 -9.34
C GLN UA 15 2.48 24.28 -8.00
N GLN UA 16 3.24 24.70 -6.98
CA GLN UA 16 2.63 25.04 -5.71
C GLN UA 16 1.69 26.24 -5.87
N THR UA 17 2.11 27.24 -6.65
CA THR UA 17 1.24 28.38 -6.92
C THR UA 17 -0.02 27.95 -7.68
N ASN UA 18 0.13 27.04 -8.65
CA ASN UA 18 -1.02 26.56 -9.40
C ASN UA 18 -2.00 25.84 -8.50
N ILE UA 19 -1.51 24.98 -7.61
CA ILE UA 19 -2.38 24.22 -6.72
C ILE UA 19 -3.12 25.14 -5.78
N ALA UA 20 -2.47 26.22 -5.33
CA ALA UA 20 -3.14 27.18 -4.46
C ALA UA 20 -4.33 27.83 -5.16
N THR UA 21 -4.20 28.12 -6.45
CA THR UA 21 -5.32 28.70 -7.18
C THR UA 21 -6.43 27.68 -7.40
N ILE UA 22 -6.07 26.42 -7.60
CA ILE UA 22 -7.08 25.37 -7.76
C ILE UA 22 -7.89 25.22 -6.49
N SER UA 23 -7.22 25.22 -5.34
CA SER UA 23 -7.93 25.06 -4.07
C SER UA 23 -8.83 26.25 -3.77
N ASN UA 24 -8.40 27.45 -4.16
CA ASN UA 24 -9.23 28.65 -3.94
C ASN UA 24 -10.54 28.56 -4.73
N ASN UA 25 -10.47 28.06 -5.97
CA ASN UA 25 -11.68 27.87 -6.75
C ASN UA 25 -12.58 26.81 -6.12
N LEU UA 26 -12.00 25.70 -5.64
CA LEU UA 26 -12.79 24.66 -5.00
C LEU UA 26 -13.36 25.14 -3.66
N ALA UA 27 -12.58 25.92 -2.91
CA ALA UA 27 -13.10 26.48 -1.66
C ALA UA 27 -14.29 27.39 -1.92
N ASN UA 28 -14.21 28.22 -2.95
CA ASN UA 28 -15.32 29.10 -3.33
C ASN UA 28 -16.20 28.46 -4.40
N ALA UA 29 -16.63 27.23 -4.15
CA ALA UA 29 -17.54 26.56 -5.06
C ALA UA 29 -19.00 26.90 -4.79
N SER UA 30 -19.30 27.54 -3.66
CA SER UA 30 -20.64 27.97 -3.34
C SER UA 30 -20.77 29.48 -3.22
N THR UA 31 -19.68 30.23 -3.47
CA THR UA 31 -19.72 31.67 -3.35
C THR UA 31 -20.54 32.28 -4.48
N VAL UA 32 -21.47 33.17 -4.13
CA VAL UA 32 -22.34 33.81 -5.11
C VAL UA 32 -21.56 34.91 -5.82
N GLY UA 33 -21.59 34.89 -7.15
CA GLY UA 33 -20.88 35.88 -7.94
C GLY UA 33 -19.37 35.78 -7.85
N TYR UA 34 -18.83 34.57 -7.82
CA TYR UA 34 -17.39 34.34 -7.75
C TYR UA 34 -16.91 33.84 -9.10
N LYS UA 35 -15.82 34.42 -9.59
CA LYS UA 35 -15.24 34.07 -10.88
C LYS UA 35 -14.00 33.22 -10.68
N LYS UA 36 -13.95 32.07 -11.33
CA LYS UA 36 -12.83 31.16 -11.16
C LYS UA 36 -11.57 31.76 -11.78
N SER UA 37 -10.41 31.23 -11.36
CA SER UA 37 -9.12 31.75 -11.75
C SER UA 37 -8.27 30.61 -12.32
N ARG UA 38 -7.38 30.95 -13.24
CA ARG UA 38 -6.44 30.01 -13.82
C ARG UA 38 -5.04 30.61 -13.82
N ALA UA 39 -4.07 29.82 -13.40
CA ALA UA 39 -2.68 30.27 -13.40
C ALA UA 39 -2.07 30.16 -14.80
N VAL UA 40 -1.23 31.14 -15.12
CA VAL UA 40 -0.58 31.21 -16.44
C VAL UA 40 0.90 30.91 -16.25
N PHE UA 41 1.38 29.88 -16.93
CA PHE UA 41 2.78 29.48 -16.88
C PHE UA 41 3.55 30.13 -18.02
N GLU UA 42 4.84 30.34 -17.78
CA GLU UA 42 5.73 30.82 -18.83
C GLU UA 42 7.16 30.39 -18.49
N ASP UA 43 7.91 30.04 -19.53
CA ASP UA 43 9.30 29.63 -19.35
C ASP UA 43 10.18 30.85 -19.07
N LEU UA 44 11.20 30.64 -18.25
CA LEU UA 44 12.14 31.71 -17.94
C LEU UA 44 13.15 31.86 -19.06
N PHE UA 45 14.08 32.79 -18.89
CA PHE UA 45 15.00 33.14 -19.96
C PHE UA 45 15.93 31.98 -20.30
N TYR UA 46 16.38 31.97 -21.55
CA TYR UA 46 17.31 30.97 -22.05
C TYR UA 46 18.69 31.59 -22.22
N GLN UA 47 19.72 30.75 -22.08
CA GLN UA 47 21.10 31.21 -22.05
C GLN UA 47 21.93 30.51 -23.13
N ASN UA 48 22.91 31.24 -23.65
CA ASN UA 48 23.92 30.69 -24.54
C ASN UA 48 25.13 30.30 -23.72
N ILE UA 49 25.51 29.02 -23.77
CA ILE UA 49 26.48 28.47 -22.85
C ILE UA 49 27.80 28.12 -23.50
N ASN UA 50 27.81 27.72 -24.78
CA ASN UA 50 29.03 27.30 -25.45
C ASN UA 50 29.27 28.10 -26.73
N GLN UA 51 29.16 29.42 -26.64
CA GLN UA 51 29.46 30.28 -27.78
C GLN UA 51 30.96 30.32 -28.04
N GLY UA 65 25.49 28.25 -29.97
CA GLY UA 65 24.19 27.81 -30.43
C GLY UA 65 23.50 26.85 -29.48
N LEU UA 66 23.85 26.96 -28.20
CA LEU UA 66 23.29 26.10 -27.16
C LEU UA 66 22.35 26.93 -26.30
N MET UA 67 21.11 26.46 -26.18
CA MET UA 67 20.07 27.15 -25.41
C MET UA 67 19.69 26.30 -24.20
N LEU UA 68 19.73 26.89 -23.02
CA LEU UA 68 19.32 26.24 -21.79
C LEU UA 68 18.32 27.12 -21.05
N GLY UA 69 17.15 26.57 -20.75
CA GLY UA 69 16.16 27.31 -20.01
C GLY UA 69 16.48 27.40 -18.53
N ALA UA 70 15.82 28.34 -17.87
CA ALA UA 70 16.01 28.56 -16.43
C ALA UA 70 14.86 28.03 -15.60
N GLY UA 71 13.92 27.30 -16.21
CA GLY UA 71 12.81 26.72 -15.50
C GLY UA 71 11.48 27.31 -15.95
N SER UA 72 10.58 27.50 -14.99
CA SER UA 72 9.27 28.07 -15.27
C SER UA 72 8.73 28.72 -13.99
N LYS UA 73 7.71 29.55 -14.18
CA LYS UA 73 7.04 30.20 -13.05
C LYS UA 73 5.63 30.57 -13.46
N VAL UA 74 4.78 30.75 -12.47
CA VAL UA 74 3.42 31.24 -12.67
C VAL UA 74 3.50 32.75 -12.73
N VAL UA 75 3.30 33.31 -13.93
CA VAL UA 75 3.49 34.75 -14.11
C VAL UA 75 2.21 35.53 -13.83
N ALA UA 76 1.05 34.91 -13.96
CA ALA UA 76 -0.21 35.61 -13.73
C ALA UA 76 -1.29 34.59 -13.39
N THR UA 77 -2.36 35.10 -12.78
CA THR UA 77 -3.56 34.31 -12.48
C THR UA 77 -4.74 35.02 -13.13
N GLN UA 78 -5.27 34.44 -14.20
CA GLN UA 78 -6.29 35.10 -15.00
C GLN UA 78 -7.69 34.80 -14.45
N LYS UA 79 -8.46 35.86 -14.21
CA LYS UA 79 -9.85 35.73 -13.80
C LYS UA 79 -10.71 35.41 -15.02
N VAL UA 80 -11.54 34.37 -14.91
CA VAL UA 80 -12.44 33.99 -15.98
C VAL UA 80 -13.81 34.58 -15.65
N HIS UA 81 -14.11 35.73 -16.24
CA HIS UA 81 -15.37 36.44 -15.97
C HIS UA 81 -16.50 35.95 -16.85
N THR UA 82 -16.77 34.65 -16.79
CA THR UA 82 -17.91 34.07 -17.50
C THR UA 82 -19.15 34.13 -16.63
N HIS UA 83 -20.28 34.46 -17.25
CA HIS UA 83 -21.53 34.54 -16.50
C HIS UA 83 -21.92 33.18 -15.95
N GLY UA 84 -22.18 33.14 -14.64
CA GLY UA 84 -22.59 31.91 -13.99
C GLY UA 84 -24.08 31.67 -14.11
N ASN UA 85 -24.50 30.53 -13.58
CA ASN UA 85 -25.91 30.17 -13.60
C ASN UA 85 -26.69 31.05 -12.63
N ALA UA 86 -28.02 31.02 -12.77
CA ALA UA 86 -28.91 31.83 -11.97
C ALA UA 86 -29.55 30.98 -10.90
N GLN UA 87 -29.54 31.46 -9.66
CA GLN UA 87 -30.19 30.81 -8.54
C GLN UA 87 -31.45 31.57 -8.20
N THR UA 88 -32.58 30.88 -8.22
CA THR UA 88 -33.87 31.49 -7.95
C THR UA 88 -34.14 31.43 -6.45
N THR UA 89 -34.21 32.59 -5.82
CA THR UA 89 -34.45 32.70 -4.39
C THR UA 89 -35.73 33.46 -4.13
N THR UA 90 -36.36 33.16 -2.99
CA THR UA 90 -37.60 33.83 -2.60
C THR UA 90 -37.34 35.13 -1.86
N ASN UA 91 -36.10 35.43 -1.51
CA ASN UA 91 -35.78 36.71 -0.90
C ASN UA 91 -35.89 37.82 -1.94
N ALA UA 92 -36.41 38.97 -1.51
CA ALA UA 92 -36.66 40.07 -2.42
C ALA UA 92 -35.51 41.06 -2.50
N LEU UA 93 -34.43 40.87 -1.74
CA LEU UA 93 -33.34 41.82 -1.68
C LEU UA 93 -32.03 41.30 -2.26
N ASP UA 94 -31.99 40.07 -2.77
CA ASP UA 94 -30.82 39.56 -3.46
C ASP UA 94 -31.07 39.62 -4.96
N MET UA 95 -30.17 40.29 -5.68
CA MET UA 95 -30.39 40.62 -7.08
C MET UA 95 -29.16 40.25 -7.89
N MET UA 96 -29.37 40.04 -9.18
CA MET UA 96 -28.34 39.56 -10.09
C MET UA 96 -28.24 40.46 -11.31
N VAL UA 97 -27.02 40.75 -11.72
CA VAL UA 97 -26.76 41.47 -12.96
C VAL UA 97 -26.74 40.45 -14.09
N GLU UA 98 -27.73 40.52 -14.97
CA GLU UA 98 -27.83 39.60 -16.11
C GLU UA 98 -27.05 40.21 -17.27
N GLY UA 99 -25.77 39.90 -17.33
CA GLY UA 99 -24.92 40.43 -18.39
C GLY UA 99 -23.58 40.91 -17.89
N ASP UA 100 -23.17 42.10 -18.33
CA ASP UA 100 -21.89 42.69 -17.97
C ASP UA 100 -22.11 43.87 -17.04
N GLY UA 101 -21.36 43.90 -15.96
CA GLY UA 101 -21.46 45.00 -15.01
C GLY UA 101 -21.24 44.51 -13.60
N PHE UA 102 -21.06 45.47 -12.70
CA PHE UA 102 -20.85 45.18 -11.28
C PHE UA 102 -21.68 46.13 -10.44
N PHE UA 103 -22.13 45.65 -9.29
CA PHE UA 103 -22.72 46.55 -8.30
C PHE UA 103 -21.64 47.43 -7.69
N GLN UA 104 -22.07 48.51 -7.04
CA GLN UA 104 -21.16 49.47 -6.44
C GLN UA 104 -21.48 49.61 -4.96
N VAL UA 105 -20.47 49.37 -4.12
CA VAL UA 105 -20.62 49.50 -2.67
C VAL UA 105 -19.68 50.58 -2.17
N THR UA 106 -20.03 51.15 -1.01
CA THR UA 106 -19.27 52.24 -0.40
C THR UA 106 -18.35 51.66 0.67
N LEU UA 107 -17.06 51.67 0.41
CA LEU UA 107 -16.09 51.19 1.38
C LEU UA 107 -15.96 52.20 2.53
N PRO UA 108 -15.48 51.75 3.70
CA PRO UA 108 -15.25 52.70 4.80
C PRO UA 108 -14.26 53.79 4.46
N ASP UA 109 -13.33 53.53 3.53
CA ASP UA 109 -12.34 54.53 3.14
C ASP UA 109 -12.96 55.66 2.32
N GLY UA 110 -14.20 55.49 1.86
CA GLY UA 110 -14.88 56.47 1.05
C GLY UA 110 -14.87 56.17 -0.44
N ASN UA 111 -13.96 55.31 -0.89
CA ASN UA 111 -13.93 54.93 -2.29
C ASN UA 111 -14.97 53.84 -2.57
N ILE UA 112 -15.16 53.55 -3.86
CA ILE UA 112 -16.21 52.64 -4.31
C ILE UA 112 -15.58 51.33 -4.72
N GLY UA 113 -16.04 50.23 -4.12
CA GLY UA 113 -15.66 48.90 -4.52
C GLY UA 113 -16.75 48.26 -5.36
N TYR UA 114 -16.35 47.39 -6.28
CA TYR UA 114 -17.26 46.78 -7.24
C TYR UA 114 -17.46 45.32 -6.90
N THR UA 115 -18.72 44.90 -6.83
CA THR UA 115 -19.07 43.54 -6.46
C THR UA 115 -20.07 42.97 -7.46
N ARG UA 116 -19.97 41.68 -7.72
CA ARG UA 116 -20.97 40.97 -8.49
C ARG UA 116 -21.87 40.10 -7.61
N ASN UA 117 -21.52 39.96 -6.33
CA ASN UA 117 -22.41 39.29 -5.39
C ASN UA 117 -23.55 40.23 -5.01
N GLY UA 118 -24.78 39.81 -5.33
CA GLY UA 118 -25.94 40.65 -5.16
C GLY UA 118 -26.78 40.39 -3.93
N GLN UA 119 -26.29 39.63 -2.96
CA GLN UA 119 -27.03 39.38 -1.73
C GLN UA 119 -27.02 40.65 -0.89
N PHE UA 120 -28.10 41.42 -0.96
CA PHE UA 120 -28.21 42.69 -0.25
C PHE UA 120 -29.24 42.57 0.86
N THR UA 121 -29.30 43.63 1.67
CA THR UA 121 -30.27 43.71 2.76
C THR UA 121 -30.40 45.17 3.16
N LEU UA 122 -31.09 45.42 4.26
CA LEU UA 122 -31.28 46.76 4.80
C LEU UA 122 -30.63 46.86 6.17
N ASN UA 123 -30.20 48.07 6.52
CA ASN UA 123 -29.66 48.31 7.85
C ASN UA 123 -30.77 48.86 8.74
N GLY UA 124 -30.40 49.33 9.94
CA GLY UA 124 -31.40 49.78 10.89
C GLY UA 124 -32.19 50.98 10.46
N GLU UA 125 -31.70 51.72 9.47
CA GLU UA 125 -32.37 52.94 9.01
C GLU UA 125 -33.12 52.76 7.70
N GLY UA 126 -32.83 51.72 6.95
CA GLY UA 126 -33.49 51.47 5.67
C GLY UA 126 -32.59 51.54 4.47
N THR UA 127 -31.29 51.80 4.64
CA THR UA 127 -30.39 51.88 3.49
C THR UA 127 -30.08 50.48 2.97
N LEU UA 128 -30.15 50.31 1.66
CA LEU UA 128 -29.83 49.03 1.03
C LEU UA 128 -28.34 48.77 1.16
N VAL UA 129 -27.97 47.78 1.95
CA VAL UA 129 -26.58 47.45 2.24
C VAL UA 129 -26.34 45.98 1.93
N THR UA 130 -25.06 45.64 1.78
CA THR UA 130 -24.69 44.26 1.51
C THR UA 130 -25.01 43.37 2.70
N SER UA 131 -25.25 42.09 2.41
CA SER UA 131 -25.63 41.13 3.44
C SER UA 131 -24.48 40.74 4.35
N GLY UA 132 -23.26 41.13 4.02
CA GLY UA 132 -22.10 40.78 4.82
C GLY UA 132 -21.63 41.90 5.72
N SER UA 133 -20.62 42.63 5.28
CA SER UA 133 -20.07 43.73 6.07
C SER UA 133 -21.07 44.84 6.32
N GLY UA 134 -22.07 45.00 5.46
CA GLY UA 134 -23.05 46.05 5.61
C GLY UA 134 -22.73 47.35 4.92
N TYR UA 135 -21.82 47.33 3.95
CA TYR UA 135 -21.46 48.57 3.27
C TYR UA 135 -22.62 49.05 2.41
N PRO UA 136 -22.90 50.35 2.41
CA PRO UA 136 -24.00 50.87 1.58
C PRO UA 136 -23.71 50.71 0.10
N VAL UA 137 -24.79 50.61 -0.67
CA VAL UA 137 -24.71 50.44 -2.12
C VAL UA 137 -24.91 51.80 -2.79
N GLU UA 138 -24.01 52.13 -3.73
CA GLU UA 138 -24.14 53.35 -4.53
C GLU UA 138 -24.90 53.06 -5.81
N PRO UA 139 -25.88 53.90 -6.20
CA PRO UA 139 -26.40 55.07 -5.49
C PRO UA 139 -27.21 54.69 -4.26
N GLU UA 140 -27.38 55.60 -3.31
CA GLU UA 140 -28.09 55.27 -2.08
C GLU UA 140 -29.57 55.00 -2.35
N ILE UA 141 -30.09 53.95 -1.74
CA ILE UA 141 -31.52 53.64 -1.77
C ILE UA 141 -32.00 53.47 -0.34
N VAL UA 142 -33.07 54.18 0.01
CA VAL UA 142 -33.66 54.12 1.34
C VAL UA 142 -35.09 53.64 1.21
N ILE UA 143 -35.43 52.58 1.95
CA ILE UA 143 -36.76 52.00 1.93
C ILE UA 143 -37.57 52.65 3.05
N PRO UA 144 -38.69 53.30 2.76
CA PRO UA 144 -39.53 53.85 3.83
C PRO UA 144 -40.10 52.75 4.71
N GLU UA 145 -40.28 53.07 5.99
CA GLU UA 145 -40.73 52.08 6.96
C GLU UA 145 -42.16 51.61 6.72
N ASP UA 146 -42.97 52.41 6.02
CA ASP UA 146 -44.35 52.02 5.75
C ASP UA 146 -44.49 51.11 4.54
N ALA UA 147 -43.40 50.85 3.82
CA ALA UA 147 -43.47 49.99 2.63
C ALA UA 147 -43.82 48.56 3.02
N ILE UA 148 -44.59 47.89 2.17
CA ILE UA 148 -44.98 46.51 2.39
C ILE UA 148 -44.36 45.56 1.39
N SER UA 149 -43.78 46.05 0.29
CA SER UA 149 -43.05 45.22 -0.64
C SER UA 149 -42.06 46.10 -1.40
N ILE UA 150 -40.97 45.46 -1.85
CA ILE UA 150 -39.90 46.15 -2.56
C ILE UA 150 -39.82 45.57 -3.97
N THR UA 151 -39.80 46.45 -4.97
CA THR UA 151 -39.71 46.05 -6.36
C THR UA 151 -38.51 46.74 -7.00
N VAL UA 152 -37.68 45.96 -7.69
CA VAL UA 152 -36.51 46.47 -8.39
C VAL UA 152 -36.70 46.20 -9.87
N GLY UA 153 -36.68 47.25 -10.68
CA GLY UA 153 -36.89 47.11 -12.10
C GLY UA 153 -35.70 46.52 -12.82
N THR UA 154 -35.93 46.14 -14.08
CA THR UA 154 -34.87 45.57 -14.90
C THR UA 154 -33.82 46.59 -15.30
N ASP UA 155 -34.12 47.89 -15.18
CA ASP UA 155 -33.16 48.95 -15.44
C ASP UA 155 -32.74 49.67 -14.17
N GLY UA 156 -32.77 48.98 -13.03
CA GLY UA 156 -32.40 49.57 -11.75
C GLY UA 156 -33.47 50.38 -11.08
N GLU UA 157 -34.65 50.49 -11.66
CA GLU UA 157 -35.74 51.26 -11.08
C GLU UA 157 -36.22 50.57 -9.80
N VAL UA 158 -36.09 51.24 -8.66
CA VAL UA 158 -36.50 50.70 -7.37
C VAL UA 158 -37.73 51.44 -6.91
N SER UA 159 -38.82 50.71 -6.68
CA SER UA 159 -40.07 51.29 -6.21
C SER UA 159 -40.67 50.39 -5.15
N VAL UA 160 -41.47 50.99 -4.26
CA VAL UA 160 -42.06 50.29 -3.14
C VAL UA 160 -43.58 50.38 -3.22
N ARG UA 161 -44.24 49.49 -2.50
CA ARG UA 161 -45.69 49.45 -2.41
C ARG UA 161 -46.13 49.98 -1.05
N VAL UA 162 -46.96 51.01 -1.06
CA VAL UA 162 -47.42 51.67 0.15
C VAL UA 162 -48.93 51.49 0.23
N ARG UA 163 -49.40 51.04 1.39
CA ARG UA 163 -50.83 50.84 1.57
C ARG UA 163 -51.55 52.17 1.61
N GLY UA 164 -52.70 52.23 0.94
CA GLY UA 164 -53.50 53.45 0.89
C GLY UA 164 -53.16 54.41 -0.21
N GLN UA 165 -52.33 54.01 -1.18
CA GLN UA 165 -51.98 54.88 -2.29
C GLN UA 165 -51.76 54.02 -3.52
N GLN UA 166 -52.60 54.23 -4.54
CA GLN UA 166 -52.42 53.54 -5.81
C GLN UA 166 -51.11 54.01 -6.45
N ASP UA 167 -50.43 53.08 -7.13
CA ASP UA 167 -49.19 53.28 -7.89
C ASP UA 167 -47.99 53.10 -6.97
N ASN UA 168 -47.02 52.29 -7.39
CA ASN UA 168 -45.77 52.15 -6.66
C ASN UA 168 -44.96 53.43 -6.79
N GLN UA 169 -44.46 53.93 -5.66
CA GLN UA 169 -43.64 55.14 -5.70
C GLN UA 169 -42.17 54.78 -5.83
N VAL UA 170 -41.46 55.54 -6.65
CA VAL UA 170 -40.05 55.28 -6.93
C VAL UA 170 -39.20 55.86 -5.82
N VAL UA 171 -38.32 55.02 -5.26
CA VAL UA 171 -37.43 55.45 -4.18
C VAL UA 171 -36.01 55.70 -4.64
N GLY UA 172 -35.67 55.31 -5.86
CA GLY UA 172 -34.32 55.49 -6.36
C GLY UA 172 -34.07 54.58 -7.54
N GLN UA 173 -32.87 54.72 -8.10
CA GLN UA 173 -32.47 53.96 -9.28
C GLN UA 173 -31.08 53.36 -9.05
N LEU UA 174 -30.92 52.11 -9.48
CA LEU UA 174 -29.63 51.43 -9.41
C LEU UA 174 -28.86 51.62 -10.72
N THR UA 175 -27.54 51.71 -10.58
CA THR UA 175 -26.64 51.77 -11.73
C THR UA 175 -25.49 50.80 -11.51
N ILE UA 176 -25.03 50.20 -12.59
CA ILE UA 176 -23.93 49.23 -12.55
C ILE UA 176 -22.79 49.76 -13.40
N THR UA 177 -21.58 49.38 -13.01
CA THR UA 177 -20.36 49.84 -13.67
C THR UA 177 -19.75 48.70 -14.45
N ASP UA 178 -19.34 48.97 -15.68
CA ASP UA 178 -18.70 47.99 -16.54
C ASP UA 178 -17.26 48.40 -16.84
N PHE UA 179 -16.41 47.40 -17.05
CA PHE UA 179 -15.02 47.62 -17.38
C PHE UA 179 -14.67 46.87 -18.66
N VAL UA 180 -13.74 47.43 -19.43
CA VAL UA 180 -13.31 46.78 -20.67
C VAL UA 180 -12.62 45.46 -20.36
N ASN UA 181 -11.75 45.45 -19.35
CA ASN UA 181 -11.05 44.25 -18.91
C ASN UA 181 -11.43 43.98 -17.46
N PRO UA 182 -12.45 43.15 -17.21
CA PRO UA 182 -12.80 42.79 -15.83
C PRO UA 182 -11.68 42.08 -15.10
N GLY UA 183 -10.84 41.32 -15.81
CA GLY UA 183 -9.76 40.59 -15.17
C GLY UA 183 -8.71 41.47 -14.54
N GLY UA 184 -8.64 42.75 -14.93
CA GLY UA 184 -7.71 43.68 -14.33
C GLY UA 184 -8.14 44.24 -13.00
N LEU UA 185 -9.37 43.95 -12.58
CA LEU UA 185 -9.82 44.37 -11.26
C LEU UA 185 -9.04 43.64 -10.17
N GLU UA 186 -8.66 44.38 -9.13
CA GLU UA 186 -7.88 43.80 -8.04
C GLU UA 186 -8.82 43.23 -6.99
N PRO UA 187 -8.84 41.92 -6.77
CA PRO UA 187 -9.69 41.37 -5.72
C PRO UA 187 -9.15 41.71 -4.34
N ILE UA 188 -10.04 42.14 -3.46
CA ILE UA 188 -9.69 42.49 -2.09
C ILE UA 188 -10.44 41.63 -1.08
N GLY UA 189 -11.05 40.55 -1.55
CA GLY UA 189 -11.86 39.72 -0.69
C GLY UA 189 -13.24 40.33 -0.47
N GLN UA 190 -14.04 39.63 0.34
CA GLN UA 190 -15.41 40.04 0.65
C GLN UA 190 -16.25 40.21 -0.61
N ASN UA 191 -15.92 39.43 -1.65
CA ASN UA 191 -16.60 39.51 -2.95
C ASN UA 191 -16.53 40.91 -3.54
N LEU UA 192 -15.41 41.59 -3.31
CA LEU UA 192 -15.21 42.97 -3.75
C LEU UA 192 -14.02 43.05 -4.68
N TYR UA 193 -14.05 44.07 -5.54
CA TYR UA 193 -12.96 44.35 -6.47
C TYR UA 193 -12.63 45.83 -6.41
N LEU UA 194 -11.44 46.18 -6.91
CA LEU UA 194 -11.05 47.57 -7.00
C LEU UA 194 -10.54 47.89 -8.40
N PRO UA 195 -10.81 49.08 -8.91
CA PRO UA 195 -10.32 49.44 -10.25
C PRO UA 195 -8.81 49.64 -10.26
N THR UA 196 -8.19 49.27 -11.36
CA THR UA 196 -6.76 49.43 -11.55
C THR UA 196 -6.51 50.11 -12.89
N GLY UA 197 -5.23 50.33 -13.20
CA GLY UA 197 -4.88 50.94 -14.47
C GLY UA 197 -5.23 50.07 -15.66
N ALA UA 198 -5.10 48.75 -15.51
CA ALA UA 198 -5.40 47.81 -16.58
C ALA UA 198 -6.85 47.36 -16.60
N SER UA 199 -7.63 47.70 -15.57
CA SER UA 199 -9.04 47.32 -15.57
C SER UA 199 -9.82 48.08 -16.63
N GLY UA 200 -9.58 49.38 -16.73
CA GLY UA 200 -10.23 50.22 -17.71
C GLY UA 200 -10.82 51.43 -17.03
N ASP UA 201 -11.75 52.09 -17.74
CA ASP UA 201 -12.43 53.26 -17.21
C ASP UA 201 -13.80 52.84 -16.70
N PRO UA 202 -14.18 53.22 -15.48
CA PRO UA 202 -15.51 52.87 -14.97
C PRO UA 202 -16.61 53.49 -15.82
N GLN UA 203 -17.38 52.64 -16.49
CA GLN UA 203 -18.47 53.08 -17.37
C GLN UA 203 -19.79 52.87 -16.63
N GLU UA 204 -20.26 53.92 -15.98
CA GLU UA 204 -21.58 53.88 -15.35
C GLU UA 204 -22.67 54.06 -16.40
N GLY UA 205 -23.89 53.74 -16.03
CA GLY UA 205 -25.03 53.89 -16.91
C GLY UA 205 -26.20 53.09 -16.42
N VAL UA 206 -27.35 53.38 -17.01
CA VAL UA 206 -28.58 52.64 -16.69
C VAL UA 206 -28.43 51.19 -17.14
N PRO UA 207 -28.62 50.21 -16.27
CA PRO UA 207 -28.45 48.82 -16.68
C PRO UA 207 -29.43 48.44 -17.79
N GLY UA 208 -28.97 47.57 -18.69
CA GLY UA 208 -29.74 47.17 -19.85
C GLY UA 208 -29.53 48.03 -21.08
N LEU UA 209 -28.73 49.09 -20.97
CA LEU UA 209 -28.51 50.02 -22.07
C LEU UA 209 -27.02 50.08 -22.40
N ASP UA 210 -26.70 50.01 -23.69
CA ASP UA 210 -25.34 50.24 -24.21
C ASP UA 210 -24.35 49.24 -23.63
N GLY UA 211 -24.64 47.95 -23.84
CA GLY UA 211 -23.73 46.89 -23.46
C GLY UA 211 -23.79 46.48 -22.00
N LEU UA 212 -24.63 47.12 -21.19
CA LEU UA 212 -24.74 46.77 -19.79
C LEU UA 212 -25.73 45.63 -19.59
N GLY UA 213 -25.61 44.96 -18.45
CA GLY UA 213 -26.54 43.91 -18.08
C GLY UA 213 -27.82 44.47 -17.52
N GLU UA 214 -28.70 43.55 -17.10
CA GLU UA 214 -29.99 43.90 -16.53
C GLU UA 214 -30.06 43.43 -15.09
N ILE UA 215 -30.76 44.19 -14.26
CA ILE UA 215 -30.92 43.84 -12.86
C ILE UA 215 -32.10 42.88 -12.73
N ARG UA 216 -31.86 41.74 -12.10
CA ARG UA 216 -32.89 40.72 -11.88
C ARG UA 216 -33.11 40.56 -10.39
N GLN UA 217 -34.29 40.93 -9.92
CA GLN UA 217 -34.60 40.84 -8.51
C GLN UA 217 -34.93 39.40 -8.13
N SER UA 218 -34.67 39.07 -6.87
CA SER UA 218 -34.96 37.74 -6.31
C SER UA 218 -34.27 36.64 -7.11
N MET UA 219 -33.04 36.91 -7.53
CA MET UA 219 -32.24 35.93 -8.25
C MET UA 219 -30.77 36.16 -7.92
N LEU UA 220 -29.98 35.09 -7.96
CA LEU UA 220 -28.59 35.14 -7.59
C LEU UA 220 -27.73 34.42 -8.63
N GLU UA 221 -26.47 34.84 -8.72
CA GLU UA 221 -25.53 34.31 -9.69
C GLU UA 221 -24.60 33.31 -8.99
N ALA UA 222 -24.66 32.06 -9.42
CA ALA UA 222 -23.81 31.03 -8.86
C ALA UA 222 -22.37 31.20 -9.35
N SER UA 223 -21.45 30.59 -8.61
CA SER UA 223 -20.05 30.60 -9.02
C SER UA 223 -19.87 29.80 -10.30
N ASN UA 224 -18.96 30.28 -11.15
CA ASN UA 224 -18.69 29.64 -12.44
C ASN UA 224 -17.53 28.66 -12.38
N VAL UA 225 -17.28 28.06 -11.21
CA VAL UA 225 -16.20 27.08 -11.10
C VAL UA 225 -16.65 25.76 -11.68
N ASN UA 226 -15.75 25.09 -12.38
CA ASN UA 226 -15.99 23.76 -12.94
C ASN UA 226 -15.33 22.75 -12.00
N VAL UA 227 -16.13 22.15 -11.13
CA VAL UA 227 -15.57 21.30 -10.08
C VAL UA 227 -14.84 20.10 -10.68
N THR UA 228 -15.36 19.57 -11.78
CA THR UA 228 -14.67 18.46 -12.45
C THR UA 228 -13.30 18.88 -12.97
N GLU UA 229 -13.22 20.08 -13.56
CA GLU UA 229 -11.94 20.56 -14.08
C GLU UA 229 -10.92 20.74 -12.96
N GLU UA 230 -11.36 21.28 -11.83
CA GLU UA 230 -10.44 21.50 -10.71
C GLU UA 230 -9.86 20.19 -10.20
N LEU UA 231 -10.67 19.14 -10.15
CA LEU UA 231 -10.18 17.85 -9.70
C LEU UA 231 -9.19 17.25 -10.70
N VAL UA 232 -9.42 17.44 -11.99
CA VAL UA 232 -8.45 17.00 -12.99
C VAL UA 232 -7.20 17.87 -12.92
N ASN UA 233 -7.37 19.18 -12.73
CA ASN UA 233 -6.23 20.07 -12.63
C ASN UA 233 -5.35 19.73 -11.43
N MET UA 234 -5.95 19.21 -10.36
CA MET UA 234 -5.15 18.74 -9.23
C MET UA 234 -4.33 17.51 -9.61
N ILE UA 235 -4.87 16.66 -10.48
CA ILE UA 235 -4.16 15.42 -10.84
C ILE UA 235 -2.89 15.75 -11.62
N GLU UA 236 -2.99 16.62 -12.62
CA GLU UA 236 -1.81 16.93 -13.42
C GLU UA 236 -0.85 17.85 -12.68
N ALA UA 237 -1.35 18.64 -11.73
CA ALA UA 237 -0.46 19.48 -10.93
C ALA UA 237 0.28 18.66 -9.88
N GLN UA 238 -0.38 17.64 -9.33
CA GLN UA 238 0.27 16.78 -8.34
C GLN UA 238 1.38 15.94 -8.98
N ARG UA 239 1.13 15.40 -10.17
CA ARG UA 239 2.12 14.54 -10.81
C ARG UA 239 3.33 15.33 -11.27
N VAL UA 240 3.12 16.50 -11.85
CA VAL UA 240 4.24 17.34 -12.28
C VAL UA 240 5.04 17.80 -11.07
N TYR UA 241 4.36 18.07 -9.95
CA TYR UA 241 5.06 18.39 -8.72
C TYR UA 241 5.91 17.20 -8.25
N GLU UA 242 5.36 15.99 -8.29
CA GLU UA 242 6.14 14.82 -7.93
C GLU UA 242 7.18 14.48 -8.98
N MET UA 243 6.93 14.87 -10.24
CA MET UA 243 7.92 14.62 -11.29
C MET UA 243 9.18 15.44 -11.08
N ASN UA 244 9.03 16.70 -10.68
CA ASN UA 244 10.19 17.56 -10.46
C ASN UA 244 10.95 17.15 -9.21
N SER UA 245 10.27 16.58 -8.21
CA SER UA 245 10.96 16.17 -6.99
C SER UA 245 11.92 15.02 -7.26
N LYS UA 246 11.61 14.19 -8.27
CA LYS UA 246 12.49 13.08 -8.59
C LYS UA 246 13.81 13.56 -9.19
N VAL UA 247 13.79 14.65 -9.95
CA VAL UA 247 15.03 15.21 -10.48
C VAL UA 247 15.92 15.70 -9.35
N ILE UA 248 15.34 16.40 -8.38
CA ILE UA 248 16.10 16.89 -7.24
C ILE UA 248 16.70 15.73 -6.45
N SER UA 249 15.93 14.65 -6.28
CA SER UA 249 16.48 13.46 -5.64
C SER UA 249 17.62 12.86 -6.46
N SER UA 250 17.46 12.82 -7.79
CA SER UA 250 18.50 12.27 -8.64
C SER UA 250 19.75 13.13 -8.61
N VAL UA 251 19.60 14.46 -8.65
CA VAL UA 251 20.75 15.34 -8.57
C VAL UA 251 21.43 15.22 -7.22
N ASP UA 252 20.65 15.08 -6.15
CA ASP UA 252 21.23 14.88 -4.82
C ASP UA 252 22.04 13.59 -4.75
N LYS UA 253 21.52 12.52 -5.36
CA LYS UA 253 22.27 11.27 -5.41
C LYS UA 253 23.51 11.38 -6.28
N MET UA 254 23.42 12.10 -7.40
CA MET UA 254 24.58 12.27 -8.26
C MET UA 254 25.69 13.04 -7.57
N MET UA 255 25.34 14.13 -6.89
CA MET UA 255 26.35 14.91 -6.19
C MET UA 255 26.91 14.16 -5.00
N SER UA 256 26.06 13.37 -4.32
CA SER UA 256 26.54 12.55 -3.22
C SER UA 256 27.50 11.46 -3.71
N PHE UA 257 27.33 11.01 -4.95
CA PHE UA 257 28.23 10.00 -5.50
C PHE UA 257 29.58 10.61 -5.89
N VAL UA 258 29.57 11.83 -6.42
CA VAL UA 258 30.80 12.43 -6.93
C VAL UA 258 31.77 12.71 -5.79
N ASN UA 259 31.30 13.35 -4.73
CA ASN UA 259 32.19 13.68 -3.63
C ASN UA 259 32.52 12.45 -2.77
N GLN UA 260 31.75 11.38 -2.90
CA GLN UA 260 32.11 10.12 -2.25
C GLN UA 260 33.09 9.31 -3.09
N GLN UA 261 33.24 9.65 -4.37
CA GLN UA 261 34.12 8.91 -5.29
C GLN UA 261 35.38 9.68 -5.63
N LEU UA 262 35.24 10.92 -6.09
CA LEU UA 262 36.39 11.74 -6.48
C LEU UA 262 37.24 12.10 -5.27
N MET VA 1 18.17 -20.06 -10.50
CA MET VA 1 18.95 -19.54 -9.38
C MET VA 1 18.56 -20.22 -8.07
N HIS VA 2 17.26 -20.26 -7.78
CA HIS VA 2 16.76 -20.86 -6.56
C HIS VA 2 15.66 -21.86 -6.90
N PRO VA 3 15.63 -23.01 -6.22
CA PRO VA 3 14.60 -24.01 -6.55
C PRO VA 3 13.18 -23.50 -6.39
N ALA VA 4 12.92 -22.65 -5.41
CA ALA VA 4 11.57 -22.15 -5.20
C ALA VA 4 11.13 -21.23 -6.33
N LEU VA 5 12.09 -20.61 -7.03
CA LEU VA 5 11.73 -19.75 -8.16
C LEU VA 5 11.10 -20.56 -9.28
N TRP VA 6 11.65 -21.74 -9.57
CA TRP VA 6 11.12 -22.55 -10.67
C TRP VA 6 9.83 -23.26 -10.25
N VAL VA 7 9.74 -23.69 -9.00
CA VAL VA 7 8.53 -24.39 -8.54
C VAL VA 7 7.33 -23.45 -8.60
N SER VA 8 7.50 -22.21 -8.16
CA SER VA 8 6.39 -21.26 -8.20
C SER VA 8 6.07 -20.83 -9.63
N LYS VA 9 7.04 -20.91 -10.54
CA LYS VA 9 6.75 -20.64 -11.95
C LYS VA 9 5.74 -21.63 -12.49
N THR VA 10 5.90 -22.92 -12.13
CA THR VA 10 4.94 -23.92 -12.54
C THR VA 10 3.58 -23.64 -11.94
N GLY VA 11 3.54 -23.20 -10.67
CA GLY VA 11 2.28 -22.82 -10.07
C GLY VA 11 1.63 -21.64 -10.75
N LEU VA 12 2.43 -20.67 -11.19
CA LEU VA 12 1.87 -19.52 -11.89
C LEU VA 12 1.36 -19.93 -13.27
N ASP VA 13 2.12 -20.74 -14.00
CA ASP VA 13 1.70 -21.15 -15.34
C ASP VA 13 0.48 -22.06 -15.28
N ALA VA 14 0.40 -22.91 -14.25
CA ALA VA 14 -0.75 -23.80 -14.12
C ALA VA 14 -2.03 -23.02 -13.88
N GLN VA 15 -1.98 -22.00 -13.02
CA GLN VA 15 -3.20 -21.26 -12.69
C GLN VA 15 -3.67 -20.43 -13.87
N GLN VA 16 -2.74 -19.92 -14.69
CA GLN VA 16 -3.15 -19.16 -15.88
C GLN VA 16 -3.95 -20.01 -16.85
N THR VA 17 -3.51 -21.25 -17.07
CA THR VA 17 -4.27 -22.16 -17.92
C THR VA 17 -5.63 -22.47 -17.30
N ASN VA 18 -5.68 -22.62 -15.98
CA ASN VA 18 -6.95 -22.86 -15.31
C ASN VA 18 -7.89 -21.67 -15.45
N ILE VA 19 -7.36 -20.46 -15.29
CA ILE VA 19 -8.20 -19.26 -15.43
C ILE VA 19 -8.66 -19.10 -16.88
N ALA VA 20 -7.78 -19.43 -17.84
CA ALA VA 20 -8.18 -19.38 -19.24
C ALA VA 20 -9.29 -20.38 -19.52
N THR VA 21 -9.23 -21.57 -18.91
CA THR VA 21 -10.28 -22.55 -19.08
C THR VA 21 -11.60 -22.06 -18.48
N ILE VA 22 -11.54 -21.45 -17.30
CA ILE VA 22 -12.75 -20.94 -16.66
C ILE VA 22 -13.34 -19.79 -17.47
N SER VA 23 -12.48 -18.96 -18.05
CA SER VA 23 -12.95 -17.81 -18.82
C SER VA 23 -13.74 -18.24 -20.04
N ASN VA 24 -13.30 -19.32 -20.71
CA ASN VA 24 -14.04 -19.81 -21.87
C ASN VA 24 -15.39 -20.39 -21.47
N ASN VA 25 -15.46 -21.00 -20.29
CA ASN VA 25 -16.75 -21.52 -19.81
C ASN VA 25 -17.75 -20.39 -19.60
N LEU VA 26 -17.32 -19.27 -19.05
CA LEU VA 26 -18.23 -18.14 -18.86
C LEU VA 26 -18.54 -17.44 -20.17
N ALA VA 27 -17.59 -17.44 -21.12
CA ALA VA 27 -17.84 -16.85 -22.42
C ALA VA 27 -18.91 -17.62 -23.18
N ASN VA 28 -18.84 -18.95 -23.15
CA ASN VA 28 -19.84 -19.79 -23.80
C ASN VA 28 -20.95 -20.20 -22.85
N ALA VA 29 -21.57 -19.22 -22.18
CA ALA VA 29 -22.72 -19.48 -21.35
C ALA VA 29 -24.03 -19.48 -22.13
N SER VA 30 -24.03 -18.98 -23.35
CA SER VA 30 -25.22 -18.92 -24.18
C SER VA 30 -25.10 -19.74 -25.45
N THR VA 31 -23.98 -20.42 -25.68
CA THR VA 31 -23.82 -21.22 -26.88
C THR VA 31 -24.67 -22.48 -26.79
N VAL VA 32 -25.43 -22.75 -27.85
CA VAL VA 32 -26.31 -23.91 -27.87
C VAL VA 32 -25.50 -25.18 -28.05
N GLY VA 33 -25.72 -26.16 -27.18
CA GLY VA 33 -25.00 -27.41 -27.25
C GLY VA 33 -23.52 -27.30 -26.95
N TYR VA 34 -23.16 -26.50 -25.94
CA TYR VA 34 -21.78 -26.36 -25.52
C TYR VA 34 -21.55 -27.17 -24.25
N LYS VA 35 -20.42 -27.88 -24.21
CA LYS VA 35 -20.04 -28.69 -23.06
C LYS VA 35 -18.90 -28.00 -22.33
N LYS VA 36 -19.09 -27.76 -21.03
CA LYS VA 36 -18.11 -27.04 -20.25
C LYS VA 36 -16.82 -27.85 -20.12
N SER VA 37 -15.78 -27.18 -19.63
CA SER VA 37 -14.46 -27.77 -19.51
C SER VA 37 -13.90 -27.52 -18.12
N ARG VA 38 -13.07 -28.45 -17.65
CA ARG VA 38 -12.40 -28.33 -16.36
C ARG VA 38 -10.93 -28.69 -16.52
N ALA VA 39 -10.06 -27.87 -15.93
CA ALA VA 39 -8.64 -28.14 -15.96
C ALA VA 39 -8.26 -29.21 -14.95
N VAL VA 40 -7.32 -30.06 -15.32
CA VAL VA 40 -6.86 -31.17 -14.48
C VAL VA 40 -5.44 -30.86 -14.05
N PHE VA 41 -5.25 -30.71 -12.74
CA PHE VA 41 -3.94 -30.41 -12.16
C PHE VA 41 -3.23 -31.70 -11.77
N GLU VA 42 -1.92 -31.72 -11.93
CA GLU VA 42 -1.11 -32.85 -11.48
C GLU VA 42 0.28 -32.36 -11.13
N ASP VA 43 0.89 -32.99 -10.13
CA ASP VA 43 2.21 -32.62 -9.68
C ASP VA 43 3.28 -33.12 -10.64
N LEU VA 44 4.43 -32.44 -10.62
CA LEU VA 44 5.56 -32.81 -11.45
C LEU VA 44 6.40 -33.87 -10.74
N PHE VA 45 7.54 -34.23 -11.32
CA PHE VA 45 8.40 -35.25 -10.75
C PHE VA 45 8.96 -34.79 -9.41
N TYR VA 46 9.42 -35.75 -8.63
CA TYR VA 46 10.00 -35.49 -7.31
C TYR VA 46 11.48 -35.85 -7.33
N GLN VA 47 12.32 -34.94 -6.85
CA GLN VA 47 13.74 -35.20 -6.76
C GLN VA 47 14.00 -36.19 -5.63
N ASN VA 48 14.74 -37.27 -5.94
CA ASN VA 48 14.98 -38.34 -4.97
C ASN VA 48 16.33 -38.12 -4.31
N ILE VA 49 16.35 -37.20 -3.35
CA ILE VA 49 17.57 -36.95 -2.57
C ILE VA 49 17.87 -38.15 -1.67
N ASN VA 50 16.85 -38.63 -0.95
CA ASN VA 50 16.96 -39.83 -0.15
C ASN VA 50 15.76 -40.72 -0.42
N GLN VA 51 16.01 -41.99 -0.73
CA GLN VA 51 14.93 -42.92 -1.04
C GLN VA 51 14.19 -43.31 0.23
N PRO VA 52 12.87 -43.10 0.31
CA PRO VA 52 12.11 -43.61 1.46
C PRO VA 52 12.09 -45.14 1.45
N GLY VA 53 12.54 -45.73 2.53
CA GLY VA 53 12.69 -47.18 2.62
C GLY VA 53 14.11 -47.67 2.49
N GLY VA 54 15.05 -46.81 2.12
CA GLY VA 54 16.45 -47.21 2.09
C GLY VA 54 16.98 -47.51 3.47
N GLN VA 55 18.02 -48.33 3.52
CA GLN VA 55 18.53 -48.81 4.80
C GLN VA 55 19.46 -47.77 5.42
N SER VA 56 19.17 -47.42 6.67
CA SER VA 56 20.06 -46.61 7.50
C SER VA 56 20.30 -47.40 8.78
N SER VA 57 21.44 -48.10 8.84
CA SER VA 57 21.80 -49.01 9.93
C SER VA 57 20.95 -50.27 9.85
N GLN VA 58 21.58 -51.42 10.09
CA GLN VA 58 20.87 -52.70 10.00
C GLN VA 58 19.68 -52.74 10.95
N ASN VA 59 18.63 -53.43 10.52
CA ASN VA 59 17.37 -53.54 11.24
C ASN VA 59 16.69 -52.18 11.39
N THR VA 60 16.90 -51.28 10.44
CA THR VA 60 16.31 -49.96 10.46
C THR VA 60 16.35 -49.37 9.06
N GLU VA 61 15.25 -48.76 8.63
CA GLU VA 61 15.18 -48.09 7.34
C GLU VA 61 14.36 -46.82 7.48
N LEU VA 62 14.54 -45.91 6.54
CA LEU VA 62 13.89 -44.61 6.59
C LEU VA 62 12.39 -44.78 6.37
N PRO VA 63 11.54 -44.41 7.33
CA PRO VA 63 10.09 -44.47 7.08
C PRO VA 63 9.65 -43.50 6.00
N SER VA 64 10.30 -42.34 5.89
CA SER VA 64 10.04 -41.38 4.83
C SER VA 64 11.38 -40.81 4.37
N GLY VA 65 11.41 -40.32 3.14
CA GLY VA 65 12.65 -39.82 2.57
C GLY VA 65 12.59 -38.36 2.19
N LEU VA 66 13.75 -37.77 1.95
CA LEU VA 66 13.86 -36.37 1.52
C LEU VA 66 13.62 -36.33 0.01
N MET VA 67 12.36 -36.12 -0.37
CA MET VA 67 11.96 -36.04 -1.77
C MET VA 67 11.34 -34.67 -2.02
N LEU VA 68 11.89 -33.94 -2.98
CA LEU VA 68 11.46 -32.57 -3.27
C LEU VA 68 10.71 -32.54 -4.60
N GLY VA 69 9.49 -32.00 -4.58
CA GLY VA 69 8.71 -31.88 -5.79
C GLY VA 69 9.16 -30.75 -6.68
N ALA VA 70 8.69 -30.78 -7.93
CA ALA VA 70 9.06 -29.79 -8.92
C ALA VA 70 7.93 -28.84 -9.28
N GLY VA 71 6.79 -28.93 -8.61
CA GLY VA 71 5.68 -28.04 -8.85
C GLY VA 71 4.45 -28.78 -9.36
N SER VA 72 3.71 -28.13 -10.25
CA SER VA 72 2.50 -28.70 -10.82
C SER VA 72 2.25 -28.08 -12.18
N LYS VA 73 1.36 -28.71 -12.94
CA LYS VA 73 0.98 -28.21 -14.26
C LYS VA 73 -0.40 -28.70 -14.60
N VAL VA 74 -1.03 -28.02 -15.55
CA VAL VA 74 -2.31 -28.46 -16.11
C VAL VA 74 -2.00 -29.41 -17.26
N VAL VA 75 -2.42 -30.67 -17.11
CA VAL VA 75 -2.06 -31.70 -18.07
C VAL VA 75 -3.19 -31.89 -19.08
N ALA VA 76 -4.41 -31.56 -18.69
CA ALA VA 76 -5.56 -31.84 -19.53
C ALA VA 76 -6.67 -30.84 -19.24
N THR VA 77 -7.63 -30.77 -20.16
CA THR VA 77 -8.84 -29.98 -20.00
C THR VA 77 -10.00 -30.91 -20.36
N GLN VA 78 -10.76 -31.32 -19.34
CA GLN VA 78 -11.76 -32.37 -19.51
C GLN VA 78 -13.10 -31.75 -19.90
N LYS VA 79 -13.68 -32.27 -20.99
CA LYS VA 79 -15.01 -31.90 -21.42
C LYS VA 79 -16.04 -32.75 -20.66
N VAL VA 80 -17.03 -32.08 -20.06
CA VAL VA 80 -18.09 -32.77 -19.34
C VAL VA 80 -19.28 -32.85 -20.29
N HIS VA 81 -19.50 -34.03 -20.87
CA HIS VA 81 -20.56 -34.25 -21.84
C HIS VA 81 -21.85 -34.70 -21.18
N THR VA 82 -22.31 -33.95 -20.19
CA THR VA 82 -23.62 -34.16 -19.60
C THR VA 82 -24.66 -33.33 -20.33
N HIS VA 83 -25.87 -33.86 -20.42
CA HIS VA 83 -26.92 -33.22 -21.18
C HIS VA 83 -27.32 -31.89 -20.54
N GLY VA 84 -27.46 -30.85 -21.34
CA GLY VA 84 -27.93 -29.58 -20.87
C GLY VA 84 -29.44 -29.52 -20.83
N ASN VA 85 -29.95 -28.32 -20.54
CA ASN VA 85 -31.39 -28.13 -20.50
C ASN VA 85 -31.95 -28.03 -21.92
N ALA VA 86 -33.25 -27.77 -22.01
CA ALA VA 86 -33.94 -27.70 -23.28
C ALA VA 86 -34.52 -26.30 -23.46
N GLN VA 87 -34.42 -25.78 -24.69
CA GLN VA 87 -34.99 -24.49 -25.04
C GLN VA 87 -36.06 -24.71 -26.11
N THR VA 88 -37.32 -24.51 -25.72
CA THR VA 88 -38.44 -24.70 -26.64
C THR VA 88 -38.57 -23.48 -27.53
N THR VA 89 -38.59 -23.70 -28.84
CA THR VA 89 -38.61 -22.63 -29.83
C THR VA 89 -39.80 -22.80 -30.76
N THR VA 90 -39.98 -21.79 -31.62
CA THR VA 90 -41.02 -21.82 -32.63
C THR VA 90 -40.53 -22.28 -34.00
N ASN VA 91 -39.24 -22.08 -34.30
CA ASN VA 91 -38.68 -22.57 -35.55
C ASN VA 91 -38.72 -24.09 -35.58
N ALA VA 92 -39.04 -24.64 -36.74
CA ALA VA 92 -39.13 -26.08 -36.92
C ALA VA 92 -37.85 -26.71 -37.44
N LEU VA 93 -36.81 -25.92 -37.69
CA LEU VA 93 -35.57 -26.44 -38.26
C LEU VA 93 -34.43 -26.51 -37.27
N ASP VA 94 -34.68 -26.25 -35.99
CA ASP VA 94 -33.67 -26.43 -34.95
C ASP VA 94 -34.07 -27.63 -34.09
N MET VA 95 -33.19 -28.63 -34.02
CA MET VA 95 -33.49 -29.88 -33.36
C MET VA 95 -32.50 -30.12 -32.23
N MET VA 96 -32.88 -31.02 -31.33
CA MET VA 96 -32.08 -31.37 -30.17
C MET VA 96 -32.00 -32.89 -30.04
N VAL VA 97 -30.82 -33.36 -29.66
CA VAL VA 97 -30.61 -34.78 -29.41
C VAL VA 97 -30.89 -35.05 -27.94
N GLU VA 98 -31.79 -35.99 -27.67
CA GLU VA 98 -32.18 -36.34 -26.31
C GLU VA 98 -31.32 -37.53 -25.87
N GLY VA 99 -30.10 -37.23 -25.44
CA GLY VA 99 -29.16 -38.27 -25.05
C GLY VA 99 -27.92 -38.28 -25.92
N ASP VA 100 -27.32 -39.46 -26.01
CA ASP VA 100 -26.07 -39.60 -26.75
C ASP VA 100 -26.32 -39.51 -28.26
N GLY VA 101 -25.37 -38.90 -28.95
CA GLY VA 101 -25.44 -38.75 -30.40
C GLY VA 101 -24.91 -37.40 -30.84
N PHE VA 102 -24.50 -37.33 -32.11
CA PHE VA 102 -23.95 -36.11 -32.68
C PHE VA 102 -24.49 -35.92 -34.09
N PHE VA 103 -24.89 -34.70 -34.41
CA PHE VA 103 -25.20 -34.35 -35.78
C PHE VA 103 -23.91 -34.30 -36.61
N GLN VA 104 -23.98 -34.84 -37.82
CA GLN VA 104 -22.80 -34.94 -38.68
C GLN VA 104 -22.96 -33.98 -39.86
N VAL VA 105 -21.97 -33.12 -40.04
CA VAL VA 105 -21.97 -32.13 -41.12
C VAL VA 105 -20.75 -32.39 -42.00
N THR VA 106 -20.81 -31.88 -43.22
CA THR VA 106 -19.74 -32.03 -44.20
C THR VA 106 -18.88 -30.78 -44.21
N LEU VA 107 -17.59 -30.95 -43.91
CA LEU VA 107 -16.65 -29.84 -43.91
C LEU VA 107 -16.19 -29.52 -45.33
N PRO VA 108 -15.73 -28.28 -45.57
CA PRO VA 108 -15.26 -27.92 -46.92
C PRO VA 108 -14.12 -28.79 -47.41
N ASP VA 109 -13.21 -29.23 -46.54
CA ASP VA 109 -12.10 -30.05 -46.97
C ASP VA 109 -12.57 -31.43 -47.44
N GLY VA 110 -13.71 -31.91 -46.92
CA GLY VA 110 -14.24 -33.19 -47.34
C GLY VA 110 -14.62 -34.08 -46.18
N ASN VA 111 -13.91 -33.95 -45.06
CA ASN VA 111 -14.18 -34.77 -43.89
C ASN VA 111 -15.51 -34.36 -43.26
N ILE VA 112 -16.05 -35.27 -42.44
CA ILE VA 112 -17.33 -35.06 -41.78
C ILE VA 112 -17.07 -34.55 -40.37
N GLY VA 113 -17.69 -33.42 -40.03
CA GLY VA 113 -17.61 -32.87 -38.69
C GLY VA 113 -18.85 -33.21 -37.88
N TYR VA 114 -18.70 -33.22 -36.56
CA TYR VA 114 -19.76 -33.62 -35.67
C TYR VA 114 -20.07 -32.50 -34.68
N THR VA 115 -21.36 -32.27 -34.46
CA THR VA 115 -21.80 -31.15 -33.64
C THR VA 115 -22.95 -31.59 -32.73
N ARG VA 116 -23.13 -30.83 -31.66
CA ARG VA 116 -24.30 -30.97 -30.78
C ARG VA 116 -25.30 -29.83 -30.95
N ASN VA 117 -24.86 -28.70 -31.48
CA ASN VA 117 -25.77 -27.59 -31.75
C ASN VA 117 -26.70 -27.97 -32.91
N GLY VA 118 -27.99 -27.73 -32.72
CA GLY VA 118 -28.99 -28.08 -33.70
C GLY VA 118 -29.59 -26.95 -34.50
N GLN VA 119 -29.01 -25.75 -34.47
CA GLN VA 119 -29.56 -24.63 -35.22
C GLN VA 119 -29.29 -24.80 -36.71
N PHE VA 120 -30.21 -25.44 -37.41
CA PHE VA 120 -30.08 -25.72 -38.83
C PHE VA 120 -31.02 -24.82 -39.63
N THR VA 121 -30.86 -24.87 -40.94
CA THR VA 121 -31.69 -24.10 -41.86
C THR VA 121 -31.55 -24.72 -43.25
N LEU VA 122 -32.06 -24.01 -44.26
CA LEU VA 122 -31.97 -24.43 -45.65
C LEU VA 122 -31.14 -23.43 -46.43
N ASN VA 123 -30.67 -23.86 -47.59
CA ASN VA 123 -29.99 -22.97 -48.51
C ASN VA 123 -30.83 -22.82 -49.78
N GLY VA 124 -30.28 -22.15 -50.79
CA GLY VA 124 -31.03 -21.89 -52.01
C GLY VA 124 -31.44 -23.14 -52.74
N GLU VA 125 -30.68 -24.23 -52.58
CA GLU VA 125 -31.00 -25.49 -53.22
C GLU VA 125 -31.98 -26.34 -52.42
N GLY VA 126 -32.38 -25.89 -51.23
CA GLY VA 126 -33.27 -26.64 -50.39
C GLY VA 126 -32.63 -27.69 -49.51
N THR VA 127 -31.30 -27.81 -49.55
CA THR VA 127 -30.60 -28.78 -48.72
C THR VA 127 -30.47 -28.26 -47.30
N LEU VA 128 -30.67 -29.15 -46.33
CA LEU VA 128 -30.54 -28.79 -44.93
C LEU VA 128 -29.08 -28.50 -44.59
N VAL VA 129 -28.81 -27.29 -44.12
CA VAL VA 129 -27.48 -26.86 -43.74
C VAL VA 129 -27.55 -26.18 -42.38
N THR VA 130 -26.37 -26.00 -41.76
CA THR VA 130 -26.30 -25.29 -40.50
C THR VA 130 -26.58 -23.81 -40.72
N SER VA 131 -26.96 -23.13 -39.63
CA SER VA 131 -27.31 -21.71 -39.71
C SER VA 131 -26.10 -20.80 -39.63
N GLY VA 132 -24.90 -21.35 -39.49
CA GLY VA 132 -23.70 -20.55 -39.43
C GLY VA 132 -22.96 -20.53 -40.75
N SER VA 133 -21.89 -21.31 -40.85
CA SER VA 133 -21.07 -21.32 -42.05
C SER VA 133 -21.81 -21.94 -43.24
N GLY VA 134 -22.85 -22.73 -43.00
CA GLY VA 134 -23.63 -23.30 -44.07
C GLY VA 134 -23.25 -24.71 -44.48
N TYR VA 135 -22.64 -25.48 -43.59
CA TYR VA 135 -22.21 -26.83 -43.96
C TYR VA 135 -23.42 -27.76 -44.05
N PRO VA 136 -23.52 -28.56 -45.11
CA PRO VA 136 -24.66 -29.49 -45.22
C PRO VA 136 -24.64 -30.53 -44.11
N VAL VA 137 -25.83 -30.98 -43.73
CA VAL VA 137 -25.99 -32.00 -42.71
C VAL VA 137 -26.05 -33.36 -43.39
N GLU VA 138 -25.25 -34.32 -42.90
CA GLU VA 138 -25.20 -35.68 -43.44
C GLU VA 138 -26.18 -36.58 -42.71
N PRO VA 139 -27.00 -37.37 -43.42
CA PRO VA 139 -27.13 -37.47 -44.88
C PRO VA 139 -27.88 -36.27 -45.46
N GLU VA 140 -27.73 -35.99 -46.75
CA GLU VA 140 -28.36 -34.83 -47.34
C GLU VA 140 -29.88 -34.93 -47.25
N ILE VA 141 -30.50 -33.89 -46.72
CA ILE VA 141 -31.95 -33.79 -46.60
C ILE VA 141 -32.39 -32.61 -47.44
N VAL VA 142 -33.05 -32.88 -48.56
CA VAL VA 142 -33.46 -31.86 -49.50
C VAL VA 142 -34.98 -31.69 -49.38
N ILE VA 143 -35.40 -30.47 -49.04
CA ILE VA 143 -36.82 -30.17 -48.83
C ILE VA 143 -37.39 -29.72 -50.17
N PRO VA 144 -38.42 -30.39 -50.69
CA PRO VA 144 -39.01 -29.96 -51.96
C PRO VA 144 -39.72 -28.62 -51.83
N GLU VA 145 -39.79 -27.90 -52.94
CA GLU VA 145 -40.45 -26.60 -52.97
C GLU VA 145 -41.97 -26.71 -52.95
N ASP VA 146 -42.52 -27.93 -53.06
CA ASP VA 146 -43.96 -28.16 -52.97
C ASP VA 146 -44.40 -28.46 -51.54
N ALA VA 147 -43.50 -28.33 -50.57
CA ALA VA 147 -43.81 -28.67 -49.19
C ALA VA 147 -44.43 -27.48 -48.46
N ILE VA 148 -45.45 -27.76 -47.65
CA ILE VA 148 -46.09 -26.72 -46.85
C ILE VA 148 -45.71 -26.82 -45.38
N SER VA 149 -45.10 -27.91 -44.93
CA SER VA 149 -44.63 -28.02 -43.55
C SER VA 149 -43.54 -29.08 -43.51
N ILE VA 150 -42.74 -29.01 -42.44
CA ILE VA 150 -41.63 -29.94 -42.23
C ILE VA 150 -41.76 -30.54 -40.84
N THR VA 151 -41.72 -31.86 -40.75
CA THR VA 151 -41.76 -32.58 -39.49
C THR VA 151 -40.62 -33.58 -39.42
N VAL VA 152 -39.93 -33.61 -38.28
CA VAL VA 152 -38.83 -34.53 -38.04
C VAL VA 152 -39.27 -35.50 -36.96
N GLY VA 153 -39.28 -36.78 -37.28
CA GLY VA 153 -39.71 -37.79 -36.34
C GLY VA 153 -38.68 -38.03 -35.25
N THR VA 154 -39.10 -38.82 -34.25
CA THR VA 154 -38.20 -39.19 -33.17
C THR VA 154 -37.02 -40.01 -33.68
N ASP VA 155 -37.26 -40.84 -34.71
CA ASP VA 155 -36.24 -41.68 -35.30
C ASP VA 155 -35.52 -41.01 -36.46
N GLY VA 156 -35.65 -39.69 -36.60
CA GLY VA 156 -34.93 -38.95 -37.61
C GLY VA 156 -35.53 -38.97 -39.00
N GLU VA 157 -36.71 -39.58 -39.17
CA GLU VA 157 -37.36 -39.64 -40.48
C GLU VA 157 -37.98 -38.28 -40.78
N VAL VA 158 -37.38 -37.55 -41.71
CA VAL VA 158 -37.85 -36.22 -42.07
C VAL VA 158 -38.94 -36.34 -43.12
N SER VA 159 -40.09 -35.73 -42.85
CA SER VA 159 -41.23 -35.78 -43.75
C SER VA 159 -41.73 -34.36 -44.00
N VAL VA 160 -42.35 -34.16 -45.16
CA VAL VA 160 -42.98 -32.90 -45.52
C VAL VA 160 -44.41 -33.17 -45.95
N ARG VA 161 -45.26 -32.17 -45.73
CA ARG VA 161 -46.65 -32.24 -46.13
C ARG VA 161 -46.85 -31.47 -47.42
N VAL VA 162 -47.64 -32.04 -48.33
CA VAL VA 162 -47.89 -31.46 -49.64
C VAL VA 162 -49.40 -31.38 -49.84
N ARG VA 163 -49.86 -30.22 -50.30
CA ARG VA 163 -51.29 -30.03 -50.55
C ARG VA 163 -51.75 -30.92 -51.69
N GLY VA 164 -52.96 -31.45 -51.55
CA GLY VA 164 -53.49 -32.40 -52.52
C GLY VA 164 -53.06 -33.82 -52.32
N GLN VA 165 -52.42 -34.14 -51.19
CA GLN VA 165 -51.93 -35.49 -50.95
C GLN VA 165 -51.92 -35.76 -49.45
N GLN VA 166 -52.66 -36.79 -49.04
CA GLN VA 166 -52.64 -37.27 -47.66
C GLN VA 166 -51.34 -38.05 -47.41
N ASP VA 167 -51.09 -38.36 -46.13
CA ASP VA 167 -49.97 -39.22 -45.75
C ASP VA 167 -48.63 -38.62 -46.20
N ASN VA 168 -48.27 -37.53 -45.51
CA ASN VA 168 -47.13 -36.69 -45.85
C ASN VA 168 -45.92 -37.50 -46.32
N GLN VA 169 -45.24 -36.99 -47.34
CA GLN VA 169 -44.20 -37.73 -48.05
C GLN VA 169 -42.87 -37.62 -47.32
N VAL VA 170 -42.22 -38.77 -47.12
CA VAL VA 170 -40.89 -38.81 -46.53
C VAL VA 170 -39.88 -38.27 -47.53
N VAL VA 171 -38.97 -37.41 -47.06
CA VAL VA 171 -37.97 -36.79 -47.92
C VAL VA 171 -36.54 -37.23 -47.59
N GLY VA 172 -36.33 -37.95 -46.49
CA GLY VA 172 -34.98 -38.34 -46.14
C GLY VA 172 -34.95 -39.07 -44.82
N GLN VA 173 -33.74 -39.22 -44.29
CA GLN VA 173 -33.50 -39.92 -43.04
C GLN VA 173 -32.25 -39.35 -42.38
N LEU VA 174 -32.40 -38.83 -41.17
CA LEU VA 174 -31.28 -38.30 -40.40
C LEU VA 174 -30.62 -39.42 -39.60
N THR VA 175 -29.30 -39.41 -39.57
CA THR VA 175 -28.51 -40.35 -38.80
C THR VA 175 -27.59 -39.59 -37.86
N ILE VA 176 -27.54 -40.03 -36.60
CA ILE VA 176 -26.67 -39.41 -35.61
C ILE VA 176 -25.58 -40.40 -35.25
N THR VA 177 -24.43 -39.87 -34.85
CA THR VA 177 -23.25 -40.68 -34.54
C THR VA 177 -22.91 -40.53 -33.06
N ASP VA 178 -22.61 -41.66 -32.42
CA ASP VA 178 -22.21 -41.70 -31.03
C ASP VA 178 -20.73 -42.03 -30.92
N PHE VA 179 -20.16 -41.71 -29.76
CA PHE VA 179 -18.78 -42.02 -29.46
C PHE VA 179 -18.68 -42.57 -28.05
N VAL VA 180 -17.83 -43.58 -27.85
CA VAL VA 180 -17.67 -44.17 -26.53
C VAL VA 180 -17.11 -43.16 -25.54
N ASN VA 181 -16.12 -42.38 -25.98
CA ASN VA 181 -15.49 -41.34 -25.15
C ASN VA 181 -15.69 -40.01 -25.84
N PRO VA 182 -16.76 -39.28 -25.51
CA PRO VA 182 -16.96 -37.96 -26.13
C PRO VA 182 -15.99 -36.90 -25.64
N GLY VA 183 -15.30 -37.15 -24.53
CA GLY VA 183 -14.31 -36.19 -24.04
C GLY VA 183 -13.03 -36.17 -24.86
N GLY VA 184 -12.80 -37.21 -25.67
CA GLY VA 184 -11.63 -37.29 -26.51
C GLY VA 184 -11.75 -36.67 -27.87
N LEU VA 185 -12.90 -36.09 -28.19
CA LEU VA 185 -13.06 -35.39 -29.45
C LEU VA 185 -12.21 -34.12 -29.47
N GLU VA 186 -11.67 -33.81 -30.66
CA GLU VA 186 -10.88 -32.60 -30.83
C GLU VA 186 -11.81 -31.47 -31.29
N PRO VA 187 -12.04 -30.44 -30.49
CA PRO VA 187 -12.92 -29.34 -30.91
C PRO VA 187 -12.18 -28.43 -31.88
N ILE VA 188 -12.74 -28.27 -33.08
CA ILE VA 188 -12.16 -27.40 -34.09
C ILE VA 188 -12.91 -26.07 -34.17
N GLY VA 189 -13.66 -25.73 -33.12
CA GLY VA 189 -14.48 -24.54 -33.15
C GLY VA 189 -15.74 -24.74 -33.96
N GLN VA 190 -16.52 -23.67 -34.06
CA GLN VA 190 -17.78 -23.67 -34.80
C GLN VA 190 -18.72 -24.77 -34.32
N ASN VA 191 -18.69 -25.05 -33.01
CA ASN VA 191 -19.52 -26.06 -32.38
C ASN VA 191 -19.28 -27.45 -32.97
N LEU VA 192 -18.10 -27.66 -33.55
CA LEU VA 192 -17.78 -28.89 -34.27
C LEU VA 192 -16.66 -29.64 -33.57
N TYR VA 193 -16.66 -30.97 -33.73
CA TYR VA 193 -15.65 -31.84 -33.17
C TYR VA 193 -15.10 -32.76 -34.25
N LEU VA 194 -13.84 -33.17 -34.09
CA LEU VA 194 -13.24 -34.14 -34.98
C LEU VA 194 -12.82 -35.38 -34.20
N PRO VA 195 -13.12 -36.57 -34.72
CA PRO VA 195 -12.72 -37.79 -34.01
C PRO VA 195 -11.21 -37.92 -33.90
N THR VA 196 -10.77 -38.46 -32.77
CA THR VA 196 -9.35 -38.68 -32.49
C THR VA 196 -9.14 -40.16 -32.17
N GLY VA 197 -7.90 -40.48 -31.79
CA GLY VA 197 -7.60 -41.85 -31.39
C GLY VA 197 -8.33 -42.25 -30.12
N ALA VA 198 -8.45 -41.33 -29.17
CA ALA VA 198 -9.10 -41.62 -27.89
C ALA VA 198 -10.62 -41.50 -27.95
N SER VA 199 -11.17 -40.89 -29.01
CA SER VA 199 -12.62 -40.74 -29.09
C SER VA 199 -13.30 -42.07 -29.36
N GLY VA 200 -12.76 -42.85 -30.29
CA GLY VA 200 -13.35 -44.12 -30.68
C GLY VA 200 -13.88 -44.09 -32.09
N ASP VA 201 -14.19 -45.28 -32.59
CA ASP VA 201 -14.71 -45.40 -33.94
C ASP VA 201 -16.15 -44.89 -33.99
N PRO VA 202 -16.47 -43.99 -34.92
CA PRO VA 202 -17.82 -43.42 -34.97
C PRO VA 202 -18.87 -44.48 -35.29
N GLN VA 203 -19.77 -44.71 -34.34
CA GLN VA 203 -20.87 -45.64 -34.52
C GLN VA 203 -22.10 -44.86 -34.99
N GLU VA 204 -22.58 -45.19 -36.18
CA GLU VA 204 -23.71 -44.50 -36.79
C GLU VA 204 -24.95 -45.39 -36.73
N GLY VA 205 -26.11 -44.76 -36.83
CA GLY VA 205 -27.36 -45.48 -36.80
C GLY VA 205 -28.52 -44.53 -36.70
N VAL VA 206 -29.71 -45.11 -36.68
CA VAL VA 206 -30.95 -44.32 -36.57
C VAL VA 206 -31.01 -43.68 -35.19
N PRO VA 207 -31.46 -42.43 -35.08
CA PRO VA 207 -31.44 -41.74 -33.78
C PRO VA 207 -32.50 -42.24 -32.82
N GLY VA 208 -32.18 -43.26 -32.04
CA GLY VA 208 -33.12 -43.82 -31.09
C GLY VA 208 -32.92 -45.31 -30.88
N LEU VA 209 -32.03 -45.92 -31.65
CA LEU VA 209 -31.67 -47.31 -31.50
C LEU VA 209 -30.22 -47.45 -31.07
N ASP VA 210 -29.91 -48.59 -30.46
CA ASP VA 210 -28.55 -48.92 -30.02
C ASP VA 210 -27.99 -47.87 -29.05
N GLY VA 211 -28.85 -47.39 -28.15
CA GLY VA 211 -28.40 -46.45 -27.15
C GLY VA 211 -28.24 -45.02 -27.62
N LEU VA 212 -28.65 -44.72 -28.85
CA LEU VA 212 -28.56 -43.36 -29.36
C LEU VA 212 -29.68 -42.49 -28.78
N GLY VA 213 -29.50 -41.18 -28.88
CA GLY VA 213 -30.49 -40.24 -28.43
C GLY VA 213 -31.64 -40.13 -29.40
N GLU VA 214 -32.55 -39.20 -29.10
CA GLU VA 214 -33.73 -38.98 -29.92
C GLU VA 214 -33.76 -37.53 -30.41
N ILE VA 215 -34.21 -37.36 -31.64
CA ILE VA 215 -34.24 -36.05 -32.28
C ILE VA 215 -35.53 -35.34 -31.87
N ARG VA 216 -35.40 -34.27 -31.08
CA ARG VA 216 -36.53 -33.46 -30.66
C ARG VA 216 -36.58 -32.22 -31.53
N GLN VA 217 -37.68 -32.07 -32.27
CA GLN VA 217 -37.81 -30.96 -33.20
C GLN VA 217 -38.25 -29.69 -32.47
N SER VA 218 -37.90 -28.54 -33.05
CA SER VA 218 -38.23 -27.23 -32.50
C SER VA 218 -37.73 -27.08 -31.08
N MET VA 219 -36.56 -27.65 -30.81
CA MET VA 219 -35.95 -27.61 -29.49
C MET VA 219 -34.45 -27.45 -29.63
N LEU VA 220 -33.84 -26.82 -28.63
CA LEU VA 220 -32.41 -26.58 -28.62
C LEU VA 220 -31.83 -27.05 -27.29
N GLU VA 221 -30.52 -27.34 -27.30
CA GLU VA 221 -29.81 -27.81 -26.12
C GLU VA 221 -28.93 -26.68 -25.60
N ALA VA 222 -29.31 -26.12 -24.46
CA ALA VA 222 -28.52 -25.05 -23.87
C ALA VA 222 -27.20 -25.58 -23.33
N SER VA 223 -26.27 -24.65 -23.10
CA SER VA 223 -24.98 -25.03 -22.54
C SER VA 223 -25.14 -25.54 -21.11
N ASN VA 224 -24.22 -26.41 -20.70
CA ASN VA 224 -24.26 -27.04 -19.40
C ASN VA 224 -23.31 -26.39 -18.40
N VAL VA 225 -22.88 -25.16 -18.67
CA VAL VA 225 -21.96 -24.49 -17.76
C VAL VA 225 -22.69 -24.09 -16.49
N ASN VA 226 -21.97 -24.11 -15.37
CA ASN VA 226 -22.49 -23.71 -14.07
C ASN VA 226 -21.88 -22.35 -13.74
N VAL VA 227 -22.66 -21.29 -13.98
CA VAL VA 227 -22.12 -19.94 -13.88
C VAL VA 227 -21.65 -19.64 -12.46
N THR VA 228 -22.35 -20.17 -11.46
CA THR VA 228 -21.94 -19.94 -10.08
C THR VA 228 -20.60 -20.61 -9.78
N GLU VA 229 -20.40 -21.83 -10.28
CA GLU VA 229 -19.15 -22.53 -10.04
C GLU VA 229 -17.97 -21.83 -10.70
N GLU VA 230 -18.18 -21.29 -11.90
CA GLU VA 230 -17.08 -20.58 -12.57
C GLU VA 230 -16.67 -19.35 -11.79
N LEU VA 231 -17.61 -18.71 -11.09
CA LEU VA 231 -17.27 -17.55 -10.26
C LEU VA 231 -16.53 -17.97 -9.00
N VAL VA 232 -16.87 -19.13 -8.43
CA VAL VA 232 -16.12 -19.64 -7.29
C VAL VA 232 -14.73 -20.11 -7.75
N ASN VA 233 -14.66 -20.80 -8.90
CA ASN VA 233 -13.39 -21.25 -9.41
C ASN VA 233 -12.46 -20.08 -9.71
N MET VA 234 -13.04 -18.95 -10.15
CA MET VA 234 -12.23 -17.77 -10.39
C MET VA 234 -11.62 -17.23 -9.10
N ILE VA 235 -12.35 -17.33 -7.99
CA ILE VA 235 -11.84 -16.85 -6.71
C ILE VA 235 -10.66 -17.70 -6.25
N GLU VA 236 -10.82 -19.03 -6.30
CA GLU VA 236 -9.75 -19.92 -5.86
C GLU VA 236 -8.51 -19.79 -6.74
N ALA VA 237 -8.72 -19.75 -8.06
CA ALA VA 237 -7.60 -19.66 -8.98
C ALA VA 237 -6.84 -18.35 -8.82
N GLN VA 238 -7.56 -17.25 -8.60
CA GLN VA 238 -6.91 -15.96 -8.42
C GLN VA 238 -6.03 -15.94 -7.17
N ARG VA 239 -6.53 -16.49 -6.06
CA ARG VA 239 -5.79 -16.41 -4.80
C ARG VA 239 -4.54 -17.27 -4.84
N VAL VA 240 -4.64 -18.47 -5.41
CA VAL VA 240 -3.46 -19.34 -5.52
C VAL VA 240 -2.43 -18.72 -6.46
N TYR VA 241 -2.89 -18.05 -7.52
CA TYR VA 241 -1.99 -17.33 -8.40
C TYR VA 241 -1.26 -16.22 -7.66
N GLU VA 242 -1.99 -15.49 -6.81
CA GLU VA 242 -1.37 -14.42 -6.04
C GLU VA 242 -0.43 -14.96 -4.98
N MET VA 243 -0.77 -16.11 -4.39
CA MET VA 243 0.07 -16.69 -3.35
C MET VA 243 1.38 -17.22 -3.91
N ASN VA 244 1.36 -17.77 -5.13
CA ASN VA 244 2.61 -18.21 -5.75
C ASN VA 244 3.52 -17.04 -6.05
N SER VA 245 2.95 -15.86 -6.33
CA SER VA 245 3.76 -14.67 -6.53
C SER VA 245 4.46 -14.26 -5.24
N LYS VA 246 3.87 -14.58 -4.08
CA LYS VA 246 4.49 -14.25 -2.81
C LYS VA 246 5.80 -15.01 -2.63
N VAL VA 247 5.84 -16.27 -3.06
CA VAL VA 247 7.06 -17.07 -2.92
C VAL VA 247 8.16 -16.52 -3.81
N ILE VA 248 7.82 -16.16 -5.05
CA ILE VA 248 8.81 -15.56 -5.95
C ILE VA 248 9.28 -14.22 -5.42
N SER VA 249 8.35 -13.40 -4.92
CA SER VA 249 8.73 -12.12 -4.33
C SER VA 249 9.63 -12.32 -3.12
N SER VA 250 9.31 -13.30 -2.28
CA SER VA 250 10.14 -13.57 -1.10
C SER VA 250 11.51 -14.08 -1.51
N VAL VA 251 11.57 -14.95 -2.53
CA VAL VA 251 12.85 -15.43 -3.03
C VAL VA 251 13.67 -14.28 -3.61
N ASP VA 252 13.01 -13.36 -4.30
CA ASP VA 252 13.71 -12.21 -4.87
C ASP VA 252 14.35 -11.37 -3.79
N LYS VA 253 13.63 -11.13 -2.69
CA LYS VA 253 14.16 -10.32 -1.60
C LYS VA 253 15.28 -11.05 -0.86
N MET VA 254 15.17 -12.38 -0.75
CA MET VA 254 16.23 -13.15 -0.10
C MET VA 254 17.53 -13.06 -0.87
N MET VA 255 17.47 -13.18 -2.19
CA MET VA 255 18.68 -13.08 -3.00
C MET VA 255 19.23 -11.66 -3.01
N SER VA 256 18.34 -10.67 -2.93
CA SER VA 256 18.79 -9.28 -2.78
C SER VA 256 19.55 -9.10 -1.47
N PHE VA 257 19.06 -9.71 -0.39
CA PHE VA 257 19.73 -9.59 0.90
C PHE VA 257 21.10 -10.27 0.88
N VAL VA 258 21.20 -11.43 0.22
CA VAL VA 258 22.46 -12.16 0.18
C VAL VA 258 23.49 -11.39 -0.64
N ASN VA 259 23.07 -10.78 -1.75
CA ASN VA 259 24.00 -9.99 -2.55
C ASN VA 259 24.52 -8.79 -1.78
N GLN VA 260 23.65 -8.13 -1.01
CA GLN VA 260 24.09 -7.00 -0.19
C GLN VA 260 25.02 -7.45 0.94
N GLN VA 261 24.75 -8.58 1.56
CA GLN VA 261 25.49 -9.02 2.74
C GLN VA 261 26.74 -9.82 2.36
N LEU VA 262 26.58 -10.89 1.60
CA LEU VA 262 27.72 -11.73 1.22
C LEU VA 262 28.63 -11.04 0.20
N MET WA 1 22.82 3.12 -22.91
CA MET WA 1 23.74 2.48 -21.97
C MET WA 1 23.40 0.99 -21.81
N HIS WA 2 22.15 0.64 -22.13
CA HIS WA 2 21.67 -0.72 -22.01
C HIS WA 2 20.57 -0.89 -23.04
N PRO WA 3 20.63 -1.92 -23.89
CA PRO WA 3 19.58 -2.09 -24.90
C PRO WA 3 18.19 -2.25 -24.31
N ALA WA 4 18.07 -2.95 -23.18
CA ALA WA 4 16.75 -3.17 -22.58
C ALA WA 4 16.14 -1.85 -22.10
N LEU WA 5 16.98 -0.88 -21.76
CA LEU WA 5 16.47 0.42 -21.33
C LEU WA 5 15.73 1.12 -22.45
N TRP WA 6 16.24 1.00 -23.68
CA TRP WA 6 15.63 1.71 -24.80
C TRP WA 6 14.58 0.87 -25.51
N VAL WA 7 14.71 -0.46 -25.46
CA VAL WA 7 13.69 -1.33 -26.04
C VAL WA 7 12.37 -1.15 -25.30
N SER WA 8 12.43 -1.09 -23.97
CA SER WA 8 11.21 -0.92 -23.19
C SER WA 8 10.65 0.50 -23.32
N LYS WA 9 11.51 1.48 -23.62
CA LYS WA 9 11.01 2.84 -23.82
C LYS WA 9 10.15 2.92 -25.07
N THR WA 10 10.50 2.16 -26.11
CA THR WA 10 9.64 2.07 -27.29
C THR WA 10 8.29 1.47 -26.93
N GLY WA 11 8.28 0.48 -26.02
CA GLY WA 11 7.02 -0.06 -25.54
C GLY WA 11 6.20 0.97 -24.78
N LEU WA 12 6.87 1.81 -23.99
CA LEU WA 12 6.16 2.89 -23.29
C LEU WA 12 5.59 3.89 -24.27
N ASP WA 13 6.35 4.26 -25.29
CA ASP WA 13 5.88 5.21 -26.29
C ASP WA 13 4.72 4.62 -27.10
N ALA WA 14 4.80 3.32 -27.41
CA ALA WA 14 3.75 2.67 -28.18
C ALA WA 14 2.42 2.68 -27.41
N GLN WA 15 2.48 2.45 -26.10
CA GLN WA 15 1.26 2.42 -25.30
C GLN WA 15 0.66 3.83 -25.15
N GLN WA 16 1.51 4.85 -25.05
CA GLN WA 16 1.01 6.22 -24.93
C GLN WA 16 0.22 6.61 -26.18
N THR WA 17 0.73 6.25 -27.35
CA THR WA 17 -0.05 6.45 -28.57
C THR WA 17 -1.30 5.59 -28.57
N ASN WA 18 -1.20 4.35 -28.08
CA ASN WA 18 -2.36 3.47 -28.02
C ASN WA 18 -3.43 4.02 -27.10
N ILE WA 19 -3.04 4.52 -25.93
CA ILE WA 19 -4.00 5.06 -24.98
C ILE WA 19 -4.64 6.33 -25.52
N ALA WA 20 -3.85 7.16 -26.21
CA ALA WA 20 -4.39 8.40 -26.78
C ALA WA 20 -5.48 8.11 -27.81
N THR WA 21 -5.33 7.02 -28.57
CA THR WA 21 -6.36 6.64 -29.51
C THR WA 21 -7.61 6.13 -28.80
N ILE WA 22 -7.42 5.37 -27.72
CA ILE WA 22 -8.56 4.89 -26.94
C ILE WA 22 -9.30 6.06 -26.31
N SER WA 23 -8.57 7.03 -25.75
CA SER WA 23 -9.20 8.19 -25.13
C SER WA 23 -9.97 9.01 -26.15
N ASN WA 24 -9.48 9.07 -27.39
CA ASN WA 24 -10.20 9.80 -28.42
C ASN WA 24 -11.52 9.13 -28.76
N ASN WA 25 -11.55 7.80 -28.79
CA ASN WA 25 -12.79 7.08 -29.08
C ASN WA 25 -13.83 7.31 -28.00
N LEU WA 26 -13.43 7.24 -26.73
CA LEU WA 26 -14.37 7.47 -25.63
C LEU WA 26 -14.84 8.92 -25.58
N ALA WA 27 -13.97 9.86 -25.92
CA ALA WA 27 -14.39 11.26 -25.98
C ALA WA 27 -15.45 11.46 -27.05
N ASN WA 28 -15.28 10.84 -28.22
CA ASN WA 28 -16.26 10.89 -29.29
C ASN WA 28 -17.25 9.73 -29.22
N ALA WA 29 -17.87 9.55 -28.06
CA ALA WA 29 -18.90 8.53 -27.92
C ALA WA 29 -20.29 9.05 -28.26
N SER WA 30 -20.46 10.36 -28.38
CA SER WA 30 -21.73 10.97 -28.75
C SER WA 30 -21.64 11.79 -30.03
N THR WA 31 -20.49 11.84 -30.66
CA THR WA 31 -20.33 12.58 -31.91
C THR WA 31 -21.08 11.87 -33.04
N VAL WA 32 -21.80 12.66 -33.83
CA VAL WA 32 -22.58 12.11 -34.94
C VAL WA 32 -21.66 11.83 -36.12
N GLY WA 33 -21.76 10.62 -36.66
CA GLY WA 33 -20.96 10.23 -37.80
C GLY WA 33 -19.47 10.12 -37.53
N TYR WA 34 -19.09 9.67 -36.34
CA TYR WA 34 -17.69 9.48 -35.98
C TYR WA 34 -17.33 8.00 -36.13
N LYS WA 35 -16.23 7.73 -36.81
CA LYS WA 35 -15.74 6.36 -37.01
C LYS WA 35 -14.58 6.11 -36.07
N LYS WA 36 -14.68 5.05 -35.28
CA LYS WA 36 -13.67 4.77 -34.26
C LYS WA 36 -12.35 4.38 -34.90
N SER WA 37 -11.29 4.50 -34.11
CA SER WA 37 -9.93 4.24 -34.57
C SER WA 37 -9.27 3.19 -33.69
N ARG WA 38 -8.32 2.47 -34.26
CA ARG WA 38 -7.52 1.50 -33.53
C ARG WA 38 -6.06 1.62 -33.97
N ALA WA 39 -5.16 1.62 -33.00
CA ALA WA 39 -3.74 1.72 -33.28
C ALA WA 39 -3.21 0.40 -33.81
N VAL WA 40 -2.30 0.49 -34.78
CA VAL WA 40 -1.69 -0.68 -35.42
C VAL WA 40 -0.26 -0.78 -34.93
N PHE WA 41 0.06 -1.88 -34.23
CA PHE WA 41 1.39 -2.11 -33.71
C PHE WA 41 2.22 -2.95 -34.67
N GLU WA 42 3.54 -2.78 -34.59
CA GLU WA 42 4.46 -3.61 -35.35
C GLU WA 42 5.83 -3.55 -34.68
N ASP WA 43 6.58 -4.62 -34.81
CA ASP WA 43 7.93 -4.68 -34.25
C ASP WA 43 8.89 -3.85 -35.10
N LEU WA 44 9.96 -3.39 -34.45
CA LEU WA 44 11.03 -2.71 -35.16
C LEU WA 44 11.98 -3.72 -35.79
N PHE WA 45 13.03 -3.23 -36.43
CA PHE WA 45 13.97 -4.11 -37.10
C PHE WA 45 14.71 -4.97 -36.09
N TYR WA 46 15.16 -6.14 -36.55
CA TYR WA 46 15.90 -7.08 -35.73
C TYR WA 46 17.37 -7.02 -36.09
N GLN WA 47 18.23 -6.86 -35.08
CA GLN WA 47 19.67 -6.89 -35.31
C GLN WA 47 20.09 -8.29 -35.74
N ASN WA 48 20.81 -8.38 -36.86
CA ASN WA 48 21.16 -9.66 -37.45
C ASN WA 48 22.55 -10.07 -36.97
N ILE WA 49 22.62 -10.49 -35.71
CA ILE WA 49 23.88 -10.95 -35.14
C ILE WA 49 24.31 -12.27 -35.77
N ASN WA 50 23.38 -13.22 -35.87
CA ASN WA 50 23.62 -14.50 -36.51
C ASN WA 50 22.57 -14.73 -37.58
N GLN WA 51 23.01 -15.12 -38.77
CA GLN WA 51 22.10 -15.31 -39.90
C GLN WA 51 21.33 -16.61 -39.73
N PRO WA 52 20.00 -16.57 -39.70
CA PRO WA 52 19.24 -17.83 -39.73
C PRO WA 52 19.35 -18.49 -41.09
N GLY WA 53 19.68 -19.77 -41.08
CA GLY WA 53 19.95 -20.49 -42.31
C GLY WA 53 21.35 -20.31 -42.86
N GLY WA 54 22.18 -19.50 -42.20
CA GLY WA 54 23.56 -19.31 -42.63
C GLY WA 54 24.47 -20.38 -42.05
N GLN WA 55 25.57 -20.63 -42.73
CA GLN WA 55 26.50 -21.67 -42.30
C GLN WA 55 27.18 -21.27 -41.01
N SER WA 56 27.30 -22.22 -40.09
CA SER WA 56 27.94 -22.00 -38.81
C SER WA 56 29.44 -22.28 -38.94
N SER WA 57 30.15 -22.31 -37.80
CA SER WA 57 31.59 -22.55 -37.84
C SER WA 57 31.91 -23.99 -38.20
N GLN WA 58 30.92 -24.89 -38.17
CA GLN WA 58 31.11 -26.28 -38.54
C GLN WA 58 30.24 -26.68 -39.73
N ASN WA 59 29.90 -25.71 -40.58
CA ASN WA 59 29.19 -25.95 -41.83
C ASN WA 59 27.85 -26.63 -41.61
N THR WA 60 27.09 -26.11 -40.65
CA THR WA 60 25.72 -26.55 -40.40
C THR WA 60 24.81 -25.35 -40.37
N GLU WA 61 23.71 -25.40 -41.11
CA GLU WA 61 22.77 -24.29 -41.15
C GLU WA 61 22.12 -24.10 -39.79
N LEU WA 62 22.01 -22.83 -39.37
CA LEU WA 62 21.40 -22.52 -38.09
C LEU WA 62 19.88 -22.56 -38.21
N PRO WA 63 19.21 -23.46 -37.49
CA PRO WA 63 17.74 -23.52 -37.57
C PRO WA 63 17.06 -22.27 -37.03
N SER WA 64 17.76 -21.49 -36.21
CA SER WA 64 17.23 -20.25 -35.69
C SER WA 64 18.39 -19.36 -35.27
N GLY WA 65 18.49 -18.19 -35.90
CA GLY WA 65 19.59 -17.29 -35.66
C GLY WA 65 19.41 -16.45 -34.40
N LEU WA 66 20.48 -15.73 -34.07
CA LEU WA 66 20.47 -14.81 -32.93
C LEU WA 66 20.11 -13.43 -33.43
N MET WA 67 18.81 -13.18 -33.55
CA MET WA 67 18.30 -11.91 -34.06
C MET WA 67 17.63 -11.17 -32.91
N LEU WA 68 18.15 -9.99 -32.56
CA LEU WA 68 17.69 -9.24 -31.42
C LEU WA 68 16.74 -8.14 -31.86
N GLY WA 69 15.55 -8.10 -31.27
CA GLY WA 69 14.58 -7.08 -31.60
C GLY WA 69 14.97 -5.71 -31.06
N ALA WA 70 14.25 -4.70 -31.53
CA ALA WA 70 14.51 -3.32 -31.14
C ALA WA 70 13.34 -2.66 -30.42
N GLY WA 71 12.20 -3.34 -30.32
CA GLY WA 71 11.03 -2.78 -29.67
C GLY WA 71 9.81 -2.82 -30.59
N SER WA 72 8.85 -1.96 -30.27
CA SER WA 72 7.62 -1.88 -31.04
C SER WA 72 7.18 -0.42 -31.13
N LYS WA 73 6.25 -0.17 -32.05
CA LYS WA 73 5.72 1.17 -32.26
C LYS WA 73 4.34 1.08 -32.88
N VAL WA 74 3.61 2.19 -32.84
CA VAL WA 74 2.34 2.32 -33.53
C VAL WA 74 2.61 2.95 -34.88
N VAL WA 75 2.29 2.23 -35.95
CA VAL WA 75 2.69 2.63 -37.30
C VAL WA 75 1.54 3.33 -38.01
N ALA WA 76 0.30 2.96 -37.67
CA ALA WA 76 -0.86 3.52 -38.35
C ALA WA 76 -2.05 3.54 -37.41
N THR WA 77 -3.01 4.40 -37.75
CA THR WA 77 -4.28 4.53 -37.04
C THR WA 77 -5.39 4.24 -38.05
N GLN WA 78 -5.96 3.04 -37.97
CA GLN WA 78 -6.97 2.62 -38.92
C GLN WA 78 -8.36 2.93 -38.38
N LYS WA 79 -9.13 3.70 -39.15
CA LYS WA 79 -10.51 4.01 -38.79
C LYS WA 79 -11.44 2.97 -39.40
N VAL WA 80 -12.25 2.34 -38.55
CA VAL WA 80 -13.20 1.33 -38.98
C VAL WA 80 -14.47 2.04 -39.44
N HIS WA 81 -14.70 2.07 -40.74
CA HIS WA 81 -15.85 2.78 -41.31
C HIS WA 81 -17.07 1.88 -41.45
N THR WA 82 -17.47 1.25 -40.36
CA THR WA 82 -18.72 0.52 -40.33
C THR WA 82 -19.87 1.46 -39.98
N HIS WA 83 -21.04 1.17 -40.52
CA HIS WA 83 -22.19 2.04 -40.32
C HIS WA 83 -22.66 1.98 -38.87
N GLY WA 84 -23.00 3.14 -38.32
CA GLY WA 84 -23.49 3.23 -36.95
C GLY WA 84 -25.00 3.13 -36.87
N ASN WA 85 -25.49 3.11 -35.63
CA ASN WA 85 -26.93 3.06 -35.40
C ASN WA 85 -27.57 4.39 -35.77
N ALA WA 86 -28.87 4.33 -36.05
CA ALA WA 86 -29.64 5.48 -36.50
C ALA WA 86 -30.43 6.07 -35.34
N GLN WA 87 -30.47 7.39 -35.28
CA GLN WA 87 -31.23 8.11 -34.27
C GLN WA 87 -32.37 8.87 -34.94
N THR WA 88 -33.59 8.66 -34.46
CA THR WA 88 -34.78 9.26 -35.05
C THR WA 88 -35.07 10.59 -34.36
N THR WA 89 -34.97 11.68 -35.12
CA THR WA 89 -35.21 13.02 -34.61
C THR WA 89 -36.44 13.61 -35.29
N THR WA 90 -36.83 14.80 -34.83
CA THR WA 90 -37.93 15.53 -35.43
C THR WA 90 -37.47 16.68 -36.33
N ASN WA 91 -36.18 16.96 -36.35
CA ASN WA 91 -35.66 18.01 -37.24
C ASN WA 91 -35.81 17.57 -38.69
N ALA WA 92 -36.18 18.52 -39.56
CA ALA WA 92 -36.38 18.24 -40.97
C ALA WA 92 -35.13 18.51 -41.81
N LEU WA 93 -34.02 18.91 -41.20
CA LEU WA 93 -32.82 19.28 -41.92
C LEU WA 93 -31.62 18.41 -41.61
N ASP WA 94 -31.75 17.45 -40.70
CA ASP WA 94 -30.67 16.53 -40.40
C ASP WA 94 -30.88 15.23 -41.17
N MET WA 95 -29.82 14.77 -41.85
CA MET WA 95 -29.92 13.63 -42.74
C MET WA 95 -28.90 12.57 -42.36
N MET WA 96 -29.04 11.40 -42.97
CA MET WA 96 -28.17 10.26 -42.75
C MET WA 96 -27.94 9.55 -44.08
N VAL WA 97 -26.77 8.92 -44.20
CA VAL WA 97 -26.44 8.14 -45.39
C VAL WA 97 -26.53 6.66 -45.00
N GLU WA 98 -27.52 5.97 -45.56
CA GLU WA 98 -27.66 4.53 -45.35
C GLU WA 98 -26.82 3.81 -46.39
N GLY WA 99 -25.59 3.45 -46.03
CA GLY WA 99 -24.63 2.90 -46.95
C GLY WA 99 -23.45 3.82 -47.15
N ASP WA 100 -22.56 3.40 -48.04
CA ASP WA 100 -21.34 4.14 -48.29
C ASP WA 100 -21.64 5.49 -48.94
N GLY WA 101 -21.00 6.53 -48.45
CA GLY WA 101 -21.16 7.86 -48.99
C GLY WA 101 -20.80 8.92 -47.96
N PHE WA 102 -20.39 10.08 -48.46
CA PHE WA 102 -20.03 11.23 -47.64
C PHE WA 102 -20.68 12.48 -48.21
N PHE WA 103 -21.31 13.27 -47.35
CA PHE WA 103 -21.75 14.60 -47.77
C PHE WA 103 -20.55 15.47 -48.05
N GLN WA 104 -20.67 16.33 -49.07
CA GLN WA 104 -19.58 17.20 -49.48
C GLN WA 104 -19.93 18.64 -49.14
N VAL WA 105 -18.96 19.34 -48.54
CA VAL WA 105 -19.15 20.73 -48.12
C VAL WA 105 -18.01 21.56 -48.68
N THR WA 106 -18.25 22.86 -48.79
CA THR WA 106 -17.29 23.81 -49.33
C THR WA 106 -16.52 24.46 -48.19
N LEU WA 107 -15.23 24.15 -48.10
CA LEU WA 107 -14.40 24.70 -47.04
C LEU WA 107 -14.10 26.17 -47.32
N PRO WA 108 -13.70 26.93 -46.29
CA PRO WA 108 -13.37 28.35 -46.52
C PRO WA 108 -12.25 28.55 -47.52
N ASP WA 109 -11.28 27.64 -47.58
CA ASP WA 109 -10.19 27.78 -48.55
C ASP WA 109 -10.70 27.56 -49.97
N GLY WA 110 -11.77 26.81 -50.15
CA GLY WA 110 -12.32 26.57 -51.47
C GLY WA 110 -12.42 25.09 -51.82
N ASN WA 111 -11.60 24.26 -51.17
CA ASN WA 111 -11.63 22.84 -51.43
C ASN WA 111 -12.89 22.21 -50.84
N ILE WA 112 -13.15 20.97 -51.23
CA ILE WA 112 -14.34 20.25 -50.83
C ILE WA 112 -13.99 19.27 -49.71
N GLY WA 113 -14.69 19.36 -48.60
CA GLY WA 113 -14.54 18.43 -47.50
C GLY WA 113 -15.70 17.47 -47.44
N TYR WA 114 -15.42 16.23 -47.06
CA TYR WA 114 -16.41 15.16 -47.06
C TYR WA 114 -16.74 14.76 -45.64
N THR WA 115 -18.02 14.75 -45.31
CA THR WA 115 -18.49 14.55 -43.94
C THR WA 115 -19.56 13.47 -43.89
N ARG WA 116 -19.51 12.67 -42.83
CA ARG WA 116 -20.59 11.76 -42.49
C ARG WA 116 -21.62 12.38 -41.55
N ASN WA 117 -21.29 13.51 -40.94
CA ASN WA 117 -22.25 14.22 -40.09
C ASN WA 117 -23.36 14.81 -40.94
N GLY WA 118 -24.60 14.57 -40.54
CA GLY WA 118 -25.75 15.05 -41.26
C GLY WA 118 -26.53 16.18 -40.60
N GLN WA 119 -26.07 16.69 -39.47
CA GLN WA 119 -26.76 17.78 -38.79
C GLN WA 119 -26.58 19.05 -39.60
N PHE WA 120 -27.63 19.48 -40.30
CA PHE WA 120 -27.59 20.64 -41.16
C PHE WA 120 -28.65 21.65 -40.73
N THR WA 121 -28.51 22.86 -41.27
CA THR WA 121 -29.44 23.95 -40.99
C THR WA 121 -29.36 24.93 -42.16
N LEU WA 122 -29.93 26.12 -41.97
CA LEU WA 122 -29.97 27.15 -42.99
C LEU WA 122 -29.29 28.41 -42.48
N ASN WA 123 -28.68 29.15 -43.39
CA ASN WA 123 -28.10 30.44 -43.04
C ASN WA 123 -29.13 31.55 -43.31
N GLY WA 124 -28.69 32.80 -43.28
CA GLY WA 124 -29.61 33.91 -43.52
C GLY WA 124 -30.20 33.92 -44.90
N GLU WA 125 -29.47 33.42 -45.89
CA GLU WA 125 -29.92 33.42 -47.28
C GLU WA 125 -30.68 32.16 -47.66
N GLY WA 126 -30.80 31.19 -46.75
CA GLY WA 126 -31.57 29.99 -47.00
C GLY WA 126 -30.81 28.82 -47.57
N THR WA 127 -29.52 28.96 -47.83
CA THR WA 127 -28.73 27.85 -48.34
C THR WA 127 -28.48 26.82 -47.25
N LEU WA 128 -28.57 25.55 -47.61
CA LEU WA 128 -28.32 24.47 -46.66
C LEU WA 128 -26.84 24.49 -46.27
N VAL WA 129 -26.58 24.53 -44.96
CA VAL WA 129 -25.22 24.62 -44.43
C VAL WA 129 -25.09 23.62 -43.28
N THR WA 130 -23.87 23.52 -42.76
CA THR WA 130 -23.59 22.65 -41.63
C THR WA 130 -24.00 23.33 -40.33
N SER WA 131 -24.49 22.52 -39.39
CA SER WA 131 -24.96 23.02 -38.10
C SER WA 131 -23.85 23.48 -37.18
N GLY WA 132 -22.59 23.25 -37.54
CA GLY WA 132 -21.44 23.60 -36.74
C GLY WA 132 -20.82 24.89 -37.24
N SER WA 133 -19.72 24.80 -37.99
CA SER WA 133 -19.03 26.00 -38.43
C SER WA 133 -19.80 26.78 -39.50
N GLY WA 134 -20.77 26.17 -40.17
CA GLY WA 134 -21.61 26.87 -41.11
C GLY WA 134 -21.19 26.80 -42.56
N TYR WA 135 -20.42 25.78 -42.94
CA TYR WA 135 -20.00 25.66 -44.33
C TYR WA 135 -21.17 25.20 -45.20
N PRO WA 136 -21.28 25.70 -46.43
CA PRO WA 136 -22.36 25.27 -47.32
C PRO WA 136 -22.20 23.81 -47.71
N VAL WA 137 -23.29 23.24 -48.22
CA VAL WA 137 -23.33 21.86 -48.69
C VAL WA 137 -23.33 21.86 -50.21
N GLU WA 138 -22.45 21.04 -50.81
CA GLU WA 138 -22.33 20.88 -52.26
C GLU WA 138 -23.26 19.77 -52.75
N PRO WA 139 -24.11 20.03 -53.74
CA PRO WA 139 -24.37 21.33 -54.40
C PRO WA 139 -25.26 22.21 -53.53
N GLU WA 140 -25.20 23.53 -53.70
CA GLU WA 140 -25.97 24.42 -52.85
C GLU WA 140 -27.47 24.17 -53.02
N ILE WA 141 -28.17 24.11 -51.90
CA ILE WA 141 -29.61 23.90 -51.86
C ILE WA 141 -30.22 25.15 -51.25
N VAL WA 142 -30.90 25.95 -52.07
CA VAL WA 142 -31.52 27.18 -51.61
C VAL WA 142 -32.99 26.92 -51.33
N ILE WA 143 -33.40 27.11 -50.08
CA ILE WA 143 -34.78 26.91 -49.67
C ILE WA 143 -35.50 28.25 -49.78
N PRO WA 144 -36.52 28.38 -50.63
CA PRO WA 144 -37.23 29.66 -50.74
C PRO WA 144 -37.99 29.99 -49.46
N GLU WA 145 -38.20 31.28 -49.25
CA GLU WA 145 -38.83 31.76 -48.03
C GLU WA 145 -40.33 31.55 -48.01
N ASP WA 146 -40.93 31.12 -49.12
CA ASP WA 146 -42.35 30.84 -49.19
C ASP WA 146 -42.69 29.38 -48.92
N ALA WA 147 -41.69 28.56 -48.60
CA ALA WA 147 -41.92 27.16 -48.31
C ALA WA 147 -42.48 26.97 -46.91
N ILE WA 148 -43.32 25.95 -46.75
CA ILE WA 148 -43.87 25.61 -45.45
C ILE WA 148 -43.34 24.29 -44.90
N SER WA 149 -42.71 23.46 -45.73
CA SER WA 149 -42.09 22.24 -45.26
C SER WA 149 -41.01 21.82 -46.24
N ILE WA 150 -40.09 20.99 -45.75
CA ILE WA 150 -38.96 20.50 -46.55
C ILE WA 150 -39.00 18.99 -46.55
N THR WA 151 -38.94 18.39 -47.72
CA THR WA 151 -38.85 16.94 -47.88
C THR WA 151 -37.63 16.60 -48.72
N VAL WA 152 -36.77 15.73 -48.18
CA VAL WA 152 -35.57 15.28 -48.87
C VAL WA 152 -35.80 13.87 -49.34
N GLY WA 153 -35.71 13.66 -50.66
CA GLY WA 153 -36.00 12.37 -51.24
C GLY WA 153 -34.92 11.34 -50.92
N THR WA 154 -35.24 10.08 -51.23
CA THR WA 154 -34.28 9.00 -51.01
C THR WA 154 -33.04 9.19 -51.88
N ASP WA 155 -33.21 9.64 -53.12
CA ASP WA 155 -32.10 9.91 -54.02
C ASP WA 155 -31.64 11.37 -53.94
N GLY WA 156 -31.82 12.02 -52.79
CA GLY WA 156 -31.25 13.33 -52.57
C GLY WA 156 -32.01 14.48 -53.17
N GLU WA 157 -33.19 14.25 -53.73
CA GLU WA 157 -33.97 15.32 -54.35
C GLU WA 157 -34.65 16.13 -53.26
N VAL WA 158 -34.37 17.44 -53.23
CA VAL WA 158 -34.92 18.33 -52.22
C VAL WA 158 -36.14 19.02 -52.79
N SER WA 159 -37.27 18.93 -52.10
CA SER WA 159 -38.52 19.55 -52.51
C SER WA 159 -39.11 20.34 -51.36
N VAL WA 160 -39.85 21.39 -51.70
CA VAL WA 160 -40.48 22.25 -50.72
C VAL WA 160 -41.97 22.36 -51.03
N ARG WA 161 -42.78 22.40 -49.97
CA ARG WA 161 -44.22 22.55 -50.10
C ARG WA 161 -44.58 24.02 -50.05
N VAL WA 162 -45.30 24.49 -51.07
CA VAL WA 162 -45.66 25.89 -51.21
C VAL WA 162 -47.18 25.99 -51.17
N ARG WA 163 -47.70 26.87 -50.31
CA ARG WA 163 -49.14 27.08 -50.25
C ARG WA 163 -49.63 27.74 -51.52
N GLY WA 164 -50.81 27.32 -51.97
CA GLY WA 164 -51.35 27.76 -53.24
C GLY WA 164 -50.88 26.96 -54.43
N GLN WA 165 -49.99 25.98 -54.23
CA GLN WA 165 -49.45 25.17 -55.32
C GLN WA 165 -49.52 23.70 -54.92
N GLN WA 166 -50.14 22.89 -55.77
CA GLN WA 166 -49.99 21.45 -55.70
C GLN WA 166 -48.64 21.05 -56.29
N ASP WA 167 -48.27 19.78 -56.12
CA ASP WA 167 -47.09 19.21 -56.78
C ASP WA 167 -45.81 19.97 -56.37
N ASN WA 168 -45.44 19.75 -55.10
CA ASN WA 168 -44.33 20.45 -54.43
C ASN WA 168 -43.13 20.70 -55.35
N GLN WA 169 -42.57 21.91 -55.24
CA GLN WA 169 -41.53 22.37 -56.16
C GLN WA 169 -40.19 21.79 -55.75
N VAL WA 170 -39.46 21.25 -56.73
CA VAL WA 170 -38.11 20.75 -56.48
C VAL WA 170 -37.12 21.91 -56.59
N VAL WA 171 -36.26 22.04 -55.58
CA VAL WA 171 -35.33 23.18 -55.50
C VAL WA 171 -33.88 22.75 -55.66
N GLY WA 172 -33.59 21.46 -55.75
CA GLY WA 172 -32.22 21.03 -55.90
C GLY WA 172 -32.09 19.54 -55.78
N GLN WA 173 -30.87 19.06 -56.08
CA GLN WA 173 -30.55 17.64 -56.04
C GLN WA 173 -29.21 17.47 -55.33
N LEU WA 174 -29.23 16.76 -54.21
CA LEU WA 174 -28.01 16.51 -53.45
C LEU WA 174 -27.28 15.29 -53.99
N THR WA 175 -25.95 15.36 -53.97
CA THR WA 175 -25.10 14.26 -54.37
C THR WA 175 -24.11 13.96 -53.24
N ILE WA 176 -23.76 12.69 -53.12
CA ILE WA 176 -22.83 12.24 -52.10
C ILE WA 176 -21.65 11.55 -52.77
N THR WA 177 -20.51 11.58 -52.09
CA THR WA 177 -19.26 11.05 -52.61
C THR WA 177 -18.86 9.80 -51.82
N ASP WA 178 -18.43 8.77 -52.53
CA ASP WA 178 -17.90 7.56 -51.93
C ASP WA 178 -16.43 7.43 -52.29
N PHE WA 179 -15.70 6.66 -51.48
CA PHE WA 179 -14.29 6.41 -51.74
C PHE WA 179 -14.03 4.91 -51.68
N VAL WA 180 -13.07 4.47 -52.50
CA VAL WA 180 -12.66 3.07 -52.45
C VAL WA 180 -12.05 2.74 -51.10
N ASN WA 181 -11.27 3.66 -50.54
CA ASN WA 181 -10.63 3.49 -49.24
C ASN WA 181 -10.94 4.71 -48.38
N PRO WA 182 -12.12 4.74 -47.76
CA PRO WA 182 -12.44 5.86 -46.85
C PRO WA 182 -11.50 5.94 -45.65
N GLY WA 183 -10.88 4.82 -45.26
CA GLY WA 183 -9.91 4.85 -44.18
C GLY WA 183 -8.65 5.61 -44.51
N GLY WA 184 -8.42 5.89 -45.78
CA GLY WA 184 -7.29 6.69 -46.21
C GLY WA 184 -7.50 8.18 -46.23
N LEU WA 185 -8.70 8.62 -45.84
CA LEU WA 185 -8.97 10.05 -45.77
C LEU WA 185 -8.20 10.68 -44.63
N GLU WA 186 -8.04 12.00 -44.70
CA GLU WA 186 -7.32 12.74 -43.68
C GLU WA 186 -8.31 13.43 -42.76
N PRO WA 187 -8.48 12.97 -41.51
CA PRO WA 187 -9.40 13.65 -40.59
C PRO WA 187 -8.83 15.01 -40.18
N ILE WA 188 -9.53 16.07 -40.56
CA ILE WA 188 -9.11 17.44 -40.25
C ILE WA 188 -9.94 18.02 -39.10
N GLY WA 189 -10.69 17.18 -38.40
CA GLY WA 189 -11.58 17.67 -37.36
C GLY WA 189 -12.87 18.22 -37.95
N GLN WA 190 -13.76 18.63 -37.05
CA GLN WA 190 -15.07 19.16 -37.41
C GLN WA 190 -15.89 18.15 -38.21
N ASN WA 191 -15.64 16.86 -37.97
CA ASN WA 191 -16.30 15.78 -38.71
C ASN WA 191 -16.09 15.91 -40.21
N LEU WA 192 -14.89 16.32 -40.62
CA LEU WA 192 -14.57 16.57 -42.01
C LEU WA 192 -13.34 15.78 -42.42
N TYR WA 193 -13.38 15.22 -43.62
CA TYR WA 193 -12.28 14.47 -44.19
C TYR WA 193 -11.79 15.16 -45.46
N LEU WA 194 -10.49 15.05 -45.72
CA LEU WA 194 -9.92 15.53 -46.97
C LEU WA 194 -9.39 14.37 -47.79
N PRO WA 195 -9.60 14.38 -49.11
CA PRO WA 195 -9.06 13.30 -49.94
C PRO WA 195 -7.55 13.30 -49.93
N THR WA 196 -6.97 12.11 -50.07
CA THR WA 196 -5.53 11.92 -50.04
C THR WA 196 -5.12 11.07 -51.25
N GLY WA 197 -3.83 10.76 -51.31
CA GLY WA 197 -3.33 9.94 -52.40
C GLY WA 197 -3.83 8.50 -52.32
N ALA WA 198 -3.87 7.94 -51.11
CA ALA WA 198 -4.32 6.56 -50.92
C ALA WA 198 -5.82 6.44 -50.71
N SER WA 199 -6.53 7.56 -50.58
CA SER WA 199 -7.98 7.50 -50.44
C SER WA 199 -8.64 7.05 -51.73
N GLY WA 200 -8.14 7.51 -52.87
CA GLY WA 200 -8.70 7.18 -54.16
C GLY WA 200 -9.47 8.36 -54.75
N ASP WA 201 -9.79 8.21 -56.03
CA ASP WA 201 -10.53 9.25 -56.72
C ASP WA 201 -11.94 9.36 -56.16
N PRO WA 202 -12.45 10.56 -55.91
CA PRO WA 202 -13.85 10.69 -55.49
C PRO WA 202 -14.79 10.24 -56.61
N GLN WA 203 -15.79 9.45 -56.24
CA GLN WA 203 -16.83 9.02 -57.17
C GLN WA 203 -18.15 9.63 -56.72
N GLU WA 204 -18.66 10.55 -57.53
CA GLU WA 204 -19.86 11.32 -57.20
C GLU WA 204 -21.00 10.93 -58.12
N GLY WA 205 -22.19 10.87 -57.56
CA GLY WA 205 -23.37 10.49 -58.32
C GLY WA 205 -24.61 10.61 -57.45
N VAL WA 206 -25.70 10.10 -57.98
CA VAL WA 206 -26.97 10.16 -57.25
C VAL WA 206 -26.89 9.25 -56.02
N PRO WA 207 -27.42 9.67 -54.88
CA PRO WA 207 -27.32 8.85 -53.67
C PRO WA 207 -28.26 7.66 -53.68
N GLY WA 208 -27.80 6.54 -54.22
CA GLY WA 208 -28.64 5.35 -54.32
C GLY WA 208 -28.33 4.49 -55.53
N LEU WA 209 -27.45 4.95 -56.40
CA LEU WA 209 -27.01 4.19 -57.56
C LEU WA 209 -25.50 3.98 -57.52
N ASP WA 210 -25.05 2.91 -58.19
CA ASP WA 210 -23.63 2.60 -58.35
C ASP WA 210 -22.95 2.40 -57.00
N GLY WA 211 -23.63 1.73 -56.08
CA GLY WA 211 -23.08 1.43 -54.78
C GLY WA 211 -23.16 2.56 -53.77
N LEU WA 212 -23.72 3.71 -54.14
CA LEU WA 212 -23.85 4.82 -53.22
C LEU WA 212 -25.04 4.61 -52.29
N GLY WA 213 -24.92 5.14 -51.07
CA GLY WA 213 -25.97 5.00 -50.09
C GLY WA 213 -27.11 5.97 -50.31
N GLU WA 214 -28.20 5.73 -49.59
CA GLU WA 214 -29.41 6.52 -49.70
C GLU WA 214 -29.51 7.51 -48.56
N ILE WA 215 -30.10 8.66 -48.85
CA ILE WA 215 -30.24 9.74 -47.87
C ILE WA 215 -31.59 9.60 -47.17
N ARG WA 216 -31.57 9.60 -45.84
CA ARG WA 216 -32.77 9.51 -45.02
C ARG WA 216 -32.93 10.80 -44.25
N GLN WA 217 -34.07 11.45 -44.42
CA GLN WA 217 -34.36 12.70 -43.74
C GLN WA 217 -34.79 12.45 -42.31
N SER WA 218 -34.52 13.43 -41.44
CA SER WA 218 -34.91 13.38 -40.03
C SER WA 218 -34.34 12.16 -39.33
N MET WA 219 -33.06 11.87 -39.57
CA MET WA 219 -32.41 10.74 -38.95
C MET WA 219 -30.91 11.02 -38.87
N LEU WA 220 -30.30 10.65 -37.75
CA LEU WA 220 -28.89 10.92 -37.51
C LEU WA 220 -28.15 9.62 -37.28
N GLU WA 221 -26.87 9.62 -37.64
CA GLU WA 221 -26.02 8.44 -37.56
C GLU WA 221 -25.17 8.52 -36.30
N ALA WA 222 -25.34 7.56 -35.39
CA ALA WA 222 -24.60 7.56 -34.16
C ALA WA 222 -23.16 7.10 -34.38
N SER WA 223 -22.31 7.38 -33.39
CA SER WA 223 -20.94 6.91 -33.43
C SER WA 223 -20.89 5.39 -33.29
N ASN WA 224 -19.86 4.79 -33.86
CA ASN WA 224 -19.71 3.34 -33.88
C ASN WA 224 -18.75 2.82 -32.82
N VAL WA 225 -18.41 3.66 -31.83
CA VAL WA 225 -17.48 3.23 -30.79
C VAL WA 225 -18.14 2.19 -29.89
N ASN WA 226 -17.34 1.26 -29.39
CA ASN WA 226 -17.78 0.26 -28.43
C ASN WA 226 -17.23 0.68 -27.08
N VAL WA 227 -18.10 1.27 -26.25
CA VAL WA 227 -17.64 1.86 -25.00
C VAL WA 227 -17.05 0.80 -24.07
N THR WA 228 -17.62 -0.40 -24.08
CA THR WA 228 -17.06 -1.48 -23.27
C THR WA 228 -15.69 -1.91 -23.79
N GLU WA 229 -15.52 -1.95 -25.10
CA GLU WA 229 -14.24 -2.36 -25.67
C GLU WA 229 -13.13 -1.38 -25.30
N GLU WA 230 -13.45 -0.08 -25.29
CA GLU WA 230 -12.43 0.90 -24.96
C GLU WA 230 -11.99 0.79 -23.50
N LEU WA 231 -12.92 0.38 -22.62
CA LEU WA 231 -12.56 0.21 -21.22
C LEU WA 231 -11.67 -1.01 -21.02
N VAL WA 232 -11.91 -2.09 -21.76
CA VAL WA 232 -11.03 -3.26 -21.70
C VAL WA 232 -9.68 -2.94 -22.32
N ASN WA 233 -9.68 -2.22 -23.44
CA ASN WA 233 -8.43 -1.83 -24.08
C ASN WA 233 -7.65 -0.86 -23.19
N MET WA 234 -8.34 -0.11 -22.34
CA MET WA 234 -7.64 0.74 -21.37
C MET WA 234 -7.01 -0.11 -20.27
N ILE WA 235 -7.68 -1.21 -19.89
CA ILE WA 235 -7.11 -2.12 -18.90
C ILE WA 235 -5.83 -2.76 -19.43
N GLU WA 236 -5.87 -3.23 -20.69
CA GLU WA 236 -4.69 -3.86 -21.27
C GLU WA 236 -3.56 -2.86 -21.44
N ALA WA 237 -3.87 -1.66 -21.95
CA ALA WA 237 -2.83 -0.68 -22.21
C ALA WA 237 -2.16 -0.23 -20.93
N GLN WA 238 -2.94 -0.07 -19.85
CA GLN WA 238 -2.37 0.37 -18.58
C GLN WA 238 -1.40 -0.67 -18.02
N ARG WA 239 -1.76 -1.96 -18.10
CA ARG WA 239 -0.92 -2.99 -17.49
C ARG WA 239 0.36 -3.23 -18.30
N VAL WA 240 0.25 -3.22 -19.63
CA VAL WA 240 1.44 -3.36 -20.46
C VAL WA 240 2.35 -2.15 -20.28
N TYR WA 241 1.76 -0.97 -20.11
CA TYR WA 241 2.55 0.23 -19.85
C TYR WA 241 3.33 0.10 -18.54
N GLU WA 242 2.68 -0.40 -17.50
CA GLU WA 242 3.35 -0.57 -16.21
C GLU WA 242 4.46 -1.60 -16.29
N MET WA 243 4.22 -2.71 -17.00
CA MET WA 243 5.21 -3.78 -17.06
C MET WA 243 6.47 -3.36 -17.82
N ASN WA 244 6.34 -2.44 -18.77
CA ASN WA 244 7.53 -1.89 -19.43
C ASN WA 244 8.30 -1.00 -18.47
N SER WA 245 7.61 -0.30 -17.57
CA SER WA 245 8.29 0.47 -16.55
C SER WA 245 9.03 -0.43 -15.57
N LYS WA 246 8.55 -1.66 -15.39
CA LYS WA 246 9.25 -2.60 -14.51
C LYS WA 246 10.63 -2.94 -15.05
N VAL WA 247 10.76 -3.09 -16.36
CA VAL WA 247 12.06 -3.40 -16.96
C VAL WA 247 13.02 -2.24 -16.78
N ILE WA 248 12.55 -1.01 -17.03
CA ILE WA 248 13.40 0.16 -16.89
C ILE WA 248 13.87 0.33 -15.45
N SER WA 249 12.98 0.05 -14.49
CA SER WA 249 13.38 0.09 -13.08
C SER WA 249 14.42 -0.97 -12.78
N SER WA 250 14.23 -2.19 -13.30
CA SER WA 250 15.18 -3.26 -13.03
C SER WA 250 16.53 -2.98 -13.67
N VAL WA 251 16.53 -2.45 -14.89
CA VAL WA 251 17.79 -2.09 -15.54
C VAL WA 251 18.48 -0.97 -14.78
N ASP WA 252 17.71 -0.01 -14.26
CA ASP WA 252 18.28 1.05 -13.45
C ASP WA 252 18.95 0.50 -12.20
N LYS WA 253 18.29 -0.47 -11.54
CA LYS WA 253 18.87 -1.10 -10.36
C LYS WA 253 20.14 -1.87 -10.72
N MET WA 254 20.14 -2.55 -11.88
CA MET WA 254 21.31 -3.29 -12.30
C MET WA 254 22.51 -2.36 -12.53
N MET WA 255 22.29 -1.25 -13.24
CA MET WA 255 23.38 -0.32 -13.50
C MET WA 255 23.85 0.36 -12.22
N SER WA 256 22.92 0.61 -11.29
CA SER WA 256 23.31 1.17 -10.00
C SER WA 256 24.13 0.17 -9.19
N PHE WA 257 23.76 -1.11 -9.24
CA PHE WA 257 24.50 -2.13 -8.52
C PHE WA 257 25.90 -2.31 -9.09
N VAL WA 258 26.03 -2.22 -10.42
CA VAL WA 258 27.34 -2.37 -11.06
C VAL WA 258 28.27 -1.24 -10.64
N ASN WA 259 27.74 -0.01 -10.60
CA ASN WA 259 28.57 1.14 -10.23
C ASN WA 259 29.11 1.01 -8.81
N GLN WA 260 28.30 0.48 -7.89
CA GLN WA 260 28.74 0.32 -6.51
C GLN WA 260 29.73 -0.82 -6.37
N GLN WA 261 29.66 -1.83 -7.23
CA GLN WA 261 30.51 -3.01 -7.15
C GLN WA 261 31.74 -2.92 -8.05
N LEU WA 262 31.54 -2.70 -9.35
CA LEU WA 262 32.66 -2.62 -10.28
C LEU WA 262 33.41 -1.30 -10.13
N MET XA 1 -45.87 17.99 -21.63
CA MET XA 1 -44.74 17.08 -21.47
C MET XA 1 -44.82 15.95 -22.48
N HIS XA 2 -46.04 15.54 -22.81
CA HIS XA 2 -46.29 14.47 -23.76
C HIS XA 2 -47.35 14.94 -24.74
N PRO XA 3 -47.16 14.70 -26.05
CA PRO XA 3 -48.17 15.16 -27.01
C PRO XA 3 -49.56 14.57 -26.78
N ALA XA 4 -49.63 13.32 -26.34
CA ALA XA 4 -50.93 12.70 -26.09
C ALA XA 4 -51.62 13.31 -24.88
N LEU XA 5 -50.87 13.96 -23.99
CA LEU XA 5 -51.48 14.64 -22.85
C LEU XA 5 -52.23 15.88 -23.30
N TRP XA 6 -51.63 16.66 -24.20
CA TRP XA 6 -52.27 17.89 -24.66
C TRP XA 6 -53.46 17.59 -25.56
N VAL XA 7 -53.35 16.58 -26.42
CA VAL XA 7 -54.46 16.21 -27.29
C VAL XA 7 -55.65 15.74 -26.48
N SER XA 8 -55.41 14.92 -25.45
CA SER XA 8 -56.49 14.44 -24.60
C SER XA 8 -57.09 15.57 -23.77
N LYS XA 9 -56.29 16.57 -23.40
CA LYS XA 9 -56.83 17.73 -22.72
C LYS XA 9 -57.84 18.47 -23.61
N THR XA 10 -57.52 18.61 -24.90
CA THR XA 10 -58.46 19.21 -25.83
C THR XA 10 -59.71 18.36 -25.98
N GLY XA 11 -59.55 17.04 -25.96
CA GLY XA 11 -60.72 16.17 -26.01
C GLY XA 11 -61.59 16.30 -24.78
N LEU XA 12 -60.97 16.37 -23.59
CA LEU XA 12 -61.74 16.55 -22.37
C LEU XA 12 -62.46 17.89 -22.34
N ASP XA 13 -61.77 18.95 -22.77
CA ASP XA 13 -62.38 20.28 -22.73
C ASP XA 13 -63.54 20.39 -23.72
N ALA XA 14 -63.40 19.78 -24.89
CA ALA XA 14 -64.46 19.84 -25.88
C ALA XA 14 -65.72 19.10 -25.40
N GLN XA 15 -65.54 17.95 -24.75
CA GLN XA 15 -66.69 17.21 -24.25
C GLN XA 15 -67.37 17.96 -23.10
N GLN XA 16 -66.59 18.63 -22.25
CA GLN XA 16 -67.19 19.46 -21.21
C GLN XA 16 -67.99 20.60 -21.82
N THR XA 17 -67.48 21.19 -22.90
CA THR XA 17 -68.25 22.22 -23.60
C THR XA 17 -69.53 21.64 -24.19
N ASN XA 18 -69.46 20.41 -24.71
CA ASN XA 18 -70.65 19.79 -25.27
C ASN XA 18 -71.66 19.45 -24.19
N ILE XA 19 -71.21 18.87 -23.08
CA ILE XA 19 -72.13 18.52 -22.00
C ILE XA 19 -72.72 19.77 -21.36
N ALA XA 20 -71.91 20.82 -21.23
CA ALA XA 20 -72.44 22.08 -20.72
C ALA XA 20 -73.52 22.65 -21.63
N THR XA 21 -73.39 22.42 -22.94
CA THR XA 21 -74.44 22.85 -23.86
C THR XA 21 -75.70 22.02 -23.68
N ILE XA 22 -75.55 20.70 -23.51
CA ILE XA 22 -76.71 19.84 -23.30
C ILE XA 22 -77.36 20.12 -21.96
N SER XA 23 -76.55 20.37 -20.93
CA SER XA 23 -77.10 20.67 -19.62
C SER XA 23 -77.87 21.99 -19.63
N ASN XA 24 -77.41 22.95 -20.42
CA ASN XA 24 -78.14 24.21 -20.58
C ASN XA 24 -79.50 23.96 -21.24
N ASN XA 25 -79.55 23.09 -22.25
CA ASN XA 25 -80.81 22.80 -22.92
C ASN XA 25 -81.78 22.11 -21.98
N LEU XA 26 -81.28 21.18 -21.16
CA LEU XA 26 -82.15 20.49 -20.21
C LEU XA 26 -82.65 21.42 -19.12
N ALA XA 27 -81.83 22.39 -18.70
CA ALA XA 27 -82.27 23.35 -17.69
C ALA XA 27 -83.42 24.21 -18.23
N ASN XA 28 -83.32 24.65 -19.48
CA ASN XA 28 -84.37 25.43 -20.12
C ASN XA 28 -85.34 24.55 -20.90
N ALA XA 29 -85.85 23.50 -20.26
CA ALA XA 29 -86.82 22.63 -20.90
C ALA XA 29 -88.24 23.15 -20.80
N SER XA 30 -88.49 24.17 -19.98
CA SER XA 30 -89.80 24.76 -19.84
C SER XA 30 -89.80 26.25 -20.14
N THR XA 31 -88.70 26.78 -20.68
CA THR XA 31 -88.65 28.19 -21.03
C THR XA 31 -89.45 28.45 -22.29
N VAL XA 32 -90.17 29.58 -22.31
CA VAL XA 32 -91.01 29.92 -23.44
C VAL XA 32 -90.17 30.61 -24.51
N GLY XA 33 -90.26 30.11 -25.75
CA GLY XA 33 -89.50 30.68 -26.85
C GLY XA 33 -88.01 30.48 -26.73
N TYR XA 34 -87.57 29.30 -26.30
CA TYR XA 34 -86.16 28.98 -26.14
C TYR XA 34 -85.70 28.08 -27.28
N LYS XA 35 -84.57 28.42 -27.88
CA LYS XA 35 -84.01 27.67 -28.99
C LYS XA 35 -82.82 26.84 -28.50
N LYS XA 36 -82.86 25.54 -28.76
CA LYS XA 36 -81.79 24.66 -28.32
C LYS XA 36 -80.52 24.91 -29.12
N SER XA 37 -79.39 24.53 -28.53
CA SER XA 37 -78.08 24.74 -29.13
C SER XA 37 -77.35 23.41 -29.23
N ARG XA 38 -76.52 23.29 -30.26
CA ARG XA 38 -75.68 22.12 -30.44
C ARG XA 38 -74.23 22.56 -30.63
N ALA XA 39 -73.30 21.78 -30.08
CA ALA XA 39 -71.89 22.08 -30.18
C ALA XA 39 -71.32 21.51 -31.47
N VAL XA 40 -70.56 22.33 -32.18
CA VAL XA 40 -69.94 21.94 -33.44
C VAL XA 40 -68.46 21.69 -33.19
N PHE XA 41 -68.01 20.48 -33.48
CA PHE XA 41 -66.62 20.10 -33.29
C PHE XA 41 -65.84 20.26 -34.59
N GLU XA 42 -64.54 20.49 -34.47
CA GLU XA 42 -63.64 20.48 -35.61
C GLU XA 42 -62.24 20.15 -35.13
N ASP XA 43 -61.52 19.39 -35.94
CA ASP XA 43 -60.14 19.03 -35.59
C ASP XA 43 -59.23 20.23 -35.71
N LEU XA 44 -58.19 20.25 -34.87
CA LEU XA 44 -57.21 21.32 -34.88
C LEU XA 44 -56.16 21.06 -35.95
N PHE XA 45 -55.14 21.91 -36.00
CA PHE XA 45 -54.11 21.79 -37.02
C PHE XA 45 -53.35 20.47 -36.86
N TYR XA 46 -52.70 20.06 -37.94
CA TYR XA 46 -51.91 18.83 -37.98
C TYR XA 46 -50.44 19.19 -38.09
N GLN XA 47 -49.63 18.60 -37.21
CA GLN XA 47 -48.18 18.82 -37.26
C GLN XA 47 -47.62 18.15 -38.51
N ASN XA 48 -46.82 18.89 -39.27
CA ASN XA 48 -46.35 18.43 -40.58
C ASN XA 48 -44.94 17.87 -40.41
N ILE XA 49 -44.86 16.56 -40.21
CA ILE XA 49 -43.56 15.88 -40.10
C ILE XA 49 -43.06 15.43 -41.46
N ASN XA 50 -43.81 14.57 -42.14
CA ASN XA 50 -43.54 14.16 -43.50
C ASN XA 50 -44.66 14.68 -44.39
N GLN XA 51 -44.30 15.46 -45.40
CA GLN XA 51 -45.30 16.10 -46.25
C GLN XA 51 -45.95 15.07 -47.16
N PRO XA 52 -47.28 14.94 -47.12
CA PRO XA 52 -47.95 14.08 -48.11
C PRO XA 52 -47.80 14.65 -49.51
N GLY XA 53 -47.38 13.80 -50.44
CA GLY XA 53 -47.07 14.24 -51.78
C GLY XA 53 -45.66 14.75 -51.98
N GLY XA 54 -44.86 14.80 -50.91
CA GLY XA 54 -43.49 15.24 -51.05
C GLY XA 54 -42.69 14.26 -51.90
N GLN XA 55 -41.74 14.81 -52.67
CA GLN XA 55 -40.97 14.02 -53.62
C GLN XA 55 -39.91 13.20 -52.87
N SER XA 56 -40.36 12.09 -52.30
CA SER XA 56 -39.46 11.08 -51.76
C SER XA 56 -38.97 10.24 -52.94
N SER XA 57 -37.79 10.59 -53.44
CA SER XA 57 -37.18 10.02 -54.64
C SER XA 57 -37.87 10.58 -55.88
N GLN XA 58 -37.24 10.46 -57.04
CA GLN XA 58 -37.82 10.97 -58.27
C GLN XA 58 -38.86 10.00 -58.81
N ASN XA 59 -39.83 10.55 -59.54
CA ASN XA 59 -40.97 9.83 -60.10
C ASN XA 59 -41.82 9.17 -59.02
N THR XA 60 -41.61 9.51 -57.75
CA THR XA 60 -42.36 8.93 -56.64
C THR XA 60 -42.59 9.99 -55.58
N GLU XA 61 -43.80 10.03 -55.04
CA GLU XA 61 -44.16 10.97 -53.99
C GLU XA 61 -44.84 10.22 -52.86
N LEU XA 62 -44.64 10.71 -51.63
CA LEU XA 62 -45.20 10.11 -50.43
C LEU XA 62 -46.72 10.08 -50.51
N PRO XA 63 -47.33 8.89 -50.62
CA PRO XA 63 -48.79 8.83 -50.71
C PRO XA 63 -49.47 9.35 -49.46
N SER XA 64 -49.13 8.79 -48.31
CA SER XA 64 -49.62 9.26 -47.01
C SER XA 64 -48.45 9.81 -46.21
N GLY XA 65 -48.56 11.06 -45.79
CA GLY XA 65 -47.52 11.71 -45.03
C GLY XA 65 -47.74 11.58 -43.54
N LEU XA 66 -46.65 11.69 -42.79
CA LEU XA 66 -46.69 11.61 -41.33
C LEU XA 66 -47.16 12.95 -40.80
N MET XA 67 -48.45 13.04 -40.48
CA MET XA 67 -49.05 14.27 -39.95
C MET XA 67 -49.79 13.92 -38.66
N LEU XA 68 -49.37 14.55 -37.56
CA LEU XA 68 -49.98 14.32 -36.25
C LEU XA 68 -50.94 15.46 -35.92
N GLY XA 69 -52.15 15.10 -35.50
CA GLY XA 69 -53.12 16.10 -35.11
C GLY XA 69 -52.81 16.70 -33.76
N ALA XA 70 -53.50 17.80 -33.47
CA ALA XA 70 -53.33 18.54 -32.22
C ALA XA 70 -54.55 18.44 -31.32
N GLY XA 71 -55.55 17.64 -31.68
CA GLY XA 71 -56.74 17.47 -30.88
C GLY XA 71 -57.98 18.01 -31.59
N SER XA 72 -58.92 18.50 -30.78
CA SER XA 72 -60.16 19.04 -31.31
C SER XA 72 -60.71 20.07 -30.34
N LYS XA 73 -61.62 20.90 -30.84
CA LYS XA 73 -62.26 21.92 -30.02
C LYS XA 73 -63.67 22.16 -30.55
N VAL XA 74 -64.52 22.70 -29.69
CA VAL XA 74 -65.84 23.15 -30.10
C VAL XA 74 -65.66 24.52 -30.76
N VAL XA 75 -65.89 24.59 -32.06
CA VAL XA 75 -65.65 25.82 -32.80
C VAL XA 75 -66.82 26.80 -32.70
N ALA XA 76 -68.04 26.30 -32.51
CA ALA XA 76 -69.19 27.16 -32.42
C ALA XA 76 -70.30 26.46 -31.65
N THR XA 77 -71.25 27.25 -31.15
CA THR XA 77 -72.44 26.76 -30.48
C THR XA 77 -73.63 27.25 -31.30
N GLN XA 78 -74.11 26.39 -32.20
CA GLN XA 78 -75.12 26.79 -33.16
C GLN XA 78 -76.52 26.72 -32.55
N LYS XA 79 -77.27 27.81 -32.68
CA LYS XA 79 -78.64 27.87 -32.21
C LYS XA 79 -79.56 27.28 -33.28
N VAL XA 80 -80.33 26.27 -32.89
CA VAL XA 80 -81.28 25.62 -33.80
C VAL XA 80 -82.57 26.44 -33.75
N HIS XA 81 -82.75 27.32 -34.73
CA HIS XA 81 -83.90 28.22 -34.76
C HIS XA 81 -85.07 27.60 -35.54
N THR XA 82 -85.54 26.47 -35.04
CA THR XA 82 -86.74 25.85 -35.57
C THR XA 82 -87.94 26.19 -34.69
N HIS XA 83 -89.11 26.24 -35.31
CA HIS XA 83 -90.31 26.65 -34.59
C HIS XA 83 -90.70 25.61 -33.54
N GLY XA 84 -91.15 26.10 -32.38
CA GLY XA 84 -91.58 25.22 -31.31
C GLY XA 84 -93.09 25.01 -31.29
N ASN XA 85 -93.51 24.12 -30.39
CA ASN XA 85 -94.92 23.82 -30.26
C ASN XA 85 -95.68 24.98 -29.62
N ALA XA 86 -96.97 25.05 -29.91
CA ALA XA 86 -97.82 26.14 -29.46
C ALA XA 86 -98.61 25.71 -28.24
N GLN XA 87 -98.60 26.54 -27.19
CA GLN XA 87 -99.38 26.31 -25.99
C GLN XA 87 -100.60 27.23 -26.00
N THR XA 88 -101.77 26.66 -25.69
CA THR XA 88 -103.01 27.44 -25.67
C THR XA 88 -103.33 27.83 -24.24
N THR XA 89 -103.46 29.13 -24.00
CA THR XA 89 -103.74 29.66 -22.68
C THR XA 89 -104.90 30.64 -22.73
N THR XA 90 -105.54 30.85 -21.59
CA THR XA 90 -106.66 31.78 -21.49
C THR XA 90 -106.20 33.23 -21.39
N ASN XA 91 -104.91 33.48 -21.25
CA ASN XA 91 -104.42 34.85 -21.18
C ASN XA 91 -104.57 35.53 -22.53
N ALA XA 92 -104.97 36.80 -22.51
CA ALA XA 92 -105.15 37.57 -23.74
C ALA XA 92 -103.93 38.38 -24.13
N LEU XA 93 -102.90 38.42 -23.28
CA LEU XA 93 -101.73 39.26 -23.52
C LEU XA 93 -100.51 38.47 -23.96
N ASP XA 94 -100.59 37.15 -24.09
CA ASP XA 94 -99.47 36.33 -24.54
C ASP XA 94 -99.67 35.96 -26.00
N MET XA 95 -98.71 36.33 -26.83
CA MET XA 95 -98.80 36.13 -28.27
C MET XA 95 -97.67 35.23 -28.74
N MET XA 96 -97.82 34.73 -29.97
CA MET XA 96 -96.87 33.83 -30.59
C MET XA 96 -96.68 34.22 -32.05
N VAL XA 97 -95.50 33.94 -32.58
CA VAL XA 97 -95.18 34.21 -33.98
C VAL XA 97 -95.29 32.89 -34.74
N GLU XA 98 -96.22 32.83 -35.69
CA GLU XA 98 -96.39 31.67 -36.55
C GLU XA 98 -95.50 31.85 -37.76
N GLY XA 99 -94.26 31.42 -37.66
CA GLY XA 99 -93.27 31.63 -38.71
C GLY XA 99 -92.12 32.49 -38.24
N ASP XA 100 -91.38 33.00 -39.22
CA ASP XA 100 -90.21 33.83 -38.94
C ASP XA 100 -90.63 35.18 -38.36
N GLY XA 101 -89.86 35.66 -37.41
CA GLY XA 101 -90.09 36.96 -36.80
C GLY XA 101 -89.71 36.96 -35.34
N PHE XA 102 -89.42 38.16 -34.83
CA PHE XA 102 -89.07 38.37 -33.43
C PHE XA 102 -89.81 39.58 -32.90
N PHE XA 103 -90.28 39.47 -31.65
CA PHE XA 103 -90.80 40.65 -30.97
C PHE XA 103 -89.65 41.56 -30.57
N GLN XA 104 -89.87 42.87 -30.66
CA GLN XA 104 -88.85 43.87 -30.33
C GLN XA 104 -89.26 44.59 -29.06
N VAL XA 105 -88.32 44.69 -28.11
CA VAL XA 105 -88.55 45.32 -26.82
C VAL XA 105 -87.47 46.36 -26.59
N THR XA 106 -87.78 47.30 -25.68
CA THR XA 106 -86.89 48.41 -25.37
C THR XA 106 -86.02 48.03 -24.17
N LEU XA 107 -84.71 47.89 -24.41
CA LEU XA 107 -83.78 47.57 -23.34
C LEU XA 107 -83.54 48.81 -22.48
N PRO XA 108 -83.09 48.61 -21.23
CA PRO XA 108 -82.81 49.77 -20.36
C PRO XA 108 -81.77 50.72 -20.93
N ASP XA 109 -80.76 50.21 -21.65
CA ASP XA 109 -79.74 51.08 -22.21
C ASP XA 109 -80.23 51.85 -23.43
N GLY XA 110 -81.36 51.46 -24.00
CA GLY XA 110 -81.92 52.20 -25.12
C GLY XA 110 -81.97 51.40 -26.42
N ASN XA 111 -81.20 50.33 -26.49
CA ASN XA 111 -81.18 49.51 -27.69
C ASN XA 111 -82.46 48.67 -27.78
N ILE XA 112 -82.62 48.01 -28.92
CA ILE XA 112 -83.77 47.16 -29.19
C ILE XA 112 -83.33 45.71 -29.12
N GLY XA 113 -83.95 44.94 -28.22
CA GLY XA 113 -83.68 43.52 -28.09
C GLY XA 113 -84.82 42.71 -28.68
N TYR XA 114 -84.46 41.62 -29.33
CA TYR XA 114 -85.42 40.78 -30.04
C TYR XA 114 -85.69 39.51 -29.25
N THR XA 115 -86.97 39.23 -29.02
CA THR XA 115 -87.39 38.11 -28.21
C THR XA 115 -88.49 37.32 -28.91
N ARG XA 116 -88.42 36.00 -28.80
CA ARG XA 116 -89.49 35.12 -29.22
C ARG XA 116 -90.48 34.82 -28.11
N ASN XA 117 -90.16 35.19 -26.87
CA ASN XA 117 -91.07 34.99 -25.75
C ASN XA 117 -92.22 35.96 -25.85
N GLY XA 118 -93.45 35.43 -25.80
CA GLY XA 118 -94.64 36.24 -25.92
C GLY XA 118 -95.38 36.53 -24.63
N GLN XA 119 -94.84 36.12 -23.48
CA GLN XA 119 -95.51 36.37 -22.20
C GLN XA 119 -95.43 37.86 -21.89
N PHE XA 120 -96.48 38.60 -22.22
CA PHE XA 120 -96.54 40.03 -22.01
C PHE XA 120 -97.57 40.36 -20.93
N THR XA 121 -97.45 41.57 -20.39
CA THR XA 121 -98.37 42.07 -19.39
C THR XA 121 -98.45 43.59 -19.54
N LEU XA 122 -99.08 44.24 -18.56
CA LEU XA 122 -99.19 45.69 -18.53
C LEU XA 122 -98.52 46.23 -17.27
N ASN XA 123 -97.97 47.42 -17.37
CA ASN XA 123 -97.46 48.12 -16.20
C ASN XA 123 -98.54 49.07 -15.68
N GLY XA 124 -98.17 49.91 -14.71
CA GLY XA 124 -99.15 50.83 -14.13
C GLY XA 124 -99.70 51.82 -15.14
N GLU XA 125 -98.89 52.22 -16.10
CA GLU XA 125 -99.31 53.16 -17.13
C GLU XA 125 -100.06 52.51 -18.28
N GLY XA 126 -100.22 51.18 -18.25
CA GLY XA 126 -100.97 50.49 -19.28
C GLY XA 126 -100.20 50.17 -20.54
N THR XA 127 -98.89 50.34 -20.56
CA THR XA 127 -98.09 49.98 -21.73
C THR XA 127 -97.82 48.49 -21.73
N LEU XA 128 -97.90 47.88 -22.90
CA LEU XA 128 -97.68 46.44 -23.05
C LEU XA 128 -96.19 46.13 -22.88
N VAL XA 129 -95.83 45.47 -21.79
CA VAL XA 129 -94.45 45.15 -21.48
C VAL XA 129 -94.33 43.64 -21.29
N THR XA 130 -93.09 43.16 -21.25
CA THR XA 130 -92.82 41.76 -21.04
C THR XA 130 -93.12 41.37 -19.59
N SER XA 131 -93.52 40.12 -19.39
CA SER XA 131 -93.79 39.60 -18.06
C SER XA 131 -92.53 39.25 -17.29
N GLY XA 132 -91.35 39.64 -17.81
CA GLY XA 132 -90.10 39.39 -17.13
C GLY XA 132 -89.59 40.62 -16.41
N SER XA 133 -88.63 41.30 -17.02
CA SER XA 133 -88.07 42.52 -16.44
C SER XA 133 -88.90 43.76 -16.75
N GLY XA 134 -89.96 43.63 -17.53
CA GLY XA 134 -90.82 44.77 -17.81
C GLY XA 134 -90.36 45.68 -18.92
N TYR XA 135 -89.63 45.15 -19.89
CA TYR XA 135 -89.16 45.99 -21.00
C TYR XA 135 -90.31 46.29 -21.95
N PRO XA 136 -90.59 47.57 -22.23
CA PRO XA 136 -91.70 47.90 -23.13
C PRO XA 136 -91.47 47.38 -24.54
N VAL XA 137 -92.56 47.02 -25.20
CA VAL XA 137 -92.53 46.47 -26.54
C VAL XA 137 -92.52 47.61 -27.54
N GLU XA 138 -91.65 47.52 -28.54
CA GLU XA 138 -91.57 48.49 -29.64
C GLU XA 138 -92.45 48.04 -30.80
N PRO XA 139 -93.35 48.90 -31.31
CA PRO XA 139 -93.67 50.26 -30.84
C PRO XA 139 -94.55 50.22 -29.59
N GLU XA 140 -94.64 51.30 -28.83
CA GLU XA 140 -95.41 51.30 -27.60
C GLU XA 140 -96.88 51.00 -27.88
N ILE XA 141 -97.45 50.11 -27.08
CA ILE XA 141 -98.86 49.75 -27.16
C ILE XA 141 -99.46 50.06 -25.79
N VAL XA 142 -100.28 51.10 -25.72
CA VAL XA 142 -100.88 51.55 -24.46
C VAL XA 142 -102.36 51.18 -24.48
N ILE XA 143 -102.81 50.52 -23.42
CA ILE XA 143 -104.20 50.10 -23.30
C ILE XA 143 -104.95 51.17 -22.51
N PRO XA 144 -105.97 51.79 -23.09
CA PRO XA 144 -106.75 52.78 -22.34
C PRO XA 144 -107.47 52.16 -21.16
N GLU XA 145 -107.69 52.96 -20.12
CA GLU XA 145 -108.30 52.48 -18.89
C GLU XA 145 -109.76 52.10 -19.06
N ASP XA 146 -110.41 52.51 -20.15
CA ASP XA 146 -111.81 52.19 -20.38
C ASP XA 146 -112.01 50.91 -21.18
N ALA XA 147 -110.94 50.21 -21.53
CA ALA XA 147 -111.04 48.99 -22.32
C ALA XA 147 -111.60 47.84 -21.50
N ILE XA 148 -112.48 47.06 -22.11
CA ILE XA 148 -113.05 45.88 -21.47
C ILE XA 148 -112.55 44.58 -22.09
N SER XA 149 -111.98 44.61 -23.29
CA SER XA 149 -111.43 43.42 -23.93
C SER XA 149 -110.33 43.84 -24.89
N ILE XA 150 -109.28 43.03 -24.96
CA ILE XA 150 -108.13 43.31 -25.82
C ILE XA 150 -107.99 42.18 -26.82
N THR XA 151 -107.88 42.55 -28.10
CA THR XA 151 -107.72 41.58 -29.17
C THR XA 151 -106.57 42.00 -30.07
N VAL XA 152 -105.73 41.04 -30.45
CA VAL XA 152 -104.60 41.25 -31.34
C VAL XA 152 -104.85 40.42 -32.59
N GLY XA 153 -104.92 41.09 -33.74
CA GLY XA 153 -105.25 40.42 -34.98
C GLY XA 153 -104.06 39.67 -35.58
N THR XA 154 -104.34 39.00 -36.70
CA THR XA 154 -103.29 38.29 -37.42
C THR XA 154 -102.21 39.25 -37.90
N ASP XA 155 -102.61 40.40 -38.42
CA ASP XA 155 -101.67 41.41 -38.89
C ASP XA 155 -101.07 42.24 -37.77
N GLY XA 156 -101.24 41.83 -36.52
CA GLY XA 156 -100.63 42.51 -35.40
C GLY XA 156 -101.33 43.78 -34.96
N GLU XA 157 -102.48 44.10 -35.52
CA GLU XA 157 -103.20 45.31 -35.14
C GLU XA 157 -103.83 45.12 -33.77
N VAL XA 158 -103.45 45.96 -32.81
CA VAL XA 158 -103.98 45.89 -31.46
C VAL XA 158 -105.20 46.81 -31.36
N SER XA 159 -106.33 46.24 -30.99
CA SER XA 159 -107.56 46.99 -30.82
C SER XA 159 -108.25 46.55 -29.54
N VAL XA 160 -109.02 47.47 -28.96
CA VAL XA 160 -109.76 47.19 -27.74
C VAL XA 160 -111.23 47.55 -27.96
N ARG XA 161 -112.07 46.98 -27.11
CA ARG XA 161 -113.51 47.26 -27.13
C ARG XA 161 -113.84 48.09 -25.89
N VAL XA 162 -114.45 49.25 -26.10
CA VAL XA 162 -114.75 50.20 -25.04
C VAL XA 162 -116.24 50.15 -24.74
N ARG XA 163 -116.58 50.23 -23.46
CA ARG XA 163 -117.97 50.18 -23.01
C ARG XA 163 -118.68 51.45 -23.47
N GLY XA 164 -119.50 51.33 -24.52
CA GLY XA 164 -120.23 52.47 -25.03
C GLY XA 164 -119.85 52.84 -26.44
N GLN XA 165 -119.36 51.86 -27.21
CA GLN XA 165 -118.98 52.12 -28.60
C GLN XA 165 -118.93 50.79 -29.34
N GLN XA 166 -119.74 50.67 -30.39
CA GLN XA 166 -119.63 49.53 -31.29
C GLN XA 166 -118.36 49.66 -32.13
N ASP XA 167 -117.83 48.51 -32.55
CA ASP XA 167 -116.60 48.41 -33.34
C ASP XA 167 -115.38 48.70 -32.47
N ASN XA 168 -114.31 47.93 -32.66
CA ASN XA 168 -113.13 48.09 -31.83
C ASN XA 168 -112.42 49.40 -32.14
N GLN XA 169 -111.76 49.95 -31.12
CA GLN XA 169 -111.00 51.19 -31.23
C GLN XA 169 -109.52 50.84 -31.27
N VAL XA 170 -108.88 51.08 -32.42
CA VAL XA 170 -107.49 50.69 -32.60
C VAL XA 170 -106.60 51.51 -31.68
N VAL XA 171 -105.67 50.84 -31.00
CA VAL XA 171 -104.77 51.49 -30.05
C VAL XA 171 -103.31 51.33 -30.44
N GLY XA 172 -103.00 50.56 -31.47
CA GLY XA 172 -101.62 50.41 -31.88
C GLY XA 172 -101.46 49.32 -32.90
N GLN XA 173 -100.20 49.13 -33.32
CA GLN XA 173 -99.84 48.13 -34.31
C GLN XA 173 -98.54 47.45 -33.88
N LEU XA 174 -98.48 46.13 -34.06
CA LEU XA 174 -97.28 45.36 -33.74
C LEU XA 174 -96.48 45.08 -35.00
N THR XA 175 -95.17 45.24 -34.90
CA THR XA 175 -94.25 44.89 -35.98
C THR XA 175 -93.19 43.94 -35.44
N ILE XA 176 -92.88 42.92 -36.23
CA ILE XA 176 -91.89 41.92 -35.84
C ILE XA 176 -90.71 41.97 -36.80
N THR XA 177 -89.54 41.61 -36.29
CA THR XA 177 -88.29 41.71 -37.01
C THR XA 177 -87.78 40.32 -37.38
N ASP XA 178 -87.31 40.17 -38.61
CA ASP XA 178 -86.72 38.95 -39.10
C ASP XA 178 -85.25 39.18 -39.42
N PHE XA 179 -84.50 38.09 -39.51
CA PHE XA 179 -83.09 38.14 -39.87
C PHE XA 179 -82.77 37.07 -40.90
N VAL XA 180 -81.80 37.36 -41.76
CA VAL XA 180 -81.37 36.39 -42.75
C VAL XA 180 -80.77 35.17 -42.07
N ASN XA 181 -79.93 35.39 -41.05
CA ASN XA 181 -79.32 34.32 -40.27
C ASN XA 181 -79.61 34.58 -38.80
N PRO XA 182 -80.74 34.08 -38.28
CA PRO XA 182 -81.02 34.24 -36.84
C PRO XA 182 -80.03 33.51 -35.95
N GLY XA 183 -79.29 32.53 -36.49
CA GLY XA 183 -78.29 31.84 -35.69
C GLY XA 183 -77.11 32.70 -35.30
N GLY XA 184 -76.93 33.84 -35.95
CA GLY XA 184 -75.87 34.78 -35.61
C GLY XA 184 -76.23 35.78 -34.55
N LEU XA 185 -77.46 35.75 -34.04
CA LEU XA 185 -77.88 36.66 -32.98
C LEU XA 185 -77.11 36.37 -31.70
N GLU XA 186 -76.94 37.41 -30.89
CA GLU XA 186 -76.22 37.27 -29.63
C GLU XA 186 -77.20 37.02 -28.49
N PRO XA 187 -77.09 35.91 -27.76
CA PRO XA 187 -77.96 35.70 -26.59
C PRO XA 187 -77.49 36.55 -25.43
N ILE XA 188 -78.34 37.48 -25.00
CA ILE XA 188 -78.02 38.38 -23.90
C ILE XA 188 -78.79 38.03 -22.64
N GLY XA 189 -79.41 36.85 -22.61
CA GLY XA 189 -80.19 36.42 -21.45
C GLY XA 189 -81.59 37.00 -21.45
N GLN XA 190 -82.40 36.51 -20.52
CA GLN XA 190 -83.81 36.91 -20.37
C GLN XA 190 -84.59 36.70 -21.66
N ASN XA 191 -84.25 35.63 -22.40
CA ASN XA 191 -84.93 35.29 -23.65
C ASN XA 191 -84.86 36.43 -24.66
N LEU XA 192 -83.74 37.12 -24.71
CA LEU XA 192 -83.53 38.26 -25.59
C LEU XA 192 -82.36 37.98 -26.52
N TYR XA 193 -82.38 38.60 -27.69
CA TYR XA 193 -81.30 38.50 -28.66
C TYR XA 193 -80.90 39.89 -29.13
N LEU XA 194 -79.65 40.00 -29.58
CA LEU XA 194 -79.16 41.23 -30.19
C LEU XA 194 -78.52 40.91 -31.54
N PRO XA 195 -78.70 41.77 -32.54
CA PRO XA 195 -78.10 41.50 -33.85
C PRO XA 195 -76.59 41.66 -33.82
N THR XA 196 -75.93 40.88 -34.66
CA THR XA 196 -74.47 40.91 -34.80
C THR XA 196 -74.11 41.16 -36.25
N GLY XA 197 -72.80 41.17 -36.53
CA GLY XA 197 -72.35 41.32 -37.90
C GLY XA 197 -72.72 40.14 -38.76
N ALA XA 198 -72.70 38.93 -38.18
CA ALA XA 198 -73.05 37.72 -38.93
C ALA XA 198 -74.56 37.51 -39.02
N SER XA 199 -75.34 38.19 -38.17
CA SER XA 199 -76.80 38.04 -38.24
C SER XA 199 -77.37 38.77 -39.44
N GLY XA 200 -76.89 39.97 -39.70
CA GLY XA 200 -77.41 40.80 -40.79
C GLY XA 200 -78.18 41.99 -40.27
N ASP XA 201 -78.64 42.80 -41.21
CA ASP XA 201 -79.39 44.00 -40.86
C ASP XA 201 -80.81 43.62 -40.45
N PRO XA 202 -81.34 44.19 -39.37
CA PRO XA 202 -82.76 43.95 -39.03
C PRO XA 202 -83.67 44.46 -40.12
N GLN XA 203 -84.79 43.76 -40.32
CA GLN XA 203 -85.80 44.13 -41.31
C GLN XA 203 -87.17 44.07 -40.65
N GLU XA 204 -87.79 45.22 -40.45
CA GLU XA 204 -89.09 45.31 -39.80
C GLU XA 204 -90.20 45.09 -40.83
N GLY XA 205 -91.44 45.22 -40.40
CA GLY XA 205 -92.57 45.07 -41.29
C GLY XA 205 -93.77 44.52 -40.55
N VAL XA 206 -94.93 44.66 -41.19
CA VAL XA 206 -96.18 44.16 -40.59
C VAL XA 206 -96.15 42.64 -40.59
N PRO XA 207 -96.65 41.98 -39.55
CA PRO XA 207 -96.66 40.51 -39.49
C PRO XA 207 -97.70 39.93 -40.43
N GLY XA 208 -97.29 38.94 -41.22
CA GLY XA 208 -98.20 38.31 -42.16
C GLY XA 208 -97.82 38.58 -43.60
N LEU XA 209 -97.24 39.75 -43.85
CA LEU XA 209 -96.85 40.16 -45.19
C LEU XA 209 -95.34 40.02 -45.37
N ASP XA 210 -94.95 39.56 -46.56
CA ASP XA 210 -93.55 39.48 -46.98
C ASP XA 210 -92.74 38.58 -46.04
N GLY XA 211 -93.15 37.31 -45.99
CA GLY XA 211 -92.41 36.29 -45.29
C GLY XA 211 -92.53 36.31 -43.78
N LEU XA 212 -92.87 37.45 -43.18
CA LEU XA 212 -93.00 37.53 -41.73
C LEU XA 212 -94.15 36.65 -41.24
N GLY XA 213 -94.00 36.14 -40.02
CA GLY XA 213 -95.00 35.29 -39.42
C GLY XA 213 -96.23 36.08 -38.97
N GLU XA 214 -97.19 35.35 -38.42
CA GLU XA 214 -98.44 35.92 -37.97
C GLU XA 214 -98.51 35.88 -36.45
N ILE XA 215 -99.06 36.95 -35.88
CA ILE XA 215 -99.19 37.08 -34.44
C ILE XA 215 -100.43 36.31 -34.00
N ARG XA 216 -100.22 35.30 -33.15
CA ARG XA 216 -101.30 34.46 -32.64
C ARG XA 216 -101.54 34.81 -31.17
N GLN XA 217 -102.69 35.41 -30.89
CA GLN XA 217 -103.03 35.81 -29.54
C GLN XA 217 -103.43 34.59 -28.71
N SER XA 218 -103.24 34.71 -27.39
CA SER XA 218 -103.56 33.65 -26.44
C SER XA 218 -102.84 32.36 -26.78
N MET XA 219 -101.54 32.47 -27.09
CA MET XA 219 -100.76 31.33 -27.52
C MET XA 219 -99.30 31.59 -27.20
N LEU XA 220 -98.60 30.55 -26.77
CA LEU XA 220 -97.19 30.64 -26.42
C LEU XA 220 -96.40 29.57 -27.15
N GLU XA 221 -95.13 29.88 -27.40
CA GLU XA 221 -94.23 28.99 -28.13
C GLU XA 221 -93.31 28.29 -27.14
N ALA XA 222 -93.45 26.98 -27.03
CA ALA XA 222 -92.63 26.20 -26.12
C ALA XA 222 -91.20 26.08 -26.65
N SER XA 223 -90.29 25.71 -25.75
CA SER XA 223 -88.91 25.47 -26.16
C SER XA 223 -88.84 24.26 -27.10
N ASN XA 224 -87.96 24.37 -28.10
CA ASN XA 224 -87.81 23.34 -29.11
C ASN XA 224 -86.85 22.23 -28.67
N VAL XA 225 -86.57 22.12 -27.38
CA VAL XA 225 -85.67 21.09 -26.89
C VAL XA 225 -86.39 19.75 -26.91
N ASN XA 226 -85.70 18.72 -27.37
CA ASN XA 226 -86.17 17.34 -27.31
C ASN XA 226 -85.35 16.64 -26.23
N VAL XA 227 -85.96 16.43 -25.07
CA VAL XA 227 -85.23 15.87 -23.94
C VAL XA 227 -84.73 14.46 -24.27
N THR XA 228 -85.47 13.75 -25.12
CA THR XA 228 -85.01 12.44 -25.58
C THR XA 228 -83.68 12.55 -26.31
N GLU XA 229 -83.55 13.54 -27.19
CA GLU XA 229 -82.27 13.76 -27.86
C GLU XA 229 -81.21 14.30 -26.89
N GLU XA 230 -81.62 15.14 -25.94
CA GLU XA 230 -80.66 15.70 -24.99
C GLU XA 230 -80.09 14.62 -24.09
N LEU XA 231 -80.94 13.73 -23.58
CA LEU XA 231 -80.48 12.68 -22.69
C LEU XA 231 -79.51 11.73 -23.40
N VAL XA 232 -79.83 11.35 -24.63
CA VAL XA 232 -78.95 10.44 -25.37
C VAL XA 232 -77.61 11.09 -25.66
N ASN XA 233 -77.62 12.39 -25.99
CA ASN XA 233 -76.38 13.09 -26.28
C ASN XA 233 -75.46 13.15 -25.06
N MET XA 234 -76.04 13.30 -23.86
CA MET XA 234 -75.24 13.32 -22.65
C MET XA 234 -74.54 11.97 -22.44
N ILE XA 235 -75.24 10.87 -22.70
CA ILE XA 235 -74.64 9.56 -22.54
C ILE XA 235 -73.49 9.37 -23.51
N GLU XA 236 -73.67 9.77 -24.76
CA GLU XA 236 -72.61 9.67 -25.75
C GLU XA 236 -71.43 10.55 -25.37
N ALA XA 237 -71.70 11.78 -24.96
CA ALA XA 237 -70.61 12.70 -24.62
C ALA XA 237 -69.87 12.26 -23.37
N GLN XA 238 -70.56 11.55 -22.47
CA GLN XA 238 -69.88 11.01 -21.30
C GLN XA 238 -68.92 9.90 -21.68
N ARG XA 239 -69.31 9.05 -22.63
CA ARG XA 239 -68.43 7.98 -23.07
C ARG XA 239 -67.17 8.52 -23.73
N VAL XA 240 -67.33 9.50 -24.63
CA VAL XA 240 -66.17 10.10 -25.28
C VAL XA 240 -65.30 10.81 -24.24
N TYR XA 241 -65.92 11.39 -23.21
CA TYR XA 241 -65.16 12.02 -22.14
C TYR XA 241 -64.26 11.01 -21.44
N GLU XA 242 -64.77 9.82 -21.16
CA GLU XA 242 -63.96 8.80 -20.50
C GLU XA 242 -62.94 8.19 -21.45
N MET XA 243 -63.16 8.30 -22.76
CA MET XA 243 -62.17 7.82 -23.72
C MET XA 243 -60.87 8.62 -23.63
N ASN XA 244 -60.98 9.94 -23.49
CA ASN XA 244 -59.81 10.80 -23.39
C ASN XA 244 -59.14 10.73 -22.04
N SER XA 245 -59.90 10.47 -20.97
CA SER XA 245 -59.31 10.34 -19.65
C SER XA 245 -58.42 9.11 -19.55
N LYS XA 246 -58.79 8.04 -20.26
CA LYS XA 246 -57.93 6.84 -20.28
C LYS XA 246 -56.60 7.13 -20.94
N VAL XA 247 -56.58 8.03 -21.94
CA VAL XA 247 -55.33 8.40 -22.57
C VAL XA 247 -54.45 9.20 -21.61
N ILE XA 248 -55.06 10.12 -20.86
CA ILE XA 248 -54.31 10.84 -19.83
C ILE XA 248 -53.84 9.88 -18.74
N SER XA 249 -54.71 8.95 -18.35
CA SER XA 249 -54.31 7.93 -17.39
C SER XA 249 -53.18 7.07 -17.95
N SER XA 250 -53.26 6.71 -19.22
CA SER XA 250 -52.20 5.92 -19.84
C SER XA 250 -50.90 6.70 -19.91
N VAL XA 251 -50.96 7.97 -20.31
CA VAL XA 251 -49.76 8.79 -20.41
C VAL XA 251 -49.12 8.98 -19.04
N ASP XA 252 -49.93 9.25 -18.02
CA ASP XA 252 -49.40 9.44 -16.67
C ASP XA 252 -48.69 8.18 -16.18
N LYS XA 253 -49.29 7.01 -16.43
CA LYS XA 253 -48.63 5.76 -16.06
C LYS XA 253 -47.35 5.55 -16.87
N MET XA 254 -47.32 6.04 -18.10
CA MET XA 254 -46.11 5.94 -18.90
C MET XA 254 -45.00 6.80 -18.32
N MET XA 255 -45.31 8.05 -17.99
CA MET XA 255 -44.30 8.94 -17.43
C MET XA 255 -43.83 8.46 -16.07
N SER XA 256 -44.74 7.89 -15.27
CA SER XA 256 -44.34 7.32 -13.98
C SER XA 256 -43.39 6.16 -14.16
N PHE XA 257 -43.64 5.31 -15.16
CA PHE XA 257 -42.80 4.14 -15.38
C PHE XA 257 -41.39 4.53 -15.79
N VAL XA 258 -41.26 5.57 -16.62
CA VAL XA 258 -39.93 5.99 -17.06
C VAL XA 258 -39.14 6.57 -15.90
N ASN XA 259 -39.81 7.30 -15.01
CA ASN XA 259 -39.12 7.85 -13.84
C ASN XA 259 -38.60 6.74 -12.93
N GLN XA 260 -39.39 5.70 -12.72
CA GLN XA 260 -38.96 4.59 -11.88
C GLN XA 260 -37.83 3.79 -12.52
N GLN XA 261 -37.92 3.54 -13.83
CA GLN XA 261 -36.95 2.72 -14.54
C GLN XA 261 -35.78 3.54 -15.08
N LEU XA 262 -36.06 4.50 -15.96
CA LEU XA 262 -35.03 5.28 -16.61
C LEU XA 262 -34.65 6.49 -15.77
N MET YA 1 -44.44 21.84 5.45
CA MET YA 1 -43.36 21.32 4.60
C MET YA 1 -43.46 21.87 3.19
N HIS YA 2 -44.69 21.92 2.67
CA HIS YA 2 -44.93 22.39 1.31
C HIS YA 2 -46.08 23.39 1.35
N PRO YA 3 -46.02 24.44 0.51
CA PRO YA 3 -47.13 25.41 0.49
C PRO YA 3 -48.47 24.79 0.14
N ALA YA 4 -48.48 23.80 -0.76
CA ALA YA 4 -49.73 23.19 -1.18
C ALA YA 4 -50.37 22.36 -0.08
N LEU YA 5 -49.55 21.82 0.83
CA LEU YA 5 -50.10 21.04 1.94
C LEU YA 5 -50.94 21.92 2.86
N TRP YA 6 -50.47 23.14 3.16
CA TRP YA 6 -51.22 24.03 4.04
C TRP YA 6 -52.42 24.61 3.33
N VAL YA 7 -52.29 24.92 2.04
CA VAL YA 7 -53.42 25.47 1.29
C VAL YA 7 -54.56 24.46 1.23
N SER YA 8 -54.23 23.21 0.93
CA SER YA 8 -55.26 22.17 0.84
C SER YA 8 -55.82 21.83 2.21
N LYS YA 9 -55.04 22.01 3.27
CA LYS YA 9 -55.56 21.81 4.62
C LYS YA 9 -56.70 22.77 4.91
N THR YA 10 -56.54 24.04 4.52
CA THR YA 10 -57.62 25.01 4.70
C THR YA 10 -58.83 24.64 3.87
N GLY YA 11 -58.61 24.14 2.65
CA GLY YA 11 -59.72 23.69 1.83
C GLY YA 11 -60.45 22.51 2.43
N LEU YA 12 -59.71 21.55 2.99
CA LEU YA 12 -60.35 20.44 3.69
C LEU YA 12 -61.11 20.91 4.92
N ASP YA 13 -60.51 21.82 5.69
CA ASP YA 13 -61.18 22.34 6.88
C ASP YA 13 -62.42 23.14 6.51
N ALA YA 14 -62.34 23.94 5.44
CA ALA YA 14 -63.48 24.75 5.03
C ALA YA 14 -64.66 23.88 4.62
N GLN YA 15 -64.40 22.80 3.87
CA GLN YA 15 -65.49 21.93 3.44
C GLN YA 15 -66.05 21.12 4.59
N GLN YA 16 -65.22 20.79 5.60
CA GLN YA 16 -65.73 20.11 6.77
C GLN YA 16 -66.75 20.97 7.52
N THR YA 17 -66.45 22.26 7.67
CA THR YA 17 -67.39 23.17 8.32
C THR YA 17 -68.64 23.36 7.46
N ASN YA 18 -68.47 23.37 6.14
CA ASN YA 18 -69.62 23.49 5.25
C ASN YA 18 -70.49 22.25 5.31
N ILE YA 19 -69.88 21.06 5.30
CA ILE YA 19 -70.64 19.82 5.37
C ILE YA 19 -71.31 19.69 6.74
N ALA YA 20 -70.62 20.13 7.79
CA ALA YA 20 -71.21 20.12 9.13
C ALA YA 20 -72.44 21.03 9.20
N THR YA 21 -72.37 22.19 8.54
CA THR YA 21 -73.51 23.09 8.52
C THR YA 21 -74.69 22.47 7.76
N ILE YA 22 -74.40 21.81 6.63
CA ILE YA 22 -75.46 21.17 5.86
C ILE YA 22 -76.08 20.02 6.65
N SER YA 23 -75.24 19.24 7.32
CA SER YA 23 -75.75 18.11 8.10
C SER YA 23 -76.60 18.57 9.27
N ASN YA 24 -76.30 19.75 9.82
CA ASN YA 24 -77.13 20.31 10.88
C ASN YA 24 -78.50 20.70 10.36
N ASN YA 25 -78.57 21.26 9.16
CA ASN YA 25 -79.85 21.62 8.58
C ASN YA 25 -80.72 20.40 8.33
N LEU YA 26 -80.11 19.30 7.88
CA LEU YA 26 -80.86 18.06 7.70
C LEU YA 26 -81.35 17.51 9.03
N ALA YA 27 -80.54 17.65 10.09
CA ALA YA 27 -80.96 17.17 11.40
C ALA YA 27 -82.19 17.92 11.90
N ASN YA 28 -82.21 19.25 11.72
CA ASN YA 28 -83.34 20.07 12.13
C ASN YA 28 -84.34 20.27 10.99
N ALA YA 29 -84.77 19.17 10.37
CA ALA YA 29 -85.80 19.23 9.34
C ALA YA 29 -87.20 19.11 9.92
N SER YA 30 -87.33 18.79 11.20
CA SER YA 30 -88.63 18.71 11.87
C SER YA 30 -88.72 19.62 13.07
N THR YA 31 -87.66 20.37 13.38
CA THR YA 31 -87.69 21.28 14.52
C THR YA 31 -88.54 22.51 14.19
N VAL YA 32 -89.59 22.73 14.97
CA VAL YA 32 -90.52 23.82 14.70
C VAL YA 32 -89.82 25.15 14.90
N GLY YA 33 -90.00 26.06 13.96
CA GLY YA 33 -89.39 27.39 14.04
C GLY YA 33 -87.89 27.39 13.89
N TYR YA 34 -87.35 26.58 12.98
CA TYR YA 34 -85.92 26.52 12.73
C TYR YA 34 -85.57 27.29 11.47
N LYS YA 35 -84.43 27.99 11.52
CA LYS YA 35 -83.92 28.76 10.40
C LYS YA 35 -82.64 28.11 9.89
N LYS YA 36 -82.62 27.74 8.61
CA LYS YA 36 -81.47 27.07 8.05
C LYS YA 36 -80.28 28.02 7.96
N SER YA 37 -79.09 27.44 7.84
CA SER YA 37 -77.85 28.19 7.78
C SER YA 37 -77.07 27.81 6.53
N ARG YA 38 -76.33 28.78 5.99
CA ARG YA 38 -75.47 28.57 4.83
C ARG YA 38 -74.09 29.07 5.17
N ALA YA 39 -73.07 28.30 4.78
CA ALA YA 39 -71.69 28.69 5.00
C ALA YA 39 -71.21 29.64 3.91
N VAL YA 40 -70.50 30.69 4.32
CA VAL YA 40 -69.98 31.70 3.41
C VAL YA 40 -68.48 31.49 3.29
N PHE YA 41 -68.02 31.28 2.05
CA PHE YA 41 -66.62 31.00 1.77
C PHE YA 41 -65.89 32.28 1.39
N GLU YA 42 -64.63 32.39 1.85
CA GLU YA 42 -63.77 33.48 1.43
C GLU YA 42 -62.35 32.97 1.36
N ASP YA 43 -61.55 33.60 0.49
CA ASP YA 43 -60.16 33.23 0.34
C ASP YA 43 -59.31 33.92 1.41
N LEU YA 44 -58.21 33.27 1.76
CA LEU YA 44 -57.30 33.78 2.78
C LEU YA 44 -56.37 34.81 2.15
N PHE YA 45 -55.40 35.29 2.93
CA PHE YA 45 -54.46 36.29 2.44
C PHE YA 45 -53.59 35.72 1.33
N TYR YA 46 -52.97 36.62 0.57
CA TYR YA 46 -52.13 36.25 -0.56
C TYR YA 46 -50.69 36.63 -0.27
N GLN YA 47 -49.77 35.71 -0.54
CA GLN YA 47 -48.35 35.99 -0.40
C GLN YA 47 -47.87 36.80 -1.59
N ASN YA 48 -47.25 37.95 -1.32
CA ASN YA 48 -46.87 38.88 -2.37
C ASN YA 48 -45.42 38.61 -2.77
N ILE YA 49 -45.25 37.73 -3.75
CA ILE YA 49 -43.92 37.45 -4.28
C ILE YA 49 -43.47 38.56 -5.22
N ASN YA 50 -44.28 38.85 -6.24
CA ASN YA 50 -44.05 39.97 -7.15
C ASN YA 50 -45.28 40.85 -7.15
N GLN YA 51 -45.09 42.15 -7.09
CA GLN YA 51 -46.22 43.07 -6.99
C GLN YA 51 -46.95 43.16 -8.32
N PRO YA 52 -48.25 42.85 -8.37
CA PRO YA 52 -49.01 43.02 -9.62
C PRO YA 52 -49.25 44.48 -9.92
N GLY YA 53 -48.27 45.14 -10.53
CA GLY YA 53 -48.37 46.57 -10.75
C GLY YA 53 -47.08 47.30 -10.39
N GLY YA 54 -46.02 46.54 -10.19
CA GLY YA 54 -44.72 47.12 -9.89
C GLY YA 54 -44.16 47.88 -11.08
N GLN YA 55 -42.88 48.21 -10.98
CA GLN YA 55 -42.18 48.99 -12.00
C GLN YA 55 -41.01 48.14 -12.51
N SER YA 56 -41.27 47.34 -13.54
CA SER YA 56 -40.22 46.51 -14.12
C SER YA 56 -39.17 47.35 -14.84
N SER YA 57 -39.55 48.54 -15.30
CA SER YA 57 -38.63 49.49 -15.90
C SER YA 57 -39.37 50.81 -16.06
N GLN YA 58 -38.69 51.80 -16.63
CA GLN YA 58 -39.35 53.07 -16.94
C GLN YA 58 -40.33 52.86 -18.09
N ASN YA 59 -41.53 53.43 -17.95
CA ASN YA 59 -42.60 53.34 -18.94
C ASN YA 59 -43.06 51.91 -19.17
N THR YA 60 -42.84 51.03 -18.19
CA THR YA 60 -43.26 49.64 -18.29
C THR YA 60 -43.53 49.11 -16.88
N GLU YA 61 -44.76 48.66 -16.65
CA GLU YA 61 -45.17 48.18 -15.34
C GLU YA 61 -45.68 46.75 -15.45
N LEU YA 62 -45.41 45.95 -14.43
CA LEU YA 62 -45.85 44.55 -14.40
C LEU YA 62 -47.37 44.49 -14.46
N PRO YA 63 -47.94 43.98 -15.56
CA PRO YA 63 -49.40 43.95 -15.68
C PRO YA 63 -50.04 43.05 -14.62
N SER YA 64 -49.59 41.81 -14.55
CA SER YA 64 -49.94 40.91 -13.47
C SER YA 64 -48.67 40.54 -12.70
N GLY YA 65 -48.87 40.01 -11.48
CA GLY YA 65 -47.77 39.66 -10.63
C GLY YA 65 -47.87 38.22 -10.16
N LEU YA 66 -46.91 37.82 -9.35
CA LEU YA 66 -46.86 36.49 -8.76
C LEU YA 66 -47.34 36.60 -7.32
N MET YA 67 -48.59 36.19 -7.09
CA MET YA 67 -49.17 36.19 -5.75
C MET YA 67 -49.79 34.81 -5.49
N LEU YA 68 -49.38 34.18 -4.41
CA LEU YA 68 -49.86 32.85 -4.05
C LEU YA 68 -50.86 32.97 -2.91
N GLY YA 69 -52.04 32.40 -3.11
CA GLY YA 69 -53.05 32.39 -2.06
C GLY YA 69 -52.70 31.43 -0.94
N ALA YA 70 -53.44 31.57 0.16
CA ALA YA 70 -53.24 30.73 1.33
C ALA YA 70 -54.35 29.71 1.54
N GLY YA 71 -55.34 29.65 0.65
CA GLY YA 71 -56.41 28.69 0.73
C GLY YA 71 -57.76 29.36 0.87
N SER YA 72 -58.61 28.79 1.72
CA SER YA 72 -59.95 29.31 1.95
C SER YA 72 -60.38 28.95 3.37
N LYS YA 73 -61.44 29.62 3.82
CA LYS YA 73 -62.06 29.27 5.09
C LYS YA 73 -63.51 29.71 5.07
N VAL YA 74 -64.30 29.13 5.96
CA VAL YA 74 -65.69 29.53 6.17
C VAL YA 74 -65.66 30.69 7.17
N VAL YA 75 -66.03 31.88 6.70
CA VAL YA 75 -65.96 33.07 7.55
C VAL YA 75 -67.17 33.20 8.46
N ALA YA 76 -68.34 32.74 8.02
CA ALA YA 76 -69.55 32.89 8.80
C ALA YA 76 -70.52 31.77 8.46
N THR YA 77 -71.46 31.53 9.38
CA THR YA 77 -72.55 30.59 9.19
C THR YA 77 -73.83 31.42 9.23
N GLN YA 78 -74.21 31.96 8.07
CA GLN YA 78 -75.29 32.93 8.00
C GLN YA 78 -76.64 32.25 8.11
N LYS YA 79 -77.50 32.77 8.99
CA LYS YA 79 -78.85 32.25 9.15
C LYS YA 79 -79.76 32.83 8.08
N VAL YA 80 -80.61 31.99 7.51
CA VAL YA 80 -81.60 32.43 6.53
C VAL YA 80 -82.93 32.54 7.26
N HIS YA 81 -83.28 33.76 7.66
CA HIS YA 81 -84.49 34.00 8.46
C HIS YA 81 -85.71 34.28 7.58
N THR YA 82 -85.97 33.37 6.65
CA THR YA 82 -87.20 33.41 5.86
C THR YA 82 -88.24 32.51 6.51
N HIS YA 83 -89.49 32.94 6.44
CA HIS YA 83 -90.56 32.25 7.15
C HIS YA 83 -90.82 30.87 6.56
N GLY YA 84 -91.03 29.89 7.43
CA GLY YA 84 -91.44 28.57 7.02
C GLY YA 84 -92.94 28.48 6.86
N ASN YA 85 -93.37 27.33 6.35
CA ASN YA 85 -94.80 27.12 6.11
C ASN YA 85 -95.53 26.91 7.44
N ALA YA 86 -96.85 27.10 7.40
CA ALA YA 86 -97.69 27.04 8.57
C ALA YA 86 -98.34 25.66 8.68
N GLN YA 87 -98.28 25.08 9.87
CA GLN YA 87 -98.92 23.80 10.15
C GLN YA 87 -100.15 24.03 11.01
N THR YA 88 -101.28 23.48 10.58
CA THR YA 88 -102.53 23.61 11.31
C THR YA 88 -102.64 22.48 12.33
N THR YA 89 -102.78 22.83 13.60
CA THR YA 89 -102.88 21.87 14.69
C THR YA 89 -104.13 22.13 15.50
N THR YA 90 -104.55 21.11 16.25
CA THR YA 90 -105.74 21.21 17.10
C THR YA 90 -105.44 21.78 18.47
N ASN YA 91 -104.18 21.84 18.88
CA ASN YA 91 -103.82 22.39 20.19
C ASN YA 91 -104.23 23.86 20.27
N ALA YA 92 -104.71 24.25 21.45
CA ALA YA 92 -105.16 25.62 21.67
C ALA YA 92 -104.09 26.51 22.29
N LEU YA 93 -102.88 26.00 22.48
CA LEU YA 93 -101.82 26.76 23.13
C LEU YA 93 -100.57 26.92 22.28
N ASP YA 94 -100.54 26.40 21.05
CA ASP YA 94 -99.42 26.59 20.15
C ASP YA 94 -99.74 27.72 19.19
N MET YA 95 -98.83 28.69 19.09
CA MET YA 95 -99.05 29.89 18.28
C MET YA 95 -97.92 30.06 17.29
N MET YA 96 -98.20 30.82 16.24
CA MET YA 96 -97.24 31.12 15.19
C MET YA 96 -97.24 32.62 14.93
N VAL YA 97 -96.05 33.17 14.71
CA VAL YA 97 -95.89 34.57 14.34
C VAL YA 97 -95.93 34.64 12.82
N GLU YA 98 -97.00 35.21 12.28
CA GLU YA 98 -97.16 35.35 10.83
C GLU YA 98 -96.49 36.65 10.42
N GLY YA 99 -95.20 36.57 10.11
CA GLY YA 99 -94.40 37.73 9.78
C GLY YA 99 -93.25 37.91 10.74
N ASP YA 100 -92.72 39.13 10.76
CA ASP YA 100 -91.58 39.45 11.62
C ASP YA 100 -92.00 39.45 13.09
N GLY YA 101 -91.14 38.92 13.94
CA GLY YA 101 -91.38 38.93 15.37
C GLY YA 101 -90.81 37.69 16.03
N PHE YA 102 -90.58 37.79 17.33
CA PHE YA 102 -90.06 36.70 18.14
C PHE YA 102 -90.81 36.64 19.47
N PHE YA 103 -91.18 35.43 19.88
CA PHE YA 103 -91.68 35.24 21.24
C PHE YA 103 -90.53 35.41 22.23
N GLN YA 104 -90.87 35.96 23.40
CA GLN YA 104 -89.88 36.21 24.45
C GLN YA 104 -90.20 35.34 25.67
N VAL YA 105 -89.17 34.67 26.19
CA VAL YA 105 -89.30 33.81 27.37
C VAL YA 105 -88.26 34.24 28.38
N THR YA 106 -88.45 33.79 29.63
CA THR YA 106 -87.56 34.13 30.73
C THR YA 106 -86.60 32.97 30.99
N LEU YA 107 -85.31 33.25 30.87
CA LEU YA 107 -84.29 32.24 31.10
C LEU YA 107 -84.04 32.07 32.60
N PRO YA 108 -83.51 30.92 33.01
CA PRO YA 108 -83.23 30.70 34.44
C PRO YA 108 -82.29 31.72 35.04
N ASP YA 109 -81.30 32.20 34.29
CA ASP YA 109 -80.39 33.20 34.81
C ASP YA 109 -81.06 34.56 35.03
N GLY YA 110 -82.17 34.82 34.35
CA GLY YA 110 -82.87 36.08 34.52
C GLY YA 110 -83.07 36.83 33.22
N ASN YA 111 -82.21 36.56 32.23
CA ASN YA 111 -82.32 37.24 30.96
C ASN YA 111 -83.50 36.71 30.16
N ILE YA 112 -83.87 37.46 29.12
CA ILE YA 112 -85.00 37.12 28.28
C ILE YA 112 -84.48 36.50 26.99
N GLY YA 113 -84.96 35.29 26.68
CA GLY YA 113 -84.61 34.62 25.45
C GLY YA 113 -85.73 34.76 24.42
N TYR YA 114 -85.32 34.81 23.16
CA TYR YA 114 -86.24 35.06 22.05
C TYR YA 114 -86.31 33.83 21.16
N THR YA 115 -87.52 33.37 20.87
CA THR YA 115 -87.74 32.12 20.17
C THR YA 115 -88.74 32.30 19.03
N ARG YA 116 -88.61 31.44 18.03
CA ARG YA 116 -89.59 31.36 16.96
C ARG YA 116 -90.51 30.15 17.09
N ASN YA 117 -90.12 29.15 17.87
CA ASN YA 117 -90.99 28.01 18.13
C ASN YA 117 -92.20 28.44 18.96
N GLY YA 118 -93.36 27.92 18.60
CA GLY YA 118 -94.60 28.28 19.26
C GLY YA 118 -95.26 27.20 20.08
N GLN YA 119 -94.61 26.06 20.29
CA GLN YA 119 -95.20 24.98 21.08
C GLN YA 119 -95.15 25.37 22.55
N PHE YA 120 -96.22 25.97 23.05
CA PHE YA 120 -96.33 26.38 24.44
C PHE YA 120 -97.28 25.45 25.19
N THR YA 121 -97.24 25.58 26.51
CA THR YA 121 -98.08 24.77 27.40
C THR YA 121 -98.25 25.52 28.71
N LEU YA 122 -98.74 24.83 29.73
CA LEU YA 122 -98.94 25.39 31.05
C LEU YA 122 -98.19 24.55 32.08
N ASN YA 123 -97.81 25.18 33.18
CA ASN YA 123 -97.22 24.47 34.30
C ASN YA 123 -98.27 24.28 35.38
N GLY YA 124 -97.85 23.75 36.53
CA GLY YA 124 -98.80 23.44 37.59
C GLY YA 124 -99.55 24.64 38.13
N GLU YA 125 -98.96 25.83 37.99
CA GLU YA 125 -99.62 27.05 38.44
C GLU YA 125 -100.44 27.73 37.35
N GLY YA 126 -100.42 27.19 36.12
CA GLY YA 126 -101.19 27.74 35.04
C GLY YA 126 -100.49 28.80 34.20
N THR YA 127 -99.27 29.19 34.56
CA THR YA 127 -98.54 30.17 33.77
C THR YA 127 -98.15 29.57 32.43
N LEU YA 128 -98.23 30.38 31.38
CA LEU YA 128 -97.89 29.92 30.04
C LEU YA 128 -96.38 29.77 29.91
N VAL YA 129 -95.92 28.54 29.70
CA VAL YA 129 -94.50 28.23 29.57
C VAL YA 129 -94.29 27.45 28.27
N THR YA 130 -93.02 27.31 27.90
CA THR YA 130 -92.67 26.55 26.71
C THR YA 130 -92.81 25.06 26.97
N SER YA 131 -93.08 24.30 25.91
CA SER YA 131 -93.26 22.86 26.01
C SER YA 131 -91.93 22.11 26.08
N GLY YA 132 -90.81 22.82 26.14
CA GLY YA 132 -89.51 22.19 26.26
C GLY YA 132 -88.98 22.25 27.68
N SER YA 133 -88.05 23.17 27.92
CA SER YA 133 -87.49 23.33 29.25
C SER YA 133 -88.44 24.00 30.23
N GLY YA 134 -89.57 24.52 29.76
CA GLY YA 134 -90.54 25.13 30.63
C GLY YA 134 -90.26 26.57 31.01
N TYR YA 135 -89.65 27.33 30.12
CA TYR YA 135 -89.36 28.73 30.43
C TYR YA 135 -90.62 29.56 30.34
N PRO YA 136 -90.95 30.37 31.36
CA PRO YA 136 -92.15 31.19 31.31
C PRO YA 136 -92.07 32.22 30.19
N VAL YA 137 -93.23 32.53 29.60
CA VAL YA 137 -93.33 33.46 28.50
C VAL YA 137 -93.54 34.87 29.05
N GLU YA 138 -92.81 35.84 28.50
CA GLU YA 138 -92.91 37.25 28.90
C GLU YA 138 -93.94 37.97 28.05
N PRO YA 139 -94.92 38.67 28.66
CA PRO YA 139 -95.20 38.75 30.10
C PRO YA 139 -95.94 37.51 30.57
N GLU YA 140 -95.97 37.25 31.88
CA GLU YA 140 -96.61 36.04 32.38
C GLU YA 140 -98.10 36.03 32.06
N ILE YA 141 -98.58 34.90 31.55
CA ILE YA 141 -99.98 34.70 31.20
C ILE YA 141 -100.47 33.53 32.03
N VAL YA 142 -101.18 33.80 33.11
CA VAL YA 142 -101.71 32.78 34.00
C VAL YA 142 -103.16 32.51 33.66
N ILE YA 143 -103.47 31.27 33.29
CA ILE YA 143 -104.81 30.87 32.92
C ILE YA 143 -105.56 30.50 34.18
N PRO YA 144 -106.64 31.18 34.53
CA PRO YA 144 -107.40 30.83 35.74
C PRO YA 144 -108.04 29.46 35.61
N GLU YA 145 -108.25 28.82 36.76
CA GLU YA 145 -108.79 27.47 36.79
C GLU YA 145 -110.26 27.41 36.43
N ASP YA 146 -110.94 28.55 36.32
CA ASP YA 146 -112.35 28.58 35.96
C ASP YA 146 -112.57 28.70 34.46
N ALA YA 147 -111.49 28.75 33.67
CA ALA YA 147 -111.60 28.86 32.23
C ALA YA 147 -112.06 27.55 31.61
N ILE YA 148 -112.99 27.65 30.67
CA ILE YA 148 -113.44 26.49 29.90
C ILE YA 148 -112.83 26.43 28.51
N SER YA 149 -112.29 27.53 28.00
CA SER YA 149 -111.59 27.54 26.72
C SER YA 149 -110.61 28.70 26.72
N ILE YA 150 -109.63 28.62 25.82
CA ILE YA 150 -108.58 29.62 25.70
C ILE YA 150 -108.56 30.11 24.26
N THR YA 151 -108.58 31.43 24.08
CA THR YA 151 -108.51 32.04 22.76
C THR YA 151 -107.44 33.11 22.76
N VAL YA 152 -106.60 33.11 21.73
CA VAL YA 152 -105.53 34.08 21.56
C VAL YA 152 -105.86 34.93 20.35
N GLY YA 153 -106.02 36.22 20.55
CA GLY YA 153 -106.33 37.12 19.45
C GLY YA 153 -105.15 37.32 18.52
N THR YA 154 -105.45 37.95 17.38
CA THR YA 154 -104.40 38.28 16.42
C THR YA 154 -103.41 39.26 17.03
N ASP YA 155 -103.89 40.22 17.80
CA ASP YA 155 -103.05 41.21 18.46
C ASP YA 155 -102.42 40.69 19.76
N GLY YA 156 -102.45 39.38 19.98
CA GLY YA 156 -101.80 38.79 21.14
C GLY YA 156 -102.57 38.88 22.44
N GLU YA 157 -103.84 39.29 22.40
CA GLU YA 157 -104.64 39.42 23.61
C GLU YA 157 -105.18 38.04 23.99
N VAL YA 158 -104.56 37.43 24.99
CA VAL YA 158 -104.95 36.10 25.44
C VAL YA 158 -106.21 36.23 26.29
N SER YA 159 -107.26 35.52 25.89
CA SER YA 159 -108.55 35.59 26.56
C SER YA 159 -109.02 34.20 26.94
N VAL YA 160 -109.82 34.12 27.99
CA VAL YA 160 -110.38 32.85 28.44
C VAL YA 160 -111.89 33.01 28.55
N ARG YA 161 -112.59 31.87 28.45
CA ARG YA 161 -114.04 31.82 28.55
C ARG YA 161 -114.39 31.23 29.91
N VAL YA 162 -115.09 32.00 30.73
CA VAL YA 162 -115.56 31.53 32.03
C VAL YA 162 -117.01 31.11 31.90
N ARG YA 163 -117.33 29.91 32.39
CA ARG YA 163 -118.67 29.37 32.21
C ARG YA 163 -119.70 30.23 32.94
N GLY YA 164 -120.82 30.45 32.28
CA GLY YA 164 -121.86 31.33 32.80
C GLY YA 164 -121.70 32.78 32.41
N GLN YA 165 -120.49 33.32 32.56
CA GLN YA 165 -120.23 34.71 32.20
C GLN YA 165 -120.12 34.86 30.69
N GLN YA 166 -120.85 35.81 30.14
CA GLN YA 166 -120.73 36.12 28.72
C GLN YA 166 -119.48 36.95 28.47
N ASP YA 167 -119.02 36.94 27.22
CA ASP YA 167 -117.84 37.68 26.76
C ASP YA 167 -116.56 37.07 27.32
N ASN YA 168 -115.44 37.29 26.63
CA ASN YA 168 -114.18 36.69 27.00
C ASN YA 168 -113.49 37.52 28.08
N GLN YA 169 -112.97 36.84 29.11
CA GLN YA 169 -112.18 37.49 30.13
C GLN YA 169 -110.73 37.55 29.70
N VAL YA 170 -110.17 38.77 29.64
CA VAL YA 170 -108.79 38.95 29.22
C VAL YA 170 -107.86 38.65 30.39
N VAL YA 171 -106.89 37.77 30.16
CA VAL YA 171 -105.94 37.38 31.20
C VAL YA 171 -104.54 37.92 30.97
N GLY YA 172 -104.25 38.47 29.80
CA GLY YA 172 -102.93 39.00 29.54
C GLY YA 172 -102.80 39.46 28.11
N GLN YA 173 -101.59 39.93 27.81
CA GLN YA 173 -101.26 40.46 26.48
C GLN YA 173 -99.87 39.99 26.10
N LEU YA 174 -99.76 39.24 25.01
CA LEU YA 174 -98.47 38.78 24.53
C LEU YA 174 -97.78 39.89 23.74
N THR YA 175 -96.47 40.02 23.95
CA THR YA 175 -95.66 40.97 23.22
C THR YA 175 -94.53 40.23 22.51
N ILE YA 176 -94.33 40.55 21.23
CA ILE YA 176 -93.29 39.92 20.44
C ILE YA 176 -92.23 40.96 20.11
N THR YA 177 -91.02 40.48 19.84
CA THR YA 177 -89.85 41.32 19.62
C THR YA 177 -89.33 41.15 18.21
N ASP YA 178 -88.98 42.27 17.58
CA ASP YA 178 -88.41 42.28 16.24
C ASP YA 178 -86.99 42.83 16.30
N PHE YA 179 -86.13 42.30 15.43
CA PHE YA 179 -84.75 42.74 15.33
C PHE YA 179 -84.47 43.24 13.92
N VAL YA 180 -83.60 44.26 13.83
CA VAL YA 180 -83.23 44.81 12.53
C VAL YA 180 -82.49 43.77 11.71
N ASN YA 181 -81.58 43.03 12.35
CA ASN YA 181 -80.79 41.98 11.69
C ASN YA 181 -81.03 40.67 12.44
N PRO YA 182 -82.04 39.90 12.05
CA PRO YA 182 -82.30 38.62 12.73
C PRO YA 182 -81.17 37.61 12.58
N GLY YA 183 -80.31 37.76 11.58
CA GLY YA 183 -79.20 36.84 11.41
C GLY YA 183 -78.08 37.02 12.40
N GLY YA 184 -78.04 38.15 13.10
CA GLY YA 184 -77.02 38.42 14.09
C GLY YA 184 -77.29 37.85 15.46
N LEU YA 185 -78.43 37.20 15.65
CA LEU YA 185 -78.74 36.60 16.95
C LEU YA 185 -77.83 35.42 17.24
N GLU YA 186 -77.41 35.31 18.49
CA GLU YA 186 -76.57 34.19 18.92
C GLU YA 186 -77.45 33.00 19.28
N PRO YA 187 -77.34 31.87 18.59
CA PRO YA 187 -78.13 30.70 18.96
C PRO YA 187 -77.57 30.05 20.22
N ILE YA 188 -78.41 29.88 21.23
CA ILE YA 188 -78.01 29.30 22.49
C ILE YA 188 -78.63 27.93 22.70
N GLY YA 189 -79.25 27.37 21.66
CA GLY YA 189 -79.93 26.09 21.77
C GLY YA 189 -81.34 26.25 22.34
N GLN YA 190 -82.05 25.13 22.36
CA GLN YA 190 -83.44 25.07 22.84
C GLN YA 190 -84.34 26.04 22.06
N ASN YA 191 -84.03 26.25 20.78
CA ASN YA 191 -84.81 27.12 19.91
C ASN YA 191 -84.86 28.56 20.42
N LEU YA 192 -83.78 28.98 21.09
CA LEU YA 192 -83.71 30.30 21.70
C LEU YA 192 -82.53 31.08 21.13
N TYR YA 193 -82.70 32.40 21.04
CA TYR YA 193 -81.68 33.29 20.53
C TYR YA 193 -81.42 34.41 21.54
N LEU YA 194 -80.17 34.85 21.62
CA LEU YA 194 -79.83 36.01 22.44
C LEU YA 194 -79.32 37.14 21.56
N PRO YA 195 -79.76 38.37 21.81
CA PRO YA 195 -79.33 39.49 20.96
C PRO YA 195 -77.84 39.79 21.15
N THR YA 196 -77.19 40.14 20.04
CA THR YA 196 -75.78 40.52 20.02
C THR YA 196 -75.66 41.94 19.49
N GLY YA 197 -74.42 42.41 19.38
CA GLY YA 197 -74.19 43.74 18.82
C GLY YA 197 -74.63 43.85 17.37
N ALA YA 198 -74.37 42.80 16.59
CA ALA YA 198 -74.79 42.81 15.19
C ALA YA 198 -76.29 42.67 15.02
N SER YA 199 -76.97 42.04 15.98
CA SER YA 199 -78.42 41.85 15.87
C SER YA 199 -79.14 43.18 15.99
N GLY YA 200 -78.74 44.02 16.95
CA GLY YA 200 -79.37 45.29 17.21
C GLY YA 200 -80.23 45.26 18.46
N ASP YA 201 -80.72 46.44 18.82
CA ASP YA 201 -81.53 46.56 20.02
C ASP YA 201 -82.89 45.90 19.79
N PRO YA 202 -83.38 45.10 20.73
CA PRO YA 202 -84.70 44.49 20.57
C PRO YA 202 -85.79 45.55 20.47
N GLN YA 203 -86.73 45.33 19.56
CA GLN YA 203 -87.86 46.22 19.35
C GLN YA 203 -89.13 45.49 19.77
N GLU YA 204 -89.64 45.80 20.95
CA GLU YA 204 -90.82 45.15 21.50
C GLU YA 204 -92.07 45.95 21.14
N GLY YA 205 -93.18 45.22 21.02
CA GLY YA 205 -94.45 45.85 20.72
C GLY YA 205 -95.54 44.81 20.57
N VAL YA 206 -96.77 45.29 20.53
CA VAL YA 206 -97.92 44.41 20.37
C VAL YA 206 -97.90 43.77 18.99
N PRO YA 207 -98.16 42.48 18.86
CA PRO YA 207 -98.18 41.85 17.54
C PRO YA 207 -99.30 42.40 16.67
N GLY YA 208 -99.05 42.43 15.37
CA GLY YA 208 -100.00 42.93 14.41
C GLY YA 208 -99.86 44.39 14.07
N LEU YA 209 -99.09 45.15 14.85
CA LEU YA 209 -98.90 46.57 14.64
C LEU YA 209 -97.41 46.90 14.62
N ASP YA 210 -97.08 48.02 13.99
CA ASP YA 210 -95.72 48.55 13.96
C ASP YA 210 -94.74 47.55 13.33
N GLY YA 211 -95.19 46.89 12.26
CA GLY YA 211 -94.33 46.00 11.50
C GLY YA 211 -94.19 44.61 12.06
N LEU YA 212 -94.65 44.36 13.28
CA LEU YA 212 -94.56 43.02 13.86
C LEU YA 212 -95.58 42.08 13.21
N GLY YA 213 -95.33 40.79 13.36
CA GLY YA 213 -96.22 39.79 12.81
C GLY YA 213 -97.49 39.66 13.62
N GLU YA 214 -98.31 38.71 13.23
CA GLU YA 214 -99.58 38.43 13.88
C GLU YA 214 -99.55 37.05 14.50
N ILE YA 215 -100.12 36.94 15.70
CA ILE YA 215 -100.13 35.68 16.43
C ILE YA 215 -101.27 34.82 15.91
N ARG YA 216 -100.93 33.64 15.39
CA ARG YA 216 -101.90 32.70 14.85
C ARG YA 216 -102.04 31.54 15.82
N GLN YA 217 -103.20 31.42 16.45
CA GLN YA 217 -103.42 30.35 17.40
C GLN YA 217 -103.64 29.04 16.68
N SER YA 218 -103.27 27.93 17.35
CA SER YA 218 -103.41 26.59 16.80
C SER YA 218 -102.68 26.45 15.47
N MET YA 219 -101.48 27.03 15.40
CA MET YA 219 -100.71 27.02 14.17
C MET YA 219 -99.22 27.04 14.52
N LEU YA 220 -98.45 26.24 13.79
CA LEU YA 220 -97.02 26.13 14.01
C LEU YA 220 -96.26 26.46 12.73
N GLU YA 221 -95.04 26.94 12.89
CA GLU YA 221 -94.18 27.33 11.78
C GLU YA 221 -93.10 26.27 11.61
N ALA YA 222 -93.17 25.54 10.50
CA ALA YA 222 -92.20 24.49 10.23
C ALA YA 222 -90.83 25.08 9.92
N SER YA 223 -89.82 24.23 9.95
CA SER YA 223 -88.48 24.63 9.55
C SER YA 223 -88.45 24.98 8.07
N ASN YA 224 -87.60 25.95 7.73
CA ASN YA 224 -87.51 26.46 6.37
C ASN YA 224 -86.46 25.74 5.54
N VAL YA 225 -85.93 24.63 6.03
CA VAL YA 225 -84.90 23.90 5.30
C VAL YA 225 -85.52 23.24 4.06
N ASN YA 226 -84.75 23.22 2.98
CA ASN YA 226 -85.11 22.50 1.77
C ASN YA 226 -84.16 21.31 1.65
N VAL YA 227 -84.68 20.11 1.93
CA VAL YA 227 -83.83 18.93 1.94
C VAL YA 227 -83.23 18.68 0.56
N THR YA 228 -83.97 19.05 -0.49
CA THR YA 228 -83.46 18.90 -1.84
C THR YA 228 -82.19 19.71 -2.05
N GLU YA 229 -82.16 20.95 -1.57
CA GLU YA 229 -80.96 21.76 -1.70
C GLU YA 229 -79.84 21.24 -0.82
N GLU YA 230 -80.17 20.73 0.37
CA GLU YA 230 -79.13 20.25 1.27
C GLU YA 230 -78.40 19.04 0.71
N LEU YA 231 -79.13 18.13 0.06
CA LEU YA 231 -78.51 16.94 -0.51
C LEU YA 231 -77.62 17.30 -1.69
N VAL YA 232 -78.04 18.26 -2.51
CA VAL YA 232 -77.20 18.71 -3.62
C VAL YA 232 -75.98 19.45 -3.10
N ASN YA 233 -76.15 20.26 -2.06
CA ASN YA 233 -75.02 20.98 -1.48
C ASN YA 233 -74.01 20.02 -0.88
N MET YA 234 -74.48 18.94 -0.26
CA MET YA 234 -73.56 17.93 0.25
C MET YA 234 -72.81 17.26 -0.90
N ILE YA 235 -73.46 17.10 -2.05
CA ILE YA 235 -72.82 16.49 -3.21
C ILE YA 235 -71.65 17.36 -3.68
N GLU YA 236 -71.88 18.67 -3.81
CA GLU YA 236 -70.83 19.56 -4.27
C GLU YA 236 -69.72 19.71 -3.24
N ALA YA 237 -70.08 19.80 -1.95
CA ALA YA 237 -69.08 19.98 -0.91
C ALA YA 237 -68.19 18.75 -0.79
N GLN YA 238 -68.76 17.56 -1.01
CA GLN YA 238 -67.95 16.33 -0.96
C GLN YA 238 -66.93 16.30 -2.09
N ARG YA 239 -67.33 16.75 -3.29
CA ARG YA 239 -66.41 16.73 -4.42
C ARG YA 239 -65.24 17.68 -4.20
N VAL YA 240 -65.50 18.87 -3.69
CA VAL YA 240 -64.42 19.81 -3.40
C VAL YA 240 -63.52 19.25 -2.30
N TYR YA 241 -64.11 18.53 -1.35
CA TYR YA 241 -63.32 17.90 -0.29
C TYR YA 241 -62.34 16.88 -0.85
N GLU YA 242 -62.79 16.05 -1.79
CA GLU YA 242 -61.92 15.01 -2.33
C GLU YA 242 -60.87 15.60 -3.26
N MET YA 243 -61.13 16.78 -3.83
CA MET YA 243 -60.16 17.41 -4.70
C MET YA 243 -58.99 17.99 -3.91
N ASN YA 244 -59.27 18.50 -2.71
CA ASN YA 244 -58.21 19.02 -1.86
C ASN YA 244 -57.39 17.89 -1.27
N SER YA 245 -57.99 16.70 -1.12
CA SER YA 245 -57.24 15.54 -0.67
C SER YA 245 -56.32 15.02 -1.76
N LYS YA 246 -56.69 15.21 -3.03
CA LYS YA 246 -55.82 14.82 -4.12
C LYS YA 246 -54.53 15.63 -4.12
N VAL YA 247 -54.62 16.92 -3.82
CA VAL YA 247 -53.42 17.74 -3.75
C VAL YA 247 -52.52 17.30 -2.60
N ILE YA 248 -53.11 17.01 -1.45
CA ILE YA 248 -52.34 16.49 -0.32
C ILE YA 248 -51.74 15.14 -0.67
N SER YA 249 -52.51 14.28 -1.33
CA SER YA 249 -51.98 12.99 -1.77
C SER YA 249 -50.86 13.18 -2.79
N SER YA 250 -51.03 14.14 -3.70
CA SER YA 250 -49.98 14.41 -4.69
C SER YA 250 -48.73 14.97 -4.04
N VAL YA 251 -48.89 15.90 -3.10
CA VAL YA 251 -47.73 16.48 -2.41
C VAL YA 251 -47.00 15.43 -1.60
N ASP YA 252 -47.76 14.52 -0.97
CA ASP YA 252 -47.14 13.44 -0.19
C ASP YA 252 -46.28 12.55 -1.07
N LYS YA 253 -46.76 12.23 -2.28
CA LYS YA 253 -45.96 11.41 -3.19
C LYS YA 253 -44.67 12.11 -3.60
N MET YA 254 -44.74 13.42 -3.85
CA MET YA 254 -43.54 14.15 -4.25
C MET YA 254 -42.50 14.15 -3.13
N MET YA 255 -42.92 14.41 -1.90
CA MET YA 255 -41.98 14.41 -0.78
C MET YA 255 -41.35 13.04 -0.59
N SER YA 256 -42.14 11.97 -0.73
CA SER YA 256 -41.58 10.62 -0.68
C SER YA 256 -40.64 10.39 -1.85
N PHE YA 257 -40.99 10.90 -3.04
CA PHE YA 257 -40.12 10.77 -4.20
C PHE YA 257 -38.81 11.51 -3.99
N VAL YA 258 -38.87 12.71 -3.41
CA VAL YA 258 -37.65 13.49 -3.18
C VAL YA 258 -36.77 12.83 -2.12
N ASN YA 259 -37.40 12.25 -1.09
CA ASN YA 259 -36.63 11.58 -0.05
C ASN YA 259 -35.83 10.41 -0.63
N GLN YA 260 -36.45 9.62 -1.51
CA GLN YA 260 -35.74 8.51 -2.13
C GLN YA 260 -34.65 8.98 -3.08
N GLN YA 261 -34.93 10.03 -3.86
CA GLN YA 261 -34.01 10.50 -4.89
C GLN YA 261 -32.98 11.48 -4.34
N LEU YA 262 -33.44 12.59 -3.78
CA LEU YA 262 -32.54 13.63 -3.29
C LEU YA 262 -32.01 13.30 -1.90
N MET ZA 1 -40.86 -0.09 21.03
CA MET ZA 1 -39.83 0.59 20.23
C MET ZA 1 -40.16 2.07 20.07
N HIS ZA 2 -41.41 2.38 19.74
CA HIS ZA 2 -41.83 3.74 19.54
C HIS ZA 2 -43.03 4.03 20.44
N PRO ZA 3 -43.07 5.20 21.07
CA PRO ZA 3 -44.22 5.52 21.94
C PRO ZA 3 -45.56 5.48 21.21
N ALA ZA 4 -45.60 5.90 19.95
CA ALA ZA 4 -46.86 5.89 19.21
C ALA ZA 4 -47.33 4.48 18.92
N LEU ZA 5 -46.42 3.51 18.86
CA LEU ZA 5 -46.81 2.13 18.61
C LEU ZA 5 -47.64 1.58 19.76
N TRP ZA 6 -47.24 1.88 20.99
CA TRP ZA 6 -47.96 1.38 22.16
C TRP ZA 6 -49.27 2.13 22.36
N VAL ZA 7 -49.26 3.45 22.12
CA VAL ZA 7 -50.49 4.23 22.29
C VAL ZA 7 -51.56 3.76 21.31
N SER ZA 8 -51.17 3.53 20.06
CA SER ZA 8 -52.14 3.05 19.07
C SER ZA 8 -52.55 1.61 19.33
N LYS ZA 9 -51.68 0.82 19.97
CA LYS ZA 9 -52.06 -0.53 20.35
C LYS ZA 9 -53.22 -0.52 21.34
N THR ZA 10 -53.18 0.41 22.31
CA THR ZA 10 -54.28 0.56 23.24
C THR ZA 10 -55.53 1.07 22.53
N GLY ZA 11 -55.35 1.89 21.49
CA GLY ZA 11 -56.48 2.35 20.70
C GLY ZA 11 -57.16 1.22 19.93
N LEU ZA 12 -56.35 0.34 19.34
CA LEU ZA 12 -56.91 -0.81 18.64
C LEU ZA 12 -57.63 -1.75 19.59
N ASP ZA 13 -57.03 -2.01 20.76
CA ASP ZA 13 -57.66 -2.90 21.73
C ASP ZA 13 -58.98 -2.31 22.23
N ALA ZA 14 -59.01 -1.00 22.47
CA ALA ZA 14 -60.24 -0.38 22.97
C ALA ZA 14 -61.37 -0.49 21.95
N GLN ZA 15 -61.06 -0.31 20.67
CA GLN ZA 15 -62.10 -0.38 19.65
C GLN ZA 15 -62.53 -1.82 19.40
N GLN ZA 16 -61.61 -2.78 19.55
CA GLN ZA 16 -61.97 -4.18 19.44
C GLN ZA 16 -62.94 -4.57 20.55
N THR ZA 17 -62.69 -4.09 21.77
CA THR ZA 17 -63.62 -4.35 22.87
C THR ZA 17 -64.98 -3.69 22.61
N ASN ZA 18 -64.96 -2.48 22.06
CA ASN ZA 18 -66.21 -1.79 21.74
C ASN ZA 18 -66.98 -2.55 20.66
N ILE ZA 19 -66.30 -2.98 19.60
CA ILE ZA 19 -66.97 -3.69 18.52
C ILE ZA 19 -67.45 -5.05 19.01
N ALA ZA 20 -66.68 -5.70 19.88
CA ALA ZA 20 -67.12 -6.97 20.45
C ALA ZA 20 -68.38 -6.79 21.30
N THR ZA 21 -68.46 -5.69 22.05
CA THR ZA 21 -69.66 -5.40 22.82
C THR ZA 21 -70.85 -5.15 21.91
N ILE ZA 22 -70.65 -4.36 20.85
CA ILE ZA 22 -71.74 -4.08 19.91
C ILE ZA 22 -72.16 -5.34 19.17
N SER ZA 23 -71.18 -6.16 18.76
CA SER ZA 23 -71.49 -7.39 18.04
C SER ZA 23 -72.30 -8.34 18.91
N ASN ZA 24 -72.02 -8.36 20.21
CA ASN ZA 24 -72.80 -9.20 21.11
C ASN ZA 24 -74.23 -8.68 21.27
N ASN ZA 25 -74.40 -7.36 21.27
CA ASN ZA 25 -75.74 -6.78 21.35
C ASN ZA 25 -76.58 -7.17 20.15
N LEU ZA 26 -75.99 -7.14 18.96
CA LEU ZA 26 -76.72 -7.53 17.76
C LEU ZA 26 -77.05 -9.03 17.77
N ALA ZA 27 -76.16 -9.84 18.34
CA ALA ZA 27 -76.42 -11.28 18.42
C ALA ZA 27 -77.64 -11.57 19.28
N ASN ZA 28 -77.77 -10.89 20.41
CA ASN ZA 28 -78.93 -11.05 21.29
C ASN ZA 28 -80.01 -10.01 20.99
N ALA ZA 29 -80.42 -9.93 19.72
CA ALA ZA 29 -81.49 -9.03 19.34
C ALA ZA 29 -82.87 -9.67 19.45
N SER ZA 30 -82.93 -10.98 19.71
CA SER ZA 30 -84.19 -11.68 19.91
C SER ZA 30 -84.23 -12.42 21.25
N THR ZA 31 -83.23 -12.20 22.10
CA THR ZA 31 -83.22 -12.84 23.41
C THR ZA 31 -84.20 -12.14 24.35
N VAL ZA 32 -85.12 -12.92 24.93
CA VAL ZA 32 -86.14 -12.35 25.79
C VAL ZA 32 -85.51 -11.85 27.09
N GLY ZA 33 -85.84 -10.62 27.47
CA GLY ZA 33 -85.33 -10.04 28.69
C GLY ZA 33 -83.83 -9.80 28.69
N TYR ZA 34 -83.28 -9.34 27.58
CA TYR ZA 34 -81.87 -9.02 27.46
C TYR ZA 34 -81.66 -7.52 27.60
N LYS ZA 35 -80.61 -7.14 28.33
CA LYS ZA 35 -80.27 -5.74 28.56
C LYS ZA 35 -79.00 -5.40 27.78
N LYS ZA 36 -79.09 -4.40 26.91
CA LYS ZA 36 -77.98 -4.04 26.07
C LYS ZA 36 -76.85 -3.42 26.89
N SER ZA 37 -75.65 -3.47 26.33
CA SER ZA 37 -74.45 -2.99 27.00
C SER ZA 37 -73.72 -1.99 26.11
N ARG ZA 38 -73.11 -0.99 26.74
CA ARG ZA 38 -72.32 0.00 26.05
C ARG ZA 38 -70.94 0.10 26.70
N ALA ZA 39 -69.92 0.34 25.89
CA ALA ZA 39 -68.56 0.43 26.40
C ALA ZA 39 -68.28 1.85 26.89
N VAL ZA 40 -67.52 1.93 27.98
CA VAL ZA 40 -67.13 3.20 28.58
C VAL ZA 40 -65.64 3.40 28.31
N PHE ZA 41 -65.30 4.53 27.67
CA PHE ZA 41 -63.93 4.82 27.30
C PHE ZA 41 -63.32 5.82 28.28
N GLU ZA 42 -62.01 5.70 28.49
CA GLU ZA 42 -61.28 6.65 29.31
C GLU ZA 42 -59.82 6.64 28.87
N ASP ZA 43 -59.14 7.76 29.13
CA ASP ZA 43 -57.74 7.87 28.78
C ASP ZA 43 -56.87 7.34 29.91
N LEU ZA 44 -55.72 6.77 29.54
CA LEU ZA 44 -54.79 6.20 30.51
C LEU ZA 44 -53.99 7.33 31.15
N PHE ZA 45 -53.01 6.96 31.97
CA PHE ZA 45 -52.17 7.94 32.64
C PHE ZA 45 -51.36 8.74 31.62
N TYR ZA 46 -50.93 9.92 32.04
CA TYR ZA 46 -50.14 10.82 31.21
C TYR ZA 46 -48.72 10.90 31.76
N GLN ZA 47 -47.75 10.66 30.88
CA GLN ZA 47 -46.35 10.78 31.29
C GLN ZA 47 -46.01 12.23 31.56
N ASN ZA 48 -45.33 12.47 32.67
CA ASN ZA 48 -45.06 13.84 33.14
C ASN ZA 48 -43.65 14.22 32.71
N ILE ZA 49 -43.56 14.90 31.56
CA ILE ZA 49 -42.28 15.39 31.06
C ILE ZA 49 -42.01 16.77 31.64
N ASN ZA 50 -42.90 17.73 31.33
CA ASN ZA 50 -42.85 19.07 31.90
C ASN ZA 50 -44.07 19.25 32.80
N GLN ZA 51 -43.84 19.63 34.04
CA GLN ZA 51 -44.93 19.74 35.01
C GLN ZA 51 -45.76 20.99 34.76
N PRO ZA 52 -47.06 20.87 34.51
CA PRO ZA 52 -47.92 22.07 34.43
C PRO ZA 52 -48.01 22.72 35.81
N GLY ZA 53 -47.69 24.01 35.86
CA GLY ZA 53 -47.60 24.73 37.11
C GLY ZA 53 -46.21 24.79 37.70
N GLY ZA 54 -45.23 24.15 37.06
CA GLY ZA 54 -43.86 24.25 37.53
C GLY ZA 54 -43.36 25.68 37.45
N GLN ZA 55 -42.48 26.03 38.39
CA GLN ZA 55 -42.04 27.42 38.55
C GLN ZA 55 -40.95 27.71 37.51
N SER ZA 56 -41.40 27.93 36.27
CA SER ZA 56 -40.51 28.36 35.20
C SER ZA 56 -40.23 29.85 35.39
N SER ZA 57 -39.21 30.13 36.22
CA SER ZA 57 -38.83 31.46 36.68
C SER ZA 57 -39.80 31.94 37.76
N GLN ZA 58 -39.31 32.82 38.65
CA GLN ZA 58 -40.17 33.34 39.70
C GLN ZA 58 -41.32 34.15 39.12
N ASN ZA 59 -42.49 34.04 39.73
CA ASN ZA 59 -43.70 34.72 39.30
C ASN ZA 59 -44.10 34.33 37.88
N THR ZA 60 -43.74 33.12 37.45
CA THR ZA 60 -44.12 32.62 36.13
C THR ZA 60 -44.15 31.10 36.19
N GLU ZA 61 -45.32 30.52 35.93
CA GLU ZA 61 -45.49 29.08 35.96
C GLU ZA 61 -45.90 28.58 34.58
N LEU ZA 62 -45.50 27.34 34.28
CA LEU ZA 62 -45.79 26.71 32.99
C LEU ZA 62 -47.29 26.65 32.74
N PRO ZA 63 -47.80 27.45 31.80
CA PRO ZA 63 -49.25 27.46 31.55
C PRO ZA 63 -49.78 26.12 31.10
N SER ZA 64 -49.02 25.44 30.25
CA SER ZA 64 -49.33 24.09 29.82
C SER ZA 64 -48.05 23.28 29.77
N GLY ZA 65 -48.04 22.13 30.44
CA GLY ZA 65 -46.87 21.28 30.49
C GLY ZA 65 -46.90 20.20 29.44
N LEU ZA 66 -45.72 19.69 29.12
CA LEU ZA 66 -45.57 18.61 28.16
C LEU ZA 66 -45.95 17.31 28.84
N MET ZA 67 -47.18 16.87 28.61
CA MET ZA 67 -47.70 15.63 29.19
C MET ZA 67 -48.19 14.74 28.06
N LEU ZA 68 -47.50 13.63 27.85
CA LEU ZA 68 -47.84 12.69 26.80
C LEU ZA 68 -48.74 11.58 27.35
N GLY ZA 69 -49.88 11.36 26.70
CA GLY ZA 69 -50.77 10.31 27.13
C GLY ZA 69 -50.26 8.93 26.78
N ALA ZA 70 -50.89 7.92 27.38
CA ALA ZA 70 -50.51 6.54 27.18
C ALA ZA 70 -51.55 5.76 26.38
N GLY ZA 71 -52.57 6.43 25.85
CA GLY ZA 71 -53.57 5.80 25.02
C GLY ZA 71 -54.94 5.84 25.67
N SER ZA 72 -55.73 4.79 25.40
CA SER ZA 72 -57.08 4.69 25.94
C SER ZA 72 -57.42 3.22 26.14
N LYS ZA 73 -58.45 2.98 26.95
CA LYS ZA 73 -58.94 1.63 27.17
C LYS ZA 73 -60.43 1.70 27.50
N VAL ZA 74 -61.09 0.56 27.32
CA VAL ZA 74 -62.48 0.41 27.75
C VAL ZA 74 -62.45 0.03 29.23
N VAL ZA 75 -62.98 0.90 30.08
CA VAL ZA 75 -62.90 0.68 31.51
C VAL ZA 75 -64.04 -0.18 32.03
N ALA ZA 76 -65.22 -0.10 31.39
CA ALA ZA 76 -66.36 -0.87 31.84
C ALA ZA 76 -67.29 -1.13 30.66
N THR ZA 77 -68.13 -2.15 30.80
CA THR ZA 77 -69.18 -2.49 29.85
C THR ZA 77 -70.50 -2.30 30.58
N GLN ZA 78 -71.02 -1.08 30.52
CA GLN ZA 78 -72.18 -0.71 31.33
C GLN ZA 78 -73.46 -1.28 30.75
N LYS ZA 79 -74.20 -2.03 31.58
CA LYS ZA 79 -75.48 -2.59 31.19
C LYS ZA 79 -76.57 -1.54 31.28
N VAL ZA 80 -77.31 -1.36 30.19
CA VAL ZA 80 -78.42 -0.43 30.15
C VAL ZA 80 -79.66 -1.19 30.63
N HIS ZA 81 -80.03 -1.00 31.89
CA HIS ZA 81 -81.16 -1.70 32.49
C HIS ZA 81 -82.46 -0.91 32.35
N THR ZA 82 -82.80 -0.54 31.13
CA THR ZA 82 -84.09 0.07 30.85
C THR ZA 82 -85.08 -1.00 30.41
N HIS ZA 83 -86.36 -0.72 30.61
CA HIS ZA 83 -87.40 -1.70 30.35
C HIS ZA 83 -87.56 -1.95 28.84
N GLY ZA 84 -87.83 -3.20 28.48
CA GLY ZA 84 -88.11 -3.55 27.10
C GLY ZA 84 -89.60 -3.61 26.82
N ASN ZA 85 -89.92 -3.76 25.53
CA ASN ZA 85 -91.31 -3.80 25.12
C ASN ZA 85 -91.95 -5.13 25.56
N ALA ZA 86 -93.27 -5.17 25.48
CA ALA ZA 86 -94.06 -6.32 25.91
C ALA ZA 86 -94.56 -7.08 24.70
N GLN ZA 87 -94.32 -8.40 24.69
CA GLN ZA 87 -94.82 -9.28 23.63
C GLN ZA 87 -96.00 -10.07 24.16
N THR ZA 88 -97.13 -9.99 23.47
CA THR ZA 88 -98.34 -10.70 23.86
C THR ZA 88 -98.27 -12.12 23.34
N THR ZA 89 -98.36 -13.09 24.25
CA THR ZA 89 -98.28 -14.50 23.90
C THR ZA 89 -99.51 -15.23 24.42
N THR ZA 90 -99.72 -16.44 23.91
CA THR ZA 90 -100.83 -17.28 24.34
C THR ZA 90 -100.46 -18.24 25.46
N ASN ZA 91 -99.17 -18.47 25.68
CA ASN ZA 91 -98.73 -19.35 26.75
C ASN ZA 91 -99.16 -18.79 28.10
N ALA ZA 92 -99.60 -19.68 28.99
CA ALA ZA 92 -100.06 -19.27 30.31
C ALA ZA 92 -98.95 -19.24 31.35
N LEU ZA 93 -97.75 -19.70 31.01
CA LEU ZA 93 -96.67 -19.83 31.97
C LEU ZA 93 -95.48 -18.91 31.71
N ASP ZA 94 -95.54 -18.07 30.68
CA ASP ZA 94 -94.48 -17.09 30.44
C ASP ZA 94 -94.95 -15.73 30.96
N MET ZA 95 -94.15 -15.14 31.85
CA MET ZA 95 -94.56 -13.95 32.58
C MET ZA 95 -93.59 -12.81 32.30
N MET ZA 96 -94.04 -11.60 32.62
CA MET ZA 96 -93.25 -10.39 32.46
C MET ZA 96 -93.32 -9.58 33.75
N VAL ZA 97 -92.22 -8.92 34.07
CA VAL ZA 97 -92.16 -8.01 35.21
C VAL ZA 97 -92.35 -6.60 34.66
N GLU ZA 98 -93.50 -5.99 34.95
CA GLU ZA 98 -93.80 -4.64 34.51
C GLU ZA 98 -93.22 -3.67 35.54
N GLY ZA 99 -91.98 -3.25 35.32
CA GLY ZA 99 -91.28 -2.37 36.23
C GLY ZA 99 -90.05 -3.04 36.81
N ASP ZA 100 -89.57 -2.45 37.90
CA ASP ZA 100 -88.36 -2.94 38.54
C ASP ZA 100 -88.61 -4.26 39.25
N GLY ZA 101 -87.65 -5.17 39.14
CA GLY ZA 101 -87.74 -6.47 39.78
C GLY ZA 101 -87.07 -7.54 38.94
N PHE ZA 102 -86.78 -8.66 39.60
CA PHE ZA 102 -86.14 -9.81 38.96
C PHE ZA 102 -86.75 -11.10 39.49
N PHE ZA 103 -87.02 -12.03 38.58
CA PHE ZA 103 -87.38 -13.38 39.00
C PHE ZA 103 -86.16 -14.05 39.63
N GLN ZA 104 -86.42 -14.85 40.67
CA GLN ZA 104 -85.36 -15.54 41.39
C GLN ZA 104 -85.50 -17.04 41.19
N VAL ZA 105 -84.39 -17.70 40.87
CA VAL ZA 105 -84.35 -19.13 40.63
C VAL ZA 105 -83.24 -19.74 41.47
N THR ZA 106 -83.30 -21.06 41.64
CA THR ZA 106 -82.32 -21.80 42.43
C THR ZA 106 -81.26 -22.37 41.50
N LEU ZA 107 -80.03 -21.88 41.62
CA LEU ZA 107 -78.93 -22.41 40.83
C LEU ZA 107 -78.54 -23.79 41.36
N PRO ZA 108 -77.93 -24.63 40.50
CA PRO ZA 108 -77.58 -25.99 40.95
C PRO ZA 108 -76.65 -26.01 42.16
N ASP ZA 109 -75.76 -25.03 42.28
CA ASP ZA 109 -74.84 -25.01 43.41
C ASP ZA 109 -75.53 -24.64 44.72
N GLY ZA 110 -76.78 -24.19 44.66
CA GLY ZA 110 -77.56 -23.83 45.84
C GLY ZA 110 -77.83 -22.36 45.99
N ASN ZA 111 -77.12 -21.51 45.26
CA ASN ZA 111 -77.34 -20.07 45.34
C ASN ZA 111 -78.59 -19.69 44.55
N ILE ZA 112 -79.05 -18.46 44.77
CA ILE ZA 112 -80.24 -17.93 44.11
C ILE ZA 112 -79.77 -17.01 42.99
N GLY ZA 113 -80.23 -17.28 41.77
CA GLY ZA 113 -79.92 -16.46 40.63
C GLY ZA 113 -81.13 -15.66 40.20
N TYR ZA 114 -80.88 -14.44 39.71
CA TYR ZA 114 -81.93 -13.50 39.38
C TYR ZA 114 -81.97 -13.28 37.87
N THR ZA 115 -83.17 -13.34 37.31
CA THR ZA 115 -83.34 -13.28 35.86
C THR ZA 115 -84.50 -12.35 35.51
N ARG ZA 116 -84.40 -11.73 34.34
CA ARG ZA 116 -85.49 -10.97 33.77
C ARG ZA 116 -86.28 -11.76 32.73
N ASN ZA 117 -85.74 -12.87 32.25
CA ASN ZA 117 -86.46 -13.70 31.30
C ASN ZA 117 -87.61 -14.40 31.99
N GLY ZA 118 -88.80 -14.29 31.39
CA GLY ZA 118 -90.00 -14.90 31.94
C GLY ZA 118 -90.48 -16.16 31.24
N GLN ZA 119 -89.73 -16.70 30.30
CA GLN ZA 119 -90.12 -17.92 29.60
C GLN ZA 119 -89.96 -19.09 30.55
N PHE ZA 120 -91.04 -19.44 31.25
CA PHE ZA 120 -91.04 -20.52 32.22
C PHE ZA 120 -91.80 -21.73 31.69
N THR ZA 121 -91.72 -22.82 32.45
CA THR ZA 121 -92.40 -24.07 32.09
C THR ZA 121 -92.48 -24.92 33.35
N LEU ZA 122 -92.79 -26.20 33.17
CA LEU ZA 122 -92.90 -27.15 34.27
C LEU ZA 122 -92.02 -28.37 33.99
N ASN ZA 123 -91.65 -29.07 35.04
CA ASN ZA 123 -90.97 -30.35 34.91
C ASN ZA 123 -91.97 -31.47 35.17
N GLY ZA 124 -91.47 -32.70 35.28
CA GLY ZA 124 -92.35 -33.85 35.47
C GLY ZA 124 -93.12 -33.81 36.77
N GLU ZA 125 -92.63 -33.07 37.76
CA GLU ZA 125 -93.31 -32.93 39.04
C GLU ZA 125 -94.30 -31.78 39.06
N GLY ZA 126 -94.34 -30.96 38.00
CA GLY ZA 126 -95.20 -29.81 37.96
C GLY ZA 126 -94.62 -28.56 38.56
N THR ZA 127 -93.40 -28.61 39.09
CA THR ZA 127 -92.77 -27.42 39.65
C THR ZA 127 -92.44 -26.43 38.56
N LEU ZA 128 -92.73 -25.15 38.81
CA LEU ZA 128 -92.45 -24.09 37.84
C LEU ZA 128 -90.95 -23.90 37.70
N VAL ZA 129 -90.42 -24.16 36.51
CA VAL ZA 129 -89.01 -24.03 36.21
C VAL ZA 129 -88.85 -23.12 34.99
N THR ZA 130 -87.59 -22.89 34.61
CA THR ZA 130 -87.29 -22.11 33.42
C THR ZA 130 -87.34 -23.00 32.18
N SER ZA 131 -87.55 -22.36 31.03
CA SER ZA 131 -87.63 -23.08 29.76
C SER ZA 131 -86.27 -23.36 29.15
N GLY ZA 132 -85.18 -22.99 29.83
CA GLY ZA 132 -83.82 -23.23 29.39
C GLY ZA 132 -83.24 -24.40 30.13
N SER ZA 133 -82.42 -24.14 31.15
CA SER ZA 133 -81.76 -25.21 31.89
C SER ZA 133 -82.66 -25.86 32.93
N GLY ZA 134 -83.91 -25.42 33.06
CA GLY ZA 134 -84.83 -26.04 33.98
C GLY ZA 134 -84.56 -25.75 35.44
N TYR ZA 135 -84.07 -24.56 35.76
CA TYR ZA 135 -83.82 -24.21 37.15
C TYR ZA 135 -85.14 -23.97 37.88
N PRO ZA 136 -85.31 -24.52 39.08
CA PRO ZA 136 -86.55 -24.26 39.83
C PRO ZA 136 -86.70 -22.78 40.17
N VAL ZA 137 -87.95 -22.34 40.24
CA VAL ZA 137 -88.26 -20.95 40.56
C VAL ZA 137 -88.51 -20.83 42.05
N GLU ZA 138 -87.88 -19.84 42.68
CA GLU ZA 138 -88.03 -19.55 44.11
C GLU ZA 138 -89.16 -18.54 44.33
N PRO ZA 139 -90.14 -18.84 45.19
CA PRO ZA 139 -90.35 -20.11 45.91
C PRO ZA 139 -90.99 -21.16 44.99
N GLU ZA 140 -90.89 -22.44 45.33
CA GLU ZA 140 -91.41 -23.48 44.46
C GLU ZA 140 -92.91 -23.31 44.25
N ILE ZA 141 -93.34 -23.45 42.99
CA ILE ZA 141 -94.74 -23.37 42.61
C ILE ZA 141 -95.09 -24.71 41.98
N VAL ZA 142 -95.86 -25.52 42.68
CA VAL ZA 142 -96.25 -26.85 42.22
C VAL ZA 142 -97.66 -26.77 41.68
N ILE ZA 143 -97.83 -27.03 40.39
CA ILE ZA 143 -99.13 -27.04 39.74
C ILE ZA 143 -99.74 -28.42 39.94
N PRO ZA 144 -100.87 -28.53 40.62
CA PRO ZA 144 -101.47 -29.86 40.85
C PRO ZA 144 -101.96 -30.48 39.56
N GLU ZA 145 -101.98 -31.82 39.54
CA GLU ZA 145 -102.44 -32.56 38.38
C GLU ZA 145 -103.95 -32.43 38.14
N ASP ZA 146 -104.68 -31.88 39.10
CA ASP ZA 146 -106.13 -31.70 38.97
C ASP ZA 146 -106.50 -30.34 38.38
N ALA ZA 147 -105.51 -29.51 38.04
CA ALA ZA 147 -105.78 -28.18 37.54
C ALA ZA 147 -106.23 -28.22 36.08
N ILE ZA 148 -107.15 -27.33 35.72
CA ILE ZA 148 -107.59 -27.18 34.34
C ILE ZA 148 -107.07 -25.90 33.70
N SER ZA 149 -106.63 -24.91 34.49
CA SER ZA 149 -106.09 -23.67 33.95
C SER ZA 149 -105.19 -23.05 35.00
N ILE ZA 150 -104.34 -22.13 34.55
CA ILE ZA 150 -103.39 -21.44 35.42
C ILE ZA 150 -103.59 -19.94 35.23
N THR ZA 151 -103.68 -19.21 36.35
CA THR ZA 151 -103.75 -17.76 36.34
C THR ZA 151 -102.74 -17.22 37.34
N VAL ZA 152 -101.93 -16.25 36.89
CA VAL ZA 152 -100.94 -15.60 37.72
C VAL ZA 152 -101.39 -14.17 37.94
N GLY ZA 153 -101.65 -13.82 39.19
CA GLY ZA 153 -102.17 -12.51 39.51
C GLY ZA 153 -101.13 -11.41 39.38
N THR ZA 154 -101.62 -10.17 39.39
CA THR ZA 154 -100.72 -9.02 39.36
C THR ZA 154 -99.81 -9.00 40.59
N ASP ZA 155 -100.35 -9.39 41.74
CA ASP ZA 155 -99.59 -9.47 42.98
C ASP ZA 155 -98.74 -10.73 43.09
N GLY ZA 156 -98.66 -11.53 42.02
CA GLY ZA 156 -97.82 -12.71 42.00
C GLY ZA 156 -98.46 -13.97 42.53
N GLU ZA 157 -99.69 -13.90 43.02
CA GLU ZA 157 -100.36 -15.09 43.54
C GLU ZA 157 -100.71 -16.03 42.40
N VAL ZA 158 -100.16 -17.24 42.44
CA VAL ZA 158 -100.38 -18.24 41.41
C VAL ZA 158 -101.52 -19.12 41.84
N SER ZA 159 -102.61 -19.13 41.08
CA SER ZA 159 -103.80 -19.91 41.38
C SER ZA 159 -104.17 -20.76 40.18
N VAL ZA 160 -104.79 -21.89 40.46
CA VAL ZA 160 -105.29 -22.80 39.42
C VAL ZA 160 -106.74 -23.13 39.72
N ARG ZA 161 -107.47 -23.50 38.68
CA ARG ZA 161 -108.88 -23.86 38.79
C ARG ZA 161 -109.01 -25.38 38.70
N VAL ZA 162 -109.76 -25.96 39.64
CA VAL ZA 162 -109.99 -27.39 39.69
C VAL ZA 162 -111.42 -27.67 39.25
N ARG ZA 163 -111.60 -28.75 38.52
CA ARG ZA 163 -112.93 -29.12 38.05
C ARG ZA 163 -113.86 -29.40 39.23
N GLY ZA 164 -115.10 -28.92 39.11
CA GLY ZA 164 -116.06 -29.08 40.19
C GLY ZA 164 -115.69 -28.34 41.45
N GLN ZA 165 -115.10 -27.15 41.31
CA GLN ZA 165 -114.71 -26.35 42.46
C GLN ZA 165 -114.59 -24.90 42.02
N GLN ZA 166 -115.49 -24.05 42.53
CA GLN ZA 166 -115.38 -22.61 42.35
C GLN ZA 166 -114.30 -22.08 43.30
N ASP ZA 167 -114.01 -20.78 43.21
CA ASP ZA 167 -113.04 -20.12 44.07
C ASP ZA 167 -111.66 -20.78 43.95
N ASN ZA 168 -111.07 -20.57 42.76
CA ASN ZA 168 -109.81 -21.18 42.37
C ASN ZA 168 -108.80 -21.24 43.50
N GLN ZA 169 -108.15 -22.39 43.62
CA GLN ZA 169 -107.25 -22.68 44.74
C GLN ZA 169 -105.88 -22.08 44.48
N VAL ZA 170 -105.33 -21.41 45.50
CA VAL ZA 170 -103.99 -20.83 45.41
C VAL ZA 170 -102.95 -21.94 45.62
N VAL ZA 171 -101.99 -22.03 44.72
CA VAL ZA 171 -100.95 -23.06 44.79
C VAL ZA 171 -99.57 -22.47 45.00
N GLY ZA 172 -99.44 -21.16 45.14
CA GLY ZA 172 -98.13 -20.57 45.35
C GLY ZA 172 -98.22 -19.06 45.40
N GLN ZA 173 -97.08 -18.45 45.70
CA GLN ZA 173 -96.95 -17.00 45.77
C GLN ZA 173 -95.57 -16.61 45.29
N LEU ZA 174 -95.51 -15.91 44.15
CA LEU ZA 174 -94.25 -15.50 43.57
C LEU ZA 174 -93.69 -14.29 44.32
N THR ZA 175 -92.36 -14.26 44.46
CA THR ZA 175 -91.67 -13.11 45.03
C THR ZA 175 -90.55 -12.70 44.08
N ILE ZA 176 -90.41 -11.40 43.87
CA ILE ZA 176 -89.39 -10.86 42.99
C ILE ZA 176 -88.46 -9.96 43.80
N THR ZA 177 -87.21 -9.88 43.36
CA THR ZA 177 -86.18 -9.14 44.06
C THR ZA 177 -85.73 -7.95 43.22
N ASP ZA 178 -85.53 -6.81 43.88
CA ASP ZA 178 -85.04 -5.60 43.25
C ASP ZA 178 -83.64 -5.27 43.76
N PHE ZA 179 -82.92 -4.48 42.98
CA PHE ZA 179 -81.58 -4.06 43.35
C PHE ZA 179 -81.46 -2.55 43.21
N VAL ZA 180 -80.68 -1.94 44.11
CA VAL ZA 180 -80.45 -0.51 44.04
C VAL ZA 180 -79.71 -0.15 42.76
N ASN ZA 181 -78.72 -0.96 42.39
CA ASN ZA 181 -77.95 -0.77 41.16
C ASN ZA 181 -77.97 -2.08 40.38
N PRO ZA 182 -79.01 -2.29 39.58
CA PRO ZA 182 -79.06 -3.52 38.76
C PRO ZA 182 -77.94 -3.63 37.75
N GLY ZA 183 -77.32 -2.50 37.37
CA GLY ZA 183 -76.22 -2.55 36.42
C GLY ZA 183 -74.95 -3.19 36.98
N GLY ZA 184 -74.84 -3.29 38.29
CA GLY ZA 184 -73.70 -3.93 38.93
C GLY ZA 184 -73.79 -5.43 39.05
N LEU ZA 185 -74.86 -6.03 38.57
CA LEU ZA 185 -75.00 -7.48 38.62
C LEU ZA 185 -73.97 -8.15 37.71
N GLU ZA 186 -73.56 -9.35 38.10
CA GLU ZA 186 -72.62 -10.14 37.30
C GLU ZA 186 -73.40 -11.05 36.37
N PRO ZA 187 -73.34 -10.84 35.05
CA PRO ZA 187 -74.01 -11.76 34.13
C PRO ZA 187 -73.26 -13.09 34.06
N ILE ZA 188 -73.91 -14.16 34.48
CA ILE ZA 188 -73.31 -15.48 34.48
C ILE ZA 188 -73.81 -16.34 33.32
N GLY ZA 189 -74.42 -15.72 32.32
CA GLY ZA 189 -74.96 -16.44 31.18
C GLY ZA 189 -76.32 -17.04 31.48
N GLN ZA 190 -76.92 -17.59 30.43
CA GLN ZA 190 -78.25 -18.21 30.51
C GLN ZA 190 -79.29 -17.23 31.03
N ASN ZA 191 -79.14 -15.95 30.69
CA ASN ZA 191 -80.08 -14.90 31.09
C ASN ZA 191 -80.21 -14.82 32.61
N LEU ZA 192 -79.10 -15.01 33.31
CA LEU ZA 192 -79.09 -14.99 34.77
C LEU ZA 192 -78.07 -13.98 35.27
N TYR ZA 193 -78.34 -13.41 36.44
CA TYR ZA 193 -77.45 -12.45 37.08
C TYR ZA 193 -77.18 -12.87 38.51
N LEU ZA 194 -76.00 -12.52 39.01
CA LEU ZA 194 -75.66 -12.75 40.41
C LEU ZA 194 -75.35 -11.44 41.10
N PRO ZA 195 -75.79 -11.26 42.35
CA PRO ZA 195 -75.50 -10.02 43.06
C PRO ZA 195 -74.01 -9.88 43.34
N THR ZA 196 -73.54 -8.63 43.31
CA THR ZA 196 -72.14 -8.30 43.56
C THR ZA 196 -72.06 -7.24 44.65
N GLY ZA 197 -70.85 -6.79 44.93
CA GLY ZA 197 -70.67 -5.75 45.93
C GLY ZA 197 -71.28 -4.42 45.51
N ALA ZA 198 -71.09 -4.04 44.25
CA ALA ZA 198 -71.65 -2.79 43.75
C ALA ZA 198 -73.11 -2.91 43.36
N SER ZA 199 -73.67 -4.13 43.35
CA SER ZA 199 -75.07 -4.29 43.01
C SER ZA 199 -75.98 -3.87 44.14
N GLY ZA 200 -75.58 -4.12 45.38
CA GLY ZA 200 -76.38 -3.86 46.55
C GLY ZA 200 -77.04 -5.13 47.08
N ASP ZA 201 -77.63 -4.98 48.26
CA ASP ZA 201 -78.28 -6.12 48.88
C ASP ZA 201 -79.56 -6.48 48.14
N PRO ZA 202 -79.87 -7.76 47.98
CA PRO ZA 202 -81.14 -8.14 47.36
C PRO ZA 202 -82.31 -7.89 48.31
N GLN ZA 203 -83.24 -7.06 47.87
CA GLN ZA 203 -84.43 -6.73 48.65
C GLN ZA 203 -85.62 -7.42 48.02
N GLU ZA 204 -86.31 -8.25 48.80
CA GLU ZA 204 -87.37 -9.12 48.32
C GLU ZA 204 -88.73 -8.64 48.84
N GLY ZA 205 -89.77 -8.96 48.10
CA GLY ZA 205 -91.11 -8.59 48.49
C GLY ZA 205 -92.11 -9.07 47.47
N VAL ZA 206 -93.38 -8.77 47.75
CA VAL ZA 206 -94.46 -9.18 46.84
C VAL ZA 206 -94.42 -8.32 45.58
N PRO ZA 207 -94.68 -8.87 44.41
CA PRO ZA 207 -94.55 -8.11 43.17
C PRO ZA 207 -95.67 -7.12 42.93
N GLY ZA 208 -95.53 -5.91 43.49
CA GLY ZA 208 -96.56 -4.90 43.35
C GLY ZA 208 -96.63 -3.99 44.56
N LEU ZA 209 -95.86 -4.31 45.59
CA LEU ZA 209 -95.75 -3.48 46.79
C LEU ZA 209 -94.30 -3.09 47.00
N ASP ZA 210 -94.10 -1.98 47.71
CA ASP ZA 210 -92.77 -1.47 48.02
C ASP ZA 210 -91.97 -1.16 46.74
N GLY ZA 211 -92.67 -0.63 45.73
CA GLY ZA 211 -92.04 -0.22 44.50
C GLY ZA 211 -91.72 -1.33 43.52
N LEU ZA 212 -92.05 -2.57 43.85
CA LEU ZA 212 -91.76 -3.67 42.95
C LEU ZA 212 -92.71 -3.70 41.77
N GLY ZA 213 -92.24 -4.26 40.66
CA GLY ZA 213 -93.05 -4.35 39.47
C GLY ZA 213 -94.11 -5.42 39.56
N GLU ZA 214 -95.07 -5.34 38.63
CA GLU ZA 214 -96.17 -6.29 38.58
C GLU ZA 214 -95.81 -7.47 37.67
N ILE ZA 215 -96.48 -8.59 37.92
CA ILE ZA 215 -96.28 -9.80 37.12
C ILE ZA 215 -97.37 -9.84 36.07
N ARG ZA 216 -96.96 -9.85 34.80
CA ARG ZA 216 -97.87 -9.87 33.65
C ARG ZA 216 -97.86 -11.26 33.06
N GLN ZA 217 -98.96 -11.99 33.23
CA GLN ZA 217 -99.06 -13.34 32.69
C GLN ZA 217 -99.27 -13.29 31.19
N SER ZA 218 -98.77 -14.33 30.50
CA SER ZA 218 -98.88 -14.45 29.05
C SER ZA 218 -98.30 -13.23 28.34
N MET ZA 219 -97.11 -12.81 28.77
CA MET ZA 219 -96.47 -11.65 28.20
C MET ZA 219 -94.96 -11.77 28.40
N LEU ZA 220 -94.21 -11.34 27.39
CA LEU ZA 220 -92.76 -11.46 27.40
C LEU ZA 220 -92.13 -10.09 27.21
N GLU ZA 221 -90.96 -9.90 27.81
CA GLU ZA 221 -90.23 -8.64 27.74
C GLU ZA 221 -89.14 -8.77 26.68
N ALA ZA 222 -89.27 -8.00 25.61
CA ALA ZA 222 -88.31 -8.05 24.53
C ALA ZA 222 -87.00 -7.38 24.93
N SER ZA 223 -85.93 -7.75 24.21
CA SER ZA 223 -84.65 -7.10 24.43
C SER ZA 223 -84.70 -5.64 24.00
N ASN ZA 224 -83.89 -4.82 24.68
CA ASN ZA 224 -83.90 -3.38 24.48
C ASN ZA 224 -82.80 -2.90 23.54
N VAL ZA 225 -82.28 -3.79 22.70
CA VAL ZA 225 -81.24 -3.41 21.75
C VAL ZA 225 -81.88 -2.64 20.60
N ASN ZA 226 -81.27 -1.51 20.25
CA ASN ZA 226 -81.68 -0.70 19.11
C ASN ZA 226 -80.72 -1.00 17.97
N VAL ZA 227 -81.19 -1.78 16.99
CA VAL ZA 227 -80.30 -2.21 15.91
C VAL ZA 227 -79.80 -1.02 15.12
N THR ZA 228 -80.61 0.03 15.01
CA THR ZA 228 -80.16 1.25 14.34
C THR ZA 228 -78.97 1.86 15.05
N GLU ZA 229 -79.01 1.94 16.38
CA GLU ZA 229 -77.89 2.50 17.13
C GLU ZA 229 -76.68 1.57 17.09
N GLU ZA 230 -76.91 0.26 17.14
CA GLU ZA 230 -75.79 -0.68 17.13
C GLU ZA 230 -75.02 -0.61 15.81
N LEU ZA 231 -75.73 -0.51 14.69
CA LEU ZA 231 -75.07 -0.48 13.40
C LEU ZA 231 -74.32 0.82 13.18
N VAL ZA 232 -74.90 1.95 13.62
CA VAL ZA 232 -74.21 3.24 13.49
C VAL ZA 232 -72.96 3.26 14.35
N ASN ZA 233 -73.06 2.76 15.59
CA ASN ZA 233 -71.89 2.69 16.46
C ASN ZA 233 -70.84 1.74 15.89
N MET ZA 234 -71.29 0.70 15.18
CA MET ZA 234 -70.35 -0.21 14.54
C MET ZA 234 -69.51 0.50 13.48
N ILE ZA 235 -70.14 1.40 12.72
CA ILE ZA 235 -69.41 2.13 11.69
C ILE ZA 235 -68.40 3.09 12.31
N GLU ZA 236 -68.81 3.82 13.35
CA GLU ZA 236 -67.91 4.78 13.98
C GLU ZA 236 -66.71 4.09 14.62
N ALA ZA 237 -66.96 2.96 15.29
CA ALA ZA 237 -65.86 2.22 15.92
C ALA ZA 237 -64.91 1.66 14.87
N GLN ZA 238 -65.43 1.31 13.70
CA GLN ZA 238 -64.57 0.83 12.63
C GLN ZA 238 -63.65 1.93 12.12
N ARG ZA 239 -64.18 3.16 12.00
CA ARG ZA 239 -63.35 4.28 11.54
C ARG ZA 239 -62.24 4.58 12.52
N VAL ZA 240 -62.55 4.61 13.82
CA VAL ZA 240 -61.52 4.87 14.82
C VAL ZA 240 -60.50 3.74 14.85
N TYR ZA 241 -60.94 2.52 14.56
CA TYR ZA 241 -60.03 1.39 14.47
C TYR ZA 241 -59.04 1.55 13.32
N GLU ZA 242 -59.52 2.02 12.17
CA GLU ZA 242 -58.67 2.11 10.99
C GLU ZA 242 -57.68 3.27 11.10
N MET ZA 243 -58.08 4.36 11.77
CA MET ZA 243 -57.18 5.50 11.87
C MET ZA 243 -56.08 5.25 12.89
N ASN ZA 244 -56.30 4.31 13.82
CA ASN ZA 244 -55.24 3.92 14.74
C ASN ZA 244 -54.22 3.03 14.05
N SER ZA 245 -54.66 2.23 13.07
CA SER ZA 245 -53.72 1.40 12.31
C SER ZA 245 -52.88 2.26 11.36
N LYS ZA 246 -53.39 3.42 10.96
CA LYS ZA 246 -52.59 4.33 10.13
C LYS ZA 246 -51.38 4.84 10.91
N VAL ZA 247 -51.56 5.12 12.21
CA VAL ZA 247 -50.43 5.54 13.03
C VAL ZA 247 -49.40 4.43 13.13
N ILE ZA 248 -49.85 3.19 13.34
CA ILE ZA 248 -48.93 2.06 13.39
C ILE ZA 248 -48.25 1.86 12.03
N SER ZA 249 -49.02 1.99 10.95
CA SER ZA 249 -48.44 1.89 9.62
C SER ZA 249 -47.42 3.00 9.38
N SER ZA 250 -47.73 4.22 9.81
CA SER ZA 250 -46.77 5.32 9.66
C SER ZA 250 -45.53 5.09 10.52
N VAL ZA 251 -45.71 4.60 11.75
CA VAL ZA 251 -44.57 4.35 12.62
C VAL ZA 251 -43.70 3.23 12.05
N ASP ZA 252 -44.33 2.18 11.52
CA ASP ZA 252 -43.56 1.09 10.92
C ASP ZA 252 -42.76 1.56 9.72
N LYS ZA 253 -43.37 2.42 8.88
CA LYS ZA 253 -42.65 2.94 7.73
C LYS ZA 253 -41.50 3.86 8.15
N MET ZA 254 -41.70 4.62 9.23
CA MET ZA 254 -40.62 5.47 9.74
C MET ZA 254 -39.43 4.64 10.19
N MET ZA 255 -39.69 3.56 10.93
CA MET ZA 255 -38.59 2.72 11.41
C MET ZA 255 -37.87 2.03 10.27
N SER ZA 256 -38.61 1.62 9.23
CA SER ZA 256 -37.97 1.04 8.05
C SER ZA 256 -37.08 2.06 7.36
N PHE ZA 257 -37.54 3.31 7.26
CA PHE ZA 257 -36.74 4.35 6.62
C PHE ZA 257 -35.46 4.63 7.41
N VAL ZA 258 -35.56 4.67 8.74
CA VAL ZA 258 -34.40 4.98 9.58
C VAL ZA 258 -33.34 3.89 9.45
N ASN ZA 259 -33.76 2.62 9.46
CA ASN ZA 259 -32.81 1.52 9.38
C ASN ZA 259 -32.02 1.56 8.07
N GLN ZA 260 -32.68 1.92 6.97
CA GLN ZA 260 -31.98 1.99 5.69
C GLN ZA 260 -31.09 3.23 5.60
N GLN ZA 261 -31.45 4.30 6.30
CA GLN ZA 261 -30.70 5.55 6.23
C GLN ZA 261 -29.64 5.63 7.34
N LEU ZA 262 -30.07 5.53 8.59
CA LEU ZA 262 -29.15 5.66 9.72
C LEU ZA 262 -28.36 4.37 9.93
N MET AB 1 -34.63 -22.31 7.88
CA MET AB 1 -33.70 -21.25 8.26
C MET AB 1 -34.14 -20.58 9.56
N HIS AB 2 -35.45 -20.40 9.71
CA HIS AB 2 -36.01 -19.69 10.83
C HIS AB 2 -37.12 -20.54 11.44
N PRO AB 3 -37.22 -20.62 12.78
CA PRO AB 3 -38.31 -21.39 13.38
C PRO AB 3 -39.69 -20.91 13.00
N ALA AB 4 -39.85 -19.59 12.79
CA ALA AB 4 -41.16 -19.07 12.40
C ALA AB 4 -41.54 -19.50 10.99
N LEU AB 5 -40.55 -19.71 10.12
CA LEU AB 5 -40.82 -20.12 8.75
C LEU AB 5 -41.49 -21.49 8.71
N TRP AB 6 -41.00 -22.43 9.53
CA TRP AB 6 -41.57 -23.77 9.53
C TRP AB 6 -42.89 -23.82 10.27
N VAL AB 7 -43.02 -23.07 11.36
CA VAL AB 7 -44.26 -23.04 12.12
C VAL AB 7 -45.40 -22.51 11.27
N SER AB 8 -45.16 -21.40 10.56
CA SER AB 8 -46.19 -20.83 9.72
C SER AB 8 -46.46 -21.68 8.49
N LYS AB 9 -45.48 -22.45 8.03
CA LYS AB 9 -45.72 -23.40 6.95
C LYS AB 9 -46.75 -24.46 7.36
N THR AB 10 -46.63 -24.97 8.58
CA THR AB 10 -47.63 -25.90 9.09
C THR AB 10 -48.97 -25.21 9.25
N GLY AB 11 -48.97 -23.93 9.63
CA GLY AB 11 -50.22 -23.18 9.70
C GLY AB 11 -50.86 -23.01 8.34
N LEU AB 12 -50.05 -22.74 7.32
CA LEU AB 12 -50.57 -22.61 5.95
C LEU AB 12 -51.19 -23.91 5.47
N ASP AB 13 -50.50 -25.04 5.73
CA ASP AB 13 -51.01 -26.32 5.26
C ASP AB 13 -52.26 -26.72 6.02
N ALA AB 14 -52.35 -26.38 7.30
CA ALA AB 14 -53.54 -26.68 8.08
C ALA AB 14 -54.76 -25.94 7.53
N GLN AB 15 -54.59 -24.67 7.15
CA GLN AB 15 -55.70 -23.90 6.59
C GLN AB 15 -56.02 -24.32 5.16
N GLN AB 16 -55.00 -24.72 4.40
CA GLN AB 16 -55.26 -25.24 3.05
C GLN AB 16 -56.06 -26.52 3.11
N THR AB 17 -55.76 -27.39 4.08
CA THR AB 17 -56.57 -28.58 4.30
C THR AB 17 -57.99 -28.21 4.72
N ASN AB 18 -58.12 -27.21 5.59
CA ASN AB 18 -59.44 -26.80 6.06
C ASN AB 18 -60.29 -26.24 4.92
N ILE AB 19 -59.69 -25.39 4.08
CA ILE AB 19 -60.44 -24.82 2.96
C ILE AB 19 -60.79 -25.88 1.93
N ALA AB 20 -59.88 -26.85 1.73
CA ALA AB 20 -60.17 -27.94 0.81
C ALA AB 20 -61.36 -28.77 1.28
N THR AB 21 -61.43 -29.03 2.59
CA THR AB 21 -62.59 -29.72 3.14
C THR AB 21 -63.86 -28.90 2.98
N ILE AB 22 -63.77 -27.59 3.24
CA ILE AB 22 -64.93 -26.71 3.08
C ILE AB 22 -65.37 -26.67 1.62
N SER AB 23 -64.41 -26.57 0.70
CA SER AB 23 -64.76 -26.53 -0.72
C SER AB 23 -65.42 -27.83 -1.16
N ASN AB 24 -65.06 -28.95 -0.52
CA ASN AB 24 -65.69 -30.22 -0.84
C ASN AB 24 -67.16 -30.23 -0.44
N ASN AB 25 -67.48 -29.63 0.70
CA ASN AB 25 -68.87 -29.56 1.14
C ASN AB 25 -69.70 -28.71 0.19
N LEU AB 26 -69.15 -27.57 -0.25
CA LEU AB 26 -69.88 -26.72 -1.19
C LEU AB 26 -70.09 -27.42 -2.53
N ALA AB 27 -69.08 -28.17 -2.99
CA ALA AB 27 -69.22 -28.89 -4.25
C ALA AB 27 -70.34 -29.92 -4.18
N ASN AB 28 -70.42 -30.65 -3.07
CA ASN AB 28 -71.50 -31.62 -2.84
C ASN AB 28 -72.66 -30.98 -2.06
N ALA AB 29 -73.15 -29.84 -2.54
CA ALA AB 29 -74.26 -29.17 -1.89
C ALA AB 29 -75.61 -29.73 -2.29
N SER AB 30 -75.68 -30.52 -3.36
CA SER AB 30 -76.92 -31.13 -3.81
C SER AB 30 -76.83 -32.65 -3.87
N THR AB 31 -75.72 -33.23 -3.41
CA THR AB 31 -75.57 -34.68 -3.39
C THR AB 31 -76.53 -35.29 -2.39
N VAL AB 32 -77.22 -36.36 -2.80
CA VAL AB 32 -78.19 -37.03 -1.94
C VAL AB 32 -77.45 -37.95 -0.97
N GLY AB 33 -77.75 -37.82 0.31
CA GLY AB 33 -77.11 -38.64 1.33
C GLY AB 33 -75.64 -38.36 1.52
N TYR AB 34 -75.23 -37.09 1.45
CA TYR AB 34 -73.86 -36.68 1.68
C TYR AB 34 -73.75 -36.00 3.04
N LYS AB 35 -72.77 -36.42 3.82
CA LYS AB 35 -72.55 -35.89 5.16
C LYS AB 35 -71.38 -34.92 5.14
N LYS AB 36 -71.61 -33.70 5.62
CA LYS AB 36 -70.56 -32.69 5.62
C LYS AB 36 -69.41 -33.10 6.54
N SER AB 37 -68.23 -32.58 6.24
CA SER AB 37 -67.02 -32.89 6.98
C SER AB 37 -66.49 -31.63 7.64
N ARG AB 38 -65.91 -31.81 8.82
CA ARG AB 38 -65.30 -30.70 9.56
C ARG AB 38 -63.87 -31.07 9.92
N ALA AB 39 -62.95 -30.12 9.72
CA ALA AB 39 -61.55 -30.34 10.04
C ALA AB 39 -61.29 -30.08 11.52
N VAL AB 40 -60.52 -30.97 12.14
CA VAL AB 40 -60.19 -30.87 13.56
C VAL AB 40 -58.72 -30.45 13.67
N PHE AB 41 -58.49 -29.32 14.31
CA PHE AB 41 -57.15 -28.78 14.49
C PHE AB 41 -56.57 -29.24 15.82
N GLU AB 42 -55.24 -29.35 15.87
CA GLU AB 42 -54.53 -29.56 17.12
C GLU AB 42 -53.08 -29.15 16.94
N ASP AB 43 -52.50 -28.57 17.98
CA ASP AB 43 -51.13 -28.10 17.93
C ASP AB 43 -50.16 -29.27 17.97
N LEU AB 44 -48.97 -29.04 17.43
CA LEU AB 44 -47.91 -30.05 17.41
C LEU AB 44 -47.12 -29.98 18.71
N PHE AB 45 -46.02 -30.74 18.77
CA PHE AB 45 -45.23 -30.82 19.99
C PHE AB 45 -44.56 -29.50 20.31
N TYR AB 46 -44.15 -29.35 21.56
CA TYR AB 46 -43.49 -28.15 22.06
C TYR AB 46 -42.04 -28.47 22.40
N GLN AB 47 -41.13 -27.66 21.89
CA GLN AB 47 -39.73 -27.78 22.27
C GLN AB 47 -39.55 -27.36 23.72
N ASN AB 48 -38.77 -28.13 24.47
CA ASN AB 48 -38.61 -27.92 25.92
C ASN AB 48 -37.28 -27.22 26.16
N ILE AB 49 -37.29 -25.89 26.06
CA ILE AB 49 -36.10 -25.11 26.34
C ILE AB 49 -35.88 -25.00 27.86
N ASN AB 50 -36.88 -24.50 28.58
CA ASN AB 50 -36.87 -24.46 30.03
C ASN AB 50 -38.05 -25.27 30.55
N GLN AB 51 -37.76 -26.18 31.46
CA GLN AB 51 -38.79 -27.07 31.98
C GLN AB 51 -39.74 -26.30 32.90
N PRO AB 52 -41.04 -26.29 32.62
CA PRO AB 52 -42.00 -25.69 33.57
C PRO AB 52 -42.11 -26.58 34.81
N GLY AB 53 -41.94 -25.96 35.97
CA GLY AB 53 -41.88 -26.70 37.21
C GLY AB 53 -40.49 -27.15 37.60
N GLY AB 54 -39.50 -26.95 36.74
CA GLY AB 54 -38.14 -27.28 37.09
C GLY AB 54 -37.60 -26.40 38.20
N GLN AB 55 -36.53 -26.86 38.82
CA GLN AB 55 -35.98 -26.18 39.99
C GLN AB 55 -35.09 -25.03 39.56
N SER AB 56 -35.52 -23.80 39.88
CA SER AB 56 -34.64 -22.65 39.81
C SER AB 56 -33.77 -22.52 41.04
N SER AB 57 -34.21 -23.08 42.16
CA SER AB 57 -33.47 -23.15 43.41
C SER AB 57 -34.27 -24.07 44.33
N GLN AB 58 -33.77 -24.26 45.54
CA GLN AB 58 -34.55 -24.99 46.53
C GLN AB 58 -35.66 -24.11 47.07
N ASN AB 59 -36.85 -24.69 47.24
CA ASN AB 59 -38.06 -24.00 47.65
C ASN AB 59 -38.51 -22.96 46.62
N THR AB 60 -38.10 -23.09 45.37
CA THR AB 60 -38.53 -22.18 44.31
C THR AB 60 -38.36 -22.89 42.97
N GLU AB 61 -39.47 -23.19 42.31
CA GLU AB 61 -39.47 -23.85 41.02
C GLU AB 61 -40.02 -22.90 39.96
N LEU AB 62 -39.52 -23.05 38.72
CA LEU AB 62 -39.92 -22.20 37.61
C LEU AB 62 -41.42 -22.29 37.39
N PRO AB 63 -42.15 -21.18 37.53
CA PRO AB 63 -43.60 -21.23 37.39
C PRO AB 63 -44.04 -21.54 35.97
N SER AB 64 -43.50 -20.80 35.00
CA SER AB 64 -43.73 -21.06 33.59
C SER AB 64 -42.39 -21.18 32.88
N GLY AB 65 -42.29 -22.18 32.00
CA GLY AB 65 -41.06 -22.42 31.30
C GLY AB 65 -41.11 -21.96 29.86
N LEU AB 66 -39.95 -21.88 29.21
CA LEU AB 66 -39.85 -21.48 27.81
C LEU AB 66 -40.08 -22.72 26.95
N MET AB 67 -41.29 -22.84 26.41
CA MET AB 67 -41.66 -23.95 25.55
C MET AB 67 -42.21 -23.40 24.25
N LEU AB 68 -41.50 -23.66 23.15
CA LEU AB 68 -41.87 -23.15 21.84
C LEU AB 68 -42.66 -24.20 21.08
N GLY AB 69 -43.80 -23.81 20.53
CA GLY AB 69 -44.61 -24.71 19.73
C GLY AB 69 -44.02 -24.94 18.34
N ALA AB 70 -44.48 -26.01 17.70
CA ALA AB 70 -44.01 -26.40 16.39
C ALA AB 70 -45.04 -26.16 15.29
N GLY AB 71 -46.13 -25.45 15.60
CA GLY AB 71 -47.14 -25.12 14.62
C GLY AB 71 -48.47 -25.78 14.93
N SER AB 72 -49.21 -26.12 13.88
CA SER AB 72 -50.49 -26.77 14.00
C SER AB 72 -50.75 -27.60 12.76
N LYS AB 73 -51.72 -28.51 12.87
CA LYS AB 73 -52.12 -29.33 11.74
C LYS AB 73 -53.57 -29.75 11.93
N VAL AB 74 -54.21 -30.12 10.82
CA VAL AB 74 -55.52 -30.74 10.85
C VAL AB 74 -55.30 -32.23 11.09
N VAL AB 75 -55.72 -32.71 12.25
CA VAL AB 75 -55.45 -34.10 12.63
C VAL AB 75 -56.52 -35.06 12.15
N ALA AB 76 -57.74 -34.59 11.94
CA ALA AB 76 -58.81 -35.47 11.47
C ALA AB 76 -59.83 -34.65 10.71
N THR AB 77 -60.57 -35.34 9.84
CA THR AB 77 -61.67 -34.74 9.06
C THR AB 77 -62.93 -35.53 9.44
N GLN AB 78 -63.66 -35.01 10.41
CA GLN AB 78 -64.79 -35.72 10.99
C GLN AB 78 -66.06 -35.48 10.19
N LYS AB 79 -66.74 -36.57 9.81
CA LYS AB 79 -68.02 -36.48 9.12
C LYS AB 79 -69.13 -36.19 10.13
N VAL AB 80 -69.91 -35.14 9.86
CA VAL AB 80 -71.05 -34.79 10.70
C VAL AB 80 -72.22 -35.64 10.24
N HIS AB 81 -72.37 -36.82 10.83
CA HIS AB 81 -73.40 -37.77 10.41
C HIS AB 81 -74.76 -37.46 11.04
N THR AB 82 -75.22 -36.24 10.86
CA THR AB 82 -76.57 -35.86 11.28
C THR AB 82 -77.54 -36.05 10.13
N HIS AB 83 -78.81 -36.28 10.47
CA HIS AB 83 -79.82 -36.55 9.47
C HIS AB 83 -80.10 -35.31 8.64
N GLY AB 84 -80.33 -35.53 7.33
CA GLY AB 84 -80.69 -34.45 6.44
C GLY AB 84 -82.19 -34.39 6.18
N ASN AB 85 -82.58 -33.37 5.44
CA ASN AB 85 -83.99 -33.18 5.12
C ASN AB 85 -84.46 -34.19 4.08
N ALA AB 86 -85.76 -34.46 4.08
CA ALA AB 86 -86.38 -35.45 3.21
C ALA AB 86 -87.02 -34.76 2.03
N GLN AB 87 -86.71 -35.24 0.83
CA GLN AB 87 -87.29 -34.72 -0.40
C GLN AB 87 -88.32 -35.72 -0.93
N THR AB 88 -89.49 -35.22 -1.27
CA THR AB 88 -90.56 -36.06 -1.81
C THR AB 88 -90.45 -36.09 -3.33
N THR AB 89 -90.35 -37.30 -3.90
CA THR AB 89 -90.23 -37.49 -5.32
C THR AB 89 -91.31 -38.45 -5.81
N THR AB 90 -91.63 -38.35 -7.10
CA THR AB 90 -92.61 -39.24 -7.72
C THR AB 90 -92.03 -40.59 -8.10
N ASN AB 91 -90.70 -40.73 -8.08
CA ASN AB 91 -90.08 -42.01 -8.38
C ASN AB 91 -90.41 -43.02 -7.28
N ALA AB 92 -90.70 -44.25 -7.69
CA ALA AB 92 -91.01 -45.31 -6.75
C ALA AB 92 -89.81 -46.18 -6.39
N LEU AB 93 -88.66 -45.97 -7.05
CA LEU AB 93 -87.48 -46.80 -6.84
C LEU AB 93 -86.41 -46.09 -6.02
N ASP AB 94 -86.70 -44.93 -5.46
CA ASP AB 94 -85.76 -44.24 -4.58
C ASP AB 94 -86.33 -44.20 -3.17
N MET AB 95 -85.54 -44.64 -2.21
CA MET AB 95 -85.98 -44.75 -0.83
C MET AB 95 -85.04 -43.97 0.09
N MET AB 96 -85.46 -43.85 1.35
CA MET AB 96 -84.73 -43.10 2.35
C MET AB 96 -84.78 -43.86 3.67
N VAL AB 97 -83.75 -43.68 4.49
CA VAL AB 97 -83.70 -44.24 5.83
C VAL AB 97 -84.07 -43.12 6.80
N GLU AB 98 -85.20 -43.30 7.50
CA GLU AB 98 -85.66 -42.33 8.50
C GLU AB 98 -85.09 -42.77 9.84
N GLY AB 99 -83.88 -42.31 10.15
CA GLY AB 99 -83.17 -42.73 11.33
C GLY AB 99 -81.82 -43.34 10.99
N ASP AB 100 -81.28 -44.07 11.96
CA ASP AB 100 -79.97 -44.69 11.79
C ASP AB 100 -80.06 -45.87 10.84
N GLY AB 101 -79.04 -46.02 10.00
CA GLY AB 101 -78.97 -47.15 9.09
C GLY AB 101 -78.22 -46.79 7.82
N PHE AB 102 -77.90 -47.82 7.04
CA PHE AB 102 -77.23 -47.65 5.76
C PHE AB 102 -77.70 -48.74 4.81
N PHE AB 103 -77.94 -48.37 3.56
CA PHE AB 103 -78.24 -49.36 2.54
C PHE AB 103 -77.00 -50.17 2.22
N GLN AB 104 -77.21 -51.39 1.70
CA GLN AB 104 -76.12 -52.31 1.41
C GLN AB 104 -76.08 -52.58 -0.09
N VAL AB 105 -74.88 -52.46 -0.68
CA VAL AB 105 -74.67 -52.71 -2.09
C VAL AB 105 -73.47 -53.64 -2.26
N THR AB 106 -73.42 -54.30 -3.41
CA THR AB 106 -72.34 -55.23 -3.71
C THR AB 106 -71.35 -54.55 -4.65
N LEU AB 107 -70.11 -54.41 -4.18
CA LEU AB 107 -69.06 -53.80 -4.97
C LEU AB 107 -68.54 -54.78 -6.02
N PRO AB 108 -67.89 -54.28 -7.08
CA PRO AB 108 -67.35 -55.20 -8.10
C PRO AB 108 -66.36 -56.21 -7.55
N ASP AB 109 -65.58 -55.84 -6.52
CA ASP AB 109 -64.62 -56.76 -5.94
C ASP AB 109 -65.28 -57.82 -5.07
N GLY AB 110 -66.57 -57.67 -4.76
CA GLY AB 110 -67.31 -58.64 -3.97
C GLY AB 110 -67.67 -58.15 -2.58
N ASN AB 111 -67.05 -57.08 -2.09
CA ASN AB 111 -67.36 -56.58 -0.77
C ASN AB 111 -68.71 -55.85 -0.76
N ILE AB 112 -69.13 -55.45 0.44
CA ILE AB 112 -70.39 -54.74 0.64
C ILE AB 112 -70.07 -53.31 1.06
N GLY AB 113 -70.66 -52.34 0.35
CA GLY AB 113 -70.50 -50.93 0.67
C GLY AB 113 -71.79 -50.39 1.23
N TYR AB 114 -71.67 -49.41 2.13
CA TYR AB 114 -72.81 -48.84 2.82
C TYR AB 114 -73.08 -47.44 2.28
N THR AB 115 -74.32 -47.19 1.89
CA THR AB 115 -74.70 -45.95 1.22
C THR AB 115 -75.95 -45.36 1.85
N ARG AB 116 -75.92 -44.06 2.12
CA ARG AB 116 -77.13 -43.32 2.49
C ARG AB 116 -77.90 -42.83 1.28
N ASN AB 117 -77.30 -42.90 0.08
CA ASN AB 117 -77.98 -42.49 -1.14
C ASN AB 117 -78.94 -43.59 -1.58
N GLY AB 118 -80.23 -43.28 -1.62
CA GLY AB 118 -81.25 -44.25 -1.96
C GLY AB 118 -81.75 -44.20 -3.38
N GLN AB 119 -81.10 -43.46 -4.27
CA GLN AB 119 -81.54 -43.37 -5.66
C GLN AB 119 -81.20 -44.67 -6.37
N PHE AB 120 -82.16 -45.59 -6.43
CA PHE AB 120 -81.96 -46.89 -7.04
C PHE AB 120 -82.67 -46.94 -8.39
N THR AB 121 -82.43 -48.02 -9.12
CA THR AB 121 -83.07 -48.26 -10.39
C THR AB 121 -83.04 -49.77 -10.66
N LEU AB 122 -83.34 -50.15 -11.90
CA LEU AB 122 -83.31 -51.55 -12.32
C LEU AB 122 -82.34 -51.70 -13.49
N ASN AB 123 -81.74 -52.88 -13.60
CA ASN AB 123 -80.98 -53.23 -14.79
C ASN AB 123 -81.90 -54.04 -15.72
N GLY AB 124 -81.33 -54.60 -16.80
CA GLY AB 124 -82.15 -55.33 -17.76
C GLY AB 124 -82.80 -56.57 -17.17
N GLU AB 125 -82.17 -57.15 -16.15
CA GLU AB 125 -82.73 -58.31 -15.47
C GLU AB 125 -83.75 -57.92 -14.41
N GLY AB 126 -83.96 -56.63 -14.17
CA GLY AB 126 -84.90 -56.18 -13.18
C GLY AB 126 -84.39 -56.16 -11.76
N THR AB 127 -83.11 -56.44 -11.54
CA THR AB 127 -82.55 -56.38 -10.19
C THR AB 127 -82.46 -54.93 -9.73
N LEU AB 128 -82.80 -54.70 -8.47
CA LEU AB 128 -82.75 -53.36 -7.90
C LEU AB 128 -81.29 -52.94 -7.69
N VAL AB 129 -80.80 -52.05 -8.53
CA VAL AB 129 -79.42 -51.58 -8.46
C VAL AB 129 -79.41 -50.07 -8.26
N THR AB 130 -78.25 -49.56 -7.87
CA THR AB 130 -78.09 -48.12 -7.69
C THR AB 130 -78.17 -47.40 -9.04
N SER AB 131 -78.63 -46.15 -9.00
CA SER AB 131 -78.81 -45.36 -10.20
C SER AB 131 -77.51 -44.76 -10.72
N GLY AB 132 -76.38 -45.08 -10.10
CA GLY AB 132 -75.10 -44.58 -10.55
C GLY AB 132 -74.33 -45.60 -11.35
N SER AB 133 -73.34 -46.24 -10.72
CA SER AB 133 -72.55 -47.25 -11.40
C SER AB 133 -73.29 -48.55 -11.60
N GLY AB 134 -74.38 -48.78 -10.85
CA GLY AB 134 -75.18 -49.97 -11.03
C GLY AB 134 -74.83 -51.12 -10.11
N TYR AB 135 -74.43 -50.84 -8.88
CA TYR AB 135 -74.08 -51.92 -7.95
C TYR AB 135 -75.35 -52.52 -7.36
N PRO AB 136 -75.53 -53.84 -7.45
CA PRO AB 136 -76.75 -54.46 -6.92
C PRO AB 136 -76.86 -54.30 -5.41
N VAL AB 137 -78.09 -54.24 -4.94
CA VAL AB 137 -78.39 -54.07 -3.52
C VAL AB 137 -78.47 -55.44 -2.87
N GLU AB 138 -77.81 -55.58 -1.70
CA GLU AB 138 -77.84 -56.80 -0.91
C GLU AB 138 -78.94 -56.73 0.14
N PRO AB 139 -79.83 -57.73 0.21
CA PRO AB 139 -79.96 -58.90 -0.66
C PRO AB 139 -80.61 -58.53 -1.99
N GLU AB 140 -80.49 -59.38 -3.02
CA GLU AB 140 -81.02 -59.04 -4.33
C GLU AB 140 -82.54 -58.89 -4.28
N ILE AB 141 -83.05 -57.86 -4.93
CA ILE AB 141 -84.48 -57.59 -5.03
C ILE AB 141 -84.79 -57.50 -6.52
N VAL AB 142 -85.22 -58.60 -7.12
CA VAL AB 142 -85.52 -58.67 -8.55
C VAL AB 142 -87.02 -58.48 -8.74
N ILE AB 143 -87.38 -57.52 -9.58
CA ILE AB 143 -88.78 -57.20 -9.85
C ILE AB 143 -89.24 -58.07 -11.01
N PRO AB 144 -90.29 -58.88 -10.85
CA PRO AB 144 -90.79 -59.66 -11.99
C PRO AB 144 -91.38 -58.76 -13.06
N GLU AB 145 -91.35 -59.25 -14.29
CA GLU AB 145 -91.84 -58.48 -15.42
C GLU AB 145 -93.36 -58.34 -15.44
N ASP AB 146 -94.07 -59.08 -14.59
CA ASP AB 146 -95.52 -59.01 -14.50
C ASP AB 146 -96.00 -57.91 -13.57
N ALA AB 147 -95.08 -57.19 -12.92
CA ALA AB 147 -95.45 -56.18 -11.94
C ALA AB 147 -96.05 -54.95 -12.62
N ILE AB 148 -97.05 -54.36 -11.98
CA ILE AB 148 -97.64 -53.11 -12.45
C ILE AB 148 -97.45 -51.96 -11.47
N SER AB 149 -97.13 -52.25 -10.21
CA SER AB 149 -96.85 -51.20 -9.23
C SER AB 149 -95.99 -51.81 -8.13
N ILE AB 150 -94.94 -51.09 -7.74
CA ILE AB 150 -93.96 -51.55 -6.76
C ILE AB 150 -94.13 -50.75 -5.49
N THR AB 151 -94.30 -51.44 -4.36
CA THR AB 151 -94.42 -50.81 -3.05
C THR AB 151 -93.35 -51.38 -2.13
N VAL AB 152 -92.71 -50.50 -1.38
CA VAL AB 152 -91.70 -50.87 -0.39
C VAL AB 152 -92.22 -50.45 0.98
N GLY AB 153 -92.33 -51.42 1.89
CA GLY AB 153 -92.91 -51.17 3.19
C GLY AB 153 -91.98 -50.40 4.11
N THR AB 154 -92.55 -49.95 5.24
CA THR AB 154 -91.75 -49.29 6.26
C THR AB 154 -90.72 -50.25 6.84
N ASP AB 155 -91.10 -51.51 7.05
CA ASP AB 155 -90.19 -52.53 7.56
C ASP AB 155 -89.33 -53.15 6.47
N GLY AB 156 -89.22 -52.51 5.31
CA GLY AB 156 -88.34 -52.96 4.25
C GLY AB 156 -88.90 -54.07 3.39
N GLU AB 157 -90.15 -54.49 3.61
CA GLU AB 157 -90.74 -55.57 2.82
C GLU AB 157 -91.10 -55.05 1.44
N VAL AB 158 -90.41 -55.56 0.43
CA VAL AB 158 -90.63 -55.14 -0.96
C VAL AB 158 -91.64 -56.08 -1.58
N SER AB 159 -92.70 -55.52 -2.17
CA SER AB 159 -93.75 -56.30 -2.81
C SER AB 159 -94.24 -55.58 -4.05
N VAL AB 160 -94.80 -56.35 -4.98
CA VAL AB 160 -95.33 -55.82 -6.22
C VAL AB 160 -96.80 -56.23 -6.35
N ARG AB 161 -97.47 -55.63 -7.31
CA ARG AB 161 -98.88 -55.92 -7.59
C ARG AB 161 -99.01 -56.46 -9.00
N VAL AB 162 -99.86 -57.48 -9.16
CA VAL AB 162 -100.02 -58.20 -10.42
C VAL AB 162 -101.46 -58.07 -10.88
N ARG AB 163 -101.65 -57.94 -12.19
CA ARG AB 163 -102.99 -57.83 -12.75
C ARG AB 163 -103.78 -59.10 -12.50
N GLY AB 164 -105.04 -58.94 -12.12
CA GLY AB 164 -105.92 -60.08 -11.85
C GLY AB 164 -105.47 -60.95 -10.70
N GLN AB 165 -104.95 -60.34 -9.63
CA GLN AB 165 -104.51 -61.09 -8.47
C GLN AB 165 -104.50 -60.14 -7.28
N GLN AB 166 -105.44 -60.32 -6.35
CA GLN AB 166 -105.50 -59.50 -5.15
C GLN AB 166 -104.33 -59.80 -4.23
N ASP AB 167 -103.97 -58.80 -3.41
CA ASP AB 167 -102.91 -58.88 -2.41
C ASP AB 167 -101.55 -58.73 -3.06
N ASN AB 168 -100.74 -57.79 -2.57
CA ASN AB 168 -99.42 -57.57 -3.13
C ASN AB 168 -98.57 -58.82 -3.02
N GLN AB 169 -97.83 -59.11 -4.08
CA GLN AB 169 -96.99 -60.29 -4.16
C GLN AB 169 -95.60 -59.93 -3.66
N VAL AB 170 -95.15 -60.61 -2.59
CA VAL AB 170 -93.89 -60.26 -1.96
C VAL AB 170 -92.73 -60.76 -2.81
N VAL AB 171 -91.74 -59.90 -3.01
CA VAL AB 171 -90.60 -60.21 -3.87
C VAL AB 171 -89.27 -60.17 -3.14
N GLY AB 172 -89.19 -59.56 -1.96
CA GLY AB 172 -87.92 -59.48 -1.25
C GLY AB 172 -88.05 -58.65 0.01
N GLN AB 173 -86.95 -58.63 0.75
CA GLN AB 173 -86.89 -57.93 2.04
C GLN AB 173 -85.60 -57.14 2.11
N LEU AB 174 -85.72 -55.83 2.31
CA LEU AB 174 -84.56 -54.97 2.47
C LEU AB 174 -84.05 -55.03 3.90
N THR AB 175 -82.73 -54.98 4.05
CA THR AB 175 -82.07 -54.90 5.35
C THR AB 175 -81.04 -53.78 5.33
N ILE AB 176 -80.94 -53.05 6.43
CA ILE AB 176 -80.02 -51.93 6.53
C ILE AB 176 -79.10 -52.14 7.71
N THR AB 177 -77.90 -51.58 7.62
CA THR AB 177 -76.85 -51.76 8.61
C THR AB 177 -76.56 -50.45 9.33
N ASP AB 178 -76.28 -50.55 10.63
CA ASP AB 178 -75.93 -49.41 11.45
C ASP AB 178 -74.54 -49.60 12.04
N PHE AB 179 -73.95 -48.51 12.51
CA PHE AB 179 -72.63 -48.53 13.12
C PHE AB 179 -72.63 -47.70 14.40
N VAL AB 180 -71.85 -48.14 15.37
CA VAL AB 180 -71.71 -47.37 16.61
C VAL AB 180 -71.06 -46.02 16.33
N ASN AB 181 -70.06 -46.01 15.45
CA ASN AB 181 -69.35 -44.79 15.07
C ASN AB 181 -69.36 -44.67 13.55
N PRO AB 182 -70.44 -44.14 12.98
CA PRO AB 182 -70.47 -43.91 11.53
C PRO AB 182 -69.43 -42.90 11.06
N GLY AB 183 -68.92 -42.06 11.96
CA GLY AB 183 -67.86 -41.14 11.58
C GLY AB 183 -66.54 -41.80 11.30
N GLY AB 184 -66.37 -43.05 11.72
CA GLY AB 184 -65.19 -43.84 11.41
C GLY AB 184 -65.24 -44.57 10.09
N LEU AB 185 -66.35 -44.47 9.37
CA LEU AB 185 -66.47 -45.11 8.07
C LEU AB 185 -65.52 -44.46 7.07
N GLU AB 186 -65.08 -45.26 6.09
CA GLU AB 186 -64.15 -44.77 5.08
C GLU AB 186 -64.91 -44.32 3.85
N PRO AB 187 -64.84 -43.04 3.48
CA PRO AB 187 -65.45 -42.59 2.21
C PRO AB 187 -64.64 -43.10 1.03
N ILE AB 188 -65.29 -43.84 0.14
CA ILE AB 188 -64.64 -44.43 -1.02
C ILE AB 188 -65.19 -43.87 -2.32
N GLY AB 189 -65.99 -42.82 -2.27
CA GLY AB 189 -66.56 -42.23 -3.46
C GLY AB 189 -67.81 -42.95 -3.92
N GLN AB 190 -68.49 -42.33 -4.90
CA GLN AB 190 -69.73 -42.85 -5.46
C GLN AB 190 -70.81 -43.03 -4.38
N ASN AB 191 -70.80 -42.15 -3.39
CA ASN AB 191 -71.77 -42.19 -2.28
C ASN AB 191 -71.72 -43.52 -1.54
N LEU AB 192 -70.52 -44.07 -1.38
CA LEU AB 192 -70.34 -45.37 -0.74
C LEU AB 192 -69.38 -45.26 0.43
N TYR AB 193 -69.61 -46.07 1.45
CA TYR AB 193 -68.75 -46.14 2.62
C TYR AB 193 -68.26 -47.57 2.81
N LEU AB 194 -67.20 -47.72 3.61
CA LEU AB 194 -66.70 -49.03 3.99
C LEU AB 194 -66.48 -49.07 5.49
N PRO AB 195 -66.64 -50.24 6.12
CA PRO AB 195 -66.37 -50.35 7.55
C PRO AB 195 -64.88 -50.35 7.83
N THR AB 196 -64.50 -49.75 8.95
CA THR AB 196 -63.11 -49.64 9.37
C THR AB 196 -62.99 -50.13 10.81
N GLY AB 197 -61.76 -50.08 11.33
CA GLY AB 197 -61.53 -50.52 12.69
C GLY AB 197 -62.20 -49.62 13.72
N ALA AB 198 -62.17 -48.32 13.49
CA ALA AB 198 -62.80 -47.37 14.40
C ALA AB 198 -64.30 -47.22 14.16
N SER AB 199 -64.83 -47.76 13.06
CA SER AB 199 -66.25 -47.66 12.79
C SER AB 199 -67.05 -48.59 13.68
N GLY AB 200 -66.56 -49.79 13.91
CA GLY AB 200 -67.26 -50.80 14.67
C GLY AB 200 -67.81 -51.90 13.77
N ASP AB 201 -68.18 -53.00 14.42
CA ASP AB 201 -68.70 -54.15 13.69
C ASP AB 201 -70.03 -53.80 13.05
N PRO AB 202 -70.28 -54.23 11.81
CA PRO AB 202 -71.59 -53.96 11.18
C PRO AB 202 -72.68 -54.79 11.85
N GLN AB 203 -73.75 -54.11 12.23
CA GLN AB 203 -74.92 -54.76 12.83
C GLN AB 203 -76.10 -54.61 11.87
N GLU AB 204 -76.59 -55.73 11.36
CA GLU AB 204 -77.66 -55.77 10.38
C GLU AB 204 -78.95 -56.25 11.04
N GLY AB 205 -80.07 -55.77 10.51
CA GLY AB 205 -81.36 -56.14 11.05
C GLY AB 205 -82.48 -55.54 10.22
N VAL AB 206 -83.70 -55.84 10.65
CA VAL AB 206 -84.88 -55.37 9.93
C VAL AB 206 -84.99 -53.86 10.08
N PRO AB 207 -85.35 -53.13 9.02
CA PRO AB 207 -85.42 -51.67 9.11
C PRO AB 207 -86.63 -51.17 9.88
N GLY AB 208 -86.51 -51.05 11.19
CA GLY AB 208 -87.60 -50.59 12.02
C GLY AB 208 -87.61 -51.21 13.40
N LEU AB 209 -86.73 -52.18 13.63
CA LEU AB 209 -86.58 -52.83 14.91
C LEU AB 209 -85.13 -52.71 15.38
N ASP AB 210 -84.97 -52.82 16.70
CA ASP AB 210 -83.65 -52.77 17.34
C ASP AB 210 -82.94 -51.44 17.06
N GLY AB 211 -83.73 -50.37 16.98
CA GLY AB 211 -83.18 -49.03 16.81
C GLY AB 211 -82.85 -48.64 15.39
N LEU AB 212 -83.16 -49.47 14.40
CA LEU AB 212 -82.89 -49.12 13.01
C LEU AB 212 -83.95 -48.17 12.48
N GLY AB 213 -83.55 -47.41 11.44
CA GLY AB 213 -84.48 -46.50 10.81
C GLY AB 213 -85.49 -47.23 9.94
N GLU AB 214 -86.42 -46.45 9.40
CA GLU AB 214 -87.50 -46.98 8.58
C GLU AB 214 -87.35 -46.53 7.14
N ILE AB 215 -87.75 -47.40 6.22
CA ILE AB 215 -87.60 -47.15 4.78
C ILE AB 215 -88.76 -46.27 4.32
N ARG AB 216 -88.44 -45.13 3.74
CA ARG AB 216 -89.44 -44.20 3.20
C ARG AB 216 -89.38 -44.25 1.69
N GLN AB 217 -90.37 -44.89 1.08
CA GLN AB 217 -90.42 -44.99 -0.38
C GLN AB 217 -90.80 -43.64 -0.98
N SER AB 218 -90.31 -43.40 -2.20
CA SER AB 218 -90.56 -42.14 -2.92
C SER AB 218 -90.12 -40.93 -2.12
N MET AB 219 -88.97 -41.07 -1.45
CA MET AB 219 -88.43 -40.00 -0.62
C MET AB 219 -86.92 -40.11 -0.59
N LEU AB 220 -86.24 -38.97 -0.73
CA LEU AB 220 -84.79 -38.93 -0.78
C LEU AB 220 -84.26 -38.04 0.32
N GLU AB 221 -83.03 -38.33 0.74
CA GLU AB 221 -82.39 -37.63 1.85
C GLU AB 221 -81.37 -36.63 1.29
N ALA AB 222 -81.63 -35.34 1.49
CA ALA AB 222 -80.73 -34.31 1.01
C ALA AB 222 -79.46 -34.29 1.85
N SER AB 223 -78.45 -33.60 1.32
CA SER AB 223 -77.21 -33.42 2.06
C SER AB 223 -77.44 -32.47 3.24
N ASN AB 224 -76.72 -32.73 4.33
CA ASN AB 224 -76.83 -31.92 5.54
C ASN AB 224 -75.92 -30.70 5.51
N VAL AB 225 -75.36 -30.36 4.36
CA VAL AB 225 -74.46 -29.21 4.25
C VAL AB 225 -75.27 -27.93 4.39
N ASN AB 226 -74.76 -27.01 5.19
CA ASN AB 226 -75.33 -25.67 5.32
C ASN AB 226 -74.36 -24.70 4.66
N VAL AB 227 -74.76 -24.18 3.48
CA VAL AB 227 -73.87 -23.30 2.73
C VAL AB 227 -73.55 -22.04 3.53
N THR AB 228 -74.46 -21.64 4.42
CA THR AB 228 -74.20 -20.50 5.29
C THR AB 228 -73.00 -20.76 6.20
N GLU AB 229 -72.94 -21.96 6.79
CA GLU AB 229 -71.82 -22.28 7.66
C GLU AB 229 -70.53 -22.43 6.86
N GLU AB 230 -70.59 -23.11 5.71
CA GLU AB 230 -69.38 -23.38 4.94
C GLU AB 230 -68.76 -22.08 4.43
N LEU AB 231 -69.59 -21.16 3.93
CA LEU AB 231 -69.05 -19.90 3.40
C LEU AB 231 -68.47 -19.03 4.50
N VAL AB 232 -69.12 -18.99 5.67
CA VAL AB 232 -68.61 -18.19 6.78
C VAL AB 232 -67.28 -18.77 7.28
N ASN AB 233 -67.22 -20.09 7.41
CA ASN AB 233 -65.97 -20.73 7.85
C ASN AB 233 -64.87 -20.54 6.83
N MET AB 234 -65.21 -20.56 5.54
CA MET AB 234 -64.19 -20.41 4.50
C MET AB 234 -63.57 -19.02 4.53
N ILE AB 235 -64.37 -18.00 4.89
CA ILE AB 235 -63.83 -16.65 5.05
C ILE AB 235 -62.86 -16.61 6.23
N GLU AB 236 -63.24 -17.25 7.34
CA GLU AB 236 -62.37 -17.29 8.51
C GLU AB 236 -61.06 -18.01 8.21
N ALA AB 237 -61.15 -19.14 7.51
CA ALA AB 237 -59.93 -19.89 7.19
C ALA AB 237 -59.05 -19.11 6.23
N GLN AB 238 -59.66 -18.31 5.34
CA GLN AB 238 -58.87 -17.48 4.44
C GLN AB 238 -58.08 -16.43 5.21
N ARG AB 239 -58.70 -15.82 6.23
CA ARG AB 239 -57.99 -14.83 7.03
C ARG AB 239 -56.83 -15.46 7.78
N VAL AB 240 -57.04 -16.64 8.37
CA VAL AB 240 -55.96 -17.33 9.08
C VAL AB 240 -54.85 -17.71 8.11
N TYR AB 241 -55.21 -18.05 6.87
CA TYR AB 241 -54.21 -18.36 5.86
C TYR AB 241 -53.32 -17.15 5.60
N GLU AB 242 -53.91 -15.95 5.54
CA GLU AB 242 -53.12 -14.75 5.28
C GLU AB 242 -52.34 -14.34 6.52
N MET AB 243 -52.76 -14.78 7.71
CA MET AB 243 -52.01 -14.50 8.92
C MET AB 243 -50.63 -15.14 8.88
N ASN AB 244 -50.56 -16.39 8.42
CA ASN AB 244 -49.29 -17.12 8.41
C ASN AB 244 -48.42 -16.68 7.23
N SER AB 245 -49.01 -16.06 6.22
CA SER AB 245 -48.20 -15.52 5.13
C SER AB 245 -47.50 -14.24 5.54
N LYS AB 246 -48.12 -13.47 6.44
CA LYS AB 246 -47.46 -12.28 6.98
C LYS AB 246 -46.22 -12.67 7.78
N VAL AB 247 -46.29 -13.77 8.54
CA VAL AB 247 -45.13 -14.22 9.29
C VAL AB 247 -44.02 -14.66 8.34
N ILE AB 248 -44.37 -15.41 7.30
CA ILE AB 248 -43.37 -15.86 6.33
C ILE AB 248 -42.80 -14.66 5.57
N SER AB 249 -43.66 -13.72 5.19
CA SER AB 249 -43.18 -12.53 4.49
C SER AB 249 -42.24 -11.72 5.37
N SER AB 250 -42.58 -11.55 6.65
CA SER AB 250 -41.70 -10.83 7.57
C SER AB 250 -40.40 -11.58 7.79
N VAL AB 251 -40.46 -12.90 7.93
CA VAL AB 251 -39.25 -13.69 8.12
C VAL AB 251 -38.34 -13.58 6.89
N ASP AB 252 -38.92 -13.61 5.70
CA ASP AB 252 -38.13 -13.47 4.48
C ASP AB 252 -37.46 -12.09 4.43
N LYS AB 253 -38.16 -11.05 4.84
CA LYS AB 253 -37.57 -9.71 4.83
C LYS AB 253 -36.45 -9.59 5.86
N MET AB 254 -36.59 -10.25 7.01
CA MET AB 254 -35.52 -10.23 8.00
C MET AB 254 -34.27 -10.92 7.47
N MET AB 255 -34.43 -12.07 6.81
CA MET AB 255 -33.28 -12.77 6.26
C MET AB 255 -32.64 -11.96 5.13
N SER AB 256 -33.46 -11.26 4.33
CA SER AB 256 -32.92 -10.37 3.31
C SER AB 256 -32.14 -9.22 3.94
N PHE AB 257 -32.65 -8.66 5.04
CA PHE AB 257 -31.94 -7.59 5.74
C PHE AB 257 -30.62 -8.08 6.30
N VAL AB 258 -30.60 -9.29 6.86
CA VAL AB 258 -29.38 -9.83 7.43
C VAL AB 258 -28.36 -10.13 6.33
N ASN AB 259 -28.83 -10.62 5.18
CA ASN AB 259 -27.92 -10.92 4.07
C ASN AB 259 -27.21 -9.68 3.57
N GLN AB 260 -27.80 -8.50 3.75
CA GLN AB 260 -27.18 -7.26 3.32
C GLN AB 260 -26.34 -6.60 4.41
N GLN AB 261 -26.74 -6.73 5.67
CA GLN AB 261 -26.05 -6.08 6.78
C GLN AB 261 -24.95 -6.96 7.36
N LEU AB 262 -25.31 -8.12 7.88
CA LEU AB 262 -24.36 -9.02 8.50
C LEU AB 262 -23.46 -9.69 7.45
N MET BB 1 -27.73 -19.94 -18.30
CA MET BB 1 -26.92 -19.67 -17.13
C MET BB 1 -27.27 -20.59 -15.96
N HIS BB 2 -28.54 -20.61 -15.60
CA HIS BB 2 -29.00 -21.42 -14.48
C HIS BB 2 -30.08 -22.39 -14.96
N PRO BB 3 -30.05 -23.64 -14.47
CA PRO BB 3 -31.06 -24.61 -14.92
C PRO BB 3 -32.49 -24.18 -14.65
N ALA BB 4 -32.74 -23.50 -13.53
CA ALA BB 4 -34.09 -23.06 -13.22
C ALA BB 4 -34.60 -22.02 -14.22
N LEU BB 5 -33.69 -21.32 -14.89
CA LEU BB 5 -34.09 -20.35 -15.90
C LEU BB 5 -34.67 -21.04 -17.13
N TRP BB 6 -34.00 -22.10 -17.60
CA TRP BB 6 -34.48 -22.80 -18.79
C TRP BB 6 -35.72 -23.63 -18.48
N VAL BB 7 -35.78 -24.23 -17.29
CA VAL BB 7 -36.96 -25.00 -16.91
C VAL BB 7 -38.19 -24.10 -16.81
N SER BB 8 -38.03 -22.93 -16.21
CA SER BB 8 -39.16 -22.02 -16.06
C SER BB 8 -39.54 -21.37 -17.39
N LYS BB 9 -38.59 -21.25 -18.32
CA LYS BB 9 -38.92 -20.71 -19.65
C LYS BB 9 -39.91 -21.61 -20.36
N THR BB 10 -39.69 -22.93 -20.27
CA THR BB 10 -40.64 -23.87 -20.88
C THR BB 10 -42.00 -23.78 -20.21
N GLY BB 11 -42.04 -23.46 -18.92
CA GLY BB 11 -43.31 -23.26 -18.26
C GLY BB 11 -44.06 -22.04 -18.78
N LEU BB 12 -43.33 -20.96 -19.04
CA LEU BB 12 -43.97 -19.77 -19.61
C LEU BB 12 -44.41 -20.01 -21.05
N ASP BB 13 -43.57 -20.68 -21.84
CA ASP BB 13 -43.92 -20.98 -23.23
C ASP BB 13 -45.15 -21.90 -23.30
N ALA BB 14 -45.20 -22.91 -22.42
CA ALA BB 14 -46.32 -23.84 -22.43
C ALA BB 14 -47.63 -23.13 -22.08
N GLN BB 15 -47.59 -22.26 -21.07
CA GLN BB 15 -48.82 -21.59 -20.64
C GLN BB 15 -49.28 -20.55 -21.66
N GLN BB 16 -48.34 -19.94 -22.38
CA GLN BB 16 -48.72 -18.99 -23.43
C GLN BB 16 -49.51 -19.68 -24.53
N THR BB 17 -49.07 -20.86 -24.95
CA THR BB 17 -49.81 -21.61 -25.97
C THR BB 17 -51.16 -22.06 -25.44
N ASN BB 18 -51.22 -22.45 -24.16
CA ASN BB 18 -52.49 -22.85 -23.56
C ASN BB 18 -53.45 -21.67 -23.47
N ILE BB 19 -52.95 -20.49 -23.11
CA ILE BB 19 -53.80 -19.30 -23.05
C ILE BB 19 -54.21 -18.88 -24.46
N ALA BB 20 -53.28 -18.96 -25.42
CA ALA BB 20 -53.63 -18.67 -26.80
C ALA BB 20 -54.64 -19.67 -27.34
N THR BB 21 -54.58 -20.92 -26.87
CA THR BB 21 -55.58 -21.91 -27.26
C THR BB 21 -56.96 -21.54 -26.72
N ILE BB 22 -57.02 -21.13 -25.45
CA ILE BB 22 -58.29 -20.75 -24.85
C ILE BB 22 -58.80 -19.45 -25.47
N SER BB 23 -57.89 -18.52 -25.77
CA SER BB 23 -58.30 -17.23 -26.33
C SER BB 23 -58.92 -17.40 -27.72
N ASN BB 24 -58.51 -18.43 -28.45
CA ASN BB 24 -59.14 -18.72 -29.73
C ASN BB 24 -60.49 -19.40 -29.54
N ASN BB 25 -60.64 -20.20 -28.48
CA ASN BB 25 -61.93 -20.82 -28.19
C ASN BB 25 -62.97 -19.75 -27.86
N LEU BB 26 -62.57 -18.72 -27.12
CA LEU BB 26 -63.49 -17.63 -26.80
C LEU BB 26 -63.86 -16.83 -28.04
N ALA BB 27 -62.89 -16.60 -28.93
CA ALA BB 27 -63.16 -15.81 -30.14
C ALA BB 27 -64.19 -16.51 -31.02
N ASN BB 28 -64.05 -17.83 -31.20
CA ASN BB 28 -65.00 -18.59 -31.99
C ASN BB 28 -66.11 -19.18 -31.12
N ALA BB 29 -66.78 -18.32 -30.35
CA ALA BB 29 -67.93 -18.76 -29.57
C ALA BB 29 -69.23 -18.66 -30.35
N SER BB 30 -69.25 -17.84 -31.41
CA SER BB 30 -70.43 -17.68 -32.24
C SER BB 30 -70.25 -18.26 -33.64
N THR BB 31 -69.12 -18.92 -33.91
CA THR BB 31 -68.89 -19.52 -35.22
C THR BB 31 -69.70 -20.80 -35.34
N VAL BB 32 -70.46 -20.91 -36.43
CA VAL BB 32 -71.31 -22.08 -36.65
C VAL BB 32 -70.44 -23.28 -36.98
N GLY BB 33 -70.68 -24.39 -36.29
CA GLY BB 33 -69.92 -25.61 -36.53
C GLY BB 33 -68.46 -25.51 -36.17
N TYR BB 34 -68.15 -24.91 -35.03
CA TYR BB 34 -66.78 -24.83 -34.53
C TYR BB 34 -66.58 -25.84 -33.42
N LYS BB 35 -65.43 -26.51 -33.46
CA LYS BB 35 -65.06 -27.51 -32.46
C LYS BB 35 -63.93 -26.96 -31.59
N LYS BB 36 -64.14 -26.95 -30.29
CA LYS BB 36 -63.16 -26.38 -29.38
C LYS BB 36 -61.88 -27.22 -29.35
N SER BB 37 -60.75 -26.60 -29.04
CA SER BB 37 -59.46 -27.32 -28.93
C SER BB 37 -59.09 -27.43 -27.47
N ARG BB 38 -58.26 -28.40 -27.10
CA ARG BB 38 -57.76 -28.50 -25.70
C ARG BB 38 -56.25 -28.51 -25.83
N ALA BB 39 -55.52 -28.06 -24.82
CA ALA BB 39 -54.05 -28.08 -24.83
C ALA BB 39 -53.60 -29.24 -23.97
N VAL BB 40 -52.64 -29.98 -24.46
CA VAL BB 40 -52.17 -31.16 -23.73
C VAL BB 40 -50.75 -30.89 -23.27
N PHE BB 41 -50.56 -30.87 -21.95
CA PHE BB 41 -49.25 -30.66 -21.35
C PHE BB 41 -48.54 -31.98 -21.13
N GLU BB 42 -47.23 -31.99 -21.33
CA GLU BB 42 -46.41 -33.13 -20.96
C GLU BB 42 -45.01 -32.64 -20.60
N ASP BB 43 -44.40 -33.31 -19.63
CA ASP BB 43 -43.08 -32.92 -19.17
C ASP BB 43 -42.01 -33.32 -20.18
N LEU BB 44 -40.86 -32.67 -20.07
CA LEU BB 44 -39.75 -32.90 -20.99
C LEU BB 44 -38.83 -34.00 -20.45
N PHE BB 45 -37.72 -34.22 -21.15
CA PHE BB 45 -36.78 -35.25 -20.76
C PHE BB 45 -36.13 -34.90 -19.42
N TYR BB 46 -35.67 -35.94 -18.72
CA TYR BB 46 -35.11 -35.80 -17.38
C TYR BB 46 -33.60 -36.02 -17.43
N GLN BB 47 -32.86 -35.13 -16.78
CA GLN BB 47 -31.41 -35.27 -16.70
C GLN BB 47 -31.06 -36.33 -15.66
N ASN BB 48 -30.32 -37.35 -16.08
CA ASN BB 48 -30.02 -38.50 -15.23
C ASN BB 48 -28.71 -38.23 -14.49
N ILE BB 49 -28.81 -37.56 -13.34
CA ILE BB 49 -27.64 -37.34 -12.50
C ILE BB 49 -27.26 -38.62 -11.77
N ASN BB 50 -28.18 -39.15 -10.96
CA ASN BB 50 -28.02 -40.44 -10.31
C ASN BB 50 -29.15 -41.34 -10.80
N GLN BB 51 -28.79 -42.52 -11.30
CA GLN BB 51 -29.78 -43.43 -11.87
C GLN BB 51 -30.64 -44.04 -10.78
N PRO BB 52 -31.97 -43.84 -10.80
CA PRO BB 52 -32.84 -44.60 -9.90
C PRO BB 52 -32.73 -46.09 -10.19
N GLY BB 53 -32.69 -46.88 -9.13
CA GLY BB 53 -32.49 -48.30 -9.31
C GLY BB 53 -31.08 -48.71 -9.66
N GLY BB 54 -30.10 -47.85 -9.37
CA GLY BB 54 -28.71 -48.18 -9.59
C GLY BB 54 -28.22 -49.22 -8.61
N GLN BB 55 -26.91 -49.35 -8.46
CA GLN BB 55 -26.31 -50.34 -7.57
C GLN BB 55 -25.40 -49.59 -6.58
N SER BB 56 -25.99 -49.18 -5.46
CA SER BB 56 -25.21 -48.50 -4.44
C SER BB 56 -24.15 -49.42 -3.83
N SER BB 57 -24.51 -50.69 -3.63
CA SER BB 57 -23.59 -51.71 -3.17
C SER BB 57 -24.26 -53.07 -3.36
N GLN BB 58 -23.49 -54.13 -3.15
CA GLN BB 58 -24.06 -55.47 -3.23
C GLN BB 58 -25.16 -55.64 -2.19
N ASN BB 59 -26.26 -56.26 -2.60
CA ASN BB 59 -27.44 -56.50 -1.78
C ASN BB 59 -28.19 -55.22 -1.44
N THR BB 60 -27.97 -54.14 -2.18
CA THR BB 60 -28.71 -52.90 -1.98
C THR BB 60 -28.75 -52.13 -3.29
N GLU BB 61 -29.64 -51.15 -3.35
CA GLU BB 61 -29.81 -50.34 -4.54
C GLU BB 61 -30.38 -48.99 -4.16
N LEU BB 62 -30.22 -48.02 -5.05
CA LEU BB 62 -30.81 -46.71 -4.85
C LEU BB 62 -32.31 -46.79 -5.08
N PRO BB 63 -33.14 -46.56 -4.06
CA PRO BB 63 -34.60 -46.65 -4.27
C PRO BB 63 -35.10 -45.57 -5.21
N SER BB 64 -34.74 -44.32 -4.94
CA SER BB 64 -35.00 -43.21 -5.82
C SER BB 64 -33.68 -42.52 -6.14
N GLY BB 65 -33.58 -42.02 -7.37
CA GLY BB 65 -32.37 -41.37 -7.83
C GLY BB 65 -32.54 -39.87 -7.94
N LEU BB 66 -31.49 -39.23 -8.45
CA LEU BB 66 -31.48 -37.79 -8.67
C LEU BB 66 -31.65 -37.54 -10.16
N MET BB 67 -32.87 -37.19 -10.57
CA MET BB 67 -33.19 -36.91 -11.96
C MET BB 67 -33.94 -35.58 -12.03
N LEU BB 68 -33.38 -34.62 -12.74
CA LEU BB 68 -33.95 -33.28 -12.84
C LEU BB 68 -34.70 -33.16 -14.16
N GLY BB 69 -35.96 -32.73 -14.08
CA GLY BB 69 -36.73 -32.52 -15.29
C GLY BB 69 -36.29 -31.27 -16.03
N ALA BB 70 -36.66 -31.20 -17.31
CA ALA BB 70 -36.32 -30.08 -18.16
C ALA BB 70 -37.46 -29.10 -18.35
N GLY BB 71 -38.61 -29.32 -17.72
CA GLY BB 71 -39.74 -28.44 -17.83
C GLY BB 71 -40.95 -29.14 -18.42
N SER BB 72 -41.77 -28.38 -19.13
CA SER BB 72 -42.98 -28.90 -19.76
C SER BB 72 -43.17 -28.21 -21.09
N LYS BB 73 -44.08 -28.76 -21.90
CA LYS BB 73 -44.46 -28.14 -23.14
C LYS BB 73 -45.84 -28.63 -23.54
N VAL BB 74 -46.48 -27.87 -24.44
CA VAL BB 74 -47.75 -28.27 -25.03
C VAL BB 74 -47.43 -29.13 -26.24
N VAL BB 75 -47.73 -30.42 -26.16
CA VAL BB 75 -47.41 -31.33 -27.25
C VAL BB 75 -48.44 -31.29 -28.37
N ALA BB 76 -49.70 -31.01 -28.05
CA ALA BB 76 -50.73 -30.98 -29.07
C ALA BB 76 -51.87 -30.08 -28.60
N THR BB 77 -52.66 -29.63 -29.58
CA THR BB 77 -53.86 -28.84 -29.35
C THR BB 77 -55.03 -29.67 -29.87
N GLN BB 78 -55.56 -30.54 -29.02
CA GLN BB 78 -56.50 -31.56 -29.45
C GLN BB 78 -57.88 -30.95 -29.70
N LYS BB 79 -58.48 -31.28 -30.83
CA LYS BB 79 -59.82 -30.86 -31.16
C LYS BB 79 -60.83 -31.80 -30.51
N VAL BB 80 -61.85 -31.23 -29.89
CA VAL BB 80 -62.93 -31.99 -29.28
C VAL BB 80 -64.10 -31.97 -30.27
N HIS BB 81 -64.28 -33.06 -31.00
CA HIS BB 81 -65.30 -33.14 -32.05
C HIS BB 81 -66.61 -33.68 -31.52
N THR BB 82 -67.17 -33.04 -30.51
CA THR BB 82 -68.50 -33.36 -30.03
C THR BB 82 -69.52 -32.40 -30.63
N HIS BB 83 -70.75 -32.86 -30.73
CA HIS BB 83 -71.78 -32.10 -31.42
C HIS BB 83 -72.22 -30.91 -30.59
N GLY BB 84 -72.31 -29.74 -31.23
CA GLY BB 84 -72.88 -28.57 -30.60
C GLY BB 84 -74.39 -28.58 -30.65
N ASN BB 85 -74.98 -27.57 -30.03
CA ASN BB 85 -76.43 -27.48 -29.99
C ASN BB 85 -76.99 -27.16 -31.39
N ALA BB 86 -78.31 -27.12 -31.47
CA ALA BB 86 -79.01 -26.91 -32.73
C ALA BB 86 -79.77 -25.59 -32.69
N GLN BB 87 -79.64 -24.80 -33.74
CA GLN BB 87 -80.37 -23.55 -33.89
C GLN BB 87 -81.35 -23.67 -35.03
N THR BB 88 -82.61 -23.30 -34.77
CA THR BB 88 -83.64 -23.30 -35.80
C THR BB 88 -83.64 -21.95 -36.51
N THR BB 89 -83.62 -21.99 -37.84
CA THR BB 89 -83.57 -20.79 -38.65
C THR BB 89 -84.64 -20.86 -39.74
N THR BB 90 -85.00 -19.68 -40.26
CA THR BB 90 -85.99 -19.60 -41.32
C THR BB 90 -85.40 -19.85 -42.70
N ASN BB 91 -84.09 -19.76 -42.86
CA ASN BB 91 -83.47 -19.99 -44.15
C ASN BB 91 -83.59 -21.47 -44.53
N ALA BB 92 -83.81 -21.73 -45.82
CA ALA BB 92 -83.95 -23.10 -46.31
C ALA BB 92 -82.69 -23.61 -47.00
N LEU BB 93 -81.58 -22.88 -46.92
CA LEU BB 93 -80.32 -23.30 -47.54
C LEU BB 93 -79.25 -23.64 -46.52
N ASP BB 94 -79.52 -23.52 -45.23
CA ASP BB 94 -78.57 -23.88 -44.19
C ASP BB 94 -79.01 -25.18 -43.55
N MET BB 95 -78.10 -26.15 -43.48
CA MET BB 95 -78.40 -27.48 -42.99
C MET BB 95 -77.45 -27.84 -41.86
N MET BB 96 -77.87 -28.82 -41.06
CA MET BB 96 -77.09 -29.32 -39.95
C MET BB 96 -76.96 -30.83 -40.07
N VAL BB 97 -75.76 -31.33 -39.81
CA VAL BB 97 -75.51 -32.77 -39.80
C VAL BB 97 -75.81 -33.28 -38.39
N GLU BB 98 -76.89 -34.04 -38.26
CA GLU BB 98 -77.30 -34.58 -36.96
C GLU BB 98 -76.57 -35.89 -36.75
N GLY BB 99 -75.34 -35.82 -36.27
CA GLY BB 99 -74.49 -36.97 -36.09
C GLY BB 99 -73.14 -36.81 -36.77
N ASP BB 100 -72.51 -37.94 -37.05
CA ASP BB 100 -71.18 -37.94 -37.64
C ASP BB 100 -71.26 -37.61 -39.13
N GLY BB 101 -70.26 -36.92 -39.63
CA GLY BB 101 -70.15 -36.60 -41.04
C GLY BB 101 -69.73 -35.15 -41.25
N PHE BB 102 -69.23 -34.88 -42.45
CA PHE BB 102 -68.83 -33.54 -42.85
C PHE BB 102 -69.36 -33.24 -44.25
N PHE BB 103 -69.77 -32.00 -44.47
CA PHE BB 103 -70.04 -31.54 -45.83
C PHE BB 103 -68.73 -31.45 -46.60
N GLN BB 104 -68.82 -31.57 -47.92
CA GLN BB 104 -67.65 -31.52 -48.79
C GLN BB 104 -67.80 -30.41 -49.81
N VAL BB 105 -66.72 -29.65 -50.01
CA VAL BB 105 -66.69 -28.55 -50.96
C VAL BB 105 -65.45 -28.69 -51.83
N THR BB 106 -65.45 -27.98 -52.95
CA THR BB 106 -64.34 -28.00 -53.91
C THR BB 106 -63.49 -26.75 -53.71
N LEU BB 107 -62.25 -26.94 -53.29
CA LEU BB 107 -61.34 -25.84 -53.08
C LEU BB 107 -60.86 -25.29 -54.42
N PRO BB 108 -60.43 -24.03 -54.46
CA PRO BB 108 -59.91 -23.46 -55.72
C PRO BB 108 -58.72 -24.23 -56.27
N ASP BB 109 -57.87 -24.77 -55.40
CA ASP BB 109 -56.72 -25.54 -55.86
C ASP BB 109 -57.14 -26.83 -56.56
N GLY BB 110 -58.32 -27.35 -56.22
CA GLY BB 110 -58.82 -28.55 -56.86
C GLY BB 110 -59.22 -29.64 -55.90
N ASN BB 111 -58.54 -29.72 -54.76
CA ASN BB 111 -58.83 -30.74 -53.78
C ASN BB 111 -60.15 -30.44 -53.06
N ILE BB 112 -60.69 -31.47 -52.41
CA ILE BB 112 -61.97 -31.37 -51.73
C ILE BB 112 -61.72 -31.03 -50.26
N GLY BB 113 -62.38 -29.97 -49.79
CA GLY BB 113 -62.34 -29.61 -48.39
C GLY BB 113 -63.60 -30.05 -47.68
N TYR BB 114 -63.50 -30.21 -46.37
CA TYR BB 114 -64.59 -30.75 -45.56
C TYR BB 114 -64.94 -29.76 -44.45
N THR BB 115 -66.24 -29.50 -44.30
CA THR BB 115 -66.73 -28.50 -43.35
C THR BB 115 -67.88 -29.05 -42.54
N ARG BB 116 -68.02 -28.53 -41.32
CA ARG BB 116 -69.18 -28.79 -40.48
C ARG BB 116 -70.19 -27.65 -40.49
N ASN BB 117 -69.78 -26.46 -40.91
CA ASN BB 117 -70.70 -25.34 -41.01
C ASN BB 117 -71.70 -25.59 -42.13
N GLY BB 118 -72.96 -25.22 -41.88
CA GLY BB 118 -74.03 -25.42 -42.83
C GLY BB 118 -74.55 -24.17 -43.52
N GLN BB 119 -73.94 -23.02 -43.31
CA GLN BB 119 -74.42 -21.78 -43.93
C GLN BB 119 -74.06 -21.79 -45.40
N PHE BB 120 -74.99 -22.22 -46.25
CA PHE BB 120 -74.79 -22.28 -47.68
C PHE BB 120 -75.69 -21.26 -48.38
N THR BB 121 -75.40 -21.04 -49.66
CA THR BB 121 -76.18 -20.12 -50.49
C THR BB 121 -76.01 -20.55 -51.94
N LEU BB 122 -76.43 -19.70 -52.86
CA LEU BB 122 -76.35 -19.96 -54.28
C LEU BB 122 -75.48 -18.91 -54.95
N ASN BB 123 -74.88 -19.28 -56.07
CA ASN BB 123 -74.17 -18.34 -56.92
C ASN BB 123 -75.06 -17.97 -58.11
N GLY BB 124 -74.51 -17.19 -59.04
CA GLY BB 124 -75.30 -16.69 -60.16
C GLY BB 124 -75.87 -17.79 -61.03
N GLU BB 125 -75.20 -18.94 -61.11
CA GLU BB 125 -75.69 -20.06 -61.89
C GLU BB 125 -76.70 -20.91 -61.14
N GLY BB 126 -76.98 -20.61 -59.88
CA GLY BB 126 -77.87 -21.41 -59.07
C GLY BB 126 -77.23 -22.60 -58.39
N THR BB 127 -75.94 -22.85 -58.64
CA THR BB 127 -75.24 -23.95 -57.98
C THR BB 127 -75.03 -23.62 -56.50
N LEU BB 128 -75.25 -24.61 -55.64
CA LEU BB 128 -75.12 -24.42 -54.21
C LEU BB 128 -73.66 -24.22 -53.83
N VAL BB 129 -73.37 -23.10 -53.17
CA VAL BB 129 -72.03 -22.77 -52.71
C VAL BB 129 -72.10 -22.35 -51.24
N THR BB 130 -70.94 -22.18 -50.61
CA THR BB 130 -70.89 -21.73 -49.24
C THR BB 130 -71.16 -20.22 -49.16
N SER BB 131 -71.55 -19.78 -47.98
CA SER BB 131 -71.89 -18.37 -47.76
C SER BB 131 -70.68 -17.51 -47.47
N GLY BB 132 -69.48 -18.09 -47.42
CA GLY BB 132 -68.28 -17.31 -47.19
C GLY BB 132 -67.51 -17.04 -48.46
N SER BB 133 -66.43 -17.81 -48.68
CA SER BB 133 -65.65 -17.66 -49.90
C SER BB 133 -66.40 -18.10 -51.15
N GLY BB 134 -67.48 -18.86 -51.01
CA GLY BB 134 -68.26 -19.28 -52.15
C GLY BB 134 -67.81 -20.55 -52.82
N TYR BB 135 -67.22 -21.47 -52.08
CA TYR BB 135 -66.74 -22.72 -52.68
C TYR BB 135 -67.94 -23.60 -53.06
N PRO BB 136 -67.94 -24.20 -54.24
CA PRO BB 136 -69.04 -25.10 -54.61
C PRO BB 136 -69.08 -26.32 -53.71
N VAL BB 137 -70.29 -26.82 -53.48
CA VAL BB 137 -70.52 -27.97 -52.62
C VAL BB 137 -70.55 -29.23 -53.48
N GLU BB 138 -69.79 -30.25 -53.07
CA GLU BB 138 -69.68 -31.54 -53.76
C GLU BB 138 -70.76 -32.50 -53.24
N PRO BB 139 -71.57 -33.12 -54.12
CA PRO BB 139 -71.62 -32.94 -55.58
C PRO BB 139 -72.37 -31.66 -55.93
N GLU BB 140 -72.16 -31.10 -57.13
CA GLU BB 140 -72.80 -29.85 -57.49
C GLU BB 140 -74.32 -30.00 -57.50
N ILE BB 141 -75.00 -29.10 -56.81
CA ILE BB 141 -76.45 -29.07 -56.74
C ILE BB 141 -76.89 -27.79 -57.43
N VAL BB 142 -77.56 -27.93 -58.56
CA VAL BB 142 -78.00 -26.78 -59.36
C VAL BB 142 -79.51 -26.64 -59.20
N ILE BB 143 -79.93 -25.52 -58.61
CA ILE BB 143 -81.35 -25.24 -58.39
C ILE BB 143 -81.90 -24.62 -59.68
N PRO BB 144 -82.90 -25.23 -60.31
CA PRO BB 144 -83.45 -24.65 -61.54
C PRO BB 144 -84.13 -23.32 -61.25
N GLU BB 145 -84.10 -22.44 -62.27
CA GLU BB 145 -84.70 -21.12 -62.15
C GLU BB 145 -86.22 -21.17 -62.03
N ASP BB 146 -86.84 -22.32 -62.33
CA ASP BB 146 -88.28 -22.49 -62.23
C ASP BB 146 -88.72 -23.01 -60.87
N ALA BB 147 -87.78 -23.16 -59.93
CA ALA BB 147 -88.10 -23.69 -58.61
C ALA BB 147 -88.82 -22.64 -57.78
N ILE BB 148 -89.88 -23.07 -57.09
CA ILE BB 148 -90.62 -22.20 -56.18
C ILE BB 148 -90.28 -22.47 -54.72
N SER BB 149 -89.69 -23.62 -54.40
CA SER BB 149 -89.26 -23.92 -53.03
C SER BB 149 -88.15 -24.96 -53.09
N ILE BB 150 -87.42 -25.07 -51.99
CA ILE BB 150 -86.32 -26.03 -51.86
C ILE BB 150 -86.56 -26.84 -50.61
N THR BB 151 -86.50 -28.16 -50.74
CA THR BB 151 -86.62 -29.07 -49.61
C THR BB 151 -85.48 -30.08 -49.65
N VAL BB 152 -84.79 -30.24 -48.52
CA VAL BB 152 -83.72 -31.22 -48.38
C VAL BB 152 -84.17 -32.24 -47.36
N GLY BB 153 -84.24 -33.51 -47.78
CA GLY BB 153 -84.69 -34.57 -46.91
C GLY BB 153 -83.63 -35.02 -45.93
N THR BB 154 -84.01 -36.01 -45.11
CA THR BB 154 -83.08 -36.59 -44.17
C THR BB 154 -81.92 -37.26 -44.88
N ASP BB 155 -82.20 -37.96 -45.99
CA ASP BB 155 -81.18 -38.67 -46.75
C ASP BB 155 -80.42 -37.76 -47.72
N GLY BB 156 -80.48 -36.46 -47.54
CA GLY BB 156 -79.71 -35.54 -48.35
C GLY BB 156 -80.22 -35.32 -49.75
N GLU BB 157 -81.45 -35.74 -50.05
CA GLU BB 157 -82.01 -35.57 -51.38
C GLU BB 157 -82.59 -34.17 -51.51
N VAL BB 158 -81.98 -33.35 -52.35
CA VAL BB 158 -82.43 -31.98 -52.56
C VAL BB 158 -83.51 -31.99 -53.63
N SER BB 159 -84.68 -31.46 -53.28
CA SER BB 159 -85.83 -31.44 -54.18
C SER BB 159 -86.39 -30.03 -54.28
N VAL BB 160 -86.98 -29.72 -55.43
CA VAL BB 160 -87.60 -28.43 -55.66
C VAL BB 160 -89.00 -28.65 -56.21
N ARG BB 161 -89.85 -27.63 -56.06
CA ARG BB 161 -91.20 -27.65 -56.59
C ARG BB 161 -91.30 -26.70 -57.78
N VAL BB 162 -91.86 -27.19 -58.87
CA VAL BB 162 -92.08 -26.38 -60.07
C VAL BB 162 -93.54 -26.00 -60.14
N ARG BB 163 -93.80 -24.73 -60.46
CA ARG BB 163 -95.16 -24.22 -60.52
C ARG BB 163 -95.97 -24.97 -61.59
N GLY BB 164 -97.20 -25.32 -61.24
CA GLY BB 164 -98.07 -26.02 -62.16
C GLY BB 164 -97.77 -27.49 -62.35
N GLN BB 165 -96.94 -28.07 -61.47
CA GLN BB 165 -96.55 -29.48 -61.60
C GLN BB 165 -96.49 -30.10 -60.21
N GLN BB 166 -97.10 -31.27 -60.06
CA GLN BB 166 -97.03 -32.01 -58.82
C GLN BB 166 -95.71 -32.79 -58.75
N ASP BB 167 -95.49 -33.44 -57.61
CA ASP BB 167 -94.30 -34.24 -57.34
C ASP BB 167 -93.06 -33.36 -57.21
N ASN BB 168 -92.07 -33.83 -56.45
CA ASN BB 168 -90.83 -33.08 -56.22
C ASN BB 168 -89.79 -33.53 -57.25
N GLN BB 169 -89.39 -32.61 -58.13
CA GLN BB 169 -88.34 -32.90 -59.09
C GLN BB 169 -87.00 -32.89 -58.37
N VAL BB 170 -86.35 -34.06 -58.31
CA VAL BB 170 -85.06 -34.17 -57.63
C VAL BB 170 -83.99 -33.48 -58.46
N VAL BB 171 -83.23 -32.60 -57.82
CA VAL BB 171 -82.18 -31.85 -58.50
C VAL BB 171 -80.78 -32.34 -58.16
N GLY BB 172 -80.63 -33.19 -57.16
CA GLY BB 172 -79.33 -33.69 -56.79
C GLY BB 172 -79.38 -34.49 -55.51
N GLN BB 173 -78.20 -34.95 -55.10
CA GLN BB 173 -78.04 -35.77 -53.91
C GLN BB 173 -76.82 -35.27 -53.15
N LEU BB 174 -77.01 -34.93 -51.88
CA LEU BB 174 -75.91 -34.51 -51.02
C LEU BB 174 -75.26 -35.72 -50.37
N THR BB 175 -73.93 -35.74 -50.34
CA THR BB 175 -73.17 -36.80 -49.72
C THR BB 175 -72.23 -36.21 -48.68
N ILE BB 176 -72.22 -36.82 -47.49
CA ILE BB 176 -71.35 -36.39 -46.41
C ILE BB 176 -70.27 -37.45 -46.19
N THR BB 177 -69.13 -37.00 -45.68
CA THR BB 177 -67.97 -37.85 -45.46
C THR BB 177 -67.68 -37.96 -43.98
N ASP BB 178 -67.32 -39.17 -43.54
CA ASP BB 178 -66.99 -39.44 -42.15
C ASP BB 178 -65.51 -39.81 -42.02
N PHE BB 179 -64.94 -39.55 -40.85
CA PHE BB 179 -63.57 -39.89 -40.55
C PHE BB 179 -63.52 -40.67 -39.23
N VAL BB 180 -62.60 -41.63 -39.16
CA VAL BB 180 -62.45 -42.42 -37.94
C VAL BB 180 -61.98 -41.53 -36.79
N ASN BB 181 -61.02 -40.65 -37.07
CA ASN BB 181 -60.48 -39.71 -36.08
C ASN BB 181 -60.65 -38.30 -36.61
N PRO BB 182 -61.76 -37.63 -36.31
CA PRO BB 182 -61.93 -36.25 -36.76
C PRO BB 182 -60.94 -35.27 -36.13
N GLY BB 183 -60.30 -35.65 -35.02
CA GLY BB 183 -59.33 -34.77 -34.39
C GLY BB 183 -58.04 -34.65 -35.16
N GLY BB 184 -57.76 -35.59 -36.08
CA GLY BB 184 -56.56 -35.53 -36.88
C GLY BB 184 -56.64 -34.63 -38.10
N LEU BB 185 -57.82 -34.07 -38.38
CA LEU BB 185 -57.97 -33.18 -39.51
C LEU BB 185 -57.16 -31.90 -39.32
N GLU BB 186 -56.59 -31.39 -40.41
CA GLU BB 186 -55.83 -30.16 -40.37
C GLU BB 186 -56.75 -29.00 -40.72
N PRO BB 187 -57.03 -28.09 -39.78
CA PRO BB 187 -57.87 -26.93 -40.11
C PRO BB 187 -57.09 -25.94 -40.96
N ILE BB 188 -57.67 -25.55 -42.08
CA ILE BB 188 -57.07 -24.57 -42.99
C ILE BB 188 -57.82 -23.25 -42.94
N GLY BB 189 -58.60 -23.01 -41.90
CA GLY BB 189 -59.42 -21.83 -41.80
C GLY BB 189 -60.70 -21.96 -42.61
N GLN BB 190 -61.55 -20.94 -42.48
CA GLN BB 190 -62.83 -20.88 -43.18
C GLN BB 190 -63.69 -22.11 -42.86
N ASN BB 191 -63.57 -22.63 -41.65
CA ASN BB 191 -64.36 -23.77 -41.19
C ASN BB 191 -64.15 -25.00 -42.07
N LEU BB 192 -62.94 -25.14 -42.62
CA LEU BB 192 -62.62 -26.24 -43.53
C LEU BB 192 -61.46 -27.06 -42.98
N TYR BB 193 -61.52 -28.37 -43.23
CA TYR BB 193 -60.50 -29.31 -42.79
C TYR BB 193 -59.94 -30.08 -43.97
N LEU BB 194 -58.67 -30.46 -43.86
CA LEU BB 194 -58.04 -31.32 -44.84
C LEU BB 194 -57.60 -32.63 -44.20
N PRO BB 195 -57.89 -33.77 -44.83
CA PRO BB 195 -57.53 -35.04 -44.21
C PRO BB 195 -56.02 -35.25 -44.16
N THR BB 196 -55.53 -35.69 -43.01
CA THR BB 196 -54.13 -35.97 -42.78
C THR BB 196 -53.95 -37.47 -42.55
N GLY BB 197 -52.69 -37.86 -42.29
CA GLY BB 197 -52.42 -39.26 -42.00
C GLY BB 197 -53.12 -39.74 -40.74
N ALA BB 198 -53.14 -38.92 -39.69
CA ALA BB 198 -53.79 -39.29 -38.46
C ALA BB 198 -55.31 -39.28 -38.58
N SER BB 199 -55.86 -38.57 -39.57
CA SER BB 199 -57.31 -38.51 -39.71
C SER BB 199 -57.87 -39.83 -40.23
N GLY BB 200 -57.23 -40.40 -41.24
CA GLY BB 200 -57.68 -41.64 -41.85
C GLY BB 200 -58.27 -41.41 -43.23
N ASP BB 201 -58.53 -42.52 -43.91
CA ASP BB 201 -59.09 -42.45 -45.25
C ASP BB 201 -60.55 -41.99 -45.19
N PRO BB 202 -60.92 -40.97 -45.95
CA PRO BB 202 -62.32 -40.52 -45.95
C PRO BB 202 -63.25 -41.60 -46.46
N GLN BB 203 -64.36 -41.78 -45.77
CA GLN BB 203 -65.42 -42.70 -46.20
C GLN BB 203 -66.69 -41.91 -46.48
N GLU BB 204 -67.20 -42.07 -47.70
CA GLU BB 204 -68.36 -41.32 -48.16
C GLU BB 204 -69.62 -42.17 -48.05
N GLY BB 205 -70.76 -41.55 -48.31
CA GLY BB 205 -72.02 -42.25 -48.31
C GLY BB 205 -73.18 -41.29 -48.21
N VAL BB 206 -74.37 -41.85 -48.36
CA VAL BB 206 -75.58 -41.02 -48.22
C VAL BB 206 -75.80 -40.69 -46.75
N PRO BB 207 -76.21 -39.47 -46.41
CA PRO BB 207 -76.44 -39.14 -45.01
C PRO BB 207 -77.62 -39.89 -44.43
N GLY BB 208 -77.53 -40.20 -43.14
CA GLY BB 208 -78.55 -40.95 -42.44
C GLY BB 208 -78.39 -42.44 -42.51
N LEU BB 209 -77.48 -42.92 -43.35
CA LEU BB 209 -77.26 -44.35 -43.56
C LEU BB 209 -75.77 -44.65 -43.46
N ASP BB 210 -75.46 -45.91 -43.16
CA ASP BB 210 -74.08 -46.38 -43.04
C ASP BB 210 -73.33 -45.66 -41.91
N GLY BB 211 -74.04 -45.31 -40.85
CA GLY BB 211 -73.45 -44.65 -39.70
C GLY BB 211 -73.37 -43.14 -39.79
N LEU BB 212 -73.55 -42.58 -40.97
CA LEU BB 212 -73.45 -41.14 -41.14
C LEU BB 212 -74.62 -40.42 -40.49
N GLY BB 213 -74.46 -39.13 -40.26
CA GLY BB 213 -75.50 -38.32 -39.67
C GLY BB 213 -76.60 -38.01 -40.67
N GLU BB 214 -77.59 -37.27 -40.18
CA GLU BB 214 -78.76 -36.89 -40.98
C GLU BB 214 -78.74 -35.40 -41.25
N ILE BB 215 -79.12 -35.04 -42.48
CA ILE BB 215 -79.14 -33.64 -42.90
C ILE BB 215 -80.44 -33.01 -42.43
N ARG BB 216 -80.32 -32.02 -41.54
CA ARG BB 216 -81.46 -31.30 -41.00
C ARG BB 216 -81.51 -29.93 -41.67
N GLN BB 217 -82.46 -29.76 -42.58
CA GLN BB 217 -82.58 -28.50 -43.30
C GLN BB 217 -83.09 -27.41 -42.37
N SER BB 218 -82.74 -26.17 -42.70
CA SER BB 218 -83.16 -24.99 -41.93
C SER BB 218 -82.70 -25.10 -40.47
N MET BB 219 -81.50 -25.61 -40.27
CA MET BB 219 -80.96 -25.78 -38.92
C MET BB 219 -79.45 -25.61 -38.98
N LEU BB 220 -78.88 -25.17 -37.86
CA LEU BB 220 -77.45 -24.90 -37.77
C LEU BB 220 -76.90 -25.53 -36.49
N GLU BB 221 -75.59 -25.75 -36.49
CA GLU BB 221 -74.90 -26.33 -35.35
C GLU BB 221 -74.00 -25.26 -34.73
N ALA BB 222 -74.34 -24.83 -33.53
CA ALA BB 222 -73.57 -23.81 -32.85
C ALA BB 222 -72.22 -24.36 -32.40
N SER BB 223 -71.34 -23.46 -32.00
CA SER BB 223 -70.05 -23.86 -31.46
C SER BB 223 -70.24 -24.61 -30.16
N ASN BB 224 -69.36 -25.57 -29.90
CA ASN BB 224 -69.44 -26.42 -28.73
C ASN BB 224 -68.58 -25.92 -27.58
N VAL BB 225 -68.03 -24.70 -27.69
CA VAL BB 225 -67.21 -24.16 -26.63
C VAL BB 225 -68.06 -23.89 -25.40
N ASN BB 226 -67.48 -24.12 -24.22
CA ASN BB 226 -68.13 -23.86 -22.95
C ASN BB 226 -67.43 -22.67 -22.31
N VAL BB 227 -68.08 -21.50 -22.34
CA VAL BB 227 -67.44 -20.27 -21.89
C VAL BB 227 -67.08 -20.37 -20.41
N THR BB 228 -67.83 -21.15 -19.64
CA THR BB 228 -67.50 -21.36 -18.24
C THR BB 228 -66.15 -22.06 -18.10
N GLU BB 229 -65.91 -23.09 -18.93
CA GLU BB 229 -64.66 -23.83 -18.85
C GLU BB 229 -63.49 -22.97 -19.31
N GLU BB 230 -63.68 -22.19 -20.37
CA GLU BB 230 -62.58 -21.36 -20.89
C GLU BB 230 -62.16 -20.30 -19.88
N LEU BB 231 -63.14 -19.66 -19.22
CA LEU BB 231 -62.82 -18.62 -18.24
C LEU BB 231 -62.13 -19.21 -17.02
N VAL BB 232 -62.59 -20.37 -16.55
CA VAL BB 232 -61.96 -21.01 -15.40
C VAL BB 232 -60.54 -21.47 -15.77
N ASN BB 233 -60.39 -22.06 -16.96
CA ASN BB 233 -59.07 -22.49 -17.40
C ASN BB 233 -58.15 -21.29 -17.62
N MET BB 234 -58.72 -20.14 -17.98
CA MET BB 234 -57.92 -18.94 -18.15
C MET BB 234 -57.29 -18.50 -16.82
N ILE BB 235 -58.05 -18.59 -15.74
CA ILE BB 235 -57.54 -18.17 -14.43
C ILE BB 235 -56.42 -19.10 -13.98
N GLU BB 236 -56.62 -20.40 -14.12
CA GLU BB 236 -55.60 -21.36 -13.71
C GLU BB 236 -54.34 -21.21 -14.55
N ALA BB 237 -54.50 -20.99 -15.85
CA ALA BB 237 -53.34 -20.84 -16.72
C ALA BB 237 -52.55 -19.58 -16.39
N GLN BB 238 -53.24 -18.55 -15.89
CA GLN BB 238 -52.55 -17.33 -15.50
C GLN BB 238 -51.79 -17.52 -14.20
N ARG BB 239 -52.36 -18.25 -13.25
CA ARG BB 239 -51.69 -18.48 -11.98
C ARG BB 239 -50.42 -19.29 -12.16
N VAL BB 240 -50.47 -20.33 -13.01
CA VAL BB 240 -49.27 -21.11 -13.30
C VAL BB 240 -48.26 -20.24 -14.03
N TYR BB 241 -48.73 -19.32 -14.87
CA TYR BB 241 -47.84 -18.41 -15.57
C TYR BB 241 -47.09 -17.50 -14.61
N GLU BB 242 -47.79 -16.99 -13.59
CA GLU BB 242 -47.18 -16.05 -12.66
C GLU BB 242 -46.22 -16.75 -11.69
N MET BB 243 -46.53 -18.00 -11.33
CA MET BB 243 -45.65 -18.73 -10.42
C MET BB 243 -44.41 -19.24 -11.13
N ASN BB 244 -44.45 -19.34 -12.46
CA ASN BB 244 -43.24 -19.63 -13.22
C ASN BB 244 -42.36 -18.40 -13.31
N SER BB 245 -42.97 -17.22 -13.41
CA SER BB 245 -42.20 -15.98 -13.47
C SER BB 245 -41.49 -15.72 -12.15
N LYS BB 246 -42.04 -16.23 -11.04
CA LYS BB 246 -41.40 -16.05 -9.74
C LYS BB 246 -40.04 -16.73 -9.69
N VAL BB 247 -39.94 -17.92 -10.28
CA VAL BB 247 -38.66 -18.63 -10.28
C VAL BB 247 -37.63 -17.85 -11.09
N ILE BB 248 -38.02 -17.34 -12.26
CA ILE BB 248 -37.13 -16.52 -13.06
C ILE BB 248 -36.78 -15.24 -12.30
N SER BB 249 -37.76 -14.64 -11.63
CA SER BB 249 -37.49 -13.48 -10.80
C SER BB 249 -36.56 -13.82 -9.65
N SER BB 250 -36.76 -14.99 -9.02
CA SER BB 250 -35.91 -15.39 -7.91
C SER BB 250 -34.50 -15.70 -8.37
N VAL BB 251 -34.36 -16.40 -9.51
CA VAL BB 251 -33.03 -16.73 -10.02
C VAL BB 251 -32.30 -15.46 -10.44
N ASP BB 252 -33.03 -14.49 -10.98
CA ASP BB 252 -32.41 -13.22 -11.36
C ASP BB 252 -31.84 -12.50 -10.13
N LYS BB 253 -32.57 -12.53 -9.02
CA LYS BB 253 -32.07 -11.92 -7.79
C LYS BB 253 -30.86 -12.68 -7.26
N MET BB 254 -30.89 -14.00 -7.35
CA MET BB 254 -29.75 -14.79 -6.90
C MET BB 254 -28.51 -14.50 -7.73
N MET BB 255 -28.65 -14.45 -9.05
CA MET BB 255 -27.50 -14.17 -9.91
C MET BB 255 -27.00 -12.75 -9.71
N SER BB 256 -27.90 -11.81 -9.45
CA SER BB 256 -27.49 -10.46 -9.09
C SER BB 256 -26.70 -10.46 -7.79
N PHE BB 257 -27.15 -11.24 -6.80
CA PHE BB 257 -26.47 -11.31 -5.52
C PHE BB 257 -25.06 -11.88 -5.66
N VAL BB 258 -24.92 -12.94 -6.47
CA VAL BB 258 -23.62 -13.57 -6.65
C VAL BB 258 -22.65 -12.62 -7.34
N ASN BB 259 -23.14 -11.83 -8.30
CA ASN BB 259 -22.28 -10.86 -8.96
C ASN BB 259 -21.75 -9.82 -7.99
N GLN BB 260 -22.58 -9.40 -7.03
CA GLN BB 260 -22.14 -8.40 -6.06
C GLN BB 260 -21.18 -9.00 -5.03
N GLN BB 261 -21.35 -10.28 -4.69
CA GLN BB 261 -20.57 -10.91 -3.63
C GLN BB 261 -19.35 -11.65 -4.18
N LEU BB 262 -19.58 -12.61 -5.07
CA LEU BB 262 -18.49 -13.45 -5.59
C LEU BB 262 -17.75 -12.76 -6.72
N MET CB 1 5.02 5.36 24.94
CA MET CB 1 6.06 5.94 24.10
C MET CB 1 5.76 7.40 23.76
N HIS CB 2 4.57 7.66 23.24
CA HIS CB 2 4.17 8.99 22.82
C HIS CB 2 2.90 9.37 23.57
N PRO CB 3 2.80 10.60 24.08
CA PRO CB 3 1.59 10.99 24.83
C PRO CB 3 0.30 10.86 24.03
N ALA CB 4 0.35 11.15 22.72
CA ALA CB 4 -0.86 11.03 21.91
C ALA CB 4 -1.33 9.57 21.82
N LEU CB 5 -0.41 8.62 21.96
CA LEU CB 5 -0.79 7.21 21.98
C LEU CB 5 -1.63 6.90 23.21
N TRP CB 6 -1.21 7.41 24.38
CA TRP CB 6 -1.93 7.12 25.61
C TRP CB 6 -3.23 7.92 25.70
N VAL CB 7 -3.23 9.15 25.18
CA VAL CB 7 -4.44 9.98 25.22
C VAL CB 7 -5.52 9.36 24.35
N SER CB 8 -5.16 8.90 23.15
CA SER CB 8 -6.14 8.31 22.25
C SER CB 8 -6.56 6.92 22.72
N LYS CB 9 -5.72 6.24 23.50
CA LYS CB 9 -6.12 4.95 24.07
C LYS CB 9 -7.31 5.09 25.01
N THR CB 10 -7.30 6.15 25.82
CA THR CB 10 -8.44 6.41 26.70
C THR CB 10 -9.69 6.69 25.89
N GLY CB 11 -9.56 7.44 24.80
CA GLY CB 11 -10.71 7.72 23.95
C GLY CB 11 -11.28 6.47 23.30
N LEU CB 12 -10.40 5.53 22.93
CA LEU CB 12 -10.87 4.28 22.35
C LEU CB 12 -11.60 3.43 23.39
N ASP CB 13 -11.05 3.34 24.60
CA ASP CB 13 -11.71 2.57 25.66
C ASP CB 13 -13.01 3.24 26.07
N ALA CB 14 -13.04 4.57 26.13
CA ALA CB 14 -14.26 5.27 26.51
C ALA CB 14 -15.39 5.00 25.52
N GLN CB 15 -15.08 5.02 24.22
CA GLN CB 15 -16.11 4.78 23.22
C GLN CB 15 -16.61 3.35 23.25
N GLN CB 16 -15.71 2.39 23.53
CA GLN CB 16 -16.13 0.99 23.60
C GLN CB 16 -17.13 0.77 24.73
N THR CB 17 -16.90 1.41 25.88
CA THR CB 17 -17.88 1.36 26.95
C THR CB 17 -19.18 2.04 26.54
N ASN CB 18 -19.07 3.16 25.79
CA ASN CB 18 -20.26 3.86 25.32
C ASN CB 18 -21.08 3.00 24.37
N ILE CB 19 -20.41 2.29 23.46
CA ILE CB 19 -21.12 1.45 22.49
C ILE CB 19 -21.81 0.30 23.18
N ALA CB 20 -21.16 -0.31 24.16
CA ALA CB 20 -21.77 -1.42 24.89
C ALA CB 20 -23.03 -0.97 25.62
N THR CB 21 -23.02 0.26 26.16
CA THR CB 21 -24.21 0.81 26.79
C THR CB 21 -25.33 1.00 25.78
N ILE CB 22 -25.00 1.51 24.59
CA ILE CB 22 -26.01 1.70 23.54
C ILE CB 22 -26.56 0.36 23.10
N SER CB 23 -25.70 -0.65 22.96
CA SER CB 23 -26.15 -1.95 22.50
C SER CB 23 -27.06 -2.61 23.52
N ASN CB 24 -26.83 -2.35 24.81
CA ASN CB 24 -27.71 -2.92 25.84
C ASN CB 24 -29.10 -2.30 25.80
N ASN CB 25 -29.18 -1.00 25.49
CA ASN CB 25 -30.49 -0.37 25.37
C ASN CB 25 -31.27 -0.93 24.20
N LEU CB 26 -30.60 -1.17 23.07
CA LEU CB 26 -31.27 -1.76 21.92
C LEU CB 26 -31.63 -3.21 22.15
N ALA CB 27 -30.79 -3.95 22.90
CA ALA CB 27 -31.12 -5.33 23.22
C ALA CB 27 -32.38 -5.41 24.07
N ASN CB 28 -32.52 -4.52 25.04
CA ASN CB 28 -33.72 -4.45 25.88
C ASN CB 28 -34.74 -3.45 25.34
N ALA CB 29 -35.07 -3.57 24.05
CA ALA CB 29 -36.09 -2.73 23.44
C ALA CB 29 -37.49 -3.30 23.61
N SER CB 30 -37.61 -4.54 24.08
CA SER CB 30 -38.91 -5.15 24.36
C SER CB 30 -39.04 -5.63 25.80
N THR CB 31 -38.02 -5.39 26.63
CA THR CB 31 -38.10 -5.80 28.03
C THR CB 31 -39.09 -4.93 28.78
N VAL CB 32 -40.01 -5.57 29.50
CA VAL CB 32 -41.05 -4.85 30.24
C VAL CB 32 -40.41 -4.23 31.48
N GLY CB 33 -40.65 -2.93 31.67
CA GLY CB 33 -40.11 -2.23 32.81
C GLY CB 33 -38.59 -2.12 32.81
N TYR CB 34 -38.00 -1.82 31.66
CA TYR CB 34 -36.57 -1.60 31.55
C TYR CB 34 -36.30 -0.11 31.38
N LYS CB 35 -35.32 0.39 32.13
CA LYS CB 35 -34.95 1.80 32.08
C LYS CB 35 -33.66 1.96 31.29
N LYS CB 36 -33.68 2.83 30.29
CA LYS CB 36 -32.52 3.00 29.44
C LYS CB 36 -31.38 3.68 30.19
N SER CB 37 -30.17 3.45 29.71
CA SER CB 37 -28.97 3.95 30.34
C SER CB 37 -28.19 4.83 29.37
N ARG CB 38 -27.45 5.79 29.93
CA ARG CB 38 -26.59 6.66 29.15
C ARG CB 38 -25.21 6.73 29.81
N ALA CB 39 -24.17 6.55 29.01
CA ALA CB 39 -22.81 6.66 29.51
C ALA CB 39 -22.48 8.12 29.82
N VAL CB 40 -21.77 8.32 30.92
CA VAL CB 40 -21.37 9.66 31.38
C VAL CB 40 -19.87 9.80 31.16
N PHE CB 41 -19.49 10.71 30.27
CA PHE CB 41 -18.09 10.96 29.96
C PHE CB 41 -17.54 12.07 30.86
N GLU CB 42 -16.25 11.96 31.16
CA GLU CB 42 -15.54 13.02 31.86
C GLU CB 42 -14.08 12.96 31.49
N ASP CB 43 -13.43 14.12 31.52
CA ASP CB 43 -12.02 14.21 31.18
C ASP CB 43 -11.16 13.71 32.34
N LEU CB 44 -9.94 13.30 32.01
CA LEU CB 44 -8.97 12.89 33.01
C LEU CB 44 -8.20 14.11 33.52
N PHE CB 45 -7.25 13.87 34.41
CA PHE CB 45 -6.48 14.95 35.00
C PHE CB 45 -5.64 15.67 33.94
N TYR CB 46 -5.37 16.94 34.20
CA TYR CB 46 -4.55 17.77 33.33
C TYR CB 46 -3.18 17.96 33.95
N GLN CB 47 -2.12 17.70 33.18
CA GLN CB 47 -0.77 17.90 33.67
C GLN CB 47 -0.45 19.37 33.73
N ASN CB 48 0.00 19.84 34.89
CA ASN CB 48 0.21 21.27 35.14
C ASN CB 48 1.65 21.60 34.83
N ILE CB 49 1.94 21.84 33.55
CA ILE CB 49 3.28 22.26 33.14
C ILE CB 49 3.51 23.72 33.52
N ASN CB 50 2.59 24.60 33.14
CA ASN CB 50 2.62 26.00 33.51
C ASN CB 50 1.31 26.35 34.21
N GLN CB 51 1.42 26.89 35.41
CA GLN CB 51 0.24 27.20 36.20
C GLN CB 51 -0.45 28.43 35.65
N PRO CB 52 -1.72 28.35 35.24
CA PRO CB 52 -2.46 29.57 34.89
C PRO CB 52 -2.57 30.48 36.10
N GLY CB 53 -2.39 31.78 35.88
CA GLY CB 53 -2.29 32.73 36.96
C GLY CB 53 -0.91 32.84 37.58
N GLY CB 54 0.04 32.01 37.15
CA GLY CB 54 1.39 32.16 37.65
C GLY CB 54 2.01 33.47 37.21
N GLN CB 55 2.86 34.02 38.08
CA GLN CB 55 3.42 35.34 37.84
C GLN CB 55 4.47 35.28 36.73
N SER CB 56 4.20 35.96 35.62
CA SER CB 56 5.16 36.10 34.54
C SER CB 56 5.94 37.39 34.73
N SER CB 57 7.25 37.26 34.97
CA SER CB 57 8.10 38.41 35.31
C SER CB 57 7.51 39.18 36.49
N GLN CB 58 7.09 40.41 36.26
CA GLN CB 58 6.48 41.24 37.29
C GLN CB 58 5.32 42.02 36.68
N ASN CB 59 4.28 42.22 37.48
CA ASN CB 59 3.06 42.91 37.05
C ASN CB 59 2.42 42.22 35.85
N THR CB 60 2.59 40.91 35.75
CA THR CB 60 2.04 40.14 34.64
C THR CB 60 1.90 38.69 35.08
N GLU CB 61 0.76 38.09 34.74
CA GLU CB 61 0.48 36.70 35.06
C GLU CB 61 0.02 35.98 33.80
N LEU CB 62 0.20 34.67 33.79
CA LEU CB 62 -0.15 33.87 32.62
C LEU CB 62 -1.66 33.86 32.43
N PRO CB 63 -2.18 34.39 31.33
CA PRO CB 63 -3.64 34.34 31.12
C PRO CB 63 -4.16 32.92 30.95
N SER CB 64 -3.35 32.03 30.39
CA SER CB 64 -3.68 30.62 30.29
C SER CB 64 -2.39 29.83 30.33
N GLY CB 65 -2.39 28.74 31.07
CA GLY CB 65 -1.20 27.95 31.28
C GLY CB 65 -1.15 26.73 30.38
N LEU CB 66 0.05 26.17 30.27
CA LEU CB 66 0.27 24.95 29.47
C LEU CB 66 -0.18 23.77 30.31
N MET CB 67 -1.44 23.37 30.14
CA MET CB 67 -2.02 22.26 30.88
C MET CB 67 -2.46 21.21 29.87
N LEU CB 68 -1.71 20.11 29.79
CA LEU CB 68 -1.97 19.05 28.83
C LEU CB 68 -2.95 18.04 29.42
N GLY CB 69 -4.02 17.75 28.69
CA GLY CB 69 -4.98 16.76 29.12
C GLY CB 69 -4.44 15.34 29.00
N ALA CB 70 -5.16 14.42 29.64
CA ALA CB 70 -4.77 13.01 29.63
C ALA CB 70 -5.79 12.12 28.95
N GLY CB 71 -6.85 12.67 28.37
CA GLY CB 71 -7.84 11.89 27.66
C GLY CB 71 -9.22 12.02 28.29
N SER CB 72 -9.99 10.94 28.19
CA SER CB 72 -11.34 10.91 28.73
C SER CB 72 -11.73 9.47 29.02
N LYS CB 73 -12.81 9.31 29.78
CA LYS CB 73 -13.29 7.99 30.14
C LYS CB 73 -14.78 8.09 30.45
N VAL CB 74 -15.42 6.93 30.49
CA VAL CB 74 -16.81 6.83 30.93
C VAL CB 74 -16.80 6.59 32.44
N VAL CB 75 -17.35 7.54 33.18
CA VAL CB 75 -17.29 7.48 34.64
C VAL CB 75 -18.56 6.93 35.28
N ALA CB 76 -19.70 6.98 34.57
CA ALA CB 76 -20.94 6.49 35.14
C ALA CB 76 -21.86 6.04 34.01
N THR CB 77 -22.84 5.21 34.38
CA THR CB 77 -23.90 4.75 33.49
C THR CB 77 -25.21 5.11 34.18
N GLN CB 78 -25.81 6.21 33.75
CA GLN CB 78 -26.98 6.75 34.42
C GLN CB 78 -28.26 6.11 33.90
N LYS CB 79 -29.03 5.53 34.81
CA LYS CB 79 -30.33 4.95 34.48
C LYS CB 79 -31.38 6.05 34.48
N VAL CB 80 -32.09 6.20 33.36
CA VAL CB 80 -33.14 7.19 33.24
C VAL CB 80 -34.44 6.50 33.67
N HIS CB 81 -34.89 6.79 34.88
CA HIS CB 81 -36.07 6.15 35.45
C HIS CB 81 -37.34 6.96 35.17
N THR CB 82 -37.59 7.25 33.90
CA THR CB 82 -38.84 7.87 33.49
C THR CB 82 -39.87 6.80 33.19
N HIS CB 83 -41.14 7.15 33.40
CA HIS CB 83 -42.22 6.19 33.23
C HIS CB 83 -42.36 5.79 31.76
N GLY CB 84 -42.53 4.49 31.52
CA GLY CB 84 -42.74 3.98 30.18
C GLY CB 84 -44.21 3.97 29.79
N ASN CB 85 -44.45 3.57 28.54
CA ASN CB 85 -45.82 3.48 28.05
C ASN CB 85 -46.51 2.24 28.64
N ALA CB 86 -47.83 2.21 28.48
CA ALA CB 86 -48.66 1.15 29.04
C ALA CB 86 -49.14 0.24 27.93
N GLN CB 87 -49.03 -1.07 28.15
CA GLN CB 87 -49.53 -2.07 27.23
C GLN CB 87 -50.74 -2.75 27.87
N THR CB 88 -51.85 -2.79 27.14
CA THR CB 88 -53.08 -3.40 27.64
C THR CB 88 -53.04 -4.90 27.38
N THR CB 89 -53.22 -5.68 28.44
CA THR CB 89 -53.19 -7.14 28.35
C THR CB 89 -54.45 -7.72 29.00
N THR CB 90 -54.82 -8.91 28.56
CA THR CB 90 -55.99 -9.59 29.08
C THR CB 90 -55.69 -10.42 30.32
N ASN CB 91 -54.42 -10.61 30.67
CA ASN CB 91 -54.07 -11.33 31.88
C ASN CB 91 -54.48 -10.53 33.10
N ALA CB 92 -54.94 -11.22 34.15
CA ALA CB 92 -55.35 -10.56 35.38
C ALA CB 92 -54.25 -10.51 36.43
N LEU CB 93 -53.11 -11.15 36.19
CA LEU CB 93 -52.05 -11.23 37.19
C LEU CB 93 -50.81 -10.43 36.80
N ASP CB 94 -50.89 -9.62 35.76
CA ASP CB 94 -49.80 -8.70 35.41
C ASP CB 94 -50.22 -7.29 35.78
N MET CB 95 -49.39 -6.63 36.59
CA MET CB 95 -49.71 -5.31 37.13
C MET CB 95 -48.65 -4.30 36.70
N MET CB 96 -48.96 -3.04 36.92
CA MET CB 96 -48.08 -1.93 36.59
C MET CB 96 -48.19 -0.86 37.66
N VAL CB 97 -47.06 -0.27 38.02
CA VAL CB 97 -47.01 0.83 38.98
C VAL CB 97 -47.26 2.11 38.20
N GLU CB 98 -48.37 2.78 38.50
CA GLU CB 98 -48.72 4.03 37.84
C GLU CB 98 -48.07 5.17 38.62
N GLY CB 99 -46.78 5.38 38.39
CA GLY CB 99 -46.00 6.34 39.12
C GLY CB 99 -44.78 5.72 39.75
N ASP CB 100 -44.22 6.43 40.72
CA ASP CB 100 -43.02 5.96 41.42
C ASP CB 100 -43.35 4.78 42.31
N GLY CB 101 -42.40 3.86 42.39
CA GLY CB 101 -42.53 2.69 43.25
C GLY CB 101 -41.92 1.46 42.60
N PHE CB 102 -41.62 0.47 43.44
CA PHE CB 102 -41.04 -0.79 42.99
C PHE CB 102 -41.73 -1.95 43.69
N PHE CB 103 -42.05 -2.99 42.92
CA PHE CB 103 -42.51 -4.23 43.53
C PHE CB 103 -41.36 -4.89 44.27
N GLN CB 104 -41.66 -5.55 45.37
CA GLN CB 104 -40.66 -6.20 46.20
C GLN CB 104 -40.83 -7.71 46.14
N VAL CB 105 -39.75 -8.42 45.80
CA VAL CB 105 -39.76 -9.87 45.71
C VAL CB 105 -38.69 -10.41 46.65
N THR CB 106 -38.81 -11.69 46.97
CA THR CB 106 -37.90 -12.37 47.89
C THR CB 106 -36.84 -13.12 47.10
N LEU CB 107 -35.60 -12.66 47.18
CA LEU CB 107 -34.50 -13.33 46.53
C LEU CB 107 -34.17 -14.63 47.24
N PRO CB 108 -33.56 -15.59 46.54
CA PRO CB 108 -33.24 -16.87 47.18
C PRO CB 108 -32.33 -16.74 48.40
N ASP CB 109 -31.39 -15.79 48.37
CA ASP CB 109 -30.48 -15.62 49.51
C ASP CB 109 -31.19 -15.04 50.73
N GLY CB 110 -32.38 -14.48 50.56
CA GLY CB 110 -33.13 -13.96 51.69
C GLY CB 110 -33.44 -12.48 51.58
N ASN CB 111 -32.63 -11.75 50.82
CA ASN CB 111 -32.82 -10.32 50.69
C ASN CB 111 -34.05 -10.02 49.83
N ILE CB 112 -34.48 -8.76 49.88
CA ILE CB 112 -35.64 -8.30 49.14
C ILE CB 112 -35.15 -7.59 47.88
N GLY CB 113 -35.61 -8.04 46.72
CA GLY CB 113 -35.28 -7.41 45.45
C GLY CB 113 -36.44 -6.56 44.96
N TYR CB 114 -36.11 -5.50 44.22
CA TYR CB 114 -37.09 -4.54 43.76
C TYR CB 114 -37.17 -4.57 42.25
N THR CB 115 -38.39 -4.62 41.72
CA THR CB 115 -38.61 -4.80 40.29
C THR CB 115 -39.68 -3.83 39.81
N ARG CB 116 -39.47 -3.31 38.60
CA ARG CB 116 -40.50 -2.58 37.86
C ARG CB 116 -41.27 -3.48 36.91
N ASN CB 117 -40.84 -4.74 36.75
CA ASN CB 117 -41.54 -5.68 35.88
C ASN CB 117 -42.74 -6.27 36.62
N GLY CB 118 -43.92 -6.17 36.01
CA GLY CB 118 -45.13 -6.64 36.62
C GLY CB 118 -45.68 -7.95 36.11
N GLN CB 119 -44.92 -8.69 35.30
CA GLN CB 119 -45.40 -9.97 34.79
C GLN CB 119 -45.32 -11.01 35.90
N PHE CB 120 -46.41 -11.18 36.63
CA PHE CB 120 -46.49 -12.09 37.76
C PHE CB 120 -47.39 -13.26 37.43
N THR CB 121 -47.33 -14.28 38.29
CA THR CB 121 -48.15 -15.47 38.15
C THR CB 121 -48.27 -16.14 39.51
N LEU CB 122 -48.76 -17.37 39.53
CA LEU CB 122 -48.92 -18.16 40.74
C LEU CB 122 -48.02 -19.38 40.67
N ASN CB 123 -47.69 -19.94 41.83
CA ASN CB 123 -47.00 -21.20 41.90
C ASN CB 123 -47.97 -22.27 42.41
N GLY CB 124 -47.45 -23.47 42.68
CA GLY CB 124 -48.30 -24.58 43.07
C GLY CB 124 -49.04 -24.37 44.38
N GLU CB 125 -48.59 -23.43 45.21
CA GLU CB 125 -49.25 -23.13 46.46
C GLU CB 125 -50.18 -21.92 46.37
N GLY CB 126 -50.31 -21.31 45.19
CA GLY CB 126 -51.17 -20.17 45.02
C GLY CB 126 -50.54 -18.82 45.36
N THR CB 127 -49.26 -18.79 45.70
CA THR CB 127 -48.61 -17.54 46.05
C THR CB 127 -48.23 -16.77 44.79
N LEU CB 128 -48.45 -15.46 44.82
CA LEU CB 128 -48.08 -14.60 43.70
C LEU CB 128 -46.57 -14.57 43.56
N VAL CB 129 -46.06 -15.02 42.41
CA VAL CB 129 -44.63 -15.09 42.15
C VAL CB 129 -44.35 -14.47 40.80
N THR CB 130 -43.07 -14.16 40.57
CA THR CB 130 -42.65 -13.62 39.28
C THR CB 130 -42.78 -14.69 38.20
N SER CB 131 -42.97 -14.24 36.96
CA SER CB 131 -43.14 -15.17 35.85
C SER CB 131 -41.81 -15.68 35.30
N GLY CB 132 -40.69 -15.28 35.89
CA GLY CB 132 -39.40 -15.75 35.44
C GLY CB 132 -38.86 -16.85 36.34
N SER CB 133 -37.93 -16.49 37.23
CA SER CB 133 -37.34 -17.47 38.14
C SER CB 133 -38.32 -17.97 39.18
N GLY CB 134 -39.43 -17.26 39.41
CA GLY CB 134 -40.44 -17.72 40.34
C GLY CB 134 -40.31 -17.21 41.75
N TYR CB 135 -39.65 -16.08 41.96
CA TYR CB 135 -39.48 -15.55 43.31
C TYR CB 135 -40.82 -15.06 43.85
N PRO CB 136 -41.14 -15.33 45.11
CA PRO CB 136 -42.39 -14.83 45.69
C PRO CB 136 -42.39 -13.30 45.77
N VAL CB 137 -43.59 -12.73 45.73
CA VAL CB 137 -43.77 -11.28 45.81
C VAL CB 137 -44.13 -10.93 47.25
N GLU CB 138 -43.38 -9.97 47.82
CA GLU CB 138 -43.57 -9.50 49.20
C GLU CB 138 -44.58 -8.36 49.22
N PRO CB 139 -45.62 -8.42 50.08
CA PRO CB 139 -45.98 -9.52 50.99
C PRO CB 139 -46.66 -10.66 50.25
N GLU CB 140 -46.65 -11.87 50.81
CA GLU CB 140 -47.23 -13.01 50.12
C GLU CB 140 -48.73 -12.81 49.90
N ILE CB 141 -49.18 -13.04 48.68
CA ILE CB 141 -50.59 -12.96 48.31
C ILE CB 141 -50.99 -14.35 47.84
N VAL CB 142 -51.68 -15.09 48.69
CA VAL CB 142 -52.10 -16.46 48.37
C VAL CB 142 -53.51 -16.42 47.83
N ILE CB 143 -53.69 -16.85 46.59
CA ILE CB 143 -54.99 -16.88 45.94
C ILE CB 143 -55.68 -18.19 46.33
N PRO CB 144 -56.84 -18.15 46.95
CA PRO CB 144 -57.50 -19.40 47.34
C PRO CB 144 -57.98 -20.19 46.14
N GLU CB 145 -58.07 -21.50 46.32
CA GLU CB 145 -58.52 -22.39 45.26
C GLU CB 145 -59.99 -22.22 44.92
N ASP CB 146 -60.75 -21.49 45.74
CA ASP CB 146 -62.17 -21.27 45.51
C ASP CB 146 -62.44 -19.98 44.73
N ALA CB 147 -61.40 -19.26 44.32
CA ALA CB 147 -61.57 -18.00 43.62
C ALA CB 147 -62.03 -18.21 42.19
N ILE CB 148 -62.97 -17.39 41.75
CA ILE CB 148 -63.43 -17.41 40.36
C ILE CB 148 -62.93 -16.21 39.56
N SER CB 149 -62.46 -15.15 40.23
CA SER CB 149 -61.85 -14.02 39.56
C SER CB 149 -60.93 -13.32 40.54
N ILE CB 150 -59.99 -12.54 40.00
CA ILE CB 150 -59.01 -11.81 40.79
C ILE CB 150 -59.12 -10.33 40.44
N THR CB 151 -59.26 -9.50 41.46
CA THR CB 151 -59.28 -8.05 41.30
C THR CB 151 -58.22 -7.44 42.20
N VAL CB 152 -57.30 -6.68 41.60
CA VAL CB 152 -56.25 -5.98 42.33
C VAL CB 152 -56.61 -4.50 42.33
N GLY CB 153 -56.88 -3.97 43.51
CA GLY CB 153 -57.32 -2.60 43.62
C GLY CB 153 -56.23 -1.60 43.30
N THR CB 154 -56.65 -0.35 43.08
CA THR CB 154 -55.72 0.73 42.83
C THR CB 154 -54.81 0.95 44.04
N ASP CB 155 -55.35 0.82 45.25
CA ASP CB 155 -54.58 0.92 46.48
C ASP CB 155 -53.84 -0.37 46.83
N GLY CB 156 -53.72 -1.30 45.87
CA GLY CB 156 -52.94 -2.50 46.07
C GLY CB 156 -53.63 -3.62 46.82
N GLU CB 157 -54.91 -3.47 47.15
CA GLU CB 157 -55.63 -4.51 47.88
C GLU CB 157 -56.08 -5.58 46.90
N VAL CB 158 -55.66 -6.83 47.17
CA VAL CB 158 -55.98 -7.95 46.29
C VAL CB 158 -57.22 -8.66 46.85
N SER CB 159 -58.24 -8.81 46.01
CA SER CB 159 -59.47 -9.46 46.40
C SER CB 159 -59.84 -10.51 45.36
N VAL CB 160 -60.57 -11.53 45.80
CA VAL CB 160 -61.02 -12.60 44.92
C VAL CB 160 -62.52 -12.77 45.10
N ARG CB 161 -63.19 -13.17 44.03
CA ARG CB 161 -64.62 -13.43 44.04
C ARG CB 161 -64.87 -14.91 44.24
N VAL CB 162 -65.82 -15.23 45.13
CA VAL CB 162 -66.17 -16.59 45.47
C VAL CB 162 -67.66 -16.78 45.21
N ARG CB 163 -68.01 -17.85 44.51
CA ARG CB 163 -69.41 -18.16 44.27
C ARG CB 163 -70.09 -18.52 45.58
N GLY CB 164 -71.33 -18.09 45.73
CA GLY CB 164 -72.03 -18.23 46.99
C GLY CB 164 -71.70 -17.17 48.02
N GLN CB 165 -70.97 -16.13 47.65
CA GLN CB 165 -70.60 -15.08 48.59
C GLN CB 165 -70.50 -13.76 47.85
N GLN CB 166 -71.39 -12.82 48.18
CA GLN CB 166 -71.30 -11.45 47.71
C GLN CB 166 -70.11 -10.77 48.39
N ASP CB 167 -69.73 -9.59 47.87
CA ASP CB 167 -68.68 -8.76 48.49
C ASP CB 167 -67.36 -9.52 48.56
N ASN CB 168 -66.74 -9.65 47.37
CA ASN CB 168 -65.54 -10.46 47.16
C ASN CB 168 -64.57 -10.38 48.33
N GLN CB 169 -64.04 -11.54 48.70
CA GLN CB 169 -63.20 -11.67 49.89
C GLN CB 169 -61.80 -11.11 49.63
N VAL CB 170 -61.31 -10.31 50.57
CA VAL CB 170 -59.96 -9.77 50.48
C VAL CB 170 -58.96 -10.83 50.92
N VAL CB 171 -57.91 -11.02 50.12
CA VAL CB 171 -56.90 -12.04 50.40
C VAL CB 171 -55.54 -11.45 50.73
N GLY CB 172 -55.38 -10.13 50.66
CA GLY CB 172 -54.09 -9.55 50.98
C GLY CB 172 -54.01 -8.11 50.51
N GLN CB 173 -52.84 -7.52 50.77
CA GLN CB 173 -52.56 -6.13 50.43
C GLN CB 173 -51.14 -6.02 49.93
N LEU CB 174 -50.95 -5.44 48.76
CA LEU CB 174 -49.63 -5.25 48.18
C LEU CB 174 -49.05 -3.91 48.61
N THR CB 175 -47.77 -3.90 48.91
CA THR CB 175 -47.04 -2.67 49.25
C THR CB 175 -45.86 -2.51 48.31
N ILE CB 176 -45.67 -1.31 47.80
CA ILE CB 176 -44.58 -1.00 46.90
C ILE CB 176 -43.59 -0.10 47.62
N THR CB 177 -42.34 -0.14 47.16
CA THR CB 177 -41.26 0.63 47.77
C THR CB 177 -40.73 1.65 46.76
N ASP CB 178 -40.53 2.87 47.21
CA ASP CB 178 -39.93 3.93 46.41
C ASP CB 178 -38.56 4.27 46.95
N PHE CB 179 -37.75 4.91 46.11
CA PHE CB 179 -36.42 5.35 46.49
C PHE CB 179 -36.22 6.80 46.08
N VAL CB 180 -35.45 7.53 46.90
CA VAL CB 180 -35.14 8.92 46.57
C VAL CB 180 -34.32 8.97 45.29
N ASN CB 181 -33.37 8.06 45.14
CA ASN CB 181 -32.50 7.97 43.96
C ASN CB 181 -32.59 6.57 43.39
N PRO CB 182 -33.64 6.28 42.62
CA PRO CB 182 -33.75 4.95 41.99
C PRO CB 182 -32.62 4.65 41.02
N GLY CB 183 -31.93 5.67 40.52
CA GLY CB 183 -30.77 5.44 39.66
C GLY CB 183 -29.56 4.93 40.40
N GLY CB 184 -29.57 5.01 41.74
CA GLY CB 184 -28.50 4.46 42.55
C GLY CB 184 -28.65 3.00 42.90
N LEU CB 185 -29.76 2.39 42.50
CA LEU CB 185 -29.93 0.95 42.70
C LEU CB 185 -28.93 0.19 41.87
N GLU CB 186 -28.58 -1.01 42.33
CA GLU CB 186 -27.64 -1.86 41.62
C GLU CB 186 -28.42 -2.85 40.76
N PRO CB 187 -28.38 -2.73 39.43
CA PRO CB 187 -29.07 -3.70 38.59
C PRO CB 187 -28.34 -5.04 38.62
N ILE CB 188 -29.02 -6.06 39.14
CA ILE CB 188 -28.44 -7.39 39.24
C ILE CB 188 -29.01 -8.32 38.17
N GLY CB 189 -29.66 -7.77 37.15
CA GLY CB 189 -30.31 -8.58 36.14
C GLY CB 189 -31.64 -9.11 36.61
N GLN CB 190 -32.29 -9.87 35.72
CA GLN CB 190 -33.59 -10.48 35.99
C GLN CB 190 -34.64 -9.43 36.34
N ASN CB 191 -34.48 -8.22 35.81
CA ASN CB 191 -35.39 -7.10 36.09
C ASN CB 191 -35.47 -6.80 37.58
N LEU CB 192 -34.35 -6.92 38.28
CA LEU CB 192 -34.31 -6.75 39.73
C LEU CB 192 -33.23 -5.75 40.11
N TYR CB 193 -33.50 -4.98 41.16
CA TYR CB 193 -32.56 -4.01 41.69
C TYR CB 193 -32.31 -4.30 43.16
N LEU CB 194 -31.12 -3.93 43.63
CA LEU CB 194 -30.79 -4.04 45.04
C LEU CB 194 -30.48 -2.66 45.62
N PRO CB 195 -30.93 -2.38 46.84
CA PRO CB 195 -30.60 -1.09 47.46
C PRO CB 195 -29.11 -0.96 47.70
N THR CB 196 -28.60 0.26 47.53
CA THR CB 196 -27.18 0.56 47.70
C THR CB 196 -27.03 1.73 48.67
N GLY CB 197 -25.79 2.19 48.82
CA GLY CB 197 -25.53 3.32 49.70
C GLY CB 197 -26.15 4.60 49.21
N ALA CB 198 -26.04 4.87 47.90
CA ALA CB 198 -26.61 6.08 47.33
C ALA CB 198 -28.04 5.90 46.85
N SER CB 199 -28.57 4.67 46.88
CA SER CB 199 -29.96 4.45 46.49
C SER CB 199 -30.91 5.17 47.42
N GLY CB 200 -30.64 5.14 48.71
CA GLY CB 200 -31.49 5.75 49.71
C GLY CB 200 -32.24 4.71 50.51
N ASP CB 201 -32.80 5.16 51.64
CA ASP CB 201 -33.54 4.28 52.51
C ASP CB 201 -34.84 3.84 51.83
N PRO CB 202 -35.16 2.54 51.85
CA PRO CB 202 -36.41 2.08 51.20
C PRO CB 202 -37.62 2.53 52.00
N GLN CB 203 -38.46 3.33 51.36
CA GLN CB 203 -39.71 3.79 51.97
C GLN CB 203 -40.85 2.93 51.45
N GLU CB 204 -41.56 2.28 52.36
CA GLU CB 204 -42.63 1.36 52.02
C GLU CB 204 -43.96 1.90 52.53
N GLY CB 205 -45.02 1.59 51.80
CA GLY CB 205 -46.35 2.03 52.17
C GLY CB 205 -47.36 1.59 51.14
N VAL CB 206 -48.59 2.05 51.36
CA VAL CB 206 -49.69 1.67 50.46
C VAL CB 206 -49.48 2.30 49.10
N PRO CB 207 -49.76 1.60 48.01
CA PRO CB 207 -49.48 2.14 46.67
C PRO CB 207 -50.48 3.20 46.24
N GLY CB 208 -50.20 4.46 46.57
CA GLY CB 208 -51.09 5.54 46.21
C GLY CB 208 -51.10 6.69 47.19
N LEU CB 209 -50.41 6.52 48.31
CA LEU CB 209 -50.24 7.57 49.30
C LEU CB 209 -48.76 7.86 49.48
N ASP CB 210 -48.46 9.06 49.99
CA ASP CB 210 -47.10 9.50 50.27
C ASP CB 210 -46.23 9.50 49.02
N GLY CB 211 -46.82 9.84 47.87
CA GLY CB 211 -46.08 9.91 46.64
C GLY CB 211 -45.86 8.59 45.93
N LEU CB 212 -46.34 7.49 46.49
CA LEU CB 212 -46.21 6.19 45.84
C LEU CB 212 -47.18 6.07 44.68
N GLY CB 213 -46.78 5.30 43.67
CA GLY CB 213 -47.63 5.10 42.51
C GLY CB 213 -48.74 4.11 42.77
N GLU CB 214 -49.67 4.07 41.82
CA GLU CB 214 -50.85 3.21 41.93
C GLU CB 214 -50.66 1.94 41.11
N ILE CB 215 -51.31 0.87 41.55
CA ILE CB 215 -51.19 -0.43 40.90
C ILE CB 215 -52.29 -0.55 39.85
N ARG CB 216 -51.89 -0.81 38.61
CA ARG CB 216 -52.82 -0.98 37.51
C ARG CB 216 -52.84 -2.45 37.10
N GLN CB 217 -53.98 -3.11 37.31
CA GLN CB 217 -54.11 -4.51 36.94
C GLN CB 217 -54.27 -4.65 35.44
N SER CB 218 -53.82 -5.79 34.91
CA SER CB 218 -53.92 -6.12 33.50
C SER CB 218 -53.24 -5.07 32.62
N MET CB 219 -52.09 -4.58 33.08
CA MET CB 219 -51.35 -3.58 32.33
C MET CB 219 -49.86 -3.79 32.57
N LEU CB 220 -49.07 -3.53 31.53
CA LEU CB 220 -47.62 -3.70 31.59
C LEU CB 220 -46.93 -2.42 31.15
N GLU CB 221 -45.73 -2.22 31.67
CA GLU CB 221 -44.94 -1.01 31.43
C GLU CB 221 -43.84 -1.34 30.43
N ALA CB 222 -43.98 -0.80 29.21
CA ALA CB 222 -42.98 -1.04 28.18
C ALA CB 222 -41.70 -0.28 28.50
N SER CB 223 -40.61 -0.71 27.86
CA SER CB 223 -39.33 -0.04 28.05
C SER CB 223 -39.36 1.38 27.50
N ASN CB 224 -38.53 2.24 28.08
CA ASN CB 224 -38.49 3.65 27.72
C ASN CB 224 -37.37 3.96 26.73
N VAL CB 225 -36.78 2.95 26.11
CA VAL CB 225 -35.67 3.18 25.19
C VAL CB 225 -36.18 3.88 23.94
N ASN CB 226 -35.36 4.79 23.43
CA ASN CB 226 -35.65 5.50 22.18
C ASN CB 226 -34.79 4.86 21.09
N VAL CB 227 -35.42 4.04 20.24
CA VAL CB 227 -34.66 3.25 19.28
C VAL CB 227 -33.96 4.15 18.28
N THR CB 228 -34.60 5.26 17.90
CA THR CB 228 -33.95 6.21 16.99
C THR CB 228 -32.73 6.86 17.63
N GLU CB 229 -32.84 7.22 18.91
CA GLU CB 229 -31.71 7.86 19.60
C GLU CB 229 -30.52 6.92 19.68
N GLU CB 230 -30.76 5.62 19.93
CA GLU CB 230 -29.66 4.68 20.02
C GLU CB 230 -28.94 4.54 18.67
N LEU CB 231 -29.68 4.60 17.57
CA LEU CB 231 -29.06 4.51 16.26
C LEU CB 231 -28.21 5.74 15.95
N VAL CB 232 -28.69 6.93 16.35
CA VAL CB 232 -27.90 8.13 16.14
C VAL CB 232 -26.66 8.12 17.04
N ASN CB 233 -26.82 7.64 18.28
CA ASN CB 233 -25.67 7.55 19.18
C ASN CB 233 -24.67 6.53 18.67
N MET CB 234 -25.15 5.46 18.02
CA MET CB 234 -24.23 4.49 17.44
C MET CB 234 -23.41 5.11 16.31
N ILE CB 235 -24.02 6.04 15.56
CA ILE CB 235 -23.29 6.74 14.52
C ILE CB 235 -22.19 7.61 15.13
N GLU CB 236 -22.53 8.37 16.16
CA GLU CB 236 -21.53 9.22 16.81
C GLU CB 236 -20.44 8.39 17.47
N ALA CB 237 -20.82 7.30 18.13
CA ALA CB 237 -19.83 6.47 18.81
C ALA CB 237 -18.87 5.83 17.81
N GLN CB 238 -19.39 5.40 16.66
CA GLN CB 238 -18.53 4.77 15.66
C GLN CB 238 -17.52 5.76 15.09
N ARG CB 239 -17.95 7.00 14.82
CA ARG CB 239 -17.06 7.95 14.15
C ARG CB 239 -15.98 8.46 15.10
N VAL CB 240 -16.34 8.76 16.35
CA VAL CB 240 -15.34 9.19 17.32
C VAL CB 240 -14.37 8.06 17.61
N TYR CB 241 -14.86 6.82 17.62
CA TYR CB 241 -13.99 5.66 17.79
C TYR CB 241 -12.97 5.58 16.66
N GLU CB 242 -13.42 5.80 15.42
CA GLU CB 242 -12.50 5.68 14.28
C GLU CB 242 -11.49 6.82 14.25
N MET CB 243 -11.91 8.02 14.66
CA MET CB 243 -11.01 9.16 14.58
C MET CB 243 -9.93 9.11 15.65
N ASN CB 244 -10.16 8.36 16.73
CA ASN CB 244 -9.09 8.11 17.68
C ASN CB 244 -8.09 7.08 17.14
N SER CB 245 -8.56 6.15 16.32
CA SER CB 245 -7.66 5.20 15.67
C SER CB 245 -6.78 5.90 14.65
N LYS CB 246 -7.28 6.97 14.03
CA LYS CB 246 -6.46 7.73 13.09
C LYS CB 246 -5.27 8.37 13.79
N VAL CB 247 -5.47 8.88 15.01
CA VAL CB 247 -4.37 9.48 15.75
C VAL CB 247 -3.32 8.44 16.10
N ILE CB 248 -3.76 7.27 16.59
CA ILE CB 248 -2.81 6.21 16.94
C ILE CB 248 -2.06 5.73 15.71
N SER CB 249 -2.76 5.59 14.58
CA SER CB 249 -2.09 5.20 13.34
C SER CB 249 -1.08 6.24 12.91
N SER CB 250 -1.41 7.52 13.05
CA SER CB 250 -0.48 8.58 12.67
C SER CB 250 0.77 8.56 13.54
N VAL CB 251 0.59 8.34 14.84
CA VAL CB 251 1.74 8.26 15.75
C VAL CB 251 2.59 7.04 15.40
N ASP CB 252 1.95 5.93 15.02
CA ASP CB 252 2.69 4.74 14.63
C ASP CB 252 3.56 5.00 13.41
N LYS CB 253 3.02 5.74 12.42
CA LYS CB 253 3.82 6.09 11.25
C LYS CB 253 4.89 7.10 11.59
N MET CB 254 4.60 8.02 12.53
CA MET CB 254 5.59 9.00 12.93
C MET CB 254 6.81 8.35 13.56
N MET CB 255 6.59 7.37 14.45
CA MET CB 255 7.71 6.70 15.09
C MET CB 255 8.43 5.78 14.11
N SER CB 256 7.70 5.20 13.16
CA SER CB 256 8.35 4.43 12.11
C SER CB 256 9.28 5.30 11.28
N PHE CB 257 8.84 6.53 10.98
CA PHE CB 257 9.69 7.45 10.22
C PHE CB 257 10.95 7.82 11.01
N VAL CB 258 10.80 8.05 12.32
CA VAL CB 258 11.95 8.43 13.14
C VAL CB 258 12.95 7.28 13.23
N ASN CB 259 12.45 6.06 13.36
CA ASN CB 259 13.34 4.90 13.41
C ASN CB 259 14.13 4.75 12.11
N GLN CB 260 13.49 4.98 10.97
CA GLN CB 260 14.17 4.88 9.68
C GLN CB 260 15.12 6.04 9.43
N GLN CB 261 14.88 7.21 10.03
CA GLN CB 261 15.67 8.40 9.77
C GLN CB 261 16.74 8.62 10.84
N LEU CB 262 16.34 8.65 12.11
CA LEU CB 262 17.28 8.98 13.19
C LEU CB 262 18.08 7.76 13.65
N MET DB 1 -23.83 5.09 -27.28
CA MET DB 1 -22.74 4.39 -26.60
C MET DB 1 -22.87 2.89 -26.76
N HIS DB 2 -24.12 2.40 -26.75
CA HIS DB 2 -24.42 0.99 -26.88
C HIS DB 2 -25.49 0.82 -27.95
N PRO DB 3 -25.35 -0.18 -28.82
CA PRO DB 3 -26.35 -0.34 -29.90
C PRO DB 3 -27.77 -0.54 -29.39
N ALA DB 4 -27.95 -1.25 -28.28
CA ALA DB 4 -29.29 -1.50 -27.77
C ALA DB 4 -29.92 -0.24 -27.20
N LEU DB 5 -29.11 0.75 -26.84
CA LEU DB 5 -29.65 2.03 -26.36
C LEU DB 5 -30.28 2.80 -27.51
N TRP DB 6 -29.62 2.83 -28.66
CA TRP DB 6 -30.13 3.59 -29.79
C TRP DB 6 -31.30 2.87 -30.45
N VAL DB 7 -31.29 1.54 -30.46
CA VAL DB 7 -32.38 0.79 -31.07
C VAL DB 7 -33.67 1.00 -30.28
N SER DB 8 -33.58 0.96 -28.95
CA SER DB 8 -34.78 1.13 -28.14
C SER DB 8 -35.27 2.57 -28.14
N LYS DB 9 -34.38 3.53 -28.39
CA LYS DB 9 -34.81 4.92 -28.56
C LYS DB 9 -35.74 5.04 -29.77
N THR DB 10 -35.40 4.38 -30.88
CA THR DB 10 -36.29 4.39 -32.04
C THR DB 10 -37.60 3.68 -31.73
N GLY DB 11 -37.55 2.63 -30.92
CA GLY DB 11 -38.78 1.96 -30.50
C GLY DB 11 -39.66 2.86 -29.65
N LEU DB 12 -39.06 3.60 -28.71
CA LEU DB 12 -39.82 4.53 -27.90
C LEU DB 12 -40.41 5.65 -28.75
N ASP DB 13 -39.64 6.15 -29.71
CA ASP DB 13 -40.13 7.23 -30.57
C ASP DB 13 -41.35 6.78 -31.37
N ALA DB 14 -41.30 5.56 -31.91
CA ALA DB 14 -42.42 5.05 -32.71
C ALA DB 14 -43.67 4.89 -31.86
N GLN DB 15 -43.52 4.41 -30.63
CA GLN DB 15 -44.69 4.18 -29.79
C GLN DB 15 -45.28 5.48 -29.27
N GLN DB 16 -44.43 6.49 -29.04
CA GLN DB 16 -44.96 7.81 -28.67
C GLN DB 16 -45.78 8.41 -29.81
N THR DB 17 -45.31 8.27 -31.04
CA THR DB 17 -46.08 8.74 -32.19
C THR DB 17 -47.35 7.92 -32.37
N ASN DB 18 -47.27 6.61 -32.15
CA ASN DB 18 -48.45 5.76 -32.27
C ASN DB 18 -49.52 6.15 -31.25
N ILE DB 19 -49.11 6.42 -30.01
CA ILE DB 19 -50.06 6.81 -28.97
C ILE DB 19 -50.67 8.17 -29.29
N ALA DB 20 -49.85 9.10 -29.80
CA ALA DB 20 -50.36 10.42 -30.14
C ALA DB 20 -51.39 10.33 -31.26
N THR DB 21 -51.19 9.43 -32.21
CA THR DB 21 -52.19 9.22 -33.26
C THR DB 21 -53.50 8.68 -32.68
N ILE DB 22 -53.41 7.74 -31.75
CA ILE DB 22 -54.59 7.20 -31.10
C ILE DB 22 -55.29 8.27 -30.27
N SER DB 23 -54.51 9.09 -29.58
CA SER DB 23 -55.08 10.16 -28.77
C SER DB 23 -55.83 11.17 -29.63
N ASN DB 24 -55.37 11.36 -30.87
CA ASN DB 24 -56.07 12.27 -31.77
C ASN DB 24 -57.39 11.68 -32.24
N ASN DB 25 -57.41 10.36 -32.49
CA ASN DB 25 -58.65 9.70 -32.91
C ASN DB 25 -59.71 9.76 -31.82
N LEU DB 26 -59.31 9.48 -30.57
CA LEU DB 26 -60.28 9.50 -29.47
C LEU DB 26 -60.76 10.90 -29.15
N ALA DB 27 -59.91 11.91 -29.38
CA ALA DB 27 -60.36 13.30 -29.23
C ALA DB 27 -61.44 13.63 -30.24
N ASN DB 28 -61.28 13.20 -31.48
CA ASN DB 28 -62.27 13.41 -32.53
C ASN DB 28 -63.23 12.23 -32.65
N ALA DB 29 -63.83 11.82 -31.53
CA ALA DB 29 -64.81 10.75 -31.56
C ALA DB 29 -66.23 11.25 -31.80
N SER DB 30 -66.42 12.57 -31.88
CA SER DB 30 -67.72 13.14 -32.19
C SER DB 30 -67.64 14.18 -33.31
N THR DB 31 -66.46 14.44 -33.86
CA THR DB 31 -66.32 15.40 -34.95
C THR DB 31 -67.04 14.89 -36.19
N VAL DB 32 -67.72 15.79 -36.88
CA VAL DB 32 -68.49 15.43 -38.07
C VAL DB 32 -67.54 15.29 -39.25
N GLY DB 33 -67.61 14.15 -39.93
CA GLY DB 33 -66.78 13.92 -41.10
C GLY DB 33 -65.30 13.82 -40.84
N TYR DB 34 -64.91 13.21 -39.72
CA TYR DB 34 -63.52 12.98 -39.38
C TYR DB 34 -63.12 11.57 -39.76
N LYS DB 35 -61.99 11.43 -40.44
CA LYS DB 35 -61.48 10.14 -40.86
C LYS DB 35 -60.33 9.71 -39.94
N LYS DB 36 -60.44 8.52 -39.37
CA LYS DB 36 -59.45 8.07 -38.40
C LYS DB 36 -58.11 7.84 -39.08
N SER DB 37 -57.06 7.88 -38.27
CA SER DB 37 -55.69 7.73 -38.74
C SER DB 37 -55.04 6.55 -38.04
N ARG DB 38 -54.20 5.84 -38.78
CA ARG DB 38 -53.43 4.72 -38.24
C ARG DB 38 -51.96 4.90 -38.60
N ALA DB 39 -51.09 4.75 -37.61
CA ALA DB 39 -49.66 4.87 -37.84
C ALA DB 39 -49.13 3.62 -38.53
N VAL DB 40 -48.21 3.82 -39.47
CA VAL DB 40 -47.62 2.73 -40.24
C VAL DB 40 -46.18 2.56 -39.78
N PHE DB 41 -45.85 1.35 -39.32
CA PHE DB 41 -44.53 1.04 -38.79
C PHE DB 41 -43.69 0.36 -39.86
N GLU DB 42 -42.40 0.70 -39.88
CA GLU DB 42 -41.43 -0.01 -40.71
C GLU DB 42 -40.10 -0.02 -40.00
N ASP DB 43 -39.37 -1.13 -40.16
CA ASP DB 43 -38.06 -1.25 -39.57
C ASP DB 43 -37.05 -0.37 -40.31
N LEU DB 44 -35.99 0.00 -39.60
CA LEU DB 44 -34.94 0.82 -40.19
C LEU DB 44 -33.93 -0.07 -40.90
N PHE DB 45 -32.86 0.53 -41.41
CA PHE DB 45 -31.85 -0.20 -42.15
C PHE DB 45 -31.15 -1.22 -41.25
N TYR DB 46 -30.62 -2.26 -41.88
CA TYR DB 46 -29.89 -3.31 -41.18
C TYR DB 46 -28.40 -3.15 -41.44
N GLN DB 47 -27.61 -3.12 -40.36
CA GLN DB 47 -26.17 -3.08 -40.51
C GLN DB 47 -25.67 -4.42 -41.03
N ASN DB 48 -24.73 -4.37 -41.97
CA ASN DB 48 -24.26 -5.56 -42.68
C ASN DB 48 -22.91 -5.97 -42.11
N ILE DB 49 -22.95 -6.89 -41.14
CA ILE DB 49 -21.73 -7.44 -40.56
C ILE DB 49 -21.27 -8.61 -41.41
N ASN DB 50 -22.11 -9.65 -41.49
CA ASN DB 50 -21.87 -10.79 -42.38
C ASN DB 50 -22.90 -10.76 -43.50
N GLN DB 51 -22.42 -10.87 -44.73
CA GLN DB 51 -23.31 -10.80 -45.88
C GLN DB 51 -24.04 -12.11 -46.08
N PRO DB 52 -25.37 -12.13 -46.06
CA PRO DB 52 -26.10 -13.36 -46.40
C PRO DB 52 -25.93 -13.68 -47.88
N GLY DB 53 -25.57 -14.92 -48.17
CA GLY DB 53 -25.27 -15.33 -49.52
C GLY DB 53 -23.82 -15.16 -49.93
N GLY DB 54 -23.00 -14.53 -49.11
CA GLY DB 54 -21.58 -14.46 -49.41
C GLY DB 54 -20.95 -15.84 -49.43
N GLN DB 55 -20.01 -16.02 -50.34
CA GLN DB 55 -19.40 -17.34 -50.55
C GLN DB 55 -18.35 -17.60 -49.49
N SER DB 56 -18.74 -18.33 -48.43
CA SER DB 56 -17.78 -18.89 -47.48
C SER DB 56 -17.45 -20.28 -47.98
N SER DB 57 -16.27 -20.40 -48.61
CA SER DB 57 -15.81 -21.62 -49.30
C SER DB 57 -16.56 -21.78 -50.62
N GLN DB 58 -15.98 -22.53 -51.55
CA GLN DB 58 -16.64 -22.79 -52.81
C GLN DB 58 -17.78 -23.79 -52.61
N ASN DB 59 -18.82 -23.64 -53.43
CA ASN DB 59 -20.04 -24.43 -53.36
C ASN DB 59 -20.78 -24.27 -52.03
N THR DB 60 -20.40 -23.29 -51.21
CA THR DB 60 -21.05 -23.03 -49.94
C THR DB 60 -21.20 -21.52 -49.75
N GLU DB 61 -22.38 -21.11 -49.32
CA GLU DB 61 -22.68 -19.70 -49.09
C GLU DB 61 -23.42 -19.56 -47.78
N LEU DB 62 -23.26 -18.40 -47.13
CA LEU DB 62 -23.89 -18.14 -45.84
C LEU DB 62 -25.40 -18.24 -45.96
N PRO DB 63 -26.02 -19.25 -45.34
CA PRO DB 63 -27.49 -19.36 -45.40
C PRO DB 63 -28.20 -18.17 -44.78
N SER DB 64 -27.60 -17.54 -43.78
CA SER DB 64 -28.14 -16.34 -43.17
C SER DB 64 -26.99 -15.55 -42.57
N GLY DB 65 -26.89 -14.27 -42.93
CA GLY DB 65 -25.81 -13.44 -42.48
C GLY DB 65 -26.13 -12.70 -41.19
N LEU DB 66 -25.09 -12.19 -40.54
CA LEU DB 66 -25.24 -11.42 -39.31
C LEU DB 66 -25.63 -10.00 -39.68
N MET DB 67 -26.94 -9.75 -39.69
CA MET DB 67 -27.48 -8.44 -40.04
C MET DB 67 -28.18 -7.87 -38.81
N LEU DB 68 -27.62 -6.80 -38.26
CA LEU DB 68 -28.16 -6.15 -37.07
C LEU DB 68 -29.09 -5.01 -37.47
N GLY DB 69 -30.29 -5.00 -36.90
CA GLY DB 69 -31.24 -3.94 -37.18
C GLY DB 69 -30.91 -2.66 -36.44
N ALA DB 70 -31.53 -1.57 -36.90
CA ALA DB 70 -31.34 -0.27 -36.29
C ALA DB 70 -32.57 0.23 -35.55
N GLY DB 71 -33.60 -0.60 -35.41
CA GLY DB 71 -34.79 -0.22 -34.68
C GLY DB 71 -36.02 -0.19 -35.58
N SER DB 72 -36.93 0.73 -35.27
CA SER DB 72 -38.15 0.89 -36.04
C SER DB 72 -38.61 2.34 -35.93
N LYS DB 73 -39.53 2.72 -36.82
CA LYS DB 73 -40.06 4.07 -36.83
C LYS DB 73 -41.46 4.05 -37.41
N VAL DB 74 -42.18 5.14 -37.18
CA VAL DB 74 -43.48 5.35 -37.82
C VAL DB 74 -43.24 6.14 -39.10
N VAL DB 75 -43.50 5.50 -40.24
CA VAL DB 75 -43.17 6.10 -41.53
C VAL DB 75 -44.30 6.99 -42.05
N ALA DB 76 -45.55 6.64 -41.76
CA ALA DB 76 -46.67 7.39 -42.31
C ALA DB 76 -47.87 7.31 -41.36
N THR DB 77 -48.77 8.28 -41.52
CA THR DB 77 -50.04 8.33 -40.80
C THR DB 77 -51.13 8.20 -41.86
N GLN DB 78 -51.71 7.02 -41.97
CA GLN DB 78 -52.67 6.73 -43.02
C GLN DB 78 -54.09 7.09 -42.57
N LYS DB 79 -54.70 8.03 -43.29
CA LYS DB 79 -56.10 8.39 -43.06
C LYS DB 79 -56.99 7.32 -43.68
N VAL DB 80 -57.70 6.58 -42.84
CA VAL DB 80 -58.60 5.53 -43.31
C VAL DB 80 -59.88 6.22 -43.75
N HIS DB 81 -60.05 6.37 -45.07
CA HIS DB 81 -61.20 7.09 -45.61
C HIS DB 81 -62.37 6.14 -45.90
N THR DB 82 -62.77 5.38 -44.89
CA THR DB 82 -63.98 4.58 -44.97
C THR DB 82 -65.17 5.42 -44.50
N HIS DB 83 -66.33 5.14 -45.08
CA HIS DB 83 -67.51 5.95 -44.82
C HIS DB 83 -67.99 5.78 -43.39
N GLY DB 84 -68.44 6.89 -42.79
CA GLY DB 84 -68.98 6.87 -41.45
C GLY DB 84 -70.51 6.84 -41.45
N ASN DB 85 -71.06 6.53 -40.28
CA ASN DB 85 -72.50 6.44 -40.15
C ASN DB 85 -73.15 7.80 -40.28
N ALA DB 86 -74.45 7.79 -40.63
CA ALA DB 86 -75.21 8.98 -40.94
C ALA DB 86 -76.03 9.40 -39.72
N GLN DB 87 -76.01 10.69 -39.41
CA GLN DB 87 -76.79 11.25 -38.32
C GLN DB 87 -78.01 11.97 -38.89
N THR DB 88 -79.19 11.57 -38.43
CA THR DB 88 -80.44 12.17 -38.91
C THR DB 88 -80.78 13.38 -38.06
N THR DB 89 -80.84 14.55 -38.69
CA THR DB 89 -81.12 15.81 -38.01
C THR DB 89 -82.34 16.47 -38.62
N THR DB 90 -82.89 17.44 -37.89
CA THR DB 90 -84.01 18.24 -38.37
C THR DB 90 -83.58 19.52 -39.07
N ASN DB 91 -82.27 19.83 -39.07
CA ASN DB 91 -81.77 20.98 -39.81
C ASN DB 91 -81.88 20.73 -41.30
N ALA DB 92 -82.17 21.79 -42.06
CA ALA DB 92 -82.27 21.70 -43.51
C ALA DB 92 -81.02 22.17 -44.22
N LEU DB 93 -80.07 22.79 -43.52
CA LEU DB 93 -78.87 23.32 -44.12
C LEU DB 93 -77.63 22.48 -43.84
N ASP DB 94 -77.80 21.25 -43.37
CA ASP DB 94 -76.69 20.33 -43.17
C ASP DB 94 -76.82 19.17 -44.16
N MET DB 95 -75.75 18.90 -44.90
CA MET DB 95 -75.77 17.93 -45.97
C MET DB 95 -74.72 16.84 -45.70
N MET DB 96 -74.77 15.81 -46.52
CA MET DB 96 -73.88 14.66 -46.41
C MET DB 96 -73.62 14.09 -47.80
N VAL DB 97 -72.41 13.60 -48.01
CA VAL DB 97 -72.02 12.97 -49.27
C VAL DB 97 -72.12 11.47 -49.08
N GLU DB 98 -73.18 10.87 -49.63
CA GLU DB 98 -73.36 9.42 -49.59
C GLU DB 98 -72.46 8.80 -50.65
N GLY DB 99 -71.23 8.48 -50.26
CA GLY DB 99 -70.24 7.98 -51.20
C GLY DB 99 -69.04 8.91 -51.29
N ASP DB 100 -68.24 8.67 -52.33
CA ASP DB 100 -67.03 9.46 -52.54
C ASP DB 100 -67.38 10.90 -52.90
N GLY DB 101 -66.54 11.81 -52.46
CA GLY DB 101 -66.70 13.22 -52.76
C GLY DB 101 -66.36 14.11 -51.57
N PHE DB 102 -65.97 15.35 -51.88
CA PHE DB 102 -65.62 16.34 -50.88
C PHE DB 102 -66.32 17.65 -51.20
N PHE DB 103 -66.91 18.28 -50.20
CA PHE DB 103 -67.40 19.65 -50.39
C PHE DB 103 -66.22 20.59 -50.56
N GLN DB 104 -66.40 21.60 -51.40
CA GLN DB 104 -65.35 22.56 -51.70
C GLN DB 104 -65.75 23.94 -51.19
N VAL DB 105 -64.87 24.55 -50.39
CA VAL DB 105 -65.10 25.86 -49.82
C VAL DB 105 -63.93 26.75 -50.15
N THR DB 106 -64.18 28.07 -50.14
CA THR DB 106 -63.18 29.06 -50.53
C THR DB 106 -62.41 29.51 -49.30
N LEU DB 107 -61.13 29.18 -49.25
CA LEU DB 107 -60.28 29.61 -48.15
C LEU DB 107 -59.97 31.10 -48.28
N PRO DB 108 -59.65 31.77 -47.17
CA PRO DB 108 -59.33 33.20 -47.25
C PRO DB 108 -58.17 33.53 -48.15
N ASP DB 109 -57.16 32.64 -48.24
CA ASP DB 109 -56.01 32.91 -49.08
C ASP DB 109 -56.37 32.92 -50.57
N GLY DB 110 -57.47 32.28 -50.94
CA GLY DB 110 -57.90 32.27 -52.33
C GLY DB 110 -58.09 30.87 -52.88
N ASN DB 111 -57.42 29.89 -52.28
CA ASN DB 111 -57.52 28.52 -52.76
C ASN DB 111 -58.81 27.87 -52.29
N ILE DB 112 -59.01 26.62 -52.71
CA ILE DB 112 -60.21 25.86 -52.37
C ILE DB 112 -59.82 24.75 -51.41
N GLY DB 113 -60.50 24.70 -50.26
CA GLY DB 113 -60.32 23.65 -49.30
C GLY DB 113 -61.46 22.64 -49.36
N TYR DB 114 -61.10 21.36 -49.33
CA TYR DB 114 -62.06 20.28 -49.52
C TYR DB 114 -62.41 19.69 -48.17
N THR DB 115 -63.72 19.58 -47.90
CA THR DB 115 -64.21 19.19 -46.59
C THR DB 115 -65.25 18.08 -46.72
N ARG DB 116 -65.21 17.12 -45.79
CA ARG DB 116 -66.26 16.14 -45.64
C ARG DB 116 -67.34 16.57 -44.66
N ASN DB 117 -67.13 17.66 -43.94
CA ASN DB 117 -68.14 18.18 -43.03
C ASN DB 117 -69.30 18.76 -43.83
N GLY DB 118 -70.50 18.56 -43.31
CA GLY DB 118 -71.69 19.06 -43.99
C GLY DB 118 -72.47 20.07 -43.20
N GLN DB 119 -71.98 20.42 -42.01
CA GLN DB 119 -72.65 21.39 -41.15
C GLN DB 119 -72.47 22.77 -41.76
N PHE DB 120 -73.50 23.27 -42.43
CA PHE DB 120 -73.47 24.57 -43.07
C PHE DB 120 -74.51 25.49 -42.44
N THR DB 121 -74.33 26.79 -42.66
CA THR DB 121 -75.22 27.81 -42.13
C THR DB 121 -75.26 28.96 -43.12
N LEU DB 122 -75.77 30.11 -42.67
CA LEU DB 122 -75.90 31.29 -43.50
C LEU DB 122 -75.12 32.44 -42.88
N ASN DB 123 -74.57 33.29 -43.73
CA ASN DB 123 -73.89 34.50 -43.27
C ASN DB 123 -74.91 35.65 -43.26
N GLY DB 124 -74.46 36.87 -43.05
CA GLY DB 124 -75.37 38.01 -43.09
C GLY DB 124 -76.01 38.21 -44.44
N GLU DB 125 -75.27 37.92 -45.51
CA GLU DB 125 -75.77 38.07 -46.87
C GLU DB 125 -76.57 36.87 -47.35
N GLY DB 126 -76.68 35.82 -46.54
CA GLY DB 126 -77.42 34.64 -46.93
C GLY DB 126 -76.62 33.60 -47.68
N THR DB 127 -75.33 33.83 -47.91
CA THR DB 127 -74.49 32.84 -48.58
C THR DB 127 -74.33 31.60 -47.71
N LEU DB 128 -74.43 30.43 -48.31
CA LEU DB 128 -74.22 29.19 -47.59
C LEU DB 128 -72.75 29.06 -47.21
N VAL DB 129 -72.47 29.03 -45.91
CA VAL DB 129 -71.11 29.01 -45.40
C VAL DB 129 -70.97 27.86 -44.40
N THR DB 130 -69.73 27.55 -44.05
CA THR DB 130 -69.45 26.53 -43.06
C THR DB 130 -69.89 27.00 -41.67
N SER DB 131 -70.33 26.05 -40.85
CA SER DB 131 -70.82 26.35 -39.52
C SER DB 131 -69.69 26.64 -38.53
N GLY DB 132 -68.43 26.58 -38.97
CA GLY DB 132 -67.31 26.88 -38.11
C GLY DB 132 -66.77 28.27 -38.34
N SER DB 133 -65.66 28.37 -39.07
CA SER DB 133 -65.04 29.66 -39.36
C SER DB 133 -65.87 30.52 -40.30
N GLY DB 134 -66.82 29.94 -41.03
CA GLY DB 134 -67.66 30.70 -41.92
C GLY DB 134 -67.13 30.87 -43.33
N TYR DB 135 -66.45 29.86 -43.87
CA TYR DB 135 -65.93 29.95 -45.22
C TYR DB 135 -67.07 29.77 -46.23
N PRO DB 136 -67.12 30.57 -47.29
CA PRO DB 136 -68.14 30.35 -48.32
C PRO DB 136 -67.94 29.03 -49.03
N VAL DB 137 -69.05 28.45 -49.51
CA VAL DB 137 -69.05 27.17 -50.19
C VAL DB 137 -69.00 27.40 -51.69
N GLU DB 138 -68.13 26.66 -52.38
CA GLU DB 138 -67.94 26.73 -53.83
C GLU DB 138 -68.84 25.70 -54.52
N PRO DB 139 -69.69 26.12 -55.48
CA PRO DB 139 -69.97 27.49 -55.91
C PRO DB 139 -70.87 28.21 -54.91
N GLU DB 140 -70.88 29.54 -54.90
CA GLU DB 140 -71.68 30.27 -53.92
C GLU DB 140 -73.16 29.96 -54.08
N ILE DB 141 -73.82 29.71 -52.97
CA ILE DB 141 -75.26 29.46 -52.93
C ILE DB 141 -75.86 30.55 -52.07
N VAL DB 142 -76.51 31.52 -52.69
CA VAL DB 142 -77.14 32.64 -51.99
C VAL DB 142 -78.64 32.38 -51.95
N ILE DB 143 -79.19 32.32 -50.75
CA ILE DB 143 -80.61 32.09 -50.54
C ILE DB 143 -81.29 33.47 -50.45
N PRO DB 144 -82.16 33.83 -51.38
CA PRO DB 144 -82.84 35.13 -51.28
C PRO DB 144 -83.82 35.14 -50.10
N GLU DB 145 -84.07 36.36 -49.62
CA GLU DB 145 -85.00 36.56 -48.51
C GLU DB 145 -86.46 36.49 -48.95
N ASP DB 146 -86.70 35.99 -50.16
CA ASP DB 146 -88.05 35.74 -50.67
C ASP DB 146 -88.42 34.26 -50.55
N ALA DB 147 -87.63 33.47 -49.85
CA ALA DB 147 -87.82 32.02 -49.76
C ALA DB 147 -88.41 31.64 -48.41
N ILE DB 148 -89.20 30.56 -48.42
CA ILE DB 148 -89.77 30.03 -47.20
C ILE DB 148 -89.26 28.63 -46.86
N SER DB 149 -88.60 27.95 -47.80
CA SER DB 149 -88.08 26.61 -47.54
C SER DB 149 -86.97 26.31 -48.53
N ILE DB 150 -85.94 25.61 -48.06
CA ILE DB 150 -84.78 25.25 -48.85
C ILE DB 150 -84.75 23.74 -48.99
N THR DB 151 -84.69 23.26 -50.24
CA THR DB 151 -84.56 21.84 -50.52
C THR DB 151 -83.37 21.61 -51.43
N VAL DB 152 -82.49 20.69 -51.04
CA VAL DB 152 -81.30 20.36 -51.80
C VAL DB 152 -81.46 18.94 -52.32
N GLY DB 153 -81.42 18.79 -53.64
CA GLY DB 153 -81.66 17.50 -54.25
C GLY DB 153 -80.47 16.56 -54.15
N THR DB 154 -80.71 15.31 -54.55
CA THR DB 154 -79.65 14.32 -54.58
C THR DB 154 -78.54 14.73 -55.54
N ASP DB 155 -78.91 15.26 -56.71
CA ASP DB 155 -77.95 15.74 -57.70
C ASP DB 155 -77.36 17.09 -57.35
N GLY DB 156 -77.52 17.55 -56.11
CA GLY DB 156 -76.90 18.78 -55.65
C GLY DB 156 -77.60 20.05 -56.06
N GLU DB 157 -78.75 19.96 -56.73
CA GLU DB 157 -79.48 21.15 -57.16
C GLU DB 157 -80.13 21.80 -55.94
N VAL DB 158 -79.68 23.01 -55.60
CA VAL DB 158 -80.26 23.76 -54.50
C VAL DB 158 -81.43 24.57 -55.04
N SER DB 159 -82.62 24.34 -54.51
CA SER DB 159 -83.81 25.06 -54.90
C SER DB 159 -84.54 25.58 -53.67
N VAL DB 160 -85.04 26.81 -53.76
CA VAL DB 160 -85.83 27.41 -52.70
C VAL DB 160 -87.23 27.66 -53.23
N ARG DB 161 -88.17 27.79 -52.31
CA ARG DB 161 -89.58 27.99 -52.64
C ARG DB 161 -89.98 29.42 -52.28
N VAL DB 162 -90.54 30.14 -53.24
CA VAL DB 162 -90.91 31.54 -53.07
C VAL DB 162 -92.36 31.62 -52.63
N ARG DB 163 -92.63 32.50 -51.66
CA ARG DB 163 -93.99 32.76 -51.24
C ARG DB 163 -94.78 33.42 -52.36
N GLY DB 164 -96.05 33.02 -52.49
CA GLY DB 164 -96.86 33.52 -53.59
C GLY DB 164 -96.35 33.12 -54.95
N GLN DB 165 -95.81 31.91 -55.07
CA GLN DB 165 -95.28 31.42 -56.35
C GLN DB 165 -95.25 29.91 -56.29
N GLN DB 166 -96.09 29.26 -57.11
CA GLN DB 166 -96.19 27.80 -57.14
C GLN DB 166 -95.15 27.24 -58.11
N ASP DB 167 -93.88 27.44 -57.76
CA ASP DB 167 -92.77 26.96 -58.57
C ASP DB 167 -91.47 27.06 -57.78
N ASN DB 168 -90.66 25.99 -57.81
CA ASN DB 168 -89.37 26.02 -57.14
C ASN DB 168 -88.42 26.96 -57.87
N GLN DB 169 -87.72 27.80 -57.11
CA GLN DB 169 -86.78 28.77 -57.66
C GLN DB 169 -85.38 28.21 -57.49
N VAL DB 170 -84.79 27.75 -58.60
CA VAL DB 170 -83.47 27.15 -58.56
C VAL DB 170 -82.44 28.27 -58.36
N VAL DB 171 -81.66 28.17 -57.29
CA VAL DB 171 -80.72 29.21 -56.90
C VAL DB 171 -79.30 28.72 -56.79
N GLY DB 172 -78.99 27.53 -57.29
CA GLY DB 172 -77.63 27.04 -57.24
C GLY DB 172 -77.54 25.60 -57.68
N GLN DB 173 -76.30 25.12 -57.75
CA GLN DB 173 -76.01 23.74 -58.12
C GLN DB 173 -74.67 23.36 -57.51
N LEU DB 174 -74.71 22.58 -56.44
CA LEU DB 174 -73.48 22.18 -55.76
C LEU DB 174 -72.73 21.15 -56.58
N THR DB 175 -71.41 21.29 -56.62
CA THR DB 175 -70.53 20.32 -57.26
C THR DB 175 -69.52 19.83 -56.24
N ILE DB 176 -69.28 18.52 -56.21
CA ILE DB 176 -68.36 17.92 -55.26
C ILE DB 176 -67.15 17.38 -56.02
N THR DB 177 -66.02 17.35 -55.33
CA THR DB 177 -64.76 16.91 -55.92
C THR DB 177 -64.33 15.60 -55.26
N ASP DB 178 -64.00 14.61 -56.09
CA ASP DB 178 -63.47 13.34 -55.62
C ASP DB 178 -61.98 13.26 -55.94
N PHE DB 179 -61.26 12.51 -55.12
CA PHE DB 179 -59.84 12.28 -55.31
C PHE DB 179 -59.58 10.78 -55.44
N VAL DB 180 -58.66 10.42 -56.33
CA VAL DB 180 -58.29 9.02 -56.49
C VAL DB 180 -57.68 8.49 -55.19
N ASN DB 181 -56.88 9.33 -54.53
CA ASN DB 181 -56.26 8.98 -53.25
C ASN DB 181 -56.59 10.06 -52.24
N PRO DB 182 -57.79 10.02 -51.65
CA PRO DB 182 -58.14 11.01 -50.61
C PRO DB 182 -57.22 10.95 -49.40
N GLY DB 183 -56.63 9.79 -49.12
CA GLY DB 183 -55.68 9.69 -48.02
C GLY DB 183 -54.41 10.50 -48.24
N GLY DB 184 -54.15 10.92 -49.47
CA GLY DB 184 -53.01 11.76 -49.76
C GLY DB 184 -53.23 13.23 -49.56
N LEU DB 185 -54.46 13.64 -49.23
CA LEU DB 185 -54.72 15.03 -48.93
C LEU DB 185 -53.99 15.46 -47.67
N GLU DB 186 -53.68 16.75 -47.60
CA GLU DB 186 -52.99 17.30 -46.43
C GLU DB 186 -54.03 17.87 -45.47
N PRO DB 187 -54.23 17.29 -44.29
CA PRO DB 187 -55.17 17.87 -43.32
C PRO DB 187 -54.60 19.18 -42.77
N ILE DB 188 -55.39 20.24 -42.86
CA ILE DB 188 -54.99 21.56 -42.41
C ILE DB 188 -55.82 22.02 -41.21
N GLY DB 189 -56.59 21.11 -40.62
CA GLY DB 189 -57.47 21.45 -39.52
C GLY DB 189 -58.77 22.07 -40.00
N GLN DB 190 -59.65 22.32 -39.04
CA GLN DB 190 -60.97 22.89 -39.30
C GLN DB 190 -61.78 22.03 -40.27
N ASN DB 191 -61.57 20.72 -40.21
CA ASN DB 191 -62.25 19.77 -41.10
C ASN DB 191 -62.03 20.10 -42.57
N LEU DB 192 -60.80 20.48 -42.92
CA LEU DB 192 -60.47 20.90 -44.26
C LEU DB 192 -59.25 20.14 -44.77
N TYR DB 193 -59.25 19.85 -46.07
CA TYR DB 193 -58.15 19.19 -46.74
C TYR DB 193 -57.64 20.06 -47.88
N LEU DB 194 -56.34 19.94 -48.17
CA LEU DB 194 -55.74 20.60 -49.30
C LEU DB 194 -55.14 19.56 -50.25
N PRO DB 195 -55.30 19.72 -51.55
CA PRO DB 195 -54.72 18.76 -52.49
C PRO DB 195 -53.21 18.77 -52.45
N THR DB 196 -52.62 17.61 -52.69
CA THR DB 196 -51.17 17.43 -52.66
C THR DB 196 -50.72 16.73 -53.94
N GLY DB 197 -49.41 16.52 -54.05
CA GLY DB 197 -48.88 15.86 -55.24
C GLY DB 197 -49.34 14.43 -55.38
N ALA DB 198 -49.36 13.68 -54.27
CA ALA DB 198 -49.80 12.30 -54.30
C ALA DB 198 -51.31 12.14 -54.21
N SER DB 199 -52.04 13.22 -53.94
CA SER DB 199 -53.49 13.12 -53.87
C SER DB 199 -54.11 12.89 -55.24
N GLY DB 200 -53.57 13.54 -56.27
CA GLY DB 200 -54.08 13.44 -57.61
C GLY DB 200 -54.85 14.69 -58.02
N ASP DB 201 -55.16 14.75 -59.30
CA ASP DB 201 -55.88 15.90 -59.84
C ASP DB 201 -57.31 15.91 -59.33
N PRO DB 202 -57.83 17.06 -58.90
CA PRO DB 202 -59.23 17.13 -58.49
C PRO DB 202 -60.14 16.97 -59.70
N GLN DB 203 -61.12 16.07 -59.57
CA GLN DB 203 -62.11 15.83 -60.61
C GLN DB 203 -63.48 16.26 -60.09
N GLU DB 204 -64.02 17.33 -60.65
CA GLU DB 204 -65.25 17.94 -60.17
C GLU DB 204 -66.39 17.65 -61.15
N GLY DB 205 -67.59 17.48 -60.61
CA GLY DB 205 -68.74 17.19 -61.43
C GLY DB 205 -70.01 17.20 -60.61
N VAL DB 206 -71.08 16.77 -61.25
CA VAL DB 206 -72.39 16.75 -60.60
C VAL DB 206 -72.41 15.66 -59.53
N PRO DB 207 -72.95 15.92 -58.35
CA PRO DB 207 -72.90 14.93 -57.27
C PRO DB 207 -73.89 13.79 -57.46
N GLY DB 208 -73.46 12.75 -58.18
CA GLY DB 208 -74.32 11.61 -58.44
C GLY DB 208 -74.06 10.94 -59.78
N LEU DB 209 -73.21 11.55 -60.58
CA LEU DB 209 -72.79 10.99 -61.86
C LEU DB 209 -71.28 10.80 -61.87
N ASP DB 210 -70.84 9.83 -62.67
CA ASP DB 210 -69.42 9.54 -62.87
C ASP DB 210 -68.72 9.20 -61.56
N GLY DB 211 -69.36 8.36 -60.75
CA GLY DB 211 -68.76 7.84 -59.55
C GLY DB 211 -68.83 8.75 -58.33
N LEU DB 212 -69.38 9.95 -58.47
CA LEU DB 212 -69.53 10.84 -57.33
C LEU DB 212 -70.67 10.40 -56.44
N GLY DB 213 -70.59 10.75 -55.17
CA GLY DB 213 -71.63 10.43 -54.22
C GLY DB 213 -72.83 11.34 -54.35
N GLU DB 214 -73.82 11.09 -53.50
CA GLU DB 214 -75.07 11.82 -53.51
C GLU DB 214 -75.15 12.76 -52.32
N ILE DB 215 -75.77 13.93 -52.53
CA ILE DB 215 -75.96 14.91 -51.48
C ILE DB 215 -77.21 14.54 -50.70
N ARG DB 216 -77.07 14.39 -49.38
CA ARG DB 216 -78.17 14.00 -48.51
C ARG DB 216 -78.50 15.18 -47.59
N GLN DB 217 -79.61 15.84 -47.85
CA GLN DB 217 -80.05 16.94 -47.01
C GLN DB 217 -80.57 16.41 -45.68
N SER DB 218 -80.44 17.24 -44.64
CA SER DB 218 -80.87 16.89 -43.29
C SER DB 218 -80.22 15.59 -42.81
N MET DB 219 -78.90 15.51 -43.01
CA MET DB 219 -78.16 14.32 -42.62
C MET DB 219 -76.69 14.68 -42.49
N LEU DB 220 -76.05 14.13 -41.46
CA LEU DB 220 -74.65 14.43 -41.16
C LEU DB 220 -73.87 13.13 -41.09
N GLU DB 221 -72.58 13.23 -41.42
CA GLU DB 221 -71.69 12.08 -41.47
C GLU DB 221 -70.85 12.03 -40.20
N ALA DB 222 -71.02 10.97 -39.41
CA ALA DB 222 -70.27 10.84 -38.18
C ALA DB 222 -68.82 10.41 -38.46
N SER DB 223 -67.97 10.58 -37.46
CA SER DB 223 -66.60 10.11 -37.57
C SER DB 223 -66.57 8.58 -37.58
N ASN DB 224 -65.58 8.03 -38.28
CA ASN DB 224 -65.45 6.59 -38.44
C ASN DB 224 -64.51 5.96 -37.42
N VAL DB 225 -64.16 6.70 -36.37
CA VAL DB 225 -63.27 6.16 -35.34
C VAL DB 225 -64.00 5.04 -34.60
N ASN DB 226 -63.25 3.99 -34.28
CA ASN DB 226 -63.76 2.87 -33.49
C ASN DB 226 -63.11 2.95 -32.12
N VAL DB 227 -63.89 3.38 -31.12
CA VAL DB 227 -63.33 3.56 -29.78
C VAL DB 227 -62.83 2.24 -29.22
N THR DB 228 -63.46 1.13 -29.60
CA THR DB 228 -62.99 -0.18 -29.19
C THR DB 228 -61.60 -0.46 -29.76
N GLU DB 229 -61.39 -0.15 -31.04
CA GLU DB 229 -60.08 -0.38 -31.64
C GLU DB 229 -59.03 0.55 -31.06
N GLU DB 230 -59.37 1.83 -30.84
CA GLU DB 230 -58.39 2.78 -30.35
C GLU DB 230 -57.90 2.42 -28.95
N LEU DB 231 -58.82 1.97 -28.09
CA LEU DB 231 -58.43 1.64 -26.72
C LEU DB 231 -57.54 0.40 -26.68
N VAL DB 232 -57.87 -0.62 -27.48
CA VAL DB 232 -57.03 -1.81 -27.53
C VAL DB 232 -55.66 -1.47 -28.10
N ASN DB 233 -55.62 -0.63 -29.13
CA ASN DB 233 -54.34 -0.16 -29.66
C ASN DB 233 -53.61 0.71 -28.65
N MET DB 234 -54.37 1.40 -27.78
CA MET DB 234 -53.75 2.19 -26.72
C MET DB 234 -53.06 1.30 -25.69
N ILE DB 235 -53.71 0.17 -25.34
CA ILE DB 235 -53.12 -0.75 -24.37
C ILE DB 235 -51.89 -1.42 -24.97
N GLU DB 236 -51.98 -1.85 -26.22
CA GLU DB 236 -50.85 -2.51 -26.87
C GLU DB 236 -49.66 -1.57 -26.99
N ALA DB 237 -49.91 -0.31 -27.37
CA ALA DB 237 -48.82 0.64 -27.51
C ALA DB 237 -48.16 0.94 -26.17
N GLN DB 238 -48.94 0.99 -25.09
CA GLN DB 238 -48.38 1.25 -23.78
C GLN DB 238 -47.44 0.13 -23.34
N ARG DB 239 -47.78 -1.11 -23.69
CA ARG DB 239 -46.92 -2.23 -23.30
C ARG DB 239 -45.64 -2.25 -24.13
N VAL DB 240 -45.75 -2.04 -25.45
CA VAL DB 240 -44.57 -1.99 -26.30
C VAL DB 240 -43.66 -0.83 -25.90
N TYR DB 241 -44.27 0.29 -25.50
CA TYR DB 241 -43.49 1.41 -24.97
C TYR DB 241 -42.70 0.98 -23.74
N GLU DB 242 -43.33 0.22 -22.85
CA GLU DB 242 -42.65 -0.24 -21.64
C GLU DB 242 -41.64 -1.34 -21.96
N MET DB 243 -41.83 -2.05 -23.07
CA MET DB 243 -40.84 -3.06 -23.46
C MET DB 243 -39.48 -2.44 -23.73
N ASN DB 244 -39.45 -1.32 -24.46
CA ASN DB 244 -38.19 -0.70 -24.80
C ASN DB 244 -37.60 0.08 -23.63
N SER DB 245 -38.42 0.41 -22.63
CA SER DB 245 -37.89 1.05 -21.43
C SER DB 245 -37.10 0.06 -20.58
N LYS DB 246 -37.54 -1.20 -20.55
CA LYS DB 246 -36.77 -2.22 -19.84
C LYS DB 246 -35.43 -2.47 -20.50
N VAL DB 247 -35.39 -2.47 -21.83
CA VAL DB 247 -34.12 -2.68 -22.54
C VAL DB 247 -33.15 -1.55 -22.26
N ILE DB 248 -33.64 -0.31 -22.27
CA ILE DB 248 -32.78 0.83 -21.91
C ILE DB 248 -32.32 0.72 -20.46
N SER DB 249 -33.23 0.33 -19.57
CA SER DB 249 -32.88 0.18 -18.16
C SER DB 249 -31.82 -0.90 -17.96
N SER DB 250 -31.96 -2.03 -18.67
CA SER DB 250 -30.97 -3.09 -18.56
C SER DB 250 -29.62 -2.65 -19.10
N VAL DB 251 -29.61 -1.93 -20.23
CA VAL DB 251 -28.36 -1.39 -20.77
C VAL DB 251 -27.76 -0.38 -19.80
N ASP DB 252 -28.61 0.46 -19.20
CA ASP DB 252 -28.13 1.43 -18.23
C ASP DB 252 -27.45 0.75 -17.04
N LYS DB 253 -28.06 -0.34 -16.54
CA LYS DB 253 -27.46 -1.07 -15.43
C LYS DB 253 -26.18 -1.78 -15.88
N MET DB 254 -26.14 -2.25 -17.12
CA MET DB 254 -24.95 -2.92 -17.63
C MET DB 254 -23.76 -1.98 -17.65
N MET DB 255 -23.95 -0.76 -18.15
CA MET DB 255 -22.85 0.20 -18.22
C MET DB 255 -22.40 0.62 -16.83
N SER DB 256 -23.35 0.80 -15.90
CA SER DB 256 -22.99 1.14 -14.54
C SER DB 256 -22.15 0.04 -13.89
N PHE DB 257 -22.52 -1.22 -14.13
CA PHE DB 257 -21.74 -2.34 -13.59
C PHE DB 257 -20.33 -2.35 -14.16
N VAL DB 258 -20.20 -2.09 -15.46
CA VAL DB 258 -18.88 -2.10 -16.10
C VAL DB 258 -18.02 -0.97 -15.56
N ASN DB 259 -18.62 0.20 -15.33
CA ASN DB 259 -17.86 1.32 -14.79
C ASN DB 259 -17.30 1.00 -13.42
N GLN DB 260 -18.08 0.35 -12.56
CA GLN DB 260 -17.61 0.00 -11.22
C GLN DB 260 -16.54 -1.08 -11.25
N GLN DB 261 -16.69 -2.07 -12.14
CA GLN DB 261 -15.78 -3.22 -12.19
C GLN DB 261 -14.58 -2.96 -13.09
N LEU DB 262 -14.82 -2.70 -14.37
CA LEU DB 262 -13.75 -2.47 -15.31
C LEU DB 262 -13.12 -1.10 -15.10
N MET EB 1 -22.07 23.94 -8.06
CA MET EB 1 -20.94 23.13 -8.49
C MET EB 1 -21.06 22.77 -9.96
N HIS EB 2 -22.25 22.34 -10.38
CA HIS EB 2 -22.49 21.90 -11.74
C HIS EB 2 -23.62 22.71 -12.34
N PRO EB 3 -23.51 23.10 -13.62
CA PRO EB 3 -24.58 23.90 -14.24
C PRO EB 3 -25.93 23.21 -14.22
N ALA EB 4 -25.96 21.89 -14.38
CA ALA EB 4 -27.23 21.17 -14.37
C ALA EB 4 -27.88 21.22 -12.99
N LEU EB 5 -27.07 21.29 -11.93
CA LEU EB 5 -27.63 21.37 -10.59
C LEU EB 5 -28.43 22.65 -10.40
N TRP EB 6 -27.92 23.77 -10.91
CA TRP EB 6 -28.62 25.04 -10.77
C TRP EB 6 -29.82 25.12 -11.71
N VAL EB 7 -29.66 24.64 -12.94
CA VAL EB 7 -30.76 24.70 -13.90
C VAL EB 7 -31.95 23.86 -13.42
N SER EB 8 -31.66 22.64 -12.94
CA SER EB 8 -32.73 21.77 -12.48
C SER EB 8 -33.35 22.29 -11.19
N LYS EB 9 -32.56 22.91 -10.32
CA LYS EB 9 -33.10 23.46 -9.08
C LYS EB 9 -34.12 24.55 -9.38
N THR EB 10 -33.87 25.36 -10.41
CA THR EB 10 -34.85 26.37 -10.82
C THR EB 10 -36.14 25.70 -11.29
N GLY EB 11 -36.02 24.58 -12.01
CA GLY EB 11 -37.22 23.87 -12.45
C GLY EB 11 -38.04 23.32 -11.30
N LEU EB 12 -37.36 22.85 -10.25
CA LEU EB 12 -38.07 22.35 -9.08
C LEU EB 12 -38.85 23.48 -8.40
N ASP EB 13 -38.24 24.65 -8.26
CA ASP EB 13 -38.92 25.76 -7.61
C ASP EB 13 -40.07 26.29 -8.46
N ALA EB 14 -39.92 26.26 -9.78
CA ALA EB 14 -40.98 26.71 -10.66
C ALA EB 14 -42.22 25.83 -10.53
N GLN EB 15 -42.03 24.51 -10.52
CA GLN EB 15 -43.17 23.61 -10.42
C GLN EB 15 -43.85 23.73 -9.06
N GLN EB 16 -43.08 23.96 -8.00
CA GLN EB 16 -43.68 24.11 -6.67
C GLN EB 16 -44.58 25.33 -6.62
N THR EB 17 -44.17 26.43 -7.23
CA THR EB 17 -45.04 27.61 -7.30
C THR EB 17 -46.29 27.31 -8.12
N ASN EB 18 -46.15 26.57 -9.21
CA ASN EB 18 -47.30 26.21 -10.02
C ASN EB 18 -48.25 25.30 -9.24
N ILE EB 19 -47.70 24.33 -8.51
CA ILE EB 19 -48.55 23.44 -7.71
C ILE EB 19 -49.24 24.22 -6.60
N ALA EB 20 -48.53 25.17 -5.98
CA ALA EB 20 -49.16 26.01 -4.96
C ALA EB 20 -50.30 26.83 -5.55
N THR EB 21 -50.17 27.22 -6.81
CA THR EB 21 -51.27 27.93 -7.48
C THR EB 21 -52.45 27.01 -7.73
N ILE EB 22 -52.18 25.77 -8.16
CA ILE EB 22 -53.26 24.82 -8.43
C ILE EB 22 -54.00 24.50 -7.14
N SER EB 23 -53.27 24.35 -6.04
CA SER EB 23 -53.92 24.01 -4.76
C SER EB 23 -54.87 25.12 -4.31
N ASN EB 24 -54.49 26.38 -4.52
CA ASN EB 24 -55.36 27.48 -4.11
C ASN EB 24 -56.62 27.54 -4.96
N ASN EB 25 -56.51 27.23 -6.25
CA ASN EB 25 -57.69 27.21 -7.10
C ASN EB 25 -58.66 26.11 -6.68
N LEU EB 26 -58.14 24.93 -6.35
CA LEU EB 26 -58.99 23.84 -5.86
C LEU EB 26 -59.50 24.13 -4.46
N ALA EB 27 -58.72 24.84 -3.64
CA ALA EB 27 -59.20 25.21 -2.31
C ALA EB 27 -60.39 26.15 -2.40
N ASN EB 28 -60.32 27.13 -3.29
CA ASN EB 28 -61.44 28.04 -3.54
C ASN EB 28 -62.31 27.56 -4.70
N ALA EB 29 -62.75 26.30 -4.62
CA ALA EB 29 -63.62 25.75 -5.66
C ALA EB 29 -65.08 26.09 -5.43
N SER EB 30 -65.46 26.54 -4.23
CA SER EB 30 -66.83 26.90 -3.92
C SER EB 30 -66.97 28.35 -3.47
N THR EB 31 -65.89 29.13 -3.50
CA THR EB 31 -65.96 30.53 -3.10
C THR EB 31 -66.72 31.34 -4.14
N VAL EB 32 -67.69 32.12 -3.70
CA VAL EB 32 -68.52 32.89 -4.62
C VAL EB 32 -67.72 34.06 -5.17
N GLY EB 33 -67.75 34.22 -6.48
CA GLY EB 33 -67.03 35.30 -7.14
C GLY EB 33 -65.52 35.16 -7.06
N TYR EB 34 -65.01 33.94 -7.13
CA TYR EB 34 -63.58 33.68 -7.10
C TYR EB 34 -63.06 33.45 -8.52
N LYS EB 35 -61.90 34.02 -8.82
CA LYS EB 35 -61.29 33.92 -10.13
C LYS EB 35 -60.06 33.04 -10.06
N LYS EB 36 -59.98 32.05 -10.95
CA LYS EB 36 -58.85 31.13 -10.95
C LYS EB 36 -57.58 31.82 -11.40
N SER EB 37 -56.45 31.22 -11.08
CA SER EB 37 -55.14 31.75 -11.41
C SER EB 37 -54.36 30.74 -12.23
N ARG EB 38 -53.54 31.26 -13.14
CA ARG EB 38 -52.68 30.43 -13.99
C ARG EB 38 -51.25 30.91 -13.88
N ALA EB 39 -50.32 29.97 -13.67
CA ALA EB 39 -48.91 30.30 -13.59
C ALA EB 39 -48.31 30.40 -15.00
N VAL EB 40 -47.53 31.45 -15.22
CA VAL EB 40 -46.90 31.70 -16.51
C VAL EB 40 -45.42 31.33 -16.39
N PHE EB 41 -45.00 30.34 -17.17
CA PHE EB 41 -43.62 29.89 -17.17
C PHE EB 41 -42.83 30.65 -18.22
N GLU EB 42 -41.60 31.02 -17.87
CA GLU EB 42 -40.69 31.61 -18.83
C GLU EB 42 -39.27 31.19 -18.47
N ASP EB 43 -38.43 31.09 -19.50
CA ASP EB 43 -37.05 30.66 -19.31
C ASP EB 43 -36.20 31.82 -18.81
N LEU EB 44 -35.07 31.48 -18.21
CA LEU EB 44 -34.12 32.47 -17.71
C LEU EB 44 -33.19 32.88 -18.84
N PHE EB 45 -32.17 33.68 -18.52
CA PHE EB 45 -31.23 34.13 -19.54
C PHE EB 45 -30.44 32.95 -20.11
N TYR EB 46 -29.78 33.20 -21.23
CA TYR EB 46 -28.98 32.19 -21.91
C TYR EB 46 -27.51 32.58 -21.88
N GLN EB 47 -26.67 31.67 -21.40
CA GLN EB 47 -25.23 31.90 -21.41
C GLN EB 47 -24.71 31.77 -22.84
N ASN EB 48 -23.95 32.77 -23.28
CA ASN EB 48 -23.49 32.85 -24.67
C ASN EB 48 -22.04 32.39 -24.73
N ILE EB 49 -21.84 31.13 -25.13
CA ILE EB 49 -20.49 30.62 -25.34
C ILE EB 49 -20.01 30.97 -26.73
N ASN EB 50 -20.73 30.53 -27.76
CA ASN EB 50 -20.46 30.87 -29.14
C ASN EB 50 -21.61 31.72 -29.67
N GLN EB 51 -21.28 32.84 -30.29
CA GLN EB 51 -22.30 33.77 -30.74
C GLN EB 51 -23.03 33.22 -31.97
N PRO EB 52 -24.35 33.09 -31.93
CA PRO EB 52 -25.09 32.71 -33.15
C PRO EB 52 -25.13 33.86 -34.12
N GLY EB 53 -24.57 33.65 -35.31
CA GLY EB 53 -24.45 34.68 -36.32
C GLY EB 53 -23.08 35.32 -36.40
N GLY EB 54 -22.23 35.12 -35.40
CA GLY EB 54 -20.86 35.58 -35.51
C GLY EB 54 -20.15 34.89 -36.66
N GLN EB 55 -19.26 35.64 -37.32
CA GLN EB 55 -18.64 35.16 -38.54
C GLN EB 55 -17.58 34.10 -38.22
N SER EB 56 -17.83 32.87 -38.68
CA SER EB 56 -16.82 31.82 -38.66
C SER EB 56 -16.13 31.88 -40.01
N SER EB 57 -15.02 32.62 -40.06
CA SER EB 57 -14.28 32.93 -41.29
C SER EB 57 -15.08 33.87 -42.19
N GLN EB 58 -14.56 34.15 -43.38
CA GLN EB 58 -15.19 35.08 -44.29
C GLN EB 58 -16.24 34.39 -45.15
N ASN EB 59 -17.31 35.11 -45.44
CA ASN EB 59 -18.46 34.60 -46.19
C ASN EB 59 -19.10 33.40 -45.51
N THR EB 60 -18.95 33.29 -44.19
CA THR EB 60 -19.52 32.19 -43.43
C THR EB 60 -19.79 32.67 -42.02
N GLU EB 61 -20.99 32.37 -41.51
CA GLU EB 61 -21.40 32.78 -40.19
C GLU EB 61 -21.98 31.59 -39.45
N LEU EB 62 -21.85 31.62 -38.13
CA LEU EB 62 -22.33 30.53 -37.28
C LEU EB 62 -23.85 30.44 -37.33
N PRO EB 63 -24.43 29.43 -37.99
CA PRO EB 63 -25.89 29.37 -38.10
C PRO EB 63 -26.58 29.14 -36.77
N SER EB 64 -25.90 28.52 -35.81
CA SER EB 64 -26.45 28.32 -34.48
C SER EB 64 -25.29 28.30 -33.49
N GLY EB 65 -25.40 29.14 -32.45
CA GLY EB 65 -24.35 29.25 -31.47
C GLY EB 65 -24.56 28.33 -30.28
N LEU EB 66 -23.51 28.18 -29.48
CA LEU EB 66 -23.56 27.37 -28.27
C LEU EB 66 -24.09 28.23 -27.14
N MET EB 67 -25.42 28.27 -27.00
CA MET EB 67 -26.08 29.07 -25.98
C MET EB 67 -26.77 28.13 -25.01
N LEU EB 68 -26.45 28.27 -23.73
CA LEU EB 68 -26.99 27.42 -22.67
C LEU EB 68 -27.96 28.23 -21.82
N GLY EB 69 -29.18 27.70 -21.66
CA GLY EB 69 -30.14 28.36 -20.82
C GLY EB 69 -29.83 28.19 -19.34
N ALA EB 70 -30.35 29.12 -18.54
CA ALA EB 70 -30.10 29.13 -17.11
C ALA EB 70 -31.24 28.51 -16.29
N GLY EB 71 -32.23 27.89 -16.96
CA GLY EB 71 -33.33 27.26 -16.28
C GLY EB 71 -34.65 27.94 -16.60
N SER EB 72 -35.56 27.94 -15.62
CA SER EB 72 -36.88 28.52 -15.79
C SER EB 72 -37.41 28.96 -14.44
N LYS EB 73 -38.44 29.80 -14.48
CA LYS EB 73 -39.11 30.26 -13.28
C LYS EB 73 -40.53 30.66 -13.62
N VAL EB 74 -41.36 30.76 -12.60
CA VAL EB 74 -42.73 31.25 -12.75
C VAL EB 74 -42.68 32.76 -12.60
N VAL EB 75 -42.85 33.49 -13.72
CA VAL EB 75 -42.70 34.94 -13.70
C VAL EB 75 -43.96 35.65 -13.23
N ALA EB 76 -45.13 35.06 -13.41
CA ALA EB 76 -46.37 35.73 -13.06
C ALA EB 76 -47.45 34.72 -12.74
N THR EB 77 -48.46 35.17 -12.01
CA THR EB 77 -49.68 34.41 -11.74
C THR EB 77 -50.84 35.23 -12.29
N GLN EB 78 -51.46 34.73 -13.35
CA GLN EB 78 -52.47 35.49 -14.06
C GLN EB 78 -53.87 35.16 -13.54
N LYS EB 79 -54.61 36.20 -13.19
CA LYS EB 79 -56.01 36.04 -12.81
C LYS EB 79 -56.86 35.98 -14.07
N VAL EB 80 -57.50 34.83 -14.30
CA VAL EB 80 -58.33 34.64 -15.48
C VAL EB 80 -59.73 35.14 -15.12
N HIS EB 81 -60.01 36.40 -15.47
CA HIS EB 81 -61.27 37.04 -15.11
C HIS EB 81 -62.37 36.72 -16.12
N THR EB 82 -62.59 35.43 -16.37
CA THR EB 82 -63.73 34.98 -17.15
C THR EB 82 -64.93 34.76 -16.24
N HIS EB 83 -66.11 35.09 -16.74
CA HIS EB 83 -67.31 35.04 -15.93
C HIS EB 83 -67.64 33.61 -15.51
N GLY EB 84 -67.97 33.43 -14.23
CA GLY EB 84 -68.41 32.15 -13.73
C GLY EB 84 -69.90 31.93 -13.93
N ASN EB 85 -70.35 30.76 -13.50
CA ASN EB 85 -71.77 30.45 -13.60
C ASN EB 85 -72.57 31.32 -12.64
N ALA EB 86 -73.88 31.36 -12.88
CA ALA EB 86 -74.80 32.12 -12.05
C ALA EB 86 -75.59 31.17 -11.16
N GLN EB 87 -75.56 31.42 -9.86
CA GLN EB 87 -76.30 30.62 -8.90
C GLN EB 87 -77.65 31.29 -8.62
N THR EB 88 -78.72 30.55 -8.84
CA THR EB 88 -80.07 31.05 -8.61
C THR EB 88 -80.45 30.83 -7.15
N THR EB 89 -80.54 31.91 -6.38
CA THR EB 89 -80.84 31.84 -4.96
C THR EB 89 -82.15 32.55 -4.69
N THR EB 90 -82.73 32.23 -3.53
CA THR EB 90 -83.99 32.85 -3.10
C THR EB 90 -83.79 34.07 -2.23
N ASN EB 91 -82.58 34.26 -1.69
CA ASN EB 91 -82.28 35.44 -0.89
C ASN EB 91 -82.37 36.68 -1.76
N ALA EB 92 -82.84 37.78 -1.17
CA ALA EB 92 -82.99 39.04 -1.88
C ALA EB 92 -81.81 39.98 -1.71
N LEU EB 93 -80.85 39.65 -0.84
CA LEU EB 93 -79.72 40.54 -0.57
C LEU EB 93 -78.42 40.09 -1.21
N ASP EB 94 -78.43 38.99 -1.98
CA ASP EB 94 -77.24 38.54 -2.67
C ASP EB 94 -77.39 38.82 -4.16
N MET EB 95 -76.58 39.74 -4.66
CA MET EB 95 -76.65 40.19 -6.05
C MET EB 95 -75.38 39.81 -6.78
N MET EB 96 -75.49 39.77 -8.11
CA MET EB 96 -74.38 39.37 -8.97
C MET EB 96 -74.25 40.36 -10.12
N VAL EB 97 -73.02 40.76 -10.41
CA VAL EB 97 -72.73 41.61 -11.55
C VAL EB 97 -72.59 40.72 -12.78
N GLU EB 98 -73.39 41.00 -13.80
CA GLU EB 98 -73.39 40.23 -15.04
C GLU EB 98 -72.59 41.02 -16.08
N GLY EB 99 -71.32 40.68 -16.21
CA GLY EB 99 -70.40 41.42 -17.05
C GLY EB 99 -69.26 42.02 -16.26
N ASP EB 100 -68.68 43.07 -16.82
CA ASP EB 100 -67.57 43.76 -16.17
C ASP EB 100 -68.06 44.61 -15.01
N GLY EB 101 -67.19 44.81 -14.03
CA GLY EB 101 -67.47 45.67 -12.89
C GLY EB 101 -67.23 44.94 -11.58
N PHE EB 102 -67.01 45.72 -10.54
CA PHE EB 102 -66.81 45.20 -9.19
C PHE EB 102 -67.65 45.98 -8.20
N PHE EB 103 -68.08 45.30 -7.14
CA PHE EB 103 -68.71 45.99 -6.02
C PHE EB 103 -67.67 46.77 -5.23
N GLN EB 104 -68.12 47.74 -4.44
CA GLN EB 104 -67.25 48.58 -3.64
C GLN EB 104 -67.62 48.47 -2.18
N VAL EB 105 -66.63 48.17 -1.33
CA VAL EB 105 -66.81 48.07 0.10
C VAL EB 105 -65.85 49.02 0.79
N THR EB 106 -66.15 49.33 2.05
CA THR EB 106 -65.35 50.25 2.84
C THR EB 106 -64.42 49.45 3.75
N LEU EB 107 -63.11 49.57 3.49
CA LEU EB 107 -62.13 48.90 4.34
C LEU EB 107 -62.00 49.64 5.68
N PRO EB 108 -61.59 48.95 6.74
CA PRO EB 108 -61.41 49.63 8.02
C PRO EB 108 -60.40 50.78 7.97
N ASP EB 109 -59.36 50.66 7.14
CA ASP EB 109 -58.37 51.72 7.03
C ASP EB 109 -58.89 52.94 6.29
N GLY EB 110 -59.99 52.80 5.54
CA GLY EB 110 -60.61 53.91 4.82
C GLY EB 110 -60.64 53.71 3.32
N ASN EB 111 -59.79 52.84 2.79
CA ASN EB 111 -59.75 52.60 1.36
C ASN EB 111 -60.97 51.82 0.91
N ILE EB 112 -61.14 51.74 -0.41
CA ILE EB 112 -62.26 51.04 -1.02
C ILE EB 112 -61.77 49.70 -1.54
N GLY EB 113 -62.41 48.62 -1.08
CA GLY EB 113 -62.10 47.29 -1.55
C GLY EB 113 -63.12 46.84 -2.58
N TYR EB 114 -62.65 46.09 -3.58
CA TYR EB 114 -63.48 45.67 -4.69
C TYR EB 114 -63.69 44.16 -4.63
N THR EB 115 -64.95 43.75 -4.71
CA THR EB 115 -65.33 42.35 -4.56
C THR EB 115 -66.31 41.94 -5.64
N ARG EB 116 -66.09 40.76 -6.19
CA ARG EB 116 -67.09 40.11 -7.05
C ARG EB 116 -68.08 39.29 -6.26
N ASN EB 117 -67.79 39.00 -4.99
CA ASN EB 117 -68.73 38.31 -4.12
C ASN EB 117 -69.94 39.21 -3.85
N GLY EB 118 -71.13 38.63 -3.94
CA GLY EB 118 -72.34 39.40 -3.81
C GLY EB 118 -73.17 39.05 -2.58
N GLN EB 119 -72.69 38.12 -1.77
CA GLN EB 119 -73.43 37.72 -0.58
C GLN EB 119 -73.40 38.86 0.43
N PHE EB 120 -74.48 39.63 0.47
CA PHE EB 120 -74.61 40.77 1.37
C PHE EB 120 -75.67 40.49 2.42
N THR EB 121 -75.68 41.33 3.44
CA THR EB 121 -76.68 41.24 4.51
C THR EB 121 -76.80 42.62 5.15
N LEU EB 122 -77.50 42.68 6.28
CA LEU EB 122 -77.68 43.91 7.02
C LEU EB 122 -77.05 43.78 8.39
N ASN EB 123 -76.59 44.91 8.94
CA ASN EB 123 -76.09 44.95 10.30
C ASN EB 123 -77.17 45.57 11.19
N GLY EB 124 -76.82 45.81 12.45
CA GLY EB 124 -77.80 46.30 13.41
C GLY EB 124 -78.43 47.62 12.99
N GLU EB 125 -77.65 48.49 12.36
CA GLU EB 125 -78.14 49.80 11.93
C GLU EB 125 -78.85 49.75 10.58
N GLY EB 126 -78.92 48.59 9.94
CA GLY EB 126 -79.62 48.45 8.69
C GLY EB 126 -78.81 48.74 7.44
N THR EB 127 -77.53 49.06 7.57
CA THR EB 127 -76.69 49.30 6.40
C THR EB 127 -76.42 47.99 5.68
N LEU EB 128 -76.43 48.04 4.35
CA LEU EB 128 -76.15 46.87 3.54
C LEU EB 128 -74.66 46.58 3.58
N VAL EB 129 -74.28 45.48 4.24
CA VAL EB 129 -72.88 45.14 4.45
C VAL EB 129 -72.62 43.75 3.87
N THR EB 130 -71.35 43.39 3.79
CA THR EB 130 -70.94 42.08 3.31
C THR EB 130 -71.28 41.01 4.35
N SER EB 131 -71.29 39.76 3.89
CA SER EB 131 -71.61 38.63 4.76
C SER EB 131 -70.38 38.03 5.45
N GLY EB 132 -69.22 38.63 5.25
CA GLY EB 132 -68.01 38.17 5.92
C GLY EB 132 -67.72 38.95 7.18
N SER EB 133 -66.73 39.84 7.12
CA SER EB 133 -66.39 40.68 8.26
C SER EB 133 -67.41 41.78 8.50
N GLY EB 134 -68.34 42.00 7.57
CA GLY EB 134 -69.36 43.00 7.75
C GLY EB 134 -68.99 44.40 7.29
N TYR EB 135 -68.11 44.52 6.31
CA TYR EB 135 -67.73 45.84 5.82
C TYR EB 135 -68.90 46.48 5.07
N PRO EB 136 -69.15 47.77 5.26
CA PRO EB 136 -70.24 48.42 4.53
C PRO EB 136 -69.97 48.46 3.04
N VAL EB 137 -71.04 48.44 2.26
CA VAL EB 137 -70.97 48.47 0.80
C VAL EB 137 -71.17 49.91 0.34
N GLU EB 138 -70.23 50.40 -0.48
CA GLU EB 138 -70.31 51.77 -0.99
C GLU EB 138 -71.08 51.81 -2.31
N PRO EB 139 -71.92 52.83 -2.52
CA PRO EB 139 -72.32 53.88 -1.58
C PRO EB 139 -73.25 53.33 -0.51
N GLU EB 140 -73.42 54.01 0.62
CA GLU EB 140 -74.21 53.46 1.72
C GLU EB 140 -75.65 53.22 1.28
N ILE EB 141 -76.19 52.07 1.66
CA ILE EB 141 -77.57 51.70 1.39
C ILE EB 141 -78.18 51.32 2.72
N VAL EB 142 -78.84 52.28 3.37
CA VAL EB 142 -79.48 52.05 4.66
C VAL EB 142 -80.93 51.66 4.42
N ILE EB 143 -81.29 50.45 4.82
CA ILE EB 143 -82.64 49.94 4.66
C ILE EB 143 -83.50 50.49 5.79
N PRO EB 144 -84.58 51.20 5.49
CA PRO EB 144 -85.44 51.73 6.56
C PRO EB 144 -86.13 50.61 7.32
N GLU EB 145 -86.41 50.88 8.59
CA GLU EB 145 -87.06 49.90 9.46
C GLU EB 145 -88.51 49.63 9.06
N ASP EB 146 -89.09 50.45 8.20
CA ASP EB 146 -90.48 50.32 7.79
C ASP EB 146 -90.66 49.51 6.51
N ALA EB 147 -89.57 48.95 5.97
CA ALA EB 147 -89.63 48.26 4.70
C ALA EB 147 -90.12 46.83 4.87
N ILE EB 148 -90.88 46.35 3.88
CA ILE EB 148 -91.32 44.96 3.85
C ILE EB 148 -90.70 44.17 2.71
N SER EB 149 -90.10 44.84 1.72
CA SER EB 149 -89.42 44.15 0.64
C SER EB 149 -88.29 45.04 0.13
N ILE EB 150 -87.27 44.40 -0.46
CA ILE EB 150 -86.13 45.10 -1.04
C ILE EB 150 -86.00 44.67 -2.48
N THR EB 151 -85.96 45.64 -3.38
CA THR EB 151 -85.78 45.39 -4.80
C THR EB 151 -84.57 46.18 -5.31
N VAL EB 152 -83.70 45.51 -6.06
CA VAL EB 152 -82.52 46.11 -6.66
C VAL EB 152 -82.69 45.97 -8.17
N GLY EB 153 -82.77 47.10 -8.86
CA GLY EB 153 -82.99 47.09 -10.29
C GLY EB 153 -81.75 46.68 -11.06
N THR EB 154 -81.96 46.51 -12.37
CA THR EB 154 -80.84 46.18 -13.25
C THR EB 154 -79.80 47.29 -13.25
N ASP EB 155 -80.25 48.55 -13.26
CA ASP EB 155 -79.37 49.70 -13.23
C ASP EB 155 -78.88 50.04 -11.83
N GLY EB 156 -79.02 49.12 -10.87
CA GLY EB 156 -78.50 49.32 -9.54
C GLY EB 156 -79.35 50.14 -8.61
N GLU EB 157 -80.54 50.57 -9.04
CA GLU EB 157 -81.42 51.36 -8.19
C GLU EB 157 -82.08 50.44 -7.16
N VAL EB 158 -81.92 50.76 -5.88
CA VAL EB 158 -82.47 49.96 -4.79
C VAL EB 158 -83.70 50.67 -4.24
N SER EB 159 -84.79 49.92 -4.11
CA SER EB 159 -86.05 50.45 -3.62
C SER EB 159 -86.63 49.52 -2.57
N VAL EB 160 -87.47 50.07 -1.70
CA VAL EB 160 -88.13 49.31 -0.65
C VAL EB 160 -89.63 49.59 -0.69
N ARG EB 161 -90.38 48.82 0.09
CA ARG EB 161 -91.83 48.96 0.21
C ARG EB 161 -92.16 49.28 1.66
N VAL EB 162 -92.45 50.55 1.93
CA VAL EB 162 -92.85 50.96 3.27
C VAL EB 162 -94.29 50.51 3.52
N ARG EB 163 -94.57 50.12 4.76
CA ARG EB 163 -95.90 49.65 5.12
C ARG EB 163 -96.93 50.75 4.90
N GLY EB 164 -98.05 50.40 4.27
CA GLY EB 164 -99.11 51.37 4.00
C GLY EB 164 -98.88 52.26 2.81
N GLN EB 165 -97.69 52.85 2.70
CA GLN EB 165 -97.39 53.75 1.58
C GLN EB 165 -97.25 52.95 0.29
N GLN EB 166 -97.77 53.53 -0.80
CA GLN EB 166 -97.61 52.99 -2.13
C GLN EB 166 -96.41 53.65 -2.80
N ASP EB 167 -96.15 53.30 -4.06
CA ASP EB 167 -95.12 53.97 -4.87
C ASP EB 167 -93.74 53.82 -4.20
N ASN EB 168 -93.26 52.57 -4.24
CA ASN EB 168 -92.07 52.12 -3.48
C ASN EB 168 -90.98 53.18 -3.43
N GLN EB 169 -90.41 53.34 -2.24
CA GLN EB 169 -89.46 54.42 -1.95
C GLN EB 169 -88.05 54.01 -2.36
N VAL EB 170 -87.34 54.94 -3.01
CA VAL EB 170 -85.96 54.71 -3.40
C VAL EB 170 -85.05 55.00 -2.21
N VAL EB 171 -84.14 54.08 -1.92
CA VAL EB 171 -83.26 54.19 -0.75
C VAL EB 171 -81.82 54.47 -1.13
N GLY EB 172 -81.43 54.30 -2.39
CA GLY EB 172 -80.05 54.54 -2.77
C GLY EB 172 -79.77 54.01 -4.15
N GLN EB 173 -78.50 54.13 -4.53
CA GLN EB 173 -78.03 53.73 -5.85
C GLN EB 173 -76.76 52.90 -5.71
N LEU EB 174 -76.71 51.78 -6.41
CA LEU EB 174 -75.50 50.96 -6.46
C LEU EB 174 -74.65 51.37 -7.65
N THR EB 175 -73.37 51.62 -7.39
CA THR EB 175 -72.41 51.95 -8.43
C THR EB 175 -71.29 50.93 -8.40
N ILE EB 176 -70.98 50.35 -9.55
CA ILE EB 176 -69.92 49.36 -9.67
C ILE EB 176 -68.75 49.98 -10.42
N THR EB 177 -67.55 49.60 -10.02
CA THR EB 177 -66.31 50.15 -10.57
C THR EB 177 -65.71 49.14 -11.53
N ASP EB 178 -65.23 49.62 -12.67
CA ASP EB 178 -64.60 48.79 -13.68
C ASP EB 178 -63.12 49.16 -13.79
N PHE EB 179 -62.32 48.18 -14.18
CA PHE EB 179 -60.89 48.38 -14.42
C PHE EB 179 -60.55 47.86 -15.81
N VAL EB 180 -59.66 48.57 -16.50
CA VAL EB 180 -59.27 48.17 -17.86
C VAL EB 180 -58.56 46.83 -17.82
N ASN EB 181 -57.78 46.59 -16.76
CA ASN EB 181 -57.10 45.31 -16.55
C ASN EB 181 -57.44 44.83 -15.14
N PRO EB 182 -58.55 44.09 -14.99
CA PRO EB 182 -58.87 43.54 -13.67
C PRO EB 182 -57.86 42.53 -13.16
N GLY EB 183 -57.05 41.95 -14.05
CA GLY EB 183 -56.02 41.02 -13.63
C GLY EB 183 -54.89 41.68 -12.86
N GLY EB 184 -54.73 42.99 -12.99
CA GLY EB 184 -53.75 43.73 -12.24
C GLY EB 184 -54.15 44.12 -10.84
N LEU EB 185 -55.38 43.82 -10.45
CA LEU EB 185 -55.82 44.07 -9.09
C LEU EB 185 -55.06 43.17 -8.12
N GLU EB 186 -54.65 43.75 -6.99
CA GLU EB 186 -53.91 42.99 -5.99
C GLU EB 186 -54.89 42.30 -5.05
N PRO EB 187 -54.90 40.97 -5.01
CA PRO EB 187 -55.81 40.26 -4.08
C PRO EB 187 -55.31 40.38 -2.65
N ILE EB 188 -56.15 40.92 -1.78
CA ILE EB 188 -55.81 41.09 -0.38
C ILE EB 188 -56.57 40.10 0.50
N GLY EB 189 -57.13 39.05 -0.10
CA GLY EB 189 -57.93 38.10 0.64
C GLY EB 189 -59.31 38.64 0.93
N GLN EB 190 -60.09 37.83 1.64
CA GLN EB 190 -61.46 38.17 2.03
C GLN EB 190 -62.31 38.54 0.82
N ASN EB 191 -62.04 37.89 -0.32
CA ASN EB 191 -62.74 38.15 -1.58
C ASN EB 191 -62.65 39.61 -1.98
N LEU EB 192 -61.51 40.24 -1.67
CA LEU EB 192 -61.31 41.65 -1.93
C LEU EB 192 -60.06 41.86 -2.77
N TYR EB 193 -60.08 42.90 -3.60
CA TYR EB 193 -58.95 43.31 -4.41
C TYR EB 193 -58.65 44.78 -4.15
N LEU EB 194 -57.46 45.21 -4.57
CA LEU EB 194 -57.10 46.61 -4.46
C LEU EB 194 -56.58 47.12 -5.81
N PRO EB 195 -56.85 48.38 -6.15
CA PRO EB 195 -56.30 48.93 -7.40
C PRO EB 195 -54.80 49.12 -7.30
N THR EB 196 -54.11 48.83 -8.41
CA THR EB 196 -52.67 48.94 -8.50
C THR EB 196 -52.29 49.81 -9.69
N GLY EB 197 -50.98 49.98 -9.87
CA GLY EB 197 -50.51 50.79 -10.99
C GLY EB 197 -50.87 50.19 -12.33
N ALA EB 198 -50.92 48.86 -12.41
CA ALA EB 198 -51.23 48.18 -13.67
C ALA EB 198 -52.71 47.89 -13.85
N SER EB 199 -53.51 47.96 -12.79
CA SER EB 199 -54.93 47.69 -12.91
C SER EB 199 -55.64 48.78 -13.72
N GLY EB 200 -55.22 50.02 -13.56
CA GLY EB 200 -55.84 51.13 -14.25
C GLY EB 200 -56.66 51.99 -13.29
N ASP EB 201 -57.04 53.15 -13.80
CA ASP EB 201 -57.83 54.09 -13.01
C ASP EB 201 -59.22 53.51 -12.75
N PRO EB 202 -59.76 53.66 -11.54
CA PRO EB 202 -61.09 53.11 -11.26
C PRO EB 202 -62.15 53.88 -12.03
N GLN EB 203 -62.88 53.16 -12.89
CA GLN EB 203 -63.94 53.74 -13.71
C GLN EB 203 -65.27 53.43 -13.05
N GLU EB 204 -65.85 54.41 -12.38
CA GLU EB 204 -67.12 54.26 -11.70
C GLU EB 204 -68.25 54.75 -12.59
N GLY EB 205 -69.39 54.08 -12.51
CA GLY EB 205 -70.54 54.44 -13.31
C GLY EB 205 -71.72 53.56 -13.00
N VAL EB 206 -72.82 53.87 -13.67
CA VAL EB 206 -74.08 53.15 -13.42
C VAL EB 206 -73.94 51.72 -13.92
N PRO EB 207 -74.45 50.74 -13.20
CA PRO EB 207 -74.29 49.33 -13.61
C PRO EB 207 -75.20 48.94 -14.76
N GLY EB 208 -74.75 49.16 -16.00
CA GLY EB 208 -75.54 48.81 -17.16
C GLY EB 208 -75.32 49.73 -18.33
N LEU EB 209 -74.59 50.82 -18.11
CA LEU EB 209 -74.22 51.76 -19.14
C LEU EB 209 -72.71 51.89 -19.21
N ASP EB 210 -72.23 52.36 -20.37
CA ASP EB 210 -70.80 52.62 -20.58
C ASP EB 210 -69.97 51.34 -20.46
N GLY EB 211 -70.50 50.24 -20.98
CA GLY EB 211 -69.78 48.99 -20.98
C GLY EB 211 -69.76 48.25 -19.66
N LEU EB 212 -70.51 48.71 -18.66
CA LEU EB 212 -70.53 48.07 -17.36
C LEU EB 212 -71.52 46.91 -17.33
N GLY EB 213 -71.33 46.03 -16.36
CA GLY EB 213 -72.25 44.93 -16.16
C GLY EB 213 -73.50 45.36 -15.41
N GLU EB 214 -74.49 44.47 -15.39
CA GLU EB 214 -75.78 44.74 -14.80
C GLU EB 214 -75.93 43.97 -13.49
N ILE EB 215 -76.64 44.59 -12.55
CA ILE EB 215 -76.86 43.98 -11.24
C ILE EB 215 -77.99 42.97 -11.35
N ARG EB 216 -77.73 41.74 -10.90
CA ARG EB 216 -78.72 40.67 -10.91
C ARG EB 216 -79.09 40.33 -9.47
N GLN EB 217 -80.27 40.73 -9.05
CA GLN EB 217 -80.71 40.45 -7.69
C GLN EB 217 -81.08 38.97 -7.56
N SER EB 218 -80.91 38.45 -6.34
CA SER EB 218 -81.19 37.05 -6.03
C SER EB 218 -80.38 36.11 -6.92
N MET EB 219 -79.14 36.50 -7.20
CA MET EB 219 -78.25 35.70 -8.02
C MET EB 219 -76.83 35.82 -7.48
N LEU EB 220 -76.04 34.78 -7.68
CA LEU EB 220 -74.66 34.74 -7.22
C LEU EB 220 -73.77 34.22 -8.33
N GLU EB 221 -72.51 34.64 -8.30
CA GLU EB 221 -71.51 34.24 -9.29
C GLU EB 221 -70.59 33.21 -8.66
N ALA EB 222 -70.70 31.96 -9.11
CA ALA EB 222 -69.84 30.91 -8.61
C ALA EB 222 -68.41 31.11 -9.12
N SER EB 223 -67.47 30.42 -8.48
CA SER EB 223 -66.08 30.47 -8.93
C SER EB 223 -65.95 29.89 -10.33
N ASN EB 224 -65.05 30.48 -11.10
CA ASN EB 224 -64.86 30.11 -12.50
C ASN EB 224 -63.80 29.03 -12.67
N VAL EB 225 -63.34 28.42 -11.58
CA VAL EB 225 -62.32 27.39 -11.69
C VAL EB 225 -62.89 26.18 -12.42
N ASN EB 226 -62.07 25.55 -13.23
CA ASN EB 226 -62.43 24.32 -13.94
C ASN EB 226 -61.68 23.19 -13.27
N VAL EB 227 -62.40 22.34 -12.53
CA VAL EB 227 -61.76 21.28 -11.77
C VAL EB 227 -61.06 20.30 -12.70
N THR EB 228 -61.53 20.20 -13.94
CA THR EB 228 -60.88 19.32 -14.92
C THR EB 228 -59.46 19.79 -15.23
N GLU EB 229 -59.29 21.11 -15.43
CA GLU EB 229 -57.97 21.62 -15.74
C GLU EB 229 -57.05 21.59 -14.53
N GLU EB 230 -57.59 21.87 -13.34
CA GLU EB 230 -56.76 21.90 -12.14
C GLU EB 230 -56.14 20.55 -11.84
N LEU EB 231 -56.92 19.48 -11.98
CA LEU EB 231 -56.39 18.14 -11.67
C LEU EB 231 -55.41 17.69 -12.74
N VAL EB 232 -55.69 17.98 -14.01
CA VAL EB 232 -54.77 17.59 -15.08
C VAL EB 232 -53.48 18.39 -15.00
N ASN EB 233 -53.58 19.68 -14.66
CA ASN EB 233 -52.37 20.48 -14.46
C ASN EB 233 -51.55 19.96 -13.29
N MET EB 234 -52.23 19.45 -12.25
CA MET EB 234 -51.52 18.84 -11.13
C MET EB 234 -50.77 17.59 -11.57
N ILE EB 235 -51.36 16.83 -12.50
CA ILE EB 235 -50.69 15.63 -13.02
C ILE EB 235 -49.40 16.00 -13.74
N GLU EB 236 -49.48 16.99 -14.64
CA GLU EB 236 -48.30 17.40 -15.40
C GLU EB 236 -47.27 18.05 -14.49
N ALA EB 237 -47.71 18.89 -13.55
CA ALA EB 237 -46.78 19.56 -12.64
C ALA EB 237 -46.04 18.57 -11.77
N GLN EB 238 -46.73 17.52 -11.31
CA GLN EB 238 -46.09 16.51 -10.48
C GLN EB 238 -45.01 15.76 -11.25
N ARG EB 239 -45.28 15.41 -12.50
CA ARG EB 239 -44.31 14.64 -13.28
C ARG EB 239 -43.07 15.47 -13.60
N VAL EB 240 -43.26 16.71 -14.03
CA VAL EB 240 -42.13 17.58 -14.35
C VAL EB 240 -41.31 17.86 -13.10
N TYR EB 241 -41.98 17.97 -11.95
CA TYR EB 241 -41.27 18.08 -10.68
C TYR EB 241 -40.40 16.86 -10.44
N GLU EB 242 -40.93 15.67 -10.76
CA GLU EB 242 -40.13 14.46 -10.61
C GLU EB 242 -39.05 14.37 -11.67
N MET EB 243 -39.29 14.95 -12.86
CA MET EB 243 -38.29 14.92 -13.91
C MET EB 243 -37.03 15.69 -13.49
N ASN EB 244 -37.20 16.85 -12.87
CA ASN EB 244 -36.05 17.66 -12.49
C ASN EB 244 -35.28 17.02 -11.35
N SER EB 245 -35.96 16.26 -10.48
CA SER EB 245 -35.28 15.56 -9.41
C SER EB 245 -34.36 14.48 -9.95
N LYS EB 246 -34.71 13.89 -11.09
CA LYS EB 246 -33.86 12.86 -11.70
C LYS EB 246 -32.53 13.46 -12.15
N VAL EB 247 -32.54 14.67 -12.69
CA VAL EB 247 -31.30 15.29 -13.14
C VAL EB 247 -30.41 15.60 -11.95
N ILE EB 248 -30.97 16.14 -10.87
CA ILE EB 248 -30.19 16.44 -9.68
C ILE EB 248 -29.62 15.17 -9.08
N SER EB 249 -30.42 14.11 -9.05
CA SER EB 249 -29.92 12.81 -8.57
C SER EB 249 -28.81 12.29 -9.49
N SER EB 250 -28.95 12.48 -10.80
CA SER EB 250 -27.90 12.06 -11.72
C SER EB 250 -26.63 12.87 -11.52
N VAL EB 251 -26.76 14.18 -11.31
CA VAL EB 251 -25.60 15.02 -11.05
C VAL EB 251 -24.95 14.63 -9.73
N ASP EB 252 -25.77 14.31 -8.73
CA ASP EB 252 -25.24 13.89 -7.44
C ASP EB 252 -24.44 12.59 -7.57
N LYS EB 253 -24.96 11.63 -8.33
CA LYS EB 253 -24.25 10.38 -8.53
C LYS EB 253 -23.00 10.59 -9.39
N MET EB 254 -23.06 11.50 -10.34
CA MET EB 254 -21.88 11.80 -11.16
C MET EB 254 -20.75 12.38 -10.32
N MET EB 255 -21.09 13.32 -9.42
CA MET EB 255 -20.06 13.93 -8.59
C MET EB 255 -19.52 12.95 -7.56
N SER EB 256 -20.36 12.05 -7.07
CA SER EB 256 -19.89 11.01 -6.18
C SER EB 256 -18.90 10.08 -6.89
N PHE EB 257 -19.18 9.75 -8.14
CA PHE EB 257 -18.27 8.90 -8.91
C PHE EB 257 -16.92 9.59 -9.12
N VAL EB 258 -16.95 10.89 -9.43
CA VAL EB 258 -15.71 11.62 -9.68
C VAL EB 258 -14.85 11.68 -8.43
N ASN EB 259 -15.47 11.93 -7.28
CA ASN EB 259 -14.72 12.01 -6.03
C ASN EB 259 -14.00 10.70 -5.71
N GLN EB 260 -14.66 9.57 -5.96
CA GLN EB 260 -14.04 8.29 -5.68
C GLN EB 260 -12.98 7.92 -6.71
N GLN EB 261 -13.19 8.28 -7.97
CA GLN EB 261 -12.27 7.92 -9.05
C GLN EB 261 -11.12 8.91 -9.19
N LEU EB 262 -11.44 10.18 -9.39
CA LEU EB 262 -10.41 11.20 -9.54
C LEU EB 262 -9.77 11.54 -8.20
N MET FB 1 -19.78 15.26 17.48
CA MET FB 1 -18.78 15.29 16.42
C MET FB 1 -19.06 16.43 15.42
N HIS FB 2 -20.28 16.46 14.88
CA HIS FB 2 -20.63 17.47 13.90
C HIS FB 2 -21.84 18.25 14.38
N PRO FB 3 -21.86 19.57 14.17
CA PRO FB 3 -23.02 20.37 14.61
C PRO FB 3 -24.33 19.93 13.98
N ALA FB 4 -24.31 19.53 12.71
CA ALA FB 4 -25.55 19.11 12.05
C ALA FB 4 -26.07 17.80 12.63
N LEU FB 5 -25.18 16.97 13.17
CA LEU FB 5 -25.64 15.73 13.83
C LEU FB 5 -26.50 16.04 15.04
N TRP FB 6 -26.09 17.03 15.84
CA TRP FB 6 -26.86 17.38 17.03
C TRP FB 6 -28.11 18.18 16.68
N VAL FB 7 -28.01 19.06 15.69
CA VAL FB 7 -29.14 19.90 15.31
C VAL FB 7 -30.29 19.03 14.79
N SER FB 8 -29.97 18.07 13.91
CA SER FB 8 -31.00 17.22 13.35
C SER FB 8 -31.50 16.20 14.36
N LYS FB 9 -30.66 15.84 15.34
CA LYS FB 9 -31.08 14.90 16.37
C LYS FB 9 -32.23 15.47 17.21
N THR FB 10 -32.16 16.77 17.52
CA THR FB 10 -33.28 17.42 18.20
C THR FB 10 -34.51 17.47 17.29
N GLY FB 11 -34.29 17.57 15.98
CA GLY FB 11 -35.41 17.52 15.05
C GLY FB 11 -36.11 16.18 15.05
N LEU FB 12 -35.36 15.09 15.21
CA LEU FB 12 -35.97 13.77 15.30
C LEU FB 12 -36.79 13.62 16.58
N ASP FB 13 -36.21 14.02 17.72
CA ASP FB 13 -36.93 13.90 18.99
C ASP FB 13 -38.16 14.80 19.00
N ALA FB 14 -38.10 15.95 18.33
CA ALA FB 14 -39.25 16.83 18.26
C ALA FB 14 -40.43 16.17 17.55
N GLN FB 15 -40.16 15.46 16.45
CA GLN FB 15 -41.24 14.84 15.70
C GLN FB 15 -41.79 13.62 16.43
N GLN FB 16 -40.94 12.89 17.16
CA GLN FB 16 -41.41 11.73 17.90
C GLN FB 16 -42.39 12.13 19.00
N THR FB 17 -42.10 13.23 19.70
CA THR FB 17 -43.06 13.75 20.66
C THR FB 17 -44.32 14.25 19.97
N ASN FB 18 -44.16 14.84 18.78
CA ASN FB 18 -45.31 15.28 18.01
C ASN FB 18 -46.19 14.11 17.59
N ILE FB 19 -45.56 13.03 17.12
CA ILE FB 19 -46.33 11.86 16.68
C ILE FB 19 -47.00 11.18 17.86
N ALA FB 20 -46.32 11.12 19.00
CA ALA FB 20 -46.93 10.53 20.20
C ALA FB 20 -48.14 11.33 20.65
N THR FB 21 -48.09 12.66 20.50
CA THR FB 21 -49.24 13.48 20.82
C THR FB 21 -50.39 13.21 19.85
N ILE FB 22 -50.08 13.10 18.56
CA ILE FB 22 -51.12 12.80 17.57
C ILE FB 22 -51.69 11.41 17.79
N SER FB 23 -50.84 10.46 18.19
CA SER FB 23 -51.30 9.09 18.40
C SER FB 23 -52.31 9.02 19.54
N ASN FB 24 -52.10 9.79 20.60
CA ASN FB 24 -53.03 9.76 21.73
C ASN FB 24 -54.37 10.36 21.35
N ASN FB 25 -54.37 11.41 20.51
CA ASN FB 25 -55.63 12.03 20.10
C ASN FB 25 -56.47 11.04 19.29
N LEU FB 26 -55.86 10.29 18.38
CA LEU FB 26 -56.62 9.35 17.58
C LEU FB 26 -57.07 8.14 18.39
N ALA FB 27 -56.28 7.74 19.39
CA ALA FB 27 -56.71 6.66 20.27
C ALA FB 27 -57.95 7.05 21.05
N ASN FB 28 -58.00 8.29 21.55
CA ASN FB 28 -59.17 8.79 22.25
C ASN FB 28 -60.11 9.54 21.30
N ALA FB 29 -60.47 8.90 20.19
CA ALA FB 29 -61.43 9.49 19.27
C ALA FB 29 -62.88 9.22 19.67
N SER FB 30 -63.11 8.29 20.59
CA SER FB 30 -64.46 8.00 21.07
C SER FB 30 -64.61 8.23 22.56
N THR FB 31 -63.59 8.77 23.24
CA THR FB 31 -63.68 9.01 24.66
C THR FB 31 -64.57 10.21 24.94
N VAL FB 32 -65.52 10.04 25.86
CA VAL FB 32 -66.45 11.12 26.18
C VAL FB 32 -65.74 12.18 27.00
N GLY FB 33 -65.87 13.44 26.58
CA GLY FB 33 -65.24 14.54 27.27
C GLY FB 33 -63.73 14.55 27.21
N TYR FB 34 -63.15 14.12 26.09
CA TYR FB 34 -61.71 14.13 25.89
C TYR FB 34 -61.33 15.37 25.09
N LYS FB 35 -60.28 16.05 25.52
CA LYS FB 35 -59.77 17.25 24.86
C LYS FB 35 -58.49 16.93 24.12
N LYS FB 36 -58.46 17.25 22.82
CA LYS FB 36 -57.30 16.92 22.01
C LYS FB 36 -56.10 17.78 22.41
N SER FB 37 -54.92 17.29 22.08
CA SER FB 37 -53.66 17.94 22.41
C SER FB 37 -52.91 18.29 21.14
N ARG FB 38 -52.21 19.42 21.16
CA ARG FB 38 -51.35 19.83 20.05
C ARG FB 38 -49.96 20.14 20.57
N ALA FB 39 -48.95 19.56 19.92
CA ALA FB 39 -47.57 19.82 20.31
C ALA FB 39 -47.15 21.22 19.88
N VAL FB 40 -46.49 21.93 20.79
CA VAL FB 40 -46.00 23.28 20.54
C VAL FB 40 -44.51 23.20 20.27
N PHE FB 41 -44.09 23.71 19.11
CA PHE FB 41 -42.69 23.66 18.70
C PHE FB 41 -42.04 25.03 18.90
N GLU FB 42 -40.74 25.01 19.20
CA GLU FB 42 -39.97 26.23 19.28
C GLU FB 42 -38.51 25.90 18.99
N ASP FB 43 -37.80 26.87 18.42
CA ASP FB 43 -36.40 26.69 18.12
C ASP FB 43 -35.54 26.90 19.36
N LEU FB 44 -34.45 26.13 19.45
CA LEU FB 44 -33.56 26.20 20.58
C LEU FB 44 -32.68 27.45 20.49
N PHE FB 45 -31.74 27.57 21.42
CA PHE FB 45 -30.88 28.74 21.48
C PHE FB 45 -29.99 28.81 20.24
N TYR FB 46 -29.53 30.02 19.95
CA TYR FB 46 -28.69 30.29 18.79
C TYR FB 46 -27.26 30.55 19.24
N GLN FB 47 -26.30 29.88 18.59
CA GLN FB 47 -24.90 30.13 18.88
C GLN FB 47 -24.49 31.45 18.25
N ASN FB 48 -23.93 32.35 19.06
CA ASN FB 48 -23.62 33.71 18.63
C ASN FB 48 -22.19 33.75 18.11
N ILE FB 49 -22.02 33.41 16.83
CA ILE FB 49 -20.70 33.46 16.21
C ILE FB 49 -20.33 34.90 15.86
N ASN FB 50 -21.13 35.53 15.00
CA ASN FB 50 -20.99 36.95 14.70
C ASN FB 50 -22.24 37.67 15.17
N GLN FB 51 -22.04 38.70 16.00
CA GLN FB 51 -23.16 39.43 16.57
C GLN FB 51 -23.77 40.35 15.53
N PRO FB 52 -25.04 40.18 15.16
CA PRO FB 52 -25.69 41.17 14.28
C PRO FB 52 -25.81 42.51 15.00
N GLY FB 53 -25.53 43.58 14.26
CA GLY FB 53 -25.51 44.91 14.84
C GLY FB 53 -24.17 45.29 15.46
N GLY FB 54 -23.20 44.38 15.47
CA GLY FB 54 -21.88 44.75 15.95
C GLY FB 54 -21.22 45.74 15.01
N GLN FB 55 -20.46 46.67 15.58
CA GLN FB 55 -19.83 47.72 14.80
C GLN FB 55 -18.64 47.16 14.03
N SER FB 56 -18.79 47.06 12.71
CA SER FB 56 -17.68 46.67 11.84
C SER FB 56 -16.78 47.84 11.47
N SER FB 57 -17.21 49.06 11.78
CA SER FB 57 -16.45 50.28 11.51
C SER FB 57 -17.11 51.40 12.32
N GLN FB 58 -16.70 52.64 12.06
CA GLN FB 58 -17.28 53.77 12.77
C GLN FB 58 -18.63 54.20 12.20
N ASN FB 59 -19.01 53.73 11.02
CA ASN FB 59 -20.25 54.17 10.41
C ASN FB 59 -21.03 53.03 9.76
N THR FB 60 -20.75 51.78 10.13
CA THR FB 60 -21.41 50.64 9.51
C THR FB 60 -21.41 49.48 10.49
N GLU FB 61 -22.60 48.95 10.77
CA GLU FB 61 -22.76 47.80 11.63
C GLU FB 61 -22.96 46.55 10.77
N LEU FB 62 -23.20 45.42 11.43
CA LEU FB 62 -23.49 44.17 10.73
C LEU FB 62 -24.99 44.06 10.53
N PRO FB 63 -25.50 44.17 9.31
CA PRO FB 63 -26.96 44.09 9.10
C PRO FB 63 -27.54 42.74 9.50
N SER FB 64 -26.79 41.67 9.30
CA SER FB 64 -27.18 40.34 9.75
C SER FB 64 -25.93 39.60 10.19
N GLY FB 65 -26.04 38.86 11.28
CA GLY FB 65 -24.89 38.19 11.84
C GLY FB 65 -24.93 36.69 11.70
N LEU FB 66 -23.79 36.04 11.88
CA LEU FB 66 -23.70 34.59 11.81
C LEU FB 66 -24.14 34.03 13.15
N MET FB 67 -25.38 33.52 13.19
CA MET FB 67 -25.95 32.92 14.40
C MET FB 67 -26.53 31.56 14.03
N LEU FB 68 -25.87 30.49 14.45
CA LEU FB 68 -26.31 29.14 14.11
C LEU FB 68 -27.35 28.65 15.11
N GLY FB 69 -28.48 28.15 14.60
CA GLY FB 69 -29.47 27.54 15.45
C GLY FB 69 -29.01 26.19 15.97
N ALA FB 70 -29.69 25.74 17.02
CA ALA FB 70 -29.37 24.47 17.66
C ALA FB 70 -30.43 23.40 17.46
N GLY FB 71 -31.50 23.69 16.73
CA GLY FB 71 -32.53 22.72 16.44
C GLY FB 71 -33.90 23.19 16.93
N SER FB 72 -34.71 22.23 17.36
CA SER FB 72 -36.05 22.51 17.84
C SER FB 72 -36.46 21.45 18.84
N LYS FB 73 -37.51 21.75 19.59
CA LYS FB 73 -38.05 20.82 20.57
C LYS FB 73 -39.53 21.10 20.76
N VAL FB 74 -40.23 20.12 21.31
CA VAL FB 74 -41.63 20.28 21.72
C VAL FB 74 -41.61 20.78 23.16
N VAL FB 75 -41.93 22.06 23.34
CA VAL FB 75 -41.82 22.69 24.65
C VAL FB 75 -43.08 22.49 25.49
N ALA FB 76 -44.23 22.22 24.88
CA ALA FB 76 -45.46 22.06 25.63
C ALA FB 76 -46.45 21.22 24.83
N THR FB 77 -47.46 20.73 25.53
CA THR FB 77 -48.58 20.02 24.93
C THR FB 77 -49.84 20.77 25.35
N GLN FB 78 -50.42 21.53 24.41
CA GLN FB 78 -51.57 22.37 24.71
C GLN FB 78 -52.85 21.58 24.54
N LYS FB 79 -53.64 21.49 25.60
CA LYS FB 79 -54.95 20.85 25.55
C LYS FB 79 -55.97 21.86 25.03
N VAL FB 80 -56.49 21.62 23.83
CA VAL FB 80 -57.46 22.51 23.22
C VAL FB 80 -58.82 22.22 23.86
N HIS FB 81 -59.24 23.08 24.79
CA HIS FB 81 -60.50 22.88 25.50
C HIS FB 81 -61.66 23.55 24.77
N THR FB 82 -61.79 23.25 23.49
CA THR FB 82 -62.96 23.64 22.72
C THR FB 82 -64.04 22.58 22.88
N HIS FB 83 -65.28 23.02 22.89
CA HIS FB 83 -66.37 22.08 23.22
C HIS FB 83 -66.39 20.89 22.30
N GLY FB 84 -66.88 19.80 22.81
CA GLY FB 84 -67.05 18.64 21.94
C GLY FB 84 -68.43 18.80 21.42
N ASN FB 85 -69.07 17.75 21.00
CA ASN FB 85 -70.42 18.05 20.52
C ASN FB 85 -71.34 17.16 21.31
N ALA FB 86 -72.61 17.24 21.03
CA ALA FB 86 -73.54 16.54 21.90
C ALA FB 86 -73.89 15.16 21.41
N GLN FB 87 -73.78 14.16 22.25
CA GLN FB 87 -74.31 12.82 21.97
C GLN FB 87 -75.68 12.71 22.62
N THR FB 88 -76.73 12.86 21.82
CA THR FB 88 -78.08 12.72 22.34
C THR FB 88 -78.34 11.28 22.76
N THR FB 89 -78.83 11.10 23.99
CA THR FB 89 -79.07 9.77 24.52
C THR FB 89 -80.43 9.69 25.19
N THR FB 90 -80.73 8.53 25.79
CA THR FB 90 -81.97 8.34 26.53
C THR FB 90 -81.77 8.06 28.00
N ASN FB 91 -80.56 7.68 28.43
CA ASN FB 91 -80.29 7.47 29.84
C ASN FB 91 -80.45 8.78 30.61
N ALA FB 92 -80.99 8.67 31.83
CA ALA FB 92 -81.22 9.84 32.66
C ALA FB 92 -80.09 10.10 33.66
N LEU FB 93 -79.06 9.26 33.68
CA LEU FB 93 -77.97 9.41 34.65
C LEU FB 93 -76.70 9.98 34.04
N ASP FB 94 -76.67 10.28 32.76
CA ASP FB 94 -75.51 10.87 32.13
C ASP FB 94 -75.82 12.31 31.72
N MET FB 95 -75.01 13.25 32.20
CA MET FB 95 -75.22 14.66 31.97
C MET FB 95 -74.03 15.23 31.19
N MET FB 96 -74.24 16.42 30.65
CA MET FB 96 -73.23 17.11 29.85
C MET FB 96 -73.20 18.58 30.24
N VAL FB 97 -71.99 19.13 30.38
CA VAL FB 97 -71.80 20.54 30.71
C VAL FB 97 -71.79 21.30 29.40
N GLU FB 98 -72.84 22.10 29.17
CA GLU FB 98 -72.95 22.91 27.95
C GLU FB 98 -72.21 24.22 28.18
N GLY FB 99 -70.91 24.21 27.95
CA GLY FB 99 -70.07 25.37 28.19
C GLY FB 99 -68.95 25.10 29.17
N ASP FB 100 -68.47 26.18 29.77
CA ASP FB 100 -67.36 26.07 30.72
C ASP FB 100 -67.83 25.43 32.02
N GLY FB 101 -67.01 24.55 32.56
CA GLY FB 101 -67.30 23.91 33.83
C GLY FB 101 -66.77 22.49 33.86
N PHE FB 102 -66.52 22.01 35.07
CA PHE FB 102 -66.03 20.65 35.30
C PHE FB 102 -66.84 20.02 36.43
N PHE FB 103 -67.25 18.77 36.24
CA PHE FB 103 -67.79 18.00 37.34
C PHE FB 103 -66.70 17.71 38.36
N GLN FB 104 -67.09 17.55 39.62
CA GLN FB 104 -66.15 17.28 40.70
C GLN FB 104 -66.46 15.93 41.33
N VAL FB 105 -65.42 15.12 41.51
CA VAL FB 105 -65.54 13.79 42.11
C VAL FB 105 -64.50 13.67 43.22
N THR FB 106 -64.73 12.70 44.11
CA THR FB 106 -63.86 12.48 45.26
C THR FB 106 -62.90 11.34 44.96
N LEU FB 107 -61.61 11.64 44.96
CA LEU FB 107 -60.58 10.63 44.77
C LEU FB 107 -60.36 9.85 46.05
N PRO FB 108 -59.81 8.62 45.95
CA PRO FB 108 -59.55 7.85 47.16
C PRO FB 108 -58.60 8.53 48.13
N ASP FB 109 -57.63 9.31 47.64
CA ASP FB 109 -56.70 9.98 48.53
C ASP FB 109 -57.39 11.08 49.35
N GLY FB 110 -58.54 11.57 48.88
CA GLY FB 110 -59.25 12.61 49.60
C GLY FB 110 -59.42 13.87 48.79
N ASN FB 111 -58.54 14.08 47.82
CA ASN FB 111 -58.61 15.27 46.98
C ASN FB 111 -59.79 15.16 46.02
N ILE FB 112 -60.14 16.30 45.43
CA ILE FB 112 -61.27 16.39 44.50
C ILE FB 112 -60.72 16.41 43.08
N GLY FB 113 -61.13 15.43 42.28
CA GLY FB 113 -60.77 15.39 40.87
C GLY FB 113 -61.88 15.97 40.01
N TYR FB 114 -61.48 16.61 38.92
CA TYR FB 114 -62.40 17.33 38.06
C TYR FB 114 -62.45 16.64 36.70
N THR FB 115 -63.67 16.45 36.18
CA THR FB 115 -63.87 15.64 34.98
C THR FB 115 -64.84 16.33 34.05
N ARG FB 116 -64.72 16.03 32.76
CA ARG FB 116 -65.69 16.41 31.74
C ARG FB 116 -66.59 15.26 31.31
N ASN FB 117 -66.19 14.02 31.60
CA ASN FB 117 -67.00 12.87 31.26
C ASN FB 117 -68.21 12.79 32.18
N GLY FB 118 -69.41 12.77 31.57
CA GLY FB 118 -70.64 12.75 32.32
C GLY FB 118 -71.32 11.41 32.45
N GLN FB 119 -70.68 10.32 32.05
CA GLN FB 119 -71.26 8.99 32.18
C GLN FB 119 -71.26 8.61 33.65
N PHE FB 120 -72.40 8.74 34.31
CA PHE FB 120 -72.54 8.44 35.72
C PHE FB 120 -73.45 7.24 35.91
N THR FB 121 -73.47 6.71 37.13
CA THR FB 121 -74.31 5.58 37.49
C THR FB 121 -74.52 5.61 39.00
N LEU FB 122 -75.02 4.51 39.54
CA LEU FB 122 -75.24 4.38 40.97
C LEU FB 122 -74.46 3.19 41.52
N ASN FB 123 -74.12 3.25 42.79
CA ASN FB 123 -73.55 2.11 43.48
C ASN FB 123 -74.63 1.44 44.33
N GLY FB 124 -74.23 0.47 45.15
CA GLY FB 124 -75.19 -0.23 45.98
C GLY FB 124 -75.90 0.65 46.98
N GLU FB 125 -75.21 1.69 47.47
CA GLU FB 125 -75.83 2.63 48.40
C GLU FB 125 -76.73 3.64 47.71
N GLY FB 126 -76.78 3.65 46.38
CA GLY FB 126 -77.59 4.60 45.65
C GLY FB 126 -76.94 5.94 45.41
N THR FB 127 -75.70 6.14 45.84
CA THR FB 127 -75.02 7.41 45.59
C THR FB 127 -74.63 7.53 44.13
N LEU FB 128 -74.76 8.74 43.59
CA LEU FB 128 -74.36 9.01 42.22
C LEU FB 128 -72.84 8.96 42.10
N VAL FB 129 -72.33 8.00 41.33
CA VAL FB 129 -70.90 7.81 41.15
C VAL FB 129 -70.59 7.78 39.65
N THR FB 130 -69.30 7.74 39.34
CA THR FB 130 -68.87 7.64 37.96
C THR FB 130 -69.04 6.22 37.44
N SER FB 131 -69.05 6.09 36.12
CA SER FB 131 -69.25 4.80 35.48
C SER FB 131 -67.95 4.01 35.32
N GLY FB 132 -66.83 4.56 35.74
CA GLY FB 132 -65.55 3.87 35.65
C GLY FB 132 -65.13 3.27 36.97
N SER FB 133 -64.22 3.96 37.67
CA SER FB 133 -63.75 3.48 38.97
C SER FB 133 -64.79 3.60 40.07
N GLY FB 134 -65.91 4.29 39.81
CA GLY FB 134 -66.96 4.42 40.82
C GLY FB 134 -66.74 5.51 41.83
N TYR FB 135 -65.97 6.54 41.50
CA TYR FB 135 -65.73 7.63 42.43
C TYR FB 135 -67.01 8.40 42.71
N PRO FB 136 -67.29 8.76 43.96
CA PRO FB 136 -68.50 9.55 44.25
C PRO FB 136 -68.40 10.94 43.64
N VAL FB 137 -69.57 11.51 43.35
CA VAL FB 137 -69.66 12.84 42.74
C VAL FB 137 -69.93 13.86 43.84
N GLU FB 138 -69.18 14.97 43.81
CA GLU FB 138 -69.31 16.08 44.76
C GLU FB 138 -70.30 17.11 44.23
N PRO FB 139 -71.31 17.50 45.03
CA PRO FB 139 -71.70 16.97 46.34
C PRO FB 139 -72.42 15.64 46.18
N GLU FB 140 -72.44 14.79 47.21
CA GLU FB 140 -73.05 13.48 47.08
C GLU FB 140 -74.53 13.60 46.74
N ILE FB 141 -74.95 12.89 45.70
CA ILE FB 141 -76.34 12.82 45.27
C ILE FB 141 -76.81 11.42 45.58
N VAL FB 142 -77.61 11.27 46.62
CA VAL FB 142 -78.12 9.96 47.03
C VAL FB 142 -79.56 9.85 46.57
N ILE FB 143 -79.82 8.94 45.63
CA ILE FB 143 -81.15 8.73 45.09
C ILE FB 143 -81.89 7.79 46.05
N PRO FB 144 -83.00 8.22 46.64
CA PRO FB 144 -83.71 7.35 47.58
C PRO FB 144 -84.30 6.14 46.87
N GLU FB 145 -84.47 5.06 47.64
CA GLU FB 145 -85.06 3.84 47.12
C GLU FB 145 -86.54 4.01 46.78
N ASP FB 146 -87.16 5.10 47.20
CA ASP FB 146 -88.55 5.38 46.90
C ASP FB 146 -88.74 6.17 45.60
N ALA FB 147 -87.66 6.45 44.88
CA ALA FB 147 -87.73 7.26 43.67
C ALA FB 147 -88.12 6.41 42.46
N ILE FB 148 -88.89 7.01 41.56
CA ILE FB 148 -89.29 6.34 40.33
C ILE FB 148 -88.74 7.00 39.07
N SER FB 149 -88.29 8.25 39.15
CA SER FB 149 -87.69 8.93 38.01
C SER FB 149 -86.72 9.98 38.52
N ILE FB 150 -85.68 10.24 37.73
CA ILE FB 150 -84.65 11.21 38.06
C ILE FB 150 -84.63 12.29 36.99
N THR FB 151 -84.72 13.55 37.41
CA THR FB 151 -84.62 14.69 36.51
C THR FB 151 -83.58 15.65 37.07
N VAL FB 152 -82.59 15.99 36.25
CA VAL FB 152 -81.55 16.94 36.61
C VAL FB 152 -81.81 18.22 35.85
N GLY FB 153 -82.07 19.30 36.58
CA GLY FB 153 -82.42 20.56 35.96
C GLY FB 153 -81.24 21.24 35.30
N THR FB 154 -81.55 22.34 34.60
CA THR FB 154 -80.50 23.12 33.96
C THR FB 154 -79.54 23.70 34.98
N ASP FB 155 -80.05 24.17 36.11
CA ASP FB 155 -79.24 24.70 37.19
C ASP FB 155 -78.67 23.63 38.11
N GLY FB 156 -78.71 22.36 37.68
CA GLY FB 156 -78.09 21.29 38.43
C GLY FB 156 -78.91 20.72 39.57
N GLU FB 157 -80.16 21.16 39.74
CA GLU FB 157 -81.00 20.68 40.83
C GLU FB 157 -81.49 19.29 40.50
N VAL FB 158 -81.00 18.29 41.25
CA VAL FB 158 -81.37 16.90 41.04
C VAL FB 158 -82.66 16.63 41.82
N SER FB 159 -83.75 16.42 41.09
CA SER FB 159 -85.04 16.12 41.69
C SER FB 159 -85.46 14.71 41.31
N VAL FB 160 -86.07 14.01 42.26
CA VAL FB 160 -86.59 12.67 42.01
C VAL FB 160 -88.08 12.67 42.33
N ARG FB 161 -88.83 11.93 41.54
CA ARG FB 161 -90.27 11.76 41.77
C ARG FB 161 -90.45 10.55 42.69
N VAL FB 162 -91.08 10.78 43.83
CA VAL FB 162 -91.23 9.74 44.84
C VAL FB 162 -92.45 8.90 44.52
N ARG FB 163 -92.41 7.64 44.92
CA ARG FB 163 -93.52 6.71 44.74
C ARG FB 163 -94.51 6.86 45.89
N GLY FB 164 -95.77 7.10 45.55
CA GLY FB 164 -96.78 7.34 46.56
C GLY FB 164 -96.76 8.73 47.16
N GLN FB 165 -96.23 9.72 46.43
CA GLN FB 165 -96.18 11.10 46.91
C GLN FB 165 -96.26 12.02 45.69
N GLN FB 166 -97.17 12.98 45.75
CA GLN FB 166 -97.41 13.88 44.63
C GLN FB 166 -96.59 15.17 44.78
N ASP FB 167 -95.28 15.00 44.81
CA ASP FB 167 -94.35 16.13 44.87
C ASP FB 167 -92.92 15.68 44.56
N ASN FB 168 -92.19 16.51 43.82
CA ASN FB 168 -90.78 16.24 43.56
C ASN FB 168 -89.96 16.49 44.81
N GLN FB 169 -89.12 15.53 45.18
CA GLN FB 169 -88.23 15.66 46.33
C GLN FB 169 -86.84 16.00 45.81
N VAL FB 170 -86.31 17.14 46.24
CA VAL FB 170 -84.98 17.55 45.82
C VAL FB 170 -83.95 16.81 46.68
N VAL FB 171 -83.12 16.00 46.01
CA VAL FB 171 -82.15 15.14 46.69
C VAL FB 171 -80.74 15.67 46.61
N GLY FB 172 -80.52 16.77 45.90
CA GLY FB 172 -79.18 17.32 45.80
C GLY FB 172 -79.17 18.52 44.87
N GLN FB 173 -77.98 19.13 44.81
CA GLN FB 173 -77.73 20.29 43.96
C GLN FB 173 -76.33 20.15 43.41
N LEU FB 174 -76.21 19.70 42.16
CA LEU FB 174 -74.91 19.53 41.54
C LEU FB 174 -74.24 20.88 41.33
N THR FB 175 -72.95 20.94 41.64
CA THR FB 175 -72.14 22.12 41.42
C THR FB 175 -70.97 21.76 40.52
N ILE FB 176 -70.63 22.66 39.60
CA ILE FB 176 -69.51 22.45 38.69
C ILE FB 176 -68.46 23.51 38.97
N THR FB 177 -67.21 23.16 38.67
CA THR FB 177 -66.07 24.03 38.93
C THR FB 177 -65.52 24.57 37.62
N ASP FB 178 -65.24 25.87 37.59
CA ASP FB 178 -64.63 26.52 36.45
C ASP FB 178 -63.18 26.85 36.75
N PHE FB 179 -62.35 26.86 35.71
CA PHE FB 179 -60.95 27.23 35.82
C PHE FB 179 -60.63 28.27 34.76
N VAL FB 180 -59.86 29.28 35.15
CA VAL FB 180 -59.50 30.34 34.21
C VAL FB 180 -58.64 29.78 33.09
N ASN FB 181 -57.80 28.81 33.41
CA ASN FB 181 -56.92 28.15 32.43
C ASN FB 181 -57.12 26.64 32.56
N PRO FB 182 -58.15 26.09 31.92
CA PRO FB 182 -58.34 24.63 31.96
C PRO FB 182 -57.22 23.87 31.28
N GLY FB 183 -56.43 24.52 30.42
CA GLY FB 183 -55.30 23.86 29.80
C GLY FB 183 -54.15 23.57 30.75
N GLY FB 184 -54.11 24.27 31.89
CA GLY FB 184 -53.11 24.04 32.91
C GLY FB 184 -53.40 22.92 33.87
N LEU FB 185 -54.58 22.29 33.76
CA LEU FB 185 -54.90 21.15 34.59
C LEU FB 185 -53.99 19.98 34.25
N GLU FB 186 -53.67 19.17 35.26
CA GLU FB 186 -52.81 18.01 35.06
C GLU FB 186 -53.67 16.78 34.85
N PRO FB 187 -53.65 16.16 33.66
CA PRO FB 187 -54.41 14.93 33.45
C PRO FB 187 -53.79 13.78 34.23
N ILE FB 188 -54.61 13.12 35.05
CA ILE FB 188 -54.17 11.96 35.82
C ILE FB 188 -54.80 10.68 35.29
N GLY FB 189 -55.31 10.70 34.07
CA GLY FB 189 -56.01 9.57 33.52
C GLY FB 189 -57.43 9.47 34.03
N GLN FB 190 -58.14 8.47 33.50
CA GLN FB 190 -59.52 8.20 33.91
C GLN FB 190 -60.43 9.41 33.69
N ASN FB 191 -60.11 10.23 32.69
CA ASN FB 191 -60.85 11.46 32.38
C ASN FB 191 -60.91 12.39 33.59
N LEU FB 192 -59.81 12.49 34.33
CA LEU FB 192 -59.76 13.27 35.55
C LEU FB 192 -58.59 14.25 35.50
N TYR FB 193 -58.79 15.41 36.11
CA TYR FB 193 -57.79 16.46 36.20
C TYR FB 193 -57.51 16.81 37.64
N LEU FB 194 -56.29 17.29 37.90
CA LEU FB 194 -55.93 17.81 39.20
C LEU FB 194 -55.44 19.25 39.06
N PRO FB 195 -55.96 20.17 39.87
CA PRO FB 195 -55.56 21.57 39.74
C PRO FB 195 -54.07 21.75 39.99
N THR FB 196 -53.48 22.68 39.25
CA THR FB 196 -52.05 22.97 39.36
C THR FB 196 -51.81 24.45 39.62
N GLY FB 197 -50.55 24.87 39.59
CA GLY FB 197 -50.25 26.27 39.82
C GLY FB 197 -50.80 27.19 38.74
N ALA FB 198 -50.63 26.81 37.48
CA ALA FB 198 -51.10 27.62 36.36
C ALA FB 198 -52.56 27.40 36.04
N SER FB 199 -53.19 26.37 36.60
CA SER FB 199 -54.60 26.12 36.34
C SER FB 199 -55.47 27.24 36.90
N GLY FB 200 -55.15 27.71 38.11
CA GLY FB 200 -55.92 28.73 38.77
C GLY FB 200 -56.73 28.17 39.93
N ASP FB 201 -57.25 29.09 40.72
CA ASP FB 201 -58.05 28.69 41.88
C ASP FB 201 -59.39 28.14 41.44
N PRO FB 202 -59.79 26.97 41.92
CA PRO FB 202 -61.10 26.40 41.53
C PRO FB 202 -62.24 27.26 42.06
N GLN FB 203 -63.01 27.84 41.15
CA GLN FB 203 -64.19 28.63 41.50
C GLN FB 203 -65.44 27.78 41.27
N GLU FB 204 -66.10 27.40 42.37
CA GLU FB 204 -67.28 26.56 42.34
C GLU FB 204 -68.54 27.41 42.47
N GLY FB 205 -69.58 27.00 41.75
CA GLY FB 205 -70.83 27.75 41.78
C GLY FB 205 -71.92 26.96 41.11
N VAL FB 206 -73.10 27.59 41.04
CA VAL FB 206 -74.27 26.94 40.45
C VAL FB 206 -74.05 26.79 38.95
N PRO FB 207 -74.41 25.65 38.36
CA PRO FB 207 -74.14 25.43 36.93
C PRO FB 207 -75.07 26.19 36.01
N GLY FB 208 -74.70 27.43 35.68
CA GLY FB 208 -75.52 28.25 34.80
C GLY FB 208 -75.45 29.73 35.11
N LEU FB 209 -74.79 30.08 36.21
CA LEU FB 209 -74.60 31.46 36.60
C LEU FB 209 -73.12 31.78 36.67
N ASP FB 210 -72.80 33.06 36.48
CA ASP FB 210 -71.44 33.59 36.63
C ASP FB 210 -70.47 32.91 35.66
N GLY FB 211 -70.93 32.66 34.44
CA GLY FB 211 -70.08 32.13 33.39
C GLY FB 211 -69.96 30.63 33.33
N LEU FB 212 -70.55 29.91 34.29
CA LEU FB 212 -70.51 28.45 34.27
C LEU FB 212 -71.48 27.89 33.23
N GLY FB 213 -71.17 26.70 32.73
CA GLY FB 213 -72.03 26.04 31.79
C GLY FB 213 -73.26 25.45 32.45
N GLU FB 214 -74.11 24.85 31.63
CA GLU FB 214 -75.37 24.30 32.09
C GLU FB 214 -75.36 22.78 32.00
N ILE FB 215 -76.03 22.14 32.95
CA ILE FB 215 -76.08 20.69 33.03
C ILE FB 215 -77.17 20.18 32.11
N ARG FB 216 -76.78 19.45 31.07
CA ARG FB 216 -77.71 18.89 30.11
C ARG FB 216 -77.91 17.41 30.42
N GLN FB 217 -79.05 17.06 30.99
CA GLN FB 217 -79.37 15.68 31.29
C GLN FB 217 -79.60 14.90 30.00
N SER FB 218 -79.33 13.60 30.05
CA SER FB 218 -79.51 12.70 28.90
C SER FB 218 -78.75 13.21 27.68
N MET FB 219 -77.52 13.63 27.89
CA MET FB 219 -76.68 14.11 26.79
C MET FB 219 -75.22 13.92 27.19
N LEU FB 220 -74.39 13.66 26.19
CA LEU FB 220 -72.97 13.40 26.41
C LEU FB 220 -72.13 14.27 25.48
N GLU FB 221 -70.89 14.49 25.88
CA GLU FB 221 -69.96 15.36 25.17
C GLU FB 221 -68.90 14.49 24.50
N ALA FB 222 -68.92 14.46 23.17
CA ALA FB 222 -67.97 13.65 22.42
C ALA FB 222 -66.61 14.31 22.39
N SER FB 223 -65.59 13.52 22.09
CA SER FB 223 -64.24 14.04 21.96
C SER FB 223 -64.17 15.04 20.80
N ASN FB 224 -63.37 16.08 20.98
CA ASN FB 224 -63.26 17.17 20.03
C ASN FB 224 -62.17 16.96 19.00
N VAL FB 225 -61.61 15.75 18.92
CA VAL FB 225 -60.54 15.50 17.97
C VAL FB 225 -61.09 15.57 16.55
N ASN FB 226 -60.27 16.10 15.64
CA ASN FB 226 -60.61 16.16 14.23
C ASN FB 226 -59.74 15.13 13.51
N VAL FB 227 -60.36 14.03 13.07
CA VAL FB 227 -59.60 12.96 12.44
C VAL FB 227 -58.96 13.44 11.16
N THR FB 228 -59.51 14.48 10.54
CA THR FB 228 -58.89 15.06 9.35
C THR FB 228 -57.58 15.74 9.70
N GLU FB 229 -57.57 16.56 10.75
CA GLU FB 229 -56.36 17.29 11.11
C GLU FB 229 -55.25 16.35 11.58
N GLU FB 230 -55.59 15.34 12.38
CA GLU FB 230 -54.56 14.49 12.96
C GLU FB 230 -53.85 13.68 11.88
N LEU FB 231 -54.59 13.17 10.89
CA LEU FB 231 -53.98 12.34 9.86
C LEU FB 231 -53.12 13.16 8.92
N VAL FB 232 -53.54 14.39 8.60
CA VAL FB 232 -52.70 15.27 7.80
C VAL FB 232 -51.47 15.70 8.60
N ASN FB 233 -51.64 15.94 9.90
CA ASN FB 233 -50.48 16.20 10.76
C ASN FB 233 -49.56 14.99 10.81
N MET FB 234 -50.12 13.78 10.78
CA MET FB 234 -49.30 12.58 10.71
C MET FB 234 -48.50 12.52 9.42
N ILE FB 235 -49.07 13.05 8.33
CA ILE FB 235 -48.32 13.14 7.07
C ILE FB 235 -47.16 14.11 7.22
N GLU FB 236 -47.41 15.27 7.83
CA GLU FB 236 -46.35 16.26 8.00
C GLU FB 236 -45.26 15.75 8.92
N ALA FB 237 -45.65 15.16 10.07
CA ALA FB 237 -44.66 14.72 11.04
C ALA FB 237 -43.81 13.59 10.48
N GLN FB 238 -44.40 12.69 9.70
CA GLN FB 238 -43.65 11.58 9.13
C GLN FB 238 -42.59 12.09 8.15
N ARG FB 239 -42.95 13.06 7.30
CA ARG FB 239 -42.02 13.53 6.28
C ARG FB 239 -40.88 14.33 6.89
N VAL FB 240 -41.19 15.21 7.85
CA VAL FB 240 -40.14 15.99 8.50
C VAL FB 240 -39.22 15.08 9.29
N TYR FB 241 -39.77 14.03 9.89
CA TYR FB 241 -38.95 13.05 10.61
C TYR FB 241 -37.96 12.38 9.67
N GLU FB 242 -38.42 11.99 8.48
CA GLU FB 242 -37.55 11.32 7.53
C GLU FB 242 -36.47 12.26 6.99
N MET FB 243 -36.82 13.51 6.74
CA MET FB 243 -35.86 14.45 6.16
C MET FB 243 -34.78 14.84 7.16
N ASN FB 244 -35.06 14.74 8.46
CA ASN FB 244 -34.01 14.97 9.46
C ASN FB 244 -33.06 13.78 9.54
N SER FB 245 -33.56 12.58 9.20
CA SER FB 245 -32.68 11.42 9.17
C SER FB 245 -31.71 11.49 8.00
N LYS FB 246 -32.12 12.11 6.89
CA LYS FB 246 -31.23 12.23 5.74
C LYS FB 246 -30.07 13.17 6.03
N VAL FB 247 -30.29 14.20 6.85
CA VAL FB 247 -29.20 15.08 7.24
C VAL FB 247 -28.18 14.31 8.07
N ILE FB 248 -28.65 13.51 9.02
CA ILE FB 248 -27.75 12.68 9.82
C ILE FB 248 -27.06 11.64 8.93
N SER FB 249 -27.80 11.07 7.98
CA SER FB 249 -27.19 10.13 7.04
C SER FB 249 -26.12 10.80 6.20
N SER FB 250 -26.39 12.02 5.73
CA SER FB 250 -25.38 12.75 4.96
C SER FB 250 -24.17 13.09 5.81
N VAL FB 251 -24.38 13.49 7.06
CA VAL FB 251 -23.28 13.79 7.96
C VAL FB 251 -22.45 12.53 8.23
N ASP FB 252 -23.14 11.40 8.40
CA ASP FB 252 -22.43 10.14 8.62
C ASP FB 252 -21.58 9.77 7.40
N LYS FB 253 -22.12 9.98 6.20
CA LYS FB 253 -21.35 9.69 4.98
C LYS FB 253 -20.15 10.62 4.85
N MET FB 254 -20.32 11.89 5.22
CA MET FB 254 -19.20 12.83 5.14
C MET FB 254 -18.07 12.44 6.08
N MET FB 255 -18.40 12.05 7.32
CA MET FB 255 -17.37 11.66 8.26
C MET FB 255 -16.65 10.39 7.83
N SER FB 256 -17.39 9.44 7.25
CA SER FB 256 -16.76 8.23 6.72
C SER FB 256 -15.82 8.58 5.58
N PHE FB 257 -16.21 9.52 4.72
CA PHE FB 257 -15.34 9.95 3.62
C PHE FB 257 -14.06 10.60 4.16
N VAL FB 258 -14.20 11.46 5.19
CA VAL FB 258 -13.03 12.14 5.74
C VAL FB 258 -12.12 11.14 6.45
N ASN FB 259 -12.71 10.17 7.15
CA ASN FB 259 -11.89 9.14 7.79
C ASN FB 259 -11.12 8.34 6.75
N GLN FB 260 -11.76 7.99 5.63
CA GLN FB 260 -11.13 7.19 4.60
C GLN FB 260 -10.11 7.98 3.78
N GLN FB 261 -10.30 9.29 3.63
CA GLN FB 261 -9.42 10.12 2.82
C GLN FB 261 -8.32 10.77 3.65
N LEU FB 262 -8.70 11.52 4.68
CA LEU FB 262 -7.73 12.21 5.52
C LEU FB 262 -7.01 11.25 6.47
N MET GB 1 -14.91 -10.84 20.73
CA MET GB 1 -14.01 -9.75 20.36
C MET GB 1 -14.45 -8.43 21.01
N HIS GB 2 -15.69 -8.03 20.73
CA HIS GB 2 -16.20 -6.75 21.23
C HIS GB 2 -17.41 -6.99 22.10
N PRO GB 3 -17.53 -6.28 23.22
CA PRO GB 3 -18.71 -6.46 24.09
C PRO GB 3 -20.02 -6.18 23.38
N ALA GB 4 -20.05 -5.19 22.49
CA ALA GB 4 -21.28 -4.88 21.77
C ALA GB 4 -21.68 -6.00 20.83
N LEU GB 5 -20.72 -6.81 20.37
CA LEU GB 5 -21.05 -7.96 19.53
C LEU GB 5 -21.83 -9.00 20.32
N TRP GB 6 -21.45 -9.23 21.57
CA TRP GB 6 -22.13 -10.23 22.38
C TRP GB 6 -23.47 -9.72 22.89
N VAL GB 7 -23.55 -8.43 23.23
CA VAL GB 7 -24.80 -7.87 23.71
C VAL GB 7 -25.87 -7.92 22.62
N SER GB 8 -25.48 -7.58 21.39
CA SER GB 8 -26.45 -7.58 20.29
C SER GB 8 -26.82 -9.00 19.85
N LYS GB 9 -25.92 -9.96 20.07
CA LYS GB 9 -26.26 -11.35 19.78
C LYS GB 9 -27.43 -11.81 20.64
N THR GB 10 -27.41 -11.45 21.93
CA THR GB 10 -28.52 -11.80 22.80
C THR GB 10 -29.80 -11.08 22.38
N GLY GB 11 -29.67 -9.86 21.84
CA GLY GB 11 -30.83 -9.17 21.32
C GLY GB 11 -31.44 -9.85 20.10
N LEU GB 12 -30.59 -10.32 19.18
CA LEU GB 12 -31.08 -11.09 18.04
C LEU GB 12 -31.72 -12.39 18.48
N ASP GB 13 -31.08 -13.09 19.42
CA ASP GB 13 -31.61 -14.37 19.89
C ASP GB 13 -32.95 -14.18 20.59
N ALA GB 14 -33.09 -13.14 21.40
CA ALA GB 14 -34.32 -12.92 22.14
C ALA GB 14 -35.49 -12.67 21.19
N GLN GB 15 -35.28 -11.86 20.15
CA GLN GB 15 -36.35 -11.55 19.22
C GLN GB 15 -36.73 -12.76 18.38
N GLN GB 16 -35.76 -13.60 18.03
CA GLN GB 16 -36.07 -14.80 17.26
C GLN GB 16 -36.97 -15.75 18.05
N THR GB 17 -36.72 -15.89 19.35
CA THR GB 17 -37.62 -16.66 20.19
C THR GB 17 -38.97 -15.97 20.31
N ASN GB 18 -38.98 -14.64 20.33
CA ASN GB 18 -40.24 -13.90 20.37
C ASN GB 18 -41.07 -14.14 19.12
N ILE GB 19 -40.42 -14.14 17.96
CA ILE GB 19 -41.14 -14.38 16.70
C ILE GB 19 -41.63 -15.82 16.65
N ALA GB 20 -40.82 -16.76 17.14
CA ALA GB 20 -41.24 -18.16 17.18
C ALA GB 20 -42.45 -18.35 18.08
N THR GB 21 -42.59 -17.52 19.11
CA THR GB 21 -43.77 -17.57 19.96
C THR GB 21 -44.98 -16.95 19.24
N ILE GB 22 -44.77 -15.85 18.53
CA ILE GB 22 -45.85 -15.23 17.78
C ILE GB 22 -46.33 -16.14 16.66
N SER GB 23 -45.39 -16.77 15.95
CA SER GB 23 -45.76 -17.61 14.82
C SER GB 23 -46.60 -18.80 15.26
N ASN GB 24 -46.33 -19.34 16.45
CA ASN GB 24 -47.12 -20.45 16.96
C ASN GB 24 -48.54 -20.03 17.27
N ASN GB 25 -48.71 -18.81 17.79
CA ASN GB 25 -50.06 -18.34 18.10
C ASN GB 25 -50.89 -18.14 16.84
N LEU GB 26 -50.30 -17.54 15.81
CA LEU GB 26 -51.05 -17.30 14.58
C LEU GB 26 -51.34 -18.59 13.82
N ALA GB 27 -50.48 -19.59 13.96
CA ALA GB 27 -50.78 -20.90 13.38
C ALA GB 27 -52.00 -21.53 14.03
N ASN GB 28 -52.11 -21.40 15.36
CA ASN GB 28 -53.25 -21.93 16.10
C ASN GB 28 -54.34 -20.86 16.30
N ALA GB 29 -54.75 -20.22 15.21
CA ALA GB 29 -55.82 -19.23 15.28
C ALA GB 29 -57.20 -19.85 15.18
N SER GB 30 -57.30 -21.14 14.86
CA SER GB 30 -58.58 -21.83 14.79
C SER GB 30 -58.62 -23.08 15.67
N THR GB 31 -57.54 -23.42 16.35
CA THR GB 31 -57.53 -24.59 17.23
C THR GB 31 -58.48 -24.38 18.39
N VAL GB 32 -59.29 -25.39 18.69
CA VAL GB 32 -60.27 -25.31 19.76
C VAL GB 32 -59.58 -25.48 21.10
N GLY GB 33 -59.84 -24.54 22.02
CA GLY GB 33 -59.25 -24.59 23.34
C GLY GB 33 -57.74 -24.39 23.38
N TYR GB 34 -57.23 -23.51 22.53
CA TYR GB 34 -55.80 -23.17 22.53
C TYR GB 34 -55.59 -21.89 23.31
N LYS GB 35 -54.57 -21.88 24.17
CA LYS GB 35 -54.23 -20.72 24.98
C LYS GB 35 -52.99 -20.05 24.43
N LYS GB 36 -53.08 -18.75 24.18
CA LYS GB 36 -51.98 -18.02 23.57
C LYS GB 36 -50.81 -17.87 24.55
N SER GB 37 -49.64 -17.56 24.00
CA SER GB 37 -48.42 -17.44 24.77
C SER GB 37 -47.76 -16.11 24.46
N ARG GB 38 -47.07 -15.56 25.46
CA ARG GB 38 -46.31 -14.33 25.31
C ARG GB 38 -44.94 -14.50 25.94
N ALA GB 39 -43.90 -14.12 25.20
CA ALA GB 39 -42.54 -14.22 25.71
C ALA GB 39 -42.31 -13.19 26.81
N VAL GB 40 -41.53 -13.58 27.82
CA VAL GB 40 -41.18 -12.71 28.94
C VAL GB 40 -39.72 -12.33 28.79
N PHE GB 41 -39.48 -11.06 28.47
CA PHE GB 41 -38.12 -10.56 28.29
C PHE GB 41 -37.56 -10.09 29.63
N GLU GB 42 -36.30 -10.44 29.87
CA GLU GB 42 -35.58 -9.93 31.04
C GLU GB 42 -34.14 -9.65 30.66
N ASP GB 43 -33.57 -8.63 31.28
CA ASP GB 43 -32.18 -8.28 31.04
C ASP GB 43 -31.26 -9.25 31.77
N LEU GB 44 -30.06 -9.43 31.20
CA LEU GB 44 -29.07 -10.32 31.78
C LEU GB 44 -28.33 -9.59 32.90
N PHE GB 45 -27.29 -10.22 33.44
CA PHE GB 45 -26.55 -9.63 34.54
C PHE GB 45 -25.83 -8.36 34.09
N TYR GB 46 -25.38 -7.59 35.07
CA TYR GB 46 -24.66 -6.34 34.81
C TYR GB 46 -23.24 -6.46 35.32
N GLN GB 47 -22.28 -6.17 34.45
CA GLN GB 47 -20.88 -6.20 34.85
C GLN GB 47 -20.57 -4.98 35.71
N ASN GB 48 -19.98 -5.20 36.88
CA ASN GB 48 -19.77 -4.14 37.87
C ASN GB 48 -18.36 -3.59 37.70
N ILE GB 49 -18.27 -2.40 37.10
CA ILE GB 49 -17.00 -1.69 37.00
C ILE GB 49 -16.81 -0.74 38.17
N ASN GB 50 -17.79 0.13 38.39
CA ASN GB 50 -17.83 1.02 39.56
C ASN GB 50 -19.08 0.70 40.36
N GLN GB 51 -18.90 0.45 41.65
CA GLN GB 51 -20.02 0.06 42.50
C GLN GB 51 -20.90 1.27 42.78
N PRO GB 52 -22.19 1.24 42.42
CA PRO GB 52 -23.10 2.33 42.82
C PRO GB 52 -23.27 2.33 44.33
N GLY GB 53 -23.14 3.51 44.92
CA GLY GB 53 -23.09 3.64 46.36
C GLY GB 53 -21.72 3.44 46.96
N GLY GB 54 -20.71 3.16 46.14
CA GLY GB 54 -19.36 3.04 46.65
C GLY GB 54 -18.87 4.33 47.26
N GLN GB 55 -18.03 4.21 48.28
CA GLN GB 55 -17.60 5.35 49.08
C GLN GB 55 -16.41 6.04 48.43
N SER GB 56 -16.62 7.27 47.99
CA SER GB 56 -15.55 8.20 47.67
C SER GB 56 -15.30 9.12 48.86
N SER GB 57 -14.17 9.82 48.83
CA SER GB 57 -13.79 10.72 49.92
C SER GB 57 -14.06 10.10 51.28
N GLN GB 58 -14.80 10.80 52.14
CA GLN GB 58 -15.27 10.23 53.39
C GLN GB 58 -16.77 10.37 53.60
N ASN GB 59 -17.43 11.35 52.97
CA ASN GB 59 -18.87 11.52 53.06
C ASN GB 59 -19.60 11.35 51.74
N THR GB 60 -18.90 11.44 50.61
CA THR GB 60 -19.52 11.42 49.30
C THR GB 60 -19.52 10.00 48.73
N GLU GB 61 -20.69 9.53 48.32
CA GLU GB 61 -20.84 8.18 47.79
C GLU GB 61 -21.28 8.24 46.34
N LEU GB 62 -20.77 7.31 45.54
CA LEU GB 62 -21.08 7.24 44.11
C LEU GB 62 -22.60 7.17 43.89
N PRO GB 63 -23.20 8.24 43.36
CA PRO GB 63 -24.66 8.22 43.17
C PRO GB 63 -25.12 7.18 42.17
N SER GB 64 -24.32 6.89 41.15
CA SER GB 64 -24.63 5.85 40.19
C SER GB 64 -23.32 5.26 39.70
N GLY GB 65 -23.30 3.94 39.51
CA GLY GB 65 -22.07 3.27 39.15
C GLY GB 65 -22.01 2.85 37.70
N LEU GB 66 -20.80 2.69 37.18
CA LEU GB 66 -20.58 2.23 35.81
C LEU GB 66 -20.85 0.74 35.77
N MET GB 67 -22.10 0.39 35.47
CA MET GB 67 -22.53 -1.00 35.36
C MET GB 67 -23.00 -1.25 33.93
N LEU GB 68 -22.34 -2.19 33.26
CA LEU GB 68 -22.64 -2.49 31.86
C LEU GB 68 -23.50 -3.75 31.77
N GLY GB 69 -24.63 -3.64 31.08
CA GLY GB 69 -25.49 -4.80 30.89
C GLY GB 69 -24.88 -5.81 29.94
N ALA GB 70 -25.37 -7.04 30.03
CA ALA GB 70 -24.89 -8.14 29.21
C ALA GB 70 -25.85 -8.50 28.08
N GLY GB 71 -26.95 -7.77 27.93
CA GLY GB 71 -27.91 -8.03 26.87
C GLY GB 71 -29.29 -8.33 27.43
N SER GB 72 -30.03 -9.16 26.71
CA SER GB 72 -31.38 -9.55 27.09
C SER GB 72 -31.65 -10.95 26.60
N LYS GB 73 -32.67 -11.58 27.18
CA LYS GB 73 -33.07 -12.91 26.77
C LYS GB 73 -34.53 -13.12 27.10
N VAL GB 74 -35.12 -14.12 26.48
CA VAL GB 74 -36.46 -14.56 26.80
C VAL GB 74 -36.36 -15.62 27.88
N VAL GB 75 -36.86 -15.32 29.07
CA VAL GB 75 -36.68 -16.20 30.21
C VAL GB 75 -37.84 -17.19 30.35
N ALA GB 76 -39.03 -16.84 29.86
CA ALA GB 76 -40.18 -17.72 30.01
C ALA GB 76 -41.19 -17.43 28.91
N THR GB 77 -42.07 -18.39 28.70
CA THR GB 77 -43.19 -18.28 27.76
C THR GB 77 -44.46 -18.47 28.58
N GLN GB 78 -45.22 -17.39 28.75
CA GLN GB 78 -46.39 -17.42 29.63
C GLN GB 78 -47.64 -17.80 28.84
N LYS GB 79 -48.20 -18.97 29.16
CA LYS GB 79 -49.49 -19.37 28.59
C LYS GB 79 -50.58 -18.58 29.30
N VAL GB 80 -51.20 -17.64 28.58
CA VAL GB 80 -52.25 -16.80 29.15
C VAL GB 80 -53.55 -17.58 29.10
N HIS GB 81 -53.95 -18.13 30.24
CA HIS GB 81 -55.15 -18.97 30.30
C HIS GB 81 -56.41 -18.13 30.58
N THR GB 82 -56.61 -17.10 29.79
CA THR GB 82 -57.86 -16.35 29.79
C THR GB 82 -58.87 -17.09 28.93
N HIS GB 83 -60.14 -16.99 29.32
CA HIS GB 83 -61.18 -17.79 28.68
C HIS GB 83 -61.40 -17.33 27.24
N GLY GB 84 -61.52 -18.30 26.33
CA GLY GB 84 -61.87 -18.03 24.96
C GLY GB 84 -63.37 -17.92 24.77
N ASN GB 85 -63.75 -17.57 23.55
CA ASN GB 85 -65.17 -17.39 23.24
C ASN GB 85 -65.82 -18.75 23.01
N ALA GB 86 -67.13 -18.74 22.77
CA ALA GB 86 -67.93 -19.94 22.64
C ALA GB 86 -68.43 -20.06 21.21
N GLN GB 87 -68.22 -21.23 20.61
CA GLN GB 87 -68.75 -21.55 19.29
C GLN GB 87 -70.05 -22.31 19.46
N THR GB 88 -71.11 -21.83 18.80
CA THR GB 88 -72.42 -22.46 18.88
C THR GB 88 -72.53 -23.51 17.78
N THR GB 89 -72.72 -24.76 18.18
CA THR GB 89 -72.80 -25.88 17.26
C THR GB 89 -74.08 -26.68 17.50
N THR GB 90 -74.34 -27.62 16.60
CA THR GB 90 -75.49 -28.51 16.74
C THR GB 90 -75.10 -29.91 17.19
N ASN GB 91 -73.81 -30.25 17.15
CA ASN GB 91 -73.34 -31.54 17.62
C ASN GB 91 -73.60 -31.67 19.11
N ALA GB 92 -73.99 -32.87 19.55
CA ALA GB 92 -74.29 -33.12 20.94
C ALA GB 92 -73.12 -33.72 21.72
N LEU GB 93 -72.06 -34.14 21.03
CA LEU GB 93 -70.94 -34.80 21.69
C LEU GB 93 -69.79 -33.87 22.03
N ASP GB 94 -69.86 -32.60 21.63
CA ASP GB 94 -68.79 -31.65 21.91
C ASP GB 94 -69.22 -30.70 23.02
N MET GB 95 -68.38 -30.57 24.03
CA MET GB 95 -68.68 -29.79 25.23
C MET GB 95 -67.67 -28.66 25.39
N MET GB 96 -67.88 -27.88 26.45
CA MET GB 96 -67.08 -26.70 26.73
C MET GB 96 -67.09 -26.45 28.23
N VAL GB 97 -65.95 -26.04 28.77
CA VAL GB 97 -65.83 -25.70 30.18
C VAL GB 97 -66.02 -24.20 30.32
N GLU GB 98 -67.11 -23.80 30.95
CA GLU GB 98 -67.40 -22.38 31.18
C GLU GB 98 -66.77 -22.00 32.51
N GLY GB 99 -65.51 -21.57 32.46
CA GLY GB 99 -64.74 -21.28 33.65
C GLY GB 99 -63.50 -22.14 33.76
N ASP GB 100 -62.98 -22.20 34.99
CA ASP GB 100 -61.78 -22.98 35.25
C ASP GB 100 -62.08 -24.48 35.20
N GLY GB 101 -61.15 -25.24 34.65
CA GLY GB 101 -61.26 -26.68 34.58
C GLY GB 101 -60.69 -27.26 33.29
N PHE GB 102 -60.22 -28.51 33.38
CA PHE GB 102 -59.67 -29.22 32.23
C PHE GB 102 -60.36 -30.57 32.10
N PHE GB 103 -60.62 -30.99 30.87
CA PHE GB 103 -61.06 -32.35 30.63
C PHE GB 103 -59.90 -33.33 30.82
N GLN GB 104 -60.24 -34.54 31.25
CA GLN GB 104 -59.25 -35.56 31.53
C GLN GB 104 -59.26 -36.61 30.43
N VAL GB 105 -58.08 -36.99 29.95
CA VAL GB 105 -57.92 -38.05 28.96
C VAL GB 105 -56.90 -39.05 29.48
N THR GB 106 -57.01 -40.28 28.99
CA THR GB 106 -56.12 -41.37 29.38
C THR GB 106 -55.09 -41.57 28.27
N LEU GB 107 -53.85 -41.18 28.53
CA LEU GB 107 -52.79 -41.32 27.55
C LEU GB 107 -52.42 -42.79 27.39
N PRO GB 108 -51.88 -43.17 26.22
CA PRO GB 108 -51.49 -44.57 26.02
C PRO GB 108 -50.47 -45.08 27.02
N ASP GB 109 -49.56 -44.22 27.49
CA ASP GB 109 -48.58 -44.65 28.47
C ASP GB 109 -49.20 -44.95 29.83
N GLY GB 110 -50.44 -44.53 30.06
CA GLY GB 110 -51.16 -44.79 31.30
C GLY GB 110 -51.43 -43.54 32.11
N ASN GB 111 -50.64 -42.49 31.92
CA ASN GB 111 -50.83 -41.26 32.65
C ASN GB 111 -52.06 -40.51 32.13
N ILE GB 112 -52.46 -39.49 32.88
CA ILE GB 112 -53.66 -38.70 32.56
C ILE GB 112 -53.22 -37.34 32.05
N GLY GB 113 -53.72 -36.97 30.88
CA GLY GB 113 -53.53 -35.65 30.34
C GLY GB 113 -54.75 -34.78 30.53
N TYR GB 114 -54.55 -33.48 30.53
CA TYR GB 114 -55.61 -32.52 30.78
C TYR GB 114 -55.74 -31.57 29.60
N THR GB 115 -56.96 -31.41 29.10
CA THR GB 115 -57.21 -30.68 27.87
C THR GB 115 -58.37 -29.71 28.04
N ARG GB 116 -58.32 -28.62 27.28
CA ARG GB 116 -59.43 -27.68 27.16
C ARG GB 116 -60.26 -27.94 25.91
N ASN GB 117 -59.77 -28.73 24.97
CA ASN GB 117 -60.51 -29.04 23.76
C ASN GB 117 -61.74 -29.88 24.09
N GLY GB 118 -62.86 -29.55 23.46
CA GLY GB 118 -64.10 -30.23 23.76
C GLY GB 118 -64.65 -31.05 22.61
N GLN GB 119 -63.88 -31.19 21.53
CA GLN GB 119 -64.32 -31.94 20.36
C GLN GB 119 -64.18 -33.42 20.66
N PHE GB 120 -65.30 -34.08 20.99
CA PHE GB 120 -65.33 -35.49 21.32
C PHE GB 120 -66.16 -36.25 20.30
N THR GB 121 -65.98 -37.57 20.31
CA THR GB 121 -66.70 -38.47 19.42
C THR GB 121 -66.74 -39.84 20.06
N LEU GB 122 -67.19 -40.85 19.29
CA LEU GB 122 -67.30 -42.21 19.78
C LEU GB 122 -66.35 -43.12 19.02
N ASN GB 123 -65.94 -44.21 19.67
CA ASN GB 123 -65.15 -45.24 19.04
C ASN GB 123 -66.06 -46.38 18.58
N GLY GB 124 -65.46 -47.51 18.20
CA GLY GB 124 -66.25 -48.66 17.81
C GLY GB 124 -66.98 -49.32 18.97
N GLU GB 125 -66.54 -49.08 20.20
CA GLU GB 125 -67.14 -49.69 21.39
C GLU GB 125 -68.08 -48.73 22.13
N GLY GB 126 -68.33 -47.54 21.60
CA GLY GB 126 -69.24 -46.61 22.22
C GLY GB 126 -68.64 -45.65 23.21
N THR GB 127 -67.36 -45.80 23.56
CA THR GB 127 -66.73 -44.94 24.54
C THR GB 127 -66.52 -43.54 23.97
N LEU GB 128 -66.74 -42.53 24.80
CA LEU GB 128 -66.47 -41.14 24.41
C LEU GB 128 -64.96 -40.93 24.35
N VAL GB 129 -64.45 -40.60 23.16
CA VAL GB 129 -63.03 -40.43 22.94
C VAL GB 129 -62.79 -39.04 22.34
N THR GB 130 -61.52 -38.68 22.23
CA THR GB 130 -61.17 -37.42 21.58
C THR GB 130 -61.33 -37.55 20.06
N SER GB 131 -61.54 -36.41 19.41
CA SER GB 131 -61.76 -36.38 17.97
C SER GB 131 -60.46 -36.38 17.19
N GLY GB 132 -59.31 -36.41 17.85
CA GLY GB 132 -58.01 -36.45 17.24
C GLY GB 132 -57.45 -37.85 17.27
N SER GB 133 -56.55 -38.14 18.22
CA SER GB 133 -55.94 -39.45 18.30
C SER GB 133 -56.84 -40.50 18.92
N GLY GB 134 -58.00 -40.10 19.46
CA GLY GB 134 -58.94 -41.06 19.99
C GLY GB 134 -58.71 -41.48 21.42
N TYR GB 135 -58.08 -40.65 22.23
CA TYR GB 135 -57.86 -41.00 23.63
C TYR GB 135 -59.18 -40.98 24.39
N PRO GB 136 -59.39 -41.91 25.32
CA PRO GB 136 -60.64 -41.91 26.10
C PRO GB 136 -60.69 -40.73 27.05
N VAL GB 137 -61.88 -40.51 27.61
CA VAL GB 137 -62.12 -39.45 28.58
C VAL GB 137 -62.29 -40.08 29.96
N GLU GB 138 -61.65 -39.50 30.97
CA GLU GB 138 -61.73 -39.95 32.36
C GLU GB 138 -62.86 -39.22 33.08
N PRO GB 139 -63.80 -39.93 33.72
CA PRO GB 139 -63.95 -41.40 33.74
C PRO GB 139 -64.60 -41.89 32.45
N GLU GB 140 -64.47 -43.17 32.12
CA GLU GB 140 -65.02 -43.68 30.87
C GLU GB 140 -66.52 -43.45 30.80
N ILE GB 141 -66.98 -42.95 29.65
CA ILE GB 141 -68.39 -42.66 29.40
C ILE GB 141 -68.80 -43.48 28.19
N VAL GB 142 -69.43 -44.62 28.43
CA VAL GB 142 -69.87 -45.50 27.36
C VAL GB 142 -71.35 -45.24 27.09
N ILE GB 143 -71.67 -44.91 25.84
CA ILE GB 143 -73.04 -44.67 25.42
C ILE GB 143 -73.62 -46.00 24.94
N PRO GB 144 -74.67 -46.52 25.56
CA PRO GB 144 -75.20 -47.82 25.15
C PRO GB 144 -75.92 -47.77 23.81
N GLU GB 145 -76.27 -48.93 23.27
CA GLU GB 145 -76.94 -49.01 21.97
C GLU GB 145 -78.42 -48.69 22.06
N ASP GB 146 -78.96 -48.55 23.27
CA ASP GB 146 -80.36 -48.19 23.46
C ASP GB 146 -80.58 -46.68 23.50
N ALA GB 147 -79.51 -45.89 23.40
CA ALA GB 147 -79.62 -44.44 23.51
C ALA GB 147 -80.11 -43.84 22.21
N ILE GB 148 -81.10 -42.95 22.31
CA ILE GB 148 -81.57 -42.19 21.16
C ILE GB 148 -81.22 -40.72 21.24
N SER GB 149 -80.73 -40.24 22.38
CA SER GB 149 -80.26 -38.87 22.53
C SER GB 149 -79.32 -38.83 23.74
N ILE GB 150 -78.43 -37.83 23.72
CA ILE GB 150 -77.44 -37.65 24.78
C ILE GB 150 -77.60 -36.26 25.35
N THR GB 151 -77.69 -36.17 26.68
CA THR GB 151 -77.76 -34.90 27.39
C THR GB 151 -76.67 -34.85 28.43
N VAL GB 152 -75.84 -33.81 28.37
CA VAL GB 152 -74.75 -33.59 29.31
C VAL GB 152 -75.13 -32.40 30.18
N GLY GB 153 -75.37 -32.66 31.46
CA GLY GB 153 -75.82 -31.61 32.35
C GLY GB 153 -74.72 -30.63 32.70
N THR GB 154 -75.14 -29.52 33.32
CA THR GB 154 -74.18 -28.52 33.79
C THR GB 154 -73.23 -29.11 34.83
N ASP GB 155 -73.77 -29.92 35.75
CA ASP GB 155 -72.98 -30.59 36.76
C ASP GB 155 -72.22 -31.80 36.21
N GLY GB 156 -72.18 -31.98 34.90
CA GLY GB 156 -71.41 -33.04 34.28
C GLY GB 156 -72.07 -34.39 34.23
N GLU GB 157 -73.32 -34.52 34.71
CA GLU GB 157 -74.00 -35.80 34.72
C GLU GB 157 -74.43 -36.15 33.30
N VAL GB 158 -73.81 -37.19 32.73
CA VAL GB 158 -74.13 -37.64 31.39
C VAL GB 158 -75.29 -38.61 31.47
N SER GB 159 -76.37 -38.32 30.73
CA SER GB 159 -77.54 -39.17 30.69
C SER GB 159 -77.93 -39.40 29.23
N VAL GB 160 -78.54 -40.56 28.98
CA VAL GB 160 -78.98 -40.94 27.65
C VAL GB 160 -80.45 -41.32 27.71
N ARG GB 161 -81.21 -40.86 26.72
CA ARG GB 161 -82.62 -41.25 26.58
C ARG GB 161 -82.67 -42.63 25.95
N VAL GB 162 -83.17 -43.61 26.70
CA VAL GB 162 -83.13 -45.00 26.27
C VAL GB 162 -84.32 -45.30 25.38
N ARG GB 163 -84.05 -46.03 24.30
CA ARG GB 163 -85.11 -46.49 23.41
C ARG GB 163 -85.98 -47.53 24.11
N GLY GB 164 -87.28 -47.42 23.93
CA GLY GB 164 -88.22 -48.35 24.56
C GLY GB 164 -88.27 -48.24 26.06
N GLN GB 165 -88.20 -47.03 26.59
CA GLN GB 165 -88.24 -46.80 28.03
C GLN GB 165 -88.47 -45.32 28.26
N GLN GB 166 -89.06 -44.99 29.41
CA GLN GB 166 -89.28 -43.59 29.80
C GLN GB 166 -88.58 -43.38 31.13
N ASP GB 167 -87.26 -43.16 31.05
CA ASP GB 167 -86.44 -42.75 32.18
C ASP GB 167 -85.03 -42.44 31.68
N ASN GB 168 -84.48 -41.30 32.06
CA ASN GB 168 -83.11 -40.98 31.67
C ASN GB 168 -82.14 -41.91 32.39
N GLN GB 169 -81.39 -42.70 31.65
CA GLN GB 169 -80.40 -43.60 32.22
C GLN GB 169 -79.06 -42.88 32.30
N VAL GB 170 -78.60 -42.62 33.52
CA VAL GB 170 -77.32 -41.97 33.72
C VAL GB 170 -76.21 -42.98 33.43
N VAL GB 171 -75.33 -42.64 32.49
CA VAL GB 171 -74.27 -43.54 32.03
C VAL GB 171 -72.89 -43.10 32.47
N GLY GB 172 -72.79 -42.00 33.20
CA GLY GB 172 -71.49 -41.55 33.67
C GLY GB 172 -71.59 -40.22 34.37
N GLN GB 173 -70.43 -39.76 34.83
CA GLN GB 173 -70.30 -38.48 35.51
C GLN GB 173 -68.95 -37.89 35.16
N LEU GB 174 -68.94 -36.82 34.38
CA LEU GB 174 -67.69 -36.18 33.99
C LEU GB 174 -67.21 -35.27 35.11
N THR GB 175 -65.94 -35.44 35.47
CA THR GB 175 -65.28 -34.63 36.48
C THR GB 175 -64.10 -33.91 35.86
N ILE GB 176 -64.00 -32.62 36.12
CA ILE GB 176 -62.95 -31.78 35.52
C ILE GB 176 -61.91 -31.48 36.58
N THR GB 177 -60.67 -31.30 36.14
CA THR GB 177 -59.54 -31.07 37.01
C THR GB 177 -59.13 -29.60 36.93
N ASP GB 178 -58.96 -28.96 38.08
CA ASP GB 178 -58.49 -27.59 38.16
C ASP GB 178 -57.04 -27.56 38.63
N PHE GB 179 -56.37 -26.46 38.29
CA PHE GB 179 -55.00 -26.22 38.74
C PHE GB 179 -54.90 -24.78 39.23
N VAL GB 180 -54.18 -24.60 40.34
CA VAL GB 180 -53.97 -23.25 40.86
C VAL GB 180 -53.16 -22.42 39.87
N ASN GB 181 -52.22 -23.06 39.18
CA ASN GB 181 -51.38 -22.40 38.18
C ASN GB 181 -51.44 -23.23 36.90
N PRO GB 182 -52.50 -23.06 36.11
CA PRO GB 182 -52.59 -23.77 34.83
C PRO GB 182 -51.51 -23.38 33.84
N GLY GB 183 -50.90 -22.21 33.99
CA GLY GB 183 -49.82 -21.80 33.11
C GLY GB 183 -48.54 -22.58 33.33
N GLY GB 184 -48.44 -23.30 34.45
CA GLY GB 184 -47.29 -24.13 34.74
C GLY GB 184 -47.34 -25.52 34.14
N LEU GB 185 -48.42 -25.85 33.44
CA LEU GB 185 -48.52 -27.16 32.81
C LEU GB 185 -47.57 -27.24 31.62
N GLU GB 186 -47.20 -28.48 31.27
CA GLU GB 186 -46.28 -28.72 30.17
C GLU GB 186 -47.08 -29.15 28.95
N PRO GB 187 -47.18 -28.32 27.90
CA PRO GB 187 -47.92 -28.71 26.70
C PRO GB 187 -47.15 -29.77 25.93
N ILE GB 188 -47.79 -30.92 25.70
CA ILE GB 188 -47.18 -32.02 24.97
C ILE GB 188 -47.74 -32.11 23.54
N GLY GB 189 -48.45 -31.09 23.09
CA GLY GB 189 -49.10 -31.13 21.79
C GLY GB 189 -50.41 -31.88 21.84
N GLN GB 190 -51.08 -31.93 20.69
CA GLN GB 190 -52.38 -32.59 20.55
C GLN GB 190 -53.42 -31.99 21.49
N ASN GB 191 -53.25 -30.70 21.82
CA ASN GB 191 -54.15 -29.99 22.75
C ASN GB 191 -54.17 -30.67 24.11
N LEU GB 192 -53.02 -31.09 24.61
CA LEU GB 192 -52.91 -31.81 25.87
C LEU GB 192 -51.86 -31.16 26.76
N TYR GB 193 -52.09 -31.24 28.06
CA TYR GB 193 -51.16 -30.74 29.07
C TYR GB 193 -50.79 -31.86 30.03
N LEU GB 194 -49.63 -31.73 30.67
CA LEU GB 194 -49.24 -32.64 31.72
C LEU GB 194 -48.92 -31.88 33.00
N PRO GB 195 -49.24 -32.43 34.16
CA PRO GB 195 -48.93 -31.74 35.41
C PRO GB 195 -47.42 -31.62 35.62
N THR GB 196 -47.04 -30.54 36.30
CA THR GB 196 -45.64 -30.25 36.58
C THR GB 196 -45.48 -29.91 38.06
N GLY GB 197 -44.24 -29.58 38.44
CA GLY GB 197 -43.98 -29.22 39.83
C GLY GB 197 -44.62 -27.91 40.23
N ALA GB 198 -44.60 -26.91 39.34
CA ALA GB 198 -45.12 -25.60 39.64
C ALA GB 198 -46.61 -25.46 39.32
N SER GB 199 -47.22 -26.47 38.69
CA SER GB 199 -48.64 -26.39 38.40
C SER GB 199 -49.48 -26.62 39.65
N GLY GB 200 -48.97 -27.43 40.58
CA GLY GB 200 -49.69 -27.79 41.78
C GLY GB 200 -50.39 -29.13 41.65
N ASP GB 201 -50.88 -29.61 42.78
CA ASP GB 201 -51.58 -30.88 42.79
C ASP GB 201 -52.88 -30.78 42.02
N PRO GB 202 -53.26 -31.82 41.27
CA PRO GB 202 -54.55 -31.78 40.55
C PRO GB 202 -55.70 -31.90 41.54
N GLN GB 203 -56.64 -30.96 41.44
CA GLN GB 203 -57.85 -30.97 42.24
C GLN GB 203 -59.03 -31.32 41.36
N GLU GB 204 -59.67 -32.45 41.62
CA GLU GB 204 -60.77 -32.96 40.81
C GLU GB 204 -62.06 -32.91 41.60
N GLY GB 205 -63.15 -32.60 40.91
CA GLY GB 205 -64.44 -32.47 41.56
C GLY GB 205 -65.53 -32.27 40.53
N VAL GB 206 -66.73 -32.05 41.04
CA VAL GB 206 -67.90 -31.91 40.16
C VAL GB 206 -67.79 -30.61 39.39
N PRO GB 207 -68.12 -30.59 38.09
CA PRO GB 207 -67.94 -29.39 37.29
C PRO GB 207 -68.99 -28.33 37.55
N GLY GB 208 -68.75 -27.47 38.54
CA GLY GB 208 -69.70 -26.43 38.87
C GLY GB 208 -69.71 -26.06 40.34
N LEU GB 209 -68.97 -26.80 41.16
CA LEU GB 209 -68.85 -26.54 42.58
C LEU GB 209 -67.39 -26.26 42.93
N ASP GB 210 -67.22 -25.50 44.02
CA ASP GB 210 -65.89 -25.24 44.60
C ASP GB 210 -64.96 -24.56 43.59
N GLY GB 211 -65.50 -23.59 42.86
CA GLY GB 211 -64.71 -22.82 41.92
C GLY GB 211 -64.47 -23.47 40.58
N LEU GB 212 -65.01 -24.66 40.35
CA LEU GB 212 -64.84 -25.34 39.07
C LEU GB 212 -65.84 -24.80 38.05
N GLY GB 213 -65.44 -24.82 36.78
CA GLY GB 213 -66.31 -24.37 35.72
C GLY GB 213 -67.39 -25.37 35.39
N GLU GB 214 -68.33 -24.94 34.56
CA GLU GB 214 -69.49 -25.75 34.19
C GLU GB 214 -69.30 -26.34 32.80
N ILE GB 215 -70.00 -27.45 32.55
CA ILE GB 215 -69.95 -28.11 31.26
C ILE GB 215 -71.11 -27.63 30.41
N ARG GB 216 -70.81 -27.18 29.20
CA ARG GB 216 -71.82 -26.67 28.27
C ARG GB 216 -71.85 -27.57 27.05
N GLN GB 217 -72.93 -28.33 26.90
CA GLN GB 217 -73.08 -29.22 25.77
C GLN GB 217 -73.37 -28.43 24.50
N SER GB 218 -72.94 -28.98 23.36
CA SER GB 218 -73.12 -28.36 22.05
C SER GB 218 -72.52 -26.95 22.02
N MET GB 219 -71.28 -26.84 22.49
CA MET GB 219 -70.57 -25.58 22.51
C MET GB 219 -69.08 -25.87 22.55
N LEU GB 220 -68.30 -25.02 21.87
CA LEU GB 220 -66.86 -25.21 21.76
C LEU GB 220 -66.14 -23.94 22.19
N GLU GB 221 -64.92 -24.11 22.68
CA GLU GB 221 -64.11 -23.00 23.17
C GLU GB 221 -63.08 -22.64 22.10
N ALA GB 222 -63.28 -21.51 21.45
CA ALA GB 222 -62.38 -21.07 20.40
C ALA GB 222 -61.03 -20.63 20.99
N SER GB 223 -60.04 -20.55 20.12
CA SER GB 223 -58.73 -20.06 20.54
C SER GB 223 -58.82 -18.60 20.98
N ASN GB 224 -58.04 -18.27 22.00
CA ASN GB 224 -58.07 -16.93 22.58
C ASN GB 224 -57.01 -16.01 21.99
N VAL GB 225 -56.38 -16.41 20.88
CA VAL GB 225 -55.37 -15.57 20.25
C VAL GB 225 -56.03 -14.33 19.68
N ASN GB 226 -55.33 -13.20 19.77
CA ASN GB 226 -55.79 -11.94 19.21
C ASN GB 226 -54.88 -11.59 18.04
N VAL GB 227 -55.41 -11.74 16.83
CA VAL GB 227 -54.60 -11.50 15.63
C VAL GB 227 -54.13 -10.06 15.58
N THR GB 228 -54.89 -9.15 16.20
CA THR GB 228 -54.47 -7.75 16.26
C THR GB 228 -53.18 -7.61 17.06
N GLU GB 229 -53.11 -8.26 18.23
CA GLU GB 229 -51.91 -8.15 19.07
C GLU GB 229 -50.73 -8.87 18.44
N GLU GB 230 -50.96 -10.05 17.85
CA GLU GB 230 -49.86 -10.83 17.32
C GLU GB 230 -49.16 -10.12 16.16
N LEU GB 231 -49.94 -9.47 15.29
CA LEU GB 231 -49.35 -8.83 14.12
C LEU GB 231 -48.59 -7.56 14.49
N VAL GB 232 -49.10 -6.79 15.46
CA VAL GB 232 -48.36 -5.62 15.92
C VAL GB 232 -47.11 -6.06 16.67
N ASN GB 233 -47.19 -7.15 17.43
CA ASN GB 233 -46.00 -7.71 18.05
C ASN GB 233 -45.00 -8.17 17.00
N MET GB 234 -45.48 -8.66 15.87
CA MET GB 234 -44.60 -9.02 14.77
C MET GB 234 -43.91 -7.78 14.20
N ILE GB 235 -44.62 -6.66 14.16
CA ILE GB 235 -44.03 -5.40 13.70
C ILE GB 235 -42.90 -4.99 14.63
N GLU GB 236 -43.14 -5.06 15.95
CA GLU GB 236 -42.10 -4.72 16.91
C GLU GB 236 -40.92 -5.69 16.83
N ALA GB 237 -41.22 -6.99 16.76
CA ALA GB 237 -40.16 -7.99 16.77
C ALA GB 237 -39.26 -7.86 15.55
N GLN GB 238 -39.84 -7.61 14.38
CA GLN GB 238 -39.04 -7.48 13.17
C GLN GB 238 -38.13 -6.26 13.24
N ARG GB 239 -38.65 -5.13 13.74
CA ARG GB 239 -37.86 -3.90 13.75
C ARG GB 239 -36.72 -3.98 14.76
N VAL GB 240 -36.99 -4.49 15.97
CA VAL GB 240 -35.94 -4.61 16.97
C VAL GB 240 -34.90 -5.62 16.50
N TYR GB 241 -35.32 -6.67 15.81
CA TYR GB 241 -34.38 -7.64 15.25
C TYR GB 241 -33.46 -6.97 14.25
N GLU GB 242 -34.00 -6.12 13.38
CA GLU GB 242 -33.19 -5.44 12.38
C GLU GB 242 -32.22 -4.46 13.04
N MET GB 243 -32.69 -3.74 14.07
CA MET GB 243 -31.85 -2.73 14.70
C MET GB 243 -30.66 -3.35 15.41
N ASN GB 244 -30.86 -4.51 16.04
CA ASN GB 244 -29.74 -5.19 16.68
C ASN GB 244 -28.75 -5.71 15.64
N SER GB 245 -29.21 -5.95 14.41
CA SER GB 245 -28.29 -6.30 13.34
C SER GB 245 -27.47 -5.10 12.90
N LYS GB 246 -28.01 -3.89 13.07
CA LYS GB 246 -27.25 -2.68 12.74
C LYS GB 246 -26.02 -2.53 13.63
N VAL GB 247 -26.16 -2.86 14.92
CA VAL GB 247 -25.04 -2.73 15.85
C VAL GB 247 -23.92 -3.70 15.47
N ILE GB 248 -24.27 -4.94 15.13
CA ILE GB 248 -23.26 -5.92 14.75
C ILE GB 248 -22.57 -5.48 13.46
N SER GB 249 -23.34 -4.97 12.50
CA SER GB 249 -22.73 -4.44 11.28
C SER GB 249 -21.83 -3.24 11.57
N SER GB 250 -22.26 -2.38 12.49
CA SER GB 250 -21.42 -1.24 12.88
C SER GB 250 -20.14 -1.70 13.55
N VAL GB 251 -20.23 -2.69 14.43
CA VAL GB 251 -19.03 -3.23 15.07
C VAL GB 251 -18.16 -3.93 14.04
N ASP GB 252 -18.77 -4.60 13.06
CA ASP GB 252 -18.01 -5.25 12.00
C ASP GB 252 -17.19 -4.25 11.20
N LYS GB 253 -17.78 -3.10 10.88
CA LYS GB 253 -17.04 -2.07 10.16
C LYS GB 253 -15.97 -1.45 11.04
N MET GB 254 -16.24 -1.31 12.34
CA MET GB 254 -15.24 -0.77 13.25
C MET GB 254 -14.02 -1.67 13.34
N MET GB 255 -14.22 -2.97 13.47
CA MET GB 255 -13.09 -3.90 13.56
C MET GB 255 -12.33 -3.97 12.24
N SER GB 256 -13.05 -3.85 11.12
CA SER GB 256 -12.38 -3.79 9.83
C SER GB 256 -11.52 -2.54 9.71
N PHE GB 257 -12.03 -1.40 10.18
CA PHE GB 257 -11.27 -0.16 10.12
C PHE GB 257 -10.01 -0.22 10.97
N VAL GB 258 -10.12 -0.81 12.16
CA VAL GB 258 -8.96 -0.91 13.05
C VAL GB 258 -7.90 -1.83 12.47
N ASN GB 259 -8.31 -2.95 11.88
CA ASN GB 259 -7.35 -3.88 11.29
C ASN GB 259 -6.59 -3.23 10.14
N GLN GB 260 -7.28 -2.45 9.31
CA GLN GB 260 -6.61 -1.81 8.19
C GLN GB 260 -5.72 -0.65 8.63
N GLN GB 261 -6.13 0.10 9.65
CA GLN GB 261 -5.39 1.27 10.10
C GLN GB 261 -4.32 0.91 11.12
N LEU GB 262 -4.72 0.35 12.26
CA LEU GB 262 -3.77 -0.01 13.31
C LEU GB 262 -2.92 -1.21 12.90
N MET HB 1 -8.49 -24.09 -1.67
CA MET HB 1 -7.44 -23.46 -0.88
C MET HB 1 -7.81 -23.42 0.59
N HIS HB 2 -9.11 -23.28 0.88
CA HIS HB 2 -9.61 -23.17 2.23
C HIS HB 2 -10.73 -24.18 2.40
N PRO HB 3 -10.78 -24.90 3.52
CA PRO HB 3 -11.88 -25.85 3.73
C PRO HB 3 -13.25 -25.21 3.69
N ALA HB 4 -13.38 -23.98 4.19
CA ALA HB 4 -14.66 -23.29 4.14
C ALA HB 4 -15.07 -22.97 2.70
N LEU HB 5 -14.09 -22.78 1.81
CA LEU HB 5 -14.40 -22.53 0.42
C LEU HB 5 -15.07 -23.74 -0.22
N TRP HB 6 -14.56 -24.94 0.08
CA TRP HB 6 -15.13 -26.15 -0.52
C TRP HB 6 -16.47 -26.51 0.11
N VAL HB 7 -16.59 -26.36 1.43
CA VAL HB 7 -17.83 -26.73 2.12
C VAL HB 7 -18.97 -25.84 1.65
N SER HB 8 -18.74 -24.53 1.58
CA SER HB 8 -19.78 -23.63 1.09
C SER HB 8 -20.04 -23.84 -0.40
N LYS HB 9 -19.03 -24.28 -1.15
CA LYS HB 9 -19.24 -24.60 -2.56
C LYS HB 9 -20.21 -25.75 -2.72
N THR HB 10 -20.10 -26.77 -1.86
CA THR HB 10 -21.07 -27.87 -1.90
C THR HB 10 -22.45 -27.38 -1.51
N GLY HB 11 -22.54 -26.43 -0.58
CA GLY HB 11 -23.83 -25.87 -0.22
C GLY HB 11 -24.50 -25.15 -1.38
N LEU HB 12 -23.71 -24.44 -2.18
CA LEU HB 12 -24.26 -23.74 -3.34
C LEU HB 12 -24.83 -24.73 -4.36
N ASP HB 13 -24.08 -25.79 -4.66
CA ASP HB 13 -24.56 -26.76 -5.64
C ASP HB 13 -25.78 -27.52 -5.11
N ALA HB 14 -25.80 -27.80 -3.80
CA ALA HB 14 -26.94 -28.49 -3.22
C ALA HB 14 -28.22 -27.67 -3.35
N GLN HB 15 -28.13 -26.36 -3.10
CA GLN HB 15 -29.31 -25.52 -3.18
C GLN HB 15 -29.75 -25.32 -4.63
N GLN HB 16 -28.79 -25.23 -5.55
CA GLN HB 16 -29.14 -25.07 -6.97
C GLN HB 16 -29.89 -26.29 -7.49
N THR HB 17 -29.48 -27.48 -7.08
CA THR HB 17 -30.21 -28.69 -7.46
C THR HB 17 -31.62 -28.67 -6.88
N ASN HB 18 -31.77 -28.18 -5.65
CA ASN HB 18 -33.10 -28.07 -5.04
C ASN HB 18 -33.96 -27.07 -5.79
N ILE HB 19 -33.37 -25.92 -6.18
CA ILE HB 19 -34.12 -24.91 -6.90
C ILE HB 19 -34.49 -25.40 -8.29
N ALA HB 20 -33.59 -26.15 -8.94
CA ALA HB 20 -33.90 -26.74 -10.24
C ALA HB 20 -35.03 -27.75 -10.11
N THR HB 21 -35.06 -28.50 -9.00
CA THR HB 21 -36.17 -29.41 -8.75
C THR HB 21 -37.47 -28.65 -8.58
N ILE HB 22 -37.44 -27.54 -7.83
CA ILE HB 22 -38.66 -26.76 -7.60
C ILE HB 22 -39.20 -26.20 -8.91
N SER HB 23 -38.31 -25.78 -9.80
CA SER HB 23 -38.76 -25.14 -11.05
C SER HB 23 -39.57 -26.10 -11.91
N ASN HB 24 -39.16 -27.37 -11.96
CA ASN HB 24 -39.89 -28.34 -12.77
C ASN HB 24 -41.26 -28.64 -12.16
N ASN HB 25 -41.39 -28.56 -10.83
CA ASN HB 25 -42.68 -28.74 -10.19
C ASN HB 25 -43.65 -27.63 -10.58
N LEU HB 26 -43.18 -26.38 -10.61
CA LEU HB 26 -44.02 -25.27 -11.01
C LEU HB 26 -44.24 -25.22 -12.51
N ALA HB 27 -43.25 -25.68 -13.29
CA ALA HB 27 -43.45 -25.76 -14.74
C ALA HB 27 -44.53 -26.76 -15.09
N ASN HB 28 -44.51 -27.93 -14.46
CA ASN HB 28 -45.53 -28.96 -14.65
C ASN HB 28 -46.64 -28.85 -13.62
N ALA HB 29 -47.22 -27.65 -13.48
CA ALA HB 29 -48.31 -27.44 -12.54
C ALA HB 29 -49.67 -27.77 -13.14
N SER HB 30 -49.77 -27.83 -14.47
CA SER HB 30 -51.02 -28.16 -15.14
C SER HB 30 -50.97 -29.50 -15.86
N THR HB 31 -49.87 -30.24 -15.76
CA THR HB 31 -49.74 -31.51 -16.46
C THR HB 31 -50.63 -32.57 -15.81
N VAL HB 32 -51.37 -33.30 -16.64
CA VAL HB 32 -52.28 -34.33 -16.13
C VAL HB 32 -51.46 -35.54 -15.69
N GLY HB 33 -51.73 -36.03 -14.49
CA GLY HB 33 -51.03 -37.18 -13.96
C GLY HB 33 -49.56 -36.95 -13.72
N TYR HB 34 -49.18 -35.75 -13.27
CA TYR HB 34 -47.80 -35.42 -12.96
C TYR HB 34 -47.56 -35.59 -11.46
N LYS HB 35 -46.39 -36.08 -11.11
CA LYS HB 35 -46.02 -36.31 -9.72
C LYS HB 35 -44.90 -35.35 -9.31
N LYS HB 36 -45.12 -34.63 -8.21
CA LYS HB 36 -44.14 -33.67 -7.73
C LYS HB 36 -42.90 -34.39 -7.20
N SER HB 37 -41.80 -33.66 -7.17
CA SER HB 37 -40.52 -34.19 -6.73
C SER HB 37 -39.96 -33.32 -5.62
N ARG HB 38 -39.25 -33.95 -4.69
CA ARG HB 38 -38.61 -33.27 -3.58
C ARG HB 38 -37.16 -33.73 -3.46
N ALA HB 39 -36.26 -32.77 -3.26
CA ALA HB 39 -34.85 -33.07 -3.08
C ALA HB 39 -34.57 -33.50 -1.64
N VAL HB 40 -33.72 -34.51 -1.49
CA VAL HB 40 -33.33 -35.02 -0.18
C VAL HB 40 -31.89 -34.58 0.08
N PHE HB 41 -31.68 -33.89 1.20
CA PHE HB 41 -30.38 -33.38 1.58
C PHE HB 41 -29.70 -34.35 2.55
N GLU HB 42 -28.40 -34.53 2.38
CA GLU HB 42 -27.61 -35.31 3.32
C GLU HB 42 -26.21 -34.73 3.39
N ASP HB 43 -25.64 -34.71 4.60
CA ASP HB 43 -24.31 -34.17 4.80
C ASP HB 43 -23.26 -35.14 4.27
N LEU HB 44 -22.14 -34.58 3.81
CA LEU HB 44 -21.02 -35.37 3.33
C LEU HB 44 -20.27 -35.96 4.52
N PHE HB 45 -19.15 -36.62 4.26
CA PHE HB 45 -18.37 -37.26 5.31
C PHE HB 45 -17.83 -36.23 6.28
N TYR HB 46 -17.32 -36.72 7.41
CA TYR HB 46 -16.76 -35.88 8.45
C TYR HB 46 -15.29 -36.23 8.65
N GLN HB 47 -14.43 -35.21 8.69
CA GLN HB 47 -13.01 -35.45 8.90
C GLN HB 47 -12.74 -35.78 10.36
N ASN HB 48 -11.83 -36.73 10.58
CA ASN HB 48 -11.48 -37.17 11.91
C ASN HB 48 -10.22 -36.45 12.36
N ILE HB 49 -10.37 -35.54 13.32
CA ILE HB 49 -9.22 -34.91 13.96
C ILE HB 49 -9.05 -35.57 15.33
N ASN HB 50 -10.07 -35.61 16.16
CA ASN HB 50 -10.00 -36.25 17.49
C ASN HB 50 -11.24 -37.11 17.60
N GLN HB 51 -11.10 -38.43 17.72
CA GLN HB 51 -12.26 -39.35 17.63
C GLN HB 51 -13.17 -39.21 18.83
N PRO HB 52 -14.53 -39.27 18.67
CA PRO HB 52 -15.39 -39.24 19.85
C PRO HB 52 -15.21 -40.49 20.71
N GLY HB 53 -14.80 -40.36 21.96
CA GLY HB 53 -14.66 -41.54 22.78
C GLY HB 53 -13.24 -42.06 22.89
N GLY HB 54 -12.28 -41.45 22.22
CA GLY HB 54 -10.89 -41.87 22.38
C GLY HB 54 -10.40 -41.62 23.79
N GLN HB 55 -9.43 -42.42 24.20
CA GLN HB 55 -8.91 -42.34 25.57
C GLN HB 55 -8.12 -41.06 25.75
N SER HB 56 -8.78 -40.04 26.32
CA SER HB 56 -8.06 -38.83 26.71
C SER HB 56 -7.08 -39.11 27.84
N SER HB 57 -7.38 -40.10 28.66
CA SER HB 57 -6.54 -40.52 29.79
C SER HB 57 -7.03 -41.89 30.22
N GLN HB 58 -6.51 -42.38 31.34
CA GLN HB 58 -6.99 -43.63 31.91
C GLN HB 58 -8.26 -43.36 32.71
N ASN HB 59 -9.28 -44.19 32.49
CA ASN HB 59 -10.62 -43.97 33.05
C ASN HB 59 -11.16 -42.61 32.66
N THR HB 60 -10.93 -42.24 31.40
CA THR HB 60 -11.38 -40.96 30.86
C THR HB 60 -11.35 -40.98 29.34
N GLU HB 61 -12.44 -40.58 28.70
CA GLU HB 61 -12.53 -40.57 27.25
C GLU HB 61 -13.17 -39.27 26.79
N LEU HB 62 -12.75 -38.81 25.61
CA LEU HB 62 -13.25 -37.57 25.03
C LEU HB 62 -14.75 -37.67 24.79
N PRO HB 63 -15.56 -36.92 25.54
CA PRO HB 63 -17.02 -36.99 25.34
C PRO HB 63 -17.46 -36.58 23.95
N SER HB 64 -16.79 -35.59 23.36
CA SER HB 64 -17.06 -35.17 21.99
C SER HB 64 -15.74 -34.91 21.29
N GLY HB 65 -15.58 -35.48 20.10
CA GLY HB 65 -14.35 -35.33 19.36
C GLY HB 65 -14.41 -34.21 18.36
N LEU HB 66 -13.24 -33.76 17.89
CA LEU HB 66 -13.17 -32.69 16.89
C LEU HB 66 -13.37 -33.32 15.51
N MET HB 67 -14.60 -33.25 15.01
CA MET HB 67 -14.94 -33.79 13.71
C MET HB 67 -15.52 -32.67 12.84
N LEU HB 68 -14.95 -32.48 11.67
CA LEU HB 68 -15.33 -31.40 10.76
C LEU HB 68 -16.10 -31.97 9.57
N GLY HB 69 -17.27 -31.40 9.30
CA GLY HB 69 -18.04 -31.82 8.15
C GLY HB 69 -17.46 -31.31 6.85
N ALA HB 70 -17.80 -32.00 5.76
CA ALA HB 70 -17.27 -31.67 4.45
C ALA HB 70 -18.27 -30.96 3.55
N GLY HB 71 -19.48 -30.69 4.04
CA GLY HB 71 -20.49 -29.99 3.28
C GLY HB 71 -21.78 -30.78 3.17
N SER HB 72 -22.53 -30.52 2.10
CA SER HB 72 -23.81 -31.16 1.88
C SER HB 72 -24.05 -31.33 0.39
N LYS HB 73 -24.97 -32.22 0.05
CA LYS HB 73 -25.35 -32.44 -1.33
C LYS HB 73 -26.78 -32.94 -1.38
N VAL HB 74 -27.41 -32.78 -2.53
CA VAL HB 74 -28.71 -33.38 -2.81
C VAL HB 74 -28.45 -34.78 -3.34
N VAL HB 75 -28.82 -35.79 -2.57
CA VAL HB 75 -28.52 -37.17 -2.94
C VAL HB 75 -29.65 -37.82 -3.72
N ALA HB 76 -30.89 -37.39 -3.51
CA ALA HB 76 -32.02 -38.04 -4.17
C ALA HB 76 -33.09 -36.99 -4.47
N THR HB 77 -33.90 -37.31 -5.48
CA THR HB 77 -35.08 -36.52 -5.84
C THR HB 77 -36.27 -37.46 -5.73
N GLN HB 78 -37.06 -37.30 -4.67
CA GLN HB 78 -38.13 -38.24 -4.37
C GLN HB 78 -39.41 -37.86 -5.10
N LYS HB 79 -39.90 -38.77 -5.93
CA LYS HB 79 -41.20 -38.61 -6.56
C LYS HB 79 -42.28 -38.89 -5.53
N VAL HB 80 -43.09 -37.88 -5.22
CA VAL HB 80 -44.15 -38.01 -4.22
C VAL HB 80 -45.39 -38.51 -4.95
N HIS HB 81 -45.56 -39.82 -4.96
CA HIS HB 81 -46.69 -40.45 -5.65
C HIS HB 81 -47.96 -40.42 -4.81
N THR HB 82 -48.33 -39.24 -4.33
CA THR HB 82 -49.61 -39.03 -3.67
C THR HB 82 -50.65 -38.68 -4.72
N HIS HB 83 -51.88 -39.14 -4.49
CA HIS HB 83 -52.94 -38.96 -5.47
C HIS HB 83 -53.35 -37.48 -5.54
N GLY HB 84 -53.66 -37.02 -6.76
CA GLY HB 84 -54.13 -35.68 -6.97
C GLY HB 84 -55.64 -35.62 -7.18
N ASN HB 85 -56.12 -34.40 -7.42
CA ASN HB 85 -57.54 -34.21 -7.66
C ASN HB 85 -57.96 -34.83 -8.98
N ALA HB 86 -59.26 -35.07 -9.10
CA ALA HB 86 -59.85 -35.66 -10.29
C ALA HB 86 -60.57 -34.58 -11.08
N GLN HB 87 -60.29 -34.50 -12.38
CA GLN HB 87 -60.90 -33.50 -13.25
C GLN HB 87 -62.05 -34.16 -14.00
N THR HB 88 -63.26 -33.67 -13.74
CA THR HB 88 -64.47 -34.21 -14.37
C THR HB 88 -64.62 -33.57 -15.75
N THR HB 89 -64.43 -34.37 -16.80
CA THR HB 89 -64.52 -33.90 -18.17
C THR HB 89 -65.63 -34.64 -18.89
N THR HB 90 -66.14 -34.02 -19.95
CA THR HB 90 -67.19 -34.62 -20.77
C THR HB 90 -66.66 -35.56 -21.83
N ASN HB 91 -65.35 -35.57 -22.08
CA ASN HB 91 -64.78 -36.47 -23.07
C ASN HB 91 -64.86 -37.91 -22.58
N ALA HB 92 -65.15 -38.82 -23.51
CA ALA HB 92 -65.33 -40.22 -23.17
C ALA HB 92 -64.06 -41.06 -23.33
N LEU HB 93 -62.99 -40.49 -23.87
CA LEU HB 93 -61.77 -41.25 -24.13
C LEU HB 93 -60.62 -40.89 -23.19
N ASP HB 94 -60.84 -40.03 -22.20
CA ASP HB 94 -59.83 -39.70 -21.21
C ASP HB 94 -60.24 -40.31 -19.87
N MET HB 95 -59.56 -41.37 -19.46
CA MET HB 95 -59.89 -42.10 -18.25
C MET HB 95 -58.81 -41.84 -17.20
N MET HB 96 -59.10 -42.29 -15.98
CA MET HB 96 -58.24 -42.04 -14.84
C MET HB 96 -58.15 -43.30 -13.98
N VAL HB 97 -56.97 -43.53 -13.41
CA VAL HB 97 -56.75 -44.61 -12.46
C VAL HB 97 -56.92 -44.04 -11.06
N GLU HB 98 -57.88 -44.58 -10.31
CA GLU HB 98 -58.17 -44.12 -8.96
C GLU HB 98 -57.52 -45.09 -7.98
N GLY HB 99 -56.31 -44.78 -7.56
CA GLY HB 99 -55.53 -45.67 -6.72
C GLY HB 99 -54.19 -46.02 -7.36
N ASP HB 100 -53.71 -47.22 -7.02
CA ASP HB 100 -52.44 -47.68 -7.56
C ASP HB 100 -52.61 -48.29 -8.95
N GLY HB 101 -51.64 -48.05 -9.80
CA GLY HB 101 -51.63 -48.59 -11.15
C GLY HB 101 -51.13 -47.57 -12.16
N PHE HB 102 -50.77 -48.08 -13.34
CA PHE HB 102 -50.28 -47.25 -14.44
C PHE HB 102 -50.86 -47.75 -15.75
N PHE HB 103 -51.12 -46.82 -16.67
CA PHE HB 103 -51.47 -47.20 -18.03
C PHE HB 103 -50.22 -47.65 -18.78
N GLN HB 104 -50.41 -48.58 -19.72
CA GLN HB 104 -49.31 -49.15 -20.48
C GLN HB 104 -49.41 -48.73 -21.94
N VAL HB 105 -48.32 -48.19 -22.47
CA VAL HB 105 -48.25 -47.74 -23.86
C VAL HB 105 -47.10 -48.46 -24.54
N THR HB 106 -47.16 -48.49 -25.88
CA THR HB 106 -46.18 -49.20 -26.69
C THR HB 106 -45.15 -48.19 -27.21
N LEU HB 107 -43.95 -48.27 -26.67
CA LEU HB 107 -42.88 -47.39 -27.13
C LEU HB 107 -42.44 -47.76 -28.53
N PRO HB 108 -41.92 -46.80 -29.31
CA PRO HB 108 -41.46 -47.12 -30.67
C PRO HB 108 -40.36 -48.19 -30.71
N ASP HB 109 -39.48 -48.21 -29.71
CA ASP HB 109 -38.38 -49.17 -29.71
C ASP HB 109 -38.82 -50.58 -29.35
N GLY HB 110 -40.06 -50.75 -28.88
CA GLY HB 110 -40.58 -52.06 -28.59
C GLY HB 110 -40.97 -52.28 -27.14
N ASN HB 111 -40.38 -51.50 -26.24
CA ASN HB 111 -40.65 -51.64 -24.82
C ASN HB 111 -42.02 -51.03 -24.47
N ILE HB 112 -42.41 -51.20 -23.22
CA ILE HB 112 -43.68 -50.70 -22.72
C ILE HB 112 -43.40 -49.53 -21.78
N GLY HB 113 -44.02 -48.38 -22.08
CA GLY HB 113 -43.92 -47.21 -21.23
C GLY HB 113 -45.17 -47.08 -20.36
N TYR HB 114 -44.97 -46.58 -19.15
CA TYR HB 114 -46.04 -46.49 -18.15
C TYR HB 114 -46.36 -45.03 -17.89
N THR HB 115 -47.65 -44.68 -18.04
CA THR HB 115 -48.11 -43.32 -17.88
C THR HB 115 -49.31 -43.29 -16.94
N ARG HB 116 -49.34 -42.29 -16.07
CA ARG HB 116 -50.53 -41.99 -15.28
C ARG HB 116 -51.47 -41.03 -16.00
N ASN HB 117 -51.02 -40.40 -17.07
CA ASN HB 117 -51.88 -39.53 -17.86
C ASN HB 117 -52.91 -40.36 -18.61
N GLY HB 118 -54.14 -39.86 -18.66
CA GLY HB 118 -55.23 -40.63 -19.21
C GLY HB 118 -55.83 -40.05 -20.48
N GLN HB 119 -55.28 -38.94 -20.96
CA GLN HB 119 -55.81 -38.29 -22.16
C GLN HB 119 -55.48 -39.16 -23.37
N PHE HB 120 -56.46 -39.94 -23.82
CA PHE HB 120 -56.30 -40.85 -24.95
C PHE HB 120 -57.13 -40.37 -26.13
N THR HB 121 -56.79 -40.85 -27.30
CA THR HB 121 -57.52 -40.54 -28.52
C THR HB 121 -57.36 -41.70 -29.50
N LEU HB 122 -57.91 -41.55 -30.69
CA LEU HB 122 -57.85 -42.58 -31.72
C LEU HB 122 -56.97 -42.11 -32.87
N ASN HB 123 -56.26 -43.05 -33.48
CA ASN HB 123 -55.48 -42.78 -34.67
C ASN HB 123 -56.30 -43.18 -35.91
N GLY HB 124 -55.65 -43.19 -37.07
CA GLY HB 124 -56.36 -43.50 -38.30
C GLY HB 124 -56.94 -44.90 -38.33
N GLU HB 125 -56.26 -45.86 -37.71
CA GLU HB 125 -56.73 -47.25 -37.68
C GLU HB 125 -57.75 -47.51 -36.58
N GLY HB 126 -58.09 -46.51 -35.77
CA GLY HB 126 -59.06 -46.67 -34.71
C GLY HB 126 -58.52 -47.22 -33.41
N THR HB 127 -57.21 -47.41 -33.29
CA THR HB 127 -56.63 -47.92 -32.06
C THR HB 127 -56.53 -46.81 -31.02
N LEU HB 128 -56.88 -47.13 -29.78
CA LEU HB 128 -56.84 -46.16 -28.69
C LEU HB 128 -55.38 -45.81 -28.37
N VAL HB 129 -54.97 -44.60 -28.72
CA VAL HB 129 -53.60 -44.15 -28.54
C VAL HB 129 -53.60 -42.92 -27.64
N THR HB 130 -52.40 -42.55 -27.18
CA THR HB 130 -52.24 -41.37 -26.34
C THR HB 130 -52.50 -40.10 -27.15
N SER HB 131 -52.75 -39.01 -26.43
CA SER HB 131 -53.08 -37.73 -27.05
C SER HB 131 -51.85 -36.91 -27.42
N GLY HB 132 -50.65 -37.45 -27.21
CA GLY HB 132 -49.44 -36.74 -27.57
C GLY HB 132 -48.85 -37.24 -28.88
N SER HB 133 -47.82 -38.08 -28.79
CA SER HB 133 -47.23 -38.65 -30.00
C SER HB 133 -48.06 -39.77 -30.60
N GLY HB 134 -49.10 -40.23 -29.90
CA GLY HB 134 -49.96 -41.26 -30.43
C GLY HB 134 -49.47 -42.68 -30.25
N TYR HB 135 -48.77 -42.96 -29.16
CA TYR HB 135 -48.33 -44.33 -28.91
C TYR HB 135 -49.53 -45.21 -28.58
N PRO HB 136 -49.62 -46.42 -29.15
CA PRO HB 136 -50.75 -47.29 -28.83
C PRO HB 136 -50.74 -47.71 -27.37
N VAL HB 137 -51.93 -47.94 -26.83
CA VAL HB 137 -52.11 -48.36 -25.44
C VAL HB 137 -52.15 -49.87 -25.38
N GLU HB 138 -51.39 -50.45 -24.44
CA GLU HB 138 -51.33 -51.90 -24.25
C GLU HB 138 -52.37 -52.34 -23.22
N PRO HB 139 -53.19 -53.37 -23.52
CA PRO HB 139 -53.29 -54.10 -24.79
C PRO HB 139 -54.05 -53.28 -25.82
N GLU HB 140 -53.89 -53.57 -27.11
CA GLU HB 140 -54.55 -52.77 -28.14
C GLU HB 140 -56.06 -52.84 -28.00
N ILE HB 141 -56.71 -51.68 -28.05
CA ILE HB 141 -58.16 -51.56 -27.96
C ILE HB 141 -58.61 -50.85 -29.22
N VAL HB 142 -59.09 -51.62 -30.19
CA VAL HB 142 -59.53 -51.07 -31.48
C VAL HB 142 -61.04 -50.88 -31.43
N ILE HB 143 -61.49 -49.65 -31.68
CA ILE HB 143 -62.90 -49.32 -31.71
C ILE HB 143 -63.42 -49.60 -33.13
N PRO HB 144 -64.43 -50.45 -33.30
CA PRO HB 144 -64.97 -50.68 -34.64
C PRO HB 144 -65.62 -49.42 -35.19
N GLU HB 145 -65.59 -49.29 -36.51
CA GLU HB 145 -66.15 -48.12 -37.18
C GLU HB 145 -67.67 -48.04 -37.06
N ASP HB 146 -68.33 -49.10 -36.62
CA ASP HB 146 -69.78 -49.12 -36.47
C ASP HB 146 -70.23 -48.71 -35.07
N ALA HB 147 -69.29 -48.44 -34.15
CA ALA HB 147 -69.66 -48.10 -32.79
C ALA HB 147 -70.25 -46.69 -32.73
N ILE HB 148 -71.32 -46.54 -31.95
CA ILE HB 148 -71.94 -45.23 -31.76
C ILE HB 148 -71.64 -44.65 -30.38
N SER HB 149 -71.27 -45.48 -29.40
CA SER HB 149 -70.92 -45.00 -28.08
C SER HB 149 -69.92 -45.95 -27.44
N ILE HB 150 -68.95 -45.40 -26.73
CA ILE HB 150 -67.89 -46.16 -26.09
C ILE HB 150 -68.03 -46.00 -24.59
N THR HB 151 -68.04 -47.12 -23.87
CA THR HB 151 -68.09 -47.13 -22.41
C THR HB 151 -66.95 -47.98 -21.88
N VAL HB 152 -66.24 -47.47 -20.89
CA VAL HB 152 -65.14 -48.18 -20.24
C VAL HB 152 -65.55 -48.43 -18.79
N GLY HB 153 -65.59 -49.70 -18.40
CA GLY HB 153 -66.04 -50.06 -17.09
C GLY HB 153 -65.03 -49.77 -16.01
N THR HB 154 -65.49 -49.90 -14.76
CA THR HB 154 -64.60 -49.71 -13.62
C THR HB 154 -63.51 -50.77 -13.60
N ASP HB 155 -63.86 -52.02 -13.93
CA ASP HB 155 -62.90 -53.12 -13.97
C ASP HB 155 -62.10 -53.17 -15.28
N GLY HB 156 -62.08 -52.08 -16.04
CA GLY HB 156 -61.28 -52.01 -17.24
C GLY HB 156 -61.88 -52.65 -18.47
N GLU HB 157 -63.08 -53.20 -18.38
CA GLU HB 157 -63.72 -53.83 -19.54
C GLU HB 157 -64.25 -52.74 -20.45
N VAL HB 158 -63.63 -52.57 -21.61
CA VAL HB 158 -64.05 -51.58 -22.59
C VAL HB 158 -65.11 -52.19 -23.49
N SER HB 159 -66.26 -51.55 -23.57
CA SER HB 159 -67.36 -52.03 -24.39
C SER HB 159 -67.88 -50.89 -25.27
N VAL HB 160 -68.42 -51.24 -26.42
CA VAL HB 160 -69.00 -50.26 -27.34
C VAL HB 160 -70.39 -50.73 -27.70
N ARG HB 161 -71.24 -49.77 -28.08
CA ARG HB 161 -72.57 -50.04 -28.56
C ARG HB 161 -72.61 -49.82 -30.06
N VAL HB 162 -73.09 -50.83 -30.80
CA VAL HB 162 -72.96 -50.89 -32.24
C VAL HB 162 -74.31 -50.58 -32.88
N ARG HB 163 -74.29 -49.82 -33.97
CA ARG HB 163 -75.50 -49.46 -34.70
C ARG HB 163 -76.23 -50.72 -35.16
N GLY HB 164 -77.55 -50.74 -34.95
CA GLY HB 164 -78.40 -51.79 -35.43
C GLY HB 164 -78.49 -53.02 -34.54
N GLN HB 165 -77.65 -53.11 -33.51
CA GLN HB 165 -77.62 -54.28 -32.64
C GLN HB 165 -77.90 -53.88 -31.20
N GLN HB 166 -78.48 -54.82 -30.46
CA GLN HB 166 -78.63 -54.71 -29.02
C GLN HB 166 -77.47 -55.41 -28.34
N ASP HB 167 -77.14 -54.97 -27.13
CA ASP HB 167 -76.08 -55.51 -26.27
C ASP HB 167 -74.73 -54.89 -26.66
N ASN HB 168 -74.04 -54.32 -25.68
CA ASN HB 168 -72.76 -53.71 -25.93
C ASN HB 168 -71.71 -54.77 -26.26
N GLN HB 169 -71.08 -54.62 -27.43
CA GLN HB 169 -70.04 -55.55 -27.86
C GLN HB 169 -68.75 -55.23 -27.11
N VAL HB 170 -68.13 -56.25 -26.53
CA VAL HB 170 -66.86 -56.07 -25.83
C VAL HB 170 -65.73 -55.95 -26.86
N VAL HB 171 -64.90 -54.93 -26.71
CA VAL HB 171 -63.80 -54.69 -27.65
C VAL HB 171 -62.44 -54.93 -27.03
N GLY HB 172 -62.35 -55.15 -25.72
CA GLY HB 172 -61.07 -55.44 -25.10
C GLY HB 172 -61.14 -55.27 -23.60
N GLN HB 173 -60.01 -55.56 -22.97
CA GLN HB 173 -59.86 -55.46 -21.52
C GLN HB 173 -58.64 -54.61 -21.21
N LEU HB 174 -58.84 -53.57 -20.41
CA LEU HB 174 -57.74 -52.72 -19.99
C LEU HB 174 -57.06 -53.31 -18.76
N THR HB 175 -55.73 -53.25 -18.75
CA THR HB 175 -54.94 -53.73 -17.63
C THR HB 175 -53.99 -52.63 -17.19
N ILE HB 176 -53.86 -52.47 -15.88
CA ILE HB 176 -52.96 -51.47 -15.31
C ILE HB 176 -51.91 -52.17 -14.47
N THR HB 177 -50.69 -51.67 -14.55
CA THR HB 177 -49.54 -52.27 -13.90
C THR HB 177 -49.20 -51.49 -12.64
N ASP HB 178 -49.01 -52.21 -11.54
CA ASP HB 178 -48.61 -51.63 -10.27
C ASP HB 178 -47.12 -51.87 -10.04
N PHE HB 179 -46.53 -51.04 -9.19
CA PHE HB 179 -45.16 -51.23 -8.75
C PHE HB 179 -45.10 -51.06 -7.23
N VAL HB 180 -44.28 -51.89 -6.57
CA VAL HB 180 -44.19 -51.83 -5.12
C VAL HB 180 -43.62 -50.49 -4.69
N ASN HB 181 -42.62 -49.99 -5.42
CA ASN HB 181 -42.05 -48.66 -5.20
C ASN HB 181 -42.17 -47.88 -6.49
N PRO HB 182 -43.29 -47.16 -6.69
CA PRO HB 182 -43.42 -46.34 -7.91
C PRO HB 182 -42.41 -45.21 -8.00
N GLY HB 183 -41.81 -44.81 -6.88
CA GLY HB 183 -40.81 -43.76 -6.91
C GLY HB 183 -39.52 -44.16 -7.58
N GLY HB 184 -39.29 -45.47 -7.76
CA GLY HB 184 -38.12 -45.95 -8.46
C GLY HB 184 -38.25 -46.00 -9.95
N LEU HB 185 -39.41 -45.68 -10.50
CA LEU HB 185 -39.58 -45.61 -11.93
C LEU HB 185 -38.73 -44.48 -12.52
N GLU HB 186 -38.12 -44.75 -13.67
CA GLU HB 186 -37.26 -43.77 -14.31
C GLU HB 186 -38.09 -42.90 -15.23
N PRO HB 187 -38.19 -41.59 -14.98
CA PRO HB 187 -38.93 -40.72 -15.90
C PRO HB 187 -38.15 -40.51 -17.19
N ILE HB 188 -38.83 -40.67 -18.32
CA ILE HB 188 -38.24 -40.45 -19.63
C ILE HB 188 -38.95 -39.33 -20.38
N GLY HB 189 -39.67 -38.47 -19.66
CA GLY HB 189 -40.45 -37.43 -20.29
C GLY HB 189 -41.72 -37.99 -20.90
N GLN HB 190 -42.48 -37.09 -21.54
CA GLN HB 190 -43.75 -37.44 -22.18
C GLN HB 190 -44.72 -38.11 -21.21
N ASN HB 191 -44.58 -37.78 -19.92
CA ASN HB 191 -45.40 -38.38 -18.86
C ASN HB 191 -45.27 -39.90 -18.84
N LEU HB 192 -44.08 -40.40 -19.15
CA LEU HB 192 -43.82 -41.83 -19.22
C LEU HB 192 -42.78 -42.22 -18.18
N TYR HB 193 -42.85 -43.47 -17.74
CA TYR HB 193 -41.90 -44.04 -16.79
C TYR HB 193 -41.42 -45.39 -17.30
N LEU HB 194 -40.26 -45.81 -16.82
CA LEU HB 194 -39.73 -47.12 -17.19
C LEU HB 194 -39.39 -47.92 -15.94
N PRO HB 195 -39.61 -49.23 -15.96
CA PRO HB 195 -39.26 -50.05 -14.79
C PRO HB 195 -37.75 -50.07 -14.57
N THR HB 196 -37.36 -50.05 -13.30
CA THR HB 196 -35.96 -50.06 -12.90
C THR HB 196 -35.75 -51.15 -11.86
N GLY HB 197 -34.50 -51.30 -11.41
CA GLY HB 197 -34.21 -52.29 -10.39
C GLY HB 197 -34.87 -51.97 -9.06
N ALA HB 198 -35.14 -50.68 -8.79
CA ALA HB 198 -35.73 -50.27 -7.54
C ALA HB 198 -37.25 -50.19 -7.58
N SER HB 199 -37.84 -50.07 -8.76
CA SER HB 199 -39.30 -49.99 -8.83
C SER HB 199 -39.94 -51.35 -8.56
N GLY HB 200 -39.30 -52.42 -9.00
CA GLY HB 200 -39.82 -53.76 -8.82
C GLY HB 200 -40.36 -54.34 -10.11
N ASP HB 201 -40.63 -55.63 -10.06
CA ASP HB 201 -41.19 -56.33 -11.21
C ASP HB 201 -42.58 -55.79 -11.51
N PRO HB 202 -42.93 -55.61 -12.82
CA PRO HB 202 -44.17 -54.99 -13.17
C PRO HB 202 -45.25 -56.01 -12.91
N GLN HB 203 -46.08 -55.76 -11.90
CA GLN HB 203 -47.17 -56.70 -11.56
C GLN HB 203 -48.46 -56.22 -12.21
N GLU HB 204 -49.04 -57.04 -13.08
CA GLU HB 204 -50.26 -56.71 -13.83
C GLU HB 204 -51.48 -57.41 -13.23
N GLY HB 205 -52.70 -56.93 -13.49
CA GLY HB 205 -53.95 -57.47 -13.03
C GLY HB 205 -55.09 -56.55 -13.42
N VAL HB 206 -56.30 -57.03 -13.15
CA VAL HB 206 -57.50 -56.27 -13.51
C VAL HB 206 -57.57 -55.00 -12.67
N PRO HB 207 -58.00 -53.87 -13.24
CA PRO HB 207 -58.01 -52.61 -12.49
C PRO HB 207 -59.12 -52.51 -11.47
N GLY HB 208 -58.86 -53.00 -10.25
CA GLY HB 208 -59.84 -52.95 -9.18
C GLY HB 208 -59.75 -54.12 -8.23
N LEU HB 209 -58.92 -55.10 -8.57
CA LEU HB 209 -58.66 -56.25 -7.71
C LEU HB 209 -57.18 -56.30 -7.35
N ASP HB 210 -56.88 -57.08 -6.32
CA ASP HB 210 -55.51 -57.29 -5.85
C ASP HB 210 -54.83 -55.98 -5.43
N GLY HB 211 -55.61 -55.05 -4.87
CA GLY HB 211 -55.07 -53.79 -4.42
C GLY HB 211 -54.86 -52.76 -5.51
N LEU HB 212 -55.29 -53.03 -6.74
CA LEU HB 212 -55.13 -52.10 -7.84
C LEU HB 212 -56.19 -51.02 -7.80
N GLY HB 213 -55.89 -49.90 -8.46
CA GLY HB 213 -56.87 -48.84 -8.61
C GLY HB 213 -57.88 -49.15 -9.70
N GLU HB 214 -58.96 -48.38 -9.70
CA GLU HB 214 -60.06 -48.57 -10.64
C GLU HB 214 -59.99 -47.55 -11.76
N ILE HB 215 -60.56 -47.92 -12.91
CA ILE HB 215 -60.60 -47.05 -14.07
C ILE HB 215 -61.86 -46.20 -13.98
N ARG HB 216 -61.69 -44.88 -13.97
CA ARG HB 216 -62.81 -43.94 -13.95
C ARG HB 216 -62.87 -43.23 -15.29
N GLN HB 217 -63.95 -43.45 -16.03
CA GLN HB 217 -64.09 -42.84 -17.34
C GLN HB 217 -64.53 -41.39 -17.20
N SER HB 218 -64.21 -40.59 -18.22
CA SER HB 218 -64.52 -39.16 -18.24
C SER HB 218 -63.91 -38.44 -17.03
N MET HB 219 -62.71 -38.87 -16.64
CA MET HB 219 -61.98 -38.26 -15.54
C MET HB 219 -60.52 -38.12 -15.91
N LEU HB 220 -59.85 -37.16 -15.26
CA LEU HB 220 -58.42 -36.96 -15.40
C LEU HB 220 -57.81 -36.73 -14.02
N GLU HB 221 -56.57 -37.16 -13.87
CA GLU HB 221 -55.84 -37.02 -12.61
C GLU HB 221 -54.94 -35.79 -12.73
N ALA HB 222 -55.26 -34.75 -11.98
CA ALA HB 222 -54.45 -33.54 -12.00
C ALA HB 222 -53.13 -33.76 -11.29
N SER HB 223 -52.19 -32.85 -11.51
CA SER HB 223 -50.90 -32.93 -10.84
C SER HB 223 -51.06 -32.73 -9.35
N ASN HB 224 -50.18 -33.39 -8.58
CA ASN HB 224 -50.23 -33.33 -7.13
C ASN HB 224 -49.35 -32.22 -6.56
N VAL HB 225 -48.85 -31.32 -7.41
CA VAL HB 225 -48.00 -30.24 -6.93
C VAL HB 225 -48.81 -29.30 -6.07
N ASN HB 226 -48.20 -28.79 -5.00
CA ASN HB 226 -48.81 -27.84 -4.10
C ASN HB 226 -48.07 -26.52 -4.26
N VAL HB 227 -48.70 -25.56 -4.93
CA VAL HB 227 -48.03 -24.29 -5.23
C VAL HB 227 -47.69 -23.55 -3.94
N THR HB 228 -48.40 -23.83 -2.85
CA THR HB 228 -48.04 -23.26 -1.56
C THR HB 228 -46.69 -23.78 -1.09
N GLU HB 229 -46.49 -25.10 -1.17
CA GLU HB 229 -45.25 -25.69 -0.69
C GLU HB 229 -44.07 -25.32 -1.58
N GLU HB 230 -44.27 -25.31 -2.89
CA GLU HB 230 -43.16 -25.05 -3.81
C GLU HB 230 -42.63 -23.63 -3.66
N LEU HB 231 -43.51 -22.66 -3.52
CA LEU HB 231 -43.06 -21.26 -3.47
C LEU HB 231 -42.41 -20.93 -2.13
N VAL HB 232 -42.85 -21.55 -1.05
CA VAL HB 232 -42.22 -21.32 0.24
C VAL HB 232 -40.82 -21.94 0.27
N ASN HB 233 -40.69 -23.17 -0.25
CA ASN HB 233 -39.38 -23.80 -0.29
C ASN HB 233 -38.40 -23.03 -1.17
N MET HB 234 -38.93 -22.32 -2.17
CA MET HB 234 -38.06 -21.47 -2.98
C MET HB 234 -37.56 -20.27 -2.19
N ILE HB 235 -38.39 -19.77 -1.27
CA ILE HB 235 -37.95 -18.70 -0.37
C ILE HB 235 -36.82 -19.18 0.52
N GLU HB 236 -36.96 -20.38 1.10
CA GLU HB 236 -35.90 -20.93 1.94
C GLU HB 236 -34.65 -21.22 1.12
N ALA HB 237 -34.81 -21.79 -0.07
CA ALA HB 237 -33.65 -22.18 -0.87
C ALA HB 237 -32.86 -20.96 -1.32
N GLN HB 238 -33.54 -19.87 -1.65
CA GLN HB 238 -32.85 -18.67 -2.11
C GLN HB 238 -31.97 -18.09 -1.01
N ARG HB 239 -32.49 -18.02 0.22
CA ARG HB 239 -31.72 -17.40 1.31
C ARG HB 239 -30.53 -18.27 1.70
N VAL HB 240 -30.71 -19.59 1.77
CA VAL HB 240 -29.60 -20.47 2.08
C VAL HB 240 -28.54 -20.40 0.99
N TYR HB 241 -28.97 -20.31 -0.27
CA TYR HB 241 -28.03 -20.14 -1.37
C TYR HB 241 -27.26 -18.84 -1.24
N GLU HB 242 -27.95 -17.76 -0.86
CA GLU HB 242 -27.27 -16.47 -0.70
C GLU HB 242 -26.35 -16.47 0.51
N MET HB 243 -26.72 -17.21 1.57
CA MET HB 243 -25.90 -17.21 2.77
C MET HB 243 -24.60 -17.98 2.58
N ASN HB 244 -24.62 -19.04 1.76
CA ASN HB 244 -23.38 -19.73 1.44
C ASN HB 244 -22.44 -18.84 0.62
N SER HB 245 -23.00 -18.01 -0.26
CA SER HB 245 -22.18 -17.06 -1.01
C SER HB 245 -21.53 -16.03 -0.08
N LYS HB 246 -22.18 -15.74 1.06
CA LYS HB 246 -21.57 -14.86 2.04
C LYS HB 246 -20.31 -15.47 2.63
N VAL HB 247 -20.32 -16.78 2.89
CA VAL HB 247 -19.15 -17.43 3.46
C VAL HB 247 -18.00 -17.44 2.46
N ILE HB 248 -18.29 -17.75 1.20
CA ILE HB 248 -17.24 -17.75 0.17
C ILE HB 248 -16.69 -16.35 0.00
N SER HB 249 -17.56 -15.33 0.01
CA SER HB 249 -17.08 -13.96 -0.07
C SER HB 249 -16.25 -13.59 1.15
N SER HB 250 -16.64 -14.07 2.34
CA SER HB 250 -15.87 -13.80 3.54
C SER HB 250 -14.49 -14.45 3.48
N VAL HB 251 -14.42 -15.69 3.00
CA VAL HB 251 -13.13 -16.36 2.86
C VAL HB 251 -12.28 -15.66 1.81
N ASP HB 252 -12.91 -15.20 0.73
CA ASP HB 252 -12.18 -14.48 -0.31
C ASP HB 252 -11.54 -13.21 0.24
N LYS HB 253 -12.28 -12.45 1.07
CA LYS HB 253 -11.72 -11.26 1.68
C LYS HB 253 -10.63 -11.62 2.68
N MET HB 254 -10.78 -12.74 3.39
CA MET HB 254 -9.75 -13.17 4.33
C MET HB 254 -8.44 -13.48 3.63
N MET HB 255 -8.52 -14.18 2.49
CA MET HB 255 -7.30 -14.51 1.75
C MET HB 255 -6.65 -13.26 1.19
N SER HB 256 -7.46 -12.27 0.79
CA SER HB 256 -6.90 -11.00 0.33
C SER HB 256 -6.15 -10.30 1.46
N PHE HB 257 -6.70 -10.31 2.68
CA PHE HB 257 -6.02 -9.69 3.81
C PHE HB 257 -4.70 -10.41 4.12
N VAL HB 258 -4.70 -11.74 4.06
CA VAL HB 258 -3.50 -12.51 4.36
C VAL HB 258 -2.42 -12.25 3.32
N ASN HB 259 -2.80 -12.23 2.03
CA ASN HB 259 -1.83 -11.95 0.98
C ASN HB 259 -1.26 -10.54 1.11
N GLN HB 260 -2.11 -9.56 1.44
CA GLN HB 260 -1.66 -8.18 1.52
C GLN HB 260 -0.82 -7.90 2.76
N GLN HB 261 -0.99 -8.67 3.83
CA GLN HB 261 -0.29 -8.44 5.09
C GLN HB 261 0.93 -9.33 5.25
N LEU HB 262 0.74 -10.64 5.14
CA LEU HB 262 1.83 -11.59 5.34
C LEU HB 262 2.83 -11.56 4.19
N MET IB 1 -2.56 -9.38 -22.91
CA MET IB 1 -1.68 -9.67 -21.80
C MET IB 1 -1.96 -11.05 -21.21
N HIS IB 2 -3.23 -11.35 -21.00
CA HIS IB 2 -3.63 -12.62 -20.41
C HIS IB 2 -4.67 -13.29 -21.29
N PRO IB 3 -4.64 -14.63 -21.40
CA PRO IB 3 -5.65 -15.32 -22.20
C PRO IB 3 -7.08 -15.05 -21.73
N ALA IB 4 -7.29 -14.96 -20.42
CA ALA IB 4 -8.64 -14.73 -19.92
C ALA IB 4 -9.13 -13.33 -20.28
N LEU IB 5 -8.22 -12.39 -20.50
CA LEU IB 5 -8.63 -11.07 -20.97
C LEU IB 5 -9.17 -11.15 -22.39
N TRP IB 6 -8.47 -11.88 -23.27
CA TRP IB 6 -8.91 -11.98 -24.65
C TRP IB 6 -10.10 -12.92 -24.79
N VAL IB 7 -10.12 -13.99 -24.01
CA VAL IB 7 -11.23 -14.94 -24.08
C VAL IB 7 -12.53 -14.29 -23.65
N SER IB 8 -12.50 -13.57 -22.52
CA SER IB 8 -13.72 -12.95 -22.00
C SER IB 8 -14.13 -11.74 -22.82
N LYS IB 9 -13.17 -11.07 -23.47
CA LYS IB 9 -13.51 -9.91 -24.29
C LYS IB 9 -14.40 -10.30 -25.46
N THR IB 10 -14.14 -11.47 -26.06
CA THR IB 10 -15.04 -11.98 -27.10
C THR IB 10 -16.42 -12.28 -26.53
N GLY IB 11 -16.48 -12.67 -25.26
CA GLY IB 11 -17.78 -12.89 -24.63
C GLY IB 11 -18.57 -11.61 -24.47
N LEU IB 12 -17.90 -10.51 -24.12
CA LEU IB 12 -18.57 -9.23 -24.02
C LEU IB 12 -19.10 -8.77 -25.38
N ASP IB 13 -18.29 -8.95 -26.43
CA ASP IB 13 -18.75 -8.61 -27.77
C ASP IB 13 -19.90 -9.50 -28.21
N ALA IB 14 -19.84 -10.79 -27.85
CA ALA IB 14 -20.90 -11.72 -28.24
C ALA IB 14 -22.23 -11.33 -27.63
N GLN IB 15 -22.23 -10.91 -26.36
CA GLN IB 15 -23.49 -10.58 -25.70
C GLN IB 15 -24.04 -9.24 -26.19
N GLN IB 16 -23.16 -8.28 -26.52
CA GLN IB 16 -23.63 -7.00 -27.02
C GLN IB 16 -24.36 -7.15 -28.35
N THR IB 17 -23.85 -8.01 -29.23
CA THR IB 17 -24.57 -8.33 -30.46
C THR IB 17 -25.90 -9.01 -30.16
N ASN IB 18 -25.90 -9.92 -29.17
CA ASN IB 18 -27.13 -10.60 -28.78
C ASN IB 18 -28.16 -9.62 -28.23
N ILE IB 19 -27.72 -8.69 -27.38
CA ILE IB 19 -28.64 -7.71 -26.80
C ILE IB 19 -29.18 -6.79 -27.89
N ALA IB 20 -28.33 -6.45 -28.87
CA ALA IB 20 -28.79 -5.60 -29.97
C ALA IB 20 -29.89 -6.28 -30.77
N THR IB 21 -29.78 -7.59 -30.98
CA THR IB 21 -30.83 -8.33 -31.68
C THR IB 21 -32.12 -8.33 -30.87
N ILE IB 22 -32.02 -8.54 -29.56
CA ILE IB 22 -33.21 -8.55 -28.70
C ILE IB 22 -33.88 -7.19 -28.71
N SER IB 23 -33.08 -6.11 -28.66
CA SER IB 23 -33.65 -4.77 -28.71
C SER IB 23 -34.37 -4.52 -30.03
N ASN IB 24 -33.81 -5.00 -31.13
CA ASN IB 24 -34.45 -4.81 -32.43
C ASN IB 24 -35.76 -5.57 -32.53
N ASN IB 25 -35.82 -6.77 -31.92
CA ASN IB 25 -37.05 -7.53 -31.93
C ASN IB 25 -38.15 -6.83 -31.15
N LEU IB 26 -37.80 -6.25 -29.99
CA LEU IB 26 -38.80 -5.56 -29.19
C LEU IB 26 -39.18 -4.22 -29.78
N ALA IB 27 -38.27 -3.58 -30.52
CA ALA IB 27 -38.61 -2.32 -31.17
C ALA IB 27 -39.69 -2.53 -32.23
N ASN IB 28 -39.59 -3.63 -32.98
CA ASN IB 28 -40.58 -3.98 -33.99
C ASN IB 28 -41.65 -4.91 -33.43
N ALA IB 29 -42.27 -4.53 -32.33
CA ALA IB 29 -43.36 -5.32 -31.77
C ALA IB 29 -44.71 -4.97 -32.38
N SER IB 30 -44.82 -3.83 -33.05
CA SER IB 30 -46.03 -3.45 -33.75
C SER IB 30 -45.85 -3.36 -35.26
N THR IB 31 -44.67 -3.65 -35.77
CA THR IB 31 -44.43 -3.58 -37.21
C THR IB 31 -45.17 -4.70 -37.92
N VAL IB 32 -45.98 -4.33 -38.91
CA VAL IB 32 -46.76 -5.31 -39.66
C VAL IB 32 -45.84 -6.09 -40.58
N GLY IB 33 -45.97 -7.41 -40.56
CA GLY IB 33 -45.14 -8.27 -41.39
C GLY IB 33 -43.67 -8.28 -41.02
N TYR IB 34 -43.36 -8.32 -39.73
CA TYR IB 34 -41.99 -8.38 -39.24
C TYR IB 34 -41.69 -9.78 -38.75
N LYS IB 35 -40.49 -10.26 -39.07
CA LYS IB 35 -40.03 -11.58 -38.66
C LYS IB 35 -38.93 -11.43 -37.62
N LYS IB 36 -39.11 -12.12 -36.48
CA LYS IB 36 -38.16 -11.99 -35.38
C LYS IB 36 -36.83 -12.65 -35.72
N SER IB 37 -35.81 -12.30 -34.95
CA SER IB 37 -34.46 -12.77 -35.16
C SER IB 37 -33.88 -13.33 -33.88
N ARG IB 38 -33.00 -14.31 -34.01
CA ARG IB 38 -32.29 -14.90 -32.89
C ARG IB 38 -30.81 -14.93 -33.20
N ALA IB 39 -29.98 -14.52 -32.22
CA ALA IB 39 -28.55 -14.55 -32.39
C ALA IB 39 -28.03 -15.98 -32.30
N VAL IB 40 -27.17 -16.35 -33.24
CA VAL IB 40 -26.61 -17.69 -33.31
C VAL IB 40 -25.20 -17.64 -32.74
N PHE IB 41 -25.01 -18.30 -31.60
CA PHE IB 41 -23.73 -18.32 -30.91
C PHE IB 41 -22.91 -19.54 -31.33
N GLU IB 42 -21.60 -19.34 -31.47
CA GLU IB 42 -20.68 -20.45 -31.68
C GLU IB 42 -19.36 -20.12 -31.01
N ASP IB 43 -18.65 -21.16 -30.61
CA ASP IB 43 -17.36 -20.97 -29.94
C ASP IB 43 -16.24 -20.82 -30.96
N LEU IB 44 -15.20 -20.09 -30.58
CA LEU IB 44 -14.06 -19.85 -31.45
C LEU IB 44 -13.15 -21.07 -31.45
N PHE IB 45 -12.04 -20.95 -32.17
CA PHE IB 45 -11.10 -22.06 -32.31
C PHE IB 45 -10.48 -22.42 -30.96
N TYR IB 46 -9.84 -23.58 -30.93
CA TYR IB 46 -9.20 -24.10 -29.73
C TYR IB 46 -7.69 -24.15 -29.94
N GLN IB 47 -6.94 -23.68 -28.95
CA GLN IB 47 -5.49 -23.74 -29.00
C GLN IB 47 -5.03 -25.14 -28.60
N ASN IB 48 -4.39 -25.83 -29.54
CA ASN IB 48 -4.03 -27.24 -29.36
C ASN IB 48 -2.69 -27.33 -28.65
N ILE IB 49 -2.73 -27.33 -27.32
CA ILE IB 49 -1.51 -27.51 -26.54
C ILE IB 49 -1.07 -28.97 -26.57
N ASN IB 50 -1.92 -29.86 -26.08
CA ASN IB 50 -1.70 -31.30 -26.16
C ASN IB 50 -2.81 -31.90 -27.01
N GLN IB 51 -2.43 -32.69 -28.00
CA GLN IB 51 -3.41 -33.27 -28.92
C GLN IB 51 -4.10 -34.45 -28.26
N PRO IB 52 -5.42 -34.40 -28.07
CA PRO IB 52 -6.13 -35.58 -27.56
C PRO IB 52 -5.98 -36.73 -28.53
N GLY IB 53 -5.84 -37.94 -27.98
CA GLY IB 53 -5.56 -39.11 -28.78
C GLY IB 53 -4.11 -39.28 -29.17
N GLY IB 54 -3.24 -38.34 -28.79
CA GLY IB 54 -1.83 -38.51 -29.05
C GLY IB 54 -1.25 -39.64 -28.19
N GLN IB 55 -0.35 -40.40 -28.79
CA GLN IB 55 0.20 -41.56 -28.10
C GLN IB 55 1.19 -41.12 -27.03
N SER IB 56 0.98 -41.60 -25.81
CA SER IB 56 1.88 -41.32 -24.69
C SER IB 56 2.94 -42.41 -24.56
N SER IB 57 2.53 -43.62 -24.23
CA SER IB 57 3.48 -44.74 -24.13
C SER IB 57 3.75 -45.31 -25.51
N GLN IB 58 2.71 -45.86 -26.15
CA GLN IB 58 2.78 -46.63 -27.38
C GLN IB 58 1.53 -47.51 -27.44
N ASN IB 59 0.99 -47.81 -26.27
CA ASN IB 59 -0.28 -48.51 -26.11
C ASN IB 59 -1.25 -47.69 -25.28
N THR IB 60 -0.83 -46.51 -24.82
CA THR IB 60 -1.65 -45.62 -24.01
C THR IB 60 -1.66 -44.26 -24.66
N GLU IB 61 -2.85 -43.76 -24.99
CA GLU IB 61 -3.03 -42.47 -25.62
C GLU IB 61 -3.74 -41.52 -24.66
N LEU IB 62 -3.69 -40.25 -25.00
CA LEU IB 62 -4.31 -39.21 -24.17
C LEU IB 62 -5.84 -39.27 -24.30
N PRO IB 63 -6.57 -39.70 -23.27
CA PRO IB 63 -8.03 -39.76 -23.39
C PRO IB 63 -8.68 -38.38 -23.51
N SER IB 64 -8.09 -37.36 -22.91
CA SER IB 64 -8.53 -35.99 -23.08
C SER IB 64 -7.30 -35.10 -22.95
N GLY IB 65 -7.17 -34.14 -23.87
CA GLY IB 65 -6.00 -33.30 -23.94
C GLY IB 65 -6.25 -31.89 -23.43
N LEU IB 66 -5.19 -31.10 -23.50
CA LEU IB 66 -5.23 -29.69 -23.09
C LEU IB 66 -5.47 -28.85 -24.33
N MET IB 67 -6.71 -28.41 -24.51
CA MET IB 67 -7.10 -27.53 -25.60
C MET IB 67 -7.87 -26.36 -25.02
N LEU IB 68 -7.34 -25.15 -25.23
CA LEU IB 68 -7.91 -23.94 -24.63
C LEU IB 68 -8.81 -23.24 -25.63
N GLY IB 69 -10.05 -22.97 -25.22
CA GLY IB 69 -10.95 -22.20 -26.04
C GLY IB 69 -10.53 -20.75 -26.15
N ALA IB 70 -10.99 -20.11 -27.22
CA ALA IB 70 -10.65 -18.71 -27.48
C ALA IB 70 -11.80 -17.76 -27.17
N GLY IB 71 -12.98 -18.28 -26.86
CA GLY IB 71 -14.15 -17.46 -26.57
C GLY IB 71 -15.36 -17.89 -27.38
N SER IB 72 -16.20 -16.92 -27.69
CA SER IB 72 -17.40 -17.17 -28.47
C SER IB 72 -17.77 -15.91 -29.23
N LYS IB 73 -18.66 -16.07 -30.21
CA LYS IB 73 -19.11 -14.95 -31.01
C LYS IB 73 -20.48 -15.28 -31.59
N VAL IB 74 -21.16 -14.25 -32.09
CA VAL IB 74 -22.42 -14.43 -32.79
C VAL IB 74 -22.11 -14.53 -34.28
N VAL IB 75 -22.23 -15.74 -34.83
CA VAL IB 75 -21.84 -15.98 -36.21
C VAL IB 75 -22.94 -15.61 -37.21
N ALA IB 76 -24.20 -15.64 -36.80
CA ALA IB 76 -25.29 -15.34 -37.71
C ALA IB 76 -26.50 -14.87 -36.93
N THR IB 77 -27.43 -14.24 -37.64
CA THR IB 77 -28.71 -13.80 -37.10
C THR IB 77 -29.79 -14.47 -37.94
N GLN IB 78 -30.41 -15.51 -37.39
CA GLN IB 78 -31.41 -16.28 -38.13
C GLN IB 78 -32.79 -15.68 -37.93
N LYS IB 79 -33.45 -15.37 -39.04
CA LYS IB 79 -34.82 -14.87 -39.01
C LYS IB 79 -35.78 -16.05 -39.06
N VAL IB 80 -36.67 -16.14 -38.08
CA VAL IB 80 -37.66 -17.20 -38.02
C VAL IB 80 -38.87 -16.71 -38.81
N HIS IB 81 -39.04 -17.26 -40.01
CA HIS IB 81 -40.11 -16.82 -40.92
C HIS IB 81 -41.40 -17.61 -40.68
N THR IB 82 -41.87 -17.60 -39.45
CA THR IB 82 -43.18 -18.15 -39.12
C THR IB 82 -44.22 -17.03 -39.17
N HIS IB 83 -45.45 -17.40 -39.50
CA HIS IB 83 -46.51 -16.42 -39.70
C HIS IB 83 -46.92 -15.79 -38.38
N GLY IB 84 -47.28 -14.51 -38.43
CA GLY IB 84 -47.92 -13.86 -37.31
C GLY IB 84 -49.43 -13.97 -37.38
N ASN IB 85 -50.09 -13.51 -36.32
CA ASN IB 85 -51.54 -13.54 -36.29
C ASN IB 85 -52.12 -12.54 -37.30
N ALA IB 86 -53.43 -12.56 -37.42
CA ALA IB 86 -54.14 -11.76 -38.42
C ALA IB 86 -54.94 -10.66 -37.73
N GLN IB 87 -54.80 -9.44 -38.22
CA GLN IB 87 -55.55 -8.29 -37.73
C GLN IB 87 -56.61 -7.91 -38.75
N THR IB 88 -57.87 -7.91 -38.34
CA THR IB 88 -58.97 -7.60 -39.23
C THR IB 88 -59.15 -6.09 -39.31
N THR IB 89 -59.21 -5.57 -40.54
CA THR IB 89 -59.33 -4.14 -40.77
C THR IB 89 -60.45 -3.86 -41.75
N THR IB 90 -61.03 -2.67 -41.62
CA THR IB 90 -62.08 -2.23 -42.53
C THR IB 90 -61.54 -1.65 -43.84
N ASN IB 91 -60.25 -1.34 -43.89
CA ASN IB 91 -59.66 -0.86 -45.13
C ASN IB 91 -59.62 -1.98 -46.17
N ALA IB 92 -59.93 -1.63 -47.42
CA ALA IB 92 -59.99 -2.61 -48.50
C ALA IB 92 -58.72 -2.67 -49.33
N LEU IB 93 -57.69 -1.91 -48.98
CA LEU IB 93 -56.46 -1.87 -49.76
C LEU IB 93 -55.30 -2.61 -49.13
N ASP IB 94 -55.45 -3.11 -47.91
CA ASP IB 94 -54.37 -3.81 -47.22
C ASP IB 94 -54.67 -5.31 -47.20
N MET IB 95 -53.67 -6.10 -47.56
CA MET IB 95 -53.83 -7.54 -47.74
C MET IB 95 -52.86 -8.28 -46.84
N MET IB 96 -53.08 -9.60 -46.77
CA MET IB 96 -52.27 -10.50 -45.97
C MET IB 96 -52.01 -11.77 -46.78
N VAL IB 97 -50.84 -12.37 -46.60
CA VAL IB 97 -50.47 -13.59 -47.28
C VAL IB 97 -50.60 -14.74 -46.27
N GLU IB 98 -51.63 -15.56 -46.43
CA GLU IB 98 -51.79 -16.75 -45.60
C GLU IB 98 -50.99 -17.89 -46.22
N GLY IB 99 -49.83 -18.17 -45.66
CA GLY IB 99 -48.90 -19.12 -46.22
C GLY IB 99 -47.65 -18.44 -46.74
N ASP IB 100 -46.83 -19.25 -47.41
CA ASP IB 100 -45.56 -18.76 -47.94
C ASP IB 100 -45.80 -17.83 -49.12
N GLY IB 101 -45.04 -16.75 -49.19
CA GLY IB 101 -45.12 -15.82 -50.28
C GLY IB 101 -44.67 -14.42 -49.88
N PHE IB 102 -44.27 -13.64 -50.88
CA PHE IB 102 -43.82 -12.27 -50.67
C PHE IB 102 -44.42 -11.38 -51.74
N PHE IB 103 -44.97 -10.24 -51.34
CA PHE IB 103 -45.35 -9.22 -52.29
C PHE IB 103 -44.10 -8.61 -52.92
N GLN IB 104 -44.20 -8.27 -54.20
CA GLN IB 104 -43.07 -7.71 -54.95
C GLN IB 104 -43.37 -6.28 -55.34
N VAL IB 105 -42.40 -5.38 -55.11
CA VAL IB 105 -42.54 -3.97 -55.42
C VAL IB 105 -41.33 -3.53 -56.23
N THR IB 106 -41.45 -2.35 -56.84
CA THR IB 106 -40.42 -1.80 -57.70
C THR IB 106 -39.62 -0.77 -56.92
N LEU IB 107 -38.36 -1.08 -56.66
CA LEU IB 107 -37.47 -0.14 -56.00
C LEU IB 107 -37.10 0.99 -56.97
N PRO IB 108 -36.74 2.16 -56.44
CA PRO IB 108 -36.41 3.29 -57.34
C PRO IB 108 -35.29 2.99 -58.31
N ASP IB 109 -34.29 2.21 -57.90
CA ASP IB 109 -33.17 1.90 -58.79
C ASP IB 109 -33.58 0.99 -59.95
N GLY IB 110 -34.77 0.40 -59.90
CA GLY IB 110 -35.26 -0.46 -60.95
C GLY IB 110 -35.36 -1.93 -60.58
N ASN IB 111 -34.64 -2.36 -59.55
CA ASN IB 111 -34.70 -3.74 -59.13
C ASN IB 111 -36.03 -4.02 -58.42
N ILE IB 112 -36.36 -5.31 -58.33
CA ILE IB 112 -37.61 -5.75 -57.72
C ILE IB 112 -37.32 -6.13 -56.28
N GLY IB 113 -38.05 -5.50 -55.34
CA GLY IB 113 -37.95 -5.84 -53.95
C GLY IB 113 -39.10 -6.71 -53.51
N TYR IB 114 -38.95 -7.34 -52.35
CA TYR IB 114 -39.94 -8.26 -51.83
C TYR IB 114 -40.27 -7.89 -50.39
N THR IB 115 -41.55 -8.00 -50.05
CA THR IB 115 -42.05 -7.54 -48.75
C THR IB 115 -43.11 -8.48 -48.21
N ARG IB 116 -43.31 -8.42 -46.90
CA ARG IB 116 -44.40 -9.10 -46.22
C ARG IB 116 -45.46 -8.14 -45.71
N ASN IB 117 -45.15 -6.86 -45.59
CA ASN IB 117 -46.12 -5.86 -45.19
C ASN IB 117 -47.18 -5.71 -46.28
N GLY IB 118 -48.44 -5.61 -45.86
CA GLY IB 118 -49.53 -5.52 -46.81
C GLY IB 118 -50.25 -4.18 -46.81
N GLN IB 119 -49.76 -3.22 -46.04
CA GLN IB 119 -50.41 -1.92 -45.96
C GLN IB 119 -50.17 -1.12 -47.22
N PHE IB 120 -51.07 -1.25 -48.19
CA PHE IB 120 -50.95 -0.59 -49.48
C PHE IB 120 -51.94 0.55 -49.59
N THR IB 121 -51.79 1.33 -50.66
CA THR IB 121 -52.67 2.45 -50.94
C THR IB 121 -52.58 2.76 -52.43
N LEU IB 122 -53.11 3.91 -52.83
CA LEU IB 122 -53.06 4.37 -54.21
C LEU IB 122 -52.30 5.69 -54.27
N ASN IB 123 -51.62 5.92 -55.40
CA ASN IB 123 -50.95 7.18 -55.63
C ASN IB 123 -51.86 8.08 -56.47
N GLY IB 124 -51.30 9.19 -56.96
CA GLY IB 124 -52.08 10.14 -57.72
C GLY IB 124 -52.64 9.58 -59.02
N GLU IB 125 -51.96 8.57 -59.59
CA GLU IB 125 -52.41 7.94 -60.81
C GLU IB 125 -53.30 6.72 -60.57
N GLY IB 126 -53.53 6.35 -59.32
CA GLY IB 126 -54.38 5.23 -59.00
C GLY IB 126 -53.68 3.90 -58.90
N THR IB 127 -52.39 3.81 -59.22
CA THR IB 127 -51.68 2.55 -59.15
C THR IB 127 -51.52 2.11 -57.69
N LEU IB 128 -51.69 0.81 -57.45
CA LEU IB 128 -51.49 0.26 -56.11
C LEU IB 128 -50.03 0.40 -55.71
N VAL IB 129 -49.78 1.13 -54.62
CA VAL IB 129 -48.44 1.38 -54.12
C VAL IB 129 -48.42 1.11 -52.63
N THR IB 130 -47.23 1.16 -52.04
CA THR IB 130 -47.09 0.99 -50.61
C THR IB 130 -47.48 2.27 -49.87
N SER IB 131 -47.79 2.12 -48.58
CA SER IB 131 -48.19 3.25 -47.76
C SER IB 131 -47.00 4.01 -47.17
N GLY IB 132 -45.78 3.59 -47.48
CA GLY IB 132 -44.60 4.25 -46.96
C GLY IB 132 -43.96 5.17 -47.99
N SER IB 133 -42.88 4.71 -48.62
CA SER IB 133 -42.19 5.52 -49.61
C SER IB 133 -42.94 5.61 -50.94
N GLY IB 134 -44.01 4.84 -51.12
CA GLY IB 134 -44.81 4.94 -52.31
C GLY IB 134 -44.34 4.12 -53.48
N TYR IB 135 -43.62 3.03 -53.25
CA TYR IB 135 -43.12 2.22 -54.34
C TYR IB 135 -44.27 1.48 -55.02
N PRO IB 136 -44.26 1.39 -56.36
CA PRO IB 136 -45.32 0.64 -57.05
C PRO IB 136 -45.25 -0.84 -56.74
N VAL IB 137 -46.40 -1.49 -56.83
CA VAL IB 137 -46.52 -2.93 -56.60
C VAL IB 137 -46.51 -3.64 -57.95
N GLU IB 138 -45.66 -4.66 -58.08
CA GLU IB 138 -45.55 -5.47 -59.28
C GLU IB 138 -46.50 -6.66 -59.21
N PRO IB 139 -47.34 -6.90 -60.23
CA PRO IB 139 -47.54 -6.07 -61.44
C PRO IB 139 -48.38 -4.85 -61.11
N GLU IB 140 -48.26 -3.77 -61.89
CA GLU IB 140 -48.99 -2.55 -61.58
C GLU IB 140 -50.50 -2.80 -61.62
N ILE IB 141 -51.18 -2.35 -60.57
CA ILE IB 141 -52.62 -2.49 -60.45
C ILE IB 141 -53.19 -1.08 -60.44
N VAL IB 142 -53.68 -0.62 -61.59
CA VAL IB 142 -54.22 0.73 -61.72
C VAL IB 142 -55.73 0.66 -61.49
N ILE IB 143 -56.21 1.37 -60.48
CA ILE IB 143 -57.63 1.39 -60.14
C ILE IB 143 -58.29 2.49 -60.96
N PRO IB 144 -59.29 2.17 -61.78
CA PRO IB 144 -59.95 3.21 -62.58
C PRO IB 144 -60.70 4.20 -61.70
N GLU IB 145 -60.80 5.43 -62.20
CA GLU IB 145 -61.51 6.48 -61.47
C GLU IB 145 -63.02 6.26 -61.41
N ASP IB 146 -63.55 5.31 -62.20
CA ASP IB 146 -64.97 5.01 -62.20
C ASP IB 146 -65.33 3.91 -61.21
N ALA IB 147 -64.36 3.35 -60.50
CA ALA IB 147 -64.63 2.27 -59.58
C ALA IB 147 -65.34 2.77 -58.33
N ILE IB 148 -66.26 1.96 -57.81
CA ILE IB 148 -66.96 2.28 -56.58
C ILE IB 148 -66.56 1.35 -55.43
N SER IB 149 -66.00 0.19 -55.71
CA SER IB 149 -65.55 -0.71 -54.66
C SER IB 149 -64.36 -1.52 -55.19
N ILE IB 150 -63.57 -2.04 -54.27
CA ILE IB 150 -62.39 -2.85 -54.60
C ILE IB 150 -62.51 -4.17 -53.87
N THR IB 151 -62.34 -5.26 -54.60
CA THR IB 151 -62.31 -6.60 -54.02
C THR IB 151 -61.11 -7.35 -54.57
N VAL IB 152 -60.35 -7.97 -53.67
CA VAL IB 152 -59.18 -8.75 -54.03
C VAL IB 152 -59.47 -10.21 -53.72
N GLY IB 153 -59.48 -11.04 -54.75
CA GLY IB 153 -59.78 -12.44 -54.56
C GLY IB 153 -58.66 -13.19 -53.89
N THR IB 154 -58.96 -14.44 -53.54
CA THR IB 154 -57.95 -15.31 -52.94
C THR IB 154 -56.80 -15.55 -53.90
N ASP IB 155 -57.11 -15.74 -55.19
CA ASP IB 155 -56.11 -15.96 -56.22
C ASP IB 155 -55.46 -14.67 -56.72
N GLY IB 156 -55.62 -13.56 -55.99
CA GLY IB 156 -54.95 -12.33 -56.33
C GLY IB 156 -55.60 -11.51 -57.43
N GLU IB 157 -56.77 -11.90 -57.91
CA GLU IB 157 -57.44 -11.20 -59.00
C GLU IB 157 -58.12 -9.95 -58.44
N VAL IB 158 -57.55 -8.79 -58.72
CA VAL IB 158 -58.08 -7.52 -58.22
C VAL IB 158 -59.24 -7.12 -59.12
N SER IB 159 -60.42 -6.99 -58.52
CA SER IB 159 -61.64 -6.65 -59.25
C SER IB 159 -62.25 -5.39 -58.66
N VAL IB 160 -62.83 -4.56 -59.53
CA VAL IB 160 -63.50 -3.34 -59.11
C VAL IB 160 -64.90 -3.32 -59.69
N ARG IB 161 -65.79 -2.61 -59.01
CA ARG IB 161 -67.17 -2.49 -59.41
C ARG IB 161 -67.41 -1.11 -60.02
N VAL IB 162 -68.14 -1.08 -61.14
CA VAL IB 162 -68.43 0.13 -61.88
C VAL IB 162 -69.94 0.32 -61.92
N ARG IB 163 -70.40 1.53 -61.59
CA ARG IB 163 -71.81 1.84 -61.68
C ARG IB 163 -72.26 1.80 -63.14
N GLY IB 164 -73.49 1.33 -63.36
CA GLY IB 164 -74.01 1.18 -64.70
C GLY IB 164 -73.47 -0.01 -65.45
N GLN IB 165 -72.79 -0.94 -64.78
CA GLN IB 165 -72.21 -2.10 -65.45
C GLN IB 165 -72.17 -3.26 -64.45
N GLN IB 166 -72.88 -4.33 -64.76
CA GLN IB 166 -72.76 -5.57 -64.01
C GLN IB 166 -71.42 -6.25 -64.33
N ASP IB 167 -71.17 -7.38 -63.69
CA ASP IB 167 -70.02 -8.23 -64.01
C ASP IB 167 -68.70 -7.46 -63.83
N ASN IB 168 -68.40 -7.19 -62.56
CA ASN IB 168 -67.30 -6.33 -62.15
C ASN IB 168 -66.05 -6.53 -63.01
N GLN IB 169 -65.44 -5.41 -63.38
CA GLN IB 169 -64.32 -5.40 -64.32
C GLN IB 169 -63.01 -5.70 -63.59
N VAL IB 170 -62.29 -6.72 -64.06
CA VAL IB 170 -61.00 -7.05 -63.49
C VAL IB 170 -59.94 -6.09 -64.04
N VAL IB 171 -59.18 -5.49 -63.13
CA VAL IB 171 -58.19 -4.48 -63.49
C VAL IB 171 -56.76 -4.93 -63.27
N GLY IB 172 -56.56 -6.16 -62.80
CA GLY IB 172 -55.20 -6.63 -62.59
C GLY IB 172 -55.19 -8.01 -61.95
N GLN IB 173 -53.98 -8.51 -61.75
CA GLN IB 173 -53.74 -9.81 -61.14
C GLN IB 173 -52.45 -9.74 -60.35
N LEU IB 174 -52.55 -9.84 -59.02
CA LEU IB 174 -51.39 -9.80 -58.15
C LEU IB 174 -50.67 -11.14 -58.18
N THR IB 175 -49.35 -11.09 -58.16
CA THR IB 175 -48.51 -12.28 -58.11
C THR IB 175 -47.56 -12.16 -56.94
N ILE IB 176 -47.35 -13.26 -56.23
CA ILE IB 176 -46.44 -13.30 -55.09
C ILE IB 176 -45.30 -14.24 -55.44
N THR IB 177 -44.13 -13.94 -54.88
CA THR IB 177 -42.92 -14.72 -55.11
C THR IB 177 -42.47 -15.36 -53.81
N ASP IB 178 -42.27 -16.68 -53.84
CA ASP IB 178 -41.78 -17.41 -52.68
C ASP IB 178 -40.29 -17.69 -52.84
N PHE IB 179 -39.64 -17.93 -51.70
CA PHE IB 179 -38.22 -18.24 -51.68
C PHE IB 179 -38.00 -19.54 -50.93
N VAL IB 180 -37.06 -20.35 -51.41
CA VAL IB 180 -36.74 -21.61 -50.75
C VAL IB 180 -36.21 -21.34 -49.35
N ASN IB 181 -35.36 -20.31 -49.20
CA ASN IB 181 -34.78 -19.94 -47.92
C ASN IB 181 -35.04 -18.46 -47.69
N PRO IB 182 -36.25 -18.11 -47.21
CA PRO IB 182 -36.55 -16.70 -46.93
C PRO IB 182 -35.63 -16.08 -45.89
N GLY IB 183 -35.07 -16.88 -44.98
CA GLY IB 183 -34.12 -16.38 -44.02
C GLY IB 183 -32.82 -15.93 -44.63
N GLY IB 184 -32.53 -16.35 -45.87
CA GLY IB 184 -31.34 -15.95 -46.57
C GLY IB 184 -31.43 -14.63 -47.29
N LEU IB 185 -32.58 -13.96 -47.23
CA LEU IB 185 -32.74 -12.66 -47.84
C LEU IB 185 -31.96 -11.60 -47.06
N GLU IB 186 -31.67 -10.50 -47.73
CA GLU IB 186 -30.98 -9.39 -47.09
C GLU IB 186 -32.00 -8.33 -46.72
N PRO IB 187 -32.32 -8.14 -45.44
CA PRO IB 187 -33.27 -7.09 -45.06
C PRO IB 187 -32.66 -5.71 -45.27
N ILE IB 188 -33.26 -4.93 -46.16
CA ILE IB 188 -32.76 -3.60 -46.48
C ILE IB 188 -33.58 -2.52 -45.77
N GLY IB 189 -34.39 -2.90 -44.78
CA GLY IB 189 -35.25 -1.96 -44.11
C GLY IB 189 -36.50 -1.65 -44.91
N GLN IB 190 -37.35 -0.81 -44.33
CA GLN IB 190 -38.61 -0.41 -44.95
C GLN IB 190 -39.51 -1.60 -45.23
N ASN IB 191 -39.41 -2.64 -44.39
CA ASN IB 191 -40.17 -3.88 -44.57
C ASN IB 191 -39.91 -4.49 -45.94
N LEU IB 192 -38.66 -4.45 -46.39
CA LEU IB 192 -38.28 -4.92 -47.71
C LEU IB 192 -37.09 -5.86 -47.62
N TYR IB 193 -37.02 -6.80 -48.57
CA TYR IB 193 -35.94 -7.77 -48.66
C TYR IB 193 -35.33 -7.75 -50.05
N LEU IB 194 -34.10 -8.22 -50.16
CA LEU IB 194 -33.44 -8.37 -51.43
C LEU IB 194 -32.91 -9.79 -51.58
N PRO IB 195 -33.04 -10.41 -52.75
CA PRO IB 195 -32.53 -11.76 -52.95
C PRO IB 195 -31.02 -11.82 -52.84
N THR IB 196 -30.52 -12.95 -52.34
CA THR IB 196 -29.09 -13.16 -52.17
C THR IB 196 -28.67 -14.51 -52.75
N GLY IB 197 -27.42 -14.90 -52.51
CA GLY IB 197 -26.95 -16.18 -53.02
C GLY IB 197 -27.64 -17.37 -52.39
N ALA IB 198 -27.81 -17.35 -51.06
CA ALA IB 198 -28.46 -18.43 -50.35
C ALA IB 198 -29.96 -18.25 -50.23
N SER IB 199 -30.50 -17.12 -50.67
CA SER IB 199 -31.93 -16.91 -50.64
C SER IB 199 -32.66 -17.88 -51.54
N GLY IB 200 -32.12 -18.12 -52.73
CA GLY IB 200 -32.73 -18.98 -53.72
C GLY IB 200 -33.31 -18.18 -54.87
N ASP IB 201 -33.59 -18.90 -55.95
CA ASP IB 201 -34.15 -18.27 -57.14
C ASP IB 201 -35.59 -17.85 -56.86
N PRO IB 202 -35.96 -16.60 -57.16
CA PRO IB 202 -37.34 -16.15 -56.91
C PRO IB 202 -38.32 -16.88 -57.83
N GLN IB 203 -39.17 -17.70 -57.23
CA GLN IB 203 -40.20 -18.43 -57.96
C GLN IB 203 -41.52 -17.68 -57.82
N GLU IB 204 -42.03 -17.18 -58.95
CA GLU IB 204 -43.26 -16.40 -58.98
C GLU IB 204 -44.41 -17.26 -59.48
N GLY IB 205 -45.62 -16.88 -59.09
CA GLY IB 205 -46.80 -17.59 -59.53
C GLY IB 205 -48.04 -16.96 -58.95
N VAL IB 206 -49.17 -17.59 -59.26
CA VAL IB 206 -50.46 -17.10 -58.74
C VAL IB 206 -50.52 -17.34 -57.25
N PRO IB 207 -51.09 -16.43 -56.46
CA PRO IB 207 -51.05 -16.55 -55.01
C PRO IB 207 -52.00 -17.61 -54.46
N GLY IB 208 -51.55 -18.85 -54.40
CA GLY IB 208 -52.36 -19.93 -53.86
C GLY IB 208 -52.13 -21.28 -54.48
N LEU IB 209 -51.33 -21.34 -55.54
CA LEU IB 209 -51.00 -22.58 -56.21
C LEU IB 209 -49.52 -22.90 -56.06
N ASP IB 210 -49.20 -24.19 -56.11
CA ASP IB 210 -47.83 -24.69 -56.00
C ASP IB 210 -47.17 -24.25 -54.69
N GLY IB 211 -47.93 -24.35 -53.60
CA GLY IB 211 -47.41 -24.03 -52.29
C GLY IB 211 -47.43 -22.57 -51.93
N LEU IB 212 -47.83 -21.69 -52.84
CA LEU IB 212 -47.88 -20.27 -52.55
C LEU IB 212 -49.04 -19.94 -51.61
N GLY IB 213 -48.90 -18.86 -50.86
CA GLY IB 213 -49.91 -18.47 -49.91
C GLY IB 213 -51.08 -17.75 -50.57
N GLU IB 214 -52.16 -17.64 -49.81
CA GLU IB 214 -53.39 -17.01 -50.29
C GLU IB 214 -53.46 -15.57 -49.81
N ILE IB 215 -54.09 -14.72 -50.62
CA ILE IB 215 -54.19 -13.30 -50.33
C ILE IB 215 -55.52 -13.04 -49.61
N ARG IB 216 -55.45 -12.50 -48.41
CA ARG IB 216 -56.62 -12.16 -47.61
C ARG IB 216 -56.78 -10.65 -47.60
N GLN IB 217 -57.82 -10.17 -48.27
CA GLN IB 217 -58.08 -8.74 -48.33
C GLN IB 217 -58.55 -8.24 -46.97
N SER IB 218 -58.24 -6.97 -46.69
CA SER IB 218 -58.67 -6.30 -45.46
C SER IB 218 -58.19 -7.05 -44.22
N MET IB 219 -56.95 -7.53 -44.26
CA MET IB 219 -56.37 -8.25 -43.15
C MET IB 219 -54.87 -8.02 -43.15
N LEU IB 220 -54.29 -7.90 -41.97
CA LEU IB 220 -52.88 -7.59 -41.81
C LEU IB 220 -52.19 -8.70 -41.04
N GLU IB 221 -50.87 -8.79 -41.21
CA GLU IB 221 -50.05 -9.81 -40.58
C GLU IB 221 -49.21 -9.15 -39.49
N ALA IB 222 -49.50 -9.49 -38.24
CA ALA IB 222 -48.80 -8.89 -37.12
C ALA IB 222 -47.38 -9.44 -37.01
N SER IB 223 -46.55 -8.72 -36.26
CA SER IB 223 -45.20 -9.19 -35.99
C SER IB 223 -45.23 -10.44 -35.12
N ASN IB 224 -44.26 -11.33 -35.35
CA ASN IB 224 -44.21 -12.62 -34.68
C ASN IB 224 -43.29 -12.62 -33.48
N VAL IB 225 -42.82 -11.45 -33.04
CA VAL IB 225 -41.93 -11.40 -31.88
C VAL IB 225 -42.68 -11.87 -30.64
N ASN IB 226 -41.97 -12.57 -29.77
CA ASN IB 226 -42.51 -13.04 -28.50
C ASN IB 226 -41.96 -12.13 -27.42
N VAL IB 227 -42.81 -11.25 -26.89
CA VAL IB 227 -42.36 -10.29 -25.90
C VAL IB 227 -41.88 -10.99 -24.64
N THR IB 228 -42.43 -12.18 -24.36
CA THR IB 228 -41.96 -12.96 -23.21
C THR IB 228 -40.53 -13.46 -23.44
N GLU IB 229 -40.26 -13.99 -24.64
CA GLU IB 229 -38.94 -14.54 -24.91
C GLU IB 229 -37.86 -13.47 -24.87
N GLU IB 230 -38.13 -12.30 -25.46
CA GLU IB 230 -37.11 -11.26 -25.54
C GLU IB 230 -36.75 -10.73 -24.16
N LEU IB 231 -37.73 -10.60 -23.27
CA LEU IB 231 -37.45 -10.08 -21.94
C LEU IB 231 -36.66 -11.08 -21.11
N VAL IB 232 -36.98 -12.37 -21.22
CA VAL IB 232 -36.21 -13.38 -20.50
C VAL IB 232 -34.82 -13.53 -21.11
N ASN IB 233 -34.73 -13.44 -22.45
CA ASN IB 233 -33.41 -13.44 -23.08
C ASN IB 233 -32.61 -12.23 -22.67
N MET IB 234 -33.28 -11.10 -22.40
CA MET IB 234 -32.58 -9.93 -21.89
C MET IB 234 -32.00 -10.20 -20.50
N ILE IB 235 -32.70 -11.00 -19.70
CA ILE IB 235 -32.19 -11.36 -18.38
C ILE IB 235 -30.94 -12.21 -18.51
N GLU IB 236 -30.98 -13.23 -19.36
CA GLU IB 236 -29.83 -14.09 -19.56
C GLU IB 236 -28.64 -13.33 -20.13
N ALA IB 237 -28.89 -12.46 -21.12
CA ALA IB 237 -27.80 -11.73 -21.76
C ALA IB 237 -27.14 -10.76 -20.80
N GLN IB 238 -27.94 -10.09 -19.96
CA GLN IB 238 -27.39 -9.12 -19.02
C GLN IB 238 -26.49 -9.79 -17.99
N ARG IB 239 -26.92 -10.93 -17.45
CA ARG IB 239 -26.15 -11.58 -16.40
C ARG IB 239 -24.84 -12.16 -16.94
N VAL IB 240 -24.89 -12.80 -18.11
CA VAL IB 240 -23.67 -13.35 -18.71
C VAL IB 240 -22.72 -12.22 -19.07
N TYR IB 241 -23.25 -11.09 -19.51
CA TYR IB 241 -22.42 -9.93 -19.82
C TYR IB 241 -21.68 -9.45 -18.57
N GLU IB 242 -22.38 -9.41 -17.43
CA GLU IB 242 -21.75 -8.96 -16.19
C GLU IB 242 -20.72 -9.97 -15.69
N MET IB 243 -21.00 -11.26 -15.86
CA MET IB 243 -20.07 -12.28 -15.38
C MET IB 243 -18.78 -12.29 -16.20
N ASN IB 244 -18.87 -12.02 -17.51
CA ASN IB 244 -17.66 -11.92 -18.30
C ASN IB 244 -16.84 -10.70 -17.92
N SER IB 245 -17.49 -9.67 -17.37
CA SER IB 245 -16.75 -8.53 -16.84
C SER IB 245 -16.06 -8.86 -15.53
N LYS IB 246 -16.59 -9.84 -14.79
CA LYS IB 246 -15.96 -10.27 -13.55
C LYS IB 246 -14.59 -10.89 -13.81
N VAL IB 247 -14.47 -11.68 -14.88
CA VAL IB 247 -13.18 -12.29 -15.22
C VAL IB 247 -12.18 -11.22 -15.59
N ILE IB 248 -12.58 -10.24 -16.41
CA ILE IB 248 -11.67 -9.17 -16.81
C ILE IB 248 -11.30 -8.31 -15.60
N SER IB 249 -12.25 -8.08 -14.70
CA SER IB 249 -11.93 -7.36 -13.47
C SER IB 249 -10.95 -8.13 -12.61
N SER IB 250 -11.13 -9.45 -12.51
CA SER IB 250 -10.19 -10.27 -11.74
C SER IB 250 -8.81 -10.29 -12.37
N VAL IB 251 -8.74 -10.40 -13.71
CA VAL IB 251 -7.45 -10.40 -14.39
C VAL IB 251 -6.74 -9.07 -14.18
N ASP IB 252 -7.48 -7.97 -14.19
CA ASP IB 252 -6.88 -6.66 -13.93
C ASP IB 252 -6.29 -6.60 -12.52
N LYS IB 253 -6.99 -7.15 -11.54
CA LYS IB 253 -6.46 -7.18 -10.18
C LYS IB 253 -5.24 -8.10 -10.09
N MET IB 254 -5.25 -9.21 -10.83
CA MET IB 254 -4.10 -10.11 -10.82
C MET IB 254 -2.84 -9.43 -11.34
N MET IB 255 -2.97 -8.68 -12.44
CA MET IB 255 -1.80 -8.00 -12.99
C MET IB 255 -1.35 -6.86 -12.09
N SER IB 256 -2.29 -6.19 -11.43
CA SER IB 256 -1.91 -5.16 -10.47
C SER IB 256 -1.15 -5.75 -9.30
N PHE IB 257 -1.56 -6.93 -8.83
CA PHE IB 257 -0.85 -7.59 -7.75
C PHE IB 257 0.56 -7.98 -8.17
N VAL IB 258 0.71 -8.49 -9.39
CA VAL IB 258 2.02 -8.92 -9.87
C VAL IB 258 2.95 -7.73 -10.05
N ASN IB 259 2.42 -6.61 -10.51
CA ASN IB 259 3.25 -5.42 -10.71
C ASN IB 259 3.84 -4.93 -9.38
N GLN IB 260 3.04 -4.92 -8.32
CA GLN IB 260 3.52 -4.46 -7.03
C GLN IB 260 4.41 -5.50 -6.34
N GLN IB 261 4.17 -6.79 -6.58
CA GLN IB 261 4.89 -7.86 -5.90
C GLN IB 261 6.13 -8.31 -6.67
N LEU IB 262 5.95 -8.71 -7.92
CA LEU IB 262 7.05 -9.23 -8.72
C LEU IB 262 7.94 -8.12 -9.27
N MET JB 1 0.25 16.61 -18.99
CA MET JB 1 1.32 15.68 -18.66
C MET JB 1 1.24 14.42 -19.52
N HIS JB 2 0.03 14.06 -19.94
CA HIS JB 2 -0.21 12.86 -20.72
C HIS JB 2 -1.24 13.18 -21.78
N PRO JB 3 -1.03 12.72 -23.02
CA PRO JB 3 -2.01 13.02 -24.09
C PRO JB 3 -3.42 12.54 -23.78
N ALA JB 4 -3.56 11.38 -23.12
CA ALA JB 4 -4.89 10.88 -22.79
C ALA JB 4 -5.59 11.77 -21.77
N LEU JB 5 -4.83 12.40 -20.87
CA LEU JB 5 -5.43 13.28 -19.87
C LEU JB 5 -6.11 14.47 -20.53
N TRP JB 6 -5.48 15.05 -21.55
CA TRP JB 6 -6.05 16.22 -22.20
C TRP JB 6 -7.21 15.83 -23.10
N VAL JB 7 -7.12 14.68 -23.77
CA VAL JB 7 -8.21 14.24 -24.64
C VAL JB 7 -9.47 13.96 -23.83
N SER JB 8 -9.33 13.29 -22.69
CA SER JB 8 -10.51 12.96 -21.88
C SER JB 8 -11.06 14.19 -21.16
N LYS JB 9 -10.22 15.19 -20.90
CA LYS JB 9 -10.72 16.43 -20.32
C LYS JB 9 -11.71 17.12 -21.26
N THR JB 10 -11.42 17.11 -22.56
CA THR JB 10 -12.36 17.64 -23.54
C THR JB 10 -13.64 16.82 -23.57
N GLY JB 11 -13.53 15.51 -23.38
CA GLY JB 11 -14.72 14.68 -23.34
C GLY JB 11 -15.60 14.98 -22.13
N LEU JB 12 -14.98 15.22 -20.97
CA LEU JB 12 -15.74 15.58 -19.79
C LEU JB 12 -16.45 16.92 -19.97
N ASP JB 13 -15.75 17.90 -20.54
CA ASP JB 13 -16.35 19.22 -20.73
C ASP JB 13 -17.50 19.16 -21.74
N ALA JB 14 -17.34 18.34 -22.78
CA ALA JB 14 -18.41 18.19 -23.78
C ALA JB 14 -19.66 17.58 -23.16
N GLN JB 15 -19.50 16.59 -22.29
CA GLN JB 15 -20.66 15.96 -21.68
C GLN JB 15 -21.35 16.89 -20.69
N GLN JB 16 -20.57 17.72 -19.98
CA GLN JB 16 -21.17 18.70 -19.08
C GLN JB 16 -22.00 19.72 -19.86
N THR JB 17 -21.51 20.13 -21.04
CA THR JB 17 -22.31 20.97 -21.92
C THR JB 17 -23.56 20.24 -22.39
N ASN JB 18 -23.43 18.94 -22.68
CA ASN JB 18 -24.58 18.16 -23.12
C ASN JB 18 -25.62 18.04 -22.03
N ILE JB 19 -25.20 17.81 -20.79
CA ILE JB 19 -26.14 17.65 -19.69
C ILE JB 19 -26.86 18.96 -19.39
N ALA JB 20 -26.12 20.07 -19.39
CA ALA JB 20 -26.74 21.37 -19.14
C ALA JB 20 -27.79 21.70 -20.20
N THR JB 21 -27.56 21.23 -21.43
CA THR JB 21 -28.57 21.38 -22.48
C THR JB 21 -29.78 20.49 -22.20
N ILE JB 22 -29.54 19.26 -21.75
CA ILE JB 22 -30.63 18.35 -21.41
C ILE JB 22 -31.41 18.88 -20.21
N SER JB 23 -30.70 19.40 -19.21
CA SER JB 23 -31.36 19.88 -18.00
C SER JB 23 -32.26 21.07 -18.29
N ASN JB 24 -31.84 21.95 -19.20
CA ASN JB 24 -32.64 23.13 -19.53
C ASN JB 24 -33.97 22.74 -20.16
N ASN JB 25 -33.97 21.74 -21.04
CA ASN JB 25 -35.21 21.31 -21.67
C ASN JB 25 -36.19 20.74 -20.65
N LEU JB 26 -35.69 19.92 -19.71
CA LEU JB 26 -36.56 19.38 -18.68
C LEU JB 26 -37.07 20.45 -17.73
N ALA JB 27 -36.24 21.47 -17.45
CA ALA JB 27 -36.71 22.59 -16.65
C ALA JB 27 -37.83 23.34 -17.36
N ASN JB 28 -37.69 23.57 -18.66
CA ASN JB 28 -38.72 24.21 -19.47
C ASN JB 28 -39.64 23.18 -20.13
N ALA JB 29 -40.18 22.26 -19.33
CA ALA JB 29 -41.09 21.26 -19.86
C ALA JB 29 -42.54 21.75 -19.89
N SER JB 30 -42.84 22.88 -19.27
CA SER JB 30 -44.19 23.44 -19.28
C SER JB 30 -44.25 24.85 -19.85
N THR JB 31 -43.12 25.39 -20.31
CA THR JB 31 -43.11 26.73 -20.87
C THR JB 31 -43.86 26.76 -22.19
N VAL JB 32 -44.61 27.85 -22.41
CA VAL JB 32 -45.38 28.01 -23.63
C VAL JB 32 -44.50 28.58 -24.73
N GLY JB 33 -44.51 27.93 -25.89
CA GLY JB 33 -43.70 28.36 -27.01
C GLY JB 33 -42.20 28.23 -26.80
N TYR JB 34 -41.78 27.18 -26.08
CA TYR JB 34 -40.37 26.92 -25.85
C TYR JB 34 -39.91 25.81 -26.79
N LYS JB 35 -38.77 26.02 -27.44
CA LYS JB 35 -38.21 25.07 -28.38
C LYS JB 35 -37.04 24.34 -27.74
N LYS JB 36 -37.06 23.01 -27.82
CA LYS JB 36 -36.02 22.20 -27.20
C LYS JB 36 -34.69 22.39 -27.93
N SER JB 37 -33.62 21.96 -27.27
CA SER JB 37 -32.27 22.16 -27.77
C SER JB 37 -31.55 20.82 -27.88
N ARG JB 38 -30.65 20.74 -28.87
CA ARG JB 38 -29.85 19.54 -29.09
C ARG JB 38 -28.38 19.97 -29.22
N ALA JB 39 -27.51 19.28 -28.48
CA ALA JB 39 -26.09 19.58 -28.53
C ALA JB 39 -25.43 18.90 -29.71
N VAL JB 40 -24.59 19.65 -30.43
CA VAL JB 40 -23.90 19.15 -31.61
C VAL JB 40 -22.44 18.90 -31.24
N PHE JB 41 -22.02 17.65 -31.34
CA PHE JB 41 -20.64 17.26 -31.05
C PHE JB 41 -19.84 17.20 -32.34
N GLU JB 42 -18.54 17.46 -32.22
CA GLU JB 42 -17.62 17.31 -33.33
C GLU JB 42 -16.21 17.13 -32.80
N ASP JB 43 -15.45 16.25 -33.44
CA ASP JB 43 -14.09 15.96 -33.01
C ASP JB 43 -13.18 17.13 -33.30
N LEU JB 44 -12.12 17.25 -32.49
CA LEU JB 44 -11.13 18.30 -32.67
C LEU JB 44 -10.12 17.89 -33.74
N PHE JB 45 -9.07 18.68 -33.92
CA PHE JB 45 -8.09 18.42 -34.95
C PHE JB 45 -7.33 17.13 -34.66
N TYR JB 46 -6.81 16.51 -35.72
CA TYR JB 46 -6.00 15.31 -35.63
C TYR JB 46 -4.54 15.65 -35.89
N GLN JB 47 -3.68 15.31 -34.96
CA GLN JB 47 -2.25 15.56 -35.14
C GLN JB 47 -1.70 14.62 -36.20
N ASN JB 48 -0.98 15.19 -37.16
CA ASN JB 48 -0.50 14.45 -38.34
C ASN JB 48 0.92 13.99 -38.07
N ILE JB 49 1.07 12.72 -37.69
CA ILE JB 49 2.40 12.14 -37.53
C ILE JB 49 2.89 11.56 -38.85
N ASN JB 50 2.16 10.59 -39.40
CA ASN JB 50 2.43 10.03 -40.71
C ASN JB 50 1.28 10.39 -41.64
N GLN JB 51 1.59 11.01 -42.77
CA GLN JB 51 0.57 11.46 -43.69
C GLN JB 51 -0.13 10.28 -44.34
N PRO JB 52 -1.46 10.20 -44.30
CA PRO JB 52 -2.16 9.19 -45.10
C PRO JB 52 -2.05 9.52 -46.58
N GLY JB 53 -1.59 8.54 -47.36
CA GLY JB 53 -1.28 8.78 -48.76
C GLY JB 53 0.15 9.15 -49.04
N GLY JB 54 0.96 9.38 -48.00
CA GLY JB 54 2.37 9.62 -48.22
C GLY JB 54 3.05 8.40 -48.83
N GLN JB 55 4.07 8.66 -49.63
CA GLN JB 55 4.69 7.60 -50.41
C GLN JB 55 5.63 6.77 -49.53
N SER JB 56 5.30 5.50 -49.36
CA SER JB 56 6.17 4.54 -48.69
C SER JB 56 7.05 3.86 -49.73
N SER JB 57 8.36 4.04 -49.61
CA SER JB 57 9.31 3.55 -50.60
C SER JB 57 8.96 4.04 -52.00
N GLN JB 58 8.72 3.12 -52.93
CA GLN JB 58 8.38 3.46 -54.31
C GLN JB 58 7.22 2.61 -54.78
N ASN JB 59 6.33 3.21 -55.57
CA ASN JB 59 5.14 2.55 -56.09
C ASN JB 59 4.24 2.06 -54.96
N THR JB 60 4.34 2.70 -53.80
CA THR JB 60 3.57 2.31 -52.62
C THR JB 60 3.34 3.55 -51.77
N GLU JB 61 2.14 3.67 -51.22
CA GLU JB 61 1.78 4.80 -50.38
C GLU JB 61 1.06 4.30 -49.14
N LEU JB 62 1.20 5.06 -48.05
CA LEU JB 62 0.57 4.73 -46.79
C LEU JB 62 -0.95 4.71 -46.95
N PRO JB 63 -1.58 3.53 -46.89
CA PRO JB 63 -3.04 3.49 -47.01
C PRO JB 63 -3.75 4.24 -45.91
N SER JB 64 -3.19 4.25 -44.71
CA SER JB 64 -3.69 5.05 -43.61
C SER JB 64 -2.50 5.60 -42.83
N GLY JB 65 -2.68 6.79 -42.28
CA GLY JB 65 -1.62 7.45 -41.54
C GLY JB 65 -1.83 7.36 -40.04
N LEU JB 66 -0.81 7.83 -39.31
CA LEU JB 66 -0.86 7.89 -37.85
C LEU JB 66 -1.36 9.29 -37.48
N MET JB 67 -2.68 9.44 -37.43
CA MET JB 67 -3.31 10.71 -37.13
C MET JB 67 -4.04 10.57 -35.80
N LEU JB 68 -3.52 11.24 -34.77
CA LEU JB 68 -4.06 11.16 -33.42
C LEU JB 68 -5.01 12.33 -33.17
N GLY JB 69 -6.21 12.02 -32.70
CA GLY JB 69 -7.19 13.04 -32.41
C GLY JB 69 -6.86 13.82 -31.15
N ALA JB 70 -7.63 14.89 -30.94
CA ALA JB 70 -7.44 15.76 -29.78
C ALA JB 70 -8.66 15.81 -28.88
N GLY JB 71 -9.63 14.92 -29.08
CA GLY JB 71 -10.80 14.86 -28.24
C GLY JB 71 -12.06 15.26 -28.99
N SER JB 72 -13.01 15.82 -28.25
CA SER JB 72 -14.28 16.25 -28.82
C SER JB 72 -14.80 17.45 -28.03
N LYS JB 73 -15.76 18.15 -28.63
CA LYS JB 73 -16.37 19.31 -27.99
C LYS JB 73 -17.77 19.51 -28.55
N VAL JB 74 -18.59 20.23 -27.80
CA VAL JB 74 -19.89 20.67 -28.27
C VAL JB 74 -19.71 22.00 -28.97
N VAL JB 75 -20.01 22.05 -30.27
CA VAL JB 75 -19.72 23.22 -31.08
C VAL JB 75 -20.96 24.08 -31.23
N ALA JB 76 -22.14 23.47 -31.17
CA ALA JB 76 -23.37 24.21 -31.39
C ALA JB 76 -24.50 23.59 -30.57
N THR JB 77 -25.52 24.41 -30.33
CA THR JB 77 -26.76 23.98 -29.66
C THR JB 77 -27.91 24.35 -30.58
N GLN JB 78 -28.52 23.34 -31.19
CA GLN JB 78 -29.54 23.58 -32.22
C GLN JB 78 -30.93 23.65 -31.59
N LYS JB 79 -31.61 24.77 -31.84
CA LYS JB 79 -33.01 24.92 -31.44
C LYS JB 79 -33.89 24.24 -32.47
N VAL JB 80 -34.66 23.25 -32.04
CA VAL JB 80 -35.55 22.50 -32.93
C VAL JB 80 -36.86 23.28 -32.99
N HIS JB 81 -37.00 24.12 -34.01
CA HIS JB 81 -38.17 24.98 -34.15
C HIS JB 81 -39.31 24.30 -34.89
N THR JB 82 -39.79 23.19 -34.33
CA THR JB 82 -40.97 22.53 -34.86
C THR JB 82 -42.20 22.93 -34.05
N HIS JB 83 -43.37 22.86 -34.67
CA HIS JB 83 -44.59 23.30 -34.03
C HIS JB 83 -44.96 22.40 -32.87
N GLY JB 84 -45.42 23.01 -31.78
CA GLY JB 84 -45.87 22.26 -30.62
C GLY JB 84 -47.37 22.05 -30.61
N ASN JB 85 -47.83 21.33 -29.59
CA ASN JB 85 -49.26 21.08 -29.44
C ASN JB 85 -49.98 22.34 -29.03
N ALA JB 86 -51.31 22.30 -29.12
CA ALA JB 86 -52.17 23.45 -28.82
C ALA JB 86 -52.89 23.21 -27.50
N GLN JB 87 -52.93 24.24 -26.66
CA GLN JB 87 -53.65 24.20 -25.39
C GLN JB 87 -54.90 25.05 -25.51
N THR JB 88 -56.05 24.45 -25.21
CA THR JB 88 -57.34 25.13 -25.30
C THR JB 88 -57.65 25.79 -23.95
N THR JB 89 -57.71 27.12 -23.95
CA THR JB 89 -57.96 27.88 -22.74
C THR JB 89 -59.18 28.77 -22.95
N THR JB 90 -59.78 29.17 -21.83
CA THR JB 90 -60.95 30.04 -21.87
C THR JB 90 -60.61 31.51 -21.97
N ASN JB 91 -59.35 31.88 -21.77
CA ASN JB 91 -58.94 33.28 -21.86
C ASN JB 91 -59.05 33.77 -23.30
N ALA JB 92 -59.43 35.04 -23.46
CA ALA JB 92 -59.53 35.64 -24.78
C ALA JB 92 -58.30 36.44 -25.17
N LEU JB 93 -57.36 36.65 -24.25
CA LEU JB 93 -56.19 37.47 -24.53
C LEU JB 93 -54.93 36.66 -24.82
N ASP JB 94 -55.03 35.34 -24.90
CA ASP JB 94 -53.89 34.49 -25.23
C ASP JB 94 -54.06 33.95 -26.65
N MET JB 95 -52.98 34.03 -27.42
CA MET JB 95 -53.02 33.66 -28.82
C MET JB 95 -51.89 32.69 -29.16
N MET JB 96 -52.00 32.07 -30.33
CA MET JB 96 -51.03 31.12 -30.83
C MET JB 96 -50.86 31.32 -32.32
N VAL JB 97 -49.65 31.04 -32.81
CA VAL JB 97 -49.34 31.12 -34.24
C VAL JB 97 -49.42 29.71 -34.81
N GLU JB 98 -50.36 29.50 -35.73
CA GLU JB 98 -50.56 28.21 -36.38
C GLU JB 98 -49.69 28.20 -37.63
N GLY JB 99 -48.42 27.85 -37.47
CA GLY JB 99 -47.45 27.90 -38.55
C GLY JB 99 -46.25 28.74 -38.17
N ASP JB 100 -45.44 29.04 -39.19
CA ASP JB 100 -44.23 29.83 -38.98
C ASP JB 100 -44.59 31.27 -38.63
N GLY JB 101 -43.80 31.86 -37.75
CA GLY JB 101 -43.97 33.24 -37.37
C GLY JB 101 -43.69 33.46 -35.89
N PHE JB 102 -43.42 34.71 -35.53
CA PHE JB 102 -43.18 35.11 -34.15
C PHE JB 102 -43.96 36.37 -33.84
N PHE JB 103 -44.43 36.49 -32.60
CA PHE JB 103 -44.95 37.77 -32.14
C PHE JB 103 -43.80 38.72 -31.85
N GLN JB 104 -44.02 39.99 -32.13
CA GLN JB 104 -43.00 41.02 -31.94
C GLN JB 104 -43.40 41.96 -30.82
N VAL JB 105 -42.51 42.13 -29.85
CA VAL JB 105 -42.75 42.98 -28.69
C VAL JB 105 -41.64 44.03 -28.63
N THR JB 106 -41.95 45.14 -27.97
CA THR JB 106 -41.03 46.27 -27.86
C THR JB 106 -40.27 46.17 -26.54
N LEU JB 107 -38.96 45.90 -26.63
CA LEU JB 107 -38.14 45.80 -25.45
C LEU JB 107 -37.91 47.18 -24.83
N PRO JB 108 -37.56 47.24 -23.55
CA PRO JB 108 -37.35 48.55 -22.91
C PRO JB 108 -36.26 49.38 -23.58
N ASP JB 109 -35.20 48.75 -24.11
CA ASP JB 109 -34.16 49.50 -24.77
C ASP JB 109 -34.64 50.10 -26.10
N GLY JB 110 -35.70 49.54 -26.68
CA GLY JB 110 -36.24 50.07 -27.91
C GLY JB 110 -36.30 49.05 -29.03
N ASN JB 111 -35.43 48.04 -28.98
CA ASN JB 111 -35.41 47.02 -30.02
C ASN JB 111 -36.62 46.10 -29.90
N ILE JB 112 -36.83 45.31 -30.94
CA ILE JB 112 -37.97 44.40 -31.03
C ILE JB 112 -37.48 42.97 -30.81
N GLY JB 113 -38.05 42.31 -29.81
CA GLY JB 113 -37.78 40.91 -29.56
C GLY JB 113 -38.93 40.05 -30.06
N TYR JB 114 -38.59 38.90 -30.61
CA TYR JB 114 -39.56 38.03 -31.26
C TYR JB 114 -39.87 36.85 -30.34
N THR JB 115 -41.16 36.63 -30.09
CA THR JB 115 -41.60 35.62 -29.13
C THR JB 115 -42.62 34.70 -29.78
N ARG JB 116 -42.56 33.42 -29.40
CA ARG JB 116 -43.60 32.46 -29.72
C ARG JB 116 -44.61 32.30 -28.59
N ASN JB 117 -44.37 32.95 -27.46
CA ASN JB 117 -45.29 32.88 -26.33
C ASN JB 117 -46.40 33.91 -26.51
N GLY JB 118 -47.65 33.42 -26.62
CA GLY JB 118 -48.78 34.28 -26.86
C GLY JB 118 -49.63 34.61 -25.64
N GLN JB 119 -49.15 34.34 -24.44
CA GLN JB 119 -49.89 34.68 -23.22
C GLN JB 119 -49.80 36.18 -23.00
N PHE JB 120 -50.84 36.90 -23.41
CA PHE JB 120 -50.89 38.34 -23.32
C PHE JB 120 -51.91 38.78 -22.27
N THR JB 121 -51.88 40.07 -21.97
CA THR JB 121 -52.81 40.69 -21.03
C THR JB 121 -52.90 42.17 -21.36
N LEU JB 122 -53.46 42.95 -20.46
CA LEU JB 122 -53.62 44.39 -20.64
C LEU JB 122 -52.91 45.13 -19.51
N ASN JB 123 -52.41 46.32 -19.82
CA ASN JB 123 -51.84 47.19 -18.81
C ASN JB 123 -52.93 48.14 -18.31
N GLY JB 124 -52.54 49.15 -17.53
CA GLY JB 124 -53.52 50.13 -17.07
C GLY JB 124 -54.15 50.93 -18.19
N GLU JB 125 -53.39 51.18 -19.26
CA GLU JB 125 -53.89 51.97 -20.39
C GLU JB 125 -54.64 51.13 -21.42
N GLY JB 126 -54.77 49.82 -21.19
CA GLY JB 126 -55.46 48.95 -22.12
C GLY JB 126 -54.62 48.39 -23.24
N THR JB 127 -53.34 48.73 -23.31
CA THR JB 127 -52.48 48.20 -24.36
C THR JB 127 -52.24 46.71 -24.15
N LEU JB 128 -52.28 45.96 -25.25
CA LEU JB 128 -52.01 44.53 -25.20
C LEU JB 128 -50.53 44.30 -24.93
N VAL JB 129 -50.21 43.80 -23.74
CA VAL JB 129 -48.83 43.59 -23.32
C VAL JB 129 -48.64 42.12 -22.97
N THR JB 130 -47.37 41.73 -22.83
CA THR JB 130 -47.05 40.37 -22.42
C THR JB 130 -47.46 40.14 -20.97
N SER JB 131 -47.81 38.89 -20.66
CA SER JB 131 -48.28 38.53 -19.33
C SER JB 131 -47.16 38.40 -18.31
N GLY JB 132 -45.91 38.55 -18.72
CA GLY JB 132 -44.79 38.44 -17.81
C GLY JB 132 -44.26 39.79 -17.38
N SER JB 133 -43.15 40.21 -17.98
CA SER JB 133 -42.54 41.49 -17.63
C SER JB 133 -43.38 42.68 -18.04
N GLY JB 134 -44.19 42.55 -19.09
CA GLY JB 134 -45.10 43.59 -19.51
C GLY JB 134 -44.65 44.42 -20.69
N TYR JB 135 -44.01 43.82 -21.68
CA TYR JB 135 -43.52 44.56 -22.84
C TYR JB 135 -44.62 44.71 -23.87
N PRO JB 136 -44.89 45.92 -24.37
CA PRO JB 136 -45.98 46.10 -25.34
C PRO JB 136 -45.73 45.32 -26.62
N VAL JB 137 -46.83 44.92 -27.26
CA VAL JB 137 -46.79 44.13 -28.48
C VAL JB 137 -46.89 45.06 -29.67
N GLU JB 138 -46.02 44.85 -30.67
CA GLU JB 138 -46.01 45.61 -31.91
C GLU JB 138 -46.91 44.93 -32.94
N PRO JB 139 -47.83 45.66 -33.59
CA PRO JB 139 -48.19 47.08 -33.38
C PRO JB 139 -49.04 47.24 -32.13
N GLU JB 140 -49.17 48.45 -31.59
CA GLU JB 140 -49.95 48.66 -30.38
C GLU JB 140 -51.40 48.25 -30.60
N ILE JB 141 -51.94 47.48 -29.65
CA ILE JB 141 -53.33 47.03 -29.69
C ILE JB 141 -53.96 47.51 -28.39
N VAL JB 142 -54.73 48.60 -28.46
CA VAL JB 142 -55.37 49.19 -27.29
C VAL JB 142 -56.85 48.83 -27.32
N ILE JB 143 -57.33 48.27 -26.22
CA ILE JB 143 -58.73 47.86 -26.10
C ILE JB 143 -59.51 49.05 -25.53
N PRO JB 144 -60.53 49.55 -26.22
CA PRO JB 144 -61.30 50.67 -25.67
C PRO JB 144 -62.05 50.27 -24.41
N GLU JB 145 -62.27 51.25 -23.54
CA GLU JB 145 -62.89 51.00 -22.25
C GLU JB 145 -64.38 50.66 -22.36
N ASP JB 146 -65.00 50.87 -23.51
CA ASP JB 146 -66.41 50.56 -23.71
C ASP JB 146 -66.63 49.17 -24.30
N ALA JB 147 -65.56 48.43 -24.58
CA ALA JB 147 -65.69 47.11 -25.19
C ALA JB 147 -66.22 46.10 -24.19
N ILE JB 148 -66.98 45.13 -24.70
CA ILE JB 148 -67.51 44.04 -23.89
C ILE JB 148 -66.97 42.68 -24.30
N SER JB 149 -66.33 42.57 -25.46
CA SER JB 149 -65.74 41.33 -25.92
C SER JB 149 -64.68 41.64 -26.97
N ILE JB 150 -63.58 40.90 -26.92
CA ILE JB 150 -62.47 41.08 -27.85
C ILE JB 150 -62.39 39.87 -28.75
N THR JB 151 -62.41 40.09 -30.06
CA THR JB 151 -62.27 39.03 -31.04
C THR JB 151 -61.06 39.33 -31.93
N VAL JB 152 -60.09 38.43 -31.92
CA VAL JB 152 -58.88 38.55 -32.73
C VAL JB 152 -59.02 37.60 -33.91
N GLY JB 153 -58.99 38.17 -35.11
CA GLY JB 153 -59.20 37.37 -36.30
C GLY JB 153 -58.03 36.48 -36.63
N THR JB 154 -58.30 35.50 -37.49
CA THR JB 154 -57.24 34.61 -37.97
C THR JB 154 -56.18 35.38 -38.73
N ASP JB 155 -56.60 36.36 -39.53
CA ASP JB 155 -55.67 37.20 -40.29
C ASP JB 155 -55.09 38.33 -39.46
N GLY JB 156 -55.18 38.25 -38.13
CA GLY JB 156 -54.58 39.23 -37.25
C GLY JB 156 -55.37 40.50 -37.07
N GLU JB 157 -56.57 40.59 -37.62
CA GLU JB 157 -57.41 41.79 -37.48
C GLU JB 157 -58.07 41.76 -36.11
N VAL JB 158 -57.73 42.74 -35.27
CA VAL JB 158 -58.26 42.81 -33.91
C VAL JB 158 -59.54 43.62 -33.94
N SER JB 159 -60.62 43.07 -33.40
CA SER JB 159 -61.92 43.73 -33.34
C SER JB 159 -62.51 43.59 -31.95
N VAL JB 160 -63.33 44.57 -31.57
CA VAL JB 160 -64.05 44.55 -30.30
C VAL JB 160 -65.52 44.80 -30.58
N ARG JB 161 -66.35 44.34 -29.66
CA ARG JB 161 -67.80 44.52 -29.75
C ARG JB 161 -68.27 45.51 -28.69
N VAL JB 162 -69.03 46.52 -29.13
CA VAL JB 162 -69.53 47.58 -28.28
C VAL JB 162 -71.05 47.53 -28.29
N ARG JB 163 -71.66 47.59 -27.12
CA ARG JB 163 -73.12 47.58 -27.04
C ARG JB 163 -73.69 48.82 -27.70
N GLY JB 164 -74.84 48.65 -28.35
CA GLY JB 164 -75.44 49.73 -29.10
C GLY JB 164 -74.90 49.91 -30.51
N GLN JB 165 -74.02 49.02 -30.96
CA GLN JB 165 -73.40 49.14 -32.28
C GLN JB 165 -73.18 47.75 -32.85
N GLN JB 166 -73.84 47.46 -33.97
CA GLN JB 166 -73.57 46.27 -34.74
C GLN JB 166 -72.23 46.43 -35.47
N ASP JB 167 -71.81 45.36 -36.15
CA ASP JB 167 -70.60 45.40 -36.99
C ASP JB 167 -69.37 45.79 -36.16
N ASN JB 168 -68.97 44.83 -35.32
CA ASN JB 168 -67.93 45.00 -34.31
C ASN JB 168 -66.78 45.88 -34.81
N GLN JB 169 -66.34 46.80 -33.94
CA GLN JB 169 -65.37 47.81 -34.30
C GLN JB 169 -63.96 47.23 -34.35
N VAL JB 170 -63.21 47.58 -35.41
CA VAL JB 170 -61.82 47.17 -35.52
C VAL JB 170 -60.93 48.17 -34.79
N VAL JB 171 -59.98 47.66 -34.01
CA VAL JB 171 -59.14 48.48 -33.17
C VAL JB 171 -57.65 48.25 -33.39
N GLY JB 172 -57.28 47.39 -34.32
CA GLY JB 172 -55.87 47.13 -34.55
C GLY JB 172 -55.66 46.07 -35.61
N GLN JB 173 -54.38 45.76 -35.83
CA GLN JB 173 -53.96 44.75 -36.80
C GLN JB 173 -52.66 44.14 -36.33
N LEU JB 174 -52.63 42.81 -36.21
CA LEU JB 174 -51.45 42.08 -35.78
C LEU JB 174 -50.67 41.56 -36.97
N THR JB 175 -49.36 41.77 -36.95
CA THR JB 175 -48.46 41.23 -37.96
C THR JB 175 -47.37 40.43 -37.26
N ILE JB 176 -47.05 39.28 -37.82
CA ILE JB 176 -46.06 38.38 -37.23
C ILE JB 176 -44.86 38.28 -38.16
N THR JB 177 -43.70 38.01 -37.57
CA THR JB 177 -42.43 37.99 -38.27
C THR JB 177 -41.93 36.56 -38.38
N ASP JB 178 -41.42 36.19 -39.55
CA ASP JB 178 -40.83 34.89 -39.79
C ASP JB 178 -39.38 35.06 -40.23
N PHE JB 179 -38.57 34.04 -39.96
CA PHE JB 179 -37.17 34.04 -40.35
C PHE JB 179 -36.86 32.78 -41.15
N VAL JB 180 -35.91 32.92 -42.08
CA VAL JB 180 -35.46 31.77 -42.86
C VAL JB 180 -34.81 30.74 -41.95
N ASN JB 181 -34.08 31.20 -40.95
CA ASN JB 181 -33.39 30.33 -39.99
C ASN JB 181 -33.79 30.74 -38.59
N PRO JB 182 -34.93 30.25 -38.10
CA PRO JB 182 -35.34 30.55 -36.72
C PRO JB 182 -34.39 29.97 -35.68
N GLY JB 183 -33.61 28.96 -36.03
CA GLY JB 183 -32.66 28.39 -35.08
C GLY JB 183 -31.43 29.24 -34.87
N GLY JB 184 -31.25 30.29 -35.66
CA GLY JB 184 -30.14 31.21 -35.49
C GLY JB 184 -30.42 32.42 -34.65
N LEU JB 185 -31.67 32.59 -34.22
CA LEU JB 185 -32.01 33.67 -33.32
C LEU JB 185 -31.33 33.46 -31.97
N GLU JB 186 -30.95 34.57 -31.34
CA GLU JB 186 -30.29 34.50 -30.04
C GLU JB 186 -31.34 34.56 -28.93
N PRO JB 187 -31.49 33.51 -28.13
CA PRO JB 187 -32.42 33.58 -26.99
C PRO JB 187 -31.86 34.49 -25.91
N ILE JB 188 -32.71 35.39 -25.42
CA ILE JB 188 -32.33 36.34 -24.39
C ILE JB 188 -33.14 36.13 -23.11
N GLY JB 189 -33.84 35.01 -23.00
CA GLY JB 189 -34.69 34.76 -21.86
C GLY JB 189 -36.04 35.43 -22.01
N GLN JB 190 -36.91 35.16 -21.03
CA GLN JB 190 -38.27 35.72 -21.00
C GLN JB 190 -39.05 35.36 -22.26
N ASN JB 191 -38.74 34.19 -22.83
CA ASN JB 191 -39.40 33.70 -24.05
C ASN JB 191 -39.23 34.67 -25.23
N LEU JB 192 -38.07 35.29 -25.32
CA LEU JB 192 -37.79 36.29 -26.33
C LEU JB 192 -36.58 35.88 -27.17
N TYR JB 193 -36.63 36.22 -28.46
CA TYR JB 193 -35.52 36.00 -29.38
C TYR JB 193 -35.09 37.34 -29.97
N LEU JB 194 -33.82 37.40 -30.37
CA LEU JB 194 -33.32 38.57 -31.06
C LEU JB 194 -32.73 38.16 -32.41
N PRO JB 195 -32.92 38.96 -33.46
CA PRO JB 195 -32.36 38.61 -34.76
C PRO JB 195 -30.84 38.68 -34.75
N THR JB 196 -30.23 37.83 -35.58
CA THR JB 196 -28.78 37.75 -35.70
C THR JB 196 -28.40 37.80 -37.17
N GLY JB 197 -27.10 37.74 -37.43
CA GLY JB 197 -26.64 37.74 -38.82
C GLY JB 197 -27.01 36.48 -39.56
N ALA JB 198 -26.93 35.33 -38.89
CA ALA JB 198 -27.29 34.06 -39.51
C ALA JB 198 -28.79 33.80 -39.50
N SER JB 199 -29.57 34.59 -38.75
CA SER JB 199 -31.01 34.38 -38.72
C SER JB 199 -31.67 34.79 -40.03
N GLY JB 200 -31.20 35.88 -40.63
CA GLY JB 200 -31.78 36.40 -41.85
C GLY JB 200 -32.66 37.60 -41.59
N ASP JB 201 -32.98 38.30 -42.67
CA ASP JB 201 -33.80 39.50 -42.57
C ASP JB 201 -35.20 39.15 -42.07
N PRO JB 202 -35.81 40.01 -41.26
CA PRO JB 202 -37.18 39.74 -40.82
C PRO JB 202 -38.17 39.71 -41.98
N GLN JB 203 -39.12 38.80 -41.90
CA GLN JB 203 -40.19 38.67 -42.90
C GLN JB 203 -41.50 39.04 -42.20
N GLU JB 204 -41.95 40.28 -42.41
CA GLU JB 204 -43.15 40.79 -41.76
C GLU JB 204 -44.28 40.91 -42.78
N GLY JB 205 -45.49 40.63 -42.33
CA GLY JB 205 -46.64 40.68 -43.21
C GLY JB 205 -47.88 40.18 -42.48
N VAL JB 206 -48.95 40.07 -43.24
CA VAL JB 206 -50.22 39.62 -42.66
C VAL JB 206 -50.11 38.16 -42.24
N PRO JB 207 -50.67 37.78 -41.11
CA PRO JB 207 -50.53 36.40 -40.63
C PRO JB 207 -51.40 35.42 -41.39
N GLY JB 208 -50.89 34.88 -42.49
CA GLY JB 208 -51.64 33.92 -43.29
C GLY JB 208 -51.31 33.96 -44.77
N LEU JB 209 -50.54 34.96 -45.19
CA LEU JB 209 -50.09 35.07 -46.57
C LEU JB 209 -48.57 35.02 -46.62
N ASP JB 210 -48.04 34.63 -47.78
CA ASP JB 210 -46.60 34.55 -48.02
C ASP JB 210 -45.92 33.58 -47.06
N GLY JB 211 -46.60 32.47 -46.77
CA GLY JB 211 -46.04 31.45 -45.91
C GLY JB 211 -46.13 31.71 -44.42
N LEU JB 212 -46.78 32.80 -44.01
CA LEU JB 212 -46.94 33.09 -42.60
C LEU JB 212 -48.08 32.28 -42.00
N GLY JB 213 -47.92 31.91 -40.73
CA GLY JB 213 -48.97 31.21 -40.02
C GLY JB 213 -50.08 32.15 -39.58
N GLU JB 214 -51.15 31.56 -39.05
CA GLU JB 214 -52.33 32.29 -38.67
C GLU JB 214 -52.39 32.47 -37.16
N ILE JB 215 -53.22 33.42 -36.73
CA ILE JB 215 -53.38 33.72 -35.31
C ILE JB 215 -54.61 33.00 -34.78
N ARG JB 216 -54.43 32.23 -33.71
CA ARG JB 216 -55.51 31.48 -33.09
C ARG JB 216 -55.78 32.06 -31.71
N GLN JB 217 -56.98 32.59 -31.52
CA GLN JB 217 -57.35 33.16 -30.23
C GLN JB 217 -57.75 32.04 -29.27
N SER JB 218 -57.53 32.29 -27.97
CA SER JB 218 -57.86 31.34 -26.91
C SER JB 218 -57.18 30.00 -27.13
N MET JB 219 -55.89 30.04 -27.45
CA MET JB 219 -55.12 28.84 -27.70
C MET JB 219 -53.65 29.15 -27.46
N LEU JB 220 -52.95 28.20 -26.84
CA LEU JB 220 -51.55 28.38 -26.47
C LEU JB 220 -50.72 27.23 -26.99
N GLU JB 221 -49.50 27.53 -27.38
CA GLU JB 221 -48.59 26.57 -27.97
C GLU JB 221 -47.74 25.92 -26.88
N ALA JB 222 -47.91 24.61 -26.70
CA ALA JB 222 -47.12 23.89 -25.72
C ALA JB 222 -45.68 23.72 -26.20
N SER JB 223 -44.79 23.48 -25.25
CA SER JB 223 -43.39 23.22 -25.60
C SER JB 223 -43.27 21.90 -26.35
N ASN JB 224 -42.27 21.84 -27.22
CA ASN JB 224 -42.04 20.67 -28.06
C ASN JB 224 -41.02 19.70 -27.45
N VAL JB 225 -40.76 19.83 -26.14
CA VAL JB 225 -39.79 18.97 -25.50
C VAL JB 225 -40.37 17.56 -25.36
N ASN JB 226 -39.50 16.56 -25.51
CA ASN JB 226 -39.88 15.16 -25.35
C ASN JB 226 -39.20 14.66 -24.07
N VAL JB 227 -39.99 14.53 -23.00
CA VAL JB 227 -39.42 14.22 -21.70
C VAL JB 227 -38.75 12.85 -21.71
N THR JB 228 -39.32 11.90 -22.44
CA THR JB 228 -38.69 10.58 -22.55
C THR JB 228 -37.35 10.67 -23.26
N GLU JB 229 -37.27 11.46 -24.33
CA GLU JB 229 -36.00 11.64 -25.04
C GLU JB 229 -34.95 12.28 -24.13
N GLU JB 230 -35.35 13.28 -23.34
CA GLU JB 230 -34.40 13.95 -22.46
C GLU JB 230 -33.86 12.99 -21.41
N LEU JB 231 -34.73 12.12 -20.87
CA LEU JB 231 -34.28 11.18 -19.84
C LEU JB 231 -33.30 10.16 -20.40
N VAL JB 232 -33.55 9.67 -21.62
CA VAL JB 232 -32.63 8.72 -22.23
C VAL JB 232 -31.30 9.40 -22.54
N ASN JB 233 -31.36 10.63 -23.06
CA ASN JB 233 -30.13 11.38 -23.30
C ASN JB 233 -29.39 11.65 -22.00
N MET JB 234 -30.11 11.77 -20.90
CA MET JB 234 -29.47 11.89 -19.59
C MET JB 234 -28.73 10.61 -19.22
N ILE JB 235 -29.28 9.46 -19.60
CA ILE JB 235 -28.64 8.18 -19.31
C ILE JB 235 -27.33 8.07 -20.09
N GLU JB 236 -27.36 8.37 -21.39
CA GLU JB 236 -26.15 8.27 -22.20
C GLU JB 236 -25.10 9.27 -21.73
N ALA JB 237 -25.51 10.50 -21.44
CA ALA JB 237 -24.55 11.53 -21.05
C ALA JB 237 -23.86 11.19 -19.73
N GLN JB 238 -24.62 10.61 -18.79
CA GLN JB 238 -24.03 10.23 -17.51
C GLN JB 238 -22.96 9.16 -17.67
N ARG JB 239 -23.23 8.14 -18.51
CA ARG JB 239 -22.29 7.03 -18.63
C ARG JB 239 -21.02 7.44 -19.38
N VAL JB 240 -21.16 8.23 -20.44
CA VAL JB 240 -19.98 8.71 -21.16
C VAL JB 240 -19.17 9.64 -20.27
N TYR JB 241 -19.84 10.42 -19.42
CA TYR JB 241 -19.14 11.26 -18.47
C TYR JB 241 -18.31 10.43 -17.50
N GLU JB 242 -18.88 9.33 -17.01
CA GLU JB 242 -18.15 8.48 -16.07
C GLU JB 242 -17.01 7.74 -16.75
N MET JB 243 -17.19 7.36 -18.02
CA MET JB 243 -16.18 6.58 -18.72
C MET JB 243 -14.96 7.43 -19.07
N ASN JB 244 -15.14 8.73 -19.29
CA ASN JB 244 -13.98 9.60 -19.49
C ASN JB 244 -13.21 9.78 -18.19
N SER JB 245 -13.90 9.78 -17.05
CA SER JB 245 -13.21 9.81 -15.77
C SER JB 245 -12.39 8.55 -15.54
N LYS JB 246 -12.81 7.42 -16.12
CA LYS JB 246 -12.03 6.20 -16.01
C LYS JB 246 -10.67 6.35 -16.69
N VAL JB 247 -10.64 7.01 -17.85
CA VAL JB 247 -9.38 7.21 -18.55
C VAL JB 247 -8.45 8.12 -17.74
N ILE JB 248 -8.99 9.20 -17.18
CA ILE JB 248 -8.18 10.10 -16.37
C ILE JB 248 -7.67 9.39 -15.13
N SER JB 249 -8.53 8.59 -14.50
CA SER JB 249 -8.10 7.82 -13.33
C SER JB 249 -7.03 6.80 -13.72
N SER JB 250 -7.18 6.16 -14.88
CA SER JB 250 -6.19 5.17 -15.32
C SER JB 250 -4.84 5.83 -15.56
N VAL JB 251 -4.83 7.01 -16.18
CA VAL JB 251 -3.59 7.74 -16.40
C VAL JB 251 -2.99 8.20 -15.08
N ASP JB 252 -3.84 8.62 -14.14
CA ASP JB 252 -3.36 9.05 -12.84
C ASP JB 252 -2.64 7.91 -12.11
N LYS JB 253 -3.19 6.70 -12.17
CA LYS JB 253 -2.53 5.56 -11.56
C LYS JB 253 -1.30 5.15 -12.35
N MET JB 254 -1.32 5.34 -13.68
CA MET JB 254 -0.14 5.07 -14.48
C MET JB 254 1.01 5.99 -14.12
N MET JB 255 0.74 7.30 -13.98
CA MET JB 255 1.78 8.24 -13.60
C MET JB 255 2.27 7.99 -12.19
N SER JB 256 1.37 7.58 -11.30
CA SER JB 256 1.78 7.26 -9.93
C SER JB 256 2.72 6.05 -9.91
N PHE JB 257 2.43 5.04 -10.73
CA PHE JB 257 3.29 3.86 -10.79
C PHE JB 257 4.67 4.21 -11.34
N VAL JB 258 4.72 5.11 -12.33
CA VAL JB 258 6.00 5.51 -12.92
C VAL JB 258 6.85 6.23 -11.88
N ASN JB 259 6.24 7.09 -11.07
CA ASN JB 259 6.99 7.85 -10.07
C ASN JB 259 7.64 6.90 -9.06
N GLN JB 260 6.92 5.86 -8.63
CA GLN JB 260 7.46 4.94 -7.66
C GLN JB 260 8.49 3.98 -8.25
N GLN JB 261 8.43 3.71 -9.55
CA GLN JB 261 9.28 2.70 -10.17
C GLN JB 261 10.52 3.30 -10.85
N LEU JB 262 10.32 4.27 -11.74
CA LEU JB 262 11.43 4.85 -12.48
C LEU JB 262 12.29 5.76 -11.61
N MET KB 1 1.95 24.47 6.11
CA MET KB 1 3.05 23.87 5.36
C MET KB 1 2.90 24.15 3.87
N HIS KB 2 1.67 24.04 3.37
CA HIS KB 2 1.38 24.24 1.96
C HIS KB 2 0.20 25.20 1.85
N PRO KB 3 0.24 26.15 0.92
CA PRO KB 3 -0.88 27.11 0.80
C PRO KB 3 -2.22 26.43 0.54
N ALA KB 4 -2.23 25.35 -0.24
CA ALA KB 4 -3.49 24.67 -0.51
C ALA KB 4 -4.08 24.03 0.74
N LEU KB 5 -3.24 23.66 1.70
CA LEU KB 5 -3.72 23.09 2.95
C LEU KB 5 -4.55 24.12 3.73
N TRP KB 6 -4.06 25.37 3.78
CA TRP KB 6 -4.80 26.41 4.50
C TRP KB 6 -6.02 26.87 3.72
N VAL KB 7 -5.89 26.98 2.40
CA VAL KB 7 -7.01 27.42 1.58
C VAL KB 7 -8.17 26.44 1.66
N SER KB 8 -7.87 25.14 1.56
CA SER KB 8 -8.92 24.14 1.63
C SER KB 8 -9.50 24.02 3.04
N LYS KB 9 -8.70 24.31 4.06
CA LYS KB 9 -9.19 24.24 5.44
C LYS KB 9 -10.29 25.27 5.67
N THR KB 10 -10.16 26.45 5.07
CA THR KB 10 -11.22 27.45 5.14
C THR KB 10 -12.47 26.95 4.44
N GLY KB 11 -12.31 26.21 3.34
CA GLY KB 11 -13.46 25.66 2.65
C GLY KB 11 -14.21 24.63 3.48
N LEU KB 12 -13.48 23.78 4.21
CA LEU KB 12 -14.11 22.80 5.07
C LEU KB 12 -14.91 23.46 6.18
N ASP KB 13 -14.36 24.52 6.78
CA ASP KB 13 -15.07 25.24 7.82
C ASP KB 13 -16.30 25.96 7.25
N ALA KB 14 -16.18 26.47 6.01
CA ALA KB 14 -17.31 27.16 5.40
C ALA KB 14 -18.49 26.21 5.17
N GLN KB 15 -18.22 24.99 4.72
CA GLN KB 15 -19.31 24.06 4.42
C GLN KB 15 -19.95 23.52 5.70
N GLN KB 16 -19.15 23.31 6.74
CA GLN KB 16 -19.71 22.83 8.00
C GLN KB 16 -20.70 23.83 8.59
N THR KB 17 -20.37 25.12 8.54
CA THR KB 17 -21.31 26.14 8.96
C THR KB 17 -22.55 26.15 8.06
N ASN KB 18 -22.35 25.98 6.75
CA ASN KB 18 -23.48 25.96 5.83
C ASN KB 18 -24.36 24.74 6.07
N ILE KB 19 -23.75 23.58 6.32
CA ILE KB 19 -24.55 22.37 6.59
C ILE KB 19 -25.29 22.51 7.91
N ALA KB 20 -24.65 23.11 8.92
CA ALA KB 20 -25.33 23.34 10.19
C ALA KB 20 -26.51 24.29 10.01
N THR KB 21 -26.39 25.26 9.11
CA THR KB 21 -27.50 26.17 8.83
C THR KB 21 -28.68 25.43 8.20
N ILE KB 22 -28.41 24.55 7.24
CA ILE KB 22 -29.46 23.81 6.57
C ILE KB 22 -30.15 22.86 7.54
N SER KB 23 -29.38 22.27 8.47
CA SER KB 23 -29.96 21.32 9.42
C SER KB 23 -30.97 22.00 10.32
N ASN KB 24 -30.71 23.24 10.73
CA ASN KB 24 -31.67 23.97 11.56
C ASN KB 24 -32.92 24.34 10.76
N ASN KB 25 -32.77 24.57 9.46
CA ASN KB 25 -33.94 24.85 8.62
C ASN KB 25 -34.88 23.65 8.60
N LEU KB 26 -34.33 22.44 8.43
CA LEU KB 26 -35.17 21.25 8.38
C LEU KB 26 -35.68 20.86 9.76
N ALA KB 27 -34.89 21.10 10.80
CA ALA KB 27 -35.34 20.82 12.16
C ALA KB 27 -36.55 21.67 12.52
N ASN KB 28 -36.51 22.95 12.18
CA ASN KB 28 -37.65 23.85 12.39
C ASN KB 28 -38.55 23.91 11.18
N ALA KB 29 -38.99 22.76 10.69
CA ALA KB 29 -39.95 22.69 9.59
C ALA KB 29 -41.39 22.68 10.07
N SER KB 30 -41.63 22.40 11.34
CA SER KB 30 -42.96 22.42 11.92
C SER KB 30 -43.15 23.54 12.94
N THR KB 31 -42.11 24.33 13.20
CA THR KB 31 -42.22 25.43 14.15
C THR KB 31 -43.10 26.54 13.58
N VAL KB 32 -44.07 26.98 14.37
CA VAL KB 32 -44.97 28.04 13.93
C VAL KB 32 -44.24 29.37 13.94
N GLY KB 33 -44.32 30.10 12.83
CA GLY KB 33 -43.67 31.40 12.71
C GLY KB 33 -42.16 31.35 12.73
N TYR KB 34 -41.57 30.40 12.00
CA TYR KB 34 -40.13 30.29 11.88
C TYR KB 34 -39.70 30.75 10.49
N LYS KB 35 -38.63 31.54 10.45
CA LYS KB 35 -38.08 32.07 9.21
C LYS KB 35 -36.79 31.36 8.87
N LYS KB 36 -36.70 30.81 7.66
CA LYS KB 36 -35.53 30.06 7.25
C LYS KB 36 -34.33 30.99 7.08
N SER KB 37 -33.15 30.39 7.05
CA SER KB 37 -31.89 31.13 6.99
C SER KB 37 -31.04 30.61 5.84
N ARG KB 38 -30.23 31.50 5.28
CA ARG KB 38 -29.30 31.17 4.21
C ARG KB 38 -27.91 31.65 4.58
N ALA KB 39 -26.92 30.78 4.39
CA ALA KB 39 -25.53 31.14 4.66
C ALA KB 39 -24.96 31.96 3.51
N VAL KB 40 -24.18 32.98 3.85
CA VAL KB 40 -23.61 33.90 2.89
C VAL KB 40 -22.11 33.64 2.80
N PHE KB 41 -21.65 33.17 1.65
CA PHE KB 41 -20.24 32.89 1.41
C PHE KB 41 -19.54 34.13 0.87
N GLU KB 42 -18.28 34.29 1.25
CA GLU KB 42 -17.43 35.34 0.68
C GLU KB 42 -15.99 34.89 0.75
N ASP KB 43 -15.22 35.29 -0.26
CA ASP KB 43 -13.81 34.93 -0.33
C ASP KB 43 -12.99 35.78 0.65
N LEU KB 44 -11.85 35.25 1.04
CA LEU KB 44 -10.93 35.93 1.94
C LEU KB 44 -10.02 36.85 1.13
N PHE KB 45 -9.02 37.42 1.79
CA PHE KB 45 -8.13 38.37 1.13
C PHE KB 45 -7.30 37.66 0.06
N TYR KB 46 -6.69 38.47 -0.81
CA TYR KB 46 -5.86 37.97 -1.90
C TYR KB 46 -4.42 38.44 -1.70
N GLN KB 47 -3.48 37.50 -1.83
CA GLN KB 47 -2.07 37.84 -1.71
C GLN KB 47 -1.61 38.55 -2.98
N ASN KB 48 -1.21 39.82 -2.84
CA ASN KB 48 -0.86 40.65 -3.99
C ASN KB 48 0.62 40.47 -4.30
N ILE KB 49 0.93 39.41 -5.04
CA ILE KB 49 2.32 39.18 -5.45
C ILE KB 49 2.74 40.18 -6.52
N ASN KB 50 1.97 40.29 -7.59
CA ASN KB 50 2.17 41.28 -8.63
C ASN KB 50 0.88 42.06 -8.82
N GLN KB 51 0.97 43.38 -8.72
CA GLN KB 51 -0.21 44.23 -8.83
C GLN KB 51 -0.72 44.22 -10.27
N PRO KB 52 -1.98 43.88 -10.51
CA PRO KB 52 -2.53 44.01 -11.87
C PRO KB 52 -2.60 45.47 -12.26
N GLY KB 53 -2.13 45.76 -13.48
CA GLY KB 53 -2.01 47.14 -13.94
C GLY KB 53 -0.68 47.79 -13.64
N GLY KB 54 0.22 47.12 -12.93
CA GLY KB 54 1.54 47.66 -12.72
C GLY KB 54 2.33 47.72 -14.01
N GLN KB 55 3.27 48.67 -14.06
CA GLN KB 55 4.00 48.92 -15.29
C GLN KB 55 5.06 47.85 -15.50
N SER KB 56 4.97 47.13 -16.61
CA SER KB 56 6.00 46.18 -17.02
C SER KB 56 6.80 46.82 -18.16
N SER KB 57 8.12 46.87 -17.98
CA SER KB 57 9.01 47.59 -18.90
C SER KB 57 8.53 49.03 -19.08
N GLN KB 58 8.26 49.45 -20.31
CA GLN KB 58 7.77 50.78 -20.59
C GLN KB 58 6.71 50.70 -21.68
N ASN KB 59 5.70 51.58 -21.55
CA ASN KB 59 4.53 51.57 -22.44
C ASN KB 59 3.85 50.21 -22.45
N THR KB 60 3.85 49.53 -21.30
CA THR KB 60 3.25 48.21 -21.16
C THR KB 60 2.96 47.97 -19.69
N GLU KB 61 1.80 47.38 -19.43
CA GLU KB 61 1.40 47.05 -18.06
C GLU KB 61 0.74 45.69 -18.04
N LEU KB 62 0.77 45.05 -16.88
CA LEU KB 62 0.17 43.74 -16.74
C LEU KB 62 -1.34 43.84 -16.80
N PRO KB 63 -2.01 43.26 -17.80
CA PRO KB 63 -3.48 43.27 -17.79
C PRO KB 63 -4.07 42.52 -16.61
N SER KB 64 -3.42 41.44 -16.17
CA SER KB 64 -3.82 40.71 -14.97
C SER KB 64 -2.56 40.36 -14.19
N GLY KB 65 -2.67 40.43 -12.87
CA GLY KB 65 -1.55 40.19 -12.00
C GLY KB 65 -1.62 38.82 -11.33
N LEU KB 66 -0.54 38.51 -10.60
CA LEU KB 66 -0.45 37.27 -9.84
C LEU KB 66 -0.98 37.55 -8.44
N MET KB 67 -2.26 37.23 -8.23
CA MET KB 67 -2.91 37.41 -6.93
C MET KB 67 -3.51 36.07 -6.52
N LEU KB 68 -3.13 35.60 -5.33
CA LEU KB 68 -3.57 34.30 -4.83
C LEU KB 68 -4.62 34.48 -3.74
N GLY KB 69 -5.75 33.80 -3.90
CA GLY KB 69 -6.78 33.85 -2.89
C GLY KB 69 -6.41 33.06 -1.65
N ALA KB 70 -7.12 33.35 -0.57
CA ALA KB 70 -6.88 32.71 0.72
C ALA KB 70 -7.97 31.75 1.14
N GLY KB 71 -9.02 31.59 0.35
CA GLY KB 71 -10.09 30.66 0.65
C GLY KB 71 -11.44 31.36 0.69
N SER KB 72 -12.30 30.88 1.59
CA SER KB 72 -13.64 31.43 1.75
C SER KB 72 -14.13 31.13 3.16
N LYS KB 73 -15.20 31.83 3.54
CA LYS KB 73 -15.83 31.61 4.84
C LYS KB 73 -17.27 32.07 4.77
N VAL KB 74 -18.06 31.61 5.74
CA VAL KB 74 -19.44 32.06 5.90
C VAL KB 74 -19.41 33.28 6.81
N VAL KB 75 -19.87 34.42 6.28
CA VAL KB 75 -19.75 35.68 6.98
C VAL KB 75 -21.07 36.05 7.64
N ALA KB 76 -22.18 35.54 7.10
CA ALA KB 76 -23.49 35.95 7.57
C ALA KB 76 -24.47 34.79 7.43
N THR KB 77 -25.57 34.89 8.17
CA THR KB 77 -26.69 33.96 8.08
C THR KB 77 -27.94 34.84 7.91
N GLN KB 78 -28.41 34.95 6.68
CA GLN KB 78 -29.50 35.86 6.36
C GLN KB 78 -30.84 35.19 6.57
N LYS KB 79 -31.67 35.78 7.42
CA LYS KB 79 -33.04 35.31 7.64
C LYS KB 79 -33.94 35.88 6.55
N VAL KB 80 -34.75 35.00 5.96
CA VAL KB 80 -35.72 35.40 4.95
C VAL KB 80 -37.06 35.52 5.65
N HIS KB 81 -37.45 36.75 5.97
CA HIS KB 81 -38.69 37.00 6.71
C HIS KB 81 -39.88 37.17 5.78
N THR KB 82 -40.09 36.20 4.90
CA THR KB 82 -41.28 36.18 4.07
C THR KB 82 -42.42 35.50 4.81
N HIS KB 83 -43.64 35.90 4.50
CA HIS KB 83 -44.80 35.42 5.23
C HIS KB 83 -45.07 33.95 4.90
N GLY KB 84 -45.26 33.14 5.93
CA GLY KB 84 -45.61 31.75 5.75
C GLY KB 84 -47.08 31.56 5.50
N ASN KB 85 -47.47 30.30 5.28
CA ASN KB 85 -48.86 29.99 5.02
C ASN KB 85 -49.68 30.13 6.30
N ALA KB 86 -50.97 29.83 6.19
CA ALA KB 86 -51.91 29.95 7.29
C ALA KB 86 -52.41 28.58 7.70
N GLN KB 87 -52.42 28.32 9.01
CA GLN KB 87 -52.99 27.10 9.56
C GLN KB 87 -54.26 27.48 10.32
N THR KB 88 -55.39 26.94 9.87
CA THR KB 88 -56.68 27.23 10.49
C THR KB 88 -56.89 26.27 11.65
N THR KB 89 -57.22 26.83 12.82
CA THR KB 89 -57.39 26.05 14.04
C THR KB 89 -58.72 26.40 14.69
N THR KB 90 -59.13 25.56 15.65
CA THR KB 90 -60.34 25.80 16.41
C THR KB 90 -60.09 26.56 17.70
N ASN KB 91 -58.85 26.63 18.17
CA ASN KB 91 -58.53 27.42 19.36
C ASN KB 91 -58.79 28.90 19.09
N ALA KB 92 -59.26 29.61 20.11
CA ALA KB 92 -59.55 31.03 20.00
C ALA KB 92 -58.42 31.91 20.51
N LEU KB 93 -57.31 31.33 20.96
CA LEU KB 93 -56.21 32.10 21.52
C LEU KB 93 -54.93 32.02 20.70
N ASP KB 94 -54.93 31.30 19.58
CA ASP KB 94 -53.78 31.26 18.69
C ASP KB 94 -54.04 32.21 17.52
N MET KB 95 -53.22 33.25 17.42
CA MET KB 95 -53.41 34.31 16.44
C MET KB 95 -52.23 34.35 15.47
N MET KB 96 -52.44 35.05 14.36
CA MET KB 96 -51.44 35.21 13.32
C MET KB 96 -51.40 36.66 12.88
N VAL KB 97 -50.19 37.15 12.63
CA VAL KB 97 -50.00 38.49 12.09
C VAL KB 97 -50.02 38.39 10.58
N GLU KB 98 -51.00 39.03 9.95
CA GLU KB 98 -51.19 38.96 8.50
C GLU KB 98 -50.39 40.10 7.86
N GLY KB 99 -49.10 39.87 7.67
CA GLY KB 99 -48.20 40.87 7.15
C GLY KB 99 -47.03 41.15 8.08
N ASP KB 100 -46.53 42.38 8.00
CA ASP KB 100 -45.38 42.78 8.80
C ASP KB 100 -45.80 43.11 10.22
N GLY KB 101 -44.98 42.71 11.18
CA GLY KB 101 -45.23 42.98 12.58
C GLY KB 101 -44.81 41.80 13.44
N PHE KB 102 -44.68 42.06 14.74
CA PHE KB 102 -44.26 41.06 15.71
C PHE KB 102 -45.09 41.17 16.97
N PHE KB 103 -45.45 40.04 17.55
CA PHE KB 103 -45.99 40.02 18.90
C PHE KB 103 -44.88 40.32 19.90
N GLN KB 104 -45.23 41.03 20.95
CA GLN KB 104 -44.27 41.42 21.98
C GLN KB 104 -44.63 40.76 23.30
N VAL KB 105 -43.64 40.14 23.94
CA VAL KB 105 -43.83 39.48 25.23
C VAL KB 105 -42.81 40.05 26.21
N THR KB 106 -43.05 39.78 27.49
CA THR KB 106 -42.20 40.28 28.56
C THR KB 106 -41.26 39.17 29.02
N LEU KB 107 -39.96 39.39 28.87
CA LEU KB 107 -38.96 38.43 29.31
C LEU KB 107 -38.78 38.50 30.83
N PRO KB 108 -38.32 37.40 31.45
CA PRO KB 108 -38.12 37.42 32.91
C PRO KB 108 -37.14 38.48 33.38
N ASP KB 109 -36.11 38.77 32.60
CA ASP KB 109 -35.12 39.78 33.01
C ASP KB 109 -35.70 41.18 33.01
N GLY KB 110 -36.81 41.41 32.31
CA GLY KB 110 -37.45 42.71 32.31
C GLY KB 110 -37.63 43.29 30.92
N ASN KB 111 -36.74 42.91 30.01
CA ASN KB 111 -36.81 43.43 28.65
C ASN KB 111 -38.00 42.82 27.90
N ILE KB 112 -38.35 43.44 26.78
CA ILE KB 112 -39.46 43.01 25.96
C ILE KB 112 -38.92 42.18 24.80
N GLY KB 113 -39.43 40.96 24.65
CA GLY KB 113 -39.08 40.11 23.54
C GLY KB 113 -40.13 40.14 22.46
N TYR KB 114 -39.71 39.87 21.23
CA TYR KB 114 -40.57 39.96 20.06
C TYR KB 114 -40.63 38.60 19.38
N THR KB 115 -41.84 38.14 19.11
CA THR KB 115 -42.06 36.80 18.56
C THR KB 115 -43.08 36.85 17.43
N ARG KB 116 -42.92 35.93 16.49
CA ARG KB 116 -43.89 35.72 15.42
C ARG KB 116 -44.81 34.54 15.68
N ASN KB 117 -44.44 33.65 16.59
CA ASN KB 117 -45.32 32.54 16.96
C ASN KB 117 -46.53 33.07 17.71
N GLY KB 118 -47.71 32.57 17.33
CA GLY KB 118 -48.96 33.03 17.90
C GLY KB 118 -49.68 32.06 18.80
N GLN KB 119 -49.05 30.94 19.18
CA GLN KB 119 -49.70 29.97 20.06
C GLN KB 119 -49.68 30.51 21.48
N PHE KB 120 -50.78 31.11 21.91
CA PHE KB 120 -50.91 31.72 23.21
C PHE KB 120 -51.92 30.94 24.06
N THR KB 121 -52.00 31.33 25.34
CA THR KB 121 -52.93 30.76 26.28
C THR KB 121 -53.07 31.73 27.45
N LEU KB 122 -53.69 31.27 28.53
CA LEU KB 122 -53.87 32.06 29.73
C LEU KB 122 -53.15 31.39 30.89
N ASN KB 123 -52.72 32.19 31.86
CA ASN KB 123 -52.15 31.67 33.08
C ASN KB 123 -53.24 31.65 34.16
N GLY KB 124 -52.85 31.37 35.40
CA GLY KB 124 -53.82 31.27 36.47
C GLY KB 124 -54.59 32.55 36.73
N GLU KB 125 -53.96 33.70 36.52
CA GLU KB 125 -54.60 34.98 36.75
C GLU KB 125 -55.43 35.46 35.56
N GLY KB 126 -55.41 34.73 34.44
CA GLY KB 126 -56.17 35.09 33.28
C GLY KB 126 -55.46 35.98 32.28
N THR KB 127 -54.22 36.36 32.54
CA THR KB 127 -53.46 37.16 31.59
C THR KB 127 -53.07 36.31 30.39
N LEU KB 128 -53.14 36.92 29.21
CA LEU KB 128 -52.76 36.23 27.98
C LEU KB 128 -51.24 36.05 27.93
N VAL KB 129 -50.79 34.79 27.99
CA VAL KB 129 -49.36 34.47 28.00
C VAL KB 129 -49.08 33.45 26.91
N THR KB 130 -47.79 33.27 26.62
CA THR KB 130 -47.38 32.30 25.62
C THR KB 130 -47.64 30.89 26.10
N SER KB 131 -47.80 29.96 25.15
CA SER KB 131 -48.13 28.58 25.47
C SER KB 131 -46.89 27.74 25.79
N GLY KB 132 -45.70 28.35 25.80
CA GLY KB 132 -44.46 27.68 26.10
C GLY KB 132 -44.05 27.99 27.53
N SER KB 133 -43.09 28.89 27.71
CA SER KB 133 -42.59 29.20 29.05
C SER KB 133 -43.57 30.03 29.87
N GLY KB 134 -44.59 30.61 29.25
CA GLY KB 134 -45.59 31.36 29.99
C GLY KB 134 -45.33 32.84 30.14
N TYR KB 135 -44.55 33.44 29.25
CA TYR KB 135 -44.25 34.86 29.35
C TYR KB 135 -45.49 35.68 29.00
N PRO KB 136 -45.79 36.73 29.76
CA PRO KB 136 -46.97 37.55 29.44
C PRO KB 136 -46.81 38.29 28.13
N VAL KB 137 -47.95 38.54 27.48
CA VAL KB 137 -47.99 39.25 26.21
C VAL KB 137 -48.26 40.73 26.48
N GLU KB 138 -47.42 41.60 25.91
CA GLU KB 138 -47.56 43.05 26.06
C GLU KB 138 -48.44 43.61 24.96
N PRO KB 139 -49.43 44.45 25.29
CA PRO KB 139 -49.87 44.86 26.63
C PRO KB 139 -50.67 43.75 27.29
N GLU KB 140 -50.77 43.75 28.63
CA GLU KB 140 -51.47 42.67 29.32
C GLU KB 140 -52.95 42.65 28.92
N ILE KB 141 -53.45 41.46 28.61
CA ILE KB 141 -54.84 41.25 28.25
C ILE KB 141 -55.42 40.28 29.26
N VAL KB 142 -56.17 40.80 30.22
CA VAL KB 142 -56.75 39.97 31.28
C VAL KB 142 -58.17 39.59 30.87
N ILE KB 143 -58.44 38.29 30.87
CA ILE KB 143 -59.76 37.76 30.50
C ILE KB 143 -60.57 37.62 31.78
N PRO KB 144 -61.71 38.31 31.90
CA PRO KB 144 -62.54 38.14 33.10
C PRO KB 144 -63.13 36.74 33.17
N GLU KB 145 -63.36 36.28 34.40
CA GLU KB 145 -63.85 34.93 34.63
C GLU KB 145 -65.32 34.76 34.28
N ASP KB 146 -66.04 35.86 34.00
CA ASP KB 146 -67.43 35.79 33.60
C ASP KB 146 -67.60 35.72 32.09
N ALA KB 147 -66.52 35.76 31.33
CA ALA KB 147 -66.60 35.72 29.88
C ALA KB 147 -67.02 34.35 29.39
N ILE KB 148 -67.86 34.32 28.36
CA ILE KB 148 -68.26 33.07 27.73
C ILE KB 148 -67.57 32.83 26.40
N SER KB 149 -67.02 33.86 25.76
CA SER KB 149 -66.29 33.71 24.52
C SER KB 149 -65.31 34.86 24.37
N ILE KB 150 -64.29 34.63 23.55
CA ILE KB 150 -63.24 35.61 23.29
C ILE KB 150 -63.19 35.87 21.80
N THR KB 151 -63.23 37.15 21.41
CA THR KB 151 -63.09 37.55 20.02
C THR KB 151 -61.98 38.58 19.92
N VAL KB 152 -61.03 38.33 19.02
CA VAL KB 152 -59.90 39.23 18.78
C VAL KB 152 -60.13 39.92 17.44
N GLY KB 153 -60.27 41.23 17.47
CA GLY KB 153 -60.54 41.99 16.27
C GLY KB 153 -59.32 42.07 15.37
N THR KB 154 -59.56 42.59 14.17
CA THR KB 154 -58.47 42.78 13.21
C THR KB 154 -57.46 43.79 13.72
N ASP KB 155 -57.94 44.86 14.37
CA ASP KB 155 -57.09 45.90 14.92
C ASP KB 155 -56.56 45.58 16.31
N GLY KB 156 -56.56 44.31 16.70
CA GLY KB 156 -56.01 43.91 17.98
C GLY KB 156 -56.91 44.11 19.17
N GLU KB 157 -58.13 44.61 18.96
CA GLU KB 157 -59.05 44.86 20.07
C GLU KB 157 -59.60 43.54 20.57
N VAL KB 158 -59.28 43.19 21.82
CA VAL KB 158 -59.73 41.94 22.41
C VAL KB 158 -61.04 42.21 23.15
N SER KB 159 -62.07 41.46 22.81
CA SER KB 159 -63.39 41.61 23.41
C SER KB 159 -63.87 40.27 23.94
N VAL KB 160 -64.62 40.32 25.04
CA VAL KB 160 -65.18 39.12 25.64
C VAL KB 160 -66.69 39.28 25.73
N ARG KB 161 -67.41 38.17 25.63
CA ARG KB 161 -68.86 38.17 25.70
C ARG KB 161 -69.32 37.69 27.06
N VAL KB 162 -70.24 38.44 27.67
CA VAL KB 162 -70.73 38.15 29.00
C VAL KB 162 -72.25 37.96 28.92
N ARG KB 163 -72.73 36.87 29.51
CA ARG KB 163 -74.17 36.63 29.55
C ARG KB 163 -74.86 37.70 30.37
N GLY KB 164 -76.06 38.10 29.92
CA GLY KB 164 -76.77 39.18 30.54
C GLY KB 164 -76.38 40.56 30.07
N GLN KB 165 -75.53 40.67 29.06
CA GLN KB 165 -75.06 41.97 28.58
C GLN KB 165 -74.81 41.88 27.08
N GLN KB 166 -75.47 42.75 26.32
CA GLN KB 166 -75.19 42.90 24.90
C GLN KB 166 -73.93 43.74 24.70
N ASP KB 167 -73.45 43.81 23.46
CA ASP KB 167 -72.31 44.66 23.09
C ASP KB 167 -71.07 44.28 23.90
N ASN KB 168 -70.55 43.09 23.56
CA ASN KB 168 -69.46 42.44 24.29
C ASN KB 168 -68.41 43.44 24.77
N GLN KB 169 -67.99 43.26 26.03
CA GLN KB 169 -67.11 44.20 26.69
C GLN KB 169 -65.69 44.10 26.15
N VAL KB 170 -65.00 45.23 26.08
CA VAL KB 170 -63.61 45.27 25.62
C VAL KB 170 -62.68 45.15 26.81
N VAL KB 171 -61.71 44.24 26.72
CA VAL KB 171 -60.81 43.96 27.83
C VAL KB 171 -59.37 44.35 27.53
N GLY KB 172 -59.11 44.97 26.38
CA GLY KB 172 -57.76 45.41 26.09
C GLY KB 172 -57.57 45.67 24.61
N GLN KB 173 -56.33 45.94 24.25
CA GLN KB 173 -55.94 46.21 22.86
C GLN KB 173 -54.54 45.68 22.65
N LEU KB 174 -54.38 44.81 21.64
CA LEU KB 174 -53.08 44.25 21.30
C LEU KB 174 -52.33 45.18 20.36
N THR KB 175 -51.04 45.33 20.60
CA THR KB 175 -50.15 46.13 19.76
C THR KB 175 -49.04 45.25 19.22
N ILE KB 176 -48.64 45.51 17.97
CA ILE KB 176 -47.56 44.77 17.34
C ILE KB 176 -46.50 45.77 16.90
N THR KB 177 -45.26 45.31 16.86
CA THR KB 177 -44.11 46.14 16.54
C THR KB 177 -43.48 45.68 15.23
N ASP KB 178 -43.10 46.63 14.39
CA ASP KB 178 -42.41 46.36 13.14
C ASP KB 178 -40.96 46.80 13.24
N PHE KB 179 -40.13 46.24 12.36
CA PHE KB 179 -38.74 46.64 12.26
C PHE KB 179 -38.38 46.83 10.79
N VAL KB 180 -37.54 47.82 10.53
CA VAL KB 180 -37.14 48.12 9.14
C VAL KB 180 -36.38 46.95 8.54
N ASN KB 181 -35.47 46.36 9.31
CA ASN KB 181 -34.70 45.19 8.89
C ASN KB 181 -34.99 44.06 9.87
N PRO KB 182 -36.03 43.26 9.62
CA PRO KB 182 -36.34 42.15 10.53
C PRO KB 182 -35.26 41.09 10.58
N GLY KB 183 -34.39 41.02 9.56
CA GLY KB 183 -33.32 40.03 9.57
C GLY KB 183 -32.21 40.34 10.53
N GLY KB 184 -32.13 41.58 11.02
CA GLY KB 184 -31.12 41.97 11.98
C GLY KB 184 -31.43 41.67 13.42
N LEU KB 185 -32.61 41.12 13.70
CA LEU KB 185 -32.94 40.74 15.07
C LEU KB 185 -32.08 39.57 15.52
N GLU KB 186 -31.74 39.57 16.81
CA GLU KB 186 -30.94 38.48 17.38
C GLU KB 186 -31.87 37.40 17.91
N PRO KB 187 -31.86 36.20 17.33
CA PRO KB 187 -32.72 35.12 17.84
C PRO KB 187 -32.14 34.55 19.14
N ILE KB 188 -32.96 34.50 20.18
CA ILE KB 188 -32.54 34.01 21.48
C ILE KB 188 -33.24 32.69 21.82
N GLY KB 189 -33.78 32.00 20.82
CA GLY KB 189 -34.53 30.79 21.07
C GLY KB 189 -35.94 31.08 21.55
N GLN KB 190 -36.71 30.00 21.71
CA GLN KB 190 -38.10 30.09 22.14
C GLN KB 190 -38.95 30.95 21.20
N ASN KB 191 -38.59 30.93 19.91
CA ASN KB 191 -39.28 31.71 18.88
C ASN KB 191 -39.24 33.20 19.20
N LEU KB 192 -38.20 33.66 19.88
CA LEU KB 192 -38.10 35.03 20.34
C LEU KB 192 -36.92 35.73 19.68
N TYR KB 193 -37.06 37.04 19.47
CA TYR KB 193 -36.01 37.88 18.91
C TYR KB 193 -35.78 39.07 19.83
N LEU KB 194 -34.55 39.59 19.79
CA LEU KB 194 -34.22 40.79 20.54
C LEU KB 194 -33.69 41.86 19.61
N PRO KB 195 -34.08 43.12 19.81
CA PRO KB 195 -33.62 44.18 18.91
C PRO KB 195 -32.11 44.38 19.02
N THR KB 196 -31.50 44.65 17.88
CA THR KB 196 -30.06 44.91 17.78
C THR KB 196 -29.84 46.29 17.18
N GLY KB 197 -28.56 46.63 16.95
CA GLY KB 197 -28.25 47.89 16.31
C GLY KB 197 -28.73 47.96 14.88
N ALA KB 198 -28.65 46.84 14.15
CA ALA KB 198 -29.03 46.80 12.75
C ALA KB 198 -30.50 46.47 12.54
N SER KB 199 -31.23 46.09 13.59
CA SER KB 199 -32.64 45.79 13.43
C SER KB 199 -33.46 47.06 13.24
N GLY KB 200 -33.12 48.11 13.96
CA GLY KB 200 -33.83 49.37 13.90
C GLY KB 200 -34.60 49.64 15.18
N ASP KB 201 -35.02 50.89 15.32
CA ASP KB 201 -35.78 51.30 16.50
C ASP KB 201 -37.19 50.72 16.41
N PRO KB 202 -37.69 50.10 17.47
CA PRO KB 202 -39.02 49.47 17.40
C PRO KB 202 -40.11 50.51 17.19
N GLN KB 203 -40.93 50.29 16.17
CA GLN KB 203 -42.07 51.15 15.88
C GLN KB 203 -43.34 50.41 16.27
N GLU KB 204 -44.11 50.99 17.20
CA GLU KB 204 -45.33 50.39 17.70
C GLU KB 204 -46.53 51.00 17.01
N GLY KB 205 -47.68 50.36 17.17
CA GLY KB 205 -48.91 50.86 16.58
C GLY KB 205 -49.98 49.81 16.59
N VAL KB 206 -51.17 50.21 16.15
CA VAL KB 206 -52.29 49.28 16.07
C VAL KB 206 -52.05 48.30 14.93
N PRO KB 207 -52.40 47.03 15.10
CA PRO KB 207 -52.10 46.03 14.07
C PRO KB 207 -53.00 46.13 12.84
N GLY KB 208 -52.60 46.96 11.88
CA GLY KB 208 -53.37 47.13 10.66
C GLY KB 208 -53.27 48.52 10.08
N LEU KB 209 -52.67 49.44 10.83
CA LEU KB 209 -52.40 50.79 10.36
C LEU KB 209 -50.90 51.03 10.32
N ASP KB 210 -50.50 52.05 9.56
CA ASP KB 210 -49.09 52.47 9.48
C ASP KB 210 -48.21 51.36 8.91
N GLY KB 211 -48.77 50.56 8.00
CA GLY KB 211 -48.03 49.49 7.37
C GLY KB 211 -47.94 48.21 8.17
N LEU KB 212 -48.53 48.16 9.36
CA LEU KB 212 -48.48 46.96 10.18
C LEU KB 212 -49.45 45.90 9.64
N GLY KB 213 -49.11 44.64 9.89
CA GLY KB 213 -50.00 43.55 9.54
C GLY KB 213 -51.20 43.49 10.47
N GLU KB 214 -52.18 42.69 10.05
CA GLU KB 214 -53.43 42.56 10.78
C GLU KB 214 -53.44 41.26 11.58
N ILE KB 215 -54.14 41.29 12.71
CA ILE KB 215 -54.24 40.12 13.58
C ILE KB 215 -55.39 39.24 13.09
N ARG KB 216 -55.08 37.98 12.78
CA ARG KB 216 -56.07 37.00 12.39
C ARG KB 216 -56.22 35.98 13.51
N GLN KB 217 -57.42 35.90 14.08
CA GLN KB 217 -57.67 35.02 15.20
C GLN KB 217 -57.89 33.58 14.72
N SER KB 218 -57.60 32.63 15.61
CA SER KB 218 -57.76 31.21 15.32
C SER KB 218 -56.98 30.80 14.07
N MET KB 219 -55.77 31.35 13.94
CA MET KB 219 -54.93 31.07 12.78
C MET KB 219 -53.48 31.06 13.23
N LEU KB 220 -52.65 30.35 12.48
CA LEU KB 220 -51.22 30.23 12.78
C LEU KB 220 -50.41 30.43 11.51
N GLU KB 221 -49.16 30.84 11.68
CA GLU KB 221 -48.24 31.08 10.59
C GLU KB 221 -47.21 29.96 10.58
N ALA KB 222 -47.30 29.09 9.58
CA ALA KB 222 -46.39 27.96 9.49
C ALA KB 222 -44.99 28.41 9.09
N SER KB 223 -44.03 27.51 9.26
CA SER KB 223 -42.66 27.81 8.87
C SER KB 223 -42.57 27.95 7.35
N ASN KB 224 -41.66 28.82 6.92
CA ASN KB 224 -41.51 29.14 5.50
C ASN KB 224 -40.38 28.37 4.84
N VAL KB 225 -39.83 27.35 5.51
CA VAL KB 225 -38.71 26.61 4.94
C VAL KB 225 -39.18 25.84 3.71
N ASN KB 226 -38.27 25.70 2.75
CA ASN KB 226 -38.52 24.93 1.53
C ASN KB 226 -37.74 23.64 1.63
N VAL KB 227 -38.43 22.55 1.97
CA VAL KB 227 -37.75 21.29 2.25
C VAL KB 227 -37.06 20.77 1.00
N THR KB 228 -37.62 21.05 -0.18
CA THR KB 228 -36.97 20.66 -1.43
C THR KB 228 -35.64 21.39 -1.61
N GLU KB 229 -35.61 22.68 -1.31
CA GLU KB 229 -34.37 23.45 -1.43
C GLU KB 229 -33.31 22.96 -0.44
N GLU KB 230 -33.73 22.64 0.79
CA GLU KB 230 -32.77 22.21 1.79
C GLU KB 230 -32.10 20.90 1.41
N LEU KB 231 -32.88 19.96 0.84
CA LEU KB 231 -32.30 18.71 0.38
C LEU KB 231 -31.36 18.93 -0.80
N VAL KB 232 -31.70 19.88 -1.68
CA VAL KB 232 -30.78 20.26 -2.75
C VAL KB 232 -29.57 20.97 -2.18
N ASN KB 233 -29.78 21.88 -1.22
CA ASN KB 233 -28.66 22.57 -0.59
C ASN KB 233 -27.77 21.61 0.18
N MET KB 234 -28.35 20.53 0.70
CA MET KB 234 -27.53 19.53 1.38
C MET KB 234 -26.66 18.76 0.40
N ILE KB 235 -27.17 18.52 -0.82
CA ILE KB 235 -26.40 17.81 -1.83
C ILE KB 235 -25.19 18.64 -2.25
N GLU KB 236 -25.41 19.92 -2.53
CA GLU KB 236 -24.31 20.78 -2.98
C GLU KB 236 -23.25 20.94 -1.89
N ALA KB 237 -23.68 21.14 -0.65
CA ALA KB 237 -22.74 21.35 0.45
C ALA KB 237 -21.89 20.11 0.69
N GLN KB 238 -22.51 18.92 0.63
CA GLN KB 238 -21.77 17.69 0.89
C GLN KB 238 -20.69 17.45 -0.16
N ARG KB 239 -21.02 17.66 -1.44
CA ARG KB 239 -20.06 17.38 -2.49
C ARG KB 239 -18.90 18.37 -2.46
N VAL KB 240 -19.19 19.65 -2.23
CA VAL KB 240 -18.13 20.64 -2.12
C VAL KB 240 -17.27 20.37 -0.90
N TYR KB 241 -17.88 19.90 0.19
CA TYR KB 241 -17.13 19.54 1.39
C TYR KB 241 -16.17 18.39 1.10
N GLU KB 242 -16.64 17.38 0.35
CA GLU KB 242 -15.78 16.24 0.04
C GLU KB 242 -14.67 16.63 -0.95
N MET KB 243 -14.95 17.57 -1.84
CA MET KB 243 -13.94 17.99 -2.81
C MET KB 243 -12.84 18.82 -2.17
N ASN KB 244 -13.16 19.56 -1.11
CA ASN KB 244 -12.12 20.29 -0.39
C ASN KB 244 -11.22 19.33 0.39
N SER KB 245 -11.78 18.21 0.84
CA SER KB 245 -10.95 17.19 1.48
C SER KB 245 -10.03 16.51 0.48
N LYS KB 246 -10.41 16.49 -0.80
CA LYS KB 246 -9.56 15.91 -1.83
C LYS KB 246 -8.25 16.67 -1.95
N VAL KB 247 -8.31 18.00 -1.90
CA VAL KB 247 -7.10 18.81 -2.02
C VAL KB 247 -6.17 18.58 -0.84
N ILE KB 248 -6.73 18.51 0.37
CA ILE KB 248 -5.90 18.24 1.55
C ILE KB 248 -5.29 16.85 1.47
N SER KB 249 -6.08 15.87 1.02
CA SER KB 249 -5.55 14.52 0.83
C SER KB 249 -4.45 14.50 -0.24
N SER KB 250 -4.65 15.24 -1.34
CA SER KB 250 -3.63 15.32 -2.37
C SER KB 250 -2.38 16.02 -1.88
N VAL KB 251 -2.55 17.11 -1.11
CA VAL KB 251 -1.40 17.82 -0.56
C VAL KB 251 -0.66 16.93 0.44
N ASP KB 252 -1.40 16.14 1.21
CA ASP KB 252 -0.77 15.23 2.16
C ASP KB 252 0.12 14.22 1.44
N LYS KB 253 -0.36 13.66 0.33
CA LYS KB 253 0.44 12.72 -0.43
C LYS KB 253 1.62 13.41 -1.11
N MET KB 254 1.43 14.67 -1.50
CA MET KB 254 2.54 15.43 -2.09
C MET KB 254 3.66 15.63 -1.07
N MET KB 255 3.32 16.07 0.14
CA MET KB 255 4.33 16.28 1.17
C MET KB 255 4.97 14.96 1.59
N SER KB 256 4.17 13.91 1.71
CA SER KB 256 4.72 12.60 2.07
C SER KB 256 5.68 12.10 1.00
N PHE KB 257 5.36 12.34 -0.27
CA PHE KB 257 6.25 11.94 -1.35
C PHE KB 257 7.58 12.69 -1.27
N VAL KB 258 7.53 13.98 -0.97
CA VAL KB 258 8.75 14.79 -0.92
C VAL KB 258 9.67 14.33 0.21
N ASN KB 259 9.08 14.00 1.37
CA ASN KB 259 9.89 13.56 2.50
C ASN KB 259 10.66 12.29 2.18
N GLN KB 260 10.02 11.34 1.50
CA GLN KB 260 10.70 10.10 1.13
C GLN KB 260 11.71 10.31 0.02
N GLN KB 261 11.55 11.33 -0.81
CA GLN KB 261 12.46 11.61 -1.91
C GLN KB 261 13.56 12.60 -1.51
N LEU KB 262 13.17 13.79 -1.07
CA LEU KB 262 14.13 14.81 -0.69
C LEU KB 262 14.69 14.56 0.71
N MET LB 1 11.11 -18.83 15.50
CA MET LB 1 12.03 -17.69 15.53
C MET LB 1 11.63 -16.69 16.62
N HIS LB 2 10.33 -16.53 16.83
CA HIS LB 2 9.82 -15.60 17.81
C HIS LB 2 8.63 -16.24 18.54
N PRO LB 3 8.55 -16.06 19.85
CA PRO LB 3 7.40 -16.65 20.59
C PRO LB 3 6.06 -16.14 20.10
N ALA LB 4 5.97 -14.87 19.72
CA ALA LB 4 4.69 -14.32 19.25
C ALA LB 4 4.28 -14.95 17.92
N LEU LB 5 5.26 -15.33 17.09
CA LEU LB 5 4.93 -15.95 15.81
C LEU LB 5 4.25 -17.30 16.03
N TRP LB 6 4.73 -18.09 16.97
CA TRP LB 6 4.15 -19.41 17.21
C TRP LB 6 2.81 -19.30 17.92
N VAL LB 7 2.66 -18.34 18.82
CA VAL LB 7 1.40 -18.16 19.53
C VAL LB 7 0.30 -17.74 18.57
N SER LB 8 0.62 -16.82 17.65
CA SER LB 8 -0.39 -16.35 16.71
C SER LB 8 -0.71 -17.40 15.65
N LYS LB 9 0.21 -18.31 15.36
CA LYS LB 9 -0.10 -19.41 14.44
C LYS LB 9 -1.19 -20.30 15.01
N THR LB 10 -1.13 -20.59 16.31
CA THR LB 10 -2.18 -21.38 16.93
C THR LB 10 -3.51 -20.65 16.90
N GLY LB 11 -3.49 -19.33 16.99
CA GLY LB 11 -4.73 -18.57 16.85
C GLY LB 11 -5.31 -18.65 15.45
N LEU LB 12 -4.45 -18.59 14.43
CA LEU LB 12 -4.93 -18.69 13.06
C LEU LB 12 -5.54 -20.06 12.78
N ASP LB 13 -4.88 -21.13 13.22
CA ASP LB 13 -5.40 -22.47 12.99
C ASP LB 13 -6.69 -22.70 13.75
N ALA LB 14 -6.79 -22.15 14.96
CA ALA LB 14 -8.03 -22.28 15.73
C ALA LB 14 -9.21 -21.63 15.04
N GLN LB 15 -9.00 -20.42 14.48
CA GLN LB 15 -10.08 -19.76 13.77
C GLN LB 15 -10.31 -20.39 12.40
N GLN LB 16 -9.28 -20.97 11.80
CA GLN LB 16 -9.46 -21.69 10.54
C GLN LB 16 -10.34 -22.91 10.74
N THR LB 17 -10.16 -23.62 11.85
CA THR LB 17 -11.06 -24.72 12.19
C THR LB 17 -12.44 -24.20 12.57
N ASN LB 18 -12.49 -23.06 13.26
CA ASN LB 18 -13.78 -22.50 13.68
C ASN LB 18 -14.65 -22.12 12.49
N ILE LB 19 -14.03 -21.54 11.45
CA ILE LB 19 -14.80 -21.14 10.27
C ILE LB 19 -15.33 -22.36 9.54
N ALA LB 20 -14.54 -23.44 9.46
CA ALA LB 20 -14.98 -24.64 8.77
C ALA LB 20 -16.19 -25.26 9.45
N THR LB 21 -16.32 -25.05 10.77
CA THR LB 21 -17.50 -25.52 11.48
C THR LB 21 -18.72 -24.68 11.14
N ILE LB 22 -18.54 -23.36 11.06
CA ILE LB 22 -19.65 -22.46 10.71
C ILE LB 22 -20.09 -22.70 9.27
N SER LB 23 -19.14 -22.93 8.37
CA SER LB 23 -19.48 -23.15 6.97
C SER LB 23 -20.27 -24.44 6.79
N ASN LB 24 -19.98 -25.46 7.61
CA ASN LB 24 -20.73 -26.71 7.55
C ASN LB 24 -22.19 -26.51 7.95
N ASN LB 25 -22.42 -25.70 8.99
CA ASN LB 25 -23.78 -25.47 9.46
C ASN LB 25 -24.62 -24.77 8.38
N LEU LB 26 -24.05 -23.76 7.72
CA LEU LB 26 -24.80 -23.04 6.70
C LEU LB 26 -24.98 -23.88 5.44
N ALA LB 27 -24.04 -24.76 5.13
CA ALA LB 27 -24.23 -25.71 4.04
C ALA LB 27 -25.38 -26.66 4.34
N ASN LB 28 -25.45 -27.16 5.57
CA ASN LB 28 -26.55 -28.01 6.02
C ASN LB 28 -27.66 -27.20 6.69
N ALA LB 29 -28.14 -26.15 6.02
CA ALA LB 29 -29.20 -25.35 6.58
C ALA LB 29 -30.59 -25.91 6.28
N SER LB 30 -30.70 -26.88 5.37
CA SER LB 30 -31.96 -27.50 5.02
C SER LB 30 -31.97 -29.00 5.22
N THR LB 31 -30.87 -29.59 5.67
CA THR LB 31 -30.80 -31.03 5.86
C THR LB 31 -31.75 -31.45 6.97
N VAL LB 32 -32.50 -32.52 6.74
CA VAL LB 32 -33.48 -33.01 7.70
C VAL LB 32 -32.75 -33.77 8.80
N GLY LB 33 -33.05 -33.44 10.05
CA GLY LB 33 -32.42 -34.09 11.18
C GLY LB 33 -30.94 -33.80 11.32
N TYR LB 34 -30.52 -32.58 11.00
CA TYR LB 34 -29.12 -32.18 11.13
C TYR LB 34 -28.97 -31.31 12.37
N LYS LB 35 -28.06 -31.70 13.24
CA LYS LB 35 -27.79 -30.97 14.48
C LYS LB 35 -26.58 -30.07 14.29
N LYS LB 36 -26.73 -28.80 14.64
CA LYS LB 36 -25.66 -27.84 14.42
C LYS LB 36 -24.47 -28.12 15.33
N SER LB 37 -23.33 -27.55 14.97
CA SER LB 37 -22.08 -27.77 15.67
C SER LB 37 -21.52 -26.43 16.15
N ARG LB 38 -20.69 -26.51 17.19
CA ARG LB 38 -19.98 -25.34 17.69
C ARG LB 38 -18.58 -25.76 18.13
N ALA LB 39 -17.57 -25.04 17.65
CA ALA LB 39 -16.19 -25.32 18.02
C ALA LB 39 -15.93 -24.92 19.46
N VAL LB 40 -15.17 -25.76 20.16
CA VAL LB 40 -14.84 -25.55 21.57
C VAL LB 40 -13.37 -25.16 21.64
N PHE LB 41 -13.11 -23.93 22.10
CA PHE LB 41 -11.75 -23.43 22.26
C PHE LB 41 -11.23 -23.71 23.65
N GLU LB 42 -9.91 -23.80 23.77
CA GLU LB 42 -9.27 -23.90 25.07
C GLU LB 42 -7.83 -23.40 24.94
N ASP LB 43 -7.33 -22.79 26.02
CA ASP LB 43 -5.97 -22.28 26.03
C ASP LB 43 -4.97 -23.42 26.22
N LEU LB 44 -3.80 -23.25 25.59
CA LEU LB 44 -2.74 -24.24 25.68
C LEU LB 44 -1.98 -24.08 27.00
N PHE LB 45 -0.95 -24.89 27.18
CA PHE LB 45 -0.18 -24.89 28.41
C PHE LB 45 0.49 -23.54 28.63
N TYR LB 46 0.80 -23.25 29.89
CA TYR LB 46 1.47 -22.02 30.28
C TYR LB 46 2.87 -22.34 30.78
N GLN LB 47 3.88 -21.69 30.20
CA GLN LB 47 5.25 -21.89 30.62
C GLN LB 47 5.46 -21.26 32.00
N ASN LB 48 6.05 -22.02 32.90
CA ASN LB 48 6.21 -21.60 34.30
C ASN LB 48 7.61 -21.03 34.48
N ILE LB 49 7.73 -19.70 34.33
CA ILE LB 49 9.00 -19.04 34.58
C ILE LB 49 9.17 -18.75 36.06
N ASN LB 50 8.19 -18.06 36.66
CA ASN LB 50 8.15 -17.81 38.10
C ASN LB 50 6.88 -18.41 38.67
N GLN LB 51 7.01 -19.22 39.70
CA GLN LB 51 5.87 -19.89 40.29
C GLN LB 51 5.01 -18.89 41.07
N PRO LB 52 3.72 -18.76 40.78
CA PRO LB 52 2.86 -17.94 41.63
C PRO LB 52 2.73 -18.57 43.01
N GLY LB 53 2.82 -17.74 44.04
CA GLY LB 53 2.88 -18.24 45.40
C GLY LB 53 4.24 -18.69 45.86
N GLY LB 54 5.24 -18.65 44.98
CA GLY LB 54 6.58 -19.01 45.40
C GLY LB 54 7.14 -18.04 46.42
N GLN LB 55 8.06 -18.52 47.23
CA GLN LB 55 8.56 -17.75 48.37
C GLN LB 55 9.66 -16.81 47.92
N SER LB 56 9.37 -15.52 47.88
CA SER LB 56 10.36 -14.48 47.73
C SER LB 56 10.57 -13.82 49.09
N SER LB 57 11.82 -13.68 49.50
CA SER LB 57 12.16 -13.28 50.86
C SER LB 57 11.60 -14.29 51.87
N GLN LB 58 11.56 -13.92 53.14
CA GLN LB 58 11.15 -14.86 54.18
C GLN LB 58 9.66 -14.77 54.49
N ASN LB 59 9.11 -13.56 54.60
CA ASN LB 59 7.73 -13.36 55.00
C ASN LB 59 6.86 -12.89 53.84
N THR LB 60 7.26 -13.21 52.61
CA THR LB 60 6.55 -12.75 51.43
C THR LB 60 6.49 -13.87 50.40
N GLU LB 61 5.49 -13.81 49.52
CA GLU LB 61 5.35 -14.75 48.43
C GLU LB 61 4.76 -14.03 47.23
N LEU LB 62 5.09 -14.52 46.03
CA LEU LB 62 4.66 -13.85 44.82
C LEU LB 62 3.15 -13.96 44.65
N PRO LB 63 2.41 -12.84 44.60
CA PRO LB 63 0.97 -12.93 44.37
C PRO LB 63 0.63 -13.50 43.01
N SER LB 64 1.45 -13.22 42.00
CA SER LB 64 1.29 -13.81 40.68
C SER LB 64 2.67 -13.96 40.05
N GLY LB 65 2.87 -15.07 39.35
CA GLY LB 65 4.15 -15.39 38.76
C GLY LB 65 4.17 -15.09 37.27
N LEU LB 66 5.36 -15.23 36.69
CA LEU LB 66 5.57 -15.02 35.26
C LEU LB 66 5.22 -16.31 34.53
N MET LB 67 3.98 -16.43 34.09
CA MET LB 67 3.50 -17.60 33.36
C MET LB 67 3.06 -17.14 31.98
N LEU LB 68 3.67 -17.70 30.94
CA LEU LB 68 3.44 -17.30 29.57
C LEU LB 68 2.61 -18.35 28.83
N GLY LB 69 1.54 -17.91 28.19
CA GLY LB 69 0.71 -18.81 27.42
C GLY LB 69 1.36 -19.22 26.11
N ALA LB 70 0.77 -20.23 25.48
CA ALA LB 70 1.27 -20.76 24.23
C ALA LB 70 0.27 -20.67 23.08
N GLY LB 71 -0.87 -19.99 23.28
CA GLY LB 71 -1.86 -19.82 22.23
C GLY LB 71 -3.17 -20.48 22.60
N SER LB 72 -3.91 -20.89 21.58
CA SER LB 72 -5.20 -21.53 21.75
C SER LB 72 -5.43 -22.50 20.61
N LYS LB 73 -6.41 -23.38 20.80
CA LYS LB 73 -6.78 -24.35 19.78
C LYS LB 73 -8.24 -24.74 19.97
N VAL LB 74 -8.82 -25.28 18.91
CA VAL LB 74 -10.17 -25.85 18.97
C VAL LB 74 -10.03 -27.29 19.44
N VAL LB 75 -10.54 -27.58 20.63
CA VAL LB 75 -10.34 -28.89 21.25
C VAL LB 75 -11.47 -29.88 20.96
N ALA LB 76 -12.66 -29.39 20.61
CA ALA LB 76 -13.77 -30.29 20.32
C ALA LB 76 -14.81 -29.55 19.49
N THR LB 77 -15.64 -30.35 18.81
CA THR LB 77 -16.80 -29.84 18.07
C THR LB 77 -18.03 -30.43 18.74
N GLN LB 78 -18.87 -29.55 19.30
CA GLN LB 78 -20.02 -29.98 20.08
C GLN LB 78 -21.28 -29.97 19.21
N LYS LB 79 -21.93 -31.11 19.10
CA LYS LB 79 -23.21 -31.23 18.40
C LYS LB 79 -24.33 -30.93 19.39
N VAL LB 80 -25.09 -29.87 19.13
CA VAL LB 80 -26.19 -29.48 20.00
C VAL LB 80 -27.42 -30.26 19.53
N HIS LB 81 -27.73 -31.33 20.25
CA HIS LB 81 -28.84 -32.22 19.89
C HIS LB 81 -30.16 -31.74 20.46
N THR LB 82 -30.50 -30.48 20.19
CA THR LB 82 -31.82 -29.97 20.55
C THR LB 82 -32.81 -30.30 19.46
N HIS LB 83 -34.06 -30.54 19.86
CA HIS LB 83 -35.10 -30.94 18.92
C HIS LB 83 -35.37 -29.80 17.93
N GLY LB 84 -35.45 -30.15 16.65
CA GLY LB 84 -35.77 -29.18 15.61
C GLY LB 84 -37.27 -29.05 15.40
N ASN LB 85 -37.63 -28.12 14.52
CA ASN LB 85 -39.02 -27.92 14.18
C ASN LB 85 -39.53 -29.08 13.33
N ALA LB 86 -40.84 -29.09 13.10
CA ALA LB 86 -41.51 -30.15 12.35
C ALA LB 86 -41.97 -29.60 11.01
N GLN LB 87 -41.75 -30.39 9.95
CA GLN LB 87 -42.21 -30.05 8.61
C GLN LB 87 -43.40 -30.94 8.27
N THR LB 88 -44.49 -30.33 7.80
CA THR LB 88 -45.69 -31.05 7.44
C THR LB 88 -45.63 -31.42 5.96
N THR LB 89 -45.68 -32.71 5.67
CA THR LB 89 -45.61 -33.23 4.32
C THR LB 89 -46.77 -34.19 4.05
N THR LB 90 -47.19 -34.26 2.79
CA THR LB 90 -48.26 -35.15 2.38
C THR LB 90 -47.80 -36.59 2.21
N ASN LB 91 -46.50 -36.84 2.23
CA ASN LB 91 -45.99 -38.21 2.09
C ASN LB 91 -46.30 -39.01 3.34
N ALA LB 92 -46.58 -40.30 3.15
CA ALA LB 92 -46.87 -41.20 4.26
C ALA LB 92 -45.68 -42.01 4.72
N LEU LB 93 -44.57 -41.96 3.99
CA LEU LB 93 -43.40 -42.78 4.30
C LEU LB 93 -42.27 -42.00 4.97
N ASP LB 94 -42.50 -40.75 5.34
CA ASP LB 94 -41.50 -39.97 6.06
C ASP LB 94 -41.93 -39.84 7.52
N MET LB 95 -41.02 -40.19 8.43
CA MET LB 95 -41.32 -40.24 9.85
C MET LB 95 -40.45 -39.25 10.60
N MET LB 96 -40.82 -39.02 11.86
CA MET LB 96 -40.13 -38.08 12.73
C MET LB 96 -40.19 -38.61 14.16
N VAL LB 97 -39.13 -38.37 14.92
CA VAL LB 97 -39.05 -38.77 16.32
C VAL LB 97 -39.45 -37.58 17.17
N GLU LB 98 -40.54 -37.71 17.92
CA GLU LB 98 -41.04 -36.66 18.78
C GLU LB 98 -40.36 -36.80 20.13
N GLY LB 99 -39.13 -36.29 20.23
CA GLY LB 99 -38.32 -36.43 21.42
C GLY LB 99 -37.03 -37.16 21.15
N ASP LB 100 -36.44 -37.69 22.22
CA ASP LB 100 -35.20 -38.43 22.10
C ASP LB 100 -35.41 -39.74 21.35
N GLY LB 101 -34.46 -40.08 20.51
CA GLY LB 101 -34.49 -41.33 19.78
C GLY LB 101 -33.78 -41.20 18.43
N PHE LB 102 -33.30 -42.34 17.94
CA PHE LB 102 -32.64 -42.41 16.64
C PHE LB 102 -33.17 -43.63 15.88
N PHE LB 103 -33.50 -43.43 14.61
CA PHE LB 103 -33.85 -44.57 13.76
C PHE LB 103 -32.63 -45.44 13.53
N GLN LB 104 -32.87 -46.74 13.37
CA GLN LB 104 -31.81 -47.71 13.16
C GLN LB 104 -31.84 -48.18 11.71
N VAL LB 105 -30.70 -48.07 11.04
CA VAL LB 105 -30.55 -48.54 9.66
C VAL LB 105 -29.35 -49.46 9.58
N THR LB 106 -29.39 -50.36 8.60
CA THR LB 106 -28.35 -51.37 8.42
C THR LB 106 -27.35 -50.89 7.37
N LEU LB 107 -26.11 -50.68 7.78
CA LEU LB 107 -25.06 -50.25 6.88
C LEU LB 107 -24.63 -51.43 5.99
N PRO LB 108 -24.01 -51.13 4.84
CA PRO LB 108 -23.54 -52.23 3.98
C PRO LB 108 -22.55 -53.17 4.67
N ASP LB 109 -21.71 -52.64 5.57
CA ASP LB 109 -20.74 -53.47 6.25
C ASP LB 109 -21.38 -54.35 7.33
N GLY LB 110 -22.64 -54.13 7.65
CA GLY LB 110 -23.36 -54.93 8.63
C GLY LB 110 -23.68 -54.22 9.91
N ASN LB 111 -23.00 -53.13 10.23
CA ASN LB 111 -23.25 -52.42 11.47
C ASN LB 111 -24.55 -51.62 11.38
N ILE LB 112 -24.97 -51.09 12.51
CA ILE LB 112 -26.19 -50.30 12.62
C ILE LB 112 -25.81 -48.83 12.74
N GLY LB 113 -26.31 -48.02 11.82
CA GLY LB 113 -26.15 -46.57 11.90
C GLY LB 113 -27.42 -45.93 12.41
N TYR LB 114 -27.25 -44.89 13.23
CA TYR LB 114 -28.37 -44.22 13.86
C TYR LB 114 -28.62 -42.89 13.17
N THR LB 115 -29.86 -42.69 12.73
CA THR LB 115 -30.22 -41.54 11.92
C THR LB 115 -31.43 -40.82 12.51
N ARG LB 116 -31.32 -39.49 12.61
CA ARG LB 116 -32.46 -38.65 12.90
C ARG LB 116 -33.27 -38.30 11.66
N ASN LB 117 -32.72 -38.57 10.48
CA ASN LB 117 -33.41 -38.29 9.23
C ASN LB 117 -34.44 -39.39 8.95
N GLY LB 118 -35.70 -38.99 8.88
CA GLY LB 118 -36.79 -39.93 8.68
C GLY LB 118 -37.34 -40.02 7.28
N GLN LB 119 -36.66 -39.45 6.28
CA GLN LB 119 -37.13 -39.53 4.91
C GLN LB 119 -36.91 -40.94 4.37
N PHE LB 120 -37.93 -41.78 4.45
CA PHE LB 120 -37.85 -43.17 4.00
C PHE LB 120 -38.64 -43.36 2.72
N THR LB 121 -38.46 -44.54 2.13
CA THR LB 121 -39.19 -44.94 0.93
C THR LB 121 -39.16 -46.46 0.86
N LEU LB 122 -39.53 -47.01 -0.29
CA LEU LB 122 -39.55 -48.45 -0.48
C LEU LB 122 -38.55 -48.85 -1.56
N ASN LB 123 -38.05 -50.07 -1.46
CA ASN LB 123 -37.18 -50.64 -2.48
C ASN LB 123 -38.02 -51.50 -3.43
N GLY LB 124 -37.36 -52.24 -4.31
CA GLY LB 124 -38.08 -53.10 -5.24
C GLY LB 124 -38.83 -54.23 -4.55
N GLU LB 125 -38.34 -54.66 -3.39
CA GLU LB 125 -38.97 -55.73 -2.64
C GLU LB 125 -40.02 -55.25 -1.65
N GLY LB 126 -40.22 -53.94 -1.54
CA GLY LB 126 -41.17 -53.38 -0.59
C GLY LB 126 -40.60 -53.09 0.78
N THR LB 127 -39.34 -53.42 1.03
CA THR LB 127 -38.74 -53.14 2.33
C THR LB 127 -38.60 -51.63 2.55
N LEU LB 128 -38.81 -51.20 3.78
CA LEU LB 128 -38.66 -49.79 4.12
C LEU LB 128 -37.18 -49.45 4.21
N VAL LB 129 -36.72 -48.56 3.34
CA VAL LB 129 -35.32 -48.19 3.25
C VAL LB 129 -35.19 -46.67 3.32
N THR LB 130 -33.96 -46.20 3.48
CA THR LB 130 -33.69 -44.78 3.44
C THR LB 130 -33.85 -44.25 2.01
N SER LB 131 -34.29 -43.00 1.91
CA SER LB 131 -34.53 -42.38 0.60
C SER LB 131 -33.25 -41.94 -0.09
N GLY LB 132 -32.09 -42.16 0.52
CA GLY LB 132 -30.81 -41.76 -0.01
C GLY LB 132 -30.12 -42.95 -0.65
N SER LB 133 -29.16 -43.55 0.04
CA SER LB 133 -28.41 -44.65 -0.53
C SER LB 133 -29.16 -45.98 -0.47
N GLY LB 134 -30.27 -46.06 0.26
CA GLY LB 134 -31.10 -47.24 0.24
C GLY LB 134 -30.83 -48.27 1.31
N TYR LB 135 -30.30 -47.86 2.46
CA TYR LB 135 -29.98 -48.82 3.51
C TYR LB 135 -31.26 -49.26 4.22
N PRO LB 136 -31.45 -50.55 4.47
CA PRO LB 136 -32.67 -51.01 5.14
C PRO LB 136 -32.76 -50.48 6.56
N VAL LB 137 -34.00 -50.31 7.04
CA VAL LB 137 -34.28 -49.78 8.36
C VAL LB 137 -34.52 -50.94 9.32
N GLU LB 138 -33.93 -50.86 10.51
CA GLU LB 138 -34.09 -51.87 11.55
C GLU LB 138 -35.27 -51.54 12.45
N PRO LB 139 -36.20 -52.49 12.69
CA PRO LB 139 -36.30 -53.83 12.09
C PRO LB 139 -36.90 -53.76 10.69
N GLU LB 140 -36.82 -54.83 9.90
CA GLU LB 140 -37.37 -54.80 8.55
C GLU LB 140 -38.88 -54.58 8.57
N ILE LB 141 -39.34 -53.67 7.73
CA ILE LB 141 -40.76 -53.37 7.56
C ILE LB 141 -41.05 -53.55 6.08
N VAL LB 142 -41.82 -54.59 5.75
CA VAL LB 142 -42.16 -54.90 4.36
C VAL LB 142 -43.65 -54.65 4.16
N ILE LB 143 -43.97 -53.89 3.13
CA ILE LB 143 -45.36 -53.54 2.81
C ILE LB 143 -45.87 -54.54 1.76
N PRO LB 144 -46.91 -55.31 2.05
CA PRO LB 144 -47.45 -56.23 1.06
C PRO LB 144 -48.03 -55.48 -0.14
N GLU LB 145 -47.98 -56.15 -1.30
CA GLU LB 145 -48.45 -55.53 -2.54
C GLU LB 145 -49.96 -55.31 -2.57
N ASP LB 146 -50.70 -55.90 -1.63
CA ASP LB 146 -52.14 -55.71 -1.54
C ASP LB 146 -52.51 -54.51 -0.67
N ALA LB 147 -51.53 -53.82 -0.08
CA ALA LB 147 -51.82 -52.71 0.80
C ALA LB 147 -52.34 -51.51 0.01
N ILE LB 148 -53.25 -50.76 0.63
CA ILE LB 148 -53.78 -49.54 0.02
C ILE LB 148 -53.43 -48.29 0.79
N SER LB 149 -53.01 -48.41 2.06
CA SER LB 149 -52.63 -47.25 2.86
C SER LB 149 -51.81 -47.74 4.05
N ILE LB 150 -50.75 -47.01 4.36
CA ILE LB 150 -49.81 -47.37 5.41
C ILE LB 150 -49.99 -46.39 6.57
N THR LB 151 -50.15 -46.93 7.78
CA THR LB 151 -50.25 -46.12 8.98
C THR LB 151 -49.19 -46.58 9.99
N VAL LB 152 -48.45 -45.63 10.53
CA VAL LB 152 -47.43 -45.89 11.54
C VAL LB 152 -47.88 -45.22 12.83
N GLY LB 153 -48.06 -46.01 13.87
CA GLY LB 153 -48.58 -45.51 15.13
C GLY LB 153 -47.57 -44.71 15.92
N THR LB 154 -48.06 -44.12 17.01
CA THR LB 154 -47.18 -43.39 17.91
C THR LB 154 -46.14 -44.31 18.53
N ASP LB 155 -46.55 -45.52 18.93
CA ASP LB 155 -45.64 -46.52 19.48
C ASP LB 155 -44.91 -47.30 18.40
N GLY LB 156 -44.84 -46.79 17.18
CA GLY LB 156 -44.07 -47.40 16.12
C GLY LB 156 -44.71 -48.58 15.44
N GLU LB 157 -45.95 -48.93 15.81
CA GLU LB 157 -46.61 -50.09 15.22
C GLU LB 157 -47.04 -49.77 13.79
N VAL LB 158 -46.39 -50.41 12.83
CA VAL LB 158 -46.67 -50.17 11.41
C VAL LB 158 -47.80 -51.09 10.99
N SER LB 159 -48.83 -50.52 10.36
CA SER LB 159 -49.97 -51.28 9.90
C SER LB 159 -50.36 -50.82 8.49
N VAL LB 160 -50.98 -51.73 7.74
CA VAL LB 160 -51.46 -51.42 6.40
C VAL LB 160 -52.94 -51.80 6.34
N ARG LB 161 -53.63 -51.19 5.36
CA ARG LB 161 -55.04 -51.46 5.13
C ARG LB 161 -55.22 -52.29 3.86
N VAL LB 162 -56.07 -53.31 3.95
CA VAL LB 162 -56.33 -54.21 2.84
C VAL LB 162 -57.82 -54.18 2.55
N ARG LB 163 -58.18 -54.01 1.28
CA ARG LB 163 -59.58 -54.04 0.90
C ARG LB 163 -60.17 -55.42 1.11
N GLY LB 164 -61.42 -55.46 1.57
CA GLY LB 164 -62.05 -56.71 1.94
C GLY LB 164 -61.72 -57.19 3.33
N GLN LB 165 -61.03 -56.37 4.13
CA GLN LB 165 -60.63 -56.77 5.48
C GLN LB 165 -60.69 -55.55 6.38
N GLN LB 166 -61.58 -55.59 7.37
CA GLN LB 166 -61.57 -54.61 8.45
C GLN LB 166 -60.39 -54.88 9.38
N ASP LB 167 -60.16 -53.98 10.33
CA ASP LB 167 -59.12 -54.15 11.34
C ASP LB 167 -57.73 -54.27 10.69
N ASN LB 168 -57.27 -53.13 10.17
CA ASN LB 168 -56.05 -53.02 9.38
C ASN LB 168 -54.94 -53.93 9.91
N GLN LB 169 -54.26 -54.59 8.97
CA GLN LB 169 -53.30 -55.64 9.30
C GLN LB 169 -51.97 -55.04 9.77
N VAL LB 170 -51.38 -55.64 10.80
CA VAL LB 170 -50.09 -55.19 11.30
C VAL LB 170 -48.98 -55.91 10.55
N VAL LB 171 -47.98 -55.14 10.11
CA VAL LB 171 -46.88 -55.68 9.31
C VAL LB 171 -45.52 -55.56 9.98
N GLY LB 172 -45.40 -54.80 11.05
CA GLY LB 172 -44.12 -54.65 11.71
C GLY LB 172 -44.20 -53.66 12.86
N GLN LB 173 -43.11 -53.63 13.63
CA GLN LB 173 -42.99 -52.76 14.79
C GLN LB 173 -41.66 -52.03 14.73
N LEU LB 174 -41.71 -50.71 14.87
CA LEU LB 174 -40.51 -49.88 14.86
C LEU LB 174 -39.99 -49.67 16.27
N THR LB 175 -38.67 -49.62 16.39
CA THR LB 175 -37.99 -49.31 17.64
C THR LB 175 -36.91 -48.27 17.38
N ILE LB 176 -36.72 -47.37 18.35
CA ILE LB 176 -35.76 -46.29 18.23
C ILE LB 176 -34.78 -46.38 19.39
N THR LB 177 -33.57 -45.86 19.18
CA THR LB 177 -32.48 -45.93 20.14
C THR LB 177 -32.14 -44.55 20.64
N ASP LB 178 -31.99 -44.42 21.96
CA ASP LB 178 -31.54 -43.18 22.59
C ASP LB 178 -30.20 -43.41 23.26
N PHE LB 179 -29.41 -42.35 23.35
CA PHE LB 179 -28.10 -42.39 23.98
C PHE LB 179 -28.04 -41.38 25.11
N VAL LB 180 -27.27 -41.72 26.14
CA VAL LB 180 -27.06 -40.80 27.26
C VAL LB 180 -26.36 -39.53 26.76
N ASN LB 181 -25.37 -39.69 25.89
CA ASN LB 181 -24.62 -38.58 25.31
C ASN LB 181 -24.66 -38.72 23.79
N PRO LB 182 -25.74 -38.28 23.15
CA PRO LB 182 -25.78 -38.33 21.68
C PRO LB 182 -24.74 -37.45 21.02
N GLY LB 183 -24.21 -36.46 21.73
CA GLY LB 183 -23.12 -35.65 21.19
C GLY LB 183 -21.83 -36.41 21.02
N GLY LB 184 -21.69 -37.56 21.69
CA GLY LB 184 -20.54 -38.42 21.52
C GLY LB 184 -20.61 -39.36 20.35
N LEU LB 185 -21.72 -39.36 19.61
CA LEU LB 185 -21.82 -40.17 18.41
C LEU LB 185 -20.86 -39.66 17.35
N GLU LB 186 -20.38 -40.58 16.52
CA GLU LB 186 -19.44 -40.24 15.46
C GLU LB 186 -20.21 -39.98 14.18
N PRO LB 187 -20.23 -38.75 13.66
CA PRO LB 187 -20.90 -38.50 12.38
C PRO LB 187 -20.10 -39.10 11.23
N ILE LB 188 -20.77 -39.91 10.41
CA ILE LB 188 -20.14 -40.55 9.26
C ILE LB 188 -20.71 -40.05 7.95
N GLY LB 189 -21.52 -38.98 7.99
CA GLY LB 189 -22.14 -38.47 6.79
C GLY LB 189 -23.39 -39.25 6.43
N GLN LB 190 -24.05 -38.79 5.36
CA GLN LB 190 -25.29 -39.39 4.87
C GLN LB 190 -26.36 -39.44 5.96
N ASN LB 191 -26.37 -38.43 6.84
CA ASN LB 191 -27.32 -38.34 7.94
C ASN LB 191 -27.26 -39.58 8.84
N LEU LB 192 -26.04 -40.05 9.13
CA LEU LB 192 -25.84 -41.25 9.90
C LEU LB 192 -24.84 -40.99 11.03
N TYR LB 193 -25.04 -41.68 12.15
CA TYR LB 193 -24.12 -41.66 13.27
C TYR LB 193 -23.69 -43.08 13.61
N LEU LB 194 -22.59 -43.19 14.35
CA LEU LB 194 -22.15 -44.49 14.83
C LEU LB 194 -21.93 -44.43 16.34
N PRO LB 195 -22.27 -45.51 17.05
CA PRO LB 195 -22.00 -45.53 18.49
C PRO LB 195 -20.50 -45.57 18.77
N THR LB 196 -20.12 -44.92 19.87
CA THR LB 196 -18.72 -44.80 20.25
C THR LB 196 -18.56 -45.08 21.74
N GLY LB 197 -17.32 -44.95 22.22
CA GLY LB 197 -17.04 -45.21 23.62
C GLY LB 197 -17.71 -44.23 24.56
N ALA LB 198 -17.64 -42.94 24.23
CA ALA LB 198 -18.23 -41.90 25.07
C ALA LB 198 -19.69 -41.62 24.75
N SER LB 199 -20.23 -42.24 23.70
CA SER LB 199 -21.64 -42.06 23.37
C SER LB 199 -22.54 -42.73 24.42
N GLY LB 200 -22.16 -43.90 24.87
CA GLY LB 200 -22.97 -44.68 25.79
C GLY LB 200 -23.61 -45.88 25.11
N ASP LB 201 -24.09 -46.79 25.95
CA ASP LB 201 -24.72 -47.99 25.44
C ASP LB 201 -26.03 -47.65 24.73
N PRO LB 202 -26.30 -48.26 23.58
CA PRO LB 202 -27.59 -48.03 22.91
C PRO LB 202 -28.75 -48.45 23.79
N GLN LB 203 -29.83 -47.66 23.73
CA GLN LB 203 -31.03 -47.90 24.53
C GLN LB 203 -32.20 -48.11 23.57
N GLU LB 204 -32.38 -49.34 23.11
CA GLU LB 204 -33.45 -49.69 22.19
C GLU LB 204 -34.70 -50.05 22.97
N GLY LB 205 -35.85 -49.67 22.43
CA GLY LB 205 -37.11 -49.96 23.06
C GLY LB 205 -38.26 -49.42 22.25
N VAL LB 206 -39.46 -49.62 22.77
CA VAL LB 206 -40.67 -49.13 22.09
C VAL LB 206 -40.66 -47.61 22.07
N PRO LB 207 -40.99 -46.98 20.96
CA PRO LB 207 -40.88 -45.51 20.87
C PRO LB 207 -41.99 -44.79 21.62
N GLY LB 208 -41.77 -44.52 22.90
CA GLY LB 208 -42.76 -43.83 23.71
C GLY LB 208 -42.79 -44.24 25.16
N LEU LB 209 -41.93 -45.17 25.55
CA LEU LB 209 -41.84 -45.64 26.93
C LEU LB 209 -40.43 -45.44 27.46
N ASP LB 210 -40.34 -45.13 28.75
CA ASP LB 210 -39.07 -44.97 29.47
C ASP LB 210 -38.19 -43.89 28.83
N GLY LB 211 -38.79 -42.75 28.53
CA GLY LB 211 -38.06 -41.60 28.06
C GLY LB 211 -37.84 -41.52 26.56
N LEU LB 212 -38.21 -42.55 25.81
CA LEU LB 212 -38.07 -42.53 24.36
C LEU LB 212 -39.11 -41.61 23.74
N GLY LB 213 -38.77 -41.04 22.59
CA GLY LB 213 -39.69 -40.21 21.87
C GLY LB 213 -40.70 -41.02 21.07
N GLU LB 214 -41.65 -40.31 20.48
CA GLU LB 214 -42.73 -40.93 19.73
C GLU LB 214 -42.46 -40.78 18.23
N ILE LB 215 -43.09 -41.66 17.45
CA ILE LB 215 -42.95 -41.64 16.00
C ILE LB 215 -44.10 -40.85 15.40
N ARG LB 216 -43.79 -39.85 14.58
CA ARG LB 216 -44.78 -39.03 13.90
C ARG LB 216 -44.72 -39.33 12.41
N GLN LB 217 -45.84 -39.78 11.85
CA GLN LB 217 -45.92 -40.07 10.43
C GLN LB 217 -46.29 -38.81 9.66
N SER LB 218 -45.82 -38.74 8.42
CA SER LB 218 -46.06 -37.59 7.53
C SER LB 218 -45.54 -36.30 8.15
N MET LB 219 -44.31 -36.35 8.68
CA MET LB 219 -43.72 -35.19 9.32
C MET LB 219 -42.21 -35.36 9.32
N LEU LB 220 -41.50 -34.25 9.12
CA LEU LB 220 -40.05 -34.24 9.03
C LEU LB 220 -39.46 -33.24 10.01
N GLU LB 221 -38.29 -33.58 10.54
CA GLU LB 221 -37.61 -32.76 11.53
C GLU LB 221 -36.63 -31.82 10.83
N ALA LB 222 -36.88 -30.52 10.93
CA ALA LB 222 -35.99 -29.54 10.33
C ALA LB 222 -34.68 -29.46 11.12
N SER LB 223 -33.66 -28.93 10.47
CA SER LB 223 -32.38 -28.71 11.14
C SER LB 223 -32.51 -27.58 12.15
N ASN LB 224 -31.71 -27.67 13.22
CA ASN LB 224 -31.76 -26.71 14.31
C ASN LB 224 -30.71 -25.60 14.16
N VAL LB 225 -30.15 -25.44 12.96
CA VAL LB 225 -29.15 -24.40 12.75
C VAL LB 225 -29.80 -23.04 12.84
N ASN LB 226 -29.07 -22.07 13.40
CA ASN LB 226 -29.51 -20.69 13.49
C ASN LB 226 -28.72 -19.90 12.46
N VAL LB 227 -29.38 -19.54 11.35
CA VAL LB 227 -28.68 -18.90 10.25
C VAL LB 227 -28.13 -17.54 10.66
N THR LB 228 -28.86 -16.82 11.51
CA THR LB 228 -28.37 -15.53 11.99
C THR LB 228 -27.16 -15.70 12.88
N GLU LB 229 -27.16 -16.71 13.75
CA GLU LB 229 -26.01 -16.94 14.63
C GLU LB 229 -24.75 -17.25 13.83
N GLU LB 230 -24.87 -18.09 12.79
CA GLU LB 230 -23.70 -18.46 12.00
C GLU LB 230 -23.11 -17.25 11.30
N LEU LB 231 -23.96 -16.34 10.83
CA LEU LB 231 -23.46 -15.14 10.15
C LEU LB 231 -22.75 -14.22 11.13
N VAL LB 232 -23.25 -14.12 12.37
CA VAL LB 232 -22.53 -13.35 13.39
C VAL LB 232 -21.23 -14.05 13.76
N ASN LB 233 -21.27 -15.37 13.92
CA ASN LB 233 -20.06 -16.12 14.22
C ASN LB 233 -19.05 -16.01 13.09
N MET LB 234 -19.51 -15.89 11.85
CA MET LB 234 -18.61 -15.68 10.72
C MET LB 234 -17.95 -14.31 10.81
N ILE LB 235 -18.68 -13.31 11.30
CA ILE LB 235 -18.09 -11.99 11.53
C ILE LB 235 -17.02 -12.07 12.62
N GLU LB 236 -17.34 -12.74 13.73
CA GLU LB 236 -16.39 -12.85 14.83
C GLU LB 236 -15.15 -13.63 14.40
N ALA LB 237 -15.35 -14.76 13.71
CA ALA LB 237 -14.22 -15.60 13.32
C ALA LB 237 -13.31 -14.88 12.33
N GLN LB 238 -13.89 -14.10 11.42
CA GLN LB 238 -13.09 -13.39 10.43
C GLN LB 238 -12.21 -12.32 11.09
N ARG LB 239 -12.77 -11.57 12.05
CA ARG LB 239 -12.01 -10.47 12.65
C ARG LB 239 -10.90 -10.99 13.55
N VAL LB 240 -11.16 -12.06 14.32
CA VAL LB 240 -10.10 -12.66 15.12
C VAL LB 240 -9.03 -13.26 14.22
N TYR LB 241 -9.44 -13.82 13.08
CA TYR LB 241 -8.49 -14.37 12.13
C TYR LB 241 -7.56 -13.28 11.58
N GLU LB 242 -8.13 -12.11 11.26
CA GLU LB 242 -7.32 -11.02 10.71
C GLU LB 242 -6.37 -10.45 11.74
N MET LB 243 -6.82 -10.33 13.00
CA MET LB 243 -5.97 -9.74 14.03
C MET LB 243 -4.76 -10.62 14.34
N ASN LB 244 -4.91 -11.94 14.27
CA ASN LB 244 -3.75 -12.80 14.47
C ASN LB 244 -2.77 -12.70 13.32
N SER LB 245 -3.26 -12.37 12.11
CA SER LB 245 -2.36 -12.11 11.00
C SER LB 245 -1.60 -10.81 11.20
N LYS LB 246 -2.21 -9.85 11.92
CA LYS LB 246 -1.52 -8.60 12.22
C LYS LB 246 -0.30 -8.84 13.10
N VAL LB 247 -0.43 -9.73 14.08
CA VAL LB 247 0.68 -10.00 14.99
C VAL LB 247 1.85 -10.64 14.24
N ILE LB 248 1.56 -11.59 13.37
CA ILE LB 248 2.60 -12.23 12.58
C ILE LB 248 3.28 -11.21 11.66
N SER LB 249 2.48 -10.32 11.06
CA SER LB 249 3.05 -9.27 10.23
C SER LB 249 3.93 -8.33 11.05
N SER LB 250 3.50 -7.98 12.26
CA SER LB 250 4.29 -7.09 13.10
C SER LB 250 5.61 -7.74 13.50
N VAL LB 251 5.58 -9.03 13.83
CA VAL LB 251 6.81 -9.75 14.15
C VAL LB 251 7.70 -9.86 12.92
N ASP LB 252 7.07 -10.05 11.75
CA ASP LB 252 7.84 -10.13 10.51
C ASP LB 252 8.58 -8.83 10.23
N LYS LB 253 7.91 -7.70 10.45
CA LYS LB 253 8.57 -6.41 10.24
C LYS LB 253 9.62 -6.14 11.32
N MET LB 254 9.39 -6.64 12.55
CA MET LB 254 10.37 -6.47 13.61
C MET LB 254 11.67 -7.21 13.27
N MET LB 255 11.55 -8.45 12.80
CA MET LB 255 12.75 -9.23 12.47
C MET LB 255 13.46 -8.66 11.25
N SER LB 256 12.70 -8.13 10.29
CA SER LB 256 13.31 -7.48 9.13
C SER LB 256 14.08 -6.24 9.56
N PHE LB 257 13.54 -5.47 10.50
CA PHE LB 257 14.25 -4.30 11.01
C PHE LB 257 15.53 -4.69 11.74
N VAL LB 258 15.49 -5.78 12.51
CA VAL LB 258 16.66 -6.21 13.28
C VAL LB 258 17.78 -6.64 12.34
N ASN LB 259 17.43 -7.34 11.25
CA ASN LB 259 18.45 -7.78 10.30
C ASN LB 259 19.19 -6.59 9.69
N GLN LB 260 18.45 -5.53 9.35
CA GLN LB 260 19.08 -4.34 8.77
C GLN LB 260 19.93 -3.60 9.80
N GLN LB 261 19.51 -3.60 11.06
CA GLN LB 261 20.19 -2.84 12.11
C GLN LB 261 21.27 -3.65 12.81
N LEU LB 262 20.93 -4.82 13.34
CA LEU LB 262 21.88 -5.63 14.09
C LEU LB 262 22.80 -6.42 13.17
N ALA MB 2 136.25 -21.27 32.55
CA ALA MB 2 135.21 -20.43 31.97
C ALA MB 2 135.63 -19.94 30.58
N ILE MB 3 135.22 -18.72 30.25
CA ILE MB 3 135.42 -18.14 28.92
C ILE MB 3 134.93 -19.13 27.86
N SER MB 4 133.62 -19.37 27.83
CA SER MB 4 133.01 -20.23 26.84
C SER MB 4 131.68 -19.63 26.41
N PHE MB 5 131.29 -19.99 25.19
CA PHE MB 5 130.04 -19.46 24.62
C PHE MB 5 128.88 -19.99 25.45
N ASP MB 6 128.91 -21.21 25.95
CA ASP MB 6 127.74 -21.63 26.76
C ASP MB 6 127.65 -20.74 27.99
N ASN MB 7 128.72 -20.70 28.79
CA ASN MB 7 128.72 -19.92 30.05
C ASN MB 7 128.49 -18.43 29.77
N ALA MB 8 128.62 -18.00 28.52
CA ALA MB 8 128.50 -16.55 28.24
C ALA MB 8 127.09 -16.23 27.76
N LEU MB 9 126.51 -17.08 26.92
CA LEU MB 9 125.19 -16.81 26.30
C LEU MB 9 124.08 -17.19 27.29
N GLY MB 10 124.31 -18.24 28.07
CA GLY MB 10 123.31 -18.60 29.05
C GLY MB 10 122.21 -19.47 28.45
N ILE MB 11 120.98 -19.23 28.87
CA ILE MB 11 119.84 -19.95 28.32
C ILE MB 11 119.10 -19.12 27.27
N HIS MB 12 119.67 -17.99 26.87
CA HIS MB 12 119.04 -17.12 25.88
C HIS MB 12 119.17 -17.65 24.47
N GLN MB 13 120.02 -18.65 24.24
CA GLN MB 13 120.12 -19.30 22.93
C GLN MB 13 119.12 -20.44 22.78
N HIS MB 14 118.88 -21.20 23.86
CA HIS MB 14 117.87 -22.24 23.80
C HIS MB 14 116.47 -21.68 23.86
N THR MB 15 116.28 -20.58 24.60
CA THR MB 15 114.95 -20.00 24.74
C THR MB 15 114.41 -19.50 23.41
N VAL MB 16 115.28 -18.91 22.58
CA VAL MB 16 114.83 -18.40 21.28
C VAL MB 16 114.27 -19.52 20.42
N GLY MB 17 114.95 -20.67 20.40
CA GLY MB 17 114.46 -21.79 19.61
C GLY MB 17 113.10 -22.28 20.08
N VAL MB 18 112.89 -22.31 21.40
CA VAL MB 18 111.62 -22.76 21.94
C VAL MB 18 110.51 -21.77 21.62
N ARG MB 19 110.81 -20.48 21.69
CA ARG MB 19 109.81 -19.47 21.37
C ARG MB 19 109.38 -19.53 19.92
N GLU MB 20 110.33 -19.81 19.02
CA GLU MB 20 109.96 -20.03 17.62
C GLU MB 20 109.17 -21.32 17.45
N ARG MB 21 109.52 -22.35 18.23
CA ARG MB 21 108.73 -23.58 18.21
C ARG MB 21 107.31 -23.34 18.67
N ASN MB 22 107.14 -22.54 19.73
CA ASN MB 22 105.80 -22.24 20.24
C ASN MB 22 104.99 -21.47 19.21
N ALA MB 23 105.62 -20.52 18.51
CA ALA MB 23 104.91 -19.77 17.49
C ALA MB 23 104.45 -20.66 16.35
N GLU MB 24 105.25 -21.67 16.01
CA GLU MB 24 104.82 -22.63 15.00
C GLU MB 24 103.63 -23.44 15.48
N VAL MB 25 103.59 -23.79 16.77
CA VAL MB 25 102.45 -24.53 17.31
C VAL MB 25 101.21 -23.64 17.36
N ILE MB 26 101.38 -22.40 17.84
CA ILE MB 26 100.23 -21.50 17.94
C ILE MB 26 99.66 -21.16 16.56
N SER MB 27 100.54 -20.90 15.59
CA SER MB 27 100.07 -20.60 14.24
C SER MB 27 99.36 -21.80 13.63
N THR MB 28 99.79 -23.01 13.97
CA THR MB 28 99.12 -24.21 13.48
C THR MB 28 97.69 -24.29 14.00
N ASN MB 29 97.48 -23.97 15.27
CA ASN MB 29 96.14 -23.99 15.83
C ASN MB 29 95.24 -22.96 15.17
N ILE MB 30 95.78 -21.77 14.89
CA ILE MB 30 94.99 -20.73 14.23
C ILE MB 30 94.61 -21.16 12.83
N ALA MB 31 95.56 -21.72 12.07
CA ALA MB 31 95.26 -22.18 10.72
C ALA MB 31 94.26 -23.32 10.73
N GLN MB 32 94.40 -24.26 11.66
CA GLN MB 32 93.52 -25.41 11.76
C GLN MB 32 92.30 -25.16 12.63
N ALA MB 33 91.93 -23.89 12.83
CA ALA MB 33 90.78 -23.58 13.68
C ALA MB 33 89.49 -24.12 13.09
N ASN MB 34 89.32 -23.99 11.77
CA ASN MB 34 88.08 -24.37 11.12
C ASN MB 34 88.03 -25.84 10.71
N THR MB 35 89.13 -26.56 10.83
CA THR MB 35 89.12 -27.98 10.47
C THR MB 35 88.38 -28.77 11.52
N PRO MB 36 87.29 -29.46 11.18
CA PRO MB 36 86.58 -30.25 12.18
C PRO MB 36 87.40 -31.45 12.63
N GLY MB 37 87.25 -31.80 13.91
CA GLY MB 37 87.95 -32.92 14.49
C GLY MB 37 89.37 -32.63 14.91
N TYR MB 38 89.91 -31.46 14.56
CA TYR MB 38 91.27 -31.10 14.94
C TYR MB 38 91.29 -30.65 16.40
N LYS MB 39 92.24 -31.18 17.17
CA LYS MB 39 92.37 -30.85 18.58
C LYS MB 39 93.51 -29.86 18.78
N ALA MB 40 93.24 -28.83 19.59
CA ALA MB 40 94.24 -27.79 19.81
C ALA MB 40 95.47 -28.36 20.49
N ARG MB 41 96.64 -27.93 20.03
CA ARG MB 41 97.92 -28.43 20.52
C ARG MB 41 98.57 -27.40 21.43
N GLY MB 42 99.03 -27.85 22.58
CA GLY MB 42 99.72 -26.99 23.52
C GLY MB 42 101.18 -27.40 23.64
N LEU MB 43 102.00 -26.49 24.15
CA LEU MB 43 103.43 -26.72 24.30
C LEU MB 43 103.86 -26.30 25.70
N ASP MB 44 104.63 -27.17 26.36
CA ASP MB 44 105.17 -26.88 27.69
C ASP MB 44 106.52 -26.21 27.52
N PHE MB 45 106.63 -24.96 27.96
CA PHE MB 45 107.88 -24.23 27.81
C PHE MB 45 108.98 -24.81 28.70
N ALA MB 46 108.63 -25.16 29.95
CA ALA MB 46 109.64 -25.66 30.88
C ALA MB 46 110.25 -26.96 30.39
N LYS MB 47 109.41 -27.89 29.92
CA LYS MB 47 109.94 -29.16 29.43
C LYS MB 47 110.73 -28.97 28.13
N GLU MB 48 110.24 -28.11 27.24
CA GLU MB 48 110.96 -27.87 25.99
C GLU MB 48 112.32 -27.22 26.24
N LEU MB 49 112.38 -26.27 27.17
CA LEU MB 49 113.65 -25.64 27.49
C LEU MB 49 114.63 -26.63 28.11
N GLN MB 50 114.12 -27.52 28.97
CA GLN MB 50 114.97 -28.56 29.55
C GLN MB 50 115.48 -29.50 28.47
N ALA MB 51 114.63 -29.89 27.53
CA ALA MB 51 115.06 -30.78 26.44
C ALA MB 51 116.09 -30.09 25.55
N ALA MB 52 115.89 -28.80 25.27
CA ALA MB 52 116.83 -28.07 24.42
C ALA MB 52 118.19 -27.95 25.09
N THR MB 53 118.21 -27.70 26.40
CA THR MB 53 119.47 -27.53 27.11
C THR MB 53 120.29 -28.82 27.12
N SER MB 54 119.64 -29.98 27.09
CA SER MB 54 120.31 -31.27 27.13
C SER MB 54 119.60 -32.22 26.18
N GLY MB 55 120.14 -32.34 24.97
CA GLY MB 55 119.55 -33.21 23.97
C GLY MB 55 120.07 -32.93 22.57
N ASP MB 77 103.99 -37.07 25.67
CA ASP MB 77 104.72 -35.91 25.17
C ASP MB 77 103.76 -34.87 24.60
N LYS MB 78 102.79 -35.34 23.82
CA LYS MB 78 101.81 -34.44 23.21
C LYS MB 78 100.89 -33.88 24.28
N LEU MB 79 100.84 -32.55 24.39
CA LEU MB 79 99.96 -31.87 25.32
C LEU MB 79 98.81 -31.22 24.56
N TYR MB 80 97.59 -31.50 25.00
CA TYR MB 80 96.39 -30.95 24.40
C TYR MB 80 95.76 -29.93 25.33
N ARG MB 81 95.12 -28.92 24.74
CA ARG MB 81 94.52 -27.83 25.50
C ARG MB 81 93.06 -28.14 25.78
N LEU MB 82 92.67 -28.08 27.04
CA LEU MB 82 91.29 -28.38 27.41
C LEU MB 82 90.37 -27.23 26.99
N PRO MB 83 89.32 -27.50 26.22
CA PRO MB 83 88.44 -26.42 25.76
C PRO MB 83 87.66 -25.82 26.92
N THR MB 84 87.41 -24.51 26.80
CA THR MB 84 86.61 -23.81 27.80
C THR MB 84 85.12 -24.11 27.63
N GLN MB 85 84.67 -24.36 26.41
CA GLN MB 85 83.29 -24.66 26.11
C GLN MB 85 83.22 -25.81 25.12
N PRO MB 86 82.10 -26.55 25.10
CA PRO MB 86 81.97 -27.66 24.16
C PRO MB 86 81.97 -27.18 22.71
N ASP MB 87 82.43 -28.05 21.83
CA ASP MB 87 82.37 -27.75 20.40
C ASP MB 87 80.93 -27.81 19.90
N THR MB 88 80.69 -27.11 18.80
CA THR MB 88 79.36 -27.06 18.19
C THR MB 88 79.05 -28.28 17.32
N GLY MB 89 79.85 -29.34 17.41
CA GLY MB 89 79.57 -30.54 16.66
C GLY MB 89 80.72 -30.97 15.77
N ASP MB 90 81.51 -30.00 15.30
CA ASP MB 90 82.63 -30.32 14.42
C ASP MB 90 83.68 -31.16 15.16
N GLY MB 91 83.91 -30.85 16.42
CA GLY MB 91 84.93 -31.52 17.21
C GLY MB 91 86.20 -30.74 17.42
N ASN MB 92 86.30 -29.52 16.89
CA ASN MB 92 87.50 -28.71 16.99
C ASN MB 92 87.49 -27.94 18.30
N THR MB 93 88.58 -28.07 19.06
CA THR MB 93 88.68 -27.45 20.39
C THR MB 93 89.62 -26.24 20.39
N VAL MB 94 89.78 -25.60 19.23
CA VAL MB 94 90.63 -24.43 19.12
C VAL MB 94 89.82 -23.19 19.49
N ASP MB 95 90.25 -22.51 20.56
CA ASP MB 95 89.63 -21.27 21.00
C ASP MB 95 90.45 -20.13 20.40
N LEU MB 96 89.96 -19.59 19.28
CA LEU MB 96 90.73 -18.59 18.55
C LEU MB 96 90.94 -17.31 19.34
N ASP MB 97 90.09 -17.04 20.33
CA ASP MB 97 90.32 -15.89 21.21
C ASP MB 97 91.59 -16.09 22.03
N LEU MB 98 91.80 -17.30 22.54
CA LEU MB 98 93.00 -17.59 23.33
C LEU MB 98 94.25 -17.69 22.46
N GLU MB 99 94.11 -18.24 21.25
CA GLU MB 99 95.28 -18.43 20.39
C GLU MB 99 95.93 -17.09 20.02
N ARG MB 100 95.11 -16.09 19.69
CA ARG MB 100 95.66 -14.77 19.38
C ARG MB 100 96.35 -14.17 20.59
N ASN MB 101 95.78 -14.33 21.78
CA ASN MB 101 96.39 -13.78 22.99
C ASN MB 101 97.74 -14.44 23.26
N LEU MB 102 97.81 -15.77 23.09
CA LEU MB 102 99.07 -16.46 23.33
C LEU MB 102 100.11 -16.13 22.26
N PHE MB 103 99.68 -15.97 21.01
CA PHE MB 103 100.60 -15.60 19.95
C PHE MB 103 101.17 -14.21 20.18
N MET MB 104 100.35 -13.28 20.65
CA MET MB 104 100.84 -11.94 20.97
C MET MB 104 101.85 -11.98 22.11
N GLN MB 105 101.57 -12.77 23.15
CA GLN MB 105 102.51 -12.89 24.26
C GLN MB 105 103.80 -13.55 23.81
N ASN MB 106 103.70 -14.59 22.98
CA ASN MB 106 104.90 -15.31 22.54
C ASN MB 106 105.81 -14.41 21.73
N GLN MB 107 105.23 -13.54 20.90
CA GLN MB 107 106.04 -12.64 20.08
C GLN MB 107 106.80 -11.63 20.94
N ILE MB 108 106.16 -11.13 22.01
CA ILE MB 108 106.82 -10.16 22.88
C ILE MB 108 107.99 -10.82 23.63
N ARG MB 109 107.75 -12.01 24.20
CA ARG MB 109 108.80 -12.69 24.93
C ARG MB 109 109.92 -13.16 24.00
N HIS MB 110 109.59 -13.47 22.75
CA HIS MB 110 110.62 -13.82 21.77
C HIS MB 110 111.48 -12.62 21.42
N GLN MB 111 110.86 -11.44 21.33
CA GLN MB 111 111.63 -10.22 21.06
C GLN MB 111 112.59 -9.91 22.20
N ALA MB 112 112.15 -10.11 23.44
CA ALA MB 112 113.02 -9.92 24.58
C ALA MB 112 114.19 -10.90 24.56
N SER MB 113 113.92 -12.16 24.18
CA SER MB 113 114.98 -13.16 24.14
C SER MB 113 116.04 -12.82 23.10
N LEU MB 114 115.60 -12.31 21.94
CA LEU MB 114 116.56 -11.86 20.94
C LEU MB 114 117.39 -10.69 21.45
N ASP MB 115 116.75 -9.76 22.16
CA ASP MB 115 117.49 -8.65 22.76
C ASP MB 115 118.44 -9.16 23.83
N PHE MB 116 118.00 -10.12 24.65
CA PHE MB 116 118.87 -10.70 25.66
C PHE MB 116 120.04 -11.45 25.03
N LEU MB 117 119.76 -12.26 24.01
CA LEU MB 117 120.82 -13.01 23.35
C LEU MB 117 121.71 -12.10 22.52
N GLY MB 118 121.12 -11.11 21.86
CA GLY MB 118 121.91 -10.19 21.06
C GLY MB 118 122.89 -9.38 21.90
N SER MB 119 122.49 -9.02 23.12
CA SER MB 119 123.37 -8.26 24.00
C SER MB 119 124.50 -9.13 24.54
N LYS MB 120 124.32 -10.44 24.57
CA LYS MB 120 125.39 -11.33 25.00
C LYS MB 120 126.57 -11.28 24.03
N PHE MB 121 126.28 -11.28 22.73
CA PHE MB 121 127.33 -11.21 21.73
C PHE MB 121 127.98 -9.82 21.70
N LYS MB 122 127.18 -8.77 21.86
CA LYS MB 122 127.72 -7.42 21.84
C LYS MB 122 128.68 -7.19 23.01
N ASN MB 123 128.32 -7.69 24.20
CA ASN MB 123 129.20 -7.55 25.35
C ASN MB 123 130.47 -8.37 25.17
N LEU MB 124 130.36 -9.58 24.60
CA LEU MB 124 131.54 -10.39 24.34
C LEU MB 124 132.47 -9.71 23.34
N THR MB 125 131.91 -9.14 22.27
CA THR MB 125 132.72 -8.42 21.30
C THR MB 125 133.34 -7.17 21.93
N LYS MB 126 132.59 -6.50 22.81
CA LYS MB 126 133.11 -5.30 23.46
C LYS MB 126 134.32 -5.61 24.33
N ALA MB 127 134.27 -6.74 25.06
CA ALA MB 127 135.38 -7.07 25.95
C ALA MB 127 136.61 -7.54 25.18
N ILE MB 128 136.41 -8.33 24.11
CA ILE MB 128 137.54 -8.84 23.35
C ILE MB 128 138.20 -7.79 22.47
N LYS MB 129 137.61 -6.61 22.36
CA LYS MB 129 138.17 -5.53 21.56
C LYS MB 129 138.34 -4.22 22.31
N GLY MB 130 137.76 -4.09 23.50
CA GLY MB 130 137.91 -2.88 24.28
C GLY MB 130 137.34 -1.65 23.62
N GLU MB 131 136.25 -1.81 22.88
CA GLU MB 131 135.64 -0.71 22.14
C GLU MB 131 134.26 -0.37 22.67
N ALA NB 2 124.19 -8.53 -18.80
CA ALA NB 2 122.83 -8.25 -18.37
C ALA NB 2 122.80 -7.07 -17.40
N ILE NB 3 122.04 -7.23 -16.31
CA ILE NB 3 121.89 -6.22 -15.28
C ILE NB 3 121.38 -4.92 -15.90
N SER NB 4 120.13 -4.96 -16.38
CA SER NB 4 119.52 -3.78 -17.04
C SER NB 4 118.13 -3.57 -16.45
N PHE NB 5 117.56 -2.36 -16.57
CA PHE NB 5 116.25 -2.07 -15.94
C PHE NB 5 115.16 -2.92 -16.59
N ASP NB 6 115.28 -3.19 -17.89
CA ASP NB 6 114.28 -4.03 -18.61
C ASP NB 6 114.16 -5.39 -17.93
N ASN NB 7 115.28 -5.99 -17.55
CA ASN NB 7 115.28 -7.34 -16.94
C ASN NB 7 115.02 -7.24 -15.43
N ALA NB 8 115.41 -6.13 -14.80
CA ALA NB 8 115.28 -6.00 -13.34
C ALA NB 8 113.81 -5.76 -13.00
N LEU NB 9 113.12 -5.00 -13.84
CA LEU NB 9 111.74 -4.66 -13.58
C LEU NB 9 110.76 -5.69 -14.14
N GLY NB 10 111.22 -6.55 -15.05
CA GLY NB 10 110.30 -7.50 -15.64
C GLY NB 10 109.26 -6.80 -16.49
N ILE NB 11 108.07 -7.40 -16.56
CA ILE NB 11 106.96 -6.79 -17.27
C ILE NB 11 106.08 -5.94 -16.35
N HIS NB 12 106.43 -5.83 -15.07
CA HIS NB 12 105.63 -5.01 -14.16
C HIS NB 12 105.70 -3.53 -14.49
N GLN NB 13 106.69 -3.12 -15.28
CA GLN NB 13 106.77 -1.72 -15.69
C GLN NB 13 105.69 -1.35 -16.70
N HIS NB 14 105.21 -2.33 -17.47
CA HIS NB 14 104.18 -2.09 -18.47
C HIS NB 14 102.78 -2.38 -17.95
N THR NB 15 102.61 -3.29 -17.00
CA THR NB 15 101.27 -3.66 -16.55
C THR NB 15 100.56 -2.49 -15.90
N VAL NB 16 101.29 -1.66 -15.16
CA VAL NB 16 100.69 -0.51 -14.50
C VAL NB 16 100.03 0.41 -15.52
N GLY NB 17 100.70 0.60 -16.66
CA GLY NB 17 100.13 1.45 -17.71
C GLY NB 17 98.86 0.86 -18.31
N VAL NB 18 98.85 -0.46 -18.52
CA VAL NB 18 97.68 -1.10 -19.13
C VAL NB 18 96.48 -1.05 -18.18
N ARG NB 19 96.73 -1.22 -16.88
CA ARG NB 19 95.64 -1.14 -15.92
C ARG NB 19 95.09 0.28 -15.82
N GLU NB 20 95.92 1.28 -16.11
CA GLU NB 20 95.41 2.65 -16.19
C GLU NB 20 94.56 2.85 -17.44
N ARG NB 21 95.03 2.34 -18.58
CA ARG NB 21 94.24 2.43 -19.81
C ARG NB 21 92.92 1.67 -19.67
N ASN NB 22 92.96 0.50 -19.06
CA ASN NB 22 91.74 -0.28 -18.85
C ASN NB 22 90.75 0.47 -17.96
N ALA NB 23 91.25 1.12 -16.90
CA ALA NB 23 90.38 1.89 -16.03
C ALA NB 23 89.75 3.06 -16.77
N GLU NB 24 90.50 3.69 -17.67
CA GLU NB 24 89.95 4.80 -18.45
C GLU NB 24 88.81 4.33 -19.34
N VAL NB 25 88.96 3.18 -19.99
CA VAL NB 25 87.93 2.68 -20.90
C VAL NB 25 86.66 2.33 -20.12
N ILE NB 26 86.81 1.69 -18.96
CA ILE NB 26 85.65 1.35 -18.15
C ILE NB 26 84.94 2.62 -17.66
N SER NB 27 85.72 3.65 -17.31
CA SER NB 27 85.13 4.92 -16.93
C SER NB 27 84.35 5.53 -18.08
N THR NB 28 84.88 5.40 -19.30
CA THR NB 28 84.17 5.88 -20.48
C THR NB 28 82.86 5.14 -20.67
N ASN NB 29 82.88 3.82 -20.49
CA ASN NB 29 81.67 3.01 -20.70
C ASN NB 29 80.56 3.39 -19.72
N ILE NB 30 80.92 3.61 -18.46
CA ILE NB 30 79.92 3.96 -17.46
C ILE NB 30 79.32 5.34 -17.76
N ALA NB 31 80.18 6.29 -18.13
CA ALA NB 31 79.69 7.64 -18.43
C ALA NB 31 78.81 7.65 -19.67
N GLN NB 32 79.18 6.88 -20.70
CA GLN NB 32 78.43 6.85 -21.94
C GLN NB 32 77.33 5.80 -21.93
N ALA NB 33 76.90 5.35 -20.75
CA ALA NB 33 75.87 4.32 -20.68
C ALA NB 33 74.52 4.84 -21.14
N ASN NB 34 74.23 6.12 -20.87
CA ASN NB 34 72.94 6.70 -21.21
C ASN NB 34 72.90 7.29 -22.61
N THR NB 35 74.04 7.60 -23.21
CA THR NB 35 74.05 8.23 -24.53
C THR NB 35 73.73 7.19 -25.59
N PRO NB 36 72.66 7.36 -26.36
CA PRO NB 36 72.32 6.35 -27.37
C PRO NB 36 73.32 6.33 -28.51
N GLY NB 37 73.44 5.15 -29.12
CA GLY NB 37 74.34 4.95 -30.23
C GLY NB 37 75.77 4.63 -29.85
N TYR NB 38 76.14 4.81 -28.59
CA TYR NB 38 77.49 4.48 -28.15
C TYR NB 38 77.64 2.98 -27.98
N LYS NB 39 78.72 2.43 -28.54
CA LYS NB 39 79.02 1.01 -28.45
C LYS NB 39 80.11 0.80 -27.40
N ALA NB 40 79.84 -0.11 -26.46
CA ALA NB 40 80.79 -0.34 -25.37
C ALA NB 40 82.12 -0.82 -25.92
N ARG NB 41 83.20 -0.22 -25.41
CA ARG NB 41 84.55 -0.52 -25.86
C ARG NB 41 85.24 -1.39 -24.82
N GLY NB 42 85.89 -2.46 -25.28
CA GLY NB 42 86.68 -3.30 -24.42
C GLY NB 42 88.12 -3.30 -24.86
N LEU NB 43 89.01 -3.46 -23.89
CA LEU NB 43 90.45 -3.46 -24.14
C LEU NB 43 90.98 -4.88 -23.98
N ASP NB 44 91.77 -5.33 -24.97
CA ASP NB 44 92.33 -6.67 -24.94
C ASP NB 44 93.68 -6.63 -24.23
N PHE NB 45 93.78 -7.35 -23.10
CA PHE NB 45 94.99 -7.29 -22.28
C PHE NB 45 96.20 -7.82 -23.05
N ALA NB 46 96.01 -8.92 -23.80
CA ALA NB 46 97.14 -9.52 -24.51
C ALA NB 46 97.69 -8.60 -25.58
N LYS NB 47 96.87 -7.70 -26.11
CA LYS NB 47 97.35 -6.78 -27.14
C LYS NB 47 98.39 -5.81 -26.57
N GLU NB 48 98.09 -5.20 -25.43
CA GLU NB 48 99.09 -4.34 -24.78
C GLU NB 48 100.26 -5.14 -24.23
N LEU NB 49 100.06 -6.43 -23.95
CA LEU NB 49 101.18 -7.31 -23.64
C LEU NB 49 102.11 -7.43 -24.85
N GLN NB 50 101.53 -7.61 -26.03
CA GLN NB 50 102.34 -7.66 -27.25
C GLN NB 50 102.96 -6.31 -27.55
N ALA NB 51 102.21 -5.22 -27.32
CA ALA NB 51 102.76 -3.88 -27.52
C ALA NB 51 103.91 -3.62 -26.56
N ALA NB 52 103.87 -4.21 -25.38
CA ALA NB 52 104.95 -4.04 -24.42
C ALA NB 52 106.21 -4.79 -24.86
N THR NB 53 106.04 -6.05 -25.25
CA THR NB 53 107.18 -6.88 -25.65
C THR NB 53 107.57 -6.61 -27.10
N ASP NB 77 93.07 -4.54 -29.87
CA ASP NB 77 93.25 -3.33 -29.07
C ASP NB 77 92.07 -2.39 -29.27
N LYS NB 78 91.43 -1.99 -28.17
CA LYS NB 78 90.25 -1.11 -28.20
C LYS NB 78 89.14 -1.74 -29.03
N LEU NB 79 88.68 -2.91 -28.58
CA LEU NB 79 87.68 -3.68 -29.29
C LEU NB 79 86.27 -3.27 -28.87
N TYR NB 80 85.28 -3.99 -29.37
CA TYR NB 80 83.88 -3.77 -29.03
C TYR NB 80 83.34 -4.95 -28.24
N ARG NB 81 82.43 -4.67 -27.30
CA ARG NB 81 81.84 -5.71 -26.47
C ARG NB 81 80.49 -6.10 -27.04
N LEU NB 82 80.32 -7.38 -27.33
CA LEU NB 82 79.05 -7.87 -27.85
C LEU NB 82 78.05 -7.99 -26.71
N PRO NB 83 76.84 -7.44 -26.85
CA PRO NB 83 75.89 -7.45 -25.75
C PRO NB 83 75.33 -8.84 -25.47
N THR NB 84 74.96 -9.06 -24.21
CA THR NB 84 74.25 -10.28 -23.83
C THR NB 84 72.74 -10.12 -23.91
N GLN NB 85 72.25 -8.89 -23.95
CA GLN NB 85 70.85 -8.58 -24.10
C GLN NB 85 70.65 -7.57 -25.21
N PRO NB 86 69.49 -7.56 -25.86
CA PRO NB 86 69.25 -6.60 -26.93
C PRO NB 86 69.11 -5.19 -26.38
N ASP NB 87 69.29 -4.22 -27.27
CA ASP NB 87 69.11 -2.82 -26.89
C ASP NB 87 67.62 -2.53 -26.73
N THR NB 88 67.29 -1.29 -26.40
CA THR NB 88 65.90 -0.86 -26.25
C THR NB 88 65.61 0.33 -27.15
N GLY NB 89 66.27 0.40 -28.30
CA GLY NB 89 66.14 1.51 -29.21
C GLY NB 89 67.27 2.52 -29.13
N ASP NB 90 68.04 2.52 -28.04
CA ASP NB 90 69.18 3.43 -27.92
C ASP NB 90 70.35 2.97 -28.77
N GLY NB 91 70.53 1.66 -28.90
CA GLY NB 91 71.74 1.13 -29.52
C GLY NB 91 72.93 1.09 -28.59
N ASN NB 92 72.75 1.41 -27.32
CA ASN NB 92 73.84 1.45 -26.35
C ASN NB 92 74.05 0.06 -25.77
N THR NB 93 75.28 -0.45 -25.89
CA THR NB 93 75.60 -1.81 -25.49
C THR NB 93 76.40 -1.86 -24.19
N VAL NB 94 76.14 -0.96 -23.27
CA VAL NB 94 76.84 -0.90 -21.99
C VAL NB 94 75.99 -1.55 -20.92
N ASP NB 95 76.55 -2.55 -20.25
CA ASP NB 95 75.90 -3.20 -19.12
C ASP NB 95 76.58 -2.70 -17.84
N LEU NB 96 75.84 -1.92 -17.05
CA LEU NB 96 76.43 -1.28 -15.88
C LEU NB 96 76.80 -2.29 -14.81
N ASP NB 97 76.12 -3.43 -14.77
CA ASP NB 97 76.52 -4.50 -13.86
C ASP NB 97 77.90 -5.02 -14.20
N LEU NB 98 78.18 -5.20 -15.50
CA LEU NB 98 79.48 -5.71 -15.91
C LEU NB 98 80.58 -4.67 -15.68
N GLU NB 99 80.30 -3.40 -15.98
CA GLU NB 99 81.33 -2.37 -15.88
C GLU NB 99 81.82 -2.19 -14.45
N ARG NB 100 80.89 -2.18 -13.48
CA ARG NB 100 81.28 -2.01 -12.09
C ARG NB 100 82.19 -3.16 -11.63
N ASN NB 101 81.85 -4.39 -11.99
CA ASN NB 101 82.68 -5.53 -11.61
C ASN NB 101 84.05 -5.46 -12.30
N LEU NB 102 84.08 -5.08 -13.57
CA LEU NB 102 85.35 -4.97 -14.28
C LEU NB 102 86.19 -3.82 -13.79
N PHE NB 103 85.56 -2.76 -13.28
CA PHE NB 103 86.31 -1.65 -12.69
C PHE NB 103 86.86 -2.04 -11.33
N MET NB 104 86.10 -2.81 -10.56
CA MET NB 104 86.59 -3.27 -9.26
C MET NB 104 87.77 -4.21 -9.42
N GLN NB 105 87.69 -5.15 -10.38
CA GLN NB 105 88.79 -6.08 -10.59
C GLN NB 105 90.04 -5.37 -11.06
N ASN NB 106 89.89 -4.41 -11.98
CA ASN NB 106 91.06 -3.70 -12.51
C ASN NB 106 91.73 -2.87 -11.41
N GLN NB 107 90.95 -2.24 -10.54
CA GLN NB 107 91.53 -1.43 -9.47
C GLN NB 107 92.29 -2.29 -8.48
N ILE NB 108 91.78 -3.47 -8.14
CA ILE NB 108 92.48 -4.37 -7.23
C ILE NB 108 93.78 -4.85 -7.86
N ARG NB 109 93.73 -5.25 -9.13
CA ARG NB 109 94.94 -5.72 -9.80
C ARG NB 109 95.93 -4.58 -10.03
N HIS NB 110 95.44 -3.35 -10.19
CA HIS NB 110 96.34 -2.21 -10.37
C HIS NB 110 97.18 -1.97 -9.12
N GLN NB 111 96.57 -2.11 -7.95
CA GLN NB 111 97.32 -1.93 -6.70
C GLN NB 111 98.38 -3.01 -6.54
N ALA NB 112 98.05 -4.25 -6.93
CA ALA NB 112 99.03 -5.32 -6.85
C ALA NB 112 100.21 -5.08 -7.78
N SER NB 113 99.96 -4.54 -8.97
CA SER NB 113 101.05 -4.22 -9.89
C SER NB 113 101.96 -3.14 -9.32
N LEU NB 114 101.38 -2.15 -8.64
CA LEU NB 114 102.19 -1.15 -7.96
C LEU NB 114 103.03 -1.78 -6.87
N ASP NB 115 102.45 -2.72 -6.12
CA ASP NB 115 103.21 -3.42 -5.09
C ASP NB 115 104.35 -4.23 -5.69
N PHE NB 116 104.08 -4.92 -6.80
CA PHE NB 116 105.12 -5.71 -7.45
C PHE NB 116 106.22 -4.82 -7.99
N LEU NB 117 105.86 -3.78 -8.76
CA LEU NB 117 106.86 -2.91 -9.35
C LEU NB 117 107.55 -2.05 -8.31
N GLY NB 118 106.83 -1.66 -7.25
CA GLY NB 118 107.45 -0.88 -6.19
C GLY NB 118 108.53 -1.65 -5.46
N SER NB 119 108.29 -2.94 -5.19
CA SER NB 119 109.28 -3.75 -4.49
C SER NB 119 110.47 -4.10 -5.37
N LYS NB 120 110.35 -3.96 -6.69
CA LYS NB 120 111.49 -4.18 -7.56
C LYS NB 120 112.61 -3.19 -7.28
N PHE NB 121 112.26 -1.92 -7.07
CA PHE NB 121 113.25 -0.92 -6.74
C PHE NB 121 113.72 -1.02 -5.29
N LYS NB 122 112.82 -1.42 -4.38
CA LYS NB 122 113.21 -1.56 -2.98
C LYS NB 122 114.25 -2.65 -2.80
N ASN NB 123 114.08 -3.79 -3.49
CA ASN NB 123 115.11 -4.81 -3.49
C ASN NB 123 116.35 -4.35 -4.23
N LEU NB 124 116.17 -3.62 -5.33
CA LEU NB 124 117.30 -3.14 -6.12
C LEU NB 124 118.15 -2.15 -5.32
N THR NB 125 117.51 -1.26 -4.56
CA THR NB 125 118.25 -0.29 -3.77
C THR NB 125 118.97 -0.97 -2.61
N LYS NB 126 118.36 -2.01 -2.03
CA LYS NB 126 118.99 -2.70 -0.91
C LYS NB 126 120.22 -3.47 -1.37
N ALA NB 127 120.20 -4.01 -2.59
CA ALA NB 127 121.37 -4.70 -3.12
C ALA NB 127 122.53 -3.74 -3.32
N ILE NB 128 122.26 -2.54 -3.84
CA ILE NB 128 123.32 -1.60 -4.12
C ILE NB 128 123.89 -1.02 -2.83
N LYS NB 129 123.03 -0.53 -1.95
CA LYS NB 129 123.50 0.09 -0.71
C LYS NB 129 123.95 -0.91 0.33
N GLY NB 130 123.51 -2.16 0.23
CA GLY NB 130 123.87 -3.15 1.23
C GLY NB 130 123.26 -2.93 2.59
N GLU NB 131 122.25 -2.07 2.70
CA GLU NB 131 121.63 -1.77 3.98
C GLU NB 131 120.16 -1.43 3.81
N ALA OB 2 126.34 26.41 -12.60
CA ALA OB 2 124.98 26.01 -12.92
C ALA OB 2 124.27 25.46 -11.70
N ILE OB 3 125.04 25.22 -10.62
CA ILE OB 3 124.49 24.70 -9.38
C ILE OB 3 123.78 25.85 -8.67
N SER OB 4 122.46 25.87 -8.74
CA SER OB 4 121.66 26.94 -8.08
C SER OB 4 120.29 26.40 -7.72
N PHE OB 5 119.62 27.00 -6.75
CA PHE OB 5 118.32 26.43 -6.28
C PHE OB 5 117.29 26.51 -7.42
N ASP OB 6 117.30 27.59 -8.19
CA ASP OB 6 116.34 27.72 -9.31
C ASP OB 6 116.51 26.55 -10.29
N ASN OB 7 117.76 26.21 -10.62
CA ASN OB 7 118.04 25.11 -11.57
C ASN OB 7 117.76 23.75 -10.93
N ALA OB 8 117.98 23.61 -9.63
CA ALA OB 8 117.82 22.29 -8.98
C ALA OB 8 116.35 22.05 -8.61
N LEU OB 9 115.64 23.10 -8.19
CA LEU OB 9 114.25 22.85 -7.72
C LEU OB 9 113.26 22.90 -8.90
N GLY OB 10 113.66 23.44 -10.04
CA GLY OB 10 112.78 23.46 -11.19
C GLY OB 10 111.56 24.33 -10.95
N ILE OB 11 110.44 23.94 -11.58
CA ILE OB 11 109.19 24.67 -11.42
C ILE OB 11 108.40 24.20 -10.21
N HIS OB 12 108.86 23.16 -9.51
CA HIS OB 12 108.12 22.61 -8.38
C HIS OB 12 108.13 23.53 -7.18
N GLN OB 13 109.10 24.45 -7.09
CA GLN OB 13 109.11 25.44 -6.03
C GLN OB 13 108.01 26.48 -6.21
N HIS OB 14 107.48 26.62 -7.42
CA HIS OB 14 106.40 27.56 -7.69
C HIS OB 14 105.04 26.91 -7.82
N THR OB 15 104.98 25.65 -8.25
CA THR OB 15 103.70 24.99 -8.47
C THR OB 15 102.94 24.80 -7.17
N VAL OB 16 103.65 24.52 -6.07
CA VAL OB 16 102.99 24.29 -4.79
C VAL OB 16 102.22 25.53 -4.35
N GLY OB 17 102.83 26.71 -4.49
CA GLY OB 17 102.15 27.93 -4.13
C GLY OB 17 100.95 28.22 -5.01
N VAL OB 18 101.03 27.87 -6.29
CA VAL OB 18 99.93 28.11 -7.22
C VAL OB 18 98.74 27.21 -6.90
N ARG OB 19 99.01 25.94 -6.62
CA ARG OB 19 97.93 25.01 -6.30
C ARG OB 19 97.32 25.31 -4.94
N GLU OB 20 98.09 25.88 -4.02
CA GLU OB 20 97.51 26.40 -2.79
C GLU OB 20 96.58 27.56 -3.08
N ARG OB 21 96.97 28.45 -4.00
CA ARG OB 21 96.10 29.55 -4.40
C ARG OB 21 94.82 29.02 -5.04
N ASN OB 22 94.95 27.99 -5.88
CA ASN OB 22 93.77 27.42 -6.54
C ASN OB 22 92.83 26.80 -5.51
N ALA OB 23 93.38 26.15 -4.48
CA ALA OB 23 92.53 25.57 -3.43
C ALA OB 23 91.75 26.66 -2.70
N GLU OB 24 92.38 27.80 -2.45
CA GLU OB 24 91.67 28.91 -1.81
C GLU OB 24 90.56 29.44 -2.72
N VAL OB 25 90.82 29.54 -4.01
CA VAL OB 25 89.81 30.04 -4.95
C VAL OB 25 88.65 29.04 -5.05
N ILE OB 26 88.96 27.75 -5.05
CA ILE OB 26 87.89 26.75 -5.11
C ILE OB 26 87.12 26.72 -3.79
N SER OB 27 87.82 26.82 -2.67
CA SER OB 27 87.15 26.72 -1.37
C SER OB 27 86.19 27.88 -1.15
N THR OB 28 86.58 29.10 -1.57
CA THR OB 28 85.69 30.24 -1.39
C THR OB 28 84.49 30.16 -2.32
N ASN OB 29 84.60 29.39 -3.41
CA ASN OB 29 83.43 29.15 -4.25
C ASN OB 29 82.47 28.18 -3.60
N ILE OB 30 82.99 27.15 -2.92
CA ILE OB 30 82.15 26.21 -2.21
C ILE OB 30 81.46 26.88 -1.03
N ALA OB 31 82.20 27.70 -0.28
CA ALA OB 31 81.62 28.38 0.88
C ALA OB 31 80.56 29.41 0.46
N GLN OB 32 80.81 30.12 -0.64
CA GLN OB 32 79.89 31.14 -1.13
C GLN OB 32 78.90 30.60 -2.16
N ALA OB 33 78.56 29.31 -2.07
CA ALA OB 33 77.67 28.71 -3.06
C ALA OB 33 76.26 29.30 -2.97
N ASN OB 34 75.80 29.61 -1.76
CA ASN OB 34 74.45 30.11 -1.57
C ASN OB 34 74.34 31.63 -1.62
N THR OB 35 75.46 32.34 -1.66
CA THR OB 35 75.41 33.79 -1.69
C THR OB 35 74.93 34.27 -3.06
N PRO OB 36 73.81 34.98 -3.14
CA PRO OB 36 73.33 35.46 -4.44
C PRO OB 36 74.17 36.62 -4.95
N GLY OB 37 74.32 36.68 -6.27
CA GLY OB 37 75.15 37.68 -6.90
C GLY OB 37 76.63 37.34 -6.95
N TYR OB 38 77.04 36.21 -6.37
CA TYR OB 38 78.43 35.79 -6.38
C TYR OB 38 78.71 34.98 -7.64
N LYS OB 39 79.71 35.42 -8.40
CA LYS OB 39 80.11 34.73 -9.61
C LYS OB 39 81.29 33.81 -9.30
N ALA OB 40 81.16 32.54 -9.69
CA ALA OB 40 82.24 31.58 -9.44
C ALA OB 40 83.52 32.04 -10.09
N ARG OB 41 84.61 31.96 -9.34
CA ARG OB 41 85.92 32.42 -9.80
C ARG OB 41 86.80 31.24 -10.14
N GLY OB 42 87.65 31.43 -11.14
CA GLY OB 42 88.58 30.40 -11.55
C GLY OB 42 89.94 31.00 -11.81
N LEU OB 43 90.97 30.19 -11.56
CA LEU OB 43 92.36 30.62 -11.67
C LEU OB 43 93.02 29.82 -12.79
N ASP OB 44 93.55 30.54 -13.78
CA ASP OB 44 94.24 29.87 -14.88
C ASP OB 44 95.60 29.38 -14.41
N PHE OB 45 95.85 28.07 -14.58
CA PHE OB 45 97.10 27.49 -14.08
C PHE OB 45 98.28 27.89 -14.93
N ALA OB 46 98.11 27.89 -16.26
CA ALA OB 46 99.23 28.21 -17.15
C ALA OB 46 99.70 29.65 -16.96
N LYS OB 47 98.75 30.58 -16.85
CA LYS OB 47 99.12 31.99 -16.66
C LYS OB 47 99.76 32.21 -15.31
N GLU OB 48 99.18 31.63 -14.25
CA GLU OB 48 99.69 31.86 -12.91
C GLU OB 48 101.08 31.26 -12.73
N LEU OB 49 101.32 30.08 -13.31
CA LEU OB 49 102.64 29.47 -13.23
C LEU OB 49 103.68 30.31 -13.97
N GLN OB 50 103.33 30.83 -15.16
CA GLN OB 50 104.25 31.68 -15.89
C GLN OB 50 104.54 32.97 -15.14
N ALA OB 51 103.52 33.57 -14.52
CA ALA OB 51 103.73 34.79 -13.75
C ALA OB 51 104.67 34.53 -12.57
N ALA OB 52 104.49 33.40 -11.88
CA ALA OB 52 105.36 33.07 -10.78
C ALA OB 52 106.79 32.83 -11.24
N THR OB 53 106.96 32.15 -12.38
CA THR OB 53 108.30 31.81 -12.85
C THR OB 53 109.12 33.06 -13.16
N SER OB 54 108.52 34.02 -13.85
CA SER OB 54 109.21 35.26 -14.21
C SER OB 54 108.36 36.43 -13.72
N GLY OB 55 108.74 37.00 -12.58
CA GLY OB 55 108.02 38.13 -12.02
C GLY OB 55 108.35 39.44 -12.70
N ASP OB 77 93.47 38.73 -9.75
CA ASP OB 77 93.42 38.56 -11.20
C ASP OB 77 92.89 37.18 -11.56
N LYS OB 78 91.90 36.72 -10.80
CA LYS OB 78 91.28 35.42 -11.06
C LYS OB 78 90.14 35.58 -12.06
N LEU OB 79 90.03 34.63 -12.98
CA LEU OB 79 89.07 34.70 -14.05
C LEU OB 79 87.68 34.28 -13.56
N TYR OB 80 86.70 34.43 -14.44
CA TYR OB 80 85.32 34.05 -14.16
C TYR OB 80 84.96 32.75 -14.86
N ARG OB 81 84.22 31.90 -14.16
CA ARG OB 81 83.85 30.58 -14.65
C ARG OB 81 82.45 30.65 -15.26
N LEU OB 82 82.36 30.30 -16.54
CA LEU OB 82 81.09 30.40 -17.24
C LEU OB 82 80.13 29.29 -16.79
N PRO OB 83 78.87 29.62 -16.51
CA PRO OB 83 77.93 28.60 -16.04
C PRO OB 83 77.44 27.71 -17.17
N THR OB 84 77.31 26.42 -16.86
CA THR OB 84 76.75 25.47 -17.81
C THR OB 84 75.23 25.55 -17.90
N GLN OB 85 74.57 26.10 -16.89
CA GLN OB 85 73.13 26.28 -16.87
C GLN OB 85 72.82 27.61 -16.21
N PRO OB 86 71.69 28.24 -16.57
CA PRO OB 86 71.36 29.54 -15.97
C PRO OB 86 71.09 29.42 -14.49
N ASP OB 87 71.37 30.49 -13.76
CA ASP OB 87 71.03 30.54 -12.35
C ASP OB 87 69.52 30.65 -12.19
N THR OB 88 69.04 30.17 -11.04
CA THR OB 88 67.61 30.07 -10.76
C THR OB 88 67.01 31.37 -10.25
N GLY OB 89 67.67 32.50 -10.48
CA GLY OB 89 67.16 33.79 -10.06
C GLY OB 89 67.96 34.48 -8.99
N ASP OB 90 69.02 33.86 -8.47
CA ASP OB 90 69.85 34.49 -7.46
C ASP OB 90 71.10 35.16 -8.03
N GLY OB 91 71.44 34.89 -9.30
CA GLY OB 91 72.63 35.43 -9.90
C GLY OB 91 73.91 34.69 -9.58
N ASN OB 92 73.86 33.72 -8.67
CA ASN OB 92 75.04 32.95 -8.30
C ASN OB 92 75.30 31.87 -9.34
N THR OB 93 76.53 31.83 -9.86
CA THR OB 93 76.89 30.88 -10.91
C THR OB 93 77.89 29.84 -10.40
N VAL OB 94 77.75 29.42 -9.15
CA VAL OB 94 78.62 28.39 -8.58
C VAL OB 94 77.94 27.03 -8.77
N ASP OB 95 78.61 26.14 -9.50
CA ASP OB 95 78.15 24.77 -9.70
C ASP OB 95 78.85 23.92 -8.65
N LEU OB 96 78.20 23.75 -7.50
CA LEU OB 96 78.81 23.04 -6.38
C LEU OB 96 79.16 21.61 -6.74
N ASP OB 97 78.46 21.03 -7.71
CA ASP OB 97 78.85 19.71 -8.21
C ASP OB 97 80.22 19.75 -8.88
N LEU OB 98 80.49 20.81 -9.65
CA LEU OB 98 81.78 20.94 -10.32
C LEU OB 98 82.88 21.35 -9.36
N GLU OB 99 82.57 22.21 -8.38
CA GLU OB 99 83.60 22.73 -7.48
C GLU OB 99 84.24 21.62 -6.66
N ARG OB 100 83.44 20.64 -6.22
CA ARG OB 100 84.00 19.52 -5.47
C ARG OB 100 84.99 18.73 -6.32
N ASN OB 101 84.68 18.55 -7.60
CA ASN OB 101 85.56 17.78 -8.48
C ASN OB 101 86.90 18.48 -8.67
N LEU OB 102 86.88 19.81 -8.83
CA LEU OB 102 88.12 20.54 -9.03
C LEU OB 102 88.94 20.59 -7.74
N PHE OB 103 88.29 20.70 -6.58
CA PHE OB 103 89.02 20.71 -5.32
C PHE OB 103 89.72 19.38 -5.09
N MET OB 104 89.05 18.27 -5.43
CA MET OB 104 89.67 16.95 -5.28
C MET OB 104 90.88 16.81 -6.20
N GLN OB 105 90.74 17.24 -7.45
CA GLN OB 105 91.86 17.14 -8.39
C GLN OB 105 93.03 18.01 -7.93
N ASN OB 106 92.75 19.24 -7.51
CA ASN OB 106 93.82 20.13 -7.08
C ASN OB 106 94.54 19.60 -5.86
N GLN OB 107 93.80 18.95 -4.95
CA GLN OB 107 94.42 18.39 -3.75
C GLN OB 107 95.39 17.27 -4.10
N ILE OB 108 95.01 16.42 -5.05
CA ILE OB 108 95.90 15.33 -5.47
C ILE OB 108 97.12 15.88 -6.18
N ARG OB 109 96.93 16.85 -7.08
CA ARG OB 109 98.06 17.44 -7.79
C ARG OB 109 98.93 18.26 -6.86
N HIS OB 110 98.35 18.86 -5.82
CA HIS OB 110 99.15 19.57 -4.82
C HIS OB 110 100.07 18.61 -4.09
N GLN OB 111 99.56 17.43 -3.71
CA GLN OB 111 100.39 16.44 -3.04
C GLN OB 111 101.48 15.91 -3.97
N ALA OB 112 101.16 15.70 -5.24
CA ALA OB 112 102.17 15.22 -6.19
C ALA OB 112 103.29 16.23 -6.35
N SER OB 113 102.97 17.52 -6.36
CA SER OB 113 104.01 18.55 -6.43
C SER OB 113 104.85 18.57 -5.17
N LEU OB 114 104.24 18.30 -4.01
CA LEU OB 114 105.00 18.21 -2.77
C LEU OB 114 105.99 17.06 -2.81
N ASP OB 115 105.57 15.92 -3.36
CA ASP OB 115 106.48 14.78 -3.49
C ASP OB 115 107.61 15.09 -4.47
N PHE OB 116 107.31 15.81 -5.54
CA PHE OB 116 108.35 16.19 -6.50
C PHE OB 116 109.33 17.18 -5.87
N LEU OB 117 108.80 18.23 -5.23
CA LEU OB 117 109.66 19.23 -4.61
C LEU OB 117 110.43 18.65 -3.44
N GLY OB 118 109.80 17.79 -2.64
CA GLY OB 118 110.48 17.21 -1.51
C GLY OB 118 111.67 16.35 -1.91
N SER OB 119 111.56 15.65 -3.04
CA SER OB 119 112.66 14.83 -3.52
C SER OB 119 113.80 15.67 -4.03
N LYS OB 120 113.53 16.90 -4.47
CA LYS OB 120 114.59 17.78 -4.96
C LYS OB 120 115.57 18.12 -3.86
N PHE OB 121 115.07 18.41 -2.65
CA PHE OB 121 115.96 18.72 -1.54
C PHE OB 121 116.67 17.46 -1.05
N LYS OB 122 115.97 16.33 -1.01
CA LYS OB 122 116.57 15.08 -0.54
C LYS OB 122 117.68 14.63 -1.49
N ASN OB 123 117.48 14.81 -2.79
CA ASN OB 123 118.52 14.44 -3.75
C ASN OB 123 119.75 15.33 -3.60
N LEU OB 124 119.55 16.62 -3.33
CA LEU OB 124 120.69 17.50 -3.09
C LEU OB 124 121.44 17.11 -1.81
N THR OB 125 120.70 16.75 -0.76
CA THR OB 125 121.34 16.42 0.51
C THR OB 125 122.19 15.17 0.41
N LYS OB 126 121.69 14.14 -0.27
CA LYS OB 126 122.46 12.90 -0.39
C LYS OB 126 123.65 13.05 -1.30
N ALA OB 127 123.58 13.96 -2.28
CA ALA OB 127 124.76 14.26 -3.09
C ALA OB 127 125.80 15.02 -2.29
N ILE OB 128 125.37 15.97 -1.46
CA ILE OB 128 126.30 16.75 -0.66
C ILE OB 128 126.95 15.89 0.41
N LYS OB 129 126.13 15.10 1.14
CA LYS OB 129 126.66 14.30 2.23
C LYS OB 129 127.27 12.99 1.76
N GLY OB 130 127.10 12.61 0.50
CA GLY OB 130 127.67 11.39 -0.02
C GLY OB 130 127.08 10.11 0.53
N GLU OB 131 125.94 10.19 1.22
CA GLU OB 131 125.32 9.01 1.81
C GLU OB 131 123.84 8.95 1.48
N ALA PB 2 125.45 37.23 20.02
CA ALA PB 2 126.08 36.21 20.86
C ALA PB 2 125.35 34.88 20.77
N ILE PB 3 126.02 33.81 21.17
CA ILE PB 3 125.44 32.48 21.16
C ILE PB 3 124.72 32.29 22.49
N SER PB 4 123.39 32.24 22.43
CA SER PB 4 122.55 31.98 23.59
C SER PB 4 121.25 31.34 23.13
N PHE PB 5 120.52 30.72 24.06
CA PHE PB 5 119.30 30.00 23.64
C PHE PB 5 118.20 31.01 23.30
N ASP PB 6 118.19 32.17 23.95
CA ASP PB 6 117.18 33.22 23.68
C ASP PB 6 117.33 33.75 22.25
N ASN PB 7 118.54 33.70 21.70
CA ASN PB 7 118.81 34.16 20.31
C ASN PB 7 118.78 32.96 19.36
N ALA PB 8 118.98 31.74 19.87
CA ALA PB 8 119.07 30.55 19.00
C ALA PB 8 117.68 29.96 18.80
N LEU PB 9 116.91 29.90 19.87
CA LEU PB 9 115.56 29.35 19.81
C LEU PB 9 114.53 30.36 19.31
N GLY PB 10 114.81 31.65 19.47
CA GLY PB 10 113.86 32.66 19.05
C GLY PB 10 112.61 32.64 19.92
N ILE PB 11 111.48 33.04 19.31
CA ILE PB 11 110.20 33.03 20.02
C ILE PB 11 109.57 31.66 20.10
N HIS PB 12 110.11 30.67 19.38
CA HIS PB 12 109.48 29.35 19.33
C HIS PB 12 109.48 28.65 20.68
N GLN PB 13 110.36 29.06 21.60
CA GLN PB 13 110.35 28.47 22.94
C GLN PB 13 109.13 28.92 23.73
N HIS PB 14 108.63 30.12 23.47
CA HIS PB 14 107.46 30.64 24.16
C HIS PB 14 106.16 30.34 23.42
N THR PB 15 106.20 30.26 22.09
CA THR PB 15 104.98 30.04 21.31
C THR PB 15 104.37 28.69 21.61
N VAL PB 16 105.21 27.66 21.79
CA VAL PB 16 104.71 26.31 22.08
C VAL PB 16 103.89 26.32 23.37
N GLY PB 17 104.42 26.98 24.40
CA GLY PB 17 103.72 27.03 25.67
C GLY PB 17 102.39 27.74 25.59
N VAL PB 18 102.33 28.84 24.84
CA VAL PB 18 101.10 29.63 24.75
C VAL PB 18 99.99 28.82 24.10
N ARG PB 19 100.32 28.09 23.03
CA ARG PB 19 99.29 27.32 22.33
C ARG PB 19 98.76 26.17 23.18
N GLU PB 20 99.59 25.67 24.10
CA GLU PB 20 99.10 24.69 25.07
C GLU PB 20 98.06 25.30 25.99
N ARG PB 21 98.31 26.54 26.44
CA ARG PB 21 97.32 27.25 27.23
C ARG PB 21 96.04 27.48 26.43
N ASN PB 22 96.19 27.87 25.16
CA ASN PB 22 95.03 28.09 24.31
C ASN PB 22 94.23 26.81 24.13
N ALA PB 23 94.90 25.66 24.12
CA ALA PB 23 94.19 24.39 24.06
C ALA PB 23 93.32 24.19 25.29
N GLU PB 24 93.85 24.54 26.47
CA GLU PB 24 93.06 24.41 27.70
C GLU PB 24 91.85 25.35 27.67
N VAL PB 25 92.05 26.58 27.19
CA VAL PB 25 90.97 27.56 27.16
C VAL PB 25 89.84 27.07 26.25
N ILE PB 26 90.19 26.53 25.09
CA ILE PB 26 89.18 25.98 24.19
C ILE PB 26 88.57 24.73 24.79
N SER PB 27 89.38 23.91 25.46
CA SER PB 27 88.88 22.68 26.05
C SER PB 27 87.85 22.96 27.14
N THR PB 28 88.12 23.96 27.99
CA THR PB 28 87.17 24.30 29.04
C THR PB 28 85.93 24.98 28.49
N ASN PB 29 85.98 25.51 27.26
CA ASN PB 29 84.78 26.02 26.63
C ASN PB 29 83.86 24.91 26.14
N ILE PB 30 84.44 23.85 25.56
CA ILE PB 30 83.66 22.74 25.05
C ILE PB 30 82.99 21.98 26.17
N ALA PB 31 83.71 21.77 27.28
CA ALA PB 31 83.13 21.03 28.40
C ALA PB 31 81.97 21.79 29.02
N GLN PB 32 82.10 23.11 29.17
CA GLN PB 32 81.06 23.94 29.78
C GLN PB 32 79.99 24.37 28.79
N ALA PB 33 79.85 23.67 27.66
CA ALA PB 33 78.86 24.06 26.67
C ALA PB 33 77.44 23.94 27.23
N ASN PB 34 77.19 22.91 28.04
CA ASN PB 34 75.87 22.68 28.59
C ASN PB 34 75.66 23.33 29.95
N THR PB 35 76.70 23.91 30.55
CA THR PB 35 76.55 24.55 31.85
C THR PB 35 75.92 25.94 31.67
N PRO PB 36 74.74 26.18 32.22
CA PRO PB 36 74.14 27.51 32.11
C PRO PB 36 74.91 28.54 32.91
N GLY PB 37 74.92 29.77 32.38
CA GLY PB 37 75.61 30.87 33.02
C GLY PB 37 77.10 30.94 32.73
N TYR PB 38 77.64 30.01 31.96
CA TYR PB 38 79.05 30.04 31.60
C TYR PB 38 79.25 30.88 30.35
N LYS PB 39 80.20 31.81 30.42
CA LYS PB 39 80.55 32.67 29.30
C LYS PB 39 81.82 32.16 28.64
N ALA PB 40 81.75 31.92 27.34
CA ALA PB 40 82.92 31.43 26.62
C ALA PB 40 84.04 32.45 26.68
N ARG PB 41 85.23 32.00 27.05
CA ARG PB 41 86.40 32.86 27.19
C ARG PB 41 87.43 32.52 26.13
N GLY PB 42 88.11 33.55 25.64
CA GLY PB 42 89.15 33.38 24.65
C GLY PB 42 90.50 33.84 25.18
N LEU PB 43 91.53 33.60 24.38
CA LEU PB 43 92.90 33.97 24.71
C LEU PB 43 93.51 34.72 23.55
N ASP PB 44 94.02 35.93 23.82
CA ASP PB 44 94.61 36.76 22.78
C ASP PB 44 96.06 36.33 22.58
N PHE PB 45 96.33 35.67 21.45
CA PHE PB 45 97.64 35.08 21.23
C PHE PB 45 98.74 36.14 21.15
N ALA PB 46 98.46 37.26 20.49
CA ALA PB 46 99.47 38.31 20.36
C ALA PB 46 99.86 38.89 21.71
N LYS PB 47 98.88 39.11 22.58
CA LYS PB 47 99.16 39.68 23.89
C LYS PB 47 99.83 38.66 24.81
N GLU PB 48 99.35 37.42 24.80
CA GLU PB 48 99.94 36.40 25.68
C GLU PB 48 101.38 36.09 25.28
N LEU PB 49 101.65 36.02 23.98
CA LEU PB 49 103.01 35.76 23.52
C LEU PB 49 103.95 36.88 23.94
N GLN PB 50 103.50 38.14 23.84
CA GLN PB 50 104.33 39.26 24.25
C GLN PB 50 104.62 39.22 25.74
N ALA PB 51 103.62 38.85 26.56
CA ALA PB 51 103.84 38.76 27.99
C ALA PB 51 104.86 37.69 28.33
N ALA PB 52 104.79 36.53 27.67
CA ALA PB 52 105.76 35.48 27.93
C ALA PB 52 107.16 35.87 27.47
N THR PB 53 107.26 36.53 26.30
CA THR PB 53 108.57 36.91 25.79
C THR PB 53 109.25 37.91 26.71
N SER PB 54 108.52 38.91 27.18
CA SER PB 54 109.05 39.96 28.05
C SER PB 54 108.36 39.85 29.41
N GLY PB 55 108.95 39.05 30.30
CA GLY PB 55 108.40 38.86 31.63
C GLY PB 55 109.42 38.39 32.65
N LYS PB 78 92.34 35.99 29.07
CA LYS PB 78 91.03 35.46 29.45
C LYS PB 78 89.89 36.41 29.10
N LEU PB 79 89.91 36.92 27.87
CA LEU PB 79 88.84 37.80 27.42
C LEU PB 79 87.59 36.98 27.09
N TYR PB 80 86.46 37.68 27.01
CA TYR PB 80 85.17 37.05 26.77
C TYR PB 80 84.83 37.14 25.29
N ARG PB 81 84.35 36.04 24.72
CA ARG PB 81 83.96 36.02 23.32
C ARG PB 81 82.53 36.52 23.16
N LEU PB 82 82.31 37.33 22.13
CA LEU PB 82 80.97 37.85 21.91
C LEU PB 82 80.14 36.83 21.14
N PRO PB 83 78.89 36.62 21.55
CA PRO PB 83 78.04 35.62 20.88
C PRO PB 83 77.55 36.12 19.53
N THR PB 84 77.56 35.21 18.55
CA THR PB 84 77.02 35.54 17.24
C THR PB 84 75.50 35.60 17.27
N GLN PB 85 74.87 34.80 18.12
CA GLN PB 85 73.42 34.79 18.30
C GLN PB 85 73.10 34.79 19.79
N PRO PB 86 71.92 35.28 20.18
CA PRO PB 86 71.54 35.25 21.59
C PRO PB 86 71.39 33.82 22.08
N ASP PB 87 71.72 33.61 23.36
CA ASP PB 87 71.60 32.29 23.94
C ASP PB 87 70.13 31.88 24.06
N THR PB 88 69.91 30.57 24.13
CA THR PB 88 68.55 30.05 24.12
C THR PB 88 67.81 30.35 25.42
N GLY PB 89 68.53 30.77 26.46
CA GLY PB 89 67.89 31.13 27.71
C GLY PB 89 68.67 30.69 28.93
N ASP PB 90 69.56 29.72 28.74
CA ASP PB 90 70.36 29.22 29.85
C ASP PB 90 71.35 30.28 30.35
N GLY PB 91 71.92 31.05 29.44
CA GLY PB 91 72.90 32.04 29.80
C GLY PB 91 74.28 31.65 29.33
N ASN PB 92 74.34 30.60 28.52
CA ASN PB 92 75.59 30.05 28.02
C ASN PB 92 75.87 30.59 26.63
N THR PB 93 77.08 31.14 26.44
CA THR PB 93 77.46 31.75 25.17
C THR PB 93 78.54 30.96 24.47
N VAL PB 94 78.57 29.64 24.67
CA VAL PB 94 79.55 28.78 24.02
C VAL PB 94 78.97 28.30 22.69
N ASP PB 95 79.64 28.68 21.60
CA ASP PB 95 79.27 28.23 20.26
C ASP PB 95 80.14 27.03 19.95
N LEU PB 96 79.55 25.83 20.00
CA LEU PB 96 80.35 24.61 19.96
C LEU PB 96 81.05 24.42 18.62
N ASP PB 97 80.40 24.77 17.52
CA ASP PB 97 81.04 24.59 16.21
C ASP PB 97 82.23 25.53 16.03
N LEU PB 98 82.18 26.71 16.64
CA LEU PB 98 83.34 27.61 16.60
C LEU PB 98 84.49 27.04 17.42
N GLU PB 99 84.19 26.42 18.56
CA GLU PB 99 85.24 25.85 19.41
C GLU PB 99 85.97 24.73 18.69
N ARG PB 100 85.23 23.88 17.96
CA ARG PB 100 85.87 22.81 17.21
C ARG PB 100 86.79 23.37 16.13
N ASN PB 101 86.35 24.41 15.43
CA ASN PB 101 87.18 25.01 14.39
C ASN PB 101 88.42 25.65 14.97
N LEU PB 102 88.28 26.34 16.12
CA LEU PB 102 89.44 26.97 16.74
C LEU PB 102 90.40 25.94 17.32
N PHE PB 103 89.86 24.87 17.91
CA PHE PB 103 90.72 23.82 18.44
C PHE PB 103 91.50 23.12 17.33
N MET PB 104 90.85 22.89 16.19
CA MET PB 104 91.53 22.25 15.08
C MET PB 104 92.69 23.09 14.55
N GLN PB 105 92.46 24.40 14.39
CA GLN PB 105 93.54 25.27 13.91
C GLN PB 105 94.66 25.36 14.94
N ASN PB 106 94.31 25.47 16.22
CA ASN PB 106 95.33 25.57 17.26
C ASN PB 106 96.20 24.32 17.31
N GLN PB 107 95.60 23.15 17.07
CA GLN PB 107 96.37 21.91 17.08
C GLN PB 107 97.32 21.84 15.90
N ILE PB 108 96.91 22.36 14.74
CA ILE PB 108 97.78 22.36 13.57
C ILE PB 108 98.97 23.27 13.79
N ARG PB 109 98.73 24.49 14.27
CA ARG PB 109 99.82 25.43 14.48
C ARG PB 109 100.71 25.01 15.64
N HIS PB 110 100.15 24.29 16.62
CA HIS PB 110 100.97 23.77 17.70
C HIS PB 110 101.97 22.75 17.19
N GLN PB 111 101.55 21.89 16.26
CA GLN PB 111 102.48 20.93 15.66
C GLN PB 111 103.56 21.65 14.86
N ALA PB 112 103.19 22.71 14.15
CA ALA PB 112 104.19 23.51 13.44
C ALA PB 112 105.16 24.18 14.41
N SER PB 113 104.66 24.67 15.53
CA SER PB 113 105.53 25.29 16.53
C SER PB 113 106.52 24.27 17.09
N LEU PB 114 106.06 23.04 17.35
CA LEU PB 114 106.97 21.98 17.76
C LEU PB 114 107.98 21.66 16.68
N ASP PB 115 107.54 21.65 15.42
CA ASP PB 115 108.45 21.38 14.32
C ASP PB 115 109.55 22.44 14.22
N PHE PB 116 109.17 23.71 14.36
CA PHE PB 116 110.16 24.79 14.29
C PHE PB 116 111.10 24.74 15.49
N LEU PB 117 110.54 24.65 16.69
CA LEU PB 117 111.37 24.66 17.90
C LEU PB 117 112.26 23.42 17.97
N GLY PB 118 111.72 22.25 17.60
CA GLY PB 118 112.53 21.05 17.62
C GLY PB 118 113.68 21.10 16.64
N SER PB 119 113.44 21.67 15.46
CA SER PB 119 114.51 21.79 14.47
C SER PB 119 115.60 22.76 14.92
N LYS PB 120 115.25 23.72 15.78
CA LYS PB 120 116.27 24.64 16.29
C LYS PB 120 117.33 23.89 17.09
N PHE PB 121 116.92 22.96 17.95
CA PHE PB 121 117.86 22.16 18.72
C PHE PB 121 118.68 21.24 17.83
N LYS PB 122 118.03 20.60 16.84
CA LYS PB 122 118.74 19.67 15.98
C LYS PB 122 119.79 20.37 15.13
N ASN PB 123 119.46 21.55 14.59
CA ASN PB 123 120.47 22.32 13.86
C ASN PB 123 121.54 22.86 14.81
N LEU PB 124 121.15 23.15 16.07
CA LEU PB 124 122.12 23.58 17.06
C LEU PB 124 123.08 22.45 17.41
N THR PB 125 122.57 21.22 17.54
CA THR PB 125 123.43 20.09 17.85
C THR PB 125 124.36 19.78 16.68
N LYS PB 126 123.88 19.94 15.44
CA LYS PB 126 124.70 19.66 14.28
C LYS PB 126 125.91 20.59 14.22
N ALA PB 127 125.72 21.86 14.61
CA ALA PB 127 126.83 22.80 14.59
C ALA PB 127 127.88 22.47 15.63
N ILE PB 128 127.47 22.16 16.86
CA ILE PB 128 128.42 21.87 17.92
C ILE PB 128 129.10 20.52 17.73
N LYS PB 129 128.54 19.64 16.89
CA LYS PB 129 129.12 18.32 16.67
C LYS PB 129 129.83 18.21 15.33
N GLY PB 130 129.48 19.05 14.35
CA GLY PB 130 130.17 19.06 13.08
C GLY PB 130 129.74 18.02 12.08
N GLU PB 131 128.70 17.24 12.38
CA GLU PB 131 128.20 16.24 11.45
C GLU PB 131 126.79 15.80 11.81
N ALA QB 2 128.89 10.94 45.69
CA ALA QB 2 128.04 11.01 44.50
C ALA QB 2 128.45 9.94 43.49
N ILE QB 3 128.09 10.17 42.23
CA ILE QB 3 128.29 9.18 41.16
C ILE QB 3 127.76 7.84 41.61
N SER QB 4 126.46 7.78 41.92
CA SER QB 4 125.77 6.54 42.24
C SER QB 4 124.52 6.44 41.36
N PHE QB 5 124.11 5.20 41.13
CA PHE QB 5 122.93 4.98 40.26
C PHE QB 5 121.72 5.61 40.96
N ASP QB 6 121.67 5.60 42.29
CA ASP QB 6 120.55 6.31 42.94
C ASP QB 6 120.60 7.78 42.55
N ASN QB 7 121.71 8.46 42.89
CA ASN QB 7 121.85 9.91 42.59
C ASN QB 7 121.79 10.14 41.08
N ALA QB 8 122.08 9.11 40.27
CA ALA QB 8 122.14 9.32 38.82
C ALA QB 8 120.76 9.24 38.18
N LEU QB 9 119.89 8.36 38.69
CA LEU QB 9 118.57 8.16 38.04
C LEU QB 9 117.49 8.90 38.84
N GLY QB 10 117.72 9.13 40.12
CA GLY QB 10 116.67 9.82 40.86
C GLY QB 10 115.46 8.92 41.07
N ILE QB 11 114.29 9.56 41.10
CA ILE QB 11 113.04 8.83 41.29
C ILE QB 11 112.53 8.18 40.01
N HIS QB 12 113.21 8.40 38.88
CA HIS QB 12 112.75 7.84 37.62
C HIS QB 12 112.86 6.31 37.58
N GLN QB 13 113.80 5.73 38.33
CA GLN QB 13 113.91 4.28 38.38
C GLN QB 13 112.79 3.63 39.17
N HIS QB 14 112.07 4.40 39.98
CA HIS QB 14 110.97 3.88 40.77
C HIS QB 14 109.60 4.22 40.20
N THR QB 15 109.48 5.34 39.49
CA THR QB 15 108.19 5.72 38.93
C THR QB 15 107.73 4.74 37.86
N VAL QB 16 108.66 4.11 37.15
CA VAL QB 16 108.29 3.16 36.12
C VAL QB 16 107.54 1.97 36.72
N GLY QB 17 108.04 1.45 37.84
CA GLY QB 17 107.38 0.32 38.48
C GLY QB 17 106.02 0.68 39.05
N VAL QB 18 105.90 1.88 39.63
CA VAL QB 18 104.63 2.28 40.23
C VAL QB 18 103.55 2.41 39.18
N ARG QB 19 103.88 3.04 38.04
CA ARG QB 19 102.88 3.22 36.99
C ARG QB 19 102.55 1.90 36.30
N GLU QB 20 103.48 0.94 36.30
CA GLU QB 20 103.14 -0.40 35.86
C GLU QB 20 102.15 -1.06 36.81
N ARG QB 21 102.35 -0.86 38.12
CA ARG QB 21 101.38 -1.35 39.10
C ARG QB 21 100.03 -0.66 38.93
N ASN QB 22 100.06 0.65 38.68
CA ASN QB 22 98.81 1.40 38.50
C ASN QB 22 98.06 0.89 37.27
N ALA QB 23 98.79 0.60 36.18
CA ALA QB 23 98.14 0.05 35.00
C ALA QB 23 97.52 -1.31 35.30
N GLU QB 24 98.19 -2.13 36.12
CA GLU QB 24 97.61 -3.42 36.50
C GLU QB 24 96.34 -3.24 37.30
N VAL QB 25 96.32 -2.28 38.23
CA VAL QB 25 95.12 -2.03 39.04
C VAL QB 25 93.99 -1.47 38.19
N ILE QB 26 94.33 -0.56 37.26
CA ILE QB 26 93.29 0.00 36.39
C ILE QB 26 92.78 -1.06 35.43
N SER QB 27 93.67 -1.93 34.94
CA SER QB 27 93.25 -2.95 33.97
C SER QB 27 92.27 -3.94 34.60
N THR QB 28 92.52 -4.35 35.85
CA THR QB 28 91.62 -5.32 36.47
C THR QB 28 90.28 -4.69 36.83
N ASN QB 29 90.24 -3.37 37.00
CA ASN QB 29 88.96 -2.70 37.20
C ASN QB 29 88.10 -2.80 35.94
N ILE QB 30 88.72 -2.65 34.77
CA ILE QB 30 87.98 -2.76 33.51
C ILE QB 30 87.50 -4.19 33.30
N ALA QB 31 88.36 -5.17 33.58
CA ALA QB 31 87.97 -6.56 33.39
C ALA QB 31 86.86 -6.97 34.35
N GLN QB 32 86.96 -6.54 35.61
CA GLN QB 32 85.96 -6.89 36.62
C GLN QB 32 84.78 -5.93 36.63
N ALA QB 33 84.58 -5.16 35.56
CA ALA QB 33 83.48 -4.21 35.52
C ALA QB 33 82.13 -4.93 35.58
N ASN QB 34 82.00 -6.03 34.84
CA ASN QB 34 80.75 -6.78 34.81
C ASN QB 34 80.58 -7.74 35.98
N THR QB 35 81.63 -7.98 36.76
CA THR QB 35 81.51 -8.89 37.90
C THR QB 35 80.70 -8.20 39.00
N PRO QB 36 79.56 -8.76 39.40
CA PRO QB 36 78.76 -8.12 40.44
C PRO QB 36 79.43 -8.19 41.81
N GLY QB 37 79.22 -7.14 42.60
CA GLY QB 37 79.75 -7.08 43.94
C GLY QB 37 81.21 -6.71 44.04
N TYR QB 38 81.88 -6.43 42.93
CA TYR QB 38 83.29 -6.06 42.95
C TYR QB 38 83.41 -4.55 43.11
N LYS QB 39 84.18 -4.13 44.11
CA LYS QB 39 84.37 -2.72 44.40
C LYS QB 39 85.62 -2.22 43.68
N ALA QB 40 85.48 -1.12 42.94
CA ALA QB 40 86.60 -0.56 42.20
C ALA QB 40 87.74 -0.22 43.14
N ARG QB 41 88.96 -0.58 42.74
CA ARG QB 41 90.14 -0.43 43.57
C ARG QB 41 91.03 0.67 43.01
N GLY QB 42 91.48 1.57 43.87
CA GLY QB 42 92.37 2.64 43.45
C GLY QB 42 93.75 2.51 44.06
N LEU QB 43 94.72 3.24 43.50
CA LEU QB 43 96.08 3.23 44.00
C LEU QB 43 96.52 4.66 44.28
N ASP QB 44 97.18 4.86 45.41
CA ASP QB 44 97.66 6.18 45.81
C ASP QB 44 99.09 6.33 45.33
N PHE QB 45 99.29 7.18 44.33
CA PHE QB 45 100.61 7.30 43.70
C PHE QB 45 101.65 7.87 44.67
N ALA QB 46 101.27 8.88 45.44
CA ALA QB 46 102.22 9.50 46.36
C ALA QB 46 102.67 8.51 47.43
N LYS QB 47 101.75 7.72 47.96
CA LYS QB 47 102.10 6.74 48.99
C LYS QB 47 102.94 5.61 48.42
N GLU QB 48 102.57 5.10 47.25
CA GLU QB 48 103.31 3.98 46.65
C GLU QB 48 104.70 4.42 46.20
N LEU QB 49 104.82 5.64 45.67
CA LEU QB 49 106.13 6.14 45.27
C LEU QB 49 107.04 6.32 46.48
N GLN QB 50 106.48 6.80 47.59
CA GLN QB 50 107.27 6.93 48.81
C GLN QB 50 107.74 5.58 49.32
N ALA QB 51 106.87 4.56 49.27
CA ALA QB 51 107.25 3.24 49.75
C ALA QB 51 108.38 2.66 48.90
N ALA QB 52 108.31 2.81 47.59
CA ALA QB 52 109.35 2.28 46.72
C ALA QB 52 110.67 3.05 46.89
N THR QB 53 110.59 4.36 47.07
CA THR QB 53 111.80 5.16 47.23
C THR QB 53 112.57 4.77 48.49
N SER QB 54 111.87 4.51 49.59
CA SER QB 54 112.47 4.11 50.85
C SER QB 54 111.98 2.70 51.17
N GLY QB 55 112.70 1.71 50.69
CA GLY QB 55 112.32 0.32 50.90
C GLY QB 55 112.48 -0.14 52.33
N LYS QB 78 96.29 -0.57 48.64
CA LYS QB 78 95.30 -0.21 47.63
C LYS QB 78 93.98 0.19 48.28
N LEU QB 79 93.41 1.30 47.82
CA LEU QB 79 92.21 1.87 48.40
C LEU QB 79 91.03 1.66 47.47
N TYR QB 80 89.85 2.01 47.96
CA TYR QB 80 88.60 1.84 47.23
C TYR QB 80 88.15 3.17 46.63
N ARG QB 81 87.49 3.08 45.48
CA ARG QB 81 87.08 4.26 44.73
C ARG QB 81 85.61 4.55 45.00
N LEU QB 82 85.32 5.74 45.49
CA LEU QB 82 83.95 6.10 45.82
C LEU QB 82 83.14 6.33 44.54
N PRO QB 83 81.95 5.76 44.42
CA PRO QB 83 81.19 5.86 43.16
C PRO QB 83 80.56 7.24 43.00
N THR QB 84 80.49 7.69 41.75
CA THR QB 84 79.80 8.94 41.45
C THR QB 84 78.28 8.75 41.49
N GLN QB 85 77.80 7.60 41.05
CA GLN QB 85 76.39 7.25 41.07
C GLN QB 85 76.21 5.89 41.72
N PRO QB 86 75.05 5.64 42.34
CA PRO QB 86 74.81 4.33 42.95
C PRO QB 86 74.75 3.25 41.88
N ASP QB 87 75.21 2.05 42.25
CA ASP QB 87 75.14 0.94 41.33
C ASP QB 87 73.69 0.52 41.09
N THR QB 88 73.48 -0.20 40.00
CA THR QB 88 72.15 -0.58 39.56
C THR QB 88 71.62 -1.83 40.25
N GLY QB 89 72.39 -2.42 41.16
CA GLY QB 89 71.89 -3.55 41.92
C GLY QB 89 72.84 -4.72 41.99
N ASP QB 90 73.96 -4.63 41.27
CA ASP QB 90 74.96 -5.70 41.27
C ASP QB 90 76.08 -5.48 42.28
N GLY QB 91 76.06 -4.35 43.00
CA GLY QB 91 77.10 -4.09 43.97
C GLY QB 91 78.43 -3.69 43.37
N ASN QB 92 78.47 -3.36 42.08
CA ASN QB 92 79.71 -3.05 41.38
C ASN QB 92 79.84 -1.54 41.25
N THR QB 93 81.00 -1.01 41.69
CA THR QB 93 81.24 0.43 41.69
C THR QB 93 82.31 0.81 40.67
N VAL QB 94 82.36 0.12 39.55
CA VAL QB 94 83.35 0.38 38.50
C VAL QB 94 82.68 1.25 37.43
N ASP QB 95 83.20 2.46 37.27
CA ASP QB 95 82.77 3.37 36.20
C ASP QB 95 83.78 3.26 35.07
N LEU QB 96 83.37 2.64 33.95
CA LEU QB 96 84.32 2.34 32.89
C LEU QB 96 84.80 3.60 32.19
N ASP QB 97 83.99 4.67 32.20
CA ASP QB 97 84.45 5.93 31.64
C ASP QB 97 85.61 6.49 32.43
N LEU QB 98 85.58 6.35 33.75
CA LEU QB 98 86.71 6.78 34.58
C LEU QB 98 87.91 5.87 34.40
N GLU QB 99 87.67 4.56 34.28
CA GLU QB 99 88.79 3.62 34.14
C GLU QB 99 89.50 3.82 32.81
N ARG QB 100 88.76 4.06 31.73
CA ARG QB 100 89.38 4.34 30.44
C ARG QB 100 90.21 5.62 30.49
N ASN QB 101 89.67 6.67 31.11
CA ASN QB 101 90.37 7.95 31.17
C ASN QB 101 91.66 7.84 31.96
N LEU QB 102 91.63 7.12 33.09
CA LEU QB 102 92.83 7.00 33.91
C LEU QB 102 93.86 6.09 33.27
N PHE QB 103 93.43 5.14 32.44
CA PHE QB 103 94.37 4.22 31.81
C PHE QB 103 95.25 4.93 30.79
N MET QB 104 94.65 5.81 29.98
CA MET QB 104 95.43 6.51 28.96
C MET QB 104 96.35 7.55 29.58
N GLN QB 105 95.93 8.19 30.67
CA GLN QB 105 96.82 9.14 31.35
C GLN QB 105 98.02 8.43 31.94
N ASN QB 106 97.80 7.25 32.52
CA ASN QB 106 98.92 6.47 33.06
C ASN QB 106 99.86 6.03 31.96
N GLN QB 107 99.31 5.64 30.80
CA GLN QB 107 100.14 5.18 29.70
C GLN QB 107 101.03 6.30 29.16
N ILE QB 108 100.48 7.52 29.05
CA ILE QB 108 101.29 8.65 28.61
C ILE QB 108 102.39 8.95 29.64
N ARG QB 109 102.03 8.95 30.92
CA ARG QB 109 103.02 9.20 31.96
C ARG QB 109 104.04 8.06 32.04
N HIS QB 110 103.61 6.82 31.81
CA HIS QB 110 104.55 5.71 31.79
C HIS QB 110 105.55 5.85 30.65
N GLN QB 111 105.08 6.25 29.47
CA GLN QB 111 105.98 6.48 28.34
C GLN QB 111 106.93 7.64 28.63
N ALA QB 112 106.40 8.73 29.20
CA ALA QB 112 107.26 9.85 29.56
C ALA QB 112 108.28 9.46 30.61
N SER QB 113 107.89 8.60 31.54
CA SER QB 113 108.82 8.13 32.57
C SER QB 113 109.97 7.34 31.95
N LEU QB 114 109.68 6.51 30.96
CA LEU QB 114 110.73 5.75 30.29
C LEU QB 114 111.66 6.67 29.51
N ASP QB 115 111.12 7.74 28.92
CA ASP QB 115 111.97 8.72 28.24
C ASP QB 115 112.91 9.39 29.24
N PHE QB 116 112.40 9.75 30.41
CA PHE QB 116 113.26 10.37 31.42
C PHE QB 116 114.30 9.39 31.93
N LEU QB 117 113.89 8.19 32.30
CA LEU QB 117 114.83 7.20 32.82
C LEU QB 117 115.81 6.74 31.74
N GLY QB 118 115.33 6.58 30.50
CA GLY QB 118 116.21 6.10 29.44
C GLY QB 118 117.32 7.08 29.13
N SER QB 119 117.01 8.38 29.12
CA SER QB 119 118.03 9.38 28.83
C SER QB 119 119.02 9.55 29.98
N LYS QB 120 118.63 9.18 31.20
CA LYS QB 120 119.58 9.20 32.30
C LYS QB 120 120.75 8.25 32.04
N PHE QB 121 120.44 7.05 31.53
CA PHE QB 121 121.50 6.11 31.17
C PHE QB 121 122.30 6.60 29.97
N LYS QB 122 121.62 7.15 28.96
CA LYS QB 122 122.32 7.58 27.75
C LYS QB 122 123.23 8.76 28.04
N ASN QB 123 122.78 9.71 28.87
CA ASN QB 123 123.67 10.79 29.28
C ASN QB 123 124.81 10.28 30.14
N LEU QB 124 124.52 9.29 30.99
CA LEU QB 124 125.57 8.68 31.81
C LEU QB 124 126.59 7.96 30.94
N THR QB 125 126.13 7.27 29.89
CA THR QB 125 127.03 6.62 28.96
C THR QB 125 127.82 7.63 28.15
N LYS QB 126 127.20 8.77 27.82
CA LYS QB 126 127.90 9.81 27.07
C LYS QB 126 129.08 10.36 27.86
N ALA QB 127 128.91 10.56 29.17
CA ALA QB 127 129.97 11.13 29.98
C ALA QB 127 131.14 10.17 30.11
N ILE QB 128 130.86 8.88 30.37
CA ILE QB 128 131.94 7.92 30.58
C ILE QB 128 132.73 7.66 29.31
N LYS QB 129 132.10 7.72 28.14
CA LYS QB 129 132.78 7.48 26.88
C LYS QB 129 133.28 8.75 26.21
N GLY QB 130 132.83 9.92 26.66
CA GLY QB 130 133.28 11.16 26.05
C GLY QB 130 132.75 11.41 24.66
N GLU QB 131 131.70 10.71 24.25
CA GLU QB 131 131.16 10.86 22.90
C GLU QB 131 129.64 10.75 22.91
N SER RB 2 111.75 -24.75 6.13
CA SER RB 2 112.66 -24.82 7.27
C SER RB 2 112.79 -23.46 7.96
N LEU RB 3 113.19 -22.45 7.20
CA LEU RB 3 113.26 -21.09 7.72
C LEU RB 3 111.93 -20.35 7.66
N PHE RB 4 110.92 -20.94 7.00
CA PHE RB 4 109.63 -20.28 6.80
C PHE RB 4 108.47 -21.24 7.06
N ASN RB 5 108.56 -22.05 8.11
CA ASN RB 5 107.52 -23.04 8.42
C ASN RB 5 106.16 -22.39 8.63
N VAL RB 6 106.13 -21.23 9.30
CA VAL RB 6 104.87 -20.56 9.57
C VAL RB 6 104.22 -20.12 8.27
N PHE RB 7 105.02 -19.65 7.31
CA PHE RB 7 104.48 -19.22 6.02
C PHE RB 7 103.80 -20.36 5.28
N ASN RB 8 104.38 -21.57 5.33
CA ASN RB 8 103.79 -22.70 4.63
C ASN RB 8 102.44 -23.09 5.23
N VAL RB 9 102.25 -22.86 6.53
CA VAL RB 9 101.01 -23.22 7.20
C VAL RB 9 99.98 -22.13 7.01
N THR RB 10 100.36 -20.89 7.30
CA THR RB 10 99.46 -19.76 7.07
C THR RB 10 99.08 -19.66 5.60
N GLY RB 11 100.07 -19.79 4.72
CA GLY RB 11 99.77 -19.76 3.29
C GLY RB 11 98.85 -20.88 2.85
N SER RB 12 99.02 -22.07 3.44
CA SER RB 12 98.12 -23.18 3.12
C SER RB 12 96.69 -22.87 3.55
N ALA RB 13 96.53 -22.21 4.71
CA ALA RB 13 95.20 -21.79 5.15
C ALA RB 13 94.61 -20.78 4.18
N MET RB 14 95.42 -19.85 3.69
CA MET RB 14 94.93 -18.87 2.72
C MET RB 14 94.42 -19.56 1.46
N SER RB 15 95.15 -20.56 0.98
CA SER RB 15 94.69 -21.33 -0.18
C SER RB 15 93.48 -22.19 0.18
N ALA RB 16 93.45 -22.73 1.39
CA ALA RB 16 92.33 -23.56 1.81
C ALA RB 16 91.06 -22.74 1.97
N GLU RB 17 91.15 -21.61 2.68
CA GLU RB 17 89.97 -20.77 2.87
C GLU RB 17 89.52 -20.10 1.58
N SER RB 18 90.43 -19.91 0.62
CA SER RB 18 90.03 -19.36 -0.68
C SER RB 18 89.12 -20.31 -1.42
N VAL RB 19 89.40 -21.61 -1.36
CA VAL RB 19 88.57 -22.60 -2.04
C VAL RB 19 87.17 -22.62 -1.45
N ARG RB 20 87.07 -22.48 -0.12
CA ARG RB 20 85.76 -22.51 0.52
C ARG RB 20 84.92 -21.31 0.12
N LEU RB 21 85.54 -20.16 -0.17
CA LEU RB 21 84.78 -19.00 -0.63
C LEU RB 21 84.33 -19.19 -2.08
N ASN RB 22 85.19 -19.78 -2.91
CA ASN RB 22 84.79 -20.08 -4.29
C ASN RB 22 83.62 -21.07 -4.31
N THR RB 23 83.65 -22.06 -3.42
CA THR RB 23 82.56 -23.01 -3.33
C THR RB 23 81.27 -22.33 -2.87
N THR RB 24 81.37 -21.42 -1.91
CA THR RB 24 80.20 -20.68 -1.46
C THR RB 24 79.62 -19.82 -2.57
N SER RB 25 80.48 -19.18 -3.37
CA SER RB 25 80.00 -18.34 -4.46
C SER RB 25 79.24 -19.17 -5.50
N SER RB 26 79.75 -20.37 -5.80
CA SER RB 26 79.06 -21.24 -6.76
C SER RB 26 77.72 -21.72 -6.22
N ASN RB 27 77.64 -21.99 -4.92
CA ASN RB 27 76.38 -22.45 -4.33
C ASN RB 27 75.31 -21.36 -4.38
N LEU RB 28 75.69 -20.10 -4.12
CA LEU RB 28 74.73 -19.01 -4.15
C LEU RB 28 74.36 -18.63 -5.58
N ALA RB 29 75.31 -18.70 -6.51
CA ALA RB 29 75.03 -18.39 -7.90
C ALA RB 29 74.23 -19.47 -8.61
N ASN RB 30 74.15 -20.67 -8.03
CA ASN RB 30 73.43 -21.78 -8.63
C ASN RB 30 72.33 -22.28 -7.70
N ALA RB 31 71.82 -21.41 -6.84
CA ALA RB 31 70.72 -21.77 -5.94
C ALA RB 31 69.39 -21.88 -6.65
N ASP RB 32 69.26 -21.31 -7.85
CA ASP RB 32 68.01 -21.33 -8.61
C ASP RB 32 68.21 -21.93 -9.99
N SER RB 33 69.27 -22.70 -10.19
CA SER RB 33 69.55 -23.32 -11.49
C SER RB 33 68.90 -24.68 -11.51
N VAL RB 34 67.71 -24.75 -12.13
CA VAL RB 34 66.97 -26.01 -12.18
C VAL RB 34 67.67 -27.00 -13.10
N SER RB 35 68.36 -26.51 -14.13
CA SER RB 35 68.99 -27.36 -15.15
C SER RB 35 67.99 -28.35 -15.72
N SER RB 36 68.42 -29.57 -16.00
CA SER RB 36 67.58 -30.58 -16.61
C SER RB 36 67.65 -31.88 -15.83
N SER RB 37 66.69 -32.75 -16.09
CA SER RB 37 66.59 -34.08 -15.48
C SER RB 37 66.38 -33.92 -13.97
N ALA RB 38 66.77 -34.93 -13.20
CA ALA RB 38 66.68 -34.86 -11.74
C ALA RB 38 67.93 -35.35 -11.05
N LYS RB 39 68.93 -35.84 -11.79
CA LYS RB 39 70.20 -36.25 -11.21
C LYS RB 39 71.38 -35.40 -11.68
N ASP RB 40 71.22 -34.67 -12.79
CA ASP RB 40 72.20 -33.67 -13.22
C ASP RB 40 71.97 -32.32 -12.57
N THR RB 41 70.94 -32.20 -11.74
CA THR RB 41 70.66 -30.95 -11.06
C THR RB 41 71.81 -30.56 -10.14
N TYR RB 42 72.10 -29.27 -10.08
CA TYR RB 42 73.19 -28.79 -9.23
C TYR RB 42 72.91 -29.13 -7.77
N LYS RB 43 73.97 -29.45 -7.05
CA LYS RB 43 73.89 -29.71 -5.62
C LYS RB 43 74.97 -28.92 -4.91
N ALA RB 44 74.67 -28.48 -3.69
CA ALA RB 44 75.60 -27.65 -2.94
C ALA RB 44 76.91 -28.40 -2.71
N ARG RB 45 78.01 -27.77 -3.10
CA ARG RB 45 79.33 -28.34 -2.94
C ARG RB 45 80.03 -27.74 -1.73
N HIS RB 46 80.90 -28.54 -1.10
CA HIS RB 46 81.63 -28.09 0.08
C HIS RB 46 83.01 -28.72 0.07
N ALA RB 47 84.03 -27.89 0.33
CA ALA RB 47 85.40 -28.38 0.42
C ALA RB 47 85.59 -29.15 1.72
N VAL RB 48 86.55 -30.08 1.73
CA VAL RB 48 86.90 -30.84 2.92
C VAL RB 48 88.33 -30.50 3.30
N PHE RB 49 88.49 -29.97 4.52
CA PHE RB 49 89.82 -29.67 5.04
C PHE RB 49 90.40 -30.90 5.71
N GLY RB 50 91.73 -30.99 5.70
CA GLY RB 50 92.41 -32.13 6.28
C GLY RB 50 93.71 -31.73 6.91
N ALA RB 51 94.10 -32.46 7.95
CA ALA RB 51 95.35 -32.21 8.66
C ALA RB 51 96.03 -33.54 8.96
N GLU RB 52 97.20 -33.76 8.37
CA GLU RB 52 97.96 -35.00 8.56
C GLU RB 52 98.95 -34.79 9.70
N LEU RB 53 98.65 -35.37 10.85
CA LEU RB 53 99.51 -35.26 12.03
C LEU RB 53 100.27 -36.58 12.18
N SER RB 54 101.38 -36.70 11.47
CA SER RB 54 102.19 -37.90 11.51
C SER RB 54 103.12 -37.90 12.73
N ASP RB 61 105.76 -29.80 15.57
CA ASP RB 61 106.10 -28.71 14.67
C ASP RB 61 104.85 -28.07 14.08
N THR RB 62 104.65 -28.24 12.77
CA THR RB 62 103.56 -27.61 12.04
C THR RB 62 102.78 -28.65 11.26
N VAL RB 63 101.46 -28.51 11.26
CA VAL RB 63 100.56 -29.39 10.53
C VAL RB 63 99.83 -28.57 9.48
N PRO RB 64 100.20 -28.69 8.21
CA PRO RB 64 99.51 -27.92 7.16
C PRO RB 64 98.08 -28.38 6.97
N VAL RB 65 97.27 -27.49 6.41
CA VAL RB 65 95.87 -27.77 6.10
C VAL RB 65 95.77 -28.00 4.59
N LYS RB 66 95.25 -29.16 4.21
CA LYS RB 66 95.17 -29.56 2.82
C LYS RB 66 93.72 -29.84 2.45
N VAL RB 67 93.26 -29.25 1.35
CA VAL RB 67 91.92 -29.54 0.85
C VAL RB 67 91.93 -30.89 0.14
N MET RB 68 91.02 -31.77 0.55
CA MET RB 68 90.97 -33.14 0.05
C MET RB 68 89.85 -33.35 -0.97
N GLY RB 69 89.46 -32.31 -1.69
CA GLY RB 69 88.46 -32.46 -2.73
C GLY RB 69 87.14 -31.82 -2.34
N ILE RB 70 86.32 -31.56 -3.36
CA ILE RB 70 85.00 -30.98 -3.15
C ILE RB 70 83.98 -32.11 -3.05
N VAL RB 71 83.09 -32.01 -2.06
CA VAL RB 71 82.09 -33.04 -1.78
C VAL RB 71 80.71 -32.40 -1.84
N GLU RB 72 79.79 -33.07 -2.54
CA GLU RB 72 78.42 -32.59 -2.66
C GLU RB 72 77.65 -32.87 -1.37
N SER RB 73 76.74 -31.96 -1.04
CA SER RB 73 75.91 -32.12 0.14
C SER RB 73 74.95 -33.29 -0.03
N ASP RB 74 74.60 -33.91 1.10
CA ASP RB 74 73.69 -35.04 1.13
C ASP RB 74 72.24 -34.63 1.36
N LYS RB 75 71.96 -33.34 1.48
CA LYS RB 75 70.59 -32.88 1.69
C LYS RB 75 69.73 -33.22 0.48
N PRO RB 76 68.50 -33.67 0.68
CA PRO RB 76 67.62 -33.94 -0.46
C PRO RB 76 67.32 -32.67 -1.24
N LEU RB 77 67.11 -32.84 -2.55
CA LEU RB 77 66.83 -31.71 -3.41
C LEU RB 77 65.49 -31.07 -3.05
N SER RB 78 65.43 -29.75 -3.21
CA SER RB 78 64.22 -28.99 -2.93
C SER RB 78 63.23 -29.20 -4.06
N ALA RB 79 62.12 -29.87 -3.78
CA ALA RB 79 61.11 -30.13 -4.79
C ALA RB 79 60.12 -28.98 -4.87
N GLU RB 80 59.72 -28.64 -6.09
CA GLU RB 80 58.73 -27.60 -6.32
C GLU RB 80 57.71 -28.08 -7.35
N TYR RB 81 56.45 -27.78 -7.08
CA TYR RB 81 55.36 -28.14 -7.97
C TYR RB 81 55.21 -27.04 -9.01
N ASN RB 82 55.43 -27.38 -10.27
CA ASN RB 82 55.38 -26.40 -11.37
C ASN RB 82 55.17 -27.15 -12.67
N PRO RB 83 53.92 -27.58 -12.96
CA PRO RB 83 53.60 -28.25 -14.23
C PRO RB 83 53.47 -27.29 -15.40
N ASP RB 84 54.35 -26.31 -15.44
CA ASP RB 84 54.46 -25.32 -16.51
C ASP RB 84 55.85 -25.25 -17.10
N HIS RB 85 56.89 -25.44 -16.28
CA HIS RB 85 58.24 -25.48 -16.79
C HIS RB 85 58.38 -26.68 -17.73
N PRO RB 86 58.87 -26.48 -18.95
CA PRO RB 86 59.00 -27.61 -19.89
C PRO RB 86 59.96 -28.68 -19.41
N LEU RB 87 60.86 -28.37 -18.48
CA LEU RB 87 61.79 -29.34 -17.92
C LEU RB 87 61.25 -30.00 -16.66
N ALA RB 88 59.93 -30.07 -16.50
CA ALA RB 88 59.32 -30.69 -15.34
C ALA RB 88 59.22 -32.20 -15.56
N ASN RB 89 58.48 -32.89 -14.68
CA ASN RB 89 58.35 -34.33 -14.77
C ASN RB 89 56.87 -34.74 -14.82
N GLU RB 90 56.60 -36.03 -14.65
CA GLU RB 90 55.24 -36.53 -14.77
C GLU RB 90 54.29 -35.83 -13.82
N GLU RB 91 54.71 -35.63 -12.57
CA GLU RB 91 53.86 -35.01 -11.56
C GLU RB 91 54.01 -33.51 -11.50
N GLY RB 92 54.64 -32.90 -12.51
CA GLY RB 92 54.82 -31.46 -12.52
C GLY RB 92 55.74 -30.93 -11.44
N TYR RB 93 56.84 -31.64 -11.17
CA TYR RB 93 57.81 -31.24 -10.16
C TYR RB 93 59.14 -30.91 -10.81
N ILE RB 94 59.74 -29.81 -10.40
CA ILE RB 94 61.10 -29.44 -10.79
C ILE RB 94 61.96 -29.48 -9.53
N TYR RB 95 62.99 -30.30 -9.55
CA TYR RB 95 63.88 -30.40 -8.39
C TYR RB 95 64.97 -29.35 -8.47
N LYS RB 96 65.19 -28.64 -7.37
CA LYS RB 96 66.11 -27.52 -7.32
C LYS RB 96 67.29 -27.82 -6.39
N PRO RB 97 68.40 -27.11 -6.54
CA PRO RB 97 69.58 -27.39 -5.71
C PRO RB 97 69.29 -27.22 -4.23
N ASN RB 98 69.93 -28.07 -3.43
CA ASN RB 98 69.74 -28.08 -1.98
C ASN RB 98 70.68 -27.08 -1.31
N VAL RB 99 70.60 -25.83 -1.77
CA VAL RB 99 71.42 -24.74 -1.25
C VAL RB 99 70.60 -23.97 -0.22
N ASN RB 100 71.13 -23.84 0.99
CA ASN RB 100 70.49 -23.10 2.07
C ASN RB 100 71.20 -21.77 2.21
N VAL RB 101 70.46 -20.67 2.06
CA VAL RB 101 71.06 -19.35 2.05
C VAL RB 101 71.70 -19.03 3.40
N MET RB 102 71.05 -19.42 4.49
CA MET RB 102 71.55 -19.08 5.82
C MET RB 102 72.91 -19.72 6.08
N GLU RB 103 73.09 -20.97 5.64
CA GLU RB 103 74.38 -21.62 5.84
C GLU RB 103 75.44 -21.07 4.89
N GLU RB 104 75.05 -20.55 3.73
CA GLU RB 104 76.01 -19.92 2.84
C GLU RB 104 76.48 -18.57 3.39
N MET RB 105 75.57 -17.83 4.01
CA MET RB 105 75.96 -16.56 4.63
C MET RB 105 76.93 -16.78 5.78
N ALA RB 106 76.68 -17.80 6.61
CA ALA RB 106 77.58 -18.11 7.71
C ALA RB 106 78.95 -18.53 7.21
N ASN RB 107 78.98 -19.35 6.16
CA ASN RB 107 80.27 -19.75 5.58
C ASN RB 107 81.02 -18.55 5.02
N MET RB 108 80.30 -17.61 4.41
CA MET RB 108 80.93 -16.39 3.90
C MET RB 108 81.57 -15.60 5.04
N ILE RB 109 80.87 -15.47 6.16
CA ILE RB 109 81.44 -14.77 7.32
C ILE RB 109 82.61 -15.55 7.89
N SER RB 110 82.47 -16.87 8.04
CA SER RB 110 83.52 -17.66 8.64
C SER RB 110 84.76 -17.71 7.74
N ALA RB 111 84.56 -17.86 6.43
CA ALA RB 111 85.70 -17.96 5.52
C ALA RB 111 86.49 -16.65 5.46
N SER RB 112 85.78 -15.52 5.37
CA SER RB 112 86.46 -14.24 5.24
C SER RB 112 87.27 -13.90 6.49
N ARG RB 113 86.67 -14.11 7.66
CA ARG RB 113 87.36 -13.76 8.90
C ARG RB 113 88.55 -14.68 9.16
N ALA RB 114 88.37 -15.98 8.94
CA ALA RB 114 89.46 -16.92 9.15
C ALA RB 114 90.58 -16.69 8.14
N TYR RB 115 90.23 -16.33 6.91
CA TYR RB 115 91.25 -16.03 5.90
C TYR RB 115 92.10 -14.83 6.32
N GLN RB 116 91.45 -13.77 6.81
CA GLN RB 116 92.18 -12.57 7.21
C GLN RB 116 92.93 -12.76 8.52
N THR RB 117 92.50 -13.70 9.36
CA THR RB 117 93.25 -13.99 10.58
C THR RB 117 94.62 -14.57 10.25
N ASN RB 118 94.69 -15.45 9.25
CA ASN RB 118 95.97 -16.03 8.87
C ASN RB 118 96.87 -15.00 8.18
N VAL RB 119 96.29 -13.95 7.61
CA VAL RB 119 97.10 -12.85 7.08
C VAL RB 119 97.88 -12.19 8.19
N GLN RB 120 97.22 -11.94 9.33
CA GLN RB 120 97.91 -11.33 10.47
C GLN RB 120 99.02 -12.22 11.00
N VAL RB 121 98.77 -13.52 11.11
CA VAL RB 121 99.79 -14.44 11.61
C VAL RB 121 100.98 -14.49 10.65
N ALA RB 122 100.71 -14.59 9.34
CA ALA RB 122 101.78 -14.62 8.36
C ALA RB 122 102.55 -13.30 8.34
N ASP RB 123 101.83 -12.17 8.43
CA ASP RB 123 102.50 -10.87 8.46
C ASP RB 123 103.33 -10.71 9.72
N SER RB 124 102.81 -11.15 10.87
CA SER RB 124 103.58 -11.06 12.11
C SER RB 124 104.74 -12.03 12.13
N SER RB 125 104.61 -13.16 11.43
CA SER RB 125 105.70 -14.12 11.36
C SER RB 125 106.92 -13.53 10.65
N LYS RB 126 106.68 -12.72 9.61
CA LYS RB 126 107.79 -12.07 8.92
C LYS RB 126 108.53 -11.11 9.84
N GLN RB 127 107.79 -10.40 10.70
CA GLN RB 127 108.43 -9.47 11.63
C GLN RB 127 109.40 -10.19 12.56
N MET RB 128 108.99 -11.37 13.05
CA MET RB 128 109.89 -12.14 13.92
C MET RB 128 111.15 -12.56 13.16
N LEU RB 129 111.00 -12.94 11.89
CA LEU RB 129 112.17 -13.27 11.08
C LEU RB 129 113.07 -12.05 10.88
N LEU RB 130 112.47 -10.88 10.64
CA LEU RB 130 113.26 -9.68 10.44
C LEU RB 130 114.00 -9.29 11.72
N ARG RB 131 113.35 -9.46 12.88
CA ARG RB 131 114.03 -9.14 14.14
C ARG RB 131 115.16 -10.12 14.43
N THR RB 132 115.04 -11.37 13.97
CA THR RB 132 116.10 -12.34 14.18
C THR RB 132 117.39 -11.91 13.46
N LEU RB 133 117.26 -11.31 12.29
CA LEU RB 133 118.43 -10.85 11.55
C LEU RB 133 119.15 -9.73 12.27
N GLN RB 134 118.48 -9.04 13.20
CA GLN RB 134 119.09 -7.95 13.96
C GLN RB 134 119.73 -8.41 15.25
N MET RB 135 119.77 -9.72 15.49
CA MET RB 135 120.44 -10.25 16.68
C MET RB 135 121.93 -9.90 16.65
N GLY RB 136 122.44 -9.40 17.76
CA GLY RB 136 123.84 -9.04 17.86
C GLY RB 136 124.21 -7.72 17.21
N GLN RB 137 123.23 -6.92 16.80
CA GLN RB 137 123.50 -5.65 16.15
C GLN RB 137 122.94 -4.49 16.96
N SER SB 2 96.40 7.65 -17.66
CA SER SB 2 96.18 8.91 -16.96
C SER SB 2 94.83 8.91 -16.25
N LEU SB 3 94.83 8.61 -14.95
CA LEU SB 3 93.59 8.61 -14.18
C LEU SB 3 93.02 10.00 -13.97
N PHE SB 4 93.78 11.06 -14.26
CA PHE SB 4 93.21 12.39 -14.20
C PHE SB 4 92.22 12.61 -15.35
N ASN SB 5 92.43 11.91 -16.46
CA ASN SB 5 91.46 11.93 -17.54
C ASN SB 5 90.15 11.28 -17.11
N VAL SB 6 90.22 10.31 -16.20
CA VAL SB 6 89.01 9.67 -15.68
C VAL SB 6 88.13 10.68 -14.98
N PHE SB 7 88.75 11.57 -14.19
CA PHE SB 7 88.02 12.61 -13.48
C PHE SB 7 87.27 13.53 -14.44
N ASN SB 8 87.87 13.78 -15.61
CA ASN SB 8 87.17 14.56 -16.63
C ASN SB 8 85.96 13.81 -17.16
N VAL SB 9 86.07 12.50 -17.39
CA VAL SB 9 84.96 11.73 -17.94
C VAL SB 9 83.84 11.61 -16.91
N THR SB 10 84.19 11.27 -15.67
CA THR SB 10 83.20 11.21 -14.61
C THR SB 10 82.64 12.59 -14.30
N GLY SB 11 83.51 13.61 -14.29
CA GLY SB 11 83.04 14.97 -14.07
C GLY SB 11 82.10 15.45 -15.16
N SER SB 12 82.41 15.12 -16.41
CA SER SB 12 81.52 15.47 -17.51
C SER SB 12 80.22 14.67 -17.43
N ALA SB 13 80.30 13.42 -16.98
CA ALA SB 13 79.10 12.61 -16.82
C ALA SB 13 78.16 13.19 -15.78
N MET SB 14 78.70 13.62 -14.63
CA MET SB 14 77.85 14.20 -13.60
C MET SB 14 77.20 15.49 -14.06
N SER SB 15 77.93 16.29 -14.83
CA SER SB 15 77.35 17.50 -15.41
C SER SB 15 76.21 17.16 -16.36
N ALA SB 16 76.39 16.11 -17.18
CA ALA SB 16 75.35 15.71 -18.12
C ALA SB 16 74.11 15.22 -17.38
N GLU SB 17 74.30 14.40 -16.34
CA GLU SB 17 73.17 13.89 -15.58
C GLU SB 17 72.47 14.99 -14.79
N SER SB 18 73.19 16.00 -14.35
CA SER SB 18 72.58 17.10 -13.62
C SER SB 18 71.74 17.97 -14.55
N VAL SB 19 72.18 18.11 -15.81
CA VAL SB 19 71.39 18.84 -16.80
C VAL SB 19 70.07 18.13 -17.05
N ARG SB 20 70.12 16.79 -17.18
CA ARG SB 20 68.90 16.03 -17.42
C ARG SB 20 67.93 16.14 -16.24
N LEU SB 21 68.46 16.19 -15.01
CA LEU SB 21 67.60 16.30 -13.83
C LEU SB 21 66.86 17.64 -13.82
N ASN SB 22 67.56 18.73 -14.14
CA ASN SB 22 66.91 20.03 -14.18
C ASN SB 22 65.89 20.10 -15.31
N THR SB 23 66.18 19.45 -16.43
CA THR SB 23 65.21 19.35 -17.51
C THR SB 23 63.98 18.58 -17.06
N THR SB 24 64.19 17.49 -16.30
CA THR SB 24 63.07 16.76 -15.73
C THR SB 24 62.29 17.61 -14.73
N SER SB 25 63.00 18.43 -13.94
CA SER SB 25 62.34 19.29 -12.98
C SER SB 25 61.45 20.31 -13.67
N SER SB 26 61.92 20.88 -14.79
CA SER SB 26 61.13 21.86 -15.51
C SER SB 26 59.95 21.22 -16.23
N ASN SB 27 60.06 19.94 -16.58
CA ASN SB 27 58.94 19.23 -17.19
C ASN SB 27 57.84 18.96 -16.19
N LEU SB 28 58.18 18.51 -14.98
CA LEU SB 28 57.17 18.27 -13.95
C LEU SB 28 56.49 19.56 -13.53
N ALA SB 29 57.25 20.65 -13.42
CA ALA SB 29 56.68 21.94 -13.04
C ALA SB 29 55.81 22.56 -14.12
N ASN SB 30 55.92 22.09 -15.37
CA ASN SB 30 55.18 22.67 -16.49
C ASN SB 30 54.35 21.61 -17.21
N ALA SB 31 53.90 20.59 -16.50
CA ALA SB 31 53.01 19.59 -17.09
C ALA SB 31 51.58 20.08 -17.23
N ASP SB 32 51.26 21.25 -16.65
CA ASP SB 32 49.90 21.78 -16.69
C ASP SB 32 49.90 23.27 -17.03
N SER SB 33 50.91 23.76 -17.74
CA SER SB 33 51.05 25.18 -18.02
C SER SB 33 50.61 25.46 -19.46
N VAL SB 34 49.53 26.23 -19.59
CA VAL SB 34 49.02 26.56 -20.92
C VAL SB 34 49.73 27.79 -21.48
N SER SB 35 49.93 28.82 -20.66
CA SER SB 35 50.56 30.05 -21.09
C SER SB 35 52.07 29.92 -21.00
N SER SB 36 52.77 30.99 -21.39
CA SER SB 36 54.23 31.05 -21.28
C SER SB 36 54.67 32.49 -21.50
N SER SB 37 55.90 32.78 -21.09
CA SER SB 37 56.49 34.08 -21.35
C SER SB 37 56.61 34.31 -22.85
N ALA SB 38 57.36 33.45 -23.52
CA ALA SB 38 57.32 33.40 -24.98
C ALA SB 38 55.98 32.84 -25.43
N LYS SB 39 55.35 33.48 -26.40
CA LYS SB 39 54.01 33.10 -26.83
C LYS SB 39 54.08 31.83 -27.66
N ASP SB 40 54.37 30.72 -26.98
CA ASP SB 40 54.34 29.39 -27.58
C ASP SB 40 54.21 28.38 -26.45
N THR SB 41 53.33 27.40 -26.61
CA THR SB 41 53.07 26.42 -25.56
C THR SB 41 54.33 25.63 -25.24
N TYR SB 42 54.54 25.39 -23.95
CA TYR SB 42 55.70 24.62 -23.50
C TYR SB 42 55.65 23.21 -24.06
N LYS SB 43 56.78 22.76 -24.60
CA LYS SB 43 56.96 21.41 -25.08
C LYS SB 43 57.99 20.70 -24.21
N ALA SB 44 57.78 19.41 -23.98
CA ALA SB 44 58.67 18.65 -23.12
C ALA SB 44 60.09 18.71 -23.66
N ARG SB 45 61.04 19.05 -22.78
CA ARG SB 45 62.42 19.25 -23.17
C ARG SB 45 63.26 18.02 -22.84
N HIS SB 46 64.31 17.80 -23.62
CA HIS SB 46 65.18 16.65 -23.43
C HIS SB 46 66.58 17.04 -23.89
N ALA SB 47 67.53 17.09 -22.95
CA ALA SB 47 68.91 17.39 -23.28
C ALA SB 47 69.49 16.25 -24.12
N VAL SB 48 70.31 16.61 -25.10
CA VAL SB 48 70.89 15.65 -26.03
C VAL SB 48 72.33 15.38 -25.61
N PHE SB 49 72.63 14.15 -25.18
CA PHE SB 49 73.99 13.76 -24.88
C PHE SB 49 74.75 13.44 -26.17
N GLY SB 50 76.07 13.50 -26.08
CA GLY SB 50 76.91 13.25 -27.24
C GLY SB 50 78.24 12.63 -26.84
N ALA SB 51 78.82 11.90 -27.78
CA ALA SB 51 80.11 11.24 -27.59
C ALA SB 51 80.99 11.48 -28.81
N GLU SB 52 82.21 11.98 -28.57
CA GLU SB 52 83.17 12.22 -29.64
C GLU SB 52 84.14 11.05 -29.78
N LEU SB 53 83.58 9.86 -29.96
CA LEU SB 53 84.42 8.67 -30.11
C LEU SB 53 85.22 8.75 -31.41
N SER SB 54 86.47 8.33 -31.34
CA SER SB 54 87.36 8.37 -32.49
C SER SB 54 88.53 7.41 -32.31
N ASP SB 61 90.71 6.04 -26.06
CA ASP SB 61 91.03 6.26 -24.66
C ASP SB 61 89.81 6.74 -23.88
N THR SB 62 89.80 8.04 -23.53
CA THR SB 62 88.74 8.63 -22.74
C THR SB 62 87.87 9.48 -23.65
N VAL SB 63 86.57 9.19 -23.66
CA VAL SB 63 85.59 9.92 -24.45
C VAL SB 63 84.60 10.57 -23.50
N PRO SB 64 84.74 11.86 -23.23
CA PRO SB 64 83.76 12.54 -22.37
C PRO SB 64 82.40 12.63 -23.02
N VAL SB 65 81.36 12.61 -22.18
CA VAL SB 65 79.99 12.81 -22.62
C VAL SB 65 79.66 14.29 -22.52
N LYS SB 66 79.15 14.87 -23.60
CA LYS SB 66 78.86 16.29 -23.66
C LYS SB 66 77.40 16.53 -24.00
N VAL SB 67 76.83 17.56 -23.41
CA VAL SB 67 75.47 17.97 -23.73
C VAL SB 67 75.54 18.98 -24.88
N MET SB 68 74.95 18.62 -26.01
CA MET SB 68 75.02 19.44 -27.22
C MET SB 68 73.76 20.26 -27.44
N GLY SB 69 72.86 20.33 -26.47
CA GLY SB 69 71.68 21.15 -26.60
C GLY SB 69 70.41 20.49 -26.14
N ILE SB 70 69.38 21.29 -25.89
CA ILE SB 70 68.08 20.79 -25.45
C ILE SB 70 67.17 20.71 -26.66
N VAL SB 71 66.53 19.55 -26.85
CA VAL SB 71 65.65 19.29 -27.98
C VAL SB 71 64.29 18.90 -27.45
N GLU SB 72 63.24 19.58 -27.93
CA GLU SB 72 61.89 19.33 -27.48
C GLU SB 72 61.31 18.09 -28.14
N SER SB 73 60.41 17.42 -27.43
CA SER SB 73 59.69 16.29 -28.00
C SER SB 73 58.72 16.76 -29.07
N ASP SB 74 58.57 15.96 -30.12
CA ASP SB 74 57.75 16.31 -31.27
C ASP SB 74 56.31 15.81 -31.15
N LYS SB 75 55.95 15.20 -30.02
CA LYS SB 75 54.58 14.73 -29.85
C LYS SB 75 53.62 15.92 -29.83
N PRO SB 76 52.41 15.73 -30.33
CA PRO SB 76 51.44 16.84 -30.38
C PRO SB 76 51.04 17.29 -28.98
N LEU SB 77 50.75 18.58 -28.87
CA LEU SB 77 50.25 19.13 -27.62
C LEU SB 77 48.86 18.58 -27.32
N SER SB 78 48.65 18.16 -26.07
CA SER SB 78 47.39 17.55 -25.68
C SER SB 78 46.30 18.62 -25.66
N ALA SB 79 45.34 18.50 -26.56
CA ALA SB 79 44.26 19.47 -26.65
C ALA SB 79 43.16 19.15 -25.63
N GLU SB 80 42.63 20.20 -25.01
CA GLU SB 80 41.54 20.08 -24.06
C GLU SB 80 40.36 20.91 -24.53
N TYR SB 81 39.16 20.35 -24.44
CA TYR SB 81 37.94 21.06 -24.81
C TYR SB 81 37.54 21.96 -23.65
N ASN SB 82 37.94 23.22 -23.74
CA ASN SB 82 37.62 24.24 -22.73
C ASN SB 82 37.06 25.45 -23.46
N PRO SB 83 35.81 25.37 -23.94
CA PRO SB 83 35.28 26.44 -24.80
C PRO SB 83 35.21 27.80 -24.14
N ASP SB 84 34.94 27.86 -22.84
CA ASP SB 84 34.83 29.13 -22.14
C ASP SB 84 36.17 29.69 -21.71
N HIS SB 85 37.26 28.97 -21.91
CA HIS SB 85 38.57 29.48 -21.56
C HIS SB 85 38.93 30.67 -22.47
N PRO SB 86 39.54 31.72 -21.92
CA PRO SB 86 39.87 32.89 -22.76
C PRO SB 86 40.80 32.58 -23.92
N LEU SB 87 41.67 31.57 -23.78
CA LEU SB 87 42.63 31.23 -24.82
C LEU SB 87 42.12 30.19 -25.80
N ALA SB 88 40.84 29.82 -25.72
CA ALA SB 88 40.29 28.81 -26.59
C ALA SB 88 40.30 29.26 -28.05
N ASN SB 89 40.51 28.30 -28.94
CA ASN SB 89 40.52 28.56 -30.38
C ASN SB 89 39.09 28.60 -30.92
N GLU SB 90 38.95 28.59 -32.25
CA GLU SB 90 37.63 28.69 -32.86
C GLU SB 90 36.74 27.52 -32.48
N GLU SB 91 37.32 26.36 -32.17
CA GLU SB 91 36.56 25.18 -31.81
C GLU SB 91 36.58 24.90 -30.31
N GLY SB 92 37.14 25.79 -29.51
CA GLY SB 92 37.08 25.63 -28.07
C GLY SB 92 38.14 24.73 -27.47
N TYR SB 93 39.25 24.51 -28.16
CA TYR SB 93 40.31 23.65 -27.67
C TYR SB 93 41.48 24.48 -27.18
N ILE SB 94 41.98 24.17 -25.98
CA ILE SB 94 43.21 24.73 -25.47
C ILE SB 94 44.27 23.64 -25.48
N TYR SB 95 45.50 24.01 -25.77
CA TYR SB 95 46.58 23.07 -25.96
C TYR SB 95 47.53 23.10 -24.77
N LYS SB 96 47.94 21.92 -24.32
CA LYS SB 96 48.72 21.73 -23.11
C LYS SB 96 49.99 20.96 -23.44
N PRO SB 97 51.03 21.08 -22.61
CA PRO SB 97 52.28 20.39 -22.90
C PRO SB 97 52.10 18.88 -22.96
N ASN SB 98 52.95 18.23 -23.76
CA ASN SB 98 52.90 16.79 -23.98
C ASN SB 98 53.76 16.01 -22.99
N VAL SB 99 53.92 16.53 -21.78
CA VAL SB 99 54.73 15.86 -20.77
C VAL SB 99 54.04 14.59 -20.32
N ASN SB 100 54.78 13.49 -20.32
CA ASN SB 100 54.27 12.20 -19.84
C ASN SB 100 54.84 11.92 -18.45
N VAL SB 101 53.94 11.69 -17.50
CA VAL SB 101 54.35 11.57 -16.10
C VAL SB 101 55.25 10.35 -15.89
N MET SB 102 54.87 9.21 -16.47
CA MET SB 102 55.62 7.98 -16.24
C MET SB 102 57.04 8.08 -16.78
N GLU SB 103 57.22 8.68 -17.95
CA GLU SB 103 58.55 8.78 -18.52
C GLU SB 103 59.42 9.79 -17.80
N GLU SB 104 58.80 10.77 -17.12
CA GLU SB 104 59.60 11.73 -16.34
C GLU SB 104 60.08 11.11 -15.04
N MET SB 105 59.28 10.24 -14.44
CA MET SB 105 59.72 9.58 -13.21
C MET SB 105 60.89 8.63 -13.48
N ALA SB 106 60.86 7.96 -14.63
CA ALA SB 106 61.99 7.11 -15.00
C ALA SB 106 63.25 7.92 -15.23
N ASN SB 107 63.10 9.11 -15.84
CA ASN SB 107 64.25 9.99 -16.01
C ASN SB 107 64.78 10.48 -14.69
N MET SB 108 63.89 10.77 -13.73
CA MET SB 108 64.34 11.16 -12.39
C MET SB 108 65.11 10.03 -11.72
N ILE SB 109 64.61 8.80 -11.82
CA ILE SB 109 65.30 7.65 -11.26
C ILE SB 109 66.62 7.41 -11.99
N SER SB 110 66.60 7.46 -13.32
CA SER SB 110 67.81 7.19 -14.09
C SER SB 110 68.87 8.25 -13.88
N ALA SB 111 68.47 9.53 -13.83
CA ALA SB 111 69.43 10.61 -13.67
C ALA SB 111 70.10 10.56 -12.30
N SER SB 112 69.36 10.19 -11.26
CA SER SB 112 69.93 10.11 -9.92
C SER SB 112 70.91 8.94 -9.82
N ARG SB 113 70.52 7.77 -10.31
CA ARG SB 113 71.39 6.60 -10.22
C ARG SB 113 72.65 6.78 -11.07
N ALA SB 114 72.52 7.34 -12.27
CA ALA SB 114 73.68 7.58 -13.10
C ALA SB 114 74.60 8.63 -12.49
N TYR SB 115 74.03 9.59 -11.77
CA TYR SB 115 74.84 10.58 -11.08
C TYR SB 115 75.65 9.94 -9.97
N GLN SB 116 75.04 9.03 -9.21
CA GLN SB 116 75.70 8.49 -8.02
C GLN SB 116 76.77 7.48 -8.39
N THR SB 117 76.58 6.75 -9.50
CA THR SB 117 77.59 5.77 -9.90
C THR SB 117 78.86 6.41 -10.43
N ASN SB 118 78.76 7.62 -10.97
CA ASN SB 118 79.96 8.33 -11.41
C ASN SB 118 80.76 8.87 -10.24
N VAL SB 119 80.10 9.12 -9.10
CA VAL SB 119 80.83 9.48 -7.89
C VAL SB 119 81.68 8.31 -7.41
N GLN SB 120 81.15 7.09 -7.52
CA GLN SB 120 81.90 5.90 -7.12
C GLN SB 120 83.15 5.73 -7.98
N VAL SB 121 83.02 5.94 -9.29
CA VAL SB 121 84.17 5.81 -10.18
C VAL SB 121 85.22 6.87 -9.86
N ALA SB 122 84.78 8.11 -9.65
CA ALA SB 122 85.71 9.18 -9.33
C ALA SB 122 86.42 8.91 -8.00
N ASP SB 123 85.67 8.44 -6.99
CA ASP SB 123 86.29 8.13 -5.71
C ASP SB 123 87.24 6.94 -5.83
N SER SB 124 86.85 5.91 -6.57
CA SER SB 124 87.73 4.76 -6.76
C SER SB 124 88.97 5.14 -7.56
N SER SB 125 88.82 5.97 -8.59
CA SER SB 125 89.96 6.42 -9.37
C SER SB 125 90.87 7.32 -8.54
N LYS SB 126 90.31 8.05 -7.58
CA LYS SB 126 91.12 8.88 -6.69
C LYS SB 126 92.07 8.03 -5.85
N GLN SB 127 91.59 6.87 -5.38
CA GLN SB 127 92.42 5.99 -4.58
C GLN SB 127 93.60 5.44 -5.40
N MET SB 128 93.38 5.16 -6.68
CA MET SB 128 94.44 4.64 -7.52
C MET SB 128 95.57 5.65 -7.67
N LEU SB 129 95.23 6.93 -7.87
CA LEU SB 129 96.26 7.95 -8.00
C LEU SB 129 97.05 8.13 -6.71
N LEU SB 130 96.36 8.11 -5.57
CA LEU SB 130 97.07 8.22 -4.29
C LEU SB 130 97.97 7.03 -4.05
N ARG SB 131 97.54 5.83 -4.45
CA ARG SB 131 98.38 4.65 -4.30
C ARG SB 131 99.61 4.73 -5.20
N THR SB 132 99.50 5.38 -6.36
CA THR SB 132 100.65 5.55 -7.24
C THR SB 132 101.68 6.49 -6.62
N LEU SB 133 101.21 7.50 -5.87
CA LEU SB 133 102.14 8.41 -5.19
C LEU SB 133 103.01 7.67 -4.18
N GLN SB 134 102.53 6.55 -3.65
CA GLN SB 134 103.27 5.77 -2.68
C GLN SB 134 104.24 4.79 -3.32
N MET SB 135 104.26 4.71 -4.65
CA MET SB 135 105.14 3.77 -5.33
C MET SB 135 106.60 4.06 -5.02
N GLY SB 136 107.35 3.01 -4.71
CA GLY SB 136 108.76 3.15 -4.40
C GLY SB 136 109.02 3.72 -3.01
N GLN SB 137 108.45 4.89 -2.72
CA GLN SB 137 108.64 5.54 -1.44
C GLN SB 137 107.97 4.75 -0.32
N SER TB 2 90.96 -18.79 -7.29
CA SER TB 2 91.41 -17.70 -6.42
C SER TB 2 90.24 -16.83 -6.00
N LEU TB 3 90.52 -15.76 -5.26
CA LEU TB 3 89.47 -14.84 -4.87
C LEU TB 3 88.96 -14.04 -6.06
N PHE TB 4 89.77 -13.92 -7.11
CA PHE TB 4 89.30 -13.23 -8.32
C PHE TB 4 88.29 -14.07 -9.08
N ASN TB 5 88.38 -15.39 -8.96
CA ASN TB 5 87.38 -16.26 -9.58
C ASN TB 5 86.00 -16.02 -8.99
N VAL TB 6 85.94 -15.59 -7.72
CA VAL TB 6 84.66 -15.24 -7.09
C VAL TB 6 83.99 -14.11 -7.86
N PHE TB 7 84.77 -13.12 -8.29
CA PHE TB 7 84.22 -12.01 -9.06
C PHE TB 7 83.61 -12.50 -10.37
N ASN TB 8 84.28 -13.43 -11.04
CA ASN TB 8 83.71 -14.00 -12.27
C ASN TB 8 82.46 -14.81 -11.98
N VAL TB 9 82.45 -15.58 -10.89
CA VAL TB 9 81.30 -16.41 -10.56
C VAL TB 9 80.14 -15.55 -10.08
N THR TB 10 80.39 -14.63 -9.15
CA THR TB 10 79.34 -13.75 -8.66
C THR TB 10 78.87 -12.81 -9.76
N GLY TB 11 79.80 -12.28 -10.55
CA GLY TB 11 79.42 -11.39 -11.65
C GLY TB 11 78.52 -12.07 -12.66
N SER TB 12 78.75 -13.37 -12.91
CA SER TB 12 77.89 -14.12 -13.82
C SER TB 12 76.48 -14.21 -13.27
N ALA TB 13 76.34 -14.40 -11.95
CA ALA TB 13 75.01 -14.45 -11.35
C ALA TB 13 74.32 -13.09 -11.43
N MET TB 14 75.09 -12.01 -11.30
CA MET TB 14 74.52 -10.68 -11.44
C MET TB 14 73.91 -10.48 -12.83
N SER TB 15 74.62 -10.93 -13.86
CA SER TB 15 74.05 -10.89 -15.21
C SER TB 15 72.91 -11.90 -15.37
N ALA TB 16 73.04 -13.06 -14.71
CA ALA TB 16 72.01 -14.09 -14.83
C ALA TB 16 70.68 -13.60 -14.26
N GLU TB 17 70.71 -13.03 -13.05
CA GLU TB 17 69.49 -12.51 -12.44
C GLU TB 17 68.95 -11.31 -13.19
N SER TB 18 69.80 -10.58 -13.92
CA SER TB 18 69.33 -9.47 -14.73
C SER TB 18 68.53 -9.96 -15.93
N VAL TB 19 68.95 -11.10 -16.51
CA VAL TB 19 68.22 -11.67 -17.63
C VAL TB 19 66.83 -12.11 -17.19
N ARG TB 20 66.72 -12.77 -16.04
CA ARG TB 20 65.42 -13.17 -15.54
C ARG TB 20 64.54 -11.99 -15.17
N LEU TB 21 65.14 -10.89 -14.71
CA LEU TB 21 64.35 -9.70 -14.40
C LEU TB 21 63.76 -9.09 -15.66
N ASN TB 22 64.56 -9.02 -16.73
CA ASN TB 22 64.07 -8.46 -17.99
C ASN TB 22 63.00 -9.36 -18.61
N THR TB 23 63.18 -10.68 -18.50
CA THR TB 23 62.18 -11.61 -19.01
C THR TB 23 60.86 -11.44 -18.26
N THR TB 24 60.92 -11.27 -16.94
CA THR TB 24 59.72 -11.04 -16.16
C THR TB 24 59.07 -9.70 -16.53
N SER TB 25 59.88 -8.67 -16.79
CA SER TB 25 59.33 -7.39 -17.19
C SER TB 25 58.56 -7.50 -18.51
N SER TB 26 59.10 -8.27 -19.46
CA SER TB 26 58.40 -8.45 -20.72
C SER TB 26 57.16 -9.33 -20.54
N ASN TB 27 57.16 -10.19 -19.53
CA ASN TB 27 55.96 -10.99 -19.24
C ASN TB 27 54.85 -10.13 -18.65
N LEU TB 28 55.20 -9.24 -17.72
CA LEU TB 28 54.19 -8.37 -17.11
C LEU TB 28 53.61 -7.38 -18.12
N ALA TB 29 54.43 -6.94 -19.08
CA ALA TB 29 53.99 -5.97 -20.07
C ALA TB 29 53.23 -6.59 -21.23
N ASN TB 30 53.19 -7.93 -21.32
CA ASN TB 30 52.52 -8.62 -22.42
C ASN TB 30 51.45 -9.58 -21.91
N ALA TB 31 50.96 -9.37 -20.69
CA ALA TB 31 49.94 -10.24 -20.13
C ALA TB 31 48.56 -10.00 -20.73
N ASP TB 32 48.37 -8.89 -21.45
CA ASP TB 32 47.06 -8.54 -21.99
C ASP TB 32 47.17 -8.14 -23.46
N SER TB 33 48.21 -8.61 -24.15
CA SER TB 33 48.46 -8.25 -25.54
C SER TB 33 47.92 -9.36 -26.43
N VAL TB 34 46.75 -9.13 -27.03
CA VAL TB 34 46.17 -10.12 -27.94
C VAL TB 34 46.97 -10.22 -29.23
N SER TB 35 47.46 -9.10 -29.74
CA SER TB 35 48.20 -9.06 -31.00
C SER TB 35 49.70 -8.98 -30.74
N SER TB 36 50.46 -9.27 -31.79
CA SER TB 36 51.93 -9.28 -31.67
C SER TB 36 52.59 -9.26 -33.04
N SER TB 37 53.63 -8.44 -33.23
CA SER TB 37 54.40 -8.52 -34.50
C SER TB 37 55.06 -9.90 -34.48
N ALA TB 38 55.38 -10.46 -35.65
CA ALA TB 38 56.00 -11.81 -35.77
C ALA TB 38 54.92 -12.89 -35.84
N LYS TB 39 53.65 -12.50 -35.96
CA LYS TB 39 52.58 -13.50 -36.18
C LYS TB 39 52.61 -14.60 -35.13
N ASP TB 40 52.87 -14.24 -33.87
CA ASP TB 40 52.88 -15.23 -32.77
C ASP TB 40 52.23 -14.62 -31.52
N THR TB 41 51.16 -15.22 -31.03
CA THR TB 41 50.58 -14.71 -29.76
C THR TB 41 51.59 -14.96 -28.64
N TYR TB 42 52.32 -13.93 -28.23
CA TYR TB 42 53.26 -14.01 -27.12
C TYR TB 42 52.83 -15.06 -26.11
N LYS TB 43 53.79 -15.85 -25.67
CA LYS TB 43 53.60 -16.82 -24.59
C LYS TB 43 54.65 -16.55 -23.52
N ALA TB 44 54.30 -16.85 -22.27
CA ALA TB 44 55.16 -16.52 -21.15
C ALA TB 44 56.54 -17.15 -21.33
N ARG TB 45 57.57 -16.33 -21.17
CA ARG TB 45 58.95 -16.76 -21.34
C ARG TB 45 59.61 -16.95 -19.97
N HIS TB 46 60.54 -17.90 -19.91
CA HIS TB 46 61.26 -18.20 -18.69
C HIS TB 46 62.74 -18.33 -19.01
N ALA TB 47 63.58 -17.78 -18.14
CA ALA TB 47 65.02 -17.93 -18.26
C ALA TB 47 65.46 -19.13 -17.43
N VAL TB 48 65.98 -20.16 -18.09
CA VAL TB 48 66.40 -21.39 -17.44
C VAL TB 48 67.90 -21.30 -17.18
N PHE TB 49 68.26 -21.18 -15.90
CA PHE TB 49 69.67 -21.12 -15.53
C PHE TB 49 70.31 -22.50 -15.65
N GLY TB 50 71.63 -22.50 -15.73
CA GLY TB 50 72.37 -23.74 -15.82
C GLY TB 50 73.80 -23.60 -15.35
N ALA TB 51 74.24 -24.53 -14.49
CA ALA TB 51 75.61 -24.51 -14.02
C ALA TB 51 76.56 -25.02 -15.10
N GLU TB 52 77.51 -24.17 -15.44
CA GLU TB 52 78.51 -24.51 -16.47
C GLU TB 52 79.74 -25.05 -15.73
N LEU TB 53 79.69 -26.31 -15.31
CA LEU TB 53 80.82 -26.81 -14.49
C LEU TB 53 82.12 -26.40 -15.18
N SER TB 54 82.29 -26.77 -16.45
CA SER TB 54 83.54 -26.47 -17.19
C SER TB 54 84.60 -25.93 -16.22
N ASP TB 61 84.99 -26.70 -7.57
CA ASP TB 61 85.55 -25.44 -7.08
C ASP TB 61 84.69 -24.26 -7.47
N THR TB 62 85.00 -23.65 -8.61
CA THR TB 62 84.27 -22.50 -9.13
C THR TB 62 83.33 -22.96 -10.24
N VAL TB 63 82.03 -22.73 -10.05
CA VAL TB 63 81.00 -23.13 -11.01
C VAL TB 63 80.18 -21.90 -11.35
N PRO TB 64 80.50 -21.22 -12.45
CA PRO TB 64 79.68 -20.09 -12.88
C PRO TB 64 78.31 -20.54 -13.35
N VAL TB 65 77.36 -19.62 -13.31
CA VAL TB 65 76.00 -19.85 -13.79
C VAL TB 65 75.82 -19.12 -15.11
N LYS TB 66 75.22 -19.79 -16.09
CA LYS TB 66 74.99 -19.23 -17.40
C LYS TB 66 73.54 -19.41 -17.80
N VAL TB 67 73.02 -18.44 -18.55
CA VAL TB 67 71.71 -18.59 -19.17
C VAL TB 67 71.90 -19.33 -20.50
N MET TB 68 71.24 -20.47 -20.63
CA MET TB 68 71.39 -21.32 -21.80
C MET TB 68 70.37 -21.03 -22.88
N GLY TB 69 69.49 -20.05 -22.66
CA GLY TB 69 68.44 -19.73 -23.60
C GLY TB 69 67.11 -19.53 -22.89
N ILE TB 70 66.26 -18.71 -23.50
CA ILE TB 70 64.95 -18.42 -22.94
C ILE TB 70 63.95 -19.45 -23.46
N VAL TB 71 63.13 -19.99 -22.57
CA VAL TB 71 62.18 -21.04 -22.89
C VAL TB 71 60.77 -20.52 -22.64
N GLU TB 72 59.84 -20.86 -23.53
CA GLU TB 72 58.46 -20.39 -23.42
C GLU TB 72 57.64 -21.32 -22.53
N SER TB 73 56.56 -20.77 -21.98
CA SER TB 73 55.68 -21.54 -21.11
C SER TB 73 54.92 -22.61 -21.88
N ASP TB 74 54.67 -23.73 -21.22
CA ASP TB 74 53.94 -24.84 -21.79
C ASP TB 74 52.43 -24.78 -21.54
N LYS TB 75 51.98 -23.82 -20.73
CA LYS TB 75 50.56 -23.72 -20.43
C LYS TB 75 49.78 -23.29 -21.67
N PRO TB 76 48.57 -23.81 -21.87
CA PRO TB 76 47.76 -23.38 -23.01
C PRO TB 76 47.36 -21.92 -22.88
N LEU TB 77 47.24 -21.26 -24.03
CA LEU TB 77 46.82 -19.87 -24.06
C LEU TB 77 45.39 -19.72 -23.53
N SER TB 78 45.12 -18.58 -22.91
CA SER TB 78 43.81 -18.32 -22.33
C SER TB 78 42.86 -17.88 -23.43
N ALA TB 79 41.87 -18.72 -23.73
CA ALA TB 79 40.91 -18.42 -24.79
C ALA TB 79 39.73 -17.63 -24.22
N GLU TB 80 39.37 -16.56 -24.92
CA GLU TB 80 38.27 -15.70 -24.51
C GLU TB 80 37.35 -15.44 -25.69
N TYR TB 81 36.04 -15.58 -25.46
CA TYR TB 81 35.04 -15.47 -26.51
C TYR TB 81 34.79 -14.00 -26.81
N ASN TB 82 35.35 -13.51 -27.92
CA ASN TB 82 35.17 -12.13 -28.37
C ASN TB 82 34.79 -12.18 -29.85
N PRO TB 83 33.55 -12.53 -30.15
CA PRO TB 83 33.18 -12.80 -31.55
C PRO TB 83 33.33 -11.61 -32.48
N ASP TB 84 33.13 -10.39 -31.99
CA ASP TB 84 33.15 -9.20 -32.84
C ASP TB 84 34.55 -8.63 -33.04
N HIS TB 85 35.57 -9.23 -32.44
CA HIS TB 85 36.93 -8.75 -32.63
C HIS TB 85 37.44 -9.15 -34.02
N PRO TB 86 38.23 -8.30 -34.67
CA PRO TB 86 38.78 -8.66 -35.99
C PRO TB 86 39.71 -9.87 -35.97
N LEU TB 87 40.29 -10.19 -34.81
CA LEU TB 87 41.17 -11.35 -34.69
C LEU TB 87 40.41 -12.60 -34.24
N ALA TB 88 39.09 -12.52 -34.11
CA ALA TB 88 38.32 -13.68 -33.69
C ALA TB 88 38.29 -14.74 -34.79
N ASN TB 89 38.40 -16.00 -34.37
CA ASN TB 89 38.30 -17.12 -35.29
C ASN TB 89 36.83 -17.36 -35.64
N GLU TB 90 36.58 -18.46 -36.36
CA GLU TB 90 35.21 -18.79 -36.74
C GLU TB 90 34.32 -19.02 -35.52
N GLU TB 91 34.86 -19.69 -34.49
CA GLU TB 91 34.10 -19.91 -33.27
C GLU TB 91 33.94 -18.61 -32.48
N GLY TB 92 34.81 -17.64 -32.73
CA GLY TB 92 34.71 -16.34 -32.10
C GLY TB 92 35.62 -16.11 -30.92
N TYR TB 93 36.58 -16.99 -30.65
CA TYR TB 93 37.46 -16.89 -29.50
C TYR TB 93 38.76 -16.22 -29.90
N ILE TB 94 39.18 -15.22 -29.12
CA ILE TB 94 40.51 -14.64 -29.24
C ILE TB 94 41.36 -15.22 -28.11
N TYR TB 95 42.65 -15.34 -28.38
CA TYR TB 95 43.57 -16.00 -27.44
C TYR TB 95 44.53 -14.97 -26.86
N LYS TB 96 44.81 -15.10 -25.56
CA LYS TB 96 45.68 -14.19 -24.87
C LYS TB 96 46.84 -14.95 -24.23
N PRO TB 97 47.98 -14.29 -24.00
CA PRO TB 97 49.13 -14.99 -23.43
C PRO TB 97 48.82 -15.69 -22.10
N ASN TB 98 49.58 -16.73 -21.81
CA ASN TB 98 49.40 -17.52 -20.60
C ASN TB 98 50.24 -17.00 -19.44
N VAL TB 99 50.50 -15.70 -19.41
CA VAL TB 99 51.30 -15.11 -18.33
C VAL TB 99 50.55 -15.22 -17.02
N ASN TB 100 51.20 -15.81 -16.02
CA ASN TB 100 50.64 -15.91 -14.68
C ASN TB 100 51.24 -14.80 -13.83
N VAL TB 101 50.40 -13.92 -13.31
CA VAL TB 101 50.89 -12.75 -12.58
C VAL TB 101 51.62 -13.17 -11.32
N MET TB 102 51.09 -14.14 -10.60
CA MET TB 102 51.64 -14.49 -9.29
C MET TB 102 53.06 -15.01 -9.40
N GLU TB 103 53.34 -15.82 -10.42
CA GLU TB 103 54.70 -16.34 -10.57
C GLU TB 103 55.67 -15.24 -10.99
N GLU TB 104 55.20 -14.26 -11.76
CA GLU TB 104 56.08 -13.14 -12.12
C GLU TB 104 56.43 -12.29 -10.91
N MET TB 105 55.45 -12.06 -10.02
CA MET TB 105 55.74 -11.33 -8.79
C MET TB 105 56.68 -12.13 -7.89
N ALA TB 106 56.48 -13.45 -7.82
CA ALA TB 106 57.42 -14.29 -7.07
C ALA TB 106 58.79 -14.31 -7.72
N ASN TB 107 58.84 -14.37 -9.05
CA ASN TB 107 60.13 -14.28 -9.75
C ASN TB 107 60.77 -12.92 -9.54
N MET TB 108 59.95 -11.85 -9.51
CA MET TB 108 60.49 -10.51 -9.28
C MET TB 108 61.14 -10.42 -7.90
N ILE TB 109 60.51 -11.00 -6.88
CA ILE TB 109 61.09 -10.97 -5.55
C ILE TB 109 62.35 -11.82 -5.48
N SER TB 110 62.28 -13.05 -6.01
CA SER TB 110 63.43 -13.95 -5.94
C SER TB 110 64.62 -13.41 -6.70
N ALA TB 111 64.38 -12.86 -7.89
CA ALA TB 111 65.49 -12.32 -8.69
C ALA TB 111 66.17 -11.16 -7.98
N SER TB 112 65.38 -10.30 -7.31
CA SER TB 112 65.98 -9.17 -6.60
C SER TB 112 66.74 -9.64 -5.37
N ARG TB 113 66.18 -10.60 -4.63
CA ARG TB 113 66.86 -11.11 -3.44
C ARG TB 113 68.14 -11.84 -3.79
N ALA TB 114 68.12 -12.65 -4.86
CA ALA TB 114 69.32 -13.36 -5.28
C ALA TB 114 70.37 -12.41 -5.85
N TYR TB 115 69.93 -11.34 -6.53
CA TYR TB 115 70.86 -10.36 -7.07
C TYR TB 115 71.64 -9.66 -5.96
N GLN TB 116 70.95 -9.29 -4.87
CA GLN TB 116 71.60 -8.51 -3.82
C GLN TB 116 72.54 -9.37 -2.97
N THR TB 117 72.23 -10.66 -2.81
CA THR TB 117 73.12 -11.51 -2.04
C THR TB 117 74.37 -11.90 -2.81
N ASN TB 118 74.36 -11.76 -4.13
CA ASN TB 118 75.59 -11.92 -4.90
C ASN TB 118 76.51 -10.72 -4.74
N VAL TB 119 75.94 -9.55 -4.42
CA VAL TB 119 76.76 -8.37 -4.19
C VAL TB 119 77.57 -8.53 -2.91
N GLN TB 120 76.98 -9.16 -1.89
CA GLN TB 120 77.69 -9.35 -0.62
C GLN TB 120 78.91 -10.25 -0.80
N VAL TB 121 78.78 -11.30 -1.61
CA VAL TB 121 79.90 -12.21 -1.83
C VAL TB 121 81.03 -11.50 -2.55
N ALA TB 122 80.70 -10.69 -3.57
CA ALA TB 122 81.72 -9.91 -4.25
C ALA TB 122 82.37 -8.91 -3.31
N ASP TB 123 81.57 -8.27 -2.44
CA ASP TB 123 82.13 -7.38 -1.44
C ASP TB 123 83.00 -8.14 -0.44
N SER TB 124 82.56 -9.33 -0.04
CA SER TB 124 83.34 -10.11 0.92
C SER TB 124 84.68 -10.52 0.33
N SER TB 125 84.71 -10.92 -0.94
CA SER TB 125 85.97 -11.30 -1.56
C SER TB 125 86.87 -10.09 -1.78
N LYS TB 126 86.27 -8.90 -1.97
CA LYS TB 126 87.08 -7.70 -2.17
C LYS TB 126 87.93 -7.39 -0.94
N GLN TB 127 87.33 -7.51 0.25
CA GLN TB 127 88.07 -7.22 1.48
C GLN TB 127 89.21 -8.19 1.69
N MET TB 128 89.00 -9.47 1.34
CA MET TB 128 90.04 -10.47 1.51
C MET TB 128 91.25 -10.19 0.63
N LEU TB 129 91.00 -9.69 -0.59
CA LEU TB 129 92.12 -9.35 -1.48
C LEU TB 129 92.86 -8.12 -0.99
N LEU TB 130 92.15 -7.13 -0.44
CA LEU TB 130 92.81 -5.94 0.06
C LEU TB 130 93.70 -6.27 1.26
N ARG TB 131 93.23 -7.14 2.15
CA ARG TB 131 94.07 -7.56 3.26
C ARG TB 131 95.25 -8.41 2.78
N THR TB 132 95.03 -9.23 1.77
CA THR TB 132 96.13 -10.02 1.20
C THR TB 132 97.19 -9.12 0.60
N LEU TB 133 96.80 -7.92 0.14
CA LEU TB 133 97.78 -6.95 -0.42
C LEU TB 133 98.51 -6.20 0.69
N GLN TB 134 97.86 -5.97 1.83
CA GLN TB 134 98.49 -5.27 2.98
C GLN TB 134 99.64 -6.13 3.52
N MET TB 135 99.64 -7.43 3.23
CA MET TB 135 100.77 -8.30 3.61
C MET TB 135 101.92 -8.04 2.63
N GLY TB 136 103.11 -7.69 3.13
CA GLY TB 136 104.24 -7.34 2.24
C GLY TB 136 104.52 -5.85 2.31
N GLN TB 137 103.68 -5.10 3.01
CA GLN TB 137 103.83 -3.63 3.10
C GLN TB 137 104.44 -3.25 4.45
N SER UB 2 98.24 29.89 1.44
CA SER UB 2 97.80 30.06 2.82
C SER UB 2 96.52 29.29 3.10
N LEU UB 3 96.65 27.99 3.37
CA LEU UB 3 95.48 27.16 3.63
C LEU UB 3 94.80 27.51 4.94
N PHE UB 4 95.43 28.29 5.81
CA PHE UB 4 94.76 28.74 7.03
C PHE UB 4 93.67 29.75 6.71
N ASN UB 5 93.83 30.48 5.60
CA ASN UB 5 92.77 31.36 5.13
C ASN UB 5 91.51 30.58 4.77
N VAL UB 6 91.66 29.33 4.33
CA VAL UB 6 90.50 28.49 4.04
C VAL UB 6 89.69 28.24 5.30
N PHE UB 7 90.38 28.04 6.44
CA PHE UB 7 89.68 27.86 7.70
C PHE UB 7 88.87 29.10 8.07
N ASN UB 8 89.32 30.28 7.64
CA ASN UB 8 88.53 31.49 7.86
C ASN UB 8 87.34 31.57 6.93
N VAL UB 9 87.41 30.91 5.77
CA VAL UB 9 86.32 30.97 4.80
C VAL UB 9 85.28 29.89 5.09
N THR UB 10 85.72 28.64 5.18
CA THR UB 10 84.79 27.55 5.51
C THR UB 10 84.18 27.74 6.89
N GLY UB 11 84.99 28.14 7.87
CA GLY UB 11 84.47 28.37 9.20
C GLY UB 11 83.42 29.47 9.25
N SER UB 12 83.61 30.51 8.44
CA SER UB 12 82.60 31.56 8.36
C SER UB 12 81.29 31.04 7.79
N ALA UB 13 81.38 30.14 6.80
CA ALA UB 13 80.17 29.55 6.25
C ALA UB 13 79.46 28.66 7.26
N MET UB 14 80.23 28.00 8.14
CA MET UB 14 79.63 27.20 9.20
C MET UB 14 78.73 28.04 10.09
N SER UB 15 79.21 29.22 10.49
CA SER UB 15 78.39 30.13 11.28
C SER UB 15 77.25 30.71 10.45
N ALA UB 16 77.53 31.04 9.18
CA ALA UB 16 76.50 31.64 8.33
C ALA UB 16 75.35 30.68 8.08
N GLU UB 17 75.67 29.39 7.83
CA GLU UB 17 74.61 28.41 7.62
C GLU UB 17 73.91 28.04 8.92
N SER UB 18 74.55 28.26 10.06
CA SER UB 18 73.90 28.02 11.35
C SER UB 18 72.87 29.11 11.64
N VAL UB 19 73.18 30.35 11.25
CA VAL UB 19 72.23 31.45 11.44
C VAL UB 19 70.97 31.21 10.61
N ARG UB 20 71.15 30.78 9.36
CA ARG UB 20 70.00 30.50 8.51
C ARG UB 20 69.19 29.31 9.02
N LEU UB 21 69.82 28.36 9.71
CA LEU UB 21 69.07 27.26 10.29
C LEU UB 21 68.25 27.71 11.49
N ASN UB 22 68.85 28.53 12.37
CA ASN UB 22 68.11 29.07 13.50
C ASN UB 22 67.03 30.03 13.04
N THR UB 23 67.27 30.73 11.93
CA THR UB 23 66.24 31.55 11.32
C THR UB 23 65.06 30.70 10.86
N THR UB 24 65.36 29.54 10.26
CA THR UB 24 64.31 28.63 9.82
C THR UB 24 63.50 28.12 11.01
N SER UB 25 64.18 27.78 12.10
CA SER UB 25 63.48 27.26 13.28
C SER UB 25 62.51 28.29 13.85
N SER UB 26 62.93 29.55 13.90
CA SER UB 26 62.02 30.60 14.39
C SER UB 26 60.83 30.78 13.46
N ASN UB 27 61.02 30.56 12.16
CA ASN UB 27 59.91 30.65 11.21
C ASN UB 27 58.98 29.46 11.32
N LEU UB 28 59.52 28.25 11.55
CA LEU UB 28 58.66 27.08 11.70
C LEU UB 28 57.83 27.14 12.96
N ALA UB 29 58.42 27.61 14.07
CA ALA UB 29 57.74 27.65 15.35
C ALA UB 29 56.73 28.78 15.46
N ASN UB 30 56.85 29.83 14.65
CA ASN UB 30 55.98 31.00 14.73
C ASN UB 30 55.13 31.16 13.48
N ALA UB 31 54.81 30.05 12.82
CA ALA UB 31 53.95 30.10 11.63
C ALA UB 31 52.47 30.20 11.98
N ASP UB 32 52.11 29.98 13.25
CA ASP UB 32 50.71 30.02 13.68
C ASP UB 32 50.51 30.96 14.86
N SER UB 33 51.51 31.77 15.18
CA SER UB 33 51.48 32.66 16.33
C SER UB 33 50.86 34.00 15.93
N VAL UB 34 49.70 34.31 16.50
CA VAL UB 34 49.00 35.53 16.14
C VAL UB 34 49.40 36.71 17.02
N SER UB 35 49.89 36.45 18.23
CA SER UB 35 50.28 37.50 19.16
C SER UB 35 51.80 37.63 19.20
N SER UB 36 52.27 38.62 19.94
CA SER UB 36 53.70 38.86 20.06
C SER UB 36 53.96 39.67 21.33
N SER UB 37 55.18 39.56 21.83
CA SER UB 37 55.59 40.32 23.00
C SER UB 37 56.01 41.75 22.66
N ALA UB 38 56.24 42.06 21.39
CA ALA UB 38 56.65 43.39 20.96
C ALA UB 38 55.56 44.13 20.21
N LYS UB 39 54.31 43.65 20.32
CA LYS UB 39 53.11 44.27 19.76
C LYS UB 39 53.11 44.34 18.24
N ASP UB 40 54.02 43.66 17.55
CA ASP UB 40 54.01 43.56 16.10
C ASP UB 40 53.96 42.10 15.70
N THR UB 41 53.05 41.78 14.77
CA THR UB 41 52.88 40.39 14.34
C THR UB 41 54.16 39.86 13.73
N TYR UB 42 54.49 38.61 14.06
CA TYR UB 42 55.71 37.99 13.55
C TYR UB 42 55.66 37.90 12.03
N LYS UB 43 56.80 38.14 11.40
CA LYS UB 43 56.97 37.98 9.96
C LYS UB 43 58.16 37.09 9.68
N ALA UB 44 58.09 36.35 8.59
CA ALA UB 44 59.13 35.38 8.26
C ALA UB 44 60.47 36.08 8.10
N ARG UB 45 61.37 35.83 9.05
CA ARG UB 45 62.69 36.43 9.05
C ARG UB 45 63.62 35.65 8.13
N HIS UB 46 64.62 36.34 7.59
CA HIS UB 46 65.59 35.72 6.70
C HIS UB 46 66.94 36.41 6.85
N ALA UB 47 68.01 35.62 6.76
CA ALA UB 47 69.36 36.14 6.86
C ALA UB 47 69.81 36.73 5.53
N VAL UB 48 70.81 37.61 5.59
CA VAL UB 48 71.38 38.22 4.39
C VAL UB 48 72.86 37.86 4.33
N PHE UB 49 73.26 37.16 3.29
CA PHE UB 49 74.65 36.79 3.08
C PHE UB 49 75.36 37.86 2.25
N GLY UB 50 76.66 38.00 2.47
CA GLY UB 50 77.44 38.99 1.77
C GLY UB 50 78.79 38.43 1.34
N ALA UB 51 79.33 39.02 0.27
CA ALA UB 51 80.65 38.65 -0.23
C ALA UB 51 81.36 39.93 -0.66
N GLU UB 52 82.41 40.29 0.07
CA GLU UB 52 83.15 41.53 -0.19
C GLU UB 52 84.22 41.26 -1.25
N LEU UB 53 83.74 40.90 -2.44
CA LEU UB 53 84.65 40.58 -3.53
C LEU UB 53 85.33 41.84 -4.05
N SER UB 54 86.63 41.74 -4.31
CA SER UB 54 87.41 42.88 -4.77
C SER UB 54 88.66 42.42 -5.52
N ASP UB 61 91.61 36.41 -3.68
CA ASP UB 61 92.05 35.22 -2.96
C ASP UB 61 90.90 34.56 -2.23
N THR UB 62 90.74 34.88 -0.95
CA THR UB 62 89.71 34.29 -0.09
C THR UB 62 88.69 35.36 0.29
N VAL UB 63 87.42 35.08 0.05
CA VAL UB 63 86.34 36.01 0.36
C VAL UB 63 85.43 35.39 1.41
N PRO UB 64 85.52 35.79 2.67
CA PRO UB 64 84.64 35.22 3.70
C PRO UB 64 83.19 35.62 3.48
N VAL UB 65 82.30 34.76 3.95
CA VAL UB 65 80.86 35.01 3.91
C VAL UB 65 80.42 35.46 5.30
N LYS UB 66 79.80 36.63 5.38
CA LYS UB 66 79.36 37.20 6.64
C LYS UB 66 77.89 37.57 6.55
N VAL UB 67 77.14 37.25 7.62
CA VAL UB 67 75.76 37.68 7.74
C VAL UB 67 75.74 39.14 8.18
N MET UB 68 75.07 39.98 7.39
CA MET UB 68 75.01 41.41 7.65
C MET UB 68 73.70 41.84 8.30
N GLY UB 69 72.85 40.90 8.69
CA GLY UB 69 71.60 41.23 9.35
C GLY UB 69 70.44 40.37 8.87
N ILE UB 70 69.44 40.23 9.74
CA ILE UB 70 68.24 39.45 9.45
C ILE UB 70 67.15 40.40 8.97
N VAL UB 71 66.45 40.01 7.90
CA VAL UB 71 65.46 40.85 7.24
C VAL UB 71 64.17 40.07 7.12
N GLU UB 72 63.04 40.74 7.39
CA GLU UB 72 61.74 40.12 7.31
C GLU UB 72 61.28 40.02 5.86
N SER UB 73 60.44 39.02 5.59
CA SER UB 73 59.93 38.80 4.25
C SER UB 73 58.98 39.91 3.83
N ASP UB 74 58.88 40.14 2.52
CA ASP UB 74 58.04 41.19 1.97
C ASP UB 74 56.62 40.72 1.67
N LYS UB 75 56.32 39.44 1.85
CA LYS UB 75 54.98 38.95 1.57
C LYS UB 75 53.99 39.57 2.54
N PRO UB 76 52.76 39.87 2.10
CA PRO UB 76 51.75 40.37 3.03
C PRO UB 76 51.34 39.32 4.04
N LEU UB 77 50.90 39.78 5.20
CA LEU UB 77 50.45 38.87 6.25
C LEU UB 77 49.21 38.12 5.79
N SER UB 78 49.09 36.88 6.23
CA SER UB 78 47.96 36.03 5.87
C SER UB 78 46.77 36.39 6.75
N ALA UB 79 45.71 36.91 6.14
CA ALA UB 79 44.53 37.32 6.88
C ALA UB 79 43.56 36.16 7.03
N GLU UB 80 42.92 36.10 8.20
CA GLU UB 80 41.95 35.05 8.50
C GLU UB 80 40.71 35.67 9.11
N TYR UB 81 39.55 35.22 8.65
CA TYR UB 81 38.27 35.75 9.12
C TYR UB 81 37.92 35.06 10.44
N ASN UB 82 38.21 35.75 11.54
CA ASN UB 82 37.90 35.27 12.89
C ASN UB 82 37.16 36.40 13.61
N PRO UB 83 35.86 36.58 13.36
CA PRO UB 83 35.16 37.75 13.88
C PRO UB 83 35.02 37.79 15.40
N ASP UB 84 35.09 36.65 16.07
CA ASP UB 84 34.90 36.60 17.52
C ASP UB 84 36.22 36.54 18.29
N HIS UB 85 37.34 36.57 17.60
CA HIS UB 85 38.63 36.58 18.29
C HIS UB 85 38.82 37.91 19.01
N PRO UB 86 39.48 37.90 20.18
CA PRO UB 86 39.72 39.17 20.88
C PRO UB 86 40.54 40.17 20.08
N LEU UB 87 41.43 39.70 19.20
CA LEU UB 87 42.33 40.56 18.46
C LEU UB 87 41.80 40.92 17.07
N ALA UB 88 40.55 40.57 16.77
CA ALA UB 88 39.98 40.85 15.46
C ALA UB 88 39.75 42.35 15.28
N ASN UB 89 39.72 42.77 14.02
CA ASN UB 89 39.50 44.16 13.67
C ASN UB 89 38.02 44.39 13.38
N GLU UB 90 37.70 45.58 12.86
CA GLU UB 90 36.31 45.90 12.57
C GLU UB 90 35.73 44.97 11.51
N GLU UB 91 36.52 44.65 10.47
CA GLU UB 91 36.04 43.77 9.42
C GLU UB 91 36.03 42.30 9.85
N GLY UB 92 36.57 41.98 11.03
CA GLY UB 92 36.54 40.62 11.53
C GLY UB 92 37.74 39.77 11.19
N TYR UB 93 38.84 40.37 10.76
CA TYR UB 93 40.01 39.62 10.32
C TYR UB 93 41.13 39.70 11.35
N ILE UB 94 41.83 38.59 11.52
CA ILE UB 94 43.06 38.54 12.28
C ILE UB 94 44.19 38.22 11.31
N TYR UB 95 45.40 38.66 11.65
CA TYR UB 95 46.56 38.53 10.78
C TYR UB 95 47.56 37.56 11.37
N LYS UB 96 48.14 36.73 10.52
CA LYS UB 96 49.07 35.68 10.90
C LYS UB 96 50.35 35.82 10.09
N PRO UB 97 51.46 35.29 10.61
CA PRO UB 97 52.74 35.43 9.89
C PRO UB 97 52.70 34.81 8.50
N ASN UB 98 53.45 35.43 7.59
CA ASN UB 98 53.53 35.00 6.20
C ASN UB 98 54.61 33.96 5.98
N VAL UB 99 54.57 32.88 6.76
CA VAL UB 99 55.56 31.81 6.67
C VAL UB 99 55.03 30.74 5.73
N ASN UB 100 55.83 30.38 4.72
CA ASN UB 100 55.47 29.37 3.75
C ASN UB 100 56.20 28.07 4.06
N VAL UB 101 55.45 26.97 4.19
CA VAL UB 101 56.02 25.70 4.62
C VAL UB 101 57.04 25.20 3.61
N MET UB 102 56.72 25.26 2.32
CA MET UB 102 57.56 24.65 1.31
C MET UB 102 58.95 25.28 1.27
N GLU UB 103 59.03 26.61 1.36
CA GLU UB 103 60.33 27.25 1.30
C GLU UB 103 61.14 27.02 2.57
N GLU UB 104 60.47 26.84 3.71
CA GLU UB 104 61.19 26.51 4.94
C GLU UB 104 61.84 25.14 4.84
N MET UB 105 61.15 24.17 4.24
CA MET UB 105 61.72 22.85 4.06
C MET UB 105 62.95 22.90 3.14
N ALA UB 106 62.87 23.69 2.06
CA ALA UB 106 64.01 23.84 1.18
C ALA UB 106 65.18 24.52 1.89
N ASN UB 107 64.89 25.52 2.73
CA ASN UB 107 65.94 26.15 3.51
C ASN UB 107 66.57 25.18 4.49
N MET UB 108 65.76 24.33 5.14
CA MET UB 108 66.30 23.34 6.05
C MET UB 108 67.20 22.34 5.31
N ILE UB 109 66.79 21.92 4.12
CA ILE UB 109 67.60 21.00 3.33
C ILE UB 109 68.85 21.70 2.80
N SER UB 110 68.70 22.92 2.28
CA SER UB 110 69.84 23.61 1.70
C SER UB 110 70.86 24.01 2.75
N ALA UB 111 70.39 24.54 3.89
CA ALA UB 111 71.33 24.98 4.93
C ALA UB 111 72.08 23.82 5.55
N SER UB 112 71.40 22.70 5.80
CA SER UB 112 72.06 21.55 6.39
C SER UB 112 73.11 20.98 5.44
N ARG UB 113 72.80 20.87 4.16
CA ARG UB 113 73.76 20.35 3.20
C ARG UB 113 74.92 21.32 3.00
N ALA UB 114 74.63 22.63 2.98
CA ALA UB 114 75.70 23.62 2.86
C ALA UB 114 76.60 23.62 4.08
N TYR UB 115 76.03 23.37 5.27
CA TYR UB 115 76.84 23.28 6.47
C TYR UB 115 77.82 22.11 6.40
N GLN UB 116 77.36 20.97 5.89
CA GLN UB 116 78.19 19.77 5.89
C GLN UB 116 79.24 19.81 4.79
N THR UB 117 78.95 20.46 3.67
CA THR UB 117 79.93 20.49 2.59
C THR UB 117 81.10 21.42 2.91
N ASN UB 118 80.94 22.30 3.89
CA ASN UB 118 82.06 23.12 4.32
C ASN UB 118 82.92 22.40 5.34
N VAL UB 119 82.36 21.39 6.03
CA VAL UB 119 83.16 20.56 6.92
C VAL UB 119 84.19 19.77 6.11
N GLN UB 120 83.77 19.23 4.97
CA GLN UB 120 84.69 18.45 4.13
C GLN UB 120 85.85 19.30 3.62
N VAL UB 121 85.55 20.53 3.20
CA VAL UB 121 86.61 21.42 2.73
C VAL UB 121 87.54 21.79 3.88
N ALA UB 122 86.98 22.08 5.05
CA ALA UB 122 87.80 22.39 6.22
C ALA UB 122 88.59 21.18 6.68
N ASP UB 123 88.02 19.98 6.53
CA ASP UB 123 88.75 18.77 6.90
C ASP UB 123 89.81 18.44 5.86
N SER UB 124 89.50 18.63 4.57
CA SER UB 124 90.47 18.34 3.52
C SER UB 124 91.62 19.35 3.53
N SER UB 125 91.30 20.62 3.76
CA SER UB 125 92.35 21.63 3.85
C SER UB 125 93.26 21.38 5.04
N LYS UB 126 92.75 20.72 6.08
CA LYS UB 126 93.60 20.35 7.22
C LYS UB 126 94.67 19.35 6.79
N GLN UB 127 94.31 18.38 5.95
CA GLN UB 127 95.26 17.36 5.53
C GLN UB 127 96.36 17.96 4.66
N MET UB 128 96.02 18.92 3.80
CA MET UB 128 97.03 19.53 2.94
C MET UB 128 98.07 20.29 3.75
N LEU UB 129 97.68 20.83 4.90
CA LEU UB 129 98.64 21.51 5.76
C LEU UB 129 99.57 20.51 6.46
N LEU UB 130 99.02 19.38 6.89
CA LEU UB 130 99.85 18.39 7.58
C LEU UB 130 100.90 17.80 6.65
N ARG UB 131 100.54 17.54 5.39
CA ARG UB 131 101.51 17.05 4.42
C ARG UB 131 102.54 18.13 4.08
N THR UB 132 102.15 19.40 4.14
CA THR UB 132 103.11 20.47 3.89
C THR UB 132 104.20 20.49 4.96
N LEU UB 133 103.83 20.24 6.22
CA LEU UB 133 104.83 20.13 7.27
C LEU UB 133 105.77 18.96 7.02
N GLN UB 134 105.26 17.90 6.39
CA GLN UB 134 106.06 16.71 6.13
C GLN UB 134 106.97 16.85 4.92
N MET UB 135 106.87 17.94 4.18
CA MET UB 135 107.69 18.12 2.99
C MET UB 135 109.16 18.24 3.36
N GLY UB 136 110.03 17.64 2.54
CA GLY UB 136 111.46 17.71 2.72
C GLY UB 136 112.05 16.62 3.59
N GLN UB 137 111.21 15.85 4.27
CA GLN UB 137 111.70 14.77 5.13
C GLN UB 137 111.08 13.43 4.74
N SER VB 2 100.29 23.09 31.19
CA SER VB 2 99.91 21.80 31.76
C SER VB 2 98.79 21.16 30.94
N LEU VB 3 99.15 20.59 29.79
CA LEU VB 3 98.17 20.01 28.88
C LEU VB 3 97.46 18.81 29.49
N PHE VB 4 98.01 18.23 30.55
CA PHE VB 4 97.31 17.12 31.21
C PHE VB 4 96.04 17.57 31.89
N ASN VB 5 95.94 18.86 32.26
CA ASN VB 5 94.72 19.37 32.86
C ASN VB 5 93.54 19.33 31.91
N VAL VB 6 93.78 19.19 30.60
CA VAL VB 6 92.70 18.98 29.66
C VAL VB 6 91.96 17.69 29.97
N PHE VB 7 92.70 16.65 30.38
CA PHE VB 7 92.08 15.38 30.73
C PHE VB 7 91.19 15.50 31.95
N ASN VB 8 91.56 16.37 32.90
CA ASN VB 8 90.70 16.59 34.07
C ASN VB 8 89.41 17.31 33.69
N VAL VB 9 89.45 18.11 32.63
CA VAL VB 9 88.25 18.85 32.21
C VAL VB 9 87.35 18.00 31.33
N THR VB 10 87.93 17.38 30.30
CA THR VB 10 87.15 16.50 29.44
C THR VB 10 86.61 15.30 30.22
N GLY VB 11 87.43 14.74 31.12
CA GLY VB 11 86.96 13.64 31.94
C GLY VB 11 85.80 14.03 32.84
N SER VB 12 85.88 15.22 33.43
CA SER VB 12 84.79 15.71 34.27
C SER VB 12 83.51 15.92 33.45
N ALA VB 13 83.67 16.43 32.22
CA ALA VB 13 82.50 16.60 31.34
C ALA VB 13 81.90 15.25 30.99
N MET VB 14 82.74 14.24 30.73
CA MET VB 14 82.24 12.90 30.45
C MET VB 14 81.44 12.35 31.62
N SER VB 15 81.91 12.58 32.83
CA SER VB 15 81.18 12.14 34.01
C SER VB 15 79.90 12.95 34.18
N ALA VB 16 79.96 14.25 33.91
CA ALA VB 16 78.78 15.11 34.06
C ALA VB 16 77.68 14.70 33.09
N GLU VB 17 78.04 14.44 31.83
CA GLU VB 17 77.04 14.04 30.84
C GLU VB 17 76.54 12.63 31.09
N SER VB 18 77.30 11.79 31.78
CA SER VB 18 76.82 10.46 32.13
C SER VB 18 75.76 10.54 33.22
N VAL VB 19 75.91 11.46 34.15
CA VAL VB 19 74.90 11.66 35.19
C VAL VB 19 73.59 12.15 34.57
N ARG VB 20 73.69 13.11 33.64
CA ARG VB 20 72.49 13.64 33.02
C ARG VB 20 71.76 12.60 32.17
N LEU VB 21 72.49 11.66 31.59
CA LEU VB 21 71.83 10.61 30.81
C LEU VB 21 71.08 9.65 31.72
N ASN VB 22 71.69 9.27 32.84
CA ASN VB 22 71.02 8.38 33.78
C ASN VB 22 69.77 9.02 34.36
N THR VB 23 69.83 10.32 34.66
CA THR VB 23 68.66 11.02 35.15
C THR VB 23 67.55 11.03 34.11
N THR VB 24 67.91 11.20 32.84
CA THR VB 24 66.92 11.09 31.77
C THR VB 24 66.34 9.68 31.68
N SER VB 25 67.18 8.66 31.90
CA SER VB 25 66.70 7.29 31.88
C SER VB 25 65.69 7.05 32.98
N SER VB 26 65.94 7.59 34.17
CA SER VB 26 65.01 7.42 35.27
C SER VB 26 63.72 8.20 35.04
N ASN VB 27 63.81 9.36 34.39
CA ASN VB 27 62.61 10.12 34.05
C ASN VB 27 61.74 9.40 33.03
N LEU VB 28 62.35 8.82 31.99
CA LEU VB 28 61.58 8.10 30.98
C LEU VB 28 60.93 6.85 31.57
N ALA VB 29 61.63 6.15 32.45
CA ALA VB 29 61.10 4.94 33.05
C ALA VB 29 60.03 5.20 34.11
N ASN VB 30 59.94 6.44 34.61
CA ASN VB 30 59.00 6.78 35.67
C ASN VB 30 58.07 7.93 35.27
N ALA VB 31 57.70 7.99 33.98
CA ALA VB 31 56.74 8.98 33.53
C ALA VB 31 55.29 8.54 33.75
N ASP VB 32 55.06 7.29 34.15
CA ASP VB 32 53.73 6.74 34.32
C ASP VB 32 53.58 6.03 35.66
N SER VB 33 54.40 6.40 36.65
CA SER VB 33 54.45 5.70 37.94
C SER VB 33 53.73 6.55 38.98
N VAL VB 34 52.49 6.19 39.28
CA VAL VB 34 51.72 6.90 40.30
C VAL VB 34 52.25 6.64 41.71
N SER VB 35 52.68 5.41 42.01
CA SER VB 35 53.12 5.02 43.34
C SER VB 35 54.64 5.09 43.42
N SER VB 36 55.15 4.99 44.64
CA SER VB 36 56.59 5.08 44.89
C SER VB 36 56.91 4.35 46.18
N SER VB 37 58.15 3.86 46.26
CA SER VB 37 58.57 3.11 47.44
C SER VB 37 58.54 3.97 48.69
N ALA VB 38 58.99 5.22 48.58
CA ALA VB 38 58.98 6.16 49.69
C ALA VB 38 57.85 7.18 49.56
N LYS VB 39 56.82 6.85 48.80
CA LYS VB 39 55.69 7.75 48.49
C LYS VB 39 56.28 9.00 47.84
N ASP VB 40 55.72 10.19 48.11
CA ASP VB 40 56.16 11.50 47.66
C ASP VB 40 55.85 11.76 46.18
N THR VB 41 55.36 10.76 45.43
CA THR VB 41 54.88 10.96 44.06
C THR VB 41 56.00 11.51 43.17
N TYR VB 42 56.96 10.60 42.88
CA TYR VB 42 58.20 10.92 42.17
C TYR VB 42 58.00 11.99 41.12
N LYS VB 43 58.87 13.00 41.17
CA LYS VB 43 58.88 14.12 40.23
C LYS VB 43 60.14 14.04 39.38
N ALA VB 44 60.07 14.63 38.19
CA ALA VB 44 61.19 14.58 37.27
C ALA VB 44 62.43 15.18 37.89
N ARG VB 45 63.54 14.43 37.85
CA ARG VB 45 64.80 14.84 38.44
C ARG VB 45 65.71 15.44 37.37
N HIS VB 46 66.62 16.29 37.81
CA HIS VB 46 67.58 16.91 36.90
C HIS VB 46 68.88 17.18 37.65
N ALA VB 47 70.00 16.82 37.02
CA ALA VB 47 71.31 17.15 37.57
C ALA VB 47 71.56 18.65 37.45
N VAL VB 48 72.45 19.16 38.30
CA VAL VB 48 72.82 20.57 38.29
C VAL VB 48 74.31 20.66 38.03
N PHE VB 49 74.67 21.24 36.89
CA PHE VB 49 76.08 21.42 36.56
C PHE VB 49 76.62 22.71 37.19
N GLY VB 50 77.94 22.75 37.36
CA GLY VB 50 78.57 23.92 37.94
C GLY VB 50 79.96 24.19 37.40
N ALA VB 51 80.33 25.46 37.34
CA ALA VB 51 81.67 25.87 36.92
C ALA VB 51 82.24 26.81 37.98
N GLU VB 52 83.24 26.35 38.71
CA GLU VB 52 83.86 27.13 39.77
C GLU VB 52 84.91 28.07 39.16
N LEU VB 53 84.40 29.13 38.53
CA LEU VB 53 85.25 30.12 37.89
C LEU VB 53 85.53 31.25 38.89
N SER VB 54 86.80 31.57 39.07
CA SER VB 54 87.20 32.61 40.02
C SER VB 54 88.59 33.15 39.68
N ASP VB 61 92.59 29.35 33.21
CA ASP VB 61 93.18 28.07 32.81
C ASP VB 61 92.09 27.04 32.52
N THR VB 62 91.92 26.09 33.44
CA THR VB 62 90.96 25.00 33.27
C THR VB 62 89.93 25.06 34.39
N VAL VB 63 88.66 24.99 34.01
CA VAL VB 63 87.54 25.01 34.94
C VAL VB 63 86.71 23.75 34.74
N PRO VB 64 86.94 22.72 35.55
CA PRO VB 64 86.14 21.50 35.41
C PRO VB 64 84.67 21.73 35.75
N VAL VB 65 83.80 20.96 35.10
CA VAL VB 65 82.37 21.00 35.33
C VAL VB 65 82.02 19.91 36.34
N LYS VB 66 81.36 20.30 37.43
CA LYS VB 66 81.05 19.40 38.52
C LYS VB 66 79.56 19.39 38.81
N VAL VB 67 79.02 18.20 39.05
CA VAL VB 67 77.62 18.06 39.44
C VAL VB 67 77.49 18.28 40.95
N MET VB 68 76.64 19.22 41.33
CA MET VB 68 76.46 19.57 42.73
C MET VB 68 75.20 18.98 43.33
N GLY VB 69 74.50 18.11 42.60
CA GLY VB 69 73.32 17.46 43.14
C GLY VB 69 72.16 17.39 42.17
N ILE VB 70 71.14 16.63 42.53
CA ILE VB 70 69.96 16.45 41.70
C ILE VB 70 68.82 17.30 42.25
N VAL VB 71 68.15 18.02 41.37
CA VAL VB 71 67.04 18.91 41.74
C VAL VB 71 65.80 18.47 40.96
N GLU VB 72 64.71 18.25 41.69
CA GLU VB 72 63.45 17.86 41.07
C GLU VB 72 62.84 19.04 40.32
N SER VB 73 62.14 18.73 39.23
CA SER VB 73 61.48 19.77 38.45
C SER VB 73 60.37 20.43 39.26
N ASP VB 74 60.17 21.71 39.02
CA ASP VB 74 59.17 22.50 39.72
C ASP VB 74 57.82 22.49 39.01
N LYS VB 75 57.69 21.74 37.91
CA LYS VB 75 56.43 21.68 37.20
C LYS VB 75 55.38 20.96 38.05
N PRO VB 76 54.12 21.40 38.02
CA PRO VB 76 53.09 20.73 38.81
C PRO VB 76 52.88 19.30 38.34
N LEU VB 77 52.53 18.44 39.30
CA LEU VB 77 52.23 17.05 38.98
C LEU VB 77 50.95 16.98 38.14
N SER VB 78 50.97 16.11 37.14
CA SER VB 78 49.81 15.93 36.28
C SER VB 78 48.70 15.23 37.07
N ALA VB 79 47.50 15.79 37.05
CA ALA VB 79 46.37 15.24 37.79
C ALA VB 79 45.45 14.49 36.83
N GLU VB 80 45.18 13.22 37.15
CA GLU VB 80 44.31 12.38 36.36
C GLU VB 80 43.08 12.00 37.18
N TYR VB 81 41.91 12.14 36.57
CA TYR VB 81 40.64 11.83 37.22
C TYR VB 81 40.39 10.33 37.10
N ASN VB 82 40.72 9.59 38.14
CA ASN VB 82 40.49 8.14 38.21
C ASN VB 82 39.80 7.87 39.53
N PRO VB 83 38.49 8.15 39.63
CA PRO VB 83 37.81 8.09 40.93
C PRO VB 83 37.76 6.71 41.54
N ASP VB 84 37.87 5.64 40.74
CA ASP VB 84 37.84 4.29 41.25
C ASP VB 84 39.21 3.76 41.64
N HIS VB 85 40.27 4.52 41.39
CA HIS VB 85 41.60 4.07 41.79
C HIS VB 85 41.73 4.13 43.31
N PRO VB 86 42.44 3.17 43.92
CA PRO VB 86 42.58 3.18 45.38
C PRO VB 86 43.26 4.44 45.92
N LEU VB 87 44.10 5.09 45.14
CA LEU VB 87 44.85 6.25 45.59
C LEU VB 87 44.12 7.56 45.30
N ALA VB 88 42.89 7.51 44.80
CA ALA VB 88 42.15 8.72 44.51
C ALA VB 88 41.86 9.49 45.80
N ASN VB 89 41.92 10.82 45.70
CA ASN VB 89 41.69 11.69 46.84
C ASN VB 89 40.18 11.91 47.02
N GLU VB 90 39.81 12.88 47.86
CA GLU VB 90 38.40 13.15 48.11
C GLU VB 90 37.67 13.64 46.87
N GLU VB 91 38.39 14.09 45.85
CA GLU VB 91 37.78 14.57 44.62
C GLU VB 91 37.88 13.56 43.47
N GLY VB 92 38.54 12.42 43.69
CA GLY VB 92 38.67 11.41 42.67
C GLY VB 92 39.90 11.51 41.80
N TYR VB 93 40.80 12.43 42.08
CA TYR VB 93 41.99 12.63 41.26
C TYR VB 93 43.17 11.83 41.80
N ILE VB 94 44.07 11.46 40.89
CA ILE VB 94 45.37 10.90 41.24
C ILE VB 94 46.44 11.75 40.57
N TYR VB 95 47.64 11.71 41.13
CA TYR VB 95 48.74 12.57 40.69
C TYR VB 95 49.86 11.72 40.09
N LYS VB 96 50.42 12.19 38.99
CA LYS VB 96 51.42 11.49 38.20
C LYS VB 96 52.61 12.39 37.97
N PRO VB 97 53.78 11.81 37.69
CA PRO VB 97 54.98 12.62 37.48
C PRO VB 97 54.81 13.61 36.34
N ASN VB 98 55.59 14.69 36.41
CA ASN VB 98 55.52 15.79 35.45
C ASN VB 98 56.55 15.65 34.33
N VAL VB 99 56.85 14.43 33.92
CA VAL VB 99 57.85 14.20 32.89
C VAL VB 99 57.27 14.55 31.53
N ASN VB 100 57.98 15.40 30.79
CA ASN VB 100 57.58 15.81 29.44
C ASN VB 100 58.44 15.09 28.43
N VAL VB 101 57.79 14.41 27.48
CA VAL VB 101 58.51 13.54 26.55
C VAL VB 101 59.44 14.36 25.65
N MET VB 102 58.96 15.48 25.12
CA MET VB 102 59.72 16.23 24.12
C MET VB 102 61.02 16.78 24.70
N GLU VB 103 61.02 17.09 25.99
CA GLU VB 103 62.24 17.64 26.61
C GLU VB 103 63.19 16.54 27.07
N GLU VB 104 62.68 15.35 27.35
CA GLU VB 104 63.57 14.24 27.68
C GLU VB 104 64.31 13.73 26.46
N MET VB 105 63.65 13.74 25.30
CA MET VB 105 64.30 13.29 24.07
C MET VB 105 65.43 14.22 23.67
N ALA VB 106 65.24 15.53 23.88
CA ALA VB 106 66.31 16.48 23.58
C ALA VB 106 67.51 16.26 24.50
N ASN VB 107 67.26 15.96 25.77
CA ASN VB 107 68.35 15.67 26.70
C ASN VB 107 69.08 14.39 26.31
N MET VB 108 68.36 13.41 25.79
CA MET VB 108 69.01 12.20 25.30
C MET VB 108 69.95 12.52 24.14
N ILE VB 109 69.51 13.37 23.22
CA ILE VB 109 70.36 13.77 22.10
C ILE VB 109 71.50 14.66 22.59
N SER VB 110 71.18 15.63 23.44
CA SER VB 110 72.18 16.61 23.87
C SER VB 110 73.27 15.94 24.71
N ALA VB 111 72.89 15.07 25.64
CA ALA VB 111 73.88 14.42 26.50
C ALA VB 111 74.78 13.49 25.71
N SER VB 112 74.22 12.76 24.75
CA SER VB 112 75.02 11.82 23.96
C SER VB 112 76.03 12.55 23.09
N ARG VB 113 75.60 13.62 22.41
CA ARG VB 113 76.51 14.35 21.52
C ARG VB 113 77.55 15.13 22.32
N ALA VB 114 77.16 15.67 23.48
CA ALA VB 114 78.13 16.34 24.34
C ALA VB 114 79.14 15.34 24.90
N TYR VB 115 78.70 14.12 25.20
CA TYR VB 115 79.63 13.10 25.67
C TYR VB 115 80.64 12.73 24.60
N GLN VB 116 80.19 12.62 23.34
CA GLN VB 116 81.07 12.16 22.27
C GLN VB 116 82.06 13.22 21.85
N THR VB 117 81.69 14.50 21.94
CA THR VB 117 82.61 15.55 21.52
C THR VB 117 83.73 15.76 22.54
N ASN VB 118 83.49 15.40 23.80
CA ASN VB 118 84.57 15.48 24.79
C ASN VB 118 85.56 14.33 24.63
N VAL VB 119 85.16 13.25 23.96
CA VAL VB 119 86.11 12.20 23.60
C VAL VB 119 87.07 12.70 22.54
N GLN VB 120 86.56 13.46 21.57
CA GLN VB 120 87.42 14.00 20.52
C GLN VB 120 88.47 14.95 21.08
N VAL VB 121 88.08 15.80 22.03
CA VAL VB 121 89.03 16.72 22.64
C VAL VB 121 90.08 15.96 23.44
N ALA VB 122 89.63 14.96 24.21
CA ALA VB 122 90.58 14.15 24.98
C ALA VB 122 91.51 13.37 24.06
N ASP VB 123 90.97 12.82 22.97
CA ASP VB 123 91.80 12.08 22.03
C ASP VB 123 92.78 13.00 21.31
N SER VB 124 92.30 14.19 20.89
CA SER VB 124 93.19 15.13 20.22
C SER VB 124 94.25 15.67 21.16
N SER VB 125 93.88 15.92 22.42
CA SER VB 125 94.87 16.37 23.40
C SER VB 125 95.88 15.28 23.71
N LYS VB 126 95.49 14.01 23.58
CA LYS VB 126 96.44 12.92 23.77
C LYS VB 126 97.51 12.92 22.69
N GLN VB 127 97.12 13.24 21.45
CA GLN VB 127 98.08 13.27 20.35
C GLN VB 127 99.10 14.38 20.52
N MET VB 128 98.66 15.55 21.02
CA MET VB 128 99.57 16.67 21.19
C MET VB 128 100.65 16.37 22.24
N LEU VB 129 100.27 15.66 23.30
CA LEU VB 129 101.25 15.29 24.33
C LEU VB 129 102.31 14.34 23.77
N LEU VB 130 101.91 13.40 22.93
CA LEU VB 130 102.88 12.47 22.35
C LEU VB 130 103.86 13.19 21.45
N ARG VB 131 103.38 14.15 20.66
CA ARG VB 131 104.27 14.94 19.82
C ARG VB 131 105.23 15.79 20.66
N THR VB 132 104.77 16.26 21.83
CA THR VB 132 105.66 16.99 22.72
C THR VB 132 106.80 16.11 23.21
N LEU VB 133 106.51 14.85 23.52
CA LEU VB 133 107.56 13.91 23.92
C LEU VB 133 108.58 13.70 22.83
N GLN VB 134 108.18 13.87 21.56
CA GLN VB 134 109.08 13.67 20.43
C GLN VB 134 109.80 14.94 20.01
N MET VB 135 109.61 16.05 20.72
CA MET VB 135 110.28 17.29 20.37
C MET VB 135 111.79 17.16 20.54
N GLY VB 136 112.53 17.42 19.46
CA GLY VB 136 113.97 17.35 19.49
C GLY VB 136 114.52 15.94 19.50
N GLN VB 137 113.99 15.10 20.39
CA GLN VB 137 114.44 13.73 20.50
C GLN VB 137 113.87 12.87 19.38
N SER WB 2 104.86 -5.60 35.89
CA SER WB 2 104.81 -6.67 34.89
C SER WB 2 103.49 -6.65 34.14
N LEU WB 3 103.50 -6.04 32.94
CA LEU WB 3 102.29 -5.93 32.15
C LEU WB 3 101.82 -7.27 31.60
N PHE WB 4 102.64 -8.33 31.68
CA PHE WB 4 102.18 -9.64 31.23
C PHE WB 4 101.01 -10.14 32.08
N ASN WB 5 100.88 -9.65 33.31
CA ASN WB 5 99.72 -9.99 34.12
C ASN WB 5 98.45 -9.42 33.52
N VAL WB 6 98.54 -8.22 32.92
CA VAL WB 6 97.41 -7.58 32.26
C VAL WB 6 96.89 -8.48 31.16
N PHE WB 7 97.80 -9.16 30.45
CA PHE WB 7 97.38 -10.08 29.39
C PHE WB 7 96.55 -11.22 29.96
N ASN WB 8 96.94 -11.74 31.12
CA ASN WB 8 96.16 -12.79 31.77
C ASN WB 8 94.78 -12.28 32.17
N VAL WB 9 94.71 -11.06 32.72
CA VAL WB 9 93.44 -10.53 33.20
C VAL WB 9 92.51 -10.22 32.03
N THR WB 10 93.02 -9.54 31.01
CA THR WB 10 92.20 -9.25 29.84
C THR WB 10 91.81 -10.53 29.11
N GLY WB 11 92.73 -11.48 29.01
CA GLY WB 11 92.40 -12.76 28.39
C GLY WB 11 91.33 -13.51 29.15
N SER WB 12 91.40 -13.49 30.48
CA SER WB 12 90.37 -14.14 31.28
C SER WB 12 89.03 -13.40 31.15
N ALA WB 13 89.08 -12.07 31.06
CA ALA WB 13 87.86 -11.31 30.84
C ALA WB 13 87.25 -11.60 29.48
N MET WB 14 88.08 -11.67 28.44
CA MET WB 14 87.59 -11.97 27.10
C MET WB 14 86.98 -13.37 27.04
N SER WB 15 87.59 -14.33 27.74
CA SER WB 15 87.02 -15.66 27.80
C SER WB 15 85.68 -15.65 28.53
N ALA WB 16 85.57 -14.86 29.60
CA ALA WB 16 84.31 -14.77 30.33
C ALA WB 16 83.21 -14.16 29.48
N GLU WB 17 83.54 -13.11 28.70
CA GLU WB 17 82.54 -12.50 27.84
C GLU WB 17 82.11 -13.45 26.74
N SER WB 18 83.04 -14.26 26.22
CA SER WB 18 82.69 -15.24 25.20
C SER WB 18 81.73 -16.29 25.76
N VAL WB 19 81.93 -16.70 27.02
CA VAL WB 19 81.00 -17.64 27.65
C VAL WB 19 79.63 -17.00 27.81
N ARG WB 20 79.59 -15.73 28.20
CA ARG WB 20 78.31 -15.05 28.36
C ARG WB 20 77.60 -14.90 27.02
N LEU WB 21 78.35 -14.62 25.96
CA LEU WB 21 77.74 -14.47 24.64
C LEU WB 21 77.10 -15.76 24.17
N ASN WB 22 77.80 -16.89 24.37
CA ASN WB 22 77.24 -18.17 23.98
C ASN WB 22 76.00 -18.52 24.81
N THR WB 23 76.00 -18.14 26.08
CA THR WB 23 74.82 -18.35 26.90
C THR WB 23 73.64 -17.52 26.39
N THR WB 24 73.90 -16.27 25.98
CA THR WB 24 72.85 -15.45 25.38
C THR WB 24 72.38 -16.05 24.05
N SER WB 25 73.31 -16.60 23.27
CA SER WB 25 72.94 -17.19 21.99
C SER WB 25 72.01 -18.37 22.18
N SER WB 26 72.24 -19.19 23.20
CA SER WB 26 71.39 -20.34 23.44
C SER WB 26 70.02 -19.91 23.95
N ASN WB 27 69.96 -18.87 24.78
CA ASN WB 27 68.68 -18.40 25.28
C ASN WB 27 67.79 -17.87 24.16
N LEU WB 28 68.37 -17.10 23.23
CA LEU WB 28 67.59 -16.59 22.11
C LEU WB 28 67.11 -17.71 21.21
N ALA WB 29 67.95 -18.72 20.98
CA ALA WB 29 67.57 -19.86 20.15
C ALA WB 29 66.59 -20.80 20.84
N ASN WB 30 66.59 -20.86 22.17
CA ASN WB 30 65.73 -21.77 22.92
C ASN WB 30 64.70 -21.02 23.75
N ALA WB 31 64.28 -19.85 23.27
CA ALA WB 31 63.22 -19.10 23.93
C ALA WB 31 61.82 -19.56 23.54
N ASP WB 32 61.71 -20.55 22.66
CA ASP WB 32 60.43 -21.01 22.13
C ASP WB 32 60.34 -22.54 22.10
N SER WB 33 61.14 -23.22 22.92
CA SER WB 33 61.25 -24.68 22.86
C SER WB 33 60.52 -25.30 24.04
N VAL WB 34 59.39 -25.95 23.78
CA VAL WB 34 58.66 -26.65 24.83
C VAL WB 34 59.26 -28.01 25.16
N SER WB 35 60.13 -28.54 24.30
CA SER WB 35 60.76 -29.83 24.49
C SER WB 35 62.20 -29.64 24.95
N SER WB 36 62.91 -30.75 25.09
CA SER WB 36 64.30 -30.71 25.51
C SER WB 36 64.98 -32.02 25.11
N SER WB 37 66.29 -32.06 25.27
CA SER WB 37 67.05 -33.25 24.91
C SER WB 37 66.62 -34.44 25.76
N ALA WB 38 66.85 -34.41 27.07
CA ALA WB 38 66.49 -35.56 27.91
C ALA WB 38 65.05 -35.49 28.42
N LYS WB 39 64.80 -34.66 29.45
CA LYS WB 39 63.46 -34.63 30.02
C LYS WB 39 63.06 -33.32 30.70
N ASP WB 40 63.81 -32.22 30.54
CA ASP WB 40 63.56 -31.06 31.39
C ASP WB 40 63.52 -29.79 30.55
N THR WB 41 62.43 -29.04 30.70
CA THR WB 41 62.22 -27.82 29.91
C THR WB 41 63.36 -26.84 30.11
N TYR WB 42 63.81 -26.24 29.01
CA TYR WB 42 64.92 -25.30 29.06
C TYR WB 42 64.57 -24.11 29.95
N LYS WB 43 65.56 -23.71 30.76
CA LYS WB 43 65.41 -22.53 31.64
C LYS WB 43 66.57 -21.59 31.32
N ALA WB 44 66.32 -20.29 31.26
CA ALA WB 44 67.31 -19.30 30.87
C ALA WB 44 68.60 -19.46 31.67
N ARG WB 45 69.68 -19.75 30.99
CA ARG WB 45 70.97 -19.98 31.64
C ARG WB 45 71.72 -18.66 31.80
N HIS WB 46 72.60 -18.63 32.79
CA HIS WB 46 73.42 -17.46 33.06
C HIS WB 46 74.75 -17.90 33.64
N ALA WB 47 75.84 -17.47 33.02
CA ALA WB 47 77.16 -17.72 33.56
C ALA WB 47 77.38 -16.92 34.84
N VAL WB 48 78.24 -17.43 35.72
CA VAL WB 48 78.55 -16.78 36.98
C VAL WB 48 80.00 -16.32 36.94
N PHE WB 49 80.22 -15.01 37.01
CA PHE WB 49 81.56 -14.46 37.08
C PHE WB 49 82.00 -14.37 38.54
N GLY WB 50 83.31 -14.44 38.75
CA GLY WB 50 83.84 -14.37 40.09
C GLY WB 50 85.18 -13.67 40.19
N ALA WB 51 85.41 -12.98 41.31
CA ALA WB 51 86.67 -12.28 41.57
C ALA WB 51 87.24 -12.77 42.88
N GLU WB 52 88.38 -13.46 42.81
CA GLU WB 52 88.99 -14.07 43.99
C GLU WB 52 89.94 -13.07 44.66
N LEU WB 53 89.36 -11.98 45.14
CA LEU WB 53 90.15 -10.94 45.79
C LEU WB 53 90.74 -11.45 47.10
N SER WB 54 91.96 -11.05 47.38
CA SER WB 54 92.65 -11.48 48.59
C SER WB 54 92.84 -10.32 49.55
N ASP WB 61 98.46 -5.63 42.68
CA ASP WB 61 98.44 -6.76 41.77
C ASP WB 61 97.14 -6.80 40.95
N THR WB 62 96.83 -7.98 40.41
CA THR WB 62 95.67 -8.16 39.55
C THR WB 62 94.81 -9.30 40.05
N VAL WB 63 93.51 -9.19 39.77
CA VAL WB 63 92.54 -10.21 40.14
C VAL WB 63 91.83 -10.67 38.87
N PRO WB 64 92.21 -11.83 38.33
CA PRO WB 64 91.54 -12.35 37.14
C PRO WB 64 90.09 -12.70 37.43
N VAL WB 65 89.26 -12.58 36.40
CA VAL WB 65 87.84 -12.92 36.48
C VAL WB 65 87.64 -14.30 35.85
N LYS WB 66 87.02 -15.20 36.60
CA LYS WB 66 86.83 -16.57 36.19
C LYS WB 66 85.36 -16.96 36.23
N VAL WB 67 84.93 -17.68 35.19
CA VAL WB 67 83.59 -18.24 35.16
C VAL WB 67 83.58 -19.52 36.00
N MET WB 68 82.63 -19.61 36.93
CA MET WB 68 82.58 -20.70 37.88
C MET WB 68 81.38 -21.61 37.71
N GLY WB 69 80.70 -21.56 36.56
CA GLY WB 69 79.58 -22.43 36.30
C GLY WB 69 78.39 -21.68 35.74
N ILE WB 70 77.46 -22.44 35.16
CA ILE WB 70 76.25 -21.87 34.58
C ILE WB 70 75.07 -22.17 35.50
N VAL WB 71 74.28 -21.13 35.78
CA VAL WB 71 73.14 -21.23 36.68
C VAL WB 71 71.90 -20.76 35.94
N GLU WB 72 70.85 -21.56 35.98
CA GLU WB 72 69.59 -21.20 35.33
C GLU WB 72 68.86 -20.12 36.11
N SER WB 73 68.10 -19.30 35.39
CA SER WB 73 67.29 -18.27 36.03
C SER WB 73 66.18 -18.90 36.85
N ASP WB 74 65.83 -18.23 37.94
CA ASP WB 74 64.83 -18.73 38.87
C ASP WB 74 63.43 -18.24 38.56
N LYS WB 75 63.25 -17.51 37.46
CA LYS WB 75 61.93 -17.05 37.08
C LYS WB 75 61.04 -18.24 36.71
N PRO WB 76 59.76 -18.20 37.03
CA PRO WB 76 58.88 -19.32 36.69
C PRO WB 76 58.73 -19.47 35.18
N LEU WB 77 58.53 -20.71 34.74
CA LEU WB 77 58.28 -20.97 33.34
C LEU WB 77 56.93 -20.41 32.92
N SER WB 78 56.89 -19.80 31.74
CA SER WB 78 55.69 -19.15 31.24
C SER WB 78 54.71 -20.23 30.77
N ALA WB 79 53.63 -20.40 31.51
CA ALA WB 79 52.62 -21.39 31.16
C ALA WB 79 51.70 -20.87 30.07
N GLU WB 80 51.48 -21.70 29.05
CA GLU WB 80 50.58 -21.36 27.96
C GLU WB 80 49.48 -22.41 27.86
N TYR WB 81 48.30 -21.94 27.50
CA TYR WB 81 47.13 -22.82 27.37
C TYR WB 81 47.11 -23.39 25.96
N ASN WB 82 47.62 -24.61 25.81
CA ASN WB 82 47.60 -25.34 24.55
C ASN WB 82 46.99 -26.71 24.84
N PRO WB 83 45.69 -26.75 25.10
CA PRO WB 83 45.06 -28.00 25.56
C PRO WB 83 45.12 -29.15 24.57
N ASP WB 84 45.12 -28.86 23.27
CA ASP WB 84 45.19 -29.92 22.26
C ASP WB 84 46.62 -30.37 21.99
N HIS WB 85 47.61 -29.73 22.61
CA HIS WB 85 48.99 -30.12 22.42
C HIS WB 85 49.24 -31.51 23.02
N PRO WB 86 50.10 -32.33 22.40
CA PRO WB 86 50.39 -33.65 22.98
C PRO WB 86 51.00 -33.59 24.36
N LEU WB 87 51.77 -32.56 24.68
CA LEU WB 87 52.47 -32.45 25.95
C LEU WB 87 51.69 -31.69 27.01
N ALA WB 88 50.43 -31.36 26.74
CA ALA WB 88 49.63 -30.64 27.71
C ALA WB 88 49.39 -31.47 28.96
N ASN WB 89 49.35 -30.79 30.11
CA ASN WB 89 49.13 -31.44 31.39
C ASN WB 89 47.64 -31.70 31.60
N GLU WB 90 47.26 -32.00 32.84
CA GLU WB 90 45.85 -32.29 33.13
C GLU WB 90 44.96 -31.07 32.91
N GLU WB 91 45.51 -29.87 33.04
CA GLU WB 91 44.75 -28.64 32.87
C GLU WB 91 44.90 -28.03 31.48
N GLY WB 92 45.63 -28.70 30.58
CA GLY WB 92 45.81 -28.18 29.25
C GLY WB 92 46.89 -27.14 29.11
N TYR WB 93 47.77 -27.01 30.09
CA TYR WB 93 48.84 -26.02 30.06
C TYR WB 93 50.14 -26.68 29.59
N ILE WB 94 50.88 -25.95 28.76
CA ILE WB 94 52.26 -26.32 28.43
C ILE WB 94 53.16 -25.19 28.90
N TYR WB 95 54.38 -25.56 29.30
CA TYR WB 95 55.33 -24.63 29.86
C TYR WB 95 56.46 -24.37 28.87
N LYS WB 96 56.92 -23.13 28.84
CA LYS WB 96 57.92 -22.67 27.90
C LYS WB 96 59.02 -21.93 28.64
N PRO WB 97 60.21 -21.84 28.07
CA PRO WB 97 61.34 -21.25 28.80
C PRO WB 97 61.06 -19.81 29.20
N ASN WB 98 61.66 -19.43 30.32
CA ASN WB 98 61.47 -18.10 30.91
C ASN WB 98 62.42 -17.06 30.33
N VAL WB 99 62.90 -17.28 29.11
CA VAL WB 99 63.80 -16.32 28.46
C VAL WB 99 63.04 -15.03 28.19
N ASN WB 100 63.60 -13.91 28.64
CA ASN WB 100 63.04 -12.59 28.39
C ASN WB 100 63.88 -11.91 27.30
N VAL WB 101 63.21 -11.43 26.26
CA VAL WB 101 63.91 -10.88 25.11
C VAL WB 101 64.70 -9.65 25.49
N MET WB 102 64.12 -8.76 26.28
CA MET WB 102 64.75 -7.47 26.56
C MET WB 102 66.08 -7.63 27.28
N GLU WB 103 66.13 -8.52 28.28
CA GLU WB 103 67.37 -8.69 29.04
C GLU WB 103 68.42 -9.47 28.25
N GLU WB 104 68.00 -10.36 27.36
CA GLU WB 104 68.96 -11.08 26.53
C GLU WB 104 69.59 -10.15 25.50
N MET WB 105 68.81 -9.21 24.97
CA MET WB 105 69.39 -8.23 24.04
C MET WB 105 70.39 -7.32 24.75
N ALA WB 106 70.10 -6.93 25.99
CA ALA WB 106 71.04 -6.13 26.76
C ALA WB 106 72.33 -6.90 27.02
N ASN WB 107 72.22 -8.20 27.29
CA ASN WB 107 73.40 -9.03 27.45
C ASN WB 107 74.22 -9.09 26.16
N MET WB 108 73.53 -9.18 25.02
CA MET WB 108 74.23 -9.18 23.74
C MET WB 108 75.01 -7.88 23.53
N ILE WB 109 74.40 -6.75 23.87
CA ILE WB 109 75.09 -5.47 23.74
C ILE WB 109 76.19 -5.35 24.78
N SER WB 110 75.89 -5.70 26.03
CA SER WB 110 76.86 -5.51 27.11
C SER WB 110 78.07 -6.41 26.93
N ALA WB 111 77.86 -7.68 26.59
CA ALA WB 111 78.98 -8.61 26.44
C ALA WB 111 79.89 -8.21 25.29
N SER WB 112 79.31 -7.75 24.18
CA SER WB 112 80.11 -7.39 23.02
C SER WB 112 80.95 -6.14 23.31
N ARG WB 113 80.35 -5.13 23.92
CA ARG WB 113 81.10 -3.91 24.24
C ARG WB 113 82.15 -4.17 25.30
N ALA WB 114 81.85 -5.05 26.26
CA ALA WB 114 82.84 -5.41 27.28
C ALA WB 114 83.96 -6.23 26.68
N TYR WB 115 83.65 -7.08 25.70
CA TYR WB 115 84.68 -7.88 25.05
C TYR WB 115 85.66 -7.00 24.28
N GLN WB 116 85.14 -5.97 23.59
CA GLN WB 116 86.00 -5.17 22.72
C GLN WB 116 86.89 -4.23 23.52
N THR WB 117 86.43 -3.75 24.68
CA THR WB 117 87.25 -2.83 25.46
C THR WB 117 88.40 -3.55 26.15
N ASN WB 118 88.27 -4.86 26.40
CA ASN WB 118 89.38 -5.61 26.97
C ASN WB 118 90.46 -5.87 25.92
N VAL WB 119 90.08 -5.96 24.65
CA VAL WB 119 91.07 -6.04 23.58
C VAL WB 119 91.87 -4.74 23.51
N GLN WB 120 91.20 -3.60 23.71
CA GLN WB 120 91.89 -2.32 23.70
C GLN WB 120 92.93 -2.23 24.81
N VAL WB 121 92.59 -2.72 26.00
CA VAL WB 121 93.54 -2.68 27.11
C VAL WB 121 94.74 -3.57 26.82
N ALA WB 122 94.49 -4.78 26.31
CA ALA WB 122 95.59 -5.69 26.00
C ALA WB 122 96.48 -5.12 24.89
N ASP WB 123 95.87 -4.52 23.87
CA ASP WB 123 96.66 -3.89 22.81
C ASP WB 123 97.47 -2.72 23.34
N SER WB 124 96.86 -1.88 24.19
CA SER WB 124 97.59 -0.78 24.80
C SER WB 124 98.69 -1.29 25.73
N SER WB 125 98.38 -2.33 26.51
CA SER WB 125 99.39 -2.91 27.39
C SER WB 125 100.51 -3.58 26.59
N LYS WB 126 100.19 -4.11 25.41
CA LYS WB 126 101.22 -4.69 24.55
C LYS WB 126 102.23 -3.63 24.11
N GLN WB 127 101.74 -2.43 23.80
CA GLN WB 127 102.64 -1.35 23.41
C GLN WB 127 103.57 -0.95 24.54
N MET WB 128 103.05 -0.89 25.77
CA MET WB 128 103.86 -0.44 26.89
C MET WB 128 105.03 -1.37 27.15
N LEU WB 129 104.83 -2.67 26.97
CA LEU WB 129 105.94 -3.61 27.09
C LEU WB 129 106.98 -3.37 26.02
N LEU WB 130 106.54 -3.06 24.79
CA LEU WB 130 107.48 -2.82 23.70
C LEU WB 130 108.35 -1.58 23.96
N ARG WB 131 107.74 -0.52 24.49
CA ARG WB 131 108.51 0.69 24.77
C ARG WB 131 109.51 0.47 25.90
N THR WB 132 109.21 -0.46 26.81
CA THR WB 132 110.17 -0.80 27.86
C THR WB 132 111.39 -1.51 27.27
N LEU WB 133 111.18 -2.34 26.25
CA LEU WB 133 112.30 -3.00 25.59
C LEU WB 133 113.23 -2.00 24.92
N GLN WB 134 112.67 -0.94 24.35
CA GLN WB 134 113.46 0.08 23.67
C GLN WB 134 114.03 1.13 24.61
N MET WB 135 113.75 1.03 25.91
CA MET WB 135 114.30 1.98 26.87
C MET WB 135 115.82 1.87 26.93
N GLY WB 136 116.50 3.02 26.90
CA GLY WB 136 117.94 3.07 26.99
C GLY WB 136 118.68 3.06 25.67
N GLN WB 137 118.03 2.64 24.59
CA GLN WB 137 118.68 2.61 23.27
C GLN WB 137 117.78 3.21 22.20
N MET XB 1 75.69 21.06 20.84
CA MET XB 1 75.35 21.25 19.43
C MET XB 1 74.67 22.59 19.21
N ASP XB 2 73.99 22.73 18.06
CA ASP XB 2 73.30 23.97 17.76
C ASP XB 2 72.07 24.13 18.66
N ARG XB 3 71.81 25.37 19.05
CA ARG XB 3 70.67 25.67 19.91
C ARG XB 3 69.34 25.60 19.18
N ALA XB 4 69.35 25.43 17.86
CA ALA XB 4 68.10 25.24 17.13
C ALA XB 4 67.40 23.95 17.55
N LEU XB 5 68.13 23.03 18.17
CA LEU XB 5 67.50 21.83 18.72
C LEU XB 5 66.51 22.20 19.83
N PHE XB 6 66.91 23.12 20.70
CA PHE XB 6 66.03 23.54 21.79
C PHE XB 6 65.00 24.55 21.32
N LEU XB 7 65.30 25.31 20.26
CA LEU XB 7 64.32 26.22 19.69
C LEU XB 7 63.14 25.46 19.12
N ALA XB 8 63.42 24.36 18.41
CA ALA XB 8 62.34 23.52 17.89
C ALA XB 8 61.70 22.67 18.99
N MET XB 9 62.50 22.22 19.97
CA MET XB 9 61.93 21.44 21.07
C MET XB 9 60.92 22.26 21.85
N SER XB 10 61.22 23.54 22.10
CA SER XB 10 60.28 24.41 22.79
C SER XB 10 59.01 24.58 21.96
N GLY XB 11 59.15 24.76 20.64
CA GLY XB 11 57.98 24.86 19.80
C GLY XB 11 57.15 23.60 19.79
N ALA XB 12 57.80 22.44 19.72
CA ALA XB 12 57.08 21.17 19.71
C ALA XB 12 56.41 20.92 21.06
N LYS XB 13 57.06 21.34 22.15
CA LYS XB 13 56.44 21.21 23.47
C LYS XB 13 55.17 22.04 23.59
N GLN XB 14 55.20 23.27 23.05
CA GLN XB 14 54.04 24.15 23.16
C GLN XB 14 52.89 23.66 22.28
N ASN XB 15 53.21 23.02 21.15
CA ASN XB 15 52.16 22.49 20.29
C ASN XB 15 51.38 21.38 21.00
N MET XB 16 52.06 20.56 21.80
CA MET XB 16 51.37 19.56 22.60
C MET XB 16 50.47 20.21 23.64
N GLN XB 17 50.94 21.28 24.28
CA GLN XB 17 50.12 21.95 25.28
C GLN XB 17 48.88 22.58 24.66
N ALA XB 18 49.01 23.17 23.47
CA ALA XB 18 47.83 23.67 22.76
C ALA XB 18 46.91 22.52 22.38
N LEU XB 19 47.47 21.35 22.09
CA LEU XB 19 46.66 20.18 21.81
C LEU XB 19 45.82 19.78 23.01
N GLN XB 20 46.39 19.85 24.21
CA GLN XB 20 45.63 19.58 25.42
C GLN XB 20 44.50 20.59 25.61
N LEU XB 21 44.77 21.86 25.30
CA LEU XB 21 43.74 22.88 25.41
C LEU XB 21 42.59 22.63 24.44
N ARG XB 22 42.92 22.19 23.22
CA ARG XB 22 41.87 21.84 22.26
C ARG XB 22 41.20 20.52 22.64
N ALA XB 23 41.95 19.59 23.21
CA ALA XB 23 41.38 18.30 23.59
C ALA XB 23 40.36 18.45 24.71
N ASN XB 24 40.58 19.42 25.60
CA ASN XB 24 39.60 19.66 26.67
C ASN XB 24 38.31 20.23 26.10
N ASN XB 25 38.41 21.02 25.03
CA ASN XB 25 37.20 21.59 24.43
C ASN XB 25 36.31 20.50 23.85
N LEU XB 26 36.90 19.50 23.19
CA LEU XB 26 36.12 18.43 22.60
C LEU XB 26 35.58 17.46 23.65
N ALA XB 27 36.24 17.39 24.81
CA ALA XB 27 35.75 16.54 25.88
C ALA XB 27 34.51 17.13 26.55
N ASN XB 28 34.37 18.45 26.51
CA ASN XB 28 33.28 19.16 27.18
C ASN XB 28 32.22 19.67 26.20
N VAL XB 29 31.99 18.95 25.10
CA VAL XB 29 30.95 19.35 24.17
C VAL XB 29 29.57 19.16 24.78
N SER XB 30 29.39 18.09 25.54
CA SER XB 30 28.09 17.81 26.15
C SER XB 30 27.90 18.49 27.50
N THR XB 31 28.92 19.17 28.01
CA THR XB 31 28.79 19.85 29.29
C THR XB 31 27.80 21.01 29.20
N THR XB 32 27.11 21.25 30.31
CA THR XB 32 26.08 22.28 30.36
C THR XB 32 26.71 23.63 30.71
N GLY XB 33 26.43 24.64 29.89
CA GLY XB 33 26.96 25.97 30.12
C GLY XB 33 28.46 26.05 30.03
N PHE XB 34 29.06 25.44 29.01
CA PHE XB 34 30.50 25.43 28.82
C PHE XB 34 30.90 26.49 27.81
N ARG XB 35 31.99 27.18 28.09
CA ARG XB 35 32.53 28.21 27.21
C ARG XB 35 33.85 27.70 26.63
N ALA XB 36 33.93 27.63 25.30
CA ALA XB 36 35.12 27.13 24.65
C ALA XB 36 36.30 28.05 24.90
N ASP XB 37 37.47 27.45 25.16
CA ASP XB 37 38.70 28.20 25.44
C ASP XB 37 39.49 28.35 24.15
N LEU XB 38 39.85 29.58 23.82
CA LEU XB 38 40.63 29.86 22.62
C LEU XB 38 42.11 29.62 22.87
N ALA XB 39 42.80 29.04 21.89
CA ALA XB 39 44.22 28.76 21.98
C ALA XB 39 44.95 29.51 20.88
N GLN XB 40 46.00 30.22 21.25
CA GLN XB 40 46.86 30.92 20.31
C GLN XB 40 48.30 30.77 20.77
N ALA XB 41 49.23 31.21 19.92
CA ALA XB 41 50.65 31.15 20.21
C ALA XB 41 51.22 32.56 20.23
N ARG XB 42 52.11 32.82 21.18
CA ARG XB 42 52.74 34.12 21.33
C ARG XB 42 54.19 34.04 20.90
N SER XB 43 54.62 35.01 20.10
CA SER XB 43 56.01 35.09 19.64
C SER XB 43 56.79 35.94 20.62
N MET XB 44 57.85 35.37 21.20
CA MET XB 44 58.72 36.07 22.13
C MET XB 44 60.16 35.93 21.65
N GLN XB 45 60.75 37.04 21.22
CA GLN XB 45 62.12 37.04 20.72
C GLN XB 45 63.12 37.09 21.87
N ALA XB 46 64.21 36.34 21.73
CA ALA XB 46 65.26 36.31 22.74
C ALA XB 46 66.19 37.50 22.49
N TYR XB 47 65.83 38.65 23.03
CA TYR XB 47 66.61 39.85 22.84
C TYR XB 47 67.95 39.75 23.56
N GLY XB 48 69.01 40.19 22.88
CA GLY XB 48 70.34 40.11 23.45
C GLY XB 48 71.38 40.44 22.40
N GLU XB 49 72.62 40.06 22.72
CA GLU XB 49 73.72 40.27 21.79
C GLU XB 49 73.68 39.23 20.67
N GLY XB 50 73.90 39.68 19.44
CA GLY XB 50 73.95 38.81 18.28
C GLY XB 50 72.87 39.14 17.28
N HIS XB 51 72.78 38.29 16.26
CA HIS XB 51 71.77 38.46 15.23
C HIS XB 51 70.39 38.05 15.76
N PRO XB 52 69.35 38.83 15.48
CA PRO XB 52 68.00 38.51 15.98
C PRO XB 52 67.36 37.37 15.20
N SER XB 53 67.95 36.18 15.32
CA SER XB 53 67.51 35.03 14.55
C SER XB 53 66.74 34.00 15.37
N ARG XB 54 66.77 34.08 16.69
CA ARG XB 54 66.11 33.10 17.55
C ARG XB 54 64.85 33.73 18.15
N VAL XB 55 63.70 33.14 17.83
CA VAL XB 55 62.40 33.61 18.32
C VAL XB 55 61.66 32.40 18.87
N PHE XB 56 61.16 32.52 20.10
CA PHE XB 56 60.40 31.46 20.72
C PHE XB 56 58.89 31.69 20.52
N SER XB 57 58.13 30.59 20.64
CA SER XB 57 56.69 30.65 20.58
C SER XB 57 56.12 29.85 21.74
N MET XB 58 55.21 30.46 22.49
CA MET XB 58 54.55 29.81 23.61
C MET XB 58 53.04 29.95 23.46
N THR XB 59 52.32 28.88 23.77
CA THR XB 59 50.87 28.86 23.67
C THR XB 59 50.26 29.43 24.94
N GLU XB 60 49.15 30.15 24.78
CA GLU XB 60 48.43 30.76 25.89
C GLU XB 60 46.95 30.75 25.58
N ARG XB 61 46.15 31.28 26.49
CA ARG XB 61 44.70 31.31 26.35
C ARG XB 61 44.22 32.75 26.31
N PRO XB 62 44.13 33.36 25.12
CA PRO XB 62 43.75 34.77 25.06
C PRO XB 62 42.35 35.06 25.58
N GLY XB 63 41.42 34.14 25.41
CA GLY XB 63 40.06 34.38 25.83
C GLY XB 63 39.21 33.14 25.70
N HIS XB 64 37.90 33.36 25.75
CA HIS XB 64 36.92 32.28 25.67
C HIS XB 64 35.87 32.61 24.62
N ASN XB 65 35.10 31.60 24.26
CA ASN XB 65 33.99 31.76 23.32
C ASN XB 65 32.72 32.00 24.11
N PHE XB 66 32.22 33.23 24.08
CA PHE XB 66 31.06 33.64 24.85
C PHE XB 66 29.78 33.62 24.02
N ALA XB 67 29.80 33.04 22.84
CA ALA XB 67 28.60 32.94 22.03
C ALA XB 67 27.58 32.02 22.70
N GLN XB 68 26.31 32.21 22.35
CA GLN XB 68 25.25 31.42 22.93
C GLN XB 68 25.42 29.95 22.58
N GLY XB 69 25.31 29.08 23.58
CA GLY XB 69 25.45 27.66 23.38
C GLY XB 69 24.19 27.05 22.81
N SER XB 70 24.26 25.73 22.61
CA SER XB 70 23.12 24.98 22.07
C SER XB 70 22.09 24.82 23.17
N VAL XB 71 20.89 25.36 22.95
CA VAL XB 71 19.83 25.33 23.95
C VAL XB 71 19.08 24.01 23.83
N ILE XB 72 18.96 23.30 24.96
CA ILE XB 72 18.28 22.01 25.01
C ILE XB 72 16.97 22.21 25.78
N THR XB 73 15.85 21.95 25.12
CA THR XB 73 14.54 22.06 25.76
C THR XB 73 14.20 20.75 26.45
N THR XB 74 13.90 20.82 27.75
CA THR XB 74 13.55 19.65 28.53
C THR XB 74 12.18 19.72 29.17
N GLY XB 75 11.52 20.87 29.15
CA GLY XB 75 10.21 21.00 29.77
C GLY XB 75 10.22 20.80 31.26
N ARG XB 76 11.25 21.30 31.93
CA ARG XB 76 11.41 21.16 33.38
C ARG XB 76 11.37 22.53 34.01
N ASP XB 77 10.63 22.66 35.11
CA ASP XB 77 10.39 23.98 35.71
C ASP XB 77 11.67 24.61 36.22
N LEU XB 78 12.61 23.80 36.72
CA LEU XB 78 13.84 24.30 37.29
C LEU XB 78 15.01 24.28 36.31
N ASP XB 79 14.73 24.32 35.01
CA ASP XB 79 15.76 24.44 33.98
C ASP XB 79 15.66 25.82 33.35
N VAL XB 80 16.74 26.58 33.44
CA VAL XB 80 16.79 27.95 32.92
C VAL XB 80 18.04 28.10 32.05
N THR XB 81 17.88 28.78 30.92
CA THR XB 81 18.99 29.11 30.04
C THR XB 81 19.00 30.61 29.80
N ILE XB 82 20.19 31.21 29.81
CA ILE XB 82 20.30 32.65 29.65
C ILE XB 82 20.13 32.99 28.17
N GLU XB 83 19.19 33.89 27.86
CA GLU XB 83 19.02 34.36 26.51
C GLU XB 83 20.07 35.43 26.20
N GLY XB 84 20.92 35.15 25.20
CA GLY XB 84 21.97 36.09 24.89
C GLY XB 84 23.05 36.11 25.96
N SER XB 85 23.74 37.25 26.03
CA SER XB 85 24.82 37.40 26.99
C SER XB 85 24.29 37.59 28.41
N GLY XB 86 24.93 36.95 29.37
CA GLY XB 86 24.53 37.06 30.76
C GLY XB 86 25.14 35.94 31.56
N TRP XB 87 25.00 36.07 32.88
CA TRP XB 87 25.54 35.09 33.81
C TRP XB 87 24.63 34.96 35.01
N ILE XB 88 24.77 33.84 35.72
CA ILE XB 88 24.07 33.57 36.96
C ILE XB 88 25.09 33.53 38.08
N SER XB 89 24.89 34.35 39.10
CA SER XB 89 25.84 34.45 40.20
C SER XB 89 25.65 33.29 41.16
N VAL XB 90 26.74 32.57 41.43
CA VAL XB 90 26.74 31.47 42.39
C VAL XB 90 27.99 31.59 43.25
N LEU XB 91 27.96 30.95 44.42
CA LEU XB 91 29.12 30.86 45.29
C LEU XB 91 29.53 29.40 45.40
N ASP XB 92 30.82 29.13 45.26
CA ASP XB 92 31.33 27.76 45.23
C ASP XB 92 31.48 27.23 46.66
N HIS XB 93 32.17 26.10 46.80
CA HIS XB 93 32.34 25.47 48.10
C HIS XB 93 33.08 26.38 49.07
N THR XB 94 34.11 27.08 48.59
CA THR XB 94 34.89 27.95 49.46
C THR XB 94 34.08 29.17 49.92
N GLY XB 95 33.00 29.49 49.21
CA GLY XB 95 32.20 30.65 49.55
C GLY XB 95 32.47 31.89 48.72
N LYS XB 96 33.32 31.79 47.70
CA LYS XB 96 33.66 32.94 46.86
C LYS XB 96 32.68 33.03 45.70
N GLU XB 97 32.11 34.21 45.50
CA GLU XB 97 31.12 34.39 44.45
C GLU XB 97 31.76 34.24 43.07
N GLY XB 98 31.00 33.68 42.14
CA GLY XB 98 31.48 33.49 40.79
C GLY XB 98 30.32 33.38 39.82
N LEU XB 99 30.60 33.67 38.56
CA LEU XB 99 29.59 33.64 37.52
C LEU XB 99 29.58 32.28 36.84
N THR XB 100 28.38 31.74 36.61
CA THR XB 100 28.21 30.48 35.91
C THR XB 100 27.06 30.62 34.92
N ARG XB 101 27.00 29.68 33.98
CA ARG XB 101 25.96 29.67 32.97
C ARG XB 101 25.17 28.37 32.98
N ASN XB 102 25.42 27.49 33.95
CA ASN XB 102 24.71 26.22 34.07
C ASN XB 102 23.43 26.46 34.86
N GLY XB 103 22.30 26.44 34.18
CA GLY XB 103 21.02 26.67 34.82
C GLY XB 103 20.24 25.41 35.12
N ASN XB 104 20.94 24.35 35.52
CA ASN XB 104 20.31 23.09 35.91
C ASN XB 104 20.06 23.16 37.41
N LEU XB 105 19.07 23.96 37.80
CA LEU XB 105 18.81 24.24 39.19
C LEU XB 105 18.10 23.08 39.88
N LYS XB 106 18.23 23.04 41.20
CA LYS XB 106 17.60 22.02 42.02
C LYS XB 106 17.38 22.56 43.42
N VAL XB 107 16.47 21.92 44.15
CA VAL XB 107 16.16 22.29 45.52
C VAL XB 107 16.41 21.09 46.41
N ASP XB 108 17.22 21.28 47.45
CA ASP XB 108 17.55 20.20 48.37
C ASP XB 108 16.47 20.09 49.45
N GLN XB 109 16.73 19.30 50.48
CA GLN XB 109 15.74 19.08 51.53
C GLN XB 109 15.52 20.33 52.38
N ASN XB 110 16.54 21.17 52.54
CA ASN XB 110 16.39 22.36 53.36
C ASN XB 110 15.69 23.47 52.60
N GLY XB 111 15.55 23.34 51.29
CA GLY XB 111 14.93 24.36 50.46
C GLY XB 111 15.90 25.29 49.78
N MET XB 112 17.21 25.14 50.00
CA MET XB 112 18.19 25.99 49.35
C MET XB 112 18.26 25.67 47.86
N LEU XB 113 18.25 26.71 47.04
CA LEU XB 113 18.30 26.53 45.59
C LEU XB 113 19.76 26.48 45.14
N THR XB 114 20.15 25.36 44.53
CA THR XB 114 21.48 25.17 43.98
C THR XB 114 21.38 24.74 42.54
N ASN XB 115 22.52 24.54 41.90
CA ASN XB 115 22.59 24.00 40.54
C ASN XB 115 23.20 22.61 40.59
N ALA XB 116 23.32 21.99 39.41
CA ALA XB 116 23.78 20.62 39.33
C ALA XB 116 25.25 20.48 39.72
N SER XB 117 26.00 21.57 39.76
CA SER XB 117 27.40 21.54 40.20
C SER XB 117 27.54 21.71 41.70
N GLY XB 118 26.44 21.93 42.43
CA GLY XB 118 26.49 22.09 43.86
C GLY XB 118 26.68 23.51 44.35
N HIS XB 119 26.73 24.49 43.45
CA HIS XB 119 26.95 25.88 43.84
C HIS XB 119 25.65 26.52 44.31
N LEU XB 120 25.73 27.26 45.40
CA LEU XB 120 24.57 27.98 45.92
C LEU XB 120 24.19 29.11 44.99
N VAL XB 121 22.89 29.23 44.72
CA VAL XB 121 22.38 30.27 43.82
C VAL XB 121 22.05 31.51 44.65
N LEU XB 122 22.61 32.65 44.24
CA LEU XB 122 22.42 33.89 44.97
C LEU XB 122 21.09 34.54 44.63
N GLY XB 123 20.65 35.45 45.50
CA GLY XB 123 19.38 36.12 45.33
C GLY XB 123 19.47 37.62 45.23
N GLU XB 124 18.34 38.30 45.41
CA GLU XB 124 18.32 39.75 45.30
C GLU XB 124 19.01 40.42 46.49
N ASN XB 125 19.04 39.74 47.64
CA ASN XB 125 19.71 40.27 48.82
C ASN XB 125 21.19 39.91 48.87
N ASP XB 126 21.73 39.34 47.79
CA ASP XB 126 23.12 38.91 47.64
C ASP XB 126 23.42 37.71 48.53
N ALA XB 127 22.41 36.99 48.98
CA ALA XB 127 22.52 35.81 49.81
C ALA XB 127 21.98 34.59 49.08
N PRO XB 128 22.37 33.37 49.49
CA PRO XB 128 21.82 32.18 48.85
C PRO XB 128 20.31 32.12 48.98
N ILE XB 129 19.66 31.65 47.92
CA ILE XB 129 18.20 31.60 47.87
C ILE XB 129 17.72 30.38 48.64
N THR XB 130 16.89 30.62 49.66
CA THR XB 130 16.27 29.55 50.43
C THR XB 130 14.76 29.67 50.28
N LEU XB 131 14.17 28.70 49.63
CA LEU XB 131 12.74 28.65 49.37
C LEU XB 131 12.01 28.02 50.55
N PRO XB 132 10.71 28.28 50.69
CA PRO XB 132 9.93 27.55 51.70
C PRO XB 132 10.02 26.05 51.46
N ILE XB 133 10.14 25.29 52.54
CA ILE XB 133 10.43 23.86 52.41
C ILE XB 133 9.31 23.08 51.73
N PRO XB 134 8.05 23.15 52.20
CA PRO XB 134 6.98 22.35 51.56
C PRO XB 134 6.29 23.04 50.37
N LEU XB 135 6.96 23.01 49.22
CA LEU XB 135 6.42 23.64 48.04
C LEU XB 135 5.40 22.73 47.35
N SER XB 136 4.68 23.30 46.40
CA SER XB 136 3.76 22.56 45.56
C SER XB 136 3.90 22.87 44.07
N LYS XB 137 4.45 24.03 43.70
CA LYS XB 137 4.65 24.39 42.31
C LYS XB 137 5.64 25.54 42.27
N ILE XB 138 6.72 25.40 41.51
CA ILE XB 138 7.77 26.40 41.41
C ILE XB 138 7.80 26.94 39.99
N GLU XB 139 7.70 28.26 39.86
CA GLU XB 139 7.74 28.93 38.57
C GLU XB 139 8.87 29.95 38.56
N ILE XB 140 9.70 29.90 37.54
CA ILE XB 140 10.78 30.86 37.35
C ILE XB 140 10.37 31.80 36.22
N GLY XB 141 10.32 33.10 36.52
CA GLY XB 141 9.94 34.08 35.52
C GLY XB 141 11.03 34.32 34.51
N ARG XB 142 10.71 35.14 33.52
CA ARG XB 142 11.65 35.48 32.46
C ARG XB 142 12.68 36.52 32.89
N ASP XB 143 12.75 36.82 34.19
CA ASP XB 143 13.72 37.78 34.69
C ASP XB 143 14.40 37.30 35.98
N GLY XB 144 14.21 36.06 36.37
CA GLY XB 144 14.82 35.52 37.59
C GLY XB 144 13.88 35.42 38.76
N THR XB 145 12.69 35.99 38.68
CA THR XB 145 11.74 35.96 39.79
C THR XB 145 11.32 34.52 40.07
N ILE XB 146 11.36 34.13 41.34
CA ILE XB 146 10.97 32.79 41.78
C ILE XB 146 9.65 32.91 42.52
N SER XB 147 8.60 32.34 41.93
CA SER XB 147 7.28 32.30 42.54
C SER XB 147 6.97 30.88 42.98
N VAL XB 148 6.57 30.71 44.23
CA VAL XB 148 6.31 29.40 44.80
C VAL XB 148 4.87 29.33 45.27
N LEU XB 149 4.35 28.11 45.36
CA LEU XB 149 3.01 27.84 45.85
C LEU XB 149 3.12 27.00 47.11
N PRO XB 150 2.72 27.52 48.28
CA PRO XB 150 2.74 26.69 49.49
C PRO XB 150 1.85 25.47 49.32
N GLN XB 151 2.28 24.37 49.91
CA GLN XB 151 1.59 23.10 49.72
C GLN XB 151 0.16 23.18 50.26
N GLY XB 152 -0.81 22.79 49.44
CA GLY XB 152 -2.20 22.81 49.82
C GLY XB 152 -2.88 24.14 49.65
N ALA XB 153 -2.16 25.19 49.26
CA ALA XB 153 -2.77 26.49 49.08
C ALA XB 153 -3.59 26.53 47.79
N PRO XB 154 -4.61 27.38 47.73
CA PRO XB 154 -5.36 27.55 46.48
C PRO XB 154 -4.48 28.15 45.40
N ALA XB 155 -4.92 27.96 44.15
CA ALA XB 155 -4.13 28.42 43.01
C ALA XB 155 -3.90 29.92 43.04
N GLU XB 156 -4.74 30.66 43.75
CA GLU XB 156 -4.57 32.11 43.89
C GLU XB 156 -3.74 32.46 45.12
N GLU XB 157 -2.62 31.77 45.31
CA GLU XB 157 -1.70 32.06 46.41
C GLU XB 157 -0.26 31.98 45.95
N PHE XB 158 -0.03 32.14 44.65
CA PHE XB 158 1.33 32.20 44.11
C PHE XB 158 1.97 33.51 44.55
N GLN XB 159 3.17 33.42 45.12
CA GLN XB 159 3.86 34.59 45.65
C GLN XB 159 5.34 34.52 45.29
N ALA XB 160 5.89 35.66 44.92
CA ALA XB 160 7.31 35.76 44.64
C ALA XB 160 8.10 35.79 45.94
N VAL XB 161 9.13 34.96 46.03
CA VAL XB 161 9.92 34.85 47.25
C VAL XB 161 11.36 35.35 47.06
N ASP XB 162 11.89 35.32 45.84
CA ASP XB 162 13.26 35.74 45.59
C ASP XB 162 13.42 36.05 44.11
N ARG XB 163 14.61 36.52 43.76
CA ARG XB 163 14.96 36.82 42.37
C ARG XB 163 16.40 36.39 42.15
N ILE XB 164 16.61 35.54 41.14
CA ILE XB 164 17.95 35.02 40.86
C ILE XB 164 18.84 36.16 40.40
N LYS XB 165 20.05 36.23 40.97
CA LYS XB 165 20.98 37.30 40.65
C LYS XB 165 21.57 37.05 39.27
N LEU XB 166 21.22 37.91 38.31
CA LEU XB 166 21.70 37.82 36.94
C LEU XB 166 22.61 39.00 36.66
N VAL XB 167 23.79 38.72 36.10
CA VAL XB 167 24.83 39.73 35.90
C VAL XB 167 25.25 39.71 34.44
N LYS XB 168 25.43 40.91 33.86
CA LYS XB 168 25.91 41.07 32.49
C LYS XB 168 27.09 42.03 32.52
N PRO XB 169 28.28 41.53 32.87
CA PRO XB 169 29.48 42.39 32.83
C PRO XB 169 30.15 42.32 31.47
N ASN XB 170 31.29 42.99 31.32
CA ASN XB 170 32.04 42.88 30.08
C ASN XB 170 32.75 41.53 30.02
N ASP XB 171 32.49 40.77 28.95
CA ASP XB 171 33.02 39.42 28.85
C ASP XB 171 34.54 39.42 28.76
N GLN XB 172 35.13 40.46 28.18
CA GLN XB 172 36.58 40.55 28.08
C GLN XB 172 37.25 40.69 29.44
N SER XB 173 36.51 41.05 30.48
CA SER XB 173 37.06 41.27 31.81
C SER XB 173 36.92 40.05 32.71
N LEU XB 174 36.48 38.92 32.19
CA LEU XB 174 36.28 37.71 32.97
C LEU XB 174 37.31 36.66 32.61
N PHE XB 175 37.79 35.93 33.61
CA PHE XB 175 38.67 34.79 33.41
C PHE XB 175 38.09 33.58 34.11
N LYS XB 176 38.34 32.40 33.55
CA LYS XB 176 37.85 31.17 34.15
C LYS XB 176 38.79 30.73 35.28
N ASP XB 177 38.22 30.43 36.44
CA ASP XB 177 39.02 30.03 37.59
C ASP XB 177 39.34 28.53 37.50
N THR XB 178 39.95 28.01 38.57
CA THR XB 178 40.33 26.60 38.64
C THR XB 178 39.15 25.66 38.82
N ASN XB 179 37.94 26.19 39.05
CA ASN XB 179 36.78 25.33 39.28
C ASN XB 179 35.66 25.60 38.28
N GLY XB 180 35.97 26.17 37.12
CA GLY XB 180 34.99 26.38 36.09
C GLY XB 180 34.12 27.62 36.24
N LEU XB 181 34.38 28.46 37.24
CA LEU XB 181 33.61 29.68 37.46
C LEU XB 181 34.35 30.86 36.87
N PHE XB 182 33.61 31.74 36.19
CA PHE XB 182 34.18 32.97 35.66
C PHE XB 182 34.16 34.04 36.73
N ARG XB 183 35.29 34.71 36.92
CA ARG XB 183 35.44 35.74 37.93
C ARG XB 183 36.14 36.95 37.31
N HIS XB 184 35.95 38.11 37.95
CA HIS XB 184 36.58 39.33 37.48
C HIS XB 184 38.10 39.21 37.54
N LYS XB 185 38.76 39.72 36.50
CA LYS XB 185 40.22 39.74 36.50
C LYS XB 185 40.75 40.64 37.61
N THR XB 186 40.13 41.79 37.80
CA THR XB 186 40.51 42.68 38.89
C THR XB 186 39.85 42.21 40.18
N PRO XB 187 40.62 41.93 41.23
CA PRO XB 187 40.03 41.42 42.47
C PRO XB 187 39.27 42.50 43.23
N ASN XB 188 38.47 42.03 44.18
CA ASN XB 188 37.68 42.91 45.05
C ASN XB 188 36.74 43.81 44.25
N GLN XB 189 36.14 43.29 43.19
CA GLN XB 189 35.19 44.02 42.39
C GLN XB 189 33.83 43.33 42.44
N PRO XB 190 32.79 44.04 42.83
CA PRO XB 190 31.48 43.40 43.02
C PRO XB 190 30.82 43.10 41.67
N TYR XB 191 29.74 42.32 41.73
CA TYR XB 191 28.98 41.89 40.56
C TYR XB 191 27.64 42.63 40.58
N GLU XB 192 27.51 43.63 39.73
CA GLU XB 192 26.26 44.38 39.65
C GLU XB 192 25.16 43.49 39.08
N ALA XB 193 23.96 43.58 39.67
CA ALA XB 193 22.82 42.79 39.21
C ALA XB 193 22.18 43.50 38.03
N ASP XB 194 22.44 43.01 36.83
CA ASP XB 194 21.87 43.60 35.62
C ASP XB 194 20.41 43.18 35.47
N ALA XB 195 19.57 44.13 35.06
CA ALA XB 195 18.14 43.90 34.90
C ALA XB 195 17.76 43.58 33.46
N THR XB 196 18.74 43.40 32.57
CA THR XB 196 18.46 43.09 31.17
C THR XB 196 18.58 41.61 30.84
N VAL XB 197 19.30 40.84 31.66
CA VAL XB 197 19.45 39.42 31.39
C VAL XB 197 18.11 38.72 31.58
N SER XB 198 17.74 37.89 30.60
CA SER XB 198 16.50 37.14 30.63
C SER XB 198 16.79 35.64 30.70
N LEU XB 199 15.90 34.92 31.35
CA LEU XB 199 16.00 33.47 31.52
C LEU XB 199 14.87 32.81 30.74
N GLN XB 200 15.23 31.85 29.89
CA GLN XB 200 14.25 31.06 29.15
C GLN XB 200 14.02 29.76 29.91
N THR XB 201 12.92 29.71 30.67
CA THR XB 201 12.67 28.56 31.54
C THR XB 201 12.26 27.34 30.73
N GLY XB 202 12.40 26.17 31.35
CA GLY XB 202 12.08 24.93 30.69
C GLY XB 202 13.15 24.39 29.77
N ALA XB 203 14.33 25.01 29.75
CA ALA XB 203 15.40 24.58 28.87
C ALA XB 203 16.74 24.86 29.52
N ILE XB 204 17.75 24.10 29.12
CA ILE XB 204 19.12 24.30 29.56
C ILE XB 204 19.99 24.61 28.34
N GLU XB 205 21.19 25.11 28.61
CA GLU XB 205 22.12 25.52 27.57
C GLU XB 205 23.34 24.62 27.59
N GLY XB 206 23.63 23.99 26.45
CA GLY XB 206 24.79 23.14 26.33
C GLY XB 206 26.07 23.94 26.17
N SER XB 207 27.02 23.37 25.44
CA SER XB 207 28.28 24.03 25.17
C SER XB 207 28.23 24.79 23.85
N ASN XB 208 29.26 25.61 23.63
CA ASN XB 208 29.41 26.36 22.39
C ASN XB 208 30.67 25.93 21.63
N VAL XB 209 31.15 24.72 21.90
CA VAL XB 209 32.37 24.23 21.25
C VAL XB 209 32.02 23.86 19.82
N ASN XB 210 32.69 24.51 18.86
CA ASN XB 210 32.55 24.19 17.45
C ASN XB 210 33.51 23.05 17.15
N ALA XB 211 32.96 21.85 16.93
CA ALA XB 211 33.80 20.67 16.77
C ALA XB 211 34.68 20.78 15.53
N VAL XB 212 34.14 21.33 14.44
CA VAL XB 212 34.92 21.47 13.21
C VAL XB 212 36.13 22.37 13.43
N GLY XB 213 35.93 23.48 14.15
CA GLY XB 213 37.05 24.38 14.42
C GLY XB 213 38.16 23.71 15.20
N GLU XB 214 37.80 22.82 16.13
CA GLU XB 214 38.82 22.08 16.87
C GLU XB 214 39.52 21.06 15.99
N MET XB 215 38.77 20.37 15.13
CA MET XB 215 39.37 19.34 14.29
C MET XB 215 40.32 19.93 13.26
N THR XB 216 39.95 21.07 12.66
CA THR XB 216 40.83 21.68 11.67
C THR XB 216 42.06 22.30 12.31
N ALA XB 217 41.95 22.75 13.57
CA ALA XB 217 43.12 23.23 14.29
C ALA XB 217 43.99 22.07 14.76
N LEU XB 218 43.38 20.92 15.03
CA LEU XB 218 44.13 19.73 15.42
C LEU XB 218 45.02 19.26 14.29
N ILE XB 219 44.49 19.23 13.06
CA ILE XB 219 45.27 18.72 11.94
C ILE XB 219 46.32 19.72 11.48
N ASP XB 220 46.26 20.96 11.95
CA ASP XB 220 47.31 21.93 11.67
C ASP XB 220 48.41 21.91 12.71
N LEU XB 221 48.07 21.62 13.97
CA LEU XB 221 49.10 21.50 15.00
C LEU XB 221 49.92 20.24 14.83
N GLN XB 222 49.33 19.18 14.27
CA GLN XB 222 50.11 17.97 13.99
C GLN XB 222 51.18 18.24 12.96
N ARG XB 223 50.83 18.95 11.89
CA ARG XB 223 51.80 19.21 10.83
C ARG XB 223 52.91 20.12 11.31
N GLN XB 224 52.55 21.19 12.03
CA GLN XB 224 53.56 22.08 12.59
C GLN XB 224 54.43 21.35 13.60
N PHE XB 225 53.82 20.44 14.37
CA PHE XB 225 54.58 19.65 15.33
C PHE XB 225 55.63 18.79 14.64
N GLU XB 226 55.27 18.17 13.51
CA GLU XB 226 56.18 17.26 12.83
C GLU XB 226 57.33 18.00 12.17
N MET XB 227 57.06 19.20 11.65
CA MET XB 227 58.12 19.97 10.99
C MET XB 227 59.19 20.40 11.99
N GLN XB 228 58.79 20.67 13.23
CA GLN XB 228 59.76 21.02 14.26
C GLN XB 228 60.53 19.80 14.73
N VAL XB 229 59.88 18.62 14.74
CA VAL XB 229 60.59 17.39 15.05
C VAL XB 229 61.64 17.09 13.99
N LYS XB 230 61.31 17.36 12.72
CA LYS XB 230 62.29 17.22 11.65
C LYS XB 230 63.46 18.17 11.84
N MET XB 231 63.19 19.39 12.34
CA MET XB 231 64.26 20.33 12.61
C MET XB 231 65.21 19.81 13.67
N MET XB 232 64.66 19.17 14.72
CA MET XB 232 65.51 18.61 15.76
C MET XB 232 66.42 17.51 15.22
N SER XB 233 65.89 16.67 14.32
CA SER XB 233 66.73 15.66 13.70
C SER XB 233 67.77 16.29 12.77
N THR XB 234 67.40 17.37 12.10
CA THR XB 234 68.36 18.06 11.23
C THR XB 234 69.47 18.71 12.03
N ALA XB 235 69.13 19.36 13.15
CA ALA XB 235 70.14 19.97 14.01
C ALA XB 235 71.07 18.92 14.58
N GLU XB 236 70.53 17.76 14.93
CA GLU XB 236 71.38 16.63 15.34
C GLU XB 236 72.26 16.16 14.20
N GLU XB 237 71.69 16.12 12.99
CA GLU XB 237 72.45 15.60 11.83
C GLU XB 237 73.66 16.46 11.53
N MET XB 238 73.51 17.78 11.62
CA MET XB 238 74.65 18.68 11.33
C MET XB 238 75.75 18.50 12.37
N ASP XB 239 75.39 18.30 13.64
CA ASP XB 239 76.39 18.18 14.69
C ASP XB 239 77.21 16.90 14.53
N LYS XB 240 76.57 15.82 14.08
CA LYS XB 240 77.29 14.57 13.85
C LYS XB 240 78.34 14.73 12.75
N SER XB 241 77.98 15.43 11.68
CA SER XB 241 78.92 15.64 10.59
C SER XB 241 80.11 16.50 11.04
N SER XB 242 79.83 17.56 11.80
CA SER XB 242 80.89 18.47 12.23
C SER XB 242 81.82 17.84 13.25
N ASP XB 243 81.48 16.67 13.77
CA ASP XB 243 82.31 16.01 14.77
C ASP XB 243 83.63 15.55 14.19
N SER XB 244 83.75 15.56 12.86
CA SER XB 244 84.97 15.13 12.18
C SER XB 244 86.00 16.25 12.05
N LEU XB 245 85.69 17.46 12.52
CA LEU XB 245 86.67 18.53 12.52
C LEU XB 245 87.83 18.25 13.47
N LEU XB 246 87.61 17.43 14.49
CA LEU XB 246 88.66 17.01 15.41
C LEU XB 246 89.13 15.58 15.16
N ARG XB 247 88.61 14.91 14.14
CA ARG XB 247 88.95 13.53 13.84
C ARG XB 247 90.23 13.45 13.02
N MET XB 248 91.31 14.04 13.53
CA MET XB 248 92.59 14.04 12.82
C MET XB 248 93.24 12.66 12.86
N MET YB 1 71.43 2.26 -15.66
CA MET YB 1 71.09 1.08 -14.88
C MET YB 1 70.51 -0.03 -15.76
N ASP YB 2 69.72 -0.90 -15.14
CA ASP YB 2 69.08 -1.97 -15.89
C ASP YB 2 68.02 -1.42 -16.83
N ARG YB 3 67.89 -2.06 -17.99
CA ARG YB 3 66.92 -1.64 -19.00
C ARG YB 3 65.51 -2.11 -18.70
N ALA YB 4 65.32 -2.94 -17.66
CA ALA YB 4 63.97 -3.35 -17.28
C ALA YB 4 63.19 -2.17 -16.72
N LEU YB 5 63.87 -1.12 -16.26
CA LEU YB 5 63.18 0.07 -15.81
C LEU YB 5 62.41 0.73 -16.95
N PHE YB 6 63.04 0.85 -18.12
CA PHE YB 6 62.37 1.43 -19.26
C PHE YB 6 61.47 0.43 -19.96
N LEU YB 7 61.78 -0.87 -19.84
CA LEU YB 7 60.92 -1.89 -20.42
C LEU YB 7 59.56 -1.92 -19.73
N ALA YB 8 59.54 -1.74 -18.41
CA ALA YB 8 58.28 -1.62 -17.67
C ALA YB 8 57.64 -0.25 -17.83
N MET YB 9 58.44 0.82 -17.95
CA MET YB 9 57.90 2.14 -18.21
C MET YB 9 57.20 2.19 -19.56
N SER YB 10 57.80 1.57 -20.57
CA SER YB 10 57.17 1.51 -21.89
C SER YB 10 55.88 0.70 -21.86
N GLY YB 11 55.65 -0.10 -20.83
CA GLY YB 11 54.41 -0.83 -20.68
C GLY YB 11 53.38 -0.05 -19.89
N ALA YB 12 53.84 0.63 -18.83
CA ALA YB 12 52.93 1.44 -18.03
C ALA YB 12 52.44 2.64 -18.83
N LYS YB 13 53.29 3.19 -19.70
CA LYS YB 13 52.87 4.32 -20.53
C LYS YB 13 51.75 3.93 -21.47
N GLN YB 14 51.81 2.72 -22.05
CA GLN YB 14 50.77 2.28 -22.96
C GLN YB 14 49.48 1.97 -22.24
N ASN YB 15 49.55 1.49 -21.00
CA ASN YB 15 48.33 1.23 -20.23
C ASN YB 15 47.54 2.51 -20.00
N MET YB 16 48.23 3.62 -19.75
CA MET YB 16 47.54 4.91 -19.64
C MET YB 16 46.88 5.30 -20.95
N GLN YB 17 47.57 5.06 -22.08
CA GLN YB 17 46.99 5.37 -23.37
C GLN YB 17 45.78 4.48 -23.65
N ALA YB 18 45.84 3.20 -23.28
CA ALA YB 18 44.67 2.34 -23.39
C ALA YB 18 43.55 2.83 -22.50
N LEU YB 19 43.91 3.34 -21.32
CA LEU YB 19 42.90 3.90 -20.41
C LEU YB 19 42.23 5.12 -21.03
N GLN YB 20 42.98 5.92 -21.78
CA GLN YB 20 42.40 7.08 -22.45
C GLN YB 20 41.38 6.65 -23.51
N LEU YB 21 41.68 5.57 -24.24
CA LEU YB 21 40.76 5.11 -25.26
C LEU YB 21 39.46 4.60 -24.65
N ARG YB 22 39.55 3.93 -23.50
CA ARG YB 22 38.33 3.49 -22.82
C ARG YB 22 37.58 4.67 -22.22
N ALA YB 23 38.29 5.71 -21.80
CA ALA YB 23 37.64 6.91 -21.27
C ALA YB 23 36.82 7.61 -22.34
N ASN YB 24 37.33 7.64 -23.57
CA ASN YB 24 36.58 8.24 -24.67
C ASN YB 24 35.33 7.44 -24.99
N ASN YB 25 35.38 6.12 -24.78
CA ASN YB 25 34.20 5.29 -25.02
C ASN YB 25 33.09 5.60 -24.03
N LEU YB 26 33.43 5.74 -22.74
CA LEU YB 26 32.41 5.99 -21.73
C LEU YB 26 31.89 7.41 -21.78
N ALA YB 27 32.71 8.36 -22.25
CA ALA YB 27 32.23 9.72 -22.44
C ALA YB 27 31.23 9.83 -23.58
N ASN YB 28 31.22 8.85 -24.49
CA ASN YB 28 30.39 8.87 -25.69
C ASN YB 28 29.24 7.88 -25.62
N VAL YB 29 28.81 7.51 -24.41
CA VAL YB 29 27.68 6.59 -24.28
C VAL YB 29 26.39 7.24 -24.73
N SER YB 30 26.21 8.53 -24.43
CA SER YB 30 25.00 9.25 -24.83
C SER YB 30 25.08 9.80 -26.25
N THR YB 31 26.26 9.76 -26.88
CA THR YB 31 26.42 10.30 -28.22
C THR YB 31 25.60 9.49 -29.23
N THR YB 32 25.16 10.18 -30.27
CA THR YB 32 24.27 9.61 -31.28
C THR YB 32 25.09 9.04 -32.43
N GLY YB 33 24.84 7.78 -32.77
CA GLY YB 33 25.53 7.14 -33.87
C GLY YB 33 27.03 7.00 -33.65
N PHE YB 34 27.43 6.68 -32.43
CA PHE YB 34 28.84 6.54 -32.09
C PHE YB 34 29.24 5.07 -32.14
N ARG YB 35 30.33 4.78 -32.83
CA ARG YB 35 30.86 3.43 -32.96
C ARG YB 35 32.01 3.27 -31.96
N ALA YB 36 31.89 2.28 -31.08
CA ALA YB 36 32.86 2.11 -30.01
C ALA YB 36 34.24 1.77 -30.58
N ASP YB 37 35.28 2.22 -29.89
CA ASP YB 37 36.66 1.98 -30.29
C ASP YB 37 37.24 0.84 -29.47
N LEU YB 38 37.86 -0.11 -30.16
CA LEU YB 38 38.52 -1.23 -29.52
C LEU YB 38 39.97 -0.89 -29.20
N ALA YB 39 40.46 -1.42 -28.08
CA ALA YB 39 41.83 -1.21 -27.64
C ALA YB 39 42.53 -2.55 -27.51
N GLN YB 40 43.73 -2.65 -28.07
CA GLN YB 40 44.53 -3.86 -27.99
C GLN YB 40 46.00 -3.49 -27.89
N ALA YB 41 46.79 -4.43 -27.39
CA ALA YB 41 48.23 -4.26 -27.24
C ALA YB 41 48.96 -5.21 -28.16
N ARG YB 42 50.00 -4.71 -28.83
CA ARG YB 42 50.81 -5.50 -29.73
C ARG YB 42 52.16 -5.77 -29.09
N SER YB 43 52.58 -7.04 -29.12
CA SER YB 43 53.86 -7.45 -28.56
C SER YB 43 54.93 -7.34 -29.64
N MET YB 44 55.91 -6.47 -29.43
CA MET YB 44 57.00 -6.26 -30.37
C MET YB 44 58.32 -6.55 -29.65
N GLN YB 45 59.12 -7.44 -30.23
CA GLN YB 45 60.37 -7.85 -29.63
C GLN YB 45 61.54 -7.09 -30.24
N ALA YB 46 62.53 -6.79 -29.40
CA ALA YB 46 63.75 -6.09 -29.84
C ALA YB 46 64.71 -7.14 -30.39
N TYR YB 47 64.69 -7.32 -31.71
CA TYR YB 47 65.52 -8.33 -32.35
C TYR YB 47 66.95 -7.83 -32.50
N GLY YB 48 67.91 -8.70 -32.23
CA GLY YB 48 69.31 -8.34 -32.32
C GLY YB 48 70.17 -9.35 -31.62
N GLU YB 49 71.41 -8.94 -31.36
CA GLU YB 49 72.35 -9.80 -30.65
C GLU YB 49 71.97 -9.91 -29.18
N GLY YB 50 72.07 -11.11 -28.63
CA GLY YB 50 71.80 -11.36 -27.22
C GLY YB 50 70.61 -12.27 -27.02
N HIS YB 51 70.36 -12.56 -25.74
CA HIS YB 51 69.23 -13.41 -25.38
C HIS YB 51 67.91 -12.69 -25.67
N PRO YB 52 66.92 -13.38 -26.22
CA PRO YB 52 65.62 -12.74 -26.50
C PRO YB 52 64.76 -12.57 -25.25
N SER YB 53 65.12 -11.57 -24.45
CA SER YB 53 64.46 -11.35 -23.17
C SER YB 53 63.62 -10.08 -23.10
N ARG YB 54 63.85 -9.11 -23.99
CA ARG YB 54 63.16 -7.83 -23.95
C ARG YB 54 62.14 -7.76 -25.07
N VAL YB 55 60.86 -7.62 -24.71
CA VAL YB 55 59.77 -7.51 -25.66
C VAL YB 55 58.91 -6.33 -25.24
N PHE YB 56 58.78 -5.33 -26.11
CA PHE YB 56 57.94 -4.18 -25.84
C PHE YB 56 56.50 -4.47 -26.23
N SER YB 57 55.58 -3.71 -25.64
CA SER YB 57 54.16 -3.77 -25.96
C SER YB 57 53.65 -2.36 -26.21
N MET YB 58 52.90 -2.19 -27.30
CA MET YB 58 52.30 -0.91 -27.63
C MET YB 58 50.80 -1.09 -27.81
N THR YB 59 50.04 -0.11 -27.33
CA THR YB 59 48.59 -0.13 -27.47
C THR YB 59 48.22 0.47 -28.82
N GLU YB 60 47.29 -0.18 -29.52
CA GLU YB 60 46.86 0.26 -30.84
C GLU YB 60 45.38 -0.05 -30.99
N ARG YB 61 44.75 0.64 -31.94
CA ARG YB 61 43.34 0.46 -32.21
C ARG YB 61 43.17 -0.57 -33.31
N PRO YB 62 42.69 -1.78 -33.02
CA PRO YB 62 42.57 -2.80 -34.07
C PRO YB 62 41.34 -2.59 -34.94
N GLY YB 63 40.34 -1.92 -34.42
CA GLY YB 63 39.12 -1.70 -35.18
C GLY YB 63 38.09 -0.95 -34.37
N HIS YB 64 36.83 -1.09 -34.77
CA HIS YB 64 35.72 -0.45 -34.10
C HIS YB 64 34.57 -1.43 -33.97
N ASN YB 65 33.67 -1.15 -33.04
CA ASN YB 65 32.48 -1.96 -32.83
C ASN YB 65 31.39 -1.44 -33.75
N PHE YB 66 31.02 -2.23 -34.75
CA PHE YB 66 30.04 -1.82 -35.75
C PHE YB 66 28.65 -2.41 -35.49
N ALA YB 67 28.43 -2.95 -34.29
CA ALA YB 67 27.12 -3.47 -33.94
C ALA YB 67 26.09 -2.34 -33.90
N GLN YB 68 24.84 -2.71 -34.13
CA GLN YB 68 23.75 -1.73 -34.16
C GLN YB 68 23.65 -0.99 -32.84
N GLY YB 69 23.53 0.33 -32.91
CA GLY YB 69 23.37 1.15 -31.73
C GLY YB 69 21.96 1.08 -31.19
N SER YB 70 21.78 1.67 -30.01
CA SER YB 70 20.48 1.72 -29.36
C SER YB 70 19.57 2.67 -30.13
N VAL YB 71 18.39 2.20 -30.49
CA VAL YB 71 17.44 3.01 -31.24
C VAL YB 71 16.52 3.75 -30.29
N ILE YB 72 16.40 5.06 -30.47
CA ILE YB 72 15.58 5.90 -29.62
C ILE YB 72 14.40 6.37 -30.46
N THR YB 73 13.20 5.87 -30.13
CA THR YB 73 12.00 6.34 -30.80
C THR YB 73 11.62 7.72 -30.28
N THR YB 74 11.57 8.69 -31.18
CA THR YB 74 11.30 10.07 -30.80
C THR YB 74 10.05 10.65 -31.45
N GLY YB 75 9.49 9.99 -32.46
CA GLY YB 75 8.33 10.50 -33.14
C GLY YB 75 8.60 11.67 -34.07
N ARG YB 76 9.85 12.07 -34.24
CA ARG YB 76 10.19 13.20 -35.08
C ARG YB 76 10.39 12.73 -36.52
N ASP YB 77 9.85 13.50 -37.47
CA ASP YB 77 9.85 13.08 -38.86
C ASP YB 77 11.25 13.03 -39.45
N LEU YB 78 12.10 14.00 -39.08
CA LEU YB 78 13.43 14.11 -39.65
C LEU YB 78 14.49 13.33 -38.88
N ASP YB 79 14.08 12.32 -38.11
CA ASP YB 79 14.99 11.43 -37.40
C ASP YB 79 15.02 10.10 -38.12
N VAL YB 80 16.22 9.68 -38.54
CA VAL YB 80 16.41 8.46 -39.31
C VAL YB 80 17.49 7.62 -38.66
N THR YB 81 17.29 6.29 -38.67
CA THR YB 81 18.29 5.35 -38.19
C THR YB 81 18.43 4.23 -39.21
N ILE YB 82 19.66 3.77 -39.40
CA ILE YB 82 19.92 2.71 -40.38
C ILE YB 82 19.54 1.37 -39.76
N GLU YB 83 18.64 0.64 -40.43
CA GLU YB 83 18.26 -0.69 -39.98
C GLU YB 83 19.37 -1.67 -40.34
N GLY YB 84 20.01 -2.24 -39.33
CA GLY YB 84 21.13 -3.12 -39.58
C GLY YB 84 22.35 -2.35 -40.07
N SER YB 85 23.18 -3.04 -40.86
CA SER YB 85 24.40 -2.42 -41.37
C SER YB 85 24.06 -1.42 -42.48
N GLY YB 86 24.95 -0.47 -42.65
CA GLY YB 86 24.79 0.60 -43.62
C GLY YB 86 25.27 1.92 -43.06
N TRP YB 87 25.52 2.87 -43.97
CA TRP YB 87 26.05 4.17 -43.60
C TRP YB 87 25.29 5.26 -44.37
N ILE YB 88 25.44 6.50 -43.89
CA ILE YB 88 24.95 7.67 -44.60
C ILE YB 88 26.16 8.46 -45.07
N SER YB 89 26.20 8.78 -46.36
CA SER YB 89 27.31 9.48 -46.97
C SER YB 89 27.09 10.99 -46.83
N VAL YB 90 28.04 11.66 -46.17
CA VAL YB 90 27.98 13.09 -45.96
C VAL YB 90 29.34 13.70 -46.23
N LEU YB 91 29.36 14.99 -46.53
CA LEU YB 91 30.60 15.73 -46.72
C LEU YB 91 30.78 16.71 -45.58
N ASP YB 92 32.01 16.77 -45.05
CA ASP YB 92 32.31 17.58 -43.89
C ASP YB 92 32.54 19.04 -44.28
N HIS YB 93 33.08 19.83 -43.35
CA HIS YB 93 33.30 21.24 -43.62
C HIS YB 93 34.27 21.47 -44.76
N THR YB 94 35.36 20.68 -44.79
CA THR YB 94 36.34 20.82 -45.87
C THR YB 94 35.73 20.45 -47.22
N GLY YB 95 34.94 19.38 -47.26
CA GLY YB 95 34.32 18.94 -48.50
C GLY YB 95 34.54 17.48 -48.81
N LYS YB 96 35.51 16.86 -48.14
CA LYS YB 96 35.78 15.45 -48.35
C LYS YB 96 34.61 14.61 -47.84
N GLU YB 97 34.16 13.69 -48.68
CA GLU YB 97 33.01 12.86 -48.32
C GLU YB 97 33.41 11.78 -47.32
N GLY YB 98 32.42 11.31 -46.57
CA GLY YB 98 32.66 10.30 -45.56
C GLY YB 98 31.35 9.70 -45.10
N LEU YB 99 31.46 8.60 -44.37
CA LEU YB 99 30.31 7.86 -43.88
C LEU YB 99 29.99 8.25 -42.45
N THR YB 100 28.69 8.33 -42.16
CA THR YB 100 28.23 8.65 -40.82
C THR YB 100 26.99 7.83 -40.52
N ARG YB 101 26.73 7.63 -39.22
CA ARG YB 101 25.57 6.89 -38.77
C ARG YB 101 24.67 7.72 -37.87
N ASN YB 102 24.92 9.02 -37.77
CA ASN YB 102 24.11 9.95 -36.97
C ASN YB 102 23.00 10.49 -37.87
N GLY YB 103 21.77 10.07 -37.60
CA GLY YB 103 20.64 10.50 -38.40
C GLY YB 103 19.78 11.54 -37.71
N ASN YB 104 20.41 12.48 -37.01
CA ASN YB 104 19.70 13.57 -36.34
C ASN YB 104 19.65 14.74 -37.31
N LEU YB 105 18.89 14.57 -38.39
CA LEU YB 105 18.87 15.50 -39.49
C LEU YB 105 18.07 16.75 -39.15
N LYS YB 106 18.27 17.79 -39.96
CA LYS YB 106 17.57 19.05 -39.80
C LYS YB 106 17.54 19.77 -41.14
N VAL YB 107 16.66 20.76 -41.24
CA VAL YB 107 16.51 21.56 -42.46
C VAL YB 107 16.84 23.01 -42.11
N ASP YB 108 17.74 23.60 -42.86
CA ASP YB 108 18.18 24.97 -42.62
C ASP YB 108 17.17 25.94 -43.24
N GLN YB 109 17.53 27.23 -43.28
CA GLN YB 109 16.66 28.25 -43.85
C GLN YB 109 16.56 28.15 -45.36
N ASN YB 110 17.47 27.45 -46.03
CA ASN YB 110 17.48 27.35 -47.48
C ASN YB 110 17.05 25.98 -47.98
N GLY YB 111 16.77 25.04 -47.09
CA GLY YB 111 16.32 23.71 -47.48
C GLY YB 111 17.40 22.65 -47.50
N MET YB 112 18.67 23.04 -47.41
CA MET YB 112 19.75 22.06 -47.41
C MET YB 112 19.61 21.12 -46.21
N LEU YB 113 19.74 19.81 -46.47
CA LEU YB 113 19.58 18.80 -45.45
C LEU YB 113 20.93 18.51 -44.81
N THR YB 114 21.05 18.78 -43.51
CA THR YB 114 22.25 18.53 -42.74
C THR YB 114 21.93 17.55 -41.62
N ASN YB 115 22.95 17.15 -40.89
CA ASN YB 115 22.80 16.31 -39.71
C ASN YB 115 23.16 17.11 -38.46
N ALA YB 116 23.19 16.43 -37.32
CA ALA YB 116 23.49 17.09 -36.06
C ALA YB 116 24.91 17.64 -36.00
N SER YB 117 25.85 17.03 -36.72
CA SER YB 117 27.23 17.48 -36.75
C SER YB 117 27.46 18.60 -37.76
N GLY YB 118 26.45 18.97 -38.54
CA GLY YB 118 26.59 20.00 -39.55
C GLY YB 118 27.02 19.51 -40.91
N HIS YB 119 27.31 18.22 -41.06
CA HIS YB 119 27.72 17.69 -42.35
C HIS YB 119 26.53 17.67 -43.31
N LEU YB 120 26.78 18.08 -44.55
CA LEU YB 120 25.72 18.08 -45.56
C LEU YB 120 25.43 16.66 -46.02
N VAL YB 121 24.15 16.37 -46.24
CA VAL YB 121 23.70 15.03 -46.59
C VAL YB 121 23.70 14.90 -48.11
N LEU YB 122 24.39 13.88 -48.61
CA LEU YB 122 24.49 13.63 -50.04
C LEU YB 122 23.17 13.10 -50.59
N GLY YB 123 22.96 13.30 -51.89
CA GLY YB 123 21.73 12.89 -52.52
C GLY YB 123 21.89 11.86 -53.62
N GLU YB 124 20.94 11.84 -54.55
CA GLU YB 124 20.97 10.86 -55.62
C GLU YB 124 22.10 11.13 -56.61
N ASN YB 125 22.38 12.41 -56.86
CA ASN YB 125 23.41 12.81 -57.81
C ASN YB 125 24.77 13.00 -57.15
N ASP YB 126 25.00 12.36 -56.00
CA ASP YB 126 26.24 12.51 -55.22
C ASP YB 126 26.49 13.97 -54.84
N ALA YB 127 25.42 14.72 -54.64
CA ALA YB 127 25.46 16.13 -54.29
C ALA YB 127 24.58 16.36 -53.07
N PRO YB 128 24.84 17.43 -52.31
CA PRO YB 128 24.00 17.70 -51.13
C PRO YB 128 22.54 17.88 -51.52
N ILE YB 129 21.67 17.35 -50.67
CA ILE YB 129 20.23 17.44 -50.92
C ILE YB 129 19.74 18.85 -50.63
N THR YB 130 19.06 19.45 -51.60
CA THR YB 130 18.47 20.77 -51.44
C THR YB 130 16.99 20.67 -51.77
N LEU YB 131 16.18 20.68 -50.73
CA LEU YB 131 14.73 20.59 -50.82
C LEU YB 131 14.10 21.97 -50.99
N PRO YB 132 12.91 22.05 -51.58
CA PRO YB 132 12.26 23.36 -51.74
C PRO YB 132 12.03 24.03 -50.40
N ILE YB 133 12.22 25.36 -50.38
CA ILE YB 133 12.08 26.10 -49.13
C ILE YB 133 10.68 26.01 -48.53
N PRO YB 134 9.58 26.25 -49.28
CA PRO YB 134 8.26 26.20 -48.62
C PRO YB 134 7.67 24.79 -48.54
N LEU YB 135 8.06 24.08 -47.49
CA LEU YB 135 7.57 22.73 -47.24
C LEU YB 135 6.31 22.76 -46.38
N SER YB 136 5.57 21.65 -46.39
CA SER YB 136 4.38 21.49 -45.58
C SER YB 136 4.41 20.24 -44.73
N LYS YB 137 4.98 19.14 -45.24
CA LYS YB 137 5.06 17.90 -44.47
C LYS YB 137 6.17 17.03 -45.10
N ILE YB 138 7.25 16.83 -44.36
CA ILE YB 138 8.33 15.95 -44.80
C ILE YB 138 8.04 14.54 -44.32
N GLU YB 139 8.10 13.57 -45.23
CA GLU YB 139 7.78 12.18 -44.92
C GLU YB 139 8.85 11.30 -45.58
N ILE YB 140 9.89 10.96 -44.82
CA ILE YB 140 10.97 10.13 -45.34
C ILE YB 140 10.48 8.70 -45.52
N GLY YB 141 10.89 8.08 -46.61
CA GLY YB 141 10.53 6.70 -46.89
C GLY YB 141 11.44 5.72 -46.16
N ARG YB 142 11.09 4.44 -46.27
CA ARG YB 142 11.89 3.41 -45.63
C ARG YB 142 13.20 3.18 -46.38
N ASP YB 143 13.18 3.34 -47.70
CA ASP YB 143 14.37 3.11 -48.52
C ASP YB 143 15.26 4.34 -48.61
N GLY YB 144 14.90 5.44 -47.95
CA GLY YB 144 15.64 6.68 -48.03
C GLY YB 144 15.00 7.73 -48.91
N THR YB 145 13.92 7.38 -49.60
CA THR YB 145 13.24 8.34 -50.47
C THR YB 145 12.57 9.42 -49.64
N ILE YB 146 12.81 10.67 -50.02
CA ILE YB 146 12.28 11.82 -49.30
C ILE YB 146 11.11 12.36 -50.11
N SER YB 147 9.90 12.22 -49.56
CA SER YB 147 8.69 12.73 -50.17
C SER YB 147 8.19 13.92 -49.36
N VAL YB 148 8.12 15.08 -50.00
CA VAL YB 148 7.76 16.32 -49.33
C VAL YB 148 6.50 16.89 -49.97
N LEU YB 149 5.74 17.62 -49.16
CA LEU YB 149 4.51 18.26 -49.62
C LEU YB 149 4.73 19.75 -49.76
N PRO YB 150 4.62 20.33 -50.95
CA PRO YB 150 4.79 21.78 -51.09
C PRO YB 150 3.75 22.53 -50.28
N GLN YB 151 4.16 23.70 -49.78
CA GLN YB 151 3.30 24.50 -48.93
C GLN YB 151 2.08 24.98 -49.71
N GLY YB 152 0.89 24.81 -49.13
CA GLY YB 152 -0.34 25.18 -49.77
C GLY YB 152 -0.91 24.16 -50.73
N ALA YB 153 -0.21 23.03 -50.94
CA ALA YB 153 -0.66 22.01 -51.85
C ALA YB 153 -1.62 21.05 -51.16
N PRO YB 154 -2.54 20.43 -51.90
CA PRO YB 154 -3.41 19.42 -51.31
C PRO YB 154 -2.63 18.19 -50.87
N ALA YB 155 -3.21 17.46 -49.93
CA ALA YB 155 -2.54 16.30 -49.34
C ALA YB 155 -2.27 15.20 -50.36
N GLU YB 156 -2.93 15.24 -51.51
CA GLU YB 156 -2.73 14.22 -52.53
C GLU YB 156 -1.57 14.52 -53.47
N GLU YB 157 -0.94 15.71 -53.33
CA GLU YB 157 0.21 16.11 -54.18
C GLU YB 157 1.53 15.74 -53.49
N PHE YB 158 1.65 14.52 -53.01
CA PHE YB 158 2.88 14.06 -52.37
C PHE YB 158 3.81 13.49 -53.44
N GLN YB 159 4.99 14.07 -53.57
CA GLN YB 159 5.95 13.66 -54.60
C GLN YB 159 7.33 13.53 -53.98
N ALA YB 160 8.11 12.60 -54.53
CA ALA YB 160 9.49 12.39 -54.12
C ALA YB 160 10.40 13.41 -54.78
N VAL YB 161 11.37 13.92 -54.02
CA VAL YB 161 12.31 14.88 -54.54
C VAL YB 161 13.75 14.36 -54.55
N ASP YB 162 14.10 13.46 -53.64
CA ASP YB 162 15.47 12.95 -53.56
C ASP YB 162 15.46 11.62 -52.83
N ARG YB 163 16.63 10.98 -52.84
CA ARG YB 163 16.84 9.71 -52.16
C ARG YB 163 18.21 9.77 -51.49
N ILE YB 164 18.23 9.63 -50.16
CA ILE YB 164 19.47 9.75 -49.40
C ILE YB 164 20.44 8.68 -49.85
N LYS YB 165 21.71 9.05 -50.00
CA LYS YB 165 22.74 8.13 -50.46
C LYS YB 165 23.19 7.25 -49.30
N LEU YB 166 22.79 5.99 -49.33
CA LEU YB 166 23.14 5.02 -48.29
C LEU YB 166 24.16 4.04 -48.84
N VAL YB 167 25.27 3.88 -48.12
CA VAL YB 167 26.40 3.07 -48.56
C VAL YB 167 26.67 2.01 -47.51
N LYS YB 168 26.83 0.76 -47.95
CA LYS YB 168 27.12 -0.36 -47.06
C LYS YB 168 28.36 -1.08 -47.58
N PRO YB 169 29.55 -0.55 -47.28
CA PRO YB 169 30.78 -1.25 -47.66
C PRO YB 169 31.21 -2.25 -46.61
N ASN YB 170 32.36 -2.88 -46.80
CA ASN YB 170 32.88 -3.79 -45.80
C ASN YB 170 33.36 -2.99 -44.59
N ASP YB 171 32.86 -3.35 -43.41
CA ASP YB 171 33.20 -2.59 -42.21
C ASP YB 171 34.68 -2.66 -41.89
N GLN YB 172 35.32 -3.79 -42.19
CA GLN YB 172 36.74 -3.96 -41.93
C GLN YB 172 37.62 -3.10 -42.83
N SER YB 173 37.05 -2.50 -43.88
CA SER YB 173 37.79 -1.63 -44.78
C SER YB 173 37.63 -0.16 -44.44
N LEU YB 174 37.06 0.16 -43.29
CA LEU YB 174 36.77 1.53 -42.89
C LEU YB 174 37.62 1.91 -41.68
N PHE YB 175 38.09 3.15 -41.65
CA PHE YB 175 38.80 3.70 -40.51
C PHE YB 175 38.19 5.02 -40.12
N LYS YB 176 38.10 5.27 -38.81
CA LYS YB 176 37.57 6.53 -38.32
C LYS YB 176 38.61 7.63 -38.51
N ASP YB 177 38.19 8.76 -39.07
CA ASP YB 177 39.09 9.87 -39.35
C ASP YB 177 39.20 10.76 -38.12
N THR YB 178 39.86 11.91 -38.27
CA THR YB 178 40.13 12.82 -37.16
C THR YB 178 38.89 13.60 -36.71
N ASN YB 179 37.71 13.31 -37.27
CA ASN YB 179 36.51 14.05 -36.91
C ASN YB 179 35.30 13.12 -36.75
N GLY YB 180 35.51 11.83 -36.57
CA GLY YB 180 34.43 10.89 -36.32
C GLY YB 180 33.75 10.34 -37.56
N LEU YB 181 34.25 10.65 -38.76
CA LEU YB 181 33.68 10.14 -39.99
C LEU YB 181 34.50 8.96 -40.48
N PHE YB 182 33.81 7.88 -40.84
CA PHE YB 182 34.48 6.67 -41.33
C PHE YB 182 34.73 6.80 -42.83
N ARG YB 183 35.96 6.53 -43.25
CA ARG YB 183 36.35 6.60 -44.65
C ARG YB 183 37.08 5.32 -45.03
N HIS YB 184 37.25 5.14 -46.33
CA HIS YB 184 37.97 3.97 -46.84
C HIS YB 184 39.45 4.06 -46.50
N LYS YB 185 40.03 2.92 -46.09
CA LYS YB 185 41.47 2.87 -45.87
C LYS YB 185 42.22 3.12 -47.17
N THR YB 186 41.73 2.57 -48.27
CA THR YB 186 42.34 2.80 -49.57
C THR YB 186 41.91 4.16 -50.11
N PRO YB 187 42.84 5.06 -50.41
CA PRO YB 187 42.45 6.38 -50.91
C PRO YB 187 41.79 6.31 -52.28
N ASN YB 188 40.98 7.33 -52.57
CA ASN YB 188 40.28 7.45 -53.85
C ASN YB 188 39.42 6.21 -54.13
N GLN YB 189 38.72 5.74 -53.10
CA GLN YB 189 37.81 4.62 -53.25
C GLN YB 189 36.39 5.15 -53.33
N PRO YB 190 35.70 5.02 -54.46
CA PRO YB 190 34.34 5.57 -54.57
C PRO YB 190 33.38 4.91 -53.59
N TYR YB 191 32.49 5.72 -53.04
CA TYR YB 191 31.44 5.24 -52.14
C TYR YB 191 30.20 4.95 -52.97
N GLU YB 192 29.91 3.67 -53.19
CA GLU YB 192 28.82 3.27 -54.05
C GLU YB 192 27.56 3.03 -53.24
N ALA YB 193 26.45 3.64 -53.68
CA ALA YB 193 25.19 3.52 -52.96
C ALA YB 193 24.67 2.10 -52.99
N ASP YB 194 24.01 1.70 -51.90
CA ASP YB 194 23.44 0.36 -51.77
C ASP YB 194 21.92 0.43 -51.78
N ALA YB 195 21.31 -0.59 -52.38
CA ALA YB 195 19.86 -0.70 -52.47
C ALA YB 195 19.27 -1.57 -51.36
N THR YB 196 20.11 -2.07 -50.45
CA THR YB 196 19.66 -2.91 -49.35
C THR YB 196 19.55 -2.15 -48.03
N VAL YB 197 20.22 -1.00 -47.91
CA VAL YB 197 20.15 -0.23 -46.68
C VAL YB 197 18.76 0.38 -46.53
N SER YB 198 18.22 0.28 -45.32
CA SER YB 198 16.90 0.80 -45.01
C SER YB 198 17.00 1.83 -43.89
N LEU YB 199 16.11 2.81 -43.93
CA LEU YB 199 16.08 3.89 -42.94
C LEU YB 199 14.76 3.81 -42.18
N GLN YB 200 14.85 3.58 -40.87
CA GLN YB 200 13.67 3.61 -40.02
C GLN YB 200 13.42 5.03 -39.57
N THR YB 201 12.51 5.73 -40.25
CA THR YB 201 12.24 7.13 -39.96
C THR YB 201 11.49 7.25 -38.65
N GLY YB 202 11.77 8.33 -37.91
CA GLY YB 202 11.18 8.55 -36.62
C GLY YB 202 11.95 8.02 -35.44
N ALA YB 203 13.15 7.48 -35.65
CA ALA YB 203 13.95 6.94 -34.57
C ALA YB 203 15.39 7.39 -34.75
N ILE YB 204 16.12 7.43 -33.63
CA ILE YB 204 17.51 7.86 -33.59
C ILE YB 204 18.35 6.71 -33.04
N GLU YB 205 19.49 6.44 -33.68
CA GLU YB 205 20.40 5.38 -33.25
C GLU YB 205 21.42 5.95 -32.28
N GLY YB 206 21.51 5.36 -31.10
CA GLY YB 206 22.44 5.80 -30.08
C GLY YB 206 23.79 5.15 -30.21
N SER YB 207 24.53 5.13 -29.10
CA SER YB 207 25.86 4.54 -29.06
C SER YB 207 25.76 3.04 -28.82
N ASN YB 208 26.82 2.33 -29.20
CA ASN YB 208 26.93 0.89 -28.99
C ASN YB 208 27.95 0.55 -27.92
N VAL YB 209 28.37 1.52 -27.13
CA VAL YB 209 29.37 1.30 -26.10
C VAL YB 209 28.76 0.46 -24.98
N ASN YB 210 29.43 -0.65 -24.65
CA ASN YB 210 29.02 -1.50 -23.53
C ASN YB 210 29.69 -0.95 -22.28
N ALA YB 211 28.90 -0.33 -21.40
CA ALA YB 211 29.47 0.36 -20.25
C ALA YB 211 30.20 -0.60 -19.32
N VAL YB 212 29.62 -1.77 -19.06
CA VAL YB 212 30.26 -2.75 -18.20
C VAL YB 212 31.51 -3.31 -18.87
N GLY YB 213 31.47 -3.48 -20.20
CA GLY YB 213 32.64 -3.96 -20.91
C GLY YB 213 33.84 -3.05 -20.76
N GLU YB 214 33.61 -1.74 -20.73
CA GLU YB 214 34.70 -0.81 -20.49
C GLU YB 214 35.14 -0.83 -19.03
N MET YB 215 34.18 -0.92 -18.11
CA MET YB 215 34.51 -0.90 -16.69
C MET YB 215 35.34 -2.12 -16.29
N THR YB 216 34.98 -3.30 -16.78
CA THR YB 216 35.76 -4.50 -16.44
C THR YB 216 37.11 -4.52 -17.12
N ALA YB 217 37.27 -3.79 -18.23
CA ALA YB 217 38.59 -3.62 -18.82
C ALA YB 217 39.42 -2.61 -18.05
N LEU YB 218 38.76 -1.61 -17.44
CA LEU YB 218 39.48 -0.62 -16.64
C LEU YB 218 40.16 -1.28 -15.44
N ILE YB 219 39.46 -2.17 -14.75
CA ILE YB 219 39.96 -2.72 -13.49
C ILE YB 219 41.14 -3.64 -13.73
N ASP YB 220 41.35 -4.05 -14.99
CA ASP YB 220 42.48 -4.88 -15.35
C ASP YB 220 43.67 -4.08 -15.85
N LEU YB 221 43.42 -2.93 -16.47
CA LEU YB 221 44.51 -2.04 -16.84
C LEU YB 221 45.16 -1.44 -15.58
N GLN YB 222 44.35 -1.14 -14.57
CA GLN YB 222 44.91 -0.61 -13.32
C GLN YB 222 45.82 -1.62 -12.66
N ARG YB 223 45.40 -2.88 -12.57
CA ARG YB 223 46.22 -3.90 -11.93
C ARG YB 223 47.50 -4.15 -12.72
N GLN YB 224 47.39 -4.22 -14.05
CA GLN YB 224 48.58 -4.37 -14.88
C GLN YB 224 49.48 -3.15 -14.76
N PHE YB 225 48.89 -1.96 -14.65
CA PHE YB 225 49.66 -0.74 -14.45
C PHE YB 225 50.42 -0.77 -13.13
N GLU YB 226 49.78 -1.26 -12.07
CA GLU YB 226 50.42 -1.26 -10.75
C GLU YB 226 51.53 -2.31 -10.67
N MET YB 227 51.37 -3.42 -11.39
CA MET YB 227 52.43 -4.43 -11.38
C MET YB 227 53.70 -3.92 -12.04
N GLN YB 228 53.56 -3.14 -13.12
CA GLN YB 228 54.73 -2.65 -13.84
C GLN YB 228 55.44 -1.55 -13.06
N VAL YB 229 54.70 -0.73 -12.33
CA VAL YB 229 55.34 0.34 -11.56
C VAL YB 229 56.06 -0.24 -10.34
N LYS YB 230 55.65 -1.43 -9.88
CA LYS YB 230 56.42 -2.12 -8.86
C LYS YB 230 57.73 -2.65 -9.44
N MET YB 231 57.72 -3.08 -10.70
CA MET YB 231 58.94 -3.52 -11.36
C MET YB 231 59.93 -2.38 -11.50
N MET YB 232 59.44 -1.16 -11.75
CA MET YB 232 60.32 0.00 -11.84
C MET YB 232 61.01 0.25 -10.50
N SER YB 233 60.27 0.13 -9.40
CA SER YB 233 60.87 0.36 -8.08
C SER YB 233 61.86 -0.74 -7.72
N THR YB 234 61.55 -1.99 -8.07
CA THR YB 234 62.44 -3.08 -7.70
C THR YB 234 63.70 -3.10 -8.57
N ALA YB 235 63.62 -2.56 -9.79
CA ALA YB 235 64.82 -2.38 -10.59
C ALA YB 235 65.68 -1.25 -10.03
N GLU YB 236 65.02 -0.20 -9.52
CA GLU YB 236 65.75 0.85 -8.80
C GLU YB 236 66.41 0.31 -7.55
N GLU YB 237 65.70 -0.57 -6.81
CA GLU YB 237 66.25 -1.14 -5.59
C GLU YB 237 67.49 -1.98 -5.88
N MET YB 238 67.44 -2.78 -6.95
CA MET YB 238 68.58 -3.63 -7.30
C MET YB 238 69.82 -2.81 -7.61
N ASP YB 239 69.66 -1.72 -8.36
CA ASP YB 239 70.82 -0.91 -8.75
C ASP YB 239 71.44 -0.21 -7.54
N LYS YB 240 70.62 0.24 -6.59
CA LYS YB 240 71.15 0.89 -5.40
C LYS YB 240 72.00 -0.08 -4.57
N SER YB 241 71.55 -1.33 -4.46
CA SER YB 241 72.33 -2.32 -3.71
C SER YB 241 73.65 -2.62 -4.41
N SER YB 242 73.64 -2.71 -5.74
CA SER YB 242 74.86 -3.01 -6.48
C SER YB 242 75.80 -1.82 -6.56
N ASP YB 243 75.44 -0.70 -5.95
CA ASP YB 243 76.30 0.48 -5.96
C ASP YB 243 77.51 0.27 -5.06
N SER YB 244 77.51 -0.82 -4.28
CA SER YB 244 78.57 -1.11 -3.33
C SER YB 244 79.63 -2.05 -3.92
N LEU YB 245 79.79 -2.06 -5.24
CA LEU YB 245 80.86 -2.80 -5.89
C LEU YB 245 82.02 -1.92 -6.30
N LEU YB 246 81.92 -0.61 -6.09
CA LEU YB 246 83.01 0.32 -6.37
C LEU YB 246 83.49 1.03 -5.12
N ARG YB 247 83.07 0.59 -3.93
CA ARG YB 247 83.45 1.27 -2.70
C ARG YB 247 84.95 1.15 -2.45
N MET YB 248 85.48 -0.07 -2.52
CA MET YB 248 86.90 -0.34 -2.32
C MET YB 248 87.44 0.24 -1.01
N MET ZB 1 71.63 22.98 -3.63
CA MET ZB 1 72.83 22.21 -3.92
C MET ZB 1 72.94 21.89 -5.41
N ASP ZB 2 71.79 21.70 -6.05
CA ASP ZB 2 71.72 21.41 -7.48
C ASP ZB 2 70.87 22.41 -8.24
N ARG ZB 3 70.16 23.29 -7.55
CA ARG ZB 3 69.23 24.28 -8.09
C ARG ZB 3 67.99 23.64 -8.69
N ALA ZB 4 67.91 22.30 -8.76
CA ALA ZB 4 66.66 21.64 -9.08
C ALA ZB 4 65.81 21.46 -7.83
N LEU ZB 5 66.40 21.67 -6.65
CA LEU ZB 5 65.64 21.68 -5.41
C LEU ZB 5 64.69 22.87 -5.38
N PHE ZB 6 65.18 24.05 -5.76
CA PHE ZB 6 64.35 25.24 -5.78
C PHE ZB 6 63.50 25.31 -7.04
N LEU ZB 7 63.96 24.68 -8.13
CA LEU ZB 7 63.15 24.62 -9.33
C LEU ZB 7 61.94 23.72 -9.13
N ALA ZB 8 62.06 22.69 -8.30
CA ALA ZB 8 60.94 21.85 -7.92
C ALA ZB 8 60.15 22.42 -6.74
N MET ZB 9 60.82 23.13 -5.83
CA MET ZB 9 60.10 23.76 -4.72
C MET ZB 9 59.16 24.84 -5.22
N SER ZB 10 59.62 25.64 -6.19
CA SER ZB 10 58.76 26.69 -6.74
C SER ZB 10 57.53 26.11 -7.40
N GLY ZB 11 57.66 24.98 -8.11
CA GLY ZB 11 56.50 24.33 -8.67
C GLY ZB 11 55.54 23.82 -7.60
N ALA ZB 12 56.09 23.24 -6.52
CA ALA ZB 12 55.26 22.76 -5.43
C ALA ZB 12 54.57 23.91 -4.72
N LYS ZB 13 55.29 25.01 -4.49
CA LYS ZB 13 54.68 26.17 -3.82
C LYS ZB 13 53.56 26.76 -4.66
N GLN ZB 14 53.77 26.87 -5.97
CA GLN ZB 14 52.75 27.46 -6.82
C GLN ZB 14 51.52 26.58 -6.93
N ASN ZB 15 51.70 25.25 -6.88
CA ASN ZB 15 50.56 24.35 -6.88
C ASN ZB 15 49.69 24.58 -5.65
N MET ZB 16 50.31 24.91 -4.51
CA MET ZB 16 49.54 25.27 -3.32
C MET ZB 16 48.75 26.54 -3.54
N GLN ZB 17 49.34 27.54 -4.21
CA GLN ZB 17 48.65 28.79 -4.46
C GLN ZB 17 47.43 28.58 -5.35
N ALA ZB 18 47.56 27.74 -6.37
CA ALA ZB 18 46.40 27.38 -7.19
C ALA ZB 18 45.37 26.63 -6.37
N LEU ZB 19 45.83 25.80 -5.42
CA LEU ZB 19 44.91 25.08 -4.55
C LEU ZB 19 44.12 26.04 -3.68
N GLN ZB 20 44.76 27.11 -3.20
CA GLN ZB 20 44.04 28.13 -2.43
C GLN ZB 20 42.99 28.82 -3.29
N LEU ZB 21 43.32 29.09 -4.55
CA LEU ZB 21 42.37 29.75 -5.44
C LEU ZB 21 41.14 28.87 -5.70
N ARG ZB 22 41.36 27.58 -5.91
CA ARG ZB 22 40.24 26.68 -6.14
C ARG ZB 22 39.42 26.48 -4.87
N ALA ZB 23 40.09 26.46 -3.71
CA ALA ZB 23 39.38 26.27 -2.44
C ALA ZB 23 38.46 27.45 -2.15
N ASN ZB 24 38.77 28.63 -2.68
CA ASN ZB 24 37.90 29.78 -2.48
C ASN ZB 24 36.62 29.64 -3.30
N ASN ZB 25 36.71 29.04 -4.48
CA ASN ZB 25 35.50 28.83 -5.30
C ASN ZB 25 34.53 27.87 -4.61
N LEU ZB 26 35.06 26.80 -4.01
CA LEU ZB 26 34.21 25.83 -3.34
C LEU ZB 26 33.61 26.40 -2.06
N ALA ZB 27 34.31 27.31 -1.39
CA ALA ZB 27 33.75 27.98 -0.22
C ALA ZB 27 32.61 28.92 -0.62
N ASN ZB 28 32.62 29.40 -1.85
CA ASN ZB 28 31.64 30.37 -2.34
C ASN ZB 28 30.68 29.76 -3.35
N VAL ZB 29 30.29 28.49 -3.16
CA VAL ZB 29 29.35 27.85 -4.08
C VAL ZB 29 27.97 28.47 -3.96
N SER ZB 30 27.53 28.75 -2.73
CA SER ZB 30 26.20 29.28 -2.49
C SER ZB 30 26.13 30.81 -2.53
N THR ZB 31 27.26 31.47 -2.78
CA THR ZB 31 27.28 32.93 -2.83
C THR ZB 31 26.44 33.46 -3.99
N THR ZB 32 25.81 34.61 -3.77
CA THR ZB 32 24.91 35.21 -4.75
C THR ZB 32 25.70 36.07 -5.73
N GLY ZB 33 25.51 35.81 -7.02
CA GLY ZB 33 26.19 36.57 -8.06
C GLY ZB 33 27.70 36.43 -8.01
N PHE ZB 34 28.19 35.23 -7.76
CA PHE ZB 34 29.62 34.97 -7.63
C PHE ZB 34 30.15 34.34 -8.91
N ARG ZB 35 31.15 34.96 -9.51
CA ARG ZB 35 31.77 34.48 -10.73
C ARG ZB 35 33.03 33.69 -10.35
N ALA ZB 36 33.06 32.41 -10.73
CA ALA ZB 36 34.19 31.56 -10.36
C ALA ZB 36 35.47 32.04 -11.03
N ASP ZB 37 36.56 32.04 -10.25
CA ASP ZB 37 37.86 32.45 -10.74
C ASP ZB 37 38.56 31.29 -11.45
N LEU ZB 38 39.27 31.61 -12.52
CA LEU ZB 38 40.04 30.62 -13.25
C LEU ZB 38 41.46 30.54 -12.69
N ALA ZB 39 42.11 29.40 -12.93
CA ALA ZB 39 43.48 29.19 -12.49
C ALA ZB 39 44.23 28.42 -13.57
N GLN ZB 40 45.44 28.89 -13.88
CA GLN ZB 40 46.31 28.22 -14.84
C GLN ZB 40 47.76 28.44 -14.43
N ALA ZB 41 48.67 27.96 -15.27
CA ALA ZB 41 50.10 28.09 -15.04
C ALA ZB 41 50.77 28.65 -16.28
N ARG ZB 42 51.82 29.45 -16.07
CA ARG ZB 42 52.58 30.05 -17.15
C ARG ZB 42 54.04 29.61 -17.06
N SER ZB 43 54.59 29.16 -18.19
CA SER ZB 43 55.97 28.67 -18.25
C SER ZB 43 56.88 29.85 -18.54
N MET ZB 44 57.64 30.27 -17.54
CA MET ZB 44 58.60 31.36 -17.68
C MET ZB 44 60.01 30.78 -17.64
N GLN ZB 45 60.75 30.96 -18.73
CA GLN ZB 45 62.07 30.39 -18.86
C GLN ZB 45 63.13 31.36 -18.33
N ALA ZB 46 64.18 30.78 -17.74
CA ALA ZB 46 65.31 31.56 -17.24
C ALA ZB 46 66.29 31.77 -18.39
N TYR ZB 47 66.06 32.84 -19.15
CA TYR ZB 47 66.93 33.15 -20.27
C TYR ZB 47 68.27 33.69 -19.79
N GLY ZB 48 69.35 33.26 -20.43
CA GLY ZB 48 70.68 33.70 -20.05
C GLY ZB 48 71.77 32.83 -20.63
N GLU ZB 49 72.81 32.57 -19.85
CA GLU ZB 49 73.91 31.72 -20.28
C GLU ZB 49 73.68 30.28 -19.83
N GLY ZB 50 74.23 29.36 -20.62
CA GLY ZB 50 74.07 27.94 -20.34
C GLY ZB 50 72.99 27.29 -21.17
N HIS ZB 51 72.74 26.03 -20.87
CA HIS ZB 51 71.76 25.24 -21.61
C HIS ZB 51 70.34 25.65 -21.21
N PRO ZB 52 69.43 25.74 -22.17
CA PRO ZB 52 68.04 26.10 -21.85
C PRO ZB 52 67.29 24.95 -21.19
N SER ZB 53 67.56 24.71 -19.90
CA SER ZB 53 66.98 23.58 -19.20
C SER ZB 53 66.14 23.96 -17.99
N ARG ZB 54 66.21 25.19 -17.51
CA ARG ZB 54 65.49 25.61 -16.31
C ARG ZB 54 64.34 26.54 -16.70
N VAL ZB 55 63.11 26.06 -16.51
CA VAL ZB 55 61.91 26.81 -16.82
C VAL ZB 55 61.01 26.78 -15.58
N PHE ZB 56 60.59 27.96 -15.12
CA PHE ZB 56 59.72 28.07 -13.96
C PHE ZB 56 58.26 28.15 -14.39
N SER ZB 57 57.37 27.89 -13.44
CA SER ZB 57 55.93 28.01 -13.65
C SER ZB 57 55.32 28.72 -12.46
N MET ZB 58 54.50 29.73 -12.73
CA MET ZB 58 53.76 30.44 -11.71
C MET ZB 58 52.28 30.43 -12.06
N THR ZB 59 51.43 30.33 -11.03
CA THR ZB 59 50.00 30.34 -11.25
C THR ZB 59 49.51 31.76 -11.46
N GLU ZB 60 48.40 31.89 -12.20
CA GLU ZB 60 47.81 33.18 -12.50
C GLU ZB 60 46.31 32.99 -12.66
N ARG ZB 61 45.59 34.11 -12.63
CA ARG ZB 61 44.15 34.11 -12.80
C ARG ZB 61 43.82 34.74 -14.15
N PRO ZB 62 43.81 33.96 -15.24
CA PRO ZB 62 43.61 34.57 -16.57
C PRO ZB 62 42.23 35.17 -16.77
N GLY ZB 63 41.23 34.75 -16.00
CA GLY ZB 63 39.90 35.27 -16.20
C GLY ZB 63 38.92 34.67 -15.22
N HIS ZB 64 37.64 34.90 -15.50
CA HIS ZB 64 36.57 34.41 -14.66
C HIS ZB 64 35.52 33.74 -15.52
N ASN ZB 65 34.75 32.85 -14.90
CA ASN ZB 65 33.65 32.16 -15.57
C ASN ZB 65 32.44 33.08 -15.53
N PHE ZB 66 32.16 33.75 -16.66
CA PHE ZB 66 31.07 34.69 -16.75
C PHE ZB 66 29.77 34.05 -17.22
N ALA ZB 67 29.66 32.73 -17.11
CA ALA ZB 67 28.42 32.07 -17.50
C ALA ZB 67 27.30 32.41 -16.52
N GLN ZB 68 26.07 32.26 -16.99
CA GLN ZB 68 24.91 32.52 -16.15
C GLN ZB 68 24.91 31.57 -14.95
N GLY ZB 69 24.65 32.13 -13.77
CA GLY ZB 69 24.65 31.35 -12.56
C GLY ZB 69 23.37 30.56 -12.38
N SER ZB 70 23.20 30.03 -11.17
CA SER ZB 70 21.99 29.30 -10.82
C SER ZB 70 20.95 30.30 -10.31
N VAL ZB 71 19.78 30.31 -10.94
CA VAL ZB 71 18.74 31.26 -10.59
C VAL ZB 71 17.83 30.64 -9.53
N ILE ZB 72 17.69 31.34 -8.41
CA ILE ZB 72 16.87 30.89 -7.30
C ILE ZB 72 15.59 31.72 -7.28
N THR ZB 73 14.45 31.05 -7.34
CA THR ZB 73 13.15 31.71 -7.28
C THR ZB 73 12.78 31.91 -5.81
N THR ZB 74 12.62 33.17 -5.41
CA THR ZB 74 12.29 33.51 -4.04
C THR ZB 74 10.92 34.15 -3.88
N GLY ZB 75 10.29 34.58 -4.96
CA GLY ZB 75 8.99 35.23 -4.87
C GLY ZB 75 9.03 36.52 -4.08
N ARG ZB 76 10.13 37.26 -4.20
CA ARG ZB 76 10.32 38.52 -3.48
C ARG ZB 76 10.39 39.65 -4.49
N ASP ZB 77 9.69 40.75 -4.18
CA ASP ZB 77 9.63 41.88 -5.12
C ASP ZB 77 11.01 42.49 -5.33
N LEU ZB 78 11.84 42.54 -4.29
CA LEU ZB 78 13.15 43.18 -4.35
C LEU ZB 78 14.26 42.21 -4.73
N ASP ZB 79 13.92 41.06 -5.34
CA ASP ZB 79 14.90 40.10 -5.83
C ASP ZB 79 14.88 40.10 -7.35
N VAL ZB 80 16.02 40.45 -7.95
CA VAL ZB 80 16.17 40.48 -9.40
C VAL ZB 80 17.43 39.75 -9.78
N THR ZB 81 17.44 39.21 -10.99
CA THR ZB 81 18.62 38.57 -11.56
C THR ZB 81 18.78 38.99 -13.01
N ILE ZB 82 20.03 39.16 -13.44
CA ILE ZB 82 20.30 39.58 -14.81
C ILE ZB 82 20.06 38.41 -15.76
N GLU ZB 83 19.34 38.67 -16.85
CA GLU ZB 83 19.09 37.66 -17.87
C GLU ZB 83 20.28 37.59 -18.82
N GLY ZB 84 21.02 36.50 -18.77
CA GLY ZB 84 22.15 36.30 -19.65
C GLY ZB 84 23.40 37.06 -19.23
N SER ZB 85 23.79 38.05 -20.03
CA SER ZB 85 25.01 38.82 -19.79
C SER ZB 85 24.63 40.24 -19.37
N GLY ZB 86 25.25 40.71 -18.29
CA GLY ZB 86 25.00 42.06 -17.82
C GLY ZB 86 25.56 42.26 -16.44
N TRP ZB 87 25.38 43.48 -15.93
CA TRP ZB 87 25.90 43.86 -14.62
C TRP ZB 87 24.99 44.91 -14.01
N ILE ZB 88 25.14 45.11 -12.71
CA ILE ZB 88 24.46 46.15 -11.97
C ILE ZB 88 25.50 47.10 -11.41
N SER ZB 89 25.34 48.40 -11.68
CA SER ZB 89 26.30 49.38 -11.22
C SER ZB 89 26.05 49.72 -9.76
N VAL ZB 90 27.05 49.53 -8.92
CA VAL ZB 90 26.99 49.86 -7.50
C VAL ZB 90 28.26 50.58 -7.11
N LEU ZB 91 28.18 51.34 -6.02
CA LEU ZB 91 29.35 51.98 -5.42
C LEU ZB 91 29.55 51.42 -4.02
N ASP ZB 92 30.79 51.10 -3.68
CA ASP ZB 92 31.13 50.53 -2.39
C ASP ZB 92 31.25 51.64 -1.34
N HIS ZB 93 31.81 51.31 -0.18
CA HIS ZB 93 31.93 52.29 0.90
C HIS ZB 93 32.80 53.46 0.47
N THR ZB 94 33.86 53.20 -0.30
CA THR ZB 94 34.74 54.27 -0.75
C THR ZB 94 34.00 55.25 -1.64
N GLY ZB 95 33.08 54.76 -2.45
CA GLY ZB 95 32.33 55.62 -3.37
C GLY ZB 95 32.78 55.46 -4.80
N LYS ZB 96 33.27 54.27 -5.15
CA LYS ZB 96 33.80 53.98 -6.47
C LYS ZB 96 32.86 53.02 -7.18
N GLU ZB 97 32.52 53.33 -8.43
CA GLU ZB 97 31.59 52.51 -9.18
C GLU ZB 97 32.17 51.13 -9.43
N GLY ZB 98 31.32 50.12 -9.31
CA GLY ZB 98 31.73 48.74 -9.56
C GLY ZB 98 30.56 47.94 -10.06
N LEU ZB 99 30.88 46.91 -10.84
CA LEU ZB 99 29.88 46.05 -11.45
C LEU ZB 99 29.68 44.81 -10.60
N THR ZB 100 28.43 44.56 -10.20
CA THR ZB 100 28.08 43.41 -9.39
C THR ZB 100 26.89 42.70 -10.01
N ARG ZB 101 26.65 41.48 -9.53
CA ARG ZB 101 25.50 40.70 -9.97
C ARG ZB 101 24.64 40.25 -8.79
N ASN ZB 102 24.84 40.85 -7.61
CA ASN ZB 102 24.07 40.53 -6.41
C ASN ZB 102 22.77 41.32 -6.47
N GLY ZB 103 21.70 40.66 -6.92
CA GLY ZB 103 20.43 41.33 -7.08
C GLY ZB 103 19.54 41.23 -5.86
N ASN ZB 104 20.13 40.91 -4.71
CA ASN ZB 104 19.37 40.80 -3.46
C ASN ZB 104 19.28 42.20 -2.88
N LEU ZB 105 18.32 42.97 -3.37
CA LEU ZB 105 18.17 44.37 -3.01
C LEU ZB 105 17.38 44.52 -1.72
N LYS ZB 106 17.53 45.68 -1.09
CA LYS ZB 106 16.82 46.00 0.14
C LYS ZB 106 16.70 47.51 0.25
N VAL ZB 107 15.79 47.95 1.12
CA VAL ZB 107 15.51 49.36 1.36
C VAL ZB 107 15.72 49.65 2.83
N ASP ZB 108 16.51 50.67 3.14
CA ASP ZB 108 16.80 51.05 4.52
C ASP ZB 108 15.72 52.00 5.03
N GLN ZB 109 15.95 52.59 6.20
CA GLN ZB 109 14.97 53.50 6.78
C GLN ZB 109 14.91 54.82 6.02
N ASN ZB 110 16.03 55.28 5.47
CA ASN ZB 110 16.04 56.53 4.72
C ASN ZB 110 15.46 56.37 3.32
N GLY ZB 111 15.30 55.15 2.84
CA GLY ZB 111 14.76 54.89 1.52
C GLY ZB 111 15.79 54.55 0.46
N MET ZB 112 17.07 54.58 0.79
CA MET ZB 112 18.10 54.24 -0.19
C MET ZB 112 18.02 52.77 -0.57
N LEU ZB 113 18.15 52.49 -1.87
CA LEU ZB 113 18.09 51.12 -2.37
C LEU ZB 113 19.50 50.54 -2.40
N THR ZB 114 19.79 49.64 -1.48
CA THR ZB 114 21.06 48.94 -1.43
C THR ZB 114 20.83 47.47 -1.74
N ASN ZB 115 21.91 46.71 -1.79
CA ASN ZB 115 21.85 45.27 -2.00
C ASN ZB 115 22.17 44.56 -0.69
N ALA ZB 116 22.29 43.22 -0.76
CA ALA ZB 116 22.52 42.45 0.44
C ALA ZB 116 23.86 42.75 1.08
N SER ZB 117 24.84 43.19 0.29
CA SER ZB 117 26.17 43.49 0.80
C SER ZB 117 26.33 44.95 1.23
N GLY ZB 118 25.29 45.77 1.08
CA GLY ZB 118 25.34 47.16 1.50
C GLY ZB 118 25.82 48.14 0.44
N HIS ZB 119 25.97 47.70 -0.80
CA HIS ZB 119 26.41 48.59 -1.86
C HIS ZB 119 25.22 49.36 -2.44
N LEU ZB 120 25.36 50.68 -2.55
CA LEU ZB 120 24.29 51.50 -3.10
C LEU ZB 120 24.13 51.22 -4.59
N VAL ZB 121 22.88 51.10 -5.03
CA VAL ZB 121 22.57 50.80 -6.41
C VAL ZB 121 22.38 52.10 -7.19
N LEU ZB 122 23.06 52.21 -8.32
CA LEU ZB 122 23.04 53.42 -9.13
C LEU ZB 122 21.83 53.45 -10.06
N GLY ZB 123 21.49 54.66 -10.51
CA GLY ZB 123 20.36 54.84 -11.39
C GLY ZB 123 20.67 55.61 -12.66
N GLU ZB 124 19.64 56.12 -13.32
CA GLU ZB 124 19.82 56.86 -14.57
C GLU ZB 124 20.61 58.14 -14.34
N ASN ZB 125 20.36 58.82 -13.22
CA ASN ZB 125 21.07 60.05 -12.89
C ASN ZB 125 22.52 59.82 -12.54
N ASP ZB 126 22.96 58.56 -12.44
CA ASP ZB 126 24.28 58.14 -11.98
C ASP ZB 126 24.47 58.43 -10.49
N ALA ZB 127 23.40 58.67 -9.76
CA ALA ZB 127 23.40 58.80 -8.32
C ALA ZB 127 22.67 57.61 -7.71
N PRO ZB 128 22.96 57.27 -6.45
CA PRO ZB 128 22.26 56.15 -5.82
C PRO ZB 128 20.76 56.37 -5.80
N ILE ZB 129 20.02 55.28 -6.03
CA ILE ZB 129 18.57 55.37 -6.13
C ILE ZB 129 17.98 55.54 -4.74
N THR ZB 130 17.18 56.59 -4.56
CA THR ZB 130 16.49 56.85 -3.31
C THR ZB 130 15.00 56.91 -3.59
N LEU ZB 131 14.23 56.13 -2.84
CA LEU ZB 131 12.79 56.03 -3.01
C LEU ZB 131 12.07 56.86 -1.95
N PRO ZB 132 10.82 57.26 -2.21
CA PRO ZB 132 10.03 57.90 -1.16
C PRO ZB 132 9.90 56.99 0.05
N ILE ZB 133 9.91 57.60 1.24
CA ILE ZB 133 9.95 56.79 2.47
C ILE ZB 133 8.71 55.93 2.66
N PRO ZB 134 7.47 56.49 2.69
CA PRO ZB 134 6.30 55.64 3.00
C PRO ZB 134 5.76 54.89 1.78
N LEU ZB 135 6.41 53.79 1.44
CA LEU ZB 135 6.00 52.96 0.32
C LEU ZB 135 4.92 51.97 0.74
N SER ZB 136 4.21 51.46 -0.27
CA SER ZB 136 3.22 50.40 -0.05
C SER ZB 136 3.30 49.27 -1.06
N LYS ZB 137 3.96 49.45 -2.20
CA LYS ZB 137 4.13 48.38 -3.18
C LYS ZB 137 5.27 48.79 -4.10
N ILE ZB 138 6.34 48.00 -4.11
CA ILE ZB 138 7.51 48.25 -4.94
C ILE ZB 138 7.61 47.13 -5.97
N GLU ZB 139 7.60 47.49 -7.24
CA GLU ZB 139 7.71 46.54 -8.34
C GLU ZB 139 8.86 46.95 -9.26
N ILE ZB 140 9.77 46.03 -9.51
CA ILE ZB 140 10.89 46.27 -10.42
C ILE ZB 140 10.47 45.83 -11.82
N GLY ZB 141 10.66 46.72 -12.79
CA GLY ZB 141 10.28 46.42 -14.15
C GLY ZB 141 11.23 45.45 -14.82
N ARG ZB 142 10.84 45.01 -16.01
CA ARG ZB 142 11.67 44.08 -16.77
C ARG ZB 142 13.00 44.70 -17.15
N ASP ZB 143 12.99 45.98 -17.54
CA ASP ZB 143 14.19 46.67 -17.97
C ASP ZB 143 14.81 47.51 -16.85
N GLY ZB 144 14.63 47.12 -15.59
CA GLY ZB 144 15.22 47.83 -14.47
C GLY ZB 144 14.39 48.98 -13.95
N THR ZB 145 13.22 49.23 -14.53
CA THR ZB 145 12.37 50.33 -14.06
C THR ZB 145 11.84 50.04 -12.67
N ILE ZB 146 11.84 51.06 -11.82
CA ILE ZB 146 11.34 50.94 -10.46
C ILE ZB 146 10.06 51.75 -10.36
N SER ZB 147 8.94 51.07 -10.16
CA SER ZB 147 7.64 51.71 -10.01
C SER ZB 147 7.12 51.46 -8.60
N VAL ZB 148 6.73 52.53 -7.91
CA VAL ZB 148 6.32 52.45 -6.53
C VAL ZB 148 4.88 52.94 -6.40
N LEU ZB 149 4.26 52.59 -5.28
CA LEU ZB 149 2.91 53.02 -4.95
C LEU ZB 149 2.94 53.78 -3.63
N PRO ZB 150 2.63 55.06 -3.60
CA PRO ZB 150 2.63 55.81 -2.33
C PRO ZB 150 1.64 55.21 -1.35
N GLN ZB 151 2.00 55.28 -0.07
CA GLN ZB 151 1.17 54.68 0.97
C GLN ZB 151 -0.19 55.38 1.04
N GLY ZB 152 -1.25 54.59 0.91
CA GLY ZB 152 -2.60 55.10 0.91
C GLY ZB 152 -3.13 55.52 -0.45
N ALA ZB 153 -2.30 55.49 -1.49
CA ALA ZB 153 -2.75 55.84 -2.82
C ALA ZB 153 -3.54 54.68 -3.45
N PRO ZB 154 -4.48 54.97 -4.34
CA PRO ZB 154 -5.22 53.90 -5.02
C PRO ZB 154 -4.33 53.11 -5.96
N ALA ZB 155 -4.82 51.98 -6.45
CA ALA ZB 155 -4.03 51.10 -7.30
C ALA ZB 155 -3.67 51.71 -8.65
N GLU ZB 156 -4.32 52.80 -9.04
CA GLU ZB 156 -4.05 53.43 -10.32
C GLU ZB 156 -2.98 54.52 -10.24
N GLU ZB 157 -2.49 54.84 -9.05
CA GLU ZB 157 -1.43 55.83 -8.90
C GLU ZB 157 -0.06 55.17 -8.91
N PHE ZB 158 0.22 54.39 -9.96
CA PHE ZB 158 1.49 53.72 -10.14
C PHE ZB 158 2.38 54.56 -11.04
N GLN ZB 159 3.53 55.00 -10.52
CA GLN ZB 159 4.47 55.78 -11.31
C GLN ZB 159 5.88 55.27 -11.07
N ALA ZB 160 6.72 55.44 -12.09
CA ALA ZB 160 8.13 55.08 -11.99
C ALA ZB 160 8.91 56.19 -11.30
N VAL ZB 161 9.92 55.81 -10.52
CA VAL ZB 161 10.71 56.78 -9.77
C VAL ZB 161 12.16 56.77 -10.23
N ASP ZB 162 12.65 55.61 -10.65
CA ASP ZB 162 14.04 55.46 -11.05
C ASP ZB 162 14.19 54.23 -11.92
N ARG ZB 163 15.40 54.07 -12.46
CA ARG ZB 163 15.73 52.96 -13.35
C ARG ZB 163 17.07 52.37 -12.92
N ILE ZB 164 17.12 51.05 -12.78
CA ILE ZB 164 18.36 50.40 -12.38
C ILE ZB 164 19.37 50.51 -13.51
N LYS ZB 165 20.60 50.92 -13.18
CA LYS ZB 165 21.64 51.10 -14.17
C LYS ZB 165 22.27 49.75 -14.50
N LEU ZB 166 21.96 49.22 -15.68
CA LEU ZB 166 22.50 47.95 -16.13
C LEU ZB 166 23.56 48.20 -17.19
N VAL ZB 167 24.74 47.60 -17.00
CA VAL ZB 167 25.89 47.80 -17.87
C VAL ZB 167 26.26 46.46 -18.47
N LYS ZB 168 26.52 46.43 -19.78
CA LYS ZB 168 26.93 45.23 -20.49
C LYS ZB 168 28.20 45.54 -21.28
N PRO ZB 169 29.36 45.58 -20.61
CA PRO ZB 169 30.62 45.80 -21.33
C PRO ZB 169 31.26 44.49 -21.75
N ASN ZB 170 32.41 44.55 -22.39
CA ASN ZB 170 33.12 43.33 -22.76
C ASN ZB 170 33.60 42.61 -21.52
N ASP ZB 171 33.28 41.31 -21.42
CA ASP ZB 171 33.60 40.56 -20.21
C ASP ZB 171 35.09 40.43 -20.01
N GLN ZB 172 35.85 40.24 -21.08
CA GLN ZB 172 37.29 40.06 -20.97
C GLN ZB 172 38.03 41.34 -20.60
N SER ZB 173 37.35 42.49 -20.62
CA SER ZB 173 37.94 43.75 -20.21
C SER ZB 173 37.64 44.10 -18.76
N LEU ZB 174 37.18 43.13 -17.98
CA LEU ZB 174 36.83 43.34 -16.57
C LEU ZB 174 37.75 42.51 -15.69
N PHE ZB 175 38.05 43.04 -14.50
CA PHE ZB 175 38.82 42.32 -13.50
C PHE ZB 175 38.11 42.45 -12.16
N LYS ZB 176 38.13 41.37 -11.37
CA LYS ZB 176 37.55 41.39 -10.04
C LYS ZB 176 38.46 42.14 -9.09
N ASP ZB 177 37.90 43.10 -8.35
CA ASP ZB 177 38.68 43.92 -7.44
C ASP ZB 177 38.90 43.16 -6.13
N THR ZB 178 39.49 43.82 -5.15
CA THR ZB 178 39.78 43.21 -3.86
C THR ZB 178 38.54 42.99 -3.02
N ASN ZB 179 37.40 43.58 -3.39
CA ASN ZB 179 36.15 43.45 -2.63
C ASN ZB 179 35.07 42.74 -3.45
N GLY ZB 180 35.44 42.00 -4.48
CA GLY ZB 180 34.49 41.24 -5.26
C GLY ZB 180 33.74 42.01 -6.33
N LEU ZB 181 34.03 43.30 -6.51
CA LEU ZB 181 33.36 44.10 -7.52
C LEU ZB 181 34.19 44.12 -8.79
N PHE ZB 182 33.55 43.79 -9.92
CA PHE ZB 182 34.22 43.84 -11.20
C PHE ZB 182 34.31 45.28 -11.69
N ARG ZB 183 35.50 45.67 -12.15
CA ARG ZB 183 35.74 47.01 -12.67
C ARG ZB 183 36.49 46.91 -13.98
N HIS ZB 184 36.65 48.05 -14.65
CA HIS ZB 184 37.42 48.10 -15.88
C HIS ZB 184 38.91 48.02 -15.58
N LYS ZB 185 39.64 47.33 -16.46
CA LYS ZB 185 41.10 47.29 -16.33
C LYS ZB 185 41.71 48.64 -16.64
N THR ZB 186 41.16 49.35 -17.61
CA THR ZB 186 41.62 50.71 -17.91
C THR ZB 186 40.93 51.69 -16.97
N PRO ZB 187 41.67 52.41 -16.13
CA PRO ZB 187 41.01 53.31 -15.17
C PRO ZB 187 40.38 54.51 -15.84
N ASN ZB 188 39.44 55.12 -15.12
CA ASN ZB 188 38.73 56.33 -15.59
C ASN ZB 188 38.03 56.09 -16.92
N GLN ZB 189 37.42 54.91 -17.06
CA GLN ZB 189 36.61 54.59 -18.23
C GLN ZB 189 35.15 54.49 -17.79
N PRO ZB 190 34.26 55.30 -18.34
CA PRO ZB 190 32.87 55.29 -17.86
C PRO ZB 190 32.16 53.98 -18.16
N TYR ZB 191 31.23 53.63 -17.27
CA TYR ZB 191 30.40 52.44 -17.45
C TYR ZB 191 29.12 52.89 -18.15
N GLU ZB 192 29.02 52.61 -19.45
CA GLU ZB 192 27.86 53.03 -20.21
C GLU ZB 192 26.65 52.16 -19.87
N ALA ZB 193 25.51 52.81 -19.62
CA ALA ZB 193 24.29 52.10 -19.26
C ALA ZB 193 23.71 51.46 -20.51
N ASP ZB 194 23.55 50.13 -20.50
CA ASP ZB 194 23.02 49.41 -21.64
C ASP ZB 194 21.50 49.29 -21.54
N ALA ZB 195 20.85 49.40 -22.70
CA ALA ZB 195 19.40 49.33 -22.79
C ALA ZB 195 18.91 47.97 -23.27
N THR ZB 196 19.81 46.99 -23.36
CA THR ZB 196 19.46 45.64 -23.77
C THR ZB 196 19.36 44.66 -22.61
N VAL ZB 197 20.09 44.90 -21.52
CA VAL ZB 197 20.09 43.98 -20.39
C VAL ZB 197 18.72 43.93 -19.74
N SER ZB 198 18.25 42.73 -19.46
CA SER ZB 198 16.94 42.51 -18.86
C SER ZB 198 17.09 41.85 -17.50
N LEU ZB 199 16.17 42.19 -16.59
CA LEU ZB 199 16.16 41.67 -15.24
C LEU ZB 199 14.98 40.72 -15.08
N GLN ZB 200 15.24 39.51 -14.63
CA GLN ZB 200 14.20 38.55 -14.31
C GLN ZB 200 13.83 38.70 -12.84
N THR ZB 201 12.86 39.56 -12.56
CA THR ZB 201 12.48 39.86 -11.19
C THR ZB 201 11.82 38.65 -10.54
N GLY ZB 202 11.82 38.65 -9.21
CA GLY ZB 202 11.31 37.52 -8.46
C GLY ZB 202 12.28 36.37 -8.31
N ALA ZB 203 13.56 36.57 -8.62
CA ALA ZB 203 14.55 35.51 -8.54
C ALA ZB 203 15.91 36.09 -8.20
N ILE ZB 204 16.78 35.23 -7.69
CA ILE ZB 204 18.14 35.58 -7.28
C ILE ZB 204 19.11 34.66 -8.00
N GLU ZB 205 20.20 35.21 -8.51
CA GLU ZB 205 21.20 34.43 -9.23
C GLU ZB 205 22.28 33.97 -8.27
N GLY ZB 206 22.53 32.66 -8.24
CA GLY ZB 206 23.60 32.08 -7.44
C GLY ZB 206 24.92 32.11 -8.17
N SER ZB 207 25.89 31.38 -7.60
CA SER ZB 207 27.21 31.30 -8.19
C SER ZB 207 27.23 30.34 -9.37
N ASN ZB 208 28.28 30.45 -10.19
CA ASN ZB 208 28.45 29.61 -11.37
C ASN ZB 208 29.62 28.64 -11.19
N VAL ZB 209 29.98 28.36 -9.95
CA VAL ZB 209 31.08 27.44 -9.68
C VAL ZB 209 30.68 26.03 -10.10
N ASN ZB 210 31.48 25.41 -10.96
CA ASN ZB 210 31.28 24.02 -11.35
C ASN ZB 210 32.00 23.16 -10.34
N ALA ZB 211 31.24 22.60 -9.39
CA ALA ZB 211 31.85 21.91 -8.25
C ALA ZB 211 32.68 20.73 -8.70
N VAL ZB 212 32.19 19.94 -9.65
CA VAL ZB 212 32.94 18.78 -10.12
C VAL ZB 212 34.20 19.23 -10.86
N GLY ZB 213 34.11 20.33 -11.60
CA GLY ZB 213 35.29 20.85 -12.28
C GLY ZB 213 36.37 21.29 -11.31
N GLU ZB 214 35.97 21.86 -10.16
CA GLU ZB 214 36.95 22.22 -9.14
C GLU ZB 214 37.61 20.98 -8.55
N MET ZB 215 36.82 19.93 -8.29
CA MET ZB 215 37.38 18.74 -7.64
C MET ZB 215 38.34 18.00 -8.56
N THR ZB 216 37.99 17.87 -9.85
CA THR ZB 216 38.86 17.15 -10.77
C THR ZB 216 40.14 17.91 -11.06
N ALA ZB 217 40.17 19.23 -10.81
CA ALA ZB 217 41.42 19.97 -10.89
C ALA ZB 217 42.19 19.92 -9.58
N LEU ZB 218 41.49 19.69 -8.47
CA LEU ZB 218 42.17 19.51 -7.18
C LEU ZB 218 43.01 18.23 -7.19
N ILE ZB 219 42.47 17.15 -7.75
CA ILE ZB 219 43.20 15.88 -7.75
C ILE ZB 219 44.42 15.97 -8.66
N ASP ZB 220 44.35 16.79 -9.70
CA ASP ZB 220 45.52 17.01 -10.56
C ASP ZB 220 46.58 17.82 -9.84
N LEU ZB 221 46.17 18.85 -9.09
CA LEU ZB 221 47.13 19.67 -8.37
C LEU ZB 221 47.86 18.86 -7.31
N GLN ZB 222 47.17 17.93 -6.65
CA GLN ZB 222 47.81 17.09 -5.65
C GLN ZB 222 48.92 16.24 -6.27
N ARG ZB 223 48.64 15.59 -7.40
CA ARG ZB 223 49.63 14.71 -8.01
C ARG ZB 223 50.84 15.49 -8.50
N GLN ZB 224 50.60 16.63 -9.15
CA GLN ZB 224 51.72 17.44 -9.63
C GLN ZB 224 52.52 18.00 -8.47
N PHE ZB 225 51.84 18.37 -7.38
CA PHE ZB 225 52.54 18.86 -6.19
C PHE ZB 225 53.43 17.79 -5.58
N GLU ZB 226 52.94 16.56 -5.49
CA GLU ZB 226 53.69 15.50 -4.83
C GLU ZB 226 54.87 15.03 -5.66
N MET ZB 227 54.73 15.04 -6.99
CA MET ZB 227 55.84 14.66 -7.86
C MET ZB 227 57.01 15.63 -7.70
N GLN ZB 228 56.73 16.92 -7.60
CA GLN ZB 228 57.78 17.90 -7.41
C GLN ZB 228 58.44 17.76 -6.04
N VAL ZB 229 57.67 17.34 -5.03
CA VAL ZB 229 58.25 17.11 -3.72
C VAL ZB 229 59.21 15.92 -3.76
N LYS ZB 230 58.91 14.91 -4.57
CA LYS ZB 230 59.84 13.80 -4.72
C LYS ZB 230 61.12 14.24 -5.42
N MET ZB 231 61.00 15.21 -6.34
CA MET ZB 231 62.20 15.78 -6.96
C MET ZB 231 63.06 16.50 -5.93
N MET ZB 232 62.43 17.15 -4.95
CA MET ZB 232 63.20 17.76 -3.87
C MET ZB 232 63.94 16.71 -3.07
N SER ZB 233 63.30 15.56 -2.82
CA SER ZB 233 63.95 14.51 -2.05
C SER ZB 233 65.07 13.85 -2.83
N THR ZB 234 64.89 13.68 -4.15
CA THR ZB 234 65.95 13.08 -4.94
C THR ZB 234 67.08 14.07 -5.21
N ALA ZB 235 66.82 15.37 -5.03
CA ALA ZB 235 67.88 16.36 -5.17
C ALA ZB 235 68.84 16.31 -4.00
N GLU ZB 236 68.31 16.20 -2.77
CA GLU ZB 236 69.19 16.11 -1.61
C GLU ZB 236 69.87 14.75 -1.52
N GLU ZB 237 69.22 13.70 -2.02
CA GLU ZB 237 69.85 12.38 -2.03
C GLU ZB 237 71.07 12.36 -2.94
N MET ZB 238 70.99 13.03 -4.09
CA MET ZB 238 72.15 13.13 -4.97
C MET ZB 238 73.27 13.92 -4.32
N ASP ZB 239 72.93 15.00 -3.61
CA ASP ZB 239 73.95 15.81 -2.96
C ASP ZB 239 74.69 15.02 -1.88
N LYS ZB 240 73.95 14.23 -1.11
CA LYS ZB 240 74.60 13.40 -0.08
C LYS ZB 240 75.57 12.41 -0.69
N SER ZB 241 75.19 11.81 -1.82
CA SER ZB 241 76.08 10.85 -2.48
C SER ZB 241 77.34 11.53 -3.00
N SER ZB 242 77.20 12.70 -3.62
CA SER ZB 242 78.35 13.38 -4.19
C SER ZB 242 79.28 13.97 -3.12
N ASP ZB 243 78.84 13.97 -1.85
CA ASP ZB 243 79.66 14.49 -0.78
C ASP ZB 243 80.86 13.62 -0.46
N SER ZB 244 80.95 12.42 -1.04
CA SER ZB 244 82.05 11.51 -0.79
C SER ZB 244 83.27 11.78 -1.67
N LEU ZB 245 83.20 12.78 -2.56
CA LEU ZB 245 84.35 13.12 -3.37
C LEU ZB 245 85.49 13.66 -2.51
N LEU ZB 246 85.17 14.59 -1.61
CA LEU ZB 246 86.18 15.20 -0.75
C LEU ZB 246 86.59 14.30 0.42
N ARG ZB 247 85.79 13.30 0.78
CA ARG ZB 247 86.14 12.43 1.88
C ARG ZB 247 87.33 11.56 1.52
N MET ZB 248 88.30 11.50 2.42
CA MET ZB 248 89.54 10.75 2.18
C MET ZB 248 90.30 10.51 3.48
N MET AC 1 77.48 -0.86 30.10
CA MET AC 1 78.64 -0.02 29.80
C MET AC 1 78.48 1.36 30.41
N ASP AC 2 77.23 1.75 30.68
CA ASP AC 2 76.93 3.03 31.29
C ASP AC 2 75.94 2.92 32.44
N ARG AC 3 75.40 1.73 32.71
CA ARG AC 3 74.41 1.42 33.74
C ARG AC 3 73.06 2.05 33.45
N ALA AC 4 72.95 2.88 32.41
CA ALA AC 4 71.65 3.34 31.93
C ALA AC 4 71.06 2.37 30.92
N LEU AC 5 71.88 1.52 30.32
CA LEU AC 5 71.38 0.45 29.47
C LEU AC 5 70.49 -0.49 30.27
N PHE AC 6 70.93 -0.88 31.46
CA PHE AC 6 70.13 -1.76 32.32
C PHE AC 6 69.02 -0.99 33.01
N LEU AC 7 69.23 0.30 33.30
CA LEU AC 7 68.17 1.11 33.88
C LEU AC 7 67.03 1.29 32.89
N ALA AC 8 67.33 1.33 31.60
CA ALA AC 8 66.31 1.38 30.56
C ALA AC 8 65.81 0.00 30.16
N MET AC 9 66.67 -1.02 30.23
CA MET AC 9 66.23 -2.38 29.96
C MET AC 9 65.19 -2.83 30.98
N SER AC 10 65.40 -2.49 32.25
CA SER AC 10 64.44 -2.81 33.28
C SER AC 10 63.11 -2.09 33.06
N GLY AC 11 63.14 -0.82 32.65
CA GLY AC 11 61.93 -0.09 32.39
C GLY AC 11 61.17 -0.63 31.19
N ALA AC 12 61.91 -1.03 30.16
CA ALA AC 12 61.27 -1.64 29.00
C ALA AC 12 60.74 -3.03 29.32
N LYS AC 13 61.44 -3.76 30.18
CA LYS AC 13 60.98 -5.08 30.60
C LYS AC 13 59.66 -4.98 31.37
N GLN AC 14 59.53 -3.99 32.25
CA GLN AC 14 58.32 -3.86 33.05
C GLN AC 14 57.15 -3.37 32.22
N ASN AC 15 57.40 -2.55 31.20
CA ASN AC 15 56.31 -2.10 30.33
C ASN AC 15 55.68 -3.28 29.60
N MET AC 16 56.49 -4.27 29.22
CA MET AC 16 55.93 -5.49 28.63
C MET AC 16 55.07 -6.24 29.63
N GLN AC 17 55.50 -6.32 30.89
CA GLN AC 17 54.71 -7.00 31.91
C GLN AC 17 53.41 -6.27 32.18
N ALA AC 18 53.43 -4.93 32.14
CA ALA AC 18 52.19 -4.16 32.22
C ALA AC 18 51.29 -4.47 31.04
N LEU AC 19 51.88 -4.63 29.86
CA LEU AC 19 51.11 -5.00 28.67
C LEU AC 19 50.47 -6.37 28.84
N GLN AC 20 51.17 -7.31 29.49
CA GLN AC 20 50.61 -8.64 29.71
C GLN AC 20 49.39 -8.57 30.62
N LEU AC 21 49.43 -7.72 31.64
CA LEU AC 21 48.28 -7.58 32.53
C LEU AC 21 47.09 -6.98 31.81
N ARG AC 22 47.33 -6.00 30.94
CA ARG AC 22 46.24 -5.41 30.17
C ARG AC 22 45.71 -6.39 29.13
N ALA AC 23 46.61 -7.18 28.53
CA ALA AC 23 46.18 -8.16 27.53
C ALA AC 23 45.25 -9.21 28.14
N ASN AC 24 45.50 -9.58 29.39
CA ASN AC 24 44.61 -10.51 30.08
C ASN AC 24 43.23 -9.90 30.29
N ASN AC 25 43.18 -8.60 30.58
CA ASN AC 25 41.89 -7.93 30.75
C ASN AC 25 41.09 -7.93 29.44
N LEU AC 26 41.76 -7.67 28.32
CA LEU AC 26 41.07 -7.68 27.03
C LEU AC 26 40.57 -9.07 26.68
N ALA AC 27 41.34 -10.11 27.00
CA ALA AC 27 40.92 -11.47 26.73
C ALA AC 27 39.79 -11.93 27.65
N ASN AC 28 39.58 -11.24 28.78
CA ASN AC 28 38.60 -11.64 29.78
C ASN AC 28 37.37 -10.75 29.76
N VAL AC 29 37.10 -10.09 28.64
CA VAL AC 29 35.94 -9.23 28.55
C VAL AC 29 34.65 -10.05 28.57
N SER AC 30 34.66 -11.21 27.93
CA SER AC 30 33.46 -12.05 27.87
C SER AC 30 33.33 -12.99 29.07
N THR AC 31 34.31 -13.01 29.96
CA THR AC 31 34.23 -13.89 31.12
C THR AC 31 33.13 -13.42 32.07
N THR AC 32 32.57 -14.39 32.80
CA THR AC 32 31.45 -14.14 33.70
C THR AC 32 31.98 -13.76 35.08
N GLY AC 33 31.55 -12.61 35.57
CA GLY AC 33 31.98 -12.15 36.89
C GLY AC 33 33.47 -11.90 37.00
N PHE AC 34 34.05 -11.25 36.00
CA PHE AC 34 35.48 -10.95 35.99
C PHE AC 34 35.70 -9.53 36.45
N ARG AC 35 36.57 -9.38 37.46
CA ARG AC 35 36.92 -8.06 38.00
C ARG AC 35 38.24 -7.63 37.35
N ALA AC 36 38.21 -6.48 36.68
CA ALA AC 36 39.38 -6.01 35.95
C ALA AC 36 40.54 -5.74 36.90
N ASP AC 37 41.74 -6.10 36.46
CA ASP AC 37 42.95 -5.91 37.26
C ASP AC 37 43.58 -4.56 36.93
N LEU AC 38 43.89 -3.79 37.97
CA LEU AC 38 44.51 -2.49 37.78
C LEU AC 38 46.02 -2.64 37.68
N ALA AC 39 46.62 -1.88 36.77
CA ALA AC 39 48.06 -1.91 36.54
C ALA AC 39 48.64 -0.52 36.76
N GLN AC 40 49.72 -0.44 37.53
CA GLN AC 40 50.42 0.81 37.77
C GLN AC 40 51.90 0.51 37.96
N ALA AC 41 52.70 1.56 38.00
CA ALA AC 41 54.14 1.45 38.17
C ALA AC 41 54.57 2.13 39.45
N ARG AC 42 55.57 1.57 40.12
CA ARG AC 42 56.11 2.12 41.34
C ARG AC 42 57.54 2.59 41.11
N SER AC 43 57.84 3.81 41.53
CA SER AC 43 59.18 4.38 41.41
C SER AC 43 59.97 4.01 42.67
N MET AC 44 61.01 3.21 42.49
CA MET AC 44 61.87 2.79 43.59
C MET AC 44 63.30 3.24 43.30
N GLN AC 45 63.81 4.16 44.12
CA GLN AC 45 65.14 4.70 43.94
C GLN AC 45 66.20 3.76 44.49
N ALA AC 46 67.38 3.80 43.87
CA ALA AC 46 68.52 3.02 44.34
C ALA AC 46 69.28 3.87 45.35
N TYR AC 47 68.99 3.66 46.63
CA TYR AC 47 69.65 4.44 47.68
C TYR AC 47 71.07 3.95 47.90
N GLY AC 48 71.99 4.89 48.07
CA GLY AC 48 73.37 4.54 48.29
C GLY AC 48 74.26 5.74 48.00
N GLU AC 49 75.56 5.48 48.03
CA GLU AC 49 76.54 6.54 47.81
C GLU AC 49 76.48 7.04 46.37
N GLY AC 50 76.56 8.35 46.20
CA GLY AC 50 76.53 8.98 44.90
C GLY AC 50 75.29 9.85 44.74
N HIS AC 51 75.23 10.50 43.58
CA HIS AC 51 74.11 11.38 43.27
C HIS AC 51 72.85 10.55 43.05
N PRO AC 52 71.71 10.94 43.61
CA PRO AC 52 70.48 10.16 43.41
C PRO AC 52 69.91 10.31 42.01
N SER AC 53 70.58 9.72 41.02
CA SER AC 53 70.20 9.87 39.62
C SER AC 53 69.51 8.67 39.03
N ARG AC 54 69.60 7.50 39.66
CA ARG AC 54 69.04 6.27 39.12
C ARG AC 54 67.82 5.86 39.93
N VAL AC 55 66.68 5.76 39.26
CA VAL AC 55 65.44 5.32 39.87
C VAL AC 55 64.82 4.26 38.97
N PHE AC 56 64.53 3.09 39.53
CA PHE AC 56 63.88 2.02 38.80
C PHE AC 56 62.36 2.17 38.89
N SER AC 57 61.67 1.49 37.99
CA SER AC 57 60.21 1.41 38.01
C SER AC 57 59.81 -0.04 37.83
N MET AC 58 58.88 -0.51 38.65
CA MET AC 58 58.37 -1.87 38.56
C MET AC 58 56.84 -1.84 38.57
N THR AC 59 56.24 -2.67 37.72
CA THR AC 59 54.78 -2.73 37.62
C THR AC 59 54.20 -3.52 38.78
N GLU AC 60 53.01 -3.11 39.21
CA GLU AC 60 52.35 -3.73 40.35
C GLU AC 60 50.85 -3.72 40.11
N ARG AC 61 50.14 -4.51 40.92
CA ARG AC 61 48.69 -4.56 40.84
C ARG AC 61 48.09 -3.96 42.10
N PRO AC 62 47.84 -2.65 42.12
CA PRO AC 62 47.35 -2.01 43.35
C PRO AC 62 45.99 -2.51 43.80
N GLY AC 63 45.15 -2.96 42.88
CA GLY AC 63 43.82 -3.39 43.24
C GLY AC 63 43.07 -3.90 42.04
N HIS AC 64 41.74 -3.91 42.16
CA HIS AC 64 40.88 -4.43 41.11
C HIS AC 64 39.70 -3.50 40.92
N ASN AC 65 39.03 -3.64 39.78
CA ASN AC 65 37.85 -2.86 39.47
C ASN AC 65 36.63 -3.60 40.01
N PHE AC 66 36.10 -3.14 41.13
CA PHE AC 66 34.98 -3.78 41.80
C PHE AC 66 33.63 -3.21 41.38
N ALA AC 67 33.61 -2.33 40.38
CA ALA AC 67 32.35 -1.77 39.92
C ALA AC 67 31.49 -2.88 39.29
N GLN AC 68 30.18 -2.63 39.29
CA GLN AC 68 29.23 -3.60 38.77
C GLN AC 68 29.52 -3.92 37.30
N GLY AC 69 29.44 -5.19 36.95
CA GLY AC 69 29.65 -5.63 35.59
C GLY AC 69 28.42 -5.43 34.73
N SER AC 70 28.47 -6.00 33.53
CA SER AC 70 27.35 -5.94 32.60
C SER AC 70 26.44 -7.14 32.85
N VAL AC 71 25.20 -6.87 33.18
CA VAL AC 71 24.25 -7.92 33.54
C VAL AC 71 23.54 -8.42 32.28
N ILE AC 72 23.55 -9.72 32.08
CA ILE AC 72 22.93 -10.35 30.92
C ILE AC 72 21.69 -11.09 31.39
N THR AC 73 20.52 -10.62 30.98
CA THR AC 73 19.29 -11.33 31.30
C THR AC 73 19.15 -12.56 30.42
N THR AC 74 18.85 -13.70 31.04
CA THR AC 74 18.72 -14.95 30.32
C THR AC 74 17.39 -15.67 30.55
N GLY AC 75 16.62 -15.27 31.55
CA GLY AC 75 15.39 -15.98 31.86
C GLY AC 75 15.62 -17.40 32.33
N ARG AC 76 16.72 -17.64 33.02
CA ARG AC 76 17.07 -18.96 33.54
C ARG AC 76 17.00 -18.94 35.05
N ASP AC 77 16.44 -20.01 35.63
CA ASP AC 77 16.18 -20.03 37.06
C ASP AC 77 17.46 -19.95 37.88
N LEU AC 78 18.50 -20.68 37.46
CA LEU AC 78 19.72 -20.81 38.24
C LEU AC 78 20.79 -19.79 37.84
N ASP AC 79 20.41 -18.63 37.32
CA ASP AC 79 21.33 -17.55 37.01
C ASP AC 79 21.04 -16.39 37.94
N VAL AC 80 21.98 -16.06 38.81
CA VAL AC 80 21.82 -15.00 39.79
C VAL AC 80 22.98 -14.01 39.63
N THR AC 81 22.64 -12.72 39.63
CA THR AC 81 23.63 -11.65 39.56
C THR AC 81 23.57 -10.86 40.86
N ILE AC 82 24.74 -10.53 41.40
CA ILE AC 82 24.80 -9.80 42.66
C ILE AC 82 24.47 -8.34 42.40
N GLU AC 83 23.43 -7.84 43.04
CA GLU AC 83 23.04 -6.44 42.89
C GLU AC 83 23.98 -5.56 43.70
N GLY AC 84 24.69 -4.67 43.01
CA GLY AC 84 25.63 -3.82 43.72
C GLY AC 84 26.86 -4.60 44.17
N SER AC 85 27.35 -4.25 45.36
CA SER AC 85 28.56 -4.87 45.91
C SER AC 85 28.19 -6.11 46.70
N GLY AC 86 29.00 -7.15 46.55
CA GLY AC 86 28.78 -8.39 47.28
C GLY AC 86 29.59 -9.50 46.67
N TRP AC 87 29.53 -10.65 47.34
CA TRP AC 87 30.26 -11.84 46.90
C TRP AC 87 29.46 -13.08 47.27
N ILE AC 88 29.80 -14.19 46.63
CA ILE AC 88 29.22 -15.49 46.91
C ILE AC 88 30.32 -16.41 47.40
N SER AC 89 30.12 -17.02 48.56
CA SER AC 89 31.13 -17.89 49.15
C SER AC 89 31.09 -19.25 48.48
N VAL AC 90 32.21 -19.64 47.88
CA VAL AC 90 32.38 -20.95 47.28
C VAL AC 90 33.73 -21.50 47.69
N LEU AC 91 33.86 -22.82 47.70
CA LEU AC 91 35.13 -23.48 47.98
C LEU AC 91 35.62 -24.16 46.71
N ASP AC 92 36.91 -24.02 46.42
CA ASP AC 92 37.49 -24.49 45.18
C ASP AC 92 37.80 -25.99 45.29
N HIS AC 93 38.59 -26.49 44.33
CA HIS AC 93 38.92 -27.91 44.30
C HIS AC 93 39.69 -28.32 45.55
N THR AC 94 40.59 -27.47 46.02
CA THR AC 94 41.35 -27.79 47.23
C THR AC 94 40.43 -27.90 48.44
N GLY AC 95 39.44 -27.02 48.54
CA GLY AC 95 38.53 -27.03 49.67
C GLY AC 95 38.70 -25.82 50.56
N LYS AC 96 39.15 -24.71 49.98
CA LYS AC 96 39.37 -23.47 50.70
C LYS AC 96 38.30 -22.45 50.30
N GLU AC 97 37.72 -21.80 51.30
CA GLU AC 97 36.65 -20.84 51.02
C GLU AC 97 37.19 -19.64 50.24
N GLY AC 98 36.38 -19.17 49.29
CA GLY AC 98 36.75 -18.03 48.49
C GLY AC 98 35.51 -17.31 47.99
N LEU AC 99 35.69 -16.05 47.64
CA LEU AC 99 34.60 -15.19 47.20
C LEU AC 99 34.60 -15.10 45.68
N THR AC 100 33.46 -15.41 45.07
CA THR AC 100 33.31 -15.39 43.63
C THR AC 100 32.15 -14.47 43.25
N ARG AC 101 32.11 -14.11 41.98
CA ARG AC 101 31.01 -13.30 41.44
C ARG AC 101 30.36 -13.97 40.24
N ASN AC 102 30.61 -15.26 40.03
CA ASN AC 102 30.01 -16.03 38.93
C ASN AC 102 28.75 -16.68 39.47
N GLY AC 103 27.60 -16.21 39.00
CA GLY AC 103 26.33 -16.75 39.45
C GLY AC 103 25.68 -17.69 38.45
N ASN AC 104 26.50 -18.37 37.65
CA ASN AC 104 26.01 -19.34 36.68
C ASN AC 104 25.84 -20.67 37.41
N LEU AC 105 24.87 -20.71 38.32
CA LEU AC 105 24.69 -21.85 39.19
C LEU AC 105 24.15 -23.06 38.43
N LYS AC 106 24.47 -24.24 38.92
CA LYS AC 106 23.97 -25.49 38.36
C LYS AC 106 23.88 -26.52 39.47
N VAL AC 107 23.08 -27.56 39.22
CA VAL AC 107 22.87 -28.65 40.16
C VAL AC 107 23.34 -29.94 39.52
N ASP AC 108 24.27 -30.62 40.18
CA ASP AC 108 24.83 -31.87 39.64
C ASP AC 108 23.86 -33.02 39.90
N GLN AC 109 24.28 -34.23 39.56
CA GLN AC 109 23.41 -35.39 39.74
C GLN AC 109 23.19 -35.72 41.21
N ASN AC 110 24.17 -35.43 42.06
CA ASN AC 110 24.01 -35.67 43.50
C ASN AC 110 23.13 -34.63 44.16
N GLY AC 111 22.89 -33.49 43.50
CA GLY AC 111 22.09 -32.42 44.04
C GLY AC 111 22.88 -31.24 44.58
N MET AC 112 24.21 -31.32 44.63
CA MET AC 112 25.01 -30.22 45.14
C MET AC 112 24.94 -29.03 44.19
N LEU AC 113 24.83 -27.83 44.76
CA LEU AC 113 24.74 -26.61 43.97
C LEU AC 113 26.16 -26.09 43.70
N THR AC 114 26.52 -26.00 42.43
CA THR AC 114 27.80 -25.47 41.99
C THR AC 114 27.57 -24.38 40.96
N ASN AC 115 28.66 -23.79 40.47
CA ASN AC 115 28.61 -22.82 39.40
C ASN AC 115 29.35 -23.37 38.17
N ALA AC 116 29.44 -22.52 37.14
CA ALA AC 116 30.08 -22.95 35.90
C ALA AC 116 31.56 -23.25 36.06
N SER AC 117 32.21 -22.70 37.10
CA SER AC 117 33.61 -22.95 37.36
C SER AC 117 33.86 -24.22 38.18
N GLY AC 118 32.80 -24.94 38.55
CA GLY AC 118 32.94 -26.15 39.33
C GLY AC 118 33.34 -25.90 40.77
N HIS AC 119 32.76 -24.87 41.38
CA HIS AC 119 33.02 -24.52 42.77
C HIS AC 119 31.76 -24.78 43.59
N LEU AC 120 31.91 -25.47 44.71
CA LEU AC 120 30.77 -25.78 45.56
C LEU AC 120 30.23 -24.51 46.21
N VAL AC 121 28.93 -24.29 46.11
CA VAL AC 121 28.32 -23.09 46.67
C VAL AC 121 27.97 -23.34 48.13
N LEU AC 122 28.46 -22.46 49.00
CA LEU AC 122 28.23 -22.61 50.43
C LEU AC 122 26.86 -22.08 50.81
N GLY AC 123 26.43 -22.44 52.02
CA GLY AC 123 25.14 -22.02 52.53
C GLY AC 123 25.21 -21.46 53.94
N GLU AC 124 24.07 -21.48 54.63
CA GLU AC 124 24.03 -20.96 56.00
C GLU AC 124 24.88 -21.79 56.94
N ASN AC 125 24.89 -23.11 56.77
CA ASN AC 125 25.64 -24.02 57.62
C ASN AC 125 27.13 -24.03 57.33
N ASP AC 126 27.59 -23.21 56.37
CA ASP AC 126 28.99 -23.19 55.92
C ASP AC 126 29.41 -24.53 55.35
N ALA AC 127 28.47 -25.25 54.76
CA ALA AC 127 28.70 -26.51 54.06
C ALA AC 127 28.12 -26.41 52.66
N PRO AC 128 28.62 -27.19 51.71
CA PRO AC 128 28.08 -27.13 50.35
C PRO AC 128 26.57 -27.38 50.33
N ILE AC 129 25.87 -26.56 49.56
CA ILE AC 129 24.41 -26.64 49.52
C ILE AC 129 24.01 -27.90 48.77
N THR AC 130 23.30 -28.80 49.44
CA THR AC 130 22.79 -30.03 48.85
C THR AC 130 21.28 -29.97 48.82
N LEU AC 131 20.71 -30.14 47.66
CA LEU AC 131 19.28 -30.07 47.46
C LEU AC 131 18.71 -31.46 47.25
N PRO AC 132 17.43 -31.68 47.56
CA PRO AC 132 16.83 -33.00 47.32
C PRO AC 132 16.95 -33.40 45.86
N ILE AC 133 17.30 -34.66 45.63
CA ILE AC 133 17.59 -35.11 44.27
C ILE AC 133 16.38 -34.99 43.35
N PRO AC 134 15.19 -35.50 43.70
CA PRO AC 134 14.04 -35.34 42.78
C PRO AC 134 13.24 -34.06 43.02
N LEU AC 135 13.76 -32.95 42.52
CA LEU AC 135 13.06 -31.67 42.59
C LEU AC 135 12.37 -31.36 41.26
N SER AC 136 11.43 -30.42 41.31
CA SER AC 136 10.63 -30.07 40.15
C SER AC 136 10.60 -28.58 39.83
N LYS AC 137 10.95 -27.71 40.76
CA LYS AC 137 10.93 -26.27 40.51
C LYS AC 137 11.87 -25.61 41.50
N ILE AC 138 12.96 -25.03 41.00
CA ILE AC 138 13.98 -24.39 41.82
C ILE AC 138 13.91 -22.89 41.55
N GLU AC 139 13.74 -22.10 42.61
CA GLU AC 139 13.72 -20.65 42.51
C GLU AC 139 14.64 -20.06 43.57
N ILE AC 140 15.50 -19.14 43.16
CA ILE AC 140 16.40 -18.45 44.07
C ILE AC 140 15.77 -17.13 44.45
N GLY AC 141 15.63 -16.88 45.74
CA GLY AC 141 14.98 -15.67 46.21
C GLY AC 141 15.84 -14.44 46.05
N ARG AC 142 15.22 -13.29 46.33
CA ARG AC 142 15.94 -12.02 46.25
C ARG AC 142 17.07 -11.96 47.27
N ASP AC 143 16.84 -12.50 48.47
CA ASP AC 143 17.82 -12.46 49.54
C ASP AC 143 18.76 -13.66 49.53
N GLY AC 144 18.68 -14.52 48.52
CA GLY AC 144 19.51 -15.69 48.43
C GLY AC 144 18.85 -16.97 48.90
N THR AC 145 17.62 -16.90 49.38
CA THR AC 145 16.93 -18.10 49.85
C THR AC 145 16.62 -19.03 48.69
N ILE AC 146 16.83 -20.32 48.91
CA ILE AC 146 16.59 -21.35 47.89
C ILE AC 146 15.31 -22.08 48.26
N SER AC 147 14.32 -22.00 47.38
CA SER AC 147 13.04 -22.68 47.55
C SER AC 147 12.87 -23.69 46.43
N VAL AC 148 12.50 -24.92 46.79
CA VAL AC 148 12.39 -26.01 45.84
C VAL AC 148 11.02 -26.66 45.97
N LEU AC 149 10.66 -27.42 44.94
CA LEU AC 149 9.41 -28.16 44.91
C LEU AC 149 9.72 -29.63 44.67
N PRO AC 150 9.32 -30.54 45.57
CA PRO AC 150 9.64 -31.96 45.38
C PRO AC 150 8.97 -32.52 44.14
N GLN AC 151 9.52 -33.63 43.65
CA GLN AC 151 9.00 -34.30 42.46
C GLN AC 151 7.54 -34.70 42.66
N GLY AC 152 6.66 -34.15 41.82
CA GLY AC 152 5.25 -34.51 41.89
C GLY AC 152 4.49 -33.89 43.04
N ALA AC 153 5.00 -32.80 43.61
CA ALA AC 153 4.30 -32.19 44.72
C ALA AC 153 3.41 -31.05 44.23
N PRO AC 154 2.31 -30.76 44.94
CA PRO AC 154 1.47 -29.63 44.54
C PRO AC 154 2.19 -28.30 44.73
N ALA AC 155 1.70 -27.28 44.01
CA ALA AC 155 2.35 -25.98 44.00
C ALA AC 155 2.31 -25.28 45.34
N GLU AC 156 1.50 -25.75 46.28
CA GLU AC 156 1.41 -25.15 47.61
C GLU AC 156 2.37 -25.78 48.61
N GLU AC 157 3.23 -26.70 48.17
CA GLU AC 157 4.21 -27.34 49.04
C GLU AC 157 5.63 -26.82 48.82
N PHE AC 158 5.77 -25.61 48.29
CA PHE AC 158 7.08 -24.98 48.19
C PHE AC 158 7.66 -24.78 49.58
N GLN AC 159 8.93 -25.14 49.75
CA GLN AC 159 9.59 -25.00 51.04
C GLN AC 159 11.00 -24.45 50.83
N ALA AC 160 11.51 -23.77 51.85
CA ALA AC 160 12.86 -23.22 51.84
C ALA AC 160 13.80 -24.21 52.52
N VAL AC 161 14.87 -24.57 51.81
CA VAL AC 161 15.81 -25.56 52.29
C VAL AC 161 17.18 -24.99 52.62
N ASP AC 162 17.56 -23.87 52.00
CA ASP AC 162 18.89 -23.30 52.19
C ASP AC 162 18.85 -21.81 51.91
N ARG AC 163 19.99 -21.17 52.14
CA ARG AC 163 20.19 -19.75 51.85
C ARG AC 163 21.63 -19.56 51.42
N ILE AC 164 21.82 -19.01 50.22
CA ILE AC 164 23.17 -18.86 49.69
C ILE AC 164 23.96 -17.89 50.55
N LYS AC 165 25.17 -18.28 50.92
CA LYS AC 165 26.02 -17.47 51.79
C LYS AC 165 26.57 -16.30 50.99
N LEU AC 166 26.00 -15.12 51.19
CA LEU AC 166 26.42 -13.90 50.51
C LEU AC 166 27.23 -13.04 51.47
N VAL AC 167 28.41 -12.63 51.04
CA VAL AC 167 29.36 -11.92 51.88
C VAL AC 167 29.64 -10.55 51.26
N LYS AC 168 29.64 -9.52 52.08
CA LYS AC 168 29.97 -8.16 51.66
C LYS AC 168 31.06 -7.62 52.59
N PRO AC 169 32.32 -8.01 52.36
CA PRO AC 169 33.41 -7.46 53.17
C PRO AC 169 33.98 -6.21 52.53
N ASN AC 170 35.00 -5.62 53.15
CA ASN AC 170 35.66 -4.47 52.56
C ASN AC 170 36.44 -4.91 51.32
N ASP AC 171 36.21 -4.20 50.21
CA ASP AC 171 36.86 -4.59 48.95
C ASP AC 171 38.36 -4.44 49.03
N GLN AC 172 38.84 -3.43 49.76
CA GLN AC 172 40.28 -3.18 49.87
C GLN AC 172 41.02 -4.24 50.67
N SER AC 173 40.31 -5.13 51.35
CA SER AC 173 40.92 -6.20 52.14
C SER AC 173 40.93 -7.54 51.40
N LEU AC 174 40.57 -7.55 50.13
CA LEU AC 174 40.49 -8.77 49.33
C LEU AC 174 41.56 -8.73 48.24
N PHE AC 175 42.10 -9.91 47.91
CA PHE AC 175 43.04 -10.05 46.82
C PHE AC 175 42.63 -11.24 45.96
N LYS AC 176 42.93 -11.16 44.67
CA LYS AC 176 42.64 -12.26 43.76
C LYS AC 176 43.75 -13.31 43.85
N ASP AC 177 43.36 -14.55 44.08
CA ASP AC 177 44.31 -15.64 44.26
C ASP AC 177 44.66 -16.23 42.89
N THR AC 178 45.39 -17.34 42.90
CA THR AC 178 45.86 -17.97 41.66
C THR AC 178 44.74 -18.64 40.87
N ASN AC 179 43.55 -18.80 41.45
CA ASN AC 179 42.46 -19.51 40.79
C ASN AC 179 41.27 -18.60 40.50
N GLY AC 180 41.46 -17.28 40.61
CA GLY AC 180 40.41 -16.34 40.30
C GLY AC 180 39.44 -16.06 41.42
N LEU AC 181 39.62 -16.66 42.59
CA LEU AC 181 38.76 -16.43 43.74
C LEU AC 181 39.37 -15.36 44.63
N PHE AC 182 38.56 -14.38 45.02
CA PHE AC 182 39.03 -13.33 45.92
C PHE AC 182 39.03 -13.85 47.36
N ARG AC 183 40.14 -13.62 48.06
CA ARG AC 183 40.30 -14.09 49.42
C ARG AC 183 40.83 -12.95 50.29
N HIS AC 184 40.69 -13.12 51.60
CA HIS AC 184 41.19 -12.12 52.54
C HIS AC 184 42.71 -12.05 52.50
N LYS AC 185 43.23 -10.82 52.54
CA LYS AC 185 44.67 -10.66 52.65
C LYS AC 185 45.20 -11.21 53.96
N THR AC 186 44.48 -10.96 55.06
CA THR AC 186 44.83 -11.54 56.35
C THR AC 186 44.34 -12.98 56.41
N PRO AC 187 45.21 -13.96 56.62
CA PRO AC 187 44.77 -15.36 56.61
C PRO AC 187 44.03 -15.73 57.89
N ASN AC 188 43.33 -16.87 57.81
CA ASN AC 188 42.53 -17.38 58.92
C ASN AC 188 41.48 -16.37 59.36
N GLN AC 189 40.87 -15.69 58.39
CA GLN AC 189 39.85 -14.68 58.67
C GLN AC 189 38.50 -15.20 58.21
N PRO AC 190 37.55 -15.41 59.11
CA PRO AC 190 36.24 -15.94 58.69
C PRO AC 190 35.48 -14.95 57.83
N TYR AC 191 34.64 -15.48 56.96
CA TYR AC 191 33.80 -14.68 56.07
C TYR AC 191 32.40 -14.59 56.68
N GLU AC 192 32.07 -13.44 57.25
CA GLU AC 192 30.75 -13.24 57.83
C GLU AC 192 29.71 -13.09 56.73
N ALA AC 193 28.56 -13.74 56.91
CA ALA AC 193 27.49 -13.71 55.92
C ALA AC 193 26.66 -12.44 56.13
N ASP AC 194 26.76 -11.50 55.19
CA ASP AC 194 25.99 -10.27 55.27
C ASP AC 194 24.54 -10.54 54.90
N ALA AC 195 23.64 -9.77 55.52
CA ALA AC 195 22.21 -9.89 55.29
C ALA AC 195 21.68 -8.79 54.38
N THR AC 196 22.57 -8.02 53.74
CA THR AC 196 22.19 -6.93 52.85
C THR AC 196 22.39 -7.27 51.38
N VAL AC 197 23.24 -8.23 51.06
CA VAL AC 197 23.47 -8.61 49.67
C VAL AC 197 22.22 -9.24 49.09
N SER AC 198 21.85 -8.78 47.89
CA SER AC 198 20.66 -9.25 47.21
C SER AC 198 21.02 -9.78 45.82
N LEU AC 199 20.29 -10.79 45.38
CA LEU AC 199 20.53 -11.45 44.10
C LEU AC 199 19.34 -11.23 43.18
N GLN AC 200 19.60 -10.79 41.96
CA GLN AC 200 18.57 -10.65 40.94
C GLN AC 200 18.57 -11.91 40.09
N THR AC 201 17.58 -12.77 40.28
CA THR AC 201 17.53 -14.05 39.59
C THR AC 201 17.22 -13.86 38.12
N GLY AC 202 17.63 -14.85 37.32
CA GLY AC 202 17.37 -14.83 35.90
C GLY AC 202 18.32 -13.97 35.09
N ALA AC 203 19.47 -13.59 35.63
CA ALA AC 203 20.43 -12.79 34.90
C ALA AC 203 21.85 -13.24 35.27
N ILE AC 204 22.78 -12.95 34.36
CA ILE AC 204 24.19 -13.29 34.51
C ILE AC 204 24.99 -12.00 34.49
N GLU AC 205 25.93 -11.88 35.43
CA GLU AC 205 26.79 -10.70 35.50
C GLU AC 205 28.09 -10.99 34.75
N GLY AC 206 28.40 -10.16 33.76
CA GLY AC 206 29.59 -10.32 32.96
C GLY AC 206 30.78 -9.60 33.56
N SER AC 207 31.76 -9.32 32.70
CA SER AC 207 32.97 -8.62 33.14
C SER AC 207 32.72 -7.13 33.24
N ASN AC 208 33.71 -6.42 33.78
CA ASN AC 208 33.66 -4.96 33.90
C ASN AC 208 34.89 -4.33 33.28
N VAL AC 209 35.52 -5.00 32.33
CA VAL AC 209 36.71 -4.49 31.67
C VAL AC 209 36.30 -3.36 30.73
N ASN AC 210 36.88 -2.18 30.94
CA ASN AC 210 36.63 -1.02 30.09
C ASN AC 210 37.59 -1.13 28.90
N ALA AC 211 37.07 -1.57 27.76
CA ALA AC 211 37.93 -1.87 26.61
C ALA AC 211 38.68 -0.64 26.13
N VAL AC 212 38.00 0.51 26.11
CA VAL AC 212 38.66 1.74 25.67
C VAL AC 212 39.76 2.13 26.64
N GLY AC 213 39.53 1.93 27.94
CA GLY AC 213 40.58 2.19 28.92
C GLY AC 213 41.79 1.33 28.70
N GLU AC 214 41.59 0.07 28.31
CA GLU AC 214 42.71 -0.81 27.99
C GLU AC 214 43.42 -0.34 26.73
N MET AC 215 42.66 0.08 25.71
CA MET AC 215 43.27 0.49 24.44
C MET AC 215 44.15 1.72 24.61
N THR AC 216 43.69 2.72 25.35
CA THR AC 216 44.49 3.93 25.53
C THR AC 216 45.69 3.67 26.43
N ALA AC 217 45.57 2.71 27.34
CA ALA AC 217 46.73 2.30 28.14
C ALA AC 217 47.72 1.54 27.27
N LEU AC 218 47.23 0.76 26.32
CA LEU AC 218 48.12 0.00 25.44
C LEU AC 218 49.00 0.93 24.61
N ILE AC 219 48.40 1.96 24.00
CA ILE AC 219 49.17 2.82 23.11
C ILE AC 219 50.18 3.65 23.90
N ASP AC 220 49.88 3.94 25.17
CA ASP AC 220 50.84 4.66 26.00
C ASP AC 220 52.00 3.76 26.40
N LEU AC 221 51.73 2.48 26.67
CA LEU AC 221 52.79 1.56 27.04
C LEU AC 221 53.75 1.32 25.87
N GLN AC 222 53.23 1.28 24.65
CA GLN AC 222 54.08 1.13 23.48
C GLN AC 222 55.03 2.29 23.33
N ARG AC 223 54.53 3.52 23.50
CA ARG AC 223 55.36 4.70 23.30
C ARG AC 223 56.43 4.81 24.38
N GLN AC 224 56.07 4.56 25.64
CA GLN AC 224 57.06 4.61 26.71
C GLN AC 224 58.09 3.51 26.56
N PHE AC 225 57.70 2.39 25.97
CA PHE AC 225 58.63 1.24 25.83
C PHE AC 225 59.56 1.52 24.66
N GLU AC 226 59.16 2.37 23.75
CA GLU AC 226 59.97 2.54 22.53
C GLU AC 226 60.79 3.80 22.67
N MET AC 227 60.71 4.47 23.81
CA MET AC 227 61.57 5.62 24.07
C MET AC 227 62.62 5.06 25.00
N GLN AC 228 62.27 4.04 25.77
CA GLN AC 228 63.31 3.38 26.57
C GLN AC 228 64.23 2.55 25.69
N VAL AC 229 63.69 1.98 24.61
CA VAL AC 229 64.52 1.24 23.66
C VAL AC 229 65.52 2.19 23.00
N LYS AC 230 65.06 3.39 22.63
CA LYS AC 230 65.96 4.39 22.06
C LYS AC 230 67.05 4.79 23.05
N MET AC 231 66.72 4.79 24.35
CA MET AC 231 67.72 5.09 25.36
C MET AC 231 68.79 4.00 25.42
N MET AC 232 68.38 2.75 25.26
CA MET AC 232 69.35 1.65 25.25
C MET AC 232 70.32 1.78 24.08
N SER AC 233 69.80 2.13 22.90
CA SER AC 233 70.68 2.31 21.74
C SER AC 233 71.56 3.54 21.90
N THR AC 234 71.04 4.58 22.57
CA THR AC 234 71.83 5.77 22.82
C THR AC 234 73.01 5.46 23.74
N ALA AC 235 72.79 4.64 24.77
CA ALA AC 235 73.88 4.25 25.66
C ALA AC 235 74.92 3.43 24.90
N GLU AC 236 74.48 2.55 24.00
CA GLU AC 236 75.41 1.78 23.20
C GLU AC 236 76.23 2.67 22.28
N GLU AC 237 75.60 3.69 21.69
CA GLU AC 237 76.32 4.60 20.80
C GLU AC 237 77.37 5.39 21.56
N MET AC 238 77.06 5.83 22.78
CA MET AC 238 78.02 6.58 23.57
C MET AC 238 79.22 5.74 23.97
N ASP AC 239 79.03 4.43 24.14
CA ASP AC 239 80.14 3.58 24.55
C ASP AC 239 81.16 3.37 23.45
N LYS AC 240 80.69 3.28 22.19
CA LYS AC 240 81.62 3.08 21.08
C LYS AC 240 82.55 4.27 20.91
N SER AC 241 82.06 5.48 21.19
CA SER AC 241 82.92 6.66 21.13
C SER AC 241 84.05 6.58 22.16
N SER AC 242 83.73 6.11 23.38
CA SER AC 242 84.73 6.02 24.43
C SER AC 242 85.79 4.96 24.10
N ASP AC 243 85.46 4.02 23.23
CA ASP AC 243 86.44 3.03 22.80
C ASP AC 243 87.59 3.69 22.03
N SER AC 244 87.31 4.82 21.39
CA SER AC 244 88.35 5.52 20.64
C SER AC 244 89.39 6.16 21.57
N LEU AC 245 89.06 6.30 22.85
CA LEU AC 245 90.01 6.92 23.79
C LEU AC 245 91.29 6.11 23.91
N LEU AC 246 91.16 4.79 24.01
CA LEU AC 246 92.31 3.92 24.27
C LEU AC 246 93.00 3.41 23.01
N ARG AC 247 92.57 3.87 21.82
CA ARG AC 247 93.20 3.42 20.59
C ARG AC 247 94.65 3.88 20.47
N MET AC 248 95.01 4.99 21.09
CA MET AC 248 96.35 5.56 21.03
C MET AC 248 96.83 5.78 19.60
N MET BC 1 84.00 -18.57 14.09
CA MET BC 1 85.14 -18.05 14.83
C MET BC 1 84.91 -18.16 16.34
N ASP BC 2 83.70 -17.81 16.77
CA ASP BC 2 83.32 -17.88 18.18
C ASP BC 2 82.38 -19.02 18.47
N ARG BC 3 81.92 -19.74 17.44
CA ARG BC 3 80.98 -20.86 17.55
C ARG BC 3 79.60 -20.37 17.98
N ALA BC 4 79.48 -19.08 18.30
CA ALA BC 4 78.17 -18.48 18.50
C ALA BC 4 77.57 -18.03 17.18
N LEU BC 5 78.41 -17.84 16.16
CA LEU BC 5 77.91 -17.58 14.81
C LEU BC 5 77.12 -18.77 14.29
N PHE BC 6 77.64 -19.98 14.50
CA PHE BC 6 76.95 -21.17 14.05
C PHE BC 6 75.82 -21.57 14.99
N LEU BC 7 75.96 -21.24 16.28
CA LEU BC 7 74.88 -21.50 17.23
C LEU BC 7 73.65 -20.67 16.89
N ALA BC 8 73.85 -19.42 16.49
CA ALA BC 8 72.74 -18.58 16.05
C ALA BC 8 72.31 -18.91 14.62
N MET BC 9 73.25 -19.31 13.76
CA MET BC 9 72.90 -19.72 12.40
C MET BC 9 72.02 -20.96 12.42
N SER BC 10 72.34 -21.93 13.28
CA SER BC 10 71.54 -23.14 13.35
C SER BC 10 70.14 -22.87 13.87
N GLY BC 11 69.96 -21.82 14.67
CA GLY BC 11 68.63 -21.46 15.12
C GLY BC 11 67.86 -20.71 14.06
N ALA BC 12 68.55 -19.84 13.31
CA ALA BC 12 67.90 -19.11 12.23
C ALA BC 12 67.49 -20.03 11.11
N LYS BC 13 68.31 -21.04 10.81
CA LYS BC 13 67.94 -22.02 9.79
C LYS BC 13 66.70 -22.81 10.19
N GLN BC 14 66.62 -23.22 11.46
CA GLN BC 14 65.46 -23.99 11.92
C GLN BC 14 64.20 -23.14 11.95
N ASN BC 15 64.30 -21.86 12.29
CA ASN BC 15 63.13 -20.98 12.27
C ASN BC 15 62.55 -20.89 10.86
N MET BC 16 63.41 -20.91 9.84
CA MET BC 16 62.91 -20.97 8.47
C MET BC 16 62.16 -22.27 8.21
N GLN BC 17 62.67 -23.38 8.73
CA GLN BC 17 62.02 -24.67 8.52
C GLN BC 17 60.63 -24.70 9.16
N ALA BC 18 60.51 -24.16 10.37
CA ALA BC 18 59.20 -24.08 11.02
C ALA BC 18 58.27 -23.14 10.25
N LEU BC 19 58.83 -22.07 9.68
CA LEU BC 19 58.04 -21.16 8.86
C LEU BC 19 57.47 -21.89 7.64
N GLN BC 20 58.28 -22.73 6.99
CA GLN BC 20 57.80 -23.50 5.86
C GLN BC 20 56.74 -24.50 6.28
N LEU BC 21 56.88 -25.09 7.47
CA LEU BC 21 55.88 -26.03 7.95
C LEU BC 21 54.55 -25.34 8.17
N ARG BC 22 54.55 -24.14 8.74
CA ARG BC 22 53.32 -23.38 8.90
C ARG BC 22 52.77 -22.93 7.54
N ALA BC 23 53.67 -22.69 6.58
CA ALA BC 23 53.23 -22.24 5.26
C ALA BC 23 52.43 -23.32 4.54
N ASN BC 24 52.79 -24.58 4.74
CA ASN BC 24 52.07 -25.68 4.09
C ASN BC 24 50.65 -25.78 4.63
N ASN BC 25 50.44 -25.49 5.91
CA ASN BC 25 49.10 -25.51 6.49
C ASN BC 25 48.22 -24.44 5.86
N LEU BC 26 48.77 -23.24 5.67
CA LEU BC 26 47.98 -22.15 5.07
C LEU BC 26 47.73 -22.40 3.59
N ALA BC 27 48.67 -23.05 2.90
CA ALA BC 27 48.44 -23.45 1.53
C ALA BC 27 47.40 -24.56 1.42
N ASN BC 28 47.10 -25.24 2.52
CA ASN BC 28 46.16 -26.36 2.55
C ASN BC 28 44.96 -26.08 3.44
N VAL BC 29 44.44 -24.84 3.40
CA VAL BC 29 43.26 -24.51 4.19
C VAL BC 29 42.02 -25.17 3.62
N SER BC 30 41.88 -25.20 2.30
CA SER BC 30 40.69 -25.73 1.65
C SER BC 30 40.79 -27.20 1.31
N THR BC 31 41.92 -27.85 1.61
CA THR BC 31 42.08 -29.26 1.29
C THR BC 31 41.13 -30.11 2.12
N THR BC 32 40.60 -31.16 1.48
CA THR BC 32 39.59 -32.01 2.08
C THR BC 32 40.23 -33.05 2.98
N GLY BC 33 39.74 -33.14 4.22
CA GLY BC 33 40.28 -34.11 5.16
C GLY BC 33 41.74 -33.88 5.49
N PHE BC 34 42.14 -32.64 5.68
CA PHE BC 34 43.53 -32.28 5.92
C PHE BC 34 43.73 -31.97 7.39
N ARG BC 35 44.66 -32.68 8.03
CA ARG BC 35 45.00 -32.49 9.42
C ARG BC 35 46.22 -31.58 9.49
N ALA BC 36 46.06 -30.42 10.15
CA ALA BC 36 47.15 -29.46 10.25
C ALA BC 36 48.32 -30.06 11.03
N ASP BC 37 49.54 -29.74 10.59
CA ASP BC 37 50.74 -30.25 11.23
C ASP BC 37 51.18 -29.31 12.34
N LEU BC 38 51.55 -29.88 13.48
CA LEU BC 38 52.05 -29.10 14.61
C LEU BC 38 53.55 -28.91 14.50
N ALA BC 39 54.02 -27.73 14.92
CA ALA BC 39 55.44 -27.41 14.88
C ALA BC 39 55.88 -26.92 16.25
N GLN BC 40 57.06 -27.36 16.68
CA GLN BC 40 57.66 -26.91 17.93
C GLN BC 40 59.16 -26.99 17.81
N ALA BC 41 59.84 -26.59 18.88
CA ALA BC 41 61.30 -26.57 18.94
C ALA BC 41 61.77 -27.42 20.11
N ARG BC 42 62.91 -28.10 19.93
CA ARG BC 42 63.50 -28.92 20.96
C ARG BC 42 64.90 -28.42 21.28
N SER BC 43 65.23 -28.35 22.57
CA SER BC 43 66.53 -27.91 23.03
C SER BC 43 67.42 -29.12 23.26
N MET BC 44 68.53 -29.19 22.53
CA MET BC 44 69.49 -30.28 22.66
C MET BC 44 70.85 -29.71 23.05
N GLN BC 45 71.24 -29.95 24.29
CA GLN BC 45 72.48 -29.42 24.82
C GLN BC 45 73.68 -30.13 24.22
N ALA BC 46 74.76 -29.37 24.03
CA ALA BC 46 76.02 -29.90 23.51
C ALA BC 46 76.85 -30.38 24.70
N TYR BC 47 76.64 -31.64 25.09
CA TYR BC 47 77.36 -32.19 26.23
C TYR BC 47 78.82 -32.44 25.87
N GLY BC 48 79.70 -32.15 26.82
CA GLY BC 48 81.12 -32.32 26.60
C GLY BC 48 81.89 -31.55 27.65
N GLU BC 49 83.20 -31.48 27.44
CA GLU BC 49 84.05 -30.73 28.35
C GLU BC 49 83.77 -29.24 28.21
N GLY BC 50 83.91 -28.53 29.33
CA GLY BC 50 83.68 -27.09 29.37
C GLY BC 50 82.36 -26.74 30.03
N HIS BC 51 82.13 -25.44 30.14
CA HIS BC 51 80.93 -24.95 30.78
C HIS BC 51 79.71 -25.25 29.91
N PRO BC 52 78.60 -25.72 30.51
CA PRO BC 52 77.40 -26.00 29.72
C PRO BC 52 76.68 -24.75 29.27
N SER BC 53 77.18 -24.10 28.23
CA SER BC 53 76.60 -22.85 27.74
C SER BC 53 76.02 -22.93 26.34
N ARG BC 54 76.31 -23.98 25.58
CA ARG BC 54 75.88 -24.10 24.19
C ARG BC 54 74.78 -25.14 24.08
N VAL BC 55 73.58 -24.70 23.71
CA VAL BC 55 72.43 -25.57 23.50
C VAL BC 55 71.83 -25.23 22.15
N PHE BC 56 71.62 -26.25 21.32
CA PHE BC 56 71.04 -26.05 20.01
C PHE BC 56 69.52 -26.22 20.07
N SER BC 57 68.84 -25.63 19.09
CA SER BC 57 67.39 -25.74 18.96
C SER BC 57 67.07 -26.18 17.54
N MET BC 58 66.32 -27.28 17.42
CA MET BC 58 65.90 -27.79 16.12
C MET BC 58 64.40 -28.02 16.15
N THR BC 59 63.75 -27.74 15.01
CA THR BC 59 62.31 -27.88 14.91
C THR BC 59 61.92 -29.32 14.63
N GLU BC 60 60.70 -29.68 15.01
CA GLU BC 60 60.20 -31.02 14.85
C GLU BC 60 58.70 -30.96 14.63
N ARG BC 61 58.12 -32.09 14.24
CA ARG BC 61 56.67 -32.22 14.08
C ARG BC 61 56.15 -33.16 15.14
N PRO BC 62 55.82 -32.65 16.34
CA PRO BC 62 55.38 -33.55 17.42
C PRO BC 62 54.10 -34.30 17.10
N GLY BC 63 53.21 -33.71 16.32
CA GLY BC 63 51.97 -34.38 16.00
C GLY BC 63 51.15 -33.57 15.01
N HIS BC 64 49.85 -33.86 14.97
CA HIS BC 64 48.93 -33.20 14.08
C HIS BC 64 47.68 -32.82 14.85
N ASN BC 65 46.95 -31.84 14.32
CA ASN BC 65 45.69 -31.40 14.90
C ASN BC 65 44.60 -32.35 14.40
N PHE BC 66 44.19 -33.29 15.25
CA PHE BC 66 43.21 -34.30 14.89
C PHE BC 66 41.78 -33.87 15.22
N ALA BC 67 41.54 -32.56 15.32
CA ALA BC 67 40.19 -32.08 15.58
C ALA BC 67 39.32 -32.27 14.34
N GLN BC 68 38.01 -32.26 14.55
CA GLN BC 68 37.08 -32.39 13.45
C GLN BC 68 37.15 -31.17 12.54
N GLY BC 69 37.21 -31.41 11.23
CA GLY BC 69 37.29 -30.34 10.27
C GLY BC 69 35.93 -29.67 10.05
N SER BC 70 35.95 -28.65 9.19
CA SER BC 70 34.74 -27.92 8.86
C SER BC 70 33.95 -28.72 7.83
N VAL BC 71 32.74 -29.13 8.21
CA VAL BC 71 31.91 -29.97 7.35
C VAL BC 71 31.21 -29.12 6.31
N ILE BC 72 31.30 -29.54 5.04
CA ILE BC 72 30.65 -28.85 3.94
C ILE BC 72 29.48 -29.70 3.47
N THR BC 73 28.28 -29.13 3.47
CA THR BC 73 27.09 -29.82 3.00
C THR BC 73 26.96 -29.62 1.49
N THR BC 74 27.05 -30.72 0.74
CA THR BC 74 26.98 -30.67 -0.71
C THR BC 74 25.74 -31.32 -1.27
N GLY BC 75 24.99 -32.08 -0.47
CA GLY BC 75 23.82 -32.78 -0.97
C GLY BC 75 24.16 -33.83 -2.02
N ARG BC 76 25.32 -34.47 -1.88
CA ARG BC 76 25.78 -35.47 -2.82
C ARG BC 76 25.84 -36.82 -2.13
N ASP BC 77 25.31 -37.84 -2.79
CA ASP BC 77 25.24 -39.17 -2.18
C ASP BC 77 26.62 -39.75 -1.92
N LEU BC 78 27.56 -39.54 -2.84
CA LEU BC 78 28.90 -40.10 -2.75
C LEU BC 78 29.87 -39.20 -1.99
N ASP BC 79 29.37 -38.33 -1.12
CA ASP BC 79 30.20 -37.51 -0.24
C ASP BC 79 29.87 -37.88 1.20
N VAL BC 80 30.90 -38.25 1.96
CA VAL BC 80 30.73 -38.66 3.35
C VAL BC 80 31.79 -37.98 4.20
N THR BC 81 31.43 -37.67 5.44
CA THR BC 81 32.36 -37.11 6.41
C THR BC 81 32.28 -37.91 7.69
N ILE BC 82 33.45 -38.12 8.32
CA ILE BC 82 33.51 -38.90 9.55
C ILE BC 82 33.02 -38.06 10.72
N GLU BC 83 32.04 -38.59 11.46
CA GLU BC 83 31.54 -37.90 12.64
C GLU BC 83 32.48 -38.17 13.82
N GLY BC 84 32.94 -37.10 14.46
CA GLY BC 84 33.86 -37.26 15.57
C GLY BC 84 35.21 -37.73 15.11
N SER BC 85 35.71 -38.80 15.74
CA SER BC 85 37.03 -39.34 15.45
C SER BC 85 36.91 -40.62 14.64
N GLY BC 86 37.77 -40.78 13.65
CA GLY BC 86 37.76 -41.97 12.83
C GLY BC 86 38.63 -41.78 11.61
N TRP BC 87 38.67 -42.83 10.79
CA TRP BC 87 39.46 -42.82 9.56
C TRP BC 87 38.80 -43.74 8.54
N ILE BC 88 39.23 -43.59 7.29
CA ILE BC 88 38.78 -44.44 6.19
C ILE BC 88 40.00 -45.15 5.64
N SER BC 89 39.90 -46.47 5.50
CA SER BC 89 41.02 -47.26 5.01
C SER BC 89 41.08 -47.19 3.49
N VAL BC 90 42.21 -46.75 2.96
CA VAL BC 90 42.44 -46.69 1.53
C VAL BC 90 43.84 -47.20 1.24
N LEU BC 91 44.03 -47.75 0.04
CA LEU BC 91 45.34 -48.16 -0.45
C LEU BC 91 45.74 -47.27 -1.62
N ASP BC 92 46.98 -46.77 -1.57
CA ASP BC 92 47.46 -45.85 -2.60
C ASP BC 92 47.90 -46.64 -3.82
N HIS BC 93 48.59 -45.96 -4.74
CA HIS BC 93 49.05 -46.60 -5.98
C HIS BC 93 50.04 -47.72 -5.72
N THR BC 94 50.68 -47.74 -4.56
CA THR BC 94 51.61 -48.80 -4.20
C THR BC 94 50.94 -49.99 -3.53
N GLY BC 95 49.62 -49.99 -3.43
CA GLY BC 95 48.91 -51.07 -2.76
C GLY BC 95 49.25 -51.18 -1.29
N LYS BC 96 49.49 -50.05 -0.63
CA LYS BC 96 49.84 -50.00 0.78
C LYS BC 96 48.70 -49.34 1.54
N GLU BC 97 48.14 -50.05 2.51
CA GLU BC 97 46.98 -49.53 3.24
C GLU BC 97 47.36 -48.31 4.07
N GLY BC 98 46.53 -47.29 4.00
CA GLY BC 98 46.76 -46.08 4.76
C GLY BC 98 45.45 -45.42 5.11
N LEU BC 99 45.41 -44.75 6.25
CA LEU BC 99 44.20 -44.11 6.73
C LEU BC 99 44.04 -42.72 6.12
N THR BC 100 42.81 -42.40 5.72
CA THR BC 100 42.51 -41.11 5.12
C THR BC 100 41.24 -40.55 5.76
N ARG BC 101 40.98 -39.28 5.49
CA ARG BC 101 39.77 -38.62 5.95
C ARG BC 101 39.06 -37.89 4.80
N ASN BC 102 39.44 -38.17 3.56
CA ASN BC 102 38.81 -37.57 2.39
C ASN BC 102 37.68 -38.48 1.93
N GLY BC 103 36.44 -38.08 2.20
CA GLY BC 103 35.30 -38.90 1.87
C GLY BC 103 34.63 -38.52 0.58
N ASN BC 104 35.33 -37.79 -0.29
CA ASN BC 104 34.81 -37.38 -1.58
C ASN BC 104 34.94 -38.59 -2.52
N LEU BC 105 33.95 -39.46 -2.48
CA LEU BC 105 34.01 -40.73 -3.18
C LEU BC 105 33.52 -40.58 -4.63
N LYS BC 106 33.90 -41.55 -5.46
CA LYS BC 106 33.48 -41.59 -6.85
C LYS BC 106 33.53 -43.03 -7.33
N VAL BC 107 32.86 -43.29 -8.45
CA VAL BC 107 32.80 -44.61 -9.06
C VAL BC 107 33.38 -44.51 -10.45
N ASP BC 108 34.35 -45.36 -10.75
CA ASP BC 108 35.01 -45.36 -12.06
C ASP BC 108 34.16 -46.17 -13.05
N GLN BC 109 34.68 -46.36 -14.26
CA GLN BC 109 33.93 -47.10 -15.28
C GLN BC 109 33.81 -48.57 -14.93
N ASN BC 110 34.79 -49.13 -14.22
CA ASN BC 110 34.73 -50.54 -13.85
C ASN BC 110 33.87 -50.77 -12.61
N GLY BC 111 33.52 -49.71 -11.89
CA GLY BC 111 32.67 -49.82 -10.71
C GLY BC 111 33.41 -49.74 -9.40
N MET BC 112 34.73 -49.72 -9.37
CA MET BC 112 35.46 -49.65 -8.11
C MET BC 112 35.25 -48.30 -7.44
N LEU BC 113 34.99 -48.34 -6.13
CA LEU BC 113 34.73 -47.12 -5.37
C LEU BC 113 36.05 -46.50 -4.93
N THR BC 114 36.39 -45.34 -5.50
CA THR BC 114 37.59 -44.62 -5.15
C THR BC 114 37.21 -43.27 -4.52
N ASN BC 115 38.23 -42.54 -4.07
CA ASN BC 115 38.05 -41.22 -3.52
C ASN BC 115 38.56 -40.17 -4.50
N ALA BC 116 38.58 -38.91 -4.06
CA ALA BC 116 38.98 -37.82 -4.95
C ALA BC 116 40.43 -37.96 -5.40
N SER BC 117 41.28 -38.57 -4.58
CA SER BC 117 42.69 -38.72 -4.91
C SER BC 117 42.99 -40.02 -5.65
N GLY BC 118 41.98 -40.84 -5.94
CA GLY BC 118 42.18 -42.08 -6.65
C GLY BC 118 42.56 -43.27 -5.79
N HIS BC 119 42.56 -43.12 -4.47
CA HIS BC 119 42.88 -44.24 -3.60
C HIS BC 119 41.66 -45.14 -3.44
N LEU BC 120 41.85 -46.44 -3.71
CA LEU BC 120 40.76 -47.40 -3.55
C LEU BC 120 40.37 -47.51 -2.08
N VAL BC 121 39.07 -47.52 -1.83
CA VAL BC 121 38.54 -47.59 -0.47
C VAL BC 121 38.30 -49.05 -0.11
N LEU BC 122 38.77 -49.46 1.07
CA LEU BC 122 38.64 -50.83 1.53
C LEU BC 122 37.27 -51.05 2.16
N GLY BC 123 36.94 -52.33 2.37
CA GLY BC 123 35.65 -52.69 2.91
C GLY BC 123 35.71 -53.76 3.99
N GLU BC 124 34.61 -54.49 4.16
CA GLU BC 124 34.55 -55.53 5.18
C GLU BC 124 35.53 -56.66 4.87
N ASN BC 125 35.67 -57.02 3.60
CA ASN BC 125 36.57 -58.11 3.19
C ASN BC 125 38.03 -57.69 3.21
N ASP BC 126 38.33 -56.43 3.54
CA ASP BC 126 39.67 -55.84 3.49
C ASP BC 126 40.20 -55.76 2.07
N ALA BC 127 39.35 -55.92 1.07
CA ALA BC 127 39.67 -55.74 -0.33
C ALA BC 127 38.95 -54.51 -0.87
N PRO BC 128 39.49 -53.88 -1.93
CA PRO BC 128 38.84 -52.69 -2.48
C PRO BC 128 37.40 -52.97 -2.89
N ILE BC 129 36.52 -52.01 -2.60
CA ILE BC 129 35.09 -52.21 -2.82
C ILE BC 129 34.79 -52.11 -4.32
N THR BC 130 34.12 -53.12 -4.84
CA THR BC 130 33.67 -53.14 -6.24
C THR BC 130 32.16 -53.23 -6.27
N LEU BC 131 31.53 -52.34 -7.03
CA LEU BC 131 30.09 -52.30 -7.16
C LEU BC 131 29.66 -52.86 -8.52
N PRO BC 132 28.45 -53.40 -8.60
CA PRO BC 132 27.94 -53.84 -9.92
C PRO BC 132 27.92 -52.67 -10.90
N ILE BC 133 28.24 -52.96 -12.15
CA ILE BC 133 28.47 -51.88 -13.11
C ILE BC 133 27.22 -51.04 -13.37
N PRO BC 134 26.08 -51.61 -13.80
CA PRO BC 134 24.91 -50.76 -14.11
C PRO BC 134 24.01 -50.45 -12.91
N LEU BC 135 24.45 -49.52 -12.08
CA LEU BC 135 23.69 -49.13 -10.91
C LEU BC 135 22.58 -48.14 -11.30
N SER BC 136 21.69 -47.89 -10.33
CA SER BC 136 20.62 -46.91 -10.50
C SER BC 136 20.46 -45.97 -9.33
N LYS BC 137 20.86 -46.35 -8.13
CA LYS BC 137 20.75 -45.48 -6.96
C LYS BC 137 21.73 -45.99 -5.90
N ILE BC 138 22.70 -45.18 -5.54
CA ILE BC 138 23.72 -45.55 -4.56
C ILE BC 138 23.50 -44.72 -3.31
N GLU BC 139 23.26 -45.39 -2.18
CA GLU BC 139 23.10 -44.73 -0.89
C GLU BC 139 24.11 -45.30 0.09
N ILE BC 140 24.88 -44.42 0.72
CA ILE BC 140 25.87 -44.82 1.71
C ILE BC 140 25.22 -44.79 3.08
N GLY BC 141 25.31 -45.89 3.81
CA GLY BC 141 24.74 -45.94 5.14
C GLY BC 141 25.50 -45.10 6.13
N ARG BC 142 24.85 -44.80 7.25
CA ARG BC 142 25.47 -43.98 8.28
C ARG BC 142 26.64 -44.71 8.95
N ASP BC 143 26.54 -46.04 9.05
CA ASP BC 143 27.60 -46.85 9.63
C ASP BC 143 28.61 -47.33 8.59
N GLY BC 144 28.48 -46.88 7.33
CA GLY BC 144 29.39 -47.28 6.27
C GLY BC 144 28.83 -48.32 5.32
N THR BC 145 27.64 -48.85 5.58
CA THR BC 145 27.06 -49.85 4.70
C THR BC 145 26.71 -49.24 3.36
N ILE BC 146 27.01 -49.97 2.29
CA ILE BC 146 26.76 -49.53 0.92
C ILE BC 146 25.61 -50.36 0.35
N SER BC 147 24.49 -49.70 0.07
CA SER BC 147 23.33 -50.34 -0.54
C SER BC 147 23.10 -49.73 -1.91
N VAL BC 148 22.95 -50.59 -2.92
CA VAL BC 148 22.81 -50.14 -4.30
C VAL BC 148 21.52 -50.70 -4.87
N LEU BC 149 21.09 -50.10 -5.98
CA LEU BC 149 19.86 -50.50 -6.66
C LEU BC 149 20.20 -50.90 -8.09
N PRO BC 150 19.90 -52.13 -8.51
CA PRO BC 150 20.19 -52.53 -9.89
C PRO BC 150 19.39 -51.70 -10.88
N GLN BC 151 19.95 -51.56 -12.09
CA GLN BC 151 19.32 -50.72 -13.10
C GLN BC 151 17.96 -51.29 -13.51
N GLY BC 152 16.93 -50.49 -13.32
CA GLY BC 152 15.57 -50.90 -13.64
C GLY BC 152 14.85 -51.66 -12.55
N ALA BC 153 15.52 -51.97 -11.45
CA ALA BC 153 14.90 -52.70 -10.36
C ALA BC 153 13.91 -51.82 -9.61
N PRO BC 154 12.82 -52.40 -9.11
CA PRO BC 154 11.85 -51.61 -8.33
C PRO BC 154 12.44 -51.08 -7.02
N ALA BC 155 11.66 -50.27 -6.31
CA ALA BC 155 12.18 -49.59 -5.13
C ALA BC 155 12.60 -50.58 -4.04
N GLU BC 156 11.83 -51.66 -3.88
CA GLU BC 156 12.10 -52.60 -2.79
C GLU BC 156 13.21 -53.58 -3.17
N GLU BC 157 14.35 -53.07 -3.64
CA GLU BC 157 15.50 -53.91 -3.95
C GLU BC 157 16.78 -53.22 -3.50
N PHE BC 158 16.75 -52.59 -2.33
CA PHE BC 158 17.93 -51.92 -1.77
C PHE BC 158 18.75 -52.91 -0.95
N GLN BC 159 19.50 -53.73 -1.67
CA GLN BC 159 20.36 -54.71 -1.01
C GLN BC 159 21.74 -54.12 -0.77
N ALA BC 160 22.31 -54.48 0.39
CA ALA BC 160 23.65 -54.02 0.76
C ALA BC 160 24.69 -54.90 0.07
N VAL BC 161 25.81 -54.26 -0.31
CA VAL BC 161 26.85 -54.98 -1.05
C VAL BC 161 28.18 -54.93 -0.29
N ASP BC 162 28.40 -53.87 0.48
CA ASP BC 162 29.68 -53.71 1.16
C ASP BC 162 29.52 -52.73 2.31
N ARG BC 163 30.52 -52.71 3.19
CA ARG BC 163 30.56 -51.85 4.36
C ARG BC 163 31.91 -51.14 4.39
N ILE BC 164 31.89 -49.81 4.45
CA ILE BC 164 33.12 -49.04 4.43
C ILE BC 164 33.93 -49.33 5.69
N LYS BC 165 35.22 -49.59 5.51
CA LYS BC 165 36.10 -49.94 6.63
C LYS BC 165 36.48 -48.66 7.37
N LEU BC 166 35.89 -48.45 8.54
CA LEU BC 166 36.17 -47.29 9.38
C LEU BC 166 37.07 -47.72 10.53
N VAL BC 167 38.19 -47.04 10.68
CA VAL BC 167 39.20 -47.38 11.68
C VAL BC 167 39.37 -46.19 12.62
N LYS BC 168 39.37 -46.47 13.92
CA LYS BC 168 39.56 -45.45 14.94
C LYS BC 168 40.66 -45.90 15.89
N PRO BC 169 41.93 -45.74 15.50
CA PRO BC 169 43.03 -46.06 16.41
C PRO BC 169 43.44 -44.85 17.23
N ASN BC 170 44.42 -45.03 18.12
CA ASN BC 170 44.91 -43.91 18.91
C ASN BC 170 45.58 -42.89 18.00
N ASP BC 171 45.22 -41.61 18.18
CA ASP BC 171 45.74 -40.57 17.30
C ASP BC 171 47.24 -40.34 17.52
N GLN BC 172 47.77 -40.76 18.67
CA GLN BC 172 49.18 -40.54 18.96
C GLN BC 172 50.08 -41.59 18.32
N SER BC 173 49.51 -42.67 17.81
CA SER BC 173 50.27 -43.73 17.16
C SER BC 173 50.30 -43.59 15.64
N LEU BC 174 49.71 -42.54 15.09
CA LEU BC 174 49.62 -42.34 13.65
C LEU BC 174 50.55 -41.22 13.21
N PHE BC 175 51.25 -41.43 12.10
CA PHE BC 175 52.11 -40.43 11.51
C PHE BC 175 51.69 -40.20 10.07
N LYS BC 176 51.81 -38.95 9.61
CA LYS BC 176 51.49 -38.62 8.23
C LYS BC 176 52.64 -39.05 7.32
N ASP BC 177 52.33 -39.87 6.32
CA ASP BC 177 53.34 -40.42 5.43
C ASP BC 177 53.70 -39.38 4.37
N THR BC 178 54.46 -39.81 3.36
CA THR BC 178 54.90 -38.90 2.30
C THR BC 178 53.78 -38.53 1.33
N ASN BC 179 52.63 -39.21 1.40
CA ASN BC 179 51.52 -38.95 0.50
C ASN BC 179 50.24 -38.57 1.23
N GLY BC 180 50.36 -38.07 2.46
CA GLY BC 180 49.21 -37.58 3.20
C GLY BC 180 48.34 -38.64 3.84
N LEU BC 181 48.75 -39.90 3.82
CA LEU BC 181 47.99 -40.99 4.42
C LEU BC 181 48.60 -41.36 5.77
N PHE BC 182 47.79 -41.32 6.82
CA PHE BC 182 48.26 -41.63 8.17
C PHE BC 182 48.36 -43.14 8.35
N ARG BC 183 49.51 -43.59 8.88
CA ARG BC 183 49.76 -44.99 9.12
C ARG BC 183 50.30 -45.19 10.52
N HIS BC 184 50.27 -46.43 10.98
CA HIS BC 184 50.85 -46.75 12.28
C HIS BC 184 52.34 -46.48 12.28
N LYS BC 185 52.84 -45.96 13.41
CA LYS BC 185 54.28 -45.80 13.56
C LYS BC 185 54.97 -47.15 13.63
N THR BC 186 54.36 -48.12 14.31
CA THR BC 186 54.86 -49.48 14.32
C THR BC 186 54.45 -50.17 13.02
N PRO BC 187 55.40 -50.70 12.24
CA PRO BC 187 55.05 -51.31 10.95
C PRO BC 187 54.45 -52.70 11.14
N ASN BC 188 53.80 -53.17 10.07
CA ASN BC 188 53.13 -54.48 10.06
C ASN BC 188 52.11 -54.59 11.17
N GLN BC 189 51.39 -53.50 11.44
CA GLN BC 189 50.35 -53.47 12.46
C GLN BC 189 48.99 -53.43 11.78
N PRO BC 190 48.12 -54.42 11.99
CA PRO BC 190 46.84 -54.44 11.29
C PRO BC 190 45.93 -53.30 11.72
N TYR BC 191 45.10 -52.85 10.78
CA TYR BC 191 44.11 -51.80 11.03
C TYR BC 191 42.79 -52.48 11.37
N GLU BC 192 42.37 -52.37 12.62
CA GLU BC 192 41.12 -53.00 13.04
C GLU BC 192 39.93 -52.14 12.63
N ALA BC 193 38.98 -52.75 11.94
CA ALA BC 193 37.79 -52.04 11.44
C ALA BC 193 36.83 -51.81 12.60
N ASP BC 194 36.70 -50.56 13.02
CA ASP BC 194 35.81 -50.22 14.12
C ASP BC 194 34.37 -50.10 13.62
N ALA BC 195 33.43 -50.46 14.49
CA ALA BC 195 32.00 -50.37 14.19
C ALA BC 195 31.31 -49.26 14.96
N THR BC 196 32.07 -48.41 15.64
CA THR BC 196 31.51 -47.29 16.39
C THR BC 196 31.53 -45.98 15.61
N VAL BC 197 32.52 -45.78 14.73
CA VAL BC 197 32.58 -44.57 13.93
C VAL BC 197 31.37 -44.49 13.01
N SER BC 198 30.93 -43.27 12.73
CA SER BC 198 29.75 -43.03 11.91
C SER BC 198 30.06 -42.02 10.83
N LEU BC 199 29.36 -42.14 9.71
CA LEU BC 199 29.52 -41.25 8.57
C LEU BC 199 28.29 -40.35 8.47
N GLN BC 200 28.53 -39.04 8.34
CA GLN BC 200 27.46 -38.09 8.07
C GLN BC 200 27.36 -37.93 6.56
N THR BC 201 26.59 -38.82 5.93
CA THR BC 201 26.49 -38.84 4.48
C THR BC 201 25.86 -37.56 3.96
N GLY BC 202 26.28 -37.16 2.77
CA GLY BC 202 25.83 -35.92 2.19
C GLY BC 202 26.64 -34.70 2.55
N ALA BC 203 27.84 -34.88 3.11
CA ALA BC 203 28.66 -33.76 3.51
C ALA BC 203 30.14 -34.14 3.38
N ILE BC 204 30.98 -33.12 3.27
CA ILE BC 204 32.42 -33.29 3.07
C ILE BC 204 33.14 -32.58 4.20
N GLU BC 205 34.15 -33.24 4.77
CA GLU BC 205 34.92 -32.68 5.88
C GLU BC 205 36.09 -31.87 5.34
N GLY BC 206 36.17 -30.61 5.76
CA GLY BC 206 37.25 -29.73 5.37
C GLY BC 206 38.46 -29.87 6.27
N SER BC 207 39.40 -28.95 6.09
CA SER BC 207 40.61 -28.94 6.89
C SER BC 207 40.38 -28.23 8.23
N ASN BC 208 41.20 -28.59 9.21
CA ASN BC 208 41.10 -28.03 10.55
C ASN BC 208 42.22 -27.02 10.84
N VAL BC 209 42.75 -26.39 9.79
CA VAL BC 209 43.80 -25.41 9.98
C VAL BC 209 43.23 -24.17 10.66
N ASN BC 210 43.81 -23.80 11.78
CA ASN BC 210 43.44 -22.58 12.50
C ASN BC 210 44.28 -21.45 11.92
N ALA BC 211 43.66 -20.60 11.11
CA ALA BC 211 44.39 -19.57 10.39
C ALA BC 211 45.08 -18.59 11.33
N VAL BC 212 44.39 -18.21 12.40
CA VAL BC 212 44.98 -17.30 13.38
C VAL BC 212 46.16 -17.96 14.08
N GLY BC 213 46.02 -19.24 14.42
CA GLY BC 213 47.12 -19.94 15.07
C GLY BC 213 48.39 -19.98 14.23
N GLU BC 214 48.23 -20.08 12.92
CA GLU BC 214 49.40 -20.06 12.04
C GLU BC 214 49.97 -18.65 11.92
N MET BC 215 49.11 -17.64 11.86
CA MET BC 215 49.58 -16.27 11.69
C MET BC 215 50.36 -15.78 12.91
N THR BC 216 49.89 -16.11 14.12
CA THR BC 216 50.60 -15.69 15.32
C THR BC 216 51.89 -16.47 15.48
N ALA BC 217 51.94 -17.71 14.98
CA ALA BC 217 53.19 -18.44 14.95
C ALA BC 217 54.18 -17.79 13.98
N LEU BC 218 53.68 -17.29 12.85
CA LEU BC 218 54.55 -16.66 11.86
C LEU BC 218 55.25 -15.44 12.43
N ILE BC 219 54.49 -14.57 13.12
CA ILE BC 219 55.07 -13.31 13.60
C ILE BC 219 56.10 -13.58 14.69
N ASP BC 220 55.91 -14.65 15.48
CA ASP BC 220 56.90 -15.01 16.48
C ASP BC 220 58.13 -15.64 15.85
N LEU BC 221 57.95 -16.42 14.78
CA LEU BC 221 59.09 -17.00 14.08
C LEU BC 221 59.92 -15.92 13.41
N GLN BC 222 59.28 -14.87 12.89
CA GLN BC 222 60.02 -13.78 12.28
C GLN BC 222 60.90 -13.06 13.29
N ARG BC 223 60.33 -12.70 14.44
CA ARG BC 223 61.08 -11.95 15.44
C ARG BC 223 62.25 -12.76 16.00
N GLN BC 224 62.00 -14.04 16.28
CA GLN BC 224 63.08 -14.90 16.78
C GLN BC 224 64.15 -15.11 15.72
N PHE BC 225 63.74 -15.20 14.45
CA PHE BC 225 64.70 -15.30 13.36
C PHE BC 225 65.57 -14.05 13.29
N GLU BC 226 64.97 -12.88 13.41
CA GLU BC 226 65.71 -11.63 13.27
C GLU BC 226 66.66 -11.41 14.43
N MET BC 227 66.26 -11.82 15.65
CA MET BC 227 67.12 -11.64 16.81
C MET BC 227 68.38 -12.49 16.70
N GLN BC 228 68.25 -13.72 16.20
CA GLN BC 228 69.42 -14.57 16.01
C GLN BC 228 70.33 -14.04 14.92
N VAL BC 229 69.77 -13.38 13.89
CA VAL BC 229 70.60 -12.77 12.86
C VAL BC 229 71.46 -11.66 13.47
N LYS BC 230 70.90 -10.90 14.40
CA LYS BC 230 71.70 -9.90 15.10
C LYS BC 230 72.80 -10.54 15.92
N MET BC 231 72.54 -11.72 16.48
CA MET BC 231 73.59 -12.44 17.19
C MET BC 231 74.72 -12.84 16.25
N MET BC 232 74.39 -13.23 15.02
CA MET BC 232 75.42 -13.52 14.02
C MET BC 232 76.23 -12.27 13.70
N SER BC 233 75.56 -11.12 13.58
CA SER BC 233 76.26 -9.89 13.24
C SER BC 233 77.20 -9.45 14.37
N THR BC 234 76.75 -9.57 15.62
CA THR BC 234 77.60 -9.16 16.73
C THR BC 234 78.71 -10.17 17.00
N ALA BC 235 78.57 -11.39 16.48
CA ALA BC 235 79.62 -12.39 16.63
C ALA BC 235 80.82 -12.05 15.72
N GLU BC 236 80.55 -11.64 14.48
CA GLU BC 236 81.63 -11.24 13.60
C GLU BC 236 82.17 -9.86 13.96
N GLU BC 237 81.34 -9.00 14.54
CA GLU BC 237 81.80 -7.70 14.97
C GLU BC 237 82.83 -7.83 16.09
N MET BC 238 82.58 -8.74 17.04
CA MET BC 238 83.57 -9.02 18.08
C MET BC 238 84.82 -9.64 17.50
N ASP BC 239 84.67 -10.53 16.52
CA ASP BC 239 85.83 -11.18 15.92
C ASP BC 239 86.72 -10.17 15.20
N LYS BC 240 86.12 -9.22 14.47
CA LYS BC 240 86.91 -8.21 13.78
C LYS BC 240 87.68 -7.35 14.78
N SER BC 241 87.04 -6.98 15.89
CA SER BC 241 87.72 -6.16 16.89
C SER BC 241 88.88 -6.90 17.51
N SER BC 242 88.70 -8.18 17.82
CA SER BC 242 89.75 -8.99 18.44
C SER BC 242 90.69 -9.55 17.37
N ASP BC 243 91.18 -8.64 16.53
CA ASP BC 243 92.17 -8.98 15.52
C ASP BC 243 93.35 -8.02 15.52
N SER BC 244 93.28 -6.91 16.27
CA SER BC 244 94.41 -6.02 16.45
C SER BC 244 95.40 -6.54 17.48
N LEU BC 245 95.09 -7.65 18.15
CA LEU BC 245 96.05 -8.24 19.08
C LEU BC 245 97.32 -8.66 18.35
N LEU BC 246 97.17 -9.22 17.16
CA LEU BC 246 98.30 -9.66 16.34
C LEU BC 246 98.72 -8.61 15.31
N ARG BC 247 98.37 -7.34 15.55
CA ARG BC 247 98.60 -6.26 14.59
C ARG BC 247 99.76 -5.36 15.00
N MET BC 248 100.81 -5.95 15.57
CA MET BC 248 102.00 -5.19 15.95
C MET BC 248 102.61 -4.45 14.78
N ASP CC 32 138.62 37.13 33.97
CA ASP CC 32 139.85 36.54 33.39
C ASP CC 32 139.50 35.24 32.66
N PHE CC 33 140.45 34.64 31.94
CA PHE CC 33 140.19 33.38 31.18
C PHE CC 33 139.82 32.23 32.13
N ASN CC 34 140.49 32.19 33.29
CA ASN CC 34 140.16 31.15 34.29
C ASN CC 34 138.69 31.31 34.70
N ASP CC 35 138.29 32.55 35.00
CA ASP CC 35 136.91 32.77 35.48
C ASP CC 35 135.95 32.45 34.32
N LEU CC 36 136.38 32.69 33.09
CA LEU CC 36 135.52 32.34 31.92
C LEU CC 36 135.27 30.84 31.93
N LEU CC 37 136.34 30.04 32.04
CA LEU CC 37 136.17 28.57 32.06
C LEU CC 37 135.24 28.22 33.22
N THR CC 38 135.41 28.85 34.38
CA THR CC 38 134.60 28.46 35.57
C THR CC 38 133.13 28.78 35.32
N LYS CC 39 132.83 29.95 34.78
CA LYS CC 39 131.42 30.38 34.53
C LYS CC 39 130.77 29.45 33.51
N ALA CC 40 131.51 29.08 32.48
CA ALA CC 40 130.91 28.23 31.45
C ALA CC 40 130.41 26.92 32.05
N ILE CC 41 131.20 26.30 32.92
CA ILE CC 41 130.80 25.03 33.53
C ILE CC 41 129.62 25.24 34.47
N ASN CC 42 129.63 26.34 35.23
CA ASN CC 42 128.52 26.63 36.13
C ASN CC 42 127.23 26.88 35.36
N ASN CC 43 127.33 27.35 34.12
CA ASN CC 43 126.16 27.43 33.26
C ASN CC 43 125.65 26.04 32.90
N VAL CC 44 126.57 25.09 32.68
CA VAL CC 44 126.17 23.75 32.26
C VAL CC 44 125.41 23.04 33.37
N ASN CC 45 125.94 23.07 34.60
CA ASN CC 45 125.27 22.38 35.69
C ASN CC 45 123.97 23.07 36.09
N THR CC 46 123.91 24.39 35.94
CA THR CC 46 122.65 25.10 36.20
C THR CC 46 121.55 24.64 35.27
N LEU CC 47 121.87 24.47 33.97
CA LEU CC 47 120.92 23.91 33.04
C LEU CC 47 120.59 22.46 33.39
N GLN CC 48 121.61 21.68 33.77
CA GLN CC 48 121.37 20.29 34.15
C GLN CC 48 120.59 20.19 35.45
N LYS CC 49 120.89 21.07 36.42
CA LYS CC 49 120.14 21.07 37.67
C LYS CC 49 118.69 21.48 37.45
N ALA CC 50 118.46 22.51 36.63
CA ALA CC 50 117.10 22.93 36.35
C ALA CC 50 116.33 21.86 35.57
N SER CC 51 117.00 21.22 34.61
CA SER CC 51 116.36 20.16 33.84
C SER CC 51 115.99 18.98 34.73
N GLY CC 52 116.89 18.59 35.64
CA GLY CC 52 116.61 17.47 36.52
C GLY CC 52 115.46 17.74 37.46
N ASP CC 53 115.37 18.97 37.99
CA ASP CC 53 114.28 19.31 38.89
C ASP CC 53 112.93 19.26 38.19
N LEU CC 54 112.86 19.79 36.96
CA LEU CC 54 111.61 19.75 36.21
C LEU CC 54 111.20 18.32 35.87
N GLN CC 55 112.19 17.46 35.57
CA GLN CC 55 111.88 16.06 35.28
C GLN CC 55 111.30 15.37 36.51
N THR CC 56 111.89 15.62 37.69
CA THR CC 56 111.39 14.97 38.90
C THR CC 56 110.02 15.49 39.29
N ARG CC 57 109.80 16.81 39.15
CA ARG CC 57 108.50 17.37 39.52
C ARG CC 57 107.40 16.81 38.62
N PHE CC 58 107.64 16.73 37.32
CA PHE CC 58 106.65 16.16 36.41
C PHE CC 58 106.45 14.67 36.68
N ASP CC 59 107.55 13.95 36.93
CA ASP CC 59 107.45 12.50 37.09
C ASP CC 59 106.66 12.12 38.34
N ARG CC 60 106.81 12.88 39.43
CA ARG CC 60 106.11 12.56 40.67
C ARG CC 60 104.67 13.04 40.68
N GLY CC 61 104.18 13.60 39.58
CA GLY CC 61 102.78 13.92 39.46
C GLY CC 61 102.37 15.32 39.83
N ASP CC 62 103.32 16.25 39.95
CA ASP CC 62 102.95 17.64 40.24
C ASP CC 62 102.12 18.22 39.09
N ALA CC 63 101.07 18.94 39.45
CA ALA CC 63 100.12 19.47 38.49
C ALA CC 63 100.46 20.87 38.00
N ASP CC 64 101.57 21.44 38.47
CA ASP CC 64 101.98 22.77 38.05
C ASP CC 64 103.14 22.73 37.06
N VAL CC 65 103.48 21.55 36.53
CA VAL CC 65 104.59 21.39 35.60
C VAL CC 65 104.04 20.86 34.29
N SER CC 66 104.37 21.53 33.20
CA SER CC 66 103.92 21.16 31.86
C SER CC 66 105.01 20.38 31.14
N LEU CC 67 104.58 19.54 30.20
CA LEU CC 67 105.54 18.73 29.45
C LEU CC 67 106.42 19.58 28.53
N SER CC 68 105.88 20.67 27.98
CA SER CC 68 106.68 21.54 27.13
C SER CC 68 107.83 22.15 27.90
N ASP CC 69 107.59 22.57 29.14
CA ASP CC 69 108.66 23.10 29.97
C ASP CC 69 109.75 22.05 30.21
N VAL CC 70 109.35 20.80 30.43
CA VAL CC 70 110.32 19.73 30.63
C VAL CC 70 111.12 19.50 29.36
N MET CC 71 110.44 19.42 28.21
CA MET CC 71 111.13 19.08 26.96
C MET CC 71 112.06 20.20 26.51
N ILE CC 72 111.65 21.45 26.66
CA ILE CC 72 112.53 22.57 26.33
C ILE CC 72 113.75 22.56 27.23
N ALA CC 73 113.55 22.32 28.53
CA ALA CC 73 114.66 22.35 29.47
C ALA CC 73 115.61 21.17 29.25
N ARG CC 74 115.08 19.98 29.00
CA ARG CC 74 115.94 18.81 28.86
C ARG CC 74 116.71 18.84 27.55
N ASN CC 75 116.10 19.39 26.49
CA ASN CC 75 116.86 19.62 25.26
C ASN CC 75 117.88 20.74 25.45
N LYS CC 76 117.55 21.72 26.28
CA LYS CC 76 118.47 22.82 26.55
C LYS CC 76 119.75 22.32 27.21
N SER CC 77 119.62 21.40 28.17
CA SER CC 77 120.79 20.85 28.84
C SER CC 77 121.53 19.86 27.96
N SER CC 78 120.81 19.16 27.08
CA SER CC 78 121.45 18.19 26.20
C SER CC 78 122.41 18.88 25.23
N VAL CC 79 122.01 20.02 24.67
CA VAL CC 79 122.89 20.77 23.78
C VAL CC 79 124.08 21.31 24.55
N ALA CC 80 123.86 21.81 25.76
CA ALA CC 80 124.95 22.34 26.57
C ALA CC 80 125.96 21.26 26.94
N PHE CC 81 125.46 20.08 27.33
CA PHE CC 81 126.38 19.01 27.73
C PHE CC 81 127.12 18.44 26.52
N ASP CC 82 126.46 18.36 25.36
CA ASP CC 82 127.15 17.97 24.15
C ASP CC 82 128.23 18.99 23.78
N ALA CC 83 127.93 20.29 23.96
CA ALA CC 83 128.90 21.32 23.66
C ALA CC 83 130.13 21.22 24.56
N THR CC 84 129.93 20.97 25.85
CA THR CC 84 131.07 20.89 26.76
C THR CC 84 131.86 19.59 26.56
N VAL CC 85 131.21 18.55 26.03
CA VAL CC 85 131.94 17.34 25.68
C VAL CC 85 132.82 17.58 24.45
N GLN CC 86 132.26 18.25 23.43
CA GLN CC 86 133.03 18.52 22.22
C GLN CC 86 134.19 19.47 22.50
N ILE CC 87 133.95 20.51 23.29
CA ILE CC 87 135.02 21.45 23.63
C ILE CC 87 136.13 20.75 24.39
N ARG CC 88 135.76 19.89 25.34
CA ARG CC 88 136.76 19.14 26.09
C ARG CC 88 137.55 18.21 25.17
N ASN CC 89 136.87 17.56 24.22
CA ASN CC 89 137.55 16.66 23.30
C ASN CC 89 138.55 17.41 22.43
N LYS CC 90 138.16 18.59 21.91
CA LYS CC 90 139.07 19.36 21.07
C LYS CC 90 140.28 19.83 21.85
N LEU CC 91 140.09 20.26 23.10
CA LEU CC 91 141.20 20.74 23.91
C LEU CC 91 142.18 19.60 24.22
N VAL CC 92 141.67 18.41 24.50
CA VAL CC 92 142.55 17.27 24.79
C VAL CC 92 143.31 16.86 23.54
N GLU CC 93 142.65 16.88 22.38
CA GLU CC 93 143.34 16.57 21.14
C GLU CC 93 144.46 17.58 20.86
N ALA CC 94 144.20 18.86 21.13
CA ALA CC 94 145.24 19.86 20.97
C ALA CC 94 146.40 19.61 21.91
N TYR CC 95 146.10 19.25 23.16
CA TYR CC 95 147.17 18.93 24.11
C TYR CC 95 147.98 17.73 23.66
N LYS CC 96 147.29 16.68 23.19
CA LYS CC 96 147.98 15.47 22.74
C LYS CC 96 148.87 15.77 21.54
N ASP CC 97 148.38 16.57 20.60
CA ASP CC 97 149.19 16.91 19.42
C ASP CC 97 150.43 17.70 19.82
N LEU CC 98 150.28 18.68 20.71
CA LEU CC 98 151.43 19.50 21.12
C LEU CC 98 152.47 18.67 21.85
N MET CC 99 152.04 17.78 22.74
CA MET CC 99 152.96 16.99 23.54
C MET CC 99 153.62 15.85 22.77
N ASN CC 100 153.04 15.41 21.65
CA ASN CC 100 153.57 14.32 20.87
C ASN CC 100 154.42 14.80 19.69
N MET CC 101 155.02 15.98 19.82
CA MET CC 101 155.93 16.45 18.79
C MET CC 101 157.36 16.39 19.29
N PRO CC 102 158.30 15.91 18.48
CA PRO CC 102 159.72 15.95 18.88
C PRO CC 102 160.18 17.37 19.11
N VAL CC 103 161.00 17.55 20.14
CA VAL CC 103 161.45 18.88 20.52
C VAL CC 103 162.93 19.04 20.17
N ALA DC 24 142.54 -36.27 7.95
CA ALA DC 24 141.83 -35.18 7.29
C ALA DC 24 142.74 -33.97 7.09
N SER DC 25 142.52 -33.26 5.99
CA SER DC 25 143.31 -32.08 5.66
C SER DC 25 142.48 -30.81 5.81
N GLY DC 26 143.16 -29.67 5.76
CA GLY DC 26 142.48 -28.38 5.85
C GLY DC 26 141.71 -28.00 4.61
N ALA DC 27 142.05 -28.59 3.46
CA ALA DC 27 141.32 -28.30 2.24
C ALA DC 27 139.90 -28.85 2.29
N LYS DC 28 139.72 -30.00 2.94
CA LYS DC 28 138.39 -30.57 3.07
C LYS DC 28 137.47 -29.66 3.87
N VAL DC 29 137.98 -29.06 4.95
CA VAL DC 29 137.19 -28.11 5.71
C VAL DC 29 136.89 -26.87 4.88
N GLY DC 30 137.88 -26.40 4.13
CA GLY DC 30 137.66 -25.25 3.25
C GLY DC 30 136.65 -25.55 2.16
N ALA DC 31 136.74 -26.73 1.55
CA ALA DC 31 135.77 -27.13 0.54
C ALA DC 31 134.37 -27.29 1.15
N ASP DC 32 134.29 -27.85 2.35
CA ASP DC 32 133.01 -27.99 3.02
C ASP DC 32 132.39 -26.63 3.33
N PHE DC 33 133.22 -25.67 3.76
CA PHE DC 33 132.74 -24.32 3.96
C PHE DC 33 132.31 -23.68 2.64
N ASN DC 34 133.06 -23.93 1.57
CA ASN DC 34 132.71 -23.38 0.27
C ASN DC 34 131.38 -23.94 -0.24
N ASP DC 35 131.16 -25.24 -0.05
CA ASP DC 35 129.90 -25.84 -0.49
C ASP DC 35 128.73 -25.33 0.33
N LEU DC 36 128.96 -25.03 1.61
CA LEU DC 36 127.89 -24.46 2.44
C LEU DC 36 127.46 -23.10 1.91
N LEU DC 37 128.43 -22.26 1.52
CA LEU DC 37 128.09 -20.95 0.97
C LEU DC 37 127.42 -21.08 -0.39
N THR DC 38 127.92 -21.98 -1.24
CA THR DC 38 127.31 -22.17 -2.56
C THR DC 38 125.89 -22.69 -2.44
N LYS DC 39 125.65 -23.62 -1.50
CA LYS DC 39 124.30 -24.13 -1.30
C LYS DC 39 123.35 -23.04 -0.85
N ALA DC 40 123.79 -22.18 0.06
CA ALA DC 40 122.94 -21.08 0.53
C ALA DC 40 122.63 -20.11 -0.60
N ILE DC 41 123.62 -19.76 -1.41
CA ILE DC 41 123.41 -18.83 -2.51
C ILE DC 41 122.42 -19.40 -3.52
N ASN DC 42 122.55 -20.69 -3.83
CA ASN DC 42 121.61 -21.34 -4.74
C ASN DC 42 120.20 -21.35 -4.15
N ASN DC 43 120.08 -21.60 -2.85
CA ASN DC 43 118.77 -21.58 -2.21
C ASN DC 43 118.15 -20.19 -2.26
N VAL DC 44 118.95 -19.15 -2.00
CA VAL DC 44 118.45 -17.79 -2.09
C VAL DC 44 118.09 -17.46 -3.54
N ASN DC 45 118.95 -17.86 -4.48
CA ASN DC 45 118.67 -17.61 -5.90
C ASN DC 45 117.42 -18.37 -6.35
N THR DC 46 117.24 -19.60 -5.86
CA THR DC 46 116.05 -20.36 -6.22
C THR DC 46 114.78 -19.65 -5.74
N LEU DC 47 114.79 -19.12 -4.51
CA LEU DC 47 113.63 -18.41 -4.01
C LEU DC 47 113.38 -17.14 -4.80
N GLN DC 48 114.43 -16.40 -5.15
CA GLN DC 48 114.27 -15.16 -5.90
C GLN DC 48 113.67 -15.42 -7.29
N LYS DC 49 114.14 -16.46 -7.96
CA LYS DC 49 113.56 -16.81 -9.27
C LYS DC 49 112.15 -17.35 -9.11
N ALA DC 50 111.90 -18.13 -8.05
CA ALA DC 50 110.56 -18.65 -7.82
C ALA DC 50 109.57 -17.51 -7.56
N SER DC 51 109.99 -16.53 -6.76
CA SER DC 51 109.13 -15.37 -6.50
C SER DC 51 108.90 -14.57 -7.77
N GLY DC 52 109.94 -14.41 -8.59
CA GLY DC 52 109.80 -13.63 -9.82
C GLY DC 52 108.81 -14.24 -10.79
N ASP DC 53 108.84 -15.56 -10.94
CA ASP DC 53 107.88 -16.23 -11.82
C ASP DC 53 106.46 -16.09 -11.30
N LEU DC 54 106.26 -16.29 -10.00
CA LEU DC 54 104.92 -16.19 -9.43
C LEU DC 54 104.39 -14.76 -9.52
N GLN DC 55 105.27 -13.77 -9.38
CA GLN DC 55 104.84 -12.38 -9.52
C GLN DC 55 104.38 -12.10 -10.95
N THR DC 56 105.16 -12.53 -11.95
CA THR DC 56 104.79 -12.24 -13.33
C THR DC 56 103.66 -13.14 -13.81
N ARG DC 57 103.51 -14.33 -13.23
CA ARG DC 57 102.37 -15.17 -13.59
C ARG DC 57 101.06 -14.54 -13.14
N PHE DC 58 101.03 -14.01 -11.91
CA PHE DC 58 99.82 -13.33 -11.44
C PHE DC 58 99.64 -11.98 -12.12
N ASP DC 59 100.74 -11.32 -12.47
CA ASP DC 59 100.67 -10.00 -13.08
C ASP DC 59 100.19 -10.08 -14.53
N ARG DC 60 100.57 -11.14 -15.25
CA ARG DC 60 100.14 -11.27 -16.63
C ARG DC 60 98.66 -11.61 -16.73
N GLY DC 61 98.08 -12.17 -15.67
CA GLY DC 61 96.65 -12.45 -15.66
C GLY DC 61 96.28 -13.92 -15.63
N ASP DC 62 97.22 -14.78 -15.23
CA ASP DC 62 96.94 -16.20 -15.12
C ASP DC 62 96.03 -16.45 -13.91
N ALA DC 63 94.97 -17.21 -14.12
CA ALA DC 63 93.95 -17.44 -13.11
C ALA DC 63 94.25 -18.61 -12.19
N ASP DC 64 95.35 -19.33 -12.43
CA ASP DC 64 95.75 -20.44 -11.57
C ASP DC 64 96.68 -20.02 -10.46
N VAL DC 65 96.98 -18.74 -10.33
CA VAL DC 65 97.91 -18.22 -9.32
C VAL DC 65 97.11 -17.41 -8.31
N SER DC 66 97.36 -17.66 -7.03
CA SER DC 66 96.67 -16.99 -5.94
C SER DC 66 97.53 -15.87 -5.39
N LEU DC 67 96.89 -14.75 -5.06
CA LEU DC 67 97.63 -13.61 -4.49
C LEU DC 67 98.33 -14.00 -3.19
N SER DC 68 97.72 -14.91 -2.43
CA SER DC 68 98.35 -15.37 -1.18
C SER DC 68 99.68 -16.05 -1.44
N ASP DC 69 99.72 -16.93 -2.46
CA ASP DC 69 100.97 -17.62 -2.77
C ASP DC 69 102.02 -16.65 -3.29
N VAL DC 70 101.60 -15.65 -4.07
CA VAL DC 70 102.54 -14.65 -4.56
C VAL DC 70 103.15 -13.86 -3.41
N MET DC 71 102.31 -13.41 -2.48
CA MET DC 71 102.81 -12.66 -1.33
C MET DC 71 103.71 -13.53 -0.45
N ILE DC 72 103.37 -14.81 -0.31
CA ILE DC 72 104.24 -15.74 0.41
C ILE DC 72 105.58 -15.86 -0.30
N ALA DC 73 105.54 -15.98 -1.64
CA ALA DC 73 106.77 -16.17 -2.40
C ALA DC 73 107.70 -14.97 -2.28
N ARG DC 74 107.16 -13.76 -2.40
CA ARG DC 74 108.02 -12.58 -2.33
C ARG DC 74 108.40 -12.24 -0.89
N ASN DC 75 107.60 -12.69 0.09
CA ASN DC 75 108.01 -12.54 1.48
C ASN DC 75 109.24 -13.39 1.78
N LYS DC 76 109.26 -14.63 1.30
CA LYS DC 76 110.39 -15.52 1.56
C LYS DC 76 111.63 -15.06 0.81
N SER DC 77 111.47 -14.62 -0.44
CA SER DC 77 112.62 -14.15 -1.20
C SER DC 77 113.23 -12.90 -0.59
N SER DC 78 112.38 -11.98 -0.11
CA SER DC 78 112.89 -10.78 0.54
C SER DC 78 113.65 -11.11 1.82
N VAL DC 79 113.12 -12.03 2.62
CA VAL DC 79 113.81 -12.44 3.84
C VAL DC 79 115.09 -13.18 3.49
N ALA DC 80 115.05 -14.05 2.46
CA ALA DC 80 116.23 -14.80 2.08
C ALA DC 80 117.35 -13.89 1.61
N PHE DC 81 117.01 -12.87 0.81
CA PHE DC 81 118.04 -11.94 0.33
C PHE DC 81 118.58 -11.08 1.47
N ASP DC 82 117.71 -10.69 2.41
CA ASP DC 82 118.17 -9.90 3.55
C ASP DC 82 119.19 -10.69 4.38
N ALA DC 83 118.98 -12.00 4.52
CA ALA DC 83 119.98 -12.83 5.17
C ALA DC 83 121.28 -12.86 4.37
N THR DC 84 121.18 -12.85 3.04
CA THR DC 84 122.38 -12.82 2.21
C THR DC 84 123.17 -11.54 2.42
N VAL DC 85 122.47 -10.41 2.54
CA VAL DC 85 123.15 -9.13 2.76
C VAL DC 85 123.89 -9.14 4.09
N GLN DC 86 123.24 -9.66 5.14
CA GLN DC 86 123.85 -9.64 6.46
C GLN DC 86 125.14 -10.46 6.49
N ILE DC 87 125.14 -11.64 5.87
CA ILE DC 87 126.33 -12.46 5.85
C ILE DC 87 127.44 -11.79 5.05
N ARG DC 88 127.08 -11.16 3.93
CA ARG DC 88 128.08 -10.47 3.11
C ARG DC 88 128.76 -9.35 3.89
N ASN DC 89 127.98 -8.54 4.61
CA ASN DC 89 128.56 -7.43 5.35
C ASN DC 89 129.50 -7.93 6.44
N LYS DC 90 129.14 -9.01 7.12
CA LYS DC 90 130.01 -9.56 8.16
C LYS DC 90 131.31 -10.10 7.57
N LEU DC 91 131.24 -10.73 6.40
CA LEU DC 91 132.45 -11.23 5.75
C LEU DC 91 133.38 -10.07 5.39
N VAL DC 92 132.83 -9.00 4.82
CA VAL DC 92 133.64 -7.85 4.43
C VAL DC 92 134.22 -7.16 5.66
N GLU DC 93 133.40 -7.01 6.71
CA GLU DC 93 133.89 -6.37 7.93
C GLU DC 93 135.02 -7.16 8.56
N ALA DC 94 134.90 -8.49 8.56
CA ALA DC 94 135.98 -9.33 9.08
C ALA DC 94 137.24 -9.16 8.24
N TYR DC 95 137.11 -9.12 6.92
CA TYR DC 95 138.27 -8.90 6.06
C TYR DC 95 138.88 -7.53 6.29
N LYS DC 96 138.03 -6.50 6.41
CA LYS DC 96 138.54 -5.17 6.71
C LYS DC 96 139.19 -5.10 8.09
N ASP DC 97 138.63 -5.82 9.06
CA ASP DC 97 139.30 -5.97 10.35
C ASP DC 97 140.62 -6.71 10.20
N LEU DC 98 140.63 -7.76 9.37
CA LEU DC 98 141.84 -8.57 9.21
C LEU DC 98 143.00 -7.76 8.63
N MET DC 99 142.72 -6.93 7.61
CA MET DC 99 143.80 -6.20 6.97
C MET DC 99 144.39 -5.11 7.87
N ASN DC 100 143.66 -4.68 8.90
CA ASN DC 100 144.20 -3.73 9.88
C ASN DC 100 144.69 -4.48 11.11
N MET DC 101 145.80 -5.20 10.93
CA MET DC 101 146.42 -5.95 12.00
C MET DC 101 147.93 -5.82 11.91
N PRO DC 102 148.63 -5.84 13.05
CA PRO DC 102 150.09 -5.86 13.02
C PRO DC 102 150.60 -7.16 12.41
N VAL DC 103 151.62 -7.04 11.56
CA VAL DC 103 152.18 -8.19 10.88
C VAL DC 103 153.62 -7.91 10.47
N ALA EC 24 147.53 -2.25 -27.72
CA ALA EC 24 147.70 -2.42 -26.28
C ALA EC 24 148.66 -1.35 -25.74
N SER EC 25 148.24 -0.09 -25.82
CA SER EC 25 149.04 1.04 -25.38
C SER EC 25 148.40 1.68 -24.15
N GLY EC 26 149.21 2.43 -23.40
CA GLY EC 26 148.71 3.08 -22.21
C GLY EC 26 147.65 4.13 -22.53
N ALA EC 27 147.86 4.89 -23.60
CA ALA EC 27 146.86 5.89 -24.01
C ALA EC 27 145.59 5.23 -24.53
N LYS EC 28 145.73 4.11 -25.24
CA LYS EC 28 144.57 3.44 -25.80
C LYS EC 28 143.66 2.90 -24.70
N VAL EC 29 144.23 2.19 -23.74
CA VAL EC 29 143.42 1.63 -22.65
C VAL EC 29 142.89 2.74 -21.76
N GLY EC 30 143.70 3.78 -21.52
CA GLY EC 30 143.22 4.92 -20.75
C GLY EC 30 142.01 5.57 -21.38
N ALA EC 31 142.02 5.70 -22.71
CA ALA EC 31 140.84 6.21 -23.41
C ALA EC 31 139.68 5.21 -23.33
N ASP EC 32 139.98 3.91 -23.44
CA ASP EC 32 138.93 2.91 -23.43
C ASP EC 32 138.18 2.89 -22.10
N PHE EC 33 138.90 2.88 -20.99
CA PHE EC 33 138.24 2.90 -19.69
C PHE EC 33 137.57 4.25 -19.44
N ASN EC 34 138.15 5.32 -19.96
CA ASN EC 34 137.47 6.62 -19.90
C ASN EC 34 136.18 6.59 -20.69
N ASP EC 35 136.19 5.97 -21.87
CA ASP EC 35 134.97 5.82 -22.65
C ASP EC 35 133.95 4.95 -21.91
N LEU EC 36 134.42 3.87 -21.28
CA LEU EC 36 133.53 3.05 -20.45
C LEU EC 36 132.98 3.85 -19.28
N LEU EC 37 133.83 4.64 -18.63
CA LEU EC 37 133.39 5.40 -17.47
C LEU EC 37 132.43 6.53 -17.88
N THR EC 38 132.74 7.24 -18.96
CA THR EC 38 131.88 8.34 -19.38
C THR EC 38 130.55 7.83 -19.93
N LYS EC 39 130.52 6.58 -20.41
CA LYS EC 39 129.25 6.03 -20.89
C LYS EC 39 128.28 5.80 -19.73
N ALA EC 40 128.78 5.27 -18.61
CA ALA EC 40 127.93 5.08 -17.44
C ALA EC 40 127.46 6.42 -16.88
N ILE EC 41 128.34 7.41 -16.84
CA ILE EC 41 127.96 8.73 -16.36
C ILE EC 41 126.88 9.34 -17.25
N ASN EC 42 127.05 9.22 -18.56
CA ASN EC 42 126.02 9.71 -19.48
C ASN EC 42 124.72 8.94 -19.32
N ASN EC 43 124.79 7.63 -19.07
CA ASN EC 43 123.58 6.84 -18.85
C ASN EC 43 122.85 7.32 -17.61
N VAL EC 44 123.57 7.59 -16.52
CA VAL EC 44 122.95 8.13 -15.32
C VAL EC 44 122.37 9.51 -15.61
N ASN EC 45 123.11 10.34 -16.34
CA ASN EC 45 122.61 11.68 -16.69
C ASN EC 45 121.34 11.59 -17.53
N THR EC 46 121.28 10.62 -18.45
CA THR EC 46 120.09 10.46 -19.27
C THR EC 46 118.87 10.10 -18.43
N LEU EC 47 119.05 9.19 -17.47
CA LEU EC 47 117.93 8.79 -16.60
C LEU EC 47 117.44 9.97 -15.76
N GLN EC 48 118.37 10.77 -15.24
CA GLN EC 48 117.98 11.90 -14.40
C GLN EC 48 117.28 12.99 -15.21
N LYS EC 49 117.79 13.29 -16.41
CA LYS EC 49 117.13 14.27 -17.27
C LYS EC 49 115.76 13.80 -17.70
N ALA EC 50 115.64 12.51 -18.07
CA ALA EC 50 114.34 11.97 -18.44
C ALA EC 50 113.38 11.99 -17.27
N SER EC 51 113.86 11.64 -16.07
CA SER EC 51 113.03 11.70 -14.88
C SER EC 51 112.58 13.13 -14.60
N GLY EC 52 113.51 14.09 -14.70
CA GLY EC 52 113.14 15.47 -14.47
C GLY EC 52 112.19 16.02 -15.53
N ASP EC 53 112.38 15.61 -16.78
CA ASP EC 53 111.50 16.06 -17.85
C ASP EC 53 110.08 15.54 -17.66
N LEU EC 54 109.94 14.27 -17.27
CA LEU EC 54 108.61 13.72 -17.01
C LEU EC 54 107.95 14.42 -15.83
N GLN EC 55 108.72 14.71 -14.78
CA GLN EC 55 108.15 15.36 -13.61
C GLN EC 55 107.64 16.76 -13.95
N THR EC 56 108.41 17.52 -14.72
CA THR EC 56 108.03 18.92 -14.97
C THR EC 56 106.87 19.03 -15.95
N ARG EC 57 106.71 18.05 -16.85
CA ARG EC 57 105.56 18.09 -17.75
C ARG EC 57 104.27 17.74 -17.02
N PHE EC 58 104.32 16.71 -16.17
CA PHE EC 58 103.15 16.37 -15.37
C PHE EC 58 102.82 17.47 -14.37
N ASP EC 59 103.85 18.07 -13.76
CA ASP EC 59 103.62 19.11 -12.77
C ASP EC 59 103.07 20.39 -13.39
N ARG EC 60 103.45 20.69 -14.63
CA ARG EC 60 102.97 21.90 -15.27
C ARG EC 60 101.53 21.79 -15.76
N GLY EC 61 100.99 20.58 -15.87
CA GLY EC 61 99.61 20.38 -16.25
C GLY EC 61 99.39 19.68 -17.57
N ASP EC 62 100.42 19.12 -18.19
CA ASP EC 62 100.24 18.40 -19.44
C ASP EC 62 99.32 17.19 -19.23
N ALA EC 63 98.33 17.06 -20.11
CA ALA EC 63 97.33 16.00 -19.94
C ALA EC 63 97.87 14.65 -20.36
N ASP EC 64 98.72 14.60 -21.38
CA ASP EC 64 99.23 13.34 -21.91
C ASP EC 64 100.51 12.90 -21.19
N VAL EC 65 100.47 12.91 -19.86
CA VAL EC 65 101.56 12.41 -19.03
C VAL EC 65 100.93 11.69 -17.84
N SER EC 66 101.23 10.40 -17.70
CA SER EC 66 100.66 9.59 -16.65
C SER EC 66 101.57 9.59 -15.41
N LEU EC 67 100.93 9.51 -14.24
CA LEU EC 67 101.70 9.46 -13.00
C LEU EC 67 102.58 8.23 -12.92
N SER EC 68 102.15 7.13 -13.57
CA SER EC 68 102.97 5.92 -13.57
C SER EC 68 104.31 6.16 -14.28
N ASP EC 69 104.27 6.83 -15.43
CA ASP EC 69 105.51 7.15 -16.13
C ASP EC 69 106.40 8.06 -15.31
N VAL EC 70 105.80 9.03 -14.61
CA VAL EC 70 106.58 9.93 -13.76
C VAL EC 70 107.22 9.15 -12.61
N MET EC 71 106.45 8.27 -11.98
CA MET EC 71 106.97 7.53 -10.82
C MET EC 71 107.98 6.48 -11.24
N ILE EC 72 107.79 5.85 -12.40
CA ILE EC 72 108.76 4.86 -12.88
C ILE EC 72 110.09 5.52 -13.17
N ALA EC 73 110.06 6.68 -13.84
CA ALA EC 73 111.30 7.35 -14.22
C ALA EC 73 112.08 7.83 -13.00
N ARG EC 74 111.39 8.42 -12.02
CA ARG EC 74 112.08 8.96 -10.86
C ARG EC 74 112.60 7.86 -9.95
N ASN EC 75 111.96 6.69 -9.97
CA ASN EC 75 112.52 5.54 -9.26
C ASN EC 75 113.78 5.04 -9.94
N LYS EC 76 113.80 5.05 -11.28
CA LYS EC 76 115.00 4.65 -12.00
C LYS EC 76 116.17 5.58 -11.71
N SER EC 77 115.91 6.90 -11.70
CA SER EC 77 116.98 7.86 -11.47
C SER EC 77 117.55 7.70 -10.06
N SER EC 78 116.69 7.47 -9.06
CA SER EC 78 117.18 7.30 -7.70
C SER EC 78 118.09 6.08 -7.59
N VAL EC 79 117.70 4.97 -8.21
CA VAL EC 79 118.55 3.78 -8.19
C VAL EC 79 119.85 4.04 -8.94
N ALA EC 80 119.77 4.71 -10.09
CA ALA EC 80 120.96 4.99 -10.87
C ALA EC 80 121.91 5.92 -10.11
N PHE EC 81 121.37 6.95 -9.47
CA PHE EC 81 122.22 7.88 -8.71
C PHE EC 81 122.76 7.22 -7.44
N ASP EC 82 121.97 6.34 -6.82
CA ASP EC 82 122.46 5.61 -5.65
C ASP EC 82 123.64 4.72 -6.02
N ALA EC 83 123.59 4.07 -7.17
CA ALA EC 83 124.73 3.27 -7.62
C ALA EC 83 125.94 4.15 -7.90
N THR EC 84 125.71 5.34 -8.46
CA THR EC 84 126.81 6.25 -8.74
C THR EC 84 127.54 6.67 -7.48
N VAL EC 85 126.79 6.97 -6.41
CA VAL EC 85 127.41 7.36 -5.15
C VAL EC 85 128.14 6.19 -4.52
N GLN EC 86 127.52 5.01 -4.52
CA GLN EC 86 128.13 3.85 -3.90
C GLN EC 86 129.40 3.42 -4.64
N ILE EC 87 129.37 3.45 -5.97
CA ILE EC 87 130.57 3.12 -6.74
C ILE EC 87 131.67 4.14 -6.46
N ARG EC 88 131.31 5.43 -6.36
CA ARG EC 88 132.28 6.45 -6.04
C ARG EC 88 132.92 6.20 -4.67
N ASN EC 89 132.11 5.82 -3.68
CA ASN EC 89 132.64 5.55 -2.35
C ASN EC 89 133.62 4.38 -2.38
N LYS EC 90 133.30 3.33 -3.14
CA LYS EC 90 134.23 2.21 -3.28
C LYS EC 90 135.55 2.65 -3.89
N LEU EC 91 135.49 3.47 -4.94
CA LEU EC 91 136.70 3.93 -5.60
C LEU EC 91 137.51 4.86 -4.70
N VAL EC 92 136.85 5.77 -4.00
CA VAL EC 92 137.57 6.69 -3.12
C VAL EC 92 138.19 5.94 -1.95
N GLU EC 93 137.46 5.00 -1.36
CA GLU EC 93 138.04 4.18 -0.30
C GLU EC 93 139.20 3.34 -0.81
N ALA EC 94 139.06 2.76 -2.00
CA ALA EC 94 140.15 1.98 -2.58
C ALA EC 94 141.37 2.87 -2.84
N TYR EC 95 141.15 4.08 -3.33
CA TYR EC 95 142.26 5.01 -3.53
C TYR EC 95 142.92 5.37 -2.20
N LYS EC 96 142.11 5.62 -1.16
CA LYS EC 96 142.68 5.95 0.14
C LYS EC 96 143.43 4.77 0.74
N ASP EC 97 142.94 3.55 0.52
CA ASP EC 97 143.62 2.37 1.04
C ASP EC 97 145.01 2.23 0.45
N LEU EC 98 145.15 2.46 -0.86
CA LEU EC 98 146.45 2.33 -1.50
C LEU EC 98 147.39 3.48 -1.17
N MET EC 99 146.86 4.68 -0.94
CA MET EC 99 147.69 5.84 -0.63
C MET EC 99 148.13 5.89 0.83
N ASN EC 100 147.30 5.40 1.75
CA ASN EC 100 147.59 5.46 3.17
C ASN EC 100 148.28 4.20 3.69
N MET EC 101 148.61 3.26 2.81
CA MET EC 101 149.26 2.04 3.25
C MET EC 101 150.66 2.35 3.79
N PRO EC 102 151.11 1.62 4.81
CA PRO EC 102 152.42 1.92 5.44
C PRO EC 102 153.59 1.35 4.64
N VAL EC 103 153.95 2.04 3.57
CA VAL EC 103 155.10 1.65 2.75
C VAL EC 103 156.39 1.92 3.51
N ASP FC 32 141.12 37.22 -4.91
CA ASP FC 32 139.73 36.98 -5.29
C ASP FC 32 139.22 35.71 -4.63
N PHE FC 33 140.14 34.84 -4.21
CA PHE FC 33 139.71 33.62 -3.52
C PHE FC 33 139.12 33.94 -2.16
N ASN FC 34 139.62 34.99 -1.50
CA ASN FC 34 138.99 35.44 -0.26
C ASN FC 34 137.56 35.91 -0.51
N ASP FC 35 137.34 36.62 -1.62
CA ASP FC 35 135.99 37.05 -1.96
C ASP FC 35 135.09 35.86 -2.25
N LEU FC 36 135.62 34.84 -2.92
CA LEU FC 36 134.81 33.66 -3.25
C LEU FC 36 134.33 32.94 -2.00
N LEU FC 37 135.21 32.81 -1.00
CA LEU FC 37 134.82 32.12 0.23
C LEU FC 37 133.81 32.92 1.02
N THR FC 38 134.01 34.23 1.14
CA THR FC 38 133.08 35.05 1.91
C THR FC 38 131.73 35.15 1.22
N LYS FC 39 131.71 35.23 -0.11
CA LYS FC 39 130.46 35.31 -0.84
C LYS FC 39 129.62 34.06 -0.66
N ALA FC 40 130.26 32.88 -0.66
CA ALA FC 40 129.55 31.64 -0.42
C ALA FC 40 128.99 31.60 1.00
N ILE FC 41 129.79 32.03 1.98
CA ILE FC 41 129.30 32.07 3.37
C ILE FC 41 128.16 33.07 3.50
N ASN FC 42 128.29 34.23 2.86
CA ASN FC 42 127.21 35.22 2.91
C ASN FC 42 125.93 34.68 2.29
N ASN FC 43 126.06 33.85 1.25
CA ASN FC 43 124.88 33.21 0.67
C ASN FC 43 124.22 32.25 1.65
N VAL FC 44 125.03 31.45 2.36
CA VAL FC 44 124.49 30.54 3.36
C VAL FC 44 123.86 31.31 4.50
N ASN FC 45 124.53 32.37 4.96
CA ASN FC 45 123.98 33.18 6.04
C ASN FC 45 122.70 33.89 5.62
N THR FC 46 122.64 34.34 4.37
CA THR FC 46 121.43 35.00 3.88
C THR FC 46 120.25 34.03 3.83
N LEU FC 47 120.49 32.79 3.39
CA LEU FC 47 119.42 31.80 3.35
C LEU FC 47 118.92 31.49 4.75
N GLN FC 48 119.83 31.36 5.72
CA GLN FC 48 119.41 31.06 7.09
C GLN FC 48 118.59 32.19 7.69
N LYS FC 49 118.97 33.43 7.42
CA LYS FC 49 118.19 34.57 7.92
C LYS FC 49 116.79 34.57 7.32
N ALA FC 50 116.67 34.26 6.03
CA ALA FC 50 115.36 34.19 5.40
C ALA FC 50 114.52 33.06 5.99
N SER FC 51 115.15 31.91 6.27
CA SER FC 51 114.42 30.80 6.86
C SER FC 51 113.89 31.15 8.24
N GLY FC 52 114.76 31.69 9.10
CA GLY FC 52 114.31 32.08 10.43
C GLY FC 52 113.30 33.20 10.41
N ASP FC 53 113.42 34.12 9.44
CA ASP FC 53 112.48 35.23 9.34
C ASP FC 53 111.06 34.74 9.06
N LEU FC 54 110.92 33.79 8.12
CA LEU FC 54 109.59 33.28 7.78
C LEU FC 54 109.02 32.46 8.92
N GLN FC 55 109.87 31.68 9.61
CA GLN FC 55 109.39 30.88 10.73
C GLN FC 55 108.88 31.77 11.86
N THR FC 56 109.58 32.87 12.14
CA THR FC 56 109.11 33.80 13.16
C THR FC 56 107.81 34.46 12.77
N ARG FC 57 107.70 34.89 11.50
CA ARG FC 57 106.46 35.51 11.04
C ARG FC 57 105.30 34.52 11.06
N PHE FC 58 105.55 33.29 10.60
CA PHE FC 58 104.49 32.28 10.59
C PHE FC 58 104.07 31.91 12.01
N ASP FC 59 105.04 31.76 12.92
CA ASP FC 59 104.71 31.37 14.28
C ASP FC 59 103.99 32.49 15.03
N ARG FC 60 104.32 33.75 14.72
CA ARG FC 60 103.61 34.86 15.32
C ARG FC 60 102.15 34.91 14.92
N GLY FC 61 101.78 34.25 13.83
CA GLY FC 61 100.42 34.26 13.35
C GLY FC 61 100.14 35.22 12.21
N ASP FC 62 101.16 35.67 11.49
CA ASP FC 62 100.95 36.57 10.36
C ASP FC 62 100.08 35.91 9.30
N ALA FC 63 99.12 36.67 8.77
CA ALA FC 63 98.18 36.11 7.81
C ALA FC 63 98.81 35.94 6.44
N ASP FC 64 99.72 36.83 6.05
CA ASP FC 64 100.31 36.79 4.72
C ASP FC 64 101.58 35.94 4.68
N VAL FC 65 101.49 34.73 5.23
CA VAL FC 65 102.60 33.78 5.21
C VAL FC 65 102.02 32.38 4.97
N SER FC 66 102.53 31.69 3.97
CA SER FC 66 102.10 30.34 3.63
C SER FC 66 103.10 29.32 4.13
N LEU FC 67 102.59 28.18 4.59
CA LEU FC 67 103.46 27.13 5.12
C LEU FC 67 104.42 26.60 4.06
N SER FC 68 104.01 26.62 2.79
CA SER FC 68 104.88 26.14 1.73
C SER FC 68 106.13 27.00 1.62
N ASP FC 69 105.98 28.33 1.70
CA ASP FC 69 107.14 29.20 1.66
C ASP FC 69 108.07 28.96 2.85
N VAL FC 70 107.49 28.74 4.04
CA VAL FC 70 108.30 28.47 5.22
C VAL FC 70 109.06 27.16 5.05
N MET FC 71 108.38 26.12 4.57
CA MET FC 71 109.04 24.83 4.38
C MET FC 71 110.09 24.90 3.27
N ILE FC 72 109.80 25.63 2.20
CA ILE FC 72 110.78 25.81 1.14
C ILE FC 72 112.01 26.57 1.66
N ALA FC 73 111.76 27.62 2.44
CA ALA FC 73 112.87 28.43 2.94
C ALA FC 73 113.77 27.65 3.88
N ARG FC 74 113.18 26.86 4.78
CA ARG FC 74 113.98 26.14 5.76
C ARG FC 74 114.66 24.93 5.13
N ASN FC 75 114.09 24.37 4.06
CA ASN FC 75 114.78 23.30 3.35
C ASN FC 75 116.00 23.83 2.59
N LYS FC 76 115.89 25.02 2.02
CA LYS FC 76 117.05 25.65 1.39
C LYS FC 76 118.14 25.92 2.41
N SER FC 77 117.76 26.41 3.59
CA SER FC 77 118.74 26.68 4.64
C SER FC 77 119.41 25.39 5.11
N SER FC 78 118.64 24.30 5.22
CA SER FC 78 119.22 23.03 5.65
C SER FC 78 120.22 22.51 4.64
N VAL FC 79 119.91 22.61 3.35
CA VAL FC 79 120.82 22.14 2.31
C VAL FC 79 122.09 22.99 2.28
N ALA FC 80 121.94 24.31 2.40
CA ALA FC 80 123.10 25.19 2.37
C ALA FC 80 124.01 24.94 3.56
N PHE FC 81 123.44 24.76 4.75
CA PHE FC 81 124.27 24.53 5.94
C PHE FC 81 124.91 23.15 5.91
N ASP FC 82 124.20 22.16 5.34
CA ASP FC 82 124.82 20.85 5.16
C ASP FC 82 126.01 20.92 4.22
N ALA FC 83 125.90 21.72 3.15
CA ALA FC 83 127.04 21.92 2.27
C ALA FC 83 128.18 22.62 3.00
N THR FC 84 127.87 23.61 3.84
CA THR FC 84 128.90 24.33 4.56
C THR FC 84 129.67 23.42 5.50
N VAL FC 85 128.96 22.54 6.20
CA VAL FC 85 129.61 21.62 7.12
C VAL FC 85 130.50 20.63 6.37
N GLN FC 86 129.97 20.05 5.29
CA GLN FC 86 130.74 19.04 4.56
C GLN FC 86 131.97 19.63 3.91
N ILE FC 87 131.85 20.82 3.33
CA ILE FC 87 133.03 21.48 2.74
C ILE FC 87 134.07 21.77 3.81
N ARG FC 88 133.61 22.24 4.98
CA ARG FC 88 134.54 22.49 6.08
C ARG FC 88 135.23 21.20 6.52
N ASN FC 89 134.47 20.12 6.62
CA ASN FC 89 135.07 18.84 7.01
C ASN FC 89 136.10 18.37 5.99
N LYS FC 90 135.81 18.56 4.70
CA LYS FC 90 136.77 18.16 3.67
C LYS FC 90 138.06 18.97 3.76
N LEU FC 91 137.94 20.28 3.97
CA LEU FC 91 139.13 21.12 4.07
C LEU FC 91 139.93 20.79 5.33
N VAL FC 92 139.25 20.55 6.45
CA VAL FC 92 139.95 20.20 7.68
C VAL FC 92 140.63 18.85 7.55
N GLU FC 93 139.95 17.88 6.93
CA GLU FC 93 140.58 16.58 6.68
C GLU FC 93 141.79 16.72 5.76
N ALA FC 94 141.69 17.57 4.75
CA ALA FC 94 142.84 17.83 3.88
C ALA FC 94 143.98 18.48 4.66
N TYR FC 95 143.64 19.40 5.57
CA TYR FC 95 144.68 20.06 6.37
C TYR FC 95 145.38 19.05 7.28
N LYS FC 96 144.62 18.16 7.92
CA LYS FC 96 145.22 17.22 8.86
C LYS FC 96 146.12 16.21 8.14
N ASP FC 97 145.73 15.81 6.93
CA ASP FC 97 146.57 14.89 6.16
C ASP FC 97 147.91 15.51 5.82
N LEU FC 98 147.93 16.78 5.41
CA LEU FC 98 149.17 17.43 5.05
C LEU FC 98 150.07 17.66 6.26
N MET FC 99 149.50 18.12 7.37
CA MET FC 99 150.30 18.44 8.55
C MET FC 99 150.92 17.20 9.19
N ASN FC 100 150.22 16.07 9.13
CA ASN FC 100 150.71 14.83 9.72
C ASN FC 100 151.69 14.09 8.82
N MET FC 101 151.96 14.61 7.62
CA MET FC 101 152.87 13.96 6.70
C MET FC 101 154.29 14.01 7.26
N PRO FC 102 154.99 12.86 7.34
CA PRO FC 102 156.39 12.88 7.79
C PRO FC 102 157.31 13.46 6.71
N VAL FC 103 157.93 14.60 7.00
CA VAL FC 103 158.85 15.23 6.07
C VAL FC 103 160.22 14.58 6.17
N ASP GC 32 142.00 0.86 52.04
CA ASP GC 32 142.72 2.07 51.68
C ASP GC 32 142.68 2.31 50.18
N PHE GC 33 143.72 2.96 49.64
CA PHE GC 33 143.75 3.25 48.21
C PHE GC 33 143.88 1.99 47.38
N ASN GC 34 144.57 0.97 47.92
CA ASN GC 34 144.69 -0.30 47.21
C ASN GC 34 143.33 -0.98 47.07
N ASP GC 35 142.50 -0.89 48.11
CA ASP GC 35 141.19 -1.54 48.09
C ASP GC 35 140.20 -0.80 47.20
N LEU GC 36 140.55 0.41 46.74
CA LEU GC 36 139.63 1.18 45.91
C LEU GC 36 139.35 0.48 44.59
N LEU GC 37 140.40 -0.07 43.96
CA LEU GC 37 140.21 -0.82 42.72
C LEU GC 37 139.45 -2.11 42.96
N THR GC 38 139.73 -2.79 44.07
CA THR GC 38 139.05 -4.05 44.38
C THR GC 38 137.55 -3.83 44.57
N LYS GC 39 137.17 -2.76 45.28
CA LYS GC 39 135.77 -2.48 45.51
C LYS GC 39 135.05 -2.15 44.20
N ALA GC 40 135.71 -1.39 43.31
CA ALA GC 40 135.09 -1.00 42.05
C ALA GC 40 134.79 -2.22 41.18
N ILE GC 41 135.75 -3.15 41.11
CA ILE GC 41 135.55 -4.34 40.29
C ILE GC 41 134.43 -5.21 40.86
N ASN GC 42 134.38 -5.33 42.19
CA ASN GC 42 133.34 -6.14 42.82
C ASN GC 42 131.96 -5.57 42.55
N ASN GC 43 131.81 -4.25 42.59
CA ASN GC 43 130.53 -3.63 42.29
C ASN GC 43 130.09 -3.91 40.86
N VAL GC 44 131.04 -3.83 39.91
CA VAL GC 44 130.72 -4.16 38.52
C VAL GC 44 130.32 -5.62 38.41
N ASN GC 45 131.04 -6.50 39.09
CA ASN GC 45 130.70 -7.92 39.07
C ASN GC 45 129.33 -8.17 39.68
N THR GC 46 129.01 -7.47 40.77
CA THR GC 46 127.70 -7.62 41.38
C THR GC 46 126.60 -7.10 40.48
N LEU GC 47 126.83 -5.96 39.82
CA LEU GC 47 125.83 -5.43 38.88
C LEU GC 47 125.64 -6.37 37.70
N GLN GC 48 126.72 -6.94 37.18
CA GLN GC 48 126.59 -7.92 36.10
C GLN GC 48 125.89 -9.18 36.59
N LYS GC 49 126.21 -9.63 37.80
CA LYS GC 49 125.60 -10.84 38.33
C LYS GC 49 124.10 -10.66 38.53
N ALA GC 50 123.70 -9.53 39.11
CA ALA GC 50 122.28 -9.27 39.30
C ALA GC 50 121.55 -9.11 37.98
N SER GC 51 122.19 -8.42 37.02
CA SER GC 51 121.58 -8.24 35.70
C SER GC 51 121.39 -9.59 35.00
N GLY GC 52 122.40 -10.46 35.05
CA GLY GC 52 122.28 -11.75 34.41
C GLY GC 52 121.24 -12.63 35.07
N ASP GC 53 121.14 -12.59 36.39
CA ASP GC 53 120.17 -13.42 37.10
C ASP GC 53 118.75 -13.02 36.78
N LEU GC 54 118.47 -11.71 36.71
CA LEU GC 54 117.14 -11.25 36.35
C LEU GC 54 116.77 -11.67 34.94
N GLN GC 55 117.72 -11.60 34.01
CA GLN GC 55 117.44 -12.02 32.64
C GLN GC 55 117.10 -13.49 32.57
N THR GC 56 117.84 -14.34 33.30
CA THR GC 56 117.57 -15.77 33.25
C THR GC 56 116.23 -16.10 33.88
N ARG GC 57 115.88 -15.43 34.99
CA ARG GC 57 114.59 -15.68 35.62
C ARG GC 57 113.44 -15.27 34.72
N PHE GC 58 113.53 -14.09 34.12
CA PHE GC 58 112.46 -13.61 33.25
C PHE GC 58 112.36 -14.46 31.98
N ASP GC 59 113.49 -14.85 31.41
CA ASP GC 59 113.47 -15.54 30.12
C ASP GC 59 112.92 -16.95 30.24
N ARG GC 60 113.09 -17.61 31.39
CA ARG GC 60 112.65 -18.98 31.56
C ARG GC 60 111.20 -19.10 32.02
N GLY GC 61 110.49 -18.00 32.18
CA GLY GC 61 109.06 -18.02 32.44
C GLY GC 61 108.61 -17.66 33.83
N ASP GC 62 109.49 -17.12 34.68
CA ASP GC 62 109.09 -16.70 36.01
C ASP GC 62 108.06 -15.58 35.91
N ALA GC 63 107.02 -15.66 36.74
CA ALA GC 63 105.89 -14.74 36.66
C ALA GC 63 106.13 -13.43 37.42
N ASP GC 64 106.81 -13.50 38.56
CA ASP GC 64 107.01 -12.32 39.40
C ASP GC 64 108.30 -11.57 39.04
N VAL GC 65 108.50 -11.32 37.76
CA VAL GC 65 109.61 -10.52 37.27
C VAL GC 65 109.08 -9.59 36.19
N SER GC 66 109.40 -8.30 36.29
CA SER GC 66 108.94 -7.30 35.35
C SER GC 66 110.07 -6.87 34.42
N LEU GC 67 109.70 -6.49 33.20
CA LEU GC 67 110.69 -6.04 32.24
C LEU GC 67 111.37 -4.75 32.69
N SER GC 68 110.67 -3.91 33.45
CA SER GC 68 111.29 -2.69 33.96
C SER GC 68 112.43 -3.02 34.89
N ASP GC 69 112.24 -4.00 35.78
CA ASP GC 69 113.32 -4.44 36.65
C ASP GC 69 114.46 -5.04 35.84
N VAL GC 70 114.13 -5.80 34.80
CA VAL GC 70 115.17 -6.40 33.96
C VAL GC 70 115.91 -5.31 33.18
N MET GC 71 115.16 -4.38 32.57
CA MET GC 71 115.79 -3.37 31.74
C MET GC 71 116.62 -2.39 32.57
N ILE GC 72 116.15 -2.05 33.77
CA ILE GC 72 116.92 -1.17 34.64
C ILE GC 72 118.24 -1.84 35.03
N ALA GC 73 118.18 -3.12 35.38
CA ALA GC 73 119.38 -3.83 35.82
C ALA GC 73 120.40 -3.97 34.70
N ARG GC 74 119.94 -4.34 33.49
CA ARG GC 74 120.89 -4.58 32.40
C ARG GC 74 121.47 -3.27 31.87
N ASN GC 75 120.67 -2.21 31.87
CA ASN GC 75 121.22 -0.89 31.54
C ASN GC 75 122.16 -0.40 32.63
N LYS GC 76 121.87 -0.75 33.89
CA LYS GC 76 122.75 -0.40 34.99
C LYS GC 76 124.10 -1.08 34.85
N SER GC 77 124.09 -2.37 34.50
CA SER GC 77 125.35 -3.10 34.32
C SER GC 77 126.06 -2.65 33.05
N SER GC 78 125.32 -2.26 32.02
CA SER GC 78 125.94 -1.80 30.79
C SER GC 78 126.75 -0.54 31.01
N VAL GC 79 126.20 0.42 31.76
CA VAL GC 79 126.94 1.64 32.06
C VAL GC 79 128.15 1.33 32.93
N ALA GC 80 128.00 0.40 33.88
CA ALA GC 80 129.10 0.04 34.76
C ALA GC 80 130.25 -0.60 33.97
N PHE GC 81 129.92 -1.49 33.03
CA PHE GC 81 130.97 -2.15 32.25
C PHE GC 81 131.61 -1.18 31.28
N ASP GC 82 130.85 -0.22 30.75
CA ASP GC 82 131.45 0.81 29.91
C ASP GC 82 132.45 1.63 30.71
N ALA GC 83 132.15 1.90 31.98
CA ALA GC 83 133.06 2.67 32.82
C ALA GC 83 134.38 1.95 33.02
N THR GC 84 134.33 0.65 33.32
CA THR GC 84 135.56 -0.08 33.61
C THR GC 84 136.38 -0.32 32.34
N VAL GC 85 135.74 -0.36 31.17
CA VAL GC 85 136.49 -0.45 29.93
C VAL GC 85 137.22 0.86 29.65
N GLN GC 86 136.53 1.98 29.81
CA GLN GC 86 137.15 3.27 29.57
C GLN GC 86 138.24 3.58 30.58
N ILE GC 87 138.01 3.22 31.85
CA ILE GC 87 139.02 3.44 32.88
C ILE GC 87 140.26 2.59 32.60
N ARG GC 88 140.06 1.35 32.19
CA ARG GC 88 141.20 0.49 31.83
C ARG GC 88 141.99 1.07 30.68
N ASN GC 89 141.29 1.55 29.64
CA ASN GC 89 141.97 2.10 28.47
C ASN GC 89 142.78 3.33 28.83
N LYS GC 90 142.24 4.18 29.71
CA LYS GC 90 142.99 5.36 30.14
C LYS GC 90 144.26 4.97 30.89
N LEU GC 91 144.18 3.96 31.76
CA LEU GC 91 145.35 3.53 32.52
C LEU GC 91 146.40 2.90 31.61
N VAL GC 92 145.97 2.01 30.70
CA VAL GC 92 146.89 1.39 29.77
C VAL GC 92 147.52 2.43 28.85
N GLU GC 93 146.71 3.36 28.35
CA GLU GC 93 147.25 4.44 27.51
C GLU GC 93 148.22 5.30 28.29
N ALA GC 94 147.88 5.63 29.54
CA ALA GC 94 148.80 6.40 30.38
C ALA GC 94 150.07 5.61 30.68
N TYR GC 95 149.94 4.32 30.97
CA TYR GC 95 151.12 3.50 31.22
C TYR GC 95 152.00 3.40 29.99
N LYS GC 96 151.39 3.12 28.83
CA LYS GC 96 152.18 2.97 27.60
C LYS GC 96 152.86 4.28 27.22
N ASP GC 97 152.23 5.41 27.52
CA ASP GC 97 152.85 6.70 27.26
C ASP GC 97 154.11 6.87 28.10
N LEU GC 98 154.07 6.48 29.37
CA LEU GC 98 155.21 6.67 30.25
C LEU GC 98 156.37 5.74 29.90
N MET GC 99 156.08 4.55 29.40
CA MET GC 99 157.13 3.59 29.06
C MET GC 99 157.78 3.87 27.72
N ASN GC 100 157.20 4.73 26.88
CA ASN GC 100 157.74 5.06 25.57
C ASN GC 100 158.48 6.39 25.57
N MET GC 101 159.06 6.78 26.70
CA MET GC 101 159.80 8.02 26.80
C MET GC 101 161.27 7.74 27.00
N PRO GC 102 162.15 8.30 26.16
CA PRO GC 102 163.59 8.09 26.36
C PRO GC 102 164.06 8.68 27.68
N VAL GC 103 165.04 8.01 28.29
CA VAL GC 103 165.67 8.48 29.51
C VAL GC 103 167.18 8.42 29.34
N ASP HC 64 115.70 -28.05 7.81
CA ASP HC 64 116.07 -28.57 9.12
C ASP HC 64 116.70 -27.48 9.97
N VAL HC 65 117.15 -26.40 9.32
CA VAL HC 65 117.77 -25.28 10.00
C VAL HC 65 116.84 -24.09 9.96
N SER HC 66 117.04 -23.16 10.89
CA SER HC 66 116.24 -21.96 11.01
C SER HC 66 117.14 -20.73 11.03
N LEU HC 67 116.52 -19.55 10.98
CA LEU HC 67 117.27 -18.31 11.02
C LEU HC 67 117.96 -18.09 12.37
N SER HC 68 117.38 -18.62 13.45
CA SER HC 68 118.03 -18.50 14.74
C SER HC 68 119.38 -19.22 14.76
N ASP HC 69 119.42 -20.43 14.20
CA ASP HC 69 120.69 -21.16 14.13
C ASP HC 69 121.69 -20.45 13.23
N VAL HC 70 121.22 -19.90 12.12
CA VAL HC 70 122.11 -19.18 11.21
C VAL HC 70 122.67 -17.93 11.89
N MET HC 71 121.81 -17.17 12.56
CA MET HC 71 122.27 -15.94 13.22
C MET HC 71 123.19 -16.25 14.39
N ILE HC 72 122.88 -17.30 15.16
CA ILE HC 72 123.76 -17.71 16.24
C ILE HC 72 125.11 -18.17 15.68
N ALA HC 73 125.07 -18.93 14.60
CA ALA HC 73 126.32 -19.36 13.96
C ALA HC 73 127.12 -18.16 13.45
N ARG HC 74 126.43 -17.18 12.86
CA ARG HC 74 127.11 -15.99 12.39
C ARG HC 74 127.73 -15.21 13.56
N ASN HC 75 126.97 -15.04 14.64
CA ASN HC 75 127.49 -14.30 15.79
C ASN HC 75 128.64 -15.04 16.46
N LYS HC 76 128.53 -16.37 16.60
CA LYS HC 76 129.60 -17.13 17.20
C LYS HC 76 130.88 -17.06 16.37
N SER HC 77 130.74 -17.13 15.05
CA SER HC 77 131.91 -17.02 14.18
C SER HC 77 132.53 -15.63 14.28
N SER HC 78 131.70 -14.59 14.33
CA SER HC 78 132.22 -13.22 14.42
C SER HC 78 132.95 -13.00 15.74
N VAL HC 79 132.40 -13.51 16.85
CA VAL HC 79 133.06 -13.35 18.14
C VAL HC 79 134.35 -14.16 18.19
N ALA HC 80 134.31 -15.39 17.68
CA ALA HC 80 135.52 -16.22 17.67
C ALA HC 80 136.60 -15.62 16.80
N PHE HC 81 136.23 -15.12 15.61
CA PHE HC 81 137.22 -14.51 14.73
C PHE HC 81 137.79 -13.23 15.34
N ASP HC 82 136.94 -12.41 15.96
CA ASP HC 82 137.42 -11.19 16.58
C ASP HC 82 138.32 -11.50 17.77
N ALA HC 83 138.05 -12.61 18.47
CA ALA HC 83 138.87 -12.97 19.63
C ALA HC 83 140.28 -13.36 19.21
N THR HC 84 140.39 -14.21 18.18
CA THR HC 84 141.71 -14.71 17.80
C THR HC 84 142.56 -13.62 17.13
N VAL HC 85 141.91 -12.68 16.44
CA VAL HC 85 142.67 -11.61 15.79
C VAL HC 85 143.29 -10.69 16.83
N GLN HC 86 142.50 -10.28 17.83
CA GLN HC 86 143.00 -9.33 18.82
C GLN HC 86 144.13 -9.93 19.65
N ILE HC 87 143.98 -11.20 20.06
CA ILE HC 87 145.04 -11.85 20.83
C ILE HC 87 146.30 -11.99 20.00
N ARG HC 88 146.16 -12.36 18.73
CA ARG HC 88 147.31 -12.38 17.83
C ARG HC 88 147.94 -11.00 17.73
N ASN HC 89 147.11 -9.96 17.63
CA ASN HC 89 147.63 -8.60 17.57
C ASN HC 89 148.37 -8.23 18.85
N LYS HC 90 147.80 -8.58 20.01
CA LYS HC 90 148.43 -8.24 21.28
C LYS HC 90 149.79 -8.92 21.42
N LEU HC 91 149.88 -10.20 21.07
CA LEU HC 91 151.14 -10.93 21.20
C LEU HC 91 152.20 -10.36 20.26
N VAL HC 92 151.82 -10.05 19.03
CA VAL HC 92 152.78 -9.50 18.07
C VAL HC 92 153.27 -8.13 18.54
N GLU HC 93 152.37 -7.29 19.02
CA GLU HC 93 152.78 -5.99 19.56
C GLU HC 93 153.72 -6.16 20.74
N ALA HC 94 153.46 -7.16 21.59
CA ALA HC 94 154.38 -7.47 22.67
C ALA HC 94 155.74 -7.92 22.15
N TYR HC 95 155.74 -8.73 21.09
CA TYR HC 95 157.01 -9.16 20.49
C TYR HC 95 157.74 -7.98 19.87
N LYS HC 96 157.04 -7.10 19.17
CA LYS HC 96 157.69 -5.96 18.53
C LYS HC 96 158.24 -4.99 19.56
N ASP HC 97 157.56 -4.84 20.69
CA ASP HC 97 158.08 -3.97 21.75
C ASP HC 97 159.38 -4.50 22.32
N LEU HC 98 159.46 -5.82 22.52
CA LEU HC 98 160.67 -6.42 23.07
C LEU HC 98 161.84 -6.31 22.09
N MET HC 99 161.57 -6.49 20.80
CA MET HC 99 162.64 -6.40 19.80
C MET HC 99 163.24 -5.00 19.73
N ASN HC 100 162.42 -3.96 19.86
CA ASN HC 100 162.89 -2.59 19.74
C ASN HC 100 163.20 -2.01 21.12
N MET HC 101 164.23 -2.56 21.76
CA MET HC 101 164.69 -2.05 23.04
C MET HC 101 166.21 -1.86 23.03
N PRO HC 102 166.71 -0.89 23.79
CA PRO HC 102 168.16 -0.68 23.85
C PRO HC 102 168.85 -1.74 24.69
N VAL HC 103 169.72 -2.53 24.06
CA VAL HC 103 170.47 -3.55 24.77
C VAL HC 103 171.62 -2.90 25.52
N ALA IC 36 216.05 -4.29 17.12
CA ALA IC 36 215.76 -5.40 16.22
C ALA IC 36 215.89 -6.73 16.93
N SER IC 37 216.92 -6.85 17.76
CA SER IC 37 217.17 -8.11 18.47
C SER IC 37 216.10 -8.37 19.53
N VAL IC 38 215.61 -7.31 20.18
CA VAL IC 38 214.66 -7.47 21.27
C VAL IC 38 213.36 -8.10 20.76
N LEU IC 39 212.87 -7.65 19.60
CA LEU IC 39 211.62 -8.17 19.08
C LEU IC 39 211.75 -9.61 18.62
N ILE IC 40 212.93 -9.98 18.11
CA ILE IC 40 213.15 -11.35 17.64
C ILE IC 40 213.08 -12.32 18.82
N VAL IC 41 213.79 -12.00 19.91
CA VAL IC 41 213.82 -12.90 21.06
C VAL IC 41 212.44 -13.01 21.69
N GLY IC 42 211.67 -11.92 21.68
CA GLY IC 42 210.30 -11.99 22.15
C GLY IC 42 209.47 -12.96 21.34
N ALA IC 43 209.61 -12.93 20.01
CA ALA IC 43 208.93 -13.91 19.18
C ALA IC 43 209.44 -15.32 19.47
N ILE IC 44 210.74 -15.47 19.69
CA ILE IC 44 211.29 -16.76 20.06
C ILE IC 44 210.74 -17.21 21.41
N SER IC 45 210.63 -16.27 22.36
CA SER IC 45 210.04 -16.59 23.65
C SER IC 45 208.57 -16.97 23.51
N LEU IC 46 207.84 -16.28 22.64
CA LEU IC 46 206.43 -16.61 22.41
C LEU IC 46 206.26 -18.00 21.83
N MET IC 47 207.31 -18.58 21.25
CA MET IC 47 207.20 -19.94 20.72
C MET IC 47 206.96 -20.95 21.84
N TRP IC 48 207.70 -20.82 22.95
CA TRP IC 48 207.59 -21.76 24.06
C TRP IC 48 206.87 -21.15 25.25
N PHE IC 49 207.30 -19.97 25.71
CA PHE IC 49 206.60 -19.32 26.82
C PHE IC 49 205.19 -18.91 26.42
N GLY IC 50 204.98 -18.55 25.15
CA GLY IC 50 203.65 -18.17 24.71
C GLY IC 50 202.62 -19.27 24.84
N GLU IC 51 203.03 -20.51 24.58
CA GLU IC 51 202.11 -21.64 24.76
C GLU IC 51 201.67 -21.78 26.21
N ALA IC 52 202.61 -21.64 27.15
CA ALA IC 52 202.25 -21.63 28.56
C ALA IC 52 201.40 -20.41 28.91
N LEU IC 53 201.72 -19.25 28.31
CA LEU IC 53 200.90 -18.07 28.51
C LEU IC 53 199.49 -18.28 27.96
N ALA IC 54 199.37 -19.02 26.86
CA ALA IC 54 198.04 -19.38 26.35
C ALA IC 54 197.31 -20.27 27.33
N ARG IC 55 198.04 -21.20 27.97
CA ARG IC 55 197.43 -22.03 29.00
C ARG IC 55 196.99 -21.19 30.19
N SER IC 56 197.78 -20.17 30.55
CA SER IC 56 197.41 -19.29 31.65
C SER IC 56 196.13 -18.53 31.34
N LEU IC 57 196.02 -18.01 30.11
CA LEU IC 57 194.81 -17.31 29.71
C LEU IC 57 193.62 -18.27 29.63
N PHE IC 58 193.87 -19.51 29.22
CA PHE IC 58 192.79 -20.50 29.16
C PHE IC 58 192.19 -20.76 30.53
N SER IC 59 193.05 -20.91 31.55
CA SER IC 59 192.56 -21.21 32.88
C SER IC 59 191.78 -20.04 33.48
N ILE IC 60 192.25 -18.82 33.25
CA ILE IC 60 191.60 -17.65 33.84
C ILE IC 60 190.20 -17.48 33.26
N MET IC 61 190.07 -17.61 31.94
CA MET IC 61 188.75 -17.50 31.31
C MET IC 61 187.83 -18.63 31.74
N SER IC 62 188.36 -19.84 31.84
CA SER IC 62 187.52 -20.99 32.21
C SER IC 62 186.98 -20.83 33.63
N ARG IC 63 187.82 -20.38 34.56
CA ARG IC 63 187.38 -20.25 35.95
C ARG IC 63 186.39 -19.09 36.11
N LEU IC 64 186.72 -17.93 35.52
CA LEU IC 64 185.87 -16.75 35.68
C LEU IC 64 184.54 -16.89 34.94
N PHE IC 65 184.44 -17.83 34.01
CA PHE IC 65 183.16 -18.07 33.32
C PHE IC 65 182.30 -19.08 34.07
N ASP IC 66 182.92 -20.11 34.66
CA ASP IC 66 182.19 -21.14 35.40
C ASP IC 66 182.05 -20.70 36.84
N LEU IC 67 180.93 -20.05 37.13
CA LEU IC 67 180.63 -19.58 38.48
C LEU IC 67 179.43 -20.32 39.04
N GLN IC 68 179.44 -20.55 40.34
CA GLN IC 68 178.33 -21.19 41.04
C GLN IC 68 177.43 -20.12 41.66
N ARG IC 69 176.28 -20.57 42.18
CA ARG IC 69 175.36 -19.64 42.84
C ARG IC 69 175.98 -19.04 44.10
N GLU IC 70 176.73 -19.84 44.87
CA GLU IC 70 177.37 -19.34 46.06
C GLU IC 70 178.43 -18.29 45.76
N GLU IC 71 179.21 -18.49 44.69
CA GLU IC 71 180.29 -17.57 44.36
C GLU IC 71 179.75 -16.22 43.91
N ILE IC 72 178.67 -16.23 43.12
CA ILE IC 72 178.13 -14.98 42.58
C ILE IC 72 177.58 -14.10 43.70
N PHE IC 73 176.85 -14.70 44.64
CA PHE IC 73 176.18 -13.92 45.68
C PHE IC 73 177.10 -13.41 46.76
N ASP IC 74 178.38 -13.79 46.75
CA ASP IC 74 179.35 -13.36 47.75
C ASP IC 74 180.35 -12.41 47.09
N THR IC 75 180.42 -11.17 47.60
CA THR IC 75 181.32 -10.19 47.03
C THR IC 75 182.77 -10.51 47.37
N ALA IC 76 183.03 -10.99 48.59
CA ALA IC 76 184.39 -11.30 48.99
C ALA IC 76 185.00 -12.41 48.13
N LYS IC 77 184.20 -13.43 47.81
CA LYS IC 77 184.71 -14.53 47.01
C LYS IC 77 185.08 -14.08 45.60
N LEU IC 78 184.31 -13.14 45.04
CA LEU IC 78 184.63 -12.60 43.72
C LEU IC 78 185.98 -11.89 43.73
N PHE IC 79 186.25 -11.10 44.76
CA PHE IC 79 187.52 -10.38 44.83
C PHE IC 79 188.69 -11.33 45.02
N ASP IC 80 188.47 -12.42 45.78
CA ASP IC 80 189.54 -13.40 45.97
C ASP IC 80 189.94 -14.05 44.65
N ILE IC 81 188.96 -14.45 43.84
CA ILE IC 81 189.27 -15.01 42.53
C ILE IC 81 189.88 -13.96 41.62
N ALA IC 82 189.44 -12.71 41.76
CA ALA IC 82 190.04 -11.62 40.98
C ALA IC 82 191.52 -11.46 41.32
N LEU IC 83 191.85 -11.51 42.60
CA LEU IC 83 193.26 -11.50 43.00
C LEU IC 83 193.97 -12.76 42.54
N GLY IC 84 193.30 -13.91 42.67
CA GLY IC 84 193.92 -15.16 42.24
C GLY IC 84 194.20 -15.21 40.76
N ALA IC 85 193.24 -14.75 39.95
CA ALA IC 85 193.48 -14.67 38.50
C ALA IC 85 194.54 -13.64 38.19
N MET IC 86 194.59 -12.55 38.95
CA MET IC 86 195.62 -11.54 38.75
C MET IC 86 197.01 -12.10 38.99
N THR IC 87 197.22 -12.74 40.14
CA THR IC 87 198.55 -13.23 40.50
C THR IC 87 198.99 -14.37 39.60
N ASP IC 88 198.08 -15.29 39.27
CA ASP IC 88 198.44 -16.39 38.39
C ASP IC 88 198.86 -15.89 37.00
N LEU IC 89 198.36 -14.72 36.61
CA LEU IC 89 198.80 -14.12 35.35
C LEU IC 89 200.22 -13.60 35.44
N LEU IC 90 200.59 -13.04 36.60
CA LEU IC 90 201.84 -12.30 36.71
C LEU IC 90 203.05 -13.17 36.44
N PHE IC 91 203.07 -14.39 36.99
CA PHE IC 91 204.26 -15.23 36.88
C PHE IC 91 204.63 -15.57 35.44
N PRO IC 92 203.72 -16.08 34.60
CA PRO IC 92 204.09 -16.32 33.20
C PRO IC 92 204.40 -15.04 32.44
N LEU IC 93 203.67 -13.95 32.70
CA LEU IC 93 203.95 -12.69 32.01
C LEU IC 93 205.32 -12.15 32.38
N PHE IC 94 205.70 -12.26 33.65
CA PHE IC 94 207.00 -11.76 34.10
C PHE IC 94 208.14 -12.51 33.40
N LEU IC 95 207.98 -13.83 33.23
CA LEU IC 95 209.03 -14.61 32.57
C LEU IC 95 209.24 -14.16 31.14
N VAL IC 96 208.15 -13.92 30.40
CA VAL IC 96 208.26 -13.50 29.01
C VAL IC 96 208.92 -12.12 28.92
N LEU IC 97 208.49 -11.19 29.76
CA LEU IC 97 209.10 -9.86 29.75
C LEU IC 97 210.55 -9.90 30.22
N ALA IC 98 210.87 -10.78 31.16
CA ALA IC 98 212.27 -10.96 31.55
C ALA IC 98 213.09 -11.48 30.39
N THR IC 99 212.53 -12.40 29.59
CA THR IC 99 213.23 -12.86 28.40
C THR IC 99 213.45 -11.72 27.41
N LEU IC 100 212.54 -10.74 27.39
CA LEU IC 100 212.74 -9.55 26.57
C LEU IC 100 213.83 -8.66 27.16
N PHE IC 101 213.83 -8.50 28.48
CA PHE IC 101 214.81 -7.63 29.13
C PHE IC 101 216.22 -8.19 29.03
N THR IC 102 216.37 -9.49 29.25
CA THR IC 102 217.70 -10.09 29.26
C THR IC 102 218.39 -9.95 27.89
N ALA IC 103 217.65 -10.17 26.81
CA ALA IC 103 218.22 -10.03 25.48
C ALA IC 103 218.47 -8.56 25.15
N ALA IC 104 217.67 -7.65 25.70
CA ALA IC 104 217.85 -6.24 25.42
C ALA IC 104 219.20 -5.73 25.93
N MET IC 105 219.58 -6.13 27.15
CA MET IC 105 220.89 -5.73 27.67
C MET IC 105 222.02 -6.37 26.88
N ILE IC 106 221.86 -7.64 26.52
CA ILE IC 106 222.89 -8.34 25.76
C ILE IC 106 222.83 -7.93 24.29
N GLU JC 81 125.19 23.27 45.75
CA GLU JC 81 124.95 22.85 44.38
C GLU JC 81 126.21 22.24 43.75
N ASP JC 82 126.55 21.03 44.19
CA ASP JC 82 127.70 20.34 43.64
C ASP JC 82 127.47 19.99 42.18
N TYR JC 83 128.57 19.72 41.47
CA TYR JC 83 128.50 19.34 40.07
C TYR JC 83 127.61 18.11 39.90
N SER JC 84 126.82 18.11 38.83
CA SER JC 84 125.96 16.96 38.55
C SER JC 84 126.79 15.72 38.26
N VAL JC 85 126.14 14.57 38.37
CA VAL JC 85 126.85 13.29 38.21
C VAL JC 85 127.48 13.21 36.83
N THR JC 86 126.77 13.70 35.80
CA THR JC 86 127.31 13.66 34.44
C THR JC 86 128.57 14.52 34.32
N LEU JC 87 128.57 15.70 34.95
CA LEU JC 87 129.76 16.55 34.92
C LEU JC 87 130.87 15.99 35.80
N GLN JC 88 130.51 15.36 36.92
CA GLN JC 88 131.54 14.77 37.79
C GLN JC 88 132.29 13.66 37.07
N ILE JC 89 131.58 12.83 36.31
CA ILE JC 89 132.23 11.79 35.53
C ILE JC 89 133.10 12.40 34.44
N LEU JC 90 132.60 13.46 33.80
CA LEU JC 90 133.35 14.11 32.73
C LEU JC 90 134.66 14.71 33.26
N ALA JC 91 134.63 15.23 34.49
CA ALA JC 91 135.84 15.78 35.08
C ALA JC 91 136.85 14.67 35.41
N LEU JC 92 136.36 13.55 35.97
CA LEU JC 92 137.26 12.48 36.35
C LEU JC 92 137.89 11.81 35.14
N MET JC 93 137.12 11.64 34.06
CA MET JC 93 137.68 11.06 32.84
C MET JC 93 138.74 11.98 32.24
N THR JC 94 138.60 13.29 32.41
CA THR JC 94 139.60 14.22 31.92
C THR JC 94 140.90 14.10 32.71
N MET JC 95 140.79 13.89 34.03
CA MET JC 95 141.99 13.74 34.86
C MET JC 95 142.77 12.50 34.49
N LEU JC 96 142.08 11.41 34.16
CA LEU JC 96 142.75 10.21 33.69
C LEU JC 96 143.44 10.46 32.35
N GLY JC 97 142.87 11.36 31.53
CA GLY JC 97 143.50 11.70 30.27
C GLY JC 97 144.84 12.40 30.46
N PHE JC 98 144.94 13.21 31.50
CA PHE JC 98 146.18 13.92 31.81
C PHE JC 98 147.05 13.17 32.81
N LEU JC 99 146.77 11.89 33.05
CA LEU JC 99 147.56 11.12 34.01
C LEU JC 99 149.05 11.10 33.71
N PRO JC 100 149.52 10.90 32.47
CA PRO JC 100 150.97 11.02 32.21
C PRO JC 100 151.52 12.39 32.57
N ALA JC 101 150.75 13.46 32.32
CA ALA JC 101 151.22 14.80 32.67
C ALA JC 101 151.33 14.97 34.18
N MET JC 102 150.37 14.44 34.93
CA MET JC 102 150.42 14.54 36.39
C MET JC 102 151.63 13.82 36.96
N VAL JC 103 151.93 12.63 36.43
CA VAL JC 103 153.07 11.86 36.93
C VAL JC 103 154.39 12.54 36.55
N ILE JC 104 154.51 13.03 35.32
CA ILE JC 104 155.79 13.54 34.86
C ILE JC 104 156.05 14.98 35.30
N LEU JC 105 155.04 15.68 35.81
CA LEU JC 105 155.20 17.07 36.20
C LEU JC 105 154.90 17.31 37.67
N MET JC 106 153.84 16.73 38.21
CA MET JC 106 153.41 17.01 39.58
C MET JC 106 153.91 16.02 40.60
N THR JC 107 154.74 15.04 40.19
CA THR JC 107 155.18 14.00 41.11
C THR JC 107 156.69 13.92 41.18
N SER JC 108 157.19 12.87 41.84
CA SER JC 108 158.62 12.64 42.01
C SER JC 108 159.24 11.86 40.87
N PHE JC 109 158.48 11.57 39.81
CA PHE JC 109 158.97 10.73 38.73
C PHE JC 109 160.16 11.37 38.01
N THR JC 110 160.10 12.68 37.78
CA THR JC 110 161.13 13.32 36.97
C THR JC 110 162.49 13.28 37.64
N ARG JC 111 162.56 13.59 38.94
CA ARG JC 111 163.86 13.63 39.61
C ARG JC 111 164.52 12.26 39.63
N ILE JC 112 163.75 11.21 39.92
CA ILE JC 112 164.32 9.86 39.96
C ILE JC 112 164.81 9.46 38.58
N VAL JC 113 164.04 9.78 37.54
CA VAL JC 113 164.41 9.39 36.19
C VAL JC 113 165.69 10.08 35.76
N VAL JC 114 165.84 11.37 36.08
CA VAL JC 114 167.03 12.11 35.67
C VAL JC 114 168.26 11.59 36.40
N VAL JC 115 168.15 11.34 37.72
CA VAL JC 115 169.29 10.86 38.48
C VAL JC 115 169.75 9.50 37.97
N MET JC 116 168.80 8.61 37.65
CA MET JC 116 169.16 7.33 37.04
C MET JC 116 169.82 7.53 35.69
N SER JC 117 169.38 8.54 34.93
CA SER JC 117 169.98 8.80 33.62
C SER JC 117 171.42 9.27 33.76
N ILE JC 118 171.69 10.16 34.72
CA ILE JC 118 173.06 10.63 34.94
C ILE JC 118 173.95 9.48 35.38
N LEU JC 119 173.46 8.65 36.29
CA LEU JC 119 174.25 7.53 36.78
C LEU JC 119 174.59 6.56 35.67
N ARG JC 120 173.63 6.27 34.78
CA ARG JC 120 173.89 5.36 33.67
C ARG JC 120 174.97 5.91 32.75
N GLN JC 121 174.91 7.20 32.44
CA GLN JC 121 175.94 7.82 31.60
C GLN JC 121 177.25 8.00 32.34
N ALA JC 122 177.21 8.04 33.68
CA ALA JC 122 178.44 8.18 34.45
C ALA JC 122 179.36 6.97 34.22
N MET JC 123 178.80 5.78 34.20
CA MET JC 123 179.57 4.58 33.94
C MET JC 123 179.81 4.41 32.45
N GLY JC 124 180.57 3.37 32.10
CA GLY JC 124 180.84 3.10 30.70
C GLY JC 124 179.68 2.52 29.94
N LEU JC 125 178.65 2.04 30.64
CA LEU JC 125 177.49 1.46 29.98
C LEU JC 125 176.61 2.55 29.39
N GLN JC 126 176.30 2.44 28.10
CA GLN JC 126 175.48 3.46 27.46
C GLN JC 126 174.01 3.30 27.82
N GLN JC 127 173.41 2.18 27.44
CA GLN JC 127 172.01 1.88 27.74
C GLN JC 127 171.84 0.43 28.15
N THR JC 128 172.79 -0.08 28.95
CA THR JC 128 172.68 -1.43 29.48
C THR JC 128 171.47 -1.60 30.40
N PRO JC 129 171.20 -0.71 31.37
CA PRO JC 129 169.98 -0.88 32.19
C PRO JC 129 168.69 -0.79 31.40
N SER JC 130 168.72 -0.23 30.19
CA SER JC 130 167.56 -0.10 29.31
C SER JC 130 166.55 0.92 29.85
N ASN JC 131 165.83 1.57 28.93
CA ASN JC 131 164.93 2.66 29.32
C ASN JC 131 163.69 2.16 30.05
N GLN JC 132 163.13 1.02 29.62
CA GLN JC 132 161.92 0.51 30.25
C GLN JC 132 162.15 0.12 31.70
N VAL JC 133 163.32 -0.47 32.00
CA VAL JC 133 163.62 -0.86 33.37
C VAL JC 133 163.81 0.38 34.25
N ILE JC 134 164.48 1.41 33.72
CA ILE JC 134 164.71 2.63 34.49
C ILE JC 134 163.37 3.28 34.85
N ILE JC 135 162.46 3.39 33.88
CA ILE JC 135 161.15 3.96 34.15
C ILE JC 135 160.34 3.03 35.05
N GLY JC 136 160.48 1.72 34.85
CA GLY JC 136 159.78 0.78 35.72
C GLY JC 136 160.19 0.89 37.17
N ILE JC 137 161.49 1.06 37.43
CA ILE JC 137 161.96 1.27 38.79
C ILE JC 137 161.45 2.59 39.34
N ALA JC 138 161.49 3.64 38.51
CA ALA JC 138 161.05 4.96 38.96
C ALA JC 138 159.57 4.98 39.29
N LEU JC 139 158.76 4.26 38.50
CA LEU JC 139 157.32 4.24 38.74
C LEU JC 139 156.99 3.64 40.10
N PHE JC 140 157.68 2.55 40.47
CA PHE JC 140 157.46 1.97 41.79
C PHE JC 140 157.97 2.89 42.89
N LEU JC 141 159.13 3.51 42.67
CA LEU JC 141 159.68 4.42 43.67
C LEU JC 141 158.79 5.64 43.86
N THR JC 142 158.31 6.23 42.76
CA THR JC 142 157.46 7.42 42.87
C THR JC 142 156.10 7.08 43.46
N PHE JC 143 155.67 5.82 43.38
CA PHE JC 143 154.42 5.42 44.04
C PHE JC 143 154.63 5.24 45.53
N PHE JC 144 155.79 4.73 45.94
CA PHE JC 144 156.04 4.51 47.37
C PHE JC 144 156.25 5.81 48.11
N VAL JC 145 157.04 6.72 47.56
CA VAL JC 145 157.33 7.98 48.23
C VAL JC 145 156.10 8.87 48.31
N MET JC 146 155.14 8.69 47.40
CA MET JC 146 153.92 9.48 47.40
C MET JC 146 152.73 8.72 47.98
N SER JC 147 152.97 7.56 48.58
CA SER JC 147 151.91 6.89 49.33
C SER JC 147 151.34 7.73 50.47
N PRO JC 148 152.14 8.46 51.27
CA PRO JC 148 151.52 9.29 52.31
C PRO JC 148 150.55 10.33 51.77
N VAL JC 149 150.94 11.07 50.73
CA VAL JC 149 150.02 12.05 50.16
C VAL JC 149 148.85 11.35 49.46
N LEU JC 150 149.10 10.20 48.84
CA LEU JC 150 148.00 9.43 48.23
C LEU JC 150 147.00 8.99 49.29
N ASN JC 151 147.48 8.53 50.45
CA ASN JC 151 146.57 8.15 51.53
C ASN JC 151 145.84 9.37 52.08
N GLU JC 152 146.54 10.51 52.19
CA GLU JC 152 145.89 11.72 52.70
C GLU JC 152 144.77 12.17 51.78
N ILE JC 153 144.95 12.02 50.48
CA ILE JC 153 143.86 12.30 49.53
C ILE JC 153 142.69 11.36 49.80
N ASN JC 154 142.98 10.07 49.98
CA ASN JC 154 141.93 9.08 50.21
C ASN JC 154 141.19 9.36 51.52
N ASP JC 155 141.94 9.66 52.59
CA ASP JC 155 141.33 9.79 53.91
C ASP JC 155 140.60 11.11 54.10
N LYS JC 156 140.85 12.10 53.25
CA LYS JC 156 140.25 13.42 53.40
C LYS JC 156 139.37 13.84 52.24
N ALA JC 157 139.49 13.22 51.08
CA ALA JC 157 138.76 13.64 49.89
C ALA JC 157 137.99 12.53 49.21
N VAL JC 158 138.43 11.28 49.35
CA VAL JC 158 137.75 10.17 48.68
C VAL JC 158 136.71 9.53 49.60
N GLN JC 159 137.13 9.10 50.78
CA GLN JC 159 136.18 8.46 51.70
C GLN JC 159 135.05 9.38 52.13
N PRO JC 160 135.29 10.64 52.51
CA PRO JC 160 134.14 11.54 52.76
C PRO JC 160 133.25 11.71 51.54
N TYR JC 161 133.84 11.71 50.34
CA TYR JC 161 133.05 11.84 49.12
C TYR JC 161 132.18 10.62 48.89
N LEU JC 162 132.74 9.42 49.07
CA LEU JC 162 131.98 8.20 48.88
C LEU JC 162 130.93 7.99 49.96
N ASN JC 163 131.17 8.48 51.18
CA ASN JC 163 130.24 8.34 52.28
C ASN JC 163 129.17 9.44 52.28
N GLU JC 164 129.13 10.27 51.24
CA GLU JC 164 128.17 11.35 51.13
C GLU JC 164 128.27 12.30 52.32
N GLN JC 165 129.46 12.88 52.48
CA GLN JC 165 129.73 13.81 53.56
C GLN JC 165 130.26 15.15 53.10
N VAL JC 166 130.80 15.24 51.89
CA VAL JC 166 131.36 16.48 51.38
C VAL JC 166 130.85 16.73 49.96
N THR JC 167 130.60 17.99 49.65
CA THR JC 167 130.27 18.40 48.30
C THR JC 167 131.41 18.05 47.35
N ALA JC 168 131.04 17.59 46.14
CA ALA JC 168 132.06 17.18 45.16
C ALA JC 168 133.06 18.30 44.90
N ARG JC 169 132.61 19.54 44.92
CA ARG JC 169 133.53 20.68 44.81
C ARG JC 169 134.48 20.71 46.00
N GLU JC 170 133.96 20.46 47.21
CA GLU JC 170 134.81 20.43 48.38
C GLU JC 170 135.80 19.27 48.33
N ALA JC 171 135.35 18.11 47.86
CA ALA JC 171 136.22 16.94 47.80
C ALA JC 171 137.38 17.17 46.84
N PHE JC 172 137.12 17.86 45.72
CA PHE JC 172 138.20 18.18 44.79
C PHE JC 172 139.23 19.09 45.45
N ASP JC 173 138.78 20.07 46.23
CA ASP JC 173 139.70 20.92 46.96
C ASP JC 173 140.46 20.12 48.02
N ALA JC 174 139.76 19.20 48.69
CA ALA JC 174 140.41 18.40 49.72
C ALA JC 174 141.47 17.46 49.15
N ALA JC 175 141.30 17.05 47.89
CA ALA JC 175 142.32 16.24 47.23
C ALA JC 175 143.50 17.08 46.75
N GLN JC 176 143.24 18.31 46.32
CA GLN JC 176 144.30 19.16 45.78
C GLN JC 176 145.20 19.71 46.87
N ALA JC 177 144.68 19.89 48.08
CA ALA JC 177 145.47 20.52 49.15
C ALA JC 177 146.71 19.72 49.52
N PRO JC 178 146.65 18.41 49.81
CA PRO JC 178 147.90 17.69 50.12
C PRO JC 178 148.89 17.67 48.96
N MET JC 179 148.40 17.61 47.72
CA MET JC 179 149.29 17.63 46.58
C MET JC 179 150.06 18.94 46.49
N LYS JC 180 149.37 20.06 46.73
CA LYS JC 180 150.03 21.36 46.73
C LYS JC 180 151.06 21.46 47.85
N ALA JC 181 150.73 20.94 49.03
CA ALA JC 181 151.65 20.99 50.16
C ALA JC 181 152.92 20.19 49.87
N PHE JC 182 152.77 19.00 49.27
CA PHE JC 182 153.94 18.19 48.96
C PHE JC 182 154.84 18.89 47.95
N MET JC 183 154.25 19.50 46.92
CA MET JC 183 155.06 20.20 45.92
C MET JC 183 155.78 21.40 46.51
N LEU JC 184 155.20 22.04 47.53
CA LEU JC 184 155.85 23.19 48.15
C LEU JC 184 157.04 22.76 49.01
N LYS JC 185 157.01 21.56 49.57
CA LYS JC 185 158.13 21.10 50.40
C LYS JC 185 159.37 20.81 49.56
N GLN JC 186 159.21 20.57 48.26
CA GLN JC 186 160.31 20.20 47.39
C GLN JC 186 160.59 21.27 46.33
N THR JC 187 160.15 22.50 46.59
CA THR JC 187 160.35 23.60 45.66
C THR JC 187 161.30 24.62 46.27
N ARG JC 188 161.87 25.46 45.42
CA ARG JC 188 162.80 26.50 45.83
C ARG JC 188 162.11 27.86 45.73
N ILE JC 189 162.36 28.71 46.73
CA ILE JC 189 161.70 30.01 46.79
C ILE JC 189 162.06 30.86 45.58
N LYS JC 190 163.28 30.69 45.04
CA LYS JC 190 163.65 31.41 43.82
C LYS JC 190 162.76 31.02 42.64
N ASP JC 191 162.40 29.73 42.56
CA ASP JC 191 161.52 29.29 41.48
C ASP JC 191 160.14 29.90 41.63
N LEU JC 192 159.62 29.95 42.86
CA LEU JC 192 158.33 30.61 43.08
C LEU JC 192 158.41 32.09 42.76
N GLU JC 193 159.51 32.74 43.15
CA GLU JC 193 159.63 34.19 42.96
C GLU JC 193 159.59 34.56 41.48
N THR JC 194 160.30 33.80 40.64
CA THR JC 194 160.36 34.16 39.22
C THR JC 194 159.04 33.87 38.51
N PHE JC 195 158.36 32.77 38.88
CA PHE JC 195 157.11 32.44 38.22
C PHE JC 195 155.95 33.31 38.70
N VAL JC 196 155.94 33.70 39.97
CA VAL JC 196 154.91 34.62 40.45
C VAL JC 196 155.02 35.96 39.73
N THR JC 197 156.24 36.49 39.61
CA THR JC 197 156.44 37.70 38.82
C THR JC 197 156.10 37.48 37.35
N MET JC 198 156.42 36.29 36.83
CA MET JC 198 156.08 35.98 35.44
C MET JC 198 154.57 35.98 35.23
N SER JC 199 153.82 35.39 36.16
CA SER JC 199 152.37 35.40 36.06
C SER JC 199 151.79 36.78 36.33
N GLY JC 200 152.52 37.62 37.05
CA GLY JC 200 152.05 38.96 37.37
C GLY JC 200 150.86 39.02 38.30
N GLU JC 201 150.84 38.17 39.33
CA GLU JC 201 149.79 38.18 40.34
C GLU JC 201 150.37 38.62 41.67
N GLN JC 202 149.61 39.42 42.41
CA GLN JC 202 150.06 39.98 43.67
C GLN JC 202 149.71 39.01 44.80
N VAL JC 203 150.62 38.10 45.07
CA VAL JC 203 150.48 37.12 46.15
C VAL JC 203 151.75 37.13 46.98
N ASP JC 204 151.59 37.12 48.30
CA ASP JC 204 152.71 37.23 49.22
C ASP JC 204 153.04 35.92 49.93
N ASN JC 205 152.06 35.27 50.53
CA ASN JC 205 152.31 34.03 51.25
C ASN JC 205 152.62 32.91 50.26
N PRO JC 206 153.67 32.10 50.50
CA PRO JC 206 154.01 31.00 49.59
C PRO JC 206 153.22 29.72 49.83
N GLU JC 207 151.92 29.87 50.08
CA GLU JC 207 151.02 28.72 50.23
C GLU JC 207 149.73 28.83 49.45
N ASP JC 208 149.32 30.02 49.00
CA ASP JC 208 148.09 30.21 48.27
C ASP JC 208 148.39 30.62 46.83
N VAL JC 209 149.42 30.02 46.24
CA VAL JC 209 149.78 30.25 44.86
C VAL JC 209 149.05 29.23 43.99
N SER JC 210 148.72 29.63 42.76
CA SER JC 210 147.94 28.78 41.88
C SER JC 210 148.77 27.60 41.39
N MET JC 211 148.07 26.52 41.03
CA MET JC 211 148.73 25.37 40.44
C MET JC 211 149.39 25.71 39.12
N ALA JC 212 148.84 26.69 38.39
CA ALA JC 212 149.46 27.14 37.14
C ALA JC 212 150.86 27.67 37.38
N VAL JC 213 151.08 28.27 38.55
CA VAL JC 213 152.40 28.82 38.88
C VAL JC 213 153.24 27.80 39.63
N LEU JC 214 152.60 26.98 40.46
CA LEU JC 214 153.35 26.06 41.32
C LEU JC 214 154.00 24.94 40.50
N ILE JC 215 153.27 24.39 39.52
CA ILE JC 215 153.79 23.25 38.76
C ILE JC 215 155.07 23.57 38.01
N PRO JC 216 155.15 24.65 37.23
CA PRO JC 216 156.45 24.97 36.60
C PRO JC 216 157.55 25.24 37.60
N ALA JC 217 157.23 25.85 38.74
CA ALA JC 217 158.23 26.06 39.78
C ALA JC 217 158.70 24.74 40.38
N PHE JC 218 157.78 23.79 40.55
CA PHE JC 218 158.13 22.50 41.14
C PHE JC 218 159.02 21.69 40.19
N ILE JC 219 158.64 21.60 38.92
CA ILE JC 219 159.41 20.81 37.98
C ILE JC 219 160.78 21.43 37.74
N THR JC 220 160.88 22.76 37.77
CA THR JC 220 162.17 23.42 37.68
C THR JC 220 163.06 23.08 38.87
N SER JC 221 162.48 23.04 40.07
CA SER JC 221 163.25 22.69 41.25
C SER JC 221 163.69 21.23 41.21
N GLU JC 222 162.84 20.34 40.67
CA GLU JC 222 163.20 18.93 40.60
C GLU JC 222 164.34 18.70 39.62
N LEU JC 223 164.35 19.42 38.50
CA LEU JC 223 165.45 19.29 37.55
C LEU JC 223 166.77 19.75 38.15
N LYS JC 224 166.75 20.89 38.85
CA LYS JC 224 167.98 21.38 39.47
C LYS JC 224 168.46 20.45 40.57
N THR JC 225 167.53 19.93 41.39
CA THR JC 225 167.91 19.00 42.45
C THR JC 225 168.49 17.72 41.86
N ALA JC 226 167.92 17.23 40.76
CA ALA JC 226 168.43 16.01 40.14
C ALA JC 226 169.84 16.21 39.62
N PHE JC 227 170.13 17.39 39.06
CA PHE JC 227 171.47 17.67 38.58
C PHE JC 227 172.48 17.65 39.72
N GLN JC 228 172.11 18.22 40.88
CA GLN JC 228 173.00 18.22 42.03
C GLN JC 228 173.31 16.80 42.50
N ILE JC 229 172.28 15.95 42.58
CA ILE JC 229 172.49 14.56 42.97
C ILE JC 229 173.26 13.82 41.87
N GLY JC 230 172.99 14.14 40.60
CA GLY JC 230 173.71 13.49 39.53
C GLY JC 230 175.19 13.83 39.53
N PHE JC 231 175.53 15.09 39.81
CA PHE JC 231 176.93 15.47 39.95
C PHE JC 231 177.58 14.76 41.13
N MET JC 232 176.84 14.61 42.23
CA MET JC 232 177.38 13.95 43.41
C MET JC 232 177.77 12.51 43.11
N LEU JC 233 176.91 11.79 42.40
CA LEU JC 233 177.20 10.39 42.07
C LEU JC 233 178.24 10.27 40.98
N PHE JC 234 178.38 11.31 40.13
CA PHE JC 234 179.33 11.24 39.03
C PHE JC 234 180.78 11.31 39.50
N LEU JC 235 181.06 12.06 40.56
CA LEU JC 235 182.43 12.29 40.99
C LEU JC 235 183.24 11.02 41.25
N PRO JC 236 182.74 10.03 42.00
CA PRO JC 236 183.55 8.82 42.20
C PRO JC 236 183.91 8.11 40.92
N PHE JC 237 183.02 8.10 39.93
CA PHE JC 237 183.34 7.48 38.65
C PHE JC 237 184.35 8.30 37.87
N LEU JC 238 184.33 9.63 38.04
CA LEU JC 238 185.36 10.46 37.44
C LEU JC 238 186.72 10.19 38.09
N ILE JC 239 186.72 9.93 39.40
CA ILE JC 239 187.96 9.64 40.10
C ILE JC 239 188.60 8.37 39.57
N ILE JC 240 187.78 7.32 39.37
CA ILE JC 240 188.31 6.06 38.83
C ILE JC 240 188.85 6.27 37.43
N ASP JC 241 188.11 7.02 36.60
CA ASP JC 241 188.53 7.23 35.22
C ASP JC 241 189.86 7.96 35.14
N LEU JC 242 190.06 8.96 35.98
CA LEU JC 242 191.32 9.70 35.97
C LEU JC 242 192.48 8.85 36.48
N VAL JC 243 192.23 8.05 37.51
CA VAL JC 243 193.29 7.21 38.08
C VAL JC 243 193.76 6.19 37.05
N VAL JC 244 192.81 5.54 36.38
CA VAL JC 244 193.17 4.53 35.39
C VAL JC 244 193.93 5.15 34.23
N ALA JC 245 193.49 6.31 33.75
CA ALA JC 245 194.20 7.00 32.69
C ALA JC 245 195.59 7.41 33.14
N SER JC 246 195.72 7.93 34.37
CA SER JC 246 197.01 8.36 34.87
C SER JC 246 197.97 7.17 35.02
N VAL JC 247 197.47 6.05 35.54
CA VAL JC 247 198.32 4.88 35.72
C VAL JC 247 198.80 4.35 34.36
N LEU JC 248 197.90 4.28 33.38
CA LEU JC 248 198.28 3.83 32.05
C LEU JC 248 199.30 4.77 31.42
N MET JC 249 199.11 6.08 31.59
CA MET JC 249 200.07 7.04 31.06
C MET JC 249 201.41 6.97 31.79
N ALA JC 250 201.40 6.51 33.05
CA ALA JC 250 202.65 6.35 33.79
C ALA JC 250 203.53 5.28 33.15
N MET JC 251 202.92 4.19 32.66
CA MET JC 251 203.67 3.12 32.03
C MET JC 251 204.03 3.42 30.58
N GLY JC 252 203.58 4.55 30.04
CA GLY JC 252 203.89 4.93 28.68
C GLY JC 252 203.01 4.30 27.61
N MET JC 253 202.01 3.52 27.98
CA MET JC 253 201.08 2.93 27.02
C MET JC 253 199.95 3.93 26.77
N MET JC 254 200.31 5.01 26.08
CA MET JC 254 199.33 6.04 25.76
C MET JC 254 198.31 5.56 24.74
N MET JC 255 198.67 4.57 23.91
CA MET JC 255 197.75 4.08 22.90
C MET JC 255 196.59 3.30 23.49
N LEU JC 256 196.73 2.76 24.70
CA LEU JC 256 195.68 1.96 25.31
C LEU JC 256 194.53 2.86 25.76
N SER JC 257 193.32 2.48 25.40
CA SER JC 257 192.15 3.29 25.74
C SER JC 257 191.80 3.11 27.23
N PRO JC 258 191.74 4.19 28.01
CA PRO JC 258 191.40 4.04 29.44
C PRO JC 258 189.97 3.58 29.68
N MET JC 259 189.05 3.78 28.74
CA MET JC 259 187.65 3.48 29.01
C MET JC 259 187.39 1.99 29.15
N ILE JC 260 188.05 1.18 28.32
CA ILE JC 260 187.79 -0.27 28.35
C ILE JC 260 188.27 -0.87 29.67
N VAL JC 261 189.39 -0.38 30.19
CA VAL JC 261 189.92 -0.90 31.45
C VAL JC 261 189.20 -0.26 32.64
N SER JC 262 188.73 0.97 32.50
CA SER JC 262 188.08 1.66 33.61
C SER JC 262 186.76 1.01 33.98
N LEU JC 263 186.01 0.53 32.99
CA LEU JC 263 184.65 0.06 33.21
C LEU JC 263 184.52 -1.03 34.26
N PRO JC 264 185.33 -2.11 34.25
CA PRO JC 264 185.16 -3.14 35.29
C PRO JC 264 185.36 -2.60 36.69
N PHE JC 265 186.25 -1.61 36.86
CA PHE JC 265 186.42 -1.00 38.18
C PHE JC 265 185.21 -0.16 38.56
N LYS JC 266 184.58 0.50 37.57
CA LYS JC 266 183.34 1.23 37.85
C LYS JC 266 182.24 0.29 38.30
N LEU JC 267 182.11 -0.85 37.63
CA LEU JC 267 181.19 -1.88 38.10
C LEU JC 267 181.61 -2.42 39.46
N MET JC 268 182.92 -2.57 39.67
CA MET JC 268 183.43 -3.10 40.93
C MET JC 268 183.04 -2.20 42.11
N LEU JC 269 183.32 -0.90 41.99
CA LEU JC 269 183.02 0.01 43.09
C LEU JC 269 181.53 0.09 43.36
N PHE JC 270 180.71 0.11 42.31
CA PHE JC 270 179.27 0.30 42.50
C PHE JC 270 178.62 -0.92 43.12
N VAL JC 271 179.24 -2.09 43.02
CA VAL JC 271 178.60 -3.32 43.50
C VAL JC 271 179.04 -3.67 44.92
N LEU JC 272 180.30 -3.40 45.29
CA LEU JC 272 180.72 -3.64 46.67
C LEU JC 272 180.28 -2.52 47.60
N VAL JC 273 179.88 -1.37 47.04
CA VAL JC 273 179.25 -0.32 47.83
C VAL JC 273 177.75 -0.52 47.93
N ASP JC 274 177.21 -1.55 47.29
CA ASP JC 274 175.77 -1.81 47.24
C ASP JC 274 175.03 -0.60 46.67
N GLY JC 275 175.41 -0.25 45.44
CA GLY JC 275 174.95 1.01 44.87
C GLY JC 275 173.46 1.04 44.61
N TRP JC 276 172.91 -0.03 44.03
CA TRP JC 276 171.51 0.00 43.62
C TRP JC 276 170.58 0.19 44.80
N ASN JC 277 170.82 -0.56 45.89
CA ASN JC 277 170.03 -0.38 47.10
C ASN JC 277 170.29 0.99 47.71
N LEU JC 278 171.54 1.47 47.63
CA LEU JC 278 171.89 2.73 48.26
C LEU JC 278 171.22 3.91 47.55
N ILE JC 279 171.29 3.94 46.23
CA ILE JC 279 170.78 5.10 45.50
C ILE JC 279 169.27 5.19 45.60
N LEU JC 280 168.57 4.05 45.51
CA LEU JC 280 167.12 4.07 45.59
C LEU JC 280 166.65 4.45 46.99
N SER JC 281 167.42 4.06 48.02
CA SER JC 281 167.10 4.48 49.37
C SER JC 281 167.29 5.97 49.54
N THR JC 282 168.39 6.52 49.02
CA THR JC 282 168.63 7.96 49.12
C THR JC 282 167.61 8.75 48.33
N LEU JC 283 167.25 8.26 47.13
CA LEU JC 283 166.22 8.94 46.35
C LEU JC 283 164.88 8.91 47.08
N ALA JC 284 164.55 7.79 47.72
CA ALA JC 284 163.34 7.73 48.53
C ALA JC 284 163.42 8.70 49.71
N GLY JC 285 164.58 8.76 50.36
CA GLY JC 285 164.72 9.64 51.51
C GLY JC 285 164.90 11.10 51.12
N SER JC 286 165.25 11.36 49.86
CA SER JC 286 165.47 12.73 49.42
C SER JC 286 164.19 13.56 49.50
N PHE JC 287 163.06 12.97 49.15
CA PHE JC 287 161.78 13.68 49.17
C PHE JC 287 161.28 13.78 50.60
N ALA JC 288 161.61 14.89 51.25
CA ALA JC 288 161.20 15.13 52.62
C ALA JC 288 161.21 16.63 52.94
N GLU KC 81 123.17 40.48 7.98
CA GLU KC 81 124.57 40.86 8.12
C GLU KC 81 125.29 40.01 9.15
N ASP KC 82 124.83 40.10 10.40
CA ASP KC 82 125.46 39.34 11.47
C ASP KC 82 125.27 37.84 11.25
N TYR KC 83 126.33 37.08 11.48
CA TYR KC 83 126.27 35.64 11.28
C TYR KC 83 125.25 35.01 12.21
N SER KC 84 124.56 33.99 11.72
CA SER KC 84 123.57 33.29 12.52
C SER KC 84 124.25 32.50 13.64
N VAL KC 85 123.44 32.09 14.62
CA VAL KC 85 123.97 31.35 15.76
C VAL KC 85 124.62 30.06 15.31
N THR KC 86 124.01 29.38 14.33
CA THR KC 86 124.57 28.13 13.83
C THR KC 86 125.92 28.36 13.17
N LEU KC 87 126.07 29.47 12.43
CA LEU KC 87 127.34 29.77 11.78
C LEU KC 87 128.40 30.20 12.79
N GLN KC 88 128.00 30.93 13.84
CA GLN KC 88 128.95 31.35 14.85
C GLN KC 88 129.56 30.15 15.58
N ILE KC 89 128.72 29.14 15.88
CA ILE KC 89 129.23 27.92 16.50
C ILE KC 89 130.18 27.20 15.55
N LEU KC 90 129.82 27.16 14.26
CA LEU KC 90 130.66 26.46 13.29
C LEU KC 90 132.03 27.10 13.17
N ALA KC 91 132.08 28.44 13.15
CA ALA KC 91 133.37 29.12 13.11
C ALA KC 91 134.17 28.88 14.38
N LEU KC 92 133.52 28.96 15.55
CA LEU KC 92 134.23 28.75 16.80
C LEU KC 92 134.75 27.33 16.92
N MET KC 93 133.92 26.34 16.56
CA MET KC 93 134.39 24.95 16.59
C MET KC 93 135.51 24.71 15.59
N THR KC 94 135.56 25.50 14.51
CA THR KC 94 136.63 25.37 13.54
C THR KC 94 137.97 25.81 14.13
N MET KC 95 137.97 26.89 14.91
CA MET KC 95 139.21 27.41 15.47
C MET KC 95 139.80 26.47 16.51
N LEU KC 96 138.97 25.67 17.19
CA LEU KC 96 139.49 24.69 18.12
C LEU KC 96 140.30 23.62 17.38
N GLY KC 97 139.90 23.28 16.16
CA GLY KC 97 140.66 22.33 15.37
C GLY KC 97 142.04 22.85 15.00
N PHE KC 98 142.16 24.15 14.77
CA PHE KC 98 143.43 24.77 14.41
C PHE KC 98 144.18 25.30 15.63
N LEU KC 99 143.70 25.02 16.84
CA LEU KC 99 144.40 25.46 18.06
C LEU KC 99 145.84 24.98 18.14
N PRO KC 100 146.17 23.71 17.86
CA PRO KC 100 147.59 23.33 17.88
C PRO KC 100 148.43 24.11 16.88
N ALA KC 101 147.87 24.43 15.71
CA ALA KC 101 148.62 25.20 14.72
C ALA KC 101 148.91 26.61 15.22
N MET KC 102 147.93 27.25 15.85
CA MET KC 102 148.13 28.61 16.34
C MET KC 102 149.14 28.66 17.48
N VAL KC 103 149.26 27.58 18.25
CA VAL KC 103 150.22 27.56 19.35
C VAL KC 103 151.65 27.54 18.82
N ILE KC 104 151.93 26.69 17.83
CA ILE KC 104 153.30 26.55 17.34
C ILE KC 104 153.68 27.58 16.29
N LEU KC 105 152.72 28.37 15.80
CA LEU KC 105 153.00 29.36 14.77
C LEU KC 105 152.76 30.80 15.23
N MET KC 106 151.73 31.04 16.03
CA MET KC 106 151.33 32.39 16.38
C MET KC 106 151.61 32.76 17.83
N THR KC 107 152.31 31.93 18.59
CA THR KC 107 152.62 32.20 19.98
C THR KC 107 154.12 32.05 20.22
N SER KC 108 154.49 32.08 21.51
CA SER KC 108 155.87 31.95 21.93
C SER KC 108 156.31 30.50 22.15
N PHE KC 109 155.46 29.54 21.77
CA PHE KC 109 155.77 28.14 22.01
C PHE KC 109 157.00 27.70 21.22
N THR KC 110 157.11 28.16 19.97
CA THR KC 110 158.17 27.66 19.09
C THR KC 110 159.54 28.12 19.54
N ARG KC 111 159.69 29.42 19.85
CA ARG KC 111 161.00 29.92 20.25
C ARG KC 111 161.50 29.26 21.54
N ILE KC 112 160.61 29.13 22.52
CA ILE KC 112 160.99 28.50 23.78
C ILE KC 112 161.34 27.04 23.56
N VAL KC 113 160.60 26.36 22.67
CA VAL KC 113 160.87 24.96 22.37
C VAL KC 113 162.26 24.81 21.73
N VAL KC 114 162.58 25.70 20.79
CA VAL KC 114 163.86 25.59 20.08
C VAL KC 114 165.02 25.86 21.03
N VAL KC 115 164.90 26.88 21.88
CA VAL KC 115 166.00 27.26 22.76
C VAL KC 115 166.37 26.13 23.71
N MET KC 116 165.35 25.48 24.30
CA MET KC 116 165.62 24.38 25.21
C MET KC 116 166.30 23.22 24.50
N SER KC 117 165.92 22.96 23.25
CA SER KC 117 166.57 21.91 22.49
C SER KC 117 168.05 22.23 22.27
N ILE KC 118 168.36 23.48 21.93
CA ILE KC 118 169.76 23.87 21.75
C ILE KC 118 170.49 23.84 23.09
N LEU KC 119 169.83 24.32 24.15
CA LEU KC 119 170.45 24.28 25.47
C LEU KC 119 170.72 22.84 25.91
N ARG KC 120 169.78 21.93 25.63
CA ARG KC 120 170.00 20.52 25.93
C ARG KC 120 171.15 19.96 25.10
N GLN KC 121 171.23 20.34 23.83
CA GLN KC 121 172.34 19.89 23.00
C GLN KC 121 173.68 20.41 23.52
N ALA KC 122 173.69 21.65 24.03
CA ALA KC 122 174.93 22.22 24.55
C ALA KC 122 175.49 21.39 25.70
N MET KC 123 174.63 20.99 26.63
CA MET KC 123 175.05 20.07 27.67
C MET KC 123 175.20 18.66 27.11
N GLY KC 124 175.92 17.82 27.86
CA GLY KC 124 176.22 16.48 27.39
C GLY KC 124 175.01 15.57 27.31
N LEU KC 125 173.97 15.85 28.08
CA LEU KC 125 172.77 15.01 28.07
C LEU KC 125 171.89 15.40 26.89
N GLN KC 126 171.47 14.40 26.11
CA GLN KC 126 170.65 14.64 24.93
C GLN KC 126 169.17 14.38 25.15
N GLN KC 127 168.81 13.60 26.16
CA GLN KC 127 167.40 13.29 26.42
C GLN KC 127 167.08 13.29 27.90
N THR KC 128 167.84 14.03 28.70
CA THR KC 128 167.61 14.04 30.15
C THR KC 128 166.46 14.97 30.54
N PRO KC 129 166.39 16.22 30.04
CA PRO KC 129 165.20 17.03 30.36
C PRO KC 129 163.91 16.41 29.87
N SER KC 130 163.97 15.56 28.83
CA SER KC 130 162.83 14.81 28.30
C SER KC 130 161.89 15.71 27.50
N ASN KC 131 161.43 15.21 26.35
CA ASN KC 131 160.59 16.03 25.47
C ASN KC 131 159.31 16.47 26.16
N GLN KC 132 158.68 15.56 26.91
CA GLN KC 132 157.41 15.88 27.55
C GLN KC 132 157.55 17.02 28.57
N VAL KC 133 158.63 16.99 29.35
CA VAL KC 133 158.85 18.04 30.33
C VAL KC 133 159.13 19.37 29.64
N ILE KC 134 159.95 19.35 28.58
CA ILE KC 134 160.30 20.58 27.89
C ILE KC 134 159.06 21.22 27.27
N ILE KC 135 158.21 20.42 26.62
CA ILE KC 135 156.97 20.95 26.07
C ILE KC 135 156.04 21.40 27.18
N GLY KC 136 156.03 20.69 28.31
CA GLY KC 136 155.21 21.10 29.43
C GLY KC 136 155.62 22.46 29.98
N ILE KC 137 156.92 22.69 30.11
CA ILE KC 137 157.40 24.00 30.55
C ILE KC 137 157.12 25.05 29.48
N ALA KC 138 157.23 24.68 28.22
CA ALA KC 138 156.92 25.61 27.13
C ALA KC 138 155.45 26.00 27.13
N LEU KC 139 154.56 25.06 27.46
CA LEU KC 139 153.14 25.36 27.51
C LEU KC 139 152.82 26.27 28.69
N PHE KC 140 153.43 26.04 29.84
CA PHE KC 140 153.21 26.91 30.99
C PHE KC 140 153.75 28.32 30.72
N LEU KC 141 154.95 28.42 30.15
CA LEU KC 141 155.54 29.73 29.87
C LEU KC 141 154.76 30.48 28.80
N THR KC 142 154.32 29.80 27.74
CA THR KC 142 153.56 30.48 26.71
C THR KC 142 152.20 30.94 27.23
N PHE KC 143 151.71 30.31 28.30
CA PHE KC 143 150.50 30.81 28.95
C PHE KC 143 150.79 32.08 29.74
N PHE KC 144 152.00 32.18 30.32
CA PHE KC 144 152.35 33.35 31.10
C PHE KC 144 152.71 34.54 30.21
N VAL KC 145 153.39 34.28 29.09
CA VAL KC 145 153.84 35.38 28.25
C VAL KC 145 152.75 35.88 27.31
N MET KC 146 151.74 35.07 27.03
CA MET KC 146 150.62 35.48 26.20
C MET KC 146 149.43 35.99 27.03
N SER KC 147 149.58 36.04 28.35
CA SER KC 147 148.50 36.54 29.19
C SER KC 147 148.10 37.98 28.88
N PRO KC 148 149.03 38.93 28.70
CA PRO KC 148 148.59 40.27 28.30
C PRO KC 148 147.79 40.28 27.00
N VAL KC 149 148.16 39.43 26.04
CA VAL KC 149 147.41 39.34 24.79
C VAL KC 149 146.05 38.71 25.05
N LEU KC 150 146.01 37.62 25.82
CA LEU KC 150 144.75 36.92 26.08
C LEU KC 150 143.79 37.80 26.86
N ASN KC 151 144.28 38.54 27.85
CA ASN KC 151 143.41 39.45 28.60
C ASN KC 151 142.86 40.53 27.70
N GLU KC 152 143.67 41.06 26.79
CA GLU KC 152 143.18 42.04 25.83
C GLU KC 152 142.12 41.43 24.92
N ILE KC 153 142.31 40.18 24.52
CA ILE KC 153 141.30 39.47 23.72
C ILE KC 153 140.01 39.35 24.52
N ASN KC 154 140.12 38.98 25.80
CA ASN KC 154 138.95 38.85 26.66
C ASN KC 154 138.22 40.18 26.81
N ASP KC 155 138.96 41.24 27.12
CA ASP KC 155 138.37 42.56 27.34
C ASP KC 155 137.82 43.17 26.06
N LYS KC 156 138.60 43.18 24.98
CA LYS KC 156 138.18 43.84 23.76
C LYS KC 156 137.12 43.02 23.01
N ALA KC 157 137.32 41.71 22.92
CA ALA KC 157 136.46 40.90 22.06
C ALA KC 157 135.33 40.22 22.83
N VAL KC 158 135.68 39.40 23.82
CA VAL KC 158 134.69 38.50 24.42
C VAL KC 158 133.65 39.28 25.22
N GLN KC 159 134.09 40.22 26.06
CA GLN KC 159 133.15 40.93 26.92
C GLN KC 159 132.11 41.73 26.13
N PRO KC 160 132.47 42.53 25.12
CA PRO KC 160 131.42 43.11 24.27
C PRO KC 160 130.59 42.07 23.55
N TYR KC 161 131.19 40.93 23.20
CA TYR KC 161 130.46 39.88 22.48
C TYR KC 161 129.43 39.22 23.39
N LEU KC 162 129.83 38.86 24.62
CA LEU KC 162 128.90 38.18 25.52
C LEU KC 162 127.80 39.12 26.01
N ASN KC 163 128.06 40.42 26.06
CA ASN KC 163 127.07 41.39 26.48
C ASN KC 163 126.27 41.95 25.30
N GLU KC 164 126.47 41.40 24.10
CA GLU KC 164 125.75 41.82 22.90
C GLU KC 164 125.97 43.30 22.61
N GLN KC 165 127.20 43.75 22.81
CA GLN KC 165 127.59 45.12 22.47
C GLN KC 165 128.22 45.22 21.08
N VAL KC 166 128.78 44.14 20.56
CA VAL KC 166 129.30 44.09 19.21
C VAL KC 166 128.77 42.83 18.54
N THR KC 167 128.75 42.85 17.22
CA THR KC 167 128.29 41.70 16.46
C THR KC 167 129.37 40.62 16.44
N ALA KC 168 129.06 39.50 15.78
CA ALA KC 168 130.05 38.44 15.63
C ALA KC 168 131.19 38.89 14.70
N ARG KC 169 130.88 39.72 13.72
CA ARG KC 169 131.91 40.25 12.83
C ARG KC 169 132.91 41.11 13.60
N GLU KC 170 132.40 42.06 14.39
CA GLU KC 170 133.28 42.97 15.11
C GLU KC 170 134.09 42.24 16.18
N ALA KC 171 133.48 41.25 16.84
CA ALA KC 171 134.17 40.53 17.90
C ALA KC 171 135.38 39.77 17.36
N PHE KC 172 135.22 39.12 16.20
CA PHE KC 172 136.33 38.38 15.61
C PHE KC 172 137.46 39.32 15.19
N ASP KC 173 137.11 40.47 14.59
CA ASP KC 173 138.12 41.44 14.21
C ASP KC 173 138.79 42.04 15.44
N ALA KC 174 138.01 42.30 16.50
CA ALA KC 174 138.58 42.86 17.72
C ALA KC 174 139.49 41.85 18.42
N ALA KC 175 139.23 40.55 18.23
CA ALA KC 175 140.10 39.54 18.80
C ALA KC 175 141.40 39.41 18.02
N GLN KC 176 141.35 39.64 16.70
CA GLN KC 176 142.52 39.44 15.87
C GLN KC 176 143.56 40.54 16.07
N ALA KC 177 143.11 41.76 16.39
CA ALA KC 177 144.04 42.89 16.49
C ALA KC 177 145.11 42.71 17.55
N PRO KC 178 144.80 42.35 18.80
CA PRO KC 178 145.89 42.15 19.78
C PRO KC 178 146.82 41.02 19.39
N MET KC 179 146.30 39.95 18.79
CA MET KC 179 147.17 38.86 18.35
C MET KC 179 148.07 39.30 17.21
N LYS KC 180 147.53 40.09 16.27
CA LYS KC 180 148.36 40.62 15.20
C LYS KC 180 149.40 41.59 15.73
N ALA KC 181 149.03 42.39 16.73
CA ALA KC 181 149.98 43.34 17.33
C ALA KC 181 151.14 42.61 17.99
N PHE KC 182 150.86 41.49 18.67
CA PHE KC 182 151.93 40.73 19.30
C PHE KC 182 152.90 40.17 18.26
N MET KC 183 152.37 39.65 17.15
CA MET KC 183 153.23 39.07 16.13
C MET KC 183 154.01 40.13 15.38
N LEU KC 184 153.40 41.31 15.19
CA LEU KC 184 154.12 42.40 14.53
C LEU KC 184 155.27 42.93 15.38
N LYS KC 185 155.15 42.86 16.69
CA LYS KC 185 156.18 43.41 17.56
C LYS KC 185 157.41 42.52 17.62
N GLN KC 186 157.25 41.22 17.39
CA GLN KC 186 158.35 40.27 17.48
C GLN KC 186 158.91 39.88 16.11
N THR KC 187 158.42 40.49 15.03
CA THR KC 187 158.86 40.14 13.70
C THR KC 187 160.03 41.02 13.26
N ARG KC 188 160.58 40.73 12.09
CA ARG KC 188 161.68 41.49 11.51
C ARG KC 188 161.22 42.16 10.23
N ILE KC 189 161.76 43.34 9.94
CA ILE KC 189 161.31 44.08 8.74
C ILE KC 189 161.66 43.24 7.52
N LYS KC 190 162.90 42.77 7.43
CA LYS KC 190 163.31 42.05 6.23
C LYS KC 190 162.42 40.84 5.97
N ASP KC 191 162.05 40.12 7.03
CA ASP KC 191 161.14 38.99 6.87
C ASP KC 191 159.78 39.44 6.38
N LEU KC 192 159.27 40.55 6.92
CA LEU KC 192 158.04 41.12 6.39
C LEU KC 192 158.22 41.57 4.94
N GLU KC 193 159.36 42.19 4.63
CA GLU KC 193 159.63 42.65 3.28
C GLU KC 193 159.71 41.46 2.31
N THR KC 194 160.30 40.35 2.76
CA THR KC 194 160.45 39.19 1.90
C THR KC 194 159.11 38.63 1.46
N PHE KC 195 158.18 38.46 2.41
CA PHE KC 195 156.90 37.84 2.08
C PHE KC 195 155.94 38.83 1.41
N VAL KC 196 156.07 40.12 1.71
CA VAL KC 196 155.22 41.11 1.04
C VAL KC 196 155.51 41.13 -0.45
N THR KC 197 156.79 41.15 -0.83
CA THR KC 197 157.14 41.07 -2.24
C THR KC 197 156.74 39.73 -2.85
N MET KC 198 156.74 38.67 -2.05
CA MET KC 198 156.34 37.36 -2.55
C MET KC 198 154.83 37.27 -2.73
N SER KC 199 154.06 37.88 -1.83
CA SER KC 199 152.61 37.82 -1.92
C SER KC 199 152.06 38.74 -3.01
N GLY KC 200 152.85 39.69 -3.50
CA GLY KC 200 152.41 40.55 -4.59
C GLY KC 200 151.35 41.55 -4.22
N GLU KC 201 151.26 41.92 -2.95
CA GLU KC 201 150.28 42.90 -2.50
C GLU KC 201 150.95 44.25 -2.27
N GLN KC 202 150.14 45.31 -2.36
CA GLN KC 202 150.60 46.68 -2.19
C GLN KC 202 150.39 47.06 -0.73
N VAL KC 203 151.48 47.11 0.04
CA VAL KC 203 151.45 47.42 1.46
C VAL KC 203 152.22 48.70 1.69
N ASP KC 204 151.61 49.65 2.39
CA ASP KC 204 152.25 50.93 2.71
C ASP KC 204 152.96 50.89 4.05
N ASN KC 205 152.36 50.30 5.08
CA ASN KC 205 152.95 50.25 6.40
C ASN KC 205 152.90 48.83 6.95
N PRO KC 206 153.90 48.42 7.74
CA PRO KC 206 153.90 47.06 8.28
C PRO KC 206 152.72 46.77 9.20
N GLU KC 207 152.20 47.78 9.90
CA GLU KC 207 151.17 47.58 10.90
C GLU KC 207 149.79 47.29 10.31
N ASP KC 208 149.70 47.08 9.00
CA ASP KC 208 148.41 46.77 8.36
C ASP KC 208 148.55 45.62 7.36
N VAL KC 209 149.60 44.81 7.47
CA VAL KC 209 149.78 43.70 6.55
C VAL KC 209 148.73 42.63 6.84
N SER KC 210 148.44 41.81 5.83
CA SER KC 210 147.47 40.74 5.99
C SER KC 210 147.99 39.66 6.92
N MET KC 211 147.06 38.90 7.50
CA MET KC 211 147.43 37.82 8.41
C MET KC 211 148.20 36.72 7.67
N ALA KC 212 147.78 36.41 6.44
CA ALA KC 212 148.42 35.35 5.68
C ALA KC 212 149.86 35.68 5.31
N VAL KC 213 150.23 36.96 5.30
CA VAL KC 213 151.61 37.37 5.02
C VAL KC 213 152.41 37.61 6.30
N LEU KC 214 151.77 37.61 7.46
CA LEU KC 214 152.44 37.84 8.73
C LEU KC 214 152.85 36.55 9.42
N ILE KC 215 152.00 35.53 9.37
CA ILE KC 215 152.29 34.26 10.05
C ILE KC 215 153.58 33.62 9.54
N PRO KC 216 153.79 33.47 8.21
CA PRO KC 216 155.09 32.93 7.77
C PRO KC 216 156.26 33.82 8.15
N ALA KC 217 156.07 35.14 8.18
CA ALA KC 217 157.16 36.03 8.55
C ALA KC 217 157.45 35.97 10.04
N PHE KC 218 156.41 35.88 10.86
CA PHE KC 218 156.61 35.84 12.31
C PHE KC 218 157.35 34.58 12.73
N ILE KC 219 156.95 33.42 12.20
CA ILE KC 219 157.61 32.18 12.57
C ILE KC 219 159.04 32.16 12.04
N THR KC 220 159.29 32.80 10.90
CA THR KC 220 160.65 32.90 10.37
C THR KC 220 161.54 33.69 11.31
N SER KC 221 161.06 34.83 11.80
CA SER KC 221 161.86 35.64 12.71
C SER KC 221 162.07 34.94 14.04
N GLU KC 222 161.06 34.21 14.53
CA GLU KC 222 161.20 33.49 15.79
C GLU KC 222 162.27 32.42 15.70
N LEU KC 223 162.33 31.70 14.58
CA LEU KC 223 163.37 30.69 14.40
C LEU KC 223 164.76 31.32 14.39
N LYS KC 224 164.90 32.44 13.68
CA LYS KC 224 166.20 33.13 13.65
C LYS KC 224 166.57 33.66 15.02
N THR KC 225 165.61 34.26 15.73
CA THR KC 225 165.89 34.78 17.07
C THR KC 225 166.21 33.65 18.03
N ALA KC 226 165.57 32.49 17.86
CA ALA KC 226 165.87 31.34 18.71
C ALA KC 226 167.31 30.88 18.54
N PHE KC 227 167.80 30.89 17.29
CA PHE KC 227 169.18 30.45 17.05
C PHE KC 227 170.18 31.37 17.73
N GLN KC 228 169.93 32.68 17.71
CA GLN KC 228 170.84 33.62 18.34
C GLN KC 228 170.92 33.38 19.85
N ILE KC 229 169.78 33.15 20.50
CA ILE KC 229 169.78 32.89 21.93
C ILE KC 229 170.47 31.55 22.22
N GLY KC 230 170.25 30.56 21.35
CA GLY KC 230 170.89 29.27 21.56
C GLY KC 230 172.41 29.34 21.44
N PHE KC 231 172.91 30.16 20.52
CA PHE KC 231 174.35 30.33 20.38
C PHE KC 231 174.95 30.96 21.64
N MET KC 232 174.22 31.87 22.27
CA MET KC 232 174.70 32.46 23.52
C MET KC 232 174.89 31.41 24.60
N LEU KC 233 173.93 30.50 24.73
CA LEU KC 233 174.01 29.49 25.78
C LEU KC 233 175.00 28.38 25.43
N PHE KC 234 175.26 28.16 24.14
CA PHE KC 234 176.15 27.08 23.73
C PHE KC 234 177.60 27.39 24.08
N LEU KC 235 177.99 28.66 24.00
CA LEU KC 235 179.39 29.04 24.21
C LEU KC 235 179.94 28.64 25.58
N PRO KC 236 179.28 28.94 26.72
CA PRO KC 236 179.89 28.57 28.01
C PRO KC 236 180.14 27.07 28.16
N PHE KC 237 179.25 26.23 27.64
CA PHE KC 237 179.49 24.79 27.72
C PHE KC 237 180.57 24.36 26.73
N LEU KC 238 180.64 25.04 25.58
CA LEU KC 238 181.71 24.77 24.62
C LEU KC 238 183.07 25.12 25.19
N ILE KC 239 183.15 26.24 25.92
CA ILE KC 239 184.43 26.65 26.51
C ILE KC 239 184.90 25.61 27.53
N ILE KC 240 183.98 25.11 28.37
CA ILE KC 240 184.34 24.09 29.33
C ILE KC 240 184.86 22.84 28.62
N ASP KC 241 184.18 22.44 27.55
CA ASP KC 241 184.62 21.26 26.80
C ASP KC 241 186.01 21.48 26.20
N LEU KC 242 186.25 22.66 25.64
CA LEU KC 242 187.58 22.95 25.08
C LEU KC 242 188.64 23.01 26.17
N VAL KC 243 188.31 23.59 27.33
CA VAL KC 243 189.29 23.70 28.40
C VAL KC 243 189.70 22.32 28.89
N VAL KC 244 188.72 21.46 29.17
CA VAL KC 244 189.03 20.15 29.74
C VAL KC 244 189.72 19.27 28.70
N ALA KC 245 189.39 19.45 27.42
CA ALA KC 245 190.02 18.65 26.38
C ALA KC 245 191.51 19.00 26.24
N SER KC 246 191.85 20.28 26.36
CA SER KC 246 193.24 20.69 26.24
C SER KC 246 194.05 20.30 27.47
N VAL KC 247 193.44 20.34 28.65
CA VAL KC 247 194.15 19.95 29.86
C VAL KC 247 194.49 18.46 29.82
N LEU KC 248 193.55 17.63 29.38
CA LEU KC 248 193.83 16.20 29.25
C LEU KC 248 194.91 15.95 28.21
N MET KC 249 194.88 16.70 27.10
CA MET KC 249 195.89 16.52 26.06
C MET KC 249 197.27 16.97 26.54
N ALA KC 250 197.32 17.99 27.40
CA ALA KC 250 198.61 18.44 27.92
C ALA KC 250 199.31 17.36 28.72
N MET KC 251 198.56 16.60 29.53
CA MET KC 251 199.13 15.54 30.34
C MET KC 251 199.43 14.28 29.53
N GLY KC 252 199.18 14.28 28.22
CA GLY KC 252 199.62 13.21 27.35
C GLY KC 252 198.61 12.10 27.11
N MET KC 253 197.43 12.17 27.72
CA MET KC 253 196.41 11.12 27.54
C MET KC 253 195.51 11.53 26.39
N MET KC 254 195.83 11.04 25.20
CA MET KC 254 195.08 11.36 23.99
C MET KC 254 193.98 10.37 23.69
N MET KC 255 193.73 9.41 24.59
CA MET KC 255 192.69 8.42 24.38
C MET KC 255 191.49 8.60 25.30
N LEU KC 256 191.58 9.44 26.32
CA LEU KC 256 190.46 9.69 27.22
C LEU KC 256 189.52 10.70 26.59
N SER KC 257 188.24 10.35 26.52
CA SER KC 257 187.25 11.21 25.87
C SER KC 257 186.93 12.40 26.76
N PRO KC 258 187.10 13.63 26.28
CA PRO KC 258 186.78 14.80 27.11
C PRO KC 258 185.30 14.91 27.46
N MET KC 259 184.41 14.29 26.68
CA MET KC 259 182.98 14.42 26.92
C MET KC 259 182.59 13.86 28.28
N ILE KC 260 183.16 12.71 28.66
CA ILE KC 260 182.86 12.12 29.96
C ILE KC 260 183.36 13.02 31.08
N VAL KC 261 184.58 13.54 30.94
CA VAL KC 261 185.15 14.37 31.99
C VAL KC 261 184.44 15.71 32.08
N SER KC 262 184.03 16.27 30.93
CA SER KC 262 183.43 17.60 30.92
C SER KC 262 182.01 17.60 31.49
N LEU KC 263 181.31 16.47 31.39
CA LEU KC 263 179.89 16.43 31.75
C LEU KC 263 179.61 16.88 33.19
N PRO KC 264 180.33 16.43 34.22
CA PRO KC 264 180.04 16.92 35.57
C PRO KC 264 180.18 18.43 35.71
N PHE KC 265 181.15 19.02 35.02
CA PHE KC 265 181.34 20.47 35.11
C PHE KC 265 180.29 21.23 34.31
N LYS KC 266 179.83 20.66 33.19
CA LYS KC 266 178.73 21.27 32.46
C LYS KC 266 177.47 21.34 33.32
N LEU KC 267 177.17 20.26 34.03
CA LEU KC 267 176.02 20.25 34.93
C LEU KC 267 176.19 21.26 36.05
N MET KC 268 177.38 21.31 36.65
CA MET KC 268 177.59 22.23 37.77
C MET KC 268 177.46 23.68 37.35
N LEU KC 269 178.00 24.03 36.18
CA LEU KC 269 177.87 25.40 35.68
C LEU KC 269 176.41 25.79 35.57
N PHE KC 270 175.56 24.87 35.11
CA PHE KC 270 174.14 25.15 35.02
C PHE KC 270 173.46 25.20 36.38
N VAL KC 271 174.11 24.69 37.43
CA VAL KC 271 173.48 24.63 38.75
C VAL KC 271 173.79 25.88 39.56
N LEU KC 272 175.07 26.15 39.81
CA LEU KC 272 175.44 27.29 40.64
C LEU KC 272 175.13 28.63 39.99
N VAL KC 273 174.91 28.66 38.67
CA VAL KC 273 174.39 29.85 38.00
C VAL KC 273 172.87 29.90 38.07
N ASP KC 274 172.23 28.82 38.53
CA ASP KC 274 170.76 28.72 38.59
C ASP KC 274 170.17 28.83 37.18
N GLY KC 275 170.57 27.88 36.34
CA GLY KC 275 170.24 27.97 34.93
C GLY KC 275 168.75 27.88 34.65
N TRP KC 276 168.06 26.94 35.28
CA TRP KC 276 166.64 26.74 35.00
C TRP KC 276 165.78 27.92 35.42
N ASN KC 277 166.31 28.85 36.21
CA ASN KC 277 165.60 30.09 36.49
C ASN KC 277 166.11 31.22 35.61
N LEU KC 278 167.41 31.24 35.32
CA LEU KC 278 167.98 32.30 34.50
C LEU KC 278 167.52 32.18 33.05
N ILE KC 279 167.52 30.97 32.50
CA ILE KC 279 167.17 30.78 31.09
C ILE KC 279 165.70 31.11 30.85
N LEU KC 280 164.83 30.59 31.72
CA LEU KC 280 163.39 30.80 31.53
C LEU KC 280 163.01 32.27 31.70
N SER KC 281 163.63 32.95 32.66
CA SER KC 281 163.34 34.36 32.85
C SER KC 281 163.76 35.18 31.65
N THR KC 282 164.92 34.86 31.06
CA THR KC 282 165.36 35.56 29.86
C THR KC 282 164.42 35.28 28.68
N LEU KC 283 163.99 34.02 28.53
CA LEU KC 283 163.07 33.69 27.44
C LEU KC 283 161.74 34.43 27.60
N ALA KC 284 161.21 34.47 28.83
CA ALA KC 284 160.00 35.25 29.06
C ALA KC 284 160.27 36.74 28.87
N GLY KC 285 161.43 37.22 29.31
CA GLY KC 285 161.77 38.62 29.15
C GLY KC 285 162.16 39.02 27.74
N SER KC 286 162.38 38.03 26.87
CA SER KC 286 162.74 38.32 25.49
C SER KC 286 161.56 38.81 24.65
N PHE KC 287 160.34 38.76 25.19
CA PHE KC 287 159.15 39.23 24.50
C PHE KC 287 158.65 40.55 25.09
N ALA KC 288 159.54 41.31 25.72
CA ALA KC 288 159.19 42.59 26.32
C ALA KC 288 160.17 43.67 25.90
#